data_6DHO
#
_entry.id   6DHO
#
_cell.length_a   117.011
_cell.length_b   221.542
_cell.length_c   308.346
_cell.angle_alpha   90.000
_cell.angle_beta   90.000
_cell.angle_gamma   90.000
#
_symmetry.space_group_name_H-M   'P 21 21 21'
#
loop_
_entity.id
_entity.type
_entity.pdbx_description
1 polymer 'Photosystem II protein D1 1'
2 polymer 'Photosystem II CP47 reaction center protein'
3 polymer 'Photosystem II CP43 reaction center protein'
4 polymer 'Photosystem II D2 protein'
5 polymer 'Cytochrome b559 subunit alpha'
6 polymer 'Cytochrome b559 subunit beta'
7 polymer 'Photosystem II reaction center protein H'
8 polymer 'Photosystem II reaction center protein I'
9 polymer 'Photosystem II reaction center protein J'
10 polymer 'Photosystem II reaction center protein K'
11 polymer 'Photosystem II reaction center protein L'
12 polymer 'Photosystem II reaction center protein M'
13 polymer 'Photosystem II manganese-stabilizing polypeptide'
14 polymer 'Photosystem II reaction center protein T'
15 polymer 'Photosystem II 12 kDa extrinsic protein'
16 polymer 'Cytochrome c-550'
17 polymer 'Photosystem II reaction center protein Ycf12'
18 polymer 'Photosystem II reaction center X protein'
19 polymer 'Photosystem II reaction center protein Z'
20 polymer 'Photosystem II protein Y'
21 non-polymer 'FE (II) ION'
22 non-polymer 'CHLORIDE ION'
23 non-polymer 'CHLOROPHYLL A'
24 non-polymer 'PHEOPHYTIN A'
25 non-polymer BETA-CAROTENE
26 non-polymer 2,3-DIMETHYL-5-(3,7,11,15,19,23,27,31,35-NONAMETHYL-2,6,10,14,18,22,26,30,34-HEXATRIACONTANONAENYL-2,5-CYCLOHEXADIENE-1,4-DIONE-2,3-DIMETHYL-5-SOLANESYL-1,4-BENZOQUINONE
27 non-polymer 1,2-DISTEAROYL-MONOGALACTOSYL-DIGLYCERIDE
28 non-polymer 1,2-DI-O-ACYL-3-O-[6-DEOXY-6-SULFO-ALPHA-D-GLUCOPYRANOSYL]-SN-GLYCEROL
29 non-polymer 1,2-DIPALMITOYL-PHOSPHATIDYL-GLYCEROLE
30 non-polymer 'DIGALACTOSYL DIACYL GLYCEROL (DGDG)'
31 non-polymer 'CA-MN4-O5 CLUSTER'
32 non-polymer 'CA-MN4-O6 CLUSTER'
33 non-polymer 'BICARBONATE ION'
34 non-polymer 'UNKNOWN LIGAND'
35 non-polymer 'PROTOPORPHYRIN IX CONTAINING FE'
36 non-polymer 'HEME C'
37 water water
#
loop_
_entity_poly.entity_id
_entity_poly.type
_entity_poly.pdbx_seq_one_letter_code
_entity_poly.pdbx_strand_id
1 'polypeptide(L)'
;ANLWERFCNWVTSTDNRLYVGWFGVIMIPTLLAATICFVIAFIAAPPVDIDGIREPVSGSLLYGNNIITGAVVPSSNAIG
LHFYPIWEAASLDEWLYNGGPYQLIIFHFLLGASCYMGRQWELSYRLGMRPWICVAYSAPLASAFAVFLIYPIGQGSFSD
GMPLGISGTFNFMIVFQAEHNILMHPFHQLGVAGVFGGALFCAMHGSLVTSSLIRETTETESANYGYKFGQEEETYNIVA
AHGYFGRLIFQYASFNNSRSLHFFLAAWPVVGVWFTALGISTMAFNLNGFNFNHSVIDAKGNVINTWADIINRANLGMEV
MHERNAHNFPLDLA
;
A,a
2 'polypeptide(L)'
;GLPWYRVHTVLINDPGRLIAAHLMHTALVAGWAGSMALYELATFDPSDPVLNPMWRQGMFVLPFMARLGVTGSWSGWSIT
GETGIDPGFWSFEGVALAHIVLSGLLFLAACWHWVYWDLELFRDPRTGEPALDLPKMFGIHLFLAGLLCFGFGAFHLTGL
FGPGMWVSDPYGLTGSVQPVAPEWGPDGFNPYNPGGVVAHHIAAGIVGIIAGLFHILVRPPQRLYKALRMGNIETVLSSS
IAAVFFAAFVVAGTMWYGSATTPIELFGPTRYQWDSSYFQQEINRRVQASLASGATLEEAWSAIPEKLAFYDYIGNNPAK
GGLFRTGPMNKGDGIAQAWKGHAVFRNKEGEELFVRRMPAFFESFPVILTDKNGVVKADIPFRRAESKYSFEQQGVTVSF
YGGELNGQTFTDPPTVKSYARKAIFGEIFEFDTETLNSDGIFRTSPRGWFTFAHAVFALLFFFGHIWHGARTLFRDVFSG
IDPELSPEQVEWGFYQKVGDVTTRR
;
B,b
3 'polypeptide(L)'
;ATNRDQESSGFAWWAGNARLINLSGKLLGAHVAHAGLIVFWAGAMTLFELAHFIPEKPMYEQGLILIPHIATLGWGVGPG
GEVVDTFPFFVVGVVHLISSAVLGFGGVYHAIRGPETLEEYSSFFGYDWKDKNKMTTILGFHLIVLGIGALLLVAKAMFF
GGLYDTWAPGGGDVRVITNPTLDPRVIFGYLLKSPFGGEGWIVSVNNLEDVVGGHIWIGLICIAGGIWHILTTPFGWARR
AFIWSGEAYLSYSLGALSMMGFIATCFVWFNNTVYPSEFYGPTGPEASQAQAMTFLIRDQKLGANVGSAQGPTGLGKYLM
RSPTGEIIFGGETMRFWDFRGPWLEPLRGPNGLDLNKIKNDIQPWQERRAAEYMTHAPLGSLNSVGGVATEINSVNFVSP
RSWLATSHFVLAFFFLVGHLWHAGRARAAAAGFEKGIDRESEPVLSMPSLD
;
C,c
4 'polypeptide(L)'
;RGWFDILDDWLKRDRFVFVGWSGILLFPCAYLALGGWLTGTTFVTSWYTHGLASSYLEGCNFLTVAVSTPANSMGHSLLL
LWGPEAQGDFTRWCQLGGLWTFIALHGAFGLIGFMLRQFEIARLVGVRPYNAIAFSAPIAVFVSVFLIYPLGQSSWFFAP
SFGVAAIFRFLLFFQGFHNWTLNPFHMMGVAGVLGGALLCAIHGATVENTLFQDGEGASTFRAFNPTQAEETYSMVTANR
FWSQIFGIAFSNKRWLHFFMLFVPVTGLWMSAIGVVGLALNLRSYDFISQEIRAAEDPEFETFYTKNLLLNEGIRAWMAP
QDQPHENFVFPEEVLPRGNAL
;
D,d
5 'polypeptide(L)'
;GTTGERPFSDIITSVRYWVIHSITIPALFIAGWLFVSTGLAYDVFGTPRPDSYYAQEQRSIPLVTDRFEAKQQVETFLEQ
LK
;
E,e
6 'polypeptide(L)' SYPIFTVRWVAVHTLAVPTIFFLGAIAAMQFIQR F,f
7 'polypeptide(L)' ARRTWLGDILRPLNSEYGKVAPGWGTTPLMAVFMGLFLVFLLIILEIYNSTLILDGVNVSWKALG H,h
8 'polypeptide(L)' (FME)ETLKITVYIVVTFFVLLFVFGFLSGDPARNPKRKD I,i
9 'polypeptide(L)' GGRIPLWIVATVAGMGVIVIVGLFFYGAYAGLGSSL J,j
10 'polypeptide(L)' KLPEAYAIFDPLVDVLPVIPVLFLALAFVWQAAVGFR K,k
11 'polypeptide(L)' MEPNPNRQPVELNRTSLYLGLLLILVLALLFSSYFFN L,l
12 'polypeptide(L)' (FME)EVNQLGLIATALFVLVPSVFLIILYVQTESQQ M,m
13 'polypeptide(L)'
;QTLTYDDIVGTGLANKCPTLDDTARGAYPIDSSQTYRIARLCLQPTTFLVKEEPKNKRQEAEFVPTKLVTRETTSLDQIQ
GELKVNSDGSLTFVEEDGIDFQPVTVQMAGGERIPLLFTVKNLVASTQPNVTSITTSTDFKGEFNVPSYRTANFLDPKGR
GLASGYDSAIALPQAKEEELARANVKRFSLTKGQISLNVAKVDGRTGEIAGTFESEQLSDDDMGAHEPHEVKIQGVFYAS
IEPA
;
O,o
14 'polypeptide(L)' (FME)ETITYVFIFACIIALFFFAIFFREPPRIT T,t
15 'polypeptide(L)'
;ELVNVVDEKLGTAYGEKIDLNNTNIAAFIQYRGLYPTLAKLIVKNAPYESVEDVLNIPGLTERQKQILRENLEHFTVTEV
ETALVEGGDRYNNGLYK
;
U,u
16 'polypeptide(L)'
;AELTPEVLTVPLNSEGKTITLTEKQYLEGKRLFQYACASCHVGGITKTNPSLDLRTETLALATPPRDNIEGLVDYMKNPT
TYDGEQEIAEVHPSLRSADIFPKMRNLTEKDLVAIAGHILVEPKILGDKWGGGKVYY
;
V,v
17 'polypeptide(L)' EVIAQLTMIAMIGIAGPMIIFLLAVRRGNL Y,y
18 'polypeptide(L)' TITPSLKGFFIGLLSGAVVLGLTFAVLIAISQIDKVQR X,x
19 'polypeptide(L)' MTILFQLALAALVILSFVMVIGVPVAYASPQDWDRSKQLIFLGSGLWIALVLVVGVLNFFVV Z,z
20 'polypeptide(L)' DWRVLVVLLPVLLAAGWAVRNILPYAVKQVQKLL R,r
#
loop_
_chem_comp.id
_chem_comp.type
_chem_comp.name
_chem_comp.formula
BCR non-polymer BETA-CAROTENE 'C40 H56'
BCT non-polymer 'BICARBONATE ION' 'C H O3 -1'
CL non-polymer 'CHLORIDE ION' 'Cl -1'
CLA non-polymer 'CHLOROPHYLL A' 'C55 H72 Mg N4 O5'
DGD saccharide 'DIGALACTOSYL DIACYL GLYCEROL (DGDG)' 'C51 H96 O15'
FE2 non-polymer 'FE (II) ION' 'Fe 2'
HEC non-polymer 'HEME C' 'C34 H34 Fe N4 O4'
HEM non-polymer 'PROTOPORPHYRIN IX CONTAINING FE' 'C34 H32 Fe N4 O4'
LHG non-polymer 1,2-DIPALMITOYL-PHOSPHATIDYL-GLYCEROLE 'C38 H75 O10 P'
LMG non-polymer 1,2-DISTEAROYL-MONOGALACTOSYL-DIGLYCERIDE 'C45 H86 O10'
OEX non-polymer 'CA-MN4-O5 CLUSTER' 'Ca Mn4 O5'
OEY non-polymer 'CA-MN4-O6 CLUSTER' 'Ca Mn4 O6'
PHO non-polymer 'PHEOPHYTIN A' 'C55 H74 N4 O5'
PL9 non-polymer 2,3-DIMETHYL-5-(3,7,11,15,19,23,27,31,35-NONAMETHYL-2,6,10,14,18,22,26,30,34-HEXATRIACONTANONAENYL-2,5-CYCLOHEXADIENE-1,4-DIONE-2,3-DIMETHYL-5-SOLANESYL-1,4-BENZOQUINONE 'C53 H80 O2'
SQD non-polymer 1,2-DI-O-ACYL-3-O-[6-DEOXY-6-SULFO-ALPHA-D-GLUCOPYRANOSYL]-SN-GLYCEROL 'C41 H78 O12 S'
UNL non-polymer 'UNKNOWN LIGAND' ?
#
# COMPACT_ATOMS: atom_id res chain seq x y z
N ALA A 1 49.04 36.15 -15.26
CA ALA A 1 48.91 35.70 -16.64
C ALA A 1 49.57 34.34 -16.79
N ASN A 2 50.53 34.05 -15.90
CA ASN A 2 51.17 32.74 -15.83
C ASN A 2 50.15 31.67 -15.42
N LEU A 3 50.45 30.43 -15.82
CA LEU A 3 49.48 29.35 -15.67
C LEU A 3 49.24 29.00 -14.21
N TRP A 4 50.31 28.87 -13.42
CA TRP A 4 50.15 28.57 -12.00
C TRP A 4 49.45 29.72 -11.28
N GLU A 5 49.77 30.95 -11.68
CA GLU A 5 49.15 32.09 -11.04
C GLU A 5 47.65 32.14 -11.34
N ARG A 6 47.24 31.73 -12.54
CA ARG A 6 45.82 31.80 -12.82
C ARG A 6 45.08 30.70 -12.06
N PHE A 7 45.73 29.56 -11.85
CA PHE A 7 45.16 28.50 -11.03
C PHE A 7 44.98 28.98 -9.60
N CYS A 8 46.05 29.58 -9.04
CA CYS A 8 46.02 30.07 -7.67
C CYS A 8 44.93 31.12 -7.45
N ASN A 9 44.65 31.92 -8.49
CA ASN A 9 43.66 32.96 -8.36
C ASN A 9 42.26 32.38 -8.37
N TRP A 10 42.07 31.30 -9.11
CA TRP A 10 40.78 30.64 -9.14
C TRP A 10 40.52 29.88 -7.83
N VAL A 11 41.55 29.22 -7.29
CA VAL A 11 41.41 28.50 -6.02
C VAL A 11 40.98 29.46 -4.92
N THR A 12 41.60 30.64 -4.86
CA THR A 12 41.39 31.59 -3.77
C THR A 12 40.37 32.67 -4.15
N SER A 13 39.69 32.52 -5.28
CA SER A 13 38.79 33.55 -5.76
C SER A 13 37.60 33.67 -4.80
N THR A 14 37.25 34.91 -4.48
CA THR A 14 36.10 35.22 -3.68
C THR A 14 34.83 35.27 -4.51
N ASP A 15 34.91 34.86 -5.77
CA ASP A 15 33.80 34.94 -6.70
C ASP A 15 33.20 33.60 -7.09
N ASN A 16 33.82 32.48 -6.72
CA ASN A 16 33.17 31.18 -6.87
C ASN A 16 31.97 31.07 -5.94
N ARG A 17 30.89 30.43 -6.42
CA ARG A 17 29.66 30.34 -5.62
C ARG A 17 29.90 29.61 -4.31
N LEU A 18 30.78 28.64 -4.32
CA LEU A 18 31.30 28.02 -3.11
C LEU A 18 32.81 28.24 -3.08
N TYR A 19 33.32 28.77 -1.96
CA TYR A 19 34.76 29.03 -1.93
C TYR A 19 35.49 27.71 -1.93
N VAL A 20 36.57 27.64 -2.73
CA VAL A 20 37.45 26.48 -2.70
C VAL A 20 38.58 26.69 -1.71
N GLY A 21 39.66 27.38 -2.11
CA GLY A 21 40.79 27.60 -1.23
C GLY A 21 41.70 26.38 -1.12
N TRP A 22 42.90 26.62 -0.56
CA TRP A 22 43.89 25.57 -0.44
C TRP A 22 43.40 24.48 0.50
N PHE A 23 42.82 24.87 1.64
CA PHE A 23 42.17 23.86 2.47
C PHE A 23 41.07 23.12 1.68
N GLY A 24 40.40 23.83 0.78
CA GLY A 24 39.38 23.19 -0.04
C GLY A 24 39.93 22.12 -0.96
N VAL A 25 41.17 22.29 -1.41
CA VAL A 25 41.81 21.35 -2.34
C VAL A 25 41.93 19.97 -1.72
N ILE A 26 42.13 19.90 -0.42
CA ILE A 26 42.17 18.64 0.28
C ILE A 26 40.78 18.24 0.76
N MET A 27 39.96 19.22 1.20
CA MET A 27 38.65 18.87 1.75
C MET A 27 37.76 18.18 0.71
N ILE A 28 37.66 18.74 -0.48
CA ILE A 28 36.70 18.24 -1.46
C ILE A 28 36.92 16.77 -1.80
N PRO A 29 38.11 16.34 -2.21
CA PRO A 29 38.26 14.91 -2.53
C PRO A 29 38.03 14.01 -1.33
N THR A 30 38.49 14.41 -0.14
CA THR A 30 38.33 13.52 1.02
C THR A 30 36.86 13.44 1.48
N LEU A 31 36.15 14.58 1.52
CA LEU A 31 34.73 14.54 1.87
C LEU A 31 33.92 13.79 0.82
N LEU A 32 34.33 13.84 -0.45
CA LEU A 32 33.61 13.05 -1.43
C LEU A 32 33.90 11.58 -1.29
N ALA A 33 35.13 11.21 -1.03
CA ALA A 33 35.46 9.81 -0.81
C ALA A 33 34.69 9.27 0.39
N ALA A 34 34.72 10.01 1.49
CA ALA A 34 34.04 9.55 2.69
C ALA A 34 32.52 9.47 2.46
N THR A 35 31.94 10.48 1.79
CA THR A 35 30.49 10.54 1.60
C THR A 35 30.03 9.39 0.71
N ILE A 36 30.73 9.21 -0.43
CA ILE A 36 30.32 8.19 -1.39
C ILE A 36 30.45 6.80 -0.78
N CYS A 37 31.57 6.53 -0.11
CA CYS A 37 31.71 5.22 0.50
C CYS A 37 30.64 5.04 1.58
N PHE A 38 30.42 6.07 2.40
CA PHE A 38 29.35 6.01 3.41
C PHE A 38 28.03 5.60 2.76
N VAL A 39 27.61 6.31 1.71
CA VAL A 39 26.27 6.08 1.18
C VAL A 39 26.13 4.65 0.68
N ILE A 40 27.13 4.17 -0.04
CA ILE A 40 27.09 2.83 -0.59
C ILE A 40 27.10 1.79 0.51
N ALA A 41 27.92 1.99 1.54
CA ALA A 41 28.04 1.04 2.63
C ALA A 41 26.76 0.99 3.44
N PHE A 42 26.14 2.13 3.68
CA PHE A 42 24.94 2.15 4.49
C PHE A 42 23.83 1.39 3.79
N ILE A 43 23.72 1.55 2.49
CA ILE A 43 22.71 0.83 1.74
C ILE A 43 23.04 -0.64 1.55
N ALA A 44 24.31 -0.97 1.30
CA ALA A 44 24.61 -2.28 0.72
C ALA A 44 25.79 -3.07 1.31
N ALA A 45 26.44 -2.62 2.39
N ALA A 45 26.51 -2.57 2.31
CA ALA A 45 27.58 -3.38 2.90
CA ALA A 45 27.61 -3.35 2.85
C ALA A 45 27.08 -4.66 3.55
C ALA A 45 27.08 -4.61 3.53
N PRO A 46 27.79 -5.77 3.41
N PRO A 46 27.75 -5.76 3.34
CA PRO A 46 27.43 -6.98 4.16
CA PRO A 46 27.38 -6.96 4.07
C PRO A 46 27.83 -6.89 5.62
C PRO A 46 27.83 -6.87 5.52
N PRO A 47 27.47 -7.87 6.42
N PRO A 47 27.48 -7.85 6.33
CA PRO A 47 27.74 -7.79 7.85
CA PRO A 47 27.76 -7.74 7.77
C PRO A 47 29.25 -7.74 8.17
C PRO A 47 29.25 -7.78 8.08
N VAL A 48 29.56 -7.11 9.30
N VAL A 48 29.59 -7.15 9.20
CA VAL A 48 30.93 -6.80 9.70
CA VAL A 48 30.96 -6.83 9.57
C VAL A 48 31.17 -7.42 11.07
C VAL A 48 31.25 -7.46 10.93
N ASP A 49 32.29 -8.13 11.21
N ASP A 49 32.42 -8.07 11.07
CA ASP A 49 32.66 -8.77 12.48
CA ASP A 49 32.76 -8.72 12.33
C ASP A 49 33.33 -7.78 13.42
C ASP A 49 33.52 -7.74 13.23
N ILE A 50 32.52 -6.84 13.93
N ILE A 50 32.72 -6.86 13.85
CA ILE A 50 33.05 -5.70 14.68
CA ILE A 50 33.23 -5.72 14.60
C ILE A 50 33.98 -6.14 15.79
C ILE A 50 34.13 -6.17 15.74
N ASP A 51 33.62 -7.18 16.51
N ASP A 51 33.69 -7.18 16.48
CA ASP A 51 34.31 -7.48 17.74
CA ASP A 51 34.35 -7.57 17.70
C ASP A 51 35.35 -8.58 17.59
C ASP A 51 35.37 -8.67 17.49
N GLY A 52 35.72 -8.92 16.35
N GLY A 52 35.65 -9.01 16.24
CA GLY A 52 36.79 -9.86 16.10
CA GLY A 52 36.72 -9.95 15.94
C GLY A 52 36.47 -11.28 16.44
C GLY A 52 36.42 -11.36 16.39
N ILE A 53 35.19 -11.62 16.69
N ILE A 53 35.15 -11.68 16.67
CA ILE A 53 34.88 -12.92 17.23
CA ILE A 53 34.81 -12.99 17.19
C ILE A 53 34.04 -13.70 16.23
C ILE A 53 33.99 -13.78 16.18
N ARG A 54 34.17 -13.35 14.98
N ARG A 54 34.12 -13.44 14.90
CA ARG A 54 33.45 -14.04 13.92
CA ARG A 54 33.44 -14.18 13.85
C ARG A 54 31.94 -14.08 14.22
C ARG A 54 31.93 -14.17 14.11
N GLU A 55 31.43 -12.94 14.67
N GLU A 55 31.44 -13.00 14.52
CA GLU A 55 30.00 -12.76 14.94
CA GLU A 55 30.04 -12.78 14.84
C GLU A 55 29.61 -11.50 14.21
C GLU A 55 29.63 -11.51 14.14
N PRO A 56 29.36 -11.59 12.86
CA PRO A 56 29.12 -10.37 12.09
C PRO A 56 27.78 -9.71 12.41
N VAL A 57 27.82 -8.38 12.43
CA VAL A 57 26.72 -7.52 12.75
C VAL A 57 26.31 -6.89 11.43
N SER A 58 25.05 -7.03 11.09
CA SER A 58 24.50 -6.45 9.88
C SER A 58 24.17 -5.00 10.09
N GLY A 59 24.69 -4.13 9.20
CA GLY A 59 24.45 -2.72 9.37
C GLY A 59 23.70 -2.03 8.26
N SER A 60 23.63 -2.63 7.07
CA SER A 60 23.07 -1.93 5.93
C SER A 60 21.58 -2.21 5.68
N LEU A 61 20.95 -1.32 4.92
CA LEU A 61 19.51 -1.46 4.63
C LEU A 61 19.18 -2.78 3.92
N LEU A 62 19.95 -3.15 2.89
CA LEU A 62 19.57 -4.36 2.16
C LEU A 62 19.80 -5.64 2.95
N TYR A 63 20.51 -5.58 4.07
CA TYR A 63 20.65 -6.76 4.93
C TYR A 63 19.74 -6.71 6.13
N GLY A 64 18.59 -6.06 5.98
CA GLY A 64 17.54 -6.12 6.94
C GLY A 64 17.59 -5.06 7.98
N ASN A 65 18.01 -3.84 7.63
CA ASN A 65 18.03 -2.72 8.54
C ASN A 65 17.08 -1.64 8.05
N ASN A 66 16.69 -0.79 8.96
CA ASN A 66 15.96 0.41 8.61
C ASN A 66 16.85 1.59 8.93
N ILE A 67 16.29 2.80 8.75
CA ILE A 67 17.07 4.02 8.89
C ILE A 67 17.56 4.14 10.31
N ILE A 68 16.82 3.58 11.26
CA ILE A 68 17.14 3.79 12.65
C ILE A 68 18.14 2.77 13.17
N THR A 69 18.08 1.53 12.65
CA THR A 69 18.98 0.48 13.06
C THR A 69 20.25 0.39 12.22
N GLY A 70 20.29 1.02 11.06
CA GLY A 70 21.42 0.81 10.18
C GLY A 70 22.70 1.52 10.64
N ALA A 71 23.83 1.03 10.13
CA ALA A 71 25.09 1.69 10.41
C ALA A 71 26.20 1.16 9.52
N VAL A 72 27.23 1.98 9.34
CA VAL A 72 28.52 1.42 8.90
C VAL A 72 29.17 0.93 10.19
N VAL A 73 29.41 -0.37 10.25
CA VAL A 73 29.89 -0.99 11.48
C VAL A 73 31.40 -0.75 11.62
N PRO A 74 31.89 -0.43 12.83
CA PRO A 74 33.34 -0.29 13.06
C PRO A 74 34.14 -1.53 12.67
N SER A 75 35.42 -1.34 12.36
CA SER A 75 36.24 -2.46 11.89
C SER A 75 36.63 -3.42 13.02
N SER A 76 37.09 -4.60 12.60
CA SER A 76 37.26 -5.73 13.49
C SER A 76 38.23 -5.46 14.63
N ASN A 77 37.91 -6.01 15.80
CA ASN A 77 38.83 -5.98 16.93
C ASN A 77 40.12 -6.73 16.63
N ALA A 78 40.10 -7.68 15.69
CA ALA A 78 41.30 -8.40 15.29
C ALA A 78 42.32 -7.46 14.67
N ILE A 79 41.83 -6.38 14.04
CA ILE A 79 42.70 -5.38 13.43
C ILE A 79 43.26 -4.44 14.48
N GLY A 80 42.47 -4.11 15.52
CA GLY A 80 42.90 -3.18 16.56
C GLY A 80 43.08 -1.78 16.01
N LEU A 81 44.30 -1.23 16.16
CA LEU A 81 44.63 0.09 15.64
C LEU A 81 45.44 0.01 14.35
N HIS A 82 45.55 -1.17 13.77
CA HIS A 82 46.27 -1.34 12.52
C HIS A 82 45.54 -0.65 11.37
N PHE A 83 46.34 -0.05 10.48
CA PHE A 83 45.87 0.58 9.24
C PHE A 83 45.43 -0.51 8.27
N TYR A 84 44.20 -0.43 7.78
CA TYR A 84 43.60 -1.47 6.93
C TYR A 84 42.99 -0.85 5.69
N PRO A 85 43.81 -0.33 4.79
CA PRO A 85 43.33 0.14 3.50
C PRO A 85 42.90 -1.03 2.64
N ILE A 86 42.16 -0.71 1.58
CA ILE A 86 41.74 -1.74 0.64
C ILE A 86 42.93 -2.60 0.19
N TRP A 87 44.07 -1.98 -0.15
CA TRP A 87 45.16 -2.74 -0.79
C TRP A 87 45.88 -3.67 0.18
N GLU A 88 45.53 -3.61 1.46
CA GLU A 88 46.05 -4.56 2.44
C GLU A 88 45.19 -5.79 2.57
N ALA A 89 44.01 -5.81 1.94
CA ALA A 89 43.14 -6.98 1.96
C ALA A 89 43.42 -7.85 0.76
N ALA A 90 43.34 -9.16 0.95
CA ALA A 90 43.33 -10.09 -0.17
C ALA A 90 42.18 -9.82 -1.14
N SER A 91 41.11 -9.16 -0.71
CA SER A 91 40.05 -8.87 -1.65
C SER A 91 39.06 -7.94 -0.99
N LEU A 92 38.16 -7.39 -1.81
CA LEU A 92 37.09 -6.57 -1.25
C LEU A 92 36.21 -7.39 -0.33
N ASP A 93 36.02 -8.68 -0.63
CA ASP A 93 35.18 -9.53 0.22
C ASP A 93 35.76 -9.65 1.63
N GLU A 94 37.07 -9.81 1.73
CA GLU A 94 37.73 -9.76 3.03
C GLU A 94 37.65 -8.38 3.66
N TRP A 95 37.93 -7.33 2.88
CA TRP A 95 37.88 -5.98 3.42
C TRP A 95 36.50 -5.65 3.97
N LEU A 96 35.43 -6.05 3.26
CA LEU A 96 34.07 -5.83 3.75
C LEU A 96 33.78 -6.60 5.05
N TYR A 97 34.26 -7.85 5.14
CA TYR A 97 33.94 -8.66 6.33
C TYR A 97 34.54 -8.03 7.58
N ASN A 98 35.76 -7.54 7.47
CA ASN A 98 36.50 -7.04 8.60
C ASN A 98 36.22 -5.57 8.90
N GLY A 99 35.42 -4.92 8.06
CA GLY A 99 35.00 -3.58 8.34
C GLY A 99 35.89 -2.49 7.78
N GLY A 100 36.60 -2.74 6.66
CA GLY A 100 37.37 -1.70 6.02
C GLY A 100 36.66 -0.40 5.77
N PRO A 101 35.39 -0.42 5.33
CA PRO A 101 34.76 0.87 5.00
C PRO A 101 34.78 1.89 6.13
N TYR A 102 34.64 1.44 7.37
CA TYR A 102 34.67 2.35 8.51
C TYR A 102 35.94 3.17 8.52
N GLN A 103 37.09 2.51 8.47
CA GLN A 103 38.35 3.26 8.45
C GLN A 103 38.39 4.25 7.29
N LEU A 104 38.12 3.79 6.08
CA LEU A 104 38.13 4.71 4.95
C LEU A 104 37.29 5.94 5.23
N ILE A 105 36.07 5.72 5.72
CA ILE A 105 35.16 6.82 5.90
C ILE A 105 35.65 7.74 6.99
N ILE A 106 36.06 7.19 8.13
CA ILE A 106 36.40 8.08 9.23
C ILE A 106 37.66 8.88 8.93
N PHE A 107 38.70 8.23 8.38
CA PHE A 107 39.92 8.98 8.13
C PHE A 107 39.71 10.06 7.09
N HIS A 108 38.91 9.77 6.05
CA HIS A 108 38.68 10.80 5.05
C HIS A 108 37.85 11.95 5.64
N PHE A 109 36.83 11.61 6.42
CA PHE A 109 35.97 12.64 7.04
C PHE A 109 36.74 13.51 8.03
N LEU A 110 37.49 12.88 8.94
CA LEU A 110 38.28 13.68 9.88
C LEU A 110 39.25 14.61 9.18
N LEU A 111 39.87 14.13 8.09
CA LEU A 111 40.73 15.00 7.30
C LEU A 111 39.92 16.14 6.69
N GLY A 112 38.83 15.78 6.02
CA GLY A 112 38.03 16.78 5.34
C GLY A 112 37.38 17.75 6.30
N ALA A 113 36.96 17.26 7.46
CA ALA A 113 36.40 18.14 8.48
C ALA A 113 37.46 19.10 9.04
N SER A 114 38.67 18.59 9.27
CA SER A 114 39.77 19.46 9.69
C SER A 114 40.02 20.55 8.65
N CYS A 115 40.03 20.21 7.36
CA CYS A 115 40.16 21.23 6.33
C CYS A 115 38.95 22.16 6.28
N TYR A 116 37.75 21.65 6.59
CA TYR A 116 36.58 22.52 6.72
C TYR A 116 36.84 23.64 7.72
N MET A 117 37.47 23.31 8.84
CA MET A 117 37.78 24.34 9.82
C MET A 117 38.79 25.33 9.26
N GLY A 118 39.84 24.81 8.59
CA GLY A 118 40.84 25.65 7.96
C GLY A 118 40.22 26.59 6.92
N ARG A 119 39.31 26.04 6.11
CA ARG A 119 38.60 26.79 5.06
C ARG A 119 37.85 27.96 5.66
N GLN A 120 37.34 27.77 6.87
CA GLN A 120 36.61 28.84 7.55
C GLN A 120 37.57 29.96 7.93
N TRP A 121 38.76 29.61 8.43
CA TRP A 121 39.76 30.65 8.59
C TRP A 121 40.00 31.35 7.26
N GLU A 122 40.29 30.55 6.21
CA GLU A 122 40.79 31.11 4.95
C GLU A 122 39.83 32.12 4.35
N LEU A 123 38.56 31.73 4.15
CA LEU A 123 37.65 32.70 3.55
C LEU A 123 37.52 33.94 4.42
N SER A 124 37.62 33.79 5.75
CA SER A 124 37.51 34.96 6.61
C SER A 124 38.61 35.96 6.28
N TYR A 125 39.78 35.47 5.88
CA TYR A 125 40.90 36.33 5.53
C TYR A 125 40.67 37.02 4.21
N ARG A 126 40.21 36.27 3.19
CA ARG A 126 39.96 36.83 1.88
C ARG A 126 38.89 37.91 1.92
N LEU A 127 37.97 37.85 2.88
CA LEU A 127 36.86 38.79 2.92
C LEU A 127 37.09 39.93 3.90
N GLY A 128 38.23 39.98 4.59
CA GLY A 128 38.51 41.05 5.50
C GLY A 128 37.76 40.96 6.81
N MET A 129 37.38 39.74 7.20
CA MET A 129 36.67 39.44 8.42
C MET A 129 37.66 39.22 9.55
N ARG A 130 37.13 39.22 10.78
CA ARG A 130 37.86 38.68 11.91
C ARG A 130 37.83 37.16 11.80
N PRO A 131 38.77 36.46 12.48
CA PRO A 131 39.15 35.12 12.03
C PRO A 131 38.61 33.94 12.80
N TRP A 132 37.95 34.20 13.92
CA TRP A 132 37.75 33.16 14.91
C TRP A 132 36.47 32.32 14.78
N ILE A 133 35.71 32.43 13.70
CA ILE A 133 34.59 31.51 13.54
C ILE A 133 35.09 30.08 13.64
N CYS A 134 36.23 29.80 13.02
CA CYS A 134 36.77 28.43 12.97
C CYS A 134 37.01 27.90 14.37
N VAL A 135 37.31 28.80 15.32
CA VAL A 135 37.53 28.42 16.72
C VAL A 135 36.23 27.91 17.34
N ALA A 136 35.12 28.56 17.03
CA ALA A 136 33.82 28.05 17.43
C ALA A 136 33.62 26.61 16.96
N TYR A 137 33.97 26.35 15.70
CA TYR A 137 33.74 25.04 15.09
C TYR A 137 34.69 23.98 15.62
N SER A 138 35.82 24.38 16.20
CA SER A 138 36.73 23.40 16.76
C SER A 138 36.07 22.58 17.85
N ALA A 139 34.99 23.12 18.46
CA ALA A 139 34.31 22.37 19.52
C ALA A 139 33.62 21.13 18.95
N PRO A 140 32.68 21.25 18.01
CA PRO A 140 32.18 20.03 17.34
C PRO A 140 33.29 19.17 16.76
N LEU A 141 34.23 19.79 16.04
CA LEU A 141 35.31 18.99 15.45
C LEU A 141 36.03 18.14 16.49
N ALA A 142 36.47 18.77 17.56
CA ALA A 142 37.08 18.05 18.68
C ALA A 142 36.24 16.90 19.13
N SER A 143 34.91 17.09 19.17
CA SER A 143 34.03 16.04 19.62
C SER A 143 34.09 14.84 18.68
N ALA A 144 34.13 15.09 17.38
CA ALA A 144 34.20 13.99 16.43
C ALA A 144 35.54 13.26 16.49
N PHE A 145 36.64 14.00 16.69
CA PHE A 145 37.94 13.35 16.88
C PHE A 145 37.91 12.44 18.09
N ALA A 146 37.18 12.83 19.14
CA ALA A 146 37.22 12.02 20.35
C ALA A 146 36.55 10.67 20.14
N VAL A 147 35.39 10.64 19.48
CA VAL A 147 34.64 9.37 19.42
C VAL A 147 35.15 8.48 18.28
N PHE A 148 35.79 9.06 17.27
CA PHE A 148 36.28 8.28 16.14
C PHE A 148 37.78 8.01 16.19
N LEU A 149 38.56 8.77 16.98
CA LEU A 149 40.01 8.54 16.93
C LEU A 149 40.63 8.44 18.32
N ILE A 150 40.37 9.40 19.21
N ILE A 150 40.38 9.40 19.20
CA ILE A 150 41.04 9.44 20.49
CA ILE A 150 41.09 9.40 20.48
C ILE A 150 40.66 8.24 21.34
C ILE A 150 40.61 8.24 21.34
N TYR A 151 39.36 7.94 21.42
N TYR A 151 39.30 7.96 21.37
CA TYR A 151 38.87 6.90 22.34
CA TYR A 151 38.82 6.88 22.23
C TYR A 151 39.37 5.56 21.81
C TYR A 151 39.32 5.56 21.68
N PRO A 152 39.29 5.33 20.51
N PRO A 152 39.23 5.30 20.40
CA PRO A 152 39.93 4.11 19.96
CA PRO A 152 39.87 4.09 19.86
C PRO A 152 41.42 4.01 20.26
C PRO A 152 41.36 3.98 20.21
N ILE A 153 42.17 5.10 20.15
N ILE A 153 42.10 5.08 20.14
CA ILE A 153 43.61 4.98 20.39
CA ILE A 153 43.54 5.03 20.43
C ILE A 153 43.89 4.49 21.81
C ILE A 153 43.78 4.62 21.88
N GLY A 154 43.18 5.04 22.80
N GLY A 154 43.02 5.19 22.80
CA GLY A 154 43.46 4.67 24.18
CA GLY A 154 43.23 4.87 24.20
C GLY A 154 42.91 3.33 24.58
C GLY A 154 42.81 3.45 24.54
N GLN A 155 41.83 2.89 23.94
N GLN A 155 41.78 2.95 23.87
CA GLN A 155 41.29 1.56 24.21
CA GLN A 155 41.25 1.61 24.14
C GLN A 155 41.91 0.50 23.32
C GLN A 155 41.84 0.56 23.24
N GLY A 156 42.67 0.89 22.30
N GLY A 156 42.66 0.94 22.27
CA GLY A 156 43.43 -0.03 21.50
CA GLY A 156 43.42 -0.02 21.48
C GLY A 156 42.73 -0.58 20.27
C GLY A 156 42.70 -0.58 20.27
N SER A 157 41.59 -0.03 19.91
N SER A 157 41.54 -0.06 19.91
CA SER A 157 40.83 -0.64 18.81
CA SER A 157 40.79 -0.65 18.80
C SER A 157 39.80 0.31 18.25
C SER A 157 39.70 0.28 18.25
N PHE A 158 39.72 0.35 16.93
N PHE A 158 39.61 0.28 16.92
CA PHE A 158 38.63 1.08 16.28
CA PHE A 158 38.55 1.00 16.23
C PHE A 158 37.29 0.37 16.41
C PHE A 158 37.21 0.30 16.35
N SER A 159 37.28 -0.89 16.88
N SER A 159 37.22 -1.00 16.68
CA SER A 159 36.04 -1.58 17.17
CA SER A 159 36.01 -1.70 17.07
C SER A 159 35.29 -0.90 18.29
C SER A 159 35.25 -0.95 18.16
N ASP A 160 35.97 -0.10 19.13
N ASP A 160 35.93 -0.05 18.88
CA ASP A 160 35.34 0.70 20.16
CA ASP A 160 35.35 0.69 20.00
C ASP A 160 35.10 2.16 19.79
C ASP A 160 35.14 2.18 19.74
N GLY A 161 35.43 2.58 18.58
N GLY A 161 35.57 2.70 18.60
CA GLY A 161 34.97 3.90 18.11
CA GLY A 161 35.06 3.98 18.13
C GLY A 161 33.47 3.93 17.82
C GLY A 161 33.58 3.88 17.79
N MET A 162 32.92 5.13 17.80
N MET A 162 32.93 5.05 17.67
CA MET A 162 31.47 5.27 17.67
CA MET A 162 31.46 5.13 17.59
C MET A 162 30.97 4.78 16.31
C MET A 162 30.95 4.63 16.23
N PRO A 163 29.95 3.93 16.28
N PRO A 163 29.99 3.72 16.19
CA PRO A 163 29.41 3.48 14.98
CA PRO A 163 29.41 3.31 14.91
C PRO A 163 28.81 4.63 14.19
C PRO A 163 28.87 4.51 14.15
N LEU A 164 28.76 4.45 12.87
N LEU A 164 28.73 4.37 12.84
CA LEU A 164 28.19 5.47 12.02
CA LEU A 164 28.17 5.45 12.02
C LEU A 164 26.75 5.03 11.81
C LEU A 164 26.71 5.13 11.74
N GLY A 165 25.93 5.27 12.83
N GLY A 165 25.89 5.23 12.78
CA GLY A 165 24.54 4.92 12.76
CA GLY A 165 24.48 4.90 12.67
C GLY A 165 23.83 5.31 14.03
C GLY A 165 23.79 5.34 13.94
N ILE A 166 22.50 5.33 13.93
N ILE A 166 22.47 5.35 13.85
CA ILE A 166 21.64 5.89 14.97
CA ILE A 166 21.66 5.91 14.92
C ILE A 166 21.61 5.01 16.20
C ILE A 166 21.65 4.99 16.13
N SER A 167 21.23 3.72 16.05
N SER A 167 21.28 3.72 15.94
CA SER A 167 21.32 2.77 17.15
CA SER A 167 21.28 2.79 17.06
C SER A 167 22.77 2.44 17.54
C SER A 167 22.70 2.47 17.51
N GLY A 168 23.70 2.41 16.57
N GLY A 168 23.68 2.45 16.60
CA GLY A 168 25.10 2.24 16.93
CA GLY A 168 25.07 2.24 17.00
C GLY A 168 25.57 3.37 17.84
C GLY A 168 25.58 3.36 17.91
N THR A 169 25.14 4.58 17.57
N THR A 169 25.20 4.60 17.63
CA THR A 169 25.43 5.66 18.49
CA THR A 169 25.46 5.68 18.56
C THR A 169 24.98 5.28 19.90
C THR A 169 25.00 5.33 19.98
N PHE A 170 23.69 4.89 20.05
N PHE A 170 23.73 4.88 20.12
CA PHE A 170 23.18 4.56 21.38
CA PHE A 170 23.21 4.56 21.45
C PHE A 170 23.99 3.45 22.01
C PHE A 170 23.99 3.42 22.09
N ASN A 171 24.37 2.45 21.21
N ASN A 171 24.30 2.38 21.32
CA ASN A 171 25.20 1.36 21.72
CA ASN A 171 25.17 1.32 21.83
C ASN A 171 26.47 1.91 22.33
C ASN A 171 26.43 1.92 22.44
N PHE A 172 27.14 2.76 21.58
N PHE A 172 27.09 2.80 21.68
CA PHE A 172 28.36 3.39 22.08
CA PHE A 172 28.34 3.37 22.14
C PHE A 172 28.11 4.15 23.39
C PHE A 172 28.14 4.15 23.43
N MET A 173 27.00 4.90 23.49
N MET A 173 27.03 4.87 23.57
CA MET A 173 26.86 5.67 24.71
CA MET A 173 26.93 5.67 24.77
C MET A 173 26.41 4.81 25.90
C MET A 173 26.49 4.85 25.97
N ILE A 174 25.78 3.67 25.67
N ILE A 174 25.78 3.75 25.77
CA ILE A 174 25.45 2.82 26.80
CA ILE A 174 25.45 2.90 26.90
C ILE A 174 26.70 2.11 27.29
C ILE A 174 26.71 2.22 27.44
N VAL A 175 27.49 1.56 26.38
N VAL A 175 27.50 1.61 26.56
CA VAL A 175 28.73 0.92 26.79
CA VAL A 175 28.72 0.91 26.95
C VAL A 175 29.67 1.90 27.44
C VAL A 175 29.71 1.87 27.61
N PHE A 176 29.78 3.13 26.89
N PHE A 176 29.81 3.11 27.10
CA PHE A 176 30.66 4.12 27.51
CA PHE A 176 30.65 4.11 27.73
C PHE A 176 30.30 4.34 28.97
C PHE A 176 30.27 4.29 29.19
N GLN A 177 29.00 4.34 29.28
N GLN A 177 28.98 4.48 29.45
CA GLN A 177 28.55 4.57 30.65
CA GLN A 177 28.51 4.68 30.81
C GLN A 177 28.89 3.36 31.54
C GLN A 177 28.89 3.50 31.69
N ALA A 178 28.69 2.14 31.06
N ALA A 178 28.66 2.28 31.22
CA ALA A 178 29.09 0.97 31.82
CA ALA A 178 29.01 1.09 31.99
C ALA A 178 30.58 1.00 32.18
C ALA A 178 30.48 1.09 32.37
N GLU A 179 31.41 1.44 31.24
N GLU A 179 31.36 1.51 31.46
CA GLU A 179 32.86 1.26 31.40
CA GLU A 179 32.79 1.36 31.65
C GLU A 179 33.54 2.48 31.99
C GLU A 179 33.46 2.59 32.22
N HIS A 180 32.87 3.61 32.02
N HIS A 180 32.90 3.76 32.00
CA HIS A 180 33.51 4.84 32.44
CA HIS A 180 33.52 4.97 32.46
C HIS A 180 32.68 5.69 33.38
C HIS A 180 32.67 5.76 33.43
N ASN A 181 31.41 5.38 33.65
CA ASN A 181 30.50 6.24 34.44
C ASN A 181 30.55 7.71 33.97
N ILE A 182 30.31 7.94 32.68
CA ILE A 182 30.41 9.29 32.14
C ILE A 182 29.45 10.27 32.82
N LEU A 183 28.25 9.82 33.25
CA LEU A 183 27.29 10.73 33.86
C LEU A 183 27.86 11.40 35.09
N MET A 184 28.60 10.66 35.90
CA MET A 184 29.29 11.14 37.08
C MET A 184 30.64 11.79 36.75
N HIS A 185 30.92 12.14 35.53
CA HIS A 185 32.19 12.80 35.20
C HIS A 185 31.95 14.29 35.01
N PRO A 186 32.71 15.16 35.67
CA PRO A 186 32.39 16.60 35.58
C PRO A 186 32.45 17.17 34.19
N PHE A 187 33.33 16.67 33.33
CA PHE A 187 33.46 17.26 32.01
C PHE A 187 32.25 16.97 31.16
N HIS A 188 31.63 15.81 31.36
CA HIS A 188 30.34 15.54 30.73
C HIS A 188 29.26 16.44 31.30
N GLN A 189 29.30 16.70 32.62
CA GLN A 189 28.31 17.58 33.24
C GLN A 189 28.41 18.99 32.68
N LEU A 190 29.64 19.44 32.38
CA LEU A 190 29.83 20.75 31.72
C LEU A 190 29.36 20.71 30.27
N GLY A 191 29.40 19.54 29.63
CA GLY A 191 28.83 19.45 28.29
C GLY A 191 27.32 19.66 28.32
N VAL A 192 26.63 18.95 29.22
CA VAL A 192 25.20 19.15 29.38
C VAL A 192 24.91 20.61 29.69
N ALA A 193 25.70 21.22 30.57
CA ALA A 193 25.50 22.62 30.89
C ALA A 193 25.76 23.50 29.68
N GLY A 194 26.70 23.11 28.84
CA GLY A 194 26.94 23.89 27.64
C GLY A 194 25.85 23.73 26.60
N VAL A 195 25.24 22.56 26.57
CA VAL A 195 24.22 22.26 25.57
C VAL A 195 22.84 22.75 26.00
N PHE A 196 22.44 22.42 27.24
CA PHE A 196 21.22 22.98 27.83
C PHE A 196 21.30 24.50 27.86
N GLY A 197 22.41 25.04 28.38
CA GLY A 197 22.53 26.49 28.41
C GLY A 197 22.52 27.10 27.02
N GLY A 198 23.16 26.42 26.07
CA GLY A 198 23.15 26.93 24.71
C GLY A 198 21.75 27.00 24.13
N ALA A 199 20.96 25.93 24.32
CA ALA A 199 19.58 25.93 23.84
C ALA A 199 18.75 27.00 24.54
N LEU A 200 18.99 27.18 25.85
CA LEU A 200 18.32 28.20 26.64
C LEU A 200 18.63 29.59 26.12
N PHE A 201 19.93 29.91 25.96
CA PHE A 201 20.32 31.24 25.51
C PHE A 201 19.95 31.46 24.05
N CYS A 202 19.98 30.43 23.23
CA CYS A 202 19.39 30.52 21.90
C CYS A 202 17.94 30.98 21.99
N ALA A 203 17.15 30.30 22.79
CA ALA A 203 15.73 30.68 22.91
C ALA A 203 15.58 32.06 23.49
N MET A 204 16.33 32.37 24.55
CA MET A 204 16.28 33.69 25.17
C MET A 204 16.59 34.76 24.15
N HIS A 205 17.74 34.65 23.48
CA HIS A 205 18.16 35.70 22.56
C HIS A 205 17.16 35.85 21.44
N GLY A 206 16.69 34.73 20.90
CA GLY A 206 15.73 34.82 19.82
C GLY A 206 14.41 35.40 20.27
N SER A 207 14.04 35.17 21.53
CA SER A 207 12.75 35.71 21.98
C SER A 207 12.88 37.17 22.39
N LEU A 208 14.06 37.60 22.82
CA LEU A 208 14.25 39.00 23.20
C LEU A 208 14.29 39.91 21.97
N VAL A 209 15.06 39.52 20.95
CA VAL A 209 15.09 40.30 19.72
C VAL A 209 13.71 40.31 19.11
N THR A 210 13.09 39.12 19.03
CA THR A 210 11.77 38.99 18.43
C THR A 210 10.75 39.84 19.19
N SER A 211 10.85 39.92 20.53
CA SER A 211 9.92 40.73 21.30
C SER A 211 10.06 42.23 21.04
N SER A 212 11.22 42.68 20.59
CA SER A 212 11.51 44.12 20.52
C SER A 212 11.67 44.59 19.09
N LEU A 213 11.17 43.82 18.13
CA LEU A 213 11.16 44.27 16.75
C LEU A 213 10.34 45.53 16.63
N ILE A 214 10.79 46.41 15.78
CA ILE A 214 10.15 47.71 15.62
C ILE A 214 9.06 47.59 14.57
N ARG A 215 7.91 48.19 14.85
CA ARG A 215 6.77 48.02 13.97
C ARG A 215 7.08 48.61 12.62
N GLU A 216 7.01 47.77 11.62
CA GLU A 216 7.43 48.11 10.27
C GLU A 216 6.46 47.53 9.27
N THR A 217 5.40 46.87 9.74
CA THR A 217 4.53 46.03 8.94
C THR A 217 3.11 46.08 9.49
N THR A 218 2.19 45.51 8.75
CA THR A 218 0.80 45.44 9.16
C THR A 218 0.49 44.05 9.68
N GLU A 219 -0.72 43.91 10.24
CA GLU A 219 -1.12 42.64 10.83
C GLU A 219 -1.16 41.55 9.76
N THR A 220 -1.36 41.94 8.51
CA THR A 220 -1.59 40.95 7.46
C THR A 220 -0.30 40.50 6.77
N GLU A 221 0.86 40.77 7.34
CA GLU A 221 2.09 40.38 6.68
C GLU A 221 3.14 39.97 7.71
N SER A 222 3.94 39.00 7.32
CA SER A 222 5.09 38.62 8.13
C SER A 222 5.84 39.86 8.55
N ALA A 223 6.08 39.98 9.85
CA ALA A 223 7.00 40.97 10.38
C ALA A 223 8.37 40.83 9.76
N ASN A 224 8.73 39.63 9.26
CA ASN A 224 10.07 39.48 8.70
C ASN A 224 10.29 40.46 7.57
N TYR A 225 9.23 40.81 6.84
CA TYR A 225 9.39 41.82 5.80
C TYR A 225 9.70 43.22 6.32
N GLY A 226 9.77 43.44 7.63
CA GLY A 226 10.22 44.70 8.20
C GLY A 226 11.73 44.89 8.19
N TYR A 227 12.49 43.85 7.87
CA TYR A 227 13.92 43.97 7.70
C TYR A 227 14.23 43.75 6.23
N LYS A 228 15.05 44.62 5.66
CA LYS A 228 15.52 44.46 4.30
C LYS A 228 17.01 44.17 4.35
N PHE A 229 17.42 43.07 3.71
CA PHE A 229 18.81 42.64 3.70
C PHE A 229 19.76 43.78 3.38
N GLY A 230 20.68 44.06 4.32
CA GLY A 230 21.69 45.09 4.12
C GLY A 230 21.29 46.48 4.55
N GLN A 231 20.10 46.67 5.13
CA GLN A 231 19.76 47.94 5.75
C GLN A 231 20.80 48.27 6.81
N GLU A 232 21.04 49.57 7.02
CA GLU A 232 22.07 49.97 7.97
C GLU A 232 21.55 50.15 9.39
N GLU A 233 20.27 50.50 9.56
CA GLU A 233 19.72 50.64 10.90
C GLU A 233 19.40 49.27 11.48
N GLU A 234 19.54 49.16 12.80
CA GLU A 234 19.15 47.95 13.46
C GLU A 234 17.62 47.77 13.35
N THR A 235 17.19 46.52 13.47
CA THR A 235 15.81 46.14 13.24
C THR A 235 15.04 45.91 14.54
N TYR A 236 15.73 45.92 15.68
CA TYR A 236 15.07 45.91 16.97
C TYR A 236 15.62 46.99 17.89
N ASN A 237 14.87 47.21 18.96
CA ASN A 237 15.19 48.14 20.02
C ASN A 237 15.88 47.34 21.12
N ILE A 238 17.21 47.46 21.23
CA ILE A 238 17.93 46.71 22.27
C ILE A 238 17.68 47.32 23.65
N VAL A 239 17.44 48.63 23.73
CA VAL A 239 17.18 49.25 25.03
C VAL A 239 15.84 48.74 25.58
N ALA A 240 14.87 48.49 24.69
CA ALA A 240 13.62 47.88 25.12
C ALA A 240 13.83 46.44 25.56
N ALA A 241 14.64 45.68 24.82
CA ALA A 241 14.91 44.31 25.24
C ALA A 241 15.60 44.27 26.60
N HIS A 242 16.63 45.12 26.77
CA HIS A 242 17.33 45.31 28.04
C HIS A 242 16.36 45.68 29.16
N GLY A 243 15.50 46.67 28.90
CA GLY A 243 14.56 47.11 29.91
C GLY A 243 13.57 46.04 30.34
N TYR A 244 13.12 45.18 29.41
CA TYR A 244 12.23 44.07 29.81
C TYR A 244 13.01 43.03 30.62
N PHE A 245 14.15 42.56 30.08
CA PHE A 245 14.87 41.44 30.71
C PHE A 245 15.52 41.86 32.01
N GLY A 246 16.06 43.08 32.06
CA GLY A 246 16.55 43.61 33.32
C GLY A 246 15.51 43.59 34.43
N ARG A 247 14.24 43.90 34.09
CA ARG A 247 13.19 43.88 35.12
C ARG A 247 12.73 42.45 35.40
N LEU A 248 12.78 41.59 34.38
CA LEU A 248 12.43 40.20 34.58
C LEU A 248 13.31 39.57 35.66
N ILE A 249 14.61 39.87 35.65
CA ILE A 249 15.49 39.42 36.72
C ILE A 249 15.87 40.60 37.60
N PHE A 250 16.99 41.27 37.31
CA PHE A 250 17.32 42.59 37.83
C PHE A 250 18.31 43.24 36.86
N GLN A 251 18.34 44.57 36.88
CA GLN A 251 19.03 45.34 35.85
C GLN A 251 20.40 44.76 35.49
N TYR A 252 21.24 44.52 36.49
CA TYR A 252 22.66 44.28 36.25
C TYR A 252 22.97 42.86 35.82
N ALA A 253 21.95 41.99 35.73
CA ALA A 253 22.08 40.67 35.16
C ALA A 253 21.60 40.62 33.71
N SER A 254 21.45 41.77 33.07
CA SER A 254 21.05 41.84 31.67
C SER A 254 22.12 42.61 30.89
N PHE A 255 22.30 42.22 29.64
CA PHE A 255 23.26 42.87 28.76
C PHE A 255 22.63 44.06 28.05
N ASN A 256 23.33 45.19 28.06
CA ASN A 256 22.96 46.27 27.16
C ASN A 256 24.02 46.46 26.08
N ASN A 257 25.12 45.72 26.13
CA ASN A 257 26.17 45.76 25.10
C ASN A 257 26.00 44.54 24.20
N SER A 258 25.63 44.78 22.95
CA SER A 258 25.32 43.69 22.03
C SER A 258 26.55 42.87 21.68
N ARG A 259 27.73 43.49 21.72
CA ARG A 259 28.98 42.75 21.50
C ARG A 259 29.25 41.78 22.65
N SER A 260 29.13 42.24 23.89
CA SER A 260 29.30 41.32 25.00
C SER A 260 28.30 40.20 24.91
N LEU A 261 27.03 40.55 24.65
CA LEU A 261 25.98 39.55 24.60
C LEU A 261 26.30 38.50 23.55
N HIS A 262 26.66 38.94 22.33
CA HIS A 262 26.92 37.94 21.28
C HIS A 262 28.19 37.15 21.54
N PHE A 263 29.19 37.74 22.23
CA PHE A 263 30.36 36.94 22.61
C PHE A 263 29.99 35.90 23.65
N PHE A 264 29.08 36.27 24.57
CA PHE A 264 28.64 35.33 25.58
C PHE A 264 27.92 34.16 24.92
N LEU A 265 27.08 34.45 23.92
CA LEU A 265 26.42 33.38 23.20
C LEU A 265 27.42 32.40 22.65
N ALA A 266 28.54 32.91 22.11
CA ALA A 266 29.53 32.08 21.45
C ALA A 266 30.28 31.24 22.45
N ALA A 267 30.64 31.83 23.59
CA ALA A 267 31.62 31.16 24.44
C ALA A 267 31.01 30.04 25.25
N TRP A 268 29.76 30.22 25.69
CA TRP A 268 29.17 29.25 26.61
C TRP A 268 29.05 27.85 26.00
N PRO A 269 28.48 27.66 24.84
CA PRO A 269 28.39 26.29 24.32
C PRO A 269 29.70 25.81 23.69
N VAL A 270 30.53 26.73 23.21
CA VAL A 270 31.83 26.30 22.70
C VAL A 270 32.66 25.71 23.83
N VAL A 271 32.75 26.44 24.92
CA VAL A 271 33.54 25.98 26.04
C VAL A 271 32.94 24.75 26.67
N GLY A 272 31.61 24.75 26.88
CA GLY A 272 31.01 23.55 27.42
C GLY A 272 31.34 22.35 26.57
N VAL A 273 31.29 22.51 25.25
CA VAL A 273 31.49 21.35 24.42
C VAL A 273 32.98 20.97 24.27
N TRP A 274 33.90 21.94 24.36
CA TRP A 274 35.32 21.58 24.52
C TRP A 274 35.48 20.63 25.68
N PHE A 275 34.88 21.00 26.83
CA PHE A 275 35.04 20.16 27.99
C PHE A 275 34.45 18.79 27.76
N THR A 276 33.33 18.69 27.03
CA THR A 276 32.75 17.36 26.91
C THR A 276 33.56 16.54 25.93
N ALA A 277 34.10 17.17 24.88
CA ALA A 277 35.10 16.51 24.04
C ALA A 277 36.31 16.09 24.86
N LEU A 278 36.75 16.97 25.77
CA LEU A 278 37.85 16.56 26.62
C LEU A 278 37.44 15.39 27.49
N GLY A 279 36.15 15.32 27.86
CA GLY A 279 35.70 14.20 28.67
C GLY A 279 35.91 12.88 27.98
N ILE A 280 35.45 12.79 26.73
CA ILE A 280 35.66 11.56 25.96
C ILE A 280 37.17 11.32 25.77
N SER A 281 37.90 12.39 25.53
CA SER A 281 39.32 12.27 25.23
C SER A 281 40.12 11.80 26.44
N THR A 282 39.65 12.07 27.67
CA THR A 282 40.43 11.66 28.84
C THR A 282 39.93 10.37 29.41
N MET A 283 38.64 10.08 29.21
CA MET A 283 38.10 8.80 29.57
C MET A 283 38.60 7.72 28.64
N ALA A 284 39.05 8.13 27.43
CA ALA A 284 39.82 7.26 26.54
C ALA A 284 41.05 6.66 27.21
N PHE A 285 41.65 7.39 28.15
CA PHE A 285 42.73 6.87 28.99
C PHE A 285 42.24 6.50 30.40
N ASN A 286 40.95 6.12 30.50
CA ASN A 286 40.34 5.44 31.66
C ASN A 286 40.47 6.22 32.96
N LEU A 287 40.51 7.53 32.88
CA LEU A 287 40.30 8.37 34.05
C LEU A 287 38.81 8.71 34.04
N ASN A 288 38.07 7.94 34.83
CA ASN A 288 36.62 7.81 34.76
C ASN A 288 35.92 8.73 35.75
N GLY A 289 34.56 8.71 35.70
CA GLY A 289 33.79 9.57 36.55
C GLY A 289 33.90 9.16 38.00
N PHE A 290 33.52 10.11 38.86
CA PHE A 290 33.59 9.90 40.30
C PHE A 290 32.95 8.57 40.64
N ASN A 291 33.57 7.86 41.59
CA ASN A 291 33.10 6.57 42.07
C ASN A 291 32.76 6.69 43.56
N PHE A 292 31.44 6.75 43.87
CA PHE A 292 30.97 6.76 45.25
C PHE A 292 30.28 5.46 45.60
N ASN A 293 30.63 4.38 44.94
CA ASN A 293 30.05 3.08 45.30
C ASN A 293 30.48 2.66 46.70
N HIS A 294 29.48 2.44 47.58
CA HIS A 294 29.63 2.09 49.00
C HIS A 294 30.36 3.17 49.80
N SER A 295 30.28 4.43 49.37
CA SER A 295 30.92 5.47 50.15
C SER A 295 30.23 5.73 51.50
N VAL A 296 28.95 5.42 51.63
CA VAL A 296 28.20 5.65 52.88
C VAL A 296 28.02 4.31 53.56
N ILE A 297 28.50 4.19 54.80
CA ILE A 297 28.25 3.01 55.64
C ILE A 297 27.87 3.45 57.05
N ASP A 298 27.27 2.54 57.81
CA ASP A 298 26.74 2.88 59.13
C ASP A 298 27.73 2.48 60.23
N ALA A 299 27.34 2.72 61.50
CA ALA A 299 28.21 2.48 62.66
C ALA A 299 28.73 1.05 62.68
N LYS A 300 27.92 0.08 62.27
CA LYS A 300 28.45 -1.27 62.20
C LYS A 300 29.33 -1.51 60.97
N GLY A 301 29.13 -0.73 59.90
CA GLY A 301 29.74 -1.02 58.63
C GLY A 301 28.82 -1.64 57.59
N ASN A 302 27.50 -1.67 57.83
CA ASN A 302 26.59 -1.97 56.73
C ASN A 302 26.78 -0.92 55.66
N VAL A 303 26.64 -1.33 54.39
CA VAL A 303 26.57 -0.35 53.31
C VAL A 303 25.20 0.30 53.36
N ILE A 304 25.17 1.63 53.29
CA ILE A 304 23.92 2.38 53.17
C ILE A 304 23.88 2.93 51.74
N ASN A 305 22.99 2.40 50.90
CA ASN A 305 23.07 2.81 49.51
C ASN A 305 22.65 4.25 49.33
N THR A 306 23.14 4.86 48.26
CA THR A 306 22.74 6.16 47.75
C THR A 306 22.30 5.98 46.30
N TRP A 307 21.96 7.09 45.67
CA TRP A 307 21.70 7.04 44.24
C TRP A 307 22.92 6.57 43.44
N ALA A 308 24.15 6.92 43.87
CA ALA A 308 25.33 6.39 43.17
C ALA A 308 25.29 4.87 43.12
N ASP A 309 24.88 4.20 44.20
CA ASP A 309 24.82 2.73 44.16
C ASP A 309 23.76 2.21 43.21
N ILE A 310 22.63 2.89 43.12
CA ILE A 310 21.62 2.48 42.16
C ILE A 310 22.15 2.61 40.75
N ILE A 311 22.75 3.78 40.45
CA ILE A 311 23.42 3.96 39.18
C ILE A 311 24.37 2.80 38.91
N ASN A 312 25.09 2.35 39.95
CA ASN A 312 26.04 1.25 39.77
C ASN A 312 25.34 -0.07 39.44
N ARG A 313 24.13 -0.29 39.99
CA ARG A 313 23.42 -1.50 39.60
C ARG A 313 23.07 -1.45 38.12
N ALA A 314 22.71 -0.26 37.62
CA ALA A 314 22.42 -0.13 36.20
C ALA A 314 23.68 -0.34 35.37
N ASN A 315 24.77 0.34 35.71
CA ASN A 315 26.05 0.17 35.01
C ASN A 315 26.46 -1.28 34.96
N LEU A 316 26.19 -2.02 36.03
CA LEU A 316 26.54 -3.43 36.09
C LEU A 316 25.76 -4.23 35.06
N GLY A 317 24.45 -3.93 34.89
CA GLY A 317 23.65 -4.67 33.92
C GLY A 317 24.14 -4.43 32.51
N MET A 318 24.58 -3.21 32.21
N MET A 318 24.51 -3.18 32.20
CA MET A 318 25.18 -2.90 30.94
CA MET A 318 25.18 -2.89 30.94
C MET A 318 26.49 -3.67 30.76
C MET A 318 26.48 -3.68 30.80
N GLU A 319 27.32 -3.66 31.81
N GLU A 319 27.33 -3.58 31.84
CA GLU A 319 28.64 -4.28 31.73
CA GLU A 319 28.63 -4.27 31.83
C GLU A 319 28.52 -5.75 31.38
C GLU A 319 28.49 -5.73 31.45
N VAL A 320 27.70 -6.48 32.13
N VAL A 320 27.69 -6.48 32.22
CA VAL A 320 27.74 -7.93 32.02
CA VAL A 320 27.71 -7.92 32.08
C VAL A 320 27.12 -8.38 30.72
C VAL A 320 27.08 -8.35 30.78
N MET A 321 26.36 -7.54 30.06
N MET A 321 26.23 -7.53 30.16
CA MET A 321 25.62 -7.99 28.89
CA MET A 321 25.60 -7.95 28.93
C MET A 321 26.27 -7.61 27.59
C MET A 321 26.33 -7.49 27.66
N HIS A 322 27.01 -6.52 27.58
N HIS A 322 27.08 -6.41 27.67
CA HIS A 322 27.59 -6.01 26.34
CA HIS A 322 27.64 -5.93 26.41
C HIS A 322 28.67 -6.97 25.83
C HIS A 322 28.67 -6.94 25.83
N GLU A 323 28.77 -7.05 24.51
N GLU A 323 28.65 -7.07 24.51
CA GLU A 323 29.69 -7.95 23.82
CA GLU A 323 29.54 -7.97 23.76
C GLU A 323 29.75 -9.30 24.50
C GLU A 323 29.67 -9.32 24.45
N ARG A 324 28.53 -9.83 24.74
N ARG A 324 28.51 -9.96 24.61
CA ARG A 324 28.32 -10.99 25.61
CA ARG A 324 28.31 -11.07 25.56
C ARG A 324 29.17 -12.21 25.26
C ARG A 324 29.11 -12.33 25.22
N ASN A 325 29.71 -12.32 24.05
N ASN A 325 29.68 -12.45 24.03
CA ASN A 325 30.51 -13.49 23.70
CA ASN A 325 30.51 -13.60 23.68
C ASN A 325 32.00 -13.18 23.64
C ASN A 325 31.99 -13.28 23.58
N ALA A 326 32.39 -11.94 23.88
N ALA A 326 32.42 -12.06 23.91
CA ALA A 326 33.73 -11.51 23.52
CA ALA A 326 33.76 -11.60 23.54
C ALA A 326 34.74 -11.68 24.65
C ALA A 326 34.74 -11.56 24.71
N HIS A 327 34.30 -11.90 25.89
N HIS A 327 34.31 -11.93 25.91
CA HIS A 327 35.18 -11.87 27.05
CA HIS A 327 35.15 -11.85 27.09
C HIS A 327 35.37 -13.26 27.60
C HIS A 327 35.35 -13.25 27.64
N ASN A 328 36.64 -13.66 27.77
N ASN A 328 36.61 -13.63 27.82
CA ASN A 328 36.96 -14.98 28.27
CA ASN A 328 36.96 -14.94 28.34
C ASN A 328 37.44 -14.95 29.72
C ASN A 328 37.50 -14.89 29.74
N PHE A 329 37.83 -13.78 30.21
N PHE A 329 37.83 -13.72 30.26
CA PHE A 329 38.47 -13.55 31.50
CA PHE A 329 38.42 -13.52 31.57
C PHE A 329 37.73 -12.44 32.23
C PHE A 329 37.64 -12.47 32.33
N PRO A 330 37.82 -12.38 33.57
N PRO A 330 37.77 -12.45 33.67
CA PRO A 330 36.73 -11.74 34.35
CA PRO A 330 36.75 -11.76 34.50
C PRO A 330 36.71 -10.23 34.33
C PRO A 330 36.77 -10.25 34.45
N LEU A 331 37.78 -9.56 33.93
N LEU A 331 37.84 -9.61 33.98
CA LEU A 331 37.78 -8.10 33.86
CA LEU A 331 37.91 -8.15 33.93
C LEU A 331 37.83 -7.65 32.42
C LEU A 331 37.93 -7.68 32.49
N ASP A 332 37.11 -6.56 32.13
N ASP A 332 37.10 -6.69 32.18
CA ASP A 332 37.02 -5.95 30.80
CA ASP A 332 37.04 -6.10 30.84
C ASP A 332 37.90 -4.72 30.93
C ASP A 332 37.89 -4.84 30.93
N LEU A 333 39.22 -4.95 30.75
N LEU A 333 39.17 -5.03 30.62
CA LEU A 333 40.22 -3.93 30.95
CA LEU A 333 40.20 -4.03 30.87
C LEU A 333 40.35 -3.00 29.75
C LEU A 333 40.39 -3.10 29.69
N ALA A 334 39.71 -3.34 28.63
N ALA A 334 39.73 -3.35 28.57
CA ALA A 334 39.56 -2.36 27.58
CA ALA A 334 39.77 -2.40 27.49
C ALA A 334 38.46 -2.74 26.67
C ALA A 334 38.61 -2.70 26.62
N GLY B 1 1.47 39.06 0.78
CA GLY B 1 0.18 38.50 1.10
C GLY B 1 0.19 37.85 2.48
N LEU B 2 -0.92 37.26 2.92
CA LEU B 2 -0.92 36.59 4.21
C LEU B 2 0.07 35.42 4.17
N PRO B 3 0.78 35.14 5.26
CA PRO B 3 1.52 33.88 5.32
C PRO B 3 0.56 32.70 5.46
N TRP B 4 1.04 31.52 5.12
CA TRP B 4 0.21 30.34 5.13
C TRP B 4 -0.45 30.13 6.50
N TYR B 5 0.24 30.50 7.59
CA TYR B 5 -0.18 30.20 8.95
C TYR B 5 -1.22 31.20 9.44
N ARG B 6 -1.61 32.17 8.60
CA ARG B 6 -2.63 33.14 8.96
C ARG B 6 -3.81 33.18 7.98
N VAL B 7 -3.95 32.20 7.10
CA VAL B 7 -5.03 32.29 6.11
C VAL B 7 -6.39 32.46 6.80
N HIS B 8 -6.61 31.81 7.92
CA HIS B 8 -7.98 31.80 8.42
C HIS B 8 -8.31 33.06 9.21
N THR B 9 -7.39 34.03 9.32
CA THR B 9 -7.71 35.28 9.99
C THR B 9 -8.63 36.16 9.18
N VAL B 10 -8.89 35.83 7.91
CA VAL B 10 -9.86 36.58 7.14
C VAL B 10 -11.29 36.42 7.67
N LEU B 11 -11.52 35.49 8.60
CA LEU B 11 -12.83 35.33 9.21
C LEU B 11 -13.05 36.22 10.44
N ILE B 12 -12.01 36.93 10.91
CA ILE B 12 -12.07 37.53 12.26
C ILE B 12 -13.14 38.64 12.33
N ASN B 13 -13.45 39.28 11.22
CA ASN B 13 -14.49 40.29 11.18
C ASN B 13 -15.59 39.95 10.19
N ASP B 14 -15.85 38.67 10.03
CA ASP B 14 -16.84 38.20 9.06
C ASP B 14 -17.68 37.13 9.73
N PRO B 15 -18.67 37.54 10.50
CA PRO B 15 -19.43 36.58 11.29
C PRO B 15 -20.16 35.55 10.46
N GLY B 16 -20.68 35.92 9.30
CA GLY B 16 -21.34 34.93 8.47
C GLY B 16 -20.38 33.85 8.03
N ARG B 17 -19.29 34.24 7.40
CA ARG B 17 -18.33 33.24 6.97
C ARG B 17 -17.67 32.56 8.15
N LEU B 18 -17.62 33.20 9.32
CA LEU B 18 -17.17 32.48 10.51
C LEU B 18 -18.17 31.39 10.86
N ILE B 19 -19.46 31.69 10.75
CA ILE B 19 -20.47 30.66 10.97
C ILE B 19 -20.32 29.57 9.93
N ALA B 20 -20.03 29.95 8.69
CA ALA B 20 -19.89 28.96 7.61
C ALA B 20 -18.70 28.03 7.87
N ALA B 21 -17.59 28.57 8.35
CA ALA B 21 -16.45 27.75 8.74
C ALA B 21 -16.81 26.80 9.88
N HIS B 22 -17.43 27.34 10.93
CA HIS B 22 -17.85 26.51 12.03
C HIS B 22 -18.82 25.42 11.60
N LEU B 23 -19.75 25.74 10.69
CA LEU B 23 -20.64 24.68 10.19
C LEU B 23 -19.83 23.60 9.48
N MET B 24 -18.88 24.02 8.65
CA MET B 24 -18.11 23.03 7.88
C MET B 24 -17.31 22.13 8.83
N HIS B 25 -16.73 22.70 9.89
CA HIS B 25 -16.03 21.88 10.86
C HIS B 25 -16.99 20.89 11.53
N THR B 26 -18.18 21.37 11.92
CA THR B 26 -19.20 20.51 12.49
C THR B 26 -19.65 19.43 11.51
N ALA B 27 -19.84 19.80 10.24
CA ALA B 27 -20.10 18.78 9.24
C ALA B 27 -19.03 17.69 9.22
N LEU B 28 -17.75 18.09 9.19
CA LEU B 28 -16.66 17.12 9.10
C LEU B 28 -16.59 16.22 10.32
N VAL B 29 -16.85 16.79 11.51
CA VAL B 29 -16.76 15.99 12.72
C VAL B 29 -17.89 14.96 12.77
N ALA B 30 -19.10 15.34 12.35
CA ALA B 30 -20.20 14.39 12.37
C ALA B 30 -20.03 13.36 11.29
N GLY B 31 -19.43 13.74 10.17
CA GLY B 31 -19.17 12.78 9.12
C GLY B 31 -18.16 11.74 9.56
N TRP B 32 -17.05 12.18 10.15
CA TRP B 32 -16.13 11.27 10.82
C TRP B 32 -16.87 10.30 11.74
N ALA B 33 -17.64 10.83 12.68
CA ALA B 33 -18.32 9.94 13.61
C ALA B 33 -19.10 8.89 12.82
N GLY B 34 -19.81 9.33 11.80
CA GLY B 34 -20.56 8.39 10.98
C GLY B 34 -19.69 7.38 10.25
N SER B 35 -18.57 7.83 9.68
CA SER B 35 -17.68 6.93 8.93
C SER B 35 -16.94 5.98 9.85
N MET B 36 -16.63 6.44 11.06
CA MET B 36 -15.89 5.61 12.00
C MET B 36 -16.77 4.46 12.49
N ALA B 37 -18.03 4.75 12.82
CA ALA B 37 -18.94 3.70 13.26
C ALA B 37 -19.15 2.65 12.17
N LEU B 38 -19.28 3.11 10.93
CA LEU B 38 -19.58 2.19 9.84
C LEU B 38 -18.42 1.24 9.58
N TYR B 39 -17.20 1.78 9.64
CA TYR B 39 -16.01 0.96 9.63
C TYR B 39 -16.00 -0.02 10.80
N GLU B 40 -16.29 0.46 12.03
CA GLU B 40 -16.27 -0.46 13.16
C GLU B 40 -17.33 -1.55 13.00
N LEU B 41 -18.53 -1.20 12.50
CA LEU B 41 -19.57 -2.21 12.29
C LEU B 41 -19.13 -3.27 11.28
N ALA B 42 -18.45 -2.84 10.22
CA ALA B 42 -18.00 -3.74 9.17
C ALA B 42 -16.87 -4.64 9.61
N THR B 43 -16.18 -4.31 10.71
CA THR B 43 -15.07 -5.13 11.20
C THR B 43 -15.32 -5.80 12.55
N PHE B 44 -16.44 -5.53 13.22
CA PHE B 44 -16.66 -6.01 14.59
C PHE B 44 -17.21 -7.41 14.54
N ASP B 45 -16.64 -8.29 15.38
CA ASP B 45 -17.19 -9.62 15.64
C ASP B 45 -18.06 -9.56 16.90
N PRO B 46 -19.39 -9.70 16.79
CA PRO B 46 -20.24 -9.71 17.99
C PRO B 46 -20.47 -11.09 18.62
N SER B 47 -19.83 -12.14 18.15
CA SER B 47 -20.22 -13.48 18.59
C SER B 47 -19.67 -13.90 19.94
N ASP B 48 -18.85 -13.09 20.63
CA ASP B 48 -18.33 -13.50 21.94
C ASP B 48 -17.95 -12.30 22.80
N PRO B 49 -18.90 -11.77 23.57
CA PRO B 49 -18.58 -10.68 24.50
C PRO B 49 -17.84 -11.10 25.73
N VAL B 50 -17.59 -12.39 25.89
CA VAL B 50 -16.79 -12.88 27.00
C VAL B 50 -15.31 -12.71 26.69
N LEU B 51 -14.84 -13.39 25.66
CA LEU B 51 -13.40 -13.47 25.40
C LEU B 51 -12.96 -12.62 24.22
N ASN B 52 -13.90 -12.14 23.40
CA ASN B 52 -13.56 -11.25 22.29
C ASN B 52 -14.49 -10.04 22.31
N PRO B 53 -14.58 -9.34 23.45
CA PRO B 53 -15.35 -8.09 23.51
C PRO B 53 -14.78 -7.01 22.62
N MET B 54 -15.58 -5.95 22.51
CA MET B 54 -15.26 -4.83 21.62
C MET B 54 -13.89 -4.24 21.91
N TRP B 55 -13.48 -4.17 23.19
CA TRP B 55 -12.22 -3.50 23.55
C TRP B 55 -10.98 -4.33 23.16
N ARG B 56 -11.15 -5.63 22.88
CA ARG B 56 -10.08 -6.44 22.33
C ARG B 56 -9.92 -6.22 20.83
N GLN B 57 -10.98 -5.71 20.19
CA GLN B 57 -11.08 -5.59 18.76
C GLN B 57 -10.78 -4.17 18.26
N GLY B 58 -10.17 -3.32 19.07
CA GLY B 58 -9.83 -1.98 18.66
C GLY B 58 -11.02 -1.12 18.29
N MET B 59 -12.17 -1.35 18.93
CA MET B 59 -13.34 -0.51 18.76
C MET B 59 -13.20 0.76 19.59
N PHE B 60 -13.43 1.90 18.95
CA PHE B 60 -13.23 3.19 19.60
C PHE B 60 -14.52 3.98 19.80
N VAL B 61 -15.41 4.02 18.80
CA VAL B 61 -16.70 4.73 18.99
C VAL B 61 -17.81 3.77 19.44
N LEU B 62 -17.72 2.49 19.06
CA LEU B 62 -18.73 1.53 19.51
C LEU B 62 -19.04 1.67 21.00
N PRO B 63 -18.04 1.70 21.89
CA PRO B 63 -18.34 1.85 23.32
C PRO B 63 -18.93 3.18 23.73
N PHE B 64 -18.73 4.24 22.97
CA PHE B 64 -19.41 5.47 23.32
C PHE B 64 -20.89 5.40 22.98
N MET B 65 -21.25 4.74 21.89
CA MET B 65 -22.66 4.50 21.60
C MET B 65 -23.27 3.61 22.67
N ALA B 66 -22.54 2.56 23.04
CA ALA B 66 -23.04 1.65 24.05
C ALA B 66 -23.16 2.32 25.40
N ARG B 67 -22.25 3.25 25.73
CA ARG B 67 -22.29 3.86 27.05
C ARG B 67 -23.64 4.51 27.33
N LEU B 68 -24.22 5.19 26.32
CA LEU B 68 -25.44 5.98 26.51
C LEU B 68 -26.70 5.22 26.08
N GLY B 69 -26.58 3.96 25.68
CA GLY B 69 -27.72 3.07 25.56
C GLY B 69 -27.94 2.45 24.21
N VAL B 70 -27.14 2.76 23.20
CA VAL B 70 -27.23 2.08 21.91
C VAL B 70 -26.47 0.76 22.00
N THR B 71 -27.20 -0.36 21.93
CA THR B 71 -26.61 -1.68 22.16
C THR B 71 -26.88 -2.76 21.12
N GLY B 72 -27.66 -2.48 20.09
CA GLY B 72 -28.00 -3.49 19.14
C GLY B 72 -27.83 -3.00 17.70
N SER B 73 -27.79 -3.98 16.81
CA SER B 73 -27.67 -3.81 15.39
C SER B 73 -28.95 -4.25 14.70
N TRP B 74 -29.22 -3.61 13.57
CA TRP B 74 -30.32 -4.00 12.74
C TRP B 74 -30.24 -5.46 12.35
N SER B 75 -29.05 -6.06 12.44
CA SER B 75 -28.75 -7.46 12.13
C SER B 75 -29.23 -8.43 13.19
N GLY B 76 -29.77 -7.93 14.30
CA GLY B 76 -30.38 -8.75 15.32
C GLY B 76 -29.51 -9.08 16.52
N TRP B 77 -28.21 -8.83 16.45
CA TRP B 77 -27.36 -9.02 17.61
C TRP B 77 -27.32 -7.78 18.46
N SER B 78 -26.90 -7.98 19.71
CA SER B 78 -26.61 -6.91 20.65
C SER B 78 -25.28 -7.23 21.32
N ILE B 79 -24.67 -6.20 21.91
CA ILE B 79 -23.35 -6.32 22.52
C ILE B 79 -23.38 -7.06 23.85
N THR B 80 -24.52 -7.17 24.50
CA THR B 80 -24.59 -8.07 25.62
C THR B 80 -24.82 -9.48 25.18
N GLY B 81 -24.81 -9.71 23.88
CA GLY B 81 -24.86 -11.07 23.39
C GLY B 81 -26.23 -11.68 23.31
N GLU B 82 -27.28 -11.00 23.77
CA GLU B 82 -28.63 -11.49 23.49
C GLU B 82 -28.87 -11.43 21.99
N THR B 83 -29.64 -12.38 21.49
CA THR B 83 -29.93 -12.54 20.08
C THR B 83 -31.45 -12.44 19.88
N GLY B 84 -31.84 -11.93 18.70
CA GLY B 84 -33.23 -11.72 18.38
C GLY B 84 -33.82 -10.37 18.79
N ILE B 85 -33.01 -9.40 19.19
CA ILE B 85 -33.56 -8.11 19.59
C ILE B 85 -34.06 -7.34 18.37
N ASP B 86 -34.75 -6.23 18.64
CA ASP B 86 -35.17 -5.28 17.61
C ASP B 86 -34.89 -3.91 18.21
N PRO B 87 -33.76 -3.28 17.86
CA PRO B 87 -33.39 -2.02 18.51
C PRO B 87 -34.27 -0.85 18.13
N GLY B 88 -35.12 -1.00 17.13
CA GLY B 88 -35.77 0.16 16.56
C GLY B 88 -34.81 0.88 15.63
N PHE B 89 -35.12 2.14 15.38
CA PHE B 89 -34.27 2.88 14.47
C PHE B 89 -32.89 3.16 15.08
N TRP B 90 -32.79 3.30 16.42
CA TRP B 90 -31.55 3.75 17.06
C TRP B 90 -30.63 2.56 17.37
N SER B 91 -30.36 1.83 16.32
CA SER B 91 -29.34 0.81 16.31
C SER B 91 -28.00 1.51 16.11
N PHE B 92 -26.90 0.73 16.15
CA PHE B 92 -25.62 1.30 15.74
C PHE B 92 -25.70 1.85 14.33
N GLU B 93 -26.41 1.16 13.44
CA GLU B 93 -26.48 1.61 12.07
C GLU B 93 -27.26 2.93 11.96
N GLY B 94 -28.39 3.04 12.65
CA GLY B 94 -29.17 4.27 12.55
C GLY B 94 -28.45 5.48 13.13
N VAL B 95 -27.71 5.27 14.22
CA VAL B 95 -26.88 6.33 14.75
C VAL B 95 -25.87 6.78 13.71
N ALA B 96 -25.22 5.82 13.06
CA ALA B 96 -24.24 6.16 12.04
C ALA B 96 -24.90 6.93 10.92
N LEU B 97 -26.08 6.49 10.49
CA LEU B 97 -26.82 7.19 9.44
C LEU B 97 -27.21 8.60 9.85
N ALA B 98 -27.71 8.78 11.07
CA ALA B 98 -28.08 10.12 11.49
C ALA B 98 -26.89 11.06 11.33
N HIS B 99 -25.73 10.66 11.80
CA HIS B 99 -24.57 11.57 11.75
C HIS B 99 -24.17 11.89 10.32
N ILE B 100 -24.28 10.92 9.42
CA ILE B 100 -23.99 11.23 8.02
C ILE B 100 -25.01 12.20 7.43
N VAL B 101 -26.32 11.97 7.67
CA VAL B 101 -27.29 12.92 7.16
C VAL B 101 -27.07 14.29 7.79
N LEU B 102 -26.73 14.32 9.07
CA LEU B 102 -26.44 15.59 9.71
C LEU B 102 -25.27 16.27 9.03
N SER B 103 -24.21 15.50 8.74
CA SER B 103 -23.04 16.04 8.05
C SER B 103 -23.44 16.68 6.75
N GLY B 104 -24.34 16.04 6.01
CA GLY B 104 -24.80 16.61 4.74
C GLY B 104 -25.61 17.88 4.92
N LEU B 105 -26.54 17.89 5.88
CA LEU B 105 -27.33 19.10 6.09
C LEU B 105 -26.45 20.26 6.53
N LEU B 106 -25.46 19.97 7.40
CA LEU B 106 -24.53 20.98 7.87
C LEU B 106 -23.73 21.54 6.74
N PHE B 107 -23.42 20.69 5.76
CA PHE B 107 -22.60 21.10 4.64
C PHE B 107 -23.33 22.10 3.76
N LEU B 108 -24.62 21.87 3.52
CA LEU B 108 -25.40 22.81 2.72
C LEU B 108 -25.61 24.13 3.46
N ALA B 109 -25.91 24.08 4.74
CA ALA B 109 -26.02 25.31 5.50
C ALA B 109 -24.73 26.11 5.37
N ALA B 110 -23.58 25.43 5.43
CA ALA B 110 -22.30 26.12 5.36
C ALA B 110 -22.19 26.91 4.07
N CYS B 111 -22.61 26.30 2.95
CA CYS B 111 -22.59 27.00 1.68
C CYS B 111 -23.44 28.26 1.73
N TRP B 112 -24.67 28.14 2.27
CA TRP B 112 -25.58 29.28 2.24
C TRP B 112 -25.00 30.42 3.05
N HIS B 113 -24.45 30.13 4.22
CA HIS B 113 -23.88 31.20 5.03
C HIS B 113 -22.61 31.76 4.44
N TRP B 114 -21.82 30.96 3.75
CA TRP B 114 -20.64 31.50 3.08
C TRP B 114 -21.05 32.47 1.96
N VAL B 115 -22.07 32.11 1.18
CA VAL B 115 -22.47 33.01 0.11
C VAL B 115 -23.15 34.26 0.65
N TYR B 116 -24.06 34.10 1.59
CA TYR B 116 -24.87 35.21 2.09
C TYR B 116 -24.26 35.67 3.40
N TRP B 117 -23.01 36.07 3.27
CA TRP B 117 -22.24 36.44 4.44
C TRP B 117 -22.72 37.76 5.01
N ASP B 118 -23.25 38.61 4.15
CA ASP B 118 -23.55 39.99 4.51
C ASP B 118 -24.97 40.13 5.06
N LEU B 119 -25.19 39.57 6.26
CA LEU B 119 -26.49 39.67 6.93
C LEU B 119 -26.51 40.84 7.91
N GLU B 120 -27.60 41.63 7.84
CA GLU B 120 -27.77 42.80 8.69
C GLU B 120 -27.68 42.44 10.15
N LEU B 121 -28.08 41.22 10.51
CA LEU B 121 -28.00 40.77 11.89
C LEU B 121 -26.59 40.98 12.44
N PHE B 122 -25.56 40.81 11.59
CA PHE B 122 -24.18 40.87 12.08
C PHE B 122 -23.66 42.29 12.20
N ARG B 123 -24.49 43.30 11.92
CA ARG B 123 -24.06 44.68 11.87
C ARG B 123 -24.56 45.42 13.11
N ASP B 124 -23.67 46.16 13.75
CA ASP B 124 -24.03 47.05 14.82
C ASP B 124 -25.03 48.08 14.30
N PRO B 125 -26.26 48.12 14.82
CA PRO B 125 -27.24 49.08 14.28
C PRO B 125 -26.81 50.53 14.45
N ARG B 126 -25.93 50.84 15.40
CA ARG B 126 -25.44 52.21 15.56
C ARG B 126 -24.51 52.54 14.41
N THR B 127 -23.30 51.93 14.44
CA THR B 127 -22.17 52.30 13.58
C THR B 127 -22.22 51.69 12.18
N GLY B 128 -23.06 50.68 11.93
CA GLY B 128 -23.00 49.91 10.69
C GLY B 128 -21.85 48.95 10.52
N GLU B 129 -20.94 48.88 11.45
CA GLU B 129 -19.84 47.93 11.32
C GLU B 129 -20.30 46.56 11.78
N PRO B 130 -19.64 45.50 11.32
CA PRO B 130 -19.95 44.17 11.86
C PRO B 130 -19.51 44.08 13.29
N ALA B 131 -20.28 43.36 14.07
CA ALA B 131 -20.01 43.34 15.49
C ALA B 131 -20.80 42.22 16.10
N LEU B 132 -20.22 41.58 17.10
CA LEU B 132 -20.88 40.53 17.83
C LEU B 132 -20.85 40.92 19.30
N ASP B 133 -22.02 40.95 19.91
CA ASP B 133 -22.17 41.23 21.34
C ASP B 133 -21.86 39.95 22.10
N LEU B 134 -20.58 39.71 22.28
CA LEU B 134 -20.14 38.45 22.89
C LEU B 134 -20.73 38.22 24.27
N PRO B 135 -20.81 39.23 25.13
CA PRO B 135 -21.41 38.97 26.47
C PRO B 135 -22.83 38.39 26.42
N LYS B 136 -23.70 38.91 25.54
CA LYS B 136 -25.04 38.36 25.43
C LYS B 136 -25.03 36.98 24.78
N MET B 137 -24.14 36.77 23.79
CA MET B 137 -24.02 35.46 23.18
C MET B 137 -23.68 34.41 24.22
N PHE B 138 -22.78 34.75 25.14
CA PHE B 138 -22.40 33.78 26.15
C PHE B 138 -23.62 33.40 27.02
N GLY B 139 -24.38 34.40 27.45
CA GLY B 139 -25.59 34.14 28.23
C GLY B 139 -26.58 33.25 27.49
N ILE B 140 -26.76 33.49 26.20
CA ILE B 140 -27.69 32.69 25.41
C ILE B 140 -27.19 31.25 25.31
N HIS B 141 -25.93 31.09 24.93
CA HIS B 141 -25.42 29.77 24.67
C HIS B 141 -25.34 28.99 25.97
N LEU B 142 -24.91 29.64 27.04
CA LEU B 142 -24.87 29.04 28.37
C LEU B 142 -26.26 28.58 28.78
N PHE B 143 -27.27 29.42 28.53
CA PHE B 143 -28.65 29.05 28.82
C PHE B 143 -29.02 27.77 28.10
N LEU B 144 -28.72 27.71 26.78
CA LEU B 144 -28.98 26.50 25.98
C LEU B 144 -28.23 25.31 26.53
N ALA B 145 -26.95 25.51 26.86
CA ALA B 145 -26.14 24.44 27.43
C ALA B 145 -26.76 23.91 28.69
N GLY B 146 -27.20 24.82 29.57
CA GLY B 146 -27.80 24.39 30.82
C GLY B 146 -29.09 23.59 30.63
N LEU B 147 -29.90 23.96 29.64
CA LEU B 147 -31.13 23.23 29.38
C LEU B 147 -30.83 21.84 28.89
N LEU B 148 -29.84 21.73 28.00
CA LEU B 148 -29.48 20.43 27.45
CA LEU B 148 -29.48 20.43 27.45
C LEU B 148 -28.81 19.57 28.50
N CYS B 149 -28.02 20.20 29.36
CA CYS B 149 -27.32 19.44 30.39
C CYS B 149 -28.34 18.91 31.37
N PHE B 150 -29.27 19.76 31.77
CA PHE B 150 -30.38 19.36 32.63
C PHE B 150 -31.22 18.27 31.97
N GLY B 151 -31.68 18.53 30.75
CA GLY B 151 -32.50 17.53 30.05
C GLY B 151 -31.82 16.19 29.96
N PHE B 152 -30.54 16.19 29.60
CA PHE B 152 -29.78 14.96 29.47
C PHE B 152 -29.80 14.18 30.77
N GLY B 153 -29.55 14.86 31.88
CA GLY B 153 -29.55 14.19 33.15
C GLY B 153 -30.94 13.86 33.67
N ALA B 154 -31.89 14.78 33.49
CA ALA B 154 -33.22 14.53 34.08
C ALA B 154 -34.01 13.50 33.30
N PHE B 155 -33.82 13.39 31.98
CA PHE B 155 -34.59 12.48 31.15
C PHE B 155 -33.80 11.31 30.59
N HIS B 156 -32.64 11.53 29.95
CA HIS B 156 -31.96 10.40 29.29
C HIS B 156 -31.43 9.43 30.34
N LEU B 157 -30.68 9.95 31.30
CA LEU B 157 -29.97 9.11 32.26
C LEU B 157 -30.89 8.47 33.29
N THR B 158 -31.96 9.17 33.69
CA THR B 158 -32.92 8.61 34.61
C THR B 158 -33.78 7.52 33.97
N GLY B 159 -33.90 7.50 32.64
CA GLY B 159 -34.88 6.65 32.01
C GLY B 159 -36.33 7.16 32.07
N LEU B 160 -36.55 8.34 32.63
CA LEU B 160 -37.84 9.01 32.56
C LEU B 160 -38.32 9.12 31.11
N PHE B 161 -37.43 9.50 30.23
CA PHE B 161 -37.68 9.56 28.81
C PHE B 161 -36.30 9.30 28.17
N GLY B 162 -35.93 8.02 28.12
CA GLY B 162 -34.64 7.64 27.63
C GLY B 162 -34.14 6.34 28.21
N PRO B 163 -32.94 5.94 27.81
CA PRO B 163 -32.54 4.53 28.03
C PRO B 163 -31.71 4.33 29.26
N GLY B 164 -31.19 5.40 29.84
CA GLY B 164 -30.23 5.25 30.93
C GLY B 164 -28.78 5.29 30.46
N MET B 165 -27.93 4.40 31.00
CA MET B 165 -26.50 4.41 30.70
C MET B 165 -25.91 3.09 31.18
N TRP B 166 -24.69 2.82 30.76
CA TRP B 166 -24.10 1.53 31.08
C TRP B 166 -23.70 1.53 32.55
N VAL B 167 -24.08 0.48 33.25
CA VAL B 167 -23.67 0.25 34.63
C VAL B 167 -23.22 -1.20 34.71
N SER B 168 -22.47 -1.51 35.75
CA SER B 168 -21.98 -2.87 35.89
C SER B 168 -21.70 -3.12 37.37
N ASP B 169 -21.41 -4.37 37.69
CA ASP B 169 -20.89 -4.73 38.99
C ASP B 169 -19.42 -4.35 39.10
N PRO B 170 -18.85 -4.43 40.30
CA PRO B 170 -17.43 -4.06 40.47
C PRO B 170 -16.47 -4.85 39.60
N TYR B 171 -16.83 -6.06 39.17
CA TYR B 171 -15.91 -6.93 38.47
C TYR B 171 -16.25 -7.02 36.99
N GLY B 172 -17.02 -6.07 36.48
CA GLY B 172 -17.29 -5.99 35.05
C GLY B 172 -17.80 -7.27 34.44
N LEU B 173 -18.73 -7.95 35.11
CA LEU B 173 -19.26 -9.20 34.58
C LEU B 173 -20.65 -9.13 33.98
N THR B 174 -21.51 -8.24 34.47
CA THR B 174 -22.95 -8.26 34.16
C THR B 174 -23.44 -6.88 33.76
N GLY B 175 -22.67 -6.20 32.93
CA GLY B 175 -23.04 -4.88 32.51
C GLY B 175 -24.27 -4.85 31.62
N SER B 176 -24.89 -3.68 31.57
CA SER B 176 -26.10 -3.48 30.78
C SER B 176 -26.44 -2.01 30.87
N VAL B 177 -27.37 -1.58 30.04
CA VAL B 177 -27.90 -0.23 30.13
C VAL B 177 -29.10 -0.23 31.07
N GLN B 178 -29.03 0.60 32.09
CA GLN B 178 -30.09 0.66 33.09
C GLN B 178 -30.38 2.11 33.39
N PRO B 179 -31.62 2.44 33.74
CA PRO B 179 -31.87 3.78 34.28
C PRO B 179 -31.25 3.90 35.66
N VAL B 180 -30.80 5.12 35.95
CA VAL B 180 -29.99 5.39 37.12
C VAL B 180 -30.62 6.50 37.91
N ALA B 181 -30.85 6.24 39.17
CA ALA B 181 -31.39 7.26 40.07
C ALA B 181 -30.29 8.21 40.55
N PRO B 182 -30.59 9.49 40.69
CA PRO B 182 -29.57 10.45 41.14
C PRO B 182 -29.18 10.20 42.60
N GLU B 183 -27.87 10.25 42.86
CA GLU B 183 -27.35 10.24 44.21
C GLU B 183 -27.11 11.69 44.59
N TRP B 184 -27.78 12.14 45.63
CA TRP B 184 -27.73 13.54 46.04
C TRP B 184 -26.85 13.76 47.23
N GLY B 185 -26.49 12.69 47.92
CA GLY B 185 -25.62 12.76 49.07
C GLY B 185 -24.16 12.93 48.66
N PRO B 186 -23.28 12.90 49.63
CA PRO B 186 -21.85 13.14 49.33
C PRO B 186 -21.20 12.02 48.53
N ASP B 187 -21.74 10.80 48.53
CA ASP B 187 -21.23 9.76 47.63
C ASP B 187 -21.53 10.03 46.17
N GLY B 188 -22.25 11.10 45.86
CA GLY B 188 -22.44 11.48 44.47
C GLY B 188 -21.23 12.14 43.84
N PHE B 189 -20.27 12.56 44.64
CA PHE B 189 -19.00 13.05 44.11
C PHE B 189 -17.96 11.93 43.98
N ASN B 190 -18.28 10.71 44.46
CA ASN B 190 -17.48 9.52 44.25
C ASN B 190 -17.49 9.14 42.77
N PRO B 191 -16.34 9.17 42.08
CA PRO B 191 -16.35 8.91 40.63
C PRO B 191 -16.80 7.52 40.27
N TYR B 192 -16.81 6.60 41.21
CA TYR B 192 -17.28 5.25 40.92
C TYR B 192 -18.79 5.09 41.16
N ASN B 193 -19.52 6.16 41.47
CA ASN B 193 -20.96 6.05 41.73
C ASN B 193 -21.73 6.59 40.53
N PRO B 194 -22.47 5.76 39.81
CA PRO B 194 -23.19 6.29 38.64
C PRO B 194 -24.29 7.27 38.98
N GLY B 195 -24.95 7.12 40.14
CA GLY B 195 -25.98 8.06 40.56
C GLY B 195 -25.47 9.48 40.62
N GLY B 196 -24.16 9.64 40.86
CA GLY B 196 -23.60 10.98 40.94
C GLY B 196 -23.59 11.68 39.60
N VAL B 197 -23.41 10.92 38.50
CA VAL B 197 -23.43 11.49 37.16
C VAL B 197 -24.79 12.08 36.85
N VAL B 198 -25.84 11.42 37.34
CA VAL B 198 -27.21 11.92 37.16
C VAL B 198 -27.38 13.24 37.90
N ALA B 199 -27.05 13.24 39.18
CA ALA B 199 -27.15 14.45 39.99
C ALA B 199 -26.36 15.57 39.36
N HIS B 200 -25.12 15.29 38.96
CA HIS B 200 -24.28 16.34 38.42
C HIS B 200 -25.02 17.09 37.33
N HIS B 201 -25.57 16.39 36.36
CA HIS B 201 -26.14 17.07 35.21
C HIS B 201 -27.42 17.81 35.58
N ILE B 202 -28.23 17.22 36.47
CA ILE B 202 -29.44 17.92 36.92
C ILE B 202 -29.07 19.21 37.63
N ALA B 203 -28.17 19.15 38.62
CA ALA B 203 -27.83 20.33 39.42
C ALA B 203 -27.04 21.34 38.60
N ALA B 204 -26.02 20.86 37.89
CA ALA B 204 -25.21 21.75 37.08
C ALA B 204 -26.04 22.34 35.95
N GLY B 205 -26.99 21.57 35.43
CA GLY B 205 -27.87 22.12 34.40
C GLY B 205 -28.67 23.31 34.90
N ILE B 206 -29.16 23.24 36.15
CA ILE B 206 -29.95 24.35 36.67
C ILE B 206 -29.05 25.54 36.95
N VAL B 207 -27.84 25.28 37.45
CA VAL B 207 -26.87 26.37 37.63
C VAL B 207 -26.58 27.02 36.29
N GLY B 208 -26.53 26.23 35.22
CA GLY B 208 -26.28 26.80 33.89
C GLY B 208 -27.43 27.64 33.36
N ILE B 209 -28.67 27.20 33.62
CA ILE B 209 -29.84 28.03 33.29
C ILE B 209 -29.78 29.33 34.05
N ILE B 210 -29.49 29.27 35.34
CA ILE B 210 -29.48 30.47 36.16
C ILE B 210 -28.32 31.38 35.75
N ALA B 211 -27.13 30.81 35.56
CA ALA B 211 -26.03 31.63 35.07
C ALA B 211 -26.36 32.18 33.69
N GLY B 212 -26.97 31.37 32.84
CA GLY B 212 -27.30 31.85 31.52
C GLY B 212 -28.20 33.07 31.60
N LEU B 213 -29.24 32.98 32.45
CA LEU B 213 -30.14 34.11 32.67
C LEU B 213 -29.37 35.33 33.13
N PHE B 214 -28.53 35.19 34.17
CA PHE B 214 -27.65 36.26 34.59
C PHE B 214 -26.93 36.90 33.40
N HIS B 215 -26.37 36.08 32.54
CA HIS B 215 -25.43 36.60 31.55
C HIS B 215 -26.13 37.20 30.35
N ILE B 216 -27.43 36.94 30.21
CA ILE B 216 -28.21 37.62 29.18
C ILE B 216 -28.70 38.99 29.65
N LEU B 217 -29.03 39.12 30.94
CA LEU B 217 -29.55 40.37 31.48
C LEU B 217 -28.48 41.32 32.00
N VAL B 218 -27.45 40.85 32.68
CA VAL B 218 -26.49 41.74 33.31
C VAL B 218 -25.31 41.99 32.36
N ARG B 219 -24.96 43.25 32.16
CA ARG B 219 -23.80 43.55 31.36
C ARG B 219 -22.50 43.42 32.15
N PRO B 220 -21.41 43.10 31.46
CA PRO B 220 -20.14 42.97 32.16
C PRO B 220 -19.74 44.24 32.78
N PRO B 221 -19.04 44.23 33.92
CA PRO B 221 -18.45 45.43 34.47
C PRO B 221 -17.40 46.02 33.53
N GLN B 222 -17.44 47.34 33.40
CA GLN B 222 -16.48 48.10 32.60
C GLN B 222 -15.03 47.67 32.87
N ARG B 223 -14.68 47.43 34.13
CA ARG B 223 -13.32 47.03 34.46
C ARG B 223 -12.96 45.70 33.79
N LEU B 224 -13.88 44.73 33.86
CA LEU B 224 -13.60 43.43 33.28
C LEU B 224 -13.62 43.51 31.76
N TYR B 225 -14.61 44.23 31.19
CA TYR B 225 -14.69 44.39 29.74
C TYR B 225 -13.36 44.86 29.17
N LYS B 226 -12.68 45.80 29.83
CA LYS B 226 -11.42 46.34 29.33
C LYS B 226 -10.28 45.38 29.63
N ALA B 227 -10.25 44.82 30.83
CA ALA B 227 -9.19 43.89 31.18
C ALA B 227 -9.16 42.71 30.22
N LEU B 228 -10.33 42.16 29.88
CA LEU B 228 -10.40 40.93 29.12
C LEU B 228 -10.68 41.16 27.65
N ARG B 229 -10.62 42.40 27.17
CA ARG B 229 -10.86 42.67 25.76
C ARG B 229 -12.13 41.93 25.30
N MET B 230 -13.26 42.30 25.88
CA MET B 230 -14.51 41.59 25.59
C MET B 230 -15.16 42.07 24.30
N GLY B 231 -14.57 43.06 23.63
CA GLY B 231 -14.97 43.40 22.29
C GLY B 231 -14.17 42.65 21.25
N ASN B 232 -13.29 41.75 21.69
CA ASN B 232 -12.34 41.08 20.82
C ASN B 232 -12.67 39.62 20.84
N ILE B 233 -13.07 39.08 19.68
CA ILE B 233 -13.45 37.68 19.64
C ILE B 233 -12.31 36.75 20.03
N GLU B 234 -11.05 37.17 19.88
CA GLU B 234 -9.95 36.28 20.24
C GLU B 234 -9.81 36.08 21.77
N THR B 235 -10.34 36.96 22.61
CA THR B 235 -10.35 36.64 24.03
C THR B 235 -11.22 35.41 24.33
N VAL B 236 -12.28 35.19 23.54
CA VAL B 236 -13.15 34.03 23.72
C VAL B 236 -12.40 32.77 23.32
N LEU B 237 -11.68 32.82 22.20
CA LEU B 237 -10.86 31.67 21.80
C LEU B 237 -9.84 31.30 22.89
N SER B 238 -9.14 32.29 23.47
CA SER B 238 -8.16 32.01 24.51
CA SER B 238 -8.17 32.01 24.52
C SER B 238 -8.81 31.28 25.69
N SER B 239 -9.90 31.85 26.24
CA SER B 239 -10.56 31.23 27.38
C SER B 239 -11.27 29.95 26.98
N SER B 240 -11.77 29.89 25.75
CA SER B 240 -12.39 28.64 25.32
C SER B 240 -11.36 27.53 25.20
N ILE B 241 -10.15 27.84 24.72
CA ILE B 241 -9.13 26.80 24.62
C ILE B 241 -8.77 26.32 26.00
N ALA B 242 -8.55 27.26 26.93
CA ALA B 242 -8.20 26.89 28.30
C ALA B 242 -9.21 25.91 28.86
N ALA B 243 -10.51 26.23 28.72
CA ALA B 243 -11.56 25.32 29.20
C ALA B 243 -11.46 23.96 28.51
N VAL B 244 -11.19 23.97 27.22
CA VAL B 244 -11.04 22.72 26.49
C VAL B 244 -9.87 21.90 27.02
N PHE B 245 -8.73 22.52 27.31
CA PHE B 245 -7.67 21.62 27.76
C PHE B 245 -7.90 21.15 29.18
N PHE B 246 -8.56 21.97 29.99
CA PHE B 246 -9.04 21.53 31.30
C PHE B 246 -9.84 20.28 31.17
N ALA B 247 -10.89 20.32 30.33
CA ALA B 247 -11.76 19.17 30.16
C ALA B 247 -11.02 17.96 29.62
N ALA B 248 -10.03 18.19 28.73
CA ALA B 248 -9.34 17.05 28.11
C ALA B 248 -8.46 16.34 29.12
N PHE B 249 -7.81 17.09 30.03
CA PHE B 249 -7.07 16.47 31.12
C PHE B 249 -7.98 15.59 31.97
N VAL B 250 -9.13 16.15 32.38
CA VAL B 250 -10.06 15.39 33.21
C VAL B 250 -10.40 14.09 32.53
N VAL B 251 -10.83 14.15 31.26
CA VAL B 251 -11.29 12.90 30.67
C VAL B 251 -10.15 11.92 30.44
N ALA B 252 -8.92 12.40 30.17
CA ALA B 252 -7.77 11.47 30.10
C ALA B 252 -7.55 10.80 31.45
N GLY B 253 -7.57 11.60 32.50
CA GLY B 253 -7.42 11.04 33.83
C GLY B 253 -8.47 10.00 34.17
N THR B 254 -9.76 10.33 33.98
CA THR B 254 -10.78 9.37 34.42
C THR B 254 -10.76 8.11 33.60
N MET B 255 -10.43 8.22 32.32
CA MET B 255 -10.18 7.03 31.54
C MET B 255 -9.05 6.19 32.14
N TRP B 256 -7.99 6.82 32.63
CA TRP B 256 -6.84 6.01 33.04
C TRP B 256 -7.08 5.37 34.39
N TYR B 257 -7.54 6.14 35.36
CA TYR B 257 -7.87 5.56 36.67
C TYR B 257 -9.20 4.84 36.68
N GLY B 258 -10.12 5.26 35.83
CA GLY B 258 -11.41 4.60 35.76
C GLY B 258 -12.42 5.32 36.59
N SER B 259 -13.66 5.31 36.10
CA SER B 259 -14.81 5.91 36.77
C SER B 259 -16.08 5.25 36.26
N ALA B 260 -17.21 5.68 36.83
CA ALA B 260 -18.51 5.18 36.42
C ALA B 260 -18.78 5.43 34.94
N THR B 261 -18.18 6.46 34.38
CA THR B 261 -18.35 6.73 32.95
C THR B 261 -17.32 6.00 32.04
N THR B 262 -16.38 5.25 32.58
CA THR B 262 -15.44 4.48 31.76
C THR B 262 -15.43 3.01 32.19
N PRO B 263 -16.51 2.29 31.94
CA PRO B 263 -16.63 0.94 32.50
C PRO B 263 -15.77 -0.08 31.75
N ILE B 264 -15.36 -1.12 32.47
CA ILE B 264 -14.31 -1.97 31.89
C ILE B 264 -14.83 -2.91 30.81
N GLU B 265 -16.15 -3.13 30.71
CA GLU B 265 -16.67 -3.92 29.59
C GLU B 265 -16.69 -3.12 28.29
N LEU B 266 -16.57 -1.81 28.34
CA LEU B 266 -16.53 -1.07 27.09
C LEU B 266 -15.12 -0.63 26.70
N PHE B 267 -14.24 -0.44 27.67
CA PHE B 267 -12.91 0.08 27.42
C PHE B 267 -11.78 -0.85 27.86
N GLY B 268 -12.08 -1.89 28.63
CA GLY B 268 -11.10 -2.80 29.15
C GLY B 268 -10.67 -2.43 30.56
N PRO B 269 -9.95 -3.34 31.20
CA PRO B 269 -9.42 -3.03 32.54
C PRO B 269 -8.38 -1.93 32.52
N THR B 270 -8.16 -1.37 33.71
CA THR B 270 -7.15 -0.36 33.96
C THR B 270 -5.87 -1.09 34.32
N ARG B 271 -4.75 -0.37 34.26
CA ARG B 271 -3.49 -0.96 34.74
C ARG B 271 -3.51 -1.17 36.24
N TYR B 272 -4.22 -0.32 36.98
CA TYR B 272 -4.24 -0.42 38.46
C TYR B 272 -4.90 -1.70 38.92
N GLN B 273 -5.88 -2.19 38.18
CA GLN B 273 -6.48 -3.47 38.53
C GLN B 273 -5.46 -4.58 38.46
N TRP B 274 -4.45 -4.44 37.60
CA TRP B 274 -3.36 -5.40 37.59
C TRP B 274 -2.39 -5.14 38.73
N ASP B 275 -1.94 -3.89 38.88
CA ASP B 275 -1.05 -3.53 39.99
C ASP B 275 -1.55 -4.06 41.32
N SER B 276 -2.83 -3.89 41.61
CA SER B 276 -3.38 -4.27 42.92
C SER B 276 -3.95 -5.66 42.92
N SER B 277 -3.75 -6.42 41.84
CA SER B 277 -4.29 -7.77 41.73
C SER B 277 -5.79 -7.81 42.04
N TYR B 278 -6.52 -6.82 41.53
CA TYR B 278 -7.92 -6.64 41.85
C TYR B 278 -8.75 -7.88 41.53
N PHE B 279 -8.64 -8.38 40.29
CA PHE B 279 -9.43 -9.55 39.90
C PHE B 279 -8.93 -10.82 40.57
N GLN B 280 -7.60 -10.95 40.76
CA GLN B 280 -7.04 -12.15 41.39
C GLN B 280 -7.54 -12.31 42.81
N GLN B 281 -7.63 -11.21 43.56
CA GLN B 281 -8.17 -11.25 44.91
C GLN B 281 -9.54 -11.87 44.89
N GLU B 282 -10.38 -11.39 43.97
CA GLU B 282 -11.78 -11.79 43.88
C GLU B 282 -11.89 -13.23 43.45
N ILE B 283 -11.10 -13.64 42.45
CA ILE B 283 -11.09 -15.04 42.03
C ILE B 283 -10.77 -15.95 43.22
N ASN B 284 -9.78 -15.56 44.01
CA ASN B 284 -9.35 -16.41 45.11
C ASN B 284 -10.41 -16.43 46.19
N ARG B 285 -11.08 -15.29 46.41
CA ARG B 285 -12.22 -15.25 47.30
C ARG B 285 -13.23 -16.34 46.95
N ARG B 286 -13.58 -16.46 45.66
CA ARG B 286 -14.57 -17.43 45.23
C ARG B 286 -14.13 -18.87 45.41
N VAL B 287 -12.86 -19.16 45.10
CA VAL B 287 -12.36 -20.53 45.22
C VAL B 287 -12.29 -20.93 46.70
N GLN B 288 -11.74 -20.04 47.53
CA GLN B 288 -11.67 -20.27 48.98
C GLN B 288 -13.05 -20.56 49.57
N ALA B 289 -14.09 -19.94 49.03
CA ALA B 289 -15.44 -20.10 49.54
C ALA B 289 -16.11 -21.33 48.95
N SER B 290 -15.90 -21.57 47.65
CA SER B 290 -16.26 -22.84 47.05
C SER B 290 -15.72 -24.00 47.86
N LEU B 291 -14.50 -23.85 48.39
CA LEU B 291 -13.84 -24.95 49.07
C LEU B 291 -14.25 -25.06 50.54
N ALA B 292 -14.55 -23.94 51.19
CA ALA B 292 -15.18 -24.01 52.51
C ALA B 292 -16.50 -24.77 52.42
N SER B 293 -17.33 -24.40 51.45
CA SER B 293 -18.57 -25.10 51.15
C SER B 293 -18.35 -26.56 50.73
N GLY B 294 -17.11 -27.04 50.79
CA GLY B 294 -16.82 -28.44 50.52
C GLY B 294 -16.69 -28.88 49.07
N ALA B 295 -16.39 -27.98 48.13
CA ALA B 295 -16.16 -28.43 46.76
C ALA B 295 -14.75 -28.97 46.63
N THR B 296 -14.52 -29.77 45.58
CA THR B 296 -13.17 -30.24 45.30
C THR B 296 -12.33 -29.10 44.74
N LEU B 297 -11.08 -29.40 44.44
CA LEU B 297 -10.26 -28.40 43.79
C LEU B 297 -10.76 -28.17 42.38
N GLU B 298 -10.98 -29.25 41.64
CA GLU B 298 -11.58 -29.13 40.31
CA GLU B 298 -11.58 -29.15 40.32
C GLU B 298 -12.86 -28.33 40.37
N GLU B 299 -13.70 -28.62 41.35
CA GLU B 299 -15.03 -28.01 41.39
C GLU B 299 -14.91 -26.52 41.63
N ALA B 300 -14.05 -26.11 42.56
CA ALA B 300 -13.95 -24.69 42.91
C ALA B 300 -13.49 -23.84 41.74
N TRP B 301 -12.46 -24.30 40.99
CA TRP B 301 -11.96 -23.50 39.88
C TRP B 301 -12.89 -23.58 38.68
N SER B 302 -13.51 -24.74 38.46
CA SER B 302 -14.42 -24.84 37.35
C SER B 302 -15.57 -23.86 37.52
N ALA B 303 -15.80 -23.39 38.74
CA ALA B 303 -16.87 -22.42 39.00
C ALA B 303 -16.50 -20.99 38.63
N ILE B 304 -15.25 -20.72 38.25
CA ILE B 304 -14.79 -19.37 37.98
C ILE B 304 -15.22 -19.04 36.56
N PRO B 305 -15.99 -17.98 36.34
CA PRO B 305 -16.38 -17.69 34.96
C PRO B 305 -15.16 -17.25 34.18
N GLU B 306 -15.09 -17.70 32.93
CA GLU B 306 -13.96 -17.34 32.09
C GLU B 306 -13.80 -15.84 32.03
N LYS B 307 -14.92 -15.11 31.99
CA LYS B 307 -14.82 -13.68 31.80
C LYS B 307 -13.99 -13.04 32.90
N LEU B 308 -14.15 -13.53 34.12
CA LEU B 308 -13.41 -12.99 35.25
C LEU B 308 -11.94 -13.44 35.21
N ALA B 309 -11.70 -14.66 34.74
CA ALA B 309 -10.34 -15.13 34.62
C ALA B 309 -9.60 -14.34 33.55
N PHE B 310 -10.30 -13.85 32.53
CA PHE B 310 -9.67 -13.14 31.43
C PHE B 310 -9.28 -11.74 31.87
N TYR B 311 -9.98 -11.18 32.86
CA TYR B 311 -9.51 -9.90 33.41
C TYR B 311 -8.18 -10.07 34.15
N ASP B 312 -7.92 -11.23 34.71
CA ASP B 312 -6.72 -11.46 35.52
C ASP B 312 -5.55 -11.92 34.66
N TYR B 313 -5.31 -11.18 33.57
CA TYR B 313 -4.35 -11.55 32.53
C TYR B 313 -3.65 -10.30 32.01
N ILE B 314 -2.31 -10.26 32.05
CA ILE B 314 -1.65 -8.98 31.80
C ILE B 314 -1.83 -8.51 30.35
N GLY B 315 -2.18 -9.40 29.44
CA GLY B 315 -2.43 -8.98 28.07
C GLY B 315 -3.62 -8.01 27.90
N ASN B 316 -4.46 -7.85 28.89
CA ASN B 316 -5.52 -6.84 28.79
C ASN B 316 -5.21 -5.66 29.67
N ASN B 317 -4.03 -5.67 30.26
CA ASN B 317 -3.52 -4.49 30.93
C ASN B 317 -3.21 -3.43 29.88
N PRO B 318 -3.85 -2.25 29.91
CA PRO B 318 -3.53 -1.22 28.92
C PRO B 318 -2.08 -0.69 29.00
N ALA B 319 -1.35 -0.97 30.05
CA ALA B 319 0.01 -0.41 30.18
C ALA B 319 1.10 -1.35 29.62
N LYS B 320 0.74 -2.20 28.66
CA LYS B 320 1.62 -3.23 28.13
C LYS B 320 1.82 -3.08 26.64
N GLY B 321 1.34 -1.98 26.05
CA GLY B 321 1.40 -1.78 24.62
C GLY B 321 2.65 -1.04 24.16
N GLY B 322 2.58 -0.60 22.91
CA GLY B 322 3.64 0.20 22.31
C GLY B 322 3.04 1.22 21.36
N LEU B 323 3.76 2.33 21.21
CA LEU B 323 3.28 3.45 20.40
C LEU B 323 3.03 3.04 18.96
N PHE B 324 3.92 2.25 18.39
CA PHE B 324 3.83 1.91 16.99
C PHE B 324 3.39 0.48 16.77
N ARG B 325 2.98 -0.18 17.83
CA ARG B 325 2.33 -1.47 17.77
C ARG B 325 0.85 -1.18 17.54
N THR B 326 0.44 -1.30 16.29
CA THR B 326 -0.84 -0.83 15.85
C THR B 326 -1.90 -1.92 15.90
N GLY B 327 -3.14 -1.48 15.90
CA GLY B 327 -4.29 -2.32 15.65
C GLY B 327 -4.94 -2.79 16.92
N PRO B 328 -5.78 -3.80 16.79
CA PRO B 328 -6.49 -4.34 17.94
C PRO B 328 -5.58 -5.20 18.78
N MET B 329 -5.92 -5.30 20.08
CA MET B 329 -5.19 -6.21 20.95
C MET B 329 -5.14 -7.62 20.37
N ASN B 330 -6.16 -8.03 19.60
CA ASN B 330 -6.18 -9.38 19.05
C ASN B 330 -5.02 -9.62 18.08
N LYS B 331 -4.55 -8.59 17.38
CA LYS B 331 -3.38 -8.72 16.49
C LYS B 331 -2.10 -9.07 17.24
N GLY B 332 -2.05 -8.87 18.55
CA GLY B 332 -0.87 -9.22 19.32
C GLY B 332 -0.90 -10.62 19.87
N ASP B 333 -1.52 -10.82 21.02
CA ASP B 333 -1.58 -12.18 21.53
C ASP B 333 -2.57 -13.08 20.81
N GLY B 334 -3.42 -12.56 19.91
CA GLY B 334 -4.40 -13.35 19.17
C GLY B 334 -5.83 -13.16 19.68
N ILE B 335 -6.74 -13.99 19.17
CA ILE B 335 -8.15 -14.00 19.60
C ILE B 335 -8.32 -15.07 20.68
N ALA B 336 -8.60 -14.64 21.90
CA ALA B 336 -8.80 -15.57 23.00
C ALA B 336 -9.91 -16.55 22.66
N GLN B 337 -9.67 -17.85 22.89
CA GLN B 337 -10.62 -18.89 22.58
C GLN B 337 -11.20 -19.55 23.82
N ALA B 338 -10.37 -19.80 24.83
CA ALA B 338 -10.77 -20.54 26.00
C ALA B 338 -9.78 -20.28 27.12
N TRP B 339 -10.32 -20.28 28.33
CA TRP B 339 -9.49 -20.41 29.51
C TRP B 339 -8.96 -21.83 29.61
N LYS B 340 -7.64 -21.96 29.75
CA LYS B 340 -7.02 -23.28 29.78
C LYS B 340 -7.22 -23.94 31.12
N GLY B 341 -7.48 -23.16 32.14
CA GLY B 341 -7.53 -23.64 33.49
C GLY B 341 -6.51 -22.91 34.33
N HIS B 342 -6.71 -22.98 35.64
CA HIS B 342 -5.79 -22.38 36.60
C HIS B 342 -4.67 -23.35 36.89
N ALA B 343 -3.43 -22.90 36.71
CA ALA B 343 -2.26 -23.75 36.82
C ALA B 343 -1.73 -23.70 38.24
N VAL B 344 -1.47 -24.87 38.81
CA VAL B 344 -0.91 -25.01 40.14
C VAL B 344 0.45 -25.69 40.04
N PHE B 345 1.46 -25.06 40.63
CA PHE B 345 2.80 -25.60 40.59
C PHE B 345 3.17 -26.22 41.92
N ARG B 346 3.82 -27.37 41.86
CA ARG B 346 4.33 -28.03 43.05
C ARG B 346 5.74 -28.55 42.75
N ASN B 347 6.57 -28.57 43.78
CA ASN B 347 7.89 -29.15 43.68
C ASN B 347 7.83 -30.64 44.04
N LYS B 348 9.01 -31.26 44.13
CA LYS B 348 9.08 -32.70 44.33
C LYS B 348 8.63 -33.09 45.72
N GLU B 349 8.59 -32.11 46.62
CA GLU B 349 8.14 -32.30 47.99
C GLU B 349 6.65 -31.95 48.15
N GLY B 350 5.95 -31.65 47.07
CA GLY B 350 4.53 -31.36 47.14
C GLY B 350 4.17 -30.00 47.74
N GLU B 351 5.16 -29.14 48.02
CA GLU B 351 4.82 -27.75 48.30
C GLU B 351 4.21 -27.09 47.08
N GLU B 352 3.11 -26.39 47.29
CA GLU B 352 2.56 -25.51 46.26
C GLU B 352 3.54 -24.35 45.99
N LEU B 353 3.67 -23.97 44.72
CA LEU B 353 4.57 -22.88 44.32
C LEU B 353 3.85 -21.88 43.44
N PHE B 354 4.28 -20.61 43.53
CA PHE B 354 3.61 -19.48 42.92
C PHE B 354 4.54 -18.78 41.95
N VAL B 355 4.07 -18.64 40.71
CA VAL B 355 4.83 -17.90 39.72
C VAL B 355 4.75 -16.42 40.05
N ARG B 356 5.92 -15.77 40.10
CA ARG B 356 5.96 -14.35 40.38
C ARG B 356 5.52 -13.61 39.12
N ARG B 357 4.60 -12.66 39.28
CA ARG B 357 3.90 -12.08 38.13
C ARG B 357 4.69 -10.93 37.52
N MET B 358 4.61 -10.82 36.21
CA MET B 358 5.28 -9.72 35.51
C MET B 358 4.63 -8.39 35.92
N PRO B 359 5.42 -7.41 36.36
CA PRO B 359 4.91 -6.05 36.54
C PRO B 359 4.84 -5.35 35.20
N ALA B 360 3.97 -4.34 35.14
CA ALA B 360 3.67 -3.72 33.85
C ALA B 360 4.91 -3.07 33.24
N PHE B 361 5.86 -2.67 34.09
CA PHE B 361 7.04 -1.93 33.65
C PHE B 361 7.96 -2.76 32.72
N PHE B 362 7.87 -4.07 32.74
CA PHE B 362 8.88 -4.97 32.22
C PHE B 362 8.44 -5.64 30.92
N GLU B 363 9.17 -5.35 29.84
CA GLU B 363 8.95 -6.05 28.57
C GLU B 363 9.19 -7.54 28.68
N SER B 364 10.19 -7.93 29.47
CA SER B 364 10.54 -9.32 29.70
C SER B 364 10.71 -9.47 31.19
N PHE B 365 10.58 -10.69 31.69
CA PHE B 365 10.66 -10.86 33.12
C PHE B 365 11.09 -12.27 33.38
N PRO B 366 12.03 -12.51 34.29
CA PRO B 366 12.45 -13.90 34.56
C PRO B 366 11.30 -14.66 35.19
N VAL B 367 11.41 -16.00 35.13
CA VAL B 367 10.45 -16.92 35.71
C VAL B 367 11.00 -17.42 37.05
N ILE B 368 10.31 -17.03 38.13
CA ILE B 368 10.75 -17.30 39.50
C ILE B 368 9.54 -17.82 40.29
N LEU B 369 9.68 -18.97 40.91
CA LEU B 369 8.61 -19.57 41.70
C LEU B 369 8.94 -19.50 43.19
N THR B 370 7.93 -19.19 43.96
CA THR B 370 8.04 -18.92 45.38
C THR B 370 7.05 -19.81 46.13
N ASP B 371 7.31 -19.99 47.42
CA ASP B 371 6.32 -20.63 48.27
C ASP B 371 5.38 -19.57 48.84
N LYS B 372 4.41 -19.98 49.65
CA LYS B 372 3.42 -19.01 50.13
C LYS B 372 4.07 -17.90 50.94
N ASN B 373 5.27 -18.16 51.46
CA ASN B 373 6.00 -17.22 52.29
C ASN B 373 6.98 -16.35 51.50
N GLY B 374 7.04 -16.49 50.17
CA GLY B 374 7.95 -15.68 49.39
C GLY B 374 9.34 -16.25 49.13
N VAL B 375 9.65 -17.42 49.69
CA VAL B 375 10.98 -17.99 49.51
C VAL B 375 11.14 -18.53 48.09
N VAL B 376 12.25 -18.20 47.45
CA VAL B 376 12.52 -18.73 46.11
C VAL B 376 12.78 -20.23 46.23
N LYS B 377 11.99 -21.02 45.52
CA LYS B 377 12.17 -22.46 45.53
C LYS B 377 12.35 -23.05 44.14
N ALA B 378 12.17 -22.26 43.07
CA ALA B 378 12.51 -22.73 41.72
C ALA B 378 12.51 -21.55 40.79
N ASP B 379 13.16 -21.74 39.65
CA ASP B 379 13.26 -20.71 38.64
C ASP B 379 13.68 -21.37 37.32
N ILE B 380 13.64 -20.56 36.26
CA ILE B 380 14.26 -20.93 34.99
C ILE B 380 15.60 -20.21 34.94
N PRO B 381 16.72 -20.92 35.03
CA PRO B 381 18.01 -20.25 35.14
C PRO B 381 18.54 -19.78 33.80
N PHE B 382 19.24 -18.65 33.82
CA PHE B 382 20.02 -18.14 32.70
C PHE B 382 21.33 -18.94 32.58
N ARG B 383 22.25 -18.76 33.53
CA ARG B 383 23.48 -19.56 33.59
C ARG B 383 23.17 -20.92 34.24
N ARG B 384 23.39 -22.00 33.48
CA ARG B 384 23.07 -23.33 33.96
C ARG B 384 24.11 -23.92 34.93
N ALA B 385 25.38 -23.50 34.86
CA ALA B 385 26.42 -24.31 35.48
C ALA B 385 26.35 -24.30 37.00
N GLU B 386 26.01 -23.17 37.61
CA GLU B 386 25.88 -23.15 39.06
C GLU B 386 24.41 -23.04 39.49
N SER B 387 23.48 -23.59 38.70
CA SER B 387 22.08 -23.44 39.07
C SER B 387 21.70 -24.44 40.15
N LYS B 388 20.90 -23.97 41.09
CA LYS B 388 20.43 -24.83 42.16
C LYS B 388 18.92 -24.96 42.19
N TYR B 389 18.20 -24.18 41.38
CA TYR B 389 16.75 -24.12 41.49
C TYR B 389 16.03 -24.54 40.22
N SER B 390 16.72 -25.18 39.28
CA SER B 390 16.08 -25.54 38.02
C SER B 390 14.81 -26.32 38.27
N PHE B 391 13.91 -26.30 37.31
CA PHE B 391 12.73 -27.13 37.40
C PHE B 391 13.14 -28.59 37.44
N GLU B 392 14.24 -28.90 36.76
CA GLU B 392 14.73 -30.27 36.72
C GLU B 392 15.19 -30.70 38.10
N GLN B 393 15.98 -29.88 38.81
CA GLN B 393 16.44 -30.28 40.12
C GLN B 393 15.29 -30.30 41.13
N GLN B 394 14.36 -29.36 41.03
CA GLN B 394 13.32 -29.24 42.05
C GLN B 394 12.10 -30.08 41.72
N GLY B 395 12.08 -30.74 40.57
CA GLY B 395 10.97 -31.62 40.24
C GLY B 395 9.65 -30.88 40.18
N VAL B 396 9.61 -29.73 39.51
CA VAL B 396 8.40 -28.94 39.47
C VAL B 396 7.41 -29.59 38.52
N THR B 397 6.14 -29.55 38.89
CA THR B 397 5.05 -30.04 38.05
C THR B 397 3.96 -28.98 38.06
N VAL B 398 3.05 -29.12 37.12
CA VAL B 398 1.93 -28.21 36.99
C VAL B 398 0.64 -29.02 36.87
N SER B 399 -0.35 -28.65 37.66
CA SER B 399 -1.68 -29.26 37.61
C SER B 399 -2.68 -28.16 37.30
N PHE B 400 -3.68 -28.49 36.48
CA PHE B 400 -4.71 -27.54 36.06
C PHE B 400 -6.07 -27.89 36.66
N TYR B 401 -6.70 -26.92 37.30
CA TYR B 401 -8.04 -27.07 37.86
C TYR B 401 -8.91 -26.04 37.16
N GLY B 402 -9.93 -26.53 36.47
CA GLY B 402 -10.84 -25.65 35.77
C GLY B 402 -10.47 -25.56 34.31
N GLY B 403 -11.29 -24.84 33.58
CA GLY B 403 -11.02 -24.57 32.19
C GLY B 403 -10.83 -25.83 31.36
N GLU B 404 -10.14 -25.62 30.24
CA GLU B 404 -9.99 -26.68 29.24
C GLU B 404 -9.07 -27.80 29.74
N LEU B 405 -8.06 -27.48 30.56
CA LEU B 405 -7.09 -28.48 30.99
C LEU B 405 -7.44 -29.07 32.34
N ASN B 406 -8.67 -28.84 32.84
CA ASN B 406 -9.03 -29.22 34.21
C ASN B 406 -8.68 -30.68 34.50
N GLY B 407 -7.99 -30.90 35.62
CA GLY B 407 -7.68 -32.24 36.06
C GLY B 407 -6.49 -32.88 35.38
N GLN B 408 -5.69 -32.13 34.64
CA GLN B 408 -4.50 -32.65 33.97
C GLN B 408 -3.26 -32.16 34.69
N THR B 409 -2.27 -33.03 34.76
CA THR B 409 -0.99 -32.71 35.36
C THR B 409 0.14 -33.02 34.39
N PHE B 410 1.09 -32.11 34.29
CA PHE B 410 2.24 -32.32 33.43
C PHE B 410 3.47 -32.33 34.30
N THR B 411 4.36 -33.28 34.01
CA THR B 411 5.61 -33.44 34.71
C THR B 411 6.84 -33.27 33.83
N ASP B 412 6.71 -33.42 32.52
CA ASP B 412 7.91 -33.34 31.69
C ASP B 412 8.42 -31.89 31.72
N PRO B 413 9.72 -31.68 32.01
CA PRO B 413 10.16 -30.35 32.41
C PRO B 413 9.93 -29.29 31.34
N PRO B 414 10.10 -29.61 30.06
CA PRO B 414 9.87 -28.55 29.04
C PRO B 414 8.43 -28.07 28.98
N THR B 415 7.47 -28.97 29.02
CA THR B 415 6.08 -28.56 29.11
C THR B 415 5.84 -27.70 30.35
N VAL B 416 6.29 -28.16 31.52
CA VAL B 416 6.01 -27.45 32.76
C VAL B 416 6.54 -26.03 32.69
N LYS B 417 7.75 -25.88 32.15
CA LYS B 417 8.36 -24.57 32.01
C LYS B 417 7.53 -23.70 31.08
N SER B 418 7.00 -24.31 30.03
CA SER B 418 6.24 -23.53 29.06
C SER B 418 5.04 -22.85 29.71
N TYR B 419 4.32 -23.57 30.60
CA TYR B 419 3.19 -22.93 31.29
C TYR B 419 3.65 -21.94 32.34
N ALA B 420 4.79 -22.21 32.97
CA ALA B 420 5.36 -21.26 33.90
C ALA B 420 5.65 -19.93 33.19
N ARG B 421 6.16 -19.97 31.96
CA ARG B 421 6.41 -18.70 31.26
C ARG B 421 5.13 -17.96 30.97
N LYS B 422 4.03 -18.67 30.72
CA LYS B 422 2.78 -17.96 30.54
C LYS B 422 2.18 -17.52 31.87
N ALA B 423 2.49 -18.22 32.99
CA ALA B 423 1.87 -17.93 34.28
C ALA B 423 2.27 -16.56 34.82
N ILE B 424 3.41 -16.02 34.38
CA ILE B 424 3.80 -14.68 34.74
C ILE B 424 2.84 -13.67 34.15
N PHE B 425 2.07 -14.05 33.13
CA PHE B 425 1.06 -13.15 32.59
C PHE B 425 -0.27 -13.25 33.34
N GLY B 426 -0.34 -14.11 34.33
CA GLY B 426 -1.60 -14.34 35.03
C GLY B 426 -2.22 -15.63 34.55
N GLU B 427 -3.55 -15.61 34.45
CA GLU B 427 -4.30 -16.77 34.01
C GLU B 427 -3.98 -17.03 32.55
N ILE B 428 -4.09 -18.29 32.17
CA ILE B 428 -3.52 -18.80 30.93
C ILE B 428 -4.62 -19.11 29.95
N PHE B 429 -4.56 -18.50 28.79
CA PHE B 429 -5.57 -18.65 27.76
C PHE B 429 -5.00 -19.27 26.50
N GLU B 430 -5.91 -19.84 25.73
CA GLU B 430 -5.65 -20.40 24.41
C GLU B 430 -6.04 -19.33 23.41
N PHE B 431 -5.18 -19.09 22.45
CA PHE B 431 -5.39 -18.00 21.51
C PHE B 431 -5.40 -18.55 20.09
N ASP B 432 -6.20 -17.93 19.26
CA ASP B 432 -6.12 -18.07 17.82
C ASP B 432 -5.19 -16.99 17.27
N THR B 433 -4.00 -17.38 16.85
CA THR B 433 -3.03 -16.46 16.28
C THR B 433 -3.03 -16.50 14.75
N GLU B 434 -3.64 -17.51 14.16
CA GLU B 434 -3.61 -17.66 12.70
C GLU B 434 -4.52 -16.64 12.03
N THR B 435 -5.74 -16.50 12.54
CA THR B 435 -6.77 -15.75 11.83
C THR B 435 -6.31 -14.34 11.52
N LEU B 436 -5.86 -13.60 12.52
CA LEU B 436 -5.35 -12.26 12.34
C LEU B 436 -3.86 -12.23 12.08
N ASN B 437 -3.24 -13.39 11.95
CA ASN B 437 -1.79 -13.52 11.89
C ASN B 437 -1.12 -12.70 12.97
N SER B 438 -1.48 -13.03 14.19
CA SER B 438 -1.00 -12.30 15.34
C SER B 438 0.49 -12.52 15.54
N ASP B 439 1.18 -11.45 15.92
CA ASP B 439 2.63 -11.48 15.97
C ASP B 439 3.19 -11.74 17.36
N GLY B 440 2.33 -11.82 18.37
CA GLY B 440 2.71 -12.27 19.68
C GLY B 440 3.13 -11.17 20.64
N ILE B 441 2.91 -9.91 20.29
CA ILE B 441 3.41 -8.77 21.06
C ILE B 441 2.24 -7.94 21.57
N PHE B 442 2.25 -7.62 22.86
CA PHE B 442 1.10 -6.98 23.49
C PHE B 442 0.85 -5.62 22.90
N ARG B 443 -0.42 -5.30 22.68
CA ARG B 443 -0.83 -3.94 22.32
C ARG B 443 -1.74 -3.33 23.38
N THR B 444 -1.92 -2.03 23.30
CA THR B 444 -2.76 -1.40 24.31
C THR B 444 -4.21 -1.40 23.86
N SER B 445 -5.09 -1.11 24.81
CA SER B 445 -6.54 -1.06 24.61
C SER B 445 -7.01 0.33 24.27
N PRO B 446 -8.27 0.46 23.85
CA PRO B 446 -8.90 1.77 23.69
C PRO B 446 -8.78 2.68 24.89
N ARG B 447 -8.74 2.13 26.09
CA ARG B 447 -8.46 2.95 27.25
C ARG B 447 -7.09 3.59 27.11
N GLY B 448 -6.09 2.78 26.72
CA GLY B 448 -4.77 3.32 26.48
C GLY B 448 -4.78 4.42 25.43
N TRP B 449 -5.30 4.10 24.24
CA TRP B 449 -5.20 5.02 23.10
C TRP B 449 -5.94 6.30 23.38
N PHE B 450 -7.12 6.19 24.00
CA PHE B 450 -7.86 7.40 24.31
C PHE B 450 -7.11 8.27 25.31
N THR B 451 -6.53 7.67 26.33
CA THR B 451 -5.81 8.49 27.31
C THR B 451 -4.65 9.22 26.64
N PHE B 452 -3.87 8.48 25.84
CA PHE B 452 -2.71 9.04 25.14
C PHE B 452 -3.10 10.24 24.29
N ALA B 453 -4.07 10.06 23.40
CA ALA B 453 -4.49 11.15 22.51
C ALA B 453 -5.04 12.34 23.28
N HIS B 454 -5.74 12.12 24.38
CA HIS B 454 -6.35 13.26 25.04
C HIS B 454 -5.36 13.97 25.95
N ALA B 455 -4.42 13.25 26.55
CA ALA B 455 -3.38 13.96 27.29
C ALA B 455 -2.49 14.77 26.34
N VAL B 456 -2.16 14.21 25.18
CA VAL B 456 -1.33 14.92 24.21
C VAL B 456 -2.06 16.15 23.68
N PHE B 457 -3.31 16.00 23.28
CA PHE B 457 -4.04 17.16 22.79
C PHE B 457 -4.21 18.21 23.87
N ALA B 458 -4.49 17.78 25.09
CA ALA B 458 -4.63 18.71 26.21
C ALA B 458 -3.39 19.58 26.34
N LEU B 459 -2.22 18.95 26.24
CA LEU B 459 -0.97 19.67 26.42
C LEU B 459 -0.73 20.63 25.28
N LEU B 460 -1.01 20.19 24.06
CA LEU B 460 -0.83 21.06 22.92
C LEU B 460 -1.78 22.23 22.97
N PHE B 461 -3.02 22.01 23.47
CA PHE B 461 -3.98 23.10 23.47
C PHE B 461 -3.63 24.12 24.53
N PHE B 462 -2.86 23.69 25.53
CA PHE B 462 -2.30 24.64 26.47
C PHE B 462 -1.44 25.68 25.77
N PHE B 463 -0.70 25.26 24.75
CA PHE B 463 0.08 26.24 24.02
C PHE B 463 -0.83 27.16 23.20
N GLY B 464 -1.88 26.60 22.61
CA GLY B 464 -2.85 27.46 21.93
C GLY B 464 -3.46 28.51 22.84
N HIS B 465 -3.74 28.16 24.10
CA HIS B 465 -4.28 29.12 25.06
C HIS B 465 -3.31 30.25 25.29
N ILE B 466 -2.05 29.87 25.54
CA ILE B 466 -0.99 30.85 25.79
C ILE B 466 -0.82 31.74 24.58
N TRP B 467 -0.76 31.15 23.39
CA TRP B 467 -0.64 31.95 22.16
C TRP B 467 -1.79 32.93 22.02
N HIS B 468 -3.02 32.44 21.99
CA HIS B 468 -4.11 33.35 21.67
C HIS B 468 -4.41 34.31 22.82
N GLY B 469 -4.12 33.93 24.08
CA GLY B 469 -4.20 34.90 25.15
C GLY B 469 -3.18 36.02 25.01
N ALA B 470 -1.92 35.66 24.70
CA ALA B 470 -0.93 36.67 24.34
C ALA B 470 -1.45 37.57 23.21
N ARG B 471 -1.99 36.97 22.17
CA ARG B 471 -2.43 37.78 21.04
C ARG B 471 -3.57 38.70 21.40
N THR B 472 -4.41 38.30 22.37
CA THR B 472 -5.52 39.15 22.78
C THR B 472 -4.99 40.34 23.55
N LEU B 473 -4.13 40.09 24.53
CA LEU B 473 -3.69 41.14 25.44
C LEU B 473 -2.62 42.05 24.86
N PHE B 474 -1.98 41.65 23.76
CA PHE B 474 -0.86 42.36 23.16
C PHE B 474 -1.16 42.67 21.71
N ARG B 475 -2.44 42.88 21.41
CA ARG B 475 -2.86 43.11 20.03
C ARG B 475 -2.20 44.36 19.46
N ASP B 476 -2.07 45.39 20.29
CA ASP B 476 -1.49 46.64 19.82
C ASP B 476 -0.02 46.52 19.38
N VAL B 477 0.69 45.45 19.77
CA VAL B 477 2.10 45.32 19.41
C VAL B 477 2.38 44.07 18.61
N PHE B 478 1.33 43.34 18.17
N PHE B 478 1.39 43.34 18.14
CA PHE B 478 1.49 42.14 17.38
CA PHE B 478 1.78 42.08 17.52
C PHE B 478 2.49 42.36 16.26
C PHE B 478 2.26 42.26 16.09
N SER B 479 2.37 43.49 15.59
CA SER B 479 3.14 43.77 14.39
C SER B 479 4.50 44.39 14.70
N GLY B 480 4.81 44.60 15.98
CA GLY B 480 6.02 45.30 16.36
C GLY B 480 5.77 46.40 17.38
N ILE B 481 6.81 46.74 18.17
CA ILE B 481 6.71 47.76 19.21
C ILE B 481 6.68 49.15 18.59
N ASP B 482 6.31 50.14 19.40
CA ASP B 482 6.17 51.48 18.88
C ASP B 482 7.52 52.02 18.40
N PRO B 483 7.65 52.38 17.11
CA PRO B 483 8.97 52.84 16.62
C PRO B 483 9.52 54.06 17.32
N GLU B 484 8.76 54.64 18.24
CA GLU B 484 9.25 55.74 19.05
C GLU B 484 8.93 55.49 20.52
N LEU B 485 9.25 54.28 20.99
CA LEU B 485 9.49 54.07 22.41
C LEU B 485 10.73 54.85 22.77
N SER B 486 10.65 55.61 23.82
CA SER B 486 11.81 56.40 24.24
C SER B 486 12.54 55.72 25.39
N PRO B 487 13.86 55.87 25.48
CA PRO B 487 14.62 55.14 26.51
C PRO B 487 14.24 55.51 27.93
N GLU B 488 13.45 56.57 28.14
CA GLU B 488 13.06 56.96 29.49
C GLU B 488 11.94 56.08 30.01
N GLN B 489 11.05 55.66 29.12
CA GLN B 489 9.99 54.73 29.46
C GLN B 489 10.55 53.36 29.85
N VAL B 490 11.79 53.08 29.46
CA VAL B 490 12.39 51.76 29.62
C VAL B 490 13.57 51.79 30.56
N GLU B 491 14.15 52.95 30.83
CA GLU B 491 15.26 53.05 31.76
C GLU B 491 14.75 53.14 33.20
N TRP B 492 15.62 52.74 34.11
CA TRP B 492 15.23 52.54 35.49
C TRP B 492 15.11 53.86 36.23
N GLY B 493 14.14 53.91 37.15
CA GLY B 493 13.96 55.02 38.05
C GLY B 493 13.13 56.15 37.48
N PHE B 494 13.17 56.29 36.15
CA PHE B 494 12.53 57.42 35.49
C PHE B 494 11.08 57.59 35.94
N TYR B 495 10.32 56.50 35.93
CA TYR B 495 8.95 56.48 36.41
C TYR B 495 8.89 55.67 37.70
N GLN B 496 8.10 56.14 38.65
CA GLN B 496 7.94 55.39 39.89
C GLN B 496 7.22 54.07 39.63
N LYS B 497 6.12 54.11 38.88
CA LYS B 497 5.38 52.94 38.45
C LYS B 497 5.79 52.62 37.01
N VAL B 498 6.08 51.34 36.75
CA VAL B 498 6.67 50.95 35.47
C VAL B 498 5.64 51.13 34.35
N GLY B 499 6.03 51.86 33.29
CA GLY B 499 5.17 52.10 32.14
C GLY B 499 4.09 53.16 32.34
N ASP B 500 3.86 53.60 33.56
CA ASP B 500 2.90 54.67 33.84
C ASP B 500 3.62 56.00 33.69
N VAL B 501 3.36 56.71 32.58
CA VAL B 501 4.10 57.96 32.36
C VAL B 501 3.65 59.09 33.29
N THR B 502 2.64 58.86 34.11
CA THR B 502 2.14 59.91 34.98
C THR B 502 2.83 59.94 36.33
N THR B 503 3.96 59.23 36.48
CA THR B 503 4.60 59.03 37.77
C THR B 503 6.09 59.35 37.68
N ARG B 504 6.44 60.36 36.89
CA ARG B 504 7.80 60.88 36.86
C ARG B 504 8.13 61.55 38.20
N ARG B 505 9.40 61.87 38.40
CA ARG B 505 9.82 62.59 39.62
C ARG B 505 10.27 63.99 39.22
N GLY C 10 45.40 49.85 23.66
CA GLY C 10 44.23 49.29 23.01
C GLY C 10 43.61 48.15 23.81
N PHE C 11 44.42 47.47 24.60
CA PHE C 11 44.00 46.24 25.23
C PHE C 11 43.40 46.48 26.60
N ALA C 12 42.43 45.62 26.94
CA ALA C 12 41.75 45.61 28.22
C ALA C 12 42.52 44.78 29.23
N TRP C 13 42.10 44.88 30.49
CA TRP C 13 42.82 44.24 31.58
C TRP C 13 42.93 42.75 31.36
N TRP C 14 41.88 42.14 30.83
CA TRP C 14 41.85 40.69 30.68
C TRP C 14 42.72 40.20 29.53
N ALA C 15 43.20 41.10 28.67
CA ALA C 15 44.21 40.81 27.65
C ALA C 15 45.48 41.63 27.93
N GLY C 16 45.73 41.89 29.21
CA GLY C 16 46.71 42.89 29.58
C GLY C 16 48.13 42.50 29.29
N ASN C 17 48.41 41.20 29.14
CA ASN C 17 49.76 40.77 28.81
C ASN C 17 50.13 41.07 27.36
N ALA C 18 49.14 41.34 26.50
CA ALA C 18 49.40 41.85 25.16
C ALA C 18 49.93 43.27 25.17
N ARG C 19 49.89 43.93 26.33
CA ARG C 19 50.50 45.23 26.46
C ARG C 19 52.03 45.15 26.46
N LEU C 20 52.62 43.95 26.56
CA LEU C 20 54.06 43.75 26.61
C LEU C 20 54.69 43.43 25.24
N ILE C 21 53.90 43.48 24.16
CA ILE C 21 54.41 42.94 22.90
C ILE C 21 55.65 43.71 22.44
N ASN C 22 55.68 45.01 22.67
CA ASN C 22 56.76 45.86 22.19
C ASN C 22 57.52 46.52 23.34
N LEU C 23 57.54 45.87 24.51
CA LEU C 23 58.32 46.29 25.68
C LEU C 23 59.29 45.16 25.99
N SER C 24 60.39 45.10 25.22
CA SER C 24 61.27 43.93 25.28
C SER C 24 61.79 43.65 26.68
N GLY C 25 62.02 44.67 27.49
CA GLY C 25 62.58 44.45 28.81
C GLY C 25 61.60 43.89 29.82
N LYS C 26 60.37 44.39 29.81
CA LYS C 26 59.35 43.87 30.70
C LYS C 26 58.92 42.48 30.28
N LEU C 27 58.82 42.28 28.97
CA LEU C 27 58.53 40.96 28.46
C LEU C 27 59.65 39.98 28.77
N LEU C 28 60.89 40.45 28.88
CA LEU C 28 61.95 39.55 29.32
C LEU C 28 61.65 39.09 30.74
N GLY C 29 61.31 40.05 31.60
CA GLY C 29 60.99 39.72 32.98
C GLY C 29 59.88 38.71 33.11
N ALA C 30 58.83 38.85 32.29
CA ALA C 30 57.72 37.91 32.31
C ALA C 30 58.19 36.48 32.01
N HIS C 31 58.97 36.32 30.94
CA HIS C 31 59.50 35.01 30.58
C HIS C 31 60.40 34.43 31.66
N VAL C 32 61.30 35.24 32.22
CA VAL C 32 62.24 34.69 33.19
C VAL C 32 61.51 34.38 34.48
N ALA C 33 60.56 35.24 34.86
CA ALA C 33 59.75 34.96 36.04
C ALA C 33 58.91 33.70 35.85
N HIS C 34 58.38 33.48 34.66
CA HIS C 34 57.58 32.29 34.41
C HIS C 34 58.46 31.04 34.39
N ALA C 35 59.67 31.14 33.82
CA ALA C 35 60.64 30.05 33.90
C ALA C 35 60.96 29.71 35.35
N GLY C 36 60.99 30.73 36.21
CA GLY C 36 61.15 30.49 37.64
C GLY C 36 60.01 29.68 38.23
N LEU C 37 58.77 29.97 37.83
CA LEU C 37 57.65 29.14 38.27
C LEU C 37 57.83 27.68 37.85
N ILE C 38 58.30 27.45 36.62
CA ILE C 38 58.46 26.09 36.15
C ILE C 38 59.47 25.35 37.03
N VAL C 39 60.63 25.98 37.25
CA VAL C 39 61.67 25.34 38.06
C VAL C 39 61.20 25.18 39.50
N PHE C 40 60.47 26.19 40.02
CA PHE C 40 59.91 26.08 41.37
C PHE C 40 59.11 24.78 41.52
N TRP C 41 58.12 24.59 40.65
CA TRP C 41 57.25 23.41 40.74
C TRP C 41 58.05 22.12 40.65
N ALA C 42 59.02 22.03 39.72
CA ALA C 42 59.82 20.82 39.65
C ALA C 42 60.51 20.54 40.98
N GLY C 43 61.08 21.56 41.60
CA GLY C 43 61.70 21.39 42.90
C GLY C 43 60.76 21.01 44.01
N ALA C 44 59.73 21.83 44.23
CA ALA C 44 58.79 21.57 45.30
C ALA C 44 58.09 20.23 45.13
N MET C 45 57.62 19.95 43.90
CA MET C 45 56.87 18.73 43.67
C MET C 45 57.72 17.50 44.01
N THR C 46 59.00 17.54 43.64
CA THR C 46 59.89 16.41 43.94
C THR C 46 60.02 16.20 45.44
N LEU C 47 60.23 17.28 46.16
CA LEU C 47 60.39 17.19 47.61
C LEU C 47 59.12 16.66 48.26
N PHE C 48 57.97 17.09 47.74
CA PHE C 48 56.69 16.54 48.17
C PHE C 48 56.66 15.04 47.96
N GLU C 49 56.90 14.59 46.72
CA GLU C 49 56.84 13.16 46.44
C GLU C 49 57.79 12.39 47.37
N LEU C 50 59.05 12.88 47.50
CA LEU C 50 60.02 12.25 48.39
C LEU C 50 59.51 12.20 49.82
N ALA C 51 59.06 13.34 50.35
CA ALA C 51 58.48 13.37 51.69
C ALA C 51 57.39 12.31 51.83
N HIS C 52 56.58 12.10 50.79
CA HIS C 52 55.51 11.10 50.85
C HIS C 52 55.95 9.72 50.37
N PHE C 53 57.17 9.57 49.89
CA PHE C 53 57.58 8.30 49.29
C PHE C 53 57.77 7.24 50.36
N ILE C 54 57.33 6.02 50.06
CA ILE C 54 57.55 4.84 50.88
C ILE C 54 58.24 3.80 49.99
N PRO C 55 59.47 3.38 50.29
CA PRO C 55 60.22 2.56 49.32
C PRO C 55 59.67 1.16 49.08
N GLU C 56 58.99 0.57 50.06
CA GLU C 56 58.50 -0.81 49.94
C GLU C 56 57.34 -0.96 48.96
N LYS C 57 56.67 0.14 48.62
CA LYS C 57 55.56 0.24 47.70
C LYS C 57 56.03 0.66 46.31
N PRO C 58 55.52 0.03 45.27
CA PRO C 58 55.82 0.50 43.91
C PRO C 58 55.58 1.99 43.78
N MET C 59 56.39 2.67 42.95
CA MET C 59 56.13 4.09 42.72
C MET C 59 54.70 4.35 42.26
N TYR C 60 54.15 3.49 41.37
CA TYR C 60 52.84 3.73 40.74
C TYR C 60 51.65 3.52 41.67
N GLU C 61 51.84 2.85 42.81
CA GLU C 61 50.83 2.89 43.86
C GLU C 61 50.86 4.19 44.67
N GLN C 62 51.66 5.17 44.29
CA GLN C 62 51.94 6.27 45.19
C GLN C 62 51.77 7.63 44.57
N GLY C 63 51.28 7.71 43.33
CA GLY C 63 50.92 8.99 42.78
C GLY C 63 52.12 9.82 42.41
N LEU C 64 53.18 9.18 41.97
CA LEU C 64 54.45 9.86 41.73
C LEU C 64 54.64 10.00 40.24
N ILE C 65 55.04 11.20 39.81
CA ILE C 65 55.31 11.44 38.40
C ILE C 65 56.71 11.98 38.12
N LEU C 66 57.40 12.51 39.11
CA LEU C 66 58.72 13.09 38.92
C LEU C 66 59.81 12.14 39.37
N ILE C 67 59.66 11.50 40.52
CA ILE C 67 60.60 10.46 40.92
C ILE C 67 60.79 9.47 39.76
N PRO C 68 59.71 8.94 39.16
CA PRO C 68 59.92 8.02 38.01
C PRO C 68 60.79 8.60 36.89
N HIS C 69 60.75 9.90 36.59
CA HIS C 69 61.62 10.45 35.55
C HIS C 69 63.09 10.43 35.97
N ILE C 70 63.36 10.62 37.27
CA ILE C 70 64.71 10.59 37.80
C ILE C 70 65.24 9.17 37.85
N ALA C 71 64.50 8.28 38.48
CA ALA C 71 64.79 6.85 38.42
C ALA C 71 65.15 6.41 37.01
N THR C 72 64.41 6.91 36.04
CA THR C 72 64.61 6.47 34.67
C THR C 72 65.99 6.89 34.14
N LEU C 73 66.52 8.01 34.63
CA LEU C 73 67.87 8.45 34.32
C LEU C 73 68.95 7.67 35.05
N GLY C 74 68.58 6.68 35.84
CA GLY C 74 69.54 5.81 36.50
C GLY C 74 69.92 6.20 37.91
N TRP C 75 69.27 7.20 38.49
CA TRP C 75 69.62 7.66 39.83
C TRP C 75 68.69 7.05 40.85
N GLY C 76 69.25 6.62 41.95
CA GLY C 76 68.49 6.15 43.09
C GLY C 76 67.97 4.74 43.00
N VAL C 77 68.18 4.06 41.88
CA VAL C 77 67.61 2.73 41.69
C VAL C 77 68.71 1.72 41.42
N GLY C 78 68.38 0.45 41.66
CA GLY C 78 69.24 -0.64 41.30
C GLY C 78 68.47 -1.67 40.50
N PRO C 79 68.92 -2.91 40.52
CA PRO C 79 68.27 -3.93 39.70
C PRO C 79 66.81 -4.09 40.07
N GLY C 80 66.00 -4.37 39.06
CA GLY C 80 64.58 -4.51 39.22
C GLY C 80 63.88 -3.22 39.53
N GLY C 81 64.60 -2.12 39.65
CA GLY C 81 64.00 -0.86 40.03
C GLY C 81 63.87 -0.66 41.51
N GLU C 82 64.41 -1.56 42.32
CA GLU C 82 64.50 -1.33 43.75
C GLU C 82 65.09 0.04 43.99
N VAL C 83 64.38 0.85 44.77
CA VAL C 83 64.96 2.11 45.18
C VAL C 83 66.02 1.80 46.23
N VAL C 84 67.23 2.24 45.96
CA VAL C 84 68.38 1.92 46.78
C VAL C 84 68.92 3.16 47.49
N ASP C 85 68.71 4.34 46.94
CA ASP C 85 69.29 5.57 47.47
C ASP C 85 68.34 6.70 47.13
N THR C 86 67.77 7.35 48.15
CA THR C 86 66.81 8.44 47.93
C THR C 86 67.45 9.82 47.78
N PHE C 87 68.76 9.92 47.98
CA PHE C 87 69.40 11.23 48.07
C PHE C 87 69.42 11.92 46.71
N PRO C 88 69.65 11.21 45.60
CA PRO C 88 69.57 11.88 44.29
C PRO C 88 68.23 12.56 44.07
N PHE C 89 67.17 11.97 44.61
CA PHE C 89 65.85 12.60 44.53
C PHE C 89 65.85 13.91 45.27
N PHE C 90 66.25 13.90 46.54
CA PHE C 90 66.40 15.12 47.33
C PHE C 90 67.24 16.19 46.60
N VAL C 91 68.41 15.81 46.13
CA VAL C 91 69.28 16.77 45.47
C VAL C 91 68.56 17.43 44.30
N VAL C 92 68.01 16.61 43.39
CA VAL C 92 67.29 17.16 42.24
C VAL C 92 66.22 18.17 42.67
N GLY C 93 65.47 17.85 43.73
CA GLY C 93 64.45 18.78 44.19
C GLY C 93 65.02 20.10 44.72
N VAL C 94 66.00 20.00 45.61
CA VAL C 94 66.60 21.18 46.23
C VAL C 94 67.18 22.11 45.17
N VAL C 95 68.03 21.57 44.30
CA VAL C 95 68.75 22.38 43.34
C VAL C 95 67.77 23.10 42.41
N HIS C 96 66.73 22.40 41.97
CA HIS C 96 65.66 23.07 41.23
C HIS C 96 65.03 24.16 42.07
N LEU C 97 64.65 23.85 43.31
CA LEU C 97 63.94 24.83 44.12
C LEU C 97 64.82 26.04 44.39
N ILE C 98 66.11 25.81 44.65
CA ILE C 98 67.00 26.93 44.91
C ILE C 98 67.18 27.76 43.66
N SER C 99 67.27 27.09 42.50
CA SER C 99 67.50 27.78 41.26
C SER C 99 66.35 28.71 40.93
N SER C 100 65.14 28.39 41.42
CA SER C 100 63.97 29.18 41.05
C SER C 100 63.99 30.57 41.68
N ALA C 101 64.70 30.70 42.81
CA ALA C 101 64.85 32.00 43.45
C ALA C 101 65.65 32.96 42.56
N VAL C 102 66.75 32.47 41.97
CA VAL C 102 67.55 33.26 41.06
C VAL C 102 66.73 33.69 39.83
N LEU C 103 65.97 32.75 39.26
CA LEU C 103 65.12 33.12 38.13
C LEU C 103 63.97 34.01 38.57
N GLY C 104 63.39 33.74 39.73
CA GLY C 104 62.40 34.68 40.24
C GLY C 104 63.01 36.06 40.36
N PHE C 105 64.24 36.13 40.83
CA PHE C 105 64.89 37.41 41.06
C PHE C 105 65.04 38.18 39.75
N GLY C 106 65.66 37.55 38.75
CA GLY C 106 65.82 38.20 37.47
C GLY C 106 64.49 38.62 36.86
N GLY C 107 63.49 37.75 36.96
CA GLY C 107 62.15 38.09 36.50
C GLY C 107 61.55 39.35 37.11
N VAL C 108 61.41 39.39 38.44
CA VAL C 108 60.79 40.58 39.04
C VAL C 108 61.60 41.82 38.70
N TYR C 109 62.93 41.73 38.79
CA TYR C 109 63.76 42.88 38.42
C TYR C 109 63.42 43.37 37.03
N HIS C 110 63.54 42.49 36.02
CA HIS C 110 63.32 42.93 34.64
C HIS C 110 61.86 43.37 34.37
N ALA C 111 60.88 42.81 35.09
CA ALA C 111 59.48 43.19 34.88
C ALA C 111 59.09 44.50 35.54
N ILE C 112 59.81 44.93 36.59
CA ILE C 112 59.34 45.98 37.49
C ILE C 112 60.30 47.16 37.51
N ARG C 113 61.59 46.89 37.71
CA ARG C 113 62.61 47.90 37.90
C ARG C 113 63.45 48.11 36.63
N GLY C 114 63.87 47.04 35.97
CA GLY C 114 64.73 47.15 34.83
C GLY C 114 64.14 47.96 33.69
N PRO C 115 64.93 48.19 32.65
CA PRO C 115 64.44 49.02 31.53
C PRO C 115 63.23 48.37 30.86
N GLU C 116 62.19 49.18 30.64
CA GLU C 116 60.99 48.66 29.98
C GLU C 116 61.36 48.08 28.62
N THR C 117 62.11 48.84 27.83
CA THR C 117 62.58 48.42 26.52
C THR C 117 64.09 48.24 26.54
N LEU C 118 64.56 47.24 25.79
CA LEU C 118 65.96 46.86 25.79
C LEU C 118 66.77 47.48 24.66
N GLU C 119 66.13 47.87 23.57
CA GLU C 119 66.89 48.11 22.36
C GLU C 119 67.81 49.31 22.50
N GLU C 120 67.56 50.17 23.49
CA GLU C 120 68.43 51.31 23.75
C GLU C 120 69.62 50.94 24.64
N TYR C 121 69.38 50.19 25.71
CA TYR C 121 70.44 49.76 26.62
C TYR C 121 71.57 49.08 25.86
N SER C 122 71.31 47.89 25.32
CA SER C 122 72.28 47.18 24.50
C SER C 122 71.65 46.90 23.15
N SER C 123 72.43 47.10 22.12
CA SER C 123 72.05 46.69 20.78
C SER C 123 72.08 45.19 20.61
N PHE C 124 72.47 44.46 21.64
CA PHE C 124 72.55 43.01 21.53
C PHE C 124 71.27 42.35 22.01
N PHE C 125 70.83 42.70 23.22
CA PHE C 125 69.65 42.09 23.79
C PHE C 125 68.37 42.69 23.27
N GLY C 126 68.44 43.86 22.65
CA GLY C 126 67.26 44.46 22.07
C GLY C 126 66.87 43.75 20.80
N TYR C 127 65.56 43.74 20.54
CA TYR C 127 65.04 43.12 19.35
C TYR C 127 63.75 43.81 18.90
N ASP C 128 63.53 43.75 17.59
CA ASP C 128 62.29 44.13 16.97
C ASP C 128 61.74 42.88 16.30
N TRP C 129 60.47 42.60 16.55
CA TRP C 129 59.85 41.40 16.02
C TRP C 129 60.04 41.29 14.51
N LYS C 130 60.06 42.41 13.80
CA LYS C 130 60.11 42.38 12.36
C LYS C 130 61.54 42.27 11.81
N ASP C 131 62.53 42.14 12.68
CA ASP C 131 63.92 42.02 12.27
C ASP C 131 64.20 40.55 12.08
N LYS C 132 64.08 40.11 10.83
CA LYS C 132 64.16 38.69 10.53
C LYS C 132 65.55 38.15 10.85
N ASN C 133 66.57 38.97 10.68
CA ASN C 133 67.92 38.54 11.03
C ASN C 133 68.06 38.39 12.54
N LYS C 134 67.74 39.43 13.30
CA LYS C 134 67.81 39.30 14.74
C LYS C 134 66.99 38.10 15.24
N MET C 135 65.79 37.89 14.71
CA MET C 135 64.95 36.81 15.22
C MET C 135 65.58 35.44 14.94
N THR C 136 66.06 35.23 13.72
CA THR C 136 66.72 33.96 13.42
C THR C 136 67.98 33.76 14.25
N THR C 137 68.60 34.85 14.69
CA THR C 137 69.78 34.71 15.54
C THR C 137 69.38 34.23 16.93
N ILE C 138 68.33 34.79 17.51
CA ILE C 138 67.86 34.32 18.82
C ILE C 138 67.45 32.87 18.73
N LEU C 139 66.77 32.51 17.64
CA LEU C 139 66.38 31.13 17.41
C LEU C 139 67.60 30.23 17.42
N GLY C 140 68.66 30.65 16.74
CA GLY C 140 69.87 29.86 16.67
C GLY C 140 70.53 29.66 18.02
N PHE C 141 70.57 30.71 18.84
CA PHE C 141 71.09 30.56 20.20
C PHE C 141 70.35 29.49 20.98
N HIS C 142 69.03 29.51 20.92
CA HIS C 142 68.23 28.55 21.65
C HIS C 142 68.36 27.18 21.02
N LEU C 143 68.50 27.13 19.70
CA LEU C 143 68.75 25.85 19.06
C LEU C 143 70.02 25.20 19.60
N ILE C 144 71.06 25.98 19.81
CA ILE C 144 72.30 25.42 20.32
C ILE C 144 72.10 24.94 21.74
N VAL C 145 71.46 25.77 22.56
CA VAL C 145 71.11 25.37 23.92
C VAL C 145 70.37 24.04 23.91
N LEU C 146 69.25 23.97 23.18
CA LEU C 146 68.54 22.69 23.02
C LEU C 146 69.49 21.58 22.62
N GLY C 147 70.40 21.88 21.69
CA GLY C 147 71.30 20.85 21.21
C GLY C 147 72.24 20.39 22.31
N ILE C 148 72.80 21.33 23.04
CA ILE C 148 73.59 20.98 24.21
C ILE C 148 72.78 20.09 25.13
N GLY C 149 71.50 20.42 25.31
CA GLY C 149 70.73 19.73 26.32
C GLY C 149 70.53 18.28 25.99
N ALA C 150 70.29 18.00 24.72
CA ALA C 150 70.11 16.61 24.30
C ALA C 150 71.41 15.83 24.42
N LEU C 151 72.55 16.50 24.29
CA LEU C 151 73.82 15.83 24.49
C LEU C 151 74.08 15.53 25.95
N LEU C 152 73.58 16.37 26.86
CA LEU C 152 73.64 16.05 28.28
C LEU C 152 73.11 14.65 28.56
N LEU C 153 71.97 14.31 27.94
CA LEU C 153 71.38 12.99 28.15
C LEU C 153 72.29 11.90 27.59
N VAL C 154 72.92 12.17 26.46
CA VAL C 154 73.89 11.23 25.90
C VAL C 154 75.05 11.05 26.83
N ALA C 155 75.49 12.16 27.47
CA ALA C 155 76.63 12.12 28.39
C ALA C 155 76.33 11.27 29.60
N LYS C 156 75.13 11.47 30.19
CA LYS C 156 74.66 10.63 31.29
C LYS C 156 74.68 9.16 30.89
N ALA C 157 74.14 8.87 29.73
CA ALA C 157 73.96 7.47 29.36
C ALA C 157 75.28 6.77 29.19
N MET C 158 76.26 7.47 28.61
CA MET C 158 77.54 6.88 28.19
C MET C 158 78.68 7.10 29.17
N PHE C 159 78.70 8.23 29.90
CA PHE C 159 79.85 8.59 30.70
C PHE C 159 79.53 8.90 32.17
N PHE C 160 78.26 8.86 32.59
CA PHE C 160 77.94 9.20 33.98
C PHE C 160 76.86 8.32 34.59
N GLY C 161 77.01 7.03 34.44
CA GLY C 161 76.24 6.07 35.20
C GLY C 161 75.27 5.27 34.38
N GLY C 162 74.95 5.72 33.18
CA GLY C 162 74.02 5.00 32.35
C GLY C 162 72.58 5.40 32.65
N LEU C 163 71.65 4.56 32.17
CA LEU C 163 70.20 4.76 32.32
C LEU C 163 69.59 3.45 32.74
N TYR C 164 68.40 3.55 33.36
CA TYR C 164 67.62 2.36 33.70
C TYR C 164 67.13 1.68 32.44
N ASP C 165 67.31 0.37 32.41
CA ASP C 165 67.05 -0.44 31.24
C ASP C 165 66.11 -1.55 31.72
N THR C 166 64.81 -1.37 31.48
CA THR C 166 63.82 -2.37 31.83
C THR C 166 64.07 -3.66 31.08
N TRP C 167 64.78 -3.59 29.97
CA TRP C 167 65.06 -4.78 29.16
C TRP C 167 66.33 -5.51 29.59
N ALA C 168 67.15 -4.91 30.43
CA ALA C 168 68.36 -5.57 30.86
C ALA C 168 68.04 -6.99 31.32
N PRO C 169 68.82 -7.98 30.89
CA PRO C 169 68.62 -9.33 31.42
C PRO C 169 68.64 -9.31 32.94
N GLY C 170 67.67 -9.97 33.54
CA GLY C 170 67.61 -10.08 34.98
C GLY C 170 66.54 -9.28 35.68
N GLY C 171 65.60 -8.66 34.96
CA GLY C 171 64.53 -7.87 35.56
C GLY C 171 64.74 -6.38 35.47
N GLY C 172 65.86 -5.98 34.90
CA GLY C 172 66.07 -4.58 34.66
C GLY C 172 67.15 -4.03 35.56
N ASP C 173 67.81 -3.00 35.09
CA ASP C 173 68.98 -2.54 35.81
C ASP C 173 69.52 -1.32 35.10
N VAL C 174 70.34 -0.58 35.81
CA VAL C 174 71.02 0.57 35.24
C VAL C 174 72.18 0.07 34.40
N ARG C 175 72.41 0.70 33.26
CA ARG C 175 73.32 0.13 32.29
C ARG C 175 73.94 1.27 31.48
N VAL C 176 75.27 1.25 31.32
CA VAL C 176 75.94 2.27 30.54
C VAL C 176 75.77 1.91 29.07
N ILE C 177 75.49 2.92 28.24
CA ILE C 177 75.27 2.70 26.81
C ILE C 177 76.59 2.94 26.09
N THR C 178 77.24 1.86 25.73
CA THR C 178 78.54 1.91 25.08
C THR C 178 78.43 2.06 23.56
N ASN C 179 77.44 1.42 22.93
CA ASN C 179 77.30 1.48 21.47
C ASN C 179 75.96 2.11 21.07
N PRO C 180 75.85 3.43 21.18
CA PRO C 180 74.64 4.08 20.69
C PRO C 180 74.45 3.86 19.20
N THR C 181 73.20 3.65 18.81
CA THR C 181 72.88 3.48 17.41
C THR C 181 73.16 4.76 16.63
N LEU C 182 73.99 4.64 15.59
CA LEU C 182 74.27 5.78 14.74
C LEU C 182 73.75 5.63 13.32
N ASP C 183 73.50 4.40 12.90
CA ASP C 183 72.97 4.12 11.58
C ASP C 183 71.73 5.00 11.31
N PRO C 184 71.79 5.90 10.33
CA PRO C 184 70.65 6.78 10.09
C PRO C 184 69.46 6.07 9.47
N ARG C 185 69.65 4.84 8.98
CA ARG C 185 68.51 4.06 8.55
C ARG C 185 67.68 3.59 9.73
N VAL C 186 68.31 3.33 10.87
CA VAL C 186 67.55 3.02 12.06
C VAL C 186 66.92 4.29 12.61
N ILE C 187 67.75 5.32 12.83
CA ILE C 187 67.33 6.51 13.57
C ILE C 187 66.16 7.18 12.86
N PHE C 188 66.37 7.53 11.60
CA PHE C 188 65.35 8.17 10.80
C PHE C 188 64.30 7.21 10.29
N GLY C 189 64.63 5.91 10.28
CA GLY C 189 63.62 4.90 10.00
C GLY C 189 62.40 5.05 10.89
N TYR C 190 62.61 5.28 12.19
CA TYR C 190 61.49 5.53 13.10
C TYR C 190 60.60 6.65 12.59
N LEU C 191 61.21 7.73 12.11
CA LEU C 191 60.43 8.89 11.68
C LEU C 191 59.58 8.60 10.45
N LEU C 192 59.77 7.46 9.77
CA LEU C 192 58.97 7.08 8.61
C LEU C 192 58.12 5.85 8.83
N LYS C 193 58.22 5.19 9.99
CA LYS C 193 57.24 4.17 10.33
C LYS C 193 55.85 4.78 10.46
N SER C 194 54.85 4.05 10.00
CA SER C 194 53.45 4.42 10.20
C SER C 194 53.12 4.64 11.69
N PRO C 195 52.26 5.60 12.01
CA PRO C 195 51.78 5.73 13.39
C PRO C 195 50.69 4.75 13.79
N PHE C 196 50.36 3.83 12.92
CA PHE C 196 49.29 2.90 13.21
C PHE C 196 49.80 1.67 13.93
N GLY C 197 48.88 0.77 14.21
CA GLY C 197 49.18 -0.31 15.10
C GLY C 197 50.20 -1.27 14.53
N GLY C 198 50.98 -1.86 15.44
CA GLY C 198 52.14 -2.63 15.08
C GLY C 198 53.33 -1.85 14.56
N GLU C 199 53.21 -0.54 14.35
CA GLU C 199 54.29 0.28 13.84
C GLU C 199 54.63 1.41 14.83
N GLY C 200 53.75 2.39 15.00
CA GLY C 200 53.82 3.26 16.14
C GLY C 200 54.76 4.43 16.02
N TRP C 201 55.24 4.73 14.80
CA TRP C 201 56.05 5.92 14.57
C TRP C 201 57.19 5.90 15.57
N ILE C 202 57.55 7.04 16.17
CA ILE C 202 58.68 7.08 17.09
C ILE C 202 58.36 6.58 18.49
N VAL C 203 57.08 6.38 18.79
CA VAL C 203 56.64 5.84 20.07
C VAL C 203 57.09 4.39 20.20
N SER C 204 57.38 3.70 19.11
CA SER C 204 57.75 2.30 19.22
C SER C 204 59.25 2.06 19.58
N VAL C 205 60.03 3.09 19.90
CA VAL C 205 61.46 2.89 20.23
C VAL C 205 61.57 2.01 21.47
N ASN C 206 62.29 0.88 21.36
CA ASN C 206 62.23 -0.15 22.39
C ASN C 206 63.61 -0.56 22.92
N ASN C 207 64.61 0.30 22.82
CA ASN C 207 65.94 -0.06 23.31
C ASN C 207 66.76 1.23 23.48
N LEU C 208 67.54 1.28 24.56
CA LEU C 208 68.25 2.52 24.89
C LEU C 208 69.32 2.91 23.86
N GLU C 209 69.84 1.97 23.07
CA GLU C 209 70.85 2.35 22.09
C GLU C 209 70.28 3.31 21.05
N ASP C 210 69.04 3.05 20.61
CA ASP C 210 68.33 3.92 19.67
C ASP C 210 67.92 5.23 20.33
N VAL C 211 67.54 5.18 21.60
CA VAL C 211 67.23 6.40 22.34
C VAL C 211 68.46 7.30 22.41
N VAL C 212 69.61 6.71 22.73
CA VAL C 212 70.81 7.51 22.89
C VAL C 212 71.31 7.98 21.52
N GLY C 213 71.29 7.08 20.56
CA GLY C 213 71.70 7.43 19.21
C GLY C 213 70.90 8.58 18.63
N GLY C 214 69.58 8.59 18.86
CA GLY C 214 68.77 9.68 18.32
C GLY C 214 69.10 11.01 18.95
N HIS C 215 69.50 10.99 20.22
CA HIS C 215 69.82 12.23 20.91
C HIS C 215 71.17 12.75 20.46
N ILE C 216 72.09 11.86 20.06
CA ILE C 216 73.30 12.32 19.40
C ILE C 216 72.93 13.07 18.15
N TRP C 217 72.07 12.47 17.32
CA TRP C 217 71.75 13.07 16.04
C TRP C 217 71.04 14.40 16.21
N ILE C 218 70.09 14.43 17.13
CA ILE C 218 69.30 15.62 17.34
C ILE C 218 70.19 16.72 17.93
N GLY C 219 71.06 16.36 18.85
CA GLY C 219 72.04 17.32 19.34
C GLY C 219 72.82 17.96 18.19
N LEU C 220 73.41 17.14 17.31
CA LEU C 220 74.19 17.69 16.19
C LEU C 220 73.31 18.50 15.27
N ILE C 221 72.09 18.01 15.02
CA ILE C 221 71.22 18.72 14.10
C ILE C 221 70.86 20.07 14.66
N CYS C 222 70.51 20.14 15.95
CA CYS C 222 70.15 21.43 16.55
C CYS C 222 71.33 22.40 16.59
N ILE C 223 72.54 21.91 16.87
CA ILE C 223 73.72 22.79 16.84
C ILE C 223 73.96 23.26 15.42
N ALA C 224 73.98 22.34 14.46
CA ALA C 224 74.17 22.74 13.08
C ALA C 224 73.19 23.80 12.68
N GLY C 225 71.89 23.53 12.88
CA GLY C 225 70.85 24.47 12.50
C GLY C 225 70.89 25.74 13.29
N GLY C 226 71.32 25.66 14.55
CA GLY C 226 71.53 26.88 15.33
C GLY C 226 72.61 27.76 14.74
N ILE C 227 73.65 27.15 14.15
CA ILE C 227 74.73 27.93 13.52
C ILE C 227 74.27 28.48 12.20
N TRP C 228 73.68 27.62 11.37
CA TRP C 228 72.91 28.05 10.21
C TRP C 228 72.07 29.29 10.43
N HIS C 229 71.26 29.30 11.50
CA HIS C 229 70.33 30.43 11.60
C HIS C 229 71.00 31.68 12.12
N ILE C 230 72.08 31.53 12.86
CA ILE C 230 72.85 32.72 13.17
C ILE C 230 73.49 33.30 11.92
N LEU C 231 73.91 32.46 10.99
CA LEU C 231 74.67 32.95 9.83
C LEU C 231 73.79 33.45 8.70
N THR C 232 72.54 33.00 8.61
CA THR C 232 71.72 33.33 7.47
C THR C 232 70.61 34.31 7.83
N THR C 233 69.98 34.82 6.80
CA THR C 233 68.69 35.43 6.88
C THR C 233 67.71 34.62 6.03
N PRO C 234 66.41 34.69 6.34
CA PRO C 234 65.43 33.91 5.59
C PRO C 234 65.44 34.27 4.11
N PHE C 235 65.46 33.24 3.29
CA PHE C 235 65.21 33.35 1.87
C PHE C 235 63.82 33.90 1.56
N GLY C 236 63.68 34.36 0.31
CA GLY C 236 62.50 35.11 -0.07
C GLY C 236 61.25 34.26 -0.07
N TRP C 237 61.35 33.02 -0.52
CA TRP C 237 60.18 32.14 -0.44
C TRP C 237 59.70 32.00 1.00
N ALA C 238 60.60 32.03 1.97
CA ALA C 238 60.16 32.06 3.36
C ALA C 238 59.60 33.42 3.71
N ARG C 239 60.29 34.49 3.26
CA ARG C 239 59.82 35.83 3.56
C ARG C 239 58.36 36.02 3.12
N ARG C 240 57.97 35.41 2.00
CA ARG C 240 56.66 35.64 1.41
C ARG C 240 55.58 34.69 1.94
N ALA C 241 55.95 33.58 2.57
CA ALA C 241 54.97 32.61 3.03
C ALA C 241 54.57 32.81 4.48
N PHE C 242 55.34 33.55 5.25
CA PHE C 242 55.08 33.70 6.67
C PHE C 242 54.63 35.10 6.99
N ILE C 243 54.11 35.20 8.20
CA ILE C 243 53.81 36.46 8.85
C ILE C 243 54.88 36.71 9.89
N TRP C 244 55.40 37.93 9.95
CA TRP C 244 56.58 38.26 10.72
C TRP C 244 56.19 39.25 11.82
N SER C 245 55.81 38.70 12.96
CA SER C 245 55.34 39.52 14.05
C SER C 245 55.40 38.64 15.29
N GLY C 246 55.34 39.30 16.44
CA GLY C 246 55.48 38.57 17.69
C GLY C 246 54.33 37.59 17.92
N GLU C 247 53.11 38.00 17.61
CA GLU C 247 51.98 37.09 17.75
C GLU C 247 52.07 35.92 16.79
N ALA C 248 52.40 36.19 15.55
CA ALA C 248 52.69 35.13 14.61
C ALA C 248 53.65 34.09 15.17
N TYR C 249 54.78 34.52 15.73
CA TYR C 249 55.78 33.54 16.23
C TYR C 249 55.22 32.76 17.40
N LEU C 250 54.47 33.42 18.28
CA LEU C 250 53.83 32.69 19.37
C LEU C 250 52.88 31.63 18.82
N SER C 251 52.14 31.97 17.78
CA SER C 251 51.24 30.99 17.22
C SER C 251 52.00 29.80 16.64
N TYR C 252 53.17 30.04 16.02
CA TYR C 252 53.93 28.89 15.52
C TYR C 252 54.34 27.97 16.64
N SER C 253 54.84 28.53 17.75
CA SER C 253 55.25 27.71 18.87
C SER C 253 54.08 26.98 19.51
N LEU C 254 52.92 27.65 19.60
CA LEU C 254 51.74 27.01 20.16
C LEU C 254 51.40 25.77 19.34
N GLY C 255 51.40 25.89 18.03
CA GLY C 255 51.15 24.70 17.21
C GLY C 255 52.12 23.60 17.56
N ALA C 256 53.41 23.96 17.68
CA ALA C 256 54.46 22.96 17.90
C ALA C 256 54.33 22.34 19.28
N LEU C 257 54.01 23.15 20.28
CA LEU C 257 53.84 22.55 21.60
C LEU C 257 52.64 21.62 21.60
N SER C 258 51.57 21.98 20.87
CA SER C 258 50.38 21.15 20.82
C SER C 258 50.68 19.77 20.20
N MET C 259 51.34 19.77 19.06
CA MET C 259 51.79 18.52 18.43
C MET C 259 52.64 17.69 19.38
N MET C 260 53.60 18.34 20.03
CA MET C 260 54.46 17.64 20.97
C MET C 260 53.66 17.04 22.11
N GLY C 261 52.62 17.76 22.56
CA GLY C 261 51.84 17.26 23.69
C GLY C 261 51.06 16.02 23.35
N PHE C 262 50.48 15.98 22.15
CA PHE C 262 49.78 14.78 21.71
C PHE C 262 50.72 13.60 21.58
N ILE C 263 51.94 13.83 21.10
CA ILE C 263 52.95 12.78 21.00
C ILE C 263 53.33 12.26 22.40
N ALA C 264 53.55 13.18 23.33
CA ALA C 264 53.88 12.77 24.68
C ALA C 264 52.78 11.90 25.27
N THR C 265 51.52 12.26 24.99
CA THR C 265 50.38 11.48 25.46
C THR C 265 50.48 10.04 25.01
N CYS C 266 50.70 9.82 23.72
CA CYS C 266 50.82 8.46 23.23
C CYS C 266 52.10 7.80 23.73
N PHE C 267 53.17 8.57 23.92
CA PHE C 267 54.38 7.97 24.47
C PHE C 267 54.10 7.36 25.84
N VAL C 268 53.59 8.14 26.77
CA VAL C 268 53.39 7.58 28.11
C VAL C 268 52.28 6.52 28.11
N TRP C 269 51.39 6.55 27.13
CA TRP C 269 50.35 5.53 27.13
C TRP C 269 50.85 4.20 26.56
N PHE C 270 51.73 4.23 25.56
CA PHE C 270 52.14 2.99 24.90
C PHE C 270 53.54 2.54 25.25
N ASN C 271 54.47 3.45 25.43
CA ASN C 271 55.89 3.06 25.47
C ASN C 271 56.28 2.62 26.87
N ASN C 272 56.82 1.39 27.00
CA ASN C 272 57.31 0.89 28.28
C ASN C 272 58.84 0.74 28.31
N THR C 273 59.55 1.48 27.46
CA THR C 273 61.01 1.55 27.49
C THR C 273 61.52 2.82 28.18
N VAL C 274 61.19 4.01 27.67
CA VAL C 274 61.55 5.25 28.34
C VAL C 274 60.50 5.66 29.37
N TYR C 275 59.42 4.91 29.47
CA TYR C 275 58.55 4.96 30.65
C TYR C 275 58.47 3.55 31.20
N PRO C 276 59.47 3.10 31.95
CA PRO C 276 59.46 1.71 32.40
C PRO C 276 58.24 1.45 33.24
N SER C 277 57.67 0.26 33.07
CA SER C 277 56.45 -0.12 33.77
C SER C 277 56.71 -0.36 35.23
N GLU C 278 57.98 -0.67 35.58
CA GLU C 278 58.41 -0.84 36.98
C GLU C 278 58.06 0.40 37.80
N PHE C 279 58.15 1.57 37.18
CA PHE C 279 57.98 2.86 37.83
C PHE C 279 56.61 3.48 37.58
N TYR C 280 56.17 3.48 36.34
CA TYR C 280 54.97 4.13 35.90
C TYR C 280 53.75 3.23 35.96
N GLY C 281 53.94 1.93 36.22
CA GLY C 281 52.88 0.96 36.12
C GLY C 281 52.75 0.44 34.70
N PRO C 282 52.05 -0.68 34.54
CA PRO C 282 51.84 -1.26 33.20
C PRO C 282 51.00 -0.39 32.28
N THR C 283 51.30 -0.48 30.98
CA THR C 283 50.44 0.15 30.00
C THR C 283 49.08 -0.56 29.96
N GLY C 284 48.10 0.10 29.33
CA GLY C 284 46.80 -0.53 29.12
C GLY C 284 46.94 -1.86 28.40
N PRO C 285 47.70 -1.90 27.28
CA PRO C 285 47.90 -3.18 26.57
C PRO C 285 48.61 -4.20 27.44
N GLU C 286 49.67 -3.76 28.14
CA GLU C 286 50.38 -4.63 29.06
C GLU C 286 49.43 -5.29 30.07
N ALA C 287 48.66 -4.47 30.82
CA ALA C 287 47.78 -5.06 31.84
C ALA C 287 46.82 -6.05 31.20
N SER C 288 46.31 -5.71 30.01
CA SER C 288 45.37 -6.60 29.32
C SER C 288 46.03 -7.90 28.88
N GLN C 289 47.24 -7.83 28.31
CA GLN C 289 47.97 -9.07 28.04
C GLN C 289 48.20 -9.84 29.33
N ALA C 290 48.46 -9.12 30.41
CA ALA C 290 48.85 -9.77 31.66
C ALA C 290 47.71 -10.57 32.22
N GLN C 291 46.48 -10.08 32.03
CA GLN C 291 45.34 -10.85 32.53
C GLN C 291 45.23 -12.18 31.79
N ALA C 292 45.40 -12.17 30.47
CA ALA C 292 45.34 -13.43 29.71
C ALA C 292 46.44 -14.38 30.16
N MET C 293 47.64 -13.85 30.41
CA MET C 293 48.74 -14.69 30.92
C MET C 293 48.35 -15.32 32.24
N THR C 294 47.87 -14.49 33.17
CA THR C 294 47.48 -14.95 34.50
C THR C 294 46.51 -16.12 34.43
N PHE C 295 45.47 -16.05 33.58
CA PHE C 295 44.54 -17.19 33.59
C PHE C 295 45.01 -18.35 32.73
N LEU C 296 45.83 -18.08 31.73
CA LEU C 296 46.49 -19.18 31.06
C LEU C 296 47.28 -20.00 32.08
N ILE C 297 48.12 -19.32 32.86
CA ILE C 297 48.93 -19.95 33.90
C ILE C 297 48.06 -20.73 34.86
N ARG C 298 47.02 -20.07 35.41
CA ARG C 298 46.16 -20.73 36.39
C ARG C 298 45.50 -21.96 35.81
N ASP C 299 44.92 -21.83 34.64
CA ASP C 299 44.22 -22.95 34.05
C ASP C 299 45.17 -24.09 33.68
N GLN C 300 46.36 -23.77 33.18
CA GLN C 300 47.27 -24.84 32.79
C GLN C 300 47.74 -25.65 34.00
N LYS C 301 48.01 -24.99 35.12
CA LYS C 301 48.39 -25.70 36.35
C LYS C 301 47.32 -26.70 36.74
N LEU C 302 46.07 -26.40 36.44
CA LEU C 302 44.98 -27.31 36.72
C LEU C 302 44.87 -28.43 35.71
N GLY C 303 45.67 -28.41 34.63
CA GLY C 303 45.65 -29.43 33.60
C GLY C 303 44.99 -29.05 32.29
N ALA C 304 44.49 -27.83 32.14
CA ALA C 304 44.00 -27.38 30.84
C ALA C 304 45.12 -27.44 29.80
N ASN C 305 44.80 -27.87 28.58
CA ASN C 305 45.69 -27.73 27.43
C ASN C 305 45.33 -26.45 26.70
N VAL C 306 46.02 -25.33 27.06
N VAL C 306 46.07 -25.38 27.00
CA VAL C 306 45.70 -23.99 26.58
CA VAL C 306 45.62 -24.08 26.56
C VAL C 306 45.81 -23.89 25.07
C VAL C 306 45.73 -23.96 25.06
N GLY C 307 46.61 -24.75 24.44
CA GLY C 307 46.72 -24.69 23.00
C GLY C 307 45.48 -25.19 22.29
N SER C 308 44.86 -26.22 22.83
CA SER C 308 43.79 -26.91 22.14
C SER C 308 42.39 -26.51 22.62
N ALA C 309 42.28 -25.51 23.50
CA ALA C 309 41.03 -25.17 24.17
C ALA C 309 40.28 -24.16 23.32
N GLN C 310 39.19 -24.61 22.73
CA GLN C 310 38.34 -23.80 21.89
C GLN C 310 37.37 -23.04 22.79
N GLY C 311 37.42 -21.72 22.75
CA GLY C 311 36.51 -20.91 23.52
C GLY C 311 35.13 -20.82 22.87
N PRO C 312 34.26 -20.05 23.50
CA PRO C 312 32.85 -19.99 23.04
C PRO C 312 32.64 -19.68 21.57
N THR C 313 33.33 -18.69 21.06
CA THR C 313 33.17 -18.22 19.69
C THR C 313 33.72 -19.18 18.65
N GLY C 314 34.47 -20.20 19.05
CA GLY C 314 35.23 -21.01 18.12
C GLY C 314 36.68 -20.58 17.98
N LEU C 315 37.01 -19.36 18.37
CA LEU C 315 38.40 -18.94 18.52
C LEU C 315 38.98 -19.57 19.77
N GLY C 316 40.31 -19.63 19.83
CA GLY C 316 40.95 -20.18 21.01
C GLY C 316 40.59 -19.40 22.27
N LYS C 317 40.40 -20.12 23.37
CA LYS C 317 40.07 -19.47 24.63
C LYS C 317 41.28 -18.74 25.19
N TYR C 318 42.49 -19.28 25.03
CA TYR C 318 43.73 -18.66 25.50
C TYR C 318 44.61 -18.17 24.38
N LEU C 319 44.67 -18.89 23.26
CA LEU C 319 45.60 -18.61 22.19
C LEU C 319 44.87 -18.63 20.85
N MET C 320 45.22 -17.68 20.01
CA MET C 320 44.69 -17.59 18.67
C MET C 320 45.77 -16.98 17.78
N ARG C 321 45.41 -16.74 16.53
CA ARG C 321 46.27 -16.10 15.56
C ARG C 321 45.83 -14.67 15.27
N SER C 322 46.81 -13.80 15.08
CA SER C 322 46.58 -12.43 14.66
C SER C 322 46.18 -12.52 13.20
N PRO C 323 45.83 -11.42 12.54
CA PRO C 323 45.48 -11.52 11.12
C PRO C 323 46.64 -11.89 10.19
N THR C 324 47.91 -11.73 10.64
CA THR C 324 49.08 -12.20 9.90
C THR C 324 49.65 -13.49 10.47
N GLY C 325 48.90 -14.22 11.30
CA GLY C 325 49.24 -15.56 11.67
C GLY C 325 49.98 -15.73 12.99
N GLU C 326 50.60 -14.69 13.53
CA GLU C 326 51.34 -14.84 14.78
C GLU C 326 50.44 -15.40 15.88
N ILE C 327 50.98 -16.32 16.67
CA ILE C 327 50.23 -16.87 17.80
C ILE C 327 50.21 -15.84 18.92
N ILE C 328 49.01 -15.57 19.44
CA ILE C 328 48.78 -14.45 20.34
C ILE C 328 47.78 -14.85 21.40
N PHE C 329 47.60 -13.95 22.36
CA PHE C 329 46.63 -14.14 23.43
C PHE C 329 45.20 -13.94 22.93
N GLY C 330 44.27 -14.76 23.43
CA GLY C 330 42.88 -14.70 23.02
C GLY C 330 42.01 -13.79 23.90
N GLY C 331 40.68 -13.79 23.62
CA GLY C 331 39.76 -12.87 24.26
C GLY C 331 39.90 -11.49 23.66
N GLU C 332 39.43 -10.44 24.39
N GLU C 332 39.37 -10.48 24.35
CA GLU C 332 39.39 -9.14 23.76
CA GLU C 332 39.42 -9.14 23.78
C GLU C 332 40.79 -8.57 23.55
C GLU C 332 40.85 -8.66 23.58
N THR C 333 41.78 -9.06 24.30
N THR C 333 41.82 -9.23 24.32
CA THR C 333 43.15 -8.57 24.21
CA THR C 333 43.20 -8.73 24.27
C THR C 333 43.78 -8.93 22.87
C THR C 333 43.85 -9.03 22.92
N MET C 334 43.06 -9.66 22.03
N MET C 334 43.15 -9.73 22.03
CA MET C 334 43.51 -9.86 20.66
CA MET C 334 43.59 -9.86 20.65
C MET C 334 43.91 -8.55 20.05
C MET C 334 43.95 -8.52 20.03
N ARG C 335 43.28 -7.46 20.50
N ARG C 335 43.37 -7.42 20.53
CA ARG C 335 43.58 -6.14 19.96
CA ARG C 335 43.68 -6.12 19.99
C ARG C 335 44.93 -5.62 20.42
C ARG C 335 45.06 -5.65 20.40
N PHE C 336 45.55 -6.27 21.38
N PHE C 336 45.60 -6.16 21.50
CA PHE C 336 46.76 -5.78 22.01
CA PHE C 336 46.88 -5.71 22.05
C PHE C 336 47.98 -6.64 21.69
C PHE C 336 48.04 -6.63 21.70
N TRP C 337 47.94 -7.42 20.63
CA TRP C 337 49.01 -8.36 20.36
C TRP C 337 50.31 -7.67 19.96
N ASP C 338 50.29 -6.38 19.63
CA ASP C 338 51.53 -5.68 19.36
C ASP C 338 52.31 -5.40 20.61
N PHE C 339 51.78 -5.79 21.78
CA PHE C 339 52.44 -5.44 23.02
C PHE C 339 53.75 -6.23 23.09
N ARG C 340 54.81 -5.56 23.50
CA ARG C 340 56.09 -6.23 23.75
C ARG C 340 56.58 -5.78 25.12
N GLY C 341 56.82 -6.73 25.99
CA GLY C 341 57.33 -6.45 27.30
C GLY C 341 58.32 -7.48 27.78
N PRO C 342 59.21 -7.06 28.67
CA PRO C 342 60.33 -7.94 29.06
C PRO C 342 59.88 -9.18 29.82
N TRP C 343 58.73 -9.10 30.52
CA TRP C 343 58.19 -10.27 31.19
C TRP C 343 57.51 -11.24 30.22
N LEU C 344 57.26 -10.83 28.98
CA LEU C 344 56.55 -11.68 28.01
C LEU C 344 57.42 -12.23 26.91
N GLU C 345 58.41 -11.43 26.45
CA GLU C 345 59.26 -11.82 25.34
C GLU C 345 59.94 -13.17 25.48
N PRO C 346 60.27 -13.64 26.68
CA PRO C 346 60.88 -14.98 26.73
C PRO C 346 60.00 -16.07 26.15
N LEU C 347 58.70 -15.87 26.10
CA LEU C 347 57.79 -16.90 25.63
C LEU C 347 57.56 -16.87 24.13
N ARG C 348 58.22 -15.97 23.42
CA ARG C 348 57.98 -15.78 22.01
C ARG C 348 59.01 -16.55 21.20
N GLY C 349 58.52 -17.37 20.27
CA GLY C 349 59.32 -17.85 19.18
C GLY C 349 59.09 -17.02 17.94
N PRO C 350 59.55 -17.53 16.80
CA PRO C 350 59.36 -16.77 15.54
C PRO C 350 57.92 -16.71 15.05
N ASN C 351 57.07 -17.70 15.35
CA ASN C 351 55.66 -17.71 14.99
C ASN C 351 54.78 -17.06 16.04
N GLY C 352 55.37 -16.41 17.04
CA GLY C 352 54.69 -15.75 18.10
C GLY C 352 54.82 -16.51 19.39
N LEU C 353 53.77 -16.50 20.22
CA LEU C 353 53.87 -17.21 21.49
C LEU C 353 54.13 -18.68 21.21
N ASP C 354 55.06 -19.25 21.95
CA ASP C 354 55.53 -20.60 21.71
C ASP C 354 54.89 -21.53 22.71
N LEU C 355 54.19 -22.55 22.20
CA LEU C 355 53.39 -23.41 23.06
C LEU C 355 54.26 -24.29 23.94
N ASN C 356 55.48 -24.64 23.50
CA ASN C 356 56.31 -25.49 24.35
C ASN C 356 56.96 -24.72 25.48
N LYS C 357 57.33 -23.46 25.25
CA LYS C 357 57.80 -22.63 26.36
C LYS C 357 56.67 -22.31 27.32
N ILE C 358 55.44 -22.20 26.81
CA ILE C 358 54.30 -21.92 27.66
C ILE C 358 54.02 -23.14 28.54
N LYS C 359 54.00 -24.32 27.94
CA LYS C 359 53.77 -25.52 28.73
C LYS C 359 54.86 -25.69 29.78
N ASN C 360 56.09 -25.31 29.44
CA ASN C 360 57.26 -25.82 30.16
C ASN C 360 58.09 -24.78 30.89
N ASP C 361 58.10 -23.52 30.48
CA ASP C 361 59.17 -22.63 30.95
C ASP C 361 58.67 -21.35 31.58
N ILE C 362 57.43 -21.27 32.02
CA ILE C 362 57.01 -20.05 32.70
C ILE C 362 57.60 -20.08 34.10
N GLN C 363 58.10 -18.95 34.52
CA GLN C 363 58.77 -18.80 35.80
C GLN C 363 57.90 -18.06 36.83
N PRO C 364 58.08 -18.36 38.13
CA PRO C 364 57.40 -17.58 39.16
C PRO C 364 57.47 -16.09 38.96
N TRP C 365 58.64 -15.55 38.66
CA TRP C 365 58.70 -14.10 38.52
C TRP C 365 57.77 -13.59 37.41
N GLN C 366 57.47 -14.44 36.41
CA GLN C 366 56.58 -14.05 35.34
C GLN C 366 55.13 -14.09 35.83
N GLU C 367 54.75 -15.20 36.48
CA GLU C 367 53.48 -15.28 37.17
C GLU C 367 53.25 -14.07 38.06
N ARG C 368 54.25 -13.72 38.89
CA ARG C 368 54.11 -12.56 39.78
C ARG C 368 53.90 -11.28 38.99
N ARG C 369 54.75 -11.03 38.01
CA ARG C 369 54.67 -9.78 37.25
C ARG C 369 53.30 -9.68 36.58
N ALA C 370 52.81 -10.79 36.04
CA ALA C 370 51.52 -10.76 35.36
C ALA C 370 50.39 -10.48 36.35
N ALA C 371 50.42 -11.11 37.53
CA ALA C 371 49.37 -10.85 38.51
C ALA C 371 49.39 -9.38 38.91
N GLU C 372 50.58 -8.83 39.05
CA GLU C 372 50.72 -7.48 39.54
C GLU C 372 50.23 -6.47 38.52
N TYR C 373 50.60 -6.67 37.27
CA TYR C 373 50.26 -5.73 36.23
C TYR C 373 48.78 -5.80 35.92
N MET C 374 48.23 -7.01 35.86
CA MET C 374 46.78 -7.18 35.74
C MET C 374 45.99 -6.40 36.81
N THR C 375 46.46 -6.41 38.06
CA THR C 375 45.71 -5.79 39.13
C THR C 375 46.10 -4.33 39.34
N HIS C 376 46.89 -3.79 38.45
CA HIS C 376 47.28 -2.40 38.43
C HIS C 376 47.09 -1.85 37.01
N ALA C 377 46.01 -2.28 36.36
CA ALA C 377 45.68 -1.74 35.04
C ALA C 377 45.36 -0.27 35.16
N PRO C 378 45.70 0.52 34.15
CA PRO C 378 45.47 1.97 34.26
C PRO C 378 44.01 2.33 34.03
N LEU C 379 43.16 1.87 34.93
CA LEU C 379 41.74 2.22 34.99
C LEU C 379 41.45 2.73 36.40
N GLY C 380 40.67 3.80 36.52
CA GLY C 380 40.33 4.32 37.84
C GLY C 380 39.46 5.55 37.72
N SER C 381 38.82 5.88 38.85
CA SER C 381 37.94 7.03 38.91
C SER C 381 38.71 8.31 39.18
N LEU C 382 38.07 9.44 38.88
CA LEU C 382 38.66 10.75 39.11
C LEU C 382 39.01 10.96 40.59
N ASN C 383 38.28 10.30 41.52
CA ASN C 383 38.58 10.38 42.95
C ASN C 383 39.51 9.24 43.39
N SER C 384 40.13 8.55 42.44
CA SER C 384 41.21 7.63 42.70
C SER C 384 40.72 6.38 43.43
N VAL C 385 39.60 5.86 42.96
CA VAL C 385 39.18 4.50 43.24
C VAL C 385 39.62 3.65 42.07
N GLY C 386 40.41 2.63 42.35
CA GLY C 386 41.00 1.86 41.29
C GLY C 386 40.06 0.84 40.72
N GLY C 387 40.28 0.51 39.46
CA GLY C 387 39.55 -0.54 38.80
C GLY C 387 38.50 0.01 37.87
N VAL C 388 37.67 -0.93 37.37
CA VAL C 388 36.58 -0.59 36.47
C VAL C 388 35.58 0.32 37.19
N ALA C 389 34.84 1.09 36.41
CA ALA C 389 33.88 2.03 36.96
C ALA C 389 32.83 1.38 37.90
N THR C 390 32.56 0.09 37.78
CA THR C 390 31.62 -0.59 38.67
C THR C 390 32.27 -1.10 39.97
N GLU C 391 33.57 -0.95 40.16
CA GLU C 391 34.24 -1.51 41.33
CA GLU C 391 34.23 -1.52 41.33
C GLU C 391 33.87 -0.72 42.58
N ILE C 392 33.89 -1.41 43.73
CA ILE C 392 33.60 -0.75 45.00
C ILE C 392 34.86 -0.04 45.51
N ASN C 393 34.64 0.93 46.40
CA ASN C 393 35.72 1.57 47.13
C ASN C 393 36.56 0.53 47.87
N SER C 394 37.83 0.87 48.08
CA SER C 394 38.84 0.04 48.75
C SER C 394 40.26 0.39 48.33
N VAL C 395 40.52 0.37 47.03
CA VAL C 395 41.85 0.47 46.45
C VAL C 395 42.03 1.88 45.94
N ASN C 396 42.92 2.63 46.58
CA ASN C 396 43.21 4.01 46.21
C ASN C 396 44.32 4.04 45.15
N PHE C 397 43.94 4.26 43.90
CA PHE C 397 44.85 4.05 42.78
C PHE C 397 44.31 4.63 41.49
N VAL C 398 45.07 5.53 40.89
CA VAL C 398 45.01 5.84 39.45
C VAL C 398 46.42 5.84 38.90
N SER C 399 46.63 5.08 37.84
CA SER C 399 47.94 4.91 37.25
C SER C 399 48.55 6.25 36.87
N PRO C 400 49.84 6.45 37.18
CA PRO C 400 50.56 7.57 36.59
C PRO C 400 50.36 7.69 35.10
N ARG C 401 50.19 6.59 34.38
CA ARG C 401 50.07 6.75 32.93
C ARG C 401 48.79 7.49 32.54
N SER C 402 47.66 7.17 33.21
CA SER C 402 46.40 7.90 33.00
C SER C 402 46.53 9.39 33.34
N TRP C 403 47.05 9.70 34.52
CA TRP C 403 47.25 11.10 34.91
C TRP C 403 48.10 11.83 33.89
N LEU C 404 49.18 11.20 33.41
CA LEU C 404 50.07 11.87 32.46
C LEU C 404 49.46 11.95 31.07
N ALA C 405 48.85 10.87 30.60
CA ALA C 405 48.15 10.92 29.31
C ALA C 405 47.04 11.98 29.32
N THR C 406 46.12 11.93 30.29
CA THR C 406 44.95 12.82 30.25
C THR C 406 45.35 14.28 30.38
N SER C 407 46.29 14.59 31.28
CA SER C 407 46.67 15.98 31.47
C SER C 407 47.25 16.56 30.20
N HIS C 408 48.05 15.78 29.48
CA HIS C 408 48.73 16.32 28.32
C HIS C 408 47.86 16.30 27.07
N PHE C 409 46.86 15.43 27.01
CA PHE C 409 45.86 15.58 25.96
C PHE C 409 45.14 16.92 26.09
N VAL C 410 44.67 17.24 27.29
CA VAL C 410 43.99 18.50 27.57
C VAL C 410 44.86 19.68 27.21
N LEU C 411 46.07 19.73 27.77
CA LEU C 411 46.95 20.84 27.49
C LEU C 411 47.26 20.92 25.99
N ALA C 412 47.55 19.79 25.37
CA ALA C 412 47.82 19.81 23.94
C ALA C 412 46.64 20.39 23.17
N PHE C 413 45.42 20.01 23.58
CA PHE C 413 44.23 20.47 22.87
C PHE C 413 44.10 21.97 22.94
N PHE C 414 44.18 22.52 24.15
CA PHE C 414 44.01 23.97 24.25
C PHE C 414 45.13 24.71 23.55
N PHE C 415 46.33 24.16 23.54
CA PHE C 415 47.39 24.85 22.82
C PHE C 415 47.13 24.87 21.33
N LEU C 416 46.56 23.81 20.80
CA LEU C 416 46.05 23.86 19.44
C LEU C 416 44.98 24.94 19.27
N VAL C 417 44.00 25.03 20.18
CA VAL C 417 43.03 26.13 20.12
C VAL C 417 43.76 27.47 20.17
N GLY C 418 44.76 27.56 21.06
CA GLY C 418 45.54 28.78 21.16
C GLY C 418 46.31 29.10 19.90
N HIS C 419 46.80 28.08 19.20
CA HIS C 419 47.44 28.29 17.90
C HIS C 419 46.47 28.90 16.89
N LEU C 420 45.26 28.31 16.76
CA LEU C 420 44.28 28.89 15.85
C LEU C 420 43.95 30.31 16.27
N TRP C 421 43.73 30.51 17.57
CA TRP C 421 43.42 31.86 18.03
C TRP C 421 44.49 32.86 17.59
N HIS C 422 45.74 32.57 17.94
CA HIS C 422 46.79 33.57 17.69
C HIS C 422 47.23 33.61 16.24
N ALA C 423 47.12 32.51 15.50
CA ALA C 423 47.48 32.55 14.09
C ALA C 423 46.50 33.40 13.31
N GLY C 424 45.20 33.14 13.46
CA GLY C 424 44.21 33.94 12.75
C GLY C 424 44.25 35.41 13.13
N ARG C 425 44.46 35.71 14.41
CA ARG C 425 44.59 37.10 14.81
C ARG C 425 45.84 37.72 14.19
N ALA C 426 46.95 36.98 14.21
CA ALA C 426 48.21 37.45 13.61
C ALA C 426 47.99 37.88 12.16
N ARG C 427 47.34 37.00 11.38
CA ARG C 427 47.03 37.29 9.98
C ARG C 427 46.19 38.54 9.85
N ALA C 428 45.15 38.67 10.68
CA ALA C 428 44.21 39.77 10.53
C ALA C 428 44.86 41.06 10.94
N ALA C 429 45.65 41.02 12.01
CA ALA C 429 46.38 42.22 12.42
C ALA C 429 47.39 42.61 11.36
N ALA C 430 48.10 41.61 10.80
CA ALA C 430 49.05 41.92 9.74
C ALA C 430 48.37 42.58 8.55
N ALA C 431 47.16 42.14 8.19
CA ALA C 431 46.48 42.76 7.06
C ALA C 431 45.66 43.99 7.43
N GLY C 432 45.56 44.30 8.72
CA GLY C 432 44.90 45.50 9.16
C GLY C 432 43.38 45.43 9.37
N PHE C 433 42.80 44.27 9.64
CA PHE C 433 41.36 44.26 9.90
C PHE C 433 41.02 43.44 11.14
N GLU C 434 41.93 43.38 12.10
CA GLU C 434 41.65 42.57 13.27
C GLU C 434 40.64 43.24 14.19
N LYS C 435 40.42 44.53 14.03
CA LYS C 435 39.50 45.24 14.91
C LYS C 435 38.11 45.34 14.32
N GLY C 436 37.90 44.87 13.10
CA GLY C 436 36.62 44.91 12.47
C GLY C 436 36.70 45.52 11.10
N ILE C 437 35.54 45.58 10.47
CA ILE C 437 35.37 45.94 9.08
C ILE C 437 35.20 47.45 8.99
N ASP C 438 35.98 48.08 8.11
CA ASP C 438 35.80 49.50 7.79
C ASP C 438 34.47 49.69 7.06
N ARG C 439 33.57 50.48 7.66
CA ARG C 439 32.26 50.69 7.05
C ARG C 439 32.37 51.39 5.71
N GLU C 440 33.35 52.28 5.55
CA GLU C 440 33.47 53.04 4.31
C GLU C 440 34.14 52.23 3.21
N SER C 441 34.81 51.13 3.57
CA SER C 441 35.48 50.27 2.59
C SER C 441 35.25 48.79 2.96
N GLU C 442 34.00 48.34 2.85
CA GLU C 442 33.71 46.93 3.16
C GLU C 442 34.08 46.07 1.95
N PRO C 443 35.01 45.13 2.07
CA PRO C 443 35.46 44.43 0.83
C PRO C 443 34.31 43.77 0.07
N VAL C 444 33.35 43.17 0.79
CA VAL C 444 32.24 42.48 0.12
C VAL C 444 31.39 43.46 -0.67
N LEU C 445 31.22 44.71 -0.20
CA LEU C 445 30.37 45.62 -0.96
C LEU C 445 30.96 46.04 -2.30
N SER C 446 32.25 45.77 -2.53
CA SER C 446 32.90 46.01 -3.81
C SER C 446 33.15 44.73 -4.58
N MET C 447 32.64 43.65 -4.14
CA MET C 447 32.70 42.48 -4.98
C MET C 447 31.39 42.29 -5.71
N PRO C 448 31.43 41.66 -6.87
CA PRO C 448 30.19 41.25 -7.53
C PRO C 448 29.41 40.26 -6.67
N SER C 449 28.10 40.24 -6.87
CA SER C 449 27.25 39.33 -6.10
C SER C 449 27.39 37.92 -6.63
N LEU C 450 27.15 36.94 -5.76
CA LEU C 450 27.41 35.57 -6.16
C LEU C 450 26.36 35.07 -7.09
N ASP C 451 25.21 35.73 -7.10
CA ASP C 451 24.09 35.31 -7.90
C ASP C 451 23.08 36.43 -7.97
N ARG D 1 -9.63 55.94 42.72
CA ARG D 1 -8.50 55.82 43.65
C ARG D 1 -8.84 54.85 44.78
N GLY D 2 -9.54 53.77 44.43
CA GLY D 2 -9.83 52.73 45.38
C GLY D 2 -8.59 51.94 45.73
N TRP D 3 -8.72 51.08 46.75
CA TRP D 3 -7.57 50.36 47.28
C TRP D 3 -6.93 49.44 46.24
N PHE D 4 -7.75 48.79 45.40
CA PHE D 4 -7.19 47.93 44.38
C PHE D 4 -6.12 48.66 43.61
N ASP D 5 -6.43 49.88 43.15
CA ASP D 5 -5.49 50.64 42.35
C ASP D 5 -4.28 51.06 43.18
N ILE D 6 -4.51 51.39 44.46
CA ILE D 6 -3.38 51.73 45.32
C ILE D 6 -2.41 50.57 45.35
N LEU D 7 -2.92 49.34 45.48
CA LEU D 7 -2.05 48.18 45.54
C LEU D 7 -1.34 47.95 44.20
N ASP D 8 -2.09 47.98 43.10
CA ASP D 8 -1.50 47.93 41.77
C ASP D 8 -0.32 48.91 41.67
N ASP D 9 -0.57 50.17 42.03
CA ASP D 9 0.48 51.17 42.10
C ASP D 9 1.73 50.64 42.76
N TRP D 10 1.55 50.09 43.97
CA TRP D 10 2.68 49.64 44.75
C TRP D 10 3.33 48.40 44.13
N LEU D 11 2.52 47.42 43.69
CA LEU D 11 3.09 46.20 43.14
C LEU D 11 3.93 46.48 41.91
N LYS D 12 3.60 47.52 41.16
CA LYS D 12 4.23 47.77 39.88
C LYS D 12 5.23 48.91 39.92
N ARG D 13 5.69 49.28 41.11
CA ARG D 13 6.75 50.27 41.20
C ARG D 13 8.06 49.74 40.63
N ASP D 14 8.81 50.64 40.00
CA ASP D 14 10.14 50.32 39.47
C ASP D 14 11.15 50.29 40.62
N ARG D 15 11.67 49.10 40.93
CA ARG D 15 12.60 48.90 42.04
C ARG D 15 13.61 47.84 41.62
N PHE D 16 14.58 47.55 42.51
CA PHE D 16 15.69 46.68 42.12
C PHE D 16 15.18 45.31 41.65
N VAL D 17 14.17 44.77 42.34
CA VAL D 17 13.44 43.59 41.90
C VAL D 17 11.97 43.96 41.75
N PHE D 18 11.52 44.03 40.52
CA PHE D 18 10.11 44.18 40.23
C PHE D 18 9.29 43.08 40.91
N VAL D 19 8.13 43.48 41.47
CA VAL D 19 7.25 42.57 42.19
C VAL D 19 6.09 42.16 41.29
N GLY D 20 5.20 43.12 40.97
CA GLY D 20 3.99 42.87 40.17
C GLY D 20 2.93 42.01 40.87
N TRP D 21 1.71 41.98 40.34
CA TRP D 21 0.73 41.01 40.80
C TRP D 21 1.25 39.57 40.70
N SER D 22 2.02 39.25 39.64
CA SER D 22 2.53 37.89 39.52
C SER D 22 3.50 37.57 40.64
N GLY D 23 4.10 38.60 41.22
CA GLY D 23 4.97 38.41 42.35
C GLY D 23 4.34 37.67 43.50
N ILE D 24 3.02 37.87 43.70
CA ILE D 24 2.35 37.26 44.85
C ILE D 24 2.35 35.75 44.72
N LEU D 25 2.16 35.23 43.52
CA LEU D 25 2.27 33.78 43.32
C LEU D 25 3.73 33.33 43.16
N LEU D 26 4.53 34.08 42.39
CA LEU D 26 5.90 33.66 42.09
C LEU D 26 6.76 33.54 43.35
N PHE D 27 6.86 34.61 44.11
CA PHE D 27 7.92 34.68 45.10
C PHE D 27 7.77 33.66 46.21
N PRO D 28 6.61 33.54 46.87
CA PRO D 28 6.50 32.49 47.88
C PRO D 28 6.79 31.11 47.31
N CYS D 29 6.30 30.81 46.11
CA CYS D 29 6.37 29.43 45.62
C CYS D 29 7.77 29.10 45.16
N ALA D 30 8.41 30.03 44.46
CA ALA D 30 9.80 29.86 44.05
C ALA D 30 10.73 29.68 45.25
N TYR D 31 10.54 30.51 46.28
CA TYR D 31 11.37 30.42 47.47
C TYR D 31 11.10 29.15 48.23
N LEU D 32 9.84 28.69 48.28
CA LEU D 32 9.56 27.45 49.00
C LEU D 32 10.09 26.22 48.25
N ALA D 33 9.91 26.16 46.93
CA ALA D 33 10.47 25.03 46.19
C ALA D 33 11.96 24.95 46.44
N LEU D 34 12.63 26.08 46.41
CA LEU D 34 14.09 26.12 46.48
C LEU D 34 14.55 25.85 47.91
N GLY D 35 13.80 26.36 48.90
CA GLY D 35 14.12 26.07 50.29
C GLY D 35 13.85 24.63 50.64
N GLY D 36 12.80 24.03 50.08
CA GLY D 36 12.54 22.63 50.35
C GLY D 36 13.64 21.75 49.81
N TRP D 37 14.14 22.09 48.61
CA TRP D 37 15.23 21.28 48.05
C TRP D 37 16.52 21.42 48.87
N LEU D 38 16.90 22.66 49.23
CA LEU D 38 18.06 22.81 50.09
C LEU D 38 17.85 22.18 51.46
N THR D 39 16.62 22.23 52.00
CA THR D 39 16.41 21.64 53.33
C THR D 39 16.56 20.12 53.27
N GLY D 40 15.83 19.48 52.35
CA GLY D 40 15.93 18.03 52.23
C GLY D 40 17.32 17.54 51.86
N THR D 41 18.00 18.23 50.92
CA THR D 41 19.34 17.77 50.55
C THR D 41 20.35 17.90 51.70
N THR D 42 20.15 18.88 52.60
CA THR D 42 21.03 19.05 53.75
C THR D 42 20.72 18.06 54.87
N PHE D 43 19.42 17.81 55.17
CA PHE D 43 19.04 17.09 56.39
C PHE D 43 18.21 15.82 56.25
N VAL D 44 17.50 15.61 55.15
CA VAL D 44 16.43 14.61 55.12
C VAL D 44 16.87 13.34 54.39
N THR D 45 16.45 12.21 54.95
CA THR D 45 16.75 10.88 54.46
C THR D 45 15.76 10.45 53.40
N SER D 46 16.14 9.33 52.76
CA SER D 46 15.27 8.53 51.91
C SER D 46 15.23 7.09 52.41
N TRP D 47 15.62 6.88 53.66
CA TRP D 47 15.71 5.52 54.19
C TRP D 47 14.37 4.82 54.17
N TYR D 48 13.30 5.51 54.59
CA TYR D 48 12.01 4.84 54.71
C TYR D 48 11.24 4.78 53.40
N THR D 49 11.56 5.63 52.41
CA THR D 49 10.90 5.57 51.11
C THR D 49 11.65 4.74 50.09
N HIS D 50 12.99 4.72 50.17
CA HIS D 50 13.81 4.14 49.14
C HIS D 50 14.91 3.24 49.68
N GLY D 51 15.18 3.26 50.98
CA GLY D 51 16.33 2.57 51.51
C GLY D 51 17.61 3.22 51.09
N LEU D 52 17.59 4.55 50.91
CA LEU D 52 18.73 5.33 50.49
C LEU D 52 19.03 6.40 51.50
N ALA D 53 20.32 6.71 51.64
CA ALA D 53 20.78 7.95 52.27
C ALA D 53 20.82 9.03 51.19
N SER D 54 20.53 10.30 51.56
CA SER D 54 20.32 11.31 50.51
C SER D 54 20.53 12.74 50.99
N SER D 55 21.15 12.96 52.13
CA SER D 55 21.41 14.31 52.60
C SER D 55 22.89 14.42 52.96
N TYR D 56 23.37 15.66 53.01
CA TYR D 56 24.69 15.96 53.56
C TYR D 56 24.83 15.41 54.97
N LEU D 57 23.76 15.48 55.77
CA LEU D 57 23.81 15.03 57.16
C LEU D 57 24.17 13.55 57.22
N GLU D 58 23.71 12.77 56.24
CA GLU D 58 23.97 11.33 56.26
C GLU D 58 25.29 10.93 55.64
N GLY D 59 26.02 11.84 55.00
CA GLY D 59 27.29 11.48 54.37
C GLY D 59 27.31 11.66 52.87
N CYS D 60 26.23 12.12 52.26
CA CYS D 60 26.23 12.30 50.83
C CYS D 60 26.88 13.61 50.47
N ASN D 61 27.34 13.68 49.24
CA ASN D 61 27.95 14.86 48.65
C ASN D 61 26.95 15.49 47.68
N PHE D 62 27.36 16.59 47.08
CA PHE D 62 26.49 17.32 46.19
C PHE D 62 25.97 16.46 45.03
N LEU D 63 26.75 15.51 44.55
CA LEU D 63 26.28 14.68 43.44
C LEU D 63 25.21 13.69 43.88
N THR D 64 25.27 13.18 45.10
CA THR D 64 24.45 12.04 45.47
C THR D 64 23.26 12.45 46.32
N VAL D 65 23.31 13.65 46.84
CA VAL D 65 22.22 14.18 47.65
C VAL D 65 20.97 14.36 46.77
N ALA D 66 19.79 14.22 47.36
CA ALA D 66 18.54 14.36 46.63
C ALA D 66 17.38 14.52 47.60
N VAL D 67 16.32 15.21 47.15
CA VAL D 67 14.99 15.03 47.73
C VAL D 67 14.31 13.94 46.93
N SER D 68 14.16 12.76 47.53
CA SER D 68 13.66 11.60 46.81
C SER D 68 12.13 11.58 46.82
N THR D 69 11.58 10.80 45.88
CA THR D 69 10.15 10.62 45.73
C THR D 69 9.54 9.79 46.88
N PRO D 70 8.23 9.93 47.11
CA PRO D 70 7.57 9.15 48.18
C PRO D 70 7.59 7.67 47.89
N ALA D 71 7.28 6.88 48.92
CA ALA D 71 7.23 5.45 48.75
C ALA D 71 6.14 5.09 47.76
N ASN D 72 6.36 3.99 47.02
CA ASN D 72 5.35 3.56 46.07
C ASN D 72 3.99 3.41 46.75
N SER D 73 3.98 3.05 48.02
CA SER D 73 2.76 2.79 48.77
C SER D 73 1.89 4.03 48.96
N MET D 74 2.43 5.24 48.75
CA MET D 74 1.61 6.44 48.79
C MET D 74 0.77 6.63 47.53
N GLY D 75 0.98 5.85 46.47
CA GLY D 75 0.24 6.13 45.26
C GLY D 75 0.52 7.55 44.82
N HIS D 76 -0.52 8.26 44.35
CA HIS D 76 -0.36 9.67 43.99
C HIS D 76 -0.92 10.62 45.06
N SER D 77 -0.82 10.23 46.33
CA SER D 77 -1.25 11.10 47.41
C SER D 77 -0.65 12.48 47.24
N LEU D 78 -1.49 13.51 47.36
CA LEU D 78 -0.93 14.83 47.42
C LEU D 78 0.06 14.95 48.59
N LEU D 79 -0.04 14.05 49.58
CA LEU D 79 0.84 14.07 50.76
C LEU D 79 0.90 15.45 51.41
N LEU D 80 -0.27 16.05 51.59
CA LEU D 80 -0.35 17.30 52.34
C LEU D 80 0.14 17.09 53.77
N LEU D 81 0.82 18.11 54.30
CA LEU D 81 1.31 18.04 55.67
C LEU D 81 0.16 17.65 56.63
N TRP D 82 -1.01 18.24 56.42
CA TRP D 82 -2.18 18.06 57.28
C TRP D 82 -3.05 16.87 56.86
N GLY D 83 -2.55 16.08 55.90
CA GLY D 83 -3.33 15.05 55.28
C GLY D 83 -3.29 13.80 56.08
N PRO D 84 -4.01 12.80 55.60
CA PRO D 84 -4.20 11.57 56.40
C PRO D 84 -2.97 10.73 56.53
N GLU D 85 -1.94 10.98 55.71
CA GLU D 85 -0.71 10.19 55.83
C GLU D 85 0.18 10.68 56.97
N ALA D 86 0.52 11.96 56.98
CA ALA D 86 1.42 12.48 58.00
C ALA D 86 0.67 13.05 59.20
N GLN D 87 -0.58 13.46 59.02
CA GLN D 87 -1.42 13.83 60.16
C GLN D 87 -0.80 14.97 60.98
N GLY D 88 -0.25 15.96 60.28
CA GLY D 88 0.29 17.14 60.92
C GLY D 88 1.69 16.96 61.49
N ASP D 89 2.27 15.76 61.46
CA ASP D 89 3.57 15.52 62.08
C ASP D 89 4.64 15.86 61.05
N PHE D 90 5.33 16.98 61.27
CA PHE D 90 6.37 17.42 60.36
C PHE D 90 7.39 16.35 60.15
N THR D 91 7.77 15.68 61.22
CA THR D 91 8.89 14.76 61.14
C THR D 91 8.52 13.58 60.27
N ARG D 92 7.40 12.94 60.59
CA ARG D 92 6.91 11.85 59.76
C ARG D 92 6.71 12.31 58.31
N TRP D 93 6.18 13.51 58.14
CA TRP D 93 5.94 14.02 56.79
C TRP D 93 7.22 13.99 55.96
N CYS D 94 8.30 14.53 56.52
CA CYS D 94 9.61 14.43 55.90
C CYS D 94 9.96 12.99 55.58
N GLN D 95 9.81 12.12 56.57
CA GLN D 95 10.21 10.73 56.43
C GLN D 95 9.40 9.99 55.38
N LEU D 96 8.17 10.42 55.11
CA LEU D 96 7.32 9.75 54.14
C LEU D 96 7.46 10.35 52.74
N GLY D 97 8.31 11.36 52.57
CA GLY D 97 8.55 11.92 51.26
C GLY D 97 7.71 13.12 50.92
N GLY D 98 7.02 13.71 51.92
CA GLY D 98 6.21 14.90 51.72
C GLY D 98 6.96 16.08 51.16
N LEU D 99 8.31 16.12 51.27
CA LEU D 99 8.94 17.27 50.69
C LEU D 99 8.98 17.17 49.19
N TRP D 100 8.94 15.96 48.66
CA TRP D 100 8.88 15.84 47.21
C TRP D 100 7.64 16.53 46.66
N THR D 101 6.47 16.19 47.20
CA THR D 101 5.26 16.83 46.65
C THR D 101 5.28 18.32 46.93
N PHE D 102 5.80 18.73 48.10
CA PHE D 102 5.89 20.16 48.43
C PHE D 102 6.62 20.90 47.33
N ILE D 103 7.80 20.37 46.99
CA ILE D 103 8.68 20.97 45.98
C ILE D 103 8.05 20.89 44.61
N ALA D 104 7.58 19.70 44.22
CA ALA D 104 6.99 19.60 42.89
C ALA D 104 5.82 20.57 42.71
N LEU D 105 4.92 20.66 43.70
CA LEU D 105 3.73 21.53 43.54
C LEU D 105 4.06 23.01 43.69
N HIS D 106 4.83 23.41 44.71
CA HIS D 106 5.17 24.81 44.79
C HIS D 106 6.01 25.20 43.58
N GLY D 107 6.76 24.25 43.03
CA GLY D 107 7.50 24.53 41.82
C GLY D 107 6.61 24.77 40.64
N ALA D 108 5.58 23.94 40.48
CA ALA D 108 4.67 24.14 39.36
C ALA D 108 4.03 25.51 39.41
N PHE D 109 3.65 25.96 40.61
CA PHE D 109 2.95 27.25 40.76
C PHE D 109 3.91 28.42 40.68
N GLY D 110 5.19 28.19 41.00
CA GLY D 110 6.20 29.19 40.71
C GLY D 110 6.43 29.32 39.22
N LEU D 111 6.43 28.21 38.52
CA LEU D 111 6.66 28.31 37.09
C LEU D 111 5.54 29.12 36.46
N ILE D 112 4.28 28.84 36.85
CA ILE D 112 3.18 29.66 36.38
C ILE D 112 3.45 31.12 36.73
N GLY D 113 3.77 31.37 37.99
CA GLY D 113 4.03 32.73 38.42
C GLY D 113 5.09 33.41 37.59
N PHE D 114 6.12 32.65 37.20
CA PHE D 114 7.23 33.24 36.46
C PHE D 114 6.79 33.55 35.05
N MET D 115 6.01 32.65 34.47
CA MET D 115 5.48 32.96 33.15
C MET D 115 4.52 34.13 33.19
N LEU D 116 3.76 34.30 34.29
CA LEU D 116 2.89 35.46 34.42
C LEU D 116 3.72 36.73 34.58
N ARG D 117 4.86 36.62 35.28
CA ARG D 117 5.80 37.73 35.39
C ARG D 117 6.31 38.16 34.02
N GLN D 118 6.68 37.20 33.17
CA GLN D 118 7.10 37.57 31.83
C GLN D 118 5.98 38.28 31.09
N PHE D 119 4.75 37.84 31.32
CA PHE D 119 3.60 38.52 30.71
C PHE D 119 3.40 39.91 31.30
N GLU D 120 3.49 40.02 32.63
CA GLU D 120 3.25 41.32 33.27
C GLU D 120 4.31 42.34 32.83
N ILE D 121 5.59 42.00 32.92
CA ILE D 121 6.63 42.98 32.59
C ILE D 121 6.54 43.36 31.13
N ALA D 122 6.34 42.38 30.24
CA ALA D 122 6.21 42.70 28.82
C ALA D 122 5.09 43.70 28.57
N ARG D 123 3.94 43.51 29.24
CA ARG D 123 2.85 44.47 29.06
C ARG D 123 3.23 45.86 29.60
N LEU D 124 3.82 45.94 30.79
CA LEU D 124 4.20 47.25 31.30
C LEU D 124 5.22 47.94 30.41
N VAL D 125 6.13 47.17 29.77
CA VAL D 125 7.22 47.81 29.06
C VAL D 125 6.88 48.17 27.63
N GLY D 126 5.82 47.60 27.06
CA GLY D 126 5.50 47.84 25.68
C GLY D 126 6.19 46.93 24.66
N VAL D 127 6.51 45.68 25.03
CA VAL D 127 7.13 44.75 24.11
C VAL D 127 6.22 43.54 23.89
N ARG D 128 6.50 42.86 22.79
CA ARG D 128 5.79 41.65 22.46
C ARG D 128 6.17 40.53 23.42
N PRO D 129 5.26 39.60 23.67
CA PRO D 129 5.48 38.64 24.75
C PRO D 129 6.10 37.33 24.31
N TYR D 130 7.04 37.37 23.37
CA TYR D 130 7.65 36.15 22.86
C TYR D 130 8.55 35.44 23.86
N ASN D 131 9.03 36.13 24.88
CA ASN D 131 9.83 35.44 25.89
C ASN D 131 8.95 34.60 26.79
N ALA D 132 7.76 35.11 27.17
CA ALA D 132 6.77 34.27 27.83
C ALA D 132 6.41 33.07 26.96
N ILE D 133 6.17 33.29 25.68
CA ILE D 133 5.79 32.17 24.82
C ILE D 133 6.90 31.13 24.78
N ALA D 134 8.16 31.56 24.59
CA ALA D 134 9.26 30.59 24.57
C ALA D 134 9.28 29.77 25.86
N PHE D 135 8.99 30.39 27.00
CA PHE D 135 9.08 29.73 28.29
C PHE D 135 8.02 28.64 28.46
N SER D 136 7.05 28.54 27.54
CA SER D 136 6.12 27.41 27.56
C SER D 136 6.87 26.09 27.43
N ALA D 137 8.00 26.09 26.73
CA ALA D 137 8.77 24.86 26.50
C ALA D 137 9.25 24.28 27.82
N PRO D 138 10.00 25.02 28.64
CA PRO D 138 10.35 24.48 29.97
C PRO D 138 9.14 23.98 30.77
N ILE D 139 8.02 24.66 30.65
CA ILE D 139 6.87 24.28 31.44
C ILE D 139 6.38 22.92 31.01
N ALA D 140 6.20 22.73 29.70
CA ALA D 140 5.77 21.45 29.17
C ALA D 140 6.64 20.31 29.70
N VAL D 141 7.97 20.50 29.63
CA VAL D 141 8.88 19.47 30.10
C VAL D 141 8.64 19.18 31.56
N PHE D 142 8.59 20.23 32.37
CA PHE D 142 8.45 20.03 33.80
C PHE D 142 7.16 19.28 34.11
N VAL D 143 6.03 19.69 33.53
CA VAL D 143 4.76 19.04 33.89
C VAL D 143 4.74 17.64 33.37
N SER D 144 5.26 17.45 32.15
CA SER D 144 5.13 16.11 31.57
C SER D 144 5.97 15.11 32.37
N VAL D 145 7.16 15.54 32.80
CA VAL D 145 8.11 14.61 33.42
C VAL D 145 7.79 14.44 34.88
N PHE D 146 7.54 15.54 35.57
CA PHE D 146 7.38 15.48 37.02
C PHE D 146 5.96 15.22 37.47
N LEU D 147 4.99 15.51 36.62
CA LEU D 147 3.59 15.31 36.97
C LEU D 147 2.93 14.23 36.12
N ILE D 148 2.83 14.44 34.80
CA ILE D 148 2.05 13.52 33.99
C ILE D 148 2.64 12.13 34.02
N TYR D 149 3.98 12.03 33.89
CA TYR D 149 4.61 10.71 33.80
C TYR D 149 4.26 9.86 35.02
N PRO D 150 4.56 10.28 36.24
CA PRO D 150 4.26 9.40 37.37
C PRO D 150 2.75 9.27 37.64
N LEU D 151 1.92 10.24 37.24
CA LEU D 151 0.46 10.05 37.31
C LEU D 151 -0.03 8.94 36.38
N GLY D 152 0.70 8.64 35.29
CA GLY D 152 0.28 7.51 34.49
C GLY D 152 0.73 6.19 35.03
N GLN D 153 1.66 6.24 35.96
CA GLN D 153 2.26 5.04 36.54
C GLN D 153 1.61 4.77 37.89
N SER D 154 2.18 3.84 38.65
CA SER D 154 1.57 3.44 39.90
C SER D 154 1.70 4.50 40.99
N SER D 155 2.64 5.43 40.90
CA SER D 155 2.88 6.33 42.04
C SER D 155 3.92 7.39 41.68
N TRP D 156 4.02 8.38 42.56
CA TRP D 156 5.06 9.37 42.46
C TRP D 156 6.43 8.73 42.56
N PHE D 157 6.51 7.54 43.13
CA PHE D 157 7.80 6.93 43.39
C PHE D 157 8.65 6.92 42.15
N PHE D 158 8.00 6.80 40.99
CA PHE D 158 8.71 6.62 39.73
C PHE D 158 8.86 7.93 38.95
N ALA D 159 8.46 9.07 39.50
CA ALA D 159 8.89 10.35 38.98
C ALA D 159 10.39 10.55 39.24
N PRO D 160 10.99 11.62 38.71
CA PRO D 160 12.39 11.90 39.07
C PRO D 160 12.48 12.45 40.49
N SER D 161 13.50 11.96 41.22
CA SER D 161 13.88 12.55 42.49
C SER D 161 14.79 13.75 42.24
N PHE D 162 14.67 14.77 43.09
CA PHE D 162 15.35 16.04 42.86
C PHE D 162 16.78 15.92 43.38
N GLY D 163 17.70 15.55 42.50
CA GLY D 163 19.11 15.33 42.83
C GLY D 163 19.91 15.03 41.57
N VAL D 164 21.21 15.36 41.61
CA VAL D 164 22.08 15.17 40.45
C VAL D 164 22.11 13.71 40.03
N ALA D 165 22.52 12.83 40.94
CA ALA D 165 22.63 11.42 40.60
C ALA D 165 21.27 10.74 40.52
N ALA D 166 20.29 11.19 41.31
CA ALA D 166 18.94 10.63 41.16
C ALA D 166 18.44 10.84 39.76
N ILE D 167 18.72 12.01 39.17
CA ILE D 167 18.36 12.26 37.78
C ILE D 167 19.13 11.37 36.82
N PHE D 168 20.44 11.14 37.08
CA PHE D 168 21.19 10.19 36.25
C PHE D 168 20.51 8.80 36.28
N ARG D 169 20.11 8.34 37.47
CA ARG D 169 19.37 7.08 37.54
C ARG D 169 18.09 7.11 36.71
N PHE D 170 17.40 8.24 36.69
CA PHE D 170 16.17 8.38 35.92
C PHE D 170 16.47 8.21 34.43
N LEU D 171 17.58 8.81 33.97
CA LEU D 171 18.02 8.63 32.59
C LEU D 171 18.20 7.16 32.27
N LEU D 172 18.92 6.44 33.14
CA LEU D 172 19.24 5.06 32.84
C LEU D 172 18.01 4.19 32.94
N PHE D 173 17.13 4.46 33.91
CA PHE D 173 15.86 3.76 33.96
C PHE D 173 15.14 3.84 32.62
N PHE D 174 15.05 5.05 32.08
CA PHE D 174 14.30 5.23 30.85
C PHE D 174 14.92 4.49 29.67
N GLN D 175 16.25 4.26 29.71
CA GLN D 175 16.86 3.47 28.65
C GLN D 175 16.46 2.01 28.78
N GLY D 176 16.64 1.43 29.97
CA GLY D 176 16.39 0.00 30.09
C GLY D 176 14.92 -0.39 30.07
N PHE D 177 14.05 0.45 30.61
CA PHE D 177 12.65 0.08 30.72
C PHE D 177 11.83 0.59 29.54
N HIS D 178 12.06 1.83 29.11
CA HIS D 178 11.34 2.47 28.03
C HIS D 178 12.07 2.50 26.67
N ASN D 179 13.39 2.20 26.62
CA ASN D 179 14.19 2.33 25.41
C ASN D 179 13.94 3.69 24.78
N TRP D 180 14.04 4.71 25.62
CA TRP D 180 13.71 6.09 25.29
C TRP D 180 14.58 6.63 24.17
N THR D 181 15.83 6.11 24.02
CA THR D 181 16.68 6.65 22.94
C THR D 181 16.07 6.36 21.59
N LEU D 182 15.39 5.22 21.45
CA LEU D 182 14.73 4.83 20.21
C LEU D 182 13.50 5.67 19.86
N ASN D 183 13.05 6.57 20.74
CA ASN D 183 11.77 7.24 20.57
C ASN D 183 11.92 8.48 19.70
N PRO D 184 11.20 8.55 18.59
CA PRO D 184 11.37 9.69 17.67
C PRO D 184 10.97 11.04 18.26
N PHE D 185 10.15 11.08 19.33
CA PHE D 185 9.93 12.35 19.98
C PHE D 185 11.14 12.77 20.82
N HIS D 186 11.88 11.82 21.41
CA HIS D 186 13.11 12.20 22.08
C HIS D 186 14.17 12.65 21.06
N MET D 187 14.25 11.95 19.93
CA MET D 187 15.22 12.34 18.89
C MET D 187 14.94 13.74 18.37
N MET D 188 13.64 14.12 18.27
CA MET D 188 13.35 15.49 17.84
C MET D 188 13.75 16.49 18.91
N GLY D 189 13.59 16.11 20.19
CA GLY D 189 14.09 16.98 21.23
C GLY D 189 15.60 17.10 21.19
N VAL D 190 16.30 15.96 21.05
CA VAL D 190 17.77 16.00 20.89
C VAL D 190 18.15 17.00 19.81
N ALA D 191 17.50 16.92 18.65
CA ALA D 191 17.88 17.79 17.56
C ALA D 191 17.56 19.24 17.87
N GLY D 192 16.52 19.50 18.68
CA GLY D 192 16.24 20.87 19.09
C GLY D 192 17.23 21.42 20.09
N VAL D 193 17.69 20.58 21.02
CA VAL D 193 18.61 21.06 22.03
C VAL D 193 20.00 21.30 21.42
N LEU D 194 20.51 20.27 20.71
CA LEU D 194 21.78 20.37 19.97
C LEU D 194 21.70 21.39 18.86
N GLY D 195 20.55 21.49 18.19
CA GLY D 195 20.42 22.50 17.18
C GLY D 195 20.40 23.88 17.79
N GLY D 196 19.79 23.98 18.98
CA GLY D 196 19.79 25.24 19.71
C GLY D 196 21.19 25.67 20.08
N ALA D 197 21.98 24.72 20.61
CA ALA D 197 23.32 25.05 21.06
C ALA D 197 24.18 25.45 19.87
N LEU D 198 24.00 24.77 18.75
CA LEU D 198 24.71 25.10 17.53
C LEU D 198 24.38 26.53 17.11
N LEU D 199 23.07 26.82 16.97
CA LEU D 199 22.64 28.15 16.56
C LEU D 199 23.22 29.19 17.49
N CYS D 200 23.14 28.93 18.80
CA CYS D 200 23.65 29.86 19.79
C CYS D 200 25.10 30.16 19.50
N ALA D 201 25.92 29.12 19.36
CA ALA D 201 27.36 29.31 19.14
C ALA D 201 27.66 29.90 17.77
N ILE D 202 26.92 29.52 16.73
CA ILE D 202 27.25 30.00 15.37
C ILE D 202 26.81 31.45 15.18
N HIS D 203 25.76 31.88 15.87
CA HIS D 203 25.28 33.24 15.75
C HIS D 203 26.17 34.19 16.54
N GLY D 204 26.55 33.82 17.76
CA GLY D 204 27.49 34.64 18.51
C GLY D 204 28.82 34.81 17.79
N ALA D 205 29.43 33.70 17.37
CA ALA D 205 30.69 33.77 16.63
C ALA D 205 30.58 34.65 15.40
N THR D 206 29.48 34.52 14.65
CA THR D 206 29.36 35.26 13.40
C THR D 206 29.36 36.75 13.65
N VAL D 207 28.52 37.18 14.61
CA VAL D 207 28.48 38.61 14.99
C VAL D 207 29.87 39.09 15.39
N GLU D 208 30.55 38.34 16.25
CA GLU D 208 31.86 38.74 16.75
C GLU D 208 32.92 38.80 15.65
N ASN D 209 32.71 38.15 14.52
CA ASN D 209 33.74 38.11 13.47
C ASN D 209 33.28 38.75 12.17
N THR D 210 32.18 39.52 12.25
CA THR D 210 31.81 40.42 11.18
C THR D 210 31.55 41.81 11.74
N LEU D 211 32.15 42.08 12.89
CA LEU D 211 32.03 43.40 13.50
C LEU D 211 32.53 44.48 12.53
N PHE D 212 31.88 45.64 12.63
CA PHE D 212 32.38 46.85 12.02
C PHE D 212 33.42 47.43 12.94
N GLN D 213 34.38 48.14 12.35
CA GLN D 213 35.40 48.83 13.14
C GLN D 213 34.85 50.19 13.57
N ASP D 214 34.34 50.26 14.79
CA ASP D 214 33.71 51.47 15.30
C ASP D 214 34.49 52.14 16.42
N GLY D 215 35.71 51.69 16.66
CA GLY D 215 36.57 52.30 17.66
C GLY D 215 37.99 51.92 17.34
N GLU D 216 38.91 52.50 18.10
CA GLU D 216 40.32 52.30 17.80
C GLU D 216 40.95 51.18 18.61
N GLY D 217 40.30 50.68 19.66
CA GLY D 217 40.97 49.75 20.53
C GLY D 217 40.94 48.30 20.07
N ALA D 218 41.93 47.55 20.55
CA ALA D 218 41.96 46.11 20.29
C ALA D 218 40.77 45.40 20.94
N SER D 219 40.28 45.88 22.07
CA SER D 219 39.05 45.38 22.66
C SER D 219 37.85 46.02 21.95
N THR D 220 37.15 45.22 21.16
CA THR D 220 36.05 45.67 20.33
C THR D 220 34.74 45.85 21.10
N PHE D 221 34.65 45.37 22.34
CA PHE D 221 33.45 45.58 23.15
C PHE D 221 33.18 47.06 23.41
N ARG D 222 34.23 47.88 23.47
CA ARG D 222 34.08 49.28 23.84
C ARG D 222 33.39 50.08 22.76
N ALA D 223 33.33 49.56 21.53
CA ALA D 223 32.85 50.32 20.39
C ALA D 223 31.38 50.03 20.05
N PHE D 224 30.59 49.56 21.01
CA PHE D 224 29.14 49.49 20.86
C PHE D 224 28.47 50.50 21.77
N ASN D 225 27.32 51.00 21.36
CA ASN D 225 26.54 51.99 22.12
C ASN D 225 25.07 51.56 22.13
N PRO D 226 24.51 51.19 23.29
CA PRO D 226 23.17 50.59 23.29
C PRO D 226 22.14 51.34 22.46
N THR D 227 22.32 52.64 22.29
CA THR D 227 21.35 53.50 21.64
C THR D 227 21.72 53.87 20.21
N GLN D 228 22.86 53.41 19.71
CA GLN D 228 23.16 53.63 18.30
C GLN D 228 22.06 53.00 17.44
N ALA D 229 21.74 53.66 16.32
CA ALA D 229 20.81 53.09 15.37
C ALA D 229 21.46 52.01 14.50
N GLU D 230 22.77 52.10 14.29
CA GLU D 230 23.46 51.31 13.28
C GLU D 230 23.69 49.89 13.76
N GLU D 231 23.55 48.93 12.83
CA GLU D 231 23.89 47.55 13.12
C GLU D 231 25.38 47.51 13.44
N THR D 232 25.73 46.70 14.42
CA THR D 232 27.10 46.70 14.89
C THR D 232 27.97 45.69 14.16
N TYR D 233 27.39 44.87 13.29
CA TYR D 233 28.12 43.90 12.48
C TYR D 233 27.48 43.87 11.10
N SER D 234 28.19 43.27 10.14
CA SER D 234 27.73 43.26 8.78
C SER D 234 26.93 42.00 8.49
N MET D 235 25.63 42.17 8.36
CA MET D 235 24.83 41.09 7.79
C MET D 235 25.30 40.76 6.38
N VAL D 236 25.71 41.76 5.63
CA VAL D 236 26.07 41.47 4.26
C VAL D 236 27.30 40.58 4.19
N THR D 237 28.37 40.94 4.91
CA THR D 237 29.55 40.10 4.82
C THR D 237 29.31 38.75 5.49
N ALA D 238 28.64 38.74 6.64
CA ALA D 238 28.18 37.49 7.25
C ALA D 238 27.42 36.62 6.24
N ASN D 239 26.61 37.21 5.38
CA ASN D 239 25.79 36.39 4.52
C ASN D 239 26.61 35.82 3.38
N ARG D 240 27.52 36.62 2.80
CA ARG D 240 28.39 36.08 1.75
C ARG D 240 29.29 34.98 2.29
N PHE D 241 29.84 35.18 3.48
CA PHE D 241 30.71 34.17 4.06
C PHE D 241 30.02 32.82 4.18
N TRP D 242 28.83 32.80 4.79
CA TRP D 242 28.10 31.55 4.97
C TRP D 242 27.59 30.99 3.67
N SER D 243 27.19 31.86 2.72
CA SER D 243 26.77 31.34 1.42
C SER D 243 27.90 30.61 0.74
N GLN D 244 29.14 31.02 0.99
CA GLN D 244 30.31 30.46 0.34
C GLN D 244 30.92 29.30 1.11
N ILE D 245 30.88 29.32 2.44
CA ILE D 245 31.32 28.17 3.21
C ILE D 245 30.30 27.04 3.18
N PHE D 246 29.02 27.35 3.49
CA PHE D 246 27.99 26.36 3.71
C PHE D 246 27.00 26.22 2.57
N GLY D 247 26.98 27.16 1.64
CA GLY D 247 26.03 27.04 0.54
C GLY D 247 24.84 27.94 0.73
N ILE D 248 24.30 27.98 1.96
CA ILE D 248 23.15 28.82 2.27
C ILE D 248 23.50 29.70 3.46
N ALA D 249 22.81 30.84 3.57
CA ALA D 249 22.95 31.71 4.72
C ALA D 249 21.63 32.44 5.01
N PHE D 250 21.47 32.90 6.25
CA PHE D 250 20.42 33.86 6.55
C PHE D 250 20.67 35.14 5.78
N SER D 251 19.58 35.78 5.33
CA SER D 251 19.60 37.16 4.84
C SER D 251 18.64 38.07 5.59
N ASN D 252 17.83 37.51 6.48
CA ASN D 252 16.79 38.26 7.18
C ASN D 252 17.05 38.12 8.67
N LYS D 253 17.49 39.22 9.27
CA LYS D 253 17.79 39.23 10.71
C LYS D 253 16.57 38.84 11.54
N ARG D 254 15.37 39.21 11.10
CA ARG D 254 14.16 38.89 11.83
C ARG D 254 13.87 37.38 11.79
N TRP D 255 13.92 36.79 10.60
CA TRP D 255 13.76 35.36 10.51
C TRP D 255 14.79 34.63 11.37
N LEU D 256 16.04 35.09 11.32
CA LEU D 256 17.11 34.41 12.05
C LEU D 256 16.79 34.33 13.54
N HIS D 257 16.40 35.44 14.13
CA HIS D 257 16.20 35.42 15.56
C HIS D 257 14.91 34.70 15.94
N PHE D 258 13.89 34.73 15.09
CA PHE D 258 12.74 33.86 15.29
C PHE D 258 13.11 32.40 15.19
N PHE D 259 13.89 32.04 14.17
CA PHE D 259 14.35 30.66 14.09
C PHE D 259 15.06 30.25 15.38
N MET D 260 15.76 31.18 16.03
CA MET D 260 16.50 30.84 17.26
C MET D 260 15.55 30.56 18.41
N LEU D 261 14.42 31.26 18.42
CA LEU D 261 13.36 30.89 19.36
C LEU D 261 12.73 29.57 18.98
N PHE D 262 12.46 29.37 17.69
CA PHE D 262 11.62 28.26 17.26
C PHE D 262 12.28 26.90 17.52
N VAL D 263 13.60 26.81 17.29
CA VAL D 263 14.25 25.50 17.21
C VAL D 263 14.26 24.84 18.59
N PRO D 264 14.78 25.49 19.62
CA PRO D 264 14.84 24.83 20.94
C PRO D 264 13.48 24.69 21.59
N VAL D 265 12.58 25.65 21.36
CA VAL D 265 11.23 25.56 21.91
C VAL D 265 10.52 24.34 21.36
N THR D 266 10.61 24.15 20.03
CA THR D 266 9.89 23.07 19.39
C THR D 266 10.42 21.74 19.85
N GLY D 267 11.74 21.63 20.01
CA GLY D 267 12.33 20.36 20.36
C GLY D 267 11.92 19.93 21.75
N LEU D 268 11.89 20.88 22.68
CA LEU D 268 11.46 20.53 24.03
C LEU D 268 10.01 20.09 24.02
N TRP D 269 9.18 20.75 23.21
CA TRP D 269 7.77 20.38 23.15
C TRP D 269 7.61 18.97 22.61
N MET D 270 8.40 18.60 21.59
CA MET D 270 8.27 17.25 21.07
C MET D 270 8.65 16.22 22.14
N SER D 271 9.73 16.48 22.89
CA SER D 271 10.10 15.48 23.89
C SER D 271 9.05 15.36 24.99
N ALA D 272 8.37 16.46 25.33
CA ALA D 272 7.29 16.38 26.30
C ALA D 272 6.20 15.41 25.82
N ILE D 273 5.82 15.54 24.55
CA ILE D 273 4.85 14.59 24.00
C ILE D 273 5.29 13.16 24.19
N GLY D 274 6.58 12.88 23.96
CA GLY D 274 7.04 11.51 24.08
C GLY D 274 6.94 10.99 25.50
N VAL D 275 7.24 11.85 26.47
CA VAL D 275 7.16 11.45 27.86
C VAL D 275 5.71 11.18 28.25
N VAL D 276 4.76 11.88 27.63
CA VAL D 276 3.35 11.59 27.89
C VAL D 276 3.00 10.19 27.43
N GLY D 277 3.60 9.74 26.30
CA GLY D 277 3.38 8.37 25.86
C GLY D 277 3.93 7.38 26.87
N LEU D 278 5.11 7.67 27.45
CA LEU D 278 5.73 6.79 28.42
C LEU D 278 5.05 6.84 29.78
N ALA D 279 4.34 7.93 30.08
CA ALA D 279 3.41 7.89 31.22
C ALA D 279 2.61 6.60 31.17
N LEU D 280 2.28 6.13 29.97
CA LEU D 280 1.35 5.01 29.80
C LEU D 280 2.07 3.73 29.41
N ASN D 281 3.40 3.71 29.50
CA ASN D 281 4.23 2.66 28.91
C ASN D 281 3.98 2.50 27.42
N LEU D 282 3.62 3.61 26.74
CA LEU D 282 3.45 3.59 25.29
C LEU D 282 4.80 3.96 24.64
N ARG D 283 5.65 2.97 24.56
CA ARG D 283 7.03 3.14 24.14
C ARG D 283 7.19 2.85 22.67
N SER D 284 8.23 3.43 22.09
CA SER D 284 8.81 2.84 20.89
C SER D 284 9.93 1.94 21.38
N TYR D 285 9.54 0.75 21.83
CA TYR D 285 10.50 -0.16 22.40
C TYR D 285 11.13 -1.01 21.32
N ASP D 286 10.30 -1.52 20.38
CA ASP D 286 10.74 -2.53 19.43
C ASP D 286 10.38 -2.15 18.00
N PHE D 287 11.01 -2.85 17.07
CA PHE D 287 10.66 -2.90 15.66
C PHE D 287 10.19 -4.33 15.45
N ILE D 288 8.95 -4.52 14.99
CA ILE D 288 8.42 -5.89 14.95
C ILE D 288 9.13 -6.70 13.89
N SER D 289 9.41 -6.08 12.74
CA SER D 289 10.12 -6.78 11.68
C SER D 289 11.46 -7.36 12.17
N GLN D 290 12.20 -6.61 12.95
CA GLN D 290 13.50 -7.08 13.42
C GLN D 290 13.34 -8.30 14.31
N GLU D 291 12.31 -8.28 15.17
CA GLU D 291 12.19 -9.31 16.20
C GLU D 291 11.83 -10.62 15.57
N ILE D 292 10.90 -10.58 14.61
CA ILE D 292 10.47 -11.77 13.89
C ILE D 292 11.66 -12.44 13.19
N ARG D 293 12.42 -11.65 12.43
CA ARG D 293 13.59 -12.19 11.77
C ARG D 293 14.60 -12.75 12.78
N ALA D 294 14.89 -11.99 13.85
CA ALA D 294 15.88 -12.43 14.84
C ALA D 294 15.46 -13.72 15.54
N ALA D 295 14.16 -13.87 15.84
CA ALA D 295 13.69 -15.11 16.49
C ALA D 295 13.89 -16.30 15.58
N GLU D 296 13.75 -16.09 14.28
CA GLU D 296 13.85 -17.19 13.33
C GLU D 296 15.27 -17.44 12.87
N ASP D 297 16.10 -16.40 12.85
CA ASP D 297 17.43 -16.41 12.24
C ASP D 297 18.45 -16.09 13.33
N PRO D 298 18.98 -17.11 14.01
CA PRO D 298 19.98 -16.86 15.04
C PRO D 298 21.31 -16.24 14.56
N GLU D 299 21.50 -16.01 13.28
CA GLU D 299 22.70 -15.32 12.81
C GLU D 299 22.48 -13.84 12.54
N PHE D 300 21.22 -13.38 12.60
CA PHE D 300 20.89 -12.00 12.29
C PHE D 300 21.05 -11.13 13.53
N GLU D 301 21.88 -10.09 13.42
CA GLU D 301 22.23 -9.25 14.57
C GLU D 301 22.44 -7.81 14.14
N THR D 302 21.87 -6.89 14.89
CA THR D 302 22.01 -5.50 14.56
C THR D 302 22.35 -4.74 15.82
N PHE D 303 22.69 -3.48 15.63
CA PHE D 303 22.79 -2.60 16.78
C PHE D 303 21.47 -2.49 17.54
N TYR D 304 20.34 -2.74 16.86
CA TYR D 304 19.05 -2.72 17.54
C TYR D 304 18.92 -3.87 18.55
N THR D 305 19.23 -5.11 18.14
CA THR D 305 19.21 -6.23 19.08
C THR D 305 20.33 -6.13 20.14
N LYS D 306 21.48 -5.55 19.81
CA LYS D 306 22.51 -5.46 20.85
C LYS D 306 22.03 -4.55 21.96
N ASN D 307 21.38 -3.46 21.62
CA ASN D 307 20.97 -2.54 22.67
C ASN D 307 19.86 -3.14 23.55
N LEU D 308 19.01 -4.02 23.00
CA LEU D 308 17.98 -4.62 23.84
C LEU D 308 18.59 -5.56 24.89
N LEU D 309 19.69 -6.26 24.55
CA LEU D 309 20.39 -7.05 25.57
C LEU D 309 20.87 -6.18 26.72
N LEU D 310 21.37 -4.99 26.40
CA LEU D 310 21.83 -4.07 27.44
C LEU D 310 20.68 -3.63 28.33
N ASN D 311 19.54 -3.24 27.73
CA ASN D 311 18.31 -2.94 28.48
C ASN D 311 17.91 -4.08 29.42
N GLU D 312 18.02 -5.32 28.93
CA GLU D 312 17.67 -6.49 29.74
C GLU D 312 18.64 -6.64 30.90
N GLY D 313 19.93 -6.36 30.66
CA GLY D 313 20.87 -6.32 31.76
C GLY D 313 20.47 -5.27 32.78
N ILE D 314 20.21 -4.06 32.31
CA ILE D 314 19.81 -2.97 33.21
C ILE D 314 18.61 -3.34 34.06
N ARG D 315 17.54 -3.84 33.44
CA ARG D 315 16.34 -4.08 34.23
C ARG D 315 16.64 -5.05 35.35
N ALA D 316 17.24 -6.20 35.02
CA ALA D 316 17.34 -7.25 36.03
C ALA D 316 18.36 -6.89 37.10
N TRP D 317 19.46 -6.23 36.72
CA TRP D 317 20.53 -5.88 37.67
C TRP D 317 20.14 -4.71 38.60
N MET D 318 19.32 -3.78 38.14
CA MET D 318 18.94 -2.64 38.96
C MET D 318 17.56 -2.76 39.63
N ALA D 319 16.61 -3.51 39.06
CA ALA D 319 15.24 -3.51 39.59
C ALA D 319 15.16 -3.75 41.09
N PRO D 320 15.82 -4.76 41.68
CA PRO D 320 15.55 -5.06 43.09
C PRO D 320 15.97 -3.94 44.04
N GLN D 321 17.06 -3.23 43.77
CA GLN D 321 17.44 -2.14 44.66
C GLN D 321 16.72 -0.86 44.32
N ASP D 322 16.29 -0.74 43.07
CA ASP D 322 15.62 0.46 42.62
C ASP D 322 14.12 0.44 42.91
N GLN D 323 13.53 -0.75 43.05
CA GLN D 323 12.10 -0.96 43.34
C GLN D 323 11.99 -1.85 44.58
N PRO D 324 12.39 -1.34 45.76
CA PRO D 324 12.44 -2.20 46.95
C PRO D 324 11.09 -2.71 47.38
N HIS D 325 10.04 -1.93 47.12
CA HIS D 325 8.69 -2.33 47.47
C HIS D 325 8.24 -3.59 46.74
N GLU D 326 8.91 -3.95 45.65
CA GLU D 326 8.50 -5.14 44.90
C GLU D 326 9.06 -6.44 45.47
N ASN D 327 9.93 -6.38 46.47
CA ASN D 327 10.66 -7.54 46.99
C ASN D 327 11.08 -8.50 45.88
N PHE D 328 11.75 -7.95 44.89
CA PHE D 328 12.32 -8.77 43.83
C PHE D 328 13.48 -9.58 44.40
N VAL D 329 13.39 -10.89 44.37
CA VAL D 329 14.54 -11.73 44.68
C VAL D 329 14.96 -12.47 43.42
N PHE D 330 16.11 -12.09 42.85
CA PHE D 330 16.64 -12.73 41.65
C PHE D 330 17.85 -13.56 42.03
N PRO D 331 17.72 -14.86 42.26
CA PRO D 331 18.92 -15.63 42.56
C PRO D 331 19.94 -15.49 41.42
N GLU D 332 21.20 -15.57 41.79
CA GLU D 332 22.31 -15.50 40.85
C GLU D 332 22.06 -16.15 39.50
N GLU D 333 21.48 -17.34 39.52
CA GLU D 333 21.38 -18.10 38.32
C GLU D 333 20.40 -17.55 37.29
N VAL D 334 19.51 -16.62 37.67
CA VAL D 334 18.56 -16.05 36.71
C VAL D 334 19.05 -14.73 36.14
N LEU D 335 20.16 -14.17 36.64
CA LEU D 335 20.64 -12.89 36.13
C LEU D 335 21.18 -13.04 34.71
N PRO D 336 20.73 -12.24 33.74
CA PRO D 336 21.36 -12.32 32.41
C PRO D 336 22.79 -11.80 32.48
N ARG D 337 23.72 -12.57 31.91
CA ARG D 337 25.14 -12.21 31.85
C ARG D 337 25.74 -12.86 30.64
N GLY D 338 26.62 -12.14 29.94
CA GLY D 338 27.50 -12.73 28.95
C GLY D 338 28.59 -13.57 29.60
N ASN D 339 29.47 -14.06 28.74
CA ASN D 339 30.59 -14.90 29.16
C ASN D 339 31.55 -14.14 30.05
N ALA D 340 31.98 -14.80 31.14
CA ALA D 340 33.05 -14.36 32.03
C ALA D 340 32.61 -13.20 32.92
N LEU D 341 32.02 -12.19 32.31
N LEU D 341 31.98 -12.19 32.33
CA LEU D 341 31.65 -11.02 33.09
CA LEU D 341 31.58 -11.03 33.09
C LEU D 341 30.49 -11.27 34.05
C LEU D 341 30.38 -11.31 34.01
N THR E 2 20.15 53.58 40.23
CA THR E 2 19.17 53.95 39.21
C THR E 2 17.71 53.67 39.66
N THR E 3 17.45 52.84 40.69
CA THR E 3 16.10 52.77 41.27
C THR E 3 15.99 53.47 42.63
N GLY E 4 17.10 53.89 43.22
CA GLY E 4 17.03 54.69 44.44
C GLY E 4 17.31 53.93 45.71
N GLU E 5 17.47 52.60 45.64
CA GLU E 5 18.10 51.89 46.75
C GLU E 5 19.58 52.30 46.83
N ARG E 6 20.23 51.87 47.91
CA ARG E 6 21.64 52.23 48.09
C ARG E 6 22.57 51.23 47.40
N PRO E 7 23.57 51.70 46.66
CA PRO E 7 24.42 50.79 45.88
C PRO E 7 25.13 49.75 46.75
N PHE E 8 25.19 48.52 46.22
CA PHE E 8 25.78 47.40 46.97
C PHE E 8 27.24 47.67 47.30
N SER E 9 28.00 48.11 46.30
CA SER E 9 29.40 48.42 46.49
C SER E 9 29.59 49.44 47.62
N ASP E 10 28.63 50.32 47.80
CA ASP E 10 28.73 51.32 48.85
C ASP E 10 28.36 50.79 50.22
N ILE E 11 27.48 49.78 50.31
CA ILE E 11 27.15 49.18 51.61
C ILE E 11 28.30 48.32 52.14
N ILE E 12 28.86 47.45 51.30
CA ILE E 12 29.77 46.42 51.80
C ILE E 12 31.19 46.90 52.02
N THR E 13 31.52 48.10 51.54
CA THR E 13 32.72 48.78 51.97
C THR E 13 32.47 49.71 53.16
N SER E 14 31.22 49.80 53.60
CA SER E 14 30.87 50.75 54.66
C SER E 14 31.19 50.16 56.03
N VAL E 15 31.74 51.01 56.90
CA VAL E 15 32.18 50.55 58.20
C VAL E 15 31.01 50.09 59.04
N ARG E 16 29.86 50.80 58.94
CA ARG E 16 28.70 50.42 59.72
C ARG E 16 28.18 49.04 59.31
N TYR E 17 28.23 48.74 58.02
CA TYR E 17 27.83 47.41 57.53
C TYR E 17 28.62 46.29 58.21
N TRP E 18 29.95 46.37 58.18
CA TRP E 18 30.75 45.29 58.74
C TRP E 18 30.68 45.26 60.26
N VAL E 19 30.33 46.38 60.90
CA VAL E 19 30.15 46.35 62.34
C VAL E 19 28.99 45.45 62.71
N ILE E 20 27.96 45.42 61.89
CA ILE E 20 26.84 44.54 62.20
CA ILE E 20 26.82 44.55 62.17
C ILE E 20 27.10 43.14 61.68
N HIS E 21 27.61 43.02 60.46
CA HIS E 21 27.66 41.71 59.82
C HIS E 21 28.84 40.87 60.23
N SER E 22 29.84 41.44 60.89
CA SER E 22 30.88 40.63 61.52
C SER E 22 30.40 40.02 62.83
N ILE E 23 29.21 40.40 63.30
CA ILE E 23 28.49 39.62 64.29
C ILE E 23 27.49 38.68 63.65
N THR E 24 26.59 39.23 62.81
CA THR E 24 25.44 38.45 62.37
C THR E 24 25.86 37.23 61.58
N ILE E 25 26.91 37.33 60.79
CA ILE E 25 27.34 36.20 59.96
C ILE E 25 27.93 35.05 60.79
N PRO E 26 28.85 35.28 61.74
CA PRO E 26 29.28 34.16 62.61
C PRO E 26 28.20 33.63 63.52
N ALA E 27 27.32 34.50 64.02
CA ALA E 27 26.23 33.99 64.87
C ALA E 27 25.41 32.97 64.11
N LEU E 28 25.12 33.24 62.83
CA LEU E 28 24.32 32.33 62.02
C LEU E 28 25.09 31.05 61.73
N PHE E 29 26.39 31.19 61.41
CA PHE E 29 27.23 30.03 61.15
C PHE E 29 27.33 29.14 62.38
N ILE E 30 27.51 29.75 63.55
CA ILE E 30 27.50 29.01 64.80
C ILE E 30 26.13 28.37 65.06
N ALA E 31 25.06 29.14 64.93
CA ALA E 31 23.74 28.58 65.16
C ALA E 31 23.52 27.33 64.30
N GLY E 32 23.91 27.39 63.03
CA GLY E 32 23.81 26.21 62.18
C GLY E 32 24.66 25.07 62.70
N TRP E 33 25.89 25.36 63.10
CA TRP E 33 26.72 24.38 63.77
C TRP E 33 25.96 23.70 64.90
N LEU E 34 25.46 24.48 65.84
CA LEU E 34 24.82 23.87 67.00
C LEU E 34 23.67 22.98 66.60
N PHE E 35 22.88 23.42 65.61
CA PHE E 35 21.73 22.62 65.16
C PHE E 35 22.16 21.20 64.86
N VAL E 36 23.36 21.05 64.29
CA VAL E 36 23.95 19.75 64.00
C VAL E 36 24.64 19.17 65.22
N SER E 37 25.55 19.94 65.83
CA SER E 37 26.37 19.38 66.91
C SER E 37 25.53 19.01 68.12
N THR E 38 24.43 19.71 68.35
CA THR E 38 23.52 19.31 69.43
C THR E 38 22.72 18.04 69.12
N GLY E 39 22.69 17.58 67.86
CA GLY E 39 21.82 16.48 67.50
C GLY E 39 20.39 16.84 67.15
N LEU E 40 20.04 18.13 67.24
CA LEU E 40 18.64 18.54 67.06
C LEU E 40 18.15 18.24 65.65
N ALA E 41 19.03 18.44 64.65
CA ALA E 41 18.67 18.22 63.24
C ALA E 41 18.19 16.80 63.00
N TYR E 42 18.83 15.83 63.67
CA TYR E 42 18.37 14.47 63.58
C TYR E 42 16.93 14.36 64.01
N ASP E 43 16.60 14.96 65.16
CA ASP E 43 15.29 14.69 65.75
C ASP E 43 14.21 15.44 65.01
N VAL E 44 14.49 16.67 64.60
CA VAL E 44 13.53 17.45 63.83
C VAL E 44 13.14 16.72 62.56
N PHE E 45 14.12 16.23 61.82
CA PHE E 45 13.84 15.76 60.48
C PHE E 45 13.57 14.27 60.43
N GLY E 46 13.85 13.54 61.50
CA GLY E 46 13.66 12.11 61.49
C GLY E 46 14.77 11.32 60.85
N THR E 47 15.93 11.95 60.65
CA THR E 47 17.01 11.33 59.92
C THR E 47 17.79 10.36 60.82
N PRO E 48 18.06 9.15 60.35
CA PRO E 48 18.79 8.18 61.17
C PRO E 48 20.22 8.60 61.50
N ARG E 49 20.63 8.28 62.72
CA ARG E 49 22.01 8.42 63.12
C ARG E 49 22.79 7.22 62.63
N PRO E 50 24.12 7.32 62.54
CA PRO E 50 24.87 6.20 61.95
C PRO E 50 24.57 4.88 62.63
N ASP E 51 24.18 4.88 63.90
CA ASP E 51 23.92 3.66 64.63
C ASP E 51 22.46 3.21 64.57
N SER E 52 21.61 3.90 63.82
CA SER E 52 20.19 3.54 63.84
C SER E 52 19.58 3.43 62.44
N TYR E 53 20.34 2.94 61.45
CA TYR E 53 19.72 2.54 60.18
C TYR E 53 19.13 1.15 60.28
N TYR E 54 19.81 0.25 60.98
CA TYR E 54 19.33 -1.10 61.19
C TYR E 54 19.35 -1.43 62.69
N ALA E 55 18.52 -2.41 63.03
CA ALA E 55 18.78 -3.11 64.27
C ALA E 55 20.02 -3.99 64.11
N GLN E 56 20.59 -4.38 65.26
CA GLN E 56 21.92 -4.99 65.30
C GLN E 56 22.06 -6.14 64.33
N GLU E 57 21.15 -7.10 64.38
CA GLU E 57 21.18 -8.26 63.49
C GLU E 57 20.25 -8.12 62.30
N GLN E 58 19.67 -6.94 62.09
CA GLN E 58 18.72 -6.70 61.01
C GLN E 58 19.47 -6.39 59.74
N ARG E 59 18.94 -6.87 58.62
CA ARG E 59 19.39 -6.43 57.31
C ARG E 59 18.23 -5.99 56.43
N SER E 60 17.02 -5.92 56.97
CA SER E 60 15.85 -5.50 56.23
C SER E 60 15.77 -3.99 56.21
N ILE E 61 15.49 -3.42 55.05
CA ILE E 61 15.13 -2.00 55.04
C ILE E 61 13.79 -1.84 55.74
N PRO E 62 13.59 -0.80 56.58
CA PRO E 62 12.27 -0.48 57.18
C PRO E 62 11.43 0.37 56.24
N LEU E 63 10.95 -0.28 55.19
CA LEU E 63 10.31 0.38 54.06
C LEU E 63 8.82 0.54 54.33
N VAL E 64 8.33 1.77 54.18
CA VAL E 64 6.92 2.05 54.33
C VAL E 64 6.15 1.30 53.26
N THR E 65 5.06 0.62 53.67
CA THR E 65 4.30 -0.21 52.72
C THR E 65 2.79 -0.05 52.86
N ASP E 66 2.33 0.90 53.66
CA ASP E 66 0.92 1.21 53.80
C ASP E 66 0.80 2.71 53.60
N ARG E 67 -0.30 3.14 53.00
CA ARG E 67 -0.48 4.57 52.82
C ARG E 67 -0.96 5.22 54.12
N PHE E 68 -2.09 4.74 54.66
CA PHE E 68 -2.72 5.40 55.80
C PHE E 68 -2.22 4.91 57.15
N GLU E 69 -1.51 3.78 57.18
CA GLU E 69 -0.81 3.31 58.38
C GLU E 69 0.69 3.66 58.37
N ALA E 70 1.13 4.48 57.42
CA ALA E 70 2.57 4.68 57.20
C ALA E 70 3.23 5.29 58.42
N LYS E 71 2.62 6.37 58.96
CA LYS E 71 3.06 6.97 60.21
C LYS E 71 3.29 5.92 61.29
N GLN E 72 2.33 5.01 61.46
CA GLN E 72 2.45 3.96 62.47
C GLN E 72 3.58 2.97 62.12
N GLN E 73 3.83 2.74 60.81
CA GLN E 73 4.88 1.82 60.43
C GLN E 73 6.26 2.30 60.86
N VAL E 74 6.59 3.57 60.58
CA VAL E 74 7.97 3.93 60.86
C VAL E 74 8.17 4.04 62.37
N GLU E 75 7.10 4.39 63.11
CA GLU E 75 7.16 4.36 64.57
C GLU E 75 7.38 2.94 65.09
N THR E 76 6.83 1.94 64.41
CA THR E 76 7.07 0.56 64.80
C THR E 76 8.51 0.16 64.52
N PHE E 77 9.01 0.53 63.32
CA PHE E 77 10.38 0.24 62.95
C PHE E 77 11.35 0.95 63.88
N LEU E 78 10.94 2.10 64.45
CA LEU E 78 11.82 2.87 65.31
C LEU E 78 11.91 2.30 66.72
N GLU E 79 10.82 1.73 67.24
CA GLU E 79 10.89 1.07 68.54
C GLU E 79 11.45 -0.34 68.44
N GLN E 80 11.60 -0.89 67.23
CA GLN E 80 12.35 -2.12 67.05
C GLN E 80 13.86 -1.90 67.11
N LEU E 81 14.27 -0.71 67.56
CA LEU E 81 15.65 -0.37 67.85
C LEU E 81 15.89 -0.03 69.31
N LYS E 82 14.83 0.21 70.09
CA LYS E 82 14.96 0.59 71.50
C LYS E 82 15.20 -0.64 72.39
N SER F 1 20.89 60.12 52.30
CA SER F 1 19.45 59.95 52.13
C SER F 1 19.13 58.75 51.24
N TYR F 2 19.38 57.54 51.75
CA TYR F 2 18.84 56.31 51.18
C TYR F 2 17.99 55.60 52.21
N PRO F 3 16.99 54.83 51.80
CA PRO F 3 16.34 53.93 52.76
C PRO F 3 17.28 52.82 53.13
N ILE F 4 17.11 52.32 54.34
CA ILE F 4 17.86 51.14 54.78
C ILE F 4 17.10 49.87 54.48
N PHE F 5 15.82 49.85 54.84
CA PHE F 5 14.97 48.67 54.68
C PHE F 5 14.12 48.85 53.44
N THR F 6 14.27 47.93 52.50
CA THR F 6 13.54 47.92 51.25
C THR F 6 13.09 46.50 50.95
N VAL F 7 12.20 46.38 49.96
CA VAL F 7 11.98 45.09 49.32
C VAL F 7 13.32 44.45 49.01
N ARG F 8 14.25 45.22 48.43
CA ARG F 8 15.56 44.66 48.14
C ARG F 8 16.20 44.10 49.39
N TRP F 9 16.31 44.91 50.44
CA TRP F 9 16.86 44.43 51.71
C TRP F 9 16.32 43.05 52.05
N VAL F 10 14.99 42.91 51.92
CA VAL F 10 14.30 41.68 52.32
C VAL F 10 14.68 40.50 51.42
N ALA F 11 14.68 40.71 50.11
CA ALA F 11 14.96 39.57 49.24
C ALA F 11 16.37 39.03 49.51
N VAL F 12 17.32 39.94 49.70
CA VAL F 12 18.69 39.59 50.02
C VAL F 12 18.76 38.75 51.28
N HIS F 13 18.13 39.24 52.36
CA HIS F 13 18.23 38.56 53.65
C HIS F 13 17.42 37.27 53.67
N THR F 14 16.33 37.24 52.93
CA THR F 14 15.55 36.03 52.72
C THR F 14 16.44 34.88 52.28
N LEU F 15 17.41 35.17 51.41
CA LEU F 15 18.37 34.16 50.97
C LEU F 15 19.60 34.05 51.87
N ALA F 16 20.26 35.17 52.17
CA ALA F 16 21.58 35.07 52.79
C ALA F 16 21.52 34.58 54.24
N VAL F 17 20.48 34.91 55.00
CA VAL F 17 20.42 34.48 56.40
C VAL F 17 20.42 32.96 56.52
N PRO F 18 19.52 32.22 55.85
CA PRO F 18 19.61 30.76 55.92
C PRO F 18 20.81 30.17 55.20
N THR F 19 21.36 30.86 54.20
CA THR F 19 22.59 30.36 53.57
C THR F 19 23.72 30.17 54.58
N ILE F 20 24.03 31.21 55.35
CA ILE F 20 25.07 31.07 56.38
C ILE F 20 24.72 29.98 57.38
N PHE F 21 23.57 30.10 58.03
CA PHE F 21 23.12 29.05 58.95
C PHE F 21 23.40 27.68 58.35
N PHE F 22 23.00 27.48 57.10
CA PHE F 22 23.17 26.17 56.47
C PHE F 22 24.63 25.79 56.32
N LEU F 23 25.46 26.76 55.93
CA LEU F 23 26.90 26.51 55.84
C LEU F 23 27.48 26.12 57.19
N GLY F 24 26.97 26.71 58.27
CA GLY F 24 27.42 26.28 59.59
C GLY F 24 27.06 24.84 59.86
N ALA F 25 25.79 24.48 59.64
CA ALA F 25 25.36 23.09 59.82
C ALA F 25 26.20 22.16 58.96
N ILE F 26 26.48 22.54 57.72
CA ILE F 26 27.22 21.60 56.87
C ILE F 26 28.68 21.55 57.30
N ALA F 27 29.22 22.67 57.80
CA ALA F 27 30.59 22.66 58.28
C ALA F 27 30.76 21.64 59.42
N ALA F 28 29.86 21.70 60.41
CA ALA F 28 29.85 20.72 61.49
C ALA F 28 29.80 19.30 60.99
N MET F 29 29.17 19.10 59.84
CA MET F 29 28.90 17.74 59.42
C MET F 29 30.17 17.03 59.00
N GLN F 30 31.17 17.79 58.51
CA GLN F 30 32.45 17.19 58.12
C GLN F 30 33.15 16.50 59.26
N PHE F 31 32.72 16.79 60.49
CA PHE F 31 33.34 16.24 61.69
C PHE F 31 32.54 15.12 62.29
N ILE F 32 31.37 14.77 61.72
CA ILE F 32 30.63 13.61 62.19
C ILE F 32 31.38 12.36 61.78
N GLN F 33 31.37 11.36 62.66
CA GLN F 33 32.07 10.11 62.41
C GLN F 33 31.16 8.95 62.78
N ARG F 34 31.30 7.83 62.09
CA ARG F 34 30.44 6.69 62.38
C ARG F 34 30.99 5.88 63.54
N ALA G 1 -26.77 45.95 3.84
CA ALA G 1 -26.58 44.54 4.15
C ALA G 1 -27.94 43.84 4.01
N ARG G 2 -27.97 42.51 3.94
CA ARG G 2 -29.21 41.79 3.62
C ARG G 2 -30.12 41.58 4.84
N ARG G 3 -31.39 41.97 4.69
CA ARG G 3 -32.39 41.75 5.74
C ARG G 3 -33.10 40.44 5.52
N THR G 4 -33.35 39.73 6.61
CA THR G 4 -34.12 38.51 6.51
C THR G 4 -35.12 38.49 7.66
N TRP G 5 -36.19 37.73 7.44
CA TRP G 5 -37.18 37.48 8.48
C TRP G 5 -36.53 37.06 9.79
N LEU G 6 -35.75 35.98 9.74
CA LEU G 6 -35.11 35.48 10.95
C LEU G 6 -34.13 36.50 11.53
N GLY G 7 -33.44 37.24 10.65
CA GLY G 7 -32.56 38.29 11.13
C GLY G 7 -33.30 39.34 11.92
N ASP G 8 -34.45 39.78 11.42
CA ASP G 8 -35.20 40.84 12.10
C ASP G 8 -35.63 40.39 13.47
N ILE G 9 -36.05 39.14 13.58
CA ILE G 9 -36.44 38.57 14.86
C ILE G 9 -35.28 38.58 15.86
N LEU G 10 -34.11 38.03 15.46
CA LEU G 10 -32.93 37.92 16.34
C LEU G 10 -32.23 39.26 16.57
N ARG G 11 -32.58 40.28 15.82
CA ARG G 11 -31.97 41.59 15.88
C ARG G 11 -31.62 42.06 17.30
N PRO G 12 -32.60 42.23 18.18
CA PRO G 12 -32.26 42.81 19.48
C PRO G 12 -31.28 41.97 20.26
N LEU G 13 -31.05 40.71 19.87
CA LEU G 13 -30.09 39.95 20.67
C LEU G 13 -28.67 40.36 20.37
N ASN G 14 -28.44 40.91 19.19
CA ASN G 14 -27.13 41.38 18.80
C ASN G 14 -27.14 42.89 18.59
N SER G 15 -27.62 43.62 19.58
CA SER G 15 -27.85 45.05 19.43
C SER G 15 -27.12 45.86 20.46
N GLU G 16 -26.59 45.24 21.52
CA GLU G 16 -25.92 45.97 22.59
C GLU G 16 -24.38 45.79 22.63
N TYR G 17 -23.74 45.59 21.47
CA TYR G 17 -22.29 45.54 21.44
C TYR G 17 -21.70 46.75 22.17
N GLY G 18 -20.72 46.52 23.03
CA GLY G 18 -20.07 47.60 23.76
C GLY G 18 -20.71 48.02 25.08
N LYS G 19 -21.94 47.64 25.38
CA LYS G 19 -22.55 48.15 26.61
C LYS G 19 -21.94 47.48 27.83
N VAL G 20 -21.69 48.29 28.87
CA VAL G 20 -21.04 47.81 30.08
C VAL G 20 -21.73 48.41 31.29
N ALA G 21 -21.71 47.67 32.41
CA ALA G 21 -22.02 48.24 33.71
C ALA G 21 -20.83 49.09 34.20
N PRO G 22 -21.08 50.12 35.00
CA PRO G 22 -20.00 51.05 35.36
C PRO G 22 -19.07 50.44 36.37
N GLY G 23 -17.82 50.89 36.33
CA GLY G 23 -16.87 50.52 37.36
C GLY G 23 -16.77 49.02 37.55
N TRP G 24 -16.77 48.60 38.81
CA TRP G 24 -16.55 47.19 39.14
C TRP G 24 -17.80 46.33 38.96
N GLY G 25 -18.99 46.93 38.87
CA GLY G 25 -20.18 46.12 38.69
C GLY G 25 -20.23 44.96 39.66
N THR G 26 -20.59 43.79 39.16
CA THR G 26 -20.82 42.60 39.96
C THR G 26 -19.54 41.85 40.32
N THR G 27 -18.38 42.40 39.96
CA THR G 27 -17.11 41.72 40.22
C THR G 27 -16.99 41.20 41.63
N PRO G 28 -17.35 41.96 42.68
CA PRO G 28 -17.21 41.40 44.03
C PRO G 28 -17.91 40.06 44.15
N LEU G 29 -19.11 39.97 43.57
CA LEU G 29 -19.93 38.78 43.71
C LEU G 29 -19.41 37.60 42.87
N MET G 30 -18.99 37.86 41.63
CA MET G 30 -18.25 36.88 40.85
C MET G 30 -17.19 36.20 41.71
N ALA G 31 -16.37 37.01 42.36
CA ALA G 31 -15.26 36.49 43.15
C ALA G 31 -15.73 35.61 44.29
N VAL G 32 -16.89 35.88 44.86
CA VAL G 32 -17.42 34.94 45.84
C VAL G 32 -17.68 33.58 45.20
N PHE G 33 -18.36 33.55 44.04
CA PHE G 33 -18.63 32.29 43.37
C PHE G 33 -17.34 31.60 42.92
N MET G 34 -16.35 32.36 42.48
CA MET G 34 -15.06 31.77 42.11
C MET G 34 -14.43 31.03 43.28
N GLY G 35 -14.44 31.65 44.46
CA GLY G 35 -13.85 31.00 45.62
C GLY G 35 -14.63 29.80 46.10
N LEU G 36 -15.97 29.86 46.03
CA LEU G 36 -16.78 28.71 46.38
C LEU G 36 -16.49 27.56 45.47
N PHE G 37 -16.39 27.86 44.17
CA PHE G 37 -16.09 26.85 43.18
C PHE G 37 -14.71 26.21 43.37
N LEU G 38 -13.69 27.02 43.71
CA LEU G 38 -12.37 26.46 44.02
C LEU G 38 -12.47 25.44 45.16
N VAL G 39 -13.07 25.83 46.29
CA VAL G 39 -13.10 24.90 47.42
C VAL G 39 -13.86 23.66 47.02
N PHE G 40 -14.89 23.83 46.20
CA PHE G 40 -15.65 22.68 45.78
C PHE G 40 -14.83 21.79 44.83
N LEU G 41 -14.02 22.37 43.95
CA LEU G 41 -13.13 21.55 43.13
C LEU G 41 -12.05 20.87 43.98
N LEU G 42 -11.53 21.57 44.99
CA LEU G 42 -10.60 20.95 45.93
C LEU G 42 -11.18 19.69 46.55
N ILE G 43 -12.35 19.83 47.16
CA ILE G 43 -13.03 18.69 47.78
C ILE G 43 -13.15 17.54 46.80
N ILE G 44 -13.65 17.84 45.60
CA ILE G 44 -13.81 16.82 44.58
C ILE G 44 -12.45 16.16 44.25
N LEU G 45 -11.39 16.97 44.15
CA LEU G 45 -10.07 16.40 43.86
C LEU G 45 -9.55 15.55 45.01
N GLU G 46 -9.62 16.07 46.24
CA GLU G 46 -9.08 15.32 47.37
C GLU G 46 -9.88 14.08 47.68
N ILE G 47 -11.16 14.04 47.27
CA ILE G 47 -11.92 12.82 47.43
C ILE G 47 -11.39 11.76 46.49
N TYR G 48 -11.27 12.13 45.21
CA TYR G 48 -10.68 11.23 44.22
C TYR G 48 -9.29 10.79 44.64
N ASN G 49 -8.50 11.72 45.19
CA ASN G 49 -7.10 11.44 45.58
C ASN G 49 -6.99 10.59 46.82
N SER G 50 -8.06 10.53 47.64
CA SER G 50 -8.08 9.94 48.97
C SER G 50 -7.26 10.72 50.02
N THR G 51 -7.00 12.01 49.83
CA THR G 51 -6.58 12.77 51.01
C THR G 51 -7.76 13.36 51.76
N LEU G 52 -8.97 13.29 51.17
CA LEU G 52 -10.23 13.54 51.88
C LEU G 52 -11.04 12.25 51.92
N ILE G 53 -11.22 11.70 53.11
CA ILE G 53 -11.90 10.42 53.32
C ILE G 53 -13.22 10.67 54.06
N LEU G 54 -14.35 10.31 53.45
CA LEU G 54 -15.67 10.57 54.04
C LEU G 54 -16.41 9.27 54.32
N ASP G 55 -17.30 9.32 55.31
CA ASP G 55 -18.08 8.14 55.70
C ASP G 55 -19.05 7.76 54.60
N GLY G 56 -19.01 6.50 54.19
CA GLY G 56 -19.88 6.05 53.13
C GLY G 56 -19.57 6.63 51.77
N VAL G 57 -18.33 7.07 51.55
CA VAL G 57 -17.83 7.42 50.22
C VAL G 57 -16.67 6.47 49.96
N ASN G 58 -16.98 5.32 49.39
CA ASN G 58 -15.98 4.28 49.13
C ASN G 58 -15.49 4.48 47.69
N VAL G 59 -14.32 5.12 47.55
CA VAL G 59 -13.78 5.50 46.24
C VAL G 59 -13.07 4.31 45.63
N SER G 60 -13.85 3.41 45.07
CA SER G 60 -13.38 2.13 44.56
C SER G 60 -14.46 1.64 43.61
N TRP G 61 -14.09 0.66 42.75
CA TRP G 61 -15.06 0.00 41.87
C TRP G 61 -16.15 -0.73 42.67
N LYS G 62 -15.86 -1.10 43.91
CA LYS G 62 -16.80 -1.84 44.76
C LYS G 62 -17.93 -1.01 45.25
N ALA G 63 -18.02 0.23 44.77
CA ALA G 63 -19.18 1.07 45.02
C ALA G 63 -20.23 0.96 43.92
N LEU G 64 -20.16 -0.08 43.08
CA LEU G 64 -21.22 -0.45 42.15
C LEU G 64 -22.05 -1.63 42.65
N GLY G 65 -21.83 -2.06 43.90
CA GLY G 65 -22.43 -3.28 44.41
C GLY G 65 -21.42 -4.19 45.09
N FME H 1 45.43 -4.87 -6.64
CN FME H 1 45.03 -4.24 -7.77
O1 FME H 1 44.72 -3.02 -7.72
CA FME H 1 45.47 -4.12 -5.42
CB FME H 1 45.57 -4.98 -4.14
CG FME H 1 44.33 -5.77 -3.82
SD FME H 1 42.94 -4.68 -3.51
CE FME H 1 41.81 -5.92 -2.99
C FME H 1 46.66 -3.19 -5.43
O FME H 1 46.65 -2.07 -4.94
H FME H 1 45.70 -5.83 -6.64
HCN FME H 1 45.01 -4.85 -8.70
HA FME H 1 44.53 -3.51 -5.32
HB2 FME H 1 45.82 -4.28 -3.30
HB3 FME H 1 46.44 -5.68 -4.27
HG2 FME H 1 44.49 -6.41 -2.92
HG3 FME H 1 44.07 -6.44 -4.68
HE1 FME H 1 40.80 -5.47 -3.07
HE2 FME H 1 42.09 -6.18 -1.94
HE3 FME H 1 41.95 -6.78 -3.68
N GLU H 2 47.74 -3.70 -6.03
CA GLU H 2 49.01 -2.98 -6.08
C GLU H 2 48.80 -1.78 -7.00
N THR H 3 48.00 -1.97 -8.04
CA THR H 3 47.68 -0.83 -8.92
C THR H 3 46.82 0.20 -8.20
N LEU H 4 45.86 -0.25 -7.40
CA LEU H 4 45.08 0.67 -6.58
C LEU H 4 46.01 1.48 -5.68
N LYS H 5 46.97 0.80 -5.03
CA LYS H 5 47.84 1.44 -4.07
C LYS H 5 48.68 2.53 -4.72
N ILE H 6 49.31 2.23 -5.84
CA ILE H 6 50.06 3.23 -6.57
C ILE H 6 49.16 4.42 -6.88
N THR H 7 47.97 4.14 -7.41
CA THR H 7 47.08 5.21 -7.83
C THR H 7 46.78 6.16 -6.67
N VAL H 8 46.61 5.62 -5.47
CA VAL H 8 46.21 6.47 -4.35
C VAL H 8 47.39 7.30 -3.89
N TYR H 9 48.55 6.64 -3.74
CA TYR H 9 49.78 7.36 -3.44
C TYR H 9 49.97 8.50 -4.41
N ILE H 10 49.67 8.27 -5.68
CA ILE H 10 49.86 9.33 -6.65
C ILE H 10 48.84 10.42 -6.45
N VAL H 11 47.56 10.04 -6.29
CA VAL H 11 46.50 11.02 -6.13
C VAL H 11 46.76 11.87 -4.88
N VAL H 12 47.05 11.21 -3.77
CA VAL H 12 47.28 11.92 -2.51
C VAL H 12 48.46 12.86 -2.65
N THR H 13 49.58 12.34 -3.15
CA THR H 13 50.76 13.18 -3.27
C THR H 13 50.45 14.44 -4.05
N PHE H 14 49.74 14.28 -5.16
CA PHE H 14 49.37 15.40 -6.01
C PHE H 14 48.62 16.48 -5.24
N PHE H 15 47.60 16.08 -4.47
CA PHE H 15 46.79 17.05 -3.76
C PHE H 15 47.57 17.68 -2.65
N VAL H 16 48.38 16.90 -1.97
CA VAL H 16 49.17 17.47 -0.87
C VAL H 16 50.14 18.50 -1.39
N LEU H 17 50.68 18.31 -2.57
CA LEU H 17 51.64 19.28 -3.11
C LEU H 17 50.94 20.55 -3.60
N LEU H 18 49.76 20.42 -4.21
CA LEU H 18 48.94 21.59 -4.52
C LEU H 18 48.74 22.45 -3.29
N PHE H 19 48.40 21.78 -2.20
CA PHE H 19 48.19 22.45 -0.92
C PHE H 19 49.46 23.16 -0.44
N VAL H 20 50.59 22.45 -0.45
CA VAL H 20 51.83 22.99 0.06
C VAL H 20 52.29 24.17 -0.79
N PHE H 21 52.28 24.01 -2.11
CA PHE H 21 52.76 25.08 -2.98
C PHE H 21 51.76 26.21 -3.12
N GLY H 22 50.46 25.88 -3.02
CA GLY H 22 49.46 26.94 -2.97
C GLY H 22 49.70 27.94 -1.86
N PHE H 23 49.96 27.44 -0.65
CA PHE H 23 50.20 28.38 0.46
C PHE H 23 51.58 29.00 0.40
N LEU H 24 52.55 28.31 -0.21
CA LEU H 24 53.85 28.94 -0.40
C LEU H 24 53.74 30.06 -1.41
N SER H 25 52.65 30.12 -2.16
CA SER H 25 52.59 31.10 -3.23
C SER H 25 52.06 32.45 -2.77
N GLY H 26 52.59 32.99 -1.68
CA GLY H 26 52.27 34.36 -1.35
C GLY H 26 50.89 34.50 -0.75
N ASP H 27 50.48 33.52 0.02
CA ASP H 27 49.17 33.57 0.63
C ASP H 27 48.94 34.79 1.51
N PRO H 28 49.92 35.27 2.30
CA PRO H 28 49.66 36.49 3.06
C PRO H 28 49.13 37.61 2.20
N ALA H 29 49.61 37.71 0.96
CA ALA H 29 49.25 38.82 0.11
C ALA H 29 47.84 38.74 -0.46
N ARG H 30 47.20 37.57 -0.42
CA ARG H 30 45.83 37.45 -0.96
C ARG H 30 44.84 37.75 0.15
N ASN H 31 44.66 39.01 0.39
CA ASN H 31 43.62 39.54 1.26
C ASN H 31 43.13 40.83 0.62
N PRO H 32 42.06 41.45 1.12
CA PRO H 32 41.55 42.65 0.46
C PRO H 32 42.20 43.96 0.86
N LYS H 33 43.11 43.96 1.82
CA LYS H 33 43.64 45.21 2.36
C LYS H 33 45.12 45.41 2.03
N ARG H 34 46.01 44.78 2.77
CA ARG H 34 47.45 45.02 2.66
C ARG H 34 48.18 43.81 2.09
N LYS H 35 48.93 44.03 1.02
CA LYS H 35 49.54 42.97 0.22
C LYS H 35 51.07 43.06 0.32
N ASP H 36 51.70 41.98 0.79
CA ASP H 36 53.17 41.83 0.78
C ASP H 36 53.61 40.40 1.13
N GLY I 1 31.44 54.48 55.21
CA GLY I 1 30.69 55.17 54.15
C GLY I 1 31.13 54.69 52.78
N GLY I 2 32.45 54.50 52.67
CA GLY I 2 33.11 53.85 51.56
C GLY I 2 34.52 53.52 52.01
N ARG I 3 34.64 53.31 53.33
CA ARG I 3 35.93 53.22 54.00
C ARG I 3 36.71 52.04 53.46
N ILE I 4 36.28 50.82 53.76
CA ILE I 4 37.10 49.66 53.42
C ILE I 4 37.31 49.61 51.91
N PRO I 5 38.53 49.48 51.42
CA PRO I 5 38.73 49.32 49.98
C PRO I 5 38.13 47.98 49.55
N LEU I 6 37.43 48.01 48.41
CA LEU I 6 36.66 46.83 48.02
C LEU I 6 37.59 45.68 47.62
N TRP I 7 38.77 45.98 47.10
CA TRP I 7 39.74 44.92 46.83
C TRP I 7 40.03 44.12 48.09
N ILE I 8 40.05 44.78 49.24
CA ILE I 8 40.30 44.06 50.49
C ILE I 8 39.12 43.15 50.80
N VAL I 9 37.89 43.69 50.75
CA VAL I 9 36.69 42.87 50.96
C VAL I 9 36.73 41.62 50.08
N ALA I 10 37.10 41.79 48.81
CA ALA I 10 37.10 40.68 47.85
C ALA I 10 38.09 39.60 48.24
N THR I 11 39.30 39.98 48.63
CA THR I 11 40.32 38.99 48.97
C THR I 11 39.90 38.16 50.17
N VAL I 12 39.38 38.80 51.21
CA VAL I 12 39.01 38.07 52.43
C VAL I 12 37.79 37.19 52.18
N ALA I 13 36.73 37.74 51.61
CA ALA I 13 35.62 36.90 51.19
C ALA I 13 36.12 35.77 50.32
N GLY I 14 36.98 36.09 49.35
CA GLY I 14 37.59 35.06 48.52
C GLY I 14 38.15 33.91 49.34
N MET I 15 39.01 34.23 50.31
CA MET I 15 39.62 33.18 51.11
C MET I 15 38.60 32.53 52.04
N GLY I 16 37.56 33.26 52.41
CA GLY I 16 36.50 32.65 53.19
C GLY I 16 35.86 31.48 52.46
N VAL I 17 35.60 31.64 51.16
CA VAL I 17 35.05 30.55 50.35
C VAL I 17 36.01 29.37 50.29
N ILE I 18 37.26 29.61 49.87
CA ILE I 18 38.22 28.52 49.75
C ILE I 18 38.23 27.69 51.03
N VAL I 19 38.28 28.37 52.18
CA VAL I 19 38.32 27.68 53.45
C VAL I 19 37.18 26.67 53.56
N ILE I 20 35.95 27.14 53.36
CA ILE I 20 34.78 26.30 53.61
C ILE I 20 34.68 25.21 52.54
N VAL I 21 34.94 25.55 51.29
CA VAL I 21 34.99 24.55 50.24
C VAL I 21 36.06 23.50 50.53
N GLY I 22 37.24 23.93 50.98
CA GLY I 22 38.27 22.98 51.34
C GLY I 22 37.84 22.06 52.46
N LEU I 23 37.12 22.61 53.44
CA LEU I 23 36.54 21.78 54.49
C LEU I 23 35.62 20.71 53.91
N PHE I 24 34.79 21.07 52.94
CA PHE I 24 33.86 20.08 52.37
C PHE I 24 34.64 19.00 51.64
N PHE I 25 35.70 19.37 50.94
CA PHE I 25 36.54 18.35 50.33
C PHE I 25 37.32 17.53 51.36
N TYR I 26 37.86 18.18 52.40
CA TYR I 26 38.48 17.40 53.47
C TYR I 26 37.50 16.35 53.98
N GLY I 27 36.23 16.74 54.17
CA GLY I 27 35.22 15.85 54.71
C GLY I 27 34.82 14.73 53.76
N ALA I 28 35.10 14.87 52.46
CA ALA I 28 34.92 13.75 51.56
C ALA I 28 35.86 12.58 51.84
N TYR I 29 36.98 12.82 52.54
CA TYR I 29 37.92 11.77 52.90
C TYR I 29 37.87 11.38 54.37
N ALA I 30 37.09 12.08 55.21
CA ALA I 30 37.03 11.82 56.64
C ALA I 30 35.60 11.52 57.06
N GLY I 31 35.43 10.53 57.94
CA GLY I 31 34.16 10.39 58.59
C GLY I 31 33.11 9.86 57.63
N LEU I 32 31.89 10.40 57.73
CA LEU I 32 30.79 9.93 56.89
C LEU I 32 31.09 10.26 55.45
N GLY I 33 30.78 9.32 54.57
CA GLY I 33 30.90 9.59 53.15
C GLY I 33 32.25 9.26 52.57
N SER I 34 33.15 8.70 53.38
CA SER I 34 34.56 8.52 53.06
C SER I 34 34.87 7.10 52.60
N SER I 35 33.95 6.16 52.86
CA SER I 35 33.99 4.75 52.47
C SER I 35 34.68 3.94 53.57
N LEU I 36 35.17 4.60 54.62
CA LEU I 36 36.03 3.95 55.60
C LEU I 36 35.34 3.66 56.91
N LYS J 1 60.08 9.54 52.55
CA LYS J 1 60.38 10.46 53.62
C LYS J 1 61.70 11.25 53.28
N LEU J 2 61.76 12.51 53.70
CA LEU J 2 62.95 13.33 53.53
C LEU J 2 64.08 12.83 54.44
N PRO J 3 65.33 13.25 54.17
CA PRO J 3 66.41 12.97 55.12
C PRO J 3 66.13 13.63 56.47
N GLU J 4 66.60 12.97 57.53
CA GLU J 4 66.13 13.30 58.88
C GLU J 4 66.45 14.75 59.27
N ALA J 5 67.63 15.26 58.88
CA ALA J 5 68.02 16.62 59.26
C ALA J 5 67.05 17.66 58.72
N TYR J 6 66.22 17.29 57.75
CA TYR J 6 65.15 18.15 57.27
C TYR J 6 63.78 17.68 57.70
N ALA J 7 63.68 16.54 58.39
CA ALA J 7 62.48 16.13 59.12
C ALA J 7 61.63 17.33 59.50
N ILE J 8 62.31 18.41 59.90
CA ILE J 8 61.65 19.56 60.49
C ILE J 8 60.64 20.16 59.52
N PHE J 9 61.04 20.34 58.26
CA PHE J 9 60.22 21.03 57.27
C PHE J 9 59.23 20.12 56.54
N ASP J 10 58.87 18.99 57.12
CA ASP J 10 57.92 18.09 56.45
C ASP J 10 56.63 18.80 56.10
N PRO J 11 56.01 19.56 57.00
CA PRO J 11 54.71 20.16 56.68
C PRO J 11 54.81 21.46 55.91
N LEU J 12 55.97 22.13 55.93
CA LEU J 12 56.20 23.17 54.94
C LEU J 12 56.21 22.58 53.53
N VAL J 13 56.73 21.36 53.38
CA VAL J 13 56.87 20.77 52.07
C VAL J 13 55.53 20.26 51.55
N ASP J 14 54.67 19.75 52.43
CA ASP J 14 53.31 19.41 52.01
C ASP J 14 52.58 20.59 51.36
N VAL J 15 53.04 21.82 51.61
CA VAL J 15 52.40 23.01 51.07
C VAL J 15 53.13 23.59 49.87
N LEU J 16 54.38 23.19 49.63
CA LEU J 16 55.19 23.85 48.63
C LEU J 16 54.63 23.75 47.22
N PRO J 17 54.16 22.60 46.75
CA PRO J 17 53.71 22.50 45.36
C PRO J 17 52.62 23.47 44.98
N VAL J 18 51.77 23.89 45.93
CA VAL J 18 50.63 24.73 45.60
C VAL J 18 51.04 26.16 45.30
N ILE J 19 52.27 26.54 45.64
CA ILE J 19 52.63 27.95 45.67
C ILE J 19 52.53 28.58 44.29
N PRO J 20 52.94 27.93 43.20
CA PRO J 20 52.74 28.53 41.87
C PRO J 20 51.32 28.93 41.60
N VAL J 21 50.33 28.21 42.13
CA VAL J 21 48.93 28.60 41.96
C VAL J 21 48.69 29.97 42.58
N LEU J 22 49.32 30.23 43.75
CA LEU J 22 49.07 31.47 44.45
C LEU J 22 49.42 32.68 43.60
N PHE J 23 50.39 32.53 42.69
CA PHE J 23 50.80 33.65 41.85
C PHE J 23 49.68 34.04 40.90
N LEU J 24 48.98 33.04 40.33
CA LEU J 24 47.82 33.33 39.49
C LEU J 24 46.76 34.10 40.28
N ALA J 25 46.39 33.59 41.48
CA ALA J 25 45.46 34.29 42.37
C ALA J 25 45.97 35.69 42.67
N LEU J 26 47.26 35.81 43.00
CA LEU J 26 47.88 37.09 43.32
C LEU J 26 47.63 38.11 42.21
N ALA J 27 47.76 37.68 40.95
CA ALA J 27 47.50 38.58 39.82
C ALA J 27 46.12 39.24 39.89
N PHE J 28 45.16 38.58 40.51
CA PHE J 28 43.80 39.13 40.60
C PHE J 28 43.64 40.02 41.82
N VAL J 29 44.32 39.73 42.92
CA VAL J 29 44.39 40.68 44.02
C VAL J 29 45.01 41.99 43.54
N TRP J 30 46.11 41.90 42.77
CA TRP J 30 46.72 43.11 42.22
C TRP J 30 45.72 43.89 41.40
N GLN J 31 45.09 43.23 40.43
CA GLN J 31 44.18 43.95 39.53
C GLN J 31 42.98 44.50 40.29
N ALA J 32 42.53 43.81 41.34
CA ALA J 32 41.49 44.39 42.19
C ALA J 32 41.98 45.69 42.82
N ALA J 33 43.23 45.71 43.28
CA ALA J 33 43.81 46.93 43.85
C ALA J 33 43.82 48.06 42.83
N VAL J 34 44.18 47.77 41.58
CA VAL J 34 44.38 48.81 40.59
C VAL J 34 43.11 49.14 39.84
N GLY J 35 42.02 48.42 40.09
CA GLY J 35 40.75 48.73 39.45
C GLY J 35 40.54 48.13 38.08
N PHE J 36 41.15 46.98 37.79
CA PHE J 36 41.03 46.30 36.49
C PHE J 36 41.24 47.27 35.33
N ARG J 37 42.37 47.99 35.38
CA ARG J 37 42.72 48.98 34.37
CA ARG J 37 42.75 48.98 34.36
C ARG J 37 43.46 48.29 33.21
N MET K 1 -25.71 42.29 -4.01
CA MET K 1 -24.85 42.06 -2.82
C MET K 1 -23.36 42.27 -3.16
N GLU K 2 -22.65 42.94 -2.27
CA GLU K 2 -21.25 43.23 -2.51
C GLU K 2 -20.41 41.95 -2.52
N PRO K 3 -19.32 41.94 -3.29
CA PRO K 3 -18.29 40.92 -3.09
C PRO K 3 -17.56 41.10 -1.76
N ASN K 4 -17.15 39.98 -1.20
CA ASN K 4 -16.74 39.97 0.19
C ASN K 4 -15.45 40.74 0.36
N PRO K 5 -15.42 41.76 1.23
CA PRO K 5 -14.23 42.63 1.32
C PRO K 5 -13.10 42.08 2.15
N ASN K 6 -13.25 40.94 2.81
CA ASN K 6 -12.22 40.44 3.70
C ASN K 6 -11.21 39.53 3.02
N ARG K 7 -11.41 39.22 1.72
CA ARG K 7 -10.52 38.35 0.99
C ARG K 7 -9.11 38.91 0.96
N GLN K 8 -8.11 38.03 1.07
CA GLN K 8 -6.69 38.40 1.04
C GLN K 8 -5.85 37.41 0.24
N PRO K 9 -4.85 37.89 -0.48
CA PRO K 9 -3.90 36.97 -1.12
C PRO K 9 -2.98 36.30 -0.12
N VAL K 10 -2.56 35.08 -0.51
CA VAL K 10 -1.72 34.19 0.29
C VAL K 10 -0.34 34.13 -0.38
N GLU K 11 0.72 34.07 0.42
CA GLU K 11 2.06 34.00 -0.15
C GLU K 11 2.86 32.88 0.51
N LEU K 12 3.67 32.21 -0.33
CA LEU K 12 4.73 31.35 0.18
C LEU K 12 5.98 31.57 -0.67
N ASN K 13 7.02 32.16 -0.10
CA ASN K 13 8.17 32.48 -0.93
C ASN K 13 8.98 31.21 -1.15
N ARG K 14 10.02 31.32 -2.00
CA ARG K 14 10.77 30.14 -2.42
C ARG K 14 11.57 29.55 -1.26
N THR K 15 12.13 30.41 -0.42
CA THR K 15 12.85 29.95 0.76
C THR K 15 11.93 29.17 1.70
N SER K 16 10.69 29.67 1.88
CA SER K 16 9.75 28.95 2.74
C SER K 16 9.39 27.61 2.14
N LEU K 17 9.30 27.53 0.83
CA LEU K 17 9.09 26.25 0.16
C LEU K 17 10.24 25.28 0.44
N TYR K 18 11.49 25.73 0.22
CA TYR K 18 12.65 24.90 0.53
C TYR K 18 12.64 24.43 1.97
N LEU K 19 12.47 25.36 2.92
CA LEU K 19 12.39 25.00 4.33
C LEU K 19 11.31 23.97 4.60
N GLY K 20 10.12 24.20 4.05
CA GLY K 20 9.02 23.30 4.39
C GLY K 20 9.16 21.94 3.76
N LEU K 21 9.69 21.88 2.53
CA LEU K 21 9.93 20.58 1.92
C LEU K 21 11.01 19.82 2.70
N LEU K 22 12.02 20.53 3.18
CA LEU K 22 13.03 19.84 3.96
C LEU K 22 12.40 19.29 5.22
N LEU K 23 11.58 20.09 5.87
CA LEU K 23 10.92 19.59 7.06
C LEU K 23 10.16 18.31 6.78
N ILE K 24 9.31 18.33 5.77
CA ILE K 24 8.49 17.16 5.50
C ILE K 24 9.35 15.95 5.17
N LEU K 25 10.30 16.10 4.24
CA LEU K 25 11.18 15.00 3.84
C LEU K 25 11.95 14.44 5.02
N VAL K 26 12.52 15.30 5.85
CA VAL K 26 13.23 14.78 7.01
C VAL K 26 12.27 14.14 8.00
N LEU K 27 11.12 14.76 8.29
CA LEU K 27 10.09 14.05 9.05
C LEU K 27 9.76 12.68 8.45
N ALA K 28 9.55 12.62 7.14
CA ALA K 28 9.29 11.33 6.52
C ALA K 28 10.43 10.35 6.75
N LEU K 29 11.69 10.82 6.60
CA LEU K 29 12.86 9.97 6.80
C LEU K 29 12.91 9.44 8.22
N LEU K 30 12.52 10.26 9.20
CA LEU K 30 12.58 9.82 10.60
C LEU K 30 11.45 8.83 10.93
N PHE K 31 10.22 9.15 10.56
CA PHE K 31 9.11 8.28 10.96
C PHE K 31 8.90 7.09 10.06
N SER K 32 9.49 7.03 8.88
CA SER K 32 9.20 5.90 7.99
C SER K 32 9.57 4.57 8.62
N SER K 33 10.68 4.52 9.36
CA SER K 33 11.09 3.25 9.95
C SER K 33 10.02 2.73 10.92
N TYR K 34 9.34 3.64 11.63
CA TYR K 34 8.33 3.28 12.62
C TYR K 34 7.01 2.94 11.99
N PHE K 35 6.68 3.57 10.86
CA PHE K 35 5.52 3.18 10.09
C PHE K 35 5.69 1.77 9.55
N PHE K 36 6.90 1.41 9.12
CA PHE K 36 7.11 0.05 8.64
C PHE K 36 7.23 -0.94 9.80
N ASN K 37 7.86 -0.52 10.88
CA ASN K 37 7.99 -1.34 12.10
C ASN K 37 8.56 -2.72 11.77
N FME L 1 11.75 -8.28 4.89
CN FME L 1 11.70 -9.40 4.10
O1 FME L 1 11.36 -10.49 4.54
CA FME L 1 11.41 -8.33 6.28
CB FME L 1 12.02 -7.17 7.09
CG FME L 1 13.52 -7.07 6.85
SD FME L 1 14.34 -8.25 7.89
CE FME L 1 14.28 -7.35 9.39
C FME L 1 9.89 -8.29 6.39
O FME L 1 9.21 -7.73 5.54
H FME L 1 12.04 -7.40 4.52
HCN FME L 1 11.99 -9.21 3.04
HA FME L 1 11.76 -9.28 6.79
HB2 FME L 1 11.81 -7.36 8.17
HB3 FME L 1 11.51 -6.22 6.79
HG2 FME L 1 13.88 -6.03 7.09
HG3 FME L 1 13.76 -7.27 5.78
HE1 FME L 1 14.94 -7.90 10.11
HE2 FME L 1 13.22 -7.34 9.71
HE3 FME L 1 14.68 -6.33 9.16
N GLU L 2 9.35 -8.92 7.45
CA GLU L 2 7.90 -8.90 7.72
C GLU L 2 7.49 -7.53 8.26
N VAL L 3 7.23 -6.61 7.34
CA VAL L 3 7.07 -5.18 7.65
C VAL L 3 5.62 -4.77 7.39
N ASN L 4 5.15 -3.78 8.15
CA ASN L 4 3.78 -3.28 8.05
C ASN L 4 3.49 -2.79 6.64
N GLN L 5 2.55 -3.46 5.98
CA GLN L 5 2.26 -3.17 4.57
C GLN L 5 1.82 -1.73 4.36
N LEU L 6 0.93 -1.24 5.21
CA LEU L 6 0.44 0.13 5.09
C LEU L 6 1.50 1.18 5.35
N GLY L 7 2.64 0.81 5.92
CA GLY L 7 3.75 1.75 6.03
C GLY L 7 4.06 2.44 4.72
N LEU L 8 3.90 1.74 3.61
CA LEU L 8 4.26 2.33 2.33
C LEU L 8 3.32 3.48 2.00
N ILE L 9 2.01 3.19 1.97
CA ILE L 9 1.00 4.21 1.65
C ILE L 9 1.07 5.34 2.66
N ALA L 10 1.29 5.00 3.92
CA ALA L 10 1.38 6.03 4.93
C ALA L 10 2.53 6.98 4.64
N THR L 11 3.72 6.42 4.30
CA THR L 11 4.89 7.23 3.99
C THR L 11 4.65 8.09 2.78
N ALA L 12 4.13 7.50 1.70
CA ALA L 12 3.91 8.27 0.48
C ALA L 12 2.98 9.47 0.73
N LEU L 13 1.83 9.24 1.35
CA LEU L 13 0.90 10.33 1.64
C LEU L 13 1.53 11.34 2.57
N PHE L 14 2.23 10.85 3.57
CA PHE L 14 2.85 11.73 4.55
C PHE L 14 3.77 12.71 3.84
N VAL L 15 4.54 12.22 2.86
CA VAL L 15 5.36 13.11 2.04
C VAL L 15 4.49 13.91 1.09
N LEU L 16 3.63 13.23 0.34
CA LEU L 16 3.02 13.87 -0.83
C LEU L 16 2.04 14.98 -0.42
N VAL L 17 1.12 14.73 0.52
CA VAL L 17 0.06 15.72 0.78
C VAL L 17 0.66 17.03 1.27
N PRO L 18 1.47 17.05 2.32
CA PRO L 18 2.08 18.31 2.74
C PRO L 18 2.95 18.97 1.67
N SER L 19 3.69 18.17 0.89
CA SER L 19 4.58 18.75 -0.13
C SER L 19 3.77 19.43 -1.21
N VAL L 20 2.73 18.74 -1.67
CA VAL L 20 1.91 19.28 -2.74
C VAL L 20 1.27 20.59 -2.30
N PHE L 21 0.87 20.67 -1.04
CA PHE L 21 0.27 21.89 -0.51
C PHE L 21 1.24 23.06 -0.63
N LEU L 22 2.52 22.85 -0.26
CA LEU L 22 3.50 23.94 -0.36
C LEU L 22 3.72 24.36 -1.81
N ILE L 23 3.83 23.40 -2.71
CA ILE L 23 4.08 23.75 -4.09
C ILE L 23 2.92 24.59 -4.63
N ILE L 24 1.69 24.19 -4.33
CA ILE L 24 0.54 24.95 -4.77
C ILE L 24 0.66 26.40 -4.33
N LEU L 25 1.02 26.65 -3.09
CA LEU L 25 1.10 28.04 -2.64
C LEU L 25 2.30 28.76 -3.23
N TYR L 26 3.43 28.06 -3.44
CA TYR L 26 4.59 28.69 -4.06
C TYR L 26 4.28 29.15 -5.48
N VAL L 27 3.78 28.24 -6.32
CA VAL L 27 3.63 28.57 -7.73
C VAL L 27 2.64 29.72 -7.91
N GLN L 28 1.52 29.68 -7.18
CA GLN L 28 0.56 30.79 -7.31
C GLN L 28 1.11 32.08 -6.70
N THR L 29 2.11 31.99 -5.83
CA THR L 29 2.82 33.19 -5.40
C THR L 29 3.65 33.81 -6.53
N GLU L 30 4.46 32.99 -7.22
CA GLU L 30 5.29 33.48 -8.32
C GLU L 30 4.47 34.11 -9.44
N SER L 31 3.30 33.55 -9.73
CA SER L 31 2.43 34.06 -10.78
C SER L 31 1.80 35.41 -10.48
N GLN L 32 1.98 35.92 -9.25
CA GLN L 32 1.47 37.23 -8.87
C GLN L 32 2.42 38.34 -9.28
N GLN L 33 3.68 38.25 -8.89
CA GLN L 33 4.70 39.23 -9.25
C GLN L 33 5.06 39.16 -10.74
N GLN M 1 70.90 -21.30 10.51
CA GLN M 1 70.36 -19.95 10.43
C GLN M 1 68.83 -20.00 10.38
N THR M 2 68.17 -19.23 11.24
CA THR M 2 66.72 -19.17 11.25
C THR M 2 66.27 -17.75 11.57
N LEU M 3 64.99 -17.48 11.34
CA LEU M 3 64.40 -16.17 11.53
C LEU M 3 63.96 -15.98 12.98
N THR M 4 63.88 -14.71 13.38
CA THR M 4 63.33 -14.31 14.68
C THR M 4 61.94 -13.68 14.52
N TYR M 5 61.20 -13.64 15.64
CA TYR M 5 59.88 -13.00 15.65
C TYR M 5 59.90 -11.72 14.87
N ASP M 6 60.84 -10.83 15.18
CA ASP M 6 60.79 -9.52 14.55
C ASP M 6 61.07 -9.56 13.07
N ASP M 7 61.68 -10.64 12.56
CA ASP M 7 61.77 -10.79 11.12
C ASP M 7 60.42 -11.25 10.54
N ILE M 8 59.70 -12.07 11.29
CA ILE M 8 58.46 -12.66 10.82
C ILE M 8 57.27 -11.72 11.00
N VAL M 9 57.28 -10.90 12.06
CA VAL M 9 56.03 -10.34 12.54
C VAL M 9 55.38 -9.49 11.46
N GLY M 10 54.13 -9.81 11.12
CA GLY M 10 53.44 -8.96 10.19
C GLY M 10 53.69 -9.27 8.74
N THR M 11 54.50 -10.30 8.45
CA THR M 11 54.76 -10.75 7.10
C THR M 11 53.71 -11.71 6.59
N GLY M 12 53.02 -12.42 7.49
CA GLY M 12 52.24 -13.58 7.09
C GLY M 12 53.00 -14.90 7.12
N LEU M 13 54.34 -14.88 7.24
CA LEU M 13 55.06 -16.14 7.32
C LEU M 13 54.68 -16.94 8.56
N ALA M 14 54.15 -16.27 9.60
CA ALA M 14 53.75 -16.99 10.79
C ALA M 14 52.64 -18.00 10.50
N ASN M 15 51.89 -17.81 9.41
CA ASN M 15 50.80 -18.72 9.09
C ASN M 15 51.21 -19.80 8.08
N LYS M 16 52.47 -19.83 7.69
CA LYS M 16 53.00 -20.79 6.75
C LYS M 16 53.77 -21.86 7.48
N CYS M 17 53.57 -23.11 7.06
CA CYS M 17 54.28 -24.21 7.71
C CYS M 17 55.72 -24.25 7.20
N PRO M 18 56.63 -24.85 7.96
CA PRO M 18 57.99 -25.03 7.44
C PRO M 18 58.00 -25.91 6.21
N THR M 19 58.92 -25.61 5.30
CA THR M 19 59.03 -26.35 4.05
C THR M 19 60.32 -27.17 4.06
N LEU M 20 60.36 -28.19 3.22
CA LEU M 20 61.53 -29.04 3.05
C LEU M 20 62.16 -28.78 1.69
N ASP M 21 63.50 -28.66 1.68
CA ASP M 21 64.30 -28.63 0.46
C ASP M 21 63.67 -29.47 -0.63
N ASP M 22 63.58 -28.96 -1.86
CA ASP M 22 63.22 -29.82 -2.98
C ASP M 22 64.24 -30.95 -3.21
N THR M 23 65.36 -30.96 -2.48
CA THR M 23 66.35 -32.02 -2.61
C THR M 23 66.09 -33.21 -1.68
N ALA M 24 65.04 -33.17 -0.85
CA ALA M 24 64.89 -34.06 0.29
C ALA M 24 63.98 -35.22 -0.09
N ARG M 25 64.56 -36.20 -0.77
CA ARG M 25 63.85 -37.34 -1.34
C ARG M 25 64.26 -38.64 -0.66
N GLY M 26 64.53 -38.58 0.63
CA GLY M 26 65.06 -39.70 1.33
C GLY M 26 64.04 -40.62 1.94
N ALA M 27 64.41 -41.14 3.12
CA ALA M 27 63.62 -42.15 3.81
C ALA M 27 64.03 -42.15 5.27
N TYR M 28 63.07 -42.47 6.13
CA TYR M 28 63.30 -42.47 7.58
C TYR M 28 62.81 -43.81 8.10
N PRO M 29 63.70 -44.69 8.55
CA PRO M 29 63.31 -46.08 8.80
C PRO M 29 62.83 -46.29 10.23
N ILE M 30 62.02 -47.33 10.40
CA ILE M 30 61.26 -47.55 11.63
C ILE M 30 61.79 -48.82 12.28
N ASP M 31 62.42 -48.66 13.45
CA ASP M 31 62.80 -49.76 14.31
C ASP M 31 61.52 -50.31 14.94
N SER M 32 61.06 -51.46 14.46
CA SER M 32 59.80 -52.04 14.94
C SER M 32 59.70 -51.91 16.46
N SER M 33 60.85 -51.86 17.13
CA SER M 33 60.91 -51.85 18.60
C SER M 33 60.88 -50.42 19.15
N GLN M 34 61.97 -49.68 18.99
CA GLN M 34 62.11 -48.31 19.46
C GLN M 34 60.82 -47.54 19.21
N THR M 35 60.52 -46.53 20.02
CA THR M 35 59.26 -45.82 19.93
C THR M 35 59.49 -44.39 19.44
N TYR M 36 58.43 -43.81 18.91
CA TYR M 36 58.54 -42.53 18.20
C TYR M 36 57.34 -41.64 18.47
N ARG M 37 57.60 -40.34 18.55
CA ARG M 37 56.58 -39.32 18.63
C ARG M 37 56.73 -38.35 17.46
N ILE M 38 55.70 -37.54 17.27
CA ILE M 38 55.71 -36.41 16.36
C ILE M 38 55.67 -35.17 17.21
N ALA M 39 56.73 -34.38 17.13
CA ALA M 39 56.95 -33.26 18.03
C ALA M 39 56.32 -32.00 17.51
N ARG M 40 56.09 -31.93 16.19
CA ARG M 40 55.44 -30.80 15.56
C ARG M 40 54.81 -31.31 14.28
N LEU M 41 53.50 -31.26 14.22
CA LEU M 41 52.77 -31.40 12.98
C LEU M 41 52.13 -30.06 12.65
N CYS M 42 52.30 -29.63 11.40
CA CYS M 42 51.84 -28.34 10.92
C CYS M 42 51.06 -28.53 9.64
N LEU M 43 49.86 -27.96 9.58
CA LEU M 43 48.95 -28.08 8.46
C LEU M 43 48.55 -26.69 8.00
N GLN M 44 48.90 -26.38 6.77
CA GLN M 44 48.63 -25.07 6.21
C GLN M 44 47.63 -25.19 5.08
N PRO M 45 46.41 -24.71 5.21
CA PRO M 45 45.46 -24.89 4.11
C PRO M 45 45.72 -23.88 3.02
N THR M 46 45.48 -24.30 1.80
CA THR M 46 45.63 -23.39 0.68
C THR M 46 44.35 -23.16 -0.10
N THR M 47 43.37 -24.07 0.02
CA THR M 47 42.17 -24.10 -0.81
C THR M 47 41.01 -24.59 0.03
N PHE M 48 39.87 -23.92 -0.12
CA PHE M 48 38.64 -24.23 0.60
C PHE M 48 37.53 -24.43 -0.41
N LEU M 49 36.94 -25.62 -0.43
CA LEU M 49 35.86 -25.94 -1.37
C LEU M 49 34.62 -26.36 -0.59
N VAL M 50 33.46 -25.92 -1.07
CA VAL M 50 32.19 -26.18 -0.43
C VAL M 50 31.32 -26.94 -1.42
N LYS M 51 30.56 -27.90 -0.92
CA LYS M 51 29.62 -28.66 -1.73
C LYS M 51 28.34 -27.87 -1.91
N GLU M 52 27.91 -27.73 -3.15
CA GLU M 52 26.63 -27.06 -3.40
C GLU M 52 25.49 -28.02 -3.06
N GLU M 53 24.28 -27.45 -2.98
CA GLU M 53 23.08 -28.23 -2.71
C GLU M 53 22.26 -28.27 -4.00
N PRO M 54 22.23 -29.41 -4.74
CA PRO M 54 21.75 -29.38 -6.13
C PRO M 54 20.24 -29.52 -6.32
N LYS M 55 19.44 -29.18 -5.32
CA LYS M 55 18.01 -28.93 -5.51
C LYS M 55 17.23 -30.15 -6.02
N ASN M 56 17.69 -30.78 -7.09
CA ASN M 56 17.00 -31.91 -7.71
C ASN M 56 17.46 -33.23 -7.06
N LYS M 57 17.24 -34.35 -7.75
CA LYS M 57 17.45 -35.67 -7.18
C LYS M 57 18.70 -36.38 -7.68
N ARG M 58 19.03 -36.26 -8.97
CA ARG M 58 20.20 -36.91 -9.56
C ARG M 58 21.00 -35.85 -10.32
N GLN M 59 21.73 -35.01 -9.58
CA GLN M 59 22.70 -34.10 -10.17
C GLN M 59 24.00 -34.12 -9.38
N GLU M 60 23.92 -34.47 -8.09
CA GLU M 60 25.05 -34.49 -7.17
C GLU M 60 25.91 -33.25 -7.36
N ALA M 61 25.84 -32.33 -6.39
CA ALA M 61 26.39 -31.00 -6.58
C ALA M 61 27.91 -31.00 -6.61
N GLU M 62 28.45 -29.93 -7.17
CA GLU M 62 29.88 -29.77 -7.33
C GLU M 62 30.49 -29.26 -6.02
N PHE M 63 31.79 -29.47 -5.88
CA PHE M 63 32.61 -28.69 -4.97
C PHE M 63 33.01 -27.42 -5.69
N VAL M 64 32.55 -26.28 -5.19
CA VAL M 64 32.89 -24.99 -5.80
C VAL M 64 33.94 -24.28 -4.96
N PRO M 65 34.71 -23.36 -5.53
CA PRO M 65 35.75 -22.67 -4.77
C PRO M 65 35.19 -21.48 -4.00
N THR M 66 35.93 -21.09 -2.97
CA THR M 66 35.50 -20.02 -2.10
C THR M 66 36.63 -19.01 -1.85
N LYS M 67 36.24 -17.78 -1.46
CA LYS M 67 37.15 -16.73 -1.01
C LYS M 67 37.24 -16.77 0.51
N LEU M 68 38.44 -16.91 1.03
CA LEU M 68 38.67 -16.72 2.46
C LEU M 68 38.44 -15.26 2.84
N VAL M 69 37.81 -15.00 3.98
CA VAL M 69 37.63 -13.62 4.42
C VAL M 69 38.23 -13.38 5.81
N THR M 70 38.74 -14.42 6.47
CA THR M 70 39.26 -14.33 7.83
C THR M 70 40.77 -14.21 7.88
N ARG M 71 41.43 -14.04 6.71
CA ARG M 71 42.83 -13.63 6.64
C ARG M 71 43.75 -14.78 7.06
N GLU M 72 45.01 -14.49 7.45
CA GLU M 72 46.02 -15.54 7.62
C GLU M 72 45.94 -16.11 9.03
N THR M 73 44.82 -16.80 9.30
CA THR M 73 44.49 -17.30 10.63
C THR M 73 44.16 -18.76 10.57
N THR M 74 44.63 -19.44 9.53
CA THR M 74 44.01 -20.69 9.11
C THR M 74 44.77 -21.93 9.52
N SER M 75 46.04 -21.81 9.88
CA SER M 75 46.92 -22.96 10.00
C SER M 75 46.87 -23.60 11.38
N LEU M 76 46.91 -24.94 11.37
CA LEU M 76 47.17 -25.73 12.57
C LEU M 76 48.66 -25.98 12.72
N ASP M 77 49.13 -25.95 13.96
CA ASP M 77 50.57 -26.07 14.18
C ASP M 77 50.80 -26.47 15.63
N GLN M 78 52.04 -26.85 15.90
CA GLN M 78 52.48 -27.34 17.20
C GLN M 78 51.69 -28.56 17.63
N ILE M 79 51.25 -29.36 16.68
CA ILE M 79 50.52 -30.57 17.01
C ILE M 79 51.51 -31.67 17.34
N GLN M 80 51.19 -32.49 18.33
CA GLN M 80 52.06 -33.58 18.73
C GLN M 80 51.24 -34.77 19.17
N GLY M 81 51.89 -35.93 19.16
CA GLY M 81 51.20 -37.17 19.45
C GLY M 81 52.11 -38.38 19.31
N GLU M 82 51.66 -39.48 19.90
CA GLU M 82 52.33 -40.75 19.73
C GLU M 82 52.36 -41.15 18.27
N LEU M 83 53.47 -41.74 17.83
CA LEU M 83 53.53 -42.43 16.54
C LEU M 83 53.88 -43.89 16.80
N LYS M 84 52.88 -44.76 16.62
CA LYS M 84 52.91 -46.16 17.02
C LYS M 84 53.29 -47.07 15.87
N VAL M 85 53.91 -48.21 16.20
CA VAL M 85 54.16 -49.28 15.23
C VAL M 85 53.21 -50.41 15.56
N ASN M 86 52.38 -50.78 14.62
CA ASN M 86 51.33 -51.75 14.87
C ASN M 86 51.86 -53.15 14.60
N SER M 87 51.03 -54.16 14.92
CA SER M 87 51.45 -55.53 14.73
C SER M 87 51.95 -55.77 13.31
N ASP M 88 51.25 -55.22 12.31
CA ASP M 88 51.56 -55.47 10.91
C ASP M 88 52.49 -54.42 10.31
N GLY M 89 53.13 -53.59 11.12
CA GLY M 89 54.07 -52.61 10.64
C GLY M 89 53.47 -51.29 10.21
N SER M 90 52.15 -51.22 10.03
CA SER M 90 51.50 -49.92 9.89
C SER M 90 51.91 -49.02 11.04
N LEU M 91 52.03 -47.72 10.74
CA LEU M 91 52.22 -46.73 11.78
C LEU M 91 50.90 -46.00 12.01
N THR M 92 50.60 -45.71 13.26
CA THR M 92 49.43 -44.92 13.64
C THR M 92 49.90 -43.72 14.42
N PHE M 93 49.43 -42.55 14.01
CA PHE M 93 49.65 -41.33 14.74
C PHE M 93 48.41 -41.03 15.55
N VAL M 94 48.60 -40.72 16.82
CA VAL M 94 47.55 -40.37 17.76
C VAL M 94 47.80 -38.94 18.22
N GLU M 95 46.93 -38.02 17.81
CA GLU M 95 47.05 -36.65 18.25
C GLU M 95 46.81 -36.57 19.76
N GLU M 96 47.65 -35.79 20.44
CA GLU M 96 47.49 -35.49 21.85
C GLU M 96 47.06 -34.05 22.07
N ASP M 97 47.77 -33.11 21.45
CA ASP M 97 47.67 -31.72 21.81
C ASP M 97 48.31 -30.90 20.70
N GLY M 98 48.17 -29.59 20.83
CA GLY M 98 48.60 -28.64 19.85
C GLY M 98 47.48 -27.68 19.51
N ILE M 99 47.83 -26.65 18.75
CA ILE M 99 46.83 -25.76 18.16
C ILE M 99 46.19 -26.45 16.96
N ASP M 100 45.16 -27.25 17.25
CA ASP M 100 44.55 -28.19 16.31
C ASP M 100 43.16 -27.76 15.83
N PHE M 101 42.85 -26.47 15.89
CA PHE M 101 41.64 -25.93 15.29
C PHE M 101 41.85 -24.48 14.92
N GLN M 102 41.15 -24.05 13.87
CA GLN M 102 41.09 -22.64 13.53
C GLN M 102 39.68 -22.39 13.02
N PRO M 103 38.93 -21.43 13.58
CA PRO M 103 37.71 -21.00 12.90
C PRO M 103 38.08 -20.34 11.58
N VAL M 104 37.29 -20.63 10.56
CA VAL M 104 37.47 -20.12 9.21
C VAL M 104 36.11 -19.72 8.68
N THR M 105 36.01 -18.58 7.99
CA THR M 105 34.82 -18.39 7.17
C THR M 105 35.26 -18.03 5.76
N VAL M 106 34.81 -18.83 4.83
CA VAL M 106 34.98 -18.58 3.41
C VAL M 106 33.66 -18.06 2.88
N GLN M 107 33.72 -17.42 1.72
CA GLN M 107 32.54 -16.83 1.09
C GLN M 107 32.32 -17.48 -0.26
N MET M 108 31.11 -17.99 -0.47
CA MET M 108 30.68 -18.56 -1.72
C MET M 108 30.25 -17.45 -2.68
N ALA M 109 30.16 -17.82 -3.95
CA ALA M 109 29.61 -16.92 -4.96
C ALA M 109 28.19 -16.55 -4.61
N GLY M 110 27.87 -15.26 -4.69
CA GLY M 110 26.58 -14.77 -4.28
C GLY M 110 26.50 -14.25 -2.87
N GLY M 111 27.59 -14.32 -2.09
CA GLY M 111 27.66 -13.67 -0.80
C GLY M 111 27.46 -14.55 0.42
N GLU M 112 27.05 -15.80 0.29
CA GLU M 112 26.85 -16.59 1.49
C GLU M 112 28.21 -16.87 2.16
N ARG M 113 28.32 -16.44 3.43
CA ARG M 113 29.45 -16.74 4.29
C ARG M 113 29.31 -18.17 4.79
N ILE M 114 30.36 -18.97 4.67
CA ILE M 114 30.35 -20.30 5.28
C ILE M 114 31.43 -20.41 6.36
N PRO M 115 31.06 -20.46 7.64
CA PRO M 115 32.03 -20.71 8.70
C PRO M 115 32.26 -22.19 8.91
N LEU M 116 33.46 -22.50 9.42
CA LEU M 116 33.78 -23.88 9.75
C LEU M 116 34.89 -23.90 10.79
N LEU M 117 34.95 -25.01 11.52
CA LEU M 117 36.01 -25.28 12.46
C LEU M 117 36.96 -26.25 11.77
N PHE M 118 37.91 -25.68 11.03
CA PHE M 118 39.00 -26.46 10.46
C PHE M 118 39.79 -27.08 11.59
N THR M 119 39.73 -28.41 11.72
CA THR M 119 40.37 -29.06 12.86
C THR M 119 40.95 -30.41 12.45
N VAL M 120 41.81 -30.95 13.34
CA VAL M 120 42.21 -32.34 13.34
C VAL M 120 42.07 -32.91 14.75
N LYS M 121 41.03 -32.49 15.49
CA LYS M 121 40.99 -32.79 16.91
C LYS M 121 40.85 -34.28 17.09
N ASN M 122 41.71 -34.85 17.92
CA ASN M 122 41.65 -36.26 18.25
C ASN M 122 42.00 -37.11 17.04
N LEU M 123 42.87 -36.58 16.17
CA LEU M 123 43.24 -37.29 14.96
C LEU M 123 43.92 -38.63 15.27
N VAL M 124 43.49 -39.65 14.56
CA VAL M 124 44.20 -40.92 14.51
C VAL M 124 44.35 -41.22 13.04
N ALA M 125 45.59 -41.41 12.63
CA ALA M 125 45.93 -41.55 11.23
C ALA M 125 46.92 -42.70 11.12
N SER M 126 46.61 -43.64 10.24
CA SER M 126 47.44 -44.82 10.07
C SER M 126 48.04 -44.84 8.66
N THR M 127 49.03 -45.71 8.48
CA THR M 127 49.63 -45.98 7.18
C THR M 127 49.22 -47.37 6.74
N GLN M 128 49.69 -47.75 5.55
CA GLN M 128 49.63 -49.14 5.10
C GLN M 128 50.44 -50.03 6.04
N PRO M 129 50.23 -51.34 5.99
CA PRO M 129 51.08 -52.26 6.73
C PRO M 129 52.49 -52.29 6.16
N ASN M 130 53.37 -53.01 6.86
CA ASN M 130 54.74 -53.27 6.43
C ASN M 130 55.39 -52.00 5.89
N VAL M 131 55.40 -50.97 6.73
CA VAL M 131 56.03 -49.73 6.31
C VAL M 131 57.55 -49.90 6.34
N THR M 132 58.13 -49.91 7.53
CA THR M 132 59.57 -50.10 7.77
C THR M 132 60.38 -48.87 7.37
N SER M 133 59.80 -47.94 6.62
CA SER M 133 60.45 -46.66 6.32
C SER M 133 59.39 -45.67 5.84
N ILE M 134 59.51 -44.43 6.29
CA ILE M 134 58.73 -43.32 5.75
C ILE M 134 59.46 -42.78 4.52
N THR M 135 58.73 -42.69 3.39
CA THR M 135 59.30 -42.40 2.08
C THR M 135 58.41 -41.38 1.38
N THR M 136 58.88 -40.94 0.21
CA THR M 136 58.12 -40.02 -0.63
C THR M 136 56.95 -40.71 -1.33
N SER M 137 56.52 -41.87 -0.83
CA SER M 137 55.26 -42.47 -1.24
C SER M 137 54.43 -42.96 -0.06
N THR M 138 54.83 -42.64 1.17
CA THR M 138 54.00 -42.99 2.31
C THR M 138 52.75 -42.12 2.34
N ASP M 139 51.59 -42.76 2.56
CA ASP M 139 50.31 -42.08 2.74
C ASP M 139 49.75 -42.41 4.13
N PHE M 140 49.35 -41.37 4.87
CA PHE M 140 48.58 -41.52 6.11
C PHE M 140 47.09 -41.28 5.87
N LYS M 141 46.24 -42.14 6.40
CA LYS M 141 44.81 -41.92 6.32
C LYS M 141 44.21 -42.06 7.71
N GLY M 142 43.25 -41.20 8.01
CA GLY M 142 42.68 -41.23 9.34
C GLY M 142 41.45 -40.36 9.44
N GLU M 143 40.93 -40.25 10.67
CA GLU M 143 39.73 -39.47 10.92
C GLU M 143 39.89 -38.76 12.25
N PHE M 144 39.10 -37.71 12.40
CA PHE M 144 39.21 -36.82 13.54
C PHE M 144 37.81 -36.38 13.95
N ASN M 145 37.74 -35.60 15.02
CA ASN M 145 36.47 -35.09 15.53
C ASN M 145 36.29 -33.63 15.19
N VAL M 146 35.06 -33.26 14.90
CA VAL M 146 34.70 -31.88 14.57
C VAL M 146 33.65 -31.44 15.57
N PRO M 147 34.01 -30.88 16.71
CA PRO M 147 33.01 -30.35 17.61
C PRO M 147 32.28 -29.17 16.97
N SER M 148 31.20 -28.79 17.63
CA SER M 148 30.46 -27.60 17.28
C SER M 148 31.37 -26.38 17.18
N TYR M 149 31.10 -25.54 16.18
CA TYR M 149 31.89 -24.33 15.95
C TYR M 149 31.83 -23.37 17.14
N ARG M 150 30.65 -23.15 17.71
CA ARG M 150 30.50 -22.47 18.97
C ARG M 150 30.36 -23.51 20.08
N THR M 151 30.85 -23.16 21.27
CA THR M 151 30.71 -24.03 22.41
C THR M 151 29.52 -23.56 23.24
N ALA M 152 29.35 -24.16 24.42
CA ALA M 152 28.04 -24.20 25.05
C ALA M 152 27.62 -22.84 25.60
N ASN M 153 28.59 -21.96 25.96
CA ASN M 153 28.30 -20.64 26.49
C ASN M 153 27.88 -19.60 25.44
N PHE M 154 27.93 -19.93 24.14
CA PHE M 154 27.69 -18.94 23.09
C PHE M 154 26.23 -18.45 23.09
N LEU M 155 26.03 -17.14 23.23
CA LEU M 155 24.70 -16.55 23.17
C LEU M 155 24.41 -15.99 21.77
N ASP M 156 23.32 -16.44 21.17
CA ASP M 156 22.84 -15.89 19.90
C ASP M 156 22.38 -14.43 20.11
N PRO M 157 22.08 -13.70 19.02
CA PRO M 157 21.85 -12.25 19.16
C PRO M 157 20.63 -11.84 19.99
N LYS M 158 19.74 -12.79 20.33
CA LYS M 158 18.60 -12.56 21.21
C LYS M 158 18.78 -13.19 22.58
N GLY M 159 20.01 -13.56 22.93
CA GLY M 159 20.36 -14.01 24.25
C GLY M 159 20.15 -15.48 24.51
N ARG M 160 19.84 -16.25 23.49
CA ARG M 160 19.55 -17.68 23.62
C ARG M 160 20.84 -18.50 23.54
N GLY M 161 20.95 -19.53 24.39
CA GLY M 161 22.14 -20.34 24.49
C GLY M 161 21.81 -21.75 24.96
N LEU M 162 22.85 -22.56 25.08
CA LEU M 162 22.69 -23.94 25.52
C LEU M 162 23.02 -24.06 27.00
N ALA M 163 24.24 -23.69 27.41
CA ALA M 163 24.60 -23.73 28.83
C ALA M 163 24.33 -22.41 29.51
N SER M 164 23.92 -21.40 28.76
CA SER M 164 23.54 -20.12 29.30
C SER M 164 22.47 -19.55 28.38
N GLY M 165 21.83 -18.49 28.82
CA GLY M 165 20.91 -17.75 27.97
C GLY M 165 19.44 -18.12 28.17
N TYR M 166 18.60 -17.32 27.51
CA TYR M 166 17.16 -17.52 27.48
C TYR M 166 16.79 -18.81 26.75
N ASP M 167 15.64 -19.40 27.13
CA ASP M 167 15.11 -20.60 26.47
C ASP M 167 13.91 -20.31 25.57
N SER M 168 13.67 -19.05 25.25
CA SER M 168 12.55 -18.74 24.36
C SER M 168 12.84 -17.41 23.69
N ALA M 169 11.86 -16.99 22.88
CA ALA M 169 11.95 -15.75 22.12
C ALA M 169 11.27 -14.66 22.93
N ILE M 170 12.03 -14.10 23.89
CA ILE M 170 11.43 -13.22 24.88
C ILE M 170 10.82 -11.98 24.25
N ALA M 171 11.20 -11.64 23.03
CA ALA M 171 10.63 -10.46 22.38
C ALA M 171 9.27 -10.73 21.76
N LEU M 172 8.84 -11.98 21.71
CA LEU M 172 7.56 -12.36 21.15
C LEU M 172 6.85 -13.15 22.24
N PRO M 173 6.46 -12.50 23.34
CA PRO M 173 5.98 -13.25 24.52
C PRO M 173 4.82 -14.16 24.27
N GLN M 174 3.89 -13.81 23.40
CA GLN M 174 2.69 -14.61 23.27
C GLN M 174 2.62 -15.24 21.90
N ALA M 175 3.78 -15.35 21.24
CA ALA M 175 3.89 -16.09 20.00
C ALA M 175 3.88 -17.59 20.24
N LYS M 176 3.44 -18.33 19.23
CA LYS M 176 3.42 -19.79 19.28
C LYS M 176 4.84 -20.31 19.08
N GLU M 177 5.34 -21.07 20.07
CA GLU M 177 6.75 -21.43 20.15
C GLU M 177 7.12 -22.63 19.30
N GLU M 178 6.13 -23.35 18.80
CA GLU M 178 6.39 -24.51 17.95
C GLU M 178 7.15 -24.12 16.70
N GLU M 179 6.80 -22.99 16.08
CA GLU M 179 7.55 -22.54 14.90
C GLU M 179 9.01 -22.27 15.23
N LEU M 180 9.34 -22.05 16.49
CA LEU M 180 10.63 -21.47 16.86
C LEU M 180 11.51 -22.45 17.61
N ALA M 181 11.07 -23.69 17.77
CA ALA M 181 11.84 -24.66 18.53
C ALA M 181 13.28 -24.83 17.99
N ARG M 182 13.46 -24.90 16.67
CA ARG M 182 14.80 -25.13 16.13
C ARG M 182 15.78 -24.02 16.51
N ALA M 183 15.28 -22.79 16.61
CA ALA M 183 16.11 -21.65 16.96
C ALA M 183 16.18 -21.41 18.46
N ASN M 184 15.19 -21.85 19.24
CA ASN M 184 15.21 -21.65 20.68
C ASN M 184 16.05 -22.70 21.40
N VAL M 185 16.07 -23.91 20.88
CA VAL M 185 16.72 -25.04 21.51
C VAL M 185 18.06 -25.25 20.79
N LYS M 186 19.14 -24.87 21.43
CA LYS M 186 20.47 -25.05 20.84
C LYS M 186 20.96 -26.49 20.99
N ARG M 187 21.70 -26.97 19.97
CA ARG M 187 22.24 -28.32 20.00
C ARG M 187 23.74 -28.29 19.70
N PHE M 188 24.50 -29.08 20.45
CA PHE M 188 25.96 -29.17 20.30
C PHE M 188 26.28 -30.35 19.37
N SER M 189 26.59 -30.04 18.13
CA SER M 189 26.90 -31.11 17.20
C SER M 189 28.30 -31.67 17.47
N LEU M 190 28.51 -32.88 17.01
CA LEU M 190 29.81 -33.53 17.13
C LEU M 190 29.86 -34.52 15.99
N THR M 191 30.67 -34.22 14.99
CA THR M 191 30.75 -35.01 13.78
C THR M 191 32.18 -35.46 13.61
N LYS M 192 32.39 -36.34 12.64
CA LYS M 192 33.72 -36.81 12.30
C LYS M 192 34.13 -36.24 10.95
N GLY M 193 35.43 -36.10 10.76
CA GLY M 193 35.98 -35.80 9.46
C GLY M 193 37.07 -36.78 9.11
N GLN M 194 37.50 -36.73 7.85
CA GLN M 194 38.49 -37.62 7.28
C GLN M 194 39.65 -36.83 6.68
N ILE M 195 40.83 -37.43 6.66
CA ILE M 195 41.98 -36.72 6.13
C ILE M 195 42.95 -37.73 5.53
N SER M 196 43.56 -37.31 4.41
CA SER M 196 44.66 -37.98 3.74
C SER M 196 45.88 -37.09 3.85
N LEU M 197 47.01 -37.68 4.23
CA LEU M 197 48.28 -36.99 4.26
C LEU M 197 49.24 -37.74 3.36
N ASN M 198 49.69 -37.08 2.31
CA ASN M 198 50.58 -37.68 1.33
C ASN M 198 51.97 -37.12 1.54
N VAL M 199 52.91 -37.98 1.92
CA VAL M 199 54.30 -37.57 2.09
C VAL M 199 54.98 -37.52 0.73
N ALA M 200 55.59 -36.39 0.42
CA ALA M 200 56.31 -36.22 -0.83
C ALA M 200 57.77 -35.82 -0.66
N LYS M 201 58.18 -35.35 0.52
CA LYS M 201 59.54 -34.94 0.76
C LYS M 201 59.93 -35.48 2.11
N VAL M 202 61.18 -35.93 2.26
CA VAL M 202 61.62 -36.60 3.48
C VAL M 202 63.09 -36.32 3.71
N ASP M 203 63.41 -35.73 4.85
CA ASP M 203 64.80 -35.51 5.22
C ASP M 203 65.18 -36.67 6.13
N GLY M 204 66.01 -37.57 5.61
CA GLY M 204 66.44 -38.74 6.34
C GLY M 204 67.40 -38.44 7.47
N ARG M 205 68.10 -37.31 7.40
CA ARG M 205 69.03 -36.96 8.48
C ARG M 205 68.25 -36.47 9.68
N THR M 206 67.30 -35.56 9.47
CA THR M 206 66.68 -34.82 10.56
C THR M 206 65.35 -35.39 11.03
N GLY M 207 64.75 -36.30 10.28
CA GLY M 207 63.44 -36.81 10.63
C GLY M 207 62.28 -35.92 10.24
N GLU M 208 62.51 -34.89 9.45
CA GLU M 208 61.44 -34.02 8.99
C GLU M 208 60.79 -34.61 7.76
N ILE M 209 59.50 -34.36 7.61
CA ILE M 209 58.78 -34.81 6.43
C ILE M 209 57.81 -33.71 6.06
N ALA M 210 57.35 -33.77 4.82
CA ALA M 210 56.38 -32.77 4.44
C ALA M 210 55.64 -33.28 3.22
N GLY M 211 54.50 -32.64 2.98
CA GLY M 211 53.71 -32.98 1.83
C GLY M 211 52.38 -32.26 1.77
N THR M 212 51.38 -33.01 1.32
CA THR M 212 50.09 -32.50 0.88
C THR M 212 49.03 -33.19 1.70
N PHE M 213 47.93 -32.51 1.92
CA PHE M 213 46.81 -33.09 2.66
C PHE M 213 45.53 -32.65 2.02
N GLU M 214 44.53 -33.51 2.16
CA GLU M 214 43.15 -33.26 1.80
C GLU M 214 42.27 -33.73 2.96
N SER M 215 41.37 -32.86 3.37
CA SER M 215 40.50 -33.12 4.50
C SER M 215 39.07 -32.87 4.06
N GLU M 216 38.15 -33.67 4.58
CA GLU M 216 36.72 -33.48 4.41
C GLU M 216 36.04 -33.41 5.77
N GLN M 217 35.23 -32.37 5.96
CA GLN M 217 34.47 -32.22 7.20
C GLN M 217 33.25 -31.33 6.96
N LEU M 218 32.44 -31.19 8.00
CA LEU M 218 31.26 -30.35 7.99
C LEU M 218 31.54 -28.93 8.46
N SER M 219 30.78 -27.99 7.92
CA SER M 219 30.80 -26.59 8.32
C SER M 219 29.96 -26.40 9.60
N ASP M 220 29.82 -25.14 9.98
CA ASP M 220 29.04 -24.73 11.13
C ASP M 220 27.55 -24.93 10.87
N ASP M 221 26.86 -25.55 11.83
CA ASP M 221 25.40 -25.64 11.80
C ASP M 221 24.71 -24.64 12.73
N ASP M 222 25.46 -23.72 13.32
CA ASP M 222 24.90 -22.68 14.16
C ASP M 222 24.03 -23.29 15.26
N MET M 223 24.58 -24.34 15.91
CA MET M 223 23.96 -24.91 17.09
C MET M 223 22.56 -25.46 16.77
N GLY M 224 22.46 -26.07 15.61
CA GLY M 224 21.26 -26.71 15.15
C GLY M 224 20.39 -25.86 14.28
N ALA M 225 20.69 -24.57 14.16
CA ALA M 225 19.76 -23.66 13.49
C ALA M 225 19.54 -24.05 12.03
N HIS M 226 20.59 -24.50 11.35
CA HIS M 226 20.49 -24.79 9.93
C HIS M 226 21.37 -25.99 9.61
N GLU M 227 21.19 -26.49 8.41
CA GLU M 227 21.91 -27.69 8.02
CA GLU M 227 21.93 -27.68 8.04
C GLU M 227 23.33 -27.30 7.59
N PRO M 228 24.33 -28.12 7.92
CA PRO M 228 25.70 -27.81 7.52
C PRO M 228 26.00 -28.06 6.06
N HIS M 229 27.11 -27.48 5.61
CA HIS M 229 27.65 -27.76 4.29
C HIS M 229 28.84 -28.69 4.43
N GLU M 230 29.07 -29.46 3.38
CA GLU M 230 30.25 -30.28 3.28
C GLU M 230 31.41 -29.43 2.78
N VAL M 231 32.56 -29.58 3.41
CA VAL M 231 33.73 -28.79 3.03
C VAL M 231 34.90 -29.72 2.74
N LYS M 232 35.67 -29.39 1.71
CA LYS M 232 36.90 -30.08 1.38
C LYS M 232 38.04 -29.08 1.53
N ILE M 233 39.06 -29.45 2.30
CA ILE M 233 40.20 -28.57 2.56
C ILE M 233 41.44 -29.22 1.96
N GLN M 234 42.11 -28.48 1.09
CA GLN M 234 43.40 -28.89 0.55
C GLN M 234 44.49 -27.96 1.08
N GLY M 235 45.64 -28.53 1.37
CA GLY M 235 46.83 -27.73 1.66
C GLY M 235 48.12 -28.53 1.73
N VAL M 236 49.03 -28.09 2.58
CA VAL M 236 50.36 -28.66 2.66
C VAL M 236 50.66 -28.90 4.11
N PHE M 237 51.48 -29.92 4.39
CA PHE M 237 51.80 -30.20 5.77
C PHE M 237 53.31 -30.35 5.97
N TYR M 238 53.66 -30.33 7.25
CA TYR M 238 55.03 -30.50 7.70
C TYR M 238 55.00 -31.14 9.08
N ALA M 239 55.80 -32.18 9.27
CA ALA M 239 55.90 -32.84 10.55
C ALA M 239 57.34 -33.19 10.86
N SER M 240 57.66 -33.27 12.15
CA SER M 240 58.98 -33.65 12.59
C SER M 240 58.88 -34.83 13.54
N ILE M 241 59.82 -35.78 13.38
CA ILE M 241 59.81 -37.03 14.12
C ILE M 241 61.01 -37.06 15.05
N GLU M 242 60.81 -37.69 16.18
CA GLU M 242 61.80 -37.84 17.20
C GLU M 242 61.60 -39.27 17.72
N PRO M 243 62.70 -39.98 18.00
CA PRO M 243 62.60 -41.12 18.91
C PRO M 243 62.08 -40.67 20.26
N ALA M 244 61.07 -41.37 20.77
CA ALA M 244 60.50 -41.06 22.07
C ALA M 244 61.44 -41.49 23.17
N FME N 1 10.62 -3.09 -0.59
CN FME N 1 11.98 -3.15 -0.82
O1 FME N 1 12.60 -2.12 -1.13
CA FME N 1 9.96 -1.83 -0.73
CB FME N 1 8.41 -1.90 -0.69
CG FME N 1 7.87 -2.34 0.67
SD FME N 1 6.09 -2.52 0.63
CE FME N 1 5.73 -2.91 -1.05
C FME N 1 10.37 -0.82 0.33
O FME N 1 10.32 0.37 0.10
H FME N 1 10.09 -3.89 -0.33
HCN FME N 1 12.44 -4.15 -0.70
HA FME N 1 10.26 -1.39 -1.73
HB2 FME N 1 8.07 -2.61 -1.48
HB3 FME N 1 8.01 -0.88 -0.94
HG2 FME N 1 8.14 -1.59 1.46
HG3 FME N 1 8.33 -3.32 0.96
HE1 FME N 1 4.64 -3.14 -1.10
HE2 FME N 1 6.36 -3.80 -1.30
HE3 FME N 1 6.00 -2.01 -1.64
N GLU N 2 10.78 -1.29 1.50
CA GLU N 2 11.17 -0.33 2.53
C GLU N 2 12.50 0.26 2.11
N THR N 3 13.39 -0.60 1.58
CA THR N 3 14.69 -0.08 1.18
C THR N 3 14.50 1.02 0.13
N ILE N 4 13.67 0.75 -0.88
CA ILE N 4 13.46 1.73 -1.93
C ILE N 4 12.90 3.03 -1.37
N THR N 5 11.98 2.94 -0.39
CA THR N 5 11.40 4.15 0.18
C THR N 5 12.46 4.97 0.90
N TYR N 6 13.19 4.35 1.81
CA TYR N 6 14.24 5.06 2.53
C TYR N 6 15.18 5.79 1.58
N VAL N 7 15.61 5.11 0.52
CA VAL N 7 16.63 5.69 -0.36
C VAL N 7 16.00 6.77 -1.21
N PHE N 8 14.73 6.60 -1.55
CA PHE N 8 14.03 7.59 -2.35
C PHE N 8 13.95 8.91 -1.62
N ILE N 9 13.57 8.87 -0.35
CA ILE N 9 13.49 10.08 0.45
C ILE N 9 14.87 10.70 0.57
N PHE N 10 15.88 9.87 0.83
CA PHE N 10 17.22 10.41 0.98
C PHE N 10 17.67 11.10 -0.30
N ALA N 11 17.31 10.50 -1.44
CA ALA N 11 17.62 11.09 -2.73
C ALA N 11 16.89 12.41 -2.97
N CYS N 12 15.62 12.53 -2.52
CA CYS N 12 14.93 13.80 -2.66
C CYS N 12 15.60 14.90 -1.86
N ILE N 13 16.05 14.59 -0.65
CA ILE N 13 16.75 15.59 0.16
C ILE N 13 18.00 16.10 -0.57
N ILE N 14 18.74 15.19 -1.19
CA ILE N 14 19.96 15.62 -1.85
C ILE N 14 19.63 16.53 -3.02
N ALA N 15 18.61 16.16 -3.79
CA ALA N 15 18.13 17.05 -4.85
C ALA N 15 17.72 18.41 -4.30
N LEU N 16 16.91 18.41 -3.23
CA LEU N 16 16.53 19.68 -2.57
C LEU N 16 17.75 20.53 -2.21
N PHE N 17 18.75 19.94 -1.55
CA PHE N 17 20.03 20.61 -1.34
C PHE N 17 20.53 21.33 -2.56
N PHE N 18 20.54 20.64 -3.70
CA PHE N 18 21.02 21.22 -4.95
C PHE N 18 20.26 22.49 -5.31
N PHE N 19 18.92 22.47 -5.20
CA PHE N 19 18.16 23.64 -5.62
C PHE N 19 18.22 24.75 -4.58
N ALA N 20 18.27 24.40 -3.31
CA ALA N 20 18.33 25.43 -2.29
C ALA N 20 19.62 26.25 -2.37
N ILE N 21 20.69 25.65 -2.90
CA ILE N 21 21.98 26.31 -3.02
C ILE N 21 22.08 27.04 -4.36
N PHE N 22 21.97 26.31 -5.45
CA PHE N 22 22.17 26.94 -6.73
C PHE N 22 20.96 27.65 -7.28
N PHE N 23 19.74 27.33 -6.78
CA PHE N 23 18.54 28.00 -7.26
C PHE N 23 17.78 28.69 -6.14
N ARG N 24 18.51 29.44 -5.31
CA ARG N 24 17.95 30.17 -4.18
C ARG N 24 17.43 31.52 -4.64
N GLU N 25 16.52 32.10 -3.84
CA GLU N 25 16.22 33.52 -4.00
C GLU N 25 17.53 34.25 -3.73
N PRO N 26 18.08 34.98 -4.68
CA PRO N 26 19.37 35.61 -4.45
C PRO N 26 19.20 36.83 -3.58
N PRO N 27 19.92 36.91 -2.47
CA PRO N 27 19.71 38.05 -1.57
C PRO N 27 20.18 39.32 -2.25
N ARG N 28 19.37 40.36 -2.12
CA ARG N 28 19.62 41.64 -2.77
C ARG N 28 19.69 42.75 -1.72
N ILE N 29 20.66 43.65 -1.89
CA ILE N 29 20.92 44.66 -0.86
C ILE N 29 19.85 45.75 -0.91
N THR N 30 19.28 46.05 0.27
CA THR N 30 18.39 47.19 0.54
C THR N 30 17.35 47.37 -0.57
N GLU O 1 11.29 -33.19 20.95
CA GLU O 1 12.33 -33.95 20.26
C GLU O 1 13.59 -33.09 20.13
N LEU O 2 13.43 -31.81 20.43
CA LEU O 2 14.53 -30.89 20.58
C LEU O 2 14.64 -30.60 22.07
N VAL O 3 15.64 -31.18 22.72
CA VAL O 3 15.84 -30.96 24.15
C VAL O 3 17.14 -30.19 24.33
N ASN O 4 17.18 -29.39 25.39
CA ASN O 4 18.44 -28.84 25.90
C ASN O 4 19.10 -29.90 26.76
N VAL O 5 20.26 -30.44 26.31
CA VAL O 5 20.94 -31.52 27.04
C VAL O 5 21.43 -31.08 28.41
N VAL O 6 21.83 -29.82 28.57
CA VAL O 6 22.30 -29.33 29.86
C VAL O 6 21.17 -29.30 30.89
N ASP O 7 20.00 -28.76 30.51
CA ASP O 7 18.82 -28.82 31.38
C ASP O 7 18.44 -30.27 31.72
N GLU O 8 18.45 -31.14 30.71
CA GLU O 8 18.19 -32.57 30.95
C GLU O 8 19.17 -33.15 31.94
N LYS O 9 20.45 -32.73 31.85
CA LYS O 9 21.49 -33.17 32.77
C LYS O 9 21.24 -32.73 34.20
N LEU O 10 20.56 -31.60 34.40
CA LEU O 10 20.25 -31.14 35.76
C LEU O 10 19.19 -32.00 36.44
N GLY O 11 18.52 -32.87 35.69
CA GLY O 11 17.57 -33.78 36.27
C GLY O 11 18.20 -35.08 36.70
N THR O 12 19.51 -35.23 36.52
CA THR O 12 20.23 -36.41 36.93
C THR O 12 21.03 -36.11 38.19
N ALA O 13 21.63 -37.15 38.74
CA ALA O 13 22.58 -37.02 39.83
C ALA O 13 23.58 -35.88 39.58
N TYR O 14 23.77 -35.53 38.32
CA TYR O 14 24.64 -34.40 38.02
C TYR O 14 24.11 -33.12 38.63
N GLY O 15 22.79 -33.00 38.77
CA GLY O 15 22.22 -31.83 39.41
C GLY O 15 22.36 -31.81 40.91
N GLU O 16 22.87 -32.87 41.54
CA GLU O 16 22.90 -32.94 43.00
C GLU O 16 24.28 -33.27 43.54
N LYS O 17 25.11 -34.01 42.79
CA LYS O 17 26.48 -34.27 43.25
C LYS O 17 27.49 -33.79 42.21
N ILE O 18 28.76 -33.86 42.60
CA ILE O 18 29.88 -33.65 41.67
C ILE O 18 29.95 -34.84 40.71
N ASP O 19 29.69 -34.60 39.44
CA ASP O 19 29.76 -35.65 38.43
C ASP O 19 31.21 -35.79 38.02
N LEU O 20 31.83 -36.94 38.29
CA LEU O 20 33.27 -37.04 38.03
C LEU O 20 33.57 -37.01 36.56
N ASN O 21 32.54 -37.14 35.70
CA ASN O 21 32.73 -37.20 34.27
C ASN O 21 32.46 -35.86 33.57
N ASN O 22 31.76 -34.94 34.24
CA ASN O 22 31.20 -33.74 33.60
C ASN O 22 31.43 -32.43 34.36
N THR O 23 31.52 -32.50 35.69
CA THR O 23 31.42 -31.27 36.47
C THR O 23 32.70 -30.45 36.38
N ASN O 24 32.53 -29.14 36.25
CA ASN O 24 33.66 -28.20 36.20
C ASN O 24 34.55 -28.38 37.42
N ILE O 25 35.84 -28.02 37.27
CA ILE O 25 36.81 -28.38 38.29
C ILE O 25 36.65 -27.56 39.55
N ALA O 26 36.00 -26.40 39.47
CA ALA O 26 35.78 -25.58 40.66
C ALA O 26 34.84 -26.21 41.67
N ALA O 27 34.07 -27.24 41.32
CA ALA O 27 33.19 -27.85 42.31
C ALA O 27 33.99 -28.62 43.37
N PHE O 28 35.21 -29.03 43.06
CA PHE O 28 35.95 -29.82 44.03
C PHE O 28 36.47 -28.97 45.20
N ILE O 29 36.12 -27.68 45.22
CA ILE O 29 36.40 -26.83 46.38
C ILE O 29 35.34 -26.93 47.48
N GLN O 30 34.18 -27.54 47.21
CA GLN O 30 33.11 -27.61 48.22
C GLN O 30 33.40 -28.61 49.35
N TYR O 31 34.43 -29.41 49.21
CA TYR O 31 34.79 -30.48 50.14
C TYR O 31 36.30 -30.46 50.29
N ARG O 32 36.78 -30.73 51.50
CA ARG O 32 38.16 -30.40 51.80
C ARG O 32 39.15 -31.42 51.25
N GLY O 33 40.38 -30.95 51.09
CA GLY O 33 41.49 -31.77 50.64
C GLY O 33 41.48 -32.14 49.17
N LEU O 34 40.50 -31.67 48.41
CA LEU O 34 40.25 -32.13 47.05
C LEU O 34 40.81 -31.21 45.99
N TYR O 35 41.01 -29.96 46.32
CA TYR O 35 41.45 -28.99 45.35
C TYR O 35 42.75 -28.32 45.79
N PRO O 36 43.69 -28.09 44.89
CA PRO O 36 43.61 -28.37 43.46
C PRO O 36 44.09 -29.76 43.07
N THR O 37 44.78 -30.43 43.99
CA THR O 37 45.60 -31.56 43.56
C THR O 37 44.76 -32.73 43.07
N LEU O 38 43.96 -33.32 43.96
CA LEU O 38 43.10 -34.44 43.55
C LEU O 38 42.18 -34.05 42.41
N ALA O 39 41.68 -32.81 42.42
CA ALA O 39 40.78 -32.36 41.37
C ALA O 39 41.51 -32.36 40.03
N LYS O 40 42.73 -31.84 40.00
CA LYS O 40 43.52 -31.92 38.80
C LYS O 40 43.50 -33.37 38.29
N LEU O 41 43.72 -34.32 39.20
CA LEU O 41 43.87 -35.72 38.82
C LEU O 41 42.56 -36.36 38.40
N ILE O 42 41.47 -36.11 39.15
CA ILE O 42 40.20 -36.72 38.78
C ILE O 42 39.81 -36.31 37.37
N VAL O 43 40.04 -35.04 37.05
CA VAL O 43 39.59 -34.54 35.75
C VAL O 43 40.43 -35.13 34.64
N LYS O 44 41.74 -35.02 34.76
CA LYS O 44 42.66 -35.58 33.77
C LYS O 44 42.36 -37.05 33.47
N ASN O 45 41.93 -37.81 34.46
CA ASN O 45 41.75 -39.24 34.27
C ASN O 45 40.29 -39.62 34.06
N ALA O 46 39.41 -38.65 33.94
CA ALA O 46 38.06 -38.96 33.57
C ALA O 46 38.09 -39.48 32.13
N PRO O 47 37.05 -40.25 31.73
CA PRO O 47 35.84 -40.59 32.48
C PRO O 47 35.84 -41.94 33.23
N TYR O 48 34.95 -42.05 34.21
CA TYR O 48 34.84 -43.20 35.09
C TYR O 48 33.56 -43.97 34.85
N GLU O 49 33.64 -45.30 35.01
CA GLU O 49 32.45 -46.15 34.89
C GLU O 49 31.62 -46.12 36.16
N SER O 50 32.29 -46.01 37.31
CA SER O 50 31.61 -45.94 38.60
C SER O 50 32.38 -44.97 39.49
N VAL O 51 31.71 -44.47 40.53
CA VAL O 51 32.36 -43.57 41.45
C VAL O 51 33.66 -44.18 41.98
N GLU O 52 33.62 -45.46 42.31
CA GLU O 52 34.75 -46.11 42.99
C GLU O 52 35.97 -46.30 42.08
N ASP O 53 35.84 -46.06 40.78
CA ASP O 53 37.01 -46.11 39.92
C ASP O 53 38.07 -45.07 40.26
N VAL O 54 37.72 -43.96 40.92
CA VAL O 54 38.76 -42.97 41.15
C VAL O 54 39.83 -43.49 42.08
N LEU O 55 39.53 -44.51 42.90
CA LEU O 55 40.55 -45.07 43.77
C LEU O 55 41.64 -45.79 42.99
N ASN O 56 41.38 -46.15 41.73
CA ASN O 56 42.37 -46.83 40.91
C ASN O 56 43.17 -45.87 40.06
N ILE O 57 43.16 -44.58 40.39
CA ILE O 57 44.03 -43.62 39.71
C ILE O 57 45.50 -43.87 40.05
N PRO O 58 46.36 -44.17 39.09
CA PRO O 58 47.76 -44.48 39.43
C PRO O 58 48.46 -43.29 40.04
N GLY O 59 49.38 -43.58 40.97
CA GLY O 59 50.14 -42.56 41.65
C GLY O 59 49.55 -42.10 42.96
N LEU O 60 48.36 -42.57 43.30
CA LEU O 60 47.68 -42.11 44.50
C LEU O 60 48.45 -42.55 45.73
N THR O 61 48.70 -41.61 46.63
CA THR O 61 49.23 -41.90 47.95
C THR O 61 48.10 -42.37 48.88
N GLU O 62 48.47 -43.11 49.92
CA GLU O 62 47.45 -43.63 50.82
C GLU O 62 46.68 -42.51 51.49
N ARG O 63 47.31 -41.36 51.71
CA ARG O 63 46.55 -40.23 52.24
C ARG O 63 45.51 -39.77 51.22
N GLN O 64 45.90 -39.74 49.94
CA GLN O 64 44.97 -39.32 48.90
C GLN O 64 43.80 -40.30 48.78
N LYS O 65 44.09 -41.60 48.72
CA LYS O 65 43.01 -42.59 48.73
C LYS O 65 42.07 -42.40 49.93
N GLN O 66 42.59 -41.89 51.04
CA GLN O 66 41.76 -41.71 52.22
C GLN O 66 40.79 -40.54 52.04
N ILE O 67 41.23 -39.46 51.41
CA ILE O 67 40.33 -38.32 51.18
C ILE O 67 39.22 -38.71 50.20
N LEU O 68 39.56 -39.48 49.16
CA LEU O 68 38.56 -39.87 48.17
C LEU O 68 37.52 -40.78 48.77
N ARG O 69 37.94 -41.76 49.58
CA ARG O 69 36.99 -42.57 50.34
C ARG O 69 36.11 -41.69 51.22
N GLU O 70 36.72 -40.77 51.95
CA GLU O 70 35.96 -39.82 52.76
C GLU O 70 34.86 -39.14 51.97
N ASN O 71 35.01 -39.00 50.64
CA ASN O 71 34.13 -38.15 49.86
C ASN O 71 33.38 -38.87 48.75
N LEU O 72 33.49 -40.22 48.65
CA LEU O 72 32.82 -40.94 47.57
C LEU O 72 31.33 -40.67 47.53
N GLU O 73 30.72 -40.42 48.67
CA GLU O 73 29.28 -40.22 48.74
C GLU O 73 28.86 -38.89 48.12
N HIS O 74 29.81 -37.96 47.90
CA HIS O 74 29.53 -36.69 47.24
C HIS O 74 29.76 -36.73 45.73
N PHE O 75 30.27 -37.84 45.20
CA PHE O 75 30.49 -37.99 43.77
C PHE O 75 29.39 -38.82 43.14
N THR O 76 29.19 -38.61 41.84
CA THR O 76 28.45 -39.52 40.99
C THR O 76 29.21 -39.58 39.67
N VAL O 77 28.77 -40.48 38.81
CA VAL O 77 29.15 -40.49 37.40
C VAL O 77 27.88 -40.67 36.59
N THR O 78 27.66 -39.80 35.62
CA THR O 78 26.68 -39.99 34.55
C THR O 78 27.42 -40.00 33.21
N GLU O 79 26.67 -40.26 32.13
CA GLU O 79 27.24 -40.32 30.80
C GLU O 79 27.98 -39.03 30.46
N VAL O 80 29.07 -39.15 29.72
CA VAL O 80 29.78 -37.95 29.33
C VAL O 80 28.90 -37.10 28.42
N GLU O 81 28.78 -35.82 28.76
CA GLU O 81 28.01 -34.88 27.96
C GLU O 81 28.95 -33.99 27.15
N THR O 82 29.06 -34.28 25.85
CA THR O 82 29.94 -33.55 24.95
C THR O 82 29.92 -32.05 25.22
N ALA O 83 28.73 -31.50 25.50
CA ALA O 83 28.59 -30.05 25.60
C ALA O 83 29.23 -29.49 26.86
N LEU O 84 29.44 -30.32 27.88
CA LEU O 84 30.05 -29.87 29.13
C LEU O 84 31.55 -30.13 29.22
N VAL O 85 32.14 -30.84 28.26
CA VAL O 85 33.54 -31.28 28.35
C VAL O 85 34.36 -30.73 27.17
N GLU O 86 33.72 -30.48 26.03
CA GLU O 86 34.39 -29.81 24.93
C GLU O 86 34.80 -28.40 25.34
N GLY O 87 35.79 -27.85 24.63
CA GLY O 87 36.22 -26.47 24.83
C GLY O 87 37.06 -26.22 26.06
N GLY O 88 37.59 -27.28 26.66
CA GLY O 88 38.23 -27.20 27.95
C GLY O 88 37.33 -26.71 29.06
N ASP O 89 36.00 -26.84 28.90
CA ASP O 89 35.06 -26.20 29.82
C ASP O 89 35.07 -26.83 31.23
N ARG O 90 35.55 -28.06 31.37
CA ARG O 90 35.75 -28.59 32.70
C ARG O 90 36.86 -27.89 33.48
N TYR O 91 37.79 -27.19 32.83
CA TYR O 91 38.78 -26.40 33.54
C TYR O 91 38.41 -24.95 33.67
N ASN O 92 37.67 -24.40 32.70
CA ASN O 92 37.20 -23.03 32.78
C ASN O 92 35.92 -22.97 31.97
N ASN O 93 34.78 -22.85 32.65
CA ASN O 93 33.48 -22.84 31.98
C ASN O 93 32.94 -21.43 31.84
N GLY O 94 33.80 -20.43 31.98
CA GLY O 94 33.43 -19.06 31.75
C GLY O 94 32.75 -18.40 32.91
N LEU O 95 32.62 -19.09 34.04
CA LEU O 95 31.99 -18.54 35.23
C LEU O 95 33.10 -18.15 36.19
N TYR O 96 33.07 -16.91 36.64
CA TYR O 96 33.98 -16.48 37.70
C TYR O 96 33.19 -16.13 38.93
N LYS O 97 33.10 -14.87 39.31
CA LYS O 97 32.08 -14.52 40.32
C LYS O 97 30.95 -13.76 39.64
N ALA P 1 22.50 -0.21 64.31
CA ALA P 1 23.50 -1.30 64.51
C ALA P 1 24.87 -0.69 64.81
N GLU P 2 25.73 -1.43 65.49
CA GLU P 2 27.06 -0.91 65.78
C GLU P 2 28.06 -2.05 65.91
N LEU P 3 29.33 -1.66 66.02
CA LEU P 3 30.43 -2.61 66.08
C LEU P 3 30.57 -3.07 67.51
N THR P 4 29.85 -4.11 67.84
CA THR P 4 29.83 -4.59 69.21
C THR P 4 30.86 -5.70 69.42
N PRO P 5 31.32 -5.86 70.66
CA PRO P 5 32.19 -7.00 70.98
C PRO P 5 31.74 -8.33 70.45
N GLU P 6 30.44 -8.63 70.40
CA GLU P 6 30.05 -9.93 69.85
C GLU P 6 30.40 -10.03 68.37
N VAL P 7 30.42 -8.91 67.63
CA VAL P 7 30.81 -9.03 66.24
C VAL P 7 32.32 -9.03 66.15
N LEU P 8 32.98 -8.29 67.05
CA LEU P 8 34.44 -8.23 67.07
C LEU P 8 35.06 -9.47 67.68
N THR P 9 34.27 -10.49 67.94
CA THR P 9 34.71 -11.71 68.59
C THR P 9 34.84 -12.81 67.56
N VAL P 10 36.04 -13.35 67.41
CA VAL P 10 36.31 -14.30 66.33
C VAL P 10 37.11 -15.47 66.89
N PRO P 11 37.08 -16.61 66.21
CA PRO P 11 37.87 -17.75 66.65
C PRO P 11 39.37 -17.46 66.61
N LEU P 12 40.05 -17.82 67.70
CA LEU P 12 41.52 -17.76 67.73
C LEU P 12 42.14 -18.95 67.04
N ASN P 13 41.62 -20.13 67.30
CA ASN P 13 42.23 -21.35 66.83
C ASN P 13 41.11 -22.35 66.56
N SER P 14 41.49 -23.51 66.05
CA SER P 14 40.51 -24.56 65.79
C SER P 14 40.03 -25.25 67.06
N GLU P 15 40.79 -25.20 68.16
CA GLU P 15 40.28 -25.77 69.40
C GLU P 15 38.87 -25.26 69.67
N GLY P 16 38.64 -23.96 69.42
CA GLY P 16 37.37 -23.32 69.72
C GLY P 16 37.52 -22.16 70.69
N LYS P 17 38.76 -21.72 70.92
CA LYS P 17 38.98 -20.56 71.77
C LYS P 17 38.71 -19.32 70.94
N THR P 18 38.35 -18.22 71.62
CA THR P 18 37.96 -17.01 70.92
C THR P 18 38.79 -15.86 71.40
N ILE P 19 38.78 -14.82 70.58
CA ILE P 19 39.42 -13.56 70.91
C ILE P 19 38.46 -12.46 70.48
N THR P 20 38.35 -11.41 71.32
CA THR P 20 37.55 -10.24 71.04
C THR P 20 38.49 -9.13 70.62
N LEU P 21 38.38 -8.71 69.38
CA LEU P 21 39.16 -7.61 68.86
C LEU P 21 38.65 -6.28 69.42
N THR P 22 39.52 -5.29 69.43
CA THR P 22 39.07 -3.93 69.69
C THR P 22 38.68 -3.28 68.36
N GLU P 23 37.84 -2.24 68.46
CA GLU P 23 37.53 -1.42 67.30
C GLU P 23 38.81 -0.99 66.61
N LYS P 24 39.81 -0.60 67.40
CA LYS P 24 41.12 -0.21 66.90
C LYS P 24 41.68 -1.29 66.00
N GLN P 25 41.80 -2.51 66.55
CA GLN P 25 42.36 -3.61 65.80
C GLN P 25 41.62 -3.82 64.50
N TYR P 26 40.28 -3.79 64.57
CA TYR P 26 39.46 -3.93 63.38
C TYR P 26 39.82 -2.92 62.32
N LEU P 27 39.86 -1.63 62.69
CA LEU P 27 40.17 -0.60 61.69
C LEU P 27 41.63 -0.63 61.28
N GLU P 28 42.52 -0.97 62.21
CA GLU P 28 43.91 -1.25 61.89
C GLU P 28 44.01 -2.33 60.80
N GLY P 29 43.33 -3.46 61.01
CA GLY P 29 43.36 -4.52 60.03
C GLY P 29 42.70 -4.15 58.71
N LYS P 30 41.64 -3.36 58.75
CA LYS P 30 41.04 -2.94 57.49
C LYS P 30 42.04 -2.14 56.67
N ARG P 31 42.65 -1.14 57.29
CA ARG P 31 43.67 -0.33 56.63
C ARG P 31 44.82 -1.20 56.13
N LEU P 32 45.36 -2.07 56.98
CA LEU P 32 46.48 -2.88 56.54
C LEU P 32 46.05 -3.77 55.38
N PHE P 33 44.82 -4.27 55.44
CA PHE P 33 44.30 -5.10 54.37
C PHE P 33 44.17 -4.32 53.06
N GLN P 34 43.77 -3.05 53.10
CA GLN P 34 43.77 -2.28 51.85
C GLN P 34 45.19 -2.09 51.33
N TYR P 35 46.16 -1.93 52.24
CA TYR P 35 47.54 -1.66 51.85
C TYR P 35 48.17 -2.87 51.16
N ALA P 36 48.06 -4.05 51.77
CA ALA P 36 48.82 -5.20 51.33
C ALA P 36 48.03 -6.22 50.51
N CYS P 37 46.69 -6.14 50.47
CA CYS P 37 45.82 -7.25 50.06
C CYS P 37 44.71 -6.89 49.08
N ALA P 38 44.08 -5.73 49.22
CA ALA P 38 42.89 -5.42 48.45
C ALA P 38 43.13 -5.37 46.94
N SER P 39 44.36 -5.09 46.50
CA SER P 39 44.64 -5.09 45.06
C SER P 39 44.15 -6.39 44.41
N CYS P 40 44.18 -7.51 45.15
CA CYS P 40 43.65 -8.75 44.65
C CYS P 40 42.39 -9.22 45.37
N HIS P 41 42.17 -8.76 46.60
CA HIS P 41 41.12 -9.31 47.44
C HIS P 41 40.04 -8.31 47.82
N VAL P 42 39.93 -7.17 47.13
CA VAL P 42 38.85 -6.23 47.39
C VAL P 42 37.51 -6.96 47.56
N GLY P 43 36.81 -6.66 48.65
CA GLY P 43 35.50 -7.28 48.87
C GLY P 43 35.54 -8.76 49.17
N GLY P 44 36.71 -9.33 49.45
CA GLY P 44 36.81 -10.73 49.80
C GLY P 44 36.81 -11.69 48.63
N ILE P 45 36.91 -11.21 47.40
CA ILE P 45 37.09 -12.10 46.25
C ILE P 45 38.59 -12.23 46.02
N THR P 46 39.00 -13.00 45.01
CA THR P 46 40.38 -13.07 44.54
C THR P 46 40.41 -12.80 43.04
N LYS P 47 40.70 -11.56 42.68
CA LYS P 47 40.70 -11.14 41.26
C LYS P 47 41.53 -12.07 40.36
N THR P 48 42.63 -12.66 40.87
CA THR P 48 43.50 -13.48 40.00
C THR P 48 43.21 -14.97 40.10
N ASN P 49 42.31 -15.39 40.97
CA ASN P 49 41.80 -16.76 40.96
C ASN P 49 40.40 -16.73 41.60
N PRO P 50 39.39 -16.29 40.83
CA PRO P 50 38.07 -16.06 41.45
C PRO P 50 37.44 -17.31 42.02
N SER P 51 38.04 -18.49 41.83
CA SER P 51 37.50 -19.71 42.41
C SER P 51 37.79 -19.85 43.89
N LEU P 52 38.61 -18.99 44.46
CA LEU P 52 38.95 -19.07 45.86
C LEU P 52 38.65 -17.70 46.46
N ASP P 53 37.85 -17.67 47.51
CA ASP P 53 37.48 -16.39 48.11
C ASP P 53 37.84 -16.38 49.59
N LEU P 54 37.54 -15.27 50.26
CA LEU P 54 37.84 -15.13 51.68
C LEU P 54 36.61 -15.28 52.58
N ARG P 55 35.50 -15.83 52.04
CA ARG P 55 34.36 -16.18 52.88
C ARG P 55 34.75 -17.14 53.99
N THR P 56 34.00 -17.09 55.08
CA THR P 56 34.40 -17.91 56.21
C THR P 56 34.20 -19.37 55.89
N GLU P 57 33.18 -19.70 55.10
CA GLU P 57 32.91 -21.10 54.85
C GLU P 57 33.94 -21.68 53.89
N THR P 58 34.50 -20.85 53.01
CA THR P 58 35.59 -21.33 52.17
C THR P 58 36.83 -21.58 53.01
N LEU P 59 37.19 -20.61 53.85
CA LEU P 59 38.38 -20.74 54.69
C LEU P 59 38.26 -21.96 55.58
N ALA P 60 37.05 -22.21 56.09
CA ALA P 60 36.81 -23.35 56.96
C ALA P 60 37.16 -24.67 56.28
N LEU P 61 36.98 -24.78 54.96
CA LEU P 61 37.23 -26.03 54.25
C LEU P 61 38.64 -26.11 53.65
N ALA P 62 39.43 -25.04 53.77
CA ALA P 62 40.82 -25.11 53.41
C ALA P 62 41.56 -26.11 54.31
N THR P 63 42.61 -26.69 53.76
CA THR P 63 43.51 -27.53 54.52
C THR P 63 44.82 -26.78 54.65
N PRO P 64 45.27 -26.50 55.86
CA PRO P 64 44.60 -26.61 57.16
C PRO P 64 43.50 -25.55 57.32
N PRO P 65 42.53 -25.78 58.21
CA PRO P 65 41.44 -24.82 58.37
C PRO P 65 41.99 -23.41 58.55
N ARG P 66 41.38 -22.45 57.88
CA ARG P 66 41.86 -21.07 57.94
C ARG P 66 40.78 -20.14 58.46
N ASP P 67 39.71 -20.66 59.08
CA ASP P 67 38.67 -19.77 59.62
C ASP P 67 38.99 -19.31 61.03
N ASN P 68 40.26 -19.06 61.33
CA ASN P 68 40.62 -18.62 62.67
C ASN P 68 41.91 -17.83 62.59
N ILE P 69 42.18 -17.06 63.65
CA ILE P 69 43.34 -16.20 63.68
C ILE P 69 44.61 -17.00 63.41
N GLU P 70 44.75 -18.16 64.06
CA GLU P 70 46.00 -18.92 63.93
C GLU P 70 46.23 -19.32 62.48
N GLY P 71 45.22 -19.93 61.85
CA GLY P 71 45.33 -20.33 60.47
C GLY P 71 45.67 -19.16 59.57
N LEU P 72 44.99 -18.03 59.75
CA LEU P 72 45.21 -16.90 58.86
C LEU P 72 46.57 -16.26 59.09
N VAL P 73 46.97 -16.07 60.35
CA VAL P 73 48.32 -15.58 60.64
C VAL P 73 49.36 -16.52 60.06
N ASP P 74 49.16 -17.82 60.21
CA ASP P 74 50.06 -18.80 59.61
C ASP P 74 50.11 -18.63 58.08
N TYR P 75 48.94 -18.45 57.45
CA TYR P 75 48.91 -18.36 56.00
C TYR P 75 49.70 -17.18 55.52
N MET P 76 49.64 -16.09 56.28
CA MET P 76 50.41 -14.89 55.94
C MET P 76 51.90 -15.09 56.07
N LYS P 77 52.33 -16.16 56.74
CA LYS P 77 53.74 -16.48 56.90
C LYS P 77 54.19 -17.51 55.89
N ASN P 78 53.35 -18.50 55.62
CA ASN P 78 53.74 -19.67 54.83
C ASN P 78 52.53 -20.15 54.05
N PRO P 79 52.12 -19.41 53.03
CA PRO P 79 50.87 -19.73 52.33
C PRO P 79 50.98 -21.07 51.61
N THR P 80 49.87 -21.80 51.62
CA THR P 80 49.77 -23.06 50.87
C THR P 80 48.56 -23.03 49.95
N THR P 81 48.48 -24.04 49.08
CA THR P 81 47.28 -24.27 48.32
C THR P 81 46.16 -24.70 49.27
N TYR P 82 44.96 -24.75 48.71
CA TYR P 82 43.74 -24.98 49.48
C TYR P 82 43.74 -26.34 50.12
N ASP P 83 44.41 -27.32 49.51
CA ASP P 83 44.48 -28.65 50.08
C ASP P 83 45.71 -28.81 50.94
N GLY P 84 46.48 -27.75 51.15
CA GLY P 84 47.69 -27.76 51.93
C GLY P 84 48.88 -28.43 51.27
N GLU P 85 48.77 -28.81 49.98
CA GLU P 85 49.73 -29.75 49.44
C GLU P 85 51.02 -29.07 49.01
N GLN P 86 50.97 -27.81 48.58
CA GLN P 86 52.20 -27.17 48.14
C GLN P 86 52.31 -25.75 48.69
N GLU P 87 53.54 -25.33 48.99
CA GLU P 87 53.74 -23.99 49.51
C GLU P 87 53.86 -23.04 48.34
N ILE P 88 53.17 -21.90 48.43
CA ILE P 88 53.02 -21.00 47.30
C ILE P 88 53.54 -19.62 47.67
N ALA P 89 54.48 -19.58 48.61
CA ALA P 89 55.15 -18.34 48.97
C ALA P 89 55.80 -17.62 47.80
N GLU P 90 56.12 -18.33 46.72
CA GLU P 90 56.79 -17.73 45.57
C GLU P 90 55.86 -16.89 44.73
N VAL P 91 54.54 -17.08 44.88
CA VAL P 91 53.56 -16.36 44.07
C VAL P 91 52.47 -15.70 44.90
N HIS P 92 52.46 -15.91 46.22
CA HIS P 92 51.56 -15.22 47.13
C HIS P 92 52.33 -14.40 48.16
N PRO P 93 51.97 -13.14 48.37
CA PRO P 93 52.65 -12.35 49.40
C PRO P 93 52.64 -13.06 50.74
N SER P 94 53.77 -13.02 51.43
CA SER P 94 53.93 -13.69 52.71
C SER P 94 55.20 -13.12 53.34
N LEU P 95 55.27 -13.20 54.67
CA LEU P 95 56.51 -12.87 55.36
C LEU P 95 57.66 -13.73 54.86
N ARG P 96 57.37 -15.00 54.56
CA ARG P 96 58.36 -15.89 54.00
C ARG P 96 58.94 -15.36 52.70
N SER P 97 58.16 -14.57 51.95
CA SER P 97 58.55 -14.08 50.64
C SER P 97 58.57 -12.57 50.59
N ALA P 98 58.79 -11.91 51.74
CA ALA P 98 58.77 -10.46 51.74
C ALA P 98 59.88 -9.86 50.90
N ASP P 99 60.87 -10.66 50.50
CA ASP P 99 61.94 -10.16 49.66
C ASP P 99 61.47 -9.89 48.25
N ILE P 100 60.57 -10.75 47.73
CA ILE P 100 59.97 -10.49 46.43
C ILE P 100 58.64 -9.76 46.53
N PHE P 101 58.04 -9.68 47.72
CA PHE P 101 56.79 -8.96 47.93
C PHE P 101 57.04 -7.88 48.96
N PRO P 102 57.59 -6.75 48.55
CA PRO P 102 58.20 -5.84 49.52
C PRO P 102 57.21 -5.22 50.48
N LYS P 103 55.91 -5.28 50.20
CA LYS P 103 54.95 -4.63 51.10
C LYS P 103 54.83 -5.39 52.40
N MET P 104 55.07 -6.69 52.38
CA MET P 104 55.05 -7.51 53.58
C MET P 104 56.22 -7.26 54.53
N ARG P 105 57.15 -6.35 54.18
CA ARG P 105 58.39 -6.23 54.95
C ARG P 105 58.18 -5.51 56.27
N ASN P 106 57.37 -4.47 56.29
CA ASN P 106 57.15 -3.72 57.52
C ASN P 106 55.94 -4.23 58.31
N LEU P 107 55.40 -5.40 57.96
CA LEU P 107 54.32 -6.01 58.74
C LEU P 107 54.89 -6.67 59.99
N THR P 108 54.44 -6.21 61.17
CA THR P 108 54.74 -6.85 62.44
C THR P 108 53.76 -7.99 62.72
N GLU P 109 54.01 -8.68 63.83
CA GLU P 109 53.16 -9.80 64.20
C GLU P 109 51.76 -9.33 64.56
N LYS P 110 51.64 -8.20 65.24
CA LYS P 110 50.31 -7.72 65.59
C LYS P 110 49.58 -7.15 64.38
N ASP P 111 50.31 -6.70 63.35
CA ASP P 111 49.64 -6.34 62.11
C ASP P 111 48.95 -7.56 61.51
N LEU P 112 49.59 -8.72 61.58
CA LEU P 112 49.01 -9.90 61.00
C LEU P 112 47.70 -10.25 61.69
N VAL P 113 47.64 -10.01 63.01
CA VAL P 113 46.44 -10.37 63.73
C VAL P 113 45.30 -9.42 63.36
N ALA P 114 45.60 -8.12 63.26
CA ALA P 114 44.62 -7.14 62.82
C ALA P 114 44.07 -7.47 61.44
N ILE P 115 44.93 -7.97 60.55
CA ILE P 115 44.48 -8.32 59.21
C ILE P 115 43.61 -9.56 59.26
N ALA P 116 44.09 -10.61 59.94
CA ALA P 116 43.26 -11.78 60.08
C ALA P 116 41.94 -11.45 60.78
N GLY P 117 41.98 -10.55 61.77
CA GLY P 117 40.76 -10.17 62.43
C GLY P 117 39.80 -9.50 61.46
N HIS P 118 40.30 -8.59 60.64
CA HIS P 118 39.42 -7.91 59.69
C HIS P 118 38.74 -8.92 58.78
N ILE P 119 39.53 -9.86 58.23
CA ILE P 119 39.01 -10.85 57.31
C ILE P 119 37.90 -11.66 57.97
N LEU P 120 38.05 -11.97 59.26
CA LEU P 120 37.03 -12.79 59.91
C LEU P 120 35.81 -11.97 60.34
N VAL P 121 35.98 -10.69 60.62
CA VAL P 121 34.90 -9.82 61.09
C VAL P 121 34.01 -9.39 59.93
N GLU P 122 34.61 -9.02 58.81
CA GLU P 122 33.86 -8.37 57.74
C GLU P 122 32.68 -9.22 57.28
N PRO P 123 32.78 -10.54 57.17
CA PRO P 123 31.60 -11.31 56.75
C PRO P 123 30.43 -11.19 57.72
N LYS P 124 30.73 -11.01 59.01
CA LYS P 124 29.65 -10.86 59.99
C LYS P 124 28.90 -9.57 59.77
N ILE P 125 29.60 -8.54 59.25
CA ILE P 125 28.97 -7.25 58.99
C ILE P 125 28.26 -7.24 57.64
N LEU P 126 28.96 -7.66 56.59
CA LEU P 126 28.51 -7.45 55.23
C LEU P 126 27.78 -8.65 54.65
N GLY P 127 27.95 -9.82 55.23
CA GLY P 127 27.17 -10.96 54.78
C GLY P 127 27.60 -11.45 53.42
N ASP P 128 26.60 -11.77 52.60
CA ASP P 128 26.86 -12.33 51.28
C ASP P 128 27.77 -11.41 50.44
N LYS P 129 27.72 -10.10 50.68
CA LYS P 129 28.54 -9.18 49.92
C LYS P 129 30.00 -9.59 49.99
N TRP P 130 30.46 -9.91 51.20
CA TRP P 130 31.85 -10.33 51.39
C TRP P 130 32.15 -11.63 50.64
N GLY P 131 33.01 -11.53 49.62
CA GLY P 131 33.30 -12.64 48.76
C GLY P 131 32.24 -12.99 47.74
N GLY P 132 31.19 -12.17 47.58
CA GLY P 132 30.11 -12.50 46.67
C GLY P 132 30.26 -11.95 45.27
N GLY P 133 31.00 -10.86 45.16
CA GLY P 133 31.33 -10.30 43.89
C GLY P 133 30.31 -9.27 43.44
N LYS P 134 30.39 -8.92 42.17
CA LYS P 134 29.59 -7.81 41.64
C LYS P 134 28.08 -8.05 41.80
N VAL P 135 27.63 -9.30 41.88
CA VAL P 135 26.20 -9.54 41.98
C VAL P 135 25.64 -8.79 43.18
N TYR P 136 26.46 -8.59 44.22
CA TYR P 136 25.99 -8.04 45.49
C TYR P 136 26.49 -6.63 45.71
N TYR P 137 27.10 -6.01 44.70
CA TYR P 137 27.59 -4.66 44.88
C TYR P 137 26.42 -3.76 45.13
N ALA Q 4 50.81 19.55 62.18
CA ALA Q 4 51.12 20.93 62.53
C ALA Q 4 51.27 21.83 61.29
N GLN Q 5 50.18 22.02 60.54
CA GLN Q 5 50.25 22.74 59.26
C GLN Q 5 49.55 24.10 59.34
N LEU Q 6 49.93 24.88 60.37
CA LEU Q 6 49.77 26.33 60.37
C LEU Q 6 51.03 27.06 60.85
N THR Q 7 51.96 26.36 61.49
CA THR Q 7 53.21 26.93 61.98
C THR Q 7 54.13 27.42 60.86
N MET Q 8 53.76 27.22 59.60
CA MET Q 8 54.58 27.68 58.48
C MET Q 8 53.78 28.06 57.22
N ILE Q 9 52.53 27.60 57.09
CA ILE Q 9 51.78 27.88 55.86
C ILE Q 9 51.20 29.29 55.88
N ALA Q 10 50.35 29.60 56.86
CA ALA Q 10 49.59 30.85 56.88
C ALA Q 10 50.45 32.01 56.38
N MET Q 11 51.73 31.97 56.72
CA MET Q 11 52.65 33.05 56.36
C MET Q 11 52.86 33.11 54.85
N ILE Q 12 52.86 31.96 54.19
CA ILE Q 12 53.03 31.94 52.73
C ILE Q 12 51.81 32.56 52.06
N GLY Q 13 50.62 32.13 52.47
CA GLY Q 13 49.40 32.62 51.85
C GLY Q 13 49.20 34.10 52.07
N ILE Q 14 49.77 34.64 53.15
CA ILE Q 14 49.63 36.06 53.44
C ILE Q 14 50.70 36.90 52.76
N ALA Q 15 51.85 36.30 52.44
CA ALA Q 15 52.92 37.08 51.82
C ALA Q 15 52.40 37.86 50.62
N GLY Q 16 51.80 37.18 49.68
CA GLY Q 16 51.42 37.81 48.44
C GLY Q 16 50.52 39.01 48.67
N PRO Q 17 49.36 38.78 49.29
CA PRO Q 17 48.44 39.91 49.49
C PRO Q 17 49.03 41.02 50.33
N MET Q 18 50.05 40.73 51.14
CA MET Q 18 50.62 41.80 51.94
C MET Q 18 51.52 42.70 51.11
N ILE Q 19 52.15 42.16 50.06
CA ILE Q 19 52.94 42.99 49.16
C ILE Q 19 52.06 44.04 48.49
N ILE Q 20 50.79 43.69 48.20
CA ILE Q 20 49.86 44.63 47.60
C ILE Q 20 49.43 45.67 48.65
N PHE Q 21 49.21 45.24 49.89
CA PHE Q 21 48.79 46.20 50.90
C PHE Q 21 49.89 47.22 51.18
N LEU Q 22 51.14 46.79 51.18
CA LEU Q 22 52.27 47.67 51.45
C LEU Q 22 52.61 48.56 50.26
N LEU Q 23 52.25 48.19 49.04
CA LEU Q 23 52.52 49.03 47.88
C LEU Q 23 51.47 50.12 47.74
N ALA Q 24 50.19 49.76 47.81
CA ALA Q 24 49.20 50.72 48.25
C ALA Q 24 49.48 51.06 49.71
N VAL Q 25 48.92 52.18 50.18
CA VAL Q 25 49.27 52.66 51.52
C VAL Q 25 50.72 53.13 51.53
N ARG Q 26 51.38 53.10 50.35
CA ARG Q 26 52.69 53.71 50.16
C ARG Q 26 52.88 54.08 48.69
N ARG Q 27 51.78 54.20 47.94
CA ARG Q 27 51.73 54.43 46.49
C ARG Q 27 52.99 54.08 45.71
N GLY Q 28 53.21 52.79 45.49
CA GLY Q 28 54.17 52.34 44.51
C GLY Q 28 53.57 52.20 43.13
N ASN Q 29 54.42 51.81 42.18
CA ASN Q 29 54.00 51.67 40.78
C ASN Q 29 53.36 50.29 40.58
N LEU Q 30 52.14 50.16 41.13
CA LEU Q 30 51.31 48.98 40.89
C LEU Q 30 50.80 48.95 39.45
N THR R 1 -19.72 11.02 58.76
CA THR R 1 -19.74 12.14 59.69
C THR R 1 -18.55 13.08 59.48
N ILE R 2 -17.95 13.53 60.58
CA ILE R 2 -16.87 14.51 60.53
C ILE R 2 -15.54 13.82 60.85
N THR R 3 -14.91 13.27 59.83
CA THR R 3 -13.77 12.37 59.96
C THR R 3 -12.47 13.16 60.18
N PRO R 4 -11.43 12.50 60.68
CA PRO R 4 -10.14 13.20 60.84
C PRO R 4 -9.66 13.91 59.58
N SER R 5 -9.83 13.30 58.39
CA SER R 5 -9.34 13.95 57.19
C SER R 5 -10.21 15.16 56.82
N LEU R 6 -11.49 15.14 57.19
CA LEU R 6 -12.32 16.33 57.00
C LEU R 6 -11.88 17.46 57.92
N LYS R 7 -11.56 17.15 59.18
CA LYS R 7 -10.95 18.15 60.06
C LYS R 7 -9.63 18.64 59.48
N GLY R 8 -8.80 17.74 58.95
CA GLY R 8 -7.55 18.17 58.32
C GLY R 8 -7.81 19.11 57.17
N PHE R 9 -8.78 18.76 56.32
CA PHE R 9 -9.17 19.64 55.22
C PHE R 9 -9.44 21.06 55.71
N PHE R 10 -10.28 21.20 56.75
CA PHE R 10 -10.58 22.52 57.30
C PHE R 10 -9.35 23.19 57.90
N ILE R 11 -8.49 22.40 58.56
CA ILE R 11 -7.20 22.91 58.99
C ILE R 11 -6.45 23.52 57.82
N GLY R 12 -6.37 22.79 56.70
CA GLY R 12 -5.71 23.32 55.51
C GLY R 12 -6.38 24.56 54.97
N LEU R 13 -7.71 24.49 54.83
CA LEU R 13 -8.47 25.61 54.29
C LEU R 13 -8.24 26.88 55.11
N LEU R 14 -8.34 26.80 56.43
CA LEU R 14 -8.14 27.97 57.28
C LEU R 14 -6.69 28.45 57.26
N SER R 15 -5.73 27.53 57.24
CA SER R 15 -4.34 27.93 57.14
C SER R 15 -4.11 28.76 55.88
N GLY R 16 -4.59 28.27 54.74
CA GLY R 16 -4.37 29.01 53.51
C GLY R 16 -5.00 30.39 53.56
N ALA R 17 -6.27 30.46 53.94
CA ALA R 17 -6.96 31.73 54.09
C ALA R 17 -6.19 32.69 55.00
N VAL R 18 -5.73 32.19 56.14
CA VAL R 18 -4.90 33.02 57.03
C VAL R 18 -3.72 33.61 56.28
N VAL R 19 -2.97 32.75 55.56
CA VAL R 19 -1.76 33.18 54.88
C VAL R 19 -2.10 34.20 53.80
N LEU R 20 -3.14 33.92 53.01
CA LEU R 20 -3.51 34.83 51.93
C LEU R 20 -3.97 36.17 52.49
N GLY R 21 -4.87 36.14 53.47
CA GLY R 21 -5.38 37.39 54.01
C GLY R 21 -4.29 38.17 54.73
N LEU R 22 -3.48 37.49 55.52
CA LEU R 22 -2.34 38.17 56.11
C LEU R 22 -1.49 38.86 55.05
N THR R 23 -1.12 38.12 54.01
CA THR R 23 -0.29 38.66 52.95
C THR R 23 -0.91 39.92 52.37
N PHE R 24 -2.22 39.87 52.08
CA PHE R 24 -2.88 41.00 51.45
C PHE R 24 -3.17 42.14 52.44
N ALA R 25 -3.34 41.84 53.73
CA ALA R 25 -3.40 42.90 54.73
C ALA R 25 -2.12 43.71 54.72
N VAL R 26 -0.98 43.01 54.76
CA VAL R 26 0.32 43.69 54.78
C VAL R 26 0.49 44.51 53.52
N LEU R 27 0.15 43.92 52.37
CA LEU R 27 0.33 44.61 51.10
C LEU R 27 -0.57 45.83 50.97
N ILE R 28 -1.80 45.74 51.44
CA ILE R 28 -2.67 46.92 51.38
C ILE R 28 -2.09 48.03 52.25
N ALA R 29 -1.66 47.68 53.47
CA ALA R 29 -0.99 48.61 54.37
C ALA R 29 0.12 49.37 53.67
N ILE R 30 1.16 48.65 53.21
CA ILE R 30 2.35 49.32 52.68
C ILE R 30 1.96 50.23 51.53
N SER R 31 1.04 49.74 50.68
CA SER R 31 0.71 50.47 49.48
C SER R 31 0.02 51.78 49.82
N GLN R 32 -0.53 51.89 51.02
CA GLN R 32 -1.13 53.16 51.44
C GLN R 32 -0.07 54.11 52.01
N ILE R 33 0.87 53.59 52.79
CA ILE R 33 1.89 54.46 53.35
C ILE R 33 2.77 55.03 52.26
N ASP R 34 3.16 54.21 51.29
CA ASP R 34 4.16 54.59 50.31
C ASP R 34 3.52 54.62 48.95
N LYS R 35 2.72 55.65 48.72
CA LYS R 35 2.08 55.85 47.44
C LYS R 35 3.04 56.52 46.48
N VAL R 36 2.70 56.48 45.25
CA VAL R 36 3.39 57.25 44.22
C VAL R 36 2.68 58.58 44.08
N GLN R 37 3.43 59.64 43.75
CA GLN R 37 2.90 61.00 43.81
C GLN R 37 1.89 61.32 42.72
N ARG R 38 2.37 61.64 41.51
CA ARG R 38 1.52 62.11 40.43
C ARG R 38 1.12 63.58 40.65
N MET S 1 78.80 20.93 64.84
CA MET S 1 78.37 21.65 63.60
C MET S 1 76.89 21.40 63.21
N THR S 2 76.13 20.72 64.07
CA THR S 2 74.69 20.65 63.89
C THR S 2 74.03 21.97 64.28
N ILE S 3 74.25 22.38 65.52
CA ILE S 3 74.04 23.74 65.97
C ILE S 3 74.24 24.74 64.83
N LEU S 4 75.25 24.53 63.99
CA LEU S 4 75.56 25.47 62.92
C LEU S 4 74.76 25.21 61.64
N PHE S 5 74.59 23.95 61.25
CA PHE S 5 73.68 23.64 60.14
C PHE S 5 72.26 24.07 60.47
N GLN S 6 71.75 23.67 61.64
CA GLN S 6 70.38 24.00 62.04
C GLN S 6 70.19 25.49 62.26
N LEU S 7 71.09 26.31 61.79
CA LEU S 7 71.05 27.75 62.02
C LEU S 7 71.23 28.54 60.74
N ALA S 8 72.14 28.12 59.87
CA ALA S 8 72.13 28.63 58.51
C ALA S 8 70.77 28.35 57.88
N LEU S 9 70.29 27.11 58.03
CA LEU S 9 69.01 26.73 57.45
C LEU S 9 67.88 27.55 58.04
N ALA S 10 67.92 27.79 59.36
CA ALA S 10 66.99 28.72 59.97
C ALA S 10 67.08 30.08 59.30
N ALA S 11 68.30 30.62 59.19
CA ALA S 11 68.51 31.94 58.62
C ALA S 11 68.19 31.99 57.12
N LEU S 12 68.44 30.90 56.40
CA LEU S 12 68.14 30.92 54.98
C LEU S 12 66.65 31.19 54.80
N VAL S 13 65.80 30.47 55.54
CA VAL S 13 64.36 30.68 55.45
C VAL S 13 64.04 32.13 55.79
N ILE S 14 64.35 32.54 57.01
CA ILE S 14 64.12 33.91 57.47
C ILE S 14 64.50 34.91 56.38
N LEU S 15 65.78 35.00 56.07
CA LEU S 15 66.21 35.81 54.94
C LEU S 15 65.23 35.67 53.77
N SER S 16 64.85 34.43 53.44
CA SER S 16 64.08 34.18 52.23
C SER S 16 62.73 34.89 52.30
N PHE S 17 61.98 34.70 53.38
CA PHE S 17 60.74 35.43 53.57
C PHE S 17 60.96 36.93 53.45
N VAL S 18 62.06 37.42 54.02
CA VAL S 18 62.29 38.85 54.12
C VAL S 18 62.56 39.49 52.76
N MET S 19 63.06 38.75 51.78
CA MET S 19 63.21 39.32 50.45
C MET S 19 62.02 39.05 49.54
N VAL S 20 61.30 37.93 49.72
CA VAL S 20 60.06 37.72 48.98
C VAL S 20 59.14 38.91 49.17
N ILE S 21 59.06 39.42 50.40
CA ILE S 21 58.28 40.62 50.67
C ILE S 21 59.09 41.86 50.30
N GLY S 22 60.32 41.91 50.77
CA GLY S 22 61.12 43.11 50.62
C GLY S 22 61.28 43.60 49.20
N VAL S 23 61.94 42.77 48.37
CA VAL S 23 62.41 43.24 47.06
C VAL S 23 61.29 43.79 46.21
N PRO S 24 60.10 43.16 46.15
CA PRO S 24 59.02 43.77 45.35
C PRO S 24 58.65 45.17 45.79
N VAL S 25 58.51 45.42 47.09
CA VAL S 25 58.22 46.76 47.56
C VAL S 25 59.41 47.69 47.30
N ALA S 26 60.63 47.15 47.26
CA ALA S 26 61.80 47.98 46.98
C ALA S 26 61.87 48.39 45.52
N TYR S 27 61.64 47.42 44.62
CA TYR S 27 61.65 47.68 43.19
C TYR S 27 60.48 48.55 42.75
N ALA S 28 59.42 48.63 43.56
CA ALA S 28 58.21 49.36 43.20
C ALA S 28 57.99 50.65 44.00
N SER S 29 58.56 50.77 45.20
CA SER S 29 58.57 52.04 45.91
C SER S 29 59.86 52.79 45.58
N PRO S 30 59.92 53.57 44.49
CA PRO S 30 61.18 54.27 44.15
C PRO S 30 61.58 55.34 45.15
N GLN S 31 60.80 55.54 46.22
CA GLN S 31 61.24 56.36 47.33
C GLN S 31 62.70 56.01 47.64
N ASP S 32 62.92 54.81 48.16
CA ASP S 32 64.26 54.28 48.37
C ASP S 32 64.39 53.03 47.54
N TRP S 33 64.56 53.24 46.24
CA TRP S 33 65.39 52.35 45.44
C TRP S 33 66.87 52.70 45.61
N ASP S 34 67.19 53.74 46.41
CA ASP S 34 68.56 54.18 46.60
C ASP S 34 69.20 53.53 47.84
N ARG S 35 68.68 53.80 49.04
CA ARG S 35 69.13 53.05 50.21
C ARG S 35 68.94 51.57 49.96
N SER S 36 67.86 51.22 49.25
CA SER S 36 67.56 49.81 48.97
C SER S 36 68.66 49.17 48.12
N LYS S 37 69.09 49.83 47.04
CA LYS S 37 70.12 49.23 46.19
C LYS S 37 71.34 48.80 46.98
N GLN S 38 71.61 49.47 48.11
CA GLN S 38 72.56 48.92 49.07
C GLN S 38 71.97 47.67 49.75
N LEU S 39 70.71 47.75 50.16
CA LEU S 39 70.11 46.72 51.00
C LEU S 39 70.00 45.38 50.25
N ILE S 40 69.30 45.36 49.12
CA ILE S 40 69.00 44.07 48.50
C ILE S 40 70.24 43.47 47.87
N PHE S 41 71.24 44.30 47.51
CA PHE S 41 72.49 43.76 46.95
C PHE S 41 73.21 42.88 47.96
N LEU S 42 73.23 43.30 49.22
CA LEU S 42 73.87 42.53 50.28
C LEU S 42 73.00 41.36 50.74
N GLY S 43 71.68 41.58 50.86
CA GLY S 43 70.78 40.47 51.07
C GLY S 43 70.99 39.34 50.07
N SER S 44 71.11 39.69 48.79
CA SER S 44 71.25 38.67 47.76
C SER S 44 72.60 37.98 47.85
N GLY S 45 73.64 38.70 48.22
CA GLY S 45 74.93 38.05 48.45
C GLY S 45 74.88 37.14 49.67
N LEU S 46 74.21 37.60 50.71
CA LEU S 46 74.11 36.82 51.93
C LEU S 46 73.32 35.52 51.69
N TRP S 47 72.14 35.64 51.07
CA TRP S 47 71.37 34.47 50.66
C TRP S 47 72.24 33.47 49.91
N ILE S 48 73.01 33.93 48.91
CA ILE S 48 73.85 33.02 48.14
C ILE S 48 74.81 32.26 49.05
N ALA S 49 75.53 32.99 49.91
CA ALA S 49 76.47 32.33 50.82
C ALA S 49 75.74 31.45 51.80
N LEU S 50 74.57 31.89 52.27
CA LEU S 50 73.77 31.08 53.17
C LEU S 50 73.38 29.76 52.53
N VAL S 51 72.97 29.80 51.26
CA VAL S 51 72.62 28.57 50.57
C VAL S 51 73.81 27.64 50.55
N LEU S 52 74.99 28.18 50.23
CA LEU S 52 76.20 27.36 50.08
C LEU S 52 76.70 26.79 51.40
N VAL S 53 76.37 27.42 52.52
CA VAL S 53 76.67 26.85 53.83
C VAL S 53 75.86 25.59 54.08
N VAL S 54 74.54 25.70 54.03
CA VAL S 54 73.69 24.51 53.98
C VAL S 54 74.11 23.72 52.76
N GLY S 55 74.15 22.42 52.87
CA GLY S 55 74.57 21.64 51.71
C GLY S 55 76.04 21.38 51.72
N VAL S 56 76.84 22.36 52.12
CA VAL S 56 78.15 22.03 52.65
C VAL S 56 78.00 21.39 54.02
N LEU S 57 77.29 22.06 54.93
CA LEU S 57 77.07 21.47 56.25
C LEU S 57 76.18 20.25 56.18
N ASN S 58 75.29 20.20 55.19
CA ASN S 58 74.40 19.07 54.98
C ASN S 58 75.15 17.75 55.12
N PHE S 59 76.40 17.73 54.67
CA PHE S 59 77.13 16.48 54.64
C PHE S 59 77.64 16.08 56.01
N PHE S 60 77.87 17.05 56.90
CA PHE S 60 78.32 16.71 58.23
C PHE S 60 77.17 16.27 59.13
N VAL S 61 75.94 16.65 58.82
CA VAL S 61 74.77 16.22 59.59
C VAL S 61 74.02 15.05 58.95
N VAL S 62 74.27 14.76 57.67
CA VAL S 62 73.49 13.77 56.89
C VAL S 62 72.00 13.90 57.20
N ASP T 1 13.08 21.23 72.76
CA ASP T 1 13.88 21.00 73.96
C ASP T 1 14.91 22.12 74.18
N TRP T 2 15.92 21.81 75.00
CA TRP T 2 16.92 22.82 75.36
C TRP T 2 17.88 23.14 74.21
N ARG T 3 18.12 22.18 73.31
CA ARG T 3 19.00 22.45 72.18
C ARG T 3 18.51 23.60 71.32
N VAL T 4 17.20 23.88 71.35
CA VAL T 4 16.62 24.95 70.55
C VAL T 4 17.14 26.29 71.01
N LEU T 5 17.04 26.58 72.30
CA LEU T 5 17.57 27.85 72.81
C LEU T 5 19.08 27.95 72.56
N VAL T 6 19.80 26.84 72.70
CA VAL T 6 21.19 26.79 72.24
C VAL T 6 21.27 27.33 70.82
N VAL T 7 20.57 26.67 69.89
CA VAL T 7 20.63 27.07 68.49
C VAL T 7 20.24 28.53 68.31
N LEU T 8 19.18 28.97 69.00
CA LEU T 8 18.59 30.27 68.70
C LEU T 8 19.29 31.44 69.35
N LEU T 9 20.15 31.20 70.34
CA LEU T 9 20.74 32.34 71.05
C LEU T 9 21.66 33.15 70.17
N PRO T 10 22.58 32.56 69.41
CA PRO T 10 23.37 33.38 68.48
C PRO T 10 22.51 34.28 67.61
N VAL T 11 21.33 33.82 67.20
CA VAL T 11 20.59 34.61 66.23
C VAL T 11 19.89 35.78 66.91
N LEU T 12 19.29 35.57 68.08
CA LEU T 12 18.80 36.70 68.87
C LEU T 12 19.92 37.69 69.17
N LEU T 13 21.09 37.19 69.59
CA LEU T 13 22.25 38.06 69.78
C LEU T 13 22.60 38.80 68.52
N ALA T 14 22.52 38.13 67.36
CA ALA T 14 22.82 38.80 66.11
C ALA T 14 21.78 39.86 65.79
N ALA T 15 20.49 39.52 65.95
CA ALA T 15 19.41 40.49 65.74
C ALA T 15 19.49 41.62 66.76
N GLY T 16 19.67 41.26 68.04
CA GLY T 16 19.95 42.26 69.06
C GLY T 16 21.04 43.23 68.66
N TRP T 17 22.18 42.70 68.20
CA TRP T 17 23.33 43.54 67.84
C TRP T 17 22.99 44.51 66.71
N ALA T 18 22.34 44.00 65.66
CA ALA T 18 21.99 44.86 64.53
C ALA T 18 20.89 45.85 64.90
N VAL T 19 19.97 45.43 65.76
CA VAL T 19 18.92 46.33 66.23
C VAL T 19 19.54 47.61 66.78
N ARG T 20 20.56 47.47 67.61
CA ARG T 20 21.12 48.62 68.31
C ARG T 20 21.95 49.49 67.38
N ASN T 21 22.75 48.89 66.49
CA ASN T 21 23.62 49.68 65.63
C ASN T 21 22.86 50.44 64.56
N ILE T 22 21.63 50.04 64.25
CA ILE T 22 20.91 50.62 63.12
C ILE T 22 19.68 51.42 63.56
N LEU T 23 19.10 51.12 64.72
CA LEU T 23 17.91 51.83 65.22
C LEU T 23 17.88 53.32 64.92
N PRO T 24 18.93 54.11 65.23
CA PRO T 24 18.83 55.56 64.96
C PRO T 24 18.61 55.89 63.50
N TYR T 25 19.47 55.36 62.62
CA TYR T 25 19.35 55.61 61.19
C TYR T 25 18.02 55.07 60.64
N ALA T 26 17.50 54.00 61.25
CA ALA T 26 16.26 53.39 60.78
C ALA T 26 15.04 54.22 61.13
N VAL T 27 15.10 55.04 62.18
CA VAL T 27 13.95 55.86 62.54
C VAL T 27 13.84 57.07 61.63
N LYS T 28 14.96 57.60 61.13
CA LYS T 28 14.89 58.67 60.15
C LYS T 28 14.12 58.24 58.90
N GLN T 29 14.26 56.97 58.48
CA GLN T 29 13.55 56.48 57.31
C GLN T 29 12.03 56.40 57.56
N VAL T 30 11.64 56.08 58.78
CA VAL T 30 10.22 55.91 59.12
C VAL T 30 9.51 57.26 59.25
N GLN T 31 10.21 58.28 59.78
CA GLN T 31 9.67 59.63 59.77
C GLN T 31 9.42 60.12 58.36
N LYS T 32 10.35 59.83 57.44
CA LYS T 32 10.21 60.29 56.07
C LYS T 32 8.96 59.75 55.40
N LEU T 33 8.64 58.47 55.62
CA LEU T 33 7.37 57.94 55.09
C LEU T 33 6.21 58.76 55.65
N LEU T 34 5.95 59.90 55.00
CA LEU T 34 5.00 60.91 55.48
C LEU T 34 5.10 61.12 56.99
N ALA U 1 -50.13 37.45 -5.46
CA ALA U 1 -51.51 36.97 -5.36
C ALA U 1 -51.70 36.06 -4.12
N ASN U 2 -52.38 34.93 -4.28
CA ASN U 2 -52.59 34.00 -3.17
C ASN U 2 -51.57 32.86 -3.22
N LEU U 3 -51.61 32.02 -2.19
CA LEU U 3 -50.49 31.14 -1.89
C LEU U 3 -50.24 30.17 -3.03
N TRP U 4 -51.32 29.58 -3.56
CA TRP U 4 -51.17 28.59 -4.62
C TRP U 4 -50.57 29.23 -5.87
N GLU U 5 -50.78 30.54 -6.06
CA GLU U 5 -50.21 31.19 -7.23
C GLU U 5 -48.73 31.53 -7.03
N ARG U 6 -48.32 31.95 -5.83
CA ARG U 6 -46.89 32.09 -5.56
C ARG U 6 -46.17 30.76 -5.83
N PHE U 7 -46.76 29.66 -5.38
CA PHE U 7 -46.16 28.35 -5.56
C PHE U 7 -46.08 27.98 -7.03
N CYS U 8 -47.20 28.03 -7.75
CA CYS U 8 -47.17 27.79 -9.19
C CYS U 8 -46.07 28.59 -9.88
N ASN U 9 -45.89 29.85 -9.46
CA ASN U 9 -44.94 30.72 -10.13
C ASN U 9 -43.51 30.31 -9.79
N TRP U 10 -43.29 29.84 -8.57
CA TRP U 10 -41.98 29.32 -8.23
C TRP U 10 -41.69 28.05 -9.02
N VAL U 11 -42.62 27.09 -9.01
CA VAL U 11 -42.40 25.80 -9.66
C VAL U 11 -41.96 26.00 -11.10
N THR U 12 -42.59 26.94 -11.81
CA THR U 12 -42.38 27.17 -13.23
C THR U 12 -41.44 28.35 -13.50
N SER U 13 -40.77 28.85 -12.47
CA SER U 13 -39.84 29.94 -12.67
C SER U 13 -38.72 29.52 -13.60
N THR U 14 -38.51 30.34 -14.62
CA THR U 14 -37.32 30.24 -15.46
C THR U 14 -36.07 30.82 -14.80
N ASP U 15 -36.16 31.26 -13.52
CA ASP U 15 -35.04 31.86 -12.82
C ASP U 15 -34.40 30.94 -11.80
N ASN U 16 -34.96 29.76 -11.57
CA ASN U 16 -34.30 28.80 -10.68
C ASN U 16 -33.08 28.25 -11.39
N ARG U 17 -32.01 28.05 -10.63
CA ARG U 17 -30.75 27.57 -11.21
C ARG U 17 -30.94 26.29 -11.98
N LEU U 18 -31.82 25.44 -11.46
CA LEU U 18 -32.28 24.23 -12.09
C LEU U 18 -33.79 24.35 -12.25
N TYR U 19 -34.29 24.12 -13.44
CA TYR U 19 -35.70 24.28 -13.64
C TYR U 19 -36.46 23.18 -12.91
N VAL U 20 -37.52 23.54 -12.18
CA VAL U 20 -38.30 22.51 -11.52
C VAL U 20 -39.42 22.09 -12.47
N GLY U 21 -40.51 22.87 -12.57
CA GLY U 21 -41.61 22.55 -13.47
C GLY U 21 -42.53 21.46 -12.91
N TRP U 22 -43.71 21.31 -13.51
CA TRP U 22 -44.65 20.34 -12.98
C TRP U 22 -44.12 18.91 -13.15
N PHE U 23 -43.47 18.62 -14.28
CA PHE U 23 -42.83 17.31 -14.41
C PHE U 23 -41.74 17.14 -13.35
N GLY U 24 -41.05 18.23 -13.01
CA GLY U 24 -40.01 18.14 -11.99
C GLY U 24 -40.56 17.74 -10.65
N VAL U 25 -41.84 18.07 -10.41
CA VAL U 25 -42.45 17.76 -9.12
C VAL U 25 -42.54 16.26 -8.90
N ILE U 26 -42.76 15.49 -9.98
CA ILE U 26 -42.68 14.04 -9.91
C ILE U 26 -41.22 13.55 -10.07
N MET U 27 -40.45 14.16 -10.99
CA MET U 27 -39.09 13.67 -11.29
C MET U 27 -38.19 13.69 -10.06
N ILE U 28 -38.16 14.80 -9.35
CA ILE U 28 -37.24 14.93 -8.24
C ILE U 28 -37.43 13.83 -7.20
N PRO U 29 -38.61 13.65 -6.62
CA PRO U 29 -38.70 12.59 -5.59
C PRO U 29 -38.42 11.20 -6.14
N THR U 30 -38.84 10.88 -7.37
CA THR U 30 -38.68 9.51 -7.83
C THR U 30 -37.22 9.17 -8.12
N LEU U 31 -36.48 10.11 -8.76
CA LEU U 31 -35.04 9.94 -8.97
C LEU U 31 -34.24 9.91 -7.66
N LEU U 32 -34.57 10.78 -6.72
CA LEU U 32 -33.92 10.71 -5.42
C LEU U 32 -34.08 9.34 -4.76
N ALA U 33 -35.31 8.80 -4.74
CA ALA U 33 -35.54 7.49 -4.13
C ALA U 33 -34.79 6.40 -4.87
N ALA U 34 -34.82 6.44 -6.20
CA ALA U 34 -34.09 5.46 -6.99
C ALA U 34 -32.57 5.58 -6.75
N THR U 35 -32.08 6.81 -6.61
CA THR U 35 -30.62 6.98 -6.51
C THR U 35 -30.13 6.55 -5.13
N ILE U 36 -30.83 6.99 -4.08
CA ILE U 36 -30.41 6.62 -2.75
C ILE U 36 -30.45 5.11 -2.57
N CYS U 37 -31.52 4.45 -3.03
CA CYS U 37 -31.63 2.99 -2.88
C CYS U 37 -30.51 2.28 -3.65
N PHE U 38 -30.26 2.73 -4.88
CA PHE U 38 -29.26 2.10 -5.72
C PHE U 38 -27.87 2.22 -5.11
N VAL U 39 -27.53 3.39 -4.56
CA VAL U 39 -26.21 3.58 -3.99
C VAL U 39 -26.03 2.68 -2.78
N ILE U 40 -27.05 2.61 -1.91
CA ILE U 40 -26.96 1.78 -0.70
C ILE U 40 -26.95 0.29 -1.05
N ALA U 41 -27.84 -0.14 -1.92
CA ALA U 41 -27.87 -1.54 -2.33
C ALA U 41 -26.57 -1.95 -3.02
N PHE U 42 -26.05 -1.11 -3.90
CA PHE U 42 -24.82 -1.46 -4.62
C PHE U 42 -23.68 -1.73 -3.65
N ILE U 43 -23.58 -0.96 -2.57
CA ILE U 43 -22.50 -1.10 -1.61
C ILE U 43 -22.74 -2.25 -0.63
N ALA U 44 -23.97 -2.32 -0.10
CA ALA U 44 -24.27 -3.09 1.09
C ALA U 44 -25.31 -4.22 0.93
N ALA U 45 -26.00 -4.33 -0.22
N ALA U 45 -26.08 -4.24 -0.14
CA ALA U 45 -27.12 -5.27 -0.27
CA ALA U 45 -27.15 -5.22 -0.27
C ALA U 45 -26.60 -6.70 -0.18
C ALA U 45 -26.61 -6.65 -0.22
N PRO U 46 -27.28 -7.58 0.57
N PRO U 46 -27.27 -7.56 0.48
CA PRO U 46 -26.83 -8.97 0.62
CA PRO U 46 -26.79 -8.93 0.54
C PRO U 46 -27.24 -9.72 -0.63
C PRO U 46 -27.25 -9.71 -0.67
N PRO U 47 -26.81 -10.97 -0.79
N PRO U 47 -26.85 -10.96 -0.77
CA PRO U 47 -27.12 -11.72 -2.01
CA PRO U 47 -27.11 -11.73 -2.00
C PRO U 47 -28.62 -11.85 -2.30
C PRO U 47 -28.60 -11.92 -2.30
N VAL U 48 -28.91 -11.93 -3.60
N VAL U 48 -28.92 -11.98 -3.59
CA VAL U 48 -30.24 -11.93 -4.18
CA VAL U 48 -30.29 -11.99 -4.10
C VAL U 48 -30.46 -13.21 -4.99
C VAL U 48 -30.51 -13.24 -4.93
N ASP U 49 -31.57 -13.92 -4.72
N ASP U 49 -31.57 -13.98 -4.60
CA ASP U 49 -31.92 -15.16 -5.45
CA ASP U 49 -31.98 -15.20 -5.32
C ASP U 49 -32.69 -14.79 -6.72
C ASP U 49 -32.74 -14.81 -6.59
N ILE U 50 -31.92 -14.43 -7.74
N ILE U 50 -31.96 -14.48 -7.62
CA ILE U 50 -32.45 -13.88 -8.97
CA ILE U 50 -32.51 -13.89 -8.84
C ILE U 50 -33.32 -14.90 -9.66
C ILE U 50 -33.37 -14.88 -9.59
N ASP U 51 -32.83 -16.12 -9.79
N ASP U 51 -32.94 -16.12 -9.72
CA ASP U 51 -33.51 -17.09 -10.63
CA ASP U 51 -33.64 -17.07 -10.55
C ASP U 51 -34.55 -17.93 -9.87
C ASP U 51 -34.64 -17.93 -9.77
N GLY U 52 -34.85 -17.54 -8.64
N GLY U 52 -34.82 -17.68 -8.48
CA GLY U 52 -35.90 -18.17 -7.89
CA GLY U 52 -35.91 -18.29 -7.75
C GLY U 52 -35.57 -19.57 -7.47
C GLY U 52 -35.61 -19.69 -7.29
N ILE U 53 -34.30 -19.96 -7.53
N ILE U 53 -34.35 -20.10 -7.33
CA ILE U 53 -33.95 -21.34 -7.26
CA ILE U 53 -33.97 -21.46 -7.08
C ILE U 53 -33.15 -21.46 -5.98
C ILE U 53 -33.18 -21.57 -5.78
N ARG U 54 -33.28 -20.47 -5.11
N ARG U 54 -33.26 -20.56 -4.92
CA ARG U 54 -32.60 -20.47 -3.84
CA ARG U 54 -32.51 -20.51 -3.68
C ARG U 54 -31.07 -20.57 -4.04
C ARG U 54 -30.99 -20.61 -3.95
N GLU U 55 -30.58 -19.82 -5.00
N GLU U 55 -30.53 -19.84 -4.93
CA GLU U 55 -29.17 -19.83 -5.37
CA GLU U 55 -29.14 -19.78 -5.36
C GLU U 55 -28.80 -18.36 -5.50
C GLU U 55 -28.82 -18.31 -5.46
N PRO U 56 -28.53 -17.68 -4.35
CA PRO U 56 -28.40 -16.22 -4.34
C PRO U 56 -27.11 -15.75 -4.99
N VAL U 57 -27.23 -14.64 -5.75
CA VAL U 57 -26.13 -13.96 -6.40
C VAL U 57 -25.75 -12.75 -5.59
N SER U 58 -24.48 -12.65 -5.22
CA SER U 58 -23.94 -11.48 -4.53
C SER U 58 -23.63 -10.36 -5.51
N GLY U 59 -24.25 -9.21 -5.30
CA GLY U 59 -24.04 -8.10 -6.22
C GLY U 59 -23.33 -6.93 -5.59
N SER U 60 -23.14 -6.90 -4.28
CA SER U 60 -22.70 -5.66 -3.66
C SER U 60 -21.21 -5.67 -3.25
N LEU U 61 -20.65 -4.46 -3.16
CA LEU U 61 -19.22 -4.32 -2.88
C LEU U 61 -18.83 -4.99 -1.57
N LEU U 62 -19.68 -4.88 -0.53
CA LEU U 62 -19.28 -5.41 0.78
C LEU U 62 -19.33 -6.93 0.83
N TYR U 63 -19.99 -7.55 -0.14
CA TYR U 63 -20.08 -9.00 -0.20
C TYR U 63 -19.17 -9.57 -1.27
N GLY U 64 -18.07 -8.89 -1.54
CA GLY U 64 -17.05 -9.44 -2.38
C GLY U 64 -17.08 -9.03 -3.82
N ASN U 65 -17.62 -7.85 -4.15
CA ASN U 65 -17.59 -7.38 -5.51
C ASN U 65 -16.67 -6.19 -5.67
N ASN U 66 -16.35 -5.90 -6.92
CA ASN U 66 -15.69 -4.68 -7.27
C ASN U 66 -16.62 -3.86 -8.16
N ILE U 67 -16.11 -2.73 -8.64
CA ILE U 67 -16.94 -1.85 -9.44
C ILE U 67 -17.46 -2.57 -10.66
N ILE U 68 -16.66 -3.48 -11.22
CA ILE U 68 -17.03 -4.09 -12.49
C ILE U 68 -17.98 -5.27 -12.30
N THR U 69 -17.88 -6.00 -11.19
CA THR U 69 -18.70 -7.17 -11.02
C THR U 69 -19.97 -6.88 -10.25
N GLY U 70 -20.04 -5.76 -9.58
CA GLY U 70 -21.13 -5.48 -8.70
C GLY U 70 -22.39 -5.11 -9.43
N ALA U 71 -23.49 -5.32 -8.76
CA ALA U 71 -24.77 -5.01 -9.38
C ALA U 71 -25.83 -4.94 -8.31
N VAL U 72 -26.91 -4.26 -8.64
CA VAL U 72 -28.19 -4.52 -7.97
C VAL U 72 -28.85 -5.61 -8.77
N VAL U 73 -29.12 -6.73 -8.11
CA VAL U 73 -29.61 -7.93 -8.79
C VAL U 73 -31.12 -7.88 -9.04
N PRO U 74 -31.58 -8.28 -10.24
CA PRO U 74 -33.03 -8.35 -10.49
C PRO U 74 -33.77 -9.21 -9.47
N SER U 75 -35.05 -8.90 -9.28
CA SER U 75 -35.87 -9.63 -8.32
C SER U 75 -36.13 -11.08 -8.76
N SER U 76 -36.46 -11.92 -7.77
CA SER U 76 -36.63 -13.35 -7.94
C SER U 76 -37.61 -13.77 -9.04
N ASN U 77 -37.26 -14.85 -9.72
CA ASN U 77 -38.17 -15.44 -10.68
C ASN U 77 -39.44 -15.95 -10.01
N ALA U 78 -39.34 -16.36 -8.74
CA ALA U 78 -40.51 -16.80 -8.00
C ALA U 78 -41.58 -15.72 -7.99
N ILE U 79 -41.16 -14.44 -7.97
CA ILE U 79 -42.03 -13.27 -8.04
C ILE U 79 -42.57 -13.05 -9.45
N GLY U 80 -41.86 -13.44 -10.49
CA GLY U 80 -42.33 -13.13 -11.84
C GLY U 80 -42.59 -11.63 -12.01
N LEU U 81 -43.84 -11.28 -12.29
CA LEU U 81 -44.25 -9.89 -12.55
C LEU U 81 -45.08 -9.30 -11.42
N HIS U 82 -45.24 -10.04 -10.34
CA HIS U 82 -45.91 -9.50 -9.17
C HIS U 82 -45.22 -8.24 -8.64
N PHE U 83 -46.03 -7.30 -8.19
CA PHE U 83 -45.56 -6.10 -7.52
C PHE U 83 -45.06 -6.47 -6.14
N TYR U 84 -43.84 -6.04 -5.81
CA TYR U 84 -43.19 -6.47 -4.56
C TYR U 84 -42.65 -5.25 -3.82
N PRO U 85 -43.54 -4.33 -3.42
CA PRO U 85 -43.11 -3.20 -2.60
C PRO U 85 -42.60 -3.70 -1.26
N ILE U 86 -41.85 -2.84 -0.57
CA ILE U 86 -41.39 -3.17 0.77
C ILE U 86 -42.54 -3.66 1.66
N TRP U 87 -43.71 -3.01 1.58
CA TRP U 87 -44.77 -3.34 2.53
C TRP U 87 -45.42 -4.69 2.26
N GLU U 88 -45.11 -5.33 1.13
CA GLU U 88 -45.61 -6.65 0.81
C GLU U 88 -44.72 -7.75 1.36
N ALA U 89 -43.58 -7.40 1.89
CA ALA U 89 -42.66 -8.37 2.46
C ALA U 89 -42.94 -8.50 3.94
N ALA U 90 -42.57 -9.63 4.50
CA ALA U 90 -42.77 -9.76 5.93
C ALA U 90 -41.66 -9.11 6.74
N SER U 91 -40.57 -8.71 6.09
CA SER U 91 -39.41 -8.13 6.74
C SER U 91 -38.46 -7.63 5.66
N LEU U 92 -37.69 -6.57 5.99
CA LEU U 92 -36.65 -6.12 5.07
C LEU U 92 -35.73 -7.26 4.67
N ASP U 93 -35.41 -8.13 5.62
CA ASP U 93 -34.60 -9.28 5.32
C ASP U 93 -35.19 -10.14 4.20
N GLU U 94 -36.50 -10.39 4.24
CA GLU U 94 -37.14 -11.11 3.14
C GLU U 94 -37.11 -10.32 1.83
N TRP U 95 -37.43 -9.03 1.91
CA TRP U 95 -37.38 -8.16 0.75
C TRP U 95 -35.97 -8.14 0.10
N LEU U 96 -34.91 -8.03 0.90
CA LEU U 96 -33.54 -8.05 0.32
C LEU U 96 -33.23 -9.38 -0.35
N TYR U 97 -33.64 -10.46 0.28
CA TYR U 97 -33.35 -11.79 -0.24
C TYR U 97 -33.95 -12.01 -1.61
N ASN U 98 -35.15 -11.49 -1.84
CA ASN U 98 -35.89 -11.74 -3.05
C ASN U 98 -35.71 -10.65 -4.09
N GLY U 99 -34.90 -9.64 -3.81
CA GLY U 99 -34.48 -8.71 -4.83
C GLY U 99 -35.36 -7.51 -4.94
N GLY U 100 -36.08 -7.16 -3.87
CA GLY U 100 -36.96 -6.01 -3.88
C GLY U 100 -36.37 -4.68 -4.26
N PRO U 101 -35.16 -4.34 -3.79
CA PRO U 101 -34.56 -3.06 -4.20
C PRO U 101 -34.59 -2.84 -5.69
N TYR U 102 -34.48 -3.91 -6.49
CA TYR U 102 -34.47 -3.77 -7.94
C TYR U 102 -35.77 -3.20 -8.48
N GLN U 103 -36.90 -3.75 -8.00
CA GLN U 103 -38.21 -3.22 -8.40
C GLN U 103 -38.32 -1.76 -8.03
N LEU U 104 -37.94 -1.42 -6.80
CA LEU U 104 -38.06 -0.05 -6.31
C LEU U 104 -37.22 0.89 -7.15
N ILE U 105 -35.97 0.50 -7.44
CA ILE U 105 -35.10 1.37 -8.20
C ILE U 105 -35.66 1.58 -9.61
N ILE U 106 -35.98 0.49 -10.34
CA ILE U 106 -36.36 0.68 -11.74
C ILE U 106 -37.71 1.37 -11.91
N PHE U 107 -38.68 1.11 -11.04
CA PHE U 107 -39.95 1.84 -11.16
C PHE U 107 -39.75 3.31 -10.88
N HIS U 108 -39.11 3.63 -9.78
CA HIS U 108 -38.87 5.05 -9.57
C HIS U 108 -38.03 5.64 -10.69
N PHE U 109 -37.16 4.86 -11.32
CA PHE U 109 -36.29 5.46 -12.33
C PHE U 109 -37.02 5.62 -13.65
N LEU U 110 -37.83 4.66 -14.04
CA LEU U 110 -38.56 4.86 -15.29
C LEU U 110 -39.49 6.06 -15.17
N LEU U 111 -40.20 6.15 -14.04
CA LEU U 111 -41.02 7.33 -13.76
C LEU U 111 -40.21 8.62 -13.83
N GLY U 112 -39.17 8.72 -13.01
CA GLY U 112 -38.31 9.89 -13.02
C GLY U 112 -37.82 10.28 -14.39
N ALA U 113 -37.42 9.29 -15.21
CA ALA U 113 -36.83 9.59 -16.53
C ALA U 113 -37.91 9.94 -17.54
N SER U 114 -39.09 9.35 -17.39
CA SER U 114 -40.21 9.73 -18.23
C SER U 114 -40.56 11.19 -17.99
N CYS U 115 -40.40 11.64 -16.74
CA CYS U 115 -40.70 13.03 -16.37
C CYS U 115 -39.54 13.95 -16.72
N TYR U 116 -38.31 13.40 -16.75
CA TYR U 116 -37.17 14.17 -17.26
C TYR U 116 -37.41 14.61 -18.68
N MET U 117 -38.06 13.73 -19.46
CA MET U 117 -38.34 14.01 -20.86
C MET U 117 -39.38 15.10 -20.97
N GLY U 118 -40.44 14.96 -20.16
CA GLY U 118 -41.46 15.98 -20.13
C GLY U 118 -40.90 17.31 -19.70
N ARG U 119 -39.98 17.28 -18.73
CA ARG U 119 -39.32 18.50 -18.28
C ARG U 119 -38.59 19.23 -19.41
N GLN U 120 -37.98 18.46 -20.32
CA GLN U 120 -37.27 19.07 -21.45
C GLN U 120 -38.25 19.81 -22.36
N TRP U 121 -39.42 19.19 -22.66
CA TRP U 121 -40.50 19.91 -23.32
C TRP U 121 -40.91 21.13 -22.51
N GLU U 122 -41.19 20.93 -21.22
CA GLU U 122 -41.74 22.02 -20.42
C GLU U 122 -40.83 23.25 -20.47
N LEU U 123 -39.52 23.09 -20.21
CA LEU U 123 -38.66 24.27 -20.20
C LEU U 123 -38.57 24.91 -21.58
N SER U 124 -38.58 24.10 -22.64
CA SER U 124 -38.49 24.70 -23.97
C SER U 124 -39.70 25.58 -24.26
N TYR U 125 -40.85 25.26 -23.67
CA TYR U 125 -42.02 26.12 -23.77
C TYR U 125 -41.83 27.43 -23.01
N ARG U 126 -41.27 27.36 -21.79
CA ARG U 126 -41.08 28.58 -21.00
C ARG U 126 -40.03 29.48 -21.61
N LEU U 127 -39.13 28.91 -22.38
CA LEU U 127 -38.08 29.67 -23.00
C LEU U 127 -38.42 30.17 -24.40
N GLY U 128 -39.52 29.72 -25.00
CA GLY U 128 -39.85 30.16 -26.33
C GLY U 128 -39.07 29.42 -27.40
N MET U 129 -38.51 28.26 -27.04
CA MET U 129 -37.83 27.36 -27.94
C MET U 129 -38.79 26.47 -28.69
N ARG U 130 -38.29 25.87 -29.76
CA ARG U 130 -38.97 24.78 -30.41
C ARG U 130 -38.87 23.54 -29.52
N PRO U 131 -39.79 22.55 -29.67
CA PRO U 131 -40.08 21.64 -28.56
C PRO U 131 -39.47 20.26 -28.60
N TRP U 132 -38.83 19.89 -29.71
CA TRP U 132 -38.51 18.49 -30.02
C TRP U 132 -37.15 17.96 -29.54
N ILE U 133 -36.43 18.66 -28.66
CA ILE U 133 -35.32 18.00 -27.97
C ILE U 133 -35.82 16.73 -27.27
N CYS U 134 -36.95 16.87 -26.55
CA CYS U 134 -37.52 15.76 -25.81
C CYS U 134 -37.76 14.57 -26.73
N VAL U 135 -38.08 14.82 -28.01
CA VAL U 135 -38.20 13.72 -28.98
C VAL U 135 -36.88 12.99 -29.13
N ALA U 136 -35.77 13.73 -29.20
CA ALA U 136 -34.48 13.06 -29.31
C ALA U 136 -34.25 12.15 -28.12
N TYR U 137 -34.59 12.64 -26.94
CA TYR U 137 -34.35 11.88 -25.73
C TYR U 137 -35.24 10.65 -25.64
N SER U 138 -36.35 10.63 -26.38
CA SER U 138 -37.24 9.48 -26.38
C SER U 138 -36.52 8.23 -26.87
N ALA U 139 -35.38 8.39 -27.56
CA ALA U 139 -34.73 7.21 -28.10
C ALA U 139 -34.01 6.50 -26.96
N PRO U 140 -33.19 7.21 -26.17
CA PRO U 140 -32.57 6.55 -25.00
C PRO U 140 -33.58 6.06 -23.98
N LEU U 141 -34.59 6.88 -23.69
CA LEU U 141 -35.64 6.51 -22.76
C LEU U 141 -36.36 5.24 -23.22
N ALA U 142 -36.79 5.22 -24.48
CA ALA U 142 -37.39 4.00 -25.02
C ALA U 142 -36.50 2.78 -24.78
N SER U 143 -35.18 2.92 -25.03
CA SER U 143 -34.27 1.82 -24.80
C SER U 143 -34.26 1.35 -23.35
N ALA U 144 -34.32 2.28 -22.40
CA ALA U 144 -34.32 1.86 -21.00
C ALA U 144 -35.62 1.14 -20.65
N PHE U 145 -36.74 1.61 -21.21
CA PHE U 145 -38.01 0.93 -20.99
C PHE U 145 -37.94 -0.51 -21.48
N ALA U 146 -37.25 -0.71 -22.61
CA ALA U 146 -37.15 -2.04 -23.20
C ALA U 146 -36.44 -3.01 -22.28
N VAL U 147 -35.27 -2.64 -21.76
CA VAL U 147 -34.52 -3.65 -21.01
C VAL U 147 -35.05 -3.77 -19.59
N PHE U 148 -35.73 -2.76 -19.08
CA PHE U 148 -36.17 -2.79 -17.68
C PHE U 148 -37.66 -3.11 -17.52
N LEU U 149 -38.46 -2.97 -18.55
CA LEU U 149 -39.91 -3.15 -18.41
C LEU U 149 -40.49 -4.06 -19.48
N ILE U 150 -40.27 -3.75 -20.73
N ILE U 150 -40.23 -3.74 -20.75
CA ILE U 150 -41.00 -4.47 -21.76
CA ILE U 150 -40.92 -4.46 -21.83
C ILE U 150 -40.53 -5.90 -21.85
C ILE U 150 -40.42 -5.89 -21.92
N TYR U 151 -39.20 -6.13 -21.73
N TYR U 151 -39.10 -6.09 -21.82
CA TYR U 151 -38.61 -7.44 -21.94
CA TYR U 151 -38.55 -7.43 -22.01
C TYR U 151 -39.03 -8.33 -20.78
C TYR U 151 -39.02 -8.31 -20.85
N PRO U 152 -38.97 -7.86 -19.52
N PRO U 152 -38.96 -7.83 -19.61
CA PRO U 152 -39.62 -8.62 -18.43
CA PRO U 152 -39.58 -8.60 -18.52
C PRO U 152 -41.06 -8.97 -18.69
C PRO U 152 -41.05 -8.90 -18.70
N ILE U 153 -41.83 -8.04 -19.23
N ILE U 153 -41.81 -8.03 -19.38
CA ILE U 153 -43.26 -8.30 -19.42
CA ILE U 153 -43.24 -8.29 -19.56
C ILE U 153 -43.48 -9.46 -20.37
C ILE U 153 -43.44 -9.45 -20.51
N GLY U 154 -42.91 -9.38 -21.59
N GLY U 154 -42.75 -9.41 -21.66
CA GLY U 154 -43.10 -10.45 -22.56
CA GLY U 154 -42.90 -10.46 -22.63
C GLY U 154 -42.59 -11.79 -22.07
C GLY U 154 -42.46 -11.80 -22.08
N GLN U 155 -41.59 -11.76 -21.21
N GLN U 155 -41.36 -11.81 -21.31
CA GLN U 155 -40.95 -12.99 -20.78
CA GLN U 155 -40.80 -13.04 -20.81
C GLN U 155 -41.48 -13.47 -19.44
C GLN U 155 -41.40 -13.47 -19.48
N GLY U 156 -42.19 -12.61 -18.74
N GLY U 156 -42.17 -12.59 -18.85
CA GLY U 156 -42.98 -12.98 -17.59
CA GLY U 156 -42.93 -12.93 -17.67
C GLY U 156 -42.29 -12.79 -16.26
C GLY U 156 -42.21 -12.80 -16.35
N SER U 157 -41.19 -12.03 -16.23
N SER U 157 -41.05 -12.13 -16.32
CA SER U 157 -40.39 -11.94 -15.01
CA SER U 157 -40.35 -12.01 -15.05
C SER U 157 -39.37 -10.83 -15.08
C SER U 157 -39.35 -10.87 -15.05
N PHE U 158 -39.34 -10.02 -14.02
N PHE U 158 -39.35 -10.11 -13.96
CA PHE U 158 -38.27 -9.06 -13.84
CA PHE U 158 -38.34 -9.07 -13.80
C PHE U 158 -36.95 -9.75 -13.57
C PHE U 158 -36.98 -9.69 -13.58
N SER U 159 -36.97 -11.04 -13.20
N SER U 159 -36.94 -10.97 -13.19
CA SER U 159 -35.72 -11.81 -13.09
CA SER U 159 -35.67 -11.67 -13.05
C SER U 159 -34.92 -11.81 -14.40
C SER U 159 -34.89 -11.71 -14.36
N ASP U 160 -35.58 -11.55 -15.54
N ASP U 160 -35.55 -11.52 -15.51
CA ASP U 160 -34.91 -11.44 -16.82
CA ASP U 160 -34.90 -11.42 -16.81
C ASP U 160 -34.81 -10.00 -17.34
C ASP U 160 -34.78 -9.98 -17.31
N GLY U 161 -35.11 -9.00 -16.53
N GLY U 161 -35.07 -8.98 -16.47
CA GLY U 161 -34.70 -7.65 -16.87
CA GLY U 161 -34.72 -7.63 -16.83
C GLY U 161 -33.19 -7.52 -16.80
C GLY U 161 -33.23 -7.45 -16.71
N MET U 162 -32.69 -6.41 -17.32
N MET U 162 -32.75 -6.32 -17.16
CA MET U 162 -31.27 -6.18 -17.27
CA MET U 162 -31.32 -6.10 -17.13
C MET U 162 -30.84 -5.85 -15.86
C MET U 162 -30.84 -5.80 -15.71
N PRO U 163 -29.76 -6.45 -15.36
N PRO U 163 -29.81 -6.49 -15.22
CA PRO U 163 -29.29 -6.10 -14.02
CA PRO U 163 -29.23 -6.12 -13.92
C PRO U 163 -28.64 -4.73 -14.00
C PRO U 163 -28.67 -4.70 -13.93
N LEU U 164 -28.63 -4.13 -12.80
N LEU U 164 -28.58 -4.10 -12.74
CA LEU U 164 -27.99 -2.83 -12.61
CA LEU U 164 -28.02 -2.76 -12.61
C LEU U 164 -26.52 -3.09 -12.24
C LEU U 164 -26.54 -2.89 -12.21
N GLY U 165 -25.74 -3.41 -13.25
N GLY U 165 -25.74 -3.31 -13.18
CA GLY U 165 -24.35 -3.74 -13.03
CA GLY U 165 -24.31 -3.50 -12.96
C GLY U 165 -23.58 -3.87 -14.32
C GLY U 165 -23.58 -3.65 -14.28
N ILE U 166 -22.29 -3.63 -14.23
N ILE U 166 -22.26 -3.46 -14.22
CA ILE U 166 -21.47 -3.67 -15.41
CA ILE U 166 -21.44 -3.53 -15.42
C ILE U 166 -21.43 -5.10 -15.96
C ILE U 166 -21.43 -4.95 -15.97
N SER U 167 -21.06 -6.07 -15.14
N SER U 167 -21.01 -5.92 -15.16
CA SER U 167 -21.06 -7.42 -15.68
CA SER U 167 -21.01 -7.31 -15.63
C SER U 167 -22.47 -7.98 -15.83
C SER U 167 -22.41 -7.84 -15.81
N GLY U 168 -23.42 -7.54 -14.97
N GLY U 168 -23.37 -7.39 -14.99
CA GLY U 168 -24.81 -7.93 -15.19
CA GLY U 168 -24.74 -7.86 -15.17
C GLY U 168 -25.29 -7.59 -16.59
C GLY U 168 -25.29 -7.52 -16.53
N THR U 169 -24.95 -6.40 -17.06
N THR U 169 -24.93 -6.35 -17.05
CA THR U 169 -25.29 -6.03 -18.43
CA THR U 169 -25.30 -5.95 -18.41
C THR U 169 -24.73 -7.05 -19.42
C THR U 169 -24.78 -6.97 -19.42
N PHE U 170 -23.44 -7.42 -19.29
N PHE U 170 -23.51 -7.39 -19.29
CA PHE U 170 -22.89 -8.40 -20.22
CA PHE U 170 -22.95 -8.39 -20.19
C PHE U 170 -23.67 -9.71 -20.16
C PHE U 170 -23.72 -9.71 -20.11
N ASN U 171 -23.93 -10.21 -18.95
N ASN U 171 -23.99 -10.18 -18.89
CA ASN U 171 -24.77 -11.38 -18.78
CA ASN U 171 -24.79 -11.39 -18.74
C ASN U 171 -26.05 -11.27 -19.61
C ASN U 171 -26.07 -11.31 -19.57
N PHE U 172 -26.79 -10.18 -19.41
N PHE U 172 -26.81 -10.22 -19.40
CA PHE U 172 -28.03 -9.94 -20.15
CA PHE U 172 -28.05 -10.00 -20.11
C PHE U 172 -27.83 -10.07 -21.67
C PHE U 172 -27.86 -10.03 -21.62
N MET U 173 -26.75 -9.51 -22.19
N MET U 173 -26.74 -9.45 -22.12
CA MET U 173 -26.52 -9.49 -23.64
CA MET U 173 -26.52 -9.44 -23.56
C MET U 173 -26.24 -10.86 -24.17
C MET U 173 -26.19 -10.82 -24.12
N ILE U 174 -25.45 -11.62 -23.42
N ILE U 174 -25.44 -11.61 -23.36
CA ILE U 174 -25.09 -12.95 -23.86
CA ILE U 174 -25.06 -12.93 -23.85
C ILE U 174 -26.32 -13.84 -23.83
C ILE U 174 -26.28 -13.84 -23.86
N VAL U 175 -27.05 -13.84 -22.72
N VAL U 175 -27.08 -13.79 -22.81
CA VAL U 175 -28.25 -14.67 -22.67
CA VAL U 175 -28.27 -14.64 -22.77
C VAL U 175 -29.23 -14.21 -23.74
C VAL U 175 -29.21 -14.26 -23.88
N PHE U 176 -29.24 -12.92 -24.09
N PHE U 176 -29.32 -12.96 -24.16
CA PHE U 176 -30.13 -12.44 -25.11
CA PHE U 176 -30.21 -12.46 -25.19
C PHE U 176 -29.77 -12.96 -26.49
C PHE U 176 -29.85 -13.01 -26.56
N GLN U 177 -28.46 -13.10 -26.77
N GLN U 177 -28.55 -12.98 -26.91
CA GLN U 177 -28.05 -13.55 -28.08
CA GLN U 177 -28.11 -13.49 -28.20
C GLN U 177 -28.43 -15.00 -28.26
C GLN U 177 -28.45 -14.96 -28.32
N ALA U 178 -28.21 -15.79 -27.23
N ALA U 178 -28.24 -15.70 -27.23
CA ALA U 178 -28.60 -17.19 -27.33
CA ALA U 178 -28.58 -17.11 -27.20
C ALA U 178 -30.11 -17.41 -27.39
C ALA U 178 -30.04 -17.36 -27.47
N GLU U 179 -30.91 -16.57 -26.75
N GLU U 179 -30.92 -16.49 -26.97
CA GLU U 179 -32.35 -16.80 -26.74
CA GLU U 179 -32.34 -16.80 -26.99
C GLU U 179 -33.07 -16.11 -27.89
C GLU U 179 -33.07 -16.11 -28.12
N HIS U 180 -32.41 -15.19 -28.59
N HIS U 180 -32.46 -15.12 -28.74
CA HIS U 180 -33.10 -14.43 -29.62
CA HIS U 180 -33.15 -14.35 -29.78
C HIS U 180 -32.31 -14.14 -30.87
C HIS U 180 -32.27 -14.10 -30.99
N ASN U 181 -31.04 -14.56 -30.99
CA ASN U 181 -30.11 -14.25 -32.11
C ASN U 181 -30.19 -12.79 -32.54
N ILE U 182 -30.00 -11.90 -31.55
CA ILE U 182 -30.17 -10.46 -31.79
C ILE U 182 -29.18 -9.95 -32.83
N LEU U 183 -27.97 -10.51 -32.89
CA LEU U 183 -27.03 -10.09 -33.92
C LEU U 183 -27.62 -10.17 -35.31
N MET U 184 -28.39 -11.24 -35.57
CA MET U 184 -29.08 -11.47 -36.84
C MET U 184 -30.41 -10.76 -36.96
N HIS U 185 -30.72 -9.83 -36.09
CA HIS U 185 -31.96 -9.07 -36.20
C HIS U 185 -31.71 -7.73 -36.88
N PRO U 186 -32.47 -7.37 -37.92
CA PRO U 186 -32.23 -6.09 -38.61
C PRO U 186 -32.42 -4.85 -37.75
N PHE U 187 -33.25 -4.91 -36.71
CA PHE U 187 -33.43 -3.75 -35.86
C PHE U 187 -32.18 -3.48 -35.04
N HIS U 188 -31.49 -4.54 -34.63
CA HIS U 188 -30.23 -4.36 -33.92
C HIS U 188 -29.15 -3.93 -34.88
N GLN U 189 -29.18 -4.43 -36.12
CA GLN U 189 -28.22 -3.97 -37.13
C GLN U 189 -28.48 -2.51 -37.46
N LEU U 190 -29.73 -2.06 -37.32
CA LEU U 190 -30.05 -0.66 -37.52
C LEU U 190 -29.56 0.14 -36.33
N GLY U 191 -29.59 -0.47 -35.14
CA GLY U 191 -29.05 0.22 -33.97
C GLY U 191 -27.55 0.46 -34.10
N VAL U 192 -26.81 -0.53 -34.60
CA VAL U 192 -25.37 -0.42 -34.79
C VAL U 192 -25.06 0.64 -35.85
N ALA U 193 -25.74 0.61 -36.98
CA ALA U 193 -25.61 1.74 -37.91
C ALA U 193 -25.92 3.05 -37.22
N GLY U 194 -26.93 3.07 -36.34
CA GLY U 194 -27.23 4.32 -35.66
C GLY U 194 -26.05 4.83 -34.86
N VAL U 195 -25.45 3.96 -34.06
CA VAL U 195 -24.47 4.48 -33.12
C VAL U 195 -23.11 4.61 -33.80
N PHE U 196 -22.71 3.64 -34.62
CA PHE U 196 -21.53 3.82 -35.46
C PHE U 196 -21.65 5.09 -36.27
N GLY U 197 -22.75 5.23 -37.04
CA GLY U 197 -22.93 6.40 -37.86
C GLY U 197 -22.99 7.66 -37.01
N GLY U 198 -23.58 7.57 -35.84
CA GLY U 198 -23.59 8.73 -34.96
C GLY U 198 -22.19 9.13 -34.55
N ALA U 199 -21.37 8.14 -34.20
CA ALA U 199 -19.97 8.42 -33.85
C ALA U 199 -19.23 9.02 -35.03
N LEU U 200 -19.38 8.43 -36.20
CA LEU U 200 -18.81 8.95 -37.45
C LEU U 200 -19.20 10.38 -37.68
N PHE U 201 -20.52 10.63 -37.86
CA PHE U 201 -20.98 11.98 -38.14
C PHE U 201 -20.62 12.93 -37.03
N CYS U 202 -20.50 12.41 -35.80
CA CYS U 202 -20.02 13.21 -34.69
C CYS U 202 -18.58 13.67 -34.93
N ALA U 203 -17.69 12.73 -35.22
CA ALA U 203 -16.29 13.08 -35.54
C ALA U 203 -16.20 13.97 -36.79
N MET U 204 -16.96 13.64 -37.84
CA MET U 204 -17.00 14.45 -39.05
C MET U 204 -17.39 15.89 -38.77
N HIS U 205 -18.56 16.10 -38.17
CA HIS U 205 -19.00 17.47 -37.93
C HIS U 205 -17.98 18.23 -37.11
N GLY U 206 -17.49 17.61 -36.04
CA GLY U 206 -16.51 18.28 -35.20
C GLY U 206 -15.22 18.54 -35.96
N SER U 207 -14.69 17.52 -36.61
CA SER U 207 -13.51 17.73 -37.45
C SER U 207 -13.76 18.83 -38.49
N LEU U 208 -14.96 18.91 -39.06
CA LEU U 208 -15.12 19.76 -40.23
C LEU U 208 -15.31 21.21 -39.83
N VAL U 209 -15.96 21.44 -38.70
CA VAL U 209 -16.10 22.78 -38.14
C VAL U 209 -14.79 23.24 -37.54
N THR U 210 -14.12 22.35 -36.83
CA THR U 210 -12.81 22.68 -36.32
C THR U 210 -11.82 22.99 -37.44
N SER U 211 -11.98 22.33 -38.61
CA SER U 211 -11.05 22.53 -39.71
C SER U 211 -11.15 23.95 -40.28
N SER U 212 -12.23 24.64 -40.01
CA SER U 212 -12.54 25.87 -40.73
C SER U 212 -12.81 27.00 -39.75
N LEU U 213 -12.28 26.88 -38.55
CA LEU U 213 -12.22 27.99 -37.61
C LEU U 213 -11.52 29.17 -38.25
N ILE U 214 -12.05 30.36 -38.01
CA ILE U 214 -11.47 31.60 -38.50
C ILE U 214 -10.31 31.98 -37.60
N ARG U 215 -9.16 32.30 -38.20
CA ARG U 215 -8.02 32.76 -37.40
C ARG U 215 -8.44 33.97 -36.61
N GLU U 216 -8.61 33.80 -35.31
CA GLU U 216 -9.01 34.90 -34.43
C GLU U 216 -8.10 34.93 -33.21
N THR U 217 -7.08 34.10 -33.19
CA THR U 217 -6.17 33.97 -32.07
C THR U 217 -4.74 33.75 -32.61
N THR U 218 -3.77 33.86 -31.69
CA THR U 218 -2.37 33.60 -31.98
C THR U 218 -2.02 32.13 -31.75
N GLU U 219 -0.77 31.78 -32.07
CA GLU U 219 -0.35 30.39 -31.90
C GLU U 219 -0.15 30.01 -30.43
N THR U 220 -0.06 30.98 -29.51
CA THR U 220 0.21 30.66 -28.12
C THR U 220 -1.03 30.54 -27.26
N GLU U 221 -2.20 30.93 -27.75
CA GLU U 221 -3.42 30.78 -26.97
C GLU U 221 -4.29 29.71 -27.63
N SER U 222 -5.21 29.17 -26.83
CA SER U 222 -6.16 28.19 -27.35
C SER U 222 -6.97 28.81 -28.46
N ALA U 223 -7.16 28.05 -29.54
CA ALA U 223 -8.05 28.51 -30.60
C ALA U 223 -9.40 28.90 -30.02
N ASN U 224 -9.85 28.17 -28.98
CA ASN U 224 -11.21 28.36 -28.43
C ASN U 224 -11.47 29.81 -28.05
N TYR U 225 -10.44 30.55 -27.59
CA TYR U 225 -10.67 31.92 -27.17
C TYR U 225 -11.05 32.85 -28.34
N GLY U 226 -11.03 32.34 -29.58
CA GLY U 226 -11.52 33.04 -30.74
C GLY U 226 -13.03 33.09 -30.87
N TYR U 227 -13.73 32.44 -29.96
CA TYR U 227 -15.19 32.47 -29.90
C TYR U 227 -15.60 33.09 -28.58
N LYS U 228 -16.51 34.07 -28.63
CA LYS U 228 -17.00 34.76 -27.45
C LYS U 228 -18.48 34.43 -27.27
N PHE U 229 -18.86 34.09 -26.03
CA PHE U 229 -20.20 33.56 -25.80
C PHE U 229 -21.25 34.62 -26.10
N GLY U 230 -22.16 34.27 -27.00
CA GLY U 230 -23.24 35.14 -27.42
C GLY U 230 -22.88 36.03 -28.58
N GLN U 231 -21.74 35.81 -29.22
CA GLN U 231 -21.32 36.68 -30.29
C GLN U 231 -22.32 36.60 -31.44
N GLU U 232 -22.55 37.74 -32.09
CA GLU U 232 -23.53 37.80 -33.16
C GLU U 232 -23.15 36.85 -34.28
N GLU U 233 -21.87 36.81 -34.63
CA GLU U 233 -21.37 36.17 -35.84
C GLU U 233 -20.94 34.74 -35.59
N GLU U 234 -20.71 34.01 -36.68
CA GLU U 234 -20.19 32.64 -36.64
C GLU U 234 -18.66 32.65 -36.69
N THR U 235 -18.06 31.63 -36.07
CA THR U 235 -16.60 31.57 -35.95
C THR U 235 -15.98 30.51 -36.84
N TYR U 236 -16.73 29.94 -37.76
CA TYR U 236 -16.12 29.07 -38.75
C TYR U 236 -16.73 29.40 -40.10
N ASN U 237 -16.08 28.91 -41.14
CA ASN U 237 -16.47 29.24 -42.51
C ASN U 237 -17.12 28.00 -43.10
N ILE U 238 -18.46 27.96 -43.04
CA ILE U 238 -19.18 26.77 -43.48
C ILE U 238 -18.97 26.56 -44.97
N VAL U 239 -18.90 27.67 -45.72
CA VAL U 239 -18.63 27.61 -47.15
C VAL U 239 -17.28 26.94 -47.44
N ALA U 240 -16.29 27.16 -46.58
CA ALA U 240 -14.99 26.51 -46.73
C ALA U 240 -15.05 25.04 -46.36
N ALA U 241 -15.86 24.68 -45.35
CA ALA U 241 -16.00 23.29 -44.96
C ALA U 241 -16.69 22.48 -46.05
N HIS U 242 -17.70 23.07 -46.70
CA HIS U 242 -18.32 22.49 -47.88
C HIS U 242 -17.30 22.36 -49.02
N GLY U 243 -16.54 23.43 -49.27
CA GLY U 243 -15.48 23.37 -50.27
C GLY U 243 -14.47 22.26 -50.04
N TYR U 244 -14.12 21.99 -48.78
CA TYR U 244 -13.26 20.85 -48.48
C TYR U 244 -14.00 19.53 -48.68
N PHE U 245 -15.16 19.39 -48.01
CA PHE U 245 -15.85 18.11 -47.96
C PHE U 245 -16.50 17.77 -49.29
N GLY U 246 -17.07 18.79 -49.97
CA GLY U 246 -17.58 18.57 -51.32
C GLY U 246 -16.53 18.00 -52.25
N ARG U 247 -15.28 18.43 -52.12
CA ARG U 247 -14.21 17.87 -52.93
C ARG U 247 -13.74 16.52 -52.40
N LEU U 248 -13.80 16.31 -51.08
CA LEU U 248 -13.40 15.01 -50.54
C LEU U 248 -14.20 13.88 -51.18
N ILE U 249 -15.49 14.12 -51.41
CA ILE U 249 -16.36 13.09 -51.96
C ILE U 249 -16.86 13.57 -53.33
N PHE U 250 -17.96 14.31 -53.34
CA PHE U 250 -18.34 15.13 -54.49
C PHE U 250 -19.35 16.17 -54.01
N GLN U 251 -19.56 17.20 -54.83
CA GLN U 251 -20.11 18.46 -54.34
C GLN U 251 -21.48 18.30 -53.68
N TYR U 252 -22.28 17.32 -54.11
CA TYR U 252 -23.65 17.19 -53.63
C TYR U 252 -23.81 16.07 -52.60
N ALA U 253 -22.74 15.33 -52.30
CA ALA U 253 -22.71 14.49 -51.12
C ALA U 253 -22.40 15.29 -49.88
N SER U 254 -22.41 16.60 -50.00
CA SER U 254 -22.04 17.50 -48.91
C SER U 254 -23.15 18.52 -48.67
N PHE U 255 -23.32 18.84 -47.39
CA PHE U 255 -24.36 19.77 -46.96
C PHE U 255 -23.82 21.19 -47.00
N ASN U 256 -24.63 22.10 -47.51
CA ASN U 256 -24.32 23.52 -47.41
C ASN U 256 -25.40 24.32 -46.69
N ASN U 257 -26.48 23.67 -46.24
CA ASN U 257 -27.49 24.27 -45.37
C ASN U 257 -27.20 23.81 -43.94
N SER U 258 -26.85 24.75 -43.07
CA SER U 258 -26.54 24.42 -41.68
C SER U 258 -27.70 23.73 -40.99
N ARG U 259 -28.93 24.07 -41.38
CA ARG U 259 -30.11 23.49 -40.74
C ARG U 259 -30.35 22.07 -41.22
N SER U 260 -30.26 21.84 -42.54
CA SER U 260 -30.35 20.48 -43.04
C SER U 260 -29.25 19.61 -42.43
N LEU U 261 -28.04 20.15 -42.29
CA LEU U 261 -26.96 19.33 -41.77
C LEU U 261 -27.25 18.93 -40.33
N HIS U 262 -27.64 19.90 -39.49
CA HIS U 262 -27.89 19.58 -38.09
C HIS U 262 -29.15 18.71 -37.94
N PHE U 263 -30.18 18.89 -38.79
CA PHE U 263 -31.31 17.97 -38.68
C PHE U 263 -30.84 16.54 -38.92
N PHE U 264 -29.96 16.34 -39.91
CA PHE U 264 -29.44 15.02 -40.19
C PHE U 264 -28.70 14.45 -38.99
N LEU U 265 -27.89 15.26 -38.30
CA LEU U 265 -27.16 14.75 -37.14
C LEU U 265 -28.13 14.30 -36.07
N ALA U 266 -29.24 15.02 -35.91
CA ALA U 266 -30.24 14.61 -34.93
C ALA U 266 -30.91 13.30 -35.35
N ALA U 267 -31.33 13.21 -36.60
CA ALA U 267 -32.21 12.12 -37.00
C ALA U 267 -31.48 10.78 -37.09
N TRP U 268 -30.20 10.78 -37.50
CA TRP U 268 -29.54 9.51 -37.75
C TRP U 268 -29.45 8.64 -36.51
N PRO U 269 -28.80 9.09 -35.42
CA PRO U 269 -28.75 8.25 -34.21
C PRO U 269 -30.12 8.03 -33.58
N VAL U 270 -31.01 9.04 -33.60
CA VAL U 270 -32.30 8.90 -32.92
C VAL U 270 -33.12 7.80 -33.59
N VAL U 271 -33.19 7.84 -34.92
CA VAL U 271 -33.98 6.83 -35.63
C VAL U 271 -33.39 5.44 -35.40
N GLY U 272 -32.07 5.32 -35.55
CA GLY U 272 -31.47 4.01 -35.38
C GLY U 272 -31.68 3.44 -33.99
N VAL U 273 -31.55 4.27 -32.97
CA VAL U 273 -31.75 3.78 -31.61
C VAL U 273 -33.26 3.52 -31.34
N TRP U 274 -34.17 4.26 -31.99
CA TRP U 274 -35.57 3.86 -32.00
C TRP U 274 -35.69 2.45 -32.48
N PHE U 275 -34.99 2.11 -33.57
CA PHE U 275 -35.18 0.76 -34.11
C PHE U 275 -34.63 -0.29 -33.16
N THR U 276 -33.48 -0.03 -32.54
CA THR U 276 -32.91 -1.08 -31.67
C THR U 276 -33.66 -1.18 -30.35
N ALA U 277 -34.25 -0.08 -29.88
CA ALA U 277 -35.19 -0.18 -28.77
C ALA U 277 -36.43 -0.98 -29.17
N LEU U 278 -36.90 -0.81 -30.40
CA LEU U 278 -38.05 -1.59 -30.84
C LEU U 278 -37.62 -3.02 -31.07
N GLY U 279 -36.31 -3.23 -31.30
CA GLY U 279 -35.83 -4.59 -31.49
C GLY U 279 -35.89 -5.39 -30.21
N ILE U 280 -35.43 -4.78 -29.10
CA ILE U 280 -35.57 -5.44 -27.81
C ILE U 280 -37.04 -5.62 -27.44
N SER U 281 -37.83 -4.59 -27.71
CA SER U 281 -39.25 -4.63 -27.39
C SER U 281 -40.00 -5.71 -28.19
N THR U 282 -39.57 -6.05 -29.41
CA THR U 282 -40.30 -7.09 -30.17
C THR U 282 -39.70 -8.47 -29.96
N MET U 283 -38.39 -8.59 -29.80
CA MET U 283 -37.81 -9.84 -29.29
C MET U 283 -38.33 -10.19 -27.91
N ALA U 284 -38.87 -9.21 -27.19
CA ALA U 284 -39.56 -9.46 -25.94
C ALA U 284 -40.74 -10.40 -26.14
N PHE U 285 -41.33 -10.36 -27.33
CA PHE U 285 -42.42 -11.24 -27.72
C PHE U 285 -41.98 -12.34 -28.66
N ASN U 286 -40.69 -12.68 -28.56
CA ASN U 286 -40.06 -13.84 -29.21
C ASN U 286 -40.19 -13.84 -30.74
N LEU U 287 -40.26 -12.65 -31.35
CA LEU U 287 -40.05 -12.51 -32.79
C LEU U 287 -38.55 -12.26 -32.98
N ASN U 288 -37.80 -13.33 -33.26
CA ASN U 288 -36.35 -13.35 -33.06
C ASN U 288 -35.61 -13.04 -34.37
N GLY U 289 -34.25 -13.03 -34.29
CA GLY U 289 -33.40 -12.74 -35.43
C GLY U 289 -33.51 -13.81 -36.52
N PHE U 290 -33.06 -13.49 -37.72
CA PHE U 290 -33.15 -14.42 -38.84
C PHE U 290 -32.53 -15.75 -38.45
N ASN U 291 -33.14 -16.84 -38.89
CA ASN U 291 -32.63 -18.18 -38.59
C ASN U 291 -32.23 -18.85 -39.89
N PHE U 292 -30.92 -18.98 -40.12
CA PHE U 292 -30.42 -19.61 -41.34
C PHE U 292 -29.69 -20.92 -41.02
N ASN U 293 -30.05 -21.56 -39.91
CA ASN U 293 -29.38 -22.77 -39.48
C ASN U 293 -29.73 -23.92 -40.42
N HIS U 294 -28.68 -24.55 -40.99
CA HIS U 294 -28.80 -25.59 -42.04
C HIS U 294 -29.58 -25.08 -43.26
N SER U 295 -29.44 -23.81 -43.58
CA SER U 295 -30.12 -23.28 -44.75
C SER U 295 -29.47 -23.71 -46.07
N VAL U 296 -28.16 -23.94 -46.12
CA VAL U 296 -27.55 -24.46 -47.34
C VAL U 296 -27.38 -25.96 -47.18
N ILE U 297 -27.88 -26.72 -48.16
CA ILE U 297 -27.62 -28.14 -48.27
C ILE U 297 -27.30 -28.51 -49.72
N ASP U 298 -26.56 -29.61 -49.86
CA ASP U 298 -26.00 -30.02 -51.15
C ASP U 298 -26.95 -31.00 -51.87
N ALA U 299 -26.54 -31.44 -53.06
CA ALA U 299 -27.42 -32.26 -53.89
C ALA U 299 -27.92 -33.49 -53.15
N LYS U 300 -27.05 -34.13 -52.36
CA LYS U 300 -27.51 -35.28 -51.58
C LYS U 300 -28.41 -34.86 -50.40
N GLY U 301 -28.14 -33.71 -49.79
CA GLY U 301 -28.77 -33.33 -48.54
C GLY U 301 -27.82 -33.10 -47.38
N ASN U 302 -26.52 -33.33 -47.50
CA ASN U 302 -25.62 -32.91 -46.42
C ASN U 302 -25.83 -31.42 -46.14
N VAL U 303 -25.76 -31.07 -44.86
CA VAL U 303 -25.69 -29.67 -44.48
C VAL U 303 -24.32 -29.12 -44.84
N ILE U 304 -24.30 -28.02 -45.59
CA ILE U 304 -23.10 -27.25 -45.90
C ILE U 304 -23.15 -26.00 -45.03
N ASN U 305 -22.38 -26.01 -43.93
CA ASN U 305 -22.42 -24.92 -42.95
C ASN U 305 -22.05 -23.59 -43.59
N THR U 306 -22.64 -22.52 -43.07
CA THR U 306 -22.28 -21.13 -43.35
C THR U 306 -21.81 -20.45 -42.05
N TRP U 307 -21.46 -19.20 -42.14
CA TRP U 307 -21.15 -18.45 -40.92
C TRP U 307 -22.37 -18.41 -39.98
N ALA U 308 -23.60 -18.54 -40.50
CA ALA U 308 -24.77 -18.54 -39.61
C ALA U 308 -24.79 -19.77 -38.72
N ASP U 309 -24.34 -20.90 -39.24
CA ASP U 309 -24.21 -22.12 -38.44
C ASP U 309 -23.10 -22.00 -37.40
N ILE U 310 -22.10 -21.15 -37.66
CA ILE U 310 -21.02 -21.03 -36.69
C ILE U 310 -21.49 -20.17 -35.54
N ILE U 311 -22.21 -19.10 -35.86
CA ILE U 311 -22.89 -18.32 -34.82
C ILE U 311 -23.76 -19.24 -33.96
N ASN U 312 -24.52 -20.13 -34.60
CA ASN U 312 -25.46 -20.99 -33.87
C ASN U 312 -24.73 -21.88 -32.88
N ARG U 313 -23.48 -22.30 -33.19
CA ARG U 313 -22.74 -23.10 -32.23
C ARG U 313 -22.31 -22.26 -31.03
N ALA U 314 -22.06 -20.98 -31.22
CA ALA U 314 -21.77 -20.16 -30.06
C ALA U 314 -23.02 -19.97 -29.22
N ASN U 315 -24.12 -19.62 -29.89
CA ASN U 315 -25.43 -19.48 -29.24
C ASN U 315 -25.77 -20.70 -28.40
N LEU U 316 -25.60 -21.90 -28.99
CA LEU U 316 -25.84 -23.12 -28.25
C LEU U 316 -24.97 -23.24 -27.03
N GLY U 317 -23.73 -22.75 -27.08
CA GLY U 317 -22.91 -22.80 -25.87
C GLY U 317 -23.42 -21.89 -24.77
N MET U 318 -23.97 -20.74 -25.11
N MET U 318 -23.94 -20.74 -25.15
CA MET U 318 -24.61 -19.90 -24.11
CA MET U 318 -24.60 -19.86 -24.21
C MET U 318 -25.91 -20.53 -23.62
C MET U 318 -25.88 -20.52 -23.69
N GLU U 319 -26.71 -21.06 -24.54
N GLU U 319 -26.66 -21.11 -24.59
CA GLU U 319 -27.98 -21.63 -24.14
CA GLU U 319 -27.94 -21.70 -24.21
C GLU U 319 -27.81 -22.63 -23.02
C GLU U 319 -27.76 -22.74 -23.11
N VAL U 320 -26.91 -23.59 -23.19
N VAL U 320 -26.83 -23.68 -23.31
CA VAL U 320 -26.89 -24.75 -22.32
CA VAL U 320 -26.84 -24.84 -22.42
C VAL U 320 -26.17 -24.50 -21.01
C VAL U 320 -26.17 -24.54 -21.09
N MET U 321 -25.50 -23.38 -20.87
N MET U 321 -25.42 -23.47 -20.98
CA MET U 321 -24.81 -23.12 -19.65
CA MET U 321 -24.78 -23.18 -19.72
C MET U 321 -25.49 -22.10 -18.79
C MET U 321 -25.51 -22.18 -18.87
N HIS U 322 -26.25 -21.18 -19.40
N HIS U 322 -26.24 -21.24 -19.48
CA HIS U 322 -26.82 -20.08 -18.66
CA HIS U 322 -26.79 -20.13 -18.70
C HIS U 322 -27.84 -20.63 -17.64
C HIS U 322 -27.80 -20.64 -17.67
N GLU U 323 -27.80 -20.07 -16.44
N GLU U 323 -27.80 -20.05 -16.48
CA GLU U 323 -28.76 -20.46 -15.42
CA GLU U 323 -28.72 -20.46 -15.42
C GLU U 323 -28.77 -21.96 -15.26
C GLU U 323 -28.74 -21.98 -15.30
N ARG U 324 -27.56 -22.50 -15.08
N ARG U 324 -27.54 -22.53 -15.12
CA ARG U 324 -27.29 -23.92 -15.25
CA ARG U 324 -27.28 -23.95 -15.25
C ARG U 324 -28.10 -24.82 -14.34
C ARG U 324 -28.12 -24.85 -14.33
N ASN U 325 -28.70 -24.28 -13.28
N ASN U 325 -28.64 -24.33 -13.22
CA ASN U 325 -29.48 -25.09 -12.37
CA ASN U 325 -29.46 -25.16 -12.36
C ASN U 325 -30.97 -24.83 -12.46
C ASN U 325 -30.96 -24.88 -12.49
N ALA U 326 -31.41 -23.99 -13.40
N ALA U 326 -31.38 -24.02 -13.44
CA ALA U 326 -32.75 -23.43 -13.38
CA ALA U 326 -32.72 -23.44 -13.39
C ALA U 326 -33.77 -24.15 -14.26
C ALA U 326 -33.75 -24.18 -14.25
N HIS U 327 -33.34 -25.02 -15.18
N HIS U 327 -33.30 -25.06 -15.15
CA HIS U 327 -34.23 -25.69 -16.11
CA HIS U 327 -34.19 -25.74 -16.09
C HIS U 327 -34.33 -27.16 -15.74
C HIS U 327 -34.28 -27.22 -15.72
N ASN U 328 -35.57 -27.66 -15.65
N ASN U 328 -35.52 -27.72 -15.65
CA ASN U 328 -35.81 -29.07 -15.44
CA ASN U 328 -35.79 -29.13 -15.44
C ASN U 328 -36.26 -29.80 -16.70
C ASN U 328 -36.29 -29.82 -16.70
N PHE U 329 -36.61 -29.07 -17.75
N PHE U 329 -36.72 -29.07 -17.70
CA PHE U 329 -37.35 -29.56 -18.89
CA PHE U 329 -37.36 -29.64 -18.88
C PHE U 329 -36.69 -29.02 -20.14
C PHE U 329 -36.69 -29.11 -20.14
N PRO U 330 -36.82 -29.70 -21.26
N PRO U 330 -36.71 -29.88 -21.22
CA PRO U 330 -35.77 -29.60 -22.29
CA PRO U 330 -35.70 -29.71 -22.28
C PRO U 330 -35.75 -28.29 -23.07
C PRO U 330 -35.78 -28.40 -23.04
N LEU U 331 -36.81 -27.50 -23.04
N LEU U 331 -36.90 -27.68 -22.99
CA LEU U 331 -36.88 -26.27 -23.79
CA LEU U 331 -37.05 -26.45 -23.75
C LEU U 331 -36.92 -25.08 -22.84
C LEU U 331 -37.10 -25.25 -22.82
N ASP U 332 -36.24 -24.01 -23.20
N ASP U 332 -36.40 -24.19 -23.20
CA ASP U 332 -36.17 -22.80 -22.39
CA ASP U 332 -36.32 -22.98 -22.39
C ASP U 332 -37.11 -21.84 -23.06
C ASP U 332 -37.21 -21.94 -23.03
N LEU U 333 -38.39 -21.97 -22.67
N LEU U 333 -38.52 -22.05 -22.73
CA LEU U 333 -39.47 -21.33 -23.43
CA LEU U 333 -39.56 -21.35 -23.47
C LEU U 333 -39.71 -19.91 -22.97
C LEU U 333 -39.78 -19.91 -23.02
N ALA U 334 -38.98 -19.46 -21.97
N ALA U 334 -39.19 -19.50 -21.92
CA ALA U 334 -38.98 -18.05 -21.61
CA ALA U 334 -39.14 -18.07 -21.62
C ALA U 334 -37.76 -17.85 -20.82
C ALA U 334 -37.97 -17.77 -20.74
N GLY V 1 -2.70 32.31 -21.03
CA GLY V 1 -1.66 32.16 -22.02
C GLY V 1 -1.61 30.77 -22.60
N LEU V 2 -0.49 30.07 -22.45
CA LEU V 2 -0.32 28.82 -23.16
C LEU V 2 -1.20 27.76 -22.50
N PRO V 3 -1.97 27.00 -23.26
CA PRO V 3 -2.66 25.85 -22.66
C PRO V 3 -1.66 24.81 -22.20
N TRP V 4 -2.11 23.95 -21.28
CA TRP V 4 -1.21 22.99 -20.66
C TRP V 4 -0.55 22.09 -21.69
N TYR V 5 -1.24 21.77 -22.78
CA TYR V 5 -0.70 20.80 -23.72
C TYR V 5 0.32 21.41 -24.66
N ARG V 6 0.63 22.72 -24.54
CA ARG V 6 1.60 23.40 -25.40
C ARG V 6 2.81 23.93 -24.62
N VAL V 7 3.03 23.50 -23.38
CA VAL V 7 3.99 24.22 -22.55
C VAL V 7 5.39 24.11 -23.18
N HIS V 8 5.70 22.92 -23.70
CA HIS V 8 7.06 22.62 -24.14
C HIS V 8 7.43 23.29 -25.46
N THR V 9 6.52 24.07 -26.06
CA THR V 9 6.83 24.75 -27.30
C THR V 9 7.64 26.00 -27.08
N VAL V 10 7.94 26.36 -25.83
CA VAL V 10 8.86 27.48 -25.59
C VAL V 10 10.29 27.17 -26.05
N LEU V 11 10.58 25.92 -26.38
CA LEU V 11 11.89 25.48 -26.80
C LEU V 11 12.10 25.54 -28.30
N ILE V 12 11.08 25.83 -29.11
CA ILE V 12 11.18 25.59 -30.54
C ILE V 12 12.22 26.51 -31.16
N ASN V 13 12.31 27.75 -30.66
CA ASN V 13 13.24 28.75 -31.15
C ASN V 13 14.33 29.01 -30.12
N ASP V 14 14.66 28.01 -29.33
CA ASP V 14 15.66 28.14 -28.27
C ASP V 14 16.54 26.89 -28.30
N PRO V 15 17.50 26.83 -29.23
CA PRO V 15 18.34 25.63 -29.36
C PRO V 15 19.10 25.26 -28.11
N GLY V 16 19.60 26.22 -27.34
CA GLY V 16 20.33 25.85 -26.14
C GLY V 16 19.46 25.13 -25.13
N ARG V 17 18.29 25.71 -24.84
CA ARG V 17 17.37 25.07 -23.91
C ARG V 17 16.76 23.80 -24.48
N LEU V 18 16.62 23.71 -25.80
CA LEU V 18 16.25 22.43 -26.38
C LEU V 18 17.28 21.35 -26.05
N ILE V 19 18.57 21.68 -26.23
CA ILE V 19 19.61 20.72 -25.90
C ILE V 19 19.48 20.35 -24.44
N ALA V 20 19.23 21.33 -23.58
CA ALA V 20 19.16 21.05 -22.15
C ALA V 20 18.00 20.12 -21.82
N ALA V 21 16.82 20.35 -22.42
CA ALA V 21 15.70 19.43 -22.25
C ALA V 21 16.11 18.06 -22.70
N HIS V 22 16.79 17.99 -23.84
CA HIS V 22 17.20 16.71 -24.39
C HIS V 22 18.20 15.99 -23.50
N LEU V 23 19.13 16.74 -22.90
CA LEU V 23 20.05 16.14 -21.94
C LEU V 23 19.29 15.59 -20.75
N MET V 24 18.32 16.33 -20.23
CA MET V 24 17.60 15.86 -19.05
C MET V 24 16.85 14.58 -19.36
N HIS V 25 16.17 14.53 -20.51
CA HIS V 25 15.54 13.28 -20.91
C HIS V 25 16.57 12.15 -20.95
N THR V 26 17.72 12.40 -21.56
CA THR V 26 18.75 11.36 -21.61
C THR V 26 19.16 10.93 -20.21
N ALA V 27 19.33 11.88 -19.29
CA ALA V 27 19.71 11.52 -17.94
C ALA V 27 18.64 10.65 -17.29
N LEU V 28 17.37 11.01 -17.50
CA LEU V 28 16.27 10.21 -16.98
C LEU V 28 16.35 8.77 -17.48
N VAL V 29 16.55 8.60 -18.79
CA VAL V 29 16.55 7.26 -19.36
C VAL V 29 17.72 6.45 -18.82
N ALA V 30 18.94 7.03 -18.87
CA ALA V 30 20.10 6.36 -18.31
C ALA V 30 19.89 5.99 -16.84
N GLY V 31 19.36 6.94 -16.05
CA GLY V 31 19.06 6.67 -14.64
C GLY V 31 18.03 5.58 -14.48
N TRP V 32 17.09 5.48 -15.43
CA TRP V 32 16.11 4.41 -15.36
C TRP V 32 16.77 3.06 -15.54
N ALA V 33 17.58 2.93 -16.58
CA ALA V 33 18.29 1.69 -16.86
C ALA V 33 19.12 1.25 -15.67
N GLY V 34 19.89 2.16 -15.10
CA GLY V 34 20.65 1.82 -13.92
C GLY V 34 19.77 1.45 -12.74
N SER V 35 18.70 2.21 -12.52
CA SER V 35 17.71 1.85 -11.50
C SER V 35 17.15 0.46 -11.72
N MET V 36 16.63 0.20 -12.93
CA MET V 36 16.02 -1.09 -13.23
C MET V 36 16.99 -2.23 -12.99
N ALA V 37 18.26 -2.09 -13.44
CA ALA V 37 19.18 -3.21 -13.31
C ALA V 37 19.50 -3.47 -11.85
N LEU V 38 19.66 -2.43 -11.04
CA LEU V 38 19.89 -2.67 -9.61
C LEU V 38 18.71 -3.38 -8.97
N TYR V 39 17.47 -2.99 -9.32
CA TYR V 39 16.31 -3.69 -8.77
C TYR V 39 16.33 -5.15 -9.19
N GLU V 40 16.70 -5.43 -10.44
CA GLU V 40 16.72 -6.83 -10.87
C GLU V 40 17.82 -7.62 -10.17
N LEU V 41 18.98 -7.01 -9.91
CA LEU V 41 20.03 -7.72 -9.15
C LEU V 41 19.59 -8.02 -7.72
N ALA V 42 18.80 -7.14 -7.14
CA ALA V 42 18.38 -7.31 -5.76
C ALA V 42 17.38 -8.42 -5.60
N THR V 43 16.69 -8.80 -6.68
CA THR V 43 15.62 -9.77 -6.63
C THR V 43 15.91 -11.07 -7.37
N PHE V 44 16.96 -11.12 -8.22
CA PHE V 44 17.21 -12.28 -9.09
C PHE V 44 17.83 -13.42 -8.30
N ASP V 45 17.44 -14.64 -8.65
CA ASP V 45 18.00 -15.84 -8.04
C ASP V 45 18.86 -16.52 -9.09
N PRO V 46 20.20 -16.49 -8.97
CA PRO V 46 21.07 -17.09 -10.00
C PRO V 46 21.33 -18.57 -9.83
N SER V 47 20.61 -19.24 -8.94
CA SER V 47 20.99 -20.56 -8.45
C SER V 47 20.51 -21.67 -9.36
N ASP V 48 19.72 -21.37 -10.40
CA ASP V 48 19.19 -22.44 -11.26
C ASP V 48 18.86 -21.96 -12.66
N PRO V 49 19.85 -21.89 -13.55
CA PRO V 49 19.56 -21.52 -14.94
C PRO V 49 18.75 -22.54 -15.73
N VAL V 50 18.53 -23.74 -15.19
CA VAL V 50 17.75 -24.74 -15.89
C VAL V 50 16.26 -24.47 -15.68
N LEU V 51 15.80 -24.59 -14.45
CA LEU V 51 14.37 -24.50 -14.19
C LEU V 51 13.94 -23.15 -13.65
N ASN V 52 14.90 -22.29 -13.25
CA ASN V 52 14.56 -20.94 -12.80
C ASN V 52 15.39 -19.87 -13.53
N PRO V 53 15.38 -19.88 -14.85
CA PRO V 53 16.16 -18.87 -15.58
C PRO V 53 15.53 -17.49 -15.48
N MET V 54 16.33 -16.49 -15.88
CA MET V 54 15.93 -15.09 -15.74
C MET V 54 14.51 -14.82 -16.27
N TRP V 55 14.12 -15.44 -17.39
CA TRP V 55 12.85 -15.07 -17.98
C TRP V 55 11.66 -15.59 -17.20
N ARG V 56 11.86 -16.46 -16.22
CA ARG V 56 10.80 -16.90 -15.32
C ARG V 56 10.63 -15.94 -14.14
N GLN V 57 11.61 -15.09 -13.89
CA GLN V 57 11.61 -14.18 -12.75
C GLN V 57 11.30 -12.75 -13.12
N GLY V 58 10.83 -12.50 -14.33
CA GLY V 58 10.41 -11.19 -14.76
C GLY V 58 11.51 -10.21 -15.00
N MET V 59 12.70 -10.71 -15.22
CA MET V 59 13.83 -9.88 -15.55
C MET V 59 13.64 -9.31 -16.93
N PHE V 60 13.64 -7.99 -17.03
CA PHE V 60 13.47 -7.28 -18.29
C PHE V 60 14.78 -6.75 -18.90
N VAL V 61 15.66 -6.16 -18.09
CA VAL V 61 16.86 -5.53 -18.62
C VAL V 61 18.05 -6.47 -18.48
N LEU V 62 18.02 -7.37 -17.50
CA LEU V 62 19.03 -8.41 -17.40
C LEU V 62 19.32 -9.07 -18.74
N PRO V 63 18.33 -9.47 -19.55
CA PRO V 63 18.66 -10.13 -20.82
C PRO V 63 19.23 -9.20 -21.89
N PHE V 64 19.05 -7.89 -21.81
CA PHE V 64 19.68 -7.01 -22.79
C PHE V 64 21.16 -6.81 -22.50
N MET V 65 21.52 -6.89 -21.24
CA MET V 65 22.92 -6.92 -20.84
C MET V 65 23.56 -8.24 -21.25
N ALA V 66 22.90 -9.35 -20.92
CA ALA V 66 23.35 -10.67 -21.36
C ALA V 66 23.50 -10.76 -22.87
N ARG V 67 22.62 -10.08 -23.62
CA ARG V 67 22.59 -10.29 -25.05
C ARG V 67 23.93 -9.90 -25.68
N LEU V 68 24.50 -8.79 -25.21
CA LEU V 68 25.70 -8.21 -25.78
C LEU V 68 26.95 -8.56 -25.00
N GLY V 69 26.86 -9.43 -24.01
CA GLY V 69 28.07 -9.96 -23.42
C GLY V 69 28.25 -9.85 -21.90
N VAL V 70 27.35 -9.18 -21.21
CA VAL V 70 27.50 -8.99 -19.77
C VAL V 70 26.83 -10.15 -19.05
N THR V 71 27.62 -11.09 -18.52
CA THR V 71 27.12 -12.38 -18.05
C THR V 71 27.33 -12.67 -16.56
N GLY V 72 28.05 -11.85 -15.81
CA GLY V 72 28.43 -12.23 -14.47
C GLY V 72 28.38 -11.07 -13.50
N SER V 73 28.41 -11.42 -12.22
CA SER V 73 28.19 -10.49 -11.14
C SER V 73 29.43 -10.39 -10.29
N TRP V 74 29.68 -9.19 -9.77
CA TRP V 74 30.78 -9.03 -8.82
C TRP V 74 30.69 -10.04 -7.67
N SER V 75 29.54 -10.67 -7.43
CA SER V 75 29.47 -11.65 -6.34
C SER V 75 29.80 -13.06 -6.81
N GLY V 76 30.37 -13.23 -8.00
CA GLY V 76 30.96 -14.51 -8.36
C GLY V 76 30.09 -15.46 -9.14
N TRP V 77 28.84 -15.11 -9.40
CA TRP V 77 28.01 -15.97 -10.23
C TRP V 77 27.94 -15.41 -11.63
N SER V 78 27.71 -16.32 -12.59
CA SER V 78 27.31 -15.98 -13.94
C SER V 78 25.98 -16.66 -14.27
N ILE V 79 25.27 -16.06 -15.24
CA ILE V 79 23.97 -16.58 -15.63
C ILE V 79 24.06 -17.90 -16.36
N THR V 80 25.24 -18.29 -16.79
CA THR V 80 25.48 -19.63 -17.28
C THR V 80 25.60 -20.64 -16.15
N GLY V 81 25.58 -20.21 -14.89
CA GLY V 81 25.69 -21.11 -13.76
C GLY V 81 27.11 -21.37 -13.28
N GLU V 82 28.10 -20.86 -13.97
CA GLU V 82 29.48 -21.08 -13.59
C GLU V 82 29.81 -20.24 -12.37
N THR V 83 30.41 -20.87 -11.37
CA THR V 83 30.74 -20.24 -10.10
C THR V 83 32.20 -19.79 -10.12
N GLY V 84 32.54 -18.91 -9.19
CA GLY V 84 33.90 -18.42 -9.10
C GLY V 84 34.44 -17.76 -10.36
N ILE V 85 33.76 -16.73 -10.83
CA ILE V 85 34.13 -16.00 -12.03
C ILE V 85 34.52 -14.59 -11.62
N ASP V 86 35.45 -13.99 -12.35
CA ASP V 86 35.83 -12.60 -12.10
C ASP V 86 35.53 -11.83 -13.36
N PRO V 87 34.41 -11.12 -13.43
CA PRO V 87 34.05 -10.39 -14.65
C PRO V 87 34.77 -9.06 -14.81
N GLY V 88 35.57 -8.64 -13.83
CA GLY V 88 36.12 -7.31 -13.96
C GLY V 88 35.05 -6.25 -13.71
N PHE V 89 35.31 -5.06 -14.26
CA PHE V 89 34.40 -3.96 -14.03
C PHE V 89 33.05 -4.22 -14.66
N TRP V 90 33.03 -4.70 -15.92
CA TRP V 90 31.79 -4.82 -16.70
C TRP V 90 31.00 -6.06 -16.31
N SER V 91 30.62 -6.05 -15.05
CA SER V 91 29.64 -6.94 -14.51
C SER V 91 28.28 -6.25 -14.60
N PHE V 92 27.21 -6.98 -14.24
CA PHE V 92 25.89 -6.35 -14.13
C PHE V 92 25.96 -5.13 -13.23
N GLU V 93 26.68 -5.24 -12.11
CA GLU V 93 26.83 -4.13 -11.17
C GLU V 93 27.45 -2.89 -11.82
N GLY V 94 28.59 -3.08 -12.50
CA GLY V 94 29.31 -1.93 -13.07
C GLY V 94 28.61 -1.30 -14.25
N VAL V 95 27.96 -2.12 -15.06
CA VAL V 95 27.05 -1.59 -16.07
C VAL V 95 26.01 -0.69 -15.44
N ALA V 96 25.44 -1.13 -14.32
CA ALA V 96 24.38 -0.33 -13.70
C ALA V 96 24.99 0.95 -13.14
N LEU V 97 26.09 0.82 -12.40
CA LEU V 97 26.82 1.98 -11.87
C LEU V 97 27.08 3.01 -12.96
N ALA V 98 27.57 2.56 -14.11
CA ALA V 98 27.96 3.48 -15.15
C ALA V 98 26.77 4.23 -15.70
N HIS V 99 25.59 3.62 -15.73
CA HIS V 99 24.44 4.40 -16.18
C HIS V 99 24.06 5.47 -15.14
N ILE V 100 24.18 5.14 -13.85
CA ILE V 100 23.89 6.15 -12.82
C ILE V 100 24.87 7.32 -12.91
N VAL V 101 26.17 7.01 -13.01
CA VAL V 101 27.16 8.07 -13.14
C VAL V 101 26.87 8.86 -14.38
N LEU V 102 26.50 8.17 -15.47
CA LEU V 102 26.22 8.86 -16.71
C LEU V 102 25.05 9.80 -16.54
N SER V 103 23.99 9.28 -15.89
CA SER V 103 22.83 10.09 -15.59
C SER V 103 23.23 11.36 -14.86
N GLY V 104 24.07 11.22 -13.84
CA GLY V 104 24.42 12.38 -13.04
C GLY V 104 25.16 13.41 -13.86
N LEU V 105 26.08 12.95 -14.71
CA LEU V 105 26.84 13.87 -15.56
C LEU V 105 25.95 14.58 -16.56
N LEU V 106 24.92 13.90 -17.09
CA LEU V 106 24.06 14.56 -18.06
C LEU V 106 23.12 15.56 -17.37
N PHE V 107 22.64 15.20 -16.18
CA PHE V 107 21.93 16.15 -15.33
C PHE V 107 22.70 17.45 -15.22
N LEU V 108 23.98 17.39 -14.87
CA LEU V 108 24.74 18.62 -14.73
C LEU V 108 24.86 19.36 -16.07
N ALA V 109 25.21 18.64 -17.15
CA ALA V 109 25.29 19.30 -18.46
C ALA V 109 23.98 20.02 -18.79
N ALA V 110 22.85 19.42 -18.43
CA ALA V 110 21.57 20.09 -18.71
C ALA V 110 21.42 21.37 -17.89
N CYS V 111 21.93 21.41 -16.66
CA CYS V 111 21.87 22.67 -15.95
C CYS V 111 22.71 23.74 -16.66
N TRP V 112 23.89 23.36 -17.17
CA TRP V 112 24.74 24.36 -17.81
C TRP V 112 24.07 24.90 -19.06
N HIS V 113 23.59 24.00 -19.91
CA HIS V 113 22.99 24.44 -21.16
C HIS V 113 21.68 25.19 -20.94
N TRP V 114 20.96 24.91 -19.85
CA TRP V 114 19.75 25.69 -19.56
C TRP V 114 20.10 27.11 -19.12
N VAL V 115 21.15 27.27 -18.30
CA VAL V 115 21.53 28.62 -17.85
C VAL V 115 22.18 29.42 -18.97
N TYR V 116 23.15 28.82 -19.65
CA TYR V 116 23.88 29.48 -20.72
C TYR V 116 23.21 29.13 -22.05
N TRP V 117 21.94 29.55 -22.15
CA TRP V 117 21.12 29.24 -23.31
C TRP V 117 21.46 30.10 -24.52
N ASP V 118 21.93 31.32 -24.30
CA ASP V 118 22.16 32.29 -25.37
C ASP V 118 23.59 32.16 -25.92
N LEU V 119 23.88 31.02 -26.53
CA LEU V 119 25.20 30.83 -27.12
C LEU V 119 25.22 31.28 -28.58
N GLU V 120 26.27 32.01 -28.94
CA GLU V 120 26.32 32.62 -30.26
C GLU V 120 26.32 31.57 -31.37
N LEU V 121 26.76 30.37 -31.04
CA LEU V 121 26.75 29.27 -31.98
C LEU V 121 25.38 29.02 -32.57
N PHE V 122 24.33 29.18 -31.77
CA PHE V 122 22.97 28.92 -32.21
C PHE V 122 22.36 30.08 -32.99
N ARG V 123 23.08 31.16 -33.20
CA ARG V 123 22.56 32.35 -33.86
C ARG V 123 23.11 32.48 -35.26
N ASP V 124 22.23 32.62 -36.22
CA ASP V 124 22.61 32.62 -37.61
C ASP V 124 23.45 33.85 -37.94
N PRO V 125 24.73 33.69 -38.33
CA PRO V 125 25.55 34.89 -38.60
C PRO V 125 24.86 35.87 -39.53
N ARG V 126 24.17 35.36 -40.54
CA ARG V 126 23.40 36.18 -41.48
C ARG V 126 22.50 37.13 -40.70
N THR V 127 21.42 36.58 -40.13
CA THR V 127 20.34 37.41 -39.62
C THR V 127 20.42 37.68 -38.12
N GLY V 128 21.21 36.92 -37.37
CA GLY V 128 21.25 37.08 -35.93
C GLY V 128 20.10 36.43 -35.18
N GLU V 129 19.17 35.79 -35.88
CA GLU V 129 18.14 35.02 -35.23
C GLU V 129 18.67 33.64 -34.88
N PRO V 130 18.07 32.97 -33.89
CA PRO V 130 18.38 31.56 -33.67
C PRO V 130 18.10 30.77 -34.92
N ALA V 131 19.11 30.04 -35.40
CA ALA V 131 18.91 29.21 -36.56
C ALA V 131 19.77 27.96 -36.40
N LEU V 132 19.30 26.88 -37.01
CA LEU V 132 19.92 25.57 -36.94
C LEU V 132 19.93 24.98 -38.33
N ASP V 133 21.10 24.72 -38.86
CA ASP V 133 21.21 24.17 -40.22
C ASP V 133 20.98 22.67 -40.12
N LEU V 134 19.69 22.31 -40.12
CA LEU V 134 19.27 20.91 -39.97
C LEU V 134 19.79 20.01 -41.07
N PRO V 135 19.81 20.43 -42.34
CA PRO V 135 20.47 19.60 -43.37
C PRO V 135 21.88 19.17 -42.99
N LYS V 136 22.69 20.12 -42.53
CA LYS V 136 24.07 19.80 -42.16
C LYS V 136 24.11 18.99 -40.87
N MET V 137 23.22 19.27 -39.91
CA MET V 137 23.24 18.48 -38.68
C MET V 137 22.93 17.03 -39.00
N PHE V 138 22.02 16.80 -39.93
CA PHE V 138 21.66 15.43 -40.28
C PHE V 138 22.87 14.70 -40.84
N GLY V 139 23.62 15.37 -41.73
CA GLY V 139 24.88 14.79 -42.22
C GLY V 139 25.85 14.45 -41.12
N ILE V 140 26.05 15.37 -40.17
CA ILE V 140 26.95 15.09 -39.05
C ILE V 140 26.45 13.90 -38.24
N HIS V 141 25.22 13.98 -37.75
CA HIS V 141 24.71 12.89 -36.91
C HIS V 141 24.67 11.56 -37.68
N LEU V 142 24.47 11.59 -38.98
CA LEU V 142 24.40 10.33 -39.71
C LEU V 142 25.78 9.73 -39.89
N PHE V 143 26.76 10.58 -40.19
CA PHE V 143 28.15 10.16 -40.20
C PHE V 143 28.49 9.47 -38.88
N LEU V 144 28.15 10.13 -37.75
CA LEU V 144 28.49 9.59 -36.44
C LEU V 144 27.78 8.26 -36.19
N ALA V 145 26.47 8.19 -36.53
CA ALA V 145 25.73 6.94 -36.37
C ALA V 145 26.36 5.86 -37.18
N GLY V 146 26.74 6.18 -38.41
CA GLY V 146 27.47 5.27 -39.27
C GLY V 146 28.74 4.69 -38.68
N LEU V 147 29.64 5.55 -38.24
CA LEU V 147 30.86 5.08 -37.59
C LEU V 147 30.54 4.16 -36.44
N LEU V 148 29.63 4.59 -35.57
CA LEU V 148 29.28 3.79 -34.39
C LEU V 148 28.69 2.47 -34.83
N CYS V 149 27.76 2.52 -35.80
CA CYS V 149 27.18 1.28 -36.29
C CYS V 149 28.28 0.37 -36.83
N PHE V 150 29.16 0.91 -37.67
CA PHE V 150 30.29 0.13 -38.20
C PHE V 150 31.13 -0.46 -37.08
N GLY V 151 31.57 0.37 -36.16
CA GLY V 151 32.45 -0.13 -35.10
C GLY V 151 31.81 -1.18 -34.22
N PHE V 152 30.52 -1.03 -33.92
CA PHE V 152 29.84 -2.02 -33.10
C PHE V 152 29.88 -3.37 -33.80
N GLY V 153 29.57 -3.40 -35.09
CA GLY V 153 29.66 -4.67 -35.81
C GLY V 153 31.10 -5.15 -36.00
N ALA V 154 32.00 -4.24 -36.39
CA ALA V 154 33.37 -4.67 -36.72
C ALA V 154 34.15 -5.14 -35.49
N PHE V 155 33.86 -4.59 -34.30
CA PHE V 155 34.67 -4.91 -33.13
C PHE V 155 33.93 -5.64 -32.04
N HIS V 156 32.76 -5.14 -31.62
CA HIS V 156 32.05 -5.79 -30.52
C HIS V 156 31.58 -7.18 -30.91
N LEU V 157 30.83 -7.27 -32.01
CA LEU V 157 30.16 -8.54 -32.34
C LEU V 157 31.14 -9.55 -32.94
N THR V 158 32.13 -9.09 -33.72
CA THR V 158 33.12 -10.02 -34.28
C THR V 158 34.02 -10.57 -33.20
N GLY V 159 34.18 -9.84 -32.09
CA GLY V 159 35.15 -10.18 -31.06
C GLY V 159 36.57 -9.67 -31.28
N LEU V 160 36.83 -8.97 -32.40
CA LEU V 160 38.13 -8.37 -32.62
C LEU V 160 38.55 -7.54 -31.43
N PHE V 161 37.63 -6.73 -30.92
CA PHE V 161 37.90 -5.92 -29.77
C PHE V 161 36.53 -5.82 -29.09
N GLY V 162 36.21 -6.86 -28.36
CA GLY V 162 34.98 -6.93 -27.65
C GLY V 162 34.51 -8.37 -27.53
N PRO V 163 33.36 -8.57 -26.89
CA PRO V 163 32.95 -9.90 -26.44
C PRO V 163 32.13 -10.74 -27.40
N GLY V 164 31.63 -10.21 -28.50
CA GLY V 164 30.66 -10.99 -29.24
C GLY V 164 29.22 -10.73 -28.80
N MET V 165 28.39 -11.79 -28.83
CA MET V 165 26.97 -11.72 -28.53
C MET V 165 26.46 -13.10 -28.17
N TRP V 166 25.28 -13.14 -27.56
CA TRP V 166 24.69 -14.41 -27.18
C TRP V 166 24.32 -15.20 -28.43
N VAL V 167 24.60 -16.49 -28.40
CA VAL V 167 24.30 -17.40 -29.50
C VAL V 167 24.01 -18.71 -28.82
N SER V 168 23.17 -19.53 -29.45
CA SER V 168 22.83 -20.81 -28.85
C SER V 168 22.49 -21.80 -29.95
N ASP V 169 22.25 -23.03 -29.53
CA ASP V 169 21.75 -24.03 -30.41
C ASP V 169 20.26 -23.80 -30.72
N PRO V 170 19.68 -24.59 -31.61
CA PRO V 170 18.29 -24.34 -32.01
C PRO V 170 17.26 -24.59 -30.93
N TYR V 171 17.61 -25.29 -29.85
CA TYR V 171 16.69 -25.62 -28.78
C TYR V 171 17.01 -24.90 -27.47
N GLY V 172 17.87 -23.88 -27.54
CA GLY V 172 18.12 -23.04 -26.39
C GLY V 172 18.70 -23.80 -25.22
N LEU V 173 19.61 -24.73 -25.47
CA LEU V 173 20.16 -25.52 -24.37
C LEU V 173 21.58 -25.11 -23.99
N THR V 174 22.34 -24.55 -24.92
CA THR V 174 23.78 -24.42 -24.73
C THR V 174 24.26 -23.00 -24.99
N GLY V 175 23.41 -22.01 -24.72
CA GLY V 175 23.70 -20.66 -25.12
C GLY V 175 24.87 -20.07 -24.37
N SER V 176 25.55 -19.14 -25.03
CA SER V 176 26.61 -18.37 -24.37
C SER V 176 27.02 -17.26 -25.31
N VAL V 177 27.92 -16.44 -24.83
CA VAL V 177 28.44 -15.33 -25.61
C VAL V 177 29.66 -15.83 -26.38
N GLN V 178 29.70 -15.55 -27.68
CA GLN V 178 30.70 -16.09 -28.58
C GLN V 178 30.95 -15.01 -29.60
N PRO V 179 32.18 -14.83 -30.07
CA PRO V 179 32.37 -13.96 -31.25
C PRO V 179 31.53 -14.52 -32.38
N VAL V 180 31.12 -13.65 -33.29
CA VAL V 180 30.31 -14.05 -34.41
C VAL V 180 30.91 -13.49 -35.67
N ALA V 181 31.19 -14.38 -36.62
CA ALA V 181 31.75 -14.02 -37.91
C ALA V 181 30.64 -13.55 -38.86
N PRO V 182 30.86 -12.53 -39.65
CA PRO V 182 29.80 -12.08 -40.54
C PRO V 182 29.49 -13.10 -41.63
N GLU V 183 28.22 -13.10 -42.03
CA GLU V 183 27.68 -13.94 -43.09
C GLU V 183 27.36 -12.96 -44.20
N TRP V 184 28.17 -12.97 -45.24
CA TRP V 184 28.03 -12.01 -46.32
C TRP V 184 27.09 -12.48 -47.40
N GLY V 185 26.79 -13.76 -47.41
CA GLY V 185 25.90 -14.29 -48.39
C GLY V 185 24.44 -13.99 -48.09
N PRO V 186 23.55 -14.66 -48.80
CA PRO V 186 22.13 -14.31 -48.70
C PRO V 186 21.46 -14.91 -47.46
N ASP V 187 22.10 -15.84 -46.77
CA ASP V 187 21.64 -16.28 -45.46
C ASP V 187 21.92 -15.24 -44.41
N GLY V 188 22.66 -14.18 -44.78
CA GLY V 188 22.75 -13.02 -43.94
C GLY V 188 21.40 -12.42 -43.60
N PHE V 189 20.42 -12.58 -44.50
CA PHE V 189 19.10 -11.98 -44.32
C PHE V 189 18.12 -12.93 -43.66
N ASN V 190 18.59 -14.06 -43.23
CA ASN V 190 17.78 -14.97 -42.47
C ASN V 190 17.81 -14.45 -41.05
N PRO V 191 16.65 -14.11 -40.45
CA PRO V 191 16.67 -13.48 -39.13
C PRO V 191 17.21 -14.40 -38.07
N TYR V 192 17.30 -15.68 -38.36
CA TYR V 192 17.79 -16.66 -37.41
C TYR V 192 19.28 -16.94 -37.58
N ASN V 193 19.97 -16.18 -38.41
CA ASN V 193 21.39 -16.37 -38.63
C ASN V 193 22.13 -15.23 -37.95
N PRO V 194 22.87 -15.49 -36.86
CA PRO V 194 23.53 -14.39 -36.14
C PRO V 194 24.63 -13.70 -36.96
N GLY V 195 25.21 -14.38 -37.94
CA GLY V 195 26.16 -13.71 -38.83
C GLY V 195 25.56 -12.62 -39.66
N GLY V 196 24.23 -12.63 -39.86
CA GLY V 196 23.62 -11.54 -40.57
C GLY V 196 23.70 -10.26 -39.80
N VAL V 197 23.65 -10.36 -38.48
CA VAL V 197 23.68 -9.17 -37.63
C VAL V 197 25.04 -8.51 -37.70
N VAL V 198 26.10 -9.29 -37.71
CA VAL V 198 27.43 -8.71 -37.85
C VAL V 198 27.54 -8.05 -39.21
N ALA V 199 27.25 -8.82 -40.26
CA ALA V 199 27.34 -8.29 -41.61
C ALA V 199 26.51 -7.05 -41.73
N HIS V 200 25.27 -7.11 -41.22
CA HIS V 200 24.40 -5.97 -41.33
C HIS V 200 25.10 -4.74 -40.83
N HIS V 201 25.62 -4.80 -39.62
CA HIS V 201 26.17 -3.58 -39.01
C HIS V 201 27.41 -3.07 -39.74
N ILE V 202 28.25 -3.98 -40.29
CA ILE V 202 29.41 -3.56 -41.09
C ILE V 202 28.96 -2.84 -42.35
N ALA V 203 28.18 -3.52 -43.19
CA ALA V 203 27.75 -2.95 -44.46
C ALA V 203 26.92 -1.69 -44.27
N ALA V 204 25.90 -1.77 -43.41
CA ALA V 204 25.09 -0.60 -43.12
C ALA V 204 25.93 0.51 -42.54
N GLY V 205 26.89 0.15 -41.67
CA GLY V 205 27.80 1.15 -41.12
C GLY V 205 28.50 1.93 -42.22
N ILE V 206 29.12 1.21 -43.16
CA ILE V 206 29.82 1.86 -44.25
C ILE V 206 28.86 2.70 -45.07
N VAL V 207 27.66 2.19 -45.31
CA VAL V 207 26.68 2.99 -46.06
C VAL V 207 26.27 4.22 -45.29
N GLY V 208 26.09 4.11 -43.99
CA GLY V 208 25.86 5.30 -43.20
C GLY V 208 27.01 6.29 -43.32
N ILE V 209 28.25 5.80 -43.23
CA ILE V 209 29.39 6.71 -43.29
C ILE V 209 29.35 7.50 -44.58
N ILE V 210 29.04 6.82 -45.69
CA ILE V 210 29.10 7.50 -46.95
C ILE V 210 27.93 8.41 -47.11
N ALA V 211 26.75 7.95 -46.67
CA ALA V 211 25.56 8.78 -46.79
C ALA V 211 25.71 10.01 -45.94
N GLY V 212 26.32 9.86 -44.76
CA GLY V 212 26.61 11.03 -43.94
C GLY V 212 27.53 12.03 -44.62
N LEU V 213 28.56 11.54 -45.32
CA LEU V 213 29.46 12.45 -46.04
C LEU V 213 28.70 13.21 -47.12
N PHE V 214 27.86 12.51 -47.89
CA PHE V 214 27.01 13.19 -48.86
C PHE V 214 26.15 14.25 -48.17
N HIS V 215 25.50 13.89 -47.05
CA HIS V 215 24.59 14.86 -46.46
C HIS V 215 25.33 16.02 -45.82
N ILE V 216 26.61 15.89 -45.48
CA ILE V 216 27.35 17.07 -45.02
C ILE V 216 27.81 17.93 -46.20
N LEU V 217 28.11 17.33 -47.35
CA LEU V 217 28.73 18.05 -48.44
C LEU V 217 27.77 18.69 -49.45
N VAL V 218 26.54 18.18 -49.64
CA VAL V 218 25.70 18.72 -50.69
C VAL V 218 24.35 19.15 -50.14
N ARG V 219 23.88 20.28 -50.62
CA ARG V 219 22.68 20.86 -50.08
C ARG V 219 21.44 20.19 -50.66
N PRO V 220 20.33 20.29 -49.95
CA PRO V 220 19.09 19.76 -50.47
C PRO V 220 18.61 20.60 -51.63
N PRO V 221 18.06 19.98 -52.67
CA PRO V 221 17.47 20.78 -53.75
C PRO V 221 16.37 21.63 -53.17
N GLN V 222 16.33 22.88 -53.61
CA GLN V 222 15.25 23.79 -53.23
C GLN V 222 13.86 23.14 -53.28
N ARG V 223 13.61 22.27 -54.25
CA ARG V 223 12.30 21.65 -54.37
C ARG V 223 12.01 20.81 -53.15
N LEU V 224 12.96 19.95 -52.78
CA LEU V 224 12.82 19.13 -51.59
C LEU V 224 12.84 19.97 -50.31
N TYR V 225 13.55 21.10 -50.31
CA TYR V 225 13.62 21.91 -49.10
C TYR V 225 12.30 22.59 -48.82
N LYS V 226 11.67 23.16 -49.86
CA LYS V 226 10.37 23.79 -49.71
C LYS V 226 9.30 22.75 -49.37
N ALA V 227 9.25 21.65 -50.12
CA ALA V 227 8.17 20.67 -49.94
C ALA V 227 8.17 20.11 -48.53
N LEU V 228 9.36 19.83 -47.97
CA LEU V 228 9.46 19.19 -46.67
C LEU V 228 9.73 20.18 -45.55
N ARG V 229 9.72 21.48 -45.85
CA ARG V 229 9.83 22.56 -44.85
C ARG V 229 11.10 22.45 -44.00
N MET V 230 12.25 22.39 -44.67
CA MET V 230 13.48 21.99 -43.97
C MET V 230 14.07 23.05 -43.07
N GLY V 231 13.64 24.30 -43.18
CA GLY V 231 13.93 25.28 -42.14
C GLY V 231 13.05 25.23 -40.89
N ASN V 232 12.15 24.25 -40.78
CA ASN V 232 11.27 24.13 -39.62
C ASN V 232 11.63 22.85 -38.91
N ILE V 233 12.04 22.97 -37.64
CA ILE V 233 12.50 21.81 -36.90
C ILE V 233 11.38 20.80 -36.63
N GLU V 234 10.12 21.20 -36.75
CA GLU V 234 9.04 20.23 -36.58
C GLU V 234 8.98 19.26 -37.75
N THR V 235 9.42 19.65 -38.93
CA THR V 235 9.49 18.62 -39.96
C THR V 235 10.35 17.45 -39.50
N VAL V 236 11.42 17.72 -38.71
CA VAL V 236 12.33 16.66 -38.30
C VAL V 236 11.67 15.77 -37.26
N LEU V 237 10.95 16.39 -36.31
CA LEU V 237 10.19 15.63 -35.33
C LEU V 237 9.23 14.70 -36.01
N SER V 238 8.57 15.18 -37.07
CA SER V 238 7.59 14.34 -37.77
C SER V 238 8.25 13.13 -38.43
N SER V 239 9.26 13.38 -39.27
CA SER V 239 9.98 12.27 -39.87
C SER V 239 10.65 11.40 -38.82
N SER V 240 11.12 11.98 -37.73
CA SER V 240 11.80 11.14 -36.73
C SER V 240 10.83 10.21 -36.01
N ILE V 241 9.66 10.73 -35.57
CA ILE V 241 8.62 9.87 -35.02
C ILE V 241 8.26 8.78 -36.02
N ALA V 242 8.19 9.11 -37.31
CA ALA V 242 7.88 8.08 -38.31
C ALA V 242 8.91 6.95 -38.27
N ALA V 243 10.20 7.29 -38.22
CA ALA V 243 11.22 6.23 -38.26
C ALA V 243 11.21 5.41 -36.97
N VAL V 244 10.84 6.03 -35.86
CA VAL V 244 10.79 5.33 -34.57
C VAL V 244 9.67 4.30 -34.54
N PHE V 245 8.50 4.62 -35.08
CA PHE V 245 7.42 3.66 -34.92
C PHE V 245 7.63 2.49 -35.87
N PHE V 246 8.08 2.77 -37.08
CA PHE V 246 8.64 1.75 -37.94
C PHE V 246 9.62 0.84 -37.15
N ALA V 247 10.62 1.43 -36.50
CA ALA V 247 11.55 0.60 -35.73
C ALA V 247 10.81 -0.17 -34.63
N ALA V 248 9.88 0.48 -33.93
CA ALA V 248 9.16 -0.21 -32.84
C ALA V 248 8.36 -1.40 -33.35
N PHE V 249 7.74 -1.29 -34.51
CA PHE V 249 6.99 -2.42 -35.02
C PHE V 249 7.90 -3.58 -35.38
N VAL V 250 9.08 -3.29 -35.95
CA VAL V 250 9.99 -4.38 -36.31
C VAL V 250 10.44 -5.11 -35.06
N VAL V 251 10.80 -4.35 -34.05
CA VAL V 251 11.29 -4.94 -32.82
C VAL V 251 10.22 -5.72 -32.09
N ALA V 252 8.95 -5.33 -32.20
CA ALA V 252 7.87 -6.16 -31.65
C ALA V 252 7.78 -7.46 -32.43
N GLY V 253 7.77 -7.37 -33.75
CA GLY V 253 7.67 -8.58 -34.56
C GLY V 253 8.76 -9.59 -34.25
N THR V 254 10.03 -9.13 -34.25
CA THR V 254 11.14 -10.06 -34.08
C THR V 254 11.14 -10.64 -32.69
N MET V 255 10.70 -9.87 -31.71
CA MET V 255 10.50 -10.45 -30.38
C MET V 255 9.39 -11.49 -30.40
N TRP V 256 8.31 -11.26 -31.15
CA TRP V 256 7.21 -12.21 -31.06
C TRP V 256 7.50 -13.47 -31.89
N TYR V 257 8.18 -13.34 -33.03
CA TYR V 257 8.40 -14.47 -33.90
C TYR V 257 9.66 -15.23 -33.59
N GLY V 258 10.65 -14.57 -32.98
CA GLY V 258 11.95 -15.20 -32.82
C GLY V 258 12.91 -14.64 -33.84
N SER V 259 14.12 -14.32 -33.39
CA SER V 259 15.26 -14.05 -34.27
C SER V 259 16.52 -14.30 -33.47
N ALA V 260 17.68 -14.21 -34.17
CA ALA V 260 18.97 -14.37 -33.52
C ALA V 260 19.20 -13.34 -32.42
N THR V 261 18.52 -12.19 -32.47
CA THR V 261 18.66 -11.18 -31.43
C THR V 261 17.63 -11.30 -30.28
N THR V 262 16.79 -12.34 -30.29
CA THR V 262 15.79 -12.53 -29.23
C THR V 262 15.79 -13.99 -28.79
N PRO V 263 16.92 -14.47 -28.33
CA PRO V 263 17.06 -15.90 -28.02
C PRO V 263 16.20 -16.34 -26.84
N ILE V 264 15.87 -17.63 -26.83
CA ILE V 264 14.88 -18.14 -25.89
C ILE V 264 15.43 -18.32 -24.49
N GLU V 265 16.74 -18.42 -24.34
CA GLU V 265 17.31 -18.54 -23.00
C GLU V 265 17.32 -17.21 -22.28
N LEU V 266 17.17 -16.11 -23.00
CA LEU V 266 17.11 -14.80 -22.38
C LEU V 266 15.68 -14.26 -22.21
N PHE V 267 14.76 -14.64 -23.10
CA PHE V 267 13.40 -14.07 -23.16
C PHE V 267 12.28 -15.10 -23.04
N GLY V 268 12.59 -16.40 -23.05
CA GLY V 268 11.59 -17.44 -23.04
C GLY V 268 11.23 -17.93 -24.43
N PRO V 269 10.50 -19.05 -24.49
CA PRO V 269 10.08 -19.57 -25.79
C PRO V 269 9.13 -18.61 -26.51
N THR V 270 8.94 -18.87 -27.80
CA THR V 270 7.89 -18.17 -28.51
C THR V 270 6.61 -18.98 -28.40
N ARG V 271 5.50 -18.36 -28.74
CA ARG V 271 4.26 -19.10 -28.77
C ARG V 271 4.20 -20.12 -29.90
N TYR V 272 4.93 -19.85 -31.01
CA TYR V 272 4.93 -20.71 -32.20
C TYR V 272 5.65 -22.03 -31.96
N GLN V 273 6.56 -22.06 -31.01
CA GLN V 273 7.15 -23.30 -30.60
C GLN V 273 6.15 -24.22 -29.91
N TRP V 274 5.19 -23.67 -29.17
CA TRP V 274 4.11 -24.51 -28.63
C TRP V 274 3.16 -24.95 -29.75
N ASP V 275 2.73 -24.00 -30.60
CA ASP V 275 1.86 -24.32 -31.72
C ASP V 275 2.40 -25.49 -32.52
N SER V 276 3.69 -25.46 -32.84
CA SER V 276 4.25 -26.48 -33.71
C SER V 276 4.79 -27.67 -32.95
N SER V 277 4.69 -27.69 -31.63
CA SER V 277 5.25 -28.79 -30.86
C SER V 277 6.71 -28.96 -31.23
N TYR V 278 7.36 -27.83 -31.49
CA TYR V 278 8.78 -27.77 -31.83
C TYR V 278 9.65 -28.53 -30.83
N PHE V 279 9.46 -28.25 -29.54
CA PHE V 279 10.24 -28.94 -28.54
C PHE V 279 9.79 -30.39 -28.37
N GLN V 280 8.52 -30.67 -28.61
CA GLN V 280 8.03 -32.02 -28.38
C GLN V 280 8.62 -32.98 -29.41
N GLN V 281 8.70 -32.56 -30.68
CA GLN V 281 9.35 -33.34 -31.72
C GLN V 281 10.79 -33.68 -31.34
N GLU V 282 11.62 -32.67 -31.05
CA GLU V 282 13.02 -32.94 -30.76
C GLU V 282 13.17 -33.92 -29.59
N ILE V 283 12.34 -33.76 -28.55
CA ILE V 283 12.33 -34.74 -27.47
C ILE V 283 12.02 -36.12 -28.00
N ASN V 284 10.97 -36.22 -28.83
CA ASN V 284 10.56 -37.54 -29.30
C ASN V 284 11.66 -38.16 -30.15
N ARG V 285 12.34 -37.34 -30.95
CA ARG V 285 13.47 -37.79 -31.75
C ARG V 285 14.57 -38.41 -30.87
N ARG V 286 14.99 -37.69 -29.84
CA ARG V 286 16.00 -38.23 -28.94
C ARG V 286 15.54 -39.54 -28.30
N VAL V 287 14.25 -39.63 -27.95
CA VAL V 287 13.77 -40.85 -27.33
C VAL V 287 13.80 -42.01 -28.33
N GLN V 288 13.28 -41.78 -29.55
CA GLN V 288 13.33 -42.81 -30.58
C GLN V 288 14.77 -43.24 -30.86
N ALA V 289 15.69 -42.29 -30.98
CA ALA V 289 17.09 -42.65 -31.17
C ALA V 289 17.53 -43.63 -30.08
N SER V 290 17.35 -43.23 -28.81
CA SER V 290 17.79 -44.05 -27.69
C SER V 290 17.23 -45.47 -27.76
N LEU V 291 15.97 -45.62 -28.15
CA LEU V 291 15.34 -46.92 -28.25
C LEU V 291 15.73 -47.65 -29.53
N ALA V 292 16.55 -47.04 -30.37
CA ALA V 292 17.14 -47.69 -31.53
C ALA V 292 18.58 -48.11 -31.24
N SER V 293 18.99 -48.03 -29.99
CA SER V 293 20.34 -48.38 -29.54
C SER V 293 20.28 -49.15 -28.23
N GLY V 294 19.21 -49.94 -28.05
CA GLY V 294 19.12 -50.82 -26.93
C GLY V 294 18.49 -50.24 -25.67
N ALA V 295 18.57 -48.93 -25.47
CA ALA V 295 18.14 -48.33 -24.21
C ALA V 295 16.68 -48.69 -23.90
N THR V 296 16.39 -48.85 -22.60
CA THR V 296 15.03 -49.09 -22.15
C THR V 296 14.24 -47.78 -22.12
N LEU V 297 12.91 -47.92 -22.03
CA LEU V 297 12.05 -46.74 -21.90
C LEU V 297 12.56 -45.82 -20.82
N GLU V 298 12.79 -46.37 -19.64
CA GLU V 298 13.26 -45.57 -18.51
C GLU V 298 14.58 -44.90 -18.84
N GLU V 299 15.41 -45.53 -19.68
CA GLU V 299 16.73 -44.99 -19.95
C GLU V 299 16.70 -43.88 -20.98
N ALA V 300 15.88 -44.05 -22.02
CA ALA V 300 15.78 -43.04 -23.06
C ALA V 300 15.13 -41.76 -22.54
N TRP V 301 14.06 -41.90 -21.76
CA TRP V 301 13.41 -40.72 -21.18
C TRP V 301 14.27 -40.11 -20.09
N SER V 302 14.96 -40.95 -19.31
CA SER V 302 15.87 -40.45 -18.29
C SER V 302 16.97 -39.60 -18.89
N ALA V 303 17.22 -39.69 -20.19
CA ALA V 303 18.31 -38.95 -20.80
C ALA V 303 17.87 -37.64 -21.41
N ILE V 304 16.56 -37.35 -21.44
CA ILE V 304 16.11 -36.02 -21.85
C ILE V 304 16.52 -35.01 -20.77
N PRO V 305 17.22 -33.94 -21.13
CA PRO V 305 17.54 -32.93 -20.11
C PRO V 305 16.29 -32.17 -19.66
N GLU V 306 16.21 -31.89 -18.37
CA GLU V 306 15.13 -31.11 -17.82
C GLU V 306 14.93 -29.82 -18.59
N LYS V 307 16.03 -29.12 -18.89
CA LYS V 307 15.91 -27.89 -19.65
C LYS V 307 15.05 -28.10 -20.89
N LEU V 308 15.25 -29.21 -21.58
CA LEU V 308 14.53 -29.41 -22.83
C LEU V 308 13.08 -29.76 -22.57
N ALA V 309 12.84 -30.61 -21.56
CA ALA V 309 11.46 -30.88 -21.14
C ALA V 309 10.76 -29.60 -20.69
N PHE V 310 11.47 -28.70 -20.00
CA PHE V 310 10.86 -27.50 -19.47
C PHE V 310 10.40 -26.58 -20.58
N TYR V 311 11.03 -26.65 -21.74
CA TYR V 311 10.54 -25.87 -22.85
C TYR V 311 9.20 -26.40 -23.35
N ASP V 312 8.93 -27.70 -23.16
CA ASP V 312 7.73 -28.34 -23.71
C ASP V 312 6.59 -28.30 -22.68
N TYR V 313 6.25 -27.08 -22.27
CA TYR V 313 5.33 -26.88 -21.18
C TYR V 313 4.64 -25.55 -21.40
N ILE V 314 3.31 -25.55 -21.32
CA ILE V 314 2.54 -24.39 -21.81
C ILE V 314 2.66 -23.21 -20.87
N GLY V 315 2.98 -23.45 -19.60
CA GLY V 315 3.28 -22.40 -18.66
C GLY V 315 4.43 -21.50 -19.08
N ASN V 316 5.21 -21.89 -20.09
CA ASN V 316 6.27 -21.04 -20.62
C ASN V 316 5.90 -20.46 -21.97
N ASN V 317 4.72 -20.79 -22.49
CA ASN V 317 4.20 -20.17 -23.69
C ASN V 317 3.87 -18.71 -23.40
N PRO V 318 4.47 -17.74 -24.10
CA PRO V 318 4.18 -16.34 -23.78
C PRO V 318 2.74 -15.93 -24.10
N ALA V 319 1.98 -16.74 -24.83
CA ALA V 319 0.60 -16.35 -25.17
C ALA V 319 -0.44 -16.90 -24.18
N LYS V 320 -0.05 -17.23 -22.97
CA LYS V 320 -0.93 -17.81 -21.95
C LYS V 320 -1.20 -16.89 -20.76
N GLY V 321 -0.90 -15.61 -20.86
CA GLY V 321 -0.97 -14.73 -19.72
C GLY V 321 -2.21 -13.85 -19.71
N GLY V 322 -2.15 -12.78 -18.94
CA GLY V 322 -3.24 -11.81 -18.85
C GLY V 322 -2.70 -10.43 -18.56
N LEU V 323 -3.50 -9.44 -18.93
CA LEU V 323 -3.03 -8.06 -18.89
C LEU V 323 -2.75 -7.58 -17.47
N PHE V 324 -3.55 -8.01 -16.49
CA PHE V 324 -3.44 -7.57 -15.10
C PHE V 324 -2.99 -8.70 -14.19
N ARG V 325 -2.58 -9.82 -14.76
CA ARG V 325 -1.81 -10.82 -14.05
C ARG V 325 -0.36 -10.37 -14.04
N THR V 326 0.04 -9.72 -12.96
CA THR V 326 1.30 -8.98 -12.93
C THR V 326 2.43 -9.84 -12.38
N GLY V 327 3.64 -9.47 -12.77
CA GLY V 327 4.82 -9.96 -12.11
C GLY V 327 5.44 -11.12 -12.83
N PRO V 328 6.34 -11.84 -12.16
CA PRO V 328 7.09 -12.92 -12.83
C PRO V 328 6.23 -14.16 -13.00
N MET V 329 6.66 -15.02 -13.94
CA MET V 329 5.93 -16.25 -14.20
C MET V 329 5.89 -17.13 -12.97
N ASN V 330 6.92 -17.05 -12.12
CA ASN V 330 6.95 -17.85 -10.90
C ASN V 330 5.82 -17.50 -9.95
N LYS V 331 5.14 -16.36 -10.13
CA LYS V 331 4.03 -16.02 -9.25
C LYS V 331 2.76 -16.80 -9.61
N GLY V 332 2.71 -17.38 -10.81
CA GLY V 332 1.57 -18.10 -11.33
C GLY V 332 1.70 -19.58 -11.00
N ASP V 333 2.30 -20.35 -11.93
CA ASP V 333 2.46 -21.79 -11.68
C ASP V 333 3.45 -22.10 -10.56
N GLY V 334 4.29 -21.15 -10.15
CA GLY V 334 5.25 -21.34 -9.07
C GLY V 334 6.67 -21.44 -9.62
N ILE V 335 7.61 -21.70 -8.71
CA ILE V 335 9.03 -21.93 -9.04
C ILE V 335 9.22 -23.39 -9.41
N ALA V 336 9.62 -23.63 -10.64
CA ALA V 336 9.84 -25.01 -11.07
C ALA V 336 11.01 -25.62 -10.31
N GLN V 337 10.80 -26.81 -9.78
CA GLN V 337 11.78 -27.53 -8.98
C GLN V 337 12.38 -28.73 -9.68
N ALA V 338 11.56 -29.52 -10.36
CA ALA V 338 12.07 -30.71 -11.03
C ALA V 338 11.10 -31.19 -12.08
N TRP V 339 11.66 -31.86 -13.09
CA TRP V 339 10.86 -32.66 -14.00
C TRP V 339 10.26 -33.86 -13.26
N LYS V 340 9.00 -34.11 -13.47
CA LYS V 340 8.36 -35.23 -12.81
C LYS V 340 8.53 -36.51 -13.60
N GLY V 341 8.88 -36.39 -14.85
CA GLY V 341 8.96 -37.54 -15.71
C GLY V 341 7.89 -37.47 -16.78
N HIS V 342 8.18 -38.12 -17.90
CA HIS V 342 7.23 -38.14 -18.99
C HIS V 342 6.14 -39.14 -18.62
N ALA V 343 4.90 -38.69 -18.76
CA ALA V 343 3.73 -39.43 -18.29
C ALA V 343 3.20 -40.23 -19.45
N VAL V 344 2.97 -41.52 -19.23
CA VAL V 344 2.50 -42.42 -20.28
C VAL V 344 1.19 -43.01 -19.82
N PHE V 345 0.14 -42.76 -20.58
CA PHE V 345 -1.20 -43.21 -20.22
C PHE V 345 -1.52 -44.44 -21.05
N ARG V 346 -2.11 -45.45 -20.41
CA ARG V 346 -2.48 -46.66 -21.11
C ARG V 346 -3.85 -47.06 -20.65
N ASN V 347 -4.68 -47.54 -21.56
CA ASN V 347 -5.97 -48.06 -21.12
C ASN V 347 -5.79 -49.49 -20.63
N LYS V 348 -6.90 -50.07 -20.13
CA LYS V 348 -6.89 -51.43 -19.61
C LYS V 348 -6.49 -52.46 -20.66
N GLU V 349 -6.65 -52.15 -21.94
CA GLU V 349 -6.21 -53.01 -23.01
C GLU V 349 -4.70 -52.94 -23.30
N GLY V 350 -3.94 -52.16 -22.53
CA GLY V 350 -2.53 -51.99 -22.77
C GLY V 350 -2.19 -50.99 -23.85
N GLU V 351 -3.15 -50.59 -24.67
CA GLU V 351 -2.89 -49.58 -25.68
C GLU V 351 -2.48 -48.26 -25.04
N GLU V 352 -1.50 -47.60 -25.66
CA GLU V 352 -1.00 -46.35 -25.13
C GLU V 352 -1.87 -45.20 -25.63
N LEU V 353 -2.25 -44.30 -24.71
CA LEU V 353 -3.08 -43.14 -25.01
C LEU V 353 -2.31 -41.83 -24.82
N PHE V 354 -2.77 -40.81 -25.53
CA PHE V 354 -2.15 -39.50 -25.60
C PHE V 354 -3.12 -38.37 -25.21
N VAL V 355 -2.75 -37.58 -24.21
CA VAL V 355 -3.59 -36.46 -23.81
C VAL V 355 -3.53 -35.36 -24.86
N ARG V 356 -4.69 -34.97 -25.38
CA ARG V 356 -4.79 -33.84 -26.28
C ARG V 356 -4.34 -32.55 -25.57
N ARG V 357 -3.39 -31.84 -26.17
CA ARG V 357 -2.75 -30.74 -25.47
C ARG V 357 -3.56 -29.46 -25.60
N MET V 358 -3.37 -28.60 -24.62
CA MET V 358 -4.14 -27.37 -24.53
C MET V 358 -3.67 -26.44 -25.64
N PRO V 359 -4.55 -25.96 -26.51
CA PRO V 359 -4.13 -24.91 -27.45
C PRO V 359 -4.13 -23.58 -26.71
N ALA V 360 -3.31 -22.63 -27.20
CA ALA V 360 -3.10 -21.44 -26.41
C ALA V 360 -4.34 -20.56 -26.34
N PHE V 361 -5.30 -20.77 -27.22
CA PHE V 361 -6.47 -19.90 -27.19
C PHE V 361 -7.31 -20.07 -25.94
N PHE V 362 -7.21 -21.20 -25.26
CA PHE V 362 -8.20 -21.67 -24.30
C PHE V 362 -7.75 -21.46 -22.86
N GLU V 363 -8.52 -20.69 -22.09
CA GLU V 363 -8.21 -20.61 -20.67
C GLU V 363 -8.40 -21.96 -20.00
N SER V 364 -9.26 -22.78 -20.57
CA SER V 364 -9.56 -24.07 -19.97
C SER V 364 -9.75 -25.07 -21.10
N PHE V 365 -9.63 -26.34 -20.75
CA PHE V 365 -9.67 -27.31 -21.82
C PHE V 365 -10.00 -28.66 -21.23
N PRO V 366 -10.82 -29.44 -21.90
CA PRO V 366 -11.15 -30.75 -21.36
C PRO V 366 -9.99 -31.70 -21.55
N VAL V 367 -10.04 -32.78 -20.76
CA VAL V 367 -9.07 -33.88 -20.81
C VAL V 367 -9.57 -34.97 -21.74
N ILE V 368 -9.04 -35.03 -22.96
CA ILE V 368 -9.41 -36.04 -23.95
C ILE V 368 -8.14 -36.80 -24.36
N LEU V 369 -8.18 -38.13 -24.21
CA LEU V 369 -7.12 -39.03 -24.61
C LEU V 369 -7.53 -39.81 -25.85
N THR V 370 -6.64 -39.83 -26.83
CA THR V 370 -6.83 -40.56 -28.07
C THR V 370 -5.74 -41.61 -28.23
N ASP V 371 -5.98 -42.51 -29.16
CA ASP V 371 -5.02 -43.53 -29.50
C ASP V 371 -4.07 -42.97 -30.55
N LYS V 372 -3.10 -43.78 -30.98
CA LYS V 372 -2.07 -43.31 -31.90
C LYS V 372 -2.69 -42.68 -33.14
N ASN V 373 -3.94 -43.03 -33.47
CA ASN V 373 -4.60 -42.51 -34.65
C ASN V 373 -5.65 -41.46 -34.34
N GLY V 374 -5.69 -40.93 -33.13
CA GLY V 374 -6.60 -39.83 -32.86
C GLY V 374 -8.02 -40.25 -32.56
N VAL V 375 -8.26 -41.53 -32.34
CA VAL V 375 -9.56 -41.99 -31.86
C VAL V 375 -9.68 -41.68 -30.38
N VAL V 376 -10.76 -40.98 -30.01
CA VAL V 376 -11.03 -40.77 -28.59
C VAL V 376 -11.23 -42.11 -27.91
N LYS V 377 -10.49 -42.34 -26.83
CA LYS V 377 -10.55 -43.58 -26.08
C LYS V 377 -10.81 -43.36 -24.61
N ALA V 378 -10.57 -42.15 -24.09
CA ALA V 378 -10.76 -41.86 -22.68
C ALA V 378 -10.95 -40.36 -22.53
N ASP V 379 -11.70 -39.98 -21.49
CA ASP V 379 -11.92 -38.56 -21.22
C ASP V 379 -12.41 -38.44 -19.78
N ILE V 380 -12.40 -37.22 -19.27
CA ILE V 380 -13.02 -36.93 -17.99
C ILE V 380 -14.36 -36.29 -18.30
N PRO V 381 -15.48 -36.95 -18.03
CA PRO V 381 -16.75 -36.45 -18.52
C PRO V 381 -17.28 -35.32 -17.64
N PHE V 382 -18.10 -34.50 -18.26
CA PHE V 382 -18.85 -33.49 -17.53
C PHE V 382 -20.13 -34.14 -17.00
N ARG V 383 -21.09 -34.42 -17.87
CA ARG V 383 -22.22 -35.25 -17.45
C ARG V 383 -21.76 -36.69 -17.33
N ARG V 384 -21.97 -37.29 -16.15
CA ARG V 384 -21.55 -38.66 -15.93
C ARG V 384 -22.59 -39.71 -16.30
N ALA V 385 -23.87 -39.34 -16.48
CA ALA V 385 -24.91 -40.36 -16.56
C ALA V 385 -24.82 -41.20 -17.82
N GLU V 386 -24.35 -40.63 -18.92
CA GLU V 386 -24.24 -41.37 -20.16
C GLU V 386 -22.79 -41.46 -20.64
N SER V 387 -21.85 -41.45 -19.71
CA SER V 387 -20.45 -41.40 -20.07
C SER V 387 -20.00 -42.80 -20.48
N LYS V 388 -19.33 -42.88 -21.61
CA LYS V 388 -18.87 -44.18 -22.06
C LYS V 388 -17.34 -44.27 -22.13
N TYR V 389 -16.62 -43.21 -21.76
CA TYR V 389 -15.18 -43.14 -21.91
C TYR V 389 -14.43 -42.81 -20.62
N SER V 390 -15.07 -42.84 -19.47
CA SER V 390 -14.41 -42.39 -18.26
C SER V 390 -13.19 -43.24 -17.96
N PHE V 391 -12.26 -42.68 -17.17
CA PHE V 391 -11.05 -43.40 -16.82
C PHE V 391 -11.37 -44.68 -16.08
N GLU V 392 -12.41 -44.65 -15.22
CA GLU V 392 -12.81 -45.81 -14.45
C GLU V 392 -13.34 -46.92 -15.37
N GLN V 393 -14.09 -46.55 -16.42
CA GLN V 393 -14.60 -47.56 -17.32
C GLN V 393 -13.49 -48.14 -18.18
N GLN V 394 -12.53 -47.31 -18.58
CA GLN V 394 -11.48 -47.71 -19.50
C GLN V 394 -10.23 -48.18 -18.78
N GLY V 395 -10.18 -48.01 -17.47
CA GLY V 395 -9.06 -48.49 -16.69
C GLY V 395 -7.75 -47.87 -17.15
N VAL V 396 -7.72 -46.57 -17.35
CA VAL V 396 -6.47 -45.95 -17.77
C VAL V 396 -5.59 -45.82 -16.55
N THR V 397 -4.30 -46.04 -16.78
CA THR V 397 -3.22 -45.94 -15.82
C THR V 397 -2.24 -44.91 -16.35
N VAL V 398 -1.42 -44.41 -15.46
CA VAL V 398 -0.31 -43.53 -15.82
C VAL V 398 0.96 -44.18 -15.29
N SER V 399 1.98 -44.27 -16.14
CA SER V 399 3.31 -44.71 -15.76
C SER V 399 4.29 -43.60 -16.14
N PHE V 400 5.30 -43.34 -15.30
CA PHE V 400 6.25 -42.27 -15.55
C PHE V 400 7.65 -42.77 -15.88
N TYR V 401 8.27 -42.16 -16.88
CA TYR V 401 9.61 -42.53 -17.32
C TYR V 401 10.51 -41.29 -17.30
N GLY V 402 11.61 -41.37 -16.56
CA GLY V 402 12.47 -40.24 -16.35
C GLY V 402 12.04 -39.41 -15.16
N GLY V 403 12.88 -38.44 -14.83
CA GLY V 403 12.50 -37.49 -13.83
C GLY V 403 12.18 -38.11 -12.49
N GLU V 404 11.49 -37.31 -11.67
CA GLU V 404 11.29 -37.66 -10.27
C GLU V 404 10.56 -38.98 -10.12
N LEU V 405 9.60 -39.25 -10.99
CA LEU V 405 8.69 -40.37 -10.84
C LEU V 405 9.11 -41.59 -11.67
N ASN V 406 10.28 -41.55 -12.29
CA ASN V 406 10.71 -42.63 -13.17
C ASN V 406 10.46 -43.99 -12.56
N GLY V 407 9.80 -44.86 -13.33
CA GLY V 407 9.46 -46.19 -12.88
C GLY V 407 8.14 -46.31 -12.12
N GLN V 408 7.50 -45.21 -11.74
CA GLN V 408 6.26 -45.40 -11.00
C GLN V 408 5.07 -45.62 -11.94
N THR V 409 4.05 -46.26 -11.40
CA THR V 409 2.78 -46.41 -12.09
C THR V 409 1.67 -46.24 -11.07
N PHE V 410 0.72 -45.37 -11.40
CA PHE V 410 -0.47 -45.17 -10.58
C PHE V 410 -1.69 -45.76 -11.26
N THR V 411 -2.51 -46.43 -10.50
CA THR V 411 -3.71 -47.03 -11.08
C THR V 411 -5.01 -46.49 -10.50
N ASP V 412 -4.98 -45.84 -9.34
CA ASP V 412 -6.20 -45.31 -8.79
C ASP V 412 -6.68 -44.15 -9.64
N PRO V 413 -7.97 -44.10 -9.99
CA PRO V 413 -8.42 -43.17 -11.05
C PRO V 413 -8.23 -41.72 -10.68
N PRO V 414 -8.49 -41.34 -9.44
CA PRO V 414 -8.33 -39.92 -9.11
C PRO V 414 -6.90 -39.41 -9.24
N THR V 415 -5.90 -40.25 -8.95
CA THR V 415 -4.52 -39.84 -9.19
C THR V 415 -4.24 -39.74 -10.68
N VAL V 416 -4.67 -40.75 -11.43
CA VAL V 416 -4.45 -40.73 -12.87
C VAL V 416 -5.05 -39.48 -13.49
N LYS V 417 -6.20 -39.05 -12.97
CA LYS V 417 -6.92 -37.91 -13.53
C LYS V 417 -6.17 -36.60 -13.32
N SER V 418 -5.58 -36.41 -12.13
CA SER V 418 -4.86 -35.15 -11.89
C SER V 418 -3.57 -35.05 -12.70
N TYR V 419 -2.93 -36.19 -13.01
CA TYR V 419 -1.80 -36.16 -13.94
C TYR V 419 -2.27 -35.98 -15.37
N ALA V 420 -3.48 -36.46 -15.66
CA ALA V 420 -4.07 -36.20 -16.95
C ALA V 420 -4.36 -34.72 -17.15
N ARG V 421 -4.75 -34.01 -16.07
CA ARG V 421 -5.08 -32.60 -16.25
C ARG V 421 -3.81 -31.80 -16.47
N LYS V 422 -2.71 -32.22 -15.87
CA LYS V 422 -1.48 -31.48 -16.08
C LYS V 422 -0.85 -31.83 -17.42
N ALA V 423 -1.14 -33.01 -17.95
CA ALA V 423 -0.63 -33.40 -19.26
C ALA V 423 -1.14 -32.51 -20.38
N ILE V 424 -2.27 -31.80 -20.21
CA ILE V 424 -2.73 -30.94 -21.28
C ILE V 424 -1.78 -29.76 -21.46
N PHE V 425 -1.01 -29.44 -20.43
CA PHE V 425 0.01 -28.38 -20.45
C PHE V 425 1.36 -28.89 -21.00
N GLY V 426 1.43 -30.15 -21.40
CA GLY V 426 2.68 -30.73 -21.85
C GLY V 426 3.35 -31.47 -20.73
N GLU V 427 4.68 -31.36 -20.66
CA GLU V 427 5.41 -32.08 -19.64
C GLU V 427 5.05 -31.56 -18.25
N ILE V 428 5.15 -32.46 -17.26
CA ILE V 428 4.68 -32.21 -15.91
C ILE V 428 5.87 -31.94 -15.00
N PHE V 429 5.83 -30.82 -14.26
CA PHE V 429 6.88 -30.50 -13.30
C PHE V 429 6.37 -30.33 -11.88
N GLU V 430 7.30 -30.52 -10.94
CA GLU V 430 7.08 -30.13 -9.56
C GLU V 430 7.34 -28.64 -9.45
N PHE V 431 6.52 -27.97 -8.65
CA PHE V 431 6.53 -26.53 -8.50
C PHE V 431 6.54 -26.19 -7.01
N ASP V 432 7.33 -25.20 -6.64
CA ASP V 432 7.22 -24.55 -5.34
C ASP V 432 6.25 -23.38 -5.48
N THR V 433 5.10 -23.52 -4.86
CA THR V 433 4.08 -22.49 -4.87
C THR V 433 4.08 -21.68 -3.58
N GLU V 434 4.79 -22.14 -2.56
CA GLU V 434 4.73 -21.50 -1.27
C GLU V 434 5.59 -20.25 -1.21
N THR V 435 6.80 -20.30 -1.76
CA THR V 435 7.78 -19.24 -1.57
C THR V 435 7.24 -17.88 -2.02
N LEU V 436 6.55 -17.82 -3.15
CA LEU V 436 5.98 -16.57 -3.63
C LEU V 436 4.47 -16.49 -3.42
N ASN V 437 3.90 -17.42 -2.67
CA ASN V 437 2.46 -17.56 -2.58
C ASN V 437 1.84 -17.44 -3.99
N SER V 438 2.28 -18.33 -4.86
CA SER V 438 1.77 -18.36 -6.22
C SER V 438 0.28 -18.75 -6.20
N ASP V 439 -0.45 -18.30 -7.23
CA ASP V 439 -1.89 -18.42 -7.25
C ASP V 439 -2.38 -19.40 -8.30
N GLY V 440 -1.51 -19.93 -9.15
CA GLY V 440 -1.87 -21.02 -10.03
C GLY V 440 -2.27 -20.61 -11.43
N ILE V 441 -2.16 -19.34 -11.76
CA ILE V 441 -2.67 -18.78 -13.00
C ILE V 441 -1.51 -18.30 -13.87
N PHE V 442 -1.58 -18.61 -15.16
CA PHE V 442 -0.42 -18.39 -16.02
C PHE V 442 -0.20 -16.89 -16.24
N ARG V 443 1.08 -16.53 -16.29
CA ARG V 443 1.53 -15.18 -16.62
C ARG V 443 2.34 -15.21 -17.89
N THR V 444 2.52 -14.04 -18.50
CA THR V 444 3.32 -13.98 -19.70
C THR V 444 4.78 -13.68 -19.34
N SER V 445 5.62 -13.78 -20.34
CA SER V 445 7.04 -13.71 -20.13
C SER V 445 7.49 -12.34 -20.61
N PRO V 446 8.78 -12.03 -20.42
CA PRO V 446 9.30 -10.77 -20.96
C PRO V 446 9.19 -10.67 -22.46
N ARG V 447 9.25 -11.78 -23.20
CA ARG V 447 8.91 -11.72 -24.62
C ARG V 447 7.50 -11.16 -24.81
N GLY V 448 6.56 -11.57 -23.94
CA GLY V 448 5.19 -11.09 -24.05
C GLY V 448 5.08 -9.62 -23.76
N TRP V 449 5.58 -9.20 -22.61
CA TRP V 449 5.46 -7.80 -22.19
C TRP V 449 6.16 -6.87 -23.14
N PHE V 450 7.42 -7.17 -23.49
CA PHE V 450 8.13 -6.37 -24.48
C PHE V 450 7.30 -6.15 -25.74
N THR V 451 6.85 -7.24 -26.36
CA THR V 451 6.06 -7.11 -27.59
C THR V 451 4.85 -6.21 -27.39
N PHE V 452 4.14 -6.42 -26.28
CA PHE V 452 2.91 -5.66 -26.04
C PHE V 452 3.23 -4.18 -25.97
N ALA V 453 4.24 -3.84 -25.19
CA ALA V 453 4.55 -2.43 -24.97
C ALA V 453 4.96 -1.77 -26.28
N HIS V 454 5.85 -2.42 -27.03
CA HIS V 454 6.34 -1.80 -28.25
C HIS V 454 5.27 -1.71 -29.33
N ALA V 455 4.39 -2.69 -29.44
CA ALA V 455 3.37 -2.56 -30.49
C ALA V 455 2.40 -1.45 -30.15
N VAL V 456 2.07 -1.33 -28.87
CA VAL V 456 1.25 -0.23 -28.41
C VAL V 456 1.95 1.09 -28.61
N PHE V 457 3.23 1.17 -28.23
CA PHE V 457 3.97 2.42 -28.43
C PHE V 457 4.07 2.76 -29.92
N ALA V 458 4.29 1.76 -30.79
CA ALA V 458 4.42 2.06 -32.21
C ALA V 458 3.11 2.60 -32.77
N LEU V 459 1.97 2.05 -32.33
CA LEU V 459 0.67 2.55 -32.78
C LEU V 459 0.44 3.99 -32.36
N LEU V 460 0.64 4.28 -31.09
CA LEU V 460 0.48 5.65 -30.61
C LEU V 460 1.37 6.61 -31.37
N PHE V 461 2.65 6.23 -31.57
CA PHE V 461 3.60 7.11 -32.24
C PHE V 461 3.19 7.38 -33.68
N PHE V 462 2.52 6.44 -34.33
CA PHE V 462 1.88 6.77 -35.61
C PHE V 462 1.01 8.02 -35.48
N PHE V 463 0.22 8.14 -34.41
CA PHE V 463 -0.60 9.34 -34.27
C PHE V 463 0.26 10.60 -34.14
N GLY V 464 1.35 10.52 -33.36
CA GLY V 464 2.30 11.63 -33.27
C GLY V 464 2.93 12.03 -34.60
N HIS V 465 3.21 11.06 -35.48
CA HIS V 465 3.68 11.37 -36.82
C HIS V 465 2.63 12.15 -37.61
N ILE V 466 1.41 11.63 -37.69
CA ILE V 466 0.32 12.36 -38.31
C ILE V 466 0.20 13.76 -37.71
N TRP V 467 0.31 13.87 -36.39
CA TRP V 467 0.05 15.16 -35.76
C TRP V 467 1.11 16.17 -36.10
N HIS V 468 2.39 15.82 -35.90
CA HIS V 468 3.44 16.80 -36.17
C HIS V 468 3.68 16.91 -37.67
N GLY V 469 3.43 15.86 -38.44
CA GLY V 469 3.39 16.02 -39.89
C GLY V 469 2.40 17.09 -40.34
N ALA V 470 1.17 17.07 -39.82
CA ALA V 470 0.19 18.05 -40.25
C ALA V 470 0.57 19.45 -39.79
N ARG V 471 1.11 19.56 -38.58
CA ARG V 471 1.42 20.87 -38.05
C ARG V 471 2.62 21.47 -38.79
N THR V 472 3.45 20.63 -39.39
CA THR V 472 4.52 21.16 -40.22
C THR V 472 3.95 21.72 -41.52
N LEU V 473 3.18 20.89 -42.23
CA LEU V 473 2.72 21.25 -43.56
C LEU V 473 1.61 22.29 -43.56
N PHE V 474 0.90 22.44 -42.44
CA PHE V 474 -0.14 23.44 -42.29
C PHE V 474 0.20 24.50 -41.24
N ARG V 475 1.49 24.70 -40.97
CA ARG V 475 1.84 25.66 -39.92
C ARG V 475 1.08 26.96 -40.11
N ASP V 476 0.87 27.36 -41.35
CA ASP V 476 0.30 28.66 -41.65
C ASP V 476 -1.13 28.83 -41.13
N VAL V 477 -1.90 27.76 -41.02
CA VAL V 477 -3.29 27.88 -40.59
C VAL V 477 -3.54 27.19 -39.27
N PHE V 478 -2.47 26.80 -38.55
CA PHE V 478 -2.65 26.15 -37.26
C PHE V 478 -3.53 26.98 -36.32
N SER V 479 -3.39 28.31 -36.34
CA SER V 479 -4.25 29.16 -35.52
C SER V 479 -5.60 29.46 -36.15
N GLY V 480 -5.82 29.03 -37.40
CA GLY V 480 -7.11 29.22 -38.03
C GLY V 480 -6.98 29.63 -39.49
N ILE V 481 -8.09 29.49 -40.25
CA ILE V 481 -8.11 29.86 -41.67
C ILE V 481 -8.26 31.37 -41.77
N ASP V 482 -8.00 31.89 -42.95
CA ASP V 482 -7.85 33.34 -43.09
C ASP V 482 -9.20 34.03 -43.03
N PRO V 483 -9.37 35.09 -42.25
CA PRO V 483 -10.70 35.72 -42.13
C PRO V 483 -11.18 36.43 -43.39
N GLU V 484 -10.37 36.47 -44.44
CA GLU V 484 -10.66 37.23 -45.66
C GLU V 484 -10.49 36.34 -46.89
N LEU V 485 -11.07 35.14 -46.81
CA LEU V 485 -11.05 34.12 -47.85
C LEU V 485 -12.39 34.15 -48.59
N SER V 486 -12.36 33.88 -49.92
CA SER V 486 -13.56 34.09 -50.72
C SER V 486 -14.05 32.83 -51.42
N PRO V 487 -15.36 32.73 -51.68
CA PRO V 487 -15.88 31.55 -52.40
C PRO V 487 -15.28 31.35 -53.80
N GLU V 488 -14.77 32.40 -54.47
CA GLU V 488 -14.09 32.18 -55.73
C GLU V 488 -12.94 31.19 -55.58
N GLN V 489 -12.37 31.09 -54.38
CA GLN V 489 -11.28 30.15 -54.15
C GLN V 489 -11.80 28.74 -53.87
N VAL V 490 -12.93 28.61 -53.17
CA VAL V 490 -13.40 27.30 -52.72
C VAL V 490 -14.61 26.79 -53.52
N GLU V 491 -15.41 27.66 -54.13
CA GLU V 491 -16.53 27.20 -54.93
C GLU V 491 -16.02 26.59 -56.24
N TRP V 492 -16.87 25.80 -56.89
CA TRP V 492 -16.45 25.01 -58.04
C TRP V 492 -16.49 25.82 -59.32
N GLY V 493 -15.50 25.56 -60.20
CA GLY V 493 -15.50 26.06 -61.55
C GLY V 493 -14.76 27.37 -61.75
N PHE V 494 -14.78 28.26 -60.76
CA PHE V 494 -14.07 29.54 -60.89
C PHE V 494 -12.64 29.31 -61.36
N TYR V 495 -11.95 28.30 -60.81
CA TYR V 495 -10.56 28.02 -61.13
C TYR V 495 -10.44 26.63 -61.73
N GLN V 496 -9.59 26.51 -62.75
CA GLN V 496 -9.39 25.22 -63.39
C GLN V 496 -8.55 24.30 -62.53
N LYS V 497 -7.65 24.86 -61.71
CA LYS V 497 -6.81 24.08 -60.80
C LYS V 497 -7.16 24.49 -59.37
N VAL V 498 -7.39 23.49 -58.52
CA VAL V 498 -7.83 23.74 -57.16
C VAL V 498 -6.70 24.43 -56.39
N GLY V 499 -7.02 25.57 -55.79
CA GLY V 499 -6.08 26.33 -55.01
C GLY V 499 -5.47 27.48 -55.77
N ASP V 500 -5.31 27.32 -57.09
CA ASP V 500 -4.47 28.20 -57.91
C ASP V 500 -5.30 29.36 -58.42
N VAL V 501 -5.04 30.55 -57.87
CA VAL V 501 -5.74 31.76 -58.30
C VAL V 501 -5.46 32.09 -59.76
N THR V 502 -4.36 31.60 -60.31
CA THR V 502 -3.89 31.97 -61.64
C THR V 502 -4.63 31.25 -62.77
N THR V 503 -5.60 30.39 -62.44
CA THR V 503 -6.26 29.55 -63.44
C THR V 503 -7.70 29.99 -63.72
N ARG V 504 -7.99 31.27 -63.49
CA ARG V 504 -9.31 31.87 -63.70
C ARG V 504 -10.05 31.26 -64.89
N ARG V 505 -11.32 30.89 -64.69
CA ARG V 505 -12.24 30.52 -65.77
C ARG V 505 -12.00 29.10 -66.27
N ALA W 1 -52.76 27.18 -57.96
CA ALA W 1 -51.97 27.07 -56.74
C ALA W 1 -52.85 27.11 -55.49
N THR W 2 -53.99 26.42 -55.53
CA THR W 2 -54.93 26.38 -54.41
C THR W 2 -54.28 25.73 -53.19
N ASN W 3 -53.68 26.54 -52.32
CA ASN W 3 -52.62 26.08 -51.40
C ASN W 3 -51.65 25.30 -52.28
N ARG W 4 -51.27 24.07 -51.93
CA ARG W 4 -50.77 23.08 -52.88
C ARG W 4 -49.33 23.34 -53.36
N ASP W 5 -48.64 24.35 -52.84
CA ASP W 5 -47.21 24.53 -53.10
C ASP W 5 -46.59 25.18 -51.88
N GLN W 6 -45.26 25.14 -51.78
CA GLN W 6 -44.62 25.59 -50.55
C GLN W 6 -44.63 27.09 -50.37
N GLU W 7 -44.93 27.84 -51.44
CA GLU W 7 -44.93 29.30 -51.34
C GLU W 7 -46.22 29.80 -50.69
N SER W 8 -47.37 29.34 -51.19
CA SER W 8 -48.65 29.81 -50.64
C SER W 8 -48.97 29.17 -49.30
N SER W 9 -48.70 27.88 -49.13
CA SER W 9 -49.14 27.16 -47.94
C SER W 9 -48.12 27.14 -46.81
N GLY W 10 -46.86 27.48 -47.10
CA GLY W 10 -45.83 27.51 -46.09
C GLY W 10 -45.32 26.16 -45.65
N PHE W 11 -45.74 25.08 -46.28
CA PHE W 11 -45.31 23.73 -45.91
C PHE W 11 -44.67 23.06 -47.12
N ALA W 12 -43.54 22.40 -46.91
CA ALA W 12 -42.84 21.74 -48.00
C ALA W 12 -43.54 20.43 -48.39
N TRP W 13 -43.15 19.90 -49.57
CA TRP W 13 -43.82 18.73 -50.12
C TRP W 13 -43.89 17.61 -49.09
N TRP W 14 -42.79 17.38 -48.36
CA TRP W 14 -42.71 16.29 -47.39
C TRP W 14 -43.56 16.55 -46.13
N ALA W 15 -44.17 17.71 -45.99
CA ALA W 15 -45.22 17.93 -44.99
C ALA W 15 -46.46 18.52 -45.66
N GLY W 16 -46.73 18.06 -46.88
CA GLY W 16 -47.81 18.62 -47.70
C GLY W 16 -49.21 18.39 -47.14
N ASN W 17 -49.41 17.33 -46.37
CA ASN W 17 -50.72 17.12 -45.76
C ASN W 17 -51.03 18.19 -44.72
N ALA W 18 -50.03 18.91 -44.20
CA ALA W 18 -50.32 20.08 -43.38
C ALA W 18 -50.93 21.21 -44.20
N ARG W 19 -50.86 21.13 -45.53
CA ARG W 19 -51.54 22.09 -46.38
C ARG W 19 -53.05 22.00 -46.26
N LEU W 20 -53.57 20.87 -45.75
CA LEU W 20 -55.01 20.63 -45.65
C LEU W 20 -55.62 21.08 -44.32
N ILE W 21 -54.87 21.77 -43.46
CA ILE W 21 -55.41 22.01 -42.11
C ILE W 21 -56.70 22.82 -42.15
N ASN W 22 -56.76 23.85 -42.99
CA ASN W 22 -57.86 24.80 -43.04
C ASN W 22 -58.59 24.70 -44.37
N LEU W 23 -58.70 23.47 -44.88
CA LEU W 23 -59.43 23.14 -46.10
C LEU W 23 -60.29 21.95 -45.70
N SER W 24 -61.50 22.21 -45.19
CA SER W 24 -62.24 21.11 -44.56
C SER W 24 -62.73 20.08 -45.58
N GLY W 25 -63.04 20.46 -46.80
CA GLY W 25 -63.54 19.48 -47.73
C GLY W 25 -62.50 18.54 -48.34
N LYS W 26 -61.33 19.10 -48.69
CA LYS W 26 -60.23 18.25 -49.12
C LYS W 26 -59.78 17.34 -47.99
N LEU W 27 -59.71 17.88 -46.76
CA LEU W 27 -59.42 17.08 -45.57
C LEU W 27 -60.44 15.98 -45.36
N LEU W 28 -61.73 16.25 -45.63
CA LEU W 28 -62.73 15.19 -45.52
C LEU W 28 -62.47 14.07 -46.53
N GLY W 29 -62.02 14.44 -47.74
CA GLY W 29 -61.68 13.42 -48.74
C GLY W 29 -60.53 12.53 -48.32
N ALA W 30 -59.46 13.14 -47.79
CA ALA W 30 -58.34 12.38 -47.26
C ALA W 30 -58.78 11.34 -46.24
N HIS W 31 -59.62 11.74 -45.28
CA HIS W 31 -60.04 10.79 -44.25
C HIS W 31 -60.88 9.66 -44.86
N VAL W 32 -61.89 10.01 -45.64
CA VAL W 32 -62.81 8.99 -46.17
C VAL W 32 -62.04 8.00 -47.05
N ALA W 33 -61.18 8.53 -47.92
CA ALA W 33 -60.33 7.67 -48.74
C ALA W 33 -59.44 6.79 -47.88
N HIS W 34 -58.85 7.37 -46.84
CA HIS W 34 -58.05 6.57 -45.94
C HIS W 34 -58.87 5.47 -45.28
N ALA W 35 -60.07 5.81 -44.77
CA ALA W 35 -60.97 4.76 -44.31
C ALA W 35 -61.16 3.69 -45.37
N GLY W 36 -61.24 4.11 -46.64
CA GLY W 36 -61.31 3.17 -47.74
C GLY W 36 -60.19 2.14 -47.75
N LEU W 37 -58.94 2.60 -47.54
CA LEU W 37 -57.79 1.67 -47.48
C LEU W 37 -57.92 0.73 -46.30
N ILE W 38 -58.41 1.22 -45.17
CA ILE W 38 -58.58 0.36 -44.00
C ILE W 38 -59.57 -0.74 -44.31
N VAL W 39 -60.75 -0.34 -44.77
CA VAL W 39 -61.80 -1.32 -45.09
C VAL W 39 -61.35 -2.22 -46.24
N PHE W 40 -60.72 -1.65 -47.26
CA PHE W 40 -60.13 -2.46 -48.31
C PHE W 40 -59.26 -3.57 -47.74
N TRP W 41 -58.30 -3.18 -46.89
CA TRP W 41 -57.38 -4.16 -46.31
C TRP W 41 -58.12 -5.25 -45.54
N ALA W 42 -59.15 -4.87 -44.75
CA ALA W 42 -59.90 -5.89 -44.03
C ALA W 42 -60.54 -6.86 -45.00
N GLY W 43 -61.01 -6.36 -46.14
CA GLY W 43 -61.60 -7.19 -47.16
C GLY W 43 -60.59 -8.02 -47.94
N ALA W 44 -59.61 -7.36 -48.55
CA ALA W 44 -58.59 -8.09 -49.32
C ALA W 44 -57.89 -9.14 -48.48
N MET W 45 -57.52 -8.78 -47.25
CA MET W 45 -56.74 -9.70 -46.41
C MET W 45 -57.56 -10.93 -46.02
N THR W 46 -58.83 -10.73 -45.64
CA THR W 46 -59.66 -11.85 -45.22
C THR W 46 -59.84 -12.86 -46.35
N LEU W 47 -59.94 -12.39 -47.59
CA LEU W 47 -60.05 -13.30 -48.72
C LEU W 47 -58.73 -13.98 -48.99
N PHE W 48 -57.64 -13.24 -48.82
CA PHE W 48 -56.33 -13.87 -48.92
C PHE W 48 -56.24 -15.02 -47.94
N GLU W 49 -56.62 -14.77 -46.68
CA GLU W 49 -56.56 -15.82 -45.67
C GLU W 49 -57.45 -16.99 -46.05
N LEU W 50 -58.60 -16.71 -46.66
CA LEU W 50 -59.54 -17.78 -46.99
C LEU W 50 -58.95 -18.67 -48.07
N ALA W 51 -58.43 -18.06 -49.14
CA ALA W 51 -57.81 -18.83 -50.21
C ALA W 51 -56.63 -19.65 -49.72
N HIS W 52 -55.97 -19.19 -48.66
CA HIS W 52 -54.82 -19.89 -48.12
C HIS W 52 -55.18 -20.78 -46.95
N PHE W 53 -56.44 -20.79 -46.52
CA PHE W 53 -56.88 -21.55 -45.35
C PHE W 53 -57.10 -23.02 -45.71
N ILE W 54 -56.63 -23.88 -44.82
CA ILE W 54 -56.78 -25.33 -44.87
C ILE W 54 -57.40 -25.72 -43.52
N PRO W 55 -58.70 -26.03 -43.43
CA PRO W 55 -59.33 -26.19 -42.11
C PRO W 55 -58.80 -27.34 -41.26
N GLU W 56 -57.95 -28.22 -41.80
CA GLU W 56 -57.37 -29.30 -41.00
C GLU W 56 -56.23 -28.81 -40.13
N LYS W 57 -55.50 -27.83 -40.59
CA LYS W 57 -54.42 -27.23 -39.82
C LYS W 57 -55.01 -26.31 -38.76
N PRO W 58 -54.47 -26.31 -37.54
CA PRO W 58 -54.80 -25.22 -36.62
C PRO W 58 -54.69 -23.89 -37.33
N MET W 59 -55.62 -22.98 -36.99
CA MET W 59 -55.55 -21.62 -37.54
C MET W 59 -54.16 -21.03 -37.35
N TYR W 60 -53.58 -21.19 -36.14
CA TYR W 60 -52.30 -20.60 -35.73
C TYR W 60 -51.10 -21.23 -36.44
N GLU W 61 -51.29 -22.30 -37.22
CA GLU W 61 -50.22 -22.84 -38.05
C GLU W 61 -50.21 -22.22 -39.42
N GLN W 62 -51.15 -21.30 -39.70
CA GLN W 62 -51.38 -20.83 -41.05
C GLN W 62 -51.29 -19.31 -41.20
N GLY W 63 -50.78 -18.59 -40.22
CA GLY W 63 -50.46 -17.20 -40.47
C GLY W 63 -51.66 -16.29 -40.47
N LEU W 64 -52.70 -16.66 -39.75
CA LEU W 64 -54.01 -16.01 -39.86
C LEU W 64 -54.22 -15.09 -38.67
N ILE W 65 -54.62 -13.86 -38.96
CA ILE W 65 -54.96 -12.93 -37.89
C ILE W 65 -56.42 -12.49 -37.98
N LEU W 66 -56.98 -12.42 -39.18
CA LEU W 66 -58.31 -11.83 -39.30
C LEU W 66 -59.41 -12.89 -39.11
N ILE W 67 -59.22 -14.05 -39.71
CA ILE W 67 -60.18 -15.13 -39.55
C ILE W 67 -60.35 -15.48 -38.08
N PRO W 68 -59.29 -15.56 -37.27
CA PRO W 68 -59.49 -15.79 -35.83
C PRO W 68 -60.37 -14.75 -35.18
N HIS W 69 -60.36 -13.50 -35.66
CA HIS W 69 -61.27 -12.49 -35.11
C HIS W 69 -62.73 -12.84 -35.47
N ILE W 70 -62.94 -13.43 -36.66
CA ILE W 70 -64.30 -13.76 -37.07
C ILE W 70 -64.79 -14.98 -36.30
N ALA W 71 -63.90 -15.95 -36.08
CA ALA W 71 -64.28 -17.15 -35.35
C ALA W 71 -64.66 -16.86 -33.91
N THR W 72 -63.93 -15.94 -33.26
CA THR W 72 -64.18 -15.58 -31.88
C THR W 72 -65.59 -14.99 -31.69
N LEU W 73 -66.11 -14.31 -32.70
CA LEU W 73 -67.47 -13.81 -32.71
C LEU W 73 -68.52 -14.89 -32.96
N GLY W 74 -68.14 -16.16 -33.13
CA GLY W 74 -69.09 -17.25 -33.25
C GLY W 74 -69.51 -17.64 -34.65
N TRP W 75 -68.93 -17.07 -35.69
CA TRP W 75 -69.25 -17.49 -37.05
C TRP W 75 -68.30 -18.55 -37.52
N GLY W 76 -68.82 -19.50 -38.30
CA GLY W 76 -68.02 -20.47 -39.02
C GLY W 76 -67.43 -21.59 -38.19
N VAL W 77 -67.71 -21.64 -36.90
CA VAL W 77 -66.96 -22.49 -35.97
C VAL W 77 -67.93 -23.28 -35.11
N GLY W 78 -67.48 -24.45 -34.64
CA GLY W 78 -68.23 -25.28 -33.73
C GLY W 78 -67.44 -25.70 -32.49
N PRO W 79 -67.82 -26.83 -31.88
CA PRO W 79 -67.14 -27.27 -30.65
C PRO W 79 -65.65 -27.53 -30.87
N GLY W 80 -64.86 -27.20 -29.84
CA GLY W 80 -63.42 -27.24 -29.91
C GLY W 80 -62.81 -26.23 -30.85
N GLY W 81 -63.60 -25.31 -31.39
CA GLY W 81 -63.09 -24.39 -32.37
C GLY W 81 -62.94 -24.95 -33.76
N GLU W 82 -63.45 -26.14 -34.01
CA GLU W 82 -63.40 -26.73 -35.34
C GLU W 82 -64.14 -25.83 -36.31
N VAL W 83 -63.53 -25.57 -37.46
CA VAL W 83 -64.23 -24.80 -38.49
C VAL W 83 -65.21 -25.72 -39.21
N VAL W 84 -66.47 -25.30 -39.25
CA VAL W 84 -67.55 -26.09 -39.82
C VAL W 84 -68.23 -25.42 -41.01
N ASP W 85 -67.93 -24.14 -41.30
CA ASP W 85 -68.53 -23.44 -42.44
C ASP W 85 -67.70 -22.21 -42.74
N THR W 86 -67.00 -22.21 -43.87
CA THR W 86 -66.15 -21.09 -44.24
C THR W 86 -66.93 -19.97 -44.90
N PHE W 87 -68.17 -20.20 -45.30
CA PHE W 87 -68.86 -19.16 -46.06
C PHE W 87 -68.96 -17.84 -45.29
N PRO W 88 -69.21 -17.82 -43.98
CA PRO W 88 -69.24 -16.54 -43.27
C PRO W 88 -67.97 -15.71 -43.42
N PHE W 89 -66.79 -16.34 -43.45
CA PHE W 89 -65.57 -15.59 -43.70
C PHE W 89 -65.62 -14.91 -45.07
N PHE W 90 -66.00 -15.67 -46.10
CA PHE W 90 -66.10 -15.09 -47.43
C PHE W 90 -66.94 -13.83 -47.41
N VAL W 91 -68.02 -13.84 -46.62
CA VAL W 91 -68.98 -12.75 -46.59
C VAL W 91 -68.35 -11.51 -45.98
N VAL W 92 -67.71 -11.67 -44.81
CA VAL W 92 -67.00 -10.56 -44.19
C VAL W 92 -66.01 -9.97 -45.20
N GLY W 93 -65.22 -10.84 -45.83
CA GLY W 93 -64.21 -10.38 -46.78
C GLY W 93 -64.81 -9.57 -47.93
N VAL W 94 -65.87 -10.10 -48.56
CA VAL W 94 -66.40 -9.46 -49.75
C VAL W 94 -67.10 -8.16 -49.38
N VAL W 95 -67.82 -8.17 -48.27
CA VAL W 95 -68.62 -7.01 -47.93
C VAL W 95 -67.72 -5.83 -47.60
N HIS W 96 -66.63 -6.06 -46.86
CA HIS W 96 -65.68 -4.98 -46.59
C HIS W 96 -65.06 -4.48 -47.88
N LEU W 97 -64.66 -5.40 -48.76
CA LEU W 97 -63.99 -5.03 -50.00
C LEU W 97 -64.90 -4.25 -50.95
N ILE W 98 -66.15 -4.73 -51.16
CA ILE W 98 -67.13 -3.93 -51.90
C ILE W 98 -67.22 -2.55 -51.27
N SER W 99 -67.40 -2.53 -49.95
CA SER W 99 -67.60 -1.29 -49.23
C SER W 99 -66.43 -0.33 -49.43
N SER W 100 -65.21 -0.83 -49.46
CA SER W 100 -64.06 0.06 -49.61
C SER W 100 -64.21 0.91 -50.86
N ALA W 101 -64.77 0.33 -51.93
CA ALA W 101 -64.97 1.04 -53.19
C ALA W 101 -65.87 2.25 -53.04
N VAL W 102 -66.82 2.24 -52.11
CA VAL W 102 -67.72 3.39 -52.00
C VAL W 102 -67.13 4.46 -51.10
N LEU W 103 -66.48 4.07 -50.00
CA LEU W 103 -65.53 4.94 -49.30
C LEU W 103 -64.53 5.56 -50.28
N GLY W 104 -63.81 4.69 -51.00
CA GLY W 104 -62.95 5.10 -52.10
C GLY W 104 -63.57 6.16 -52.98
N PHE W 105 -64.73 5.84 -53.60
CA PHE W 105 -65.38 6.83 -54.45
C PHE W 105 -65.62 8.13 -53.67
N GLY W 106 -66.17 8.03 -52.48
CA GLY W 106 -66.51 9.23 -51.73
C GLY W 106 -65.31 10.08 -51.36
N GLY W 107 -64.17 9.45 -51.07
CA GLY W 107 -63.00 10.18 -50.64
C GLY W 107 -62.33 10.89 -51.80
N VAL W 108 -62.15 10.16 -52.91
CA VAL W 108 -61.54 10.77 -54.08
C VAL W 108 -62.45 11.86 -54.67
N TYR W 109 -63.78 11.71 -54.57
CA TYR W 109 -64.65 12.80 -54.95
C TYR W 109 -64.34 14.05 -54.15
N HIS W 110 -64.48 13.96 -52.81
CA HIS W 110 -64.29 15.10 -51.93
C HIS W 110 -62.88 15.68 -52.02
N ALA W 111 -61.88 14.87 -52.36
CA ALA W 111 -60.51 15.38 -52.32
C ALA W 111 -60.15 16.20 -53.55
N ILE W 112 -60.75 15.88 -54.70
CA ILE W 112 -60.49 16.51 -56.00
C ILE W 112 -61.62 17.45 -56.42
N ARG W 113 -62.75 16.85 -56.83
CA ARG W 113 -63.84 17.61 -57.43
C ARG W 113 -64.56 18.48 -56.41
N GLY W 114 -64.91 17.93 -55.26
CA GLY W 114 -65.72 18.61 -54.29
C GLY W 114 -65.20 19.97 -53.89
N PRO W 115 -65.98 20.72 -53.12
CA PRO W 115 -65.50 22.02 -52.64
C PRO W 115 -64.33 21.84 -51.68
N GLU W 116 -63.25 22.59 -51.93
CA GLU W 116 -62.05 22.47 -51.12
C GLU W 116 -62.35 22.74 -49.65
N THR W 117 -63.32 23.61 -49.37
CA THR W 117 -63.75 23.90 -48.02
C THR W 117 -65.27 23.83 -47.97
N LEU W 118 -65.80 23.46 -46.79
CA LEU W 118 -67.22 23.15 -46.63
C LEU W 118 -68.03 24.30 -46.04
N GLU W 119 -67.39 25.25 -45.37
CA GLU W 119 -68.09 26.18 -44.48
C GLU W 119 -68.97 27.18 -45.22
N GLU W 120 -68.87 27.27 -46.54
CA GLU W 120 -69.72 28.14 -47.34
C GLU W 120 -70.82 27.38 -48.07
N TYR W 121 -70.71 26.06 -48.10
CA TYR W 121 -71.68 25.17 -48.73
C TYR W 121 -72.78 24.78 -47.76
N SER W 122 -72.44 24.41 -46.52
CA SER W 122 -73.45 24.20 -45.48
C SER W 122 -72.84 24.53 -44.13
N SER W 123 -73.53 25.35 -43.35
CA SER W 123 -73.02 25.73 -42.04
C SER W 123 -72.97 24.56 -41.06
N PHE W 124 -73.44 23.39 -41.46
CA PHE W 124 -73.49 22.23 -40.56
C PHE W 124 -72.26 21.33 -40.72
N PHE W 125 -71.85 21.04 -41.95
CA PHE W 125 -70.68 20.20 -42.15
C PHE W 125 -69.37 20.99 -42.03
N GLY W 126 -69.36 22.27 -42.39
CA GLY W 126 -68.15 23.06 -42.23
C GLY W 126 -67.87 23.35 -40.78
N TYR W 127 -66.59 23.57 -40.45
CA TYR W 127 -66.17 23.72 -39.06
C TYR W 127 -64.91 24.57 -38.97
N ASP W 128 -64.77 25.26 -37.84
CA ASP W 128 -63.51 25.87 -37.48
C ASP W 128 -62.90 25.14 -36.29
N TRP W 129 -61.60 24.81 -36.41
CA TRP W 129 -60.91 24.11 -35.35
C TRP W 129 -61.16 24.75 -34.01
N LYS W 130 -61.34 26.07 -33.98
CA LYS W 130 -61.41 26.81 -32.73
C LYS W 130 -62.84 26.95 -32.20
N ASP W 131 -63.83 26.48 -32.95
CA ASP W 131 -65.20 26.50 -32.48
C ASP W 131 -65.34 25.38 -31.46
N LYS W 132 -65.28 25.74 -30.17
CA LYS W 132 -65.36 24.73 -29.13
C LYS W 132 -66.72 24.06 -29.11
N ASN W 133 -67.77 24.75 -29.59
CA ASN W 133 -69.09 24.14 -29.62
C ASN W 133 -69.19 23.12 -30.73
N LYS W 134 -68.78 23.51 -31.95
CA LYS W 134 -68.83 22.58 -33.08
C LYS W 134 -67.91 21.38 -32.85
N MET W 135 -66.75 21.61 -32.24
CA MET W 135 -65.83 20.49 -32.03
C MET W 135 -66.42 19.44 -31.10
N THR W 136 -67.00 19.86 -29.96
CA THR W 136 -67.64 18.90 -29.07
C THR W 136 -68.85 18.23 -29.69
N THR W 137 -69.55 18.93 -30.59
CA THR W 137 -70.69 18.31 -31.26
C THR W 137 -70.24 17.17 -32.18
N ILE W 138 -69.17 17.38 -32.95
CA ILE W 138 -68.66 16.29 -33.77
C ILE W 138 -68.22 15.13 -32.89
N LEU W 139 -67.43 15.45 -31.85
CA LEU W 139 -67.06 14.48 -30.85
C LEU W 139 -68.29 13.72 -30.37
N GLY W 140 -69.38 14.45 -30.07
CA GLY W 140 -70.56 13.80 -29.52
C GLY W 140 -71.24 12.86 -30.49
N PHE W 141 -71.34 13.26 -31.76
CA PHE W 141 -71.84 12.33 -32.78
C PHE W 141 -70.98 11.08 -32.83
N HIS W 142 -69.66 11.24 -32.89
CA HIS W 142 -68.81 10.06 -33.02
C HIS W 142 -68.85 9.23 -31.74
N LEU W 143 -68.94 9.89 -30.60
CA LEU W 143 -69.17 9.18 -29.35
C LEU W 143 -70.40 8.28 -29.47
N ILE W 144 -71.52 8.83 -29.96
CA ILE W 144 -72.75 8.03 -30.10
C ILE W 144 -72.57 6.86 -31.07
N VAL W 145 -71.81 7.09 -32.15
CA VAL W 145 -71.61 6.01 -33.10
C VAL W 145 -70.75 4.89 -32.51
N LEU W 146 -69.84 5.22 -31.60
CA LEU W 146 -69.05 4.18 -30.93
C LEU W 146 -69.92 3.42 -29.94
N GLY W 147 -70.79 4.15 -29.21
CA GLY W 147 -71.69 3.48 -28.29
C GLY W 147 -72.57 2.48 -29.01
N ILE W 148 -73.06 2.87 -30.19
CA ILE W 148 -73.83 1.96 -31.01
C ILE W 148 -73.02 0.71 -31.33
N GLY W 149 -71.76 0.91 -31.73
CA GLY W 149 -70.95 -0.22 -32.15
C GLY W 149 -70.67 -1.19 -31.01
N ALA W 150 -70.41 -0.67 -29.82
CA ALA W 150 -70.24 -1.53 -28.66
C ALA W 150 -71.47 -2.40 -28.45
N LEU W 151 -72.65 -1.82 -28.64
CA LEU W 151 -73.92 -2.51 -28.47
C LEU W 151 -74.19 -3.47 -29.63
N LEU W 152 -73.54 -3.29 -30.79
CA LEU W 152 -73.63 -4.30 -31.82
C LEU W 152 -73.04 -5.61 -31.34
N LEU W 153 -71.98 -5.51 -30.56
CA LEU W 153 -71.32 -6.70 -30.04
C LEU W 153 -72.19 -7.40 -29.01
N VAL W 154 -72.80 -6.65 -28.12
CA VAL W 154 -73.80 -7.19 -27.21
C VAL W 154 -74.91 -7.90 -27.99
N ALA W 155 -75.41 -7.27 -29.07
CA ALA W 155 -76.44 -7.88 -29.91
C ALA W 155 -75.99 -9.23 -30.44
N LYS W 156 -74.78 -9.30 -30.98
CA LYS W 156 -74.26 -10.57 -31.47
C LYS W 156 -74.25 -11.59 -30.35
N ALA W 157 -73.70 -11.22 -29.20
CA ALA W 157 -73.54 -12.19 -28.13
C ALA W 157 -74.87 -12.68 -27.59
N MET W 158 -75.86 -11.79 -27.46
CA MET W 158 -77.11 -12.11 -26.76
C MET W 158 -78.28 -12.45 -27.67
N PHE W 159 -78.30 -11.94 -28.89
CA PHE W 159 -79.49 -12.03 -29.71
C PHE W 159 -79.24 -12.65 -31.08
N PHE W 160 -77.99 -12.77 -31.52
CA PHE W 160 -77.64 -13.13 -32.89
C PHE W 160 -76.56 -14.21 -32.92
N GLY W 161 -76.65 -15.19 -32.03
CA GLY W 161 -75.88 -16.41 -32.18
C GLY W 161 -74.80 -16.67 -31.14
N GLY W 162 -74.40 -15.66 -30.37
CA GLY W 162 -73.43 -15.90 -29.33
C GLY W 162 -72.01 -15.68 -29.80
N LEU W 163 -71.08 -16.11 -28.94
CA LEU W 163 -69.65 -15.89 -29.10
C LEU W 163 -68.91 -17.19 -28.85
N TYR W 164 -67.70 -17.31 -29.40
CA TYR W 164 -66.93 -18.48 -29.05
C TYR W 164 -66.48 -18.33 -27.62
N ASP W 165 -66.61 -19.41 -26.86
CA ASP W 165 -66.39 -19.40 -25.43
C ASP W 165 -65.45 -20.56 -25.16
N THR W 166 -64.17 -20.21 -24.99
CA THR W 166 -63.13 -21.18 -24.75
C THR W 166 -63.31 -21.88 -23.42
N TRP W 167 -63.96 -21.25 -22.47
CA TRP W 167 -64.25 -21.88 -21.20
C TRP W 167 -65.53 -22.73 -21.22
N ALA W 168 -66.15 -22.89 -22.36
CA ALA W 168 -67.40 -23.65 -22.36
C ALA W 168 -67.08 -25.12 -22.18
N PRO W 169 -67.89 -25.85 -21.43
CA PRO W 169 -67.64 -27.29 -21.26
C PRO W 169 -67.61 -28.02 -22.58
N GLY W 170 -66.91 -29.16 -22.58
CA GLY W 170 -66.64 -29.87 -23.80
C GLY W 170 -65.63 -29.16 -24.68
N GLY W 171 -64.65 -28.49 -24.08
CA GLY W 171 -63.52 -27.93 -24.81
C GLY W 171 -63.81 -26.68 -25.57
N GLY W 172 -64.90 -25.99 -25.27
CA GLY W 172 -65.26 -24.77 -25.95
C GLY W 172 -66.35 -25.00 -26.99
N ASP W 173 -67.07 -23.94 -27.29
CA ASP W 173 -68.25 -24.00 -28.13
C ASP W 173 -68.74 -22.58 -28.31
N VAL W 174 -69.50 -22.34 -29.36
CA VAL W 174 -70.22 -21.08 -29.42
C VAL W 174 -71.36 -21.13 -28.40
N ARG W 175 -71.80 -19.94 -27.96
CA ARG W 175 -72.72 -19.87 -26.82
C ARG W 175 -73.36 -18.50 -26.68
N VAL W 176 -74.69 -18.48 -26.51
CA VAL W 176 -75.44 -17.26 -26.26
C VAL W 176 -75.23 -16.85 -24.81
N ILE W 177 -75.02 -15.55 -24.60
CA ILE W 177 -74.90 -14.96 -23.27
C ILE W 177 -76.26 -14.39 -22.90
N THR W 178 -76.79 -14.84 -21.78
CA THR W 178 -78.11 -14.42 -21.30
C THR W 178 -78.07 -13.66 -19.99
N ASN W 179 -77.02 -13.82 -19.20
CA ASN W 179 -76.82 -13.06 -17.97
C ASN W 179 -75.51 -12.28 -18.07
N PRO W 180 -75.48 -11.26 -18.93
CA PRO W 180 -74.36 -10.32 -18.89
C PRO W 180 -74.14 -9.84 -17.46
N THR W 181 -72.90 -9.53 -17.15
CA THR W 181 -72.61 -8.93 -15.86
C THR W 181 -72.85 -7.42 -15.90
N LEU W 182 -73.67 -6.93 -14.96
CA LEU W 182 -73.97 -5.51 -14.85
C LEU W 182 -73.56 -4.93 -13.53
N ASP W 183 -73.32 -5.77 -12.52
CA ASP W 183 -72.80 -5.24 -11.27
C ASP W 183 -71.65 -4.30 -11.60
N PRO W 184 -71.74 -3.01 -11.27
CA PRO W 184 -70.60 -2.13 -11.54
C PRO W 184 -69.40 -2.43 -10.66
N ARG W 185 -69.60 -3.16 -9.55
CA ARG W 185 -68.50 -3.54 -8.68
C ARG W 185 -67.56 -4.48 -9.41
N VAL W 186 -68.10 -5.36 -10.26
CA VAL W 186 -67.26 -6.20 -11.11
C VAL W 186 -66.75 -5.41 -12.30
N ILE W 187 -67.67 -4.81 -13.06
CA ILE W 187 -67.30 -4.16 -14.30
C ILE W 187 -66.20 -3.14 -14.06
N PHE W 188 -66.37 -2.30 -13.06
CA PHE W 188 -65.36 -1.29 -12.76
C PHE W 188 -64.34 -1.77 -11.75
N GLY W 189 -64.57 -2.92 -11.10
CA GLY W 189 -63.49 -3.52 -10.35
C GLY W 189 -62.29 -3.85 -11.22
N TYR W 190 -62.52 -4.23 -12.48
CA TYR W 190 -61.45 -4.54 -13.39
C TYR W 190 -60.52 -3.37 -13.59
N LEU W 191 -61.07 -2.16 -13.65
CA LEU W 191 -60.29 -0.97 -13.92
C LEU W 191 -59.39 -0.60 -12.75
N LEU W 192 -59.78 -1.00 -11.55
CA LEU W 192 -58.99 -0.74 -10.35
C LEU W 192 -58.01 -1.87 -10.03
N LYS W 193 -58.05 -2.99 -10.73
CA LYS W 193 -57.04 -4.00 -10.51
C LYS W 193 -55.67 -3.43 -10.87
N SER W 194 -54.66 -3.83 -10.11
CA SER W 194 -53.29 -3.52 -10.48
C SER W 194 -52.94 -4.17 -11.81
N PRO W 195 -52.12 -3.52 -12.63
CA PRO W 195 -51.61 -4.17 -13.85
C PRO W 195 -50.46 -5.14 -13.62
N PHE W 196 -50.14 -5.46 -12.38
CA PHE W 196 -48.99 -6.30 -12.07
C PHE W 196 -49.40 -7.75 -11.97
N GLY W 197 -48.36 -8.60 -11.93
CA GLY W 197 -48.55 -10.04 -12.02
C GLY W 197 -49.62 -10.54 -11.10
N GLY W 198 -50.44 -11.47 -11.59
CA GLY W 198 -51.52 -12.01 -10.82
C GLY W 198 -52.80 -11.18 -10.77
N GLU W 199 -52.79 -9.96 -11.35
CA GLU W 199 -53.93 -9.07 -11.29
C GLU W 199 -54.28 -8.68 -12.71
N GLY W 200 -53.33 -8.04 -13.40
CA GLY W 200 -53.46 -7.87 -14.83
C GLY W 200 -54.49 -6.89 -15.30
N TRP W 201 -55.00 -6.05 -14.40
CA TRP W 201 -55.88 -4.95 -14.80
C TRP W 201 -57.02 -5.53 -15.63
N ILE W 202 -57.39 -4.88 -16.74
CA ILE W 202 -58.54 -5.35 -17.51
C ILE W 202 -58.21 -6.47 -18.46
N VAL W 203 -56.91 -6.80 -18.60
CA VAL W 203 -56.43 -7.90 -19.44
C VAL W 203 -56.80 -9.24 -18.83
N SER W 204 -57.06 -9.26 -17.53
CA SER W 204 -57.44 -10.49 -16.86
C SER W 204 -58.90 -10.90 -17.06
N VAL W 205 -59.73 -10.13 -17.76
CA VAL W 205 -61.13 -10.55 -17.98
C VAL W 205 -61.16 -11.93 -18.65
N ASN W 206 -61.86 -12.87 -18.00
CA ASN W 206 -61.69 -14.28 -18.31
C ASN W 206 -63.02 -14.99 -18.50
N ASN W 207 -64.10 -14.26 -18.78
CA ASN W 207 -65.39 -14.88 -19.05
C ASN W 207 -66.22 -13.92 -19.89
N LEU W 208 -67.04 -14.50 -20.76
CA LEU W 208 -67.82 -13.71 -21.70
C LEU W 208 -68.89 -12.87 -21.02
N GLU W 209 -69.43 -13.33 -19.88
CA GLU W 209 -70.39 -12.52 -19.12
C GLU W 209 -69.82 -11.15 -18.77
N ASP W 210 -68.57 -11.12 -18.25
CA ASP W 210 -67.96 -9.82 -17.93
C ASP W 210 -67.71 -9.02 -19.20
N VAL W 211 -67.37 -9.69 -20.29
CA VAL W 211 -67.05 -8.98 -21.52
C VAL W 211 -68.29 -8.32 -22.09
N VAL W 212 -69.38 -9.09 -22.24
CA VAL W 212 -70.63 -8.54 -22.77
C VAL W 212 -71.14 -7.45 -21.86
N GLY W 213 -71.14 -7.70 -20.56
CA GLY W 213 -71.61 -6.68 -19.65
C GLY W 213 -70.83 -5.37 -19.77
N GLY W 214 -69.51 -5.46 -19.87
CA GLY W 214 -68.74 -4.24 -19.95
C GLY W 214 -69.05 -3.44 -21.20
N HIS W 215 -69.48 -4.13 -22.26
CA HIS W 215 -69.81 -3.45 -23.51
C HIS W 215 -71.20 -2.83 -23.46
N ILE W 216 -72.08 -3.36 -22.62
CA ILE W 216 -73.31 -2.65 -22.31
C ILE W 216 -72.97 -1.32 -21.64
N TRP W 217 -72.15 -1.36 -20.60
CA TRP W 217 -71.80 -0.12 -19.89
C TRP W 217 -71.17 0.88 -20.84
N ILE W 218 -70.17 0.43 -21.61
CA ILE W 218 -69.43 1.33 -22.48
C ILE W 218 -70.33 1.88 -23.58
N GLY W 219 -71.20 1.03 -24.16
CA GLY W 219 -72.14 1.55 -25.15
C GLY W 219 -73.02 2.64 -24.56
N LEU W 220 -73.60 2.38 -23.40
CA LEU W 220 -74.47 3.37 -22.81
C LEU W 220 -73.67 4.58 -22.34
N ILE W 221 -72.41 4.36 -21.99
CA ILE W 221 -71.59 5.47 -21.52
C ILE W 221 -71.26 6.39 -22.67
N CYS W 222 -70.90 5.82 -23.82
CA CYS W 222 -70.57 6.63 -24.98
C CYS W 222 -71.79 7.39 -25.49
N ILE W 223 -72.94 6.71 -25.60
CA ILE W 223 -74.12 7.40 -26.09
C ILE W 223 -74.44 8.59 -25.20
N ALA W 224 -74.20 8.47 -23.91
CA ALA W 224 -74.56 9.53 -22.98
C ALA W 224 -73.56 10.66 -23.02
N GLY W 225 -72.28 10.34 -23.19
CA GLY W 225 -71.31 11.37 -23.45
C GLY W 225 -71.54 12.03 -24.78
N GLY W 226 -71.99 11.28 -25.77
CA GLY W 226 -72.27 11.90 -27.05
C GLY W 226 -73.28 13.02 -26.87
N ILE W 227 -74.37 12.73 -26.15
CA ILE W 227 -75.42 13.72 -25.93
C ILE W 227 -74.88 14.88 -25.12
N TRP W 228 -74.23 14.55 -24.01
CA TRP W 228 -73.58 15.55 -23.18
C TRP W 228 -72.91 16.59 -24.06
N HIS W 229 -71.95 16.16 -24.88
CA HIS W 229 -71.10 17.10 -25.59
C HIS W 229 -71.86 17.81 -26.69
N ILE W 230 -72.81 17.11 -27.31
CA ILE W 230 -73.65 17.75 -28.31
C ILE W 230 -74.43 18.92 -27.68
N LEU W 231 -74.88 18.76 -26.44
CA LEU W 231 -75.63 19.81 -25.78
C LEU W 231 -74.79 20.82 -25.03
N THR W 232 -73.58 20.47 -24.61
CA THR W 232 -72.80 21.36 -23.77
C THR W 232 -71.67 22.03 -24.55
N THR W 233 -71.02 22.96 -23.86
CA THR W 233 -69.76 23.54 -24.28
C THR W 233 -68.75 23.45 -23.15
N PRO W 234 -67.46 23.34 -23.48
CA PRO W 234 -66.42 23.20 -22.45
C PRO W 234 -66.47 24.29 -21.38
N PHE W 235 -66.18 23.87 -20.14
CA PHE W 235 -66.26 24.74 -18.99
C PHE W 235 -65.00 25.59 -18.88
N GLY W 236 -65.05 26.55 -17.95
CA GLY W 236 -63.93 27.47 -17.78
C GLY W 236 -62.61 26.75 -17.55
N TRP W 237 -62.59 25.84 -16.57
CA TRP W 237 -61.37 25.12 -16.26
C TRP W 237 -60.80 24.38 -17.48
N ALA W 238 -61.66 23.77 -18.29
CA ALA W 238 -61.16 23.00 -19.43
C ALA W 238 -60.72 23.91 -20.56
N ARG W 239 -61.42 25.02 -20.79
CA ARG W 239 -60.97 25.99 -21.78
C ARG W 239 -59.54 26.43 -21.51
N ARG W 240 -59.23 26.73 -20.25
CA ARG W 240 -57.91 27.22 -19.89
C ARG W 240 -56.82 26.13 -19.88
N ALA W 241 -57.20 24.85 -19.88
CA ALA W 241 -56.21 23.80 -19.72
C ALA W 241 -55.71 23.26 -21.05
N PHE W 242 -56.48 23.38 -22.14
CA PHE W 242 -56.11 22.76 -23.40
C PHE W 242 -55.74 23.80 -24.46
N ILE W 243 -55.00 23.30 -25.44
CA ILE W 243 -54.80 23.99 -26.70
C ILE W 243 -55.96 23.61 -27.60
N TRP W 244 -56.50 24.59 -28.31
CA TRP W 244 -57.64 24.39 -29.19
C TRP W 244 -57.17 24.69 -30.60
N SER W 245 -56.68 23.65 -31.25
CA SER W 245 -56.19 23.75 -32.61
C SER W 245 -56.40 22.37 -33.19
N GLY W 246 -56.44 22.34 -34.52
CA GLY W 246 -56.53 21.06 -35.21
C GLY W 246 -55.35 20.15 -34.92
N GLU W 247 -54.14 20.72 -34.84
CA GLU W 247 -52.97 19.89 -34.54
C GLU W 247 -53.05 19.39 -33.11
N ALA W 248 -53.46 20.26 -32.18
CA ALA W 248 -53.59 19.82 -30.79
C ALA W 248 -54.57 18.66 -30.66
N TYR W 249 -55.73 18.72 -31.34
CA TYR W 249 -56.67 17.61 -31.26
C TYR W 249 -56.02 16.36 -31.83
N LEU W 250 -55.27 16.50 -32.93
CA LEU W 250 -54.51 15.40 -33.47
C LEU W 250 -53.58 14.79 -32.44
N SER W 251 -52.84 15.64 -31.72
CA SER W 251 -51.92 15.10 -30.72
C SER W 251 -52.66 14.37 -29.61
N TYR W 252 -53.83 14.88 -29.21
CA TYR W 252 -54.60 14.20 -28.18
C TYR W 252 -54.99 12.78 -28.62
N SER W 253 -55.36 12.62 -29.91
CA SER W 253 -55.79 11.30 -30.37
C SER W 253 -54.61 10.35 -30.54
N LEU W 254 -53.44 10.89 -30.89
CA LEU W 254 -52.24 10.06 -31.00
C LEU W 254 -51.84 9.52 -29.63
N GLY W 255 -51.88 10.38 -28.62
CA GLY W 255 -51.92 9.95 -27.23
C GLY W 255 -52.82 8.75 -26.95
N ALA W 256 -54.13 8.95 -27.06
CA ALA W 256 -55.09 7.86 -26.90
C ALA W 256 -54.69 6.62 -27.66
N LEU W 257 -54.43 6.75 -28.96
CA LEU W 257 -54.18 5.57 -29.77
C LEU W 257 -52.96 4.82 -29.27
N SER W 258 -51.92 5.54 -28.87
CA SER W 258 -50.72 4.88 -28.41
C SER W 258 -50.99 4.04 -27.19
N MET W 259 -51.64 4.64 -26.20
CA MET W 259 -52.01 3.90 -25.00
C MET W 259 -52.85 2.69 -25.36
N MET W 260 -53.74 2.83 -26.32
CA MET W 260 -54.58 1.71 -26.68
C MET W 260 -53.78 0.60 -27.34
N GLY W 261 -52.85 0.97 -28.23
CA GLY W 261 -52.01 -0.04 -28.88
C GLY W 261 -51.19 -0.84 -27.88
N PHE W 262 -50.69 -0.19 -26.83
CA PHE W 262 -49.93 -0.91 -25.82
C PHE W 262 -50.83 -1.89 -25.08
N ILE W 263 -52.04 -1.45 -24.74
CA ILE W 263 -52.99 -2.35 -24.10
C ILE W 263 -53.34 -3.51 -25.04
N ALA W 264 -53.62 -3.21 -26.30
CA ALA W 264 -53.83 -4.30 -27.25
C ALA W 264 -52.69 -5.30 -27.19
N THR W 265 -51.45 -4.79 -27.14
CA THR W 265 -50.30 -5.66 -27.18
C THR W 265 -50.31 -6.64 -26.02
N CYS W 266 -50.71 -6.19 -24.84
CA CYS W 266 -50.72 -7.09 -23.69
C CYS W 266 -51.95 -7.99 -23.68
N PHE W 267 -53.07 -7.49 -24.18
CA PHE W 267 -54.24 -8.33 -24.36
C PHE W 267 -53.91 -9.59 -25.16
N VAL W 268 -53.41 -9.40 -26.37
CA VAL W 268 -53.14 -10.56 -27.23
C VAL W 268 -52.02 -11.42 -26.67
N TRP W 269 -51.14 -10.87 -25.84
CA TRP W 269 -50.07 -11.70 -25.31
C TRP W 269 -50.53 -12.55 -24.12
N PHE W 270 -51.35 -11.99 -23.22
CA PHE W 270 -51.72 -12.70 -22.00
C PHE W 270 -53.13 -13.31 -22.01
N ASN W 271 -54.09 -12.72 -22.70
CA ASN W 271 -55.50 -13.12 -22.56
C ASN W 271 -55.86 -14.27 -23.48
N ASN W 272 -56.38 -15.35 -22.91
CA ASN W 272 -56.77 -16.49 -23.73
C ASN W 272 -58.30 -16.67 -23.76
N THR W 273 -59.02 -15.60 -23.43
CA THR W 273 -60.48 -15.58 -23.42
C THR W 273 -60.97 -14.95 -24.71
N VAL W 274 -60.78 -13.64 -24.93
CA VAL W 274 -61.14 -13.01 -26.22
C VAL W 274 -60.08 -13.22 -27.29
N TYR W 275 -59.02 -13.91 -26.97
CA TYR W 275 -58.07 -14.37 -27.97
C TYR W 275 -57.90 -15.83 -27.65
N PRO W 276 -58.83 -16.67 -28.11
CA PRO W 276 -58.81 -18.08 -27.72
C PRO W 276 -57.58 -18.75 -28.28
N SER W 277 -56.93 -19.56 -27.45
CA SER W 277 -55.73 -20.23 -27.89
C SER W 277 -56.03 -21.28 -28.96
N GLU W 278 -57.29 -21.75 -29.05
CA GLU W 278 -57.73 -22.60 -30.16
C GLU W 278 -57.47 -21.96 -31.50
N PHE W 279 -57.65 -20.64 -31.57
CA PHE W 279 -57.49 -19.88 -32.80
C PHE W 279 -56.15 -19.15 -32.92
N TYR W 280 -55.58 -18.71 -31.81
CA TYR W 280 -54.39 -17.87 -31.83
C TYR W 280 -53.12 -18.61 -31.42
N GLY W 281 -53.22 -19.88 -31.08
CA GLY W 281 -52.13 -20.59 -30.45
C GLY W 281 -52.07 -20.23 -28.98
N PRO W 282 -51.26 -20.97 -28.23
CA PRO W 282 -51.10 -20.71 -26.78
C PRO W 282 -50.38 -19.40 -26.48
N THR W 283 -50.72 -18.81 -25.32
CA THR W 283 -49.95 -17.72 -24.79
C THR W 283 -48.53 -18.22 -24.44
N GLY W 284 -47.65 -17.27 -24.21
CA GLY W 284 -46.30 -17.60 -23.77
C GLY W 284 -46.33 -18.29 -22.42
N PRO W 285 -47.06 -17.73 -21.46
CA PRO W 285 -47.21 -18.45 -20.18
C PRO W 285 -47.80 -19.82 -20.36
N GLU W 286 -48.72 -19.96 -21.32
CA GLU W 286 -49.50 -21.18 -21.45
C GLU W 286 -48.63 -22.34 -21.97
N ALA W 287 -47.95 -22.10 -23.08
CA ALA W 287 -46.94 -23.04 -23.60
C ALA W 287 -45.94 -23.45 -22.53
N SER W 288 -45.38 -22.49 -21.81
CA SER W 288 -44.41 -22.82 -20.76
C SER W 288 -45.04 -23.70 -19.68
N GLN W 289 -46.27 -23.39 -19.24
CA GLN W 289 -46.94 -24.28 -18.28
C GLN W 289 -47.19 -25.65 -18.91
N ALA W 290 -47.61 -25.66 -20.17
CA ALA W 290 -47.94 -26.90 -20.85
C ALA W 290 -46.77 -27.88 -20.87
N GLN W 291 -45.53 -27.36 -20.99
CA GLN W 291 -44.37 -28.25 -21.03
C GLN W 291 -44.17 -28.94 -19.68
N ALA W 292 -44.42 -28.22 -18.59
CA ALA W 292 -44.23 -28.85 -17.29
C ALA W 292 -45.24 -29.97 -17.12
N MET W 293 -46.45 -29.73 -17.58
CA MET W 293 -47.52 -30.71 -17.56
C MET W 293 -47.15 -31.95 -18.36
N THR W 294 -46.79 -31.76 -19.63
CA THR W 294 -46.29 -32.86 -20.46
C THR W 294 -45.30 -33.76 -19.76
N PHE W 295 -44.29 -33.20 -19.10
CA PHE W 295 -43.25 -34.07 -18.55
C PHE W 295 -43.63 -34.61 -17.19
N LEU W 296 -44.44 -33.87 -16.43
CA LEU W 296 -45.12 -34.48 -15.29
C LEU W 296 -45.88 -35.74 -15.73
N ILE W 297 -46.71 -35.60 -16.76
CA ILE W 297 -47.53 -36.73 -17.23
C ILE W 297 -46.67 -37.91 -17.59
N ARG W 298 -45.68 -37.68 -18.47
CA ARG W 298 -44.81 -38.75 -18.92
C ARG W 298 -44.10 -39.44 -17.77
N ASP W 299 -43.44 -38.67 -16.92
CA ASP W 299 -42.70 -39.28 -15.83
C ASP W 299 -43.66 -39.99 -14.87
N GLN W 300 -44.82 -39.39 -14.61
CA GLN W 300 -45.77 -40.10 -13.75
C GLN W 300 -46.15 -41.45 -14.35
N LYS W 301 -46.41 -41.52 -15.65
CA LYS W 301 -46.70 -42.84 -16.22
C LYS W 301 -45.56 -43.83 -16.00
N LEU W 302 -44.31 -43.36 -16.02
CA LEU W 302 -43.19 -44.28 -15.78
C LEU W 302 -43.12 -44.76 -14.35
N GLY W 303 -43.86 -44.13 -13.42
CA GLY W 303 -43.84 -44.52 -12.03
C GLY W 303 -43.28 -43.48 -11.06
N ALA W 304 -42.95 -42.29 -11.53
CA ALA W 304 -42.47 -41.23 -10.65
C ALA W 304 -43.61 -40.73 -9.76
N ASN W 305 -43.27 -40.50 -8.49
CA ASN W 305 -44.08 -39.75 -7.55
C ASN W 305 -43.76 -38.27 -7.65
N VAL W 306 -44.53 -37.53 -8.46
N VAL W 306 -44.56 -37.55 -8.43
CA VAL W 306 -44.15 -36.18 -8.84
CA VAL W 306 -44.22 -36.19 -8.85
C VAL W 306 -44.30 -35.18 -7.72
C VAL W 306 -44.36 -35.17 -7.74
N GLY W 307 -45.06 -35.52 -6.66
CA GLY W 307 -45.19 -34.60 -5.56
C GLY W 307 -43.98 -34.62 -4.65
N SER W 308 -43.30 -35.76 -4.56
CA SER W 308 -42.14 -35.84 -3.66
C SER W 308 -40.81 -35.76 -4.39
N ALA W 309 -40.82 -35.52 -5.71
CA ALA W 309 -39.56 -35.48 -6.47
C ALA W 309 -38.87 -34.16 -6.21
N GLN W 310 -37.83 -34.21 -5.42
CA GLN W 310 -36.96 -33.08 -5.17
C GLN W 310 -36.01 -32.88 -6.36
N GLY W 311 -36.12 -31.73 -7.03
CA GLY W 311 -35.18 -31.41 -8.11
C GLY W 311 -33.81 -30.96 -7.58
N PRO W 312 -32.90 -30.63 -8.49
CA PRO W 312 -31.49 -30.38 -8.10
C PRO W 312 -31.31 -29.23 -7.15
N THR W 313 -32.09 -28.18 -7.35
CA THR W 313 -32.02 -27.01 -6.48
C THR W 313 -32.55 -27.27 -5.08
N GLY W 314 -33.25 -28.38 -4.84
CA GLY W 314 -33.95 -28.61 -3.58
C GLY W 314 -35.44 -28.31 -3.69
N LEU W 315 -35.81 -27.46 -4.65
CA LEU W 315 -37.18 -27.29 -5.06
C LEU W 315 -37.70 -28.48 -5.84
N GLY W 316 -39.01 -28.68 -5.74
CA GLY W 316 -39.63 -29.78 -6.44
C GLY W 316 -39.37 -29.72 -7.93
N LYS W 317 -39.27 -30.89 -8.52
CA LYS W 317 -38.94 -30.98 -9.92
C LYS W 317 -40.13 -30.67 -10.79
N TYR W 318 -41.32 -31.07 -10.35
CA TYR W 318 -42.57 -30.85 -11.06
C TYR W 318 -43.50 -29.87 -10.35
N LEU W 319 -43.48 -29.85 -9.03
CA LEU W 319 -44.41 -29.11 -8.22
C LEU W 319 -43.64 -28.40 -7.13
N MET W 320 -44.04 -27.17 -6.86
CA MET W 320 -43.51 -26.35 -5.77
C MET W 320 -44.61 -25.38 -5.37
N ARG W 321 -44.32 -24.54 -4.38
CA ARG W 321 -45.23 -23.50 -3.94
C ARG W 321 -44.86 -22.15 -4.54
N SER W 322 -45.89 -21.40 -4.92
CA SER W 322 -45.79 -19.98 -5.23
C SER W 322 -45.44 -19.28 -3.94
N PRO W 323 -45.08 -17.99 -3.99
CA PRO W 323 -44.74 -17.30 -2.74
C PRO W 323 -45.91 -17.12 -1.78
N THR W 324 -47.18 -17.23 -2.23
CA THR W 324 -48.32 -17.25 -1.30
C THR W 324 -48.81 -18.68 -1.01
N GLY W 325 -48.06 -19.70 -1.45
CA GLY W 325 -48.21 -21.06 -1.02
C GLY W 325 -48.98 -21.98 -1.96
N GLU W 326 -49.55 -21.47 -3.03
CA GLU W 326 -50.32 -22.30 -3.93
C GLU W 326 -49.42 -23.37 -4.56
N ILE W 327 -49.96 -24.59 -4.74
CA ILE W 327 -49.22 -25.59 -5.48
C ILE W 327 -49.21 -25.20 -6.95
N ILE W 328 -48.01 -25.17 -7.54
CA ILE W 328 -47.79 -24.72 -8.91
C ILE W 328 -46.74 -25.59 -9.60
N PHE W 329 -46.70 -25.49 -10.93
CA PHE W 329 -45.68 -26.25 -11.65
C PHE W 329 -44.30 -25.70 -11.33
N GLY W 330 -43.31 -26.60 -11.31
CA GLY W 330 -41.92 -26.26 -10.99
C GLY W 330 -41.03 -25.87 -12.19
N GLY W 331 -39.76 -25.65 -11.86
CA GLY W 331 -38.82 -25.22 -12.88
C GLY W 331 -39.03 -23.76 -13.17
N GLU W 332 -38.50 -23.34 -14.31
N GLU W 332 -38.51 -23.31 -14.33
CA GLU W 332 -38.52 -21.91 -14.63
CA GLU W 332 -38.59 -21.87 -14.68
C GLU W 332 -39.94 -21.39 -14.74
C GLU W 332 -40.02 -21.38 -14.74
N THR W 333 -40.89 -22.26 -15.14
N THR W 333 -40.97 -22.28 -15.03
CA THR W 333 -42.29 -21.89 -15.29
CA THR W 333 -42.35 -21.89 -15.25
C THR W 333 -42.94 -21.38 -14.01
C THR W 333 -42.98 -21.37 -13.96
N MET W 334 -42.22 -21.46 -12.89
N MET W 334 -42.24 -21.45 -12.84
CA MET W 334 -42.72 -20.86 -11.65
CA MET W 334 -42.67 -20.86 -11.59
C MET W 334 -43.16 -19.42 -11.83
C MET W 334 -43.08 -19.40 -11.75
N ARG W 335 -42.53 -18.69 -12.76
N ARG W 335 -42.53 -18.69 -12.75
CA ARG W 335 -42.94 -17.31 -13.03
CA ARG W 335 -42.97 -17.32 -13.01
C ARG W 335 -44.34 -17.21 -13.65
C ARG W 335 -44.37 -17.25 -13.61
N PHE W 336 -44.86 -18.32 -14.22
N PHE W 336 -44.86 -18.32 -14.23
CA PHE W 336 -46.09 -18.29 -14.98
CA PHE W 336 -46.11 -18.25 -14.98
C PHE W 336 -47.25 -18.95 -14.24
C PHE W 336 -47.30 -18.86 -14.23
N TRP W 337 -47.19 -19.05 -12.92
CA TRP W 337 -48.23 -19.77 -12.21
C TRP W 337 -49.57 -19.06 -12.19
N ASP W 338 -49.64 -17.79 -12.62
CA ASP W 338 -50.85 -17.01 -12.75
C ASP W 338 -51.66 -17.42 -13.95
N PHE W 339 -51.08 -18.23 -14.85
CA PHE W 339 -51.77 -18.71 -16.02
C PHE W 339 -53.08 -19.42 -15.62
N ARG W 340 -54.12 -19.17 -16.38
CA ARG W 340 -55.34 -19.93 -16.24
C ARG W 340 -55.83 -20.27 -17.63
N GLY W 341 -56.12 -21.55 -17.83
CA GLY W 341 -56.71 -22.02 -19.06
C GLY W 341 -57.60 -23.23 -18.87
N PRO W 342 -58.51 -23.44 -19.83
CA PRO W 342 -59.55 -24.49 -19.64
C PRO W 342 -58.96 -25.86 -19.55
N TRP W 343 -57.85 -26.12 -20.24
CA TRP W 343 -57.23 -27.44 -20.19
C TRP W 343 -56.59 -27.69 -18.84
N LEU W 344 -56.25 -26.64 -18.08
CA LEU W 344 -55.53 -26.87 -16.83
C LEU W 344 -56.40 -26.74 -15.58
N GLU W 345 -57.38 -25.84 -15.59
CA GLU W 345 -58.22 -25.60 -14.41
C GLU W 345 -58.87 -26.84 -13.80
N PRO W 346 -59.16 -27.92 -14.54
CA PRO W 346 -59.72 -29.11 -13.85
C PRO W 346 -58.77 -29.75 -12.86
N LEU W 347 -57.47 -29.57 -12.98
CA LEU W 347 -56.58 -30.10 -11.97
C LEU W 347 -56.47 -29.21 -10.75
N ARG W 348 -57.14 -28.07 -10.75
CA ARG W 348 -56.97 -27.09 -9.70
C ARG W 348 -57.89 -27.45 -8.53
N GLY W 349 -57.34 -27.37 -7.32
CA GLY W 349 -58.09 -27.48 -6.09
C GLY W 349 -58.06 -26.14 -5.37
N PRO W 350 -58.52 -26.10 -4.12
CA PRO W 350 -58.47 -24.84 -3.37
C PRO W 350 -57.07 -24.34 -3.06
N ASN W 351 -56.11 -25.23 -2.80
CA ASN W 351 -54.73 -24.83 -2.50
C ASN W 351 -53.84 -24.83 -3.75
N GLY W 352 -54.42 -24.87 -4.95
CA GLY W 352 -53.64 -24.87 -6.17
C GLY W 352 -53.79 -26.20 -6.87
N LEU W 353 -52.80 -26.61 -7.66
CA LEU W 353 -52.86 -27.93 -8.27
C LEU W 353 -53.05 -28.99 -7.19
N ASP W 354 -53.81 -30.01 -7.53
CA ASP W 354 -54.26 -31.01 -6.57
C ASP W 354 -53.62 -32.32 -6.96
N LEU W 355 -52.83 -32.88 -6.04
CA LEU W 355 -52.03 -34.06 -6.37
C LEU W 355 -52.90 -35.28 -6.61
N ASN W 356 -54.03 -35.38 -5.93
CA ASN W 356 -54.91 -36.51 -6.20
C ASN W 356 -55.48 -36.42 -7.60
N LYS W 357 -55.89 -35.22 -8.02
CA LYS W 357 -56.37 -35.06 -9.39
C LYS W 357 -55.24 -35.28 -10.38
N ILE W 358 -54.01 -34.90 -10.01
CA ILE W 358 -52.87 -35.18 -10.86
C ILE W 358 -52.62 -36.67 -10.96
N LYS W 359 -52.65 -37.37 -9.84
CA LYS W 359 -52.45 -38.82 -9.89
C LYS W 359 -53.57 -39.55 -10.64
N ASN W 360 -54.80 -39.03 -10.62
CA ASN W 360 -55.95 -39.84 -11.07
C ASN W 360 -56.67 -39.32 -12.32
N ASP W 361 -56.86 -38.00 -12.44
CA ASP W 361 -57.94 -37.44 -13.26
C ASP W 361 -57.49 -36.79 -14.55
N ILE W 362 -56.22 -36.89 -14.92
CA ILE W 362 -55.78 -36.32 -16.19
C ILE W 362 -56.30 -37.19 -17.33
N GLN W 363 -57.07 -36.59 -18.23
CA GLN W 363 -57.62 -37.23 -19.40
C GLN W 363 -56.67 -37.09 -20.58
N PRO W 364 -56.80 -37.96 -21.58
CA PRO W 364 -55.99 -37.80 -22.79
C PRO W 364 -56.19 -36.49 -23.52
N TRP W 365 -57.35 -35.84 -23.38
CA TRP W 365 -57.49 -34.59 -24.10
C TRP W 365 -56.58 -33.51 -23.52
N GLN W 366 -56.28 -33.60 -22.23
CA GLN W 366 -55.36 -32.65 -21.61
C GLN W 366 -53.92 -32.93 -22.02
N GLU W 367 -53.55 -34.21 -22.11
CA GLU W 367 -52.20 -34.56 -22.55
C GLU W 367 -51.99 -34.07 -23.97
N ARG W 368 -53.02 -34.19 -24.81
CA ARG W 368 -52.96 -33.72 -26.17
C ARG W 368 -52.80 -32.21 -26.24
N ARG W 369 -53.67 -31.48 -25.55
CA ARG W 369 -53.61 -30.02 -25.61
CA ARG W 369 -53.61 -30.02 -25.63
C ARG W 369 -52.28 -29.53 -25.07
N ALA W 370 -51.83 -30.11 -23.97
CA ALA W 370 -50.59 -29.67 -23.35
C ALA W 370 -49.42 -29.94 -24.28
N ALA W 371 -49.43 -31.07 -24.98
CA ALA W 371 -48.38 -31.39 -25.95
C ALA W 371 -48.45 -30.48 -27.18
N GLU W 372 -49.65 -30.30 -27.73
CA GLU W 372 -49.90 -29.31 -28.79
C GLU W 372 -49.39 -27.92 -28.40
N TYR W 373 -49.69 -27.48 -27.20
CA TYR W 373 -49.41 -26.10 -26.87
C TYR W 373 -47.93 -25.88 -26.59
N MET W 374 -47.29 -26.86 -25.95
CA MET W 374 -45.86 -26.79 -25.70
C MET W 374 -45.06 -26.71 -26.99
N THR W 375 -45.51 -27.41 -28.06
CA THR W 375 -44.84 -27.43 -29.35
C THR W 375 -45.36 -26.34 -30.30
N HIS W 376 -46.17 -25.41 -29.81
CA HIS W 376 -46.60 -24.23 -30.56
C HIS W 376 -46.41 -23.00 -29.71
N ALA W 377 -45.42 -23.06 -28.83
CA ALA W 377 -45.04 -21.93 -28.03
C ALA W 377 -44.77 -20.73 -28.92
N PRO W 378 -45.07 -19.51 -28.48
CA PRO W 378 -44.88 -18.38 -29.41
C PRO W 378 -43.44 -17.91 -29.43
N LEU W 379 -42.57 -18.77 -30.02
CA LEU W 379 -41.17 -18.46 -30.29
C LEU W 379 -40.86 -18.84 -31.73
N GLY W 380 -40.16 -17.95 -32.41
CA GLY W 380 -39.82 -18.16 -33.80
C GLY W 380 -39.06 -16.97 -34.33
N SER W 381 -38.49 -17.15 -35.51
CA SER W 381 -37.56 -16.19 -36.10
C SER W 381 -38.30 -15.32 -37.11
N LEU W 382 -37.69 -14.17 -37.40
CA LEU W 382 -38.33 -13.22 -38.29
C LEU W 382 -38.70 -13.85 -39.62
N ASN W 383 -37.87 -14.77 -40.13
CA ASN W 383 -38.19 -15.51 -41.34
C ASN W 383 -38.97 -16.81 -41.06
N SER W 384 -39.62 -16.90 -39.89
CA SER W 384 -40.65 -17.89 -39.57
C SER W 384 -40.08 -19.29 -39.42
N VAL W 385 -38.86 -19.41 -38.94
CA VAL W 385 -38.45 -20.69 -38.38
C VAL W 385 -39.00 -20.75 -36.97
N GLY W 386 -39.78 -21.78 -36.70
CA GLY W 386 -40.36 -21.94 -35.39
C GLY W 386 -39.39 -22.57 -34.41
N GLY W 387 -39.48 -22.08 -33.18
CA GLY W 387 -38.73 -22.60 -32.05
C GLY W 387 -37.82 -21.54 -31.49
N VAL W 388 -36.97 -21.99 -30.56
CA VAL W 388 -35.89 -21.18 -30.00
C VAL W 388 -34.89 -20.83 -31.10
N ALA W 389 -34.00 -19.90 -30.79
CA ALA W 389 -33.13 -19.29 -31.78
C ALA W 389 -32.07 -20.26 -32.27
N THR W 390 -31.75 -21.29 -31.49
CA THR W 390 -30.81 -22.33 -31.89
C THR W 390 -31.47 -23.47 -32.65
N GLU W 391 -32.71 -23.37 -33.03
CA GLU W 391 -33.39 -24.48 -33.67
CA GLU W 391 -33.38 -24.48 -33.68
C GLU W 391 -33.00 -24.54 -35.15
N ILE W 392 -32.96 -25.76 -35.69
CA ILE W 392 -32.70 -25.88 -37.11
C ILE W 392 -33.97 -25.57 -37.90
N ASN W 393 -33.79 -25.24 -39.17
CA ASN W 393 -34.87 -25.12 -40.13
C ASN W 393 -35.64 -26.43 -40.25
N SER W 394 -36.95 -26.29 -40.49
CA SER W 394 -37.90 -27.41 -40.64
C SER W 394 -39.33 -26.95 -40.41
N VAL W 395 -39.60 -26.36 -39.24
CA VAL W 395 -40.93 -25.89 -38.84
C VAL W 395 -41.12 -24.45 -39.29
N ASN W 396 -42.16 -24.20 -40.08
CA ASN W 396 -42.47 -22.88 -40.63
C ASN W 396 -43.58 -22.26 -39.80
N PHE W 397 -43.22 -21.59 -38.69
CA PHE W 397 -44.22 -21.16 -37.72
C PHE W 397 -43.74 -19.95 -36.93
N VAL W 398 -44.57 -18.90 -36.91
CA VAL W 398 -44.48 -17.87 -35.88
C VAL W 398 -45.89 -17.59 -35.37
N SER W 399 -46.06 -17.61 -34.06
CA SER W 399 -47.38 -17.49 -33.44
C SER W 399 -48.10 -16.22 -33.86
N PRO W 400 -49.39 -16.30 -34.23
CA PRO W 400 -50.19 -15.07 -34.38
C PRO W 400 -50.03 -14.11 -33.20
N ARG W 401 -49.87 -14.65 -31.99
CA ARG W 401 -49.72 -13.80 -30.82
C ARG W 401 -48.43 -12.97 -30.91
N SER W 402 -47.34 -13.55 -31.42
CA SER W 402 -46.11 -12.76 -31.61
C SER W 402 -46.30 -11.71 -32.69
N TRP W 403 -46.92 -12.09 -33.80
CA TRP W 403 -47.12 -11.15 -34.89
C TRP W 403 -47.93 -9.96 -34.42
N LEU W 404 -49.03 -10.21 -33.70
CA LEU W 404 -49.93 -9.15 -33.30
C LEU W 404 -49.33 -8.29 -32.18
N ALA W 405 -48.67 -8.90 -31.22
CA ALA W 405 -48.08 -8.13 -30.13
C ALA W 405 -46.91 -7.27 -30.64
N THR W 406 -46.04 -7.84 -31.47
CA THR W 406 -44.91 -7.05 -31.95
C THR W 406 -45.39 -5.89 -32.81
N SER W 407 -46.27 -6.17 -33.77
CA SER W 407 -46.71 -5.10 -34.67
C SER W 407 -47.28 -3.94 -33.90
N HIS W 408 -48.11 -4.24 -32.89
CA HIS W 408 -48.81 -3.21 -32.17
C HIS W 408 -47.96 -2.57 -31.07
N PHE W 409 -46.88 -3.22 -30.61
CA PHE W 409 -45.93 -2.46 -29.80
C PHE W 409 -45.27 -1.38 -30.64
N VAL W 410 -44.71 -1.79 -31.77
CA VAL W 410 -44.06 -0.87 -32.71
C VAL W 410 -45.00 0.27 -33.05
N LEU W 411 -46.24 -0.06 -33.42
CA LEU W 411 -47.20 0.98 -33.78
C LEU W 411 -47.54 1.89 -32.60
N ALA W 412 -47.80 1.31 -31.43
CA ALA W 412 -48.08 2.16 -30.26
C ALA W 412 -46.90 3.08 -29.92
N PHE W 413 -45.66 2.59 -30.06
CA PHE W 413 -44.51 3.40 -29.73
C PHE W 413 -44.43 4.61 -30.63
N PHE W 414 -44.46 4.38 -31.93
CA PHE W 414 -44.33 5.52 -32.84
C PHE W 414 -45.46 6.47 -32.69
N PHE W 415 -46.60 6.00 -32.19
CA PHE W 415 -47.71 6.92 -32.04
C PHE W 415 -47.56 7.78 -30.78
N LEU W 416 -46.88 7.29 -29.75
CA LEU W 416 -46.47 8.19 -28.67
C LEU W 416 -45.51 9.27 -29.17
N VAL W 417 -44.54 8.89 -30.02
CA VAL W 417 -43.61 9.85 -30.60
C VAL W 417 -44.37 10.92 -31.37
N GLY W 418 -45.28 10.49 -32.24
CA GLY W 418 -46.19 11.44 -32.89
C GLY W 418 -46.92 12.33 -31.90
N HIS W 419 -47.36 11.78 -30.77
CA HIS W 419 -48.03 12.62 -29.78
C HIS W 419 -47.11 13.74 -29.30
N LEU W 420 -45.91 13.38 -28.85
CA LEU W 420 -44.94 14.38 -28.43
C LEU W 420 -44.63 15.38 -29.56
N TRP W 421 -44.33 14.89 -30.76
CA TRP W 421 -44.09 15.80 -31.89
C TRP W 421 -45.23 16.81 -32.01
N HIS W 422 -46.47 16.32 -32.20
CA HIS W 422 -47.56 17.23 -32.53
C HIS W 422 -48.08 18.01 -31.32
N ALA W 423 -47.96 17.46 -30.11
CA ALA W 423 -48.37 18.24 -28.94
C ALA W 423 -47.39 19.40 -28.73
N GLY W 424 -46.11 19.08 -28.61
CA GLY W 424 -45.10 20.14 -28.54
C GLY W 424 -45.27 21.17 -29.61
N ARG W 425 -45.43 20.74 -30.87
CA ARG W 425 -45.57 21.70 -31.95
C ARG W 425 -46.84 22.54 -31.78
N ALA W 426 -47.97 21.88 -31.46
CA ALA W 426 -49.21 22.62 -31.22
C ALA W 426 -49.02 23.72 -30.18
N ARG W 427 -48.36 23.39 -29.06
CA ARG W 427 -48.10 24.38 -28.02
C ARG W 427 -47.28 25.52 -28.57
N ALA W 428 -46.14 25.18 -29.18
CA ALA W 428 -45.29 26.15 -29.86
C ALA W 428 -46.10 27.02 -30.82
N ALA W 429 -46.89 26.39 -31.68
CA ALA W 429 -47.62 27.17 -32.68
C ALA W 429 -48.70 28.04 -32.05
N ALA W 430 -49.36 27.56 -30.99
CA ALA W 430 -50.35 28.40 -30.33
C ALA W 430 -49.70 29.63 -29.69
N ALA W 431 -48.48 29.47 -29.14
CA ALA W 431 -47.78 30.63 -28.59
C ALA W 431 -47.00 31.42 -29.61
N GLY W 432 -46.91 30.95 -30.85
CA GLY W 432 -46.22 31.67 -31.90
C GLY W 432 -44.69 31.63 -31.93
N PHE W 433 -44.06 30.49 -31.59
CA PHE W 433 -42.63 30.39 -31.80
C PHE W 433 -42.24 29.04 -32.39
N GLU W 434 -43.16 28.43 -33.12
CA GLU W 434 -42.90 27.15 -33.77
C GLU W 434 -41.93 27.31 -34.94
N LYS W 435 -41.81 28.50 -35.48
CA LYS W 435 -40.93 28.73 -36.61
C LYS W 435 -39.56 29.19 -36.17
N GLY W 436 -39.41 29.54 -34.90
CA GLY W 436 -38.13 29.79 -34.29
C GLY W 436 -38.20 30.94 -33.34
N ILE W 437 -37.02 31.35 -32.84
CA ILE W 437 -36.91 32.42 -31.86
C ILE W 437 -36.80 33.76 -32.58
N ASP W 438 -37.44 34.77 -32.00
CA ASP W 438 -37.43 36.12 -32.54
C ASP W 438 -36.16 36.83 -32.09
N ARG W 439 -35.25 37.07 -33.03
CA ARG W 439 -34.00 37.78 -32.71
C ARG W 439 -34.27 39.10 -31.99
N GLU W 440 -35.37 39.77 -32.31
CA GLU W 440 -35.69 41.10 -31.80
C GLU W 440 -36.28 41.09 -30.39
N SER W 441 -36.59 39.92 -29.85
CA SER W 441 -37.19 39.86 -28.52
C SER W 441 -36.88 38.52 -27.88
N GLU W 442 -35.66 38.06 -28.05
CA GLU W 442 -35.30 36.73 -27.65
C GLU W 442 -35.55 36.56 -26.16
N PRO W 443 -36.47 35.71 -25.77
CA PRO W 443 -36.93 35.74 -24.36
C PRO W 443 -35.79 35.63 -23.33
N VAL W 444 -34.81 34.76 -23.55
CA VAL W 444 -33.75 34.59 -22.55
C VAL W 444 -32.99 35.88 -22.32
N LEU W 445 -32.81 36.71 -23.36
CA LEU W 445 -32.05 37.94 -23.20
C LEU W 445 -32.69 38.90 -22.22
N SER W 446 -33.94 38.67 -21.82
CA SER W 446 -34.65 39.52 -20.87
C SER W 446 -34.79 38.87 -19.53
N MET W 447 -34.17 37.76 -19.34
CA MET W 447 -34.18 37.08 -18.07
C MET W 447 -32.88 37.34 -17.33
N PRO W 448 -32.90 37.41 -16.01
CA PRO W 448 -31.66 37.50 -15.27
C PRO W 448 -30.81 36.25 -15.49
N SER W 449 -29.50 36.44 -15.44
CA SER W 449 -28.55 35.32 -15.47
C SER W 449 -28.77 34.40 -14.29
N LEU W 450 -28.53 33.09 -14.52
CA LEU W 450 -28.64 32.08 -13.47
C LEU W 450 -27.55 32.23 -12.42
N ASP W 451 -26.51 32.99 -12.73
CA ASP W 451 -25.34 33.14 -11.87
C ASP W 451 -24.47 34.24 -12.43
N ARG X 1 7.83 25.02 -68.11
CA ARG X 1 7.08 24.26 -67.12
C ARG X 1 7.43 22.80 -67.20
N GLY X 2 8.19 22.29 -66.22
CA GLY X 2 8.57 20.90 -66.20
C GLY X 2 7.41 19.94 -66.37
N TRP X 3 7.69 18.68 -66.73
CA TRP X 3 6.60 17.73 -66.92
C TRP X 3 5.93 17.35 -65.60
N PHE X 4 6.70 17.39 -64.50
CA PHE X 4 6.12 17.17 -63.19
C PHE X 4 5.05 18.20 -62.88
N ASP X 5 5.32 19.45 -63.23
CA ASP X 5 4.38 20.53 -62.92
C ASP X 5 3.15 20.46 -63.80
N ILE X 6 3.30 19.97 -65.04
CA ILE X 6 2.14 19.80 -65.91
C ILE X 6 1.28 18.64 -65.42
N LEU X 7 1.91 17.57 -64.94
CA LEU X 7 1.15 16.46 -64.36
C LEU X 7 0.45 16.90 -63.09
N ASP X 8 1.14 17.70 -62.27
CA ASP X 8 0.54 18.28 -61.08
C ASP X 8 -0.71 19.06 -61.42
N ASP X 9 -0.61 19.98 -62.39
CA ASP X 9 -1.76 20.77 -62.82
C ASP X 9 -2.95 19.88 -63.14
N TRP X 10 -2.73 18.86 -63.95
CA TRP X 10 -3.85 18.07 -64.42
C TRP X 10 -4.46 17.25 -63.29
N LEU X 11 -3.63 16.79 -62.35
CA LEU X 11 -4.10 15.95 -61.26
C LEU X 11 -4.87 16.76 -60.23
N LYS X 12 -4.61 18.04 -60.15
CA LYS X 12 -5.28 18.93 -59.22
C LYS X 12 -6.29 19.82 -59.94
N ARG X 13 -6.79 19.36 -61.09
CA ARG X 13 -7.85 20.10 -61.77
C ARG X 13 -9.15 20.04 -60.97
N ASP X 14 -9.90 21.13 -60.99
CA ASP X 14 -11.22 21.19 -60.37
C ASP X 14 -12.18 20.45 -61.28
N ARG X 15 -12.52 19.22 -60.90
CA ARG X 15 -13.46 18.43 -61.69
C ARG X 15 -14.56 17.86 -60.80
N PHE X 16 -15.40 16.99 -61.34
CA PHE X 16 -16.49 16.46 -60.53
C PHE X 16 -15.95 15.54 -59.45
N VAL X 17 -14.95 14.74 -59.79
CA VAL X 17 -14.28 13.88 -58.81
C VAL X 17 -12.82 14.32 -58.81
N PHE X 18 -12.44 15.05 -57.77
CA PHE X 18 -11.05 15.44 -57.58
C PHE X 18 -10.16 14.19 -57.53
N VAL X 19 -9.02 14.26 -58.21
CA VAL X 19 -8.11 13.12 -58.27
C VAL X 19 -6.99 13.42 -57.30
N GLY X 20 -5.96 14.11 -57.77
CA GLY X 20 -4.80 14.42 -56.97
C GLY X 20 -3.72 13.38 -57.12
N TRP X 21 -2.57 13.70 -56.53
CA TRP X 21 -1.53 12.69 -56.39
C TRP X 21 -2.02 11.51 -55.56
N SER X 22 -2.68 11.78 -54.44
CA SER X 22 -3.14 10.71 -53.57
C SER X 22 -4.10 9.78 -54.31
N GLY X 23 -4.82 10.32 -55.29
CA GLY X 23 -5.68 9.48 -56.10
C GLY X 23 -4.97 8.29 -56.70
N ILE X 24 -3.71 8.47 -57.12
CA ILE X 24 -2.94 7.41 -57.75
C ILE X 24 -2.79 6.22 -56.83
N LEU X 25 -2.72 6.45 -55.54
CA LEU X 25 -2.81 5.36 -54.56
C LEU X 25 -4.26 4.96 -54.22
N LEU X 26 -5.15 5.93 -54.09
CA LEU X 26 -6.48 5.68 -53.53
C LEU X 26 -7.42 4.94 -54.49
N PHE X 27 -7.67 5.51 -55.66
CA PHE X 27 -8.65 4.93 -56.57
C PHE X 27 -8.35 3.49 -56.95
N PRO X 28 -7.12 3.08 -57.29
CA PRO X 28 -6.89 1.66 -57.61
C PRO X 28 -7.07 0.74 -56.42
N CYS X 29 -6.52 1.09 -55.27
CA CYS X 29 -6.59 0.18 -54.14
C CYS X 29 -8.02 0.10 -53.61
N ALA X 30 -8.75 1.22 -53.56
CA ALA X 30 -10.13 1.19 -53.08
C ALA X 30 -11.02 0.38 -54.02
N TYR X 31 -10.94 0.67 -55.32
CA TYR X 31 -11.69 -0.11 -56.30
C TYR X 31 -11.47 -1.61 -56.14
N LEU X 32 -10.21 -2.03 -55.85
CA LEU X 32 -9.91 -3.45 -55.81
C LEU X 32 -10.29 -4.12 -54.50
N ALA X 33 -10.23 -3.40 -53.37
CA ALA X 33 -10.83 -3.91 -52.15
C ALA X 33 -12.32 -4.16 -52.35
N LEU X 34 -13.04 -3.12 -52.78
CA LEU X 34 -14.45 -3.24 -53.10
C LEU X 34 -14.71 -4.37 -54.06
N GLY X 35 -14.02 -4.34 -55.19
CA GLY X 35 -14.29 -5.28 -56.26
C GLY X 35 -14.00 -6.69 -55.84
N GLY X 36 -12.99 -6.87 -55.01
CA GLY X 36 -12.66 -8.21 -54.58
C GLY X 36 -13.63 -8.69 -53.54
N TRP X 37 -14.21 -7.77 -52.76
CA TRP X 37 -15.27 -8.15 -51.84
C TRP X 37 -16.52 -8.57 -52.61
N LEU X 38 -17.01 -7.71 -53.49
CA LEU X 38 -18.15 -8.09 -54.32
C LEU X 38 -17.87 -9.39 -55.06
N THR X 39 -16.68 -9.54 -55.60
CA THR X 39 -16.44 -10.74 -56.40
C THR X 39 -16.46 -11.99 -55.53
N GLY X 40 -15.94 -11.91 -54.33
CA GLY X 40 -15.77 -13.10 -53.54
C GLY X 40 -17.04 -13.49 -52.83
N THR X 41 -17.79 -12.48 -52.35
CA THR X 41 -19.09 -12.77 -51.76
C THR X 41 -20.08 -13.27 -52.82
N THR X 42 -19.90 -12.86 -54.09
CA THR X 42 -20.82 -13.32 -55.14
C THR X 42 -20.47 -14.72 -55.62
N PHE X 43 -19.18 -15.04 -55.79
CA PHE X 43 -18.81 -16.22 -56.54
C PHE X 43 -17.93 -17.22 -55.80
N VAL X 44 -17.22 -16.83 -54.72
CA VAL X 44 -16.17 -17.66 -54.17
C VAL X 44 -16.63 -18.35 -52.88
N THR X 45 -16.16 -19.58 -52.70
CA THR X 45 -16.42 -20.44 -51.56
C THR X 45 -15.38 -20.22 -50.46
N SER X 46 -15.59 -20.92 -49.33
CA SER X 46 -14.69 -21.02 -48.19
C SER X 46 -14.59 -22.48 -47.80
N TRP X 47 -14.86 -23.34 -48.77
CA TRP X 47 -14.98 -24.76 -48.51
C TRP X 47 -13.64 -25.38 -48.10
N TYR X 48 -12.54 -25.08 -48.84
CA TYR X 48 -11.25 -25.71 -48.54
C TYR X 48 -10.54 -25.02 -47.38
N THR X 49 -10.86 -23.78 -47.07
CA THR X 49 -10.23 -23.08 -45.96
C THR X 49 -10.98 -23.22 -44.64
N HIS X 50 -12.31 -23.38 -44.69
CA HIS X 50 -13.18 -23.29 -43.52
C HIS X 50 -14.26 -24.37 -43.43
N GLY X 51 -14.60 -25.07 -44.50
CA GLY X 51 -15.73 -25.99 -44.47
C GLY X 51 -17.06 -25.25 -44.52
N LEU X 52 -17.10 -24.17 -45.28
CA LEU X 52 -18.25 -23.28 -45.26
C LEU X 52 -18.52 -22.79 -46.67
N ALA X 53 -19.81 -22.58 -46.96
CA ALA X 53 -20.23 -21.83 -48.13
C ALA X 53 -20.25 -20.36 -47.77
N SER X 54 -20.05 -19.51 -48.75
CA SER X 54 -19.78 -18.11 -48.41
C SER X 54 -20.12 -17.18 -49.58
N SER X 55 -20.77 -17.72 -50.60
CA SER X 55 -21.10 -16.90 -51.76
C SER X 55 -22.58 -17.05 -52.13
N TYR X 56 -23.09 -16.04 -52.84
CA TYR X 56 -24.42 -16.15 -53.42
C TYR X 56 -24.51 -17.39 -54.29
N LEU X 57 -23.46 -17.63 -55.08
CA LEU X 57 -23.42 -18.76 -55.97
C LEU X 57 -23.79 -20.03 -55.23
N GLU X 58 -23.33 -20.16 -53.99
CA GLU X 58 -23.60 -21.36 -53.24
C GLU X 58 -24.93 -21.31 -52.51
N GLY X 59 -25.65 -20.20 -52.66
CA GLY X 59 -26.92 -20.01 -51.95
C GLY X 59 -26.86 -19.24 -50.66
N CYS X 60 -25.78 -18.51 -50.38
CA CYS X 60 -25.79 -17.67 -49.21
C CYS X 60 -26.56 -16.38 -49.53
N ASN X 61 -27.03 -15.73 -48.47
CA ASN X 61 -27.68 -14.44 -48.62
C ASN X 61 -26.73 -13.33 -48.18
N PHE X 62 -27.19 -12.10 -48.30
CA PHE X 62 -26.31 -10.98 -47.98
C PHE X 62 -25.80 -11.02 -46.53
N LEU X 63 -26.53 -11.64 -45.59
CA LEU X 63 -25.99 -11.69 -44.24
C LEU X 63 -24.87 -12.74 -44.10
N THR X 64 -24.92 -13.85 -44.84
CA THR X 64 -24.05 -14.99 -44.57
C THR X 64 -22.92 -15.12 -45.60
N VAL X 65 -22.94 -14.32 -46.66
CA VAL X 65 -21.78 -14.30 -47.55
C VAL X 65 -20.59 -13.67 -46.83
N ALA X 66 -19.40 -14.14 -47.20
CA ALA X 66 -18.14 -13.56 -46.73
C ALA X 66 -17.03 -13.86 -47.72
N VAL X 67 -16.02 -13.01 -47.74
CA VAL X 67 -14.68 -13.39 -48.17
C VAL X 67 -13.99 -13.88 -46.91
N SER X 68 -13.77 -15.19 -46.81
CA SER X 68 -13.27 -15.75 -45.56
C SER X 68 -11.75 -15.81 -45.54
N THR X 69 -11.22 -15.83 -44.32
CA THR X 69 -9.77 -15.83 -44.13
C THR X 69 -9.16 -17.09 -44.72
N PRO X 70 -7.85 -17.08 -44.99
CA PRO X 70 -7.18 -18.28 -45.51
C PRO X 70 -7.07 -19.33 -44.43
N ALA X 71 -6.84 -20.57 -44.87
CA ALA X 71 -6.69 -21.66 -43.92
C ALA X 71 -5.56 -21.35 -42.94
N ASN X 72 -5.68 -21.90 -41.73
CA ASN X 72 -4.64 -21.76 -40.73
C ASN X 72 -3.29 -22.27 -41.24
N SER X 73 -3.28 -23.28 -42.10
CA SER X 73 -2.02 -23.85 -42.57
C SER X 73 -1.19 -22.84 -43.37
N MET X 74 -1.80 -21.74 -43.84
CA MET X 74 -1.04 -20.73 -44.59
C MET X 74 -0.21 -19.78 -43.72
N GLY X 75 -0.30 -19.89 -42.39
CA GLY X 75 0.41 -18.98 -41.51
C GLY X 75 0.03 -17.53 -41.77
N HIS X 76 1.04 -16.67 -41.85
CA HIS X 76 0.83 -15.28 -42.22
C HIS X 76 1.31 -14.98 -43.65
N SER X 77 1.17 -15.96 -44.54
CA SER X 77 1.61 -15.77 -45.92
C SER X 77 0.91 -14.57 -46.52
N LEU X 78 1.67 -13.78 -47.25
CA LEU X 78 1.04 -12.73 -48.04
C LEU X 78 0.08 -13.30 -49.06
N LEU X 79 0.27 -14.56 -49.43
CA LEU X 79 -0.61 -15.25 -50.37
C LEU X 79 -0.69 -14.47 -51.70
N LEU X 80 0.46 -13.98 -52.12
CA LEU X 80 0.58 -13.37 -53.44
C LEU X 80 0.14 -14.37 -54.50
N LEU X 81 -0.50 -13.84 -55.54
CA LEU X 81 -0.95 -14.69 -56.63
C LEU X 81 0.20 -15.45 -57.25
N TRP X 82 1.35 -14.79 -57.43
CA TRP X 82 2.54 -15.36 -58.02
C TRP X 82 3.44 -16.04 -56.99
N GLY X 83 2.95 -16.21 -55.77
CA GLY X 83 3.76 -16.74 -54.71
C GLY X 83 3.84 -18.24 -54.76
N PRO X 84 4.47 -18.80 -53.75
CA PRO X 84 4.75 -20.24 -53.76
C PRO X 84 3.54 -21.11 -53.47
N GLU X 85 2.46 -20.54 -52.95
CA GLU X 85 1.32 -21.37 -52.56
C GLU X 85 0.41 -21.62 -53.76
N ALA X 86 0.03 -20.56 -54.43
CA ALA X 86 -0.88 -20.62 -55.57
C ALA X 86 -0.17 -20.71 -56.91
N GLN X 87 1.05 -20.19 -57.00
CA GLN X 87 1.90 -20.36 -58.20
C GLN X 87 1.19 -19.83 -59.43
N GLY X 88 0.67 -18.61 -59.32
CA GLY X 88 0.03 -17.94 -60.43
C GLY X 88 -1.32 -18.47 -60.83
N ASP X 89 -1.82 -19.49 -60.15
CA ASP X 89 -3.09 -20.09 -60.53
C ASP X 89 -4.23 -19.34 -59.85
N PHE X 90 -4.94 -18.53 -60.64
CA PHE X 90 -6.00 -17.68 -60.11
C PHE X 90 -7.06 -18.51 -59.40
N THR X 91 -7.51 -19.57 -60.04
CA THR X 91 -8.56 -20.37 -59.44
C THR X 91 -8.11 -20.92 -58.10
N ARG X 92 -6.86 -21.39 -58.03
CA ARG X 92 -6.37 -21.93 -56.76
C ARG X 92 -6.13 -20.82 -55.74
N TRP X 93 -5.71 -19.65 -56.20
CA TRP X 93 -5.63 -18.48 -55.33
C TRP X 93 -6.94 -18.27 -54.59
N CYS X 94 -8.04 -18.18 -55.35
CA CYS X 94 -9.36 -17.98 -54.73
C CYS X 94 -9.65 -19.07 -53.71
N GLN X 95 -9.25 -20.30 -54.02
CA GLN X 95 -9.67 -21.41 -53.18
C GLN X 95 -8.89 -21.44 -51.90
N LEU X 96 -7.70 -20.84 -51.89
CA LEU X 96 -6.84 -20.87 -50.72
C LEU X 96 -6.98 -19.61 -49.88
N GLY X 97 -7.72 -18.62 -50.34
CA GLY X 97 -7.98 -17.45 -49.56
C GLY X 97 -7.26 -16.22 -50.01
N GLY X 98 -6.77 -16.18 -51.26
CA GLY X 98 -5.96 -15.06 -51.67
C GLY X 98 -6.72 -13.76 -51.64
N LEU X 99 -8.02 -13.82 -51.97
CA LEU X 99 -8.85 -12.63 -51.97
C LEU X 99 -8.88 -11.96 -50.60
N TRP X 100 -8.73 -12.73 -49.52
CA TRP X 100 -8.70 -12.13 -48.18
C TRP X 100 -7.48 -11.19 -48.02
N THR X 101 -6.27 -11.69 -48.31
CA THR X 101 -5.10 -10.81 -48.26
C THR X 101 -5.21 -9.73 -49.32
N PHE X 102 -5.65 -10.09 -50.53
CA PHE X 102 -5.91 -9.10 -51.58
C PHE X 102 -6.74 -7.94 -51.06
N ILE X 103 -7.90 -8.24 -50.46
CA ILE X 103 -8.78 -7.17 -49.94
C ILE X 103 -8.11 -6.44 -48.79
N ALA X 104 -7.68 -7.19 -47.78
CA ALA X 104 -6.99 -6.61 -46.64
C ALA X 104 -5.87 -5.65 -47.04
N LEU X 105 -5.01 -6.06 -47.97
CA LEU X 105 -3.84 -5.21 -48.20
C LEU X 105 -4.13 -4.05 -49.14
N HIS X 106 -4.94 -4.27 -50.16
CA HIS X 106 -5.33 -3.13 -50.97
C HIS X 106 -6.16 -2.17 -50.14
N GLY X 107 -7.05 -2.71 -49.28
CA GLY X 107 -7.82 -1.85 -48.40
C GLY X 107 -6.93 -1.00 -47.51
N ALA X 108 -5.91 -1.63 -46.91
CA ALA X 108 -4.95 -0.88 -46.10
C ALA X 108 -4.36 0.27 -46.88
N PHE X 109 -3.83 0.00 -48.08
CA PHE X 109 -3.21 1.10 -48.85
C PHE X 109 -4.26 2.09 -49.33
N GLY X 110 -5.51 1.66 -49.53
CA GLY X 110 -6.57 2.59 -49.90
C GLY X 110 -6.95 3.55 -48.79
N LEU X 111 -6.95 3.07 -47.54
CA LEU X 111 -7.18 3.96 -46.41
C LEU X 111 -6.04 4.97 -46.28
N ILE X 112 -4.80 4.53 -46.48
CA ILE X 112 -3.68 5.46 -46.60
C ILE X 112 -4.00 6.52 -47.64
N GLY X 113 -4.30 6.09 -48.86
CA GLY X 113 -4.63 7.04 -49.91
C GLY X 113 -5.78 7.96 -49.54
N PHE X 114 -6.77 7.46 -48.80
CA PHE X 114 -7.87 8.37 -48.44
C PHE X 114 -7.37 9.44 -47.47
N MET X 115 -6.58 9.04 -46.48
CA MET X 115 -6.11 10.04 -45.52
C MET X 115 -5.24 11.08 -46.21
N LEU X 116 -4.29 10.64 -47.05
CA LEU X 116 -3.51 11.59 -47.85
C LEU X 116 -4.40 12.46 -48.71
N ARG X 117 -5.50 11.90 -49.21
CA ARG X 117 -6.50 12.69 -49.92
C ARG X 117 -7.08 13.76 -49.04
N GLN X 118 -7.37 13.41 -47.79
CA GLN X 118 -7.89 14.43 -46.88
C GLN X 118 -6.84 15.50 -46.64
N PHE X 119 -5.56 15.08 -46.53
CA PHE X 119 -4.47 16.04 -46.37
C PHE X 119 -4.31 16.89 -47.62
N GLU X 120 -4.37 16.26 -48.80
CA GLU X 120 -4.10 16.95 -50.06
C GLU X 120 -5.16 18.00 -50.34
N ILE X 121 -6.43 17.68 -50.08
CA ILE X 121 -7.52 18.62 -50.35
C ILE X 121 -7.55 19.72 -49.31
N ALA X 122 -7.22 19.41 -48.06
CA ALA X 122 -7.20 20.46 -47.07
C ALA X 122 -6.18 21.53 -47.46
N ARG X 123 -4.99 21.10 -47.88
CA ARG X 123 -3.92 22.05 -48.24
C ARG X 123 -4.34 22.93 -49.42
N LEU X 124 -4.94 22.35 -50.46
CA LEU X 124 -5.31 23.16 -51.61
C LEU X 124 -6.40 24.16 -51.26
N VAL X 125 -7.40 23.74 -50.49
CA VAL X 125 -8.51 24.61 -50.14
C VAL X 125 -8.14 25.59 -49.03
N GLY X 126 -7.12 25.30 -48.24
CA GLY X 126 -6.66 26.24 -47.25
C GLY X 126 -7.21 26.08 -45.85
N VAL X 127 -7.71 24.90 -45.48
CA VAL X 127 -8.29 24.69 -44.15
C VAL X 127 -7.39 23.77 -43.33
N ARG X 128 -7.59 23.82 -42.02
CA ARG X 128 -6.83 22.98 -41.12
C ARG X 128 -7.19 21.51 -41.35
N PRO X 129 -6.27 20.62 -41.19
CA PRO X 129 -6.53 19.21 -41.52
C PRO X 129 -7.09 18.35 -40.37
N TYR X 130 -8.08 18.87 -39.64
CA TYR X 130 -8.56 18.10 -38.49
C TYR X 130 -9.37 16.88 -38.92
N ASN X 131 -9.99 16.93 -40.11
CA ASN X 131 -10.68 15.76 -40.63
C ASN X 131 -9.71 14.61 -40.86
N ALA X 132 -8.54 14.89 -41.47
CA ALA X 132 -7.57 13.83 -41.67
C ALA X 132 -7.15 13.26 -40.33
N ILE X 133 -6.93 14.13 -39.36
CA ILE X 133 -6.54 13.68 -38.03
C ILE X 133 -7.63 12.76 -37.46
N ALA X 134 -8.90 13.18 -37.57
CA ALA X 134 -10.00 12.33 -37.14
C ALA X 134 -9.93 10.97 -37.81
N PHE X 135 -9.58 10.93 -39.11
CA PHE X 135 -9.56 9.63 -39.80
C PHE X 135 -8.47 8.69 -39.30
N SER X 136 -7.55 9.16 -38.46
CA SER X 136 -6.60 8.24 -37.86
C SER X 136 -7.28 7.19 -37.01
N ALA X 137 -8.44 7.52 -36.42
CA ALA X 137 -9.14 6.55 -35.56
C ALA X 137 -9.64 5.35 -36.36
N PRO X 138 -10.43 5.51 -37.42
CA PRO X 138 -10.71 4.35 -38.30
C PRO X 138 -9.45 3.59 -38.75
N ILE X 139 -8.37 4.29 -39.03
CA ILE X 139 -7.16 3.58 -39.51
C ILE X 139 -6.57 2.70 -38.41
N ALA X 140 -6.52 3.23 -37.19
CA ALA X 140 -6.02 2.44 -36.05
C ALA X 140 -6.87 1.22 -35.80
N VAL X 141 -8.20 1.36 -35.85
CA VAL X 141 -9.08 0.20 -35.72
C VAL X 141 -8.74 -0.83 -36.77
N PHE X 142 -8.72 -0.42 -38.03
CA PHE X 142 -8.53 -1.38 -39.11
C PHE X 142 -7.21 -2.12 -38.97
N VAL X 143 -6.12 -1.38 -38.74
CA VAL X 143 -4.79 -1.98 -38.63
C VAL X 143 -4.74 -2.94 -37.44
N SER X 144 -5.31 -2.53 -36.33
CA SER X 144 -5.20 -3.34 -35.11
C SER X 144 -5.99 -4.64 -35.24
N VAL X 145 -7.20 -4.55 -35.79
CA VAL X 145 -8.13 -5.67 -35.84
C VAL X 145 -7.80 -6.59 -37.00
N PHE X 146 -7.56 -6.02 -38.17
CA PHE X 146 -7.39 -6.87 -39.33
C PHE X 146 -5.95 -7.35 -39.53
N LEU X 147 -4.93 -6.61 -39.11
CA LEU X 147 -3.53 -6.98 -39.37
C LEU X 147 -2.80 -7.40 -38.10
N ILE X 148 -2.77 -6.51 -37.11
CA ILE X 148 -1.99 -6.80 -35.91
C ILE X 148 -2.54 -8.03 -35.19
N TYR X 149 -3.87 -8.07 -35.00
CA TYR X 149 -4.43 -9.19 -34.23
C TYR X 149 -4.06 -10.52 -34.84
N PRO X 150 -4.28 -10.79 -36.11
CA PRO X 150 -3.87 -12.09 -36.65
C PRO X 150 -2.36 -12.29 -36.68
N LEU X 151 -1.58 -11.21 -36.79
CA LEU X 151 -0.11 -11.41 -36.81
C LEU X 151 0.40 -11.89 -35.47
N GLY X 152 -0.34 -11.57 -34.38
CA GLY X 152 0.00 -12.11 -33.07
C GLY X 152 -0.50 -13.51 -32.87
N GLN X 153 -1.51 -13.90 -33.64
CA GLN X 153 -2.13 -15.21 -33.49
C GLN X 153 -1.38 -16.20 -34.40
N SER X 154 -1.89 -17.44 -34.50
CA SER X 154 -1.19 -18.46 -35.24
C SER X 154 -1.18 -18.18 -36.75
N SER X 155 -2.13 -17.39 -37.25
CA SER X 155 -2.30 -17.15 -38.68
C SER X 155 -3.42 -16.17 -39.04
N TRP X 156 -3.58 -15.93 -40.35
CA TRP X 156 -4.64 -15.06 -40.83
C TRP X 156 -6.00 -15.70 -40.63
N PHE X 157 -6.06 -17.02 -40.43
CA PHE X 157 -7.32 -17.70 -40.17
C PHE X 157 -8.13 -16.96 -39.13
N PHE X 158 -7.47 -16.43 -38.10
CA PHE X 158 -8.19 -15.94 -36.94
C PHE X 158 -8.45 -14.45 -37.01
N ALA X 159 -8.14 -13.85 -38.14
CA ALA X 159 -8.55 -12.49 -38.36
C ALA X 159 -10.03 -12.48 -38.69
N PRO X 160 -10.63 -11.30 -38.82
CA PRO X 160 -12.03 -11.23 -39.22
C PRO X 160 -12.18 -11.55 -40.70
N SER X 161 -13.16 -12.40 -41.02
CA SER X 161 -13.61 -12.56 -42.38
C SER X 161 -14.55 -11.42 -42.78
N PHE X 162 -14.55 -11.08 -44.07
CA PHE X 162 -15.26 -9.90 -44.55
C PHE X 162 -16.69 -10.31 -44.90
N GLY X 163 -17.56 -10.30 -43.89
CA GLY X 163 -18.97 -10.60 -44.06
C GLY X 163 -19.73 -10.27 -42.80
N VAL X 164 -21.04 -10.08 -42.96
CA VAL X 164 -21.89 -9.61 -41.85
C VAL X 164 -21.90 -10.62 -40.70
N ALA X 165 -22.35 -11.85 -40.97
CA ALA X 165 -22.39 -12.91 -39.97
C ALA X 165 -21.00 -13.40 -39.59
N ALA X 166 -20.07 -13.36 -40.52
CA ALA X 166 -18.67 -13.63 -40.18
C ALA X 166 -18.16 -12.70 -39.08
N ILE X 167 -18.54 -11.42 -39.14
CA ILE X 167 -18.13 -10.49 -38.10
C ILE X 167 -18.85 -10.78 -36.81
N PHE X 168 -20.14 -11.08 -36.89
CA PHE X 168 -20.86 -11.52 -35.70
C PHE X 168 -20.13 -12.72 -35.07
N ARG X 169 -19.68 -13.66 -35.88
CA ARG X 169 -18.91 -14.80 -35.34
C ARG X 169 -17.73 -14.31 -34.53
N PHE X 170 -17.02 -13.31 -35.08
CA PHE X 170 -15.83 -12.69 -34.47
C PHE X 170 -16.15 -12.05 -33.12
N LEU X 171 -17.27 -11.32 -33.05
CA LEU X 171 -17.76 -10.76 -31.78
C LEU X 171 -17.89 -11.84 -30.73
N LEU X 172 -18.55 -12.95 -31.08
CA LEU X 172 -18.80 -13.99 -30.10
C LEU X 172 -17.51 -14.76 -29.78
N PHE X 173 -16.65 -15.02 -30.78
CA PHE X 173 -15.32 -15.54 -30.46
C PHE X 173 -14.63 -14.67 -29.41
N PHE X 174 -14.61 -13.37 -29.65
CA PHE X 174 -13.93 -12.51 -28.72
C PHE X 174 -14.55 -12.57 -27.33
N GLN X 175 -15.88 -12.80 -27.23
CA GLN X 175 -16.47 -12.95 -25.90
C GLN X 175 -16.00 -14.24 -25.25
N GLY X 176 -16.15 -15.36 -25.94
CA GLY X 176 -15.89 -16.67 -25.34
C GLY X 176 -14.43 -16.95 -25.03
N PHE X 177 -13.51 -16.42 -25.82
CA PHE X 177 -12.10 -16.74 -25.66
C PHE X 177 -11.30 -15.62 -25.00
N HIS X 178 -11.66 -14.38 -25.27
CA HIS X 178 -10.94 -13.24 -24.74
C HIS X 178 -11.65 -12.54 -23.60
N ASN X 179 -12.92 -12.87 -23.33
CA ASN X 179 -13.71 -12.06 -22.40
C ASN X 179 -13.53 -10.56 -22.68
N TRP X 180 -13.69 -10.19 -23.95
CA TRP X 180 -13.45 -8.81 -24.38
C TRP X 180 -14.37 -7.80 -23.71
N THR X 181 -15.60 -8.21 -23.30
CA THR X 181 -16.47 -7.22 -22.67
C THR X 181 -15.87 -6.70 -21.38
N LEU X 182 -15.17 -7.53 -20.66
CA LEU X 182 -14.52 -7.18 -19.40
C LEU X 182 -13.29 -6.27 -19.56
N ASN X 183 -12.91 -5.93 -20.77
CA ASN X 183 -11.61 -5.28 -21.01
C ASN X 183 -11.73 -3.75 -20.94
N PRO X 184 -10.97 -3.06 -20.09
CA PRO X 184 -11.24 -1.63 -19.92
C PRO X 184 -11.04 -0.82 -21.17
N PHE X 185 -10.18 -1.29 -22.10
CA PHE X 185 -9.91 -0.59 -23.34
C PHE X 185 -11.11 -0.64 -24.28
N HIS X 186 -11.81 -1.78 -24.31
CA HIS X 186 -13.07 -1.84 -25.02
C HIS X 186 -14.12 -0.98 -24.30
N MET X 187 -14.16 -1.07 -22.96
CA MET X 187 -15.13 -0.28 -22.21
C MET X 187 -15.01 1.18 -22.56
N MET X 188 -13.78 1.66 -22.69
CA MET X 188 -13.58 3.06 -23.07
C MET X 188 -14.05 3.31 -24.50
N GLY X 189 -13.74 2.39 -25.41
CA GLY X 189 -14.20 2.57 -26.78
C GLY X 189 -15.71 2.64 -26.87
N VAL X 190 -16.40 1.79 -26.10
CA VAL X 190 -17.87 1.81 -26.02
C VAL X 190 -18.33 3.19 -25.58
N ALA X 191 -17.77 3.69 -24.48
CA ALA X 191 -18.08 5.05 -24.02
C ALA X 191 -17.88 6.07 -25.13
N GLY X 192 -16.78 5.96 -25.88
CA GLY X 192 -16.56 6.94 -26.94
C GLY X 192 -17.52 6.81 -28.12
N VAL X 193 -17.87 5.59 -28.51
CA VAL X 193 -18.81 5.45 -29.62
C VAL X 193 -20.22 5.84 -29.18
N LEU X 194 -20.70 5.30 -28.06
CA LEU X 194 -22.04 5.69 -27.58
C LEU X 194 -22.06 7.15 -27.15
N GLY X 195 -20.95 7.67 -26.66
CA GLY X 195 -20.89 9.08 -26.34
C GLY X 195 -20.87 9.96 -27.59
N GLY X 196 -20.25 9.49 -28.65
CA GLY X 196 -20.27 10.23 -29.90
C GLY X 196 -21.67 10.26 -30.51
N ALA X 197 -22.36 9.12 -30.50
CA ALA X 197 -23.74 9.08 -30.95
C ALA X 197 -24.61 10.03 -30.12
N LEU X 198 -24.38 10.08 -28.82
CA LEU X 198 -25.09 11.00 -27.96
C LEU X 198 -24.82 12.44 -28.36
N LEU X 199 -23.55 12.79 -28.45
CA LEU X 199 -23.16 14.12 -28.92
C LEU X 199 -23.79 14.45 -30.27
N CYS X 200 -23.69 13.52 -31.22
CA CYS X 200 -24.32 13.73 -32.52
C CYS X 200 -25.79 14.11 -32.35
N ALA X 201 -26.56 13.29 -31.61
CA ALA X 201 -28.00 13.52 -31.53
C ALA X 201 -28.35 14.79 -30.77
N ILE X 202 -27.65 15.08 -29.66
CA ILE X 202 -28.04 16.19 -28.80
C ILE X 202 -27.62 17.52 -29.40
N HIS X 203 -26.60 17.53 -30.25
CA HIS X 203 -26.18 18.79 -30.87
C HIS X 203 -27.08 19.14 -32.03
N GLY X 204 -27.39 18.12 -32.85
CA GLY X 204 -28.40 18.26 -33.88
C GLY X 204 -29.73 18.73 -33.35
N ALA X 205 -30.24 18.07 -32.29
CA ALA X 205 -31.54 18.46 -31.73
C ALA X 205 -31.46 19.84 -31.12
N THR X 206 -30.35 20.15 -30.44
CA THR X 206 -30.24 21.47 -29.80
C THR X 206 -30.26 22.58 -30.83
N VAL X 207 -29.54 22.42 -31.92
CA VAL X 207 -29.52 23.45 -32.95
C VAL X 207 -30.90 23.57 -33.57
N GLU X 208 -31.50 22.45 -33.96
CA GLU X 208 -32.81 22.49 -34.61
C GLU X 208 -33.89 23.09 -33.73
N ASN X 209 -33.74 23.08 -32.41
CA ASN X 209 -34.77 23.59 -31.52
C ASN X 209 -34.39 24.88 -30.83
N THR X 210 -33.34 25.56 -31.31
CA THR X 210 -33.00 26.91 -30.88
C THR X 210 -32.84 27.84 -32.08
N LEU X 211 -33.15 27.39 -33.29
CA LEU X 211 -33.13 28.26 -34.45
C LEU X 211 -33.78 29.61 -34.15
N PHE X 212 -33.24 30.66 -34.75
CA PHE X 212 -33.94 31.93 -34.87
C PHE X 212 -34.94 31.85 -36.01
N GLN X 213 -35.98 32.69 -35.95
CA GLN X 213 -36.95 32.76 -37.04
C GLN X 213 -36.39 33.68 -38.10
N ASP X 214 -35.93 33.10 -39.20
CA ASP X 214 -35.23 33.87 -40.22
C ASP X 214 -36.00 33.86 -41.53
N GLY X 215 -36.97 32.97 -41.70
CA GLY X 215 -37.99 33.08 -42.70
C GLY X 215 -39.35 33.11 -42.04
N GLU X 216 -40.39 33.12 -42.89
CA GLU X 216 -41.76 33.12 -42.42
CA GLU X 216 -41.77 33.12 -42.43
C GLU X 216 -42.49 31.81 -42.73
N GLY X 217 -41.81 30.82 -43.33
CA GLY X 217 -42.43 29.54 -43.60
C GLY X 217 -42.34 28.57 -42.44
N ALA X 218 -43.13 27.51 -42.54
CA ALA X 218 -43.13 26.45 -41.53
C ALA X 218 -41.97 25.48 -41.69
N SER X 219 -41.56 25.21 -42.92
CA SER X 219 -40.31 24.51 -43.13
C SER X 219 -39.16 25.47 -42.86
N THR X 220 -38.39 25.18 -41.81
CA THR X 220 -37.37 26.11 -41.36
C THR X 220 -36.06 25.99 -42.14
N PHE X 221 -35.94 24.98 -43.03
CA PHE X 221 -34.69 24.75 -43.75
C PHE X 221 -34.40 25.85 -44.75
N ARG X 222 -35.44 26.46 -45.31
CA ARG X 222 -35.26 27.46 -46.34
C ARG X 222 -34.81 28.79 -45.78
N ALA X 223 -34.80 28.95 -44.47
CA ALA X 223 -34.36 30.21 -43.85
C ALA X 223 -32.87 30.19 -43.46
N PHE X 224 -32.01 29.72 -44.36
CA PHE X 224 -30.57 29.72 -44.08
C PHE X 224 -29.79 29.99 -45.36
N ASN X 225 -28.89 30.97 -45.30
CA ASN X 225 -28.00 31.25 -46.41
C ASN X 225 -26.56 30.92 -46.04
N PRO X 226 -25.91 29.92 -46.68
CA PRO X 226 -24.53 29.57 -46.30
C PRO X 226 -23.58 30.74 -46.25
N THR X 227 -23.88 31.83 -46.97
CA THR X 227 -23.04 33.03 -46.94
C THR X 227 -23.45 34.02 -45.85
N GLN X 228 -24.50 33.77 -45.08
CA GLN X 228 -24.86 34.72 -44.04
C GLN X 228 -23.73 34.81 -43.01
N ALA X 229 -23.67 35.96 -42.32
CA ALA X 229 -22.68 36.12 -41.28
C ALA X 229 -23.16 35.56 -39.94
N GLU X 230 -24.48 35.52 -39.74
CA GLU X 230 -25.08 35.30 -38.43
C GLU X 230 -25.18 33.82 -38.10
N GLU X 231 -25.05 33.52 -36.80
CA GLU X 231 -25.43 32.20 -36.31
C GLU X 231 -26.91 31.95 -36.59
N THR X 232 -27.22 30.74 -37.07
CA THR X 232 -28.59 30.40 -37.43
C THR X 232 -29.42 29.96 -36.22
N TYR X 233 -28.78 29.72 -35.08
CA TYR X 233 -29.44 29.31 -33.85
C TYR X 233 -28.83 30.09 -32.70
N SER X 234 -29.46 29.99 -31.53
CA SER X 234 -29.11 30.81 -30.39
C SER X 234 -28.26 30.02 -29.42
N MET X 235 -26.97 30.38 -29.35
CA MET X 235 -26.09 29.78 -28.35
C MET X 235 -26.53 30.15 -26.96
N VAL X 236 -27.04 31.37 -26.80
CA VAL X 236 -27.40 31.89 -25.49
C VAL X 236 -28.62 31.13 -24.93
N THR X 237 -29.64 30.91 -25.75
CA THR X 237 -30.82 30.18 -25.24
C THR X 237 -30.51 28.70 -25.13
N ALA X 238 -29.76 28.14 -26.08
CA ALA X 238 -29.30 26.76 -25.93
C ALA X 238 -28.58 26.57 -24.61
N ASN X 239 -27.69 27.51 -24.28
CA ASN X 239 -26.89 27.41 -23.07
C ASN X 239 -27.77 27.42 -21.84
N ARG X 240 -28.71 28.36 -21.77
CA ARG X 240 -29.58 28.43 -20.60
C ARG X 240 -30.42 27.17 -20.46
N PHE X 241 -30.96 26.69 -21.55
CA PHE X 241 -31.77 25.48 -21.51
C PHE X 241 -31.03 24.37 -20.79
N TRP X 242 -29.82 24.05 -21.27
CA TRP X 242 -29.10 22.91 -20.74
C TRP X 242 -28.51 23.19 -19.39
N SER X 243 -28.18 24.44 -19.10
CA SER X 243 -27.76 24.75 -17.74
C SER X 243 -28.85 24.42 -16.74
N GLN X 244 -30.13 24.72 -17.08
CA GLN X 244 -31.22 24.46 -16.12
C GLN X 244 -31.81 23.06 -16.24
N ILE X 245 -31.64 22.38 -17.38
CA ILE X 245 -32.09 21.01 -17.49
C ILE X 245 -31.10 20.04 -16.84
N PHE X 246 -29.83 20.22 -17.13
CA PHE X 246 -28.79 19.24 -16.88
C PHE X 246 -27.68 19.77 -15.97
N GLY X 247 -27.74 21.05 -15.59
CA GLY X 247 -26.83 21.57 -14.59
C GLY X 247 -25.68 22.34 -15.21
N ILE X 248 -25.08 21.77 -16.25
CA ILE X 248 -24.05 22.46 -17.00
C ILE X 248 -24.46 22.41 -18.47
N ALA X 249 -23.77 23.25 -19.26
CA ALA X 249 -24.04 23.45 -20.66
C ALA X 249 -22.72 23.87 -21.32
N PHE X 250 -22.65 23.70 -22.63
CA PHE X 250 -21.60 24.35 -23.41
C PHE X 250 -21.84 25.86 -23.49
N SER X 251 -20.74 26.61 -23.47
CA SER X 251 -20.77 28.04 -23.75
C SER X 251 -19.91 28.42 -24.93
N ASN X 252 -18.97 27.57 -25.32
CA ASN X 252 -17.98 27.87 -26.36
C ASN X 252 -18.19 26.96 -27.58
N LYS X 253 -18.52 27.58 -28.71
CA LYS X 253 -18.82 26.81 -29.93
C LYS X 253 -17.61 26.03 -30.40
N ARG X 254 -16.43 26.62 -30.30
CA ARG X 254 -15.23 25.90 -30.72
C ARG X 254 -14.96 24.71 -29.81
N TRP X 255 -15.03 24.90 -28.51
CA TRP X 255 -14.81 23.76 -27.63
C TRP X 255 -15.81 22.65 -27.95
N LEU X 256 -17.07 23.00 -28.16
CA LEU X 256 -18.11 22.00 -28.42
C LEU X 256 -17.78 21.15 -29.64
N HIS X 257 -17.42 21.80 -30.76
CA HIS X 257 -17.10 20.99 -31.95
C HIS X 257 -15.75 20.30 -31.87
N PHE X 258 -14.78 20.85 -31.12
CA PHE X 258 -13.59 20.06 -30.88
C PHE X 258 -13.89 18.83 -30.03
N PHE X 259 -14.77 18.98 -29.03
CA PHE X 259 -15.16 17.84 -28.20
C PHE X 259 -15.83 16.74 -29.02
N MET X 260 -16.53 17.14 -30.08
CA MET X 260 -17.22 16.18 -30.94
C MET X 260 -16.25 15.34 -31.74
N LEU X 261 -15.16 15.97 -32.20
CA LEU X 261 -14.06 15.21 -32.82
C LEU X 261 -13.40 14.28 -31.83
N PHE X 262 -13.03 14.82 -30.67
CA PHE X 262 -12.20 14.13 -29.69
C PHE X 262 -12.82 12.83 -29.20
N VAL X 263 -14.07 12.89 -28.71
CA VAL X 263 -14.72 11.78 -28.00
C VAL X 263 -14.72 10.51 -28.84
N PRO X 264 -15.38 10.46 -30.00
CA PRO X 264 -15.33 9.22 -30.79
C PRO X 264 -13.93 8.84 -31.29
N VAL X 265 -13.13 9.81 -31.72
CA VAL X 265 -11.78 9.48 -32.19
C VAL X 265 -10.97 8.84 -31.08
N THR X 266 -11.03 9.43 -29.89
CA THR X 266 -10.34 8.85 -28.72
C THR X 266 -10.91 7.49 -28.32
N GLY X 267 -12.23 7.26 -28.45
CA GLY X 267 -12.73 5.94 -28.11
C GLY X 267 -12.18 4.84 -29.00
N LEU X 268 -12.18 5.07 -30.30
CA LEU X 268 -11.70 4.02 -31.19
C LEU X 268 -10.22 3.77 -30.95
N TRP X 269 -9.46 4.80 -30.60
CA TRP X 269 -8.04 4.59 -30.34
C TRP X 269 -7.86 3.69 -29.15
N MET X 270 -8.65 3.91 -28.09
CA MET X 270 -8.49 3.07 -26.92
C MET X 270 -8.86 1.63 -27.23
N SER X 271 -9.92 1.41 -28.03
CA SER X 271 -10.27 0.04 -28.41
C SER X 271 -9.12 -0.64 -29.16
N ALA X 272 -8.45 0.11 -30.03
CA ALA X 272 -7.34 -0.45 -30.80
C ALA X 272 -6.26 -0.97 -29.87
N ILE X 273 -5.99 -0.24 -28.80
CA ILE X 273 -4.96 -0.65 -27.87
C ILE X 273 -5.29 -2.00 -27.28
N GLY X 274 -6.55 -2.20 -26.89
CA GLY X 274 -6.88 -3.46 -26.27
C GLY X 274 -6.79 -4.64 -27.23
N VAL X 275 -7.15 -4.41 -28.47
CA VAL X 275 -7.00 -5.50 -29.43
C VAL X 275 -5.52 -5.83 -29.63
N VAL X 276 -4.65 -4.82 -29.64
CA VAL X 276 -3.22 -5.15 -29.67
C VAL X 276 -2.87 -6.07 -28.51
N GLY X 277 -3.41 -5.80 -27.33
CA GLY X 277 -3.22 -6.71 -26.21
C GLY X 277 -3.64 -8.14 -26.54
N LEU X 278 -4.87 -8.30 -27.08
CA LEU X 278 -5.44 -9.60 -27.48
C LEU X 278 -4.72 -10.27 -28.65
N ALA X 279 -4.01 -9.52 -29.50
CA ALA X 279 -3.08 -10.15 -30.45
C ALA X 279 -2.17 -11.14 -29.77
N LEU X 280 -1.88 -10.92 -28.49
CA LEU X 280 -0.97 -11.72 -27.68
C LEU X 280 -1.71 -12.58 -26.63
N ASN X 281 -3.04 -12.69 -26.73
CA ASN X 281 -3.85 -13.24 -25.63
C ASN X 281 -3.58 -12.52 -24.29
N LEU X 282 -3.12 -11.28 -24.32
CA LEU X 282 -2.98 -10.49 -23.09
C LEU X 282 -4.38 -9.91 -22.75
N ARG X 283 -5.21 -10.77 -22.19
CA ARG X 283 -6.61 -10.46 -21.95
C ARG X 283 -6.78 -9.93 -20.55
N SER X 284 -7.84 -9.16 -20.37
CA SER X 284 -8.41 -9.01 -19.04
C SER X 284 -9.52 -10.07 -18.93
N TYR X 285 -9.12 -11.30 -18.59
CA TYR X 285 -10.09 -12.38 -18.61
C TYR X 285 -10.70 -12.59 -17.24
N ASP X 286 -9.90 -12.52 -16.18
CA ASP X 286 -10.28 -12.93 -14.87
C ASP X 286 -10.04 -11.84 -13.84
N PHE X 287 -10.63 -12.03 -12.68
CA PHE X 287 -10.29 -11.28 -11.48
C PHE X 287 -9.77 -12.33 -10.51
N ILE X 288 -8.47 -12.30 -10.23
CA ILE X 288 -7.89 -13.38 -9.45
C ILE X 288 -8.60 -13.52 -8.10
N SER X 289 -8.83 -12.40 -7.43
CA SER X 289 -9.44 -12.46 -6.10
C SER X 289 -10.81 -13.15 -6.13
N GLN X 290 -11.61 -12.95 -7.18
CA GLN X 290 -12.89 -13.68 -7.24
C GLN X 290 -12.69 -15.17 -7.40
N GLU X 291 -11.63 -15.55 -8.15
CA GLU X 291 -11.41 -16.97 -8.44
C GLU X 291 -10.90 -17.68 -7.21
N ILE X 292 -10.05 -17.00 -6.44
CA ILE X 292 -9.58 -17.61 -5.19
C ILE X 292 -10.76 -17.87 -4.26
N ARG X 293 -11.58 -16.85 -4.01
CA ARG X 293 -12.80 -17.00 -3.22
C ARG X 293 -13.72 -18.10 -3.76
N ALA X 294 -14.04 -18.02 -5.05
CA ALA X 294 -15.02 -18.93 -5.64
C ALA X 294 -14.56 -20.38 -5.56
N ALA X 295 -13.27 -20.62 -5.83
CA ALA X 295 -12.75 -21.98 -5.80
C ALA X 295 -12.89 -22.57 -4.41
N GLU X 296 -12.80 -21.73 -3.39
CA GLU X 296 -12.86 -22.13 -1.99
C GLU X 296 -14.28 -22.14 -1.44
N ASP X 297 -15.16 -21.28 -1.96
CA ASP X 297 -16.45 -21.03 -1.32
C ASP X 297 -17.52 -21.32 -2.37
N PRO X 298 -18.08 -22.52 -2.37
CA PRO X 298 -19.03 -22.90 -3.42
C PRO X 298 -20.35 -22.14 -3.36
N GLU X 299 -20.56 -21.31 -2.34
CA GLU X 299 -21.73 -20.44 -2.26
C GLU X 299 -21.48 -19.04 -2.80
N PHE X 300 -20.24 -18.71 -3.14
CA PHE X 300 -19.94 -17.39 -3.68
C PHE X 300 -20.26 -17.37 -5.16
N GLU X 301 -21.10 -16.43 -5.58
CA GLU X 301 -21.45 -16.34 -6.99
C GLU X 301 -21.72 -14.88 -7.35
N THR X 302 -21.22 -14.43 -8.50
CA THR X 302 -21.42 -13.06 -8.93
C THR X 302 -21.78 -13.10 -10.40
N PHE X 303 -22.06 -11.94 -10.97
CA PHE X 303 -22.27 -11.94 -12.42
C PHE X 303 -20.98 -12.23 -13.18
N TYR X 304 -19.83 -12.07 -12.53
CA TYR X 304 -18.57 -12.33 -13.20
C TYR X 304 -18.36 -13.84 -13.40
N THR X 305 -18.63 -14.65 -12.36
CA THR X 305 -18.55 -16.10 -12.52
C THR X 305 -19.63 -16.65 -13.47
N LYS X 306 -20.84 -16.08 -13.44
CA LYS X 306 -21.90 -16.52 -14.35
C LYS X 306 -21.45 -16.33 -15.78
N ASN X 307 -20.75 -15.22 -16.04
CA ASN X 307 -20.39 -14.93 -17.43
C ASN X 307 -19.32 -15.89 -17.92
N LEU X 308 -18.39 -16.27 -17.04
CA LEU X 308 -17.33 -17.20 -17.41
C LEU X 308 -17.90 -18.56 -17.80
N LEU X 309 -18.93 -19.00 -17.06
CA LEU X 309 -19.60 -20.26 -17.39
C LEU X 309 -20.17 -20.21 -18.79
N LEU X 310 -20.62 -19.04 -19.21
CA LEU X 310 -21.11 -18.86 -20.56
C LEU X 310 -19.97 -18.89 -21.54
N ASN X 311 -18.88 -18.17 -21.23
CA ASN X 311 -17.65 -18.26 -22.05
C ASN X 311 -17.24 -19.71 -22.28
N GLU X 312 -17.19 -20.49 -21.19
CA GLU X 312 -16.82 -21.89 -21.27
C GLU X 312 -17.75 -22.67 -22.18
N GLY X 313 -19.05 -22.37 -22.15
CA GLY X 313 -19.97 -22.99 -23.08
C GLY X 313 -19.69 -22.63 -24.51
N ILE X 314 -19.37 -21.36 -24.77
CA ILE X 314 -19.10 -20.91 -26.14
C ILE X 314 -17.87 -21.62 -26.71
N ARG X 315 -16.82 -21.75 -25.92
CA ARG X 315 -15.56 -22.26 -26.44
C ARG X 315 -15.73 -23.71 -26.87
N ALA X 316 -16.32 -24.52 -26.00
CA ALA X 316 -16.42 -25.96 -26.26
C ALA X 316 -17.43 -26.28 -27.35
N TRP X 317 -18.57 -25.56 -27.37
CA TRP X 317 -19.61 -25.87 -28.35
C TRP X 317 -19.29 -25.30 -29.72
N MET X 318 -18.44 -24.29 -29.79
CA MET X 318 -18.16 -23.67 -31.08
C MET X 318 -16.80 -24.05 -31.68
N ALA X 319 -15.83 -24.56 -30.91
CA ALA X 319 -14.44 -24.69 -31.42
C ALA X 319 -14.31 -25.76 -32.50
N PRO X 320 -14.98 -26.90 -32.35
CA PRO X 320 -14.78 -27.99 -33.34
C PRO X 320 -15.09 -27.55 -34.75
N GLN X 321 -16.21 -26.86 -34.95
CA GLN X 321 -16.58 -26.38 -36.28
C GLN X 321 -15.85 -25.09 -36.64
N ASP X 322 -15.50 -24.28 -35.64
CA ASP X 322 -14.92 -22.95 -35.91
C ASP X 322 -13.45 -23.04 -36.26
N GLN X 323 -12.77 -24.02 -35.70
CA GLN X 323 -11.34 -24.27 -35.94
C GLN X 323 -11.20 -25.71 -36.44
N PRO X 324 -11.72 -25.98 -37.63
CA PRO X 324 -11.74 -27.36 -38.12
C PRO X 324 -10.36 -27.97 -38.31
N HIS X 325 -9.32 -27.14 -38.52
CA HIS X 325 -7.98 -27.64 -38.73
C HIS X 325 -7.41 -28.27 -37.47
N GLU X 326 -8.03 -28.06 -36.31
CA GLU X 326 -7.58 -28.69 -35.07
C GLU X 326 -8.12 -30.10 -34.89
N ASN X 327 -9.10 -30.53 -35.68
CA ASN X 327 -9.75 -31.82 -35.49
C ASN X 327 -10.11 -32.04 -34.03
N PHE X 328 -10.67 -31.03 -33.42
CA PHE X 328 -11.26 -31.20 -32.10
C PHE X 328 -12.38 -32.23 -32.17
N VAL X 329 -12.27 -33.29 -31.38
CA VAL X 329 -13.34 -34.26 -31.17
C VAL X 329 -13.77 -34.18 -29.70
N PHE X 330 -14.99 -33.69 -29.45
CA PHE X 330 -15.51 -33.63 -28.09
C PHE X 330 -16.68 -34.60 -27.97
N PRO X 331 -16.51 -35.76 -27.37
CA PRO X 331 -17.68 -36.61 -27.07
C PRO X 331 -18.74 -35.80 -26.33
N GLU X 332 -19.99 -36.16 -26.56
CA GLU X 332 -21.12 -35.60 -25.84
C GLU X 332 -20.84 -35.42 -24.36
N GLU X 333 -20.20 -36.41 -23.75
CA GLU X 333 -20.09 -36.46 -22.30
C GLU X 333 -19.12 -35.41 -21.74
N VAL X 334 -18.24 -34.84 -22.56
CA VAL X 334 -17.34 -33.83 -22.04
C VAL X 334 -17.94 -32.44 -22.22
N LEU X 335 -18.94 -32.30 -23.07
CA LEU X 335 -19.51 -30.97 -23.37
C LEU X 335 -20.08 -30.38 -22.10
N PRO X 336 -19.71 -29.17 -21.71
CA PRO X 336 -20.33 -28.59 -20.51
C PRO X 336 -21.77 -28.17 -20.79
N ARG X 337 -22.65 -28.49 -19.85
CA ARG X 337 -24.09 -28.27 -19.97
C ARG X 337 -24.67 -28.16 -18.58
N GLY X 338 -25.59 -27.23 -18.42
CA GLY X 338 -26.39 -27.19 -17.22
C GLY X 338 -27.48 -28.26 -17.27
N ASN X 339 -28.31 -28.24 -16.26
CA ASN X 339 -29.34 -29.25 -16.15
C ASN X 339 -30.35 -29.08 -17.26
N ALA X 340 -30.78 -30.21 -17.84
CA ALA X 340 -31.86 -30.26 -18.81
C ALA X 340 -31.49 -29.78 -20.19
N LEU X 341 -30.83 -28.64 -20.27
N LEU X 341 -30.97 -28.59 -20.33
CA LEU X 341 -30.60 -28.03 -21.57
CA LEU X 341 -30.68 -28.06 -21.68
C LEU X 341 -29.40 -28.65 -22.29
C LEU X 341 -29.46 -28.78 -22.33
N GLY Y 1 -20.46 26.36 -58.13
CA GLY Y 1 -20.70 26.50 -59.55
C GLY Y 1 -20.69 25.14 -60.23
N THR Y 2 -20.32 25.14 -61.51
CA THR Y 2 -20.20 23.92 -62.30
C THR Y 2 -18.73 23.65 -62.59
N THR Y 3 -18.28 22.43 -62.28
CA THR Y 3 -16.93 22.00 -62.68
C THR Y 3 -16.81 21.74 -64.16
N GLY Y 4 -17.88 21.91 -64.94
CA GLY Y 4 -17.82 21.91 -66.39
C GLY Y 4 -18.71 20.88 -67.05
N GLU Y 5 -18.93 19.73 -66.40
CA GLU Y 5 -19.45 18.54 -67.05
C GLU Y 5 -20.93 18.67 -67.41
N ARG Y 6 -21.47 17.62 -68.04
CA ARG Y 6 -22.86 17.62 -68.49
C ARG Y 6 -23.76 17.18 -67.33
N PRO Y 7 -24.70 18.02 -66.88
CA PRO Y 7 -25.57 17.63 -65.76
C PRO Y 7 -26.29 16.31 -65.98
N PHE Y 8 -26.42 15.54 -64.90
CA PHE Y 8 -26.98 14.19 -64.97
C PHE Y 8 -28.45 14.23 -65.36
N SER Y 9 -29.26 15.02 -64.65
CA SER Y 9 -30.66 15.23 -65.00
C SER Y 9 -30.84 15.39 -66.51
N ASP Y 10 -29.80 15.96 -67.14
CA ASP Y 10 -29.80 16.25 -68.58
C ASP Y 10 -29.51 15.01 -69.40
N ILE Y 11 -28.55 14.19 -68.97
CA ILE Y 11 -28.14 13.03 -69.74
C ILE Y 11 -29.23 11.97 -69.76
N ILE Y 12 -29.80 11.67 -68.59
CA ILE Y 12 -30.64 10.50 -68.44
C ILE Y 12 -32.06 10.76 -68.90
N THR Y 13 -32.45 12.02 -68.98
CA THR Y 13 -33.63 12.38 -69.75
C THR Y 13 -33.36 12.43 -71.26
N SER Y 14 -32.10 12.40 -71.69
CA SER Y 14 -31.81 12.48 -73.10
C SER Y 14 -32.21 11.19 -73.79
N VAL Y 15 -32.68 11.33 -75.03
CA VAL Y 15 -33.01 10.16 -75.84
C VAL Y 15 -31.73 9.40 -76.19
N ARG Y 16 -30.73 10.11 -76.71
CA ARG Y 16 -29.49 9.47 -77.08
C ARG Y 16 -28.98 8.58 -75.96
N TYR Y 17 -29.16 9.03 -74.72
CA TYR Y 17 -28.77 8.22 -73.58
C TYR Y 17 -29.45 6.85 -73.62
N TRP Y 18 -30.76 6.85 -73.78
CA TRP Y 18 -31.50 5.61 -73.68
C TRP Y 18 -31.41 4.76 -74.94
N VAL Y 19 -31.29 5.40 -76.11
CA VAL Y 19 -30.81 4.66 -77.29
C VAL Y 19 -29.59 3.83 -76.92
N ILE Y 20 -28.59 4.46 -76.30
CA ILE Y 20 -27.34 3.76 -76.01
C ILE Y 20 -27.56 2.72 -74.91
N HIS Y 21 -28.37 3.05 -73.90
CA HIS Y 21 -28.43 2.22 -72.71
C HIS Y 21 -29.65 1.29 -72.65
N SER Y 22 -30.63 1.46 -73.54
CA SER Y 22 -31.58 0.38 -73.76
C SER Y 22 -30.88 -0.90 -74.22
N ILE Y 23 -29.67 -0.78 -74.77
CA ILE Y 23 -28.93 -1.93 -75.26
C ILE Y 23 -27.91 -2.41 -74.23
N THR Y 24 -27.02 -1.51 -73.78
CA THR Y 24 -25.82 -1.92 -73.04
C THR Y 24 -26.17 -2.55 -71.72
N ILE Y 25 -27.14 -1.97 -71.02
CA ILE Y 25 -27.58 -2.47 -69.72
C ILE Y 25 -28.13 -3.87 -69.87
N PRO Y 26 -29.25 -4.11 -70.58
CA PRO Y 26 -29.73 -5.49 -70.68
C PRO Y 26 -28.67 -6.44 -71.17
N ALA Y 27 -27.81 -5.99 -72.09
CA ALA Y 27 -26.76 -6.87 -72.59
C ALA Y 27 -25.81 -7.29 -71.47
N LEU Y 28 -25.37 -6.33 -70.66
CA LEU Y 28 -24.51 -6.64 -69.52
C LEU Y 28 -25.17 -7.62 -68.56
N PHE Y 29 -26.42 -7.36 -68.26
CA PHE Y 29 -27.22 -8.28 -67.48
C PHE Y 29 -27.22 -9.70 -68.04
N ILE Y 30 -27.49 -9.83 -69.34
CA ILE Y 30 -27.50 -11.15 -69.93
C ILE Y 30 -26.11 -11.77 -69.88
N ALA Y 31 -25.07 -10.95 -70.13
CA ALA Y 31 -23.71 -11.47 -70.01
C ALA Y 31 -23.49 -12.12 -68.65
N GLY Y 32 -23.94 -11.44 -67.58
CA GLY Y 32 -23.79 -12.01 -66.25
C GLY Y 32 -24.61 -13.27 -66.07
N TRP Y 33 -25.88 -13.22 -66.49
CA TRP Y 33 -26.69 -14.43 -66.51
C TRP Y 33 -25.92 -15.58 -67.12
N LEU Y 34 -25.51 -15.42 -68.37
CA LEU Y 34 -24.79 -16.49 -69.07
C LEU Y 34 -23.58 -16.96 -68.28
N PHE Y 35 -22.87 -16.03 -67.63
CA PHE Y 35 -21.72 -16.39 -66.82
C PHE Y 35 -22.05 -17.50 -65.83
N VAL Y 36 -23.23 -17.42 -65.20
CA VAL Y 36 -23.68 -18.46 -64.27
C VAL Y 36 -24.38 -19.60 -65.00
N SER Y 37 -25.29 -19.30 -65.93
CA SER Y 37 -26.04 -20.36 -66.60
C SER Y 37 -25.12 -21.29 -67.38
N THR Y 38 -24.14 -20.75 -68.10
CA THR Y 38 -23.17 -21.62 -68.74
C THR Y 38 -22.37 -22.47 -67.76
N GLY Y 39 -22.50 -22.27 -66.44
CA GLY Y 39 -21.66 -22.97 -65.49
C GLY Y 39 -20.22 -22.51 -65.49
N LEU Y 40 -19.95 -21.37 -66.09
CA LEU Y 40 -18.58 -20.90 -66.20
C LEU Y 40 -18.03 -20.43 -64.85
N ALA Y 41 -18.83 -19.65 -64.11
CA ALA Y 41 -18.41 -19.11 -62.81
C ALA Y 41 -17.86 -20.19 -61.90
N TYR Y 42 -18.44 -21.39 -61.94
CA TYR Y 42 -17.98 -22.47 -61.09
C TYR Y 42 -16.50 -22.78 -61.36
N ASP Y 43 -16.12 -22.91 -62.64
CA ASP Y 43 -14.78 -23.38 -62.97
C ASP Y 43 -13.75 -22.28 -62.87
N VAL Y 44 -14.14 -21.04 -63.16
CA VAL Y 44 -13.25 -19.89 -63.01
C VAL Y 44 -12.80 -19.76 -61.56
N PHE Y 45 -13.74 -19.78 -60.63
CA PHE Y 45 -13.48 -19.47 -59.23
C PHE Y 45 -13.26 -20.69 -58.37
N GLY Y 46 -13.42 -21.89 -58.93
CA GLY Y 46 -13.23 -23.10 -58.14
C GLY Y 46 -14.31 -23.33 -57.11
N THR Y 47 -15.53 -22.89 -57.39
CA THR Y 47 -16.61 -23.00 -56.42
C THR Y 47 -17.35 -24.32 -56.59
N PRO Y 48 -17.47 -25.14 -55.57
CA PRO Y 48 -18.25 -26.37 -55.71
C PRO Y 48 -19.67 -26.14 -56.23
N ARG Y 49 -20.08 -27.01 -57.16
CA ARG Y 49 -21.48 -27.20 -57.49
C ARG Y 49 -22.15 -28.08 -56.44
N PRO Y 50 -23.49 -28.10 -56.40
CA PRO Y 50 -24.16 -28.83 -55.32
C PRO Y 50 -23.74 -30.28 -55.22
N ASP Y 51 -23.20 -30.87 -56.27
CA ASP Y 51 -22.84 -32.29 -56.26
C ASP Y 51 -21.35 -32.52 -56.00
N SER Y 52 -20.56 -31.48 -55.74
CA SER Y 52 -19.12 -31.68 -55.62
C SER Y 52 -18.55 -31.14 -54.32
N TYR Y 53 -19.37 -31.08 -53.27
CA TYR Y 53 -18.88 -30.73 -51.95
C TYR Y 53 -18.18 -31.91 -51.31
N TYR Y 54 -18.80 -33.07 -51.42
CA TYR Y 54 -18.32 -34.30 -50.83
C TYR Y 54 -18.28 -35.38 -51.91
N ALA Y 55 -17.45 -36.39 -51.69
CA ALA Y 55 -17.63 -37.65 -52.36
C ALA Y 55 -18.91 -38.31 -51.85
N GLN Y 56 -19.45 -39.23 -52.64
CA GLN Y 56 -20.79 -39.72 -52.33
C GLN Y 56 -20.87 -40.24 -50.90
N GLU Y 57 -19.81 -40.88 -50.41
CA GLU Y 57 -19.85 -41.55 -49.13
C GLU Y 57 -19.07 -40.85 -48.04
N GLN Y 58 -18.38 -39.76 -48.34
CA GLN Y 58 -17.57 -39.10 -47.32
C GLN Y 58 -18.39 -38.08 -46.56
N ARG Y 59 -17.97 -37.81 -45.33
CA ARG Y 59 -18.58 -36.77 -44.51
C ARG Y 59 -17.56 -35.76 -43.99
N SER Y 60 -16.26 -36.01 -44.16
CA SER Y 60 -15.22 -35.08 -43.79
C SER Y 60 -15.00 -34.05 -44.90
N ILE Y 61 -14.36 -32.95 -44.53
CA ILE Y 61 -14.29 -31.75 -45.36
C ILE Y 61 -12.91 -31.67 -45.99
N PRO Y 62 -12.81 -31.36 -47.30
CA PRO Y 62 -11.49 -31.18 -47.92
C PRO Y 62 -10.74 -29.96 -47.42
N LEU Y 63 -10.40 -29.96 -46.13
CA LEU Y 63 -9.69 -28.84 -45.53
C LEU Y 63 -8.21 -28.92 -45.92
N VAL Y 64 -7.69 -27.82 -46.44
CA VAL Y 64 -6.27 -27.69 -46.76
C VAL Y 64 -5.44 -27.67 -45.48
N THR Y 65 -4.39 -28.50 -45.42
CA THR Y 65 -3.59 -28.65 -44.20
C THR Y 65 -2.10 -28.40 -44.41
N ASP Y 66 -1.67 -27.94 -45.57
CA ASP Y 66 -0.25 -27.72 -45.80
C ASP Y 66 -0.10 -26.44 -46.58
N ARG Y 67 0.97 -25.70 -46.30
CA ARG Y 67 1.13 -24.37 -46.87
C ARG Y 67 1.61 -24.44 -48.33
N PHE Y 68 2.60 -25.28 -48.61
CA PHE Y 68 3.20 -25.26 -49.94
C PHE Y 68 2.74 -26.42 -50.80
N GLU Y 69 2.34 -27.52 -50.16
CA GLU Y 69 1.65 -28.64 -50.77
C GLU Y 69 0.19 -28.33 -51.04
N ALA Y 70 -0.23 -27.09 -50.86
CA ALA Y 70 -1.65 -26.78 -50.73
C ALA Y 70 -2.37 -26.88 -52.06
N LYS Y 71 -1.76 -26.36 -53.12
CA LYS Y 71 -2.30 -26.50 -54.46
C LYS Y 71 -2.46 -27.98 -54.83
N GLN Y 72 -1.47 -28.80 -54.48
CA GLN Y 72 -1.57 -30.24 -54.70
C GLN Y 72 -2.65 -30.87 -53.83
N GLN Y 73 -2.79 -30.39 -52.60
CA GLN Y 73 -3.80 -30.95 -51.70
C GLN Y 73 -5.20 -30.80 -52.28
N VAL Y 74 -5.51 -29.62 -52.83
CA VAL Y 74 -6.84 -29.37 -53.39
C VAL Y 74 -7.06 -30.22 -54.64
N GLU Y 75 -6.04 -30.31 -55.49
CA GLU Y 75 -6.18 -31.06 -56.73
C GLU Y 75 -6.40 -32.54 -56.48
N THR Y 76 -5.78 -33.11 -55.43
CA THR Y 76 -5.97 -34.53 -55.14
C THR Y 76 -7.35 -34.79 -54.54
N PHE Y 77 -7.93 -33.84 -53.79
CA PHE Y 77 -9.29 -34.00 -53.31
C PHE Y 77 -10.27 -33.98 -54.47
N LEU Y 78 -9.99 -33.17 -55.49
CA LEU Y 78 -10.82 -33.12 -56.69
C LEU Y 78 -10.69 -34.36 -57.54
N GLU Y 79 -9.64 -35.16 -57.34
CA GLU Y 79 -9.60 -36.47 -57.98
C GLU Y 79 -10.62 -37.41 -57.34
N GLN Y 80 -10.65 -37.46 -56.01
CA GLN Y 80 -11.41 -38.49 -55.32
C GLN Y 80 -12.91 -38.28 -55.44
N LEU Y 81 -13.34 -37.17 -56.06
CA LEU Y 81 -14.77 -36.90 -56.25
C LEU Y 81 -15.35 -37.78 -57.35
N LYS Y 82 -14.58 -38.06 -58.39
CA LYS Y 82 -15.02 -38.87 -59.52
C LYS Y 82 -15.21 -40.34 -59.13
N SER Z 1 -22.56 22.99 -74.71
CA SER Z 1 -21.34 22.38 -75.27
C SER Z 1 -20.50 21.67 -74.19
N TYR Z 2 -20.75 20.37 -73.98
CA TYR Z 2 -20.00 19.62 -73.00
C TYR Z 2 -19.18 18.51 -73.64
N PRO Z 3 -18.08 18.10 -73.02
CA PRO Z 3 -17.50 16.79 -73.33
C PRO Z 3 -18.52 15.72 -73.05
N ILE Z 4 -18.25 14.50 -73.52
CA ILE Z 4 -19.02 13.32 -73.14
C ILE Z 4 -18.17 12.30 -72.42
N PHE Z 5 -16.93 12.11 -72.84
CA PHE Z 5 -15.99 11.27 -72.12
C PHE Z 5 -15.14 12.13 -71.20
N THR Z 6 -15.14 11.77 -69.93
CA THR Z 6 -14.44 12.54 -68.92
C THR Z 6 -13.94 11.56 -67.86
N VAL Z 7 -13.19 12.09 -66.90
CA VAL Z 7 -12.80 11.31 -65.74
C VAL Z 7 -14.04 10.81 -65.00
N ARG Z 8 -14.96 11.73 -64.70
CA ARG Z 8 -16.26 11.35 -64.13
C ARG Z 8 -16.90 10.21 -64.92
N TRP Z 9 -17.03 10.38 -66.24
CA TRP Z 9 -17.53 9.29 -67.08
C TRP Z 9 -16.86 7.96 -66.74
N VAL Z 10 -15.53 7.95 -66.67
CA VAL Z 10 -14.82 6.70 -66.36
C VAL Z 10 -15.22 6.22 -64.97
N ALA Z 11 -15.36 7.15 -64.03
CA ALA Z 11 -15.69 6.74 -62.66
C ALA Z 11 -17.01 5.99 -62.62
N VAL Z 12 -18.02 6.50 -63.31
CA VAL Z 12 -19.34 5.88 -63.20
C VAL Z 12 -19.37 4.55 -63.93
N HIS Z 13 -18.61 4.40 -65.02
CA HIS Z 13 -18.65 3.13 -65.74
C HIS Z 13 -17.81 2.06 -65.09
N THR Z 14 -16.74 2.43 -64.39
CA THR Z 14 -15.98 1.41 -63.69
C THR Z 14 -16.85 0.73 -62.65
N LEU Z 15 -17.84 1.44 -62.14
CA LEU Z 15 -18.78 0.88 -61.18
C LEU Z 15 -19.97 0.23 -61.88
N ALA Z 16 -20.71 1.03 -62.64
CA ALA Z 16 -22.02 0.63 -63.14
C ALA Z 16 -21.97 -0.66 -63.96
N VAL Z 17 -20.96 -0.83 -64.80
CA VAL Z 17 -21.07 -1.94 -65.75
C VAL Z 17 -20.75 -3.25 -65.02
N PRO Z 18 -19.77 -3.30 -64.12
CA PRO Z 18 -19.65 -4.54 -63.33
C PRO Z 18 -20.89 -4.79 -62.48
N THR Z 19 -21.57 -3.72 -62.06
CA THR Z 19 -22.73 -3.88 -61.19
C THR Z 19 -23.87 -4.55 -61.93
N ILE Z 20 -24.17 -4.09 -63.15
CA ILE Z 20 -25.23 -4.71 -63.93
C ILE Z 20 -24.90 -6.17 -64.20
N PHE Z 21 -23.67 -6.43 -64.64
CA PHE Z 21 -23.25 -7.78 -64.95
C PHE Z 21 -23.37 -8.67 -63.72
N PHE Z 22 -23.02 -8.14 -62.56
CA PHE Z 22 -23.16 -8.95 -61.35
C PHE Z 22 -24.63 -9.23 -61.06
N LEU Z 23 -25.50 -8.26 -61.34
CA LEU Z 23 -26.92 -8.43 -61.05
C LEU Z 23 -27.56 -9.54 -61.89
N GLY Z 24 -27.12 -9.70 -63.14
CA GLY Z 24 -27.65 -10.79 -63.95
C GLY Z 24 -27.09 -12.12 -63.49
N ALA Z 25 -25.80 -12.14 -63.17
CA ALA Z 25 -25.20 -13.28 -62.50
C ALA Z 25 -26.06 -13.74 -61.33
N ILE Z 26 -26.35 -12.80 -60.41
CA ILE Z 26 -27.10 -13.15 -59.21
C ILE Z 26 -28.54 -13.57 -59.55
N ALA Z 27 -29.18 -12.86 -60.48
CA ALA Z 27 -30.51 -13.24 -60.92
C ALA Z 27 -30.55 -14.71 -61.30
N ALA Z 28 -29.62 -15.14 -62.16
CA ALA Z 28 -29.58 -16.52 -62.61
C ALA Z 28 -29.46 -17.48 -61.43
N MET Z 29 -28.71 -17.07 -60.40
CA MET Z 29 -28.50 -17.98 -59.28
C MET Z 29 -29.83 -18.36 -58.63
N GLN Z 30 -30.83 -17.48 -58.67
CA GLN Z 30 -32.09 -17.77 -57.98
C GLN Z 30 -32.76 -19.03 -58.53
N PHE Z 31 -32.40 -19.45 -59.75
CA PHE Z 31 -33.02 -20.60 -60.38
C PHE Z 31 -32.18 -21.85 -60.30
N ILE Z 32 -31.05 -21.82 -59.60
CA ILE Z 32 -30.25 -23.04 -59.46
C ILE Z 32 -30.93 -23.89 -58.40
N GLN Z 33 -31.27 -25.11 -58.78
CA GLN Z 33 -31.74 -26.13 -57.86
C GLN Z 33 -30.57 -26.98 -57.43
N ARG Z 34 -30.75 -27.74 -56.37
CA ARG Z 34 -29.70 -28.63 -55.90
C ARG Z 34 -29.96 -30.06 -56.33
N ALA AA 1 24.73 37.77 -27.71
CA ALA AA 1 24.98 36.38 -27.35
C ALA AA 1 26.42 36.17 -26.87
N ARG AA 2 26.65 34.97 -26.33
CA ARG AA 2 27.88 34.61 -25.63
C ARG AA 2 28.76 33.81 -26.57
N ARG AA 3 29.99 34.26 -26.77
CA ARG AA 3 30.98 33.46 -27.47
C ARG AA 3 31.71 32.55 -26.50
N THR AA 4 32.02 31.35 -26.97
CA THR AA 4 32.86 30.44 -26.23
C THR AA 4 33.91 29.90 -27.19
N TRP AA 5 34.91 29.25 -26.61
CA TRP AA 5 35.96 28.66 -27.43
C TRP AA 5 35.41 27.54 -28.28
N LEU AA 6 34.65 26.64 -27.66
CA LEU AA 6 34.11 25.50 -28.41
C LEU AA 6 33.15 25.99 -29.47
N GLY AA 7 32.31 26.97 -29.14
CA GLY AA 7 31.46 27.59 -30.13
C GLY AA 7 32.23 28.05 -31.34
N ASP AA 8 33.17 28.96 -31.16
CA ASP AA 8 33.98 29.44 -32.28
C ASP AA 8 34.45 28.28 -33.17
N ILE AA 9 34.87 27.17 -32.55
CA ILE AA 9 35.40 26.05 -33.32
C ILE AA 9 34.29 25.39 -34.15
N LEU AA 10 33.08 25.26 -33.57
CA LEU AA 10 31.93 24.65 -34.24
C LEU AA 10 31.23 25.60 -35.21
N ARG AA 11 31.36 26.90 -34.99
CA ARG AA 11 30.63 27.96 -35.69
C ARG AA 11 30.42 27.73 -37.18
N PRO AA 12 31.39 27.24 -37.95
CA PRO AA 12 31.12 27.02 -39.38
C PRO AA 12 30.13 25.90 -39.62
N LEU AA 13 30.04 24.92 -38.73
CA LEU AA 13 29.13 23.80 -38.97
C LEU AA 13 27.69 24.24 -38.94
N ASN AA 14 27.40 25.37 -38.35
CA ASN AA 14 26.02 25.82 -38.21
C ASN AA 14 25.92 27.21 -38.82
N SER AA 15 26.45 27.34 -40.04
CA SER AA 15 26.58 28.63 -40.71
C SER AA 15 25.77 28.76 -41.99
N GLU AA 16 25.40 27.66 -42.63
CA GLU AA 16 24.71 27.68 -43.91
C GLU AA 16 23.18 27.52 -43.78
N TYR AA 17 22.60 27.98 -42.68
CA TYR AA 17 21.15 28.00 -42.61
C TYR AA 17 20.59 28.49 -43.94
N GLY AA 18 19.65 27.71 -44.50
CA GLY AA 18 18.88 28.13 -45.66
C GLY AA 18 19.57 27.96 -47.00
N LYS AA 19 20.82 27.50 -47.03
CA LYS AA 19 21.51 27.27 -48.29
C LYS AA 19 20.95 26.04 -49.00
N VAL AA 20 20.64 26.18 -50.29
CA VAL AA 20 19.99 25.13 -51.06
C VAL AA 20 20.59 25.03 -52.45
N ALA AA 21 20.67 23.80 -52.95
CA ALA AA 21 20.99 23.56 -54.37
C ALA AA 21 19.80 23.94 -55.25
N PRO AA 22 20.04 24.48 -56.44
CA PRO AA 22 18.93 25.02 -57.23
C PRO AA 22 17.98 23.95 -57.72
N GLY AA 23 16.70 24.30 -57.74
CA GLY AA 23 15.72 23.48 -58.41
C GLY AA 23 15.67 22.08 -57.82
N TRP AA 24 15.92 21.11 -58.69
CA TRP AA 24 15.65 19.71 -58.38
C TRP AA 24 16.89 18.98 -57.90
N GLY AA 25 18.07 19.55 -58.08
CA GLY AA 25 19.28 18.97 -57.57
C GLY AA 25 19.24 17.48 -57.68
N THR AA 26 19.68 16.79 -56.63
CA THR AA 26 19.89 15.35 -56.69
C THR AA 26 18.59 14.52 -56.49
N THR AA 27 17.42 15.12 -56.67
CA THR AA 27 16.19 14.37 -56.45
C THR AA 27 16.12 13.12 -57.31
N PRO AA 28 16.42 13.16 -58.61
CA PRO AA 28 16.37 11.92 -59.39
C PRO AA 28 17.25 10.84 -58.79
N LEU AA 29 18.43 11.21 -58.31
CA LEU AA 29 19.33 10.21 -57.72
C LEU AA 29 18.75 9.64 -56.44
N MET AA 30 18.14 10.48 -55.62
CA MET AA 30 17.53 10.01 -54.38
C MET AA 30 16.40 9.03 -54.66
N ALA AA 31 15.60 9.32 -55.69
CA ALA AA 31 14.50 8.40 -56.00
C ALA AA 31 15.06 7.05 -56.40
N VAL AA 32 16.16 7.02 -57.16
CA VAL AA 32 16.75 5.73 -57.52
C VAL AA 32 17.14 4.95 -56.28
N PHE AA 33 17.74 5.63 -55.31
CA PHE AA 33 18.07 4.92 -54.08
C PHE AA 33 16.82 4.42 -53.38
N MET AA 34 15.78 5.26 -53.29
CA MET AA 34 14.54 4.87 -52.65
C MET AA 34 13.98 3.60 -53.27
N GLY AA 35 13.77 3.62 -54.59
CA GLY AA 35 13.28 2.44 -55.27
C GLY AA 35 14.13 1.21 -54.99
N LEU AA 36 15.44 1.40 -54.96
CA LEU AA 36 16.35 0.29 -54.63
C LEU AA 36 16.14 -0.21 -53.21
N PHE AA 37 15.93 0.72 -52.28
CA PHE AA 37 15.73 0.31 -50.88
C PHE AA 37 14.44 -0.45 -50.73
N LEU AA 38 13.39 0.04 -51.38
CA LEU AA 38 12.09 -0.63 -51.37
C LEU AA 38 12.23 -2.09 -51.78
N VAL AA 39 12.84 -2.34 -52.93
CA VAL AA 39 12.90 -3.74 -53.38
C VAL AA 39 13.73 -4.54 -52.42
N PHE AA 40 14.71 -3.91 -51.82
CA PHE AA 40 15.55 -4.56 -50.84
C PHE AA 40 14.77 -4.92 -49.57
N LEU AA 41 13.92 -4.01 -49.09
CA LEU AA 41 13.00 -4.33 -48.00
C LEU AA 41 12.04 -5.44 -48.41
N LEU AA 42 11.45 -5.33 -49.60
CA LEU AA 42 10.56 -6.39 -50.05
C LEU AA 42 11.24 -7.76 -49.99
N ILE AA 43 12.52 -7.83 -50.40
CA ILE AA 43 13.21 -9.10 -50.35
C ILE AA 43 13.35 -9.57 -48.90
N ILE AA 44 13.73 -8.66 -48.00
CA ILE AA 44 13.88 -9.05 -46.60
C ILE AA 44 12.53 -9.52 -46.01
N LEU AA 45 11.47 -8.76 -46.26
CA LEU AA 45 10.14 -9.11 -45.74
C LEU AA 45 9.71 -10.49 -46.22
N GLU AA 46 9.94 -10.79 -47.51
CA GLU AA 46 9.41 -12.01 -48.12
C GLU AA 46 10.23 -13.24 -47.80
N ILE AA 47 11.54 -13.08 -47.56
CA ILE AA 47 12.31 -14.15 -46.96
C ILE AA 47 11.74 -14.50 -45.59
N TYR AA 48 11.43 -13.48 -44.78
CA TYR AA 48 10.93 -13.70 -43.42
C TYR AA 48 9.53 -14.30 -43.45
N ASN AA 49 8.74 -13.94 -44.46
CA ASN AA 49 7.38 -14.43 -44.61
C ASN AA 49 7.29 -15.83 -45.20
N SER AA 50 8.40 -16.31 -45.79
CA SER AA 50 8.47 -17.53 -46.61
C SER AA 50 7.57 -17.48 -47.86
N THR AA 51 7.33 -16.28 -48.37
CA THR AA 51 6.88 -16.11 -49.74
C THR AA 51 8.02 -16.21 -50.76
N LEU AA 52 9.24 -15.87 -50.36
CA LEU AA 52 10.44 -16.07 -51.17
C LEU AA 52 11.30 -17.09 -50.45
N ILE AA 53 11.58 -18.20 -51.13
CA ILE AA 53 12.45 -19.25 -50.59
C ILE AA 53 13.72 -19.34 -51.44
N LEU AA 54 14.86 -19.18 -50.80
CA LEU AA 54 16.15 -19.22 -51.46
C LEU AA 54 16.94 -20.44 -50.99
N ASP AA 55 17.74 -20.99 -51.89
CA ASP AA 55 18.60 -22.11 -51.53
C ASP AA 55 19.54 -21.75 -50.38
N GLY AA 56 19.67 -22.66 -49.41
CA GLY AA 56 20.54 -22.46 -48.27
C GLY AA 56 20.05 -21.50 -47.21
N VAL AA 57 18.86 -20.96 -47.35
CA VAL AA 57 18.31 -20.01 -46.40
C VAL AA 57 17.15 -20.73 -45.70
N ASN AA 58 17.40 -21.20 -44.50
CA ASN AA 58 16.39 -21.92 -43.70
C ASN AA 58 15.88 -20.99 -42.59
N VAL AA 59 14.81 -20.25 -42.88
CA VAL AA 59 14.18 -19.36 -41.92
C VAL AA 59 13.49 -20.21 -40.86
N SER AA 60 14.26 -20.58 -39.85
CA SER AA 60 13.85 -21.50 -38.80
C SER AA 60 14.89 -21.44 -37.69
N TRP AA 61 14.45 -21.67 -36.46
CA TRP AA 61 15.38 -21.68 -35.34
C TRP AA 61 16.56 -22.58 -35.62
N LYS AA 62 16.35 -23.60 -36.45
CA LYS AA 62 17.42 -24.51 -36.85
C LYS AA 62 18.33 -23.83 -37.88
N ALA AA 63 18.98 -22.77 -37.43
CA ALA AA 63 19.97 -22.05 -38.21
C ALA AA 63 20.92 -21.36 -37.24
N FME BA 1 -44.91 -2.04 8.43
CN FME BA 1 -44.39 -0.92 9.05
O1 FME BA 1 -44.18 0.13 8.41
CA FME BA 1 -45.22 -2.05 7.04
CB FME BA 1 -45.31 -3.49 6.47
CG FME BA 1 -44.02 -4.29 6.67
SD FME BA 1 -42.58 -3.42 6.02
CE FME BA 1 -41.41 -4.74 5.96
C FME BA 1 -46.53 -1.35 6.67
O FME BA 1 -46.63 -0.59 5.71
H FME BA 1 -45.09 -2.87 8.95
HCN FME BA 1 -44.17 -1.05 10.13
HA FME BA 1 -44.43 -1.46 6.48
HB2 FME BA 1 -45.56 -3.42 5.38
HB3 FME BA 1 -46.16 -4.01 6.99
HG2 FME BA 1 -44.10 -5.28 6.16
HG3 FME BA 1 -43.84 -4.49 7.76
HE1 FME BA 1 -40.44 -4.28 5.66
HE2 FME BA 1 -41.80 -5.47 5.20
HE3 FME BA 1 -41.38 -5.18 6.99
N GLU BA 2 -47.55 -1.64 7.48
CA GLU BA 2 -48.87 -1.03 7.30
C GLU BA 2 -48.71 0.47 7.36
N THR BA 3 -47.90 0.88 8.33
CA THR BA 3 -47.58 2.30 8.48
C THR BA 3 -46.79 2.81 7.28
N LEU BA 4 -45.90 1.99 6.74
CA LEU BA 4 -45.16 2.38 5.55
C LEU BA 4 -46.09 2.57 4.37
N LYS BA 5 -46.98 1.61 4.15
CA LYS BA 5 -47.86 1.61 2.98
C LYS BA 5 -48.68 2.89 2.92
N ILE BA 6 -49.33 3.21 4.05
CA ILE BA 6 -50.11 4.44 4.18
C ILE BA 6 -49.25 5.68 3.94
N THR BA 7 -48.08 5.75 4.57
CA THR BA 7 -47.27 6.95 4.37
C THR BA 7 -46.88 7.11 2.89
N VAL BA 8 -46.54 6.02 2.20
CA VAL BA 8 -46.20 6.14 0.79
C VAL BA 8 -47.43 6.48 -0.03
N TYR BA 9 -48.57 5.87 0.27
CA TYR BA 9 -49.78 6.21 -0.48
C TYR BA 9 -50.09 7.70 -0.40
N ILE BA 10 -49.93 8.28 0.77
CA ILE BA 10 -50.22 9.70 0.92
C ILE BA 10 -49.18 10.56 0.21
N VAL BA 11 -47.90 10.25 0.40
CA VAL BA 11 -46.85 10.97 -0.31
C VAL BA 11 -47.10 10.98 -1.81
N VAL BA 12 -47.29 9.79 -2.38
CA VAL BA 12 -47.53 9.70 -3.82
C VAL BA 12 -48.76 10.52 -4.20
N THR BA 13 -49.80 10.41 -3.38
CA THR BA 13 -51.05 11.05 -3.74
C THR BA 13 -50.88 12.55 -3.75
N PHE BA 14 -50.24 13.06 -2.73
CA PHE BA 14 -49.93 14.47 -2.70
C PHE BA 14 -49.16 14.91 -3.94
N PHE BA 15 -48.11 14.19 -4.31
CA PHE BA 15 -47.29 14.65 -5.43
C PHE BA 15 -48.07 14.55 -6.73
N VAL BA 16 -48.86 13.51 -6.87
CA VAL BA 16 -49.72 13.37 -8.05
C VAL BA 16 -50.64 14.59 -8.18
N LEU BA 17 -51.28 14.99 -7.08
CA LEU BA 17 -52.26 16.08 -7.16
C LEU BA 17 -51.57 17.40 -7.49
N LEU BA 18 -50.38 17.64 -6.93
CA LEU BA 18 -49.64 18.82 -7.34
C LEU BA 18 -49.44 18.84 -8.84
N PHE BA 19 -49.14 17.68 -9.40
CA PHE BA 19 -48.87 17.62 -10.82
C PHE BA 19 -50.13 17.98 -11.59
N VAL BA 20 -51.24 17.35 -11.23
CA VAL BA 20 -52.49 17.57 -11.96
C VAL BA 20 -52.93 19.01 -11.84
N PHE BA 21 -52.88 19.54 -10.62
CA PHE BA 21 -53.44 20.87 -10.42
C PHE BA 21 -52.56 21.91 -11.06
N GLY BA 22 -51.24 21.72 -11.01
CA GLY BA 22 -50.36 22.68 -11.61
C GLY BA 22 -50.59 22.80 -13.10
N PHE BA 23 -50.83 21.68 -13.77
CA PHE BA 23 -51.06 21.80 -15.21
C PHE BA 23 -52.44 22.37 -15.52
N LEU BA 24 -53.37 22.28 -14.58
CA LEU BA 24 -54.68 22.89 -14.75
C LEU BA 24 -54.67 24.36 -14.46
N SER BA 25 -53.62 24.83 -13.78
CA SER BA 25 -53.53 26.23 -13.41
C SER BA 25 -53.04 27.05 -14.59
N GLY BA 26 -53.70 26.85 -15.73
CA GLY BA 26 -53.53 27.71 -16.88
C GLY BA 26 -52.15 27.61 -17.49
N ASP BA 27 -51.60 26.41 -17.50
CA ASP BA 27 -50.27 26.16 -18.02
C ASP BA 27 -50.04 26.74 -19.42
N PRO BA 28 -51.05 26.76 -20.29
CA PRO BA 28 -50.80 27.33 -21.61
C PRO BA 28 -50.34 28.79 -21.58
N ALA BA 29 -50.74 29.58 -20.56
CA ALA BA 29 -50.36 30.99 -20.50
C ALA BA 29 -48.97 31.24 -19.90
N ARG BA 30 -48.35 30.21 -19.31
CA ARG BA 30 -47.02 30.35 -18.71
C ARG BA 30 -45.99 30.09 -19.80
N ASN BA 31 -45.81 31.11 -20.64
CA ASN BA 31 -44.83 31.09 -21.71
C ASN BA 31 -44.48 32.54 -21.98
N PRO BA 32 -43.35 32.78 -22.64
CA PRO BA 32 -42.76 34.13 -22.66
C PRO BA 32 -43.36 35.05 -23.70
N LYS BA 33 -44.24 34.54 -24.56
CA LYS BA 33 -44.81 35.33 -25.64
C LYS BA 33 -46.29 35.57 -25.39
N ARG BA 34 -47.17 34.68 -25.81
CA ARG BA 34 -48.61 34.95 -25.88
C ARG BA 34 -49.33 34.33 -24.69
N LYS BA 35 -50.05 35.15 -23.93
CA LYS BA 35 -50.97 34.67 -22.90
C LYS BA 35 -52.33 34.42 -23.51
N ASP BA 36 -52.33 33.56 -24.53
CA ASP BA 36 -53.49 33.28 -25.40
C ASP BA 36 -54.59 34.33 -25.33
N GLY CA 1 -31.43 17.18 -74.91
CA GLY CA 1 -31.19 17.11 -73.48
C GLY CA 1 -32.42 17.47 -72.66
N GLY CA 2 -33.13 16.46 -72.17
CA GLY CA 2 -34.38 16.69 -71.48
C GLY CA 2 -35.62 16.26 -72.25
N ARG CA 3 -35.49 15.30 -73.17
CA ARG CA 3 -36.62 14.87 -73.98
C ARG CA 3 -37.53 13.86 -73.26
N ILE CA 4 -37.14 13.35 -72.09
CA ILE CA 4 -37.89 12.34 -71.37
C ILE CA 4 -38.10 12.84 -69.94
N PRO CA 5 -39.33 12.96 -69.46
CA PRO CA 5 -39.53 13.61 -68.16
C PRO CA 5 -38.91 12.80 -67.04
N LEU CA 6 -38.27 13.52 -66.12
CA LEU CA 6 -37.51 12.87 -65.06
C LEU CA 6 -38.40 11.92 -64.25
N TRP CA 7 -39.65 12.31 -63.99
CA TRP CA 7 -40.50 11.46 -63.16
C TRP CA 7 -40.73 10.10 -63.81
N ILE CA 8 -40.75 10.05 -65.14
CA ILE CA 8 -40.97 8.78 -65.83
C ILE CA 8 -39.77 7.87 -65.62
N VAL CA 9 -38.55 8.38 -65.86
CA VAL CA 9 -37.38 7.53 -65.66
C VAL CA 9 -37.34 7.02 -64.22
N ALA CA 10 -37.74 7.87 -63.26
CA ALA CA 10 -37.69 7.48 -61.85
C ALA CA 10 -38.58 6.28 -61.58
N THR CA 11 -39.87 6.42 -61.91
CA THR CA 11 -40.82 5.31 -61.74
C THR CA 11 -40.32 4.04 -62.42
N VAL CA 12 -39.90 4.16 -63.69
CA VAL CA 12 -39.39 2.99 -64.41
C VAL CA 12 -38.26 2.36 -63.62
N ALA CA 13 -37.21 3.15 -63.34
CA ALA CA 13 -36.05 2.67 -62.58
C ALA CA 13 -36.47 1.99 -61.29
N GLY CA 14 -37.26 2.69 -60.48
CA GLY CA 14 -37.84 2.12 -59.27
C GLY CA 14 -38.48 0.77 -59.49
N MET CA 15 -39.54 0.69 -60.30
CA MET CA 15 -40.14 -0.61 -60.58
C MET CA 15 -39.09 -1.64 -60.99
N GLY CA 16 -38.00 -1.21 -61.63
CA GLY CA 16 -36.96 -2.17 -62.01
C GLY CA 16 -36.20 -2.74 -60.83
N VAL CA 17 -35.91 -1.90 -59.83
CA VAL CA 17 -35.19 -2.43 -58.66
C VAL CA 17 -36.12 -3.30 -57.84
N ILE CA 18 -37.39 -2.89 -57.70
CA ILE CA 18 -38.36 -3.68 -56.97
C ILE CA 18 -38.42 -5.09 -57.51
N VAL CA 19 -38.27 -5.23 -58.82
CA VAL CA 19 -38.34 -6.56 -59.43
C VAL CA 19 -37.14 -7.40 -59.04
N ILE CA 20 -35.94 -6.85 -59.20
CA ILE CA 20 -34.72 -7.59 -58.90
C ILE CA 20 -34.72 -7.97 -57.42
N VAL CA 21 -35.04 -7.01 -56.55
CA VAL CA 21 -35.08 -7.29 -55.12
C VAL CA 21 -36.12 -8.34 -54.82
N GLY CA 22 -37.34 -8.12 -55.34
CA GLY CA 22 -38.37 -9.13 -55.20
C GLY CA 22 -37.90 -10.51 -55.60
N LEU CA 23 -37.10 -10.57 -56.67
CA LEU CA 23 -36.61 -11.85 -57.15
C LEU CA 23 -35.68 -12.50 -56.13
N PHE CA 24 -34.84 -11.69 -55.47
CA PHE CA 24 -33.89 -12.24 -54.52
C PHE CA 24 -34.61 -12.78 -53.31
N PHE CA 25 -35.68 -12.11 -52.89
CA PHE CA 25 -36.48 -12.65 -51.80
C PHE CA 25 -37.18 -13.93 -52.19
N TYR CA 26 -37.65 -14.04 -53.44
CA TYR CA 26 -38.19 -15.31 -53.92
C TYR CA 26 -37.12 -16.39 -53.81
N GLY CA 27 -35.89 -16.08 -54.22
CA GLY CA 27 -34.82 -17.08 -54.20
C GLY CA 27 -34.51 -17.59 -52.80
N ALA CA 28 -34.68 -16.74 -51.79
CA ALA CA 28 -34.49 -17.22 -50.43
C ALA CA 28 -35.41 -18.42 -50.12
N TYR CA 29 -36.54 -18.53 -50.80
CA TYR CA 29 -37.44 -19.66 -50.56
C TYR CA 29 -37.30 -20.79 -51.58
N ALA CA 30 -36.67 -20.57 -52.73
CA ALA CA 30 -36.62 -21.58 -53.77
C ALA CA 30 -35.17 -22.03 -53.97
N GLY CA 31 -34.96 -23.32 -54.15
CA GLY CA 31 -33.68 -23.79 -54.67
C GLY CA 31 -32.57 -23.70 -53.64
N LEU CA 32 -31.40 -23.23 -54.08
CA LEU CA 32 -30.23 -23.13 -53.21
C LEU CA 32 -30.51 -22.19 -52.05
N GLY CA 33 -30.18 -22.64 -50.85
CA GLY CA 33 -30.30 -21.83 -49.66
C GLY CA 33 -31.68 -21.73 -49.06
N SER CA 34 -32.64 -22.56 -49.51
CA SER CA 34 -33.99 -22.53 -48.99
C SER CA 34 -34.20 -23.53 -47.85
N SER CA 35 -33.15 -24.25 -47.46
CA SER CA 35 -33.17 -25.30 -46.43
C SER CA 35 -33.88 -26.57 -46.90
N LEU CA 36 -34.50 -26.52 -48.08
CA LEU CA 36 -35.35 -27.63 -48.51
C LEU CA 36 -34.57 -28.65 -49.33
N LYS DA 1 -59.61 -22.54 -48.99
CA LYS DA 1 -59.98 -22.22 -50.37
C LYS DA 1 -61.20 -21.29 -50.43
N LEU DA 2 -61.30 -20.48 -51.49
CA LEU DA 2 -62.54 -19.76 -51.76
C LEU DA 2 -63.58 -20.75 -52.27
N PRO DA 3 -64.85 -20.35 -52.34
CA PRO DA 3 -65.84 -21.20 -53.03
C PRO DA 3 -65.36 -21.51 -54.44
N GLU DA 4 -65.50 -22.77 -54.85
CA GLU DA 4 -64.91 -23.22 -56.10
C GLU DA 4 -65.32 -22.33 -57.28
N ALA DA 5 -66.50 -21.69 -57.19
CA ALA DA 5 -66.91 -20.73 -58.21
C ALA DA 5 -65.82 -19.71 -58.46
N TYR DA 6 -65.31 -19.10 -57.40
CA TYR DA 6 -64.38 -17.99 -57.48
C TYR DA 6 -62.95 -18.45 -57.63
N ALA DA 7 -62.73 -19.71 -57.96
CA ALA DA 7 -61.38 -20.27 -58.02
C ALA DA 7 -60.52 -19.58 -59.08
N ILE DA 8 -61.11 -19.31 -60.25
CA ILE DA 8 -60.36 -18.63 -61.30
C ILE DA 8 -59.86 -17.28 -60.82
N PHE DA 9 -60.45 -16.73 -59.77
CA PHE DA 9 -60.01 -15.45 -59.25
C PHE DA 9 -58.91 -15.57 -58.21
N ASP DA 10 -58.38 -16.78 -58.04
CA ASP DA 10 -57.43 -17.02 -56.96
C ASP DA 10 -56.18 -16.16 -57.08
N PRO DA 11 -55.52 -16.06 -58.24
CA PRO DA 11 -54.28 -15.26 -58.28
C PRO DA 11 -54.52 -13.76 -58.16
N LEU DA 12 -55.69 -13.23 -58.57
CA LEU DA 12 -56.00 -11.85 -58.23
C LEU DA 12 -56.16 -11.69 -56.72
N VAL DA 13 -56.88 -12.59 -56.07
CA VAL DA 13 -57.01 -12.55 -54.62
C VAL DA 13 -55.64 -12.59 -53.96
N ASP DA 14 -54.68 -13.29 -54.58
CA ASP DA 14 -53.31 -13.36 -54.05
C ASP DA 14 -52.65 -12.00 -53.94
N VAL DA 15 -52.86 -11.13 -54.93
CA VAL DA 15 -52.12 -9.88 -55.00
C VAL DA 15 -52.84 -8.73 -54.33
N LEU DA 16 -54.13 -8.86 -54.04
CA LEU DA 16 -54.93 -7.70 -53.62
C LEU DA 16 -54.43 -7.03 -52.34
N PRO DA 17 -54.05 -7.75 -51.29
CA PRO DA 17 -53.68 -7.07 -50.04
C PRO DA 17 -52.47 -6.16 -50.16
N VAL DA 18 -51.56 -6.38 -51.13
CA VAL DA 18 -50.45 -5.45 -51.34
C VAL DA 18 -50.90 -4.12 -51.95
N ILE DA 19 -52.15 -4.03 -52.40
CA ILE DA 19 -52.59 -2.85 -53.13
C ILE DA 19 -52.50 -1.59 -52.29
N PRO DA 20 -52.84 -1.59 -51.00
CA PRO DA 20 -52.76 -0.31 -50.26
C PRO DA 20 -51.37 0.27 -50.20
N VAL DA 21 -50.32 -0.55 -50.27
CA VAL DA 21 -48.97 0.02 -50.31
C VAL DA 21 -48.72 0.73 -51.64
N LEU DA 22 -49.30 0.27 -52.75
CA LEU DA 22 -49.13 0.97 -54.03
C LEU DA 22 -49.64 2.40 -53.93
N PHE DA 23 -50.64 2.62 -53.10
CA PHE DA 23 -51.17 3.97 -52.90
C PHE DA 23 -50.11 4.90 -52.35
N LEU DA 24 -49.34 4.45 -51.35
CA LEU DA 24 -48.26 5.26 -50.82
C LEU DA 24 -47.23 5.55 -51.92
N ALA DA 25 -46.92 4.55 -52.75
CA ALA DA 25 -45.95 4.76 -53.82
C ALA DA 25 -46.54 5.65 -54.89
N LEU DA 26 -47.84 5.56 -55.11
CA LEU DA 26 -48.45 6.39 -56.13
C LEU DA 26 -48.37 7.87 -55.76
N ALA DA 27 -48.43 8.19 -54.46
CA ALA DA 27 -48.28 9.59 -54.07
C ALA DA 27 -46.90 10.14 -54.42
N PHE DA 28 -45.87 9.30 -54.44
CA PHE DA 28 -44.54 9.80 -54.76
C PHE DA 28 -44.35 9.94 -56.27
N VAL DA 29 -44.88 9.00 -57.05
CA VAL DA 29 -44.95 9.18 -58.49
C VAL DA 29 -45.67 10.49 -58.82
N TRP DA 30 -46.69 10.84 -58.02
CA TRP DA 30 -47.45 12.06 -58.25
C TRP DA 30 -46.62 13.31 -57.96
N GLN DA 31 -45.86 13.32 -56.85
CA GLN DA 31 -45.09 14.53 -56.51
C GLN DA 31 -43.88 14.67 -57.43
N ALA DA 32 -43.32 13.56 -57.89
CA ALA DA 32 -42.35 13.62 -58.98
C ALA DA 32 -42.97 14.25 -60.22
N ALA DA 33 -44.24 13.96 -60.49
CA ALA DA 33 -44.93 14.59 -61.62
C ALA DA 33 -44.97 16.11 -61.45
N VAL DA 34 -45.33 16.56 -60.26
CA VAL DA 34 -45.48 18.00 -60.04
C VAL DA 34 -44.18 18.58 -59.48
N GLY DA 35 -43.10 17.79 -59.57
CA GLY DA 35 -41.78 18.25 -59.13
C GLY DA 35 -41.69 18.71 -57.69
N PHE DA 36 -42.38 18.02 -56.77
CA PHE DA 36 -42.28 18.31 -55.33
C PHE DA 36 -42.46 19.80 -55.04
N ARG DA 37 -43.39 20.45 -55.75
CA ARG DA 37 -43.67 21.87 -55.49
C ARG DA 37 -44.07 22.14 -54.05
N GLU EA 2 20.02 39.44 -19.12
CA GLU EA 2 20.12 38.21 -19.91
C GLU EA 2 18.99 37.19 -19.63
N PRO EA 3 17.78 37.64 -19.30
CA PRO EA 3 16.69 36.70 -19.05
C PRO EA 3 16.12 36.13 -20.33
N ASN EA 4 15.64 34.90 -20.26
CA ASN EA 4 15.33 34.19 -21.50
C ASN EA 4 13.99 34.68 -22.05
N PRO EA 5 13.94 35.05 -23.33
CA PRO EA 5 12.75 35.67 -23.92
C PRO EA 5 11.69 34.70 -24.44
N ASN EA 6 11.94 33.40 -24.41
CA ASN EA 6 10.95 32.44 -24.87
C ASN EA 6 10.00 32.02 -23.76
N ARG EA 7 10.31 32.35 -22.51
CA ARG EA 7 9.41 32.07 -21.39
C ARG EA 7 7.99 32.53 -21.74
N GLN EA 8 7.02 31.69 -21.39
CA GLN EA 8 5.60 31.97 -21.55
C GLN EA 8 4.85 31.64 -20.27
N PRO EA 9 3.76 32.34 -20.00
CA PRO EA 9 2.90 31.93 -18.88
C PRO EA 9 1.86 30.90 -19.31
N VAL EA 10 1.49 30.06 -18.37
CA VAL EA 10 0.67 28.91 -18.64
C VAL EA 10 -0.67 29.07 -17.92
N GLU EA 11 -1.74 28.53 -18.51
CA GLU EA 11 -3.07 28.72 -17.95
C GLU EA 11 -3.88 27.44 -17.97
N LEU EA 12 -4.69 27.26 -16.92
CA LEU EA 12 -5.75 26.26 -16.88
C LEU EA 12 -6.96 26.87 -16.18
N ASN EA 13 -8.05 27.11 -16.93
CA ASN EA 13 -9.26 27.73 -16.39
C ASN EA 13 -10.07 26.72 -15.56
N ARG EA 14 -11.13 27.19 -14.91
CA ARG EA 14 -11.85 26.35 -13.97
C ARG EA 14 -12.53 25.18 -14.68
N THR EA 15 -13.18 25.45 -15.79
CA THR EA 15 -13.82 24.40 -16.55
C THR EA 15 -12.81 23.31 -16.89
N SER EA 16 -11.62 23.71 -17.37
CA SER EA 16 -10.64 22.68 -17.70
C SER EA 16 -10.26 21.86 -16.45
N LEU EA 17 -10.15 22.50 -15.29
CA LEU EA 17 -9.89 21.77 -14.05
C LEU EA 17 -11.00 20.77 -13.77
N TYR EA 18 -12.25 21.22 -13.87
CA TYR EA 18 -13.36 20.34 -13.63
C TYR EA 18 -13.36 19.16 -14.60
N LEU EA 19 -13.21 19.45 -15.89
CA LEU EA 19 -13.09 18.37 -16.88
C LEU EA 19 -11.92 17.44 -16.56
N GLY EA 20 -10.76 18.01 -16.23
CA GLY EA 20 -9.59 17.17 -15.99
C GLY EA 20 -9.72 16.36 -14.73
N LEU EA 21 -10.42 16.87 -13.74
CA LEU EA 21 -10.60 16.09 -12.53
C LEU EA 21 -11.61 14.96 -12.74
N LEU EA 22 -12.69 15.22 -13.47
CA LEU EA 22 -13.64 14.16 -13.82
C LEU EA 22 -12.96 13.05 -14.60
N LEU EA 23 -12.16 13.42 -15.60
CA LEU EA 23 -11.37 12.44 -16.34
C LEU EA 23 -10.56 11.55 -15.42
N ILE EA 24 -9.77 12.15 -14.52
CA ILE EA 24 -8.90 11.35 -13.66
C ILE EA 24 -9.76 10.44 -12.78
N LEU EA 25 -10.75 11.02 -12.12
CA LEU EA 25 -11.54 10.26 -11.17
C LEU EA 25 -12.25 9.12 -11.83
N VAL EA 26 -12.86 9.35 -12.98
CA VAL EA 26 -13.58 8.25 -13.63
C VAL EA 26 -12.59 7.20 -14.12
N LEU EA 27 -11.41 7.63 -14.60
CA LEU EA 27 -10.39 6.63 -14.96
C LEU EA 27 -9.95 5.82 -13.75
N ALA EA 28 -9.82 6.45 -12.59
CA ALA EA 28 -9.44 5.70 -11.41
C ALA EA 28 -10.51 4.68 -11.04
N LEU EA 29 -11.77 5.11 -11.08
CA LEU EA 29 -12.90 4.24 -10.78
C LEU EA 29 -12.97 3.08 -11.75
N LEU EA 30 -12.70 3.34 -13.03
CA LEU EA 30 -12.63 2.26 -14.02
C LEU EA 30 -11.45 1.32 -13.76
N PHE EA 31 -10.25 1.85 -13.65
CA PHE EA 31 -9.07 0.94 -13.61
C PHE EA 31 -8.79 0.31 -12.25
N SER EA 32 -9.35 0.87 -11.18
CA SER EA 32 -8.99 0.42 -9.84
C SER EA 32 -9.35 -1.03 -9.64
N SER EA 33 -10.47 -1.49 -10.21
CA SER EA 33 -10.87 -2.88 -10.00
C SER EA 33 -9.80 -3.81 -10.55
N TYR EA 34 -9.22 -3.44 -11.69
CA TYR EA 34 -8.11 -4.18 -12.29
C TYR EA 34 -6.81 -4.03 -11.54
N PHE EA 35 -6.61 -2.94 -10.82
CA PHE EA 35 -5.38 -2.82 -10.02
C PHE EA 35 -5.46 -3.68 -8.78
N PHE EA 36 -6.62 -3.73 -8.13
CA PHE EA 36 -6.81 -4.69 -7.04
C PHE EA 36 -6.88 -6.11 -7.56
N ASN EA 37 -7.45 -6.33 -8.74
CA ASN EA 37 -7.56 -7.67 -9.27
C ASN EA 37 -8.20 -8.65 -8.28
N FME FA 1 -11.46 -10.23 0.61
CN FME FA 1 -10.82 -10.61 1.76
O1 FME FA 1 -9.81 -11.34 1.76
CA FME FA 1 -11.00 -10.64 -0.67
CB FME FA 1 -11.63 -9.89 -1.85
CG FME FA 1 -13.16 -9.85 -1.81
SD FME FA 1 -13.76 -11.51 -1.92
CE FME FA 1 -13.75 -11.71 -3.67
C FME FA 1 -9.49 -10.47 -0.75
O FME FA 1 -8.90 -9.47 -0.31
H FME FA 1 -12.26 -9.64 0.65
HCN FME FA 1 -11.28 -10.21 2.69
HA FME FA 1 -11.22 -11.75 -0.85
HB2 FME FA 1 -11.29 -10.38 -2.80
HB3 FME FA 1 -11.22 -8.85 -1.85
HG2 FME FA 1 -13.56 -9.24 -2.67
HG3 FME FA 1 -13.51 -9.37 -0.87
HE1 FME FA 1 -14.04 -12.77 -3.86
HE2 FME FA 1 -12.70 -11.49 -4.00
HE3 FME FA 1 -14.49 -10.98 -4.07
N GLU FA 2 -8.88 -11.48 -1.32
CA GLU FA 2 -7.43 -11.54 -1.52
C GLU FA 2 -7.02 -10.79 -2.75
N VAL FA 3 -7.05 -9.46 -2.59
CA VAL FA 3 -6.68 -8.53 -3.63
C VAL FA 3 -5.18 -8.22 -3.61
N ASN FA 4 -4.74 -7.52 -4.64
CA ASN FA 4 -3.37 -7.02 -4.72
C ASN FA 4 -3.26 -5.79 -3.84
N GLN FA 5 -2.48 -5.87 -2.76
CA GLN FA 5 -2.40 -4.74 -1.85
C GLN FA 5 -1.54 -3.60 -2.40
N LEU FA 6 -0.71 -3.85 -3.44
CA LEU FA 6 -0.16 -2.73 -4.20
C LEU FA 6 -1.22 -2.00 -5.02
N GLY FA 7 -2.45 -2.53 -5.13
CA GLY FA 7 -3.48 -1.84 -5.87
C GLY FA 7 -3.87 -0.53 -5.22
N LEU FA 8 -3.87 -0.51 -3.89
CA LEU FA 8 -4.26 0.68 -3.15
C LEU FA 8 -3.32 1.84 -3.45
N ILE FA 9 -2.00 1.58 -3.41
CA ILE FA 9 -1.06 2.68 -3.66
C ILE FA 9 -1.09 3.05 -5.13
N ALA FA 10 -1.26 2.08 -6.03
CA ALA FA 10 -1.40 2.42 -7.44
C ALA FA 10 -2.61 3.32 -7.66
N THR FA 11 -3.75 2.94 -7.09
CA THR FA 11 -4.95 3.76 -7.27
C THR FA 11 -4.76 5.12 -6.65
N ALA FA 12 -4.20 5.17 -5.45
CA ALA FA 12 -4.06 6.45 -4.76
C ALA FA 12 -3.21 7.42 -5.57
N LEU FA 13 -2.03 6.97 -6.04
CA LEU FA 13 -1.18 7.87 -6.85
C LEU FA 13 -1.75 8.11 -8.23
N PHE FA 14 -2.48 7.12 -8.80
CA PHE FA 14 -3.17 7.34 -10.08
C PHE FA 14 -4.02 8.58 -10.03
N VAL FA 15 -4.63 8.82 -8.87
CA VAL FA 15 -5.48 9.95 -8.62
C VAL FA 15 -4.71 11.17 -8.17
N LEU FA 16 -3.87 11.03 -7.14
CA LEU FA 16 -3.27 12.21 -6.53
C LEU FA 16 -2.36 12.96 -7.49
N VAL FA 17 -1.50 12.25 -8.22
CA VAL FA 17 -0.45 12.94 -8.95
C VAL FA 17 -1.07 13.82 -10.03
N PRO FA 18 -1.80 13.26 -10.99
CA PRO FA 18 -2.41 14.10 -12.01
C PRO FA 18 -3.41 15.11 -11.45
N SER FA 19 -4.12 14.81 -10.36
CA SER FA 19 -5.05 15.81 -9.83
C SER FA 19 -4.28 17.03 -9.32
N VAL FA 20 -3.23 16.77 -8.55
CA VAL FA 20 -2.36 17.84 -8.06
C VAL FA 20 -1.84 18.67 -9.22
N PHE FA 21 -1.39 18.02 -10.28
CA PHE FA 21 -0.92 18.77 -11.42
C PHE FA 21 -1.94 19.82 -11.83
N LEU FA 22 -3.19 19.36 -12.01
CA LEU FA 22 -4.28 20.23 -12.45
C LEU FA 22 -4.51 21.34 -11.46
N ILE FA 23 -4.63 20.99 -10.19
CA ILE FA 23 -4.88 21.99 -9.17
C ILE FA 23 -3.81 23.08 -9.21
N ILE FA 24 -2.56 22.67 -9.31
CA ILE FA 24 -1.46 23.64 -9.32
C ILE FA 24 -1.58 24.59 -10.50
N LEU FA 25 -1.76 24.05 -11.70
CA LEU FA 25 -1.95 24.94 -12.85
C LEU FA 25 -3.16 25.84 -12.67
N TYR FA 26 -4.27 25.33 -12.11
CA TYR FA 26 -5.45 26.17 -12.00
C TYR FA 26 -5.20 27.31 -11.03
N VAL FA 27 -4.67 27.00 -9.85
CA VAL FA 27 -4.56 28.03 -8.82
C VAL FA 27 -3.63 29.17 -9.26
N GLN FA 28 -2.52 28.85 -9.93
CA GLN FA 28 -1.61 29.91 -10.36
C GLN FA 28 -2.19 30.71 -11.51
N THR FA 29 -3.14 30.13 -12.24
CA THR FA 29 -3.92 30.88 -13.22
C THR FA 29 -4.79 31.94 -12.52
N GLU FA 30 -5.54 31.52 -11.48
CA GLU FA 30 -6.46 32.45 -10.81
C GLU FA 30 -5.72 33.57 -10.11
N SER FA 31 -4.42 33.42 -9.86
CA SER FA 31 -3.70 34.43 -9.09
C SER FA 31 -2.97 35.45 -9.95
N GLN FA 32 -3.10 35.40 -11.27
CA GLN FA 32 -2.55 36.46 -12.13
C GLN FA 32 -3.68 37.21 -12.81
N GLN GA 1 -65.69 -23.92 5.49
CA GLN GA 1 -66.63 -24.07 4.38
C GLN GA 1 -65.93 -24.63 3.14
N THR GA 2 -66.68 -24.68 2.03
CA THR GA 2 -66.13 -25.08 0.75
C THR GA 2 -65.66 -23.81 0.03
N LEU GA 3 -64.39 -23.50 0.21
CA LEU GA 3 -63.76 -22.41 -0.53
C LEU GA 3 -63.28 -22.89 -1.90
N THR GA 4 -63.02 -21.93 -2.77
CA THR GA 4 -62.48 -22.22 -4.09
C THR GA 4 -61.10 -21.58 -4.24
N TYR GA 5 -60.34 -22.11 -5.19
CA TYR GA 5 -59.03 -21.56 -5.49
C TYR GA 5 -59.10 -20.05 -5.59
N ASP GA 6 -60.06 -19.53 -6.36
CA ASP GA 6 -60.15 -18.09 -6.56
C ASP GA 6 -60.41 -17.36 -5.25
N ASP GA 7 -61.02 -18.04 -4.27
CA ASP GA 7 -61.15 -17.43 -2.96
C ASP GA 7 -59.79 -17.31 -2.28
N ILE GA 8 -58.95 -18.33 -2.41
CA ILE GA 8 -57.70 -18.36 -1.65
C ILE GA 8 -56.54 -17.66 -2.37
N VAL GA 9 -56.53 -17.63 -3.70
CA VAL GA 9 -55.29 -17.36 -4.42
C VAL GA 9 -54.73 -16.03 -3.96
N GLY GA 10 -53.42 -16.03 -3.69
CA GLY GA 10 -52.67 -14.84 -3.34
C GLY GA 10 -52.82 -14.36 -1.92
N THR GA 11 -53.57 -15.07 -1.07
CA THR GA 11 -53.84 -14.62 0.28
C THR GA 11 -52.87 -15.17 1.31
N GLY GA 12 -52.12 -16.22 0.96
CA GLY GA 12 -51.31 -16.90 1.93
C GLY GA 12 -51.99 -18.07 2.59
N LEU GA 13 -53.31 -18.25 2.38
CA LEU GA 13 -53.99 -19.38 2.97
C LEU GA 13 -53.64 -20.72 2.32
N ALA GA 14 -53.20 -20.74 1.07
CA ALA GA 14 -52.76 -22.03 0.52
C ALA GA 14 -51.60 -22.64 1.31
N ASN GA 15 -50.87 -21.86 2.11
CA ASN GA 15 -49.75 -22.40 2.87
C ASN GA 15 -50.15 -22.76 4.29
N LYS GA 16 -51.44 -22.74 4.59
CA LYS GA 16 -51.95 -23.02 5.92
C LYS GA 16 -52.63 -24.38 5.91
N CYS GA 17 -52.36 -25.18 6.93
CA CYS GA 17 -53.09 -26.43 7.11
C CYS GA 17 -54.51 -26.16 7.63
N PRO GA 18 -55.45 -27.05 7.33
CA PRO GA 18 -56.80 -26.92 7.91
C PRO GA 18 -56.79 -27.06 9.42
N THR GA 19 -57.86 -26.62 10.03
CA THR GA 19 -57.94 -26.60 11.48
C THR GA 19 -59.28 -27.16 11.91
N LEU GA 20 -59.37 -27.43 13.20
CA LEU GA 20 -60.54 -28.03 13.79
C LEU GA 20 -61.09 -27.10 14.83
N ASP GA 21 -62.42 -27.15 15.00
CA ASP GA 21 -63.11 -26.30 15.96
C ASP GA 21 -62.53 -26.54 17.34
N ASP GA 22 -62.66 -25.54 18.21
CA ASP GA 22 -62.26 -25.72 19.60
C ASP GA 22 -63.04 -26.82 20.29
N THR GA 23 -64.14 -27.26 19.69
CA THR GA 23 -65.04 -28.22 20.29
C THR GA 23 -64.81 -29.64 19.77
N ALA GA 24 -63.70 -29.89 19.10
CA ALA GA 24 -63.39 -31.22 18.60
C ALA GA 24 -62.40 -31.82 19.58
N ARG GA 25 -62.92 -32.42 20.62
CA ARG GA 25 -62.09 -33.13 21.58
C ARG GA 25 -62.64 -34.53 21.80
N GLY GA 26 -63.06 -35.16 20.71
CA GLY GA 26 -63.57 -36.51 20.76
C GLY GA 26 -62.47 -37.54 20.73
N ALA GA 27 -62.80 -38.74 20.24
CA ALA GA 27 -61.79 -39.76 20.07
C ALA GA 27 -62.12 -40.60 18.85
N TYR GA 28 -61.09 -41.02 18.12
CA TYR GA 28 -61.34 -41.87 16.98
C TYR GA 28 -61.09 -43.32 17.38
N PRO GA 29 -62.11 -44.16 17.49
CA PRO GA 29 -61.89 -45.55 17.89
C PRO GA 29 -61.14 -46.32 16.82
N ILE GA 30 -60.22 -47.17 17.27
CA ILE GA 30 -59.34 -47.93 16.38
C ILE GA 30 -59.70 -49.41 16.45
N ASP GA 31 -60.15 -49.95 15.32
CA ASP GA 31 -60.67 -51.31 15.23
C ASP GA 31 -59.53 -52.23 14.76
N SER GA 32 -58.89 -52.90 15.72
CA SER GA 32 -57.69 -53.69 15.41
C SER GA 32 -57.86 -54.64 14.24
N SER GA 33 -59.09 -55.11 13.96
CA SER GA 33 -59.39 -55.95 12.81
C SER GA 33 -59.68 -55.14 11.57
N GLN GA 34 -59.22 -53.90 11.52
CA GLN GA 34 -59.46 -52.98 10.42
C GLN GA 34 -58.12 -52.43 9.98
N THR GA 35 -58.07 -51.97 8.73
CA THR GA 35 -56.89 -51.33 8.17
C THR GA 35 -57.20 -49.86 7.88
N TYR GA 36 -56.24 -49.00 8.22
CA TYR GA 36 -56.49 -47.56 8.23
C TYR GA 36 -55.46 -46.84 7.38
N ARG GA 37 -55.66 -45.55 7.17
CA ARG GA 37 -54.73 -44.79 6.37
C ARG GA 37 -54.90 -43.31 6.68
N ILE GA 38 -53.79 -42.58 6.58
CA ILE GA 38 -53.79 -41.12 6.57
C ILE GA 38 -54.06 -40.70 5.14
N ALA GA 39 -55.20 -40.07 4.89
CA ALA GA 39 -55.55 -39.63 3.55
C ALA GA 39 -54.96 -38.27 3.21
N ARG GA 40 -54.75 -37.41 4.21
CA ARG GA 40 -54.04 -36.16 4.02
C ARG GA 40 -53.36 -35.81 5.33
N LEU GA 41 -52.07 -35.55 5.27
CA LEU GA 41 -51.33 -35.04 6.42
C LEU GA 41 -50.71 -33.71 6.01
N CYS GA 42 -50.93 -32.70 6.84
CA CYS GA 42 -50.50 -31.34 6.58
C CYS GA 42 -49.66 -30.90 7.75
N LEU GA 43 -48.45 -30.43 7.47
CA LEU GA 43 -47.58 -29.83 8.48
C LEU GA 43 -47.31 -28.40 8.07
N GLN GA 44 -47.45 -27.48 9.02
CA GLN GA 44 -47.26 -26.06 8.76
C GLN GA 44 -46.32 -25.51 9.82
N PRO GA 45 -45.04 -25.31 9.48
CA PRO GA 45 -44.10 -24.78 10.47
C PRO GA 45 -44.50 -23.37 10.86
N THR GA 46 -44.34 -23.04 12.13
CA THR GA 46 -44.50 -21.67 12.57
C THR GA 46 -43.23 -21.06 13.13
N THR GA 47 -42.27 -21.85 13.53
CA THR GA 47 -41.03 -21.26 14.01
C THR GA 47 -39.87 -22.16 13.64
N PHE GA 48 -38.75 -21.52 13.33
CA PHE GA 48 -37.53 -22.19 12.93
C PHE GA 48 -36.41 -21.77 13.88
N LEU GA 49 -35.81 -22.75 14.55
CA LEU GA 49 -34.82 -22.50 15.57
C LEU GA 49 -33.50 -23.18 15.17
N VAL GA 50 -32.42 -22.44 15.29
CA VAL GA 50 -31.10 -22.95 14.88
C VAL GA 50 -30.13 -22.91 16.04
N LYS GA 51 -29.43 -24.01 16.25
CA LYS GA 51 -28.45 -24.12 17.31
C LYS GA 51 -27.22 -23.29 16.97
N GLU GA 52 -26.85 -22.39 17.87
CA GLU GA 52 -25.69 -21.53 17.70
C GLU GA 52 -24.42 -22.30 18.02
N GLU GA 53 -23.30 -21.86 17.40
CA GLU GA 53 -22.02 -22.54 17.52
C GLU GA 53 -21.32 -22.11 18.81
N PRO GA 54 -21.43 -22.88 19.92
CA PRO GA 54 -20.77 -22.43 21.17
C PRO GA 54 -19.26 -22.38 21.00
N LYS GA 55 -18.67 -21.17 21.07
CA LYS GA 55 -17.24 -20.98 20.83
C LYS GA 55 -16.40 -22.01 21.58
N ASN GA 56 -15.13 -22.14 21.22
CA ASN GA 56 -14.26 -23.18 21.78
C ASN GA 56 -14.44 -23.34 23.29
N LYS GA 57 -14.44 -22.22 24.02
CA LYS GA 57 -14.65 -22.28 25.46
C LYS GA 57 -15.95 -22.97 25.80
N ARG GA 58 -16.93 -22.88 24.90
CA ARG GA 58 -18.29 -23.40 25.09
C ARG GA 58 -18.77 -23.26 26.53
N GLN GA 59 -19.86 -23.96 26.84
CA GLN GA 59 -20.57 -23.93 28.12
C GLN GA 59 -21.89 -24.62 27.78
N GLU GA 60 -22.56 -24.11 26.76
CA GLU GA 60 -23.74 -24.77 26.18
C GLU GA 60 -24.38 -23.96 25.07
N ALA GA 61 -24.54 -24.58 23.90
CA ALA GA 61 -25.26 -23.96 22.79
C ALA GA 61 -26.73 -23.77 23.13
N GLU GA 62 -27.34 -22.76 22.50
CA GLU GA 62 -28.77 -22.53 22.60
C GLU GA 62 -29.39 -22.70 21.21
N PHE GA 63 -30.71 -22.79 21.19
CA PHE GA 63 -31.48 -22.74 19.95
C PHE GA 63 -32.02 -21.34 19.76
N VAL GA 64 -31.46 -20.62 18.78
CA VAL GA 64 -31.76 -19.20 18.63
C VAL GA 64 -32.85 -19.01 17.59
N PRO GA 65 -33.76 -18.07 17.80
CA PRO GA 65 -34.84 -17.85 16.85
C PRO GA 65 -34.29 -17.25 15.57
N THR GA 66 -35.03 -17.42 14.47
CA THR GA 66 -34.55 -17.02 13.16
C THR GA 66 -35.67 -16.39 12.36
N LYS GA 67 -35.28 -15.67 11.33
CA LYS GA 67 -36.19 -14.94 10.46
C LYS GA 67 -36.32 -15.69 9.15
N LEU GA 68 -37.56 -15.93 8.71
CA LEU GA 68 -37.80 -16.61 7.45
C LEU GA 68 -37.80 -15.63 6.29
N VAL GA 69 -37.12 -16.00 5.20
CA VAL GA 69 -36.91 -15.08 4.09
C VAL GA 69 -37.48 -15.62 2.78
N THR GA 70 -38.05 -16.83 2.78
CA THR GA 70 -38.46 -17.48 1.56
C THR GA 70 -39.99 -17.55 1.45
N ARG GA 71 -40.72 -16.91 2.36
CA ARG GA 71 -42.14 -16.61 2.17
C ARG GA 71 -42.98 -17.86 2.38
N GLU GA 72 -44.25 -17.83 1.96
CA GLU GA 72 -45.22 -18.81 2.39
C GLU GA 72 -45.12 -20.04 1.49
N THR GA 73 -43.93 -20.65 1.58
CA THR GA 73 -43.57 -21.80 0.75
C THR GA 73 -43.11 -22.96 1.62
N THR GA 74 -43.57 -23.01 2.87
CA THR GA 74 -42.94 -23.84 3.86
C THR GA 74 -43.71 -25.10 4.22
N SER GA 75 -44.98 -25.23 3.84
CA SER GA 75 -45.79 -26.29 4.43
C SER GA 75 -45.65 -27.62 3.69
N LEU GA 76 -45.80 -28.71 4.45
CA LEU GA 76 -45.91 -30.06 3.90
C LEU GA 76 -47.38 -30.48 3.86
N ASP GA 77 -47.81 -31.11 2.76
CA ASP GA 77 -49.24 -31.37 2.63
C ASP GA 77 -49.42 -32.49 1.62
N GLN GA 78 -50.66 -33.00 1.57
CA GLN GA 78 -51.09 -34.05 0.66
C GLN GA 78 -50.33 -35.33 0.87
N ILE GA 79 -49.80 -35.47 2.08
CA ILE GA 79 -49.01 -36.62 2.48
C ILE GA 79 -49.95 -37.76 2.85
N GLN GA 80 -49.64 -38.95 2.36
CA GLN GA 80 -50.49 -40.12 2.55
C GLN GA 80 -49.63 -41.29 2.98
N GLY GA 81 -50.30 -42.32 3.43
CA GLY GA 81 -49.65 -43.45 4.05
C GLY GA 81 -50.65 -44.27 4.82
N GLU GA 82 -50.24 -45.48 5.17
CA GLU GA 82 -51.12 -46.37 5.87
C GLU GA 82 -50.90 -46.26 7.37
N LEU GA 83 -51.99 -46.34 8.12
CA LEU GA 83 -51.91 -46.36 9.57
C LEU GA 83 -52.08 -47.83 9.99
N LYS GA 84 -50.97 -48.49 10.30
CA LYS GA 84 -51.01 -49.87 10.77
C LYS GA 84 -51.41 -49.91 12.24
N VAL GA 85 -52.10 -50.97 12.63
CA VAL GA 85 -52.27 -51.30 14.05
C VAL GA 85 -51.25 -52.39 14.38
N ASN GA 86 -50.28 -52.07 15.22
CA ASN GA 86 -49.40 -53.10 15.72
C ASN GA 86 -50.13 -53.97 16.75
N SER GA 87 -49.46 -55.06 17.13
CA SER GA 87 -50.06 -56.02 18.03
C SER GA 87 -49.84 -55.69 19.50
N ASP GA 88 -48.80 -54.91 19.83
CA ASP GA 88 -48.77 -54.32 21.15
C ASP GA 88 -49.87 -53.28 21.32
N GLY GA 89 -50.62 -53.00 20.25
CA GLY GA 89 -51.71 -52.08 20.26
C GLY GA 89 -51.40 -50.73 19.64
N SER GA 90 -50.12 -50.40 19.50
CA SER GA 90 -49.72 -49.10 19.01
C SER GA 90 -50.18 -48.91 17.56
N LEU GA 91 -50.10 -47.67 17.10
CA LEU GA 91 -50.36 -47.30 15.72
C LEU GA 91 -49.04 -46.85 15.10
N THR GA 92 -48.84 -47.19 13.83
CA THR GA 92 -47.66 -46.73 13.12
C THR GA 92 -48.06 -46.19 11.77
N PHE GA 93 -47.72 -44.93 11.52
CA PHE GA 93 -47.93 -44.30 10.23
C PHE GA 93 -46.67 -44.52 9.38
N VAL GA 94 -46.87 -44.96 8.14
CA VAL GA 94 -45.77 -45.19 7.21
C VAL GA 94 -46.05 -44.30 6.01
N GLU GA 95 -45.31 -43.19 5.89
CA GLU GA 95 -45.45 -42.29 4.76
C GLU GA 95 -45.23 -43.06 3.46
N GLU GA 96 -46.14 -42.89 2.51
CA GLU GA 96 -45.95 -43.35 1.14
C GLU GA 96 -45.49 -42.26 0.19
N ASP GA 97 -46.22 -41.15 0.16
CA ASP GA 97 -46.05 -40.12 -0.86
C ASP GA 97 -46.66 -38.84 -0.31
N GLY GA 98 -46.57 -37.77 -1.10
CA GLY GA 98 -47.06 -36.47 -0.71
C GLY GA 98 -46.04 -35.41 -1.01
N ILE GA 99 -46.41 -34.17 -0.71
CA ILE GA 99 -45.48 -33.05 -0.88
C ILE GA 99 -44.77 -32.93 0.47
N ASP GA 100 -43.68 -33.70 0.60
CA ASP GA 100 -43.11 -33.98 1.91
C ASP GA 100 -41.76 -33.31 2.14
N PHE GA 101 -41.44 -32.29 1.36
CA PHE GA 101 -40.23 -31.51 1.54
C PHE GA 101 -40.49 -30.09 1.06
N GLN GA 102 -39.90 -29.11 1.78
CA GLN GA 102 -39.85 -27.72 1.31
C GLN GA 102 -38.42 -27.25 1.61
N PRO GA 103 -37.72 -26.70 0.62
CA PRO GA 103 -36.52 -25.93 0.93
C PRO GA 103 -36.89 -24.61 1.59
N VAL GA 104 -36.17 -24.28 2.63
CA VAL GA 104 -36.47 -23.11 3.44
C VAL GA 104 -35.15 -22.43 3.76
N THR GA 105 -35.14 -21.12 3.68
CA THR GA 105 -33.98 -20.37 4.13
C THR GA 105 -34.39 -19.43 5.24
N VAL GA 106 -33.77 -19.58 6.40
CA VAL GA 106 -33.99 -18.65 7.50
C VAL GA 106 -32.69 -17.87 7.71
N GLN GA 107 -32.81 -16.76 8.44
CA GLN GA 107 -31.64 -15.92 8.68
C GLN GA 107 -31.42 -15.71 10.18
N MET GA 108 -30.18 -15.87 10.61
CA MET GA 108 -29.76 -15.68 11.98
C MET GA 108 -29.32 -14.24 12.18
N ALA GA 109 -29.29 -13.83 13.43
CA ALA GA 109 -28.68 -12.56 13.77
C ALA GA 109 -27.27 -12.52 13.18
N GLY GA 110 -26.89 -11.35 12.70
CA GLY GA 110 -25.63 -11.19 12.01
C GLY GA 110 -25.74 -11.34 10.52
N GLY GA 111 -26.78 -12.02 10.04
CA GLY GA 111 -27.03 -12.15 8.63
C GLY GA 111 -26.66 -13.47 8.01
N GLU GA 112 -26.36 -14.48 8.82
CA GLU GA 112 -26.08 -15.79 8.25
C GLU GA 112 -27.39 -16.46 7.81
N ARG GA 113 -27.45 -16.80 6.52
CA ARG GA 113 -28.56 -17.54 5.95
C ARG GA 113 -28.33 -19.04 6.07
N ILE GA 114 -29.35 -19.73 6.56
CA ILE GA 114 -29.31 -21.15 6.87
C ILE GA 114 -30.38 -21.84 6.02
N PRO GA 115 -30.01 -22.41 4.89
CA PRO GA 115 -30.98 -23.24 4.17
C PRO GA 115 -31.11 -24.61 4.79
N LEU GA 116 -32.30 -25.18 4.64
CA LEU GA 116 -32.56 -26.54 5.09
C LEU GA 116 -33.63 -27.16 4.22
N LEU GA 117 -33.67 -28.50 4.22
CA LEU GA 117 -34.73 -29.25 3.54
C LEU GA 117 -35.69 -29.67 4.63
N PHE GA 118 -36.70 -28.85 4.84
CA PHE GA 118 -37.71 -29.19 5.83
C PHE GA 118 -38.52 -30.34 5.27
N THR GA 119 -38.60 -31.45 6.02
CA THR GA 119 -39.03 -32.69 5.37
C THR GA 119 -39.41 -33.74 6.41
N VAL GA 120 -40.20 -34.70 5.93
CA VAL GA 120 -40.50 -35.92 6.65
C VAL GA 120 -40.47 -37.10 5.67
N LYS GA 121 -39.60 -37.04 4.67
CA LYS GA 121 -39.49 -38.16 3.74
C LYS GA 121 -39.30 -39.47 4.51
N ASN GA 122 -40.09 -40.47 4.14
CA ASN GA 122 -39.96 -41.80 4.74
C ASN GA 122 -40.28 -41.76 6.22
N LEU GA 123 -41.21 -40.89 6.59
CA LEU GA 123 -41.62 -40.81 7.97
C LEU GA 123 -42.16 -42.15 8.43
N VAL GA 124 -41.72 -42.59 9.60
CA VAL GA 124 -42.30 -43.72 10.29
C VAL GA 124 -42.53 -43.24 11.72
N ALA GA 125 -43.79 -43.12 12.12
CA ALA GA 125 -44.11 -42.52 13.41
C ALA GA 125 -45.09 -43.41 14.15
N SER GA 126 -44.76 -43.71 15.39
CA SER GA 126 -45.54 -44.69 16.14
C SER GA 126 -46.12 -44.07 17.41
N THR GA 127 -47.29 -44.58 17.81
CA THR GA 127 -47.82 -44.28 19.13
C THR GA 127 -47.22 -45.18 20.20
N GLN GA 128 -47.50 -44.85 21.46
CA GLN GA 128 -47.32 -45.79 22.56
C GLN GA 128 -48.20 -47.02 22.36
N PRO GA 129 -47.95 -48.10 23.10
CA PRO GA 129 -48.69 -49.35 22.87
C PRO GA 129 -50.10 -49.25 23.42
N ASN GA 130 -50.91 -50.23 23.01
CA ASN GA 130 -52.25 -50.44 23.56
C ASN GA 130 -53.14 -49.22 23.37
N VAL GA 131 -53.17 -48.72 22.13
CA VAL GA 131 -53.94 -47.53 21.79
C VAL GA 131 -55.22 -48.00 21.07
N THR GA 132 -56.35 -47.89 21.77
CA THR GA 132 -57.63 -48.33 21.26
C THR GA 132 -58.46 -47.20 20.68
N SER GA 133 -58.03 -45.97 20.90
CA SER GA 133 -58.68 -44.79 20.33
C SER GA 133 -57.64 -43.69 20.22
N ILE GA 134 -57.74 -42.87 19.17
CA ILE GA 134 -56.91 -41.68 19.08
C ILE GA 134 -57.63 -40.54 19.79
N THR GA 135 -56.94 -39.88 20.73
CA THR GA 135 -57.49 -38.88 21.63
C THR GA 135 -56.61 -37.64 21.72
N THR GA 136 -57.11 -36.65 22.45
CA THR GA 136 -56.38 -35.39 22.65
C THR GA 136 -55.24 -35.52 23.65
N SER GA 137 -54.74 -36.74 23.86
CA SER GA 137 -53.46 -36.94 24.52
C SER GA 137 -52.60 -37.96 23.77
N THR GA 138 -52.93 -38.23 22.54
CA THR GA 138 -52.23 -39.22 21.75
C THR GA 138 -51.04 -38.54 21.08
N ASP GA 139 -49.85 -39.14 21.24
CA ASP GA 139 -48.64 -38.66 20.60
C ASP GA 139 -48.09 -39.70 19.66
N PHE GA 140 -47.55 -39.25 18.54
CA PHE GA 140 -46.67 -40.05 17.71
C PHE GA 140 -45.25 -39.54 17.80
N LYS GA 141 -44.29 -40.45 17.79
CA LYS GA 141 -42.89 -40.09 17.61
C LYS GA 141 -42.38 -40.85 16.42
N GLY GA 142 -41.57 -40.19 15.61
CA GLY GA 142 -41.15 -40.77 14.36
C GLY GA 142 -39.76 -40.32 14.02
N GLU GA 143 -39.24 -40.86 12.92
CA GLU GA 143 -38.01 -40.43 12.33
C GLU GA 143 -38.20 -40.44 10.82
N PHE GA 144 -37.45 -39.58 10.14
CA PHE GA 144 -37.57 -39.43 8.70
C PHE GA 144 -36.17 -39.33 8.10
N ASN GA 145 -36.09 -39.42 6.78
CA ASN GA 145 -34.83 -39.19 6.10
C ASN GA 145 -34.72 -37.75 5.64
N VAL GA 146 -33.51 -37.22 5.71
CA VAL GA 146 -33.20 -35.89 5.21
C VAL GA 146 -32.14 -36.04 4.14
N PRO GA 147 -32.53 -36.08 2.88
CA PRO GA 147 -31.52 -36.14 1.82
C PRO GA 147 -30.82 -34.79 1.65
N SER GA 148 -29.70 -34.84 0.94
CA SER GA 148 -28.96 -33.65 0.61
C SER GA 148 -29.93 -32.59 0.11
N TYR GA 149 -29.65 -31.34 0.49
CA TYR GA 149 -30.49 -30.23 0.11
C TYR GA 149 -30.46 -29.98 -1.40
N ARG GA 150 -29.29 -30.00 -2.01
CA ARG GA 150 -29.20 -30.07 -3.46
C ARG GA 150 -29.06 -31.54 -3.86
N THR GA 151 -29.58 -31.89 -5.02
CA THR GA 151 -29.35 -33.25 -5.49
C THR GA 151 -28.18 -33.23 -6.49
N ALA GA 152 -27.90 -34.40 -7.08
CA ALA GA 152 -26.57 -34.72 -7.65
C ALA GA 152 -26.20 -33.91 -8.89
N ASN GA 153 -27.18 -33.52 -9.71
CA ASN GA 153 -26.95 -32.66 -10.88
C ASN GA 153 -26.63 -31.21 -10.52
N PHE GA 154 -26.63 -30.83 -9.26
CA PHE GA 154 -26.58 -29.40 -8.94
C PHE GA 154 -25.17 -28.90 -9.14
N LEU GA 155 -25.03 -27.77 -9.85
CA LEU GA 155 -23.71 -27.22 -10.16
C LEU GA 155 -23.45 -25.93 -9.40
N ASP GA 156 -22.26 -25.84 -8.78
CA ASP GA 156 -21.85 -24.70 -8.00
C ASP GA 156 -21.44 -23.61 -8.97
N PRO GA 157 -21.08 -22.43 -8.45
CA PRO GA 157 -20.86 -21.29 -9.35
C PRO GA 157 -19.64 -21.45 -10.28
N LYS GA 158 -18.67 -22.30 -9.92
CA LYS GA 158 -17.53 -22.60 -10.79
C LYS GA 158 -17.74 -23.86 -11.64
N GLY GA 159 -18.98 -24.31 -11.78
CA GLY GA 159 -19.30 -25.42 -12.64
C GLY GA 159 -19.03 -26.80 -12.07
N ARG GA 160 -18.81 -26.94 -10.77
CA ARG GA 160 -18.47 -28.22 -10.15
C ARG GA 160 -19.72 -28.91 -9.61
N GLY GA 161 -19.76 -30.24 -9.69
CA GLY GA 161 -20.88 -30.99 -9.18
C GLY GA 161 -20.57 -32.46 -8.91
N LEU GA 162 -21.60 -33.19 -8.51
CA LEU GA 162 -21.46 -34.63 -8.26
C LEU GA 162 -21.69 -35.43 -9.53
N ALA GA 163 -22.91 -35.44 -10.03
CA ALA GA 163 -23.23 -36.27 -11.17
C ALA GA 163 -22.95 -35.58 -12.48
N SER GA 164 -22.60 -34.30 -12.42
CA SER GA 164 -22.21 -33.50 -13.56
C SER GA 164 -21.17 -32.51 -13.07
N GLY GA 165 -20.63 -31.73 -13.98
CA GLY GA 165 -19.81 -30.63 -13.52
C GLY GA 165 -18.31 -30.92 -13.63
N TYR GA 166 -17.54 -29.83 -13.62
CA TYR GA 166 -16.10 -29.92 -13.48
C TYR GA 166 -15.73 -30.64 -12.19
N ASP GA 167 -14.60 -31.34 -12.22
CA ASP GA 167 -14.08 -32.01 -11.04
C ASP GA 167 -12.88 -31.28 -10.43
N SER GA 168 -12.59 -30.09 -10.89
CA SER GA 168 -11.45 -29.34 -10.39
C SER GA 168 -11.78 -27.87 -10.51
N ALA GA 169 -10.89 -27.05 -9.96
CA ALA GA 169 -11.03 -25.60 -10.01
C ALA GA 169 -10.30 -25.11 -11.24
N ILE GA 170 -11.05 -25.02 -12.35
CA ILE GA 170 -10.40 -24.84 -13.64
C ILE GA 170 -9.85 -23.44 -13.83
N ALA GA 171 -10.26 -22.47 -12.97
CA ALA GA 171 -9.75 -21.11 -13.04
C ALA GA 171 -8.37 -20.95 -12.39
N LEU GA 172 -7.89 -21.96 -11.69
CA LEU GA 172 -6.60 -21.94 -11.02
C LEU GA 172 -5.84 -23.16 -11.55
N PRO GA 173 -5.48 -23.17 -12.84
CA PRO GA 173 -4.99 -24.41 -13.46
C PRO GA 173 -3.83 -25.07 -12.72
N GLN GA 174 -2.94 -24.32 -12.10
CA GLN GA 174 -1.77 -24.91 -11.45
C GLN GA 174 -1.69 -24.61 -9.97
N ALA GA 175 -2.86 -24.35 -9.37
CA ALA GA 175 -2.97 -24.42 -7.93
C ALA GA 175 -2.68 -25.83 -7.43
N LYS GA 176 -2.23 -25.92 -6.20
CA LYS GA 176 -2.27 -27.19 -5.51
C LYS GA 176 -3.71 -27.56 -5.22
N GLU GA 177 -4.13 -28.69 -5.77
CA GLU GA 177 -5.50 -29.14 -5.64
C GLU GA 177 -5.84 -29.51 -4.20
N GLU GA 178 -4.83 -29.78 -3.39
CA GLU GA 178 -5.03 -30.43 -2.10
C GLU GA 178 -5.78 -29.53 -1.14
N GLU GA 179 -5.52 -28.22 -1.18
CA GLU GA 179 -6.23 -27.31 -0.27
C GLU GA 179 -7.70 -27.11 -0.69
N LEU GA 180 -8.04 -27.46 -1.94
CA LEU GA 180 -9.35 -27.27 -2.51
C LEU GA 180 -10.23 -28.52 -2.55
N ALA GA 181 -9.76 -29.65 -1.99
CA ALA GA 181 -10.47 -30.90 -2.25
C ALA GA 181 -11.89 -30.87 -1.71
N ARG GA 182 -12.11 -30.27 -0.53
CA ARG GA 182 -13.43 -30.35 0.08
C ARG GA 182 -14.49 -29.63 -0.76
N ALA GA 183 -14.07 -28.65 -1.56
CA ALA GA 183 -15.00 -27.94 -2.43
C ALA GA 183 -15.07 -28.50 -3.82
N ASN GA 184 -14.02 -29.20 -4.25
CA ASN GA 184 -13.99 -29.80 -5.56
C ASN GA 184 -14.78 -31.10 -5.61
N VAL GA 185 -14.86 -31.78 -4.49
CA VAL GA 185 -15.38 -33.13 -4.41
C VAL GA 185 -16.74 -33.02 -3.74
N LYS GA 186 -17.80 -33.13 -4.52
CA LYS GA 186 -19.13 -32.98 -3.94
C LYS GA 186 -19.58 -34.27 -3.30
N ARG GA 187 -20.25 -34.15 -2.15
CA ARG GA 187 -20.75 -35.28 -1.39
C ARG GA 187 -22.22 -35.11 -1.05
N PHE GA 188 -22.94 -36.20 -1.21
CA PHE GA 188 -24.38 -36.22 -1.06
C PHE GA 188 -24.68 -36.82 0.30
N SER GA 189 -25.24 -36.02 1.20
CA SER GA 189 -25.49 -36.48 2.55
C SER GA 189 -26.90 -37.01 2.66
N LEU GA 190 -27.07 -38.04 3.48
CA LEU GA 190 -28.40 -38.49 3.90
C LEU GA 190 -28.37 -38.66 5.41
N THR GA 191 -29.19 -37.88 6.10
CA THR GA 191 -29.23 -37.99 7.54
C THR GA 191 -30.67 -38.28 7.98
N LYS GA 192 -30.86 -38.43 9.29
CA LYS GA 192 -32.15 -38.79 9.87
C LYS GA 192 -32.68 -37.64 10.71
N GLY GA 193 -34.00 -37.52 10.79
CA GLY GA 193 -34.63 -36.53 11.64
C GLY GA 193 -35.54 -37.22 12.63
N GLN GA 194 -36.04 -36.43 13.57
CA GLN GA 194 -36.95 -36.93 14.59
C GLN GA 194 -38.08 -35.93 14.72
N ILE GA 195 -39.30 -36.43 14.91
CA ILE GA 195 -40.47 -35.57 14.98
C ILE GA 195 -41.44 -36.15 16.00
N SER GA 196 -42.03 -35.27 16.80
CA SER GA 196 -43.14 -35.63 17.66
C SER GA 196 -44.36 -34.87 17.16
N LEU GA 197 -45.48 -35.57 17.15
CA LEU GA 197 -46.78 -35.04 16.73
C LEU GA 197 -47.73 -35.29 17.88
N ASN GA 198 -48.17 -34.23 18.51
CA ASN GA 198 -49.00 -34.28 19.70
C ASN GA 198 -50.41 -33.94 19.30
N VAL GA 199 -51.29 -34.94 19.38
CA VAL GA 199 -52.67 -34.75 18.98
C VAL GA 199 -53.38 -33.91 20.04
N ALA GA 200 -54.13 -32.92 19.59
CA ALA GA 200 -54.81 -32.04 20.52
C ALA GA 200 -56.24 -31.74 20.11
N LYS GA 201 -56.66 -32.08 18.91
CA LYS GA 201 -58.03 -31.91 18.52
C LYS GA 201 -58.40 -33.17 17.77
N VAL GA 202 -59.64 -33.62 17.98
CA VAL GA 202 -60.13 -34.84 17.38
C VAL GA 202 -61.60 -34.67 17.08
N ASP GA 203 -61.96 -34.90 15.84
CA ASP GA 203 -63.33 -35.01 15.42
C ASP GA 203 -63.57 -36.50 15.19
N GLY GA 204 -64.00 -37.18 16.24
CA GLY GA 204 -64.29 -38.60 16.13
C GLY GA 204 -65.19 -38.92 14.95
N ARG GA 205 -66.08 -38.00 14.59
CA ARG GA 205 -67.04 -38.24 13.53
C ARG GA 205 -66.36 -38.34 12.17
N THR GA 206 -65.57 -37.32 11.81
CA THR GA 206 -64.95 -37.25 10.49
C THR GA 206 -63.63 -37.97 10.37
N GLY GA 207 -63.01 -38.33 11.49
CA GLY GA 207 -61.64 -38.85 11.41
C GLY GA 207 -60.55 -37.80 11.27
N GLU GA 208 -60.87 -36.52 11.43
CA GLU GA 208 -59.89 -35.46 11.39
C GLU GA 208 -59.22 -35.31 12.76
N ILE GA 209 -57.88 -35.23 12.77
CA ILE GA 209 -57.14 -34.80 13.95
C ILE GA 209 -56.24 -33.61 13.65
N ALA GA 210 -55.81 -32.96 14.72
CA ALA GA 210 -55.01 -31.76 14.57
C ALA GA 210 -54.20 -31.57 15.83
N GLY GA 211 -53.05 -30.92 15.68
CA GLY GA 211 -52.16 -30.77 16.81
C GLY GA 211 -50.96 -29.94 16.48
N THR GA 212 -49.96 -30.07 17.32
CA THR GA 212 -48.68 -29.41 17.13
C THR GA 212 -47.62 -30.46 16.89
N PHE GA 213 -46.53 -30.05 16.24
CA PHE GA 213 -45.38 -30.90 16.04
C PHE GA 213 -44.12 -30.15 16.41
N GLU GA 214 -43.09 -30.93 16.71
CA GLU GA 214 -41.73 -30.45 16.77
C GLU GA 214 -40.85 -31.47 16.04
N SER GA 215 -39.94 -30.99 15.20
CA SER GA 215 -39.00 -31.86 14.53
C SER GA 215 -37.58 -31.31 14.67
N GLU GA 216 -36.60 -32.20 14.63
CA GLU GA 216 -35.19 -31.83 14.67
C GLU GA 216 -34.49 -32.48 13.51
N GLN GA 217 -33.69 -31.68 12.80
CA GLN GA 217 -32.95 -32.19 11.64
C GLN GA 217 -31.78 -31.25 11.39
N LEU GA 218 -30.91 -31.67 10.48
CA LEU GA 218 -29.83 -30.83 10.01
C LEU GA 218 -30.26 -29.93 8.87
N SER GA 219 -29.52 -28.83 8.74
CA SER GA 219 -29.60 -27.95 7.59
C SER GA 219 -28.65 -28.40 6.49
N ASP GA 220 -28.66 -27.63 5.40
CA ASP GA 220 -27.81 -27.86 4.24
C ASP GA 220 -26.32 -27.89 4.64
N ASP GA 221 -25.57 -28.83 4.09
CA ASP GA 221 -24.10 -28.78 4.17
C ASP GA 221 -23.43 -28.38 2.86
N ASP GA 222 -24.20 -28.07 1.81
CA ASP GA 222 -23.66 -27.62 0.53
C ASP GA 222 -22.73 -28.68 -0.04
N MET GA 223 -23.36 -29.84 -0.23
CA MET GA 223 -22.74 -31.09 -0.67
C MET GA 223 -21.35 -31.27 -0.08
N GLY GA 224 -21.29 -31.22 1.25
CA GLY GA 224 -20.07 -31.49 1.98
C GLY GA 224 -19.12 -30.33 2.18
N ALA GA 225 -19.37 -29.19 1.58
CA ALA GA 225 -18.42 -28.09 1.67
C ALA GA 225 -18.36 -27.46 3.05
N HIS GA 226 -19.39 -27.58 3.89
CA HIS GA 226 -19.26 -27.05 5.24
C HIS GA 226 -20.15 -27.83 6.18
N GLU GA 227 -20.00 -27.55 7.45
CA GLU GA 227 -20.72 -28.30 8.44
C GLU GA 227 -22.16 -27.79 8.53
N PRO GA 228 -23.13 -28.67 8.64
CA PRO GA 228 -24.52 -28.23 8.81
C PRO GA 228 -24.78 -27.78 10.24
N HIS GA 229 -25.95 -27.20 10.44
CA HIS GA 229 -26.45 -26.77 11.73
C HIS GA 229 -27.58 -27.67 12.14
N GLU GA 230 -27.81 -27.69 13.43
CA GLU GA 230 -28.99 -28.36 13.95
C GLU GA 230 -30.14 -27.37 13.94
N VAL GA 231 -31.26 -27.83 13.43
CA VAL GA 231 -32.46 -27.03 13.35
C VAL GA 231 -33.56 -27.71 14.14
N LYS GA 232 -34.32 -26.91 14.88
CA LYS GA 232 -35.55 -27.37 15.51
C LYS GA 232 -36.70 -26.65 14.85
N ILE GA 233 -37.68 -27.42 14.36
CA ILE GA 233 -38.83 -26.86 13.68
C ILE GA 233 -40.06 -27.15 14.52
N GLN GA 234 -40.92 -26.15 14.67
CA GLN GA 234 -42.16 -26.29 15.40
C GLN GA 234 -43.30 -25.83 14.52
N GLY GA 235 -44.47 -26.44 14.71
CA GLY GA 235 -45.65 -25.97 14.01
C GLY GA 235 -46.90 -26.75 14.39
N VAL GA 236 -47.86 -26.75 13.46
CA VAL GA 236 -49.13 -27.39 13.67
C VAL GA 236 -49.35 -28.35 12.50
N PHE GA 237 -50.19 -29.36 12.75
CA PHE GA 237 -50.49 -30.36 11.74
C PHE GA 237 -51.96 -30.68 11.78
N TYR GA 238 -52.43 -31.18 10.65
CA TYR GA 238 -53.78 -31.65 10.46
C TYR GA 238 -53.71 -32.98 9.73
N ALA GA 239 -54.67 -33.86 10.00
CA ALA GA 239 -54.68 -35.14 9.32
C ALA GA 239 -56.09 -35.69 9.28
N SER GA 240 -56.45 -36.32 8.16
CA SER GA 240 -57.68 -37.08 8.05
C SER GA 240 -57.37 -38.56 7.97
N ILE GA 241 -58.11 -39.34 8.76
CA ILE GA 241 -57.98 -40.79 8.79
C ILE GA 241 -59.20 -41.36 8.08
N GLU GA 242 -58.95 -42.19 7.07
CA GLU GA 242 -60.02 -42.96 6.48
C GLU GA 242 -59.76 -44.43 6.74
N PRO GA 243 -60.78 -45.23 7.00
CA PRO GA 243 -60.61 -46.67 6.90
C PRO GA 243 -60.16 -47.07 5.49
N ALA GA 244 -59.36 -48.12 5.41
CA ALA GA 244 -58.81 -48.51 4.12
C ALA GA 244 -59.62 -49.61 3.50
N FME HA 1 -10.25 -2.63 2.33
CN FME HA 1 -11.59 -2.63 2.50
O1 FME HA 1 -12.26 -1.63 2.22
CA FME HA 1 -9.69 -1.42 1.85
CB FME HA 1 -8.15 -1.41 1.84
CG FME HA 1 -7.68 -2.59 0.98
SD FME HA 1 -5.91 -2.81 1.05
CE FME HA 1 -5.57 -2.20 2.68
C FME HA 1 -10.15 -1.12 0.46
O FME HA 1 -10.13 0.03 0.02
H FME HA 1 -9.67 -3.42 2.51
HCN FME HA 1 -12.01 -3.58 2.91
HA FME HA 1 -10.03 -0.56 2.51
HB2 FME HA 1 -7.77 -1.49 2.89
HB3 FME HA 1 -7.79 -0.43 1.42
HG2 FME HA 1 -7.97 -2.42 -0.08
HG3 FME HA 1 -8.16 -3.53 1.33
HE1 FME HA 1 -4.49 -2.43 2.87
HE2 FME HA 1 -6.25 -2.75 3.36
HE3 FME HA 1 -5.77 -1.11 2.65
N GLU HA 2 -10.55 -2.16 -0.27
CA GLU HA 2 -10.90 -1.96 -1.66
C GLU HA 2 -12.28 -1.29 -1.71
N THR HA 3 -13.20 -1.77 -0.88
CA THR HA 3 -14.54 -1.17 -0.82
C THR HA 3 -14.43 0.32 -0.47
N ILE HA 4 -13.59 0.64 0.50
CA ILE HA 4 -13.44 2.02 0.90
C ILE HA 4 -12.90 2.84 -0.25
N THR HA 5 -11.94 2.29 -1.00
CA THR HA 5 -11.36 3.01 -2.15
C THR HA 5 -12.39 3.28 -3.23
N TYR HA 6 -13.21 2.29 -3.59
CA TYR HA 6 -14.22 2.50 -4.61
C TYR HA 6 -15.22 3.58 -4.18
N VAL HA 7 -15.69 3.50 -2.94
CA VAL HA 7 -16.69 4.43 -2.42
C VAL HA 7 -16.11 5.84 -2.31
N PHE HA 8 -14.84 5.95 -1.88
CA PHE HA 8 -14.21 7.27 -1.80
C PHE HA 8 -14.13 7.92 -3.18
N ILE HA 9 -13.70 7.18 -4.21
CA ILE HA 9 -13.63 7.76 -5.55
C ILE HA 9 -15.01 8.18 -6.02
N PHE HA 10 -16.00 7.34 -5.78
CA PHE HA 10 -17.35 7.65 -6.19
C PHE HA 10 -17.87 8.90 -5.48
N ALA HA 11 -17.51 9.07 -4.21
CA ALA HA 11 -17.94 10.23 -3.46
C ALA HA 11 -17.24 11.51 -3.91
N CYS HA 12 -15.94 11.44 -4.26
CA CYS HA 12 -15.29 12.63 -4.83
C CYS HA 12 -15.98 13.09 -6.12
N ILE HA 13 -16.43 12.16 -6.95
CA ILE HA 13 -17.10 12.55 -8.20
C ILE HA 13 -18.40 13.27 -7.91
N ILE HA 14 -19.11 12.81 -6.90
CA ILE HA 14 -20.40 13.43 -6.60
C ILE HA 14 -20.16 14.86 -6.13
N ALA HA 15 -19.14 15.04 -5.29
CA ALA HA 15 -18.75 16.39 -4.90
C ALA HA 15 -18.30 17.21 -6.09
N LEU HA 16 -17.59 16.57 -7.06
CA LEU HA 16 -17.18 17.31 -8.26
C LEU HA 16 -18.40 17.87 -8.98
N PHE HA 17 -19.46 17.06 -9.12
CA PHE HA 17 -20.72 17.52 -9.71
C PHE HA 17 -21.22 18.80 -9.04
N PHE HA 18 -21.31 18.79 -7.71
CA PHE HA 18 -21.81 19.94 -6.96
C PHE HA 18 -21.06 21.21 -7.33
N PHE HA 19 -19.72 21.17 -7.32
CA PHE HA 19 -18.95 22.39 -7.61
C PHE HA 19 -19.05 22.78 -9.06
N ALA HA 20 -19.12 21.80 -9.94
CA ALA HA 20 -19.18 22.08 -11.36
C ALA HA 20 -20.49 22.70 -11.78
N ILE HA 21 -21.56 22.50 -11.02
CA ILE HA 21 -22.86 23.06 -11.37
C ILE HA 21 -22.97 24.43 -10.73
N PHE HA 22 -22.86 24.45 -9.40
CA PHE HA 22 -23.13 25.61 -8.58
C PHE HA 22 -21.95 26.58 -8.49
N PHE HA 23 -20.72 26.13 -8.72
CA PHE HA 23 -19.54 26.99 -8.71
C PHE HA 23 -18.82 26.95 -10.05
N ARG HA 24 -19.60 26.95 -11.12
CA ARG HA 24 -19.01 27.03 -12.44
C ARG HA 24 -18.54 28.45 -12.73
N GLU HA 25 -17.65 28.57 -13.67
CA GLU HA 25 -17.45 29.91 -14.24
C GLU HA 25 -18.73 30.29 -14.95
N PRO HA 26 -19.42 31.34 -14.49
CA PRO HA 26 -20.69 31.73 -15.10
C PRO HA 26 -20.50 32.11 -16.55
N PRO HA 27 -21.32 31.57 -17.45
CA PRO HA 27 -21.22 31.99 -18.85
C PRO HA 27 -21.78 33.39 -18.96
N ARG HA 28 -20.96 34.32 -19.44
CA ARG HA 28 -21.38 35.71 -19.57
C ARG HA 28 -21.26 36.14 -21.02
N ILE HA 29 -22.02 37.16 -21.39
CA ILE HA 29 -22.17 37.57 -22.79
C ILE HA 29 -21.23 38.75 -23.04
N THR HA 30 -20.00 38.44 -23.44
CA THR HA 30 -18.94 39.44 -23.61
C THR HA 30 -18.77 39.85 -25.07
N GLU IA 1 -9.55 -39.28 1.66
CA GLU IA 1 -10.75 -39.76 2.34
C GLU IA 1 -12.03 -39.39 1.58
N LEU IA 2 -11.88 -38.55 0.55
CA LEU IA 2 -12.99 -37.91 -0.13
C LEU IA 2 -13.01 -38.28 -1.61
N VAL IA 3 -14.10 -38.93 -2.06
CA VAL IA 3 -14.22 -39.28 -3.46
C VAL IA 3 -15.62 -38.98 -3.98
N ASN IA 4 -15.69 -38.80 -5.30
CA ASN IA 4 -16.93 -38.63 -6.01
C ASN IA 4 -17.58 -40.01 -6.16
N VAL IA 5 -18.69 -40.25 -5.43
CA VAL IA 5 -19.34 -41.56 -5.43
C VAL IA 5 -19.79 -41.94 -6.82
N VAL IA 6 -20.01 -40.97 -7.70
CA VAL IA 6 -20.56 -41.33 -8.98
C VAL IA 6 -19.47 -41.84 -9.90
N ASP IA 7 -18.33 -41.16 -9.90
CA ASP IA 7 -17.19 -41.62 -10.69
C ASP IA 7 -16.79 -43.03 -10.24
N GLU IA 8 -16.70 -43.25 -8.94
CA GLU IA 8 -16.37 -44.59 -8.45
C GLU IA 8 -17.32 -45.63 -9.01
N LYS IA 9 -18.61 -45.29 -9.12
CA LYS IA 9 -19.58 -46.24 -9.68
C LYS IA 9 -19.27 -46.57 -11.13
N LEU IA 10 -18.73 -45.62 -11.88
CA LEU IA 10 -18.37 -45.93 -13.25
C LEU IA 10 -17.36 -47.06 -13.32
N GLY IA 11 -16.57 -47.25 -12.26
CA GLY IA 11 -15.60 -48.31 -12.25
C GLY IA 11 -16.15 -49.66 -11.89
N THR IA 12 -17.40 -49.71 -11.41
CA THR IA 12 -18.10 -50.94 -11.11
C THR IA 12 -18.92 -51.36 -12.33
N ALA IA 13 -19.73 -52.43 -12.16
CA ALA IA 13 -20.55 -52.95 -13.27
C ALA IA 13 -21.65 -51.99 -13.71
N TYR IA 14 -22.01 -51.02 -12.87
CA TYR IA 14 -22.87 -49.92 -13.29
C TYR IA 14 -22.35 -49.25 -14.57
N GLY IA 15 -21.03 -49.19 -14.72
CA GLY IA 15 -20.41 -48.57 -15.90
C GLY IA 15 -20.45 -49.41 -17.15
N GLU IA 16 -20.80 -50.70 -17.03
CA GLU IA 16 -20.86 -51.64 -18.15
C GLU IA 16 -22.26 -52.06 -18.51
N LYS IA 17 -23.11 -52.27 -17.50
CA LYS IA 17 -24.43 -52.88 -17.68
C LYS IA 17 -25.49 -51.96 -17.09
N ILE IA 18 -26.74 -52.35 -17.29
CA ILE IA 18 -27.86 -51.69 -16.61
C ILE IA 18 -27.88 -52.17 -15.17
N ASP IA 19 -27.62 -51.27 -14.24
CA ASP IA 19 -27.73 -51.58 -12.83
C ASP IA 19 -29.20 -51.50 -12.41
N LEU IA 20 -29.84 -52.64 -12.17
CA LEU IA 20 -31.26 -52.66 -11.81
C LEU IA 20 -31.54 -51.84 -10.55
N ASN IA 21 -30.54 -51.62 -9.71
CA ASN IA 21 -30.78 -50.85 -8.49
C ASN IA 21 -30.51 -49.36 -8.62
N ASN IA 22 -30.03 -48.86 -9.77
CA ASN IA 22 -29.43 -47.52 -9.83
C ASN IA 22 -29.67 -46.79 -11.13
N THR IA 23 -29.58 -47.51 -12.25
CA THR IA 23 -29.57 -46.87 -13.55
C THR IA 23 -30.90 -46.20 -13.85
N ASN IA 24 -30.82 -45.11 -14.59
CA ASN IA 24 -32.00 -44.36 -14.97
C ASN IA 24 -32.80 -45.16 -16.00
N ILE IA 25 -34.12 -45.03 -15.90
CA ILE IA 25 -35.07 -45.87 -16.62
C ILE IA 25 -34.99 -45.72 -18.13
N ALA IA 26 -34.32 -44.69 -18.61
CA ALA IA 26 -34.19 -44.51 -20.04
C ALA IA 26 -33.17 -45.46 -20.65
N ALA IA 27 -32.30 -46.04 -19.84
CA ALA IA 27 -31.33 -46.98 -20.39
C ALA IA 27 -31.97 -48.29 -20.85
N PHE IA 28 -33.15 -48.65 -20.34
CA PHE IA 28 -33.83 -49.87 -20.77
C PHE IA 28 -34.30 -49.78 -22.20
N ILE IA 29 -34.24 -48.60 -22.80
CA ILE IA 29 -34.56 -48.46 -24.21
C ILE IA 29 -33.57 -49.18 -25.11
N GLN IA 30 -32.40 -49.55 -24.57
CA GLN IA 30 -31.32 -50.12 -25.34
C GLN IA 30 -31.61 -51.50 -25.86
N TYR IA 31 -32.53 -52.21 -25.22
CA TYR IA 31 -32.77 -53.61 -25.52
C TYR IA 31 -34.23 -53.80 -25.86
N ARG IA 32 -34.48 -54.69 -26.81
CA ARG IA 32 -35.82 -54.87 -27.33
C ARG IA 32 -36.77 -55.36 -26.25
N GLY IA 33 -37.95 -54.75 -26.19
CA GLY IA 33 -39.04 -55.24 -25.38
C GLY IA 33 -39.09 -54.78 -23.92
N LEU IA 34 -38.14 -53.99 -23.44
CA LEU IA 34 -38.10 -53.66 -22.02
C LEU IA 34 -38.83 -52.37 -21.69
N TYR IA 35 -38.94 -51.45 -22.64
CA TYR IA 35 -39.45 -50.10 -22.35
C TYR IA 35 -40.81 -49.92 -23.00
N PRO IA 36 -41.81 -49.38 -22.29
CA PRO IA 36 -41.76 -48.80 -20.94
C PRO IA 36 -42.24 -49.76 -19.86
N THR IA 37 -42.92 -50.82 -20.30
CA THR IA 37 -43.73 -51.62 -19.38
C THR IA 37 -42.90 -52.32 -18.32
N LEU IA 38 -41.90 -53.08 -18.74
CA LEU IA 38 -41.09 -53.84 -17.79
C LEU IA 38 -40.13 -52.94 -17.02
N ALA IA 39 -39.54 -51.95 -17.69
CA ALA IA 39 -38.71 -50.96 -17.00
C ALA IA 39 -39.45 -50.35 -15.84
N LYS IA 40 -40.73 -50.03 -16.02
CA LYS IA 40 -41.50 -49.46 -14.92
C LYS IA 40 -41.57 -50.43 -13.74
N LEU IA 41 -41.67 -51.74 -14.03
CA LEU IA 41 -41.80 -52.73 -12.97
C LEU IA 41 -40.47 -52.99 -12.30
N ILE IA 42 -39.41 -53.14 -13.09
CA ILE IA 42 -38.08 -53.32 -12.53
C ILE IA 42 -37.80 -52.19 -11.55
N VAL IA 43 -38.00 -50.96 -12.00
CA VAL IA 43 -37.64 -49.83 -11.16
C VAL IA 43 -38.53 -49.78 -9.93
N LYS IA 44 -39.85 -49.90 -10.12
CA LYS IA 44 -40.77 -49.84 -8.99
C LYS IA 44 -40.43 -50.90 -7.95
N ASN IA 45 -39.96 -52.07 -8.38
CA ASN IA 45 -39.69 -53.13 -7.44
C ASN IA 45 -38.23 -53.19 -7.08
N ALA IA 46 -37.50 -52.11 -7.35
CA ALA IA 46 -36.06 -52.04 -7.52
C ALA IA 46 -35.32 -52.89 -6.53
N PRO IA 47 -34.79 -52.33 -5.45
CA PRO IA 47 -33.57 -52.91 -4.86
C PRO IA 47 -33.64 -54.44 -4.85
N TYR IA 48 -32.82 -55.08 -5.71
CA TYR IA 48 -32.68 -56.53 -5.84
C TYR IA 48 -31.33 -56.95 -5.27
N GLU IA 49 -31.27 -58.15 -4.67
CA GLU IA 49 -30.00 -58.67 -4.18
C GLU IA 49 -29.21 -59.32 -5.28
N SER IA 50 -29.91 -59.85 -6.28
CA SER IA 50 -29.27 -60.54 -7.39
C SER IA 50 -30.12 -60.25 -8.60
N VAL IA 51 -29.48 -60.24 -9.77
CA VAL IA 51 -30.18 -59.93 -10.99
C VAL IA 51 -31.38 -60.84 -11.19
N GLU IA 52 -31.32 -62.09 -10.69
CA GLU IA 52 -32.30 -63.10 -11.06
C GLU IA 52 -33.55 -63.00 -10.21
N ASP IA 53 -33.48 -62.19 -9.14
CA ASP IA 53 -34.67 -61.81 -8.39
C ASP IA 53 -35.63 -61.01 -9.24
N VAL IA 54 -35.17 -60.50 -10.36
CA VAL IA 54 -36.05 -59.76 -11.23
C VAL IA 54 -37.13 -60.67 -11.83
N LEU IA 55 -36.86 -61.97 -11.95
CA LEU IA 55 -37.80 -62.91 -12.53
C LEU IA 55 -38.94 -63.23 -11.59
N ASN IA 56 -38.80 -62.86 -10.34
CA ASN IA 56 -39.78 -63.08 -9.31
C ASN IA 56 -40.73 -61.90 -9.15
N ILE IA 57 -40.71 -60.94 -10.07
CA ILE IA 57 -41.55 -59.77 -9.84
C ILE IA 57 -43.00 -60.21 -9.85
N PRO IA 58 -43.82 -59.82 -8.87
CA PRO IA 58 -45.22 -60.24 -8.88
C PRO IA 58 -45.86 -59.95 -10.24
N GLY IA 59 -46.53 -60.94 -10.77
CA GLY IA 59 -47.40 -60.70 -11.91
C GLY IA 59 -46.74 -60.61 -13.27
N LEU IA 60 -45.46 -60.92 -13.42
CA LEU IA 60 -44.90 -60.93 -14.76
C LEU IA 60 -45.80 -61.83 -15.59
N THR IA 61 -45.81 -61.68 -16.90
CA THR IA 61 -46.40 -62.69 -17.75
C THR IA 61 -45.31 -63.64 -18.26
N GLU IA 62 -45.73 -64.69 -18.95
CA GLU IA 62 -44.77 -65.68 -19.39
C GLU IA 62 -43.91 -65.14 -20.52
N ARG IA 63 -44.46 -64.24 -21.35
CA ARG IA 63 -43.66 -63.60 -22.38
C ARG IA 63 -42.67 -62.61 -21.78
N GLN IA 64 -43.06 -61.99 -20.65
CA GLN IA 64 -42.20 -61.02 -19.97
C GLN IA 64 -41.01 -61.71 -19.31
N LYS IA 65 -41.28 -62.72 -18.48
CA LYS IA 65 -40.22 -63.54 -17.89
C LYS IA 65 -39.23 -64.04 -18.94
N GLN IA 66 -39.71 -64.30 -20.14
CA GLN IA 66 -38.77 -64.74 -21.16
C GLN IA 66 -37.93 -63.58 -21.67
N ILE IA 67 -38.53 -62.40 -21.81
CA ILE IA 67 -37.78 -61.22 -22.24
C ILE IA 67 -36.74 -60.85 -21.20
N LEU IA 68 -37.10 -60.99 -19.92
CA LEU IA 68 -36.12 -60.74 -18.89
C LEU IA 68 -34.96 -61.73 -19.03
N ARG IA 69 -35.27 -63.03 -19.16
CA ARG IA 69 -34.25 -64.05 -19.31
C ARG IA 69 -33.33 -63.74 -20.50
N GLU IA 70 -33.91 -63.34 -21.63
CA GLU IA 70 -33.09 -62.95 -22.78
C GLU IA 70 -32.13 -61.79 -22.46
N ASN IA 71 -32.35 -61.06 -21.37
CA ASN IA 71 -31.61 -59.84 -21.12
C ASN IA 71 -30.95 -59.80 -19.75
N LEU IA 72 -31.00 -60.90 -18.99
CA LEU IA 72 -30.23 -60.97 -17.76
C LEU IA 72 -28.75 -60.70 -18.01
N GLU IA 73 -28.24 -61.06 -19.19
CA GLU IA 73 -26.82 -60.81 -19.46
C GLU IA 73 -26.51 -59.31 -19.56
N HIS IA 74 -27.53 -58.49 -19.77
CA HIS IA 74 -27.39 -57.05 -19.82
C HIS IA 74 -27.64 -56.37 -18.47
N PHE IA 75 -27.99 -57.11 -17.42
CA PHE IA 75 -28.34 -56.51 -16.14
C PHE IA 75 -27.22 -56.74 -15.13
N THR IA 76 -27.19 -55.90 -14.11
CA THR IA 76 -26.27 -56.10 -12.99
C THR IA 76 -26.98 -55.55 -11.77
N VAL IA 77 -26.43 -55.81 -10.61
CA VAL IA 77 -26.87 -55.17 -9.40
C VAL IA 77 -25.64 -54.73 -8.65
N THR IA 78 -25.65 -53.49 -8.21
CA THR IA 78 -24.67 -52.99 -7.27
C THR IA 78 -25.44 -52.32 -6.14
N GLU IA 79 -24.75 -52.12 -5.04
CA GLU IA 79 -25.36 -51.45 -3.92
C GLU IA 79 -26.03 -50.15 -4.38
N VAL IA 80 -27.23 -49.90 -3.84
CA VAL IA 80 -27.94 -48.66 -4.13
C VAL IA 80 -27.06 -47.45 -3.77
N GLU IA 81 -26.96 -46.50 -4.70
CA GLU IA 81 -26.24 -45.26 -4.45
C GLU IA 81 -27.26 -44.13 -4.30
N THR IA 82 -27.30 -43.56 -3.09
CA THR IA 82 -28.26 -42.51 -2.74
C THR IA 82 -28.26 -41.38 -3.77
N ALA IA 83 -27.08 -40.91 -4.17
CA ALA IA 83 -27.01 -39.83 -5.14
C ALA IA 83 -27.61 -40.19 -6.48
N LEU IA 84 -27.80 -41.46 -6.79
CA LEU IA 84 -28.39 -41.80 -8.08
C LEU IA 84 -29.88 -42.06 -8.01
N VAL IA 85 -30.43 -42.32 -6.83
CA VAL IA 85 -31.83 -42.72 -6.71
C VAL IA 85 -32.68 -41.68 -6.01
N GLU IA 86 -32.08 -40.72 -5.32
CA GLU IA 86 -32.88 -39.65 -4.73
C GLU IA 86 -33.35 -38.70 -5.84
N GLY IA 87 -34.29 -37.83 -5.44
CA GLY IA 87 -34.77 -36.81 -6.34
C GLY IA 87 -35.60 -37.38 -7.45
N GLY IA 88 -36.01 -38.64 -7.32
CA GLY IA 88 -36.71 -39.29 -8.41
C GLY IA 88 -35.87 -39.42 -9.65
N ASP IA 89 -34.54 -39.35 -9.49
CA ASP IA 89 -33.62 -39.31 -10.62
C ASP IA 89 -33.61 -40.61 -11.41
N ARG IA 90 -34.09 -41.71 -10.86
CA ARG IA 90 -34.21 -42.89 -11.70
C ARG IA 90 -35.29 -42.72 -12.75
N TYR IA 91 -36.26 -41.81 -12.53
CA TYR IA 91 -37.29 -41.57 -13.54
C TYR IA 91 -36.90 -40.45 -14.50
N ASN IA 92 -36.27 -39.40 -13.99
CA ASN IA 92 -35.85 -38.27 -14.82
C ASN IA 92 -34.58 -37.68 -14.20
N ASN IA 93 -33.44 -37.80 -14.88
CA ASN IA 93 -32.13 -37.39 -14.35
C ASN IA 93 -31.59 -36.12 -14.98
N GLY IA 94 -32.44 -35.33 -15.60
CA GLY IA 94 -32.03 -34.05 -16.15
C GLY IA 94 -31.39 -34.11 -17.51
N LEU IA 95 -31.18 -35.31 -18.07
CA LEU IA 95 -30.67 -35.51 -19.40
C LEU IA 95 -31.79 -35.75 -20.40
N TYR IA 96 -31.83 -34.92 -21.43
CA TYR IA 96 -32.70 -35.12 -22.58
C TYR IA 96 -31.78 -35.33 -23.79
N LYS IA 97 -32.12 -34.83 -24.98
CA LYS IA 97 -31.11 -34.89 -26.02
C LYS IA 97 -29.95 -33.92 -25.68
N ALA JA 1 -21.55 -35.22 -53.97
CA ALA JA 1 -22.52 -36.24 -53.49
C ALA JA 1 -23.86 -35.92 -54.12
N GLU JA 2 -24.71 -36.92 -54.31
CA GLU JA 2 -26.01 -36.64 -54.90
C GLU JA 2 -27.01 -37.65 -54.38
N LEU JA 3 -28.29 -37.37 -54.63
CA LEU JA 3 -29.39 -38.21 -54.18
C LEU JA 3 -29.55 -39.36 -55.18
N THR JA 4 -29.06 -40.53 -54.81
CA THR JA 4 -29.00 -41.63 -55.74
C THR JA 4 -29.98 -42.71 -55.36
N PRO JA 5 -30.38 -43.55 -56.32
CA PRO JA 5 -31.32 -44.63 -56.01
C PRO JA 5 -30.83 -45.57 -54.94
N GLU JA 6 -29.50 -45.66 -54.75
CA GLU JA 6 -29.00 -46.49 -53.66
C GLU JA 6 -29.27 -45.84 -52.30
N VAL JA 7 -29.09 -44.52 -52.21
CA VAL JA 7 -29.50 -43.81 -51.01
C VAL JA 7 -30.99 -43.99 -50.79
N LEU JA 8 -31.76 -43.87 -51.86
CA LEU JA 8 -33.21 -43.95 -51.79
C LEU JA 8 -33.72 -45.38 -51.81
N THR JA 9 -32.93 -46.34 -51.34
CA THR JA 9 -33.38 -47.72 -51.23
C THR JA 9 -33.44 -48.12 -49.76
N VAL JA 10 -34.62 -48.54 -49.30
CA VAL JA 10 -34.86 -48.77 -47.88
C VAL JA 10 -35.65 -50.05 -47.68
N PRO JA 11 -35.55 -50.65 -46.49
CA PRO JA 11 -36.38 -51.83 -46.19
C PRO JA 11 -37.86 -51.56 -46.36
N LEU JA 12 -38.48 -52.40 -47.16
CA LEU JA 12 -39.93 -52.42 -47.26
C LEU JA 12 -40.55 -53.21 -46.11
N ASN JA 13 -39.87 -54.24 -45.65
CA ASN JA 13 -40.43 -55.08 -44.61
C ASN JA 13 -39.30 -55.71 -43.81
N SER JA 14 -39.67 -56.38 -42.74
CA SER JA 14 -38.64 -57.09 -41.99
C SER JA 14 -38.06 -58.24 -42.80
N GLU JA 15 -38.76 -58.68 -43.85
CA GLU JA 15 -38.30 -59.77 -44.70
C GLU JA 15 -36.95 -59.48 -45.33
N GLY JA 16 -36.49 -58.22 -45.31
CA GLY JA 16 -35.33 -57.85 -46.08
C GLY JA 16 -35.65 -57.51 -47.52
N LYS JA 17 -36.88 -57.75 -47.97
CA LYS JA 17 -37.35 -57.13 -49.19
C LYS JA 17 -37.12 -55.63 -49.05
N THR JA 18 -36.87 -54.97 -50.18
CA THR JA 18 -36.64 -53.54 -50.17
C THR JA 18 -37.46 -52.91 -51.28
N ILE JA 19 -37.49 -51.59 -51.26
CA ILE JA 19 -38.09 -50.80 -52.32
C ILE JA 19 -37.18 -49.62 -52.60
N THR JA 20 -37.23 -49.13 -53.83
CA THR JA 20 -36.49 -47.94 -54.21
C THR JA 20 -37.46 -46.80 -54.49
N LEU JA 21 -37.05 -45.61 -54.07
CA LEU JA 21 -37.86 -44.42 -54.10
C LEU JA 21 -37.31 -43.46 -55.14
N THR JA 22 -38.17 -42.57 -55.58
CA THR JA 22 -37.77 -41.49 -56.46
C THR JA 22 -37.43 -40.22 -55.67
N GLU JA 23 -36.56 -39.40 -56.25
CA GLU JA 23 -36.36 -38.06 -55.73
C GLU JA 23 -37.70 -37.48 -55.30
N LYS JA 24 -38.71 -37.58 -56.18
CA LYS JA 24 -40.01 -36.96 -55.94
C LYS JA 24 -40.68 -37.52 -54.70
N GLN JA 25 -40.59 -38.82 -54.49
CA GLN JA 25 -41.22 -39.42 -53.31
C GLN JA 25 -40.53 -38.94 -52.03
N TYR JA 26 -39.20 -38.97 -52.02
CA TYR JA 26 -38.46 -38.54 -50.85
C TYR JA 26 -38.85 -37.13 -50.46
N LEU JA 27 -39.00 -36.25 -51.44
CA LEU JA 27 -39.26 -34.85 -51.17
C LEU JA 27 -40.71 -34.65 -50.71
N GLU JA 28 -41.63 -35.40 -51.31
CA GLU JA 28 -43.00 -35.51 -50.79
C GLU JA 28 -42.99 -35.86 -49.31
N GLY JA 29 -42.32 -36.96 -48.97
CA GLY JA 29 -42.18 -37.38 -47.58
C GLY JA 29 -41.47 -36.38 -46.68
N LYS JA 30 -40.76 -35.39 -47.24
CA LYS JA 30 -40.18 -34.32 -46.44
C LYS JA 30 -41.23 -33.22 -46.19
N ARG JA 31 -41.84 -32.71 -47.26
CA ARG JA 31 -42.98 -31.81 -47.12
C ARG JA 31 -43.99 -32.35 -46.12
N LEU JA 32 -44.32 -33.64 -46.22
CA LEU JA 32 -45.40 -34.18 -45.40
C LEU JA 32 -44.95 -34.39 -43.96
N PHE JA 33 -43.69 -34.82 -43.74
CA PHE JA 33 -43.17 -34.93 -42.38
C PHE JA 33 -43.14 -33.57 -41.72
N GLN JA 34 -42.81 -32.55 -42.50
CA GLN JA 34 -42.85 -31.17 -42.00
C GLN JA 34 -44.26 -30.77 -41.65
N TYR JA 35 -45.23 -31.09 -42.52
CA TYR JA 35 -46.62 -30.70 -42.29
C TYR JA 35 -47.21 -31.37 -41.05
N ALA JA 36 -46.99 -32.68 -40.92
CA ALA JA 36 -47.67 -33.47 -39.91
C ALA JA 36 -46.82 -33.81 -38.69
N CYS JA 37 -45.49 -33.82 -38.77
CA CYS JA 37 -44.71 -34.44 -37.71
C CYS JA 37 -43.61 -33.58 -37.08
N ALA JA 38 -43.02 -32.67 -37.85
CA ALA JA 38 -41.78 -32.05 -37.39
C ALA JA 38 -42.01 -31.19 -36.17
N SER JA 39 -43.23 -30.65 -36.01
CA SER JA 39 -43.59 -29.92 -34.80
C SER JA 39 -43.10 -30.64 -33.55
N CYS JA 40 -43.13 -31.98 -33.55
CA CYS JA 40 -42.58 -32.74 -32.45
C CYS JA 40 -41.29 -33.45 -32.78
N HIS JA 41 -41.06 -33.78 -34.06
CA HIS JA 41 -39.95 -34.67 -34.44
C HIS JA 41 -38.84 -33.99 -35.25
N VAL JA 42 -38.79 -32.68 -35.27
CA VAL JA 42 -37.78 -31.97 -36.04
C VAL JA 42 -36.41 -32.63 -35.87
N GLY JA 43 -35.76 -32.93 -37.01
CA GLY JA 43 -34.43 -33.51 -37.05
C GLY JA 43 -34.26 -34.90 -36.47
N GLY JA 44 -35.36 -35.61 -36.21
CA GLY JA 44 -35.29 -36.98 -35.76
C GLY JA 44 -35.41 -37.17 -34.27
N ILE JA 45 -35.63 -36.11 -33.51
CA ILE JA 45 -35.86 -36.27 -32.08
C ILE JA 45 -37.36 -36.28 -31.80
N THR JA 46 -37.74 -36.38 -30.54
CA THR JA 46 -39.12 -36.25 -30.11
C THR JA 46 -39.19 -35.26 -28.96
N LYS JA 47 -39.66 -34.03 -29.24
CA LYS JA 47 -39.66 -32.98 -28.23
C LYS JA 47 -40.45 -33.38 -26.98
N THR JA 48 -41.56 -34.12 -27.17
CA THR JA 48 -42.41 -34.43 -26.02
C THR JA 48 -42.00 -35.70 -25.32
N ASN JA 49 -40.95 -36.32 -25.77
CA ASN JA 49 -40.33 -37.45 -25.08
C ASN JA 49 -38.96 -37.67 -25.70
N PRO JA 50 -37.95 -36.90 -25.29
CA PRO JA 50 -36.62 -37.02 -25.93
C PRO JA 50 -36.04 -38.44 -25.86
N SER JA 51 -36.45 -39.26 -24.90
CA SER JA 51 -35.92 -40.61 -24.76
C SER JA 51 -36.08 -41.46 -26.02
N LEU JA 52 -37.03 -41.13 -26.88
CA LEU JA 52 -37.33 -41.88 -28.08
C LEU JA 52 -37.08 -41.00 -29.29
N ASP JA 53 -36.26 -41.48 -30.20
CA ASP JA 53 -35.96 -40.74 -31.41
C ASP JA 53 -36.42 -41.58 -32.59
N LEU JA 54 -36.09 -41.10 -33.79
CA LEU JA 54 -36.40 -41.80 -35.02
C LEU JA 54 -35.15 -42.38 -35.68
N ARG JA 55 -34.03 -42.47 -34.96
CA ARG JA 55 -32.87 -43.17 -35.49
C ARG JA 55 -33.30 -44.55 -35.94
N THR JA 56 -32.70 -45.03 -37.04
CA THR JA 56 -33.08 -46.34 -37.52
C THR JA 56 -32.75 -47.41 -36.49
N GLU JA 57 -31.63 -47.24 -35.77
CA GLU JA 57 -31.27 -48.20 -34.74
C GLU JA 57 -32.31 -48.25 -33.64
N THR JA 58 -32.97 -47.13 -33.36
CA THR JA 58 -34.06 -47.16 -32.38
C THR JA 58 -35.28 -47.89 -32.94
N LEU JA 59 -35.73 -47.46 -34.12
CA LEU JA 59 -36.85 -48.12 -34.79
C LEU JA 59 -36.66 -49.63 -34.87
N ALA JA 60 -35.45 -50.06 -35.25
CA ALA JA 60 -35.11 -51.48 -35.28
C ALA JA 60 -35.48 -52.17 -33.97
N LEU JA 61 -35.02 -51.66 -32.85
CA LEU JA 61 -35.28 -52.38 -31.60
C LEU JA 61 -36.71 -52.16 -31.06
N ALA JA 62 -37.57 -51.46 -31.79
CA ALA JA 62 -38.94 -51.32 -31.34
C ALA JA 62 -39.73 -52.59 -31.61
N THR JA 63 -40.80 -52.74 -30.85
CA THR JA 63 -41.67 -53.91 -30.96
C THR JA 63 -43.09 -53.46 -31.28
N PRO JA 64 -43.64 -53.80 -32.43
CA PRO JA 64 -42.98 -54.45 -33.56
C PRO JA 64 -41.84 -53.59 -34.10
N PRO JA 65 -40.91 -54.20 -34.85
CA PRO JA 65 -39.85 -53.43 -35.50
C PRO JA 65 -40.38 -52.43 -36.51
N ARG JA 66 -39.64 -51.34 -36.65
CA ARG JA 66 -40.13 -50.20 -37.40
C ARG JA 66 -39.04 -49.61 -38.28
N ASP JA 67 -37.90 -50.29 -38.45
CA ASP JA 67 -36.87 -49.82 -39.39
C ASP JA 67 -37.18 -50.24 -40.81
N ASN JA 68 -38.45 -50.18 -41.20
CA ASN JA 68 -38.89 -50.55 -42.54
C ASN JA 68 -40.25 -49.91 -42.80
N ILE JA 69 -40.63 -49.83 -44.07
CA ILE JA 69 -41.75 -48.99 -44.48
C ILE JA 69 -43.05 -49.51 -43.89
N GLU JA 70 -43.31 -50.80 -44.01
CA GLU JA 70 -44.59 -51.35 -43.60
C GLU JA 70 -44.82 -51.08 -42.13
N GLY JA 71 -43.84 -51.43 -41.29
CA GLY JA 71 -43.99 -51.22 -39.86
C GLY JA 71 -44.11 -49.75 -39.48
N LEU JA 72 -43.47 -48.86 -40.24
CA LEU JA 72 -43.69 -47.43 -40.05
C LEU JA 72 -45.08 -47.03 -40.48
N VAL JA 73 -45.54 -47.53 -41.62
CA VAL JA 73 -46.90 -47.23 -42.06
C VAL JA 73 -47.89 -47.76 -41.05
N ASP JA 74 -47.63 -48.94 -40.51
CA ASP JA 74 -48.49 -49.46 -39.49
C ASP JA 74 -48.51 -48.55 -38.29
N TYR JA 75 -47.32 -48.05 -37.90
CA TYR JA 75 -47.24 -47.19 -36.73
C TYR JA 75 -48.11 -45.96 -36.90
N MET JA 76 -48.11 -45.38 -38.10
CA MET JA 76 -48.94 -44.23 -38.42
C MET JA 76 -50.40 -44.59 -38.59
N LYS JA 77 -50.75 -45.88 -38.67
CA LYS JA 77 -52.15 -46.26 -38.63
C LYS JA 77 -52.56 -46.54 -37.21
N ASN JA 78 -51.72 -47.26 -36.47
CA ASN JA 78 -52.07 -47.79 -35.15
C ASN JA 78 -50.83 -47.77 -34.26
N PRO JA 79 -50.47 -46.60 -33.73
CA PRO JA 79 -49.22 -46.51 -32.96
C PRO JA 79 -49.32 -47.20 -31.61
N THR JA 80 -48.17 -47.67 -31.14
CA THR JA 80 -48.06 -48.40 -29.88
C THR JA 80 -46.85 -47.89 -29.10
N THR JA 81 -46.76 -48.28 -27.83
CA THR JA 81 -45.53 -48.05 -27.09
C THR JA 81 -44.37 -48.84 -27.68
N TYR JA 82 -43.18 -48.55 -27.19
CA TYR JA 82 -41.95 -49.09 -27.76
C TYR JA 82 -41.89 -50.60 -27.61
N ASP JA 83 -42.55 -51.15 -26.59
CA ASP JA 83 -42.57 -52.58 -26.42
C ASP JA 83 -43.76 -53.24 -27.08
N GLY JA 84 -44.57 -52.48 -27.82
CA GLY JA 84 -45.80 -52.92 -28.43
C GLY JA 84 -46.96 -53.21 -27.49
N GLU JA 85 -46.80 -53.00 -26.18
CA GLU JA 85 -47.81 -53.50 -25.25
C GLU JA 85 -49.05 -52.62 -25.14
N GLN JA 86 -48.98 -51.36 -25.52
CA GLN JA 86 -50.10 -50.46 -25.44
C GLN JA 86 -50.26 -49.75 -26.76
N GLU JA 87 -51.50 -49.46 -27.10
CA GLU JA 87 -51.80 -48.58 -28.20
C GLU JA 87 -51.94 -47.18 -27.65
N ILE JA 88 -51.60 -46.19 -28.49
CA ILE JA 88 -51.42 -44.83 -28.01
C ILE JA 88 -52.02 -43.84 -29.00
N ALA JA 89 -52.95 -44.31 -29.83
CA ALA JA 89 -53.62 -43.42 -30.78
C ALA JA 89 -54.36 -42.28 -30.10
N GLU JA 90 -54.78 -42.46 -28.84
CA GLU JA 90 -55.41 -41.37 -28.10
C GLU JA 90 -54.48 -40.18 -27.91
N VAL JA 91 -53.15 -40.39 -27.94
CA VAL JA 91 -52.19 -39.31 -27.70
C VAL JA 91 -51.17 -39.18 -28.82
N HIS JA 92 -51.23 -39.98 -29.87
CA HIS JA 92 -50.26 -39.86 -30.95
C HIS JA 92 -50.98 -39.81 -32.29
N PRO JA 93 -50.65 -38.85 -33.15
CA PRO JA 93 -51.39 -38.73 -34.42
C PRO JA 93 -51.34 -40.04 -35.20
N SER JA 94 -52.44 -40.34 -35.86
CA SER JA 94 -52.60 -41.63 -36.53
C SER JA 94 -53.90 -41.59 -37.31
N LEU JA 95 -53.97 -42.45 -38.33
CA LEU JA 95 -55.21 -42.55 -39.11
C LEU JA 95 -56.34 -43.06 -38.22
N ARG JA 96 -56.02 -43.92 -37.26
CA ARG JA 96 -57.00 -44.34 -36.28
C ARG JA 96 -57.59 -43.13 -35.55
N SER JA 97 -56.76 -42.10 -35.29
CA SER JA 97 -57.14 -40.94 -34.49
C SER JA 97 -57.19 -39.65 -35.31
N ALA JA 98 -57.54 -39.75 -36.59
CA ALA JA 98 -57.73 -38.59 -37.44
C ALA JA 98 -58.87 -37.69 -36.96
N ASP JA 99 -59.80 -38.19 -36.16
CA ASP JA 99 -60.84 -37.29 -35.67
C ASP JA 99 -60.23 -36.24 -34.73
N ILE JA 100 -59.34 -36.65 -33.83
CA ILE JA 100 -58.72 -35.71 -32.89
C ILE JA 100 -57.39 -35.12 -33.34
N PHE JA 101 -56.70 -35.73 -34.32
CA PHE JA 101 -55.52 -35.13 -34.91
C PHE JA 101 -55.86 -34.77 -36.34
N PRO JA 102 -56.65 -33.71 -36.56
CA PRO JA 102 -57.19 -33.45 -37.91
C PRO JA 102 -56.17 -33.43 -39.03
N LYS JA 103 -54.91 -33.13 -38.74
CA LYS JA 103 -53.91 -33.10 -39.80
C LYS JA 103 -53.79 -34.43 -40.51
N MET JA 104 -54.09 -35.55 -39.82
CA MET JA 104 -54.02 -36.87 -40.43
C MET JA 104 -55.22 -37.21 -41.31
N ARG JA 105 -56.26 -36.36 -41.38
CA ARG JA 105 -57.47 -36.75 -42.06
C ARG JA 105 -57.22 -37.05 -43.54
N ASN JA 106 -56.51 -36.15 -44.22
CA ASN JA 106 -56.41 -36.18 -45.67
C ASN JA 106 -55.10 -36.80 -46.16
N LEU JA 107 -54.54 -37.73 -45.40
CA LEU JA 107 -53.33 -38.42 -45.79
C LEU JA 107 -53.71 -39.69 -46.52
N THR JA 108 -53.32 -39.79 -47.79
CA THR JA 108 -53.48 -41.00 -48.57
C THR JA 108 -52.43 -42.01 -48.16
N GLU JA 109 -52.72 -43.29 -48.39
CA GLU JA 109 -51.75 -44.32 -48.04
C GLU JA 109 -50.40 -44.09 -48.73
N LYS JA 110 -50.39 -43.47 -49.92
CA LYS JA 110 -49.10 -43.14 -50.52
C LYS JA 110 -48.43 -41.99 -49.79
N ASP JA 111 -49.20 -41.13 -49.12
CA ASP JA 111 -48.59 -40.08 -48.32
C ASP JA 111 -47.83 -40.69 -47.15
N LEU JA 112 -48.45 -41.67 -46.48
CA LEU JA 112 -47.80 -42.31 -45.34
C LEU JA 112 -46.46 -42.91 -45.74
N VAL JA 113 -46.42 -43.62 -46.87
CA VAL JA 113 -45.21 -44.31 -47.25
C VAL JA 113 -44.12 -43.32 -47.61
N ALA JA 114 -44.48 -42.19 -48.22
CA ALA JA 114 -43.51 -41.12 -48.45
C ALA JA 114 -42.89 -40.65 -47.12
N ILE JA 115 -43.73 -40.37 -46.13
CA ILE JA 115 -43.23 -40.03 -44.79
C ILE JA 115 -42.31 -41.12 -44.25
N ALA JA 116 -42.71 -42.38 -44.43
CA ALA JA 116 -41.89 -43.48 -43.93
C ALA JA 116 -40.53 -43.54 -44.63
N GLY JA 117 -40.51 -43.33 -45.94
CA GLY JA 117 -39.24 -43.36 -46.65
C GLY JA 117 -38.38 -42.17 -46.30
N HIS JA 118 -38.97 -40.98 -46.23
CA HIS JA 118 -38.17 -39.84 -45.77
C HIS JA 118 -37.50 -40.18 -44.45
N ILE JA 119 -38.29 -40.64 -43.47
CA ILE JA 119 -37.72 -41.02 -42.18
C ILE JA 119 -36.59 -42.03 -42.35
N LEU JA 120 -36.75 -42.98 -43.26
CA LEU JA 120 -35.74 -44.04 -43.34
C LEU JA 120 -34.53 -43.58 -44.15
N VAL JA 121 -34.72 -42.64 -45.07
CA VAL JA 121 -33.65 -42.16 -45.91
C VAL JA 121 -32.82 -41.10 -45.19
N GLU JA 122 -33.43 -40.28 -44.34
CA GLU JA 122 -32.75 -39.07 -43.86
C GLU JA 122 -31.50 -39.39 -43.07
N PRO JA 123 -31.49 -40.35 -42.14
CA PRO JA 123 -30.26 -40.65 -41.41
C PRO JA 123 -29.14 -41.21 -42.30
N LYS JA 124 -29.46 -41.78 -43.46
CA LYS JA 124 -28.42 -42.19 -44.39
C LYS JA 124 -27.68 -40.97 -44.94
N ILE JA 125 -28.40 -39.85 -45.06
CA ILE JA 125 -27.84 -38.59 -45.51
C ILE JA 125 -27.16 -37.84 -44.37
N LEU JA 126 -27.90 -37.61 -43.28
CA LEU JA 126 -27.41 -36.76 -42.19
C LEU JA 126 -26.58 -37.52 -41.16
N GLY JA 127 -26.69 -38.84 -41.09
CA GLY JA 127 -25.97 -39.57 -40.07
C GLY JA 127 -26.38 -39.14 -38.67
N ASP JA 128 -25.36 -38.86 -37.85
CA ASP JA 128 -25.54 -38.60 -36.42
C ASP JA 128 -26.55 -37.51 -36.15
N LYS JA 129 -26.54 -36.48 -37.00
CA LYS JA 129 -27.39 -35.32 -36.78
C LYS JA 129 -28.83 -35.75 -36.56
N TRP JA 130 -29.28 -36.72 -37.33
CA TRP JA 130 -30.66 -37.16 -37.29
C TRP JA 130 -30.93 -37.88 -36.00
N GLY JA 131 -31.89 -37.38 -35.22
CA GLY JA 131 -32.13 -37.95 -33.91
C GLY JA 131 -31.06 -37.66 -32.90
N GLY JA 132 -30.00 -36.94 -33.27
CA GLY JA 132 -28.95 -36.64 -32.32
C GLY JA 132 -29.20 -35.41 -31.48
N GLY JA 133 -29.99 -34.46 -31.97
CA GLY JA 133 -30.29 -33.31 -31.16
C GLY JA 133 -29.24 -32.22 -31.29
N LYS JA 134 -29.26 -31.31 -30.31
CA LYS JA 134 -28.57 -30.03 -30.44
C LYS JA 134 -27.06 -30.18 -30.45
N VAL JA 135 -26.53 -31.29 -29.93
CA VAL JA 135 -25.10 -31.52 -29.96
C VAL JA 135 -24.61 -31.45 -31.39
N TYR JA 136 -25.45 -31.85 -32.36
CA TYR JA 136 -25.02 -32.01 -33.75
C TYR JA 136 -25.50 -30.91 -34.68
N TYR JA 137 -26.22 -29.93 -34.15
CA TYR JA 137 -26.71 -28.87 -35.02
C TYR JA 137 -25.50 -28.25 -35.71
N GLU KA 1 -49.97 -19.50 -63.84
CA GLU KA 1 -49.98 -19.92 -62.45
C GLU KA 1 -49.44 -18.81 -61.56
N VAL KA 2 -48.11 -18.73 -61.44
CA VAL KA 2 -47.48 -17.53 -60.89
C VAL KA 2 -47.45 -16.42 -61.93
N ILE KA 3 -47.63 -16.75 -63.21
CA ILE KA 3 -47.80 -15.74 -64.24
C ILE KA 3 -49.19 -15.15 -64.17
N ALA KA 4 -50.16 -15.95 -63.74
CA ALA KA 4 -51.47 -15.42 -63.39
C ALA KA 4 -51.33 -14.29 -62.39
N GLN KA 5 -50.59 -14.52 -61.30
CA GLN KA 5 -50.39 -13.48 -60.30
C GLN KA 5 -49.60 -12.31 -60.88
N LEU KA 6 -48.51 -12.62 -61.61
CA LEU KA 6 -47.64 -11.58 -62.13
C LEU KA 6 -48.33 -10.73 -63.20
N THR KA 7 -49.20 -11.33 -64.01
CA THR KA 7 -49.96 -10.53 -64.97
C THR KA 7 -50.98 -9.62 -64.26
N MET KA 8 -51.61 -10.11 -63.19
CA MET KA 8 -52.51 -9.27 -62.40
C MET KA 8 -51.76 -8.09 -61.78
N ILE KA 9 -50.70 -8.38 -61.01
CA ILE KA 9 -49.96 -7.29 -60.37
C ILE KA 9 -49.28 -6.40 -61.40
N ALA KA 10 -48.75 -6.98 -62.47
CA ALA KA 10 -48.28 -6.17 -63.59
C ALA KA 10 -49.32 -5.12 -63.96
N MET KA 11 -50.57 -5.56 -64.18
CA MET KA 11 -51.63 -4.68 -64.65
C MET KA 11 -52.09 -3.74 -63.56
N ILE KA 12 -52.31 -4.25 -62.36
CA ILE KA 12 -52.78 -3.41 -61.26
C ILE KA 12 -51.77 -2.29 -61.00
N GLY KA 13 -50.49 -2.66 -60.92
CA GLY KA 13 -49.48 -1.69 -60.50
C GLY KA 13 -49.24 -0.58 -61.53
N ILE KA 14 -49.26 -0.93 -62.82
CA ILE KA 14 -49.14 0.12 -63.82
C ILE KA 14 -50.38 1.00 -63.87
N ALA KA 15 -51.50 0.55 -63.29
CA ALA KA 15 -52.72 1.36 -63.26
C ALA KA 15 -52.46 2.74 -62.66
N GLY KA 16 -51.58 2.82 -61.67
CA GLY KA 16 -51.36 4.05 -60.94
C GLY KA 16 -50.58 5.06 -61.73
N PRO KA 17 -49.36 4.70 -62.13
CA PRO KA 17 -48.55 5.63 -62.94
C PRO KA 17 -49.31 6.15 -64.15
N MET KA 18 -50.27 5.37 -64.64
CA MET KA 18 -51.02 5.78 -65.83
C MET KA 18 -51.92 6.97 -65.52
N ILE KA 19 -52.67 6.90 -64.42
CA ILE KA 19 -53.56 8.01 -64.09
C ILE KA 19 -52.78 9.32 -64.09
N ILE KA 20 -51.58 9.28 -63.50
CA ILE KA 20 -50.71 10.45 -63.53
C ILE KA 20 -50.37 10.82 -64.98
N PHE KA 21 -50.07 9.81 -65.79
CA PHE KA 21 -49.70 10.04 -67.19
C PHE KA 21 -50.83 10.73 -67.96
N LEU KA 22 -52.04 10.16 -67.89
CA LEU KA 22 -53.20 10.76 -68.56
C LEU KA 22 -53.44 12.19 -68.08
N LEU KA 23 -53.51 12.40 -66.77
CA LEU KA 23 -53.78 13.75 -66.31
C LEU KA 23 -52.67 14.73 -66.69
N ALA KA 24 -51.50 14.23 -67.10
CA ALA KA 24 -50.42 15.11 -67.51
C ALA KA 24 -50.60 15.56 -68.96
N VAL KA 25 -50.72 14.59 -69.86
CA VAL KA 25 -51.16 14.84 -71.23
C VAL KA 25 -52.27 15.88 -71.26
N ARG KA 26 -53.35 15.64 -70.51
CA ARG KA 26 -54.57 16.44 -70.62
C ARG KA 26 -54.41 17.81 -69.97
N ARG KA 27 -53.17 18.23 -69.73
CA ARG KA 27 -52.87 19.33 -68.84
C ARG KA 27 -53.91 19.31 -67.74
N GLY KA 28 -54.05 18.14 -67.12
CA GLY KA 28 -54.94 17.96 -66.01
C GLY KA 28 -54.43 18.69 -64.79
N ASN KA 29 -55.21 18.58 -63.72
CA ASN KA 29 -54.97 19.37 -62.53
C ASN KA 29 -54.23 18.53 -61.49
N LEU KA 30 -52.97 18.22 -61.81
CA LEU KA 30 -52.11 17.52 -60.85
C LEU KA 30 -51.71 18.48 -59.73
N THR LA 1 21.76 -19.19 -57.45
CA THR LA 1 20.85 -20.16 -58.07
C THR LA 1 19.37 -19.78 -57.87
N ILE LA 2 18.59 -19.95 -58.93
CA ILE LA 2 17.26 -19.36 -59.04
C ILE LA 2 16.20 -20.41 -58.65
N THR LA 3 15.32 -20.04 -57.75
CA THR LA 3 14.22 -20.90 -57.33
C THR LA 3 12.92 -20.49 -58.02
N PRO LA 4 11.88 -21.32 -57.93
CA PRO LA 4 10.55 -20.91 -58.42
C PRO LA 4 10.03 -19.60 -57.81
N SER LA 5 10.14 -19.41 -56.49
CA SER LA 5 9.56 -18.20 -55.89
C SER LA 5 10.35 -16.96 -56.21
N LEU LA 6 11.67 -17.09 -56.44
CA LEU LA 6 12.45 -15.97 -56.95
C LEU LA 6 11.97 -15.59 -58.35
N LYS LA 7 11.67 -16.60 -59.16
CA LYS LA 7 11.08 -16.35 -60.47
C LYS LA 7 9.69 -15.77 -60.30
N GLY LA 8 8.96 -16.24 -59.28
CA GLY LA 8 7.76 -15.54 -58.84
C GLY LA 8 8.06 -14.11 -58.43
N PHE LA 9 9.02 -13.93 -57.51
CA PHE LA 9 9.37 -12.58 -57.05
C PHE LA 9 9.60 -11.64 -58.23
N PHE LA 10 10.43 -12.05 -59.20
CA PHE LA 10 10.72 -11.20 -60.36
C PHE LA 10 9.46 -10.95 -61.19
N ILE LA 11 8.62 -11.97 -61.36
CA ILE LA 11 7.38 -11.79 -62.12
C ILE LA 11 6.55 -10.64 -61.55
N GLY LA 12 6.24 -10.71 -60.25
CA GLY LA 12 5.46 -9.64 -59.62
C GLY LA 12 6.18 -8.32 -59.64
N LEU LA 13 7.49 -8.33 -59.45
CA LEU LA 13 8.28 -7.11 -59.60
C LEU LA 13 8.05 -6.52 -60.99
N LEU LA 14 8.37 -7.30 -62.03
CA LEU LA 14 8.11 -6.84 -63.40
C LEU LA 14 6.65 -6.45 -63.56
N SER LA 15 5.74 -7.27 -63.03
CA SER LA 15 4.33 -7.00 -63.18
C SER LA 15 3.95 -5.66 -62.56
N GLY LA 16 4.51 -5.35 -61.38
CA GLY LA 16 4.19 -4.10 -60.72
C GLY LA 16 4.78 -2.90 -61.43
N ALA LA 17 5.98 -3.05 -61.98
CA ALA LA 17 6.61 -1.96 -62.71
C ALA LA 17 5.76 -1.56 -63.92
N VAL LA 18 5.31 -2.55 -64.69
CA VAL LA 18 4.52 -2.28 -65.89
C VAL LA 18 3.25 -1.50 -65.53
N VAL LA 19 2.54 -1.97 -64.50
CA VAL LA 19 1.35 -1.26 -64.00
C VAL LA 19 1.70 0.20 -63.69
N LEU LA 20 2.78 0.43 -62.94
CA LEU LA 20 3.20 1.80 -62.68
C LEU LA 20 3.42 2.55 -63.99
N GLY LA 21 4.11 1.92 -64.93
CA GLY LA 21 4.44 2.55 -66.20
C GLY LA 21 3.24 3.07 -66.97
N LEU LA 22 2.32 2.16 -67.29
CA LEU LA 22 1.07 2.56 -67.92
C LEU LA 22 0.47 3.78 -67.22
N THR LA 23 0.30 3.68 -65.90
CA THR LA 23 -0.44 4.75 -65.20
C THR LA 23 0.21 6.09 -65.44
N PHE LA 24 1.53 6.17 -65.29
CA PHE LA 24 2.20 7.46 -65.35
C PHE LA 24 2.45 7.89 -66.80
N ALA LA 25 2.72 6.94 -67.69
CA ALA LA 25 2.72 7.23 -69.11
C ALA LA 25 1.36 7.76 -69.58
N VAL LA 26 0.28 7.01 -69.28
CA VAL LA 26 -1.08 7.48 -69.59
C VAL LA 26 -1.28 8.90 -69.08
N LEU LA 27 -0.92 9.13 -67.81
CA LEU LA 27 -1.27 10.38 -67.15
C LEU LA 27 -0.44 11.54 -67.68
N ILE LA 28 0.88 11.37 -67.77
CA ILE LA 28 1.70 12.44 -68.33
C ILE LA 28 1.18 12.81 -69.72
N ALA LA 29 1.01 11.81 -70.59
CA ALA LA 29 0.37 12.02 -71.88
C ALA LA 29 -0.88 12.91 -71.79
N ILE LA 30 -1.87 12.51 -70.98
CA ILE LA 30 -3.11 13.30 -70.88
C ILE LA 30 -2.81 14.72 -70.39
N SER LA 31 -2.08 14.83 -69.29
CA SER LA 31 -1.84 16.15 -68.70
C SER LA 31 -1.10 17.05 -69.65
N GLN LA 32 -0.38 16.46 -70.61
CA GLN LA 32 0.31 17.26 -71.63
C GLN LA 32 -0.66 17.80 -72.67
N ILE LA 33 -1.79 17.12 -72.91
CA ILE LA 33 -2.81 17.63 -73.83
C ILE LA 33 -3.70 18.60 -73.10
N ASP LA 34 -4.49 18.11 -72.15
CA ASP LA 34 -5.46 18.94 -71.42
C ASP LA 34 -4.71 19.75 -70.39
N LYS LA 35 -4.37 20.99 -70.74
CA LYS LA 35 -3.53 21.85 -69.92
C LYS LA 35 -4.35 23.01 -69.41
N VAL LA 36 -4.10 23.39 -68.15
CA VAL LA 36 -4.67 24.60 -67.61
C VAL LA 36 -4.17 25.79 -68.43
N GLN LA 37 -4.91 26.90 -68.35
CA GLN LA 37 -4.56 28.11 -69.07
C GLN LA 37 -4.53 29.28 -68.08
N ARG LA 38 -3.55 30.17 -68.27
CA ARG LA 38 -3.36 31.34 -67.39
C ARG LA 38 -3.19 32.62 -68.19
N MET MA 1 -76.45 -21.55 -63.42
CA MET MA 1 -75.86 -20.94 -64.63
C MET MA 1 -74.35 -20.68 -64.43
N THR MA 2 -73.59 -21.77 -64.46
CA THR MA 2 -72.17 -21.80 -64.11
C THR MA 2 -71.31 -20.84 -64.94
N ILE MA 3 -71.85 -20.26 -66.01
CA ILE MA 3 -71.06 -19.51 -66.97
C ILE MA 3 -71.59 -18.08 -66.99
N LEU MA 4 -72.88 -17.93 -66.69
CA LEU MA 4 -73.48 -16.61 -66.56
C LEU MA 4 -73.08 -15.94 -65.25
N PHE MA 5 -72.51 -16.68 -64.31
CA PHE MA 5 -72.00 -16.08 -63.09
C PHE MA 5 -70.65 -15.42 -63.33
N GLN MA 6 -69.79 -16.06 -64.13
CA GLN MA 6 -68.51 -15.46 -64.44
C GLN MA 6 -68.67 -14.31 -65.42
N LEU MA 7 -69.68 -14.37 -66.28
CA LEU MA 7 -69.95 -13.25 -67.16
C LEU MA 7 -70.21 -11.99 -66.35
N ALA MA 8 -70.96 -12.10 -65.26
CA ALA MA 8 -71.20 -10.93 -64.43
C ALA MA 8 -69.96 -10.56 -63.63
N LEU MA 9 -69.18 -11.56 -63.19
CA LEU MA 9 -68.10 -11.28 -62.25
C LEU MA 9 -66.92 -10.65 -62.98
N ALA MA 10 -66.67 -11.09 -64.21
CA ALA MA 10 -65.70 -10.39 -65.03
C ALA MA 10 -66.22 -9.00 -65.43
N ALA MA 11 -67.52 -8.86 -65.65
CA ALA MA 11 -68.09 -7.53 -65.85
C ALA MA 11 -67.70 -6.62 -64.70
N LEU MA 12 -67.87 -7.08 -63.46
CA LEU MA 12 -67.46 -6.29 -62.30
C LEU MA 12 -65.99 -5.90 -62.41
N VAL MA 13 -65.11 -6.88 -62.62
CA VAL MA 13 -63.67 -6.63 -62.65
C VAL MA 13 -63.32 -5.69 -63.79
N ILE MA 14 -63.78 -6.02 -65.00
CA ILE MA 14 -63.67 -5.17 -66.17
C ILE MA 14 -64.77 -4.12 -66.12
N LEU MA 15 -64.49 -2.99 -65.49
CA LEU MA 15 -65.49 -1.97 -65.17
C LEU MA 15 -65.01 -1.29 -63.90
N SER MA 16 -64.82 -2.10 -62.86
CA SER MA 16 -63.96 -1.70 -61.76
C SER MA 16 -62.64 -1.21 -62.31
N PHE MA 17 -61.95 -2.09 -63.04
CA PHE MA 17 -60.65 -1.72 -63.61
C PHE MA 17 -60.78 -0.46 -64.46
N VAL MA 18 -61.84 -0.34 -65.25
CA VAL MA 18 -62.03 0.89 -66.01
C VAL MA 18 -62.24 2.06 -65.07
N MET MA 19 -63.23 1.97 -64.19
CA MET MA 19 -63.57 3.15 -63.40
C MET MA 19 -62.49 3.52 -62.40
N VAL MA 20 -61.52 2.64 -62.17
CA VAL MA 20 -60.45 2.96 -61.24
C VAL MA 20 -59.50 3.98 -61.86
N ILE MA 21 -59.14 3.77 -63.13
CA ILE MA 21 -58.36 4.76 -63.87
C ILE MA 21 -59.24 5.92 -64.31
N GLY MA 22 -60.52 5.69 -64.54
CA GLY MA 22 -61.32 6.66 -65.24
C GLY MA 22 -61.89 7.77 -64.38
N VAL MA 23 -62.38 7.42 -63.18
CA VAL MA 23 -62.95 8.43 -62.30
C VAL MA 23 -61.94 9.52 -61.92
N PRO MA 24 -60.68 9.21 -61.55
CA PRO MA 24 -59.75 10.30 -61.16
C PRO MA 24 -59.22 11.15 -62.32
N VAL MA 25 -59.03 10.55 -63.50
CA VAL MA 25 -58.69 11.33 -64.68
C VAL MA 25 -59.83 12.29 -65.01
N ALA MA 26 -61.04 11.73 -65.15
CA ALA MA 26 -62.24 12.54 -65.34
C ALA MA 26 -62.27 13.75 -64.42
N TYR MA 27 -62.00 13.53 -63.13
CA TYR MA 27 -62.28 14.54 -62.12
C TYR MA 27 -61.32 15.73 -62.22
N ALA MA 28 -60.07 15.47 -62.56
CA ALA MA 28 -59.04 16.51 -62.58
C ALA MA 28 -58.74 17.02 -63.98
N SER MA 29 -59.44 16.54 -64.99
CA SER MA 29 -59.36 17.20 -66.28
C SER MA 29 -60.36 18.35 -66.32
N PRO MA 30 -59.92 19.55 -66.72
CA PRO MA 30 -60.85 20.69 -66.68
C PRO MA 30 -61.88 20.61 -67.79
N GLN MA 31 -61.44 20.14 -68.96
CA GLN MA 31 -62.21 20.08 -70.18
C GLN MA 31 -63.64 19.66 -69.87
N ASP MA 32 -63.82 18.40 -69.52
CA ASP MA 32 -65.11 17.75 -69.59
C ASP MA 32 -65.60 17.36 -68.20
N TRP MA 33 -65.93 18.36 -67.38
CA TRP MA 33 -66.83 18.09 -66.26
C TRP MA 33 -68.18 17.60 -66.78
N ASP MA 34 -68.66 18.20 -67.88
CA ASP MA 34 -69.98 17.90 -68.41
C ASP MA 34 -69.97 16.82 -69.47
N ARG MA 35 -68.86 16.63 -70.19
CA ARG MA 35 -68.78 15.51 -71.12
C ARG MA 35 -68.67 14.17 -70.41
N SER MA 36 -68.45 14.17 -69.09
CA SER MA 36 -68.19 12.94 -68.33
C SER MA 36 -69.12 12.72 -67.15
N LYS MA 37 -69.85 13.75 -66.68
CA LYS MA 37 -70.80 13.56 -65.58
C LYS MA 37 -71.62 12.29 -65.82
N GLN MA 38 -72.19 12.17 -67.02
CA GLN MA 38 -73.02 11.02 -67.34
C GLN MA 38 -72.22 9.74 -67.22
N LEU MA 39 -71.07 9.68 -67.89
CA LEU MA 39 -70.18 8.52 -67.87
C LEU MA 39 -70.09 7.86 -66.50
N ILE MA 40 -69.50 8.57 -65.54
CA ILE MA 40 -69.26 7.97 -64.23
C ILE MA 40 -70.57 7.56 -63.58
N PHE MA 41 -71.62 8.36 -63.79
CA PHE MA 41 -72.93 8.07 -63.21
C PHE MA 41 -73.50 6.76 -63.76
N LEU MA 42 -73.23 6.45 -65.03
CA LEU MA 42 -73.72 5.23 -65.63
C LEU MA 42 -72.92 4.03 -65.19
N GLY MA 43 -71.60 4.12 -65.27
CA GLY MA 43 -70.77 3.07 -64.72
C GLY MA 43 -71.11 2.81 -63.27
N SER MA 44 -71.38 3.88 -62.52
CA SER MA 44 -71.72 3.75 -61.11
C SER MA 44 -72.89 2.79 -60.92
N GLY MA 45 -74.05 3.14 -61.51
CA GLY MA 45 -75.19 2.24 -61.46
C GLY MA 45 -74.88 0.88 -62.05
N LEU MA 46 -74.09 0.86 -63.12
CA LEU MA 46 -73.65 -0.39 -63.71
C LEU MA 46 -72.83 -1.21 -62.74
N TRP MA 47 -71.92 -0.54 -62.01
CA TRP MA 47 -71.13 -1.22 -61.00
C TRP MA 47 -72.05 -1.78 -59.93
N ILE MA 48 -72.85 -0.90 -59.30
CA ILE MA 48 -73.75 -1.35 -58.24
C ILE MA 48 -74.63 -2.49 -58.74
N ALA MA 49 -75.26 -2.28 -59.88
CA ALA MA 49 -76.07 -3.32 -60.46
C ALA MA 49 -75.30 -4.62 -60.51
N LEU MA 50 -74.08 -4.56 -61.03
CA LEU MA 50 -73.29 -5.78 -61.19
C LEU MA 50 -73.05 -6.47 -59.85
N VAL MA 51 -72.64 -5.71 -58.83
CA VAL MA 51 -72.45 -6.26 -57.49
C VAL MA 51 -73.69 -7.02 -57.04
N LEU MA 52 -74.86 -6.41 -57.23
CA LEU MA 52 -76.10 -7.11 -56.86
C LEU MA 52 -76.28 -8.37 -57.71
N VAL MA 53 -76.18 -8.23 -59.02
CA VAL MA 53 -76.37 -9.39 -59.89
C VAL MA 53 -75.45 -10.51 -59.49
N VAL MA 54 -74.14 -10.22 -59.38
CA VAL MA 54 -73.18 -11.21 -58.91
C VAL MA 54 -73.53 -11.67 -57.50
N GLY MA 55 -74.13 -10.79 -56.70
CA GLY MA 55 -74.50 -11.15 -55.35
C GLY MA 55 -75.63 -12.17 -55.27
N VAL MA 56 -76.55 -12.14 -56.21
CA VAL MA 56 -77.64 -13.12 -56.18
C VAL MA 56 -77.26 -14.40 -56.93
N LEU MA 57 -76.55 -14.26 -58.04
CA LEU MA 57 -76.06 -15.44 -58.74
C LEU MA 57 -75.31 -16.38 -57.79
N ASN MA 58 -74.38 -15.83 -56.99
CA ASN MA 58 -73.58 -16.63 -56.06
C ASN MA 58 -74.41 -17.76 -55.44
N PHE MA 59 -75.63 -17.43 -55.05
CA PHE MA 59 -76.49 -18.35 -54.33
C PHE MA 59 -77.11 -19.43 -55.20
N PHE MA 60 -76.60 -19.62 -56.41
CA PHE MA 60 -77.00 -20.75 -57.24
C PHE MA 60 -75.81 -21.59 -57.66
N VAL MA 61 -74.61 -21.29 -57.15
CA VAL MA 61 -73.38 -21.99 -57.54
C VAL MA 61 -72.40 -22.13 -56.38
N VAL MA 62 -72.59 -21.35 -55.32
CA VAL MA 62 -71.59 -21.31 -54.24
C VAL MA 62 -71.53 -22.65 -53.51
N ASP NA 1 -13.65 -22.26 -73.25
CA ASP NA 1 -14.27 -22.97 -74.38
C ASP NA 1 -15.42 -22.15 -74.95
N TRP NA 2 -16.49 -22.85 -75.36
CA TRP NA 2 -17.61 -22.18 -76.01
C TRP NA 2 -18.26 -21.14 -75.12
N ARG NA 3 -18.04 -21.24 -73.81
CA ARG NA 3 -18.75 -20.38 -72.86
C ARG NA 3 -18.09 -19.03 -72.73
N VAL NA 4 -16.78 -18.94 -73.00
CA VAL NA 4 -16.08 -17.67 -72.98
C VAL NA 4 -16.58 -16.76 -74.10
N LEU NA 5 -17.18 -17.36 -75.14
CA LEU NA 5 -17.74 -16.60 -76.26
C LEU NA 5 -19.08 -15.98 -75.91
N VAL NA 6 -20.01 -16.78 -75.37
CA VAL NA 6 -21.37 -16.30 -75.18
C VAL NA 6 -21.44 -15.27 -74.07
N VAL NA 7 -20.58 -15.38 -73.05
CA VAL NA 7 -20.60 -14.44 -71.94
C VAL NA 7 -20.06 -13.08 -72.34
N LEU NA 8 -19.33 -12.99 -73.47
CA LEU NA 8 -18.79 -11.72 -73.93
C LEU NA 8 -19.55 -11.14 -75.12
N LEU NA 9 -20.27 -11.98 -75.85
CA LEU NA 9 -21.13 -11.55 -76.95
C LEU NA 9 -21.98 -10.33 -76.58
N PRO NA 10 -22.96 -10.44 -75.67
CA PRO NA 10 -23.77 -9.25 -75.34
C PRO NA 10 -22.93 -8.06 -74.92
N VAL NA 11 -21.80 -8.31 -74.25
CA VAL NA 11 -20.91 -7.22 -73.86
C VAL NA 11 -20.42 -6.49 -75.12
N LEU NA 12 -19.92 -7.24 -76.09
CA LEU NA 12 -19.40 -6.64 -77.31
C LEU NA 12 -20.49 -5.93 -78.11
N LEU NA 13 -21.64 -6.60 -78.32
CA LEU NA 13 -22.78 -5.92 -78.94
C LEU NA 13 -23.01 -4.55 -78.27
N ALA NA 14 -23.32 -4.58 -76.98
CA ALA NA 14 -23.49 -3.38 -76.18
C ALA NA 14 -22.43 -2.33 -76.53
N ALA NA 15 -21.20 -2.77 -76.77
CA ALA NA 15 -20.10 -1.84 -77.00
C ALA NA 15 -20.15 -1.20 -78.37
N GLY NA 16 -20.31 -2.01 -79.42
CA GLY NA 16 -20.41 -1.46 -80.76
C GLY NA 16 -21.58 -0.52 -80.91
N TRP NA 17 -22.74 -0.89 -80.34
CA TRP NA 17 -23.97 -0.12 -80.53
C TRP NA 17 -23.86 1.26 -79.90
N ALA NA 18 -23.22 1.38 -78.74
CA ALA NA 18 -22.93 2.70 -78.18
C ALA NA 18 -21.77 3.36 -78.91
N VAL NA 19 -20.79 2.56 -79.37
CA VAL NA 19 -19.64 3.10 -80.08
C VAL NA 19 -20.06 3.65 -81.44
N ARG NA 20 -21.03 3.01 -82.10
CA ARG NA 20 -21.53 3.56 -83.36
C ARG NA 20 -22.48 4.72 -83.13
N ASN NA 21 -23.22 4.72 -82.01
CA ASN NA 21 -24.20 5.76 -81.72
C ASN NA 21 -23.58 7.04 -81.18
N ILE NA 22 -22.37 6.98 -80.62
CA ILE NA 22 -21.72 8.17 -80.07
C ILE NA 22 -20.46 8.53 -80.83
N LEU NA 23 -20.07 7.73 -81.82
CA LEU NA 23 -18.83 7.96 -82.57
C LEU NA 23 -18.67 9.38 -83.11
N PRO NA 24 -19.70 10.01 -83.70
CA PRO NA 24 -19.49 11.35 -84.25
C PRO NA 24 -19.29 12.40 -83.17
N TYR NA 25 -20.14 12.40 -82.14
CA TYR NA 25 -19.99 13.35 -81.05
C TYR NA 25 -18.63 13.19 -80.37
N ALA NA 26 -18.08 11.98 -80.36
CA ALA NA 26 -16.77 11.76 -79.75
C ALA NA 26 -15.64 12.37 -80.58
N VAL NA 27 -15.77 12.31 -81.92
CA VAL NA 27 -14.80 12.96 -82.79
C VAL NA 27 -14.68 14.45 -82.50
N LYS NA 28 -15.71 15.07 -81.93
CA LYS NA 28 -15.58 16.42 -81.38
C LYS NA 28 -14.29 16.54 -80.57
N GLN NA 29 -14.19 15.77 -79.48
CA GLN NA 29 -12.96 15.65 -78.71
C GLN NA 29 -11.75 15.75 -79.64
N VAL NA 30 -11.41 17.01 -79.99
CA VAL NA 30 -10.35 17.29 -80.95
C VAL NA 30 -9.58 18.56 -80.60
N GLN NA 31 -9.88 19.22 -79.49
CA GLN NA 31 -9.04 20.32 -79.01
C GLN NA 31 -8.57 19.99 -77.60
FE FE2 OA . 21.59 38.48 17.61
CL CL PA . 27.26 -4.52 23.04
CL CL QA . 38.77 -11.30 27.49
MG CLA RA . 25.66 12.59 27.16
CHA CLA RA . 28.03 13.11 24.55
CHB CLA RA . 24.37 15.79 26.36
CHC CLA RA . 22.74 11.83 28.64
CHD CLA RA . 26.63 9.29 27.18
NA CLA RA . 26.19 14.16 25.75
C1A CLA RA . 27.23 14.17 24.80
C2A CLA RA . 27.23 15.47 24.06
C3A CLA RA . 26.40 16.42 24.96
C4A CLA RA . 25.57 15.39 25.75
CMA CLA RA . 27.25 17.34 25.82
CAA CLA RA . 26.54 15.14 22.76
CBA CLA RA . 26.47 16.32 21.81
CGA CLA RA . 27.87 16.53 21.32
O1A CLA RA . 28.82 15.79 21.56
O2A CLA RA . 28.05 17.61 20.54
NB CLA RA . 23.83 13.63 27.39
C1B CLA RA . 23.55 14.92 27.09
C2B CLA RA . 22.22 15.30 27.70
C3B CLA RA . 21.76 14.16 28.32
C4B CLA RA . 22.81 13.11 28.19
CMB CLA RA . 21.63 16.66 27.59
CAB CLA RA . 20.55 13.88 29.05
CBB CLA RA . 19.58 14.76 29.25
NC CLA RA . 24.83 10.90 27.69
C1C CLA RA . 23.67 10.77 28.39
C2C CLA RA . 23.51 9.42 28.87
C3C CLA RA . 24.68 8.72 28.54
C4C CLA RA . 25.47 9.67 27.83
CMC CLA RA . 22.33 8.91 29.55
CAC CLA RA . 25.04 7.28 28.77
CBC CLA RA . 24.16 6.33 28.04
ND CLA RA . 27.01 11.47 26.16
C1D CLA RA . 27.35 10.14 26.41
C2D CLA RA . 28.52 9.75 25.60
C3D CLA RA . 28.79 10.85 24.83
C4D CLA RA . 27.85 11.90 25.24
CMD CLA RA . 29.09 8.42 25.64
CAD CLA RA . 29.65 11.41 23.84
OBD CLA RA . 30.55 10.87 23.22
CBD CLA RA . 29.19 12.88 23.62
CGD CLA RA . 30.35 13.79 23.86
O1D CLA RA . 30.68 14.39 24.91
O2D CLA RA . 31.07 13.97 22.72
CED CLA RA . 32.39 14.48 22.92
C1 CLA RA . 29.37 17.66 19.90
C2 CLA RA . 29.21 17.85 18.45
C3 CLA RA . 29.33 16.89 17.54
C4 CLA RA . 29.64 15.48 17.82
C5 CLA RA . 29.16 17.27 16.14
C6 CLA RA . 30.37 17.03 15.26
C7 CLA RA . 29.92 17.38 13.85
C8 CLA RA . 30.96 17.27 12.73
C9 CLA RA . 32.12 18.20 13.07
C10 CLA RA . 30.32 17.58 11.35
C11 CLA RA . 29.25 16.59 10.91
C12 CLA RA . 28.85 16.71 9.44
C13 CLA RA . 27.64 15.87 9.03
C14 CLA RA . 28.04 14.41 8.93
C15 CLA RA . 27.10 16.31 7.67
C16 CLA RA . 26.21 17.54 7.71
C17 CLA RA . 26.00 18.15 6.33
C18 CLA RA . 24.55 18.07 5.91
C19 CLA RA . 24.38 18.56 4.50
C20 CLA RA . 24.09 16.64 5.95
HHB CLA RA . 24.06 16.83 26.27
HHC CLA RA . 21.87 11.54 29.27
HHD CLA RA . 26.98 8.25 27.31
H2A CLA RA . 28.26 15.92 23.93
H3A CLA RA . 25.71 17.08 24.36
HMA1 CLA RA . 26.85 18.38 25.80
HMA2 CLA RA . 28.30 17.37 25.46
HMA3 CLA RA . 27.26 16.99 26.89
HAA1 CLA RA . 25.50 14.78 22.98
HAA2 CLA RA . 27.08 14.30 22.25
HBA1 CLA RA . 26.10 17.24 22.34
HBA2 CLA RA . 25.78 16.12 20.96
HMB1 CLA RA . 21.45 17.10 28.60
HMB2 CLA RA . 20.65 16.62 27.04
HMB3 CLA RA . 22.32 17.34 27.03
HAB CLA RA . 20.46 12.84 29.44
HBB1 CLA RA . 19.63 15.79 28.90
HBB2 CLA RA . 18.67 14.50 29.80
HMC1 CLA RA . 22.55 7.94 30.06
HMC2 CLA RA . 21.50 8.75 28.83
HMC3 CLA RA . 21.99 9.65 30.32
HAC1 CLA RA . 25.00 7.05 29.87
HAC2 CLA RA . 26.10 7.11 28.45
HBC1 CLA RA . 24.30 5.30 28.43
HBC2 CLA RA . 24.39 6.34 26.95
HBC3 CLA RA . 23.08 6.63 28.18
HMD1 CLA RA . 29.43 8.11 24.63
HMD2 CLA RA . 28.33 7.67 26.00
HMD3 CLA RA . 29.98 8.38 26.34
HBD CLA RA . 28.84 13.04 22.57
HED1 CLA RA . 32.43 15.40 22.27
HED2 CLA RA . 33.06 13.66 22.58
HED3 CLA RA . 32.44 14.70 24.02
H11 CLA RA . 29.89 16.69 20.14
H12 CLA RA . 29.95 18.51 20.36
H2 CLA RA . 29.00 18.88 18.14
H41 CLA RA . 29.46 14.84 16.92
H42 CLA RA . 28.99 15.07 18.63
H43 CLA RA . 30.70 15.34 18.12
H51 CLA RA . 28.90 18.35 16.10
H52 CLA RA . 28.30 16.70 15.73
H61 CLA RA . 30.70 15.96 15.32
H62 CLA RA . 31.23 17.67 15.57
H71 CLA RA . 29.52 18.42 13.87
H72 CLA RA . 29.07 16.70 13.60
H8 CLA RA . 31.35 16.22 12.65
H91 CLA RA . 32.85 18.22 12.22
H92 CLA RA . 32.64 17.86 13.99
H93 CLA RA . 31.74 19.25 13.23
H101 CLA RA . 31.14 17.59 10.57
H102 CLA RA . 29.88 18.61 11.37
H111 CLA RA . 28.34 16.75 11.55
H112 CLA RA . 29.61 15.55 11.10
H121 CLA RA . 29.74 16.41 8.81
H122 CLA RA . 28.64 17.79 9.22
H13 CLA RA . 26.85 16.00 9.82
H141 CLA RA . 27.25 13.82 8.42
H142 CLA RA . 28.20 13.97 9.96
H143 CLA RA . 28.99 14.30 8.35
H151 CLA RA . 26.51 15.47 7.22
H152 CLA RA . 27.95 16.52 6.98
H161 CLA RA . 26.67 18.31 8.39
H162 CLA RA . 25.22 17.27 8.16
H171 CLA RA . 26.63 17.61 5.57
H172 CLA RA . 26.33 19.21 6.33
H18 CLA RA . 23.93 18.70 6.61
H191 CLA RA . 23.30 18.72 4.26
H192 CLA RA . 24.80 17.83 3.77
H193 CLA RA . 24.92 19.53 4.36
H201 CLA RA . 23.26 16.47 5.23
H202 CLA RA . 23.73 16.37 6.98
H203 CLA RA . 24.93 15.95 5.69
MG CLA SA . 19.26 18.65 35.45
CHA CLA SA . 22.67 18.86 35.04
CHB CLA SA . 19.42 21.54 37.32
CHC CLA SA . 15.92 18.71 35.41
CHD CLA SA . 19.25 15.99 33.07
NA CLA SA . 20.80 19.92 36.17
C1A CLA SA . 22.16 19.88 35.78
C2A CLA SA . 22.91 21.11 36.26
C3A CLA SA . 21.97 21.70 37.32
C4A CLA SA . 20.62 21.04 36.91
CMA CLA SA . 22.37 21.31 38.73
CAA CLA SA . 23.17 22.04 35.09
CBA CLA SA . 21.98 22.35 34.21
CGA CLA SA . 22.30 23.56 33.38
O1A CLA SA . 23.37 24.12 33.28
O2A CLA SA . 21.26 24.11 32.71
NB CLA SA . 17.97 19.84 36.22
C1B CLA SA . 18.19 20.94 37.00
C2B CLA SA . 16.90 21.43 37.52
C3B CLA SA . 15.93 20.63 37.01
C4B CLA SA . 16.59 19.62 36.16
CMB CLA SA . 16.82 22.63 38.37
CAB CLA SA . 14.51 20.68 37.13
CBB CLA SA . 13.89 21.35 38.08
NC CLA SA . 17.87 17.57 34.39
C1C CLA SA . 16.53 17.78 34.55
C2C CLA SA . 15.76 16.88 33.71
C3C CLA SA . 16.69 16.10 33.03
C4C CLA SA . 18.01 16.54 33.48
CMC CLA SA . 14.31 16.90 33.64
CAC CLA SA . 16.45 15.05 32.06
CBC CLA SA . 15.74 13.87 32.65
ND CLA SA . 20.57 17.63 34.30
C1D CLA SA . 20.45 16.50 33.46
C2D CLA SA . 21.76 15.97 33.10
C3D CLA SA . 22.67 16.81 33.72
C4D CLA SA . 21.87 17.84 34.44
CMD CLA SA . 21.94 14.79 32.25
CAD CLA SA . 24.06 17.12 33.97
OBD CLA SA . 25.05 16.46 33.72
CBD CLA SA . 24.09 18.44 34.79
CGD CLA SA . 24.69 18.08 36.09
O1D CLA SA . 24.42 17.09 36.78
O2D CLA SA . 25.64 18.89 36.57
CED CLA SA . 26.13 18.43 37.82
C1 CLA SA . 21.52 25.20 31.79
C2 CLA SA . 21.04 26.41 32.51
C3 CLA SA . 21.77 27.50 32.71
C4 CLA SA . 23.18 27.68 32.25
C5 CLA SA . 21.21 28.64 33.48
C6 CLA SA . 21.71 28.57 34.91
C7 CLA SA . 21.05 27.39 35.62
C8 CLA SA . 21.25 27.34 37.13
C9 CLA SA . 20.78 26.01 37.70
C10 CLA SA . 20.54 28.50 37.84
C11 CLA SA . 21.23 28.86 39.14
C12 CLA SA . 20.68 30.13 39.76
C13 CLA SA . 21.21 30.32 41.18
C14 CLA SA . 20.59 29.32 42.16
C15 CLA SA . 21.04 31.76 41.66
C16 CLA SA . 19.62 32.20 42.00
C17 CLA SA . 19.60 33.28 43.08
C18 CLA SA . 20.45 34.52 42.81
C19 CLA SA . 19.57 35.74 42.63
C20 CLA SA . 21.46 34.78 43.91
HHB CLA SA . 19.40 22.46 37.93
HHC CLA SA . 14.82 18.66 35.48
HHD CLA SA . 19.23 15.11 32.41
H2A CLA SA . 23.88 20.82 36.74
H3A CLA SA . 21.90 22.82 37.23
HMA1 CLA SA . 21.52 21.46 39.43
HMA2 CLA SA . 23.23 21.94 39.08
HMA3 CLA SA . 22.68 20.24 38.77
HAA1 CLA SA . 23.96 21.58 34.45
HAA2 CLA SA . 23.57 23.00 35.48
HBA1 CLA SA . 21.07 22.56 34.84
HBA2 CLA SA . 21.74 21.48 33.54
HMB1 CLA SA . 15.87 23.18 38.17
HMB2 CLA SA . 17.68 23.32 38.16
HMB3 CLA SA . 16.85 22.34 39.45
HAB CLA SA . 13.94 20.13 36.36
HBB1 CLA SA . 14.42 21.88 38.87
HBB2 CLA SA . 12.80 21.38 38.15
HMC1 CLA SA . 13.94 16.19 32.85
HMC2 CLA SA . 13.94 17.91 33.38
HMC3 CLA SA . 13.86 16.59 34.61
HAC1 CLA SA . 17.42 14.71 31.62
HAC2 CLA SA . 15.83 15.46 31.21
HBC1 CLA SA . 15.93 12.96 32.03
HBC2 CLA SA . 14.64 14.06 32.68
HBC3 CLA SA . 16.10 13.69 33.69
HMD1 CLA SA . 22.99 14.41 32.31
HMD2 CLA SA . 21.72 15.04 31.18
HMD3 CLA SA . 21.25 13.97 32.56
HBD CLA SA . 24.64 19.25 34.23
HED1 CLA SA . 26.94 19.16 38.08
HED2 CLA SA . 26.49 17.39 37.61
HED3 CLA SA . 25.24 18.48 38.49
H11 CLA SA . 20.94 25.03 30.84
H12 CLA SA . 22.60 25.26 31.55
H2 CLA SA . 20.01 26.33 32.90
H41 CLA SA . 23.58 28.68 32.55
H42 CLA SA . 23.25 27.61 31.14
H43 CLA SA . 23.85 26.91 32.69
H51 CLA SA . 20.09 28.59 33.45
H52 CLA SA . 21.51 29.60 33.00
H61 CLA SA . 21.49 29.53 35.45
H62 CLA SA . 22.83 28.44 34.92
H71 CLA SA . 21.45 26.44 35.17
H72 CLA SA . 19.95 27.43 35.39
H8 CLA SA . 22.35 27.46 37.34
H91 CLA SA . 21.19 25.84 38.72
H92 CLA SA . 21.11 25.17 37.04
H93 CLA SA . 19.66 25.99 37.75
H101 CLA SA . 19.47 28.22 38.06
H102 CLA SA . 20.51 29.40 37.18
H111 CLA SA . 22.33 28.97 38.96
H112 CLA SA . 21.11 28.01 39.87
H121 CLA SA . 19.57 30.10 39.76
H122 CLA SA . 20.99 31.01 39.13
H13 CLA SA . 22.32 30.10 41.17
H141 CLA SA . 20.67 29.68 43.21
H142 CLA SA . 21.11 28.33 42.08
H143 CLA SA . 19.50 29.16 41.92
H151 CLA SA . 21.44 32.46 40.88
H152 CLA SA . 21.68 31.92 42.58
H161 CLA SA . 19.03 31.31 42.35
H162 CLA SA . 19.12 32.60 41.08
H171 CLA SA . 19.95 32.82 44.04
H172 CLA SA . 18.54 33.61 43.24
H18 CLA SA . 21.03 34.34 41.85
H191 CLA SA . 20.19 36.65 42.39
H192 CLA SA . 19.00 35.95 43.58
H193 CLA SA . 18.84 35.58 41.80
H201 CLA SA . 22.17 35.60 43.61
H202 CLA SA . 22.06 33.87 44.11
H203 CLA SA . 20.94 35.09 44.85
CHA PHO TA . 28.79 23.44 12.04
CHB PHO TA . 26.56 19.16 12.47
CHC PHO TA . 26.48 19.90 17.23
CHD PHO TA . 28.51 24.27 16.90
NA PHO TA . 27.60 21.40 12.60
C1A PHO TA . 28.23 22.27 11.67
C2A PHO TA . 28.16 21.73 10.25
C3A PHO TA . 27.18 20.56 10.41
C4A PHO TA . 27.13 20.37 11.93
CMA PHO TA . 25.79 20.95 10.00
CAA PHO TA . 29.53 21.34 9.70
CBA PHO TA . 29.49 20.98 8.22
CGA PHO TA . 30.74 20.21 7.83
O1A PHO TA . 31.66 19.85 8.56
O2A PHO TA . 30.78 19.91 6.50
NB PHO TA . 26.64 19.88 14.80
C1B PHO TA . 26.41 18.95 13.79
C2B PHO TA . 25.88 17.73 14.41
C3B PHO TA . 25.86 17.97 15.76
C4B PHO TA . 26.37 19.32 16.03
CMB PHO TA . 25.46 16.55 13.63
CAB PHO TA . 25.45 17.12 16.87
CBB PHO TA . 25.50 15.80 16.87
NC PHO TA . 27.51 22.05 16.70
C1C PHO TA . 27.00 21.19 17.55
C2C PHO TA . 27.02 21.69 18.94
C3C PHO TA . 27.59 22.95 18.90
C4C PHO TA . 27.93 23.18 17.45
CMC PHO TA . 26.50 20.93 20.06
CAC PHO TA . 27.88 23.89 20.01
CBC PHO TA . 29.37 24.08 20.25
ND PHO TA . 28.41 23.47 14.58
C1D PHO TA . 28.74 24.44 15.53
C2D PHO TA . 29.36 25.55 14.89
C3D PHO TA . 29.45 25.19 13.54
C4D PHO TA . 28.82 23.90 13.39
CMD PHO TA . 29.88 26.73 15.54
CAD PHO TA . 29.90 25.59 12.23
OBD PHO TA . 30.55 26.56 11.91
CBD PHO TA . 29.49 24.48 11.22
CGD PHO TA . 28.75 25.10 10.07
O1D PHO TA . 29.20 25.37 8.94
O2D PHO TA . 27.44 25.41 10.32
CED PHO TA . 26.60 25.77 9.23
C1 PHO TA . 31.68 18.92 5.93
C2 PHO TA . 31.04 17.58 5.81
C3 PHO TA . 30.08 17.26 4.93
C4 PHO TA . 29.58 18.28 3.99
C5 PHO TA . 29.46 15.91 4.76
C6 PHO TA . 30.14 14.75 5.48
C7 PHO TA . 29.41 13.44 5.21
C8 PHO TA . 30.17 12.29 5.83
C9 PHO TA . 31.34 11.96 4.88
C10 PHO TA . 29.24 11.12 6.02
C11 PHO TA . 29.80 9.89 6.75
C12 PHO TA . 30.44 10.19 8.08
C13 PHO TA . 29.58 10.78 9.19
C14 PHO TA . 30.39 10.82 10.48
C15 PHO TA . 28.27 9.98 9.38
C16 PHO TA . 27.86 9.77 10.80
C17 PHO TA . 26.53 9.04 10.86
C18 PHO TA . 25.75 9.45 12.09
C19 PHO TA . 26.55 9.19 13.34
C20 PHO TA . 24.47 8.67 12.10
HHB PHO TA . 26.25 18.40 11.75
HHC PHO TA . 26.14 19.33 18.11
HHD PHO TA . 28.85 25.09 17.55
H2A PHO TA . 27.70 22.48 9.55
H3A PHO TA . 27.58 19.65 9.88
HMA1 PHO TA . 25.03 20.21 10.37
HMA2 PHO TA . 25.69 21.00 8.89
HMA3 PHO TA . 25.51 21.95 10.41
HAA1 PHO TA . 29.93 20.47 10.28
HAA2 PHO TA . 30.25 22.19 9.84
HBA1 PHO TA . 29.44 21.89 7.57
HBA2 PHO TA . 28.61 20.33 7.99
HMB1 PHO TA . 25.04 15.76 14.30
HMB2 PHO TA . 26.33 16.11 13.09
HMB3 PHO TA . 24.68 16.83 12.88
HAB PHO TA . 25.08 17.68 17.75
HBB1 PHO TA . 25.90 15.22 16.04
HBB2 PHO TA . 25.16 15.22 17.74
HMC1 PHO TA . 25.41 20.72 19.91
HMC2 PHO TA . 26.62 21.50 21.02
HMC3 PHO TA . 27.04 19.95 20.16
HAC1 PHO TA . 27.41 23.52 20.95
HAC2 PHO TA . 27.43 24.90 19.77
HBC1 PHO TA . 29.55 24.96 20.91
HBC2 PHO TA . 29.90 24.27 19.28
HBC3 PHO TA . 29.81 23.17 20.72
HMD1 PHO TA . 29.69 27.64 14.92
HMD2 PHO TA . 30.98 26.64 15.70
HMD3 PHO TA . 29.39 26.90 16.54
HBD PHO TA . 30.39 24.01 10.74
HED1 PHO TA . 25.59 26.05 9.61
HED2 PHO TA . 26.50 24.90 8.54
HED3 PHO TA . 27.05 26.64 8.68
H11 PHO TA . 32.58 18.88 6.60
H12 PHO TA . 31.99 19.31 4.92
H2 PHO TA . 31.43 16.83 6.51
H41 PHO TA . 28.94 17.82 3.18
H42 PHO TA . 30.42 18.82 3.48
H43 PHO TA . 28.95 19.05 4.51
H51 PHO TA . 29.43 15.70 3.66
H52 PHO TA . 28.40 15.99 5.11
H61 PHO TA . 30.17 14.95 6.58
H62 PHO TA . 31.20 14.66 5.13
H71 PHO TA . 29.30 13.28 4.11
H72 PHO TA . 28.37 13.48 5.64
H8 PHO TA . 30.58 12.54 6.84
H91 PHO TA . 31.61 10.89 4.96
H92 PHO TA . 32.24 12.58 5.14
H93 PHO TA . 31.05 12.19 3.83
H101 PHO TA . 28.88 10.79 5.01
H102 PHO TA . 28.34 11.49 6.58
H111 PHO TA . 30.55 9.40 6.09
H112 PHO TA . 28.97 9.15 6.91
H121 PHO TA . 31.30 10.89 7.89
H122 PHO TA . 30.89 9.23 8.45
H13 PHO TA . 29.28 11.83 8.91
H141 PHO TA . 29.86 11.41 11.26
H142 PHO TA . 31.39 11.29 10.30
H143 PHO TA . 30.57 9.79 10.86
H151 PHO TA . 28.38 8.97 8.89
H152 PHO TA . 27.43 10.51 8.85
H161 PHO TA . 27.77 10.76 11.33
H162 PHO TA . 28.64 9.18 11.35
H171 PHO TA . 26.70 7.93 10.87
H172 PHO TA . 25.93 9.27 9.93
H18 PHO TA . 25.50 10.55 12.07
H191 PHO TA . 25.88 9.13 14.23
H192 PHO TA . 27.28 10.02 13.50
H193 PHO TA . 27.12 8.23 13.25
H201 PHO TA . 23.88 8.92 13.02
H202 PHO TA . 24.67 7.57 12.09
H203 PHO TA . 23.85 8.93 11.21
HNB PHO TA . 26.95 20.81 14.65
HND PHO TA . 27.96 22.61 14.77
CHA PHO UA . 14.36 30.69 31.90
CHB PHO UA . 16.66 27.13 34.20
CHC PHO UA . 16.62 24.36 30.23
CHD PHO UA . 14.50 27.98 27.78
NA PHO UA . 15.48 28.71 32.74
C1A PHO UA . 14.89 30.00 32.92
C2A PHO UA . 14.99 30.41 34.35
C3A PHO UA . 15.95 29.39 34.97
C4A PHO UA . 15.98 28.33 33.89
CMA PHO UA . 17.33 29.96 35.23
CAA PHO UA . 13.68 30.33 35.07
CBA PHO UA . 13.86 31.01 36.42
CGA PHO UA . 12.66 30.79 37.25
O1A PHO UA . 11.63 30.18 36.92
O2A PHO UA . 12.79 31.34 38.49
NB PHO UA . 16.35 25.97 32.07
C1B PHO UA . 16.83 26.08 33.36
C2B PHO UA . 17.52 24.82 33.69
C3B PHO UA . 17.49 24.03 32.57
C4B PHO UA . 16.74 24.75 31.50
CMB PHO UA . 18.20 24.60 34.97
CAB PHO UA . 18.14 22.79 32.34
CBB PHO UA . 18.18 21.77 33.20
NC PHO UA . 15.44 26.31 29.32
C1C PHO UA . 16.02 25.12 29.17
C2C PHO UA . 16.07 24.72 27.76
C3C PHO UA . 15.53 25.76 27.06
C4C PHO UA . 15.06 26.77 28.05
CMC PHO UA . 16.75 23.55 27.22
CAC PHO UA . 15.37 25.90 25.62
CBC PHO UA . 13.91 25.95 25.20
ND PHO UA . 14.43 28.91 30.06
C1D PHO UA . 14.21 29.02 28.68
C2D PHO UA . 13.70 30.33 28.40
C3D PHO UA . 13.71 31.00 29.63
C4D PHO UA . 14.22 30.11 30.62
CMD PHO UA . 13.29 30.85 27.11
CAD PHO UA . 13.41 32.24 30.29
OBD PHO UA . 12.82 33.18 29.78
CBD PHO UA . 13.92 32.12 31.77
CGD PHO UA . 15.03 33.09 32.02
O1D PHO UA . 14.97 34.23 32.50
O2D PHO UA . 16.26 32.62 31.65
CED PHO UA . 17.35 33.54 31.83
C1 PHO UA . 11.68 31.06 39.37
C2 PHO UA . 12.01 29.79 40.04
C3 PHO UA . 11.06 28.88 40.27
C4 PHO UA . 9.67 29.10 39.85
C5 PHO UA . 11.35 27.62 40.98
C6 PHO UA . 11.21 26.37 40.12
C7 PHO UA . 11.39 25.10 40.92
C8 PHO UA . 11.64 23.86 40.08
C9 PHO UA . 10.80 23.85 38.84
C10 PHO UA . 11.50 22.61 40.94
C11 PHO UA . 12.58 22.57 42.09
C12 PHO UA . 14.06 22.53 41.61
C13 PHO UA . 15.08 22.34 42.73
C14 PHO UA . 15.22 23.58 43.57
C15 PHO UA . 16.52 22.00 42.31
C16 PHO UA . 16.67 20.55 41.89
C17 PHO UA . 18.03 20.32 41.27
C18 PHO UA . 18.20 18.85 41.03
C19 PHO UA . 19.60 18.58 40.61
C20 PHO UA . 17.19 18.39 40.01
HHB PHO UA . 17.08 27.05 35.23
HHC PHO UA . 16.98 23.36 29.94
HHD PHO UA . 14.24 28.21 26.72
H2A PHO UA . 15.42 31.46 34.37
H3A PHO UA . 15.53 28.97 35.92
HMA1 PHO UA . 18.02 29.18 35.61
HMA2 PHO UA . 17.29 30.79 35.97
HMA3 PHO UA . 17.78 30.37 34.28
HAA1 PHO UA . 13.37 29.26 35.21
HAA2 PHO UA . 12.87 30.83 34.49
HBA1 PHO UA . 14.01 32.12 36.31
HBA2 PHO UA . 14.74 30.60 36.97
HMB1 PHO UA . 18.83 23.68 34.92
HMB2 PHO UA . 17.45 24.46 35.79
HMB3 PHO UA . 18.86 25.46 35.22
HAB PHO UA . 18.63 22.69 31.36
HBB1 PHO UA . 17.69 21.80 34.19
HBB2 PHO UA . 18.70 20.84 32.97
HMC1 PHO UA . 17.20 23.77 26.21
HMC2 PHO UA . 16.02 22.69 27.10
HMC3 PHO UA . 17.57 23.21 27.91
HAC1 PHO UA . 15.87 25.04 25.11
HAC2 PHO UA . 15.89 26.84 25.28
HBC1 PHO UA . 13.82 26.00 24.09
HBC2 PHO UA . 13.41 26.85 25.64
HBC3 PHO UA . 13.37 25.05 25.55
HMD1 PHO UA . 13.50 31.95 27.04
HMD2 PHO UA . 12.20 30.69 26.93
HMD3 PHO UA . 13.85 30.34 26.28
HBD PHO UA . 13.08 32.38 32.47
HED1 PHO UA . 18.19 33.28 31.14
HED2 PHO UA . 17.71 33.48 32.89
HED3 PHO UA . 17.00 34.58 31.62
H11 PHO UA . 10.75 30.99 38.74
H12 PHO UA . 11.57 31.91 40.09
H2 PHO UA . 13.05 29.63 40.33
H41 PHO UA . 9.00 28.25 40.16
H42 PHO UA . 9.59 29.20 38.74
H43 PHO UA . 9.24 30.04 40.30
H51 PHO UA . 10.65 27.56 41.86
H52 PHO UA . 12.39 27.69 41.40
H61 PHO UA . 11.99 26.40 39.31
H62 PHO UA . 10.21 26.37 39.62
H71 PHO UA . 10.46 24.93 41.53
H72 PHO UA . 12.24 25.24 41.64
H8 PHO UA . 12.71 23.87 39.74
H91 PHO UA . 10.76 22.82 38.40
H92 PHO UA . 11.22 24.55 38.07
H93 PHO UA . 9.76 24.18 39.07
H101 PHO UA . 11.62 21.70 40.29
H102 PHO UA . 10.48 22.58 41.38
H111 PHO UA . 12.39 21.67 42.72
H112 PHO UA . 12.43 23.48 42.75
H121 PHO UA . 14.27 23.50 41.08
H122 PHO UA . 14.16 21.71 40.87
H13 PHO UA . 14.66 21.43 43.26
H141 PHO UA . 15.79 23.36 44.50
H142 PHO UA . 14.21 23.96 43.86
H143 PHO UA . 15.75 24.38 43.00
H151 PHO UA . 17.22 22.20 43.15
H152 PHO UA . 16.82 22.65 41.44
H161 PHO UA . 15.87 20.28 41.15
H162 PHO UA . 16.54 19.89 42.77
H171 PHO UA . 18.84 20.71 41.95
H172 PHO UA . 18.12 20.89 40.30
H18 PHO UA . 17.99 18.26 41.97
H191 PHO UA . 19.67 17.62 40.07
H192 PHO UA . 20.27 18.55 41.51
H193 PHO UA . 19.97 19.41 39.94
H201 PHO UA . 17.63 17.60 39.35
H202 PHO UA . 16.86 19.24 39.37
H203 PHO UA . 16.28 17.96 40.51
HNB PHO UA . 15.80 26.65 31.60
HND PHO UA . 14.70 28.08 30.53
MG CLA VA . 42.06 8.56 -0.18
CHA CLA VA . 42.87 5.78 1.60
CHB CLA VA . 43.81 10.47 2.05
CHC CLA VA . 41.92 11.29 -2.26
CHD CLA VA . 40.75 6.59 -2.61
NA CLA VA . 43.18 8.15 1.47
C1A CLA VA . 43.38 6.94 2.10
C2A CLA VA . 44.25 7.08 3.36
C3A CLA VA . 44.20 8.58 3.61
C4A CLA VA . 43.72 9.12 2.26
CMA CLA VA . 43.27 8.88 4.75
CAA CLA VA . 45.71 6.65 3.14
CBA CLA VA . 46.45 7.29 1.96
CGA CLA VA . 47.89 6.83 1.87
O1A CLA VA . 48.43 5.76 2.21
O2A CLA VA . 48.69 7.78 1.33
NB CLA VA . 42.77 10.52 -0.12
C1B CLA VA . 43.42 11.13 0.88
C2B CLA VA . 43.68 12.56 0.57
C3B CLA VA . 43.15 12.79 -0.68
C4B CLA VA . 42.56 11.51 -1.11
CMB CLA VA . 44.35 13.44 1.54
CAB CLA VA . 43.06 13.94 -1.56
CBB CLA VA . 43.20 15.20 -1.19
NC CLA VA . 41.39 8.89 -1.94
C1C CLA VA . 41.33 10.08 -2.62
C2C CLA VA . 40.69 9.95 -3.91
C3C CLA VA . 40.42 8.60 -4.06
C4C CLA VA . 40.87 7.95 -2.84
CMC CLA VA . 40.49 11.09 -4.82
CAC CLA VA . 39.77 7.92 -5.16
CBC CLA VA . 40.75 7.55 -6.26
ND CLA VA . 41.83 6.68 -0.46
C1D CLA VA . 41.22 5.96 -1.52
C2D CLA VA . 41.13 4.52 -1.19
C3D CLA VA . 41.69 4.40 0.05
C4D CLA VA . 42.15 5.77 0.42
CMD CLA VA . 40.55 3.46 -2.00
CAD CLA VA . 42.05 3.50 1.12
OBD CLA VA . 41.75 2.31 1.35
CBD CLA VA . 42.89 4.38 2.09
CGD CLA VA . 42.24 4.30 3.43
O1D CLA VA . 41.43 5.08 3.86
O2D CLA VA . 42.53 3.22 4.19
CED CLA VA . 41.92 3.25 5.49
C1 CLA VA . 50.11 7.48 1.33
C2 CLA VA . 50.78 8.56 0.57
C3 CLA VA . 51.23 9.72 1.12
C4 CLA VA . 51.08 10.03 2.57
C5 CLA VA . 51.90 10.74 0.25
C6 CLA VA . 52.82 11.73 0.92
C7 CLA VA . 53.36 12.75 -0.09
C8 CLA VA . 54.16 13.88 0.57
C9 CLA VA . 55.45 14.04 -0.19
HHB CLA VA . 44.23 11.10 2.85
HHC CLA VA . 41.83 12.12 -2.99
HHD CLA VA . 40.24 5.99 -3.38
H2A CLA VA . 43.78 6.47 4.17
H3A CLA VA . 45.21 9.04 3.82
HMA1 CLA VA . 42.72 9.84 4.57
HMA2 CLA VA . 43.83 8.98 5.71
HMA3 CLA VA . 42.51 8.08 4.87
HAA1 CLA VA . 45.72 5.53 2.99
HAA2 CLA VA . 46.29 6.86 4.07
HBA1 CLA VA . 46.44 8.42 2.08
HBA2 CLA VA . 45.92 7.04 1.01
HMB1 CLA VA . 43.82 14.43 1.61
HMB2 CLA VA . 45.42 13.63 1.23
HMB3 CLA VA . 44.36 12.97 2.55
HAB CLA VA . 42.88 13.68 -2.61
HBB1 CLA VA . 43.36 15.48 -0.13
HBB2 CLA VA . 43.14 16.04 -1.89
HMC1 CLA VA . 40.00 10.75 -5.78
HMC2 CLA VA . 41.47 11.57 -5.08
HMC3 CLA VA . 39.83 11.86 -4.35
HAC1 CLA VA . 38.97 8.58 -5.59
HAC2 CLA VA . 39.27 6.98 -4.80
HBC1 CLA VA . 40.19 7.21 -7.17
HBC2 CLA VA . 41.42 6.74 -5.92
HBC3 CLA VA . 41.36 8.44 -6.54
HMD1 CLA VA . 40.58 2.48 -1.46
HMD2 CLA VA . 41.11 3.35 -2.96
HMD3 CLA VA . 39.48 3.70 -2.23
HBD CLA VA . 43.95 3.98 2.12
HED1 CLA VA . 42.43 2.41 6.03
HED2 CLA VA . 40.83 3.07 5.28
HED3 CLA VA . 42.16 4.27 5.88
H11 CLA VA . 50.26 6.48 0.83
H12 CLA VA . 50.48 7.41 2.39
H2 CLA VA . 50.90 8.37 -0.50
H41 CLA VA . 50.89 11.12 2.74
H42 CLA VA . 52.01 9.76 3.15
H43 CLA VA . 50.24 9.46 3.03
H51 CLA VA . 51.08 11.32 -0.28
H52 CLA VA . 52.47 10.20 -0.54
H61 CLA VA . 53.66 11.20 1.41
H62 CLA VA . 52.27 12.28 1.74
H71 CLA VA . 52.50 13.17 -0.66
H72 CLA VA . 54.01 12.20 -0.81
H91 CLA VA . 55.90 15.04 0.01
H92 CLA VA . 55.27 13.95 -1.29
H93 CLA VA . 56.18 13.25 0.12
C1 BCR WA . 39.61 20.50 -6.80
C2 BCR WA . 40.75 21.51 -6.83
C3 BCR WA . 42.09 20.84 -6.95
C4 BCR WA . 42.13 19.99 -8.17
C5 BCR WA . 40.96 19.08 -8.25
C6 BCR WA . 39.80 19.29 -7.64
C7 BCR WA . 38.66 18.36 -7.70
C8 BCR WA . 38.73 17.14 -7.14
C9 BCR WA . 37.74 16.09 -7.31
C10 BCR WA . 37.96 14.92 -6.68
C11 BCR WA . 36.91 13.97 -6.43
C33 BCR WA . 41.20 17.89 -9.08
C31 BCR WA . 38.40 21.21 -7.35
C32 BCR WA . 39.36 20.06 -5.38
C34 BCR WA . 36.37 16.55 -7.66
C12 BCR WA . 37.17 12.80 -5.83
C13 BCR WA . 36.16 11.76 -5.67
C14 BCR WA . 36.57 10.54 -5.28
C15 BCR WA . 35.69 9.48 -4.82
C16 BCR WA . 36.16 8.56 -3.97
C17 BCR WA . 35.46 7.32 -3.80
C18 BCR WA . 35.80 6.34 -2.94
C19 BCR WA . 34.76 5.39 -2.55
C20 BCR WA . 34.89 4.06 -2.58
C21 BCR WA . 33.78 3.20 -2.23
C22 BCR WA . 33.86 1.89 -1.97
C23 BCR WA . 32.68 1.02 -2.02
C24 BCR WA . 32.73 -0.29 -1.73
C25 BCR WA . 31.61 -1.19 -1.59
C26 BCR WA . 30.89 -1.15 -0.45
C27 BCR WA . 29.73 -2.01 -0.13
C28 BCR WA . 29.09 -2.60 -1.36
C29 BCR WA . 30.08 -3.07 -2.39
C30 BCR WA . 31.28 -2.15 -2.70
C35 BCR WA . 34.87 11.95 -6.37
C36 BCR WA . 37.21 5.99 -2.67
C37 BCR WA . 35.16 1.26 -1.62
C38 BCR WA . 31.20 -0.23 0.67
C39 BCR WA . 31.13 -1.44 -4.02
C40 BCR WA . 32.40 -3.13 -2.99
HC21 BCR WA . 40.75 22.13 -5.93
HC22 BCR WA . 40.64 22.21 -7.65
HC31 BCR WA . 42.28 20.26 -6.05
HC32 BCR WA . 42.87 21.60 -6.98
HC41 BCR WA . 43.07 19.44 -8.21
HC42 BCR WA . 42.21 20.61 -9.06
HC7 BCR WA . 37.77 18.67 -8.21
HC8 BCR WA . 39.59 16.93 -6.54
H10C BCR WA . 38.95 14.66 -6.37
H11C BCR WA . 35.92 14.22 -6.72
H331 BCR WA . 40.37 17.73 -9.76
H332 BCR WA . 41.31 17.01 -8.45
H333 BCR WA . 42.10 18.01 -9.67
H311 BCR WA . 37.50 20.68 -7.12
H312 BCR WA . 38.47 21.31 -8.42
H313 BCR WA . 38.34 22.21 -6.94
H321 BCR WA . 38.43 19.51 -5.31
H322 BCR WA . 39.29 20.92 -4.74
H323 BCR WA . 40.15 19.43 -5.03
H341 BCR WA . 35.77 15.72 -8.00
H342 BCR WA . 36.39 17.29 -8.43
H343 BCR WA . 35.88 16.97 -6.80
H12C BCR WA . 38.16 12.62 -5.47
H14C BCR WA . 37.61 10.32 -5.31
H15C BCR WA . 34.69 9.44 -5.16
H16C BCR WA . 37.05 8.76 -3.41
H17C BCR WA . 34.60 7.18 -4.42
H19C BCR WA . 33.82 5.78 -2.22
H20C BCR WA . 35.83 3.64 -2.86
H21C BCR WA . 32.82 3.67 -2.18
H23C BCR WA . 31.75 1.46 -2.33
H24C BCR WA . 33.70 -0.71 -1.59
H271 BCR WA . 28.99 -1.46 0.46
H272 BCR WA . 29.98 -2.79 0.58
H281 BCR WA . 28.41 -1.85 -1.78
H282 BCR WA . 28.45 -3.42 -1.02
H291 BCR WA . 29.52 -3.26 -3.30
H292 BCR WA . 30.42 -4.04 -2.07
H351 BCR WA . 34.39 10.99 -6.53
H352 BCR WA . 35.02 12.42 -7.33
H353 BCR WA . 34.21 12.56 -5.77
H361 BCR WA . 37.45 6.07 -1.62
H362 BCR WA . 37.89 6.64 -3.20
H363 BCR WA . 37.44 4.98 -2.98
H371 BCR WA . 35.09 0.77 -0.66
H372 BCR WA . 35.93 2.01 -1.58
H373 BCR WA . 35.43 0.53 -2.37
H381 BCR WA . 30.66 -0.49 1.57
H382 BCR WA . 30.96 0.79 0.43
H383 BCR WA . 32.26 -0.25 0.92
H391 BCR WA . 30.71 -2.10 -4.77
H392 BCR WA . 32.09 -1.09 -4.39
H393 BCR WA . 30.47 -0.59 -3.91
H401 BCR WA . 32.11 -3.86 -3.72
H402 BCR WA . 32.68 -3.66 -2.09
H403 BCR WA . 33.28 -2.62 -3.35
C2 PL9 XA . 19.95 38.98 27.22
C3 PL9 XA . 19.84 38.29 26.04
C4 PL9 XA . 19.52 39.02 24.80
C5 PL9 XA . 19.36 40.47 24.87
C6 PL9 XA . 19.49 41.13 26.05
C1 PL9 XA . 19.80 40.38 27.27
C7 PL9 XA . 20.01 36.85 26.06
C8 PL9 XA . 19.89 36.19 27.36
C9 PL9 XA . 20.89 35.53 27.98
C10 PL9 XA . 22.29 35.54 27.53
C11 PL9 XA . 20.69 35.17 29.42
C12 PL9 XA . 21.28 36.29 30.29
C13 PL9 XA . 22.43 35.70 31.04
C14 PL9 XA . 22.28 34.86 32.08
C15 PL9 XA . 23.45 34.11 32.57
C16 PL9 XA . 21.08 34.87 33.02
C17 PL9 XA . 20.86 33.58 33.86
C18 PL9 XA . 19.75 33.77 34.89
C19 PL9 XA . 19.79 33.49 36.23
C20 PL9 XA . 20.76 32.53 36.81
C21 PL9 XA . 18.75 34.10 37.15
C22 PL9 XA . 18.49 33.34 38.47
C23 PL9 XA . 17.09 33.63 38.95
C24 PL9 XA . 16.49 32.85 39.87
C25 PL9 XA . 16.31 31.42 39.68
C26 PL9 XA . 16.02 33.45 41.17
C27 PL9 XA . 14.74 32.73 41.72
C28 PL9 XA . 14.10 33.57 42.81
C29 PL9 XA . 13.93 33.11 44.06
C30 PL9 XA . 14.07 31.67 44.29
C31 PL9 XA . 13.10 33.81 45.08
C32 PL9 XA . 13.82 34.84 45.96
C33 PL9 XA . 13.03 34.91 47.25
C34 PL9 XA . 12.34 36.00 47.70
C35 PL9 XA . 12.88 37.35 47.63
C36 PL9 XA . 11.26 35.66 48.70
C37 PL9 XA . 10.37 36.84 49.16
C38 PL9 XA . 8.99 36.20 49.39
C39 PL9 XA . 8.52 35.85 50.60
C40 PL9 XA . 7.28 36.51 51.05
C41 PL9 XA . 8.99 34.53 51.19
C42 PL9 XA . 7.98 33.98 52.24
C43 PL9 XA . 8.68 33.04 53.22
C44 PL9 XA . 8.21 32.78 54.46
C45 PL9 XA . 6.82 33.25 54.82
C46 PL9 XA . 8.65 31.58 55.25
C47 PL9 XA . 8.73 31.78 56.80
C48 PL9 XA . 8.22 30.47 57.45
C49 PL9 XA . 7.17 30.35 58.29
C50 PL9 XA . 6.14 31.44 58.26
C51 PL9 XA . 6.72 29.07 58.93
C52 PL9 XA . 19.07 41.24 23.60
C53 PL9 XA . 19.34 42.58 26.15
O1 PL9 XA . 19.43 38.40 23.76
O2 PL9 XA . 19.92 40.87 28.37
HC2 PL9 XA . 20.15 38.48 28.13
HC71 PL9 XA . 20.99 36.57 25.63
HC72 PL9 XA . 19.28 36.36 25.38
HC8 PL9 XA . 18.95 36.26 27.85
H101 PL9 XA . 23.00 35.29 28.32
H102 PL9 XA . 22.60 36.52 27.15
H103 PL9 XA . 22.49 34.84 26.72
H111 PL9 XA . 21.16 34.22 29.67
H112 PL9 XA . 19.62 35.05 29.65
H121 PL9 XA . 20.51 36.66 30.95
H122 PL9 XA . 21.58 37.10 29.64
H13 PL9 XA . 23.39 35.97 30.74
H151 PL9 XA . 23.62 34.27 33.65
H152 PL9 XA . 24.37 34.40 32.06
H153 PL9 XA . 23.33 33.02 32.43
H161 PL9 XA . 20.16 35.06 32.44
H162 PL9 XA . 21.17 35.71 33.71
H171 PL9 XA . 21.80 33.32 34.32
H172 PL9 XA . 20.63 32.78 33.18
H18 PL9 XA . 18.86 34.17 34.50
H201 PL9 XA . 20.99 32.74 37.86
H202 PL9 XA . 21.71 32.52 36.29
H203 PL9 XA . 20.40 31.49 36.78
H211 PL9 XA . 17.79 34.18 36.65
H212 PL9 XA . 19.01 35.12 37.42
H221 PL9 XA . 19.22 33.66 39.19
H222 PL9 XA . 18.63 32.29 38.28
H23 PL9 XA . 16.56 34.45 38.57
H251 PL9 XA . 16.32 30.85 40.61
H252 PL9 XA . 17.10 30.97 39.06
H253 PL9 XA . 15.38 31.16 39.19
H261 PL9 XA . 15.79 34.50 41.10
H262 PL9 XA . 16.77 33.40 41.94
H271 PL9 XA . 15.05 31.75 42.05
H272 PL9 XA . 14.10 32.55 40.88
H28 PL9 XA . 13.79 34.53 42.55
H301 PL9 XA . 13.73 31.39 45.30
H302 PL9 XA . 15.11 31.34 44.18
H303 PL9 XA . 13.46 31.09 43.58
H311 PL9 XA . 12.65 33.09 45.76
H312 PL9 XA . 12.27 34.34 44.61
H321 PL9 XA . 13.85 35.80 45.45
H322 PL9 XA . 14.84 34.51 46.14
H33 PL9 XA . 13.03 34.05 47.84
H351 PL9 XA . 12.36 38.04 48.30
H352 PL9 XA . 12.82 37.79 46.64
H353 PL9 XA . 13.94 37.40 47.91
H361 PL9 XA . 11.67 35.25 49.61
H362 PL9 XA . 10.56 34.92 48.31
H371 PL9 XA . 10.32 37.61 48.41
H372 PL9 XA . 10.76 37.28 50.07
H38 PL9 XA . 8.42 36.03 48.54
H401 PL9 XA . 7.45 37.00 52.01
H402 PL9 XA . 6.49 35.76 51.17
H403 PL9 XA . 6.96 37.25 50.32
H411 PL9 XA . 9.94 34.62 51.68
H412 PL9 XA . 9.10 33.77 50.42
H421 PL9 XA . 7.19 33.45 51.72
H422 PL9 XA . 7.53 34.82 52.77
H43 PL9 XA . 9.58 32.58 52.90
H451 PL9 XA . 6.46 32.86 55.77
H452 PL9 XA . 6.05 32.96 54.10
H453 PL9 XA . 6.73 34.33 54.92
H461 PL9 XA . 9.64 31.26 54.93
H462 PL9 XA . 7.98 30.74 55.08
H471 PL9 XA . 8.11 32.62 57.10
H472 PL9 XA . 9.75 31.99 57.10
H48 PL9 XA . 8.76 29.61 57.21
H501 PL9 XA . 5.35 31.28 59.00
H502 PL9 XA . 5.64 31.51 57.29
H503 PL9 XA . 6.57 32.41 58.46
H511 PL9 XA . 5.89 29.21 59.63
H512 PL9 XA . 7.51 28.58 59.50
H513 PL9 XA . 6.37 28.33 58.20
H521 PL9 XA . 19.84 42.00 23.34
H522 PL9 XA . 18.13 41.82 23.61
H523 PL9 XA . 18.99 40.61 22.69
H531 PL9 XA . 19.15 42.94 27.16
H532 PL9 XA . 18.51 42.98 25.56
H533 PL9 XA . 20.22 43.14 25.81
C1 LMG YA . 50.92 2.29 5.19
O1 LMG YA . 51.39 3.62 4.99
C2 LMG YA . 50.77 1.58 3.76
O2 LMG YA . 49.69 2.14 3.04
C3 LMG YA . 50.40 0.10 4.02
O3 LMG YA . 50.39 -0.50 2.74
C4 LMG YA . 51.52 -0.55 4.91
O4 LMG YA . 52.73 -0.49 4.23
C5 LMG YA . 51.62 0.32 6.20
O5 LMG YA . 51.90 -0.65 8.33
C6 LMG YA . 52.64 -0.29 7.16
O6 LMG YA . 52.00 1.64 5.87
C7 LMG YA . 52.27 4.15 5.97
C8 LMG YA . 51.65 5.47 6.39
C9 LMG YA . 52.22 6.57 5.50
O7 LMG YA . 50.23 5.39 6.15
C10 LMG YA . 49.48 6.53 6.13
O9 LMG YA . 49.11 6.95 5.05
C11 LMG YA . 49.59 7.32 7.37
C12 LMG YA . 48.77 8.61 7.20
C13 LMG YA . 47.24 8.29 7.17
C14 LMG YA . 46.44 9.57 7.58
C15 LMG YA . 45.19 9.19 8.40
C16 LMG YA . 44.30 10.46 8.72
C17 LMG YA . 43.88 10.42 10.22
C18 LMG YA . 43.02 11.68 10.52
C19 LMG YA . 43.84 12.67 11.27
C20 LMG YA . 43.55 13.99 10.67
C21 LMG YA . 44.37 15.06 11.46
C22 LMG YA . 44.50 16.20 10.45
O8 LMG YA . 53.64 6.60 5.69
C28 LMG YA . 54.14 7.09 6.86
O10 LMG YA . 53.87 6.50 7.89
C29 LMG YA . 55.38 7.89 6.69
C30 LMG YA . 55.45 9.12 7.67
C31 LMG YA . 54.57 8.87 8.91
C32 LMG YA . 54.75 10.07 9.83
C33 LMG YA . 53.56 10.07 10.84
C34 LMG YA . 53.52 11.43 11.53
C35 LMG YA . 52.77 11.28 12.84
C36 LMG YA . 52.28 12.70 13.06
C37 LMG YA . 51.82 12.98 14.48
C38 LMG YA . 51.11 14.26 14.23
C39 LMG YA . 50.55 14.91 15.46
C40 LMG YA . 49.61 15.97 14.83
C41 LMG YA . 49.41 17.08 15.80
C42 LMG YA . 48.06 17.64 15.42
C43 LMG YA . 47.91 18.98 16.11
HC1 LMG YA . 49.95 2.30 5.77
HC2 LMG YA . 51.75 1.72 3.24
HO2 LMG YA . 49.88 3.06 2.92
HC3 LMG YA . 49.42 0.01 4.55
HO3 LMG YA . 49.59 -1.01 2.70
HC4 LMG YA . 51.23 -1.60 5.19
HO4 LMG YA . 52.78 -1.26 3.68
HC5 LMG YA . 50.62 0.32 6.73
HO5 LMG YA . 51.62 0.19 8.73
HC61 LMG YA . 53.45 0.47 7.36
HC62 LMG YA . 53.14 -1.15 6.67
HC71 LMG YA . 53.28 4.24 5.52
HC72 LMG YA . 52.35 3.40 6.79
HC8 LMG YA . 51.87 5.70 7.48
HC91 LMG YA . 51.76 7.55 5.76
HC92 LMG YA . 51.97 6.36 4.43
H111 LMG YA . 50.65 7.55 7.59
H112 LMG YA . 49.23 6.74 8.25
H121 LMG YA . 49.06 9.13 6.26
H122 LMG YA . 49.00 9.33 8.01
H131 LMG YA . 46.98 7.46 7.84
H132 LMG YA . 46.91 7.95 6.17
H141 LMG YA . 46.14 10.17 6.70
H142 LMG YA . 47.07 10.28 8.18
H151 LMG YA . 45.46 8.68 9.34
H152 LMG YA . 44.57 8.44 7.86
H161 LMG YA . 43.42 10.50 8.06
H162 LMG YA . 44.84 11.38 8.49
H171 LMG YA . 44.77 10.36 10.88
H172 LMG YA . 43.33 9.48 10.45
H181 LMG YA . 42.09 11.41 11.08
H182 LMG YA . 42.61 12.12 9.58
H191 LMG YA . 44.94 12.48 11.23
H192 LMG YA . 43.65 12.69 12.37
H201 LMG YA . 42.46 14.26 10.70
H202 LMG YA . 43.78 14.06 9.59
H211 LMG YA . 45.37 14.71 11.79
H212 LMG YA . 43.90 15.41 12.40
H291 LMG YA . 55.46 8.23 5.64
H292 LMG YA . 56.26 7.23 6.83
H301 LMG YA . 55.12 10.06 7.21
H302 LMG YA . 56.49 9.33 8.02
H311 LMG YA . 54.85 7.92 9.43
H312 LMG YA . 53.52 8.71 8.65
H321 LMG YA . 54.79 11.00 9.23
H322 LMG YA . 55.74 10.03 10.33
H331 LMG YA . 53.66 9.23 11.59
H332 LMG YA . 52.59 9.82 10.34
H341 LMG YA . 53.04 12.21 10.89
H342 LMG YA . 54.53 11.85 11.70
H351 LMG YA . 53.43 10.91 13.65
H352 LMG YA . 51.96 10.52 12.78
H361 LMG YA . 51.45 12.94 12.38
H362 LMG YA . 53.05 13.43 12.79
H371 LMG YA . 52.65 13.09 15.23
H372 LMG YA . 51.17 12.20 14.94
H381 LMG YA . 50.28 14.13 13.50
H382 LMG YA . 51.76 15.01 13.72
H391 LMG YA . 51.30 15.37 16.13
H392 LMG YA . 49.99 14.22 16.13
H401 LMG YA . 48.62 15.57 14.54
H402 LMG YA . 50.00 16.40 13.88
H411 LMG YA . 50.24 17.81 15.73
H412 LMG YA . 49.47 16.70 16.84
H421 LMG YA . 47.25 16.93 15.69
H422 LMG YA . 47.97 17.72 14.32
O6 SQD ZA . 32.96 42.40 28.65
C44 SQD ZA . 33.96 41.91 27.76
C45 SQD ZA . 34.02 40.40 27.83
C46 SQD ZA . 35.47 39.90 27.90
O47 SQD ZA . 33.14 39.96 28.86
C7 SQD ZA . 31.76 39.81 28.58
O49 SQD ZA . 31.43 40.04 27.41
C8 SQD ZA . 30.89 38.88 29.46
C9 SQD ZA . 30.91 37.42 28.95
C10 SQD ZA . 31.58 36.41 29.91
C11 SQD ZA . 32.33 35.31 29.10
C12 SQD ZA . 32.76 34.09 29.93
C13 SQD ZA . 32.69 32.78 29.12
C14 SQD ZA . 31.90 31.68 29.88
C15 SQD ZA . 32.28 30.26 29.46
C16 SQD ZA . 31.97 29.25 30.57
C17 SQD ZA . 31.54 27.88 30.00
C18 SQD ZA . 30.34 27.27 30.75
C19 SQD ZA . 29.86 26.00 30.01
C20 SQD ZA . 29.34 24.95 30.96
O48 SQD ZA . 35.98 39.70 29.20
C23 SQD ZA . 36.16 38.38 29.70
O10 SQD ZA . 35.70 37.47 29.02
C24 SQD ZA . 36.48 38.17 31.19
C25 SQD ZA . 36.75 36.70 31.55
C26 SQD ZA . 38.27 36.43 31.74
C27 SQD ZA . 38.64 36.18 33.21
C28 SQD ZA . 39.35 34.83 33.40
C29 SQD ZA . 38.38 33.75 33.94
C30 SQD ZA . 39.15 32.65 34.69
C31 SQD ZA . 39.66 33.17 36.06
C32 SQD ZA . 40.31 32.01 36.83
C33 SQD ZA . 41.01 32.52 38.10
C34 SQD ZA . 39.98 32.97 39.14
C35 SQD ZA . 40.60 33.99 40.09
C36 SQD ZA . 41.72 33.39 40.89
C37 SQD ZA . 41.16 32.51 41.99
C38 SQD ZA . 41.42 33.12 43.34
C1 SQD ZA . 32.72 43.80 28.49
C2 SQD ZA . 31.53 44.50 29.11
O2 SQD ZA . 30.40 43.76 29.28
C3 SQD ZA . 31.28 45.58 28.10
O3 SQD ZA . 30.09 46.22 28.43
C4 SQD ZA . 32.46 46.49 28.02
O4 SQD ZA . 32.31 47.23 26.86
C5 SQD ZA . 33.80 45.77 27.98
C6 SQD ZA . 34.95 46.72 28.29
O5 SQD ZA . 33.82 44.62 28.80
S SQD ZA . 36.62 46.04 28.17
O7 SQD ZA . 36.89 45.14 27.07
O8 SQD ZA . 37.62 47.10 28.21
O9 SQD ZA . 36.81 45.09 29.23
H441 SQD ZA . 34.82 42.27 28.02
H442 SQD ZA . 33.76 42.19 26.86
H45 SQD ZA . 33.72 39.99 27.00
H461 SQD ZA . 36.03 40.56 27.46
H462 SQD ZA . 35.52 39.06 27.42
H81 SQD ZA . 29.97 39.20 29.45
H82 SQD ZA . 31.22 38.91 30.37
H91 SQD ZA . 31.39 37.41 28.11
H92 SQD ZA . 29.99 37.14 28.81
H101 SQD ZA . 30.90 36.01 30.45
H102 SQD ZA . 32.22 36.88 30.46
H111 SQD ZA . 33.12 35.70 28.70
H112 SQD ZA . 31.74 35.00 28.40
H121 SQD ZA . 32.19 34.02 30.71
H122 SQD ZA . 33.68 34.22 30.22
H131 SQD ZA . 33.59 32.45 28.94
H132 SQD ZA . 32.24 32.95 28.28
H141 SQD ZA . 30.96 31.81 29.72
H142 SQD ZA . 32.08 31.79 30.83
H151 SQD ZA . 33.23 30.23 29.26
H152 SQD ZA . 31.79 30.02 28.65
H161 SQD ZA . 31.25 29.60 31.11
H162 SQD ZA . 32.76 29.13 31.12
H171 SQD ZA . 32.29 27.27 30.06
H172 SQD ZA . 31.30 27.99 29.06
H181 SQD ZA . 29.62 27.92 30.79
H182 SQD ZA . 30.60 27.03 31.65
H191 SQD ZA . 30.61 25.64 29.51
H192 SQD ZA . 29.16 26.25 29.39
H241 SQD ZA . 35.74 38.49 31.72
H242 SQD ZA . 37.28 38.69 31.41
H251 SQD ZA . 36.42 36.14 30.83
H252 SQD ZA . 36.28 36.49 32.37
H261 SQD ZA . 38.77 37.20 31.42
H262 SQD ZA . 38.51 35.65 31.22
H271 SQD ZA . 37.83 36.19 33.75
H272 SQD ZA . 39.23 36.89 33.52
H281 SQD ZA . 40.08 34.93 34.03
H282 SQD ZA . 39.69 34.54 32.54
H291 SQD ZA . 37.90 33.36 33.20
H292 SQD ZA . 37.76 34.17 34.56
H301 SQD ZA . 39.91 32.37 34.16
H302 SQD ZA . 38.55 31.89 34.84
H311 SQD ZA . 38.91 33.51 36.57
H312 SQD ZA . 40.31 33.87 35.91
H321 SQD ZA . 40.97 31.57 36.26
H322 SQD ZA . 39.62 31.36 37.08
H331 SQD ZA . 41.57 33.27 37.86
H332 SQD ZA . 41.54 31.80 38.47
H341 SQD ZA . 39.68 32.20 39.65
H342 SQD ZA . 39.21 33.37 38.69
H351 SQD ZA . 39.90 34.31 40.70
H352 SQD ZA . 40.93 34.74 39.57
H361 SQD ZA . 42.25 34.10 41.29
H362 SQD ZA . 42.28 32.85 40.31
H371 SQD ZA . 41.58 31.64 41.95
H372 SQD ZA . 40.20 32.42 41.86
H381 SQD ZA . 41.14 32.51 44.04
H382 SQD ZA . 40.93 33.95 43.42
H383 SQD ZA . 42.38 33.29 43.43
H1 SQD ZA . 32.54 43.67 27.54
H2 SQD ZA . 31.71 44.75 30.03
HO2 SQD ZA . 30.06 43.58 28.51
H3 SQD ZA . 31.10 45.24 27.21
HO3 SQD ZA . 29.88 46.74 27.79
H4 SQD ZA . 32.47 47.06 28.80
HO4 SQD ZA . 32.58 48.02 26.99
H5 SQD ZA . 33.99 45.52 27.07
H61 SQD ZA . 34.84 47.03 29.20
H62 SQD ZA . 34.90 47.46 27.68
O1 LHG AB . 29.47 49.61 38.40
C1 LHG AB . 28.63 50.14 39.44
C2 LHG AB . 27.39 49.21 39.66
O2 LHG AB . 26.86 48.75 38.42
C3 LHG AB . 26.19 49.86 40.40
O3 LHG AB . 26.48 49.56 41.79
P LHG AB . 25.77 48.33 42.67
O4 LHG AB . 26.78 47.84 43.66
O5 LHG AB . 24.32 48.66 42.82
O6 LHG AB . 25.93 47.20 41.46
C4 LHG AB . 25.89 45.88 41.84
C5 LHG AB . 25.93 45.09 40.56
C6 LHG AB . 27.25 45.31 39.77
O7 LHG AB . 25.85 43.76 40.98
C7 LHG AB . 24.61 43.41 41.41
O9 LHG AB . 23.59 43.78 40.82
C8 LHG AB . 24.65 43.00 42.84
C9 LHG AB . 23.28 42.41 43.25
C10 LHG AB . 23.23 40.89 43.13
O8 LHG AB . 27.25 44.30 38.71
C23 LHG AB . 27.60 44.68 37.38
O10 LHG AB . 27.45 43.85 36.48
C24 LHG AB . 28.02 46.14 36.99
C11 LHG AB . 22.56 40.41 44.43
C12 LHG AB . 21.04 40.50 44.37
C13 LHG AB . 20.45 39.12 44.72
C14 LHG AB . 19.02 39.18 45.27
C15 LHG AB . 18.04 38.78 44.14
C16 LHG AB . 16.82 38.10 44.71
C17 LHG AB . 15.68 38.05 43.66
C18 LHG AB . 16.09 36.96 42.71
C19 LHG AB . 16.17 37.36 41.23
C20 LHG AB . 14.76 37.85 40.82
C21 LHG AB . 13.73 36.76 40.91
C22 LHG AB . 13.18 36.52 39.52
C25 LHG AB . 28.14 46.46 35.49
C26 LHG AB . 26.95 47.22 34.85
C27 LHG AB . 27.27 47.29 33.35
C28 LHG AB . 26.11 47.49 32.35
C29 LHG AB . 24.79 46.87 32.89
C30 LHG AB . 24.69 45.35 33.11
C31 LHG AB . 25.84 44.42 32.67
C32 LHG AB . 25.86 43.05 33.36
C33 LHG AB . 26.84 42.14 32.65
C34 LHG AB . 26.98 40.75 33.25
C35 LHG AB . 26.45 39.64 32.31
C36 LHG AB . 25.24 38.95 32.94
C37 LHG AB . 25.16 37.54 32.36
C38 LHG AB . 26.02 36.54 33.08
HO1 LHG AB . 30.06 50.22 38.31
HC11 LHG AB . 28.34 51.04 39.22
HC12 LHG AB . 29.13 50.25 40.27
HC2 LHG AB . 27.67 48.49 40.24
H02 LHG AB . 26.47 49.45 38.14
HC31 LHG AB . 25.34 49.47 40.14
HC32 LHG AB . 26.15 50.82 40.26
HC41 LHG AB . 25.07 45.69 42.34
HC42 LHG AB . 26.63 45.65 42.42
HC5 LHG AB . 25.22 45.42 39.98
HC61 LHG AB . 27.99 45.25 40.40
HC62 LHG AB . 27.27 46.24 39.47
HC81 LHG AB . 24.85 43.75 43.42
HC82 LHG AB . 25.32 42.34 43.00
HC91 LHG AB . 22.57 42.79 42.70
HC92 LHG AB . 23.07 42.68 44.16
H101 LHG AB . 24.12 40.54 43.04
H102 LHG AB . 22.73 40.63 42.35
H241 LHG AB . 28.86 46.38 37.40
H242 LHG AB . 27.41 46.79 37.37
H111 LHG AB . 22.88 40.94 45.18
H112 LHG AB . 22.82 39.49 44.60
H121 LHG AB . 20.80 40.77 43.46
H122 LHG AB . 20.76 41.19 44.98
H131 LHG AB . 21.02 38.70 45.39
H132 LHG AB . 20.46 38.56 43.93
H141 LHG AB . 18.83 40.07 45.59
H142 LHG AB . 18.93 38.56 46.01
H151 LHG AB . 18.50 38.20 43.51
H152 LHG AB . 17.79 39.58 43.65
H161 LHG AB . 16.52 38.59 45.50
H162 LHG AB . 17.06 37.21 45.00
H171 LHG AB . 15.59 38.91 43.20
H172 LHG AB . 14.84 37.86 44.08
H181 LHG AB . 15.45 36.23 42.79
H182 LHG AB . 16.95 36.61 42.98
H191 LHG AB . 16.44 36.62 40.66
H192 LHG AB . 16.82 38.07 41.09
H201 LHG AB . 14.74 38.21 39.92
H202 LHG AB . 14.45 38.58 41.40
H211 LHG AB . 12.98 36.99 41.47
H212 LHG AB . 14.10 35.92 41.21
H221 LHG AB . 12.44 35.90 39.62
H222 LHG AB . 13.89 36.15 39.00
H223 LHG AB . 12.89 37.39 39.18
H251 LHG AB . 28.25 45.63 35.00
H252 LHG AB . 28.94 46.99 35.34
H261 LHG AB . 26.86 48.12 35.23
H262 LHG AB . 26.11 46.76 35.01
H271 LHG AB . 27.73 46.47 33.13
H272 LHG AB . 27.90 48.01 33.23
H281 LHG AB . 26.32 47.07 31.50
H282 LHG AB . 25.96 48.43 32.18
H291 LHG AB . 24.08 47.12 32.29
H292 LHG AB . 24.59 47.30 33.74
H301 LHG AB . 23.88 45.04 32.66
H302 LHG AB . 24.53 45.19 34.05
H311 LHG AB . 26.69 44.88 32.85
H312 LHG AB . 25.80 44.31 31.71
H321 LHG AB . 24.96 42.67 33.33
H322 LHG AB . 26.09 43.16 34.29
H331 LHG AB . 27.72 42.56 32.65
H332 LHG AB . 26.58 42.05 31.72
H341 LHG AB . 26.49 40.69 34.09
H342 LHG AB . 27.91 40.56 33.46
H351 LHG AB . 27.15 38.99 32.14
H352 LHG AB . 26.20 40.02 31.45
H361 LHG AB . 24.43 39.44 32.73
H362 LHG AB . 25.34 38.91 33.91
H371 LHG AB . 25.43 37.54 31.44
H372 LHG AB . 24.26 37.21 32.41
H381 LHG AB . 25.43 35.85 33.41
H382 LHG AB . 26.49 37.01 33.79
H383 LHG AB . 26.64 36.18 32.42
C44 SQD BB . 30.58 27.23 -11.69
C45 SQD BB . 30.54 27.15 -10.16
C46 SQD BB . 29.42 26.24 -9.63
O47 SQD BB . 31.79 26.72 -9.61
C7 SQD BB . 32.10 26.70 -8.21
O49 SQD BB . 31.51 27.39 -7.38
C8 SQD BB . 33.44 26.11 -7.79
C9 SQD BB . 33.28 25.34 -6.50
C10 SQD BB . 32.91 23.89 -6.75
C11 SQD BB . 32.39 23.27 -5.45
C12 SQD BB . 32.70 21.78 -5.35
C13 SQD BB . 31.59 21.03 -4.59
C14 SQD BB . 32.12 19.77 -3.87
C15 SQD BB . 31.82 19.85 -2.37
C16 SQD BB . 31.85 18.45 -1.78
C17 SQD BB . 30.45 18.00 -1.39
C18 SQD BB . 30.58 17.07 -0.18
C19 SQD BB . 29.55 15.95 -0.21
C20 SQD BB . 28.22 16.58 -0.52
C21 SQD BB . 27.15 15.72 0.15
C22 SQD BB . 25.76 16.21 -0.21
O48 SQD BB . 29.24 25.07 -10.43
C23 SQD BB . 29.33 23.76 -9.86
O10 SQD BB . 29.31 23.58 -8.66
C24 SQD BB . 29.32 22.55 -10.81
C25 SQD BB . 30.01 21.30 -10.25
C26 SQD BB . 30.13 20.28 -11.41
C27 SQD BB . 31.17 19.17 -11.12
C28 SQD BB . 31.33 18.21 -12.33
C29 SQD BB . 32.75 17.57 -12.38
C30 SQD BB . 32.75 16.22 -13.11
C31 SQD BB . 33.51 16.26 -14.45
C32 SQD BB . 33.20 15.01 -15.32
C33 SQD BB . 34.45 14.47 -16.07
C34 SQD BB . 34.08 13.44 -17.15
C35 SQD BB . 34.21 12.01 -16.65
C36 SQD BB . 34.16 11.01 -17.79
C37 SQD BB . 34.07 9.58 -17.28
C38 SQD BB . 33.93 8.61 -18.43
H45 SQD BB . 30.34 28.05 -9.86
H461 SQD BB . 28.58 26.75 -9.65
H462 SQD BB . 29.62 25.97 -8.73
H81 SQD BB . 34.09 26.82 -7.67
H82 SQD BB . 33.75 25.51 -8.50
H91 SQD BB . 32.58 25.75 -5.96
H92 SQD BB . 34.12 25.36 -6.00
H101 SQD BB . 33.69 23.40 -7.07
H102 SQD BB . 32.23 23.85 -7.44
H111 SQD BB . 31.42 23.40 -5.41
H112 SQD BB . 32.80 23.73 -4.70
H121 SQD BB . 33.55 21.66 -4.89
H122 SQD BB . 32.78 21.42 -6.24
H131 SQD BB . 30.90 20.78 -5.21
H132 SQD BB . 31.22 21.63 -3.92
H141 SQD BB . 33.07 19.70 -4.00
H142 SQD BB . 31.67 19.00 -4.24
H151 SQD BB . 30.95 20.25 -2.23
H152 SQD BB . 32.50 20.40 -1.94
H161 SQD BB . 32.41 18.45 -0.99
H162 SQD BB . 32.22 17.83 -2.44
H171 SQD BB . 30.04 17.52 -2.12
H172 SQD BB . 29.90 18.77 -1.16
H181 SQD BB . 30.45 17.59 0.64
H182 SQD BB . 31.47 16.69 -0.17
H191 SQD BB . 29.52 15.50 0.64
H192 SQD BB . 29.78 15.32 -0.90
H201 SQD BB . 28.07 16.59 -1.47
H202 SQD BB . 28.19 17.48 -0.16
H211 SQD BB . 27.26 15.76 1.11
H212 SQD BB . 27.25 14.80 -0.15
H221 SQD BB . 25.10 15.67 0.26
H222 SQD BB . 25.63 16.13 -1.16
H223 SQD BB . 25.66 17.14 0.06
H241 SQD BB . 29.77 22.81 -11.63
H242 SQD BB . 28.39 22.34 -11.01
H251 SQD BB . 29.46 20.92 -9.54
H252 SQD BB . 30.88 21.53 -9.91
H261 SQD BB . 30.40 20.75 -12.20
H262 SQD BB . 29.26 19.85 -11.55
H271 SQD BB . 30.89 18.66 -10.35
H272 SQD BB . 32.03 19.58 -10.93
H281 SQD BB . 31.18 18.71 -13.14
H282 SQD BB . 30.67 17.50 -12.25
H291 SQD BB . 33.06 17.44 -11.47
H292 SQD BB . 33.35 18.18 -12.84
H301 SQD BB . 31.83 15.96 -13.28
H302 SQD BB . 33.17 15.56 -12.53
H311 SQD BB . 34.47 16.30 -14.27
H312 SQD BB . 33.25 17.06 -14.94
H321 SQD BB . 32.52 15.25 -15.97
H322 SQD BB . 32.87 14.32 -14.74
H331 SQD BB . 35.04 14.06 -15.43
H332 SQD BB . 34.90 15.22 -16.49
H341 SQD BB . 34.67 13.56 -17.91
H342 SQD BB . 33.17 13.59 -17.43
H351 SQD BB . 33.49 11.82 -16.03
H352 SQD BB . 35.07 11.91 -16.20
H361 SQD BB . 34.94 11.11 -18.34
H362 SQD BB . 33.37 11.20 -18.33
H371 SQD BB . 33.29 9.50 -16.71
H372 SQD BB . 34.88 9.38 -16.78
H381 SQD BB . 33.68 7.74 -18.09
H382 SQD BB . 34.78 8.53 -18.90
H383 SQD BB . 33.26 8.92 -19.05
C1A DGD CB . 33.79 -0.37 -6.56
C2A DGD CB . 32.95 0.70 -7.10
C3A DGD CB . 32.87 1.88 -6.12
C4A DGD CB . 32.71 3.17 -6.93
C5A DGD CB . 31.53 3.95 -6.44
C6A DGD CB . 31.06 4.91 -7.52
C7A DGD CB . 31.94 6.14 -7.41
C8A DGD CB . 31.27 7.28 -8.15
C9A DGD CB . 32.36 8.32 -8.46
CAA DGD CB . 31.65 9.61 -8.87
CBA DGD CB . 32.54 10.38 -9.87
CCA DGD CB . 31.89 11.72 -10.06
CDA DGD CB . 32.66 12.83 -9.26
CEA DGD CB . 31.68 13.99 -9.06
CFA DGD CB . 32.38 15.27 -8.56
CGA DGD CB . 31.55 15.83 -7.35
CHA DGD CB . 30.17 16.43 -7.74
CIA DGD CB . 29.16 16.05 -6.65
O1A DGD CB . 34.67 -0.28 -5.72
C1B DGD CB . 36.71 -3.46 -10.16
C2B DGD CB . 37.18 -2.03 -10.29
C3B DGD CB . 38.50 -1.95 -11.06
C4B DGD CB . 39.71 -2.29 -10.10
C5B DGD CB . 40.58 -3.29 -10.90
C6B DGD CB . 42.00 -3.27 -10.28
C7B DGD CB . 42.69 -2.08 -10.96
C8B DGD CB . 42.79 -0.99 -9.94
C9B DGD CB . 42.19 0.23 -10.61
CAB DGD CB . 42.42 1.35 -9.64
CBB DGD CB . 41.15 2.15 -9.51
CCB DGD CB . 41.45 3.55 -10.00
CDB DGD CB . 40.34 4.34 -9.37
CEB DGD CB . 40.08 5.58 -10.23
CFB DGD CB . 41.00 6.71 -9.69
CGB DGD CB . 41.92 7.18 -10.79
CHB DGD CB . 42.21 8.66 -10.64
CIB DGD CB . 42.93 9.08 -11.91
O1B DGD CB . 37.09 -4.38 -10.87
O1G DGD CB . 33.82 -1.38 -7.49
C1G DGD CB . 35.07 -1.90 -7.81
C2G DGD CB . 34.87 -3.22 -8.49
O2G DGD CB . 36.18 -3.71 -8.89
C3G DGD CB . 34.21 -4.11 -7.37
O3G DGD CB . 35.03 -5.26 -7.37
C1D DGD CB . 34.41 -6.49 -7.09
C2D DGD CB . 35.57 -7.48 -7.03
O2D DGD CB . 36.18 -7.45 -8.31
C3D DGD CB . 34.87 -8.83 -6.80
O3D DGD CB . 35.85 -9.83 -6.79
C4D DGD CB . 34.09 -8.82 -5.39
O4D DGD CB . 34.96 -8.79 -4.28
C5D DGD CB . 33.12 -7.51 -5.29
O5D DGD CB . 31.68 -8.03 -3.54
C6D DGD CB . 32.69 -7.12 -3.88
O6D DGD CB . 33.79 -6.32 -5.78
C1E DGD CB . 30.65 -7.49 -2.72
C2E DGD CB . 29.93 -8.60 -1.77
O2E DGD CB . 30.91 -9.40 -1.14
C3E DGD CB . 28.96 -9.50 -2.63
O3E DGD CB . 28.23 -10.30 -1.74
C4E DGD CB . 27.99 -8.49 -3.34
O4E DGD CB . 27.50 -7.58 -2.40
C5E DGD CB . 28.88 -7.72 -4.35
O6E DGD CB . 29.75 -6.88 -3.63
C6E DGD CB . 28.12 -6.76 -5.37
O5E DGD CB . 27.24 -5.98 -4.59
HA21 DGD CB . 31.94 0.28 -7.32
HA22 DGD CB . 33.35 1.01 -8.10
HA31 DGD CB . 33.78 1.92 -5.49
HA32 DGD CB . 32.03 1.75 -5.41
HA41 DGD CB . 32.61 2.93 -8.00
HA42 DGD CB . 33.63 3.77 -6.85
HA51 DGD CB . 31.77 4.49 -5.50
HA52 DGD CB . 30.70 3.26 -6.13
HA61 DGD CB . 29.98 5.13 -7.42
HA62 DGD CB . 31.11 4.42 -8.53
HA71 DGD CB . 32.96 5.91 -7.79
HA72 DGD CB . 32.13 6.36 -6.34
HA81 DGD CB . 30.42 7.69 -7.56
HA82 DGD CB . 30.76 6.89 -9.06
HA91 DGD CB . 33.03 7.96 -9.26
HA92 DGD CB . 33.01 8.48 -7.58
HAT1 DGD CB . 31.41 10.22 -7.96
HAT2 DGD CB . 30.64 9.38 -9.30
HAE1 DGD CB . 32.64 9.81 -10.81
HAE2 DGD CB . 33.58 10.46 -9.49
HAW1 DGD CB . 30.83 11.72 -9.73
HAW2 DGD CB . 31.84 12.01 -11.13
HAH1 DGD CB . 33.58 13.19 -9.79
HAH2 DGD CB . 33.06 12.49 -8.28
HAF1 DGD CB . 30.88 13.69 -8.35
HAF2 DGD CB . 31.14 14.20 -10.01
HAN1 DGD CB . 32.47 16.03 -9.36
HAN2 DGD CB . 33.42 15.07 -8.27
HAS1 DGD CB . 32.15 16.60 -6.81
HAS2 DGD CB . 31.40 15.04 -6.58
HAV1 DGD CB . 29.88 16.08 -8.74
HAV2 DGD CB . 30.27 17.54 -7.85
HAG1 DGD CB . 28.14 16.36 -6.93
HAG2 DGD CB . 29.40 16.52 -5.69
HAG3 DGD CB . 29.13 14.97 -6.49
HB21 DGD CB . 37.29 -1.58 -9.28
HB22 DGD CB . 36.41 -1.43 -10.80
HB31 DGD CB . 38.63 -0.95 -11.51
HB32 DGD CB . 38.48 -2.64 -11.93
HB41 DGD CB . 39.38 -2.71 -9.13
HB42 DGD CB . 40.28 -1.39 -9.80
HB51 DGD CB . 40.60 -3.05 -11.99
HB52 DGD CB . 40.14 -4.31 -10.90
HB61 DGD CB . 42.60 -4.18 -10.42
HB62 DGD CB . 42.04 -3.14 -9.18
HB71 DGD CB . 42.17 -1.71 -11.85
HB72 DGD CB . 43.71 -2.33 -11.34
HB81 DGD CB . 43.84 -0.85 -9.62
HB82 DGD CB . 42.26 -1.28 -9.00
HB91 DGD CB . 41.11 0.08 -10.84
HB92 DGD CB . 42.64 0.41 -11.61
HBT1 DGD CB . 43.26 2.02 -9.96
HBT2 DGD CB . 42.74 0.99 -8.64
HBE1 DGD CB . 40.77 2.15 -8.46
HBE2 DGD CB . 40.32 1.69 -10.09
HBW1 DGD CB . 41.47 3.62 -11.11
HBW2 DGD CB . 42.46 3.90 -9.69
HBH1 DGD CB . 40.59 4.63 -8.33
HBH2 DGD CB . 39.42 3.73 -9.27
HBF1 DGD CB . 39.00 5.84 -10.20
HBF2 DGD CB . 40.27 5.34 -11.29
HBN1 DGD CB . 41.57 6.38 -8.80
HBN2 DGD CB . 40.38 7.55 -9.28
HBS1 DGD CB . 41.45 6.93 -11.77
HBS2 DGD CB . 42.83 6.55 -10.78
HBV1 DGD CB . 42.79 8.84 -9.70
HBV2 DGD CB . 41.27 9.22 -10.44
HBG1 DGD CB . 43.65 9.89 -11.73
HBG2 DGD CB . 42.25 9.44 -12.67
HBG3 DGD CB . 43.50 8.25 -12.35
HG11 DGD CB . 35.72 -2.08 -6.93
HG12 DGD CB . 35.65 -1.25 -8.51
HG2 DGD CB . 34.20 -3.19 -9.39
HG31 DGD CB . 33.14 -4.32 -7.60
HG32 DGD CB . 34.19 -3.57 -6.40
HD1 DGD CB . 33.61 -6.75 -7.84
HD2 DGD CB . 36.31 -7.25 -6.22
HO2D DGD CB . 36.17 -6.54 -8.61
HD3 DGD CB . 34.09 -9.01 -7.60
HO3D DGD CB . 36.47 -9.61 -7.47
HD4 DGD CB . 33.44 -9.74 -5.37
HO4D DGD CB . 35.23 -9.69 -4.10
HD5 DGD CB . 32.23 -7.75 -5.92
HD61 DGD CB . 32.28 -6.09 -3.79
HD62 DGD CB . 33.50 -7.18 -3.12
HE1 DGD CB . 31.00 -6.68 -2.03
HE2 DGD CB . 29.33 -8.02 -1.02
HO2E DGD CB . 31.75 -9.00 -1.34
HE3 DGD CB . 29.51 -10.14 -3.35
HO3E DGD CB . 27.30 -10.10 -1.88
HE4 DGD CB . 27.16 -9.02 -3.87
HO4E DGD CB . 28.15 -6.88 -2.32
HE5 DGD CB . 29.40 -8.46 -5.01
HE61 DGD CB . 27.58 -7.37 -6.14
HE62 DGD CB . 28.85 -6.14 -5.94
HO5E DGD CB . 27.45 -5.07 -4.78
O1 OEX DB . 35.50 -2.89 27.11
CA1 OEX DB . 35.63 -1.30 25.43
MN1 OEX DB . 33.66 -3.56 27.16
O2 OEX DB . 36.19 -3.61 24.84
MN2 OEX DB . 36.29 -4.45 26.51
O3 OEX DB . 34.46 -4.88 25.98
MN3 OEX DB . 34.66 -4.45 24.16
O4 OEX DB . 34.64 -4.10 22.34
MN4 OEX DB . 33.61 -2.70 22.40
O5 OEX DB . 33.60 -2.73 24.56
O1 OEY EB . 35.70 -2.94 27.04
CA1 OEY EB . 35.62 -1.44 25.41
MN1 OEY EB . 33.78 -3.58 27.24
O2 OEY EB . 36.18 -3.77 24.77
MN2 OEY EB . 36.29 -4.46 26.47
O3 OEY EB . 34.49 -4.92 26.13
MN3 OEY EB . 34.62 -4.58 24.17
O4 OEY EB . 34.87 -4.17 22.35
MN4 OEY EB . 33.74 -2.85 22.28
O5 OEY EB . 33.67 -2.88 24.46
O6 OEY EB . 33.37 -2.08 26.39
C BCT FB . 21.61 40.65 16.64
O1 BCT FB . 22.04 39.74 15.94
O2 BCT FB . 21.03 40.64 17.77
O3 BCT FB . 21.40 41.89 15.90
HO3 BCT FB . 21.71 41.82 15.12
MG CLA GB . -24.42 18.29 48.62
CHA CLA GB . -26.87 17.07 50.88
CHB CLA GB . -26.93 19.93 46.93
CHC CLA GB . -22.04 20.03 46.83
CHD CLA GB . -21.95 17.23 50.88
NA CLA GB . -26.58 18.44 48.87
C1A CLA GB . -27.38 17.83 49.84
C2A CLA GB . -28.84 18.16 49.56
C3A CLA GB . -28.83 18.75 48.13
C4A CLA GB . -27.35 19.09 47.95
CMA CLA GB . -29.33 17.73 47.15
CAA CLA GB . -29.39 19.28 50.41
CBA CLA GB . -29.24 19.07 51.89
CGA CLA GB . -29.98 20.19 52.52
O1A CLA GB . -31.12 20.59 52.25
O2A CLA GB . -29.25 20.82 53.51
NB CLA GB . -24.49 19.69 47.19
C1B CLA GB . -25.58 20.26 46.62
C2B CLA GB . -25.17 21.18 45.51
C3B CLA GB . -23.81 21.20 45.48
C4B CLA GB . -23.35 20.23 46.52
CMB CLA GB . -26.08 21.95 44.66
CAB CLA GB . -22.90 21.93 44.64
CBB CLA GB . -21.90 21.40 43.91
NC CLA GB . -22.37 18.57 48.82
C1C CLA GB . -21.58 19.24 47.92
C2C CLA GB . -20.18 19.08 48.27
C3C CLA GB . -20.16 18.34 49.46
C4C CLA GB . -21.55 18.01 49.78
CMC CLA GB . -19.08 19.69 47.55
CAC CLA GB . -19.00 17.93 50.26
CBC CLA GB . -18.79 16.45 50.25
ND CLA GB . -24.34 17.41 50.44
C1D CLA GB . -23.25 16.94 51.22
C2D CLA GB . -23.75 16.15 52.36
C3D CLA GB . -25.12 16.14 52.24
C4D CLA GB . -25.46 16.96 51.06
CMD CLA GB . -22.93 15.48 53.39
CAD CLA GB . -26.34 15.71 52.88
OBD CLA GB . -26.46 15.07 53.92
CBD CLA GB . -27.51 16.21 51.98
CGD CLA GB . -28.22 14.95 51.49
O1D CLA GB . -28.92 14.73 50.50
O2D CLA GB . -28.03 13.88 52.30
CED CLA GB . -27.89 12.58 51.74
C1 CLA GB . -28.80 22.17 53.23
C2 CLA GB . -28.03 22.14 51.96
C3 CLA GB . -27.70 23.27 51.31
C4 CLA GB . -28.06 24.63 51.81
C5 CLA GB . -26.92 23.18 50.04
C6 CLA GB . -25.60 22.40 50.16
C7 CLA GB . -24.81 22.71 51.42
C8 CLA GB . -23.70 21.68 51.70
C9 CLA GB . -23.11 21.34 50.35
C10 CLA GB . -24.13 20.39 52.42
C11 CLA GB . -24.71 20.52 53.83
C12 CLA GB . -25.16 19.16 54.33
C13 CLA GB . -26.06 19.12 55.58
C14 CLA GB . -25.57 20.03 56.68
C15 CLA GB . -26.16 17.69 56.13
C16 CLA GB . -27.52 17.34 56.74
C17 CLA GB . -27.68 15.84 56.97
C18 CLA GB . -26.66 15.23 57.94
C19 CLA GB . -25.30 14.91 57.30
C20 CLA GB . -27.29 13.99 58.58
HHB CLA GB . -27.70 20.39 46.30
HHC CLA GB . -21.26 20.50 46.21
HHD CLA GB . -21.15 16.83 51.53
H2A CLA GB . -29.39 17.18 49.70
H3A CLA GB . -29.42 19.70 48.03
HMA1 CLA GB . -29.78 18.23 46.25
HMA2 CLA GB . -30.12 17.08 47.61
HMA3 CLA GB . -28.51 17.07 46.80
HAA1 CLA GB . -30.48 19.41 50.17
HAA2 CLA GB . -28.87 20.23 50.13
HBA1 CLA GB . -28.16 19.09 52.20
HBA2 CLA GB . -29.68 18.08 52.21
HMB1 CLA GB . -25.50 22.61 43.96
HMB2 CLA GB . -26.74 22.60 45.29
HMB3 CLA GB . -26.73 21.26 44.06
HAB CLA GB . -23.10 23.02 44.62
HBB1 CLA GB . -21.69 20.33 43.91
HBB2 CLA GB . -21.23 22.00 43.27
HMC1 CLA GB . -18.13 19.66 48.15
HMC2 CLA GB . -19.29 20.77 47.32
HMC3 CLA GB . -18.89 19.16 46.59
HAC1 CLA GB . -19.14 18.27 51.32
HAC2 CLA GB . -18.08 18.44 49.88
HBC1 CLA GB . -17.71 16.21 50.41
HBC2 CLA GB . -19.09 16.03 49.26
HBC3 CLA GB . -19.39 15.97 51.05
HMD1 CLA GB . -23.48 14.61 53.83
HMD2 CLA GB . -22.68 16.20 54.22
HMD3 CLA GB . -21.97 15.11 52.96
HBD CLA GB . -28.24 16.86 52.52
HED1 CLA GB . -28.08 11.89 52.59
HED2 CLA GB . -26.83 12.57 51.37
HED3 CLA GB . -28.66 12.55 50.93
H11 CLA GB . -28.16 22.51 54.09
H12 CLA GB . -29.69 22.84 53.16
H2 CLA GB . -27.74 21.15 51.59
H41 CLA GB . -27.80 25.42 51.06
H42 CLA GB . -27.54 24.87 52.75
H43 CLA GB . -29.16 24.70 52.00
H51 CLA GB . -26.71 24.22 49.67
H52 CLA GB . -27.57 22.68 49.26
H61 CLA GB . -24.95 22.64 49.26
H62 CLA GB . -25.81 21.31 50.12
H71 CLA GB . -25.51 22.74 52.30
H72 CLA GB . -24.35 23.72 51.33
H8 CLA GB . -22.97 22.14 52.42
H91 CLA GB . -22.13 20.80 50.49
H92 CLA GB . -22.91 22.28 49.77
H93 CLA GB . -23.80 20.70 49.77
H101 CLA GB . -23.25 19.71 52.47
H102 CLA GB . -24.91 19.89 51.78
H111 CLA GB . -25.57 21.24 53.84
H112 CLA GB . -23.92 20.94 54.52
H121 CLA GB . -24.25 18.55 54.54
H122 CLA GB . -25.70 18.65 53.49
H13 CLA GB . -27.08 19.49 55.23
H141 CLA GB . -26.31 20.07 57.52
H142 CLA GB . -25.43 21.07 56.30
H143 CLA GB . -24.60 19.67 57.09
H151 CLA GB . -25.38 17.55 56.92
H152 CLA GB . -25.96 16.96 55.31
H161 CLA GB . -28.34 17.70 56.08
H162 CLA GB . -27.63 17.88 57.72
H171 CLA GB . -27.60 15.31 55.98
H172 CLA GB . -28.72 15.65 57.36
H18 CLA GB . -26.43 16.00 58.73
H191 CLA GB . -24.91 13.93 57.69
H192 CLA GB . -24.56 15.71 57.55
H193 CLA GB . -25.40 14.84 56.19
H201 CLA GB . -26.54 13.45 59.21
H202 CLA GB . -27.66 13.29 57.80
H203 CLA GB . -28.15 14.28 59.23
MG CLA HB . -20.50 18.20 39.38
CHA CLA HB . -17.44 16.83 38.38
CHB CLA HB . -21.25 15.21 40.84
CHC CLA HB . -23.16 19.66 41.11
CHD CLA HB . -19.47 21.36 38.33
NA CLA HB . -19.47 16.33 39.48
C1A CLA HB . -18.23 15.93 39.01
C2A CLA HB . -17.94 14.44 39.30
C3A CLA HB . -19.34 13.95 39.75
C4A CLA HB . -20.09 15.25 40.08
CMA CLA HB . -20.10 13.22 38.66
CAA CLA HB . -16.92 14.32 40.42
CBA CLA HB . -16.10 13.04 40.36
CGA CLA HB . -14.99 13.10 39.33
O1A CLA HB . -14.73 12.25 38.49
O2A CLA HB . -14.20 14.22 39.35
NB CLA HB . -21.98 17.53 40.70
C1B CLA HB . -22.05 16.30 41.22
C2B CLA HB . -23.12 16.27 42.30
C3B CLA HB . -23.66 17.54 42.38
C4B CLA HB . -22.94 18.36 41.37
CMB CLA HB . -23.44 15.07 43.07
CAB CLA HB . -24.74 18.07 43.22
CBB CLA HB . -25.40 17.43 44.20
NC CLA HB . -21.20 20.16 39.66
C1C CLA HB . -22.37 20.52 40.28
C2C CLA HB . -22.66 21.96 40.06
C3C CLA HB . -21.60 22.45 39.28
C4C CLA HB . -20.70 21.31 39.05
CMC CLA HB . -23.86 22.67 40.60
CAC CLA HB . -21.38 23.81 38.78
CBC CLA HB . -21.94 24.11 37.41
ND CLA HB . -18.87 18.96 38.63
C1D CLA HB . -18.62 20.28 38.15
C2D CLA HB . -17.32 20.27 37.44
C3D CLA HB . -16.82 19.00 37.57
C4D CLA HB . -17.84 18.20 38.28
CMD CLA HB . -16.64 21.41 36.81
CAD CLA HB . -15.74 18.13 37.20
OBD CLA HB . -14.78 18.41 36.49
CBD CLA HB . -16.09 16.71 37.72
CGD CLA HB . -16.25 15.82 36.54
O1D CLA HB . -17.01 16.05 35.60
O2D CLA HB . -15.51 14.69 36.49
CED CLA HB . -15.73 13.89 35.33
C1 CLA HB . -13.02 14.24 38.50
C2 CLA HB . -12.60 15.65 38.29
C3 CLA HB . -11.87 16.31 39.18
C4 CLA HB . -11.43 15.66 40.42
C5 CLA HB . -11.42 17.70 39.01
C6 CLA HB . -9.93 17.70 38.66
C7 CLA HB . -9.30 19.04 38.94
C8 CLA HB . -8.07 19.28 38.11
C9 CLA HB . -6.93 18.40 38.57
C10 CLA HB . -7.66 20.74 38.17
C11 CLA HB . -6.34 21.06 37.45
C12 CLA HB . -6.44 20.92 35.95
C13 CLA HB . -5.10 21.27 35.31
C14 CLA HB . -5.25 22.01 34.00
C15 CLA HB . -4.32 19.97 35.17
C16 CLA HB . -3.09 20.11 34.32
C17 CLA HB . -1.87 19.39 34.91
C18 CLA HB . -2.10 17.92 35.26
C19 CLA HB . -2.14 17.06 34.02
C20 CLA HB . -1.00 17.49 36.20
HHB CLA HB . -21.59 14.22 41.18
HHC CLA HB . -24.04 20.15 41.58
HHD CLA HB . -19.19 22.32 37.88
H2A CLA HB . -17.56 13.90 38.39
H3A CLA HB . -19.23 13.30 40.66
HMA1 CLA HB . -21.17 13.05 38.95
HMA2 CLA HB . -19.65 12.24 38.45
HMA3 CLA HB . -20.10 13.81 37.70
HAA1 CLA HB . -17.45 14.36 41.41
HAA2 CLA HB . -16.22 15.20 40.38
HBA1 CLA HB . -16.78 12.19 40.10
HBA2 CLA HB . -15.65 12.84 41.36
HMB1 CLA HB . -24.55 14.91 43.12
HMB2 CLA HB . -23.04 15.15 44.12
HMB3 CLA HB . -22.98 14.17 42.59
HAB CLA HB . -25.00 19.11 42.98
HBB1 CLA HB . -25.17 16.40 44.50
HBB2 CLA HB . -26.19 17.92 44.78
HMC1 CLA HB . -23.60 23.73 40.84
HMC2 CLA HB . -24.21 22.18 41.54
HMC3 CLA HB . -24.69 22.67 39.86
HAC1 CLA HB . -20.28 24.02 38.76
HAC2 CLA HB . -21.84 24.54 39.50
HBC1 CLA HB . -21.67 25.15 37.10
HBC2 CLA HB . -23.05 24.01 37.40
HBC3 CLA HB . -21.51 23.40 36.66
HMD1 CLA HB . -15.75 21.06 36.23
HMD2 CLA HB . -16.29 22.14 37.58
HMD3 CLA HB . -17.33 21.95 36.11
HBD CLA HB . -15.29 16.35 38.42
HED1 CLA HB . -14.93 13.10 35.39
HED2 CLA HB . -15.59 14.62 34.49
HED3 CLA HB . -16.76 13.51 35.44
H11 CLA HB . -13.29 13.74 37.53
H12 CLA HB . -12.21 13.64 39.01
H2 CLA HB . -12.93 16.11 37.35
H41 CLA HB . -11.07 16.40 41.17
H42 CLA HB . -10.58 14.95 40.22
H43 CLA HB . -12.25 15.07 40.89
H51 CLA HB . -11.60 18.29 39.96
H52 CLA HB . -12.02 18.20 38.20
H61 CLA HB . -9.79 17.45 37.58
H62 CLA HB . -9.41 16.91 39.25
H71 CLA HB . -9.04 19.09 40.04
H72 CLA HB . -10.06 19.85 38.74
H8 CLA HB . -8.29 19.02 37.04
H91 CLA HB . -6.30 18.09 37.69
H92 CLA HB . -7.33 17.48 39.05
H93 CLA HB . -6.28 18.94 39.30
H101 CLA HB . -7.55 21.05 39.24
H102 CLA HB . -8.47 21.37 37.73
H111 CLA HB . -5.54 20.38 37.83
H112 CLA HB . -6.04 22.11 37.70
H121 CLA HB . -7.25 21.60 35.56
H122 CLA HB . -6.74 19.87 35.68
H13 CLA HB . -4.54 22.00 35.97
H141 CLA HB . -4.44 22.77 33.87
H142 CLA HB . -6.23 22.53 33.95
H143 CLA HB . -5.19 21.29 33.13
H151 CLA HB . -4.97 19.18 34.74
H152 CLA HB . -4.01 19.61 36.19
H161 CLA HB . -2.84 21.20 34.20
H162 CLA HB . -3.30 19.70 33.30
H171 CLA HB . -1.55 19.93 35.84
H172 CLA HB . -1.02 19.46 34.19
H18 CLA HB . -3.09 17.79 35.77
H191 CLA HB . -2.06 15.98 34.29
H192 CLA HB . -1.29 17.32 33.33
H193 CLA HB . -3.10 17.21 33.47
H201 CLA HB . -1.10 16.41 36.44
H202 CLA HB . -1.06 18.06 37.16
H203 CLA HB . 0.01 17.67 35.75
MG CLA IB . -21.86 16.19 30.87
CHA CLA IB . -20.82 12.95 29.94
CHB CLA IB . -19.22 16.16 33.04
CHC CLA IB . -21.89 19.63 30.97
CHD CLA IB . -23.83 16.29 27.99
NA CLA IB . -20.35 14.75 31.38
C1A CLA IB . -20.14 13.46 30.95
C2A CLA IB . -18.95 12.79 31.63
C3A CLA IB . -18.80 13.68 32.85
C4A CLA IB . -19.48 14.98 32.40
CMA CLA IB . -19.51 13.10 34.01
CAA CLA IB . -17.66 12.78 30.76
CBA CLA IB . -17.23 14.12 30.17
CGA CLA IB . -16.31 14.86 31.08
O1A CLA IB . -15.65 14.42 32.02
O2A CLA IB . -16.19 16.21 30.86
NB CLA IB . -20.83 17.61 31.88
C1B CLA IB . -19.79 17.40 32.74
C2B CLA IB . -19.35 18.68 33.36
C3B CLA IB . -20.11 19.64 32.78
C4B CLA IB . -21.07 18.99 31.84
CMB CLA IB . -18.28 18.82 34.35
CAB CLA IB . -20.04 21.04 32.94
CBB CLA IB . -20.27 21.73 34.05
NC CLA IB . -22.84 17.67 29.83
C1C CLA IB . -22.74 19.01 30.02
C2C CLA IB . -23.47 19.72 29.01
C3C CLA IB . -23.95 18.74 28.15
C4C CLA IB . -23.59 17.47 28.68
CMC CLA IB . -23.59 21.15 28.86
CAC CLA IB . -24.77 18.93 26.96
CBC CLA IB . -23.99 19.16 25.71
ND CLA IB . -22.34 14.94 29.35
C1D CLA IB . -23.24 15.08 28.27
C2D CLA IB . -23.29 13.82 27.50
C3D CLA IB . -22.36 12.98 28.09
C4D CLA IB . -21.78 13.73 29.21
CMD CLA IB . -24.13 13.59 26.33
CAD CLA IB . -21.67 11.70 28.04
OBD CLA IB . -21.66 10.84 27.18
CBD CLA IB . -20.71 11.62 29.27
CGD CLA IB . -21.12 10.48 30.14
O1D CLA IB . -20.48 9.46 30.45
O2D CLA IB . -22.39 10.57 30.66
CED CLA IB . -22.92 9.32 31.10
C1 CLA IB . -15.53 16.89 31.97
C2 CLA IB . -15.57 18.34 31.67
C3 CLA IB . -15.05 19.30 32.44
C4 CLA IB . -14.36 19.08 33.72
C5 CLA IB . -15.14 20.72 32.01
C6 CLA IB . -16.40 21.42 32.38
C7 CLA IB . -16.34 22.86 31.89
C8 CLA IB . -16.06 23.87 33.00
C9 CLA IB . -17.15 24.90 32.95
C10 CLA IB . -14.70 24.51 32.79
C11 CLA IB . -14.43 25.84 33.51
C12 CLA IB . -13.65 25.65 34.81
C13 CLA IB . -12.52 26.65 35.06
C14 CLA IB . -11.73 27.07 33.86
C15 CLA IB . -11.51 26.01 36.02
C16 CLA IB . -10.92 27.00 36.99
C17 CLA IB . -11.89 27.25 38.13
C18 CLA IB . -11.22 27.83 39.36
C19 CLA IB . -11.45 29.33 39.39
C20 CLA IB . -11.74 27.17 40.61
HHB CLA IB . -18.51 16.14 33.89
HHC CLA IB . -21.94 20.73 30.99
HHD CLA IB . -24.57 16.32 27.16
H2A CLA IB . -19.20 11.72 31.87
H3A CLA IB . -17.72 13.89 33.08
HMA1 CLA IB . -19.76 13.88 34.76
HMA2 CLA IB . -18.87 12.32 34.51
HMA3 CLA IB . -20.46 12.61 33.69
HAA1 CLA IB . -17.83 12.06 29.91
HAA2 CLA IB . -16.82 12.39 31.38
HBA1 CLA IB . -18.14 14.76 29.98
HBA2 CLA IB . -16.71 13.96 29.19
HMB1 CLA IB . -18.30 19.84 34.79
HMB2 CLA IB . -17.29 18.65 33.87
HMB3 CLA IB . -18.40 18.07 35.18
HAB CLA IB . -19.74 21.58 32.01
HBB1 CLA IB . -20.56 21.21 34.98
HBB2 CLA IB . -20.20 22.82 34.12
HMC1 CLA IB . -24.63 21.44 28.55
HMC2 CLA IB . -22.87 21.52 28.08
HMC3 CLA IB . -23.35 21.67 29.82
HAC1 CLA IB . -25.46 19.80 27.11
HAC2 CLA IB . -25.43 18.03 26.81
HBC1 CLA IB . -24.62 18.96 24.82
HBC2 CLA IB . -23.10 18.49 25.70
HBC3 CLA IB . -23.64 20.23 25.68
HMD1 CLA IB . -24.23 12.50 26.12
HMD2 CLA IB . -23.71 14.09 25.43
HMD3 CLA IB . -25.16 14.01 26.50
HBD CLA IB . -19.65 11.45 28.95
HED1 CLA IB . -23.98 9.56 31.35
HED2 CLA IB . -22.28 9.05 31.98
HED3 CLA IB . -22.80 8.65 30.21
H11 CLA IB . -14.47 16.52 32.04
H12 CLA IB . -16.07 16.65 32.92
H2 CLA IB . -16.08 18.58 30.73
H41 CLA IB . -14.69 19.81 34.50
H42 CLA IB . -13.25 19.19 33.60
H43 CLA IB . -14.55 18.05 34.12
H51 CLA IB . -15.02 20.76 30.90
H52 CLA IB . -14.27 21.28 32.46
H61 CLA IB . -16.55 21.41 33.49
H62 CLA IB . -17.28 20.90 31.92
H71 CLA IB . -17.32 23.12 31.40
H72 CLA IB . -15.55 22.94 31.10
H8 CLA IB . -16.05 23.38 34.01
H91 CLA IB . -17.26 25.39 33.96
H92 CLA IB . -18.12 24.43 32.68
H93 CLA IB . -16.91 25.69 32.20
H101 CLA IB . -14.56 24.69 31.69
H102 CLA IB . -13.91 23.78 33.11
H111 CLA IB . -15.41 26.33 33.74
H112 CLA IB . -13.87 26.52 32.83
H121 CLA IB . -13.22 24.61 34.81
H122 CLA IB . -14.38 25.71 35.66
H13 CLA IB . -13.03 27.57 35.47
H141 CLA IB . -10.75 27.50 34.16
H142 CLA IB . -12.28 27.84 33.26
H143 CLA IB . -11.53 26.20 33.18
H151 CLA IB . -10.69 25.53 35.44
H152 CLA IB . -12.01 25.20 36.61
H161 CLA IB . -10.69 27.97 36.46
H162 CLA IB . -9.95 26.62 37.40
H171 CLA IB . -12.39 26.29 38.41
H172 CLA IB . -12.69 27.96 37.78
H18 CLA IB . -10.11 27.65 39.33
H191 CLA IB . -11.04 29.78 40.32
H192 CLA IB . -12.55 29.55 39.35
H193 CLA IB . -10.97 29.82 38.51
H201 CLA IB . -11.24 27.58 41.52
H202 CLA IB . -11.56 26.07 40.58
H203 CLA IB . -12.84 27.34 40.72
MG CLA JB . -11.80 13.98 22.13
CHA CLA JB . -14.63 13.18 24.09
CHB CLA JB . -12.90 11.68 19.82
CHC CLA JB . -9.82 15.44 19.77
CHD CLA JB . -11.35 16.84 24.17
NA CLA JB . -13.57 12.69 21.99
C1A CLA JB . -14.50 12.39 22.99
C2A CLA JB . -15.33 11.16 22.64
C3A CLA JB . -14.79 10.76 21.24
C4A CLA JB . -13.66 11.76 20.99
CMA CLA JB . -14.37 9.31 21.16
CAA CLA JB . -16.83 11.49 22.50
CBA CLA JB . -17.15 12.75 21.71
CGA CLA JB . -18.63 12.85 21.47
O1A CLA JB . -19.47 11.94 21.56
O2A CLA JB . -19.07 14.11 21.07
NB CLA JB . -11.40 13.65 20.14
C1B CLA JB . -11.86 12.57 19.44
C2B CLA JB . -11.15 12.50 18.14
C3B CLA JB . -10.26 13.55 18.10
C4B CLA JB . -10.43 14.30 19.39
CMB CLA JB . -11.48 11.45 17.18
CAB CLA JB . -9.33 13.96 17.07
CBB CLA JB . -8.93 13.22 16.02
NC CLA JB . -10.72 15.78 22.05
C1C CLA JB . -9.95 16.14 21.00
C2C CLA JB . -9.29 17.41 21.25
C3C CLA JB . -9.72 17.84 22.50
C4C CLA JB . -10.62 16.79 22.99
CMC CLA JB . -8.35 18.05 20.33
CAC CLA JB . -9.29 19.06 23.22
CBC CLA JB . -7.81 18.98 23.63
ND CLA JB . -12.69 14.83 23.78
C1D CLA JB . -12.32 15.95 24.55
C2D CLA JB . -13.20 16.01 25.74
C3D CLA JB . -14.12 15.02 25.57
C4D CLA JB . -13.75 14.29 24.34
CMD CLA JB . -13.13 16.99 26.83
CAD CLA JB . -15.28 14.36 26.17
OBD CLA JB . -15.87 14.60 27.24
CBD CLA JB . -15.68 13.22 25.20
CGD CLA JB . -15.80 12.02 26.06
O1D CLA JB . -16.84 11.42 26.40
O2D CLA JB . -14.58 11.59 26.52
CED CLA JB . -14.63 10.73 27.66
C1 CLA JB . -20.48 14.30 21.19
C2 CLA JB . -20.99 15.60 20.67
C3 CLA JB . -21.05 16.77 21.30
C4 CLA JB . -20.60 17.01 22.69
C5 CLA JB . -21.66 17.96 20.63
C6 CLA JB . -23.06 18.14 21.20
C7 CLA JB . -23.91 19.07 20.37
C8 CLA JB . -25.35 19.07 20.84
C9 CLA JB . -26.00 17.72 20.73
C10 CLA JB . -26.13 20.08 20.02
C11 CLA JB . -26.18 21.39 20.74
C12 CLA JB . -26.88 22.41 19.86
C13 CLA JB . -28.31 22.56 20.28
C14 CLA JB . -29.27 22.49 19.11
C15 CLA JB . -28.40 23.84 21.10
C16 CLA JB . -29.40 23.73 22.26
C17 CLA JB . -30.59 22.84 21.96
C18 CLA JB . -31.63 22.87 23.08
C19 CLA JB . -32.53 24.07 22.90
C20 CLA JB . -32.46 21.61 23.06
HHB CLA JB . -13.11 10.86 19.12
HHC CLA JB . -9.11 15.90 19.05
HHD CLA JB . -11.13 17.67 24.86
H2A CLA JB . -15.15 10.39 23.44
H3A CLA JB . -15.57 10.93 20.46
HMA1 CLA JB . -13.75 9.13 20.25
HMA2 CLA JB . -15.26 8.64 21.10
HMA3 CLA JB . -13.77 9.02 22.06
HAA1 CLA JB . -17.26 11.60 23.53
HAA2 CLA JB . -17.34 10.62 22.01
HBA1 CLA JB . -16.62 12.73 20.72
HBA2 CLA JB . -16.80 13.65 22.27
HMB1 CLA JB . -11.31 11.81 16.13
HMB2 CLA JB . -12.56 11.16 17.27
HMB3 CLA JB . -10.85 10.54 17.34
HAB CLA JB . -8.93 14.98 17.21
HBB1 CLA JB . -9.28 12.20 15.83
HBB2 CLA JB . -8.22 13.61 15.27
HMC1 CLA JB . -7.67 18.75 20.89
HMC2 CLA JB . -8.89 18.63 19.55
HMC3 CLA JB . -7.70 17.28 19.83
HAC1 CLA JB . -9.91 19.21 24.14
HAC2 CLA JB . -9.44 19.96 22.57
HBC1 CLA JB . -7.66 19.47 24.62
HBC2 CLA JB . -7.17 19.50 22.87
HBC3 CLA JB . -7.48 17.92 23.70
HMD1 CLA JB . -13.77 16.68 27.69
HMD2 CLA JB . -13.50 18.00 26.47
HMD3 CLA JB . -12.07 17.12 27.19
HBD CLA JB . -16.66 13.39 24.67
HED1 CLA JB . -13.55 10.67 27.99
HED2 CLA JB . -15.03 9.77 27.25
HED3 CLA JB . -15.31 11.25 28.37
H11 CLA JB . -20.71 14.22 22.29
H12 CLA JB . -20.97 13.45 20.66
H2 CLA JB . -21.34 15.52 19.63
H41 CLA JB . -20.27 18.07 22.84
H42 CLA JB . -19.73 16.34 22.95
H43 CLA JB . -21.42 16.80 23.42
H51 CLA JB . -21.70 17.79 19.51
H52 CLA JB . -21.03 18.87 20.80
H61 CLA JB . -22.98 18.54 22.25
H62 CLA JB . -23.58 17.15 21.28
H71 CLA JB . -23.85 18.76 19.30
H72 CLA JB . -23.48 20.11 20.44
H8 CLA JB . -25.35 19.36 21.94
H91 CLA JB . -27.11 17.82 20.80
H92 CLA JB . -25.65 17.05 21.55
H93 CLA JB . -25.75 17.24 19.75
H101 CLA JB . -27.18 19.69 19.84
H102 CLA JB . -25.65 20.20 19.01
H111 CLA JB . -25.15 21.74 21.00
H112 CLA JB . -26.74 21.28 21.71
H121 CLA JB . -26.82 22.07 18.78
H122 CLA JB . -26.34 23.40 19.92
H13 CLA JB . -28.64 21.69 20.93
H141 CLA JB . -30.24 22.01 19.41
H142 CLA JB . -28.84 21.88 18.27
H143 CLA JB . -29.49 23.50 18.72
H151 CLA JB . -28.72 24.70 20.44
H152 CLA JB . -27.39 24.11 21.51
H161 CLA JB . -29.76 24.75 22.51
H162 CLA JB . -28.86 23.33 23.15
H171 CLA JB . -30.25 21.78 21.82
H172 CLA JB . -31.07 23.16 21.00
H18 CLA JB . -31.11 22.94 24.07
H191 CLA JB . -33.28 24.12 23.73
H192 CLA JB . -33.08 24.02 21.94
H193 CLA JB . -31.93 25.02 22.91
H201 CLA JB . -33.19 21.60 23.92
H202 CLA JB . -31.81 20.70 23.14
H203 CLA JB . -33.05 21.52 22.11
MG CLA KB . -22.93 12.73 17.89
CHA CLA KB . -20.78 10.36 19.21
CHB CLA KB . -25.40 11.44 19.89
CHC CLA KB . -24.89 15.54 17.48
CHD CLA KB . -20.16 14.42 16.69
NA CLA KB . -23.03 11.16 19.24
C1A CLA KB . -22.08 10.24 19.62
C2A CLA KB . -22.59 9.21 20.64
C3A CLA KB . -24.12 9.43 20.62
C4A CLA KB . -24.21 10.78 19.89
CMA CLA KB . -24.78 8.29 19.88
CAA CLA KB . -22.06 9.45 22.04
CBA CLA KB . -22.28 10.87 22.49
CGA CLA KB . -21.38 11.23 23.59
O1A CLA KB . -20.72 10.52 24.34
O2A CLA KB . -21.31 12.57 23.79
NB CLA KB . -24.85 13.38 18.55
C1B CLA KB . -25.69 12.66 19.30
C2B CLA KB . -27.00 13.34 19.41
C3B CLA KB . -26.88 14.49 18.74
C4B CLA KB . -25.48 14.55 18.19
CMB CLA KB . -28.19 12.86 20.13
CAB CLA KB . -27.89 15.51 18.61
CBB CLA KB . -28.33 15.98 17.45
NC CLA KB . -22.62 14.56 17.16
C1C CLA KB . -23.53 15.54 16.97
C2C CLA KB . -22.94 16.66 16.26
C3C CLA KB . -21.61 16.36 16.06
C4C CLA KB . -21.42 15.04 16.62
CMC CLA KB . -23.62 17.92 15.92
CAC CLA KB . -20.60 17.22 15.39
CBC CLA KB . -19.76 18.07 16.31
ND CLA KB . -20.89 12.44 17.86
C1D CLA KB . -19.89 13.22 17.27
C2D CLA KB . -18.58 12.55 17.45
C3D CLA KB . -18.85 11.38 18.17
C4D CLA KB . -20.32 11.42 18.41
CMD CLA KB . -17.33 13.11 16.92
CAD CLA KB . -18.37 10.19 18.86
OBD CLA KB . -17.27 9.74 19.06
CBD CLA KB . -19.61 9.50 19.48
CGD CLA KB . -19.87 8.22 18.74
O1D CLA KB . -20.04 7.10 19.19
O2D CLA KB . -19.92 8.43 17.41
CED CLA KB . -20.38 7.37 16.58
C1 CLA KB . -20.44 12.90 24.86
C2 CLA KB . -20.42 14.38 24.94
C3 CLA KB . -19.82 15.05 25.92
C4 CLA KB . -19.11 14.31 26.99
C5 CLA KB . -19.85 16.53 25.91
C6 CLA KB . -19.56 17.12 27.26
C7 CLA KB . -19.84 18.60 27.29
C8 CLA KB . -18.62 19.33 27.78
C9 CLA KB . -18.39 19.00 29.22
C10 CLA KB . -18.77 20.83 27.56
C11 CLA KB . -19.72 21.53 28.50
C12 CLA KB . -19.31 22.99 28.54
C13 CLA KB . -20.48 23.90 28.85
C14 CLA KB . -20.58 25.11 27.95
C15 CLA KB . -20.48 24.37 30.30
C16 CLA KB . -21.96 24.40 30.69
C17 CLA KB . -22.03 24.84 32.10
C18 CLA KB . -22.93 24.00 32.98
C19 CLA KB . -23.10 24.87 34.19
C20 CLA KB . -24.23 23.61 32.35
HHB CLA KB . -26.23 10.96 20.43
HHC CLA KB . -25.48 16.45 17.25
HHD CLA KB . -19.32 14.98 16.23
H2A CLA KB . -22.27 8.21 20.27
H3A CLA KB . -24.59 9.54 21.63
HMA1 CLA KB . -25.83 8.55 19.60
HMA2 CLA KB . -24.81 7.37 20.52
HMA3 CLA KB . -24.22 8.04 18.94
HAA1 CLA KB . -20.97 9.21 22.08
HAA2 CLA KB . -22.57 8.75 22.76
HBA1 CLA KB . -23.34 11.00 22.82
HBA2 CLA KB . -22.08 11.56 21.63
HMB1 CLA KB . -29.11 13.03 19.51
HMB2 CLA KB . -28.30 13.38 21.11
HMB3 CLA KB . -28.10 11.75 20.33
HAB CLA KB . -28.30 15.90 19.56
HBB1 CLA KB . -27.92 15.61 16.51
HBB2 CLA KB . -29.12 16.74 17.38
HMC1 CLA KB . -23.16 18.38 15.01
HMC2 CLA KB . -23.55 18.64 16.77
HMC3 CLA KB . -24.70 17.74 15.70
HAC1 CLA KB . -21.12 17.89 14.66
HAC2 CLA KB . -19.91 16.56 14.79
HBC1 CLA KB . -18.85 18.43 15.77
HBC2 CLA KB . -19.44 17.48 17.19
HBC3 CLA KB . -20.35 18.95 16.66
HMD1 CLA KB . -16.48 12.42 17.12
HMD2 CLA KB . -17.11 14.09 17.41
HMD3 CLA KB . -17.42 13.28 15.82
HBD CLA KB . -19.41 9.34 20.57
HED1 CLA KB . -19.88 7.56 15.60
HED2 CLA KB . -21.49 7.50 16.57
HED3 CLA KB . -20.03 6.45 17.11
H11 CLA KB . -19.43 12.47 24.64
H12 CLA KB . -20.83 12.44 25.80
H2 CLA KB . -20.94 14.90 24.12
H41 CLA KB . -18.83 14.98 27.83
H42 CLA KB . -18.17 13.84 26.60
H43 CLA KB . -19.75 13.48 27.40
H51 CLA KB . -20.87 16.88 25.57
H52 CLA KB . -19.10 16.91 25.17
H61 CLA KB . -18.48 16.95 27.54
H62 CLA KB . -20.18 16.61 28.05
H71 CLA KB . -20.71 18.81 27.97
H72 CLA KB . -20.13 18.95 26.27
H8 CLA KB . -17.71 19.01 27.19
H91 CLA KB . -17.84 19.83 29.73
H92 CLA KB . -17.80 18.06 29.32
H93 CLA KB . -19.37 18.84 29.75
H101 CLA KB . -19.12 21.01 26.51
H102 CLA KB . -17.75 21.30 27.66
H111 CLA KB . -19.67 21.07 29.52
H112 CLA KB . -20.78 21.42 28.15
H121 CLA KB . -18.86 23.27 27.55
H122 CLA KB . -18.50 23.13 29.32
H13 CLA KB . -21.38 23.25 28.65
H141 CLA KB . -21.56 25.61 28.07
H142 CLA KB . -20.46 24.81 26.87
H143 CLA KB . -19.77 25.85 28.19
H151 CLA KB . -20.02 25.39 30.41
H152 CLA KB . -19.90 23.69 30.97
H161 CLA KB . -22.41 23.39 30.58
H162 CLA KB . -22.53 25.10 30.03
H171 CLA KB . -22.40 25.90 32.13
H172 CLA KB . -21.00 24.85 32.54
H18 CLA KB . -22.49 22.99 33.19
H191 CLA KB . -23.67 24.33 34.97
H192 CLA KB . -23.65 25.80 33.92
H193 CLA KB . -22.11 25.16 34.60
H201 CLA KB . -24.97 23.33 33.13
H202 CLA KB . -24.09 22.73 31.66
H203 CLA KB . -24.65 24.46 31.75
MG CLA LB . -30.70 10.85 24.53
CHA CLA LB . -31.73 8.05 22.54
CHB CLA LB . -27.63 10.61 23.00
CHC CLA LB . -30.09 14.07 25.38
CHD CLA LB . -34.17 11.26 25.31
NA CLA LB . -29.81 9.47 23.02
C1A CLA LB . -30.40 8.37 22.38
C2A CLA LB . -29.38 7.63 21.48
C3A CLA LB . -28.04 8.36 21.83
C4A CLA LB . -28.50 9.56 22.68
CMA CLA LB . -27.04 7.50 22.54
CAA CLA LB . -29.77 7.70 20.00
CBA CLA LB . -30.04 9.08 19.45
CGA CLA LB . -29.01 9.46 18.43
O1A CLA LB . -27.93 8.91 18.14
O2A CLA LB . -29.32 10.61 17.80
NB CLA LB . -29.14 12.12 24.25
C1B CLA LB . -27.94 11.80 23.69
C2B CLA LB . -27.02 12.95 23.84
C3B CLA LB . -27.69 13.92 24.51
C4B CLA LB . -29.07 13.42 24.77
CMB CLA LB . -25.65 13.00 23.35
CAB CLA LB . -27.20 15.20 24.88
CBB CLA LB . -26.97 16.17 24.02
NC CLA LB . -31.83 12.27 25.32
C1C CLA LB . -31.38 13.51 25.68
C2C CLA LB . -32.47 14.29 26.25
C3C CLA LB . -33.60 13.49 26.16
C4C CLA LB . -33.21 12.23 25.61
CMC CLA LB . -32.39 15.68 26.70
CAC CLA LB . -34.99 13.81 26.57
CBC CLA LB . -35.73 14.39 25.39
ND CLA LB . -32.55 9.84 24.23
C1D CLA LB . -33.88 10.14 24.60
C2D CLA LB . -34.81 9.12 24.11
C3D CLA LB . -34.01 8.30 23.35
C4D CLA LB . -32.62 8.80 23.41
CMD CLA LB . -36.25 9.06 24.32
CAD CLA LB . -34.03 7.16 22.47
OBD CLA LB . -34.93 6.45 22.14
CBD CLA LB . -32.59 6.99 21.92
CGD CLA LB . -32.24 5.65 22.44
O1D CLA LB . -32.37 5.27 23.60
O2D CLA LB . -31.78 4.80 21.52
CED CLA LB . -31.24 3.64 22.11
C1 CLA LB . -28.30 11.18 16.96
C2 CLA LB . -28.87 12.36 16.26
C3 CLA LB . -28.24 13.02 15.28
C4 CLA LB . -26.87 12.73 14.78
C5 CLA LB . -28.95 14.19 14.68
C6 CLA LB . -29.75 13.78 13.47
C7 CLA LB . -30.53 15.00 13.02
C8 CLA LB . -30.81 15.07 11.51
C9 CLA LB . -32.06 15.85 11.18
C10 CLA LB . -30.94 13.67 11.04
C11 CLA LB . -31.57 13.41 9.70
C12 CLA LB . -32.73 12.42 9.82
C13 CLA LB . -32.32 11.02 10.26
C14 CLA LB . -31.82 10.15 9.11
C15 CLA LB . -33.48 10.30 10.92
C16 CLA LB . -33.63 10.75 12.36
C17 CLA LB . -35.09 10.90 12.76
C18 CLA LB . -35.57 9.87 13.77
C19 CLA LB . -36.66 10.48 14.65
C20 CLA LB . -36.06 8.59 13.09
HHB CLA LB . -26.58 10.51 22.66
HHC CLA LB . -29.95 15.13 25.68
HHD CLA LB . -35.19 11.41 25.66
H2A CLA LB . -29.32 6.54 21.76
H3A CLA LB . -27.57 8.74 20.89
HMA1 CLA LB . -26.05 8.01 22.58
HMA2 CLA LB . -26.91 6.53 22.01
HMA3 CLA LB . -27.37 7.29 23.58
HAA1 CLA LB . -30.68 7.07 19.85
HAA2 CLA LB . -28.95 7.23 19.39
HBA1 CLA LB . -30.02 9.82 20.29
HBA2 CLA LB . -31.06 9.11 18.97
HMB1 CLA LB . -25.34 14.06 23.14
HMB2 CLA LB . -25.55 12.41 22.40
HMB3 CLA LB . -24.94 12.56 24.11
HAB CLA LB . -27.02 15.36 25.96
HBB1 CLA LB . -27.15 16.04 22.94
HBB2 CLA LB . -26.60 17.16 24.32
HMC1 CLA LB . -33.04 15.85 27.59
HMC2 CLA LB . -32.72 16.37 25.89
HMC3 CLA LB . -31.34 15.95 26.97
HAC1 CLA LB . -35.00 14.52 27.43
HAC2 CLA LB . -35.52 12.87 26.92
HBC1 CLA LB . -36.81 14.15 25.46
HBC2 CLA LB . -35.31 13.98 24.44
HBC3 CLA LB . -35.60 15.50 25.39
HMD1 CLA LB . -36.63 8.01 24.18
HMD2 CLA LB . -36.79 9.73 23.61
HMD3 CLA LB . -36.51 9.38 25.36
HBD CLA LB . -32.50 7.11 20.81
HED1 CLA LB . -30.71 3.12 21.27
HED2 CLA LB . -32.13 3.09 22.50
HED3 CLA LB . -30.56 4.03 22.91
H11 CLA LB . -27.97 10.38 16.24
H12 CLA LB . -27.43 11.47 17.61
H2 CLA LB . -29.87 12.65 16.60
H41 CLA LB . -26.62 13.37 13.89
H42 CLA LB . -26.77 11.66 14.47
H43 CLA LB . -26.09 12.93 15.55
H51 CLA LB . -28.20 14.97 14.39
H52 CLA LB . -29.62 14.64 15.45
H61 CLA LB . -30.45 12.94 13.73
H62 CLA LB . -29.08 13.42 12.65
H71 CLA LB . -29.95 15.92 13.31
H72 CLA LB . -31.50 15.03 13.58
H8 CLA LB . -29.99 15.62 10.98
H91 CLA LB . -31.92 16.40 10.21
H92 CLA LB . -32.28 16.60 11.98
H93 CLA LB . -32.94 15.17 11.07
H101 CLA LB . -31.52 13.09 11.81
H102 CLA LB . -29.91 13.22 11.01
H111 CLA LB . -30.80 13.02 8.99
H112 CLA LB . -31.94 14.39 9.28
H121 CLA LB . -33.25 12.37 8.83
H122 CLA LB . -33.47 12.84 10.55
H13 CLA LB . -31.46 11.16 10.97
H141 CLA LB . -31.58 9.12 9.46
H142 CLA LB . -30.90 10.58 8.65
H143 CLA LB . -32.60 10.06 8.30
H151 CLA LB . -33.32 9.18 10.90
H152 CLA LB . -34.44 10.50 10.37
H161 CLA LB . -33.10 11.72 12.51
H162 CLA LB . -33.14 9.99 13.04
H171 CLA LB . -35.73 10.83 11.83
H172 CLA LB . -35.25 11.92 13.18
H18 CLA LB . -34.70 9.56 14.42
H191 CLA LB . -36.92 9.78 15.48
H192 CLA LB . -37.58 10.68 14.04
H193 CLA LB . -36.30 11.44 15.09
H201 CLA LB . -36.57 7.92 13.83
H202 CLA LB . -35.21 8.03 12.65
H203 CLA LB . -36.78 8.84 12.28
MG CLA MB . -8.99 5.17 15.38
CHA CLA MB . -8.09 1.88 14.83
CHB CLA MB . -8.01 4.83 18.61
CHC CLA MB . -8.96 8.53 15.66
CHD CLA MB . -9.23 5.57 11.86
NA CLA MB . -8.29 3.55 16.55
C1A CLA MB . -7.95 2.28 16.12
C2A CLA MB . -7.32 1.47 17.25
C3A CLA MB . -7.67 2.33 18.49
C4A CLA MB . -8.01 3.67 17.87
CMA CLA MB . -8.83 1.87 19.35
CAA CLA MB . -5.79 1.32 16.96
CBA CLA MB . -5.06 2.62 17.05
CGA CLA MB . -3.62 2.49 16.59
O1A CLA MB . -3.02 1.56 16.06
O2A CLA MB . -2.93 3.65 16.83
NB CLA MB . -8.63 6.40 16.84
C1B CLA MB . -8.28 6.11 18.11
C2B CLA MB . -8.15 7.37 18.91
C3B CLA MB . -8.41 8.39 18.06
C4B CLA MB . -8.72 7.80 16.75
CMB CLA MB . -7.74 7.44 20.30
CAB CLA MB . -8.36 9.82 18.27
CBB CLA MB . -8.51 10.41 19.44
NC CLA MB . -9.18 6.74 14.02
C1C CLA MB . -9.19 8.05 14.38
C2C CLA MB . -9.35 8.93 13.25
C3C CLA MB . -9.31 8.09 12.17
C4C CLA MB . -9.25 6.71 12.65
CMC CLA MB . -9.39 10.41 13.30
CAC CLA MB . -9.38 8.50 10.79
CBC CLA MB . -8.03 8.45 10.16
ND CLA MB . -8.83 4.01 13.68
C1D CLA MB . -9.02 4.30 12.31
C2D CLA MB . -8.84 3.05 11.54
C3D CLA MB . -8.51 2.08 12.46
C4D CLA MB . -8.50 2.74 13.78
CMD CLA MB . -8.93 2.93 10.09
CAD CLA MB . -8.10 0.72 12.66
OBD CLA MB . -7.88 -0.18 11.87
CBD CLA MB . -7.81 0.57 14.18
CGD CLA MB . -8.57 -0.53 14.77
O1D CLA MB . -8.11 -1.45 15.40
O2D CLA MB . -9.91 -0.43 14.53
CED CLA MB . -10.55 -1.67 14.29
C1 CLA MB . -1.80 3.96 16.01
C2 CLA MB . -1.26 5.25 16.47
C3 CLA MB . -0.05 5.73 16.11
C4 CLA MB . 0.84 4.99 15.18
C5 CLA MB . 0.46 7.03 16.62
C6 CLA MB . 0.52 7.99 15.44
C7 CLA MB . 0.81 9.42 15.86
C8 CLA MB . 1.89 10.02 14.99
C9 CLA MB . 3.21 9.35 15.33
C10 CLA MB . 1.97 11.52 15.20
C11 CLA MB . 2.66 12.29 14.08
C12 CLA MB . 3.77 13.18 14.62
C13 CLA MB . 4.01 14.45 13.81
C14 CLA MB . 4.44 14.13 12.39
C15 CLA MB . 5.00 15.32 14.57
C16 CLA MB . 5.52 16.56 13.85
C17 CLA MB . 5.41 17.85 14.67
C18 CLA MB . 6.46 18.93 14.39
C19 CLA MB . 6.99 18.88 12.97
C20 CLA MB . 5.95 20.34 14.68
HHB CLA MB . -7.78 4.76 19.69
HHC CLA MB . -8.99 9.62 15.76
HHD CLA MB . -9.39 5.70 10.77
H2A CLA MB . -7.77 0.45 17.37
H3A CLA MB . -6.76 2.37 19.15
HMA1 CLA MB . -8.92 2.48 20.28
HMA2 CLA MB . -8.70 0.81 19.65
HMA3 CLA MB . -9.79 1.95 18.78
HAA1 CLA MB . -5.65 0.88 15.93
HAA2 CLA MB . -5.35 0.59 17.68
HBA1 CLA MB . -5.07 2.99 18.11
HBA2 CLA MB . -5.56 3.40 16.42
HMB1 CLA MB . -6.90 8.16 20.42
HMB2 CLA MB . -7.40 6.43 20.65
HMB3 CLA MB . -8.59 7.78 20.94
HAB CLA MB . -8.19 10.41 17.35
HBB1 CLA MB . -8.69 9.83 20.35
HBB2 CLA MB . -8.46 11.50 19.56
HMC1 CLA MB . -9.81 10.83 12.34
HMC2 CLA MB . -8.36 10.83 13.43
HMC3 CLA MB . -10.02 10.76 14.15
HAC1 CLA MB . -9.79 9.55 10.72
HAC2 CLA MB . -10.08 7.84 10.22
HBC1 CLA MB . -8.12 8.60 9.05
HBC2 CLA MB . -7.54 7.48 10.36
HBC3 CLA MB . -7.38 9.27 10.57
HMD1 CLA MB . -9.39 1.95 9.80
HMD2 CLA MB . -7.92 3.00 9.63
HMD3 CLA MB . -9.57 3.75 9.67
HBD CLA MB . -6.71 0.31 14.28
HED1 CLA MB . -11.58 -1.38 13.97
HED2 CLA MB . -10.52 -2.19 15.28
HED3 CLA MB . -9.94 -2.15 13.49
H11 CLA MB . -2.13 4.02 14.94
H12 CLA MB . -1.03 3.13 16.10
H2 CLA MB . -1.92 5.81 17.16
H41 CLA MB . 1.90 5.31 15.30
H42 CLA MB . 0.56 5.17 14.12
H43 CLA MB . 0.80 3.89 15.35
H51 CLA MB . 1.49 6.89 17.06
H52 CLA MB . -0.20 7.42 17.42
H61 CLA MB . -0.47 7.95 14.90
H62 CLA MB . 1.31 7.65 14.72
H71 CLA MB . 1.12 9.42 16.94
H72 CLA MB . -0.14 10.02 15.79
H8 CLA MB . 1.67 9.85 13.90
H91 CLA MB . 3.99 10.12 15.56
H92 CLA MB . 3.56 8.73 14.49
H93 CLA MB . 3.09 8.70 16.24
H101 CLA MB . 2.51 11.73 16.16
H102 CLA MB . 0.93 11.93 15.32
H111 CLA MB . 1.89 12.91 13.55
H112 CLA MB . 3.07 11.56 13.34
H121 CLA MB . 4.72 12.57 14.65
H122 CLA MB . 3.53 13.45 15.68
H13 CLA MB . 3.05 15.04 13.68
H141 CLA MB . 4.16 14.96 11.69
H142 CLA MB . 3.93 13.20 12.03
H143 CLA MB . 5.54 13.97 12.34
H151 CLA MB . 5.89 14.70 14.85
H152 CLA MB . 4.52 15.67 15.52
H161 CLA MB . 4.96 16.69 12.89
H162 CLA MB . 6.60 16.39 13.57
H171 CLA MB . 5.46 17.58 15.75
H172 CLA MB . 4.40 18.30 14.48
H18 CLA MB . 7.30 18.71 15.10
H191 CLA MB . 7.49 19.84 12.71
H192 CLA MB . 6.16 18.71 12.25
H193 CLA MB . 7.73 18.05 12.86
H201 CLA MB . 6.79 21.07 14.64
H202 CLA MB . 5.49 20.39 15.68
H203 CLA MB . 5.19 20.63 13.92
MG CLA NB . -4.47 31.12 31.42
CHA CLA NB . -6.25 34.01 30.79
CHB CLA NB . -1.61 32.93 31.31
CHC CLA NB . -2.73 28.44 32.87
CHD CLA NB . -7.44 29.62 32.40
NA CLA NB . -4.00 33.13 30.98
C1A CLA NB . -4.88 34.20 30.80
C2A CLA NB . -4.13 35.49 30.49
C3A CLA NB . -2.69 34.97 30.27
C4A CLA NB . -2.72 33.58 30.88
CMA CLA NB . -2.40 34.90 28.79
CAA CLA NB . -4.26 36.56 31.58
CBA CLA NB . -3.65 36.18 32.89
CGA CLA NB . -4.62 35.30 33.62
O1A CLA NB . -5.85 35.25 33.48
O2A CLA NB . -3.99 34.51 34.53
NB CLA NB . -2.55 30.74 31.94
C1B CLA NB . -1.55 31.63 31.83
C2B CLA NB . -0.26 30.93 32.20
C3B CLA NB . -0.58 29.69 32.62
C4B CLA NB . -2.04 29.54 32.47
CMB CLA NB . 1.04 31.60 32.16
CAB CLA NB . 0.26 28.64 33.16
CBB CLA NB . 1.54 28.54 32.83
NC CLA NB . -4.97 29.40 32.54
C1C CLA NB . -4.14 28.39 32.96
C2C CLA NB . -4.90 27.25 33.44
C3C CLA NB . -6.24 27.61 33.34
C4C CLA NB . -6.26 28.95 32.74
CMC CLA NB . -4.35 26.01 33.99
CAC CLA NB . -7.42 26.83 33.73
CBC CLA NB . -7.76 25.75 32.77
ND CLA NB . -6.39 31.68 31.68
C1D CLA NB . -7.53 30.87 31.88
C2D CLA NB . -8.76 31.58 31.48
C3D CLA NB . -8.32 32.82 31.06
C4D CLA NB . -6.84 32.83 31.22
CMD CLA NB . -10.12 31.02 31.49
CAD CLA NB . -8.69 34.12 30.52
OBD CLA NB . -9.76 34.61 30.26
CBD CLA NB . -7.35 34.89 30.32
CGD CLA NB . -7.20 35.32 28.92
O1D CLA NB . -6.90 34.62 27.98
O2D CLA NB . -7.44 36.64 28.70
CED CLA NB . -7.36 37.00 27.34
C1 CLA NB . -4.65 33.33 35.06
C2 CLA NB . -3.96 33.09 36.33
C3 CLA NB . -3.40 31.93 36.72
C4 CLA NB . -3.42 30.74 35.88
C5 CLA NB . -2.72 31.79 38.03
C6 CLA NB . -3.66 31.14 39.03
C7 CLA NB . -3.01 30.82 40.35
C8 CLA NB . -3.78 29.66 40.99
C9 CLA NB . -5.25 30.02 40.99
C10 CLA NB . -3.34 29.26 42.39
C11 CLA NB . -4.04 27.98 42.85
C12 CLA NB . -3.41 27.32 44.07
C13 CLA NB . -4.03 25.95 44.37
C14 CLA NB . -5.49 26.10 44.79
C15 CLA NB . -3.27 25.26 45.48
C16 CLA NB . -3.81 23.88 45.84
C17 CLA NB . -3.67 22.92 44.69
C18 CLA NB . -3.53 21.52 45.18
C19 CLA NB . -4.83 21.05 45.79
C20 CLA NB . -3.12 20.66 44.02
HHB CLA NB . -0.65 33.47 31.24
HHC CLA NB . -2.19 27.53 33.15
HHD CLA NB . -8.39 29.07 32.56
H2A CLA NB . -4.57 35.94 29.56
H3A CLA NB . -1.92 35.59 30.82
HMA1 CLA NB . -1.35 34.54 28.61
HMA2 CLA NB . -2.50 35.91 28.31
HMA3 CLA NB . -3.09 34.20 28.27
HAA1 CLA NB . -5.34 36.79 31.74
HAA2 CLA NB . -3.77 37.51 31.21
HBA1 CLA NB . -3.43 37.10 33.50
HBA2 CLA NB . -2.69 35.63 32.73
HMB1 CLA NB . 1.70 31.20 32.97
HMB2 CLA NB . 0.93 32.70 32.28
HMB3 CLA NB . 1.55 31.40 31.17
HAB CLA NB . -0.23 27.94 33.87
HBB1 CLA NB . 2.01 29.22 32.11
HBB2 CLA NB . 2.21 27.76 33.23
HMC1 CLA NB . -5.11 25.20 33.98
HMC2 CLA NB . -4.03 26.17 35.06
HMC3 CLA NB . -3.46 25.68 33.41
HAC1 CLA NB . -8.31 27.52 33.83
HAC2 CLA NB . -7.25 26.38 34.75
HBC1 CLA NB . -8.69 25.22 33.09
HBC2 CLA NB . -6.92 25.00 32.72
HBC3 CLA NB . -7.92 26.17 31.74
HMD1 CLA NB . -10.77 31.53 30.74
HMD2 CLA NB . -10.59 31.15 32.50
HMD3 CLA NB . -10.10 29.93 31.24
HBD CLA NB . -7.36 35.84 30.95
HED1 CLA NB . -7.56 38.10 27.35
HED2 CLA NB . -8.15 36.38 26.85
HED3 CLA NB . -6.31 36.73 27.05
H11 CLA NB . -4.54 32.48 34.33
H12 CLA NB . -5.75 33.55 35.19
H2 CLA NB . -3.93 33.97 37.01
H41 CLA NB . -3.20 29.82 36.47
H42 CLA NB . -2.67 30.79 35.05
H43 CLA NB . -4.43 30.59 35.41
H51 CLA NB . -2.41 32.80 38.41
H52 CLA NB . -1.80 31.17 37.92
H61 CLA NB . -4.08 30.19 38.59
H62 CLA NB . -4.54 31.81 39.22
H71 CLA NB . -3.00 31.72 41.02
H72 CLA NB . -1.93 30.53 40.18
H8 CLA NB . -3.56 28.75 40.37
H91 CLA NB . -5.82 29.31 41.64
H92 CLA NB . -5.66 29.96 39.96
H93 CLA NB . -5.40 31.06 41.38
H101 CLA NB . -3.57 30.09 43.11
H102 CLA NB . -2.23 29.11 42.41
H111 CLA NB . -4.04 27.25 42.00
H112 CLA NB . -5.10 28.22 43.08
H121 CLA NB . -3.53 28.00 44.95
H122 CLA NB . -2.31 27.20 43.89
H13 CLA NB . -4.00 25.33 43.43
H141 CLA NB . -5.99 25.10 44.82
H142 CLA NB . -6.04 26.75 44.07
H143 CLA NB . -5.56 26.55 45.81
H151 CLA NB . -3.30 25.89 46.40
H152 CLA NB . -2.20 25.16 45.20
H161 CLA NB . -4.89 23.96 46.14
H162 CLA NB . -3.24 23.48 46.72
H171 CLA NB . -2.77 23.19 44.07
H172 CLA NB . -4.56 23.00 44.01
H18 CLA NB . -2.76 21.43 46.00
H191 CLA NB . -4.78 19.95 46.01
H192 CLA NB . -5.68 21.23 45.09
H193 CLA NB . -5.04 21.59 46.75
H201 CLA NB . -3.00 19.59 44.32
H202 CLA NB . -2.15 21.02 43.59
H203 CLA NB . -3.89 20.70 43.20
MG CLA OB . -20.24 34.03 34.98
CHA CLA OB . -18.86 37.19 34.97
CHB CLA OB . -18.11 33.19 32.40
CHC CLA OB . -20.94 30.71 35.43
CHD CLA OB . -21.82 34.74 37.99
NA CLA OB . -18.68 35.05 33.86
C1A CLA OB . -18.34 36.40 33.98
C2A CLA OB . -17.38 36.85 32.88
C3A CLA OB . -17.32 35.58 31.99
C4A CLA OB . -18.07 34.53 32.80
CMA CLA OB . -18.03 35.76 30.66
CAA CLA OB . -16.04 37.30 33.46
CBA CLA OB . -15.29 36.20 34.19
CGA CLA OB . -14.00 36.74 34.71
O1A CLA OB . -13.66 37.91 34.80
O2A CLA OB . -13.16 35.76 35.12
NB CLA OB . -19.77 32.33 34.00
C1B CLA OB . -18.79 32.19 33.08
C2B CLA OB . -18.55 30.75 32.77
C3B CLA OB . -19.36 30.03 33.62
C4B CLA OB . -20.12 31.03 34.43
CMB CLA OB . -17.51 30.32 31.84
CAB CLA OB . -19.44 28.62 33.81
CBB CLA OB . -19.41 27.75 32.82
NC CLA OB . -21.11 32.94 36.45
C1C CLA OB . -21.40 31.61 36.41
C2C CLA OB . -22.25 31.22 37.52
C3C CLA OB . -22.50 32.37 38.22
C4C CLA OB . -21.82 33.44 37.53
CMC CLA OB . -22.69 29.89 37.88
CAC CLA OB . -23.31 32.47 39.44
CBC CLA OB . -24.75 32.72 39.08
ND CLA OB . -20.14 35.46 36.38
C1D CLA OB . -21.02 35.70 37.48
C2D CLA OB . -20.91 37.10 37.90
C3D CLA OB . -20.15 37.73 36.95
C4D CLA OB . -19.72 36.68 36.01
CMD CLA OB . -21.54 37.64 39.08
CAD CLA OB . -19.51 38.96 36.54
OBD CLA OB . -19.44 40.05 37.08
CBD CLA OB . -18.83 38.67 35.19
CGD CLA OB . -19.53 39.43 34.11
O1D CLA OB . -18.99 40.15 33.30
O2D CLA OB . -20.91 39.29 34.10
CED CLA OB . -21.68 39.88 33.07
C1 CLA OB . -11.85 36.03 35.64
C2 CLA OB . -11.02 34.78 35.60
C3 CLA OB . -9.92 34.60 34.80
C4 CLA OB . -9.42 35.59 33.81
C5 CLA OB . -9.07 33.37 34.79
C6 CLA OB . -9.23 32.44 35.97
C7 CLA OB . -7.94 31.69 36.08
C8 CLA OB . -7.98 30.46 36.99
C9 CLA OB . -8.04 30.87 38.47
C10 CLA OB . -6.75 29.59 36.69
C11 CLA OB . -6.72 28.29 37.48
C12 CLA OB . -5.42 27.52 37.29
C13 CLA OB . -5.17 26.57 38.47
C14 CLA OB . -3.98 25.67 38.20
C15 CLA OB . -6.39 25.72 38.75
C16 CLA OB . -6.12 24.64 39.76
C17 CLA OB . -7.44 24.18 40.33
C18 CLA OB . -7.32 23.13 41.42
C19 CLA OB . -6.76 23.71 42.68
C20 CLA OB . -8.70 22.57 41.74
HHB CLA OB . -17.56 32.91 31.48
HHC CLA OB . -21.31 29.67 35.51
HHD CLA OB . -22.50 35.02 38.82
H2A CLA OB . -17.78 37.73 32.30
H3A CLA OB . -16.25 35.29 31.84
HMA1 CLA OB . -18.19 34.79 30.15
HMA2 CLA OB . -17.44 36.42 29.97
HMA3 CLA OB . -19.03 36.24 30.81
HAA1 CLA OB . -16.21 38.15 34.17
HAA2 CLA OB . -15.39 37.69 32.63
HBA1 CLA OB . -15.08 35.34 33.49
HBA2 CLA OB . -15.91 35.81 35.05
HMB1 CLA OB . -17.32 29.22 31.93
HMB2 CLA OB . -16.55 30.88 32.05
HMB3 CLA OB . -17.81 30.55 30.78
HAB CLA OB . -19.54 28.30 34.87
HBB1 CLA OB . -19.32 28.06 31.77
HBB2 CLA OB . -19.47 26.66 32.98
HMC1 CLA OB . -23.48 29.94 38.68
HMC2 CLA OB . -21.83 29.29 38.29
HMC3 CLA OB . -23.11 29.34 37.00
HAC1 CLA OB . -22.94 33.30 40.10
HAC2 CLA OB . -23.24 31.52 40.05
HBC1 CLA OB . -25.42 32.45 39.94
HBC2 CLA OB . -25.04 32.10 38.20
HBC3 CLA OB . -24.91 33.79 38.84
HMD1 CLA OB . -21.55 38.75 39.05
HMD2 CLA OB . -20.98 37.32 40.01
HMD3 CLA OB . -22.59 37.27 39.18
HBD CLA OB . -17.75 39.01 35.24
HED1 CLA OB . -22.36 40.59 33.62
HED2 CLA OB . -22.21 39.01 32.61
HED3 CLA OB . -20.93 40.38 32.42
H11 CLA OB . -11.96 36.42 36.69
H12 CLA OB . -11.39 36.85 35.00
H2 CLA OB . -11.35 33.99 36.29
H41 CLA OB . -8.48 35.24 33.33
H42 CLA OB . -9.20 36.57 34.29
H43 CLA OB . -10.16 35.76 33.00
H51 CLA OB . -7.99 33.69 34.72
H52 CLA OB . -9.30 32.80 33.85
H61 CLA OB . -10.09 31.74 35.81
H62 CLA OB . -9.44 33.01 36.91
H71 CLA OB . -7.14 32.39 36.45
H72 CLA OB . -7.63 31.37 35.04
H8 CLA OB . -8.91 29.86 36.80
H91 CLA OB . -8.33 30.00 39.10
H92 CLA OB . -8.80 31.68 38.61
H93 CLA OB . -7.04 31.25 38.80
H101 CLA OB . -5.83 30.18 36.91
H102 CLA OB . -6.74 29.35 35.59
H111 CLA OB . -7.58 27.65 37.15
H112 CLA OB . -6.86 28.52 38.56
H121 CLA OB . -4.57 28.25 37.19
H122 CLA OB . -5.47 26.94 36.34
H13 CLA OB . -4.93 27.21 39.37
H141 CLA OB . -3.49 25.38 39.16
H142 CLA OB . -3.23 26.19 37.56
H143 CLA OB . -4.30 24.74 37.68
H151 CLA OB . -6.76 25.23 37.80
H152 CLA OB . -7.23 26.36 39.13
H161 CLA OB . -5.46 25.03 40.58
H162 CLA OB . -5.58 23.77 39.29
H171 CLA OB . -8.08 23.77 39.51
H172 CLA OB . -7.98 25.06 40.76
H18 CLA OB . -6.63 22.31 41.04
H191 CLA OB . -6.74 22.94 43.49
H192 CLA OB . -7.39 24.57 43.02
H193 CLA OB . -5.72 24.07 42.51
H201 CLA OB . -8.63 21.79 42.55
H202 CLA OB . -9.15 22.09 40.83
H203 CLA OB . -9.38 23.38 42.09
MG CLA PB . -16.18 31.91 27.36
CHA CLA PB . -18.07 29.73 25.49
CHB CLA PB . -15.27 29.16 29.42
CHC CLA PB . -14.71 33.97 29.61
CHD CLA PB . -17.65 34.61 25.73
NA CLA PB . -16.63 29.85 27.44
C1A CLA PB . -17.32 29.14 26.45
C2A CLA PB . -17.16 27.61 26.66
C3A CLA PB . -16.50 27.54 28.04
C4A CLA PB . -16.07 28.95 28.33
CMA CLA PB . -17.51 27.13 29.08
CAA CLA PB . -16.22 26.97 25.63
CBA CLA PB . -16.33 25.46 25.55
CGA CLA PB . -17.43 25.06 24.64
O1A CLA PB . -18.08 25.69 23.81
O2A CLA PB . -17.77 23.77 24.75
NB CLA PB . -15.13 31.59 29.16
C1B CLA PB . -14.86 30.45 29.83
C2B CLA PB . -14.10 30.75 31.08
C3B CLA PB . -13.96 32.09 31.14
C4B CLA PB . -14.61 32.66 29.91
CMB CLA PB . -13.64 29.80 32.08
CAB CLA PB . -13.37 32.83 32.22
CBB CLA PB . -12.50 33.82 32.13
NC CLA PB . -16.13 33.86 27.58
C1C CLA PB . -15.40 34.53 28.51
C2C CLA PB . -15.53 35.97 28.31
C3C CLA PB . -16.38 36.16 27.26
C4C CLA PB . -16.78 34.84 26.79
CMC CLA PB . -14.88 37.01 29.12
CAC CLA PB . -16.88 37.45 26.75
CBC CLA PB . -16.53 37.71 25.34
ND CLA PB . -17.45 32.21 25.89
C1D CLA PB . -17.98 33.36 25.29
C2D CLA PB . -18.96 32.96 24.25
C3D CLA PB . -19.04 31.58 24.29
C4D CLA PB . -18.11 31.17 25.35
CMD CLA PB . -19.66 33.90 23.37
CAD CLA PB . -19.67 30.38 23.75
OBD CLA PB . -20.55 30.30 22.89
CBD CLA PB . -19.08 29.15 24.50
CGD CLA PB . -20.19 28.39 25.12
O1D CLA PB . -20.59 27.24 24.96
O2D CLA PB . -20.84 29.09 26.06
CED CLA PB . -21.64 28.26 26.88
C1 CLA PB . -18.68 23.37 23.69
C2 CLA PB . -20.05 23.58 24.23
C3 CLA PB . -20.94 22.60 24.27
C4 CLA PB . -20.60 21.25 23.78
C5 CLA PB . -22.33 22.79 24.83
C6 CLA PB . -23.46 22.73 23.83
C7 CLA PB . -23.36 23.78 22.75
C8 CLA PB . -23.66 25.20 23.22
C9 CLA PB . -25.04 25.34 23.86
C10 CLA PB . -23.53 26.16 22.06
C11 CLA PB . -22.10 26.16 21.53
C12 CLA PB . -21.62 27.50 21.08
C13 CLA PB . -20.31 27.48 20.25
C14 CLA PB . -19.11 26.99 21.03
C15 CLA PB . -20.13 28.89 19.67
C16 CLA PB . -18.70 29.24 19.41
C17 CLA PB . -18.54 30.42 18.47
C18 CLA PB . -18.68 31.83 19.06
C19 CLA PB . -18.22 31.99 20.48
C20 CLA PB . -17.86 32.77 18.19
HHB CLA PB . -14.93 28.30 30.02
HHC CLA PB . -14.21 34.70 30.28
HHD CLA PB . -18.11 35.49 25.23
H2A CLA PB . -18.18 27.16 26.59
H3A CLA PB . -15.61 26.87 28.02
HMA1 CLA PB . -17.07 27.14 30.11
HMA2 CLA PB . -17.89 26.10 28.88
HMA3 CLA PB . -18.39 27.83 29.08
HAA1 CLA PB . -15.16 27.24 25.91
HAA2 CLA PB . -16.42 27.41 24.62
HBA1 CLA PB . -16.53 25.04 26.58
HBA2 CLA PB . -15.36 25.03 25.18
HMB1 CLA PB . -13.44 30.32 33.04
HMB2 CLA PB . -12.69 29.31 31.73
HMB3 CLA PB . -14.40 29.00 32.25
HAB CLA PB . -13.71 32.50 33.22
HBB1 CLA PB . -12.14 34.17 31.16
HBB2 CLA PB . -12.09 34.33 33.01
HMC1 CLA PB . -14.79 37.96 28.54
HMC2 CLA PB . -13.86 36.69 29.42
HMC3 CLA PB . -15.49 37.21 30.04
HAC1 CLA PB . -16.48 38.28 27.38
HAC2 CLA PB . -18.00 37.48 26.84
HBC1 CLA PB . -16.91 38.71 25.03
HBC2 CLA PB . -16.97 36.93 24.68
HBC3 CLA PB . -15.41 37.70 25.22
HMD1 CLA PB . -20.57 33.43 22.93
HMD2 CLA PB . -18.99 34.23 22.54
HMD3 CLA PB . -19.98 34.81 23.95
HBD CLA PB . -18.53 28.46 23.78
HED1 CLA PB . -22.15 28.98 27.57
HED2 CLA PB . -20.92 27.58 27.38
HED3 CLA PB . -22.33 27.75 26.15
H11 CLA PB . -18.48 22.30 23.43
H12 CLA PB . -18.48 24.01 22.78
H2 CLA PB . -20.27 24.59 24.59
H41 CLA PB . -21.49 20.57 23.82
H42 CLA PB . -19.80 20.78 24.40
H43 CLA PB . -20.25 21.29 22.71
H51 CLA PB . -22.35 23.81 25.34
H52 CLA PB . -22.49 22.02 25.63
H61 CLA PB . -24.44 22.84 24.37
H62 CLA PB . -23.47 21.72 23.35
H71 CLA PB . -24.06 23.51 21.92
H72 CLA PB . -22.32 23.76 22.32
H8 CLA PB . -22.91 25.45 24.02
H91 CLA PB . -25.33 26.41 23.94
H92 CLA PB . -25.04 24.88 24.88
H93 CLA PB . -25.81 24.81 23.24
H101 CLA PB . -23.81 27.20 22.38
H102 CLA PB . -24.24 25.87 21.23
H111 CLA PB . -22.02 25.42 20.69
H112 CLA PB . -21.43 25.77 22.35
H121 CLA PB . -21.48 28.16 21.98
H122 CLA PB . -22.43 27.98 20.46
H13 CLA PB . -20.38 26.71 19.43
H141 CLA PB . -18.27 26.74 20.33
H142 CLA PB . -19.35 26.08 21.62
H143 CLA PB . -18.75 27.78 21.74
H151 CLA PB . -20.56 29.66 20.39
H152 CLA PB . -20.71 28.99 18.72
H161 CLA PB . -18.19 28.34 18.96
H162 CLA PB . -18.19 29.45 20.38
H171 CLA PB . -19.30 30.33 17.66
H172 CLA PB . -17.53 30.36 17.99
H18 CLA PB . -19.78 32.08 19.07
H191 CLA PB . -18.12 33.08 20.74
H192 CLA PB . -17.21 31.50 20.62
H193 CLA PB . -18.94 31.53 21.19
H201 CLA PB . -17.77 33.78 18.65
H202 CLA PB . -18.33 32.89 17.17
H203 CLA PB . -16.83 32.36 18.05
MG CLA QB . -4.73 28.91 16.85
CHA CLA QB . -3.12 31.03 14.56
CHB CLA QB . -7.70 29.65 15.22
CHC CLA QB . -6.19 26.27 18.35
CHD CLA QB . -1.56 27.70 17.76
NA CLA QB . -5.29 30.16 15.23
C1A CLA QB . -4.47 30.98 14.43
C2A CLA QB . -5.22 31.80 13.41
C3A CLA QB . -6.70 31.48 13.77
C4A CLA QB . -6.58 30.36 14.81
CMA CLA QB . -7.40 32.68 14.34
CAA CLA QB . -4.79 31.42 11.99
CBA CLA QB . -4.70 29.90 11.84
CGA CLA QB . -4.61 29.52 10.39
O1A CLA QB . -4.81 30.19 9.41
O2A CLA QB . -4.25 28.21 10.21
NB CLA QB . -6.61 28.14 16.83
C1B CLA QB . -7.70 28.61 16.17
C2B CLA QB . -8.91 27.87 16.64
C3B CLA QB . -8.48 26.93 17.54
C4B CLA QB . -7.00 27.06 17.62
CMB CLA QB . -10.25 28.13 16.12
CAB CLA QB . -9.17 25.89 18.25
CBB CLA QB . -10.43 26.00 18.61
NC CLA QB . -4.03 27.40 17.91
C1C CLA QB . -4.81 26.44 18.51
C2C CLA QB . -4.01 25.45 19.24
C3C CLA QB . -2.69 25.82 18.97
C4C CLA QB . -2.71 27.03 18.17
CMC CLA QB . -4.50 24.28 19.98
CAC CLA QB . -1.46 25.16 19.44
CBC CLA QB . -0.81 24.38 18.34
ND CLA QB . -2.75 29.24 16.34
C1D CLA QB . -1.56 28.74 16.89
C2D CLA QB . -0.43 29.54 16.35
C3D CLA QB . -0.99 30.45 15.46
C4D CLA QB . -2.42 30.19 15.48
CMD CLA QB . 0.98 29.40 16.67
CAD CLA QB . -0.74 31.54 14.56
OBD CLA QB . 0.26 32.18 14.31
CBD CLA QB . -2.09 31.92 13.91
CGD CLA QB . -2.27 33.34 14.25
O1D CLA QB . -2.38 33.78 15.37
O2D CLA QB . -2.26 34.23 13.27
CED CLA QB . -2.69 35.51 13.71
C1 CLA QB . -3.56 27.92 8.97
C2 CLA QB . -3.14 26.50 9.06
C3 CLA QB . -2.85 25.78 7.98
C4 CLA QB . -2.93 26.37 6.63
C5 CLA QB . -2.43 24.34 8.01
C6 CLA QB . -2.15 23.74 9.38
C7 CLA QB . -1.99 22.25 9.22
C8 CLA QB . -1.66 21.60 10.56
C9 CLA QB . -0.29 21.92 11.06
C10 CLA QB . -1.80 20.09 10.48
C11 CLA QB . -3.25 19.74 10.27
C12 CLA QB . -3.78 18.84 11.36
C13 CLA QB . -5.06 18.15 10.87
C14 CLA QB . -5.91 19.07 10.04
C15 CLA QB . -5.93 17.63 12.02
C16 CLA QB . -6.53 18.73 12.83
C17 CLA QB . -6.11 18.57 14.27
C18 CLA QB . -7.04 17.85 15.21
C19 CLA QB . -8.48 17.88 14.82
C20 CLA QB . -6.94 18.67 16.48
HHB CLA QB . -8.67 29.91 14.79
HHC CLA QB . -6.63 25.41 18.88
HHD CLA QB . -0.60 27.35 18.17
H2A CLA QB . -5.03 32.90 13.53
H3A CLA QB . -7.26 31.08 12.88
HMA1 CLA QB . -8.38 32.40 14.80
HMA2 CLA QB . -7.60 33.44 13.54
HMA3 CLA QB . -6.78 33.17 15.14
HAA1 CLA QB . -3.80 31.89 11.77
HAA2 CLA QB . -5.53 31.83 11.26
HBA1 CLA QB . -5.59 29.41 12.28
HBA2 CLA QB . -3.78 29.52 12.36
HMB1 CLA QB . -10.88 27.20 16.18
HMB2 CLA QB . -10.19 28.46 15.04
HMB3 CLA QB . -10.76 28.93 16.71
HAB CLA QB . -8.58 24.99 18.48
HBB1 CLA QB . -11.01 26.90 18.39
HBB2 CLA QB . -10.97 25.21 19.15
HMC1 CLA QB . -3.66 23.65 20.35
HMC2 CLA QB . -5.16 23.65 19.33
HMC3 CLA QB . -5.11 24.61 20.87
HAC1 CLA QB . -1.70 24.47 20.29
HAC2 CLA QB . -0.74 25.92 19.83
HBC1 CLA QB . 0.10 23.86 18.74
HBC2 CLA QB . -0.51 25.05 17.52
HBC3 CLA QB . -1.51 23.62 17.94
HMD1 CLA QB . 1.61 29.80 15.84
HMD2 CLA QB . 1.25 28.33 16.83
HMD3 CLA QB . 1.22 29.97 17.61
HBD CLA QB . -2.13 31.75 12.80
HED1 CLA QB . -2.74 36.12 12.78
HED2 CLA QB . -1.89 35.82 14.43
HED3 CLA QB . -3.69 35.32 14.18
H11 CLA QB . -2.68 28.62 8.88
H12 CLA QB . -4.26 28.10 8.11
H2 CLA QB . -3.09 26.07 10.08
H41 CLA QB . -2.46 25.69 5.87
H42 CLA QB . -2.42 27.35 6.58
H43 CLA QB . -3.99 26.53 6.33
H51 CLA QB . -1.51 24.25 7.38
H52 CLA QB . -3.24 23.74 7.51
H61 CLA QB . -3.01 23.96 10.08
H62 CLA QB . -1.23 24.20 9.82
H71 CLA QB . -1.16 22.04 8.49
H72 CLA QB . -2.92 21.81 8.79
H8 CLA QB . -2.42 22.01 11.29
H91 CLA QB . -0.09 21.38 12.03
H92 CLA QB . -0.19 23.02 11.24
H93 CLA QB . 0.48 21.61 10.32
H101 CLA QB . -1.42 19.62 11.42
H102 CLA QB . -1.18 19.69 9.64
H111 CLA QB . -3.35 19.24 9.27
H112 CLA QB . -3.84 20.69 10.24
H121 CLA QB . -3.98 19.44 12.27
H122 CLA QB . -3.01 18.07 11.62
H13 CLA QB . -4.71 17.27 10.25
H141 CLA QB . -6.98 18.76 10.08
H142 CLA QB . -5.57 19.05 8.97
H143 CLA QB . -5.82 20.12 10.41
H151 CLA QB . -5.32 16.99 12.71
H152 CLA QB . -6.76 16.99 11.62
H161 CLA QB . -7.65 18.72 12.74
H162 CLA QB . -6.19 19.73 12.44
H171 CLA QB . -5.93 19.58 14.69
H172 CLA QB . -5.13 18.02 14.28
H18 CLA QB . -6.73 16.77 15.28
H191 CLA QB . -9.12 17.53 15.66
H192 CLA QB . -8.65 17.24 13.94
H193 CLA QB . -8.78 18.93 14.56
H201 CLA QB . -7.54 18.21 17.30
H202 CLA QB . -7.31 19.71 16.31
H203 CLA QB . -5.87 18.75 16.83
MG CLA RB . -13.55 28.92 15.43
CHA CLA RB . -14.49 27.62 18.43
CHB CLA RB . -13.36 25.68 14.17
CHC CLA RB . -11.76 30.01 12.74
CHD CLA RB . -13.03 32.04 16.98
NA CLA RB . -13.78 26.96 16.23
C1A CLA RB . -14.35 26.69 17.46
C2A CLA RB . -14.80 25.24 17.55
C3A CLA RB . -14.24 24.62 16.26
C4A CLA RB . -13.77 25.84 15.48
CMA CLA RB . -13.09 23.65 16.52
CAA CLA RB . -16.32 25.10 17.58
CBA CLA RB . -17.00 25.61 16.34
CGA CLA RB . -18.49 25.66 16.60
O1A CLA RB . -19.17 26.51 17.13
O2A CLA RB . -19.13 24.55 16.17
NB CLA RB . -12.70 27.97 13.73
C1B CLA RB . -12.86 26.69 13.35
C2B CLA RB . -12.45 26.53 11.92
C3B CLA RB . -11.97 27.78 11.52
C4B CLA RB . -12.13 28.71 12.68
CMB CLA RB . -12.53 25.25 11.21
CAB CLA RB . -11.34 28.25 10.30
CBB CLA RB . -11.09 27.51 9.22
NC CLA RB . -12.58 30.70 14.97
C1C CLA RB . -11.95 30.95 13.79
C2C CLA RB . -11.50 32.34 13.74
C3C CLA RB . -11.84 32.92 14.94
C4C CLA RB . -12.52 31.87 15.70
CMC CLA RB . -10.81 32.97 12.62
CAC CLA RB . -11.61 34.32 15.36
CBC CLA RB . -10.58 34.48 16.46
ND CLA RB . -13.61 29.68 17.31
C1D CLA RB . -13.54 31.02 17.75
C2D CLA RB . -14.06 31.12 19.12
C3D CLA RB . -14.39 29.82 19.46
C4D CLA RB . -14.11 28.97 18.27
CMD CLA RB . -14.17 32.34 19.92
CAD CLA RB . -14.94 28.97 20.47
OBD CLA RB . -15.22 29.26 21.61
CBD CLA RB . -15.06 27.55 19.82
CGD CLA RB . -14.35 26.52 20.61
O1D CLA RB . -14.78 25.45 21.03
O2D CLA RB . -13.07 26.91 20.90
CED CLA RB . -12.41 25.92 21.69
C1 CLA RB . -20.41 24.24 16.73
C2 CLA RB . -20.14 23.77 18.11
C3 CLA RB . -20.37 22.52 18.51
C4 CLA RB . -20.95 21.48 17.62
C5 CLA RB . -20.10 22.15 19.93
C6 CLA RB . -19.10 20.99 20.01
C7 CLA RB . -17.80 21.42 19.39
C8 CLA RB . -16.71 20.37 19.37
C9 CLA RB . -15.46 21.09 18.94
C10 CLA RB . -16.97 19.26 18.38
C11 CLA RB . -16.31 17.94 18.70
C12 CLA RB . -16.80 17.29 19.98
C13 CLA RB . -15.55 16.91 20.77
C14 CLA RB . -14.91 15.70 20.11
C15 CLA RB . -15.80 16.63 22.23
C16 CLA RB . -16.29 17.88 22.90
C17 CLA RB . -15.40 18.28 24.01
C18 CLA RB . -15.49 19.76 24.23
C19 CLA RB . -16.94 20.13 24.38
C20 CLA RB . -14.73 20.11 25.46
HHB CLA RB . -13.43 24.66 13.72
HHC CLA RB . -11.24 30.42 11.86
HHD CLA RB . -13.00 33.06 17.41
H2A CLA RB . -14.36 24.81 18.49
H3A CLA RB . -15.06 24.10 15.69
HMA1 CLA RB . -12.54 23.43 15.58
HMA2 CLA RB . -13.48 22.69 16.94
HMA3 CLA RB . -12.38 24.09 17.27
HAA1 CLA RB . -16.72 25.66 18.47
HAA2 CLA RB . -16.58 24.01 17.72
HBA1 CLA RB . -16.79 24.93 15.46
HBA2 CLA RB . -16.63 26.63 16.07
HMB1 CLA RB . -11.53 24.99 10.75
HMB2 CLA RB . -13.29 25.30 10.39
HMB3 CLA RB . -12.82 24.43 11.92
HAB CLA RB . -11.05 29.32 10.33
HBB1 CLA RB . -11.38 26.46 9.16
HBB2 CLA RB . -10.61 27.93 8.33
HMC1 CLA RB . -11.17 34.02 12.47
HMC2 CLA RB . -10.99 32.40 11.67
HMC3 CLA RB . -9.70 33.01 12.80
HAC1 CLA RB . -12.57 34.76 15.72
HAC2 CLA RB . -11.28 34.92 14.48
HBC1 CLA RB . -10.57 35.53 16.83
HBC2 CLA RB . -9.57 34.22 16.08
HBC3 CLA RB . -10.82 33.80 17.31
HMD1 CLA RB . -13.77 32.18 20.96
HMD2 CLA RB . -15.25 32.67 20.01
HMD3 CLA RB . -13.60 33.18 19.45
HBD CLA RB . -16.16 27.31 19.80
HED1 CLA RB . -11.41 26.37 21.90
HED2 CLA RB . -12.39 25.02 21.02
HED3 CLA RB . -13.07 25.81 22.59
H11 CLA RB . -20.90 23.44 16.11
H12 CLA RB . -21.05 25.16 16.72
H2 CLA RB . -19.73 24.52 18.80
H41 CLA RB . -21.25 20.57 18.19
H42 CLA RB . -20.20 21.14 16.86
H43 CLA RB . -21.84 21.85 17.07
H51 CLA RB . -21.06 21.87 20.44
H52 CLA RB . -19.68 23.04 20.48
H61 CLA RB . -19.52 20.09 19.48
H62 CLA RB . -18.94 20.70 21.08
H71 CLA RB . -17.44 22.33 19.93
H72 CLA RB . -18.02 21.74 18.33
H8 CLA RB . -16.61 19.89 20.39
H91 CLA RB . -14.63 20.36 18.76
H92 CLA RB . -15.13 21.81 19.74
H93 CLA RB . -15.64 21.66 18.00
H101 CLA RB . -16.62 19.59 17.37
H102 CLA RB . -18.08 19.10 18.31
H111 CLA RB . -15.21 18.11 18.78
H112 CLA RB . -16.48 17.24 17.85
H121 CLA RB . -17.43 16.39 19.75
H122 CLA RB . -17.44 18.01 20.57
H13 CLA RB . -14.84 17.79 20.74
H141 CLA RB . -14.45 15.02 20.88
H142 CLA RB . -14.12 16.00 19.39
H143 CLA RB . -15.68 15.10 19.54
H151 CLA RB . -14.87 16.27 22.74
H152 CLA RB . -16.57 15.81 22.36
H161 CLA RB . -17.33 17.72 23.29
H162 CLA RB . -16.36 18.71 22.14
H171 CLA RB . -14.34 18.00 23.79
H172 CLA RB . -15.68 17.74 24.96
H18 CLA RB . -15.06 20.32 23.36
H191 CLA RB . -17.03 21.09 24.96
H192 CLA RB . -17.49 19.33 24.93
H193 CLA RB . -17.41 20.28 23.39
H201 CLA RB . -14.78 21.21 25.65
H202 CLA RB . -13.66 19.82 25.36
H203 CLA RB . -15.15 19.59 26.36
MG CLA SB . -11.12 19.88 14.54
CHA CLA SB . -9.49 21.70 12.06
CHB CLA SB . -10.12 22.19 16.85
CHC CLA SB . -12.16 17.79 17.02
CHD CLA SB . -11.44 17.22 12.24
NA CLA SB . -9.95 21.65 14.45
C1A CLA SB . -9.45 22.28 13.31
C2A CLA SB . -8.81 23.61 13.65
C3A CLA SB . -8.90 23.66 15.18
C4A CLA SB . -9.71 22.43 15.54
CMA CLA SB . -7.48 23.55 15.72
CAA CLA SB . -9.53 24.74 12.95
CBA CLA SB . -9.03 26.12 13.30
CGA CLA SB . -7.73 26.45 12.72
O1A CLA SB . -7.44 27.09 11.69
O2A CLA SB . -6.76 25.90 13.47
NB CLA SB . -11.17 20.00 16.54
C1B CLA SB . -10.81 21.06 17.30
C2B CLA SB . -11.23 20.82 18.71
C3B CLA SB . -11.79 19.58 18.76
C4B CLA SB . -11.73 19.02 17.39
CMB CLA SB . -11.02 21.77 19.80
CAB CLA SB . -12.24 18.79 19.87
CBB CLA SB . -12.55 19.25 21.06
NC CLA SB . -11.63 17.89 14.61
C1C CLA SB . -12.11 17.27 15.71
C2C CLA SB . -12.60 15.94 15.39
C3C CLA SB . -12.40 15.74 14.03
C4C CLA SB . -11.79 16.98 13.56
CMC CLA SB . -13.19 15.05 16.40
CAC CLA SB . -12.72 14.54 13.21
CBC CLA SB . -11.59 13.52 13.19
ND CLA SB . -10.53 19.45 12.69
C1D CLA SB . -10.88 18.37 11.81
C2D CLA SB . -10.42 18.67 10.44
C3D CLA SB . -9.86 19.92 10.50
C4D CLA SB . -9.99 20.37 11.89
CMD CLA SB . -10.48 17.80 9.27
CAD CLA SB . -9.19 20.95 9.73
OBD CLA SB . -8.76 20.97 8.57
CBD CLA SB . -9.05 22.16 10.71
CGD CLA SB . -7.61 22.62 10.61
O1D CLA SB . -6.67 22.21 11.27
O2D CLA SB . -7.40 23.60 9.68
CED CLA SB . -6.03 23.95 9.35
C1 CLA SB . -5.40 26.35 13.30
C2 CLA SB . -4.64 25.10 13.32
C3 CLA SB . -3.94 24.69 14.35
C4 CLA SB . -3.85 25.46 15.59
C5 CLA SB . -3.21 23.39 14.29
C6 CLA SB . -3.37 22.67 15.60
C7 CLA SB . -2.69 21.36 15.57
C8 CLA SB . -3.45 20.36 16.41
C9 CLA SB . -3.31 20.66 17.87
C10 CLA SB . -2.96 18.95 16.12
C11 CLA SB . -1.45 18.82 16.21
C12 CLA SB . -0.80 18.60 14.87
C13 CLA SB . -1.28 17.33 14.17
C14 CLA SB . -1.68 16.26 15.13
C15 CLA SB . -0.19 16.78 13.27
C16 CLA SB . -0.84 15.98 12.17
C17 CLA SB . -0.07 14.72 11.84
C18 CLA SB . -0.82 13.84 10.84
C19 CLA SB . -1.31 14.62 9.63
C20 CLA SB . 0.10 12.72 10.42
HHB CLA SB . -9.88 22.96 17.60
HHC CLA SB . -12.58 17.12 17.79
HHD CLA SB . -11.64 16.42 11.51
H2A CLA SB . -7.73 23.63 13.34
H3A CLA SB . -9.46 24.55 15.57
HMA1 CLA SB . -7.47 23.50 16.83
HMA2 CLA SB . -6.86 24.44 15.42
HMA3 CLA SB . -6.97 22.65 15.32
HAA1 CLA SB . -10.63 24.68 13.20
HAA2 CLA SB . -9.44 24.59 11.84
HBA1 CLA SB . -8.95 26.21 14.41
HBA2 CLA SB . -9.78 26.88 12.95
HMB1 CLA SB . -10.65 21.23 20.71
HMB2 CLA SB . -11.99 22.28 20.06
HMB3 CLA SB . -10.28 22.55 19.51
HAB CLA SB . -12.30 17.71 19.65
HBB1 CLA SB . -12.55 20.32 21.31
HBB2 CLA SB . -12.86 18.57 21.86
HMC1 CLA SB . -13.77 14.22 15.92
HMC2 CLA SB . -13.90 15.62 17.07
HMC3 CLA SB . -12.39 14.60 17.05
HAC1 CLA SB . -12.95 14.86 12.17
HAC2 CLA SB . -13.64 14.05 13.61
HBC1 CLA SB . -11.90 12.62 12.61
HBC2 CLA SB . -11.32 13.22 14.22
HBC3 CLA SB . -10.68 13.97 12.70
HMD1 CLA SB . -10.12 18.34 8.36
HMD2 CLA SB . -11.54 17.47 9.09
HMD3 CLA SB . -9.84 16.89 9.42
HBD CLA SB . -9.73 23.02 10.42
HED1 CLA SB . -6.13 24.55 8.42
HED2 CLA SB . -5.53 22.96 9.22
HED3 CLA SB . -5.69 24.52 10.26
H11 CLA SB . -5.13 27.04 14.15
H12 CLA SB . -5.31 26.91 12.33
H2 CLA SB . -4.70 24.50 12.40
H41 CLA SB . -2.91 25.23 16.14
H42 CLA SB . -4.70 25.23 16.28
H43 CLA SB . -3.87 26.55 15.39
H51 CLA SB . -2.13 23.58 14.08
H52 CLA SB . -3.61 22.77 13.45
H61 CLA SB . -4.46 22.52 15.82
H62 CLA SB . -2.95 23.29 16.43
H71 CLA SB . -1.64 21.47 15.96
H72 CLA SB . -2.61 20.99 14.51
H8 CLA SB . -4.55 20.42 16.14
H91 CLA SB . -4.28 20.50 18.40
H92 CLA SB . -3.00 21.73 18.02
H93 CLA SB . -2.54 20.00 18.33
H101 CLA SB . -3.28 18.66 15.09
H102 CLA SB . -3.44 18.24 16.84
H111 CLA SB . -1.20 17.97 16.89
H112 CLA SB . -1.04 19.76 16.68
H121 CLA SB . 0.31 18.56 15.02
H122 CLA SB . -1.02 19.49 14.22
H13 CLA SB . -2.19 17.63 13.58
H141 CLA SB . -1.70 15.26 14.62
H142 CLA SB . -2.69 16.45 15.55
H143 CLA SB . -0.95 16.19 15.98
H151 CLA SB . 0.51 16.12 13.85
H152 CLA SB . 0.43 17.61 12.83
H161 CLA SB . -0.90 16.61 11.23
H162 CLA SB . -1.88 15.72 12.45
H171 CLA SB . 0.10 14.14 12.79
H172 CLA SB . 0.94 14.98 11.44
H18 CLA SB . -1.74 13.43 11.34
H191 CLA SB . -1.66 13.93 8.83
H192 CLA SB . -0.49 15.26 9.21
H193 CLA SB . -2.16 15.29 9.92
H201 CLA SB . -0.51 11.88 9.98
H202 CLA SB . 0.65 12.31 11.31
H203 CLA SB . 0.83 13.05 9.67
MG CLA TB . -8.52 26.76 5.10
CHA CLA TB . -8.59 29.41 2.79
CHB CLA TB . -11.84 27.28 5.61
CHC CLA TB . -8.83 23.55 6.43
CHD CLA TB . -5.38 25.90 3.92
NA CLA TB . -9.90 28.15 4.31
C1A CLA TB . -9.74 29.21 3.43
C2A CLA TB . -11.06 29.98 3.22
C3A CLA TB . -11.93 29.48 4.39
C4A CLA TB . -11.19 28.19 4.79
CMA CLA TB . -11.94 30.40 5.60
CAA CLA TB . -11.67 29.69 1.86
CBA CLA TB . -11.62 28.23 1.41
CGA CLA TB . -10.34 27.84 0.69
O1A CLA TB . -9.79 28.27 -0.32
O2A CLA TB . -9.74 26.80 1.30
NB CLA TB . -10.05 25.62 5.84
C1B CLA TB . -11.30 26.08 6.06
C2B CLA TB . -12.08 25.08 6.82
C3B CLA TB . -11.24 24.02 7.06
C4B CLA TB . -9.93 24.34 6.44
CMB CLA TB . -13.48 25.26 7.17
CAB CLA TB . -11.46 22.78 7.75
CBB CLA TB . -12.24 22.63 8.80
NC CLA TB . -7.31 25.09 5.20
C1C CLA TB . -7.59 23.93 5.85
C2C CLA TB . -6.43 23.03 5.78
C3C CLA TB . -5.44 23.68 5.06
C4C CLA TB . -6.00 24.98 4.72
CMC CLA TB . -6.37 21.68 6.32
CAC CLA TB . -4.10 23.11 4.75
CBC CLA TB . -4.01 22.59 3.33
ND CLA TB . -7.20 27.49 3.76
C1D CLA TB . -5.93 27.05 3.44
C2D CLA TB . -5.32 27.99 2.48
C3D CLA TB . -6.30 28.93 2.20
C4D CLA TB . -7.46 28.55 3.01
CMD CLA TB . -3.98 27.84 1.90
CAD CLA TB . -6.71 30.07 1.40
OBD CLA TB . -6.11 30.61 0.50
CBD CLA TB . -8.17 30.44 1.78
CGD CLA TB . -8.37 31.87 2.25
O1D CLA TB . -9.25 32.68 1.99
O2D CLA TB . -7.44 32.36 3.05
CED CLA TB . -6.85 33.57 2.62
C1 CLA TB . -9.52 25.69 0.45
C2 CLA TB . -8.88 24.63 1.29
C3 CLA TB . -8.85 23.36 0.90
C4 CLA TB . -9.45 22.93 -0.38
C5 CLA TB . -8.23 22.29 1.72
C6 CLA TB . -8.91 20.93 1.57
C7 CLA TB . -8.06 19.82 2.16
C8 CLA TB . -8.50 18.46 1.61
C9 CLA TB . -10.01 18.34 1.48
C10 CLA TB . -7.96 17.34 2.49
C11 CLA TB . -8.21 15.99 1.84
C12 CLA TB . -6.93 15.18 1.66
C13 CLA TB . -7.22 13.77 1.14
C14 CLA TB . -8.24 13.84 0.01
C15 CLA TB . -7.64 12.86 2.29
C16 CLA TB . -8.38 11.59 1.89
C17 CLA TB . -7.70 10.34 2.41
C18 CLA TB . -6.38 10.01 1.72
C19 CLA TB . -5.79 8.78 2.34
C20 CLA TB . -6.51 9.75 0.23
HHB CLA TB . -12.86 27.53 5.95
HHC CLA TB . -8.89 22.54 6.88
HHD CLA TB . -4.34 25.68 3.63
H2A CLA TB . -10.87 31.09 3.31
H3A CLA TB . -12.98 29.30 4.02
HMA1 CLA TB . -12.44 29.92 6.46
HMA2 CLA TB . -12.49 31.35 5.37
HMA3 CLA TB . -10.90 30.67 5.91
HAA1 CLA TB . -11.13 30.32 1.09
HAA2 CLA TB . -12.74 30.02 1.88
HBA1 CLA TB . -12.48 28.04 0.72
HBA2 CLA TB . -11.73 27.57 2.31
HMB1 CLA TB . -13.92 24.29 7.51
HMB2 CLA TB . -14.06 25.62 6.27
HMB3 CLA TB . -13.58 26.02 7.99
HAB CLA TB . -10.92 21.92 7.33
HBB1 CLA TB . -12.80 23.46 9.23
HBB2 CLA TB . -12.36 21.65 9.30
HMC1 CLA TB . -5.68 21.04 5.72
HMC2 CLA TB . -7.38 21.21 6.33
HMC3 CLA TB . -5.99 21.70 7.37
HAC1 CLA TB . -3.86 22.27 5.46
HAC2 CLA TB . -3.30 23.89 4.90
HBC1 CLA TB . -3.01 22.13 3.15
HBC2 CLA TB . -4.15 23.43 2.61
HBC3 CLA TB . -4.80 21.83 3.16
HMD1 CLA TB . -3.75 28.68 1.19
HMD2 CLA TB . -3.90 26.88 1.33
HMD3 CLA TB . -3.20 27.84 2.71
HBD CLA TB . -8.79 30.39 0.85
HED1 CLA TB . -5.78 33.46 2.92
HED2 CLA TB . -7.41 34.36 3.18
HED3 CLA TB . -7.02 33.57 1.51
H11 CLA TB . -8.85 26.00 -0.40
H12 CLA TB . -10.50 25.35 0.04
H2 CLA TB . -8.44 24.97 2.25
H41 CLA TB . -8.80 22.18 -0.91
H42 CLA TB . -9.60 23.79 -1.08
H43 CLA TB . -10.45 22.44 -0.23
H51 CLA TB . -8.26 22.60 2.79
H52 CLA TB . -7.15 22.20 1.43
H61 CLA TB . -9.11 20.72 0.48
H62 CLA TB . -9.91 20.95 2.09
H71 CLA TB . -8.15 19.84 3.27
H72 CLA TB . -6.99 20.01 1.91
H8 CLA TB . -8.08 18.36 0.56
H91 CLA TB . -10.32 17.28 1.66
H92 CLA TB . -10.33 18.66 0.46
H93 CLA TB . -10.52 18.99 2.24
H101 CLA TB . -8.46 17.37 3.49
H102 CLA TB . -6.86 17.48 2.66
H111 CLA TB . -8.68 16.15 0.84
H112 CLA TB . -8.93 15.42 2.46
H121 CLA TB . -6.39 15.12 2.65
H122 CLA TB . -6.25 15.72 0.95
H13 CLA TB . -6.29 13.32 0.70
H141 CLA TB . -8.12 12.98 -0.68
H142 CLA TB . -8.12 14.78 -0.58
H143 CLA TB . -9.28 13.83 0.43
H151 CLA TB . -8.31 13.44 3.00
H152 CLA TB . -6.74 12.56 2.88
H161 CLA TB . -8.45 11.55 0.77
H162 CLA TB . -9.43 11.64 2.28
H171 CLA TB . -8.39 9.48 2.29
H172 CLA TB . -7.50 10.47 3.51
H18 CLA TB . -5.72 10.92 1.82
H191 CLA TB . -4.79 8.54 1.88
H192 CLA TB . -6.46 7.90 2.20
H193 CLA TB . -5.64 8.93 3.44
H201 CLA TB . -5.65 9.16 -0.14
H202 CLA TB . -6.56 10.70 -0.34
H203 CLA TB . -7.45 9.17 0.01
MG CLA UB . -25.56 31.16 18.58
CHA CLA UB . -23.34 29.00 16.95
CHB CLA UB . -27.70 28.55 19.00
CHC CLA UB . -28.23 33.36 18.95
CHD CLA UB . -23.78 33.87 17.10
NA CLA UB . -25.48 29.14 18.07
C1A CLA UB . -24.44 28.40 17.47
C2A CLA UB . -24.73 26.91 17.44
C3A CLA UB . -26.05 26.83 18.26
C4A CLA UB . -26.46 28.28 18.47
CMA CLA UB . -27.12 26.12 17.44
CAA CLA UB . -23.57 26.15 18.10
CBA CLA UB . -23.88 24.73 18.42
CGA CLA UB . -24.02 23.98 17.15
O1A CLA UB . -23.70 24.34 16.02
O2A CLA UB . -24.58 22.74 17.37
NB CLA UB . -27.52 30.97 19.02
C1B CLA UB . -28.20 29.83 19.17
C2B CLA UB . -29.63 30.16 19.47
C3B CLA UB . -29.76 31.50 19.45
C4B CLA UB . -28.44 32.04 19.12
CMB CLA UB . -30.63 29.12 19.63
CAB CLA UB . -30.87 32.37 19.54
CBB CLA UB . -31.80 32.24 20.47
NC CLA UB . -25.92 33.24 18.18
C1C CLA UB . -27.04 33.94 18.52
C2C CLA UB . -26.87 35.36 18.29
C3C CLA UB . -25.61 35.48 17.73
C4C CLA UB . -25.03 34.17 17.67
CMC CLA UB . -27.89 36.38 18.50
CAC CLA UB . -24.98 36.70 17.28
CBC CLA UB . -25.28 36.93 15.83
ND CLA UB . -24.00 31.44 17.31
C1D CLA UB . -23.30 32.61 16.90
C2D CLA UB . -22.04 32.22 16.23
C3D CLA UB . -22.02 30.87 16.21
C4D CLA UB . -23.25 30.42 16.88
CMD CLA UB . -21.09 33.14 15.67
CAD CLA UB . -21.30 29.72 15.76
OBD CLA UB . -20.32 29.70 15.02
CBD CLA UB . -22.10 28.49 16.28
CGD CLA UB . -22.47 27.69 15.10
O1D CLA UB . -23.28 28.04 14.26
O2D CLA UB . -21.78 26.53 14.98
CED CLA UB . -21.96 25.81 13.78
C1 CLA UB . -24.40 21.74 16.36
C2 CLA UB . -25.63 21.77 15.54
C3 CLA UB . -26.64 20.86 15.57
C4 CLA UB . -26.76 19.66 16.43
C5 CLA UB . -27.77 21.06 14.66
C6 CLA UB . -28.37 22.39 14.95
C7 CLA UB . -29.74 22.50 14.34
C8 CLA UB . -30.38 23.69 15.02
C9 CLA UB . -31.54 23.22 15.89
C10 CLA UB . -30.68 24.82 14.03
C11 CLA UB . -31.71 24.56 12.96
C12 CLA UB . -31.74 25.66 11.91
C13 CLA UB . -32.06 27.10 12.41
C14 CLA UB . -33.38 27.64 11.88
C15 CLA UB . -30.98 28.12 12.02
C16 CLA UB . -30.85 29.22 13.06
C17 CLA UB . -30.03 28.71 14.20
C18 CLA UB . -30.01 29.63 15.41
C19 CLA UB . -30.36 31.05 15.11
C20 CLA UB . -28.65 29.53 16.03
HHB CLA UB . -28.34 27.72 19.31
HHC CLA UB . -29.05 34.06 19.17
HHD CLA UB . -23.14 34.72 16.79
H2A CLA UB . -24.88 26.52 16.41
H3A CLA UB . -25.89 26.36 19.26
HMA1 CLA UB . -28.08 26.06 18.01
HMA2 CLA UB . -26.80 25.08 17.20
HMA3 CLA UB . -27.32 26.66 16.49
HAA1 CLA UB . -23.28 26.67 19.04
HAA2 CLA UB . -22.68 26.19 17.41
HBA1 CLA UB . -24.83 24.65 19.01
HBA2 CLA UB . -23.06 24.27 19.03
HMB1 CLA UB . -31.47 29.49 20.29
HMB2 CLA UB . -30.18 28.21 20.11
HMB3 CLA UB . -31.05 28.84 18.64
HAB CLA UB . -30.93 33.18 18.78
HBB1 CLA UB . -31.72 31.46 21.23
HBB2 CLA UB . -32.67 32.91 20.56
HMC1 CLA UB . -27.41 37.39 18.64
HMC2 CLA UB . -28.51 36.16 19.40
HMC3 CLA UB . -28.56 36.46 17.60
HAC1 CLA UB . -23.87 36.64 17.42
HAC2 CLA UB . -25.34 37.58 17.87
HBC1 CLA UB . -24.60 37.72 15.42
HBC2 CLA UB . -26.34 37.26 15.71
HBC3 CLA UB . -25.13 35.99 15.25
HMD1 CLA UB . -20.12 32.62 15.43
HMD2 CLA UB . -20.87 33.98 16.38
HMD3 CLA UB . -21.48 33.58 14.71
HBD CLA UB . -21.48 27.91 17.01
HED1 CLA UB . -21.48 24.82 13.99
HED2 CLA UB . -21.42 26.43 13.02
HED3 CLA UB . -23.07 25.77 13.65
H11 CLA UB . -24.25 20.73 16.86
H12 CLA UB . -23.48 21.98 15.75
H2 CLA UB . -25.69 22.63 14.85
H41 CLA UB . -27.18 18.80 15.86
H42 CLA UB . -27.43 19.85 17.30
H43 CLA UB . -25.77 19.34 16.83
H51 CLA UB . -28.52 20.24 14.80
H52 CLA UB . -27.42 21.01 13.59
H61 CLA UB . -27.72 23.20 14.54
H62 CLA UB . -28.44 22.54 16.05
H71 CLA UB . -30.33 21.56 14.50
H72 CLA UB . -29.67 22.66 13.23
H8 CLA UB . -29.67 24.18 15.76
H91 CLA UB . -32.25 24.06 16.06
H92 CLA UB . -31.16 22.85 16.87
H93 CLA UB . -32.08 22.38 15.37
H101 CLA UB . -29.72 25.10 13.53
H102 CLA UB . -31.01 25.72 14.62
H111 CLA UB . -32.72 24.46 13.44
H112 CLA UB . -31.50 23.57 12.47
H121 CLA UB . -32.49 25.38 11.13
H122 CLA UB . -30.74 25.68 11.40
H13 CLA UB . -32.12 26.97 13.54
H141 CLA UB . -33.39 28.76 11.93
H142 CLA UB . -34.24 27.26 12.49
H143 CLA UB . -33.53 27.34 10.82
H151 CLA UB . -31.23 28.59 11.03
H152 CLA UB . -29.99 27.61 11.90
H161 CLA UB . -31.86 29.55 13.42
H162 CLA UB . -30.35 30.13 12.60
H171 CLA UB . -28.97 28.55 13.85
H172 CLA UB . -30.42 27.70 14.51
H18 CLA UB . -30.81 29.27 16.13
H191 CLA UB . -30.15 31.69 16.01
H192 CLA UB . -31.43 31.14 14.85
H193 CLA UB . -29.74 31.43 14.26
H201 CLA UB . -28.46 30.40 16.72
H202 CLA UB . -27.85 29.53 15.25
H203 CLA UB . -28.55 28.59 16.63
MG CLA VB . -28.26 30.00 9.77
CHA CLA VB . -30.84 31.00 7.71
CHB CLA VB . -28.92 26.68 8.80
CHC CLA VB . -26.61 28.87 12.49
CHD CLA VB . -28.43 33.22 11.38
NA CLA VB . -29.74 28.98 8.53
C1A CLA VB . -30.55 29.65 7.60
C2A CLA VB . -31.03 28.71 6.49
C3A CLA VB . -30.56 27.34 6.98
C4A CLA VB . -29.65 27.66 8.17
CMA CLA VB . -31.72 26.47 7.49
CAA CLA VB . -30.41 29.04 5.14
CBA CLA VB . -31.03 28.27 3.98
CGA CLA VB . -32.52 28.49 3.89
O1A CLA VB . -33.14 29.55 3.85
O2A CLA VB . -33.21 27.31 3.92
NB CLA VB . -27.83 28.13 10.48
C1B CLA VB . -28.13 26.92 9.97
C2B CLA VB . -27.64 25.86 10.87
C3B CLA VB . -27.01 26.50 11.92
C4B CLA VB . -27.11 27.94 11.66
CMB CLA VB . -27.81 24.43 10.64
CAB CLA VB . -26.34 26.03 13.10
CBB CLA VB . -25.86 24.81 13.31
NC CLA VB . -27.59 30.89 11.50
C1C CLA VB . -26.80 30.25 12.42
C2C CLA VB . -26.28 31.15 13.45
C3C CLA VB . -26.84 32.38 13.18
C4C CLA VB . -27.67 32.21 11.96
CMC CLA VB . -25.44 30.80 14.58
CAC CLA VB . -26.63 33.60 13.93
CBC CLA VB . -27.66 33.75 15.03
ND CLA VB . -29.37 31.75 9.66
C1D CLA VB . -29.24 33.03 10.28
C2D CLA VB . -30.10 34.00 9.58
C3D CLA VB . -30.72 33.27 8.59
C4D CLA VB . -30.27 31.87 8.69
CMD CLA VB . -30.26 35.42 9.90
CAD CLA VB . -31.67 33.32 7.52
OBD CLA VB . -32.33 34.28 7.17
CBD CLA VB . -31.76 31.89 6.89
CGD CLA VB . -33.19 31.49 6.87
O1D CLA VB . -33.94 31.60 5.91
O2D CLA VB . -33.68 30.97 8.05
CED CLA VB . -34.81 30.16 7.82
C1 CLA VB . -34.57 27.14 3.41
C2 CLA VB . -35.61 27.61 4.38
C3 CLA VB . -36.17 26.99 5.46
C4 CLA VB . -37.21 27.73 6.24
C5 CLA VB . -35.86 25.61 5.98
C6 CLA VB . -35.69 25.49 7.50
C7 CLA VB . -35.92 24.09 8.10
C8 CLA VB . -34.91 23.67 9.19
C9 CLA VB . -33.93 22.64 8.63
C10 CLA VB . -35.56 23.10 10.46
C11 CLA VB . -34.59 22.79 11.61
C12 CLA VB . -35.29 22.23 12.85
C13 CLA VB . -34.40 22.23 14.11
C14 CLA VB . -34.61 21.04 15.03
C15 CLA VB . -34.60 23.48 14.95
HHB CLA VB . -28.92 25.66 8.38
HHC CLA VB . -25.97 28.54 13.33
HHD CLA VB . -28.40 34.23 11.83
H2A CLA VB . -32.15 28.79 6.42
H3A CLA VB . -30.00 26.83 6.15
HMA1 CLA VB . -31.41 25.40 7.58
HMA2 CLA VB . -32.59 26.52 6.80
HMA3 CLA VB . -32.07 26.82 8.50
HAA1 CLA VB . -29.31 28.83 5.18
HAA2 CLA VB . -30.53 30.15 4.96
HBA1 CLA VB . -30.83 27.18 4.11
HBA2 CLA VB . -30.56 28.61 3.01
HMB1 CLA VB . -27.93 23.87 11.61
HMB2 CLA VB . -26.92 24.01 10.09
HMB3 CLA VB . -28.72 24.24 10.02
HAB CLA VB . -26.24 26.80 13.89
HBB1 CLA VB . -25.92 24.00 12.56
HBB2 CLA VB . -25.36 24.54 14.25
HMC1 CLA VB . -25.63 31.48 15.45
HMC2 CLA VB . -24.36 30.86 14.32
HMC3 CLA VB . -25.66 29.75 14.92
HAC1 CLA VB . -26.68 34.49 13.25
HAC2 CLA VB . -25.60 33.60 14.39
HBC1 CLA VB . -27.62 34.77 15.47
HBC2 CLA VB . -27.48 33.00 15.84
HBC3 CLA VB . -28.69 33.58 14.61
HMD1 CLA VB . -30.88 35.93 9.13
HMD2 CLA VB . -29.26 35.92 9.94
HMD3 CLA VB . -30.75 35.54 10.90
HBD CLA VB . -31.36 31.90 5.83
HED1 CLA VB . -35.04 29.73 8.83
HED2 CLA VB . -34.45 29.42 7.06
HED3 CLA VB . -35.58 30.88 7.44
H11 CLA VB . -34.71 26.04 3.20
H12 CLA VB . -34.64 27.71 2.43
H2 CLA VB . -35.94 28.64 4.13
H41 CLA VB . -37.91 27.02 6.74
H42 CLA VB . -37.81 28.40 5.59
H43 CLA VB . -36.75 28.37 7.03
H51 CLA VB . -34.91 25.26 5.48
H52 CLA VB . -36.68 24.92 5.65
H61 CLA VB . -36.41 26.20 8.00
H62 CLA VB . -34.66 25.83 7.78
H71 CLA VB . -35.87 23.35 7.25
H72 CLA VB . -36.95 24.05 8.50
H8 CLA VB . -34.37 24.60 9.50
H91 CLA VB . -32.91 22.81 9.07
H92 CLA VB . -33.86 22.74 7.53
H93 CLA VB . -34.26 21.61 8.89
H101 CLA VB . -36.10 22.15 10.20
H102 CLA VB . -36.33 23.82 10.84
H111 CLA VB . -34.05 23.73 11.88
H112 CLA VB . -33.82 22.06 11.25
H121 CLA VB . -35.62 21.18 12.63
H122 CLA VB . -36.21 22.83 13.05
H13 CLA VB . -33.35 22.17 13.70
H141 CLA VB . -33.92 21.10 15.91
H142 CLA VB . -34.40 20.08 14.49
H143 CLA VB . -35.66 21.01 15.40
C1 BCR WB . -4.53 5.55 8.03
C2 BCR WB . -3.11 5.11 8.27
C3 BCR WB . -2.55 4.37 7.09
C4 BCR WB . -2.52 5.30 5.90
C5 BCR WB . -3.84 5.96 5.71
C6 BCR WB . -4.78 6.06 6.66
C7 BCR WB . -6.08 6.70 6.42
C8 BCR WB . -6.27 8.03 6.49
C9 BCR WB . -7.50 8.74 6.13
C10 BCR WB . -7.59 10.05 6.37
C11 BCR WB . -8.76 10.84 6.05
C33 BCR WB . -4.02 6.47 4.36
C31 BCR WB . -4.82 6.64 9.03
C32 BCR WB . -5.42 4.38 8.33
C34 BCR WB . -8.75 7.96 5.97
C12 BCR WB . -8.80 12.15 6.32
C13 BCR WB . -9.86 13.04 5.89
C14 BCR WB . -9.76 14.36 6.10
C15 BCR WB . -10.39 15.38 5.31
C16 BCR WB . -10.47 16.65 5.73
C17 BCR WB . -11.00 17.68 4.86
C18 BCR WB . -10.93 19.01 5.05
C19 BCR WB . -12.03 19.85 4.60
C20 BCR WB . -11.97 21.18 4.43
C21 BCR WB . -13.00 21.79 3.60
C22 BCR WB . -13.15 23.11 3.30
C23 BCR WB . -14.47 23.60 2.87
C24 BCR WB . -14.70 24.83 2.40
C25 BCR WB . -15.99 25.39 1.95
C26 BCR WB . -16.79 24.79 1.07
C27 BCR WB . -18.08 25.31 0.59
C28 BCR WB . -18.76 26.16 1.66
C29 BCR WB . -17.83 27.21 2.15
C30 BCR WB . -16.39 26.72 2.51
C35 BCR WB . -11.16 12.47 5.46
C36 BCR WB . -9.85 19.60 5.85
C37 BCR WB . -11.95 23.97 3.20
C38 BCR WB . -16.50 23.47 0.46
C39 BCR WB . -16.19 26.67 3.99
C40 BCR WB . -15.47 27.82 1.98
HC21 BCR WB . -3.03 4.47 9.15
HC22 BCR WB . -2.46 5.96 8.49
HC31 BCR WB . -3.16 3.50 6.88
HC32 BCR WB . -1.56 4.00 7.31
HC41 BCR WB . -2.21 4.77 5.01
HC42 BCR WB . -1.72 6.02 6.00
HC7 BCR WB . -6.91 6.07 6.19
HC8 BCR WB . -5.45 8.62 6.85
H10C BCR WB . -6.77 10.56 6.82
H11C BCR WB . -9.59 10.36 5.61
H331 BCR WB . -4.17 7.54 4.37
H332 BCR WB . -4.90 6.02 3.90
H333 BCR WB . -3.17 6.24 3.75
H311 BCR WB . -5.87 6.70 9.23
H312 BCR WB . -4.49 7.60 8.65
H313 BCR WB . -4.31 6.45 9.95
H321 BCR WB . -6.43 4.71 8.50
H322 BCR WB . -5.07 3.86 9.20
H323 BCR WB . -5.43 3.68 7.50
H341 BCR WB . -9.60 8.50 6.38
H342 BCR WB . -8.69 7.02 6.50
H343 BCR WB . -8.95 7.75 4.93
H12C BCR WB . -7.99 12.56 6.89
H14C BCR WB . -9.16 14.69 6.92
H15C BCR WB . -10.81 15.11 4.36
H16C BCR WB . -10.14 16.90 6.71
H17C BCR WB . -11.50 17.32 3.98
H19C BCR WB . -12.96 19.39 4.39
H20C BCR WB . -11.21 21.75 4.88
H21C BCR WB . -13.72 21.11 3.19
H23C BCR WB . -15.29 22.91 2.96
H24C BCR WB . -13.87 25.49 2.32
H271 BCR WB . -18.75 24.52 0.25
H272 BCR WB . -17.98 25.87 -0.33
H281 BCR WB . -19.08 25.49 2.46
H282 BCR WB . -19.65 26.59 1.23
H291 BCR WB . -18.29 27.67 3.02
H292 BCR WB . -17.79 27.99 1.40
H351 BCR WB . -11.95 13.19 5.59
H352 BCR WB . -11.40 11.60 6.04
H353 BCR WB . -11.13 12.19 4.41
H361 BCR WB . -9.37 20.41 5.33
H362 BCR WB . -9.09 18.88 6.09
H363 BCR WB . -10.23 19.99 6.79
H371 BCR WB . -11.84 24.38 2.20
H372 BCR WB . -11.05 23.42 3.44
H373 BCR WB . -12.02 24.80 3.90
H381 BCR WB . -17.06 23.31 -0.46
H382 BCR WB . -16.75 22.65 1.13
H383 BCR WB . -15.44 23.36 0.22
H391 BCR WB . -16.85 27.35 4.50
H392 BCR WB . -15.17 26.92 4.25
H393 BCR WB . -16.39 25.67 4.37
H401 BCR WB . -15.91 28.79 2.12
H402 BCR WB . -15.28 27.68 0.94
H403 BCR WB . -14.52 27.80 2.50
C1 BCR XB . -4.52 12.16 13.25
C2 BCR XB . -3.29 11.35 13.54
C3 BCR XB . -3.35 10.08 12.74
C4 BCR XB . -3.27 10.42 11.28
C5 BCR XB . -4.37 11.33 10.94
C6 BCR XB . -4.95 12.13 11.83
C7 BCR XB . -6.06 13.00 11.47
C8 BCR XB . -7.17 12.53 10.91
C9 BCR XB . -8.28 13.34 10.48
C10 BCR XB . -9.35 12.72 9.98
C11 BCR XB . -10.40 13.39 9.25
C33 BCR XB . -4.77 11.27 9.52
C31 BCR XB . -4.20 13.59 13.70
C32 BCR XB . -5.63 11.60 14.13
C34 BCR XB . -8.35 14.75 10.92
C12 BCR XB . -11.54 12.73 9.00
C13 BCR XB . -12.68 13.34 8.37
C14 BCR XB . -13.58 12.55 7.78
C15 BCR XB . -14.95 12.94 7.52
C16 BCR XB . -15.74 12.22 6.72
C17 BCR XB . -17.11 12.65 6.50
C18 BCR XB . -18.05 12.08 5.72
C19 BCR XB . -19.13 12.91 5.19
C20 BCR XB . -19.98 12.49 4.24
C21 BCR XB . -21.22 13.20 3.99
C22 BCR XB . -22.21 12.82 3.15
C23 BCR XB . -23.48 13.56 3.16
C24 BCR XB . -24.41 13.46 2.18
C25 BCR XB . -25.53 14.39 1.96
C26 BCR XB . -25.35 15.57 1.37
C27 BCR XB . -26.40 16.57 1.08
C28 BCR XB . -27.78 15.97 1.12
C29 BCR XB . -27.91 15.10 2.32
C30 BCR XB . -26.89 13.96 2.39
C35 BCR XB . -13.05 14.72 8.73
C36 BCR XB . -17.90 10.74 5.16
C37 BCR XB . -22.02 11.76 2.12
C38 BCR XB . -24.02 16.06 0.91
C39 BCR XB . -27.30 12.75 1.60
C40 BCR XB . -26.99 13.52 3.84
HC21 BCR XB . -3.20 11.11 14.60
HC22 BCR XB . -2.38 11.90 13.29
HC31 BCR XB . -4.26 9.54 12.97
HC32 BCR XB . -2.54 9.42 13.03
HC41 BCR XB . -3.27 9.52 10.68
HC42 BCR XB . -2.30 10.83 11.04
HC7 BCR XB . -5.97 14.05 11.67
HC8 BCR XB . -7.23 11.47 10.75
H10C BCR XB . -9.45 11.66 10.10
H11C BCR XB . -10.26 14.39 8.94
H331 BCR XB . -5.02 12.25 9.16
H332 BCR XB . -5.62 10.62 9.39
H333 BCR XB . -3.95 10.89 8.92
H311 BCR XB . -5.10 14.17 13.80
H312 BCR XB . -3.56 14.07 12.99
H313 BCR XB . -3.70 13.58 14.65
H321 BCR XB . -6.39 12.33 14.29
H322 BCR XB . -5.23 11.29 15.07
H323 BCR XB . -6.07 10.74 13.65
H341 BCR XB . -9.36 15.12 10.90
H342 BCR XB . -7.76 15.39 10.27
H343 BCR XB . -7.98 14.88 11.92
H12C BCR XB . -11.59 11.70 9.28
H14C BCR XB . -13.30 11.56 7.47
H15C BCR XB . -15.32 13.84 7.96
H16C BCR XB . -15.36 11.34 6.25
H17C BCR XB . -17.38 13.53 7.04
H19C BCR XB . -19.26 13.90 5.57
H20C BCR XB . -19.74 11.64 3.68
H21C BCR XB . -21.36 14.10 4.53
H23C BCR XB . -23.68 14.20 3.99
H24C BCR XB . -24.31 12.65 1.50
H271 BCR XB . -26.23 17.08 0.13
H272 BCR XB . -26.35 17.42 1.75
H281 BCR XB . -27.94 15.42 0.19
H282 BCR XB . -28.51 16.77 1.12
H291 BCR XB . -28.92 14.71 2.34
H292 BCR XB . -27.84 15.73 3.19
H351 BCR XB . -13.57 15.21 7.90
H352 BCR XB . -12.17 15.31 8.96
H353 BCR XB . -13.70 14.73 9.58
H361 BCR XB . -18.80 10.15 5.30
H362 BCR XB . -17.09 10.20 5.63
H363 BCR XB . -17.69 10.76 4.10
H371 BCR XB . -22.86 11.10 2.10
H372 BCR XB . -21.13 11.18 2.35
H373 BCR XB . -21.89 12.20 1.14
H381 BCR XB . -23.99 17.14 0.87
H382 BCR XB . -23.78 15.70 -0.08
H383 BCR XB . -23.22 15.74 1.57
H391 BCR XB . -28.37 12.60 1.64
H392 BCR XB . -26.82 11.85 1.99
H393 BCR XB . -27.01 12.85 0.56
H401 BCR XB . -28.00 13.23 4.08
H402 BCR XB . -26.69 14.30 4.51
H403 BCR XB . -26.35 12.68 4.02
C1 BCR YB . -33.55 14.50 16.54
C2 BCR YB . -34.79 13.66 16.68
C3 BCR YB . -35.74 14.27 17.65
C4 BCR YB . -36.16 15.63 17.15
C5 BCR YB . -35.00 16.43 16.69
C6 BCR YB . -33.82 15.94 16.40
C7 BCR YB . -32.71 16.81 15.97
C8 BCR YB . -32.71 17.44 14.79
C9 BCR YB . -31.64 18.33 14.32
C10 BCR YB . -31.85 19.09 13.24
C11 BCR YB . -30.82 19.48 12.31
C33 BCR YB . -35.28 17.88 16.59
C31 BCR YB . -32.88 13.96 15.31
C32 BCR YB . -32.64 14.28 17.73
C34 BCR YB . -30.28 18.15 14.87
C12 BCR YB . -31.19 20.03 11.14
C13 BCR YB . -30.32 20.77 10.25
C14 BCR YB . -30.87 21.27 9.14
C15 BCR YB . -30.22 22.19 8.26
C16 BCR YB . -30.65 22.41 7.01
C17 BCR YB . -29.99 23.40 6.21
C18 BCR YB . -30.44 23.99 5.11
C19 BCR YB . -29.51 24.31 4.03
C20 BCR YB . -29.86 25.06 2.96
C21 BCR YB . -28.87 25.41 1.96
C22 BCR YB . -29.11 25.89 0.72
C23 BCR YB . -28.00 26.46 -0.02
C24 BCR YB . -28.08 27.01 -1.24
C25 BCR YB . -26.96 27.19 -2.15
C26 BCR YB . -26.18 26.17 -2.49
C27 BCR YB . -24.99 26.24 -3.38
C28 BCR YB . -25.00 27.45 -4.29
C29 BCR YB . -25.42 28.67 -3.53
C30 BCR YB . -26.67 28.55 -2.67
C35 BCR YB . -28.85 20.64 10.39
C36 BCR YB . -31.89 24.14 4.85
C37 BCR YB . -30.50 26.20 0.28
C38 BCR YB . -26.41 24.81 -1.96
C39 BCR YB . -27.91 29.07 -3.38
C40 BCR YB . -26.33 29.48 -1.52
HC21 BCR YB . -34.53 12.65 17.02
HC22 BCR YB . -35.28 13.52 15.73
HC31 BCR YB . -35.28 14.35 18.64
HC32 BCR YB . -36.60 13.62 17.79
HC41 BCR YB . -36.73 16.14 17.91
HC42 BCR YB . -36.91 15.52 16.37
HC7 BCR YB . -31.89 16.93 16.64
HC8 BCR YB . -33.55 17.29 14.16
H10C BCR YB . -32.83 19.45 13.04
H11C BCR YB . -29.79 19.35 12.56
H331 BCR YB . -35.13 18.21 15.57
H332 BCR YB . -34.62 18.43 17.23
H333 BCR YB . -36.30 18.08 16.87
H311 BCR YB . -31.81 14.12 15.35
H312 BCR YB . -33.26 14.45 14.42
H313 BCR YB . -33.05 12.90 15.22
H321 BCR YB . -31.70 14.79 17.58
H322 BCR YB . -32.43 13.23 17.85
H323 BCR YB . -33.09 14.66 18.61
H341 BCR YB . -29.54 18.19 14.08
H342 BCR YB . -30.19 17.21 15.37
H343 BCR YB . -30.05 18.94 15.57
H12C BCR YB . -32.21 19.89 10.85
H14C BCR YB . -31.86 20.97 8.88
H15C BCR YB . -29.36 22.73 8.61
H16C BCR YB . -31.48 21.84 6.63
H17C BCR YB . -29.02 23.69 6.56
H19C BCR YB . -28.52 23.93 4.06
H20C BCR YB . -30.86 25.40 2.87
H21C BCR YB . -27.85 25.25 2.24
H23C BCR YB . -27.04 26.43 0.43
H24C BCR YB . -29.04 27.35 -1.57
H271 BCR YB . -24.88 25.33 -3.97
H272 BCR YB . -24.06 26.20 -2.81
H281 BCR YB . -25.65 27.25 -5.12
H282 BCR YB . -24.00 27.56 -4.70
H291 BCR YB . -25.54 29.46 -4.26
H292 BCR YB . -24.58 28.98 -2.93
H351 BCR YB . -28.36 20.95 9.48
H352 BCR YB . -28.58 19.62 10.60
H353 BCR YB . -28.49 21.27 11.19
H361 BCR YB . -32.14 25.14 4.53
H362 BCR YB . -32.47 23.93 5.73
H363 BCR YB . -32.22 23.46 4.08
H371 BCR YB . -30.56 27.21 -0.12
H372 BCR YB . -31.19 26.12 1.11
H373 BCR YB . -30.81 25.50 -0.49
H381 BCR YB . -25.87 24.05 -2.51
H382 BCR YB . -27.46 24.53 -2.01
H383 BCR YB . -26.11 24.72 -0.92
H391 BCR YB . -27.66 29.91 -4.02
H392 BCR YB . -28.65 29.40 -2.67
H393 BCR YB . -28.35 28.29 -4.00
H401 BCR YB . -25.96 30.43 -1.89
H402 BCR YB . -25.57 29.05 -0.89
H403 BCR YB . -27.20 29.67 -0.91
C1 UNL ZB . -37.41 7.78 18.96
C10 UNL ZB . -31.66 16.02 22.09
C11 UNL ZB . -30.69 17.12 21.57
C12 UNL ZB . -31.40 18.14 20.66
C13 UNL ZB . -30.43 18.66 19.59
C14 UNL ZB . -31.16 19.29 18.41
C15 UNL ZB . -32.15 20.36 18.89
C2 UNL ZB . -37.19 8.99 19.88
C3 UNL ZB . -36.30 10.03 19.21
C4 UNL ZB . -35.47 10.76 20.29
C5 UNL ZB . -33.95 10.69 20.01
C6 UNL ZB . -33.20 11.31 21.20
C7 UNL ZB . -32.30 12.45 20.77
C8 UNL ZB . -32.18 13.52 21.87
C9 UNL ZB . -31.40 14.72 21.32
O1 UNL ZB . -37.34 7.89 17.69
O2 UNL ZB . -37.67 6.68 19.52
H21 UNL ZB . -36.77 8.69 20.70
H22 UNL ZB . -38.05 9.40 20.08
H31 UNL ZB . -36.85 10.68 18.74
H32 UNL ZB . -35.70 9.59 18.58
H41 UNL ZB . -35.65 10.34 21.15
H42 UNL ZB . -35.74 11.69 20.32
H51 UNL ZB . -33.75 11.18 19.20
H52 UNL ZB . -33.68 9.77 19.90
H61 UNL ZB . -32.67 10.62 21.61
H62 UNL ZB . -33.86 11.65 21.82
H71 UNL ZB . -32.64 12.86 19.96
H72 UNL ZB . -31.41 12.09 20.60
H81 UNL ZB . -31.72 13.15 22.64
H82 UNL ZB . -33.07 13.81 22.13
H91 UNL ZB . -31.65 14.86 20.39
H92 UNL ZB . -30.45 14.51 21.37
H101 UNL ZB . -31.51 15.88 23.04
H102 UNL ZB . -32.57 16.31 21.96
H111 UNL ZB . -29.98 16.69 21.07
H112 UNL ZB . -30.32 17.59 22.33
H121 UNL ZB . -31.71 18.88 21.20
H122 UNL ZB . -32.15 17.71 20.23
H131 UNL ZB . -29.89 17.91 19.27
H132 UNL ZB . -29.85 19.32 20.00
H141 UNL ZB . -31.65 18.60 17.93
H142 UNL ZB . -30.51 19.69 17.82
O7 LMG AC . -4.04 42.55 33.30
C10 LMG AC . -5.13 42.29 32.55
O9 LMG AC . -5.30 43.00 31.56
C11 LMG AC . -5.63 40.89 32.75
C12 LMG AC . -5.56 40.42 34.25
C13 LMG AC . -6.28 39.07 34.50
C14 LMG AC . -6.25 38.70 36.04
C15 LMG AC . -7.40 37.69 36.30
C16 LMG AC . -7.32 37.06 37.72
C17 LMG AC . -6.44 35.86 37.64
C18 LMG AC . -6.17 35.35 39.07
C19 LMG AC . -7.45 34.93 39.73
C20 LMG AC . -7.05 33.91 40.82
O8 LMG AC . -0.80 41.61 33.84
C28 LMG AC . -0.68 40.58 32.95
O10 LMG AC . -0.84 40.82 31.76
C29 LMG AC . -0.91 39.26 33.58
C30 LMG AC . -0.28 39.15 34.95
C31 LMG AC . -1.36 39.02 36.04
C32 LMG AC . -1.25 37.64 36.74
C33 LMG AC . -1.93 37.80 38.11
C34 LMG AC . -2.06 36.46 38.84
C35 LMG AC . -1.48 36.58 40.25
C36 LMG AC . -2.59 36.30 41.28
C37 LMG AC . -2.50 34.84 41.71
C38 LMG AC . -3.02 34.76 43.17
C39 LMG AC . -1.85 34.44 44.14
C40 LMG AC . -2.47 33.59 45.24
H111 LMG AC . -5.06 40.19 32.11
H112 LMG AC . -6.68 40.81 32.39
H121 LMG AC . -5.99 41.20 34.91
H122 LMG AC . -4.49 40.32 34.56
H131 LMG AC . -5.83 38.26 33.90
H132 LMG AC . -7.33 39.12 34.14
H141 LMG AC . -6.37 39.59 36.70
H142 LMG AC . -5.28 38.26 36.35
H151 LMG AC . -7.40 36.88 35.55
H152 LMG AC . -8.39 38.18 36.18
H161 LMG AC . -8.33 36.79 38.09
H162 LMG AC . -6.96 37.78 38.47
H171 LMG AC . -5.50 36.10 37.10
H172 LMG AC . -6.89 35.08 37.00
H181 LMG AC . -5.63 36.11 39.67
H182 LMG AC . -5.43 34.51 39.06
H191 LMG AC . -8.19 34.49 39.05
H192 LMG AC . -8.02 35.77 40.19
H291 LMG AC . -0.53 38.46 32.91
H292 LMG AC . -2.01 39.06 33.64
H301 LMG AC . 0.35 40.03 35.20
H302 LMG AC . 0.42 38.30 35.05
H311 LMG AC . -2.37 39.18 35.62
H312 LMG AC . -1.28 39.84 36.78
H321 LMG AC . -0.19 37.32 36.81
H322 LMG AC . -1.72 36.85 36.10
H331 LMG AC . -2.94 38.29 37.99
H332 LMG AC . -1.37 38.54 38.74
H341 LMG AC . -1.56 35.63 38.30
H342 LMG AC . -3.12 36.11 38.90
H351 LMG AC . -1.03 37.58 40.39
H352 LMG AC . -0.62 35.87 40.37
H361 LMG AC . -3.59 36.52 40.89
H362 LMG AC . -2.51 36.95 42.17
H371 LMG AC . -1.46 34.44 41.65
H372 LMG AC . -3.09 34.16 41.05
H381 LMG AC . -3.82 33.99 43.29
H382 LMG AC . -3.53 35.70 43.49
H391 LMG AC . -1.38 35.35 44.58
H392 LMG AC . -1.01 33.91 43.67
O1 LHG BC . 3.79 31.84 4.01
C1 LHG BC . 5.07 32.20 4.54
C2 LHG BC . 5.48 33.56 3.97
O2 LHG BC . 5.69 33.45 2.53
C3 LHG BC . 6.77 34.17 4.61
O3 LHG BC . 6.41 34.26 5.98
P LHG BC . 7.50 34.20 7.17
O4 LHG BC . 8.83 34.49 6.52
O5 LHG BC . 6.96 34.79 8.41
O6 LHG BC . 7.45 32.61 7.33
C4 LHG BC . 8.61 31.85 7.10
C5 LHG BC . 8.21 30.37 7.28
C6 LHG BC . 9.28 29.46 6.70
O7 LHG BC . 8.14 30.22 8.69
C7 LHG BC . 7.05 29.55 9.12
O9 LHG BC . 6.34 28.95 8.38
C8 LHG BC . 7.07 29.41 10.61
C9 LHG BC . 7.41 27.99 11.00
C10 LHG BC . 8.79 27.68 10.53
O8 LHG BC . 8.89 28.13 7.07
C23 LHG BC . 7.97 27.47 6.29
O10 LHG BC . 7.13 28.16 5.73
C24 LHG BC . 7.65 26.01 6.67
C11 LHG BC . 8.95 26.17 10.54
C12 LHG BC . 10.35 25.97 10.07
C13 LHG BC . 10.72 24.53 10.15
C14 LHG BC . 12.15 24.39 9.71
C15 LHG BC . 12.33 23.04 9.11
C16 LHG BC . 13.77 22.88 8.75
C17 LHG BC . 14.42 21.87 9.71
C18 LHG BC . 14.17 20.54 9.14
C19 LHG BC . 14.74 19.41 9.94
C20 LHG BC . 16.24 19.46 9.60
C21 LHG BC . 17.04 19.26 10.85
C22 LHG BC . 17.41 17.80 11.00
C25 LHG BC . 6.20 25.51 6.73
C26 LHG BC . 6.07 23.98 6.45
C27 LHG BC . 4.79 23.49 7.11
C28 LHG BC . 4.15 22.30 6.41
C29 LHG BC . 2.68 22.15 6.83
C30 LHG BC . 1.67 22.34 5.71
C31 LHG BC . 0.28 21.64 5.78
C32 LHG BC . 0.20 20.29 6.44
C33 LHG BC . -0.57 19.38 5.50
C34 LHG BC . -2.07 19.67 5.36
C35 LHG BC . -2.92 18.77 6.24
C36 LHG BC . -4.08 18.24 5.42
C37 LHG BC . -4.90 17.45 6.38
C38 LHG BC . -6.23 17.00 5.79
HO1 LHG BC . 3.95 31.71 3.18
HC11 LHG BC . 5.73 31.52 4.32
HC12 LHG BC . 5.05 32.21 5.51
HC2 LHG BC . 4.81 34.23 4.18
H02 LHG BC . 5.84 34.26 2.32
HC31 LHG BC . 6.99 35.04 4.24
HC32 LHG BC . 7.54 33.59 4.49
HC41 LHG BC . 9.32 32.10 7.71
HC42 LHG BC . 8.94 32.00 6.20
HC5 LHG BC . 7.39 30.21 6.79
HC61 LHG BC . 10.14 29.75 7.05
HC62 LHG BC . 9.33 29.63 5.75
HC81 LHG BC . 6.21 29.63 11.01
HC82 LHG BC . 7.72 30.00 11.02
HC91 LHG BC . 6.78 27.37 10.61
HC92 LHG BC . 7.35 27.88 11.95
H101 LHG BC . 9.43 28.10 11.12
H102 LHG BC . 8.93 28.05 9.64
H241 LHG BC . 8.04 25.80 7.53
H242 LHG BC . 8.12 25.40 6.09
H111 LHG BC . 8.31 25.74 9.94
H112 LHG BC . 8.81 25.80 11.42
H121 LHG BC . 10.92 26.52 10.63
H122 LHG BC . 10.40 26.30 9.16
H131 LHG BC . 10.14 24.00 9.56
H132 LHG BC . 10.61 24.20 11.05
H141 LHG BC . 12.74 24.52 10.47
H142 LHG BC . 12.36 25.09 9.06
H151 LHG BC . 11.77 22.94 8.31
H152 LHG BC . 12.06 22.35 9.74
H161 LHG BC . 14.22 23.74 8.82
H162 LHG BC . 13.86 22.57 7.84
H171 LHG BC . 14.04 21.94 10.60
H172 LHG BC . 15.37 22.03 9.80
H181 LHG BC . 14.53 20.51 8.23
H182 LHG BC . 13.21 20.40 9.05
H191 LHG BC . 14.35 18.55 9.69
H192 LHG BC . 14.60 19.52 10.89
H201 LHG BC . 16.50 20.30 9.19
H202 LHG BC . 16.49 18.77 8.95
H211 LHG BC . 16.55 19.50 11.65
H212 LHG BC . 17.88 19.75 10.83
H221 LHG BC . 17.90 17.71 11.82
H222 LHG BC . 17.95 17.57 10.22
H223 LHG BC . 16.57 17.30 11.02
H251 LHG BC . 5.66 25.99 6.08
H252 LHG BC . 5.82 25.69 7.60
H261 LHG BC . 6.84 23.50 6.80
H262 LHG BC . 6.04 23.82 5.49
H271 LHG BC . 4.15 24.23 7.14
H272 LHG BC . 4.99 23.26 8.04
H281 LHG BC . 4.63 21.48 6.64
H282 LHG BC . 4.20 22.41 5.45
H291 LHG BC . 2.49 22.80 7.53
H292 LHG BC . 2.55 21.29 7.23
H301 LHG BC . 2.10 22.05 4.89
H302 LHG BC . 1.52 23.29 5.60
H311 LHG BC . -0.06 21.56 4.86
H312 LHG BC . -0.33 22.25 6.24
H321 LHG BC . -0.24 20.37 7.30
H322 LHG BC . 1.09 19.95 6.60
H331 LHG BC . -0.47 18.47 5.79
H332 LHG BC . -0.17 19.44 4.61
H341 LHG BC . -2.35 19.55 4.44
H342 LHG BC . -2.26 20.59 5.60
H351 LHG BC . -3.26 19.26 7.00
H352 LHG BC . -2.40 18.03 6.58
H361 LHG BC . -3.77 17.68 4.69
H362 LHG BC . -4.60 18.97 5.04
H371 LHG BC . -5.11 17.97 7.17
H372 LHG BC . -4.43 16.65 6.66
H381 LHG BC . -6.14 16.06 5.59
H382 LHG BC . -6.38 17.53 4.99
H383 LHG BC . -6.91 17.15 6.47
O1 LHG CC . 8.18 33.13 10.77
C1 LHG CC . 8.45 34.34 11.50
C2 LHG CC . 7.10 34.89 11.83
O2 LHG CC . 6.89 36.19 11.25
C3 LHG CC . 6.87 35.02 13.34
O3 LHG CC . 5.47 34.82 13.31
P LHG CC . 4.46 35.39 14.40
O4 LHG CC . 5.16 36.21 15.39
O5 LHG CC . 3.27 35.64 13.53
O6 LHG CC . 4.34 33.94 15.19
C4 LHG CC . 3.78 32.90 14.46
C5 LHG CC . 4.42 31.65 14.98
C6 LHG CC . 4.45 31.55 16.48
O7 LHG CC . 3.63 30.61 14.54
C7 LHG CC . 4.20 29.83 13.60
O9 LHG CC . 5.18 30.21 12.96
C8 LHG CC . 3.28 28.75 13.19
C9 LHG CC . 4.03 27.69 12.36
C10 LHG CC . 3.97 26.37 13.06
O8 LHG CC . 5.14 30.31 16.71
C23 LHG CC . 5.61 30.07 17.95
O10 LHG CC . 5.75 31.04 18.63
C24 LHG CC . 6.43 28.75 18.28
C11 LHG CC . 4.99 25.49 12.33
C12 LHG CC . 4.46 24.12 12.31
C13 LHG CC . 5.38 23.27 11.50
C14 LHG CC . 4.87 21.85 11.45
C15 LHG CC . 4.34 21.62 10.04
C16 LHG CC . 3.48 20.39 10.04
C17 LHG CC . 4.30 19.20 9.65
C18 LHG CC . 3.31 18.09 9.75
C19 LHG CC . 2.39 18.00 8.56
C20 LHG CC . 1.45 16.89 8.93
C21 LHG CC . 2.10 15.56 8.69
C22 LHG CC . 1.59 15.01 7.37
C25 LHG CC . 5.78 27.35 18.21
C26 LHG CC . 6.42 26.19 19.06
C27 LHG CC . 5.27 25.27 19.55
C28 LHG CC . 5.36 23.78 19.19
C29 LHG CC . 3.95 23.11 19.49
C30 LHG CC . 3.45 21.97 18.51
C31 LHG CC . 3.26 22.33 17.03
C32 LHG CC . 1.88 22.06 16.41
C33 LHG CC . 1.87 22.74 15.06
C34 LHG CC . 1.54 24.23 15.05
C35 LHG CC . 0.65 24.58 13.89
C36 LHG CC . 0.17 26.02 14.10
C37 LHG CC . -0.52 26.42 12.79
C38 LHG CC . -1.22 27.76 12.85
HO1 LHG CC . 8.88 32.67 10.92
HC11 LHG CC . 8.98 34.96 10.99
HC12 LHG CC . 8.97 34.16 12.30
HC2 LHG CC . 6.41 34.28 11.52
H02 LHG CC . 6.05 36.28 11.34
HC31 LHG CC . 7.11 35.90 13.68
HC32 LHG CC . 7.34 34.36 13.85
HC41 LHG CC . 3.95 33.02 13.52
HC42 LHG CC . 2.82 32.88 14.58
HC5 LHG CC . 5.34 31.71 14.67
HC61 LHG CC . 3.53 31.59 16.82
HC62 LHG CC . 4.86 32.35 16.84
HC81 LHG CC . 2.54 29.09 12.65
HC82 LHG CC . 2.87 28.31 13.95
HC91 LHG CC . 4.96 27.95 12.24
HC92 LHG CC . 3.65 27.61 11.48
H101 LHG CC . 3.08 26.00 13.00
H102 LHG CC . 4.19 26.47 13.99
H241 LHG CC . 6.83 28.82 19.16
H242 LHG CC . 7.22 28.70 17.71
H111 LHG CC . 5.85 25.52 12.78
H112 LHG CC . 5.12 25.81 11.42
H121 LHG CC . 3.56 24.15 11.93
H122 LHG CC . 4.40 23.81 13.22
H131 LHG CC . 6.27 23.29 11.88
H132 LHG CC . 5.43 23.63 10.59
H141 LHG CC . 4.17 21.73 12.11
H142 LHG CC . 5.59 21.24 11.67
H151 LHG CC . 5.09 21.50 9.43
H152 LHG CC . 3.84 22.39 9.75
H161 LHG CC . 2.74 20.52 9.42
H162 LHG CC . 3.09 20.26 10.92
H171 LHG CC . 5.04 19.07 10.26
H172 LHG CC . 4.65 19.29 8.76
H181 LHG CC . 2.78 18.21 10.56
H182 LHG CC . 3.78 17.26 9.86
H191 LHG CC . 2.88 17.79 7.75
H192 LHG CC . 1.90 18.82 8.41
H201 LHG CC . 0.63 16.92 8.42
H202 LHG CC . 1.17 16.93 9.86
H211 LHG CC . 1.89 14.92 9.37
H212 LHG CC . 3.07 15.63 8.61
H221 LHG CC . 2.28 14.42 7.01
H222 LHG CC . 1.42 15.75 6.78
H223 LHG CC . 0.77 14.51 7.56
H251 LHG CC . 5.76 27.06 17.29
H252 LHG CC . 4.85 27.44 18.49
H261 LHG CC . 6.90 26.55 19.82
H262 LHG CC . 7.05 25.69 18.53
H271 LHG CC . 4.44 25.63 19.19
H272 LHG CC . 5.22 25.35 20.52
H281 LHG CC . 6.05 23.34 19.71
H282 LHG CC . 5.59 23.67 18.26
H291 LHG CC . 3.28 23.81 19.49
H292 LHG CC . 3.97 22.75 20.39
H301 LHG CC . 2.61 21.62 18.85
H302 LHG CC . 4.08 21.22 18.57
H311 LHG CC . 3.92 21.84 16.52
H312 LHG CC . 3.47 23.27 16.93
H321 LHG CC . 1.18 22.42 16.99
H322 LHG CC . 1.73 21.11 16.34
H331 LHG CC . 1.23 22.29 14.49
H332 LHG CC . 2.74 22.63 14.65
H341 LHG CC . 2.35 24.76 15.00
H342 LHG CC . 1.09 24.48 15.87
H351 LHG CC . -0.10 23.97 13.84
H352 LHG CC . 1.14 24.51 13.06
H361 LHG CC . 0.92 26.60 14.29
H362 LHG CC . -0.45 26.06 14.84
H371 LHG CC . -1.18 25.77 12.53
H372 LHG CC . 0.14 26.48 12.07
H381 LHG CC . -0.91 28.28 12.08
H382 LHG CC . -0.98 28.18 13.68
H383 LHG CC . -2.18 27.58 12.80
O6 SQD DC . -16.86 30.30 -5.24
C44 SQD DC . -16.30 29.06 -5.67
C45 SQD DC . -14.96 28.80 -4.98
C46 SQD DC . -13.88 28.75 -6.05
O47 SQD DC . -14.74 29.78 -3.97
C7 SQD DC . -14.64 29.49 -2.58
O49 SQD DC . -14.26 30.37 -1.82
C8 SQD DC . -14.85 28.06 -2.01
C9 SQD DC . -13.50 27.31 -1.97
C10 SQD DC . -13.70 25.89 -1.45
C11 SQD DC . -13.51 24.84 -2.56
C12 SQD DC . -12.60 23.72 -2.13
C13 SQD DC . -13.32 22.72 -1.23
C14 SQD DC . -12.90 21.26 -1.49
C15 SQD DC . -13.14 20.41 -0.23
C16 SQD DC . -14.45 19.63 -0.31
C17 SQD DC . -14.80 18.96 1.05
C18 SQD DC . -16.24 18.38 1.10
C19 SQD DC . -16.35 17.28 2.18
C20 SQD DC . -17.37 17.64 3.25
C21 SQD DC . -18.00 16.39 3.88
C22 SQD DC . -19.26 16.79 4.63
O48 SQD DC . -14.26 27.75 -6.99
C23 SQD DC . -13.69 26.46 -6.86
O10 SQD DC . -13.26 26.09 -5.79
C24 SQD DC . -13.21 25.72 -8.07
C25 SQD DC . -12.52 24.44 -7.59
C26 SQD DC . -13.50 23.53 -6.85
C27 SQD DC . -12.72 22.51 -6.02
C28 SQD DC . -12.62 21.19 -6.80
C29 SQD DC . -13.63 20.19 -6.19
C30 SQD DC . -13.33 18.77 -6.69
C31 SQD DC . -13.89 17.68 -5.75
C32 SQD DC . -13.25 17.78 -4.36
C33 SQD DC . -13.29 16.43 -3.62
C34 SQD DC . -13.08 16.54 -2.10
C35 SQD DC . -12.53 15.25 -1.52
C36 SQD DC . -11.91 15.45 -0.14
C37 SQD DC . -12.85 15.10 0.98
C38 SQD DC . -12.03 14.49 2.09
C1 SQD DC . -16.38 31.47 -5.85
C2 SQD DC . -16.93 31.85 -7.19
O2 SQD DC . -17.22 30.76 -7.99
C3 SQD DC . -15.88 32.77 -7.78
O3 SQD DC . -16.32 33.33 -8.96
C4 SQD DC . -15.49 33.87 -6.82
O4 SQD DC . -14.21 34.30 -7.15
C5 SQD DC . -15.50 33.51 -5.36
C6 SQD DC . -15.63 34.76 -4.51
O5 SQD DC . -16.50 32.59 -5.01
S SQD DC . -15.44 34.42 -2.76
O7 SQD DC . -16.21 33.30 -2.31
O8 SQD DC . -14.03 34.20 -2.41
O9 SQD DC . -16.01 35.53 -2.02
H441 SQD DC . -16.17 29.08 -6.63
H442 SQD DC . -16.91 28.34 -5.44
H45 SQD DC . -14.94 27.94 -4.55
H461 SQD DC . -13.03 28.52 -5.66
H462 SQD DC . -13.81 29.61 -6.50
H81 SQD DC . -15.46 27.58 -2.59
H82 SQD DC . -15.22 28.12 -1.12
H91 SQD DC . -12.90 27.79 -1.39
H92 SQD DC . -13.14 27.28 -2.87
H101 SQD DC . -14.60 25.81 -1.09
H102 SQD DC . -13.05 25.72 -0.74
H111 SQD DC . -13.14 25.28 -3.35
H112 SQD DC . -14.38 24.47 -2.80
H121 SQD DC . -11.84 24.10 -1.64
H122 SQD DC . -12.27 23.26 -2.92
H131 SQD DC . -14.27 22.80 -1.38
H132 SQD DC . -13.13 22.93 -0.30
H141 SQD DC . -11.96 21.24 -1.71
H142 SQD DC . -13.43 20.90 -2.21
H151 SQD DC . -13.17 21.00 0.54
H152 SQD DC . -12.41 19.79 -0.14
H161 SQD DC . -14.36 18.94 -0.98
H162 SQD DC . -15.17 20.22 -0.55
H171 SQD DC . -14.70 19.62 1.75
H172 SQD DC . -14.17 18.23 1.21
H181 SQD DC . -16.46 17.99 0.24
H182 SQD DC . -16.86 19.10 1.31
H191 SQD DC . -15.48 17.17 2.60
H192 SQD DC . -16.62 16.45 1.76
H201 SQD DC . -18.08 18.17 2.84
H202 SQD DC . -16.94 18.16 3.94
H211 SQD DC . -17.36 15.99 4.49
H212 SQD DC . -18.23 15.76 3.18
H221 SQD DC . -19.54 16.05 5.19
H222 SQD DC . -19.96 17.00 3.99
H223 SQD DC . -19.07 17.57 5.18
H241 SQD DC . -12.59 26.26 -8.58
H242 SQD DC . -13.97 25.48 -8.64
H251 SQD DC . -11.80 24.69 -6.99
H252 SQD DC . -12.15 23.97 -8.35
H261 SQD DC . -14.06 23.05 -7.50
H262 SQD DC . -14.07 24.06 -6.27
H271 SQD DC . -13.17 22.36 -5.18
H272 SQD DC . -11.83 22.85 -5.85
H281 SQD DC . -11.73 20.83 -6.73
H282 SQD DC . -12.84 21.35 -7.73
H291 SQD DC . -14.53 20.43 -6.45
H292 SQD DC . -13.56 20.20 -5.22
H301 SQD DC . -12.37 18.66 -6.77
H302 SQD DC . -13.74 18.66 -7.57
H311 SQD DC . -13.68 16.80 -6.13
H312 SQD DC . -14.84 17.78 -5.67
H321 SQD DC . -13.74 18.43 -3.83
H322 SQD DC . -12.32 18.06 -4.43
H331 SQD DC . -12.60 15.85 -3.99
H332 SQD DC . -14.16 16.02 -3.78
H341 SQD DC . -13.93 16.73 -1.67
H342 SQD DC . -12.46 17.26 -1.93
H351 SQD DC . -11.85 14.90 -2.12
H352 SQD DC . -13.24 14.61 -1.43
H361 SQD DC . -11.65 16.39 -0.05
H362 SQD DC . -11.11 14.89 -0.07
H371 SQD DC . -13.51 14.46 0.66
H372 SQD DC . -13.30 15.90 1.30
H381 SQD DC . -12.58 14.42 2.90
H382 SQD DC . -11.26 15.05 2.27
H383 SQD DC . -11.74 13.60 1.82
H1 SQD DC . -15.45 31.20 -5.97
H2 SQD DC . -17.80 32.26 -7.17
HO2 SQD DC . -18.01 30.83 -8.29
H3 SQD DC . -15.10 32.23 -8.00
HO3 SQD DC . -16.30 32.75 -9.57
H4 SQD DC . -16.13 34.58 -6.96
HO4 SQD DC . -14.08 35.08 -6.84
H5 SQD DC . -14.63 33.14 -5.13
H61 SQD DC . -16.51 35.14 -4.67
H62 SQD DC . -14.96 35.40 -4.79
HO8 SQD DC . -13.81 34.70 -1.76
C1 UNL EC . -30.25 9.66 47.65
C10 UNL EC . -33.87 18.26 50.88
C2 UNL EC . -30.65 10.07 49.07
C3 UNL EC . -32.05 10.67 48.94
C4 UNL EC . -32.03 12.19 49.01
C5 UNL EC . -33.16 12.72 48.12
C6 UNL EC . -33.18 14.26 48.12
C7 UNL EC . -32.84 14.83 49.51
C8 UNL EC . -33.07 16.34 49.47
C9 UNL EC . -33.14 16.91 50.90
O1 UNL EC . -30.59 8.55 47.12
O2 UNL EC . -29.62 10.52 47.00
H21 UNL EC . -30.02 10.72 49.42
H22 UNL EC . -30.67 9.29 49.65
H31 UNL EC . -32.60 10.33 49.67
H32 UNL EC . -32.43 10.40 48.09
H41 UNL EC . -31.18 12.52 48.69
H42 UNL EC . -32.18 12.48 49.92
H51 UNL EC . -34.00 12.38 48.44
H52 UNL EC . -33.01 12.41 47.21
H61 UNL EC . -34.07 14.55 47.87
H62 UNL EC . -32.53 14.58 47.48
H71 UNL EC . -31.91 14.65 49.72
H72 UNL EC . -33.42 14.43 50.18
H81 UNL EC . -33.90 16.52 49.02
H82 UNL EC . -32.33 16.77 49.00
H91 UNL EC . -32.24 17.03 51.24
H92 UNL EC . -33.62 16.29 51.47
C1 UNL FC . -6.90 -4.85 6.72
C10 UNL FC . -7.86 4.69 2.94
C11 UNL FC . -7.08 4.83 1.62
C12 UNL FC . -8.05 5.06 0.47
C13 UNL FC . -7.50 6.16 -0.46
C14 UNL FC . -8.19 5.99 -1.81
C15 UNL FC . -7.59 6.89 -2.92
C16 UNL FC . -6.82 8.10 -2.36
C2 UNL FC . -6.66 -3.35 6.57
C3 UNL FC . -7.60 -2.56 7.50
C4 UNL FC . -7.17 -1.09 7.59
C5 UNL FC . -7.68 -0.36 6.35
C6 UNL FC . -6.95 0.98 6.20
C7 UNL FC . -7.05 1.48 4.76
C8 UNL FC . -7.60 2.91 4.71
C9 UNL FC . -8.15 3.22 3.31
O1 UNL FC . -7.89 -5.38 6.14
O2 UNL FC . -6.13 -5.56 7.44
H21 UNL FC . -6.81 -3.09 5.66
H22 UNL FC . -5.74 -3.15 6.82
H31 UNL FC . -7.57 -2.95 8.39
H32 UNL FC . -8.50 -2.61 7.16
H41 UNL FC . -6.20 -1.04 7.62
H42 UNL FC . -7.55 -0.69 8.38
H51 UNL FC . -8.63 -0.18 6.44
H52 UNL FC . -7.52 -0.89 5.56
H61 UNL FC . -6.02 0.86 6.44
H62 UNL FC . -7.35 1.63 6.80
H71 UNL FC . -7.64 0.88 4.26
H72 UNL FC . -6.17 1.47 4.35
H81 UNL FC . -6.90 3.53 4.93
H82 UNL FC . -8.32 2.99 5.36
H91 UNL FC . -9.10 3.07 3.29
H92 UNL FC . -7.72 2.65 2.66
H101 UNL FC . -7.35 5.10 3.66
H102 UNL FC . -8.70 5.16 2.86
H111 UNL FC . -6.57 4.02 1.46
H112 UNL FC . -6.48 5.58 1.69
H121 UNL FC . -8.91 5.33 0.81
H122 UNL FC . -8.14 4.24 -0.04
H131 UNL FC . -6.53 6.06 -0.56
H132 UNL FC . -7.68 7.03 -0.08
H141 UNL FC . -9.12 6.23 -1.71
H142 UNL FC . -8.11 5.07 -2.09
H151 UNL FC . -8.32 7.22 -3.47
H152 UNL FC . -7.00 6.35 -3.46
C1 UNL GC . -30.87 38.52 37.41
C10 UNL GC . -31.87 31.21 43.20
C2 UNL GC . -31.81 37.32 37.34
C3 UNL GC . -30.94 36.08 37.31
C4 UNL GC . -31.81 34.86 37.45
C5 UNL GC . -31.45 34.21 38.77
C6 UNL GC . -32.48 33.14 39.08
C7 UNL GC . -32.68 33.02 40.60
C8 UNL GC . -31.36 32.84 41.34
C9 UNL GC . -31.58 32.67 42.85
O1 UNL GC . -29.67 38.31 37.09
O2 UNL GC . -31.29 39.66 37.76
H21 UNL GC . -32.34 37.37 36.53
H22 UNL GC . -32.39 37.30 38.11
H31 UNL GC . -30.30 36.11 38.05
H32 UNL GC . -30.45 36.03 36.48
H41 UNL GC . -31.64 34.25 36.72
H42 UNL GC . -32.74 35.12 37.45
H51 UNL GC . -31.44 34.88 39.47
H52 UNL GC . -30.57 33.80 38.70
H61 UNL GC . -32.18 32.29 38.72
H62 UNL GC . -33.33 33.38 38.66
H71 UNL GC . -33.26 32.26 40.78
H72 UNL GC . -33.10 33.83 40.92
H81 UNL GC . -30.79 33.61 41.19
H82 UNL GC . -30.91 32.04 40.99
H91 UNL GC . -32.34 33.22 43.10
H92 UNL GC . -30.78 32.96 43.32
C10 UNL HC . -36.05 31.16 38.45
C11 UNL HC . -35.04 30.15 37.88
C12 UNL HC . -35.18 28.77 38.52
C13 UNL HC . -35.65 27.74 37.48
C14 UNL HC . -34.53 26.76 37.11
C15 UNL HC . -35.18 25.48 36.55
C16 UNL HC . -36.17 25.85 35.45
C17 UNL HC . -36.26 24.76 34.38
C18 UNL HC . -36.97 25.35 33.15
C3 UNL HC . -37.41 38.08 33.28
C4 UNL HC . -37.53 36.60 33.67
C5 UNL HC . -36.60 36.24 34.86
C6 UNL HC . -37.24 35.10 35.69
C7 UNL HC . -36.50 33.76 35.61
C8 UNL HC . -36.04 33.24 36.98
C9 UNL HC . -36.76 31.94 37.32
H41 UNL HC . -37.28 36.06 32.91
H42 UNL HC . -38.44 36.41 33.92
H51 UNL HC . -36.48 37.01 35.42
H52 UNL HC . -35.75 35.94 34.51
H61 UNL HC . -38.15 34.97 35.39
H62 UNL HC . -37.26 35.39 36.62
H71 UNL HC . -35.72 33.88 35.05
H72 UNL HC . -37.09 33.11 35.21
H81 UNL HC . -36.24 33.91 37.67
H82 UNL HC . -35.08 33.09 36.96
H91 UNL HC . -36.77 31.38 36.53
H92 UNL HC . -37.66 32.13 37.60
H101 UNL HC . -36.72 30.69 38.98
H102 UNL HC . -35.58 31.79 39.02
H111 UNL HC . -34.14 30.48 38.04
H112 UNL HC . -35.20 30.07 36.92
H121 UNL HC . -35.85 28.81 39.24
H122 UNL HC . -34.33 28.49 38.89
H131 UNL HC . -35.94 28.20 36.68
H132 UNL HC . -36.39 27.23 37.84
H141 UNL HC . -34.00 26.55 37.89
H142 UNL HC . -33.97 27.16 36.43
H151 UNL HC . -35.63 25.00 37.26
H152 UNL HC . -34.48 24.90 36.18
H161 UNL HC . -35.87 26.68 35.04
H162 UNL HC . -37.04 25.99 35.84
H171 UNL HC . -36.78 24.01 34.72
H172 UNL HC . -35.37 24.46 34.13
H181 UNL HC . -36.93 24.70 32.42
H182 UNL HC . -36.51 26.16 32.87
H183 UNL HC . -37.89 25.54 33.37
MG CLA IC . 64.65 13.76 24.31
CHA CLA IC . 63.95 11.73 27.06
CHB CLA IC . 62.32 11.91 22.53
CHC CLA IC . 64.65 16.15 21.78
CHD CLA IC . 66.39 15.90 26.35
NA CLA IC . 63.33 12.08 24.75
C1A CLA IC . 63.26 11.37 25.94
C2A CLA IC . 62.26 10.22 25.87
C3A CLA IC . 61.90 10.21 24.36
C4A CLA IC . 62.54 11.49 23.82
CMA CLA IC . 62.34 8.99 23.62
CAA CLA IC . 61.06 10.51 26.82
CBA CLA IC . 60.37 11.87 26.74
CGA CLA IC . 59.24 11.85 25.74
O1A CLA IC . 58.33 11.04 25.58
O2A CLA IC . 59.23 12.90 24.85
NB CLA IC . 63.67 13.98 22.49
C1B CLA IC . 62.85 13.07 21.95
C2B CLA IC . 62.56 13.46 20.54
C3B CLA IC . 63.21 14.65 20.29
C4B CLA IC . 63.92 15.01 21.54
CMB CLA IC . 61.67 12.73 19.64
CAB CLA IC . 63.18 15.41 19.07
CBB CLA IC . 63.15 16.75 18.95
NC CLA IC . 65.50 15.59 24.06
C1C CLA IC . 65.41 16.41 22.96
C2C CLA IC . 66.08 17.68 23.20
C3C CLA IC . 66.49 17.67 24.53
C4C CLA IC . 66.14 16.34 25.05
CMC CLA IC . 66.19 18.78 22.24
CAC CLA IC . 67.17 18.76 25.25
CBC CLA IC . 66.19 19.70 25.90
ND CLA IC . 65.16 13.79 26.20
C1D CLA IC . 65.94 14.74 26.93
C2D CLA IC . 66.15 14.23 28.32
C3D CLA IC . 65.43 13.07 28.42
C4D CLA IC . 64.80 12.87 27.08
CMD CLA IC . 66.91 14.90 29.37
CAD CLA IC . 64.99 11.99 29.27
OBD CLA IC . 65.24 11.71 30.45
CBD CLA IC . 64.04 11.11 28.40
CGD CLA IC . 64.68 9.77 28.19
O1D CLA IC . 65.35 9.46 27.21
O2D CLA IC . 64.54 8.87 29.18
CED CLA IC . 65.59 7.93 29.25
C1 CLA IC . 58.57 12.71 23.59
C2 CLA IC . 59.16 13.61 22.56
C3 CLA IC . 58.63 14.74 22.10
C4 CLA IC . 57.36 15.25 22.65
C5 CLA IC . 59.27 15.58 21.04
C6 CLA IC . 58.66 15.39 19.66
C7 CLA IC . 59.17 16.42 18.65
C8 CLA IC . 58.60 16.25 17.25
C9 CLA IC . 58.91 14.85 16.75
C10 CLA IC . 59.17 17.27 16.27
C11 CLA IC . 58.63 18.67 16.43
C12 CLA IC . 59.32 19.66 15.51
C13 CLA IC . 59.01 21.10 15.87
C14 CLA IC . 57.52 21.39 15.73
C15 CLA IC . 59.84 22.12 15.08
C16 CLA IC . 59.57 22.16 13.59
C17 CLA IC . 60.42 23.27 13.01
C18 CLA IC . 59.99 23.67 11.61
C19 CLA IC . 61.04 24.43 10.87
C20 CLA IC . 59.66 22.47 10.78
HHB CLA IC . 61.67 11.29 21.89
HHC CLA IC . 64.68 16.94 21.01
HHD CLA IC . 67.02 16.57 26.98
H2A CLA IC . 62.73 9.24 26.17
H3A CLA IC . 60.78 10.31 24.27
HMA1 CLA IC . 61.99 9.01 22.58
HMA2 CLA IC . 61.96 8.07 24.12
HMA3 CLA IC . 63.46 8.93 23.60
HAA1 CLA IC . 61.41 10.36 27.87
HAA2 CLA IC . 60.28 9.73 26.61
HBA1 CLA IC . 61.11 12.65 26.44
HBA2 CLA IC . 59.97 12.13 27.75
HMB1 CLA IC . 61.43 13.35 18.74
HMB2 CLA IC . 60.72 12.47 20.16
HMB3 CLA IC . 62.16 11.78 19.29
HAB CLA IC . 63.18 14.78 18.16
HBB1 CLA IC . 63.14 17.41 19.82
HBB2 CLA IC . 63.13 17.24 17.97
HMC1 CLA IC . 66.74 19.64 22.68
HMC2 CLA IC . 65.17 19.14 21.94
HMC3 CLA IC . 66.73 18.43 21.32
HAC1 CLA IC . 67.81 19.34 24.54
HAC2 CLA IC . 67.85 18.34 26.04
HBC1 CLA IC . 66.71 20.34 26.66
HBC2 CLA IC . 65.38 19.13 26.42
HBC3 CLA IC . 65.72 20.37 25.13
HMD1 CLA IC . 66.87 14.31 30.32
HMD2 CLA IC . 66.51 15.92 29.58
HMD3 CLA IC . 67.99 15.00 29.07
HBD CLA IC . 63.04 11.07 28.93
HED1 CLA IC . 65.39 7.36 30.19
HED2 CLA IC . 66.52 8.57 29.30
HED3 CLA IC . 65.49 7.33 28.32
H11 CLA IC . 57.48 12.94 23.74
H12 CLA IC . 58.68 11.64 23.30
H2 CLA IC . 60.14 13.25 22.16
H41 CLA IC . 57.29 16.35 22.51
H42 CLA IC . 57.29 15.05 23.74
H43 CLA IC . 56.48 14.78 22.15
H51 CLA IC . 60.37 15.33 21.01
H52 CLA IC . 59.19 16.66 21.34
H61 CLA IC . 57.54 15.46 19.73
H62 CLA IC . 58.90 14.36 19.28
H71 CLA IC . 60.29 16.36 18.62
H72 CLA IC . 58.92 17.45 19.04
H8 CLA IC . 57.48 16.40 17.30
H91 CLA IC . 58.82 14.81 15.63
H92 CLA IC . 58.20 14.11 17.19
H93 CLA IC . 59.95 14.56 17.03
H101 CLA IC . 58.96 16.92 15.22
H102 CLA IC . 60.29 17.30 16.39
H111 CLA IC . 58.74 19.00 17.49
H112 CLA IC . 57.53 18.67 16.21
H121 CLA IC . 59.01 19.47 14.45
H122 CLA IC . 60.43 19.49 15.56
H13 CLA IC . 59.29 21.24 16.96
H141 CLA IC . 57.35 22.45 15.44
H142 CLA IC . 56.99 21.19 16.69
H143 CLA IC . 57.08 20.73 14.94
H151 CLA IC . 60.93 21.89 15.23
H152 CLA IC . 59.67 23.14 15.49
H161 CLA IC . 58.49 22.34 13.39
H162 CLA IC . 59.84 21.18 13.11
H171 CLA IC . 61.49 22.95 12.98
H172 CLA IC . 60.36 24.17 13.69
H18 CLA IC . 59.08 24.33 11.75
H191 CLA IC . 60.67 24.73 9.85
H192 CLA IC . 61.96 23.81 10.74
H193 CLA IC . 61.32 25.36 11.43
H201 CLA IC . 59.51 22.75 9.72
H202 CLA IC . 58.74 21.97 11.16
H203 CLA IC . 60.50 21.72 10.84
MG CLA JC . 54.13 18.72 30.49
CHA CLA JC . 56.25 16.11 30.07
CHB CLA JC . 54.57 18.60 33.84
CHC CLA JC . 52.40 21.71 30.77
CHD CLA JC . 54.22 19.28 26.94
NA CLA JC . 55.28 17.56 31.74
C1A CLA JC . 56.05 16.46 31.37
C2A CLA JC . 56.70 15.79 32.59
C3A CLA JC . 56.04 16.54 33.77
C4A CLA JC . 55.25 17.66 33.10
CMA CLA JC . 55.18 15.60 34.56
CAA CLA JC . 58.22 15.95 32.66
CBA CLA JC . 58.72 17.39 32.46
CGA CLA JC . 60.15 17.44 31.94
O1A CLA JC . 61.12 16.72 32.22
O2A CLA JC . 60.33 18.46 31.04
NB CLA JC . 53.59 19.93 32.01
C1B CLA JC . 53.82 19.67 33.31
C2B CLA JC . 53.21 20.74 34.14
C3B CLA JC . 52.62 21.62 33.27
C4B CLA JC . 52.85 21.12 31.90
CMB CLA JC . 53.29 20.81 35.60
CAB CLA JC . 51.89 22.84 33.56
CBB CLA JC . 50.93 22.87 34.45
NC CLA JC . 53.47 20.24 29.10
C1C CLA JC . 52.69 21.29 29.45
C2C CLA JC . 52.19 21.98 28.26
C3C CLA JC . 52.70 21.29 27.17
C4C CLA JC . 53.51 20.20 27.70
CMC CLA JC . 51.34 23.17 28.28
CAC CLA JC . 52.47 21.63 25.77
CBC CLA JC . 51.12 21.10 25.33
ND CLA JC . 55.12 18.02 28.81
C1D CLA JC . 55.03 18.28 27.43
C2D CLA JC . 55.76 17.23 26.69
C3D CLA JC . 56.13 16.32 27.65
C4D CLA JC . 55.75 16.88 28.96
CMD CLA JC . 55.94 17.13 25.24
CAD CLA JC . 56.81 15.08 27.92
OBD CLA JC . 57.25 14.27 27.13
CBD CLA JC . 56.92 14.93 29.46
CGD CLA JC . 56.29 13.65 29.86
O1D CLA JC . 56.62 12.93 30.80
O2D CLA JC . 55.27 13.24 29.05
CED CLA JC . 54.64 12.02 29.48
C1 CLA JC . 61.56 18.37 30.29
C2 CLA JC . 62.57 19.24 30.96
C3 CLA JC . 63.15 20.28 30.35
C4 CLA JC . 62.85 20.62 28.94
C5 CLA JC . 64.19 21.15 30.99
C6 CLA JC . 65.57 20.73 30.43
C7 CLA JC . 66.31 19.83 31.40
C8 CLA JC . 67.69 19.29 30.96
C9 CLA JC . 67.89 19.25 29.46
C10 CLA JC . 67.78 17.90 31.56
C11 CLA JC . 69.17 17.30 31.55
C12 CLA JC . 69.19 15.99 32.34
C13 CLA JC . 70.33 15.05 31.89
C14 CLA JC . 70.18 13.60 32.31
C15 CLA JC . 71.67 15.62 32.35
C16 CLA JC . 72.05 15.23 33.75
C17 CLA JC . 73.50 15.66 34.01
C18 CLA JC . 74.49 14.62 33.53
C19 CLA JC . 75.59 15.31 32.78
C20 CLA JC . 75.11 13.73 34.61
HHB CLA JC . 54.59 18.51 34.94
HHC CLA JC . 51.75 22.59 30.86
HHD CLA JC . 54.14 19.35 25.84
H2A CLA JC . 56.45 14.70 32.53
H3A CLA JC . 56.81 17.02 34.44
HMA1 CLA JC . 54.99 16.00 35.59
HMA2 CLA JC . 55.67 14.60 34.67
HMA3 CLA JC . 54.19 15.44 34.05
HAA1 CLA JC . 58.69 15.29 31.88
HAA2 CLA JC . 58.58 15.59 33.66
HBA1 CLA JC . 58.66 17.94 33.43
HBA2 CLA JC . 58.06 17.90 31.72
HMB1 CLA JC . 52.65 21.65 35.98
HMB2 CLA JC . 54.34 20.98 35.93
HMB3 CLA JC . 52.92 19.84 36.04
HAB CLA JC . 52.19 23.73 32.98
HBB1 CLA JC . 50.63 21.97 35.01
HBB2 CLA JC . 50.36 23.78 34.68
HMC1 CLA JC . 50.81 23.29 27.31
HMC2 CLA JC . 51.96 24.09 28.46
HMC3 CLA JC . 50.58 23.10 29.09
HAC1 CLA JC . 53.27 21.19 25.13
HAC2 CLA JC . 52.50 22.74 25.62
HBC1 CLA JC . 50.92 21.37 24.27
HBC2 CLA JC . 50.30 21.52 25.97
HBC3 CLA JC . 51.10 19.98 25.41
HMD1 CLA JC . 56.21 16.09 24.94
HMD2 CLA JC . 56.74 17.81 24.89
HMD3 CLA JC . 54.99 17.40 24.71
HBD CLA JC . 58.00 14.93 29.76
HED1 CLA JC . 54.14 11.66 28.55
HED2 CLA JC . 53.95 12.34 30.29
HED3 CLA JC . 55.49 11.38 29.81
H11 CLA JC . 61.35 18.71 29.24
H12 CLA JC . 61.88 17.30 30.27
H2 CLA JC . 62.82 18.98 32.00
H41 CLA JC . 63.46 21.49 28.58
H42 CLA JC . 61.77 20.89 28.81
H43 CLA JC . 63.06 19.77 28.26
H51 CLA JC . 64.16 21.02 32.11
H52 CLA JC . 63.98 22.23 30.78
H61 CLA JC . 66.18 21.64 30.22
H62 CLA JC . 65.43 20.19 29.46
H71 CLA JC . 65.64 18.96 31.64
H72 CLA JC . 66.44 20.40 32.36
H8 CLA JC . 68.50 19.99 31.31
H91 CLA JC . 68.83 18.69 29.21
H92 CLA JC . 67.96 20.27 29.04
H93 CLA JC . 67.04 18.72 28.97
H101 CLA JC . 67.10 17.21 30.99
H102 CLA JC . 67.42 17.92 32.62
H111 CLA JC . 69.90 18.03 32.00
H112 CLA JC . 69.50 17.13 30.49
H121 CLA JC . 68.20 15.47 32.20
H122 CLA JC . 69.31 16.22 33.43
H13 CLA JC . 70.28 15.02 30.76
H141 CLA JC . 71.12 13.04 32.12
H142 CLA JC . 69.36 13.10 31.74
H143 CLA JC . 69.94 13.54 33.40
H151 CLA JC . 71.64 16.74 32.29
H152 CLA JC . 72.49 15.28 31.65
H161 CLA JC . 71.96 14.12 33.89
H162 CLA JC . 71.37 15.71 34.49
H171 CLA JC . 73.64 15.84 35.11
H172 CLA JC . 73.70 16.64 33.49
H18 CLA JC . 73.89 13.90 32.89
H191 CLA JC . 76.30 14.55 32.35
H192 CLA JC . 76.17 15.97 33.47
H193 CLA JC . 75.17 15.92 31.95
H201 CLA JC . 75.74 12.94 34.14
H202 CLA JC . 74.32 13.24 35.22
H203 CLA JC . 75.76 14.33 35.28
MG CLA KC . 65.20 20.49 35.16
CHA CLA KC . 63.11 17.72 35.30
CHB CLA KC . 67.94 18.28 35.12
CHC CLA KC . 67.34 22.93 33.76
CHD CLA KC . 62.49 22.48 34.27
NA CLA KC . 65.47 18.27 35.19
C1A CLA KC . 64.44 17.35 35.36
C2A CLA KC . 65.01 15.94 35.60
C3A CLA KC . 66.58 16.14 35.49
C4A CLA KC . 66.70 17.66 35.26
CMA CLA KC . 67.43 15.66 36.65
CAA CLA KC . 64.42 14.93 34.61
CBA CLA KC . 64.18 15.47 33.20
CGA CLA KC . 63.47 14.45 32.38
O1A CLA KC . 63.02 13.34 32.72
O2A CLA KC . 63.36 14.85 31.10
NB CLA KC . 67.26 20.59 34.60
C1B CLA KC . 68.18 19.63 34.81
C2B CLA KC . 69.54 20.22 34.59
C3B CLA KC . 69.37 21.52 34.23
C4B CLA KC . 67.91 21.78 34.18
CMB CLA KC . 70.79 19.50 34.71
CAB CLA KC . 70.36 22.47 33.82
CBB CLA KC . 71.21 22.21 32.84
NC CLA KC . 64.97 22.43 34.33
C1C CLA KC . 65.96 23.25 33.85
C2C CLA KC . 65.38 24.47 33.28
C3C CLA KC . 64.01 24.30 33.34
C4C CLA KC . 63.76 23.03 34.02
CMC CLA KC . 66.18 25.54 32.66
CAC CLA KC . 62.98 25.22 32.87
CBC CLA KC . 62.16 24.67 31.72
ND CLA KC . 63.21 20.26 34.91
C1D CLA KC . 62.20 21.19 34.65
C2D CLA KC . 60.88 20.52 34.83
C3D CLA KC . 61.16 19.18 35.06
C4D CLA KC . 62.64 19.07 35.08
CMD CLA KC . 59.58 21.16 34.69
CAD CLA KC . 60.63 17.87 35.34
OBD CLA KC . 59.46 17.51 35.55
CBD CLA KC . 61.85 16.91 35.39
CGD CLA KC . 61.89 16.19 36.70
O1D CLA KC . 61.74 15.00 36.93
O2D CLA KC . 62.15 17.07 37.69
CED CLA KC . 62.51 16.51 38.95
C1 CLA KC . 62.36 14.23 30.21
C2 CLA KC . 62.55 15.02 28.97
C3 CLA KC . 61.60 15.61 28.21
C4 CLA KC . 60.15 15.61 28.50
C5 CLA KC . 62.03 16.42 27.06
C6 CLA KC . 61.60 16.06 25.67
C7 CLA KC . 62.11 17.26 24.88
C8 CLA KC . 61.07 17.67 23.87
C9 CLA KC . 61.78 18.36 22.71
C10 CLA KC . 60.01 18.55 24.51
C11 CLA KC . 60.45 19.93 24.93
C12 CLA KC . 59.83 20.32 26.27
C13 CLA KC . 58.31 20.46 26.20
C14 CLA KC . 57.94 21.55 25.20
C15 CLA KC . 57.68 20.85 27.51
C16 CLA KC . 58.20 20.05 28.66
C17 CLA KC . 57.38 20.40 29.88
C18 CLA KC . 57.73 21.75 30.50
C19 CLA KC . 56.92 21.88 31.78
C20 CLA KC . 59.17 21.86 30.90
HHB CLA KC . 68.84 17.64 35.24
HHC CLA KC . 67.98 23.70 33.30
HHD CLA KC . 61.63 23.17 34.14
H2A CLA KC . 64.76 15.59 36.64
H3A CLA KC . 66.94 15.56 34.59
HMA1 CLA KC . 68.31 15.09 36.31
HMA2 CLA KC . 66.83 15.00 37.34
HMA3 CLA KC . 67.80 16.53 37.26
HAA1 CLA KC . 63.45 14.54 35.03
HAA2 CLA KC . 65.12 14.04 34.54
HBA1 CLA KC . 65.15 15.71 32.70
HBA2 CLA KC . 63.55 16.40 33.24
HMB1 CLA KC . 71.62 20.20 34.99
HMB2 CLA KC . 71.05 19.01 33.73
HMB3 CLA KC . 70.72 18.71 35.50
HAB CLA KC . 70.37 23.43 34.36
HBB1 CLA KC . 71.19 21.26 32.29
HBB2 CLA KC . 71.98 22.92 32.52
HMC1 CLA KC . 65.60 26.49 32.64
HMC2 CLA KC . 66.45 25.26 31.60
HMC3 CLA KC . 67.13 25.70 33.23
HAC1 CLA KC . 63.45 26.19 32.55
HAC2 CLA KC . 62.28 25.48 33.72
HBC1 CLA KC . 61.35 25.39 31.43
HBC2 CLA KC . 61.67 23.70 32.02
HBC3 CLA KC . 62.81 24.48 30.84
HMD1 CLA KC . 58.76 20.49 35.07
HMD2 CLA KC . 59.36 21.38 33.61
HMD3 CLA KC . 59.54 22.12 35.26
HBD CLA KC . 61.73 16.20 34.52
HED1 CLA KC . 62.49 17.39 39.64
HED2 CLA KC . 63.54 16.09 38.76
HED3 CLA KC . 61.73 15.74 39.14
H11 CLA KC . 61.33 14.35 30.65
H12 CLA KC . 62.58 13.14 30.08
H2 CLA KC . 63.61 15.10 28.67
H41 CLA KC . 59.61 16.38 27.88
H42 CLA KC . 59.95 15.85 29.57
H43 CLA KC . 59.69 14.62 28.28
H51 CLA KC . 63.16 16.43 27.08
H52 CLA KC . 61.70 17.47 27.27
H61 CLA KC . 60.48 15.95 25.59
H62 CLA KC . 62.05 15.10 25.32
H71 CLA KC . 63.07 16.99 24.37
H72 CLA KC . 62.34 18.10 25.58
H8 CLA KC . 60.54 16.78 23.45
H91 CLA KC . 61.03 18.84 22.03
H92 CLA KC . 62.37 17.62 22.12
H93 CLA KC . 62.48 19.14 23.09
H101 CLA KC . 59.62 18.01 25.42
H102 CLA KC . 59.15 18.65 23.80
H111 CLA KC . 60.14 20.68 24.14
H112 CLA KC . 61.56 19.97 25.00
H121 CLA KC . 60.28 21.27 26.63
H122 CLA KC . 60.09 19.53 27.03
H13 CLA KC . 57.92 19.45 25.88
H141 CLA KC . 57.00 22.06 25.51
H142 CLA KC . 57.78 21.10 24.18
H143 CLA KC . 58.75 22.31 25.13
H151 CLA KC . 56.57 20.73 27.46
H152 CLA KC . 57.88 21.94 27.72
H161 CLA KC . 59.29 20.26 28.85
H162 CLA KC . 58.12 18.95 28.45
H171 CLA KC . 57.51 19.60 30.66
H172 CLA KC . 56.30 20.41 29.60
H18 CLA KC . 57.51 22.55 29.74
H191 CLA KC . 56.92 22.94 32.13
H192 CLA KC . 57.37 21.24 32.59
H193 CLA KC . 55.87 21.55 31.60
H201 CLA KC . 59.31 22.67 31.65
H202 CLA KC . 59.80 22.09 30.01
H203 CLA KC . 59.53 20.91 31.35
MG CLA LC . 50.20 16.76 40.69
CHA CLA LC . 48.99 14.74 43.39
CHB CLA LC . 49.20 14.35 38.60
CHC CLA LC . 50.37 19.01 38.10
CHD CLA LC . 50.20 19.41 42.98
NA CLA LC . 49.37 14.82 40.99
C1A CLA LC . 48.90 14.17 42.15
C2A CLA LC . 48.29 12.81 41.82
C3A CLA LC . 48.71 12.60 40.33
C4A CLA LC . 49.12 14.01 39.91
CMA CLA LC . 49.83 11.60 40.25
CAA CLA LC . 46.76 12.80 42.00
CBA CLA LC . 46.02 13.91 41.25
CGA CLA LC . 44.55 14.01 41.64
O1A CLA LC . 43.90 13.33 42.44
O2A CLA LC . 43.93 15.02 40.96
NB CLA LC . 49.79 16.73 38.72
C1B CLA LC . 49.59 15.57 38.06
C2B CLA LC . 49.86 15.76 36.63
C3B CLA LC . 50.22 17.06 36.43
C4B CLA LC . 50.16 17.71 37.78
CMB CLA LC . 49.70 14.69 35.66
CAB CLA LC . 50.59 17.71 35.19
CBB CLA LC . 50.11 18.87 34.78
NC CLA LC . 50.24 18.80 40.57
C1C CLA LC . 50.37 19.53 39.41
C2C CLA LC . 50.48 20.95 39.71
C3C CLA LC . 50.44 21.05 41.10
C4C CLA LC . 50.32 19.69 41.62
CMC CLA LC . 50.57 22.02 38.72
CAC CLA LC . 50.46 22.28 41.88
CBC CLA LC . 49.06 22.85 42.01
ND CLA LC . 49.87 17.04 42.74
C1D CLA LC . 49.97 18.20 43.53
C2D CLA LC . 49.75 17.85 44.95
C3D CLA LC . 49.43 16.51 44.97
C4D CLA LC . 49.44 16.08 43.55
CMD CLA LC . 49.85 18.76 46.09
CAD CLA LC . 49.04 15.36 45.78
OBD CLA LC . 48.90 15.25 47.00
CBD CLA LC . 48.68 14.24 44.75
CGD CLA LC . 49.48 13.03 45.06
O1D CLA LC . 49.09 11.88 44.92
O2D CLA LC . 50.77 13.28 45.49
CED CLA LC . 51.71 12.21 45.56
C1 CLA LC . 42.51 15.25 41.13
C2 CLA LC . 41.99 15.97 39.92
C3 CLA LC . 41.76 17.29 39.79
C4 CLA LC . 42.03 18.24 40.90
C5 CLA LC . 41.22 17.84 38.49
C6 CLA LC . 41.72 19.19 37.96
C7 CLA LC . 40.69 19.83 37.03
C8 CLA LC . 41.09 21.22 36.54
C9 CLA LC . 40.90 22.28 37.61
C10 CLA LC . 40.30 21.63 35.30
C11 CLA LC . 41.13 21.75 34.02
C12 CLA LC . 40.90 23.06 33.28
C13 CLA LC . 41.91 23.21 32.13
C14 CLA LC . 43.33 23.35 32.65
HHB CLA LC . 48.93 13.57 37.86
HHC CLA LC . 50.55 19.72 37.28
HHD CLA LC . 50.30 20.27 43.67
H2A CLA LC . 48.74 12.02 42.50
H3A CLA LC . 47.85 12.27 39.68
HMA1 CLA LC . 50.20 11.51 39.20
HMA2 CLA LC . 49.49 10.59 40.59
HMA3 CLA LC . 50.68 11.91 40.89
HAA1 CLA LC . 46.52 12.90 43.10
HAA2 CLA LC . 46.35 11.81 41.67
HBA1 CLA LC . 46.09 13.72 40.15
HBA2 CLA LC . 46.51 14.89 41.47
HMB1 CLA LC . 50.15 14.98 34.67
HMB2 CLA LC . 48.62 14.47 35.49
HMB3 CLA LC . 50.21 13.76 36.01
HAB CLA LC . 51.32 17.15 34.58
HBB1 CLA LC . 49.38 19.44 35.36
HBB2 CLA LC . 50.41 19.33 33.82
HMC1 CLA LC . 50.82 22.99 39.22
HMC2 CLA LC . 49.61 22.14 38.18
HMC3 CLA LC . 51.37 21.80 37.95
HAC1 CLA LC . 51.13 23.04 41.40
HAC2 CLA LC . 50.87 22.08 42.91
HBC1 CLA LC . 49.06 23.72 42.71
HBC2 CLA LC . 48.36 22.07 42.39
HBC3 CLA LC . 48.70 23.19 41.00
HMD1 CLA LC . 49.79 18.21 47.06
HMD2 CLA LC . 49.03 19.52 46.06
HMD3 CLA LC . 50.83 19.31 46.07
HBD CLA LC . 47.58 14.02 44.85
HED1 CLA LC . 52.44 12.54 46.34
HED2 CLA LC . 52.12 12.15 44.52
HED3 CLA LC . 51.09 11.32 45.85
H11 CLA LC . 42.36 15.85 42.07
H12 CLA LC . 42.00 14.25 41.27
H2 CLA LC . 41.78 15.29 39.07
H41 CLA LC . 41.53 19.22 40.72
H42 CLA LC . 43.12 18.43 41.03
H43 CLA LC . 41.63 17.85 41.87
H51 CLA LC . 40.10 17.91 38.61
H52 CLA LC . 41.42 17.07 37.69
H61 CLA LC . 42.69 19.06 37.41
H62 CLA LC . 41.91 19.89 38.81
H71 CLA LC . 39.70 19.89 37.55
H72 CLA LC . 40.54 19.15 36.14
H8 CLA LC . 42.19 21.16 36.28
H91 CLA LC . 41.29 23.27 37.25
H92 CLA LC . 41.45 22.00 38.53
H93 CLA LC . 39.82 22.39 37.85
H101 CLA LC . 39.80 22.62 35.49
H102 CLA LC . 39.49 20.88 35.11
H111 CLA LC . 40.90 20.89 33.36
H112 CLA LC . 42.22 21.67 34.30
H121 CLA LC . 40.99 23.91 33.99
H122 CLA LC . 39.86 23.07 32.87
H141 CLA LC . 43.81 24.27 32.26
H142 CLA LC . 43.95 22.47 32.33
H143 CLA LC . 43.35 23.39 33.77
MG CLA MC . 48.46 26.15 11.65
CHA CLA MC . 49.40 29.02 9.85
CHB CLA MC . 45.30 26.62 10.48
CHC CLA MC . 47.72 23.08 12.80
CHD CLA MC . 51.92 25.51 12.10
NA CLA MC . 47.55 27.61 10.44
C1A CLA MC . 48.07 28.76 9.87
C2A CLA MC . 47.00 29.71 9.29
C3A CLA MC . 45.69 28.99 9.74
C4A CLA MC . 46.18 27.64 10.27
CMA CLA MC . 45.05 29.73 10.88
CAA CLA MC . 47.10 29.96 7.78
CBA CLA MC . 46.90 28.78 6.85
CGA CLA MC . 48.15 27.96 6.87
O1A CLA MC . 49.35 28.29 6.61
O2A CLA MC . 47.89 26.69 7.26
NB CLA MC . 46.84 25.06 11.58
C1B CLA MC . 45.65 25.40 11.04
C2B CLA MC . 44.67 24.31 11.29
C3B CLA MC . 45.34 23.31 11.94
C4B CLA MC . 46.73 23.79 12.20
CMB CLA MC . 43.27 24.35 10.89
CAB CLA MC . 44.82 22.08 12.42
CBB CLA MC . 43.81 21.47 11.83
NC CLA MC . 49.60 24.62 12.35
C1C CLA MC . 49.08 23.47 12.88
C2C CLA MC . 50.14 22.63 13.44
C3C CLA MC . 51.35 23.26 13.17
C4C CLA MC . 51.00 24.53 12.50
CMC CLA MC . 49.92 21.33 14.06
CAC CLA MC . 52.71 22.74 13.45
CBC CLA MC . 53.23 23.09 14.81
ND CLA MC . 50.28 27.07 11.23
C1D CLA MC . 51.60 26.72 11.51
C2D CLA MC . 52.50 27.75 10.99
C3D CLA MC . 51.72 28.63 10.28
C4D CLA MC . 50.35 28.15 10.45
CMD CLA MC . 53.97 27.74 11.12
CAD CLA MC . 51.66 29.81 9.44
OBD CLA MC . 52.52 30.54 8.98
CBD CLA MC . 50.17 30.11 9.14
CGD CLA MC . 49.87 31.49 9.59
O1D CLA MC . 49.60 32.48 8.91
O2D CLA MC . 49.99 31.63 10.94
CED CLA MC . 50.09 32.97 11.42
C1 CLA MC . 49.06 25.85 7.27
C2 CLA MC . 48.57 24.47 7.60
C3 CLA MC . 49.15 23.67 8.51
C4 CLA MC . 50.34 24.08 9.29
C5 CLA MC . 48.60 22.29 8.77
C6 CLA MC . 47.08 22.23 8.90
C7 CLA MC . 46.53 20.81 9.07
C8 CLA MC . 45.66 20.42 7.89
C9 CLA MC . 44.23 20.81 8.18
C10 CLA MC . 45.71 18.93 7.57
C11 CLA MC . 46.99 18.56 6.82
C12 CLA MC . 46.72 18.07 5.41
C13 CLA MC . 47.81 17.14 4.88
C14 CLA MC . 48.71 17.83 3.86
C15 CLA MC . 47.21 15.85 4.29
C16 CLA MC . 47.89 14.63 4.87
C17 CLA MC . 47.46 13.40 4.13
C18 CLA MC . 48.46 12.26 4.21
C19 CLA MC . 49.24 12.27 5.51
C20 CLA MC . 47.74 10.94 4.08
HHB CLA MC . 44.24 26.76 10.18
HHC CLA MC . 47.46 22.11 13.27
HHD CLA MC . 52.99 25.29 12.26
H2A CLA MC . 47.13 30.72 9.77
H3A CLA MC . 45.00 28.85 8.86
HMA1 CLA MC . 44.20 29.15 11.32
HMA2 CLA MC . 44.65 30.72 10.54
HMA3 CLA MC . 45.78 29.92 11.70
HAA1 CLA MC . 48.11 30.39 7.56
HAA2 CLA MC . 46.34 30.74 7.51
HBA1 CLA MC . 46.68 29.13 5.80
HBA2 CLA MC . 46.04 28.14 7.19
HMB1 CLA MC . 42.62 23.89 11.68
HMB2 CLA MC . 43.11 23.80 9.94
HMB3 CLA MC . 42.94 25.42 10.74
HAB CLA MC . 45.30 21.66 13.32
HBB1 CLA MC . 43.33 21.85 10.92
HBB2 CLA MC . 43.41 20.51 12.19
HMC1 CLA MC . 50.87 20.97 14.56
HMC2 CLA MC . 49.62 20.56 13.29
HMC3 CLA MC . 49.12 21.38 14.83
HAC1 CLA MC . 53.44 23.13 12.69
HAC2 CLA MC . 52.72 21.63 13.36
HBC1 CLA MC . 52.93 22.31 15.55
HBC2 CLA MC . 52.82 24.07 15.13
HBC3 CLA MC . 54.34 23.16 14.79
HMD1 CLA MC . 54.40 28.71 10.80
HMD2 CLA MC . 54.41 26.93 10.49
HMD3 CLA MC . 54.27 27.56 12.18
HBD CLA MC . 49.92 30.05 8.04
HED1 CLA MC . 50.42 32.85 12.48
HED2 CLA MC . 49.06 33.39 11.30
HED3 CLA MC . 50.87 33.43 10.76
H11 CLA MC . 49.78 26.23 8.06
H12 CLA MC . 49.56 25.89 6.27
H2 CLA MC . 47.69 24.15 7.02
H41 CLA MC . 50.65 23.30 10.03
H42 CLA MC . 50.16 25.01 9.86
H43 CLA MC . 51.23 24.27 8.62
H51 CLA MC . 49.07 21.91 9.71
H52 CLA MC . 48.93 21.61 7.93
H61 CLA MC . 46.62 22.69 7.99
H62 CLA MC . 46.77 22.85 9.78
H71 CLA MC . 45.94 20.76 10.02
H72 CLA MC . 47.38 20.10 9.18
H8 CLA MC . 46.05 20.96 6.98
H91 CLA MC . 43.59 20.58 7.30
H92 CLA MC . 44.17 21.89 8.40
H93 CLA MC . 43.85 20.23 9.06
H101 CLA MC . 44.83 18.64 6.96
H102 CLA MC . 45.67 18.35 8.53
H111 CLA MC . 47.52 17.77 7.39
H112 CLA MC . 47.66 19.46 6.79
H121 CLA MC . 46.63 18.97 4.73
H122 CLA MC . 45.72 17.55 5.40
H13 CLA MC . 48.46 16.85 5.76
H141 CLA MC . 49.45 17.11 3.43
H142 CLA MC . 49.27 18.67 4.34
H143 CLA MC . 48.09 18.26 3.02
H151 CLA MC . 47.33 15.85 3.18
H152 CLA MC . 46.11 15.80 4.51
H161 CLA MC . 47.62 14.52 5.95
H162 CLA MC . 48.99 14.74 4.82
H171 CLA MC . 47.30 13.65 3.05
H172 CLA MC . 46.47 13.03 4.54
H18 CLA MC . 49.21 12.39 3.37
H191 CLA MC . 49.66 11.27 5.72
H192 CLA MC . 48.57 12.56 6.36
H193 CLA MC . 50.08 13.01 5.46
H201 CLA MC . 48.43 10.09 4.22
H202 CLA MC . 47.28 10.85 3.06
H203 CLA MC . 46.92 10.86 4.82
MG CLA NC . 65.39 26.36 10.20
CHA CLA NC . 64.77 27.73 7.13
CHB CLA NC . 62.61 28.01 11.45
CHC CLA NC . 65.43 24.49 13.24
CHD CLA NC . 67.64 24.18 8.86
NA CLA NC . 63.94 27.64 9.36
C1A CLA NC . 63.93 28.18 8.09
C2A CLA NC . 62.82 29.20 7.93
C3A CLA NC . 62.32 29.42 9.38
C4A CLA NC . 62.97 28.27 10.14
CMA CLA NC . 62.71 30.73 9.99
CAA CLA NC . 61.75 28.53 7.09
CBA CLA NC . 61.06 27.38 7.78
CGA CLA NC . 60.03 26.77 6.87
O1A CLA NC . 59.53 27.22 5.86
O2A CLA NC . 59.64 25.51 7.27
NB CLA NC . 64.23 26.29 12.08
C1B CLA NC . 63.13 27.02 12.31
C2B CLA NC . 62.54 26.65 13.63
C3B CLA NC . 63.33 25.63 14.14
C4B CLA NC . 64.42 25.42 13.16
CMB CLA NC . 61.34 27.27 14.16
CAB CLA NC . 63.21 24.87 15.36
CBB CLA NC . 62.99 25.40 16.57
NC CLA NC . 66.32 24.63 10.91
C1C CLA NC . 66.31 24.12 12.18
C2C CLA NC . 67.35 23.09 12.29
C3C CLA NC . 67.94 23.00 11.03
C4C CLA NC . 67.30 23.97 10.20
CMC CLA NC . 67.69 22.29 13.47
CAC CLA NC . 69.03 22.13 10.63
CBC CLA NC . 68.59 20.90 9.91
ND CLA NC . 65.99 25.92 8.45
C1D CLA NC . 67.06 25.09 8.03
C2D CLA NC . 67.35 25.31 6.60
C3D CLA NC . 66.50 26.32 6.20
C4D CLA NC . 65.70 26.68 7.39
CMD CLA NC . 68.32 24.54 5.81
CAD CLA NC . 66.02 27.13 5.10
OBD CLA NC . 66.27 27.07 3.90
CBD CLA NC . 64.99 28.14 5.70
CGD CLA NC . 65.52 29.52 5.63
O1D CLA NC . 64.97 30.51 5.13
O2D CLA NC . 66.75 29.60 6.21
CED CLA NC . 67.58 30.73 5.94
C1 CLA NC . 58.50 24.95 6.60
C2 CLA NC . 58.80 23.56 6.18
C3 CLA NC . 58.61 23.11 4.92
C4 CLA NC . 58.10 24.00 3.86
C5 CLA NC . 58.89 21.69 4.52
C6 CLA NC . 58.63 20.65 5.62
C7 CLA NC . 58.26 19.25 5.09
C8 CLA NC . 58.24 18.12 6.15
C9 CLA NC . 58.43 16.75 5.53
C10 CLA NC . 56.94 18.09 6.96
C11 CLA NC . 56.69 16.84 7.81
C12 CLA NC . 55.76 17.09 9.02
C13 CLA NC . 55.16 15.84 9.67
C14 CLA NC . 53.66 15.96 9.96
C15 CLA NC . 55.85 15.45 10.98
C16 CLA NC . 56.72 14.23 10.78
C17 CLA NC . 58.10 14.59 10.29
C18 CLA NC . 58.50 13.76 9.06
C19 CLA NC . 58.37 12.28 9.34
C20 CLA NC . 59.90 14.07 8.58
HHB CLA NC . 61.83 28.65 11.89
HHC CLA NC . 65.59 23.95 14.20
HHD CLA NC . 68.45 23.54 8.45
H2A CLA NC . 63.18 30.16 7.49
H3A CLA NC . 61.20 29.33 9.39
HMA1 CLA NC . 62.29 30.83 11.02
HMA2 CLA NC . 62.34 31.59 9.38
HMA3 CLA NC . 63.82 30.82 10.07
HAA1 CLA NC . 62.22 28.15 6.15
HAA2 CLA NC . 60.99 29.29 6.79
HBA1 CLA NC . 60.55 27.75 8.72
HBA2 CLA NC . 61.80 26.60 8.08
HMB1 CLA NC . 61.19 27.00 15.23
HMB2 CLA NC . 60.44 26.94 13.58
HMB3 CLA NC . 61.42 28.39 14.09
HAB CLA NC . 63.32 23.78 15.23
HBB1 CLA NC . 62.88 26.48 16.70
HBB2 CLA NC . 62.91 24.80 17.48
HMC1 CLA NC . 68.29 21.39 13.18
HMC2 CLA NC . 66.76 21.92 13.99
HMC3 CLA NC . 68.29 22.88 14.21
HAC1 CLA NC . 69.61 21.82 11.54
HAC2 CLA NC . 69.74 22.69 9.97
HBC1 CLA NC . 69.25 20.04 10.20
HBC2 CLA NC . 68.66 21.05 8.81
HBC3 CLA NC . 67.54 20.66 10.18
HMD1 CLA NC . 68.38 24.93 4.76
HMD2 CLA NC . 68.03 23.46 5.77
HMD3 CLA NC . 69.34 24.62 6.26
HBD CLA NC . 64.04 28.06 5.10
HED1 CLA NC . 68.57 30.44 6.36
HED2 CLA NC . 67.08 31.57 6.49
HED3 CLA NC . 67.56 30.82 4.83
H11 CLA NC . 58.27 25.60 5.72
H12 CLA NC . 57.63 24.99 7.31
H2 CLA NC . 59.21 22.90 6.98
H41 CLA NC . 58.04 23.46 2.87
H42 CLA NC . 58.77 24.89 3.71
H43 CLA NC . 57.08 24.39 4.09
H51 CLA NC . 59.96 21.63 4.19
H52 CLA NC . 58.25 21.46 3.63
H61 CLA NC . 57.81 21.01 6.28
H62 CLA NC . 59.55 20.56 6.25
H71 CLA NC . 59.00 18.98 4.29
H72 CLA NC . 57.25 19.32 4.61
H8 CLA NC . 59.11 18.34 6.84
H91 CLA NC . 58.88 16.05 6.28
H92 CLA NC . 59.11 16.81 4.64
H93 CLA NC . 57.45 16.34 5.20
H101 CLA NC . 56.07 18.21 6.25
H102 CLA NC . 56.92 18.99 7.64
H111 CLA NC . 57.68 16.45 8.18
H112 CLA NC . 56.25 16.04 7.16
H121 CLA NC . 54.93 17.76 8.68
H122 CLA NC . 56.35 17.66 9.79
H13 CLA NC . 55.31 15.04 8.90
H141 CLA NC . 53.28 15.05 10.49
H142 CLA NC . 53.08 16.09 9.02
H143 CLA NC . 53.46 16.85 10.62
H151 CLA NC . 55.09 15.22 11.77
H152 CLA NC . 56.48 16.30 11.36
H161 CLA NC . 56.24 13.54 10.04
H162 CLA NC . 56.81 13.66 11.74
H171 CLA NC . 58.86 14.43 11.11
H172 CLA NC . 58.15 15.68 10.02
H18 CLA NC . 57.79 14.06 8.24
H191 CLA NC . 59.22 11.72 8.88
H192 CLA NC . 57.42 11.88 8.92
H193 CLA NC . 58.37 12.09 10.44
H201 CLA NC . 60.16 13.46 7.68
H202 CLA NC . 60.65 13.84 9.38
H203 CLA NC . 60.00 15.15 8.31
MG CLA OC . 59.39 29.65 15.84
CHA CLA OC . 61.13 29.08 18.86
CHB CLA OC . 58.19 26.37 16.10
CHC CLA OC . 58.56 29.71 12.61
CHD CLA OC . 61.12 32.65 15.56
NA CLA OC . 59.58 28.02 17.29
C1A CLA OC . 60.34 28.01 18.47
C2A CLA OC . 60.16 26.68 19.21
C3A CLA OC . 59.08 25.94 18.39
C4A CLA OC . 58.92 26.84 17.16
CMA CLA OC . 59.48 24.57 17.90
CAA CLA OC . 59.69 26.94 20.65
CBA CLA OC . 59.37 25.62 21.35
CGA CLA OC . 60.63 24.81 21.43
O1A CLA OC . 61.79 25.21 21.51
O2A CLA OC . 60.45 23.46 21.42
NB CLA OC . 58.46 28.28 14.63
C1B CLA OC . 58.03 27.05 14.89
C2B CLA OC . 57.44 26.44 13.67
C3B CLA OC . 57.56 27.38 12.69
C4B CLA OC . 58.24 28.55 13.28
CMB CLA OC . 56.85 25.10 13.64
CAB CLA OC . 57.25 27.35 11.31
CBB CLA OC . 57.19 26.27 10.55
NC CLA OC . 59.85 30.89 14.35
C1C CLA OC . 59.34 30.80 13.09
C2C CLA OC . 59.67 32.00 12.33
C3C CLA OC . 60.32 32.85 13.22
C4C CLA OC . 60.43 32.15 14.48
CMC CLA OC . 59.30 32.19 10.93
CAC CLA OC . 60.91 34.18 13.03
CBC CLA OC . 62.43 34.07 12.85
ND CLA OC . 60.93 30.64 16.85
C1D CLA OC . 61.39 31.96 16.70
C2D CLA OC . 62.16 32.36 17.87
C3D CLA OC . 62.19 31.25 18.66
C4D CLA OC . 61.35 30.22 18.04
CMD CLA OC . 62.85 33.65 18.03
CAD CLA OC . 62.66 30.72 19.90
OBD CLA OC . 63.44 31.18 20.70
CBD CLA OC . 61.94 29.36 20.10
CGD CLA OC . 63.01 28.34 20.35
O1D CLA OC . 63.59 28.09 21.42
O2D CLA OC . 63.33 27.62 19.26
CED CLA OC . 64.04 26.42 19.54
C1 CLA OC . 61.61 22.61 21.43
C2 CLA OC . 62.18 22.61 20.04
C3 CLA OC . 62.31 21.52 19.27
C4 CLA OC . 61.89 20.17 19.69
C5 CLA OC . 62.89 21.62 17.91
C6 CLA OC . 63.95 20.57 17.60
C7 CLA OC . 64.49 20.70 16.18
C8 CLA OC . 63.63 20.01 15.12
C9 CLA OC . 64.02 18.56 14.93
C10 CLA OC . 63.73 20.83 13.83
C11 CLA OC . 63.83 20.12 12.49
C12 CLA OC . 64.18 21.20 11.48
C13 CLA OC . 63.78 20.87 10.06
C14 CLA OC . 64.40 19.57 9.66
C15 CLA OC . 64.24 21.95 9.09
C16 CLA OC . 63.43 21.93 7.80
C17 CLA OC . 63.03 23.33 7.31
C18 CLA OC . 62.95 23.41 5.78
C19 CLA OC . 64.30 23.13 5.17
C20 CLA OC . 62.43 24.75 5.27
HHB CLA OC . 57.69 25.40 16.19
HHC CLA OC . 58.19 29.82 11.57
HHD CLA OC . 61.48 33.70 15.51
H2A CLA OC . 61.13 26.11 19.21
H3A CLA OC . 58.15 25.88 19.01
HMA1 CLA OC . 58.58 23.99 17.58
HMA2 CLA OC . 59.99 23.99 18.71
HMA3 CLA OC . 60.17 24.63 17.03
HAA1 CLA OC . 58.79 27.60 20.64
HAA2 CLA OC . 60.50 27.48 21.23
HBA1 CLA OC . 58.59 25.05 20.77
HBA2 CLA OC . 58.97 25.81 22.37
HMB1 CLA OC . 56.15 25.00 12.78
HMB2 CLA OC . 56.27 24.90 14.59
HMB3 CLA OC . 57.65 24.32 13.55
HAB CLA OC . 57.03 28.35 10.86
HBB1 CLA OC . 57.35 25.26 10.97
HBB2 CLA OC . 56.94 26.30 9.48
HMC1 CLA OC . 59.36 33.28 10.66
HMC2 CLA OC . 58.26 31.84 10.74
HMC3 CLA OC . 60.00 31.63 10.26
HAC1 CLA OC . 60.68 34.84 13.91
HAC2 CLA OC . 60.46 34.67 12.12
HBC1 CLA OC . 62.80 34.87 12.17
HBC2 CLA OC . 62.70 33.08 12.41
HBC3 CLA OC . 62.94 34.17 13.84
HMD1 CLA OC . 63.21 33.77 19.08
HMD2 CLA OC . 62.17 34.50 17.79
HMD3 CLA OC . 63.73 33.71 17.34
HBD CLA OC . 61.23 29.39 20.97
HED1 CLA OC . 64.55 26.17 18.58
HED2 CLA OC . 63.24 25.71 19.86
HED3 CLA OC . 64.75 26.72 20.37
H11 CLA OC . 61.29 21.58 21.75
H12 CLA OC . 62.34 23.02 22.18
H2 CLA OC . 62.48 23.61 19.69
H41 CLA OC . 61.72 19.50 18.81
H42 CLA OC . 60.93 20.20 20.27
H43 CLA OC . 62.66 19.69 20.34
H51 CLA OC . 63.34 22.64 17.78
H52 CLA OC . 62.06 21.54 17.15
H61 CLA OC . 63.52 19.54 17.75
H62 CLA OC . 64.80 20.67 18.32
H71 CLA OC . 65.52 20.27 16.15
H72 CLA OC . 64.57 21.78 15.94
H8 CLA OC . 62.55 19.98 15.44
H91 CLA OC . 63.29 18.05 14.26
H92 CLA OC . 64.02 18.04 15.92
H93 CLA OC . 65.04 18.49 14.48
H101 CLA OC . 64.63 21.49 13.92
H102 CLA OC . 62.84 21.50 13.79
H111 CLA OC . 62.86 19.62 12.24
H112 CLA OC . 64.61 19.33 12.53
H121 CLA OC . 65.29 21.37 11.52
H122 CLA OC . 63.68 22.16 11.79
H13 CLA OC . 62.66 20.82 10.00
H141 CLA OC . 64.23 19.37 8.57
H142 CLA OC . 63.95 18.72 10.24
H143 CLA OC . 65.50 19.58 9.84
H151 CLA OC . 65.33 21.80 8.82
H152 CLA OC . 64.16 22.97 9.55
H161 CLA OC . 62.51 21.32 7.96
H162 CLA OC . 64.03 21.42 7.00
H171 CLA OC . 63.78 24.08 7.68
H172 CLA OC . 62.05 23.61 7.76
H18 CLA OC . 62.19 22.64 5.48
H191 CLA OC . 64.39 23.67 4.19
H192 CLA OC . 64.42 22.04 5.00
H193 CLA OC . 65.11 23.49 5.85
H201 CLA OC . 62.51 24.79 4.15
H202 CLA OC . 63.03 25.59 5.69
H203 CLA OC . 61.36 24.89 5.55
MG CLA PC . 46.84 33.35 24.27
CHA CLA PC . 45.17 36.46 24.37
CHB CLA PC . 49.70 35.00 25.27
CHC CLA PC . 48.34 30.34 25.16
CHD CLA PC . 43.77 31.82 24.03
NA CLA PC . 47.32 35.40 24.75
C1A CLA PC . 46.50 36.52 24.65
C2A CLA PC . 47.23 37.78 25.03
C3A CLA PC . 48.70 37.31 25.15
C4A CLA PC . 48.59 35.79 25.06
CMA CLA PC . 49.58 37.84 24.04
CAA CLA PC . 46.70 38.32 26.37
CBA CLA PC . 46.57 37.25 27.44
CGA CLA PC . 46.32 37.76 28.83
O1A CLA PC . 46.56 38.89 29.30
O2A CLA PC . 45.77 36.81 29.66
NB CLA PC . 48.70 32.75 25.05
C1B CLA PC . 49.73 33.59 25.26
C2B CLA PC . 50.98 32.79 25.53
C3B CLA PC . 50.62 31.46 25.50
C4B CLA PC . 49.15 31.44 25.21
CMB CLA PC . 52.26 33.43 25.81
CAB CLA PC . 51.38 30.28 25.76
CBB CLA PC . 52.66 30.11 25.44
NC CLA PC . 46.20 31.46 24.48
C1C CLA PC . 46.97 30.36 24.80
C2C CLA PC . 46.16 29.16 24.82
C3C CLA PC . 44.86 29.56 24.47
C4C CLA PC . 44.90 31.01 24.28
CMC CLA PC . 46.71 27.85 25.12
CAC CLA PC . 43.68 28.70 24.36
CBC CLA PC . 42.90 28.63 25.66
ND CLA PC . 44.88 33.95 24.25
C1D CLA PC . 43.72 33.18 24.04
C2D CLA PC . 42.57 34.11 23.83
C3D CLA PC . 43.09 35.39 23.92
C4D CLA PC . 44.52 35.21 24.19
CMD CLA PC . 41.16 33.74 23.57
CAD CLA PC . 42.83 36.82 23.89
OBD CLA PC . 41.83 37.44 23.63
CBD CLA PC . 44.16 37.53 24.14
CGD CLA PC . 44.58 38.16 22.85
O1D CLA PC . 44.30 37.78 21.70
O2D CLA PC . 45.42 39.22 22.96
CED CLA PC . 46.12 39.57 21.76
C1 CLA PC . 45.29 37.22 30.95
C2 CLA PC . 44.97 36.07 31.83
C3 CLA PC . 43.73 35.80 32.31
C4 CLA PC . 42.51 36.59 31.96
C5 CLA PC . 43.53 34.61 33.20
C6 CLA PC . 43.02 33.41 32.42
C7 CLA PC . 42.82 32.26 33.39
C8 CLA PC . 42.40 30.93 32.75
C9 CLA PC . 41.29 31.09 31.72
C10 CLA PC . 41.95 30.00 33.85
C11 CLA PC . 42.70 28.68 33.90
C12 CLA PC . 42.27 28.00 35.19
C13 CLA PC . 43.18 26.87 35.67
C14 CLA PC . 43.46 25.87 34.57
C15 CLA PC . 42.57 26.07 36.84
C16 CLA PC . 41.99 26.95 37.95
C17 CLA PC . 42.45 26.53 39.34
C18 CLA PC . 42.05 27.55 40.42
C19 CLA PC . 42.56 28.95 40.12
C20 CLA PC . 42.51 27.11 41.80
HHB CLA PC . 50.65 35.51 25.46
HHC CLA PC . 48.76 29.36 25.41
HHD CLA PC . 42.83 31.29 23.80
H2A CLA PC . 47.12 38.57 24.23
H3A CLA PC . 49.13 37.60 26.15
HMA1 CLA PC . 50.64 37.53 24.19
HMA2 CLA PC . 49.54 38.96 24.01
HMA3 CLA PC . 49.23 37.46 23.05
HAA1 CLA PC . 45.70 38.78 26.20
HAA2 CLA PC . 47.38 39.12 26.74
HBA1 CLA PC . 47.52 36.64 27.45
HBA2 CLA PC . 45.73 36.56 27.16
HMB1 CLA PC . 52.95 32.71 26.34
HMB2 CLA PC . 52.13 34.33 26.46
HMB3 CLA PC . 52.76 33.75 24.85
HAB CLA PC . 50.82 29.47 26.27
HBB1 CLA PC . 53.26 30.89 24.93
HBB2 CLA PC . 53.20 29.17 25.65
HMC1 CLA PC . 45.91 27.06 25.09
HMC2 CLA PC . 47.17 27.84 26.15
HMC3 CLA PC . 47.51 27.58 24.39
HAC1 CLA PC . 43.98 27.66 24.07
HAC2 CLA PC . 43.00 29.08 23.55
HBC1 CLA PC . 41.86 28.27 25.48
HBC2 CLA PC . 42.85 29.65 26.12
HBC3 CLA PC . 43.41 27.94 26.38
HMD1 CLA PC . 40.56 34.64 23.27
HMD2 CLA PC . 40.69 33.30 24.50
HMD3 CLA PC . 41.09 32.97 22.77
HBD CLA PC . 44.04 38.24 25.00
HED1 CLA PC . 46.68 40.51 22.04
HED2 CLA PC . 45.31 39.72 21.01
HED3 CLA PC . 46.77 38.69 21.55
H11 CLA PC . 44.38 37.86 30.77
H12 CLA PC . 46.09 37.87 31.41
H2 CLA PC . 45.83 35.43 32.10
H41 CLA PC . 41.61 36.24 32.53
H42 CLA PC . 42.26 36.50 30.87
H43 CLA PC . 42.65 37.68 32.19
H51 CLA PC . 42.80 34.88 34.01
H52 CLA PC . 44.51 34.35 33.69
H61 CLA PC . 43.74 33.11 31.63
H62 CLA PC . 42.05 33.66 31.92
H71 CLA PC . 42.03 32.56 34.14
H72 CLA PC . 43.78 32.10 33.96
H8 CLA PC . 43.29 30.51 32.18
H91 CLA PC . 41.02 30.10 31.29
H92 CLA PC . 41.63 31.76 30.89
H93 CLA PC . 40.39 31.54 32.20
H101 CLA PC . 40.86 29.79 33.71
H102 CLA PC . 42.07 30.52 34.83
H111 CLA PC . 43.81 28.86 33.89
H112 CLA PC . 42.46 28.06 33.01
H121 CLA PC . 41.24 27.59 35.03
H122 CLA PC . 42.21 28.78 35.99
H13 CLA PC . 44.12 27.38 36.01
H141 CLA PC . 44.03 24.99 34.96
H142 CLA PC . 44.08 26.34 33.76
H143 CLA PC . 42.52 25.50 34.12
H151 CLA PC . 43.36 25.41 37.28
H152 CLA PC . 41.75 25.40 36.45
H161 CLA PC . 40.87 26.91 37.90
H162 CLA PC . 42.30 28.01 37.77
H171 CLA PC . 43.56 26.41 39.35
H172 CLA PC . 41.99 25.54 39.60
H18 CLA PC . 40.93 27.60 40.42
H191 CLA PC . 42.53 29.58 41.05
H192 CLA PC . 41.95 29.43 39.33
H193 CLA PC . 43.63 28.91 39.76
H201 CLA PC . 42.18 27.85 42.57
H202 CLA PC . 43.64 27.04 41.84
H203 CLA PC . 42.10 26.11 42.05
MG CLA QC . 55.77 34.36 25.84
CHA CLA QC . 57.11 31.28 24.48
CHB CLA QC . 55.40 32.87 28.78
CHC CLA QC . 53.93 37.02 26.80
CHD CLA QC . 55.80 35.54 22.48
NA CLA QC . 56.18 32.42 26.45
C1A CLA QC . 56.79 31.30 25.81
C2A CLA QC . 57.03 30.14 26.79
C3A CLA QC . 56.43 30.69 28.09
C4A CLA QC . 55.97 32.11 27.77
CMA CLA QC . 55.23 29.86 28.47
CAA CLA QC . 58.48 29.80 27.05
CBA CLA QC . 58.62 28.59 27.96
CGA CLA QC . 58.51 27.32 27.18
O1A CLA QC . 58.18 27.18 26.00
O2A CLA QC . 58.81 26.20 27.93
NB CLA QC . 54.82 34.86 27.49
C1B CLA QC . 54.90 34.16 28.66
C2B CLA QC . 54.31 34.97 29.77
C3B CLA QC . 53.91 36.15 29.21
C4B CLA QC . 54.20 36.08 27.75
CMB CLA QC . 54.25 34.50 31.17
CAB CLA QC . 53.27 37.30 29.78
CBB CLA QC . 52.99 37.48 31.08
NC CLA QC . 54.98 35.92 24.83
C1C CLA QC . 54.28 36.94 25.43
C2C CLA QC . 53.97 37.98 24.47
C3C CLA QC . 54.52 37.57 23.25
C4C CLA QC . 55.16 36.28 23.49
CMC CLA QC . 53.26 39.22 24.79
CAC CLA QC . 54.50 38.29 21.97
CBC CLA QC . 53.36 37.89 21.08
ND CLA QC . 56.27 33.62 23.89
C1D CLA QC . 56.32 34.30 22.64
C2D CLA QC . 56.93 33.42 21.63
C3D CLA QC . 57.21 32.24 22.28
C4D CLA QC . 56.81 32.42 23.68
CMD CLA QC . 57.12 33.75 20.22
CAD CLA QC . 57.79 30.93 22.16
OBD CLA QC . 58.27 30.41 21.18
CBD CLA QC . 57.73 30.26 23.56
CGD CLA QC . 56.93 29.00 23.44
O1D CLA QC . 57.35 27.84 23.28
O2D CLA QC . 55.58 29.28 23.53
CED CLA QC . 54.59 28.33 23.17
C1 CLA QC . 58.47 24.91 27.38
C2 CLA QC . 59.36 24.62 26.22
C3 CLA QC . 60.67 24.36 26.35
C4 CLA QC . 61.36 24.35 27.66
C5 CLA QC . 61.51 24.07 25.16
C6 CLA QC . 62.73 24.99 25.10
C7 CLA QC . 62.34 26.44 24.88
C8 CLA QC . 63.40 27.36 25.45
C9 CLA QC . 63.17 27.57 26.92
C10 CLA QC . 63.43 28.68 24.73
C11 CLA QC . 62.40 29.68 25.25
C12 CLA QC . 61.98 30.57 24.11
C13 CLA QC . 61.98 32.07 24.42
C14 CLA QC . 61.10 32.40 25.62
C15 CLA QC . 61.44 32.84 23.20
C16 CLA QC . 62.36 33.91 22.68
C17 CLA QC . 61.67 35.25 22.59
C18 CLA QC . 62.65 36.38 22.34
C19 CLA QC . 62.41 37.57 23.27
C20 CLA QC . 62.57 36.85 20.91
HHB CLA QC . 55.33 32.40 29.78
HHC CLA QC . 53.40 37.94 27.10
HHD CLA QC . 55.88 36.01 21.49
H2A CLA QC . 56.51 29.25 26.33
H3A CLA QC . 57.21 30.74 28.89
HMA1 CLA QC . 54.74 30.27 29.40
HMA2 CLA QC . 55.52 28.80 28.68
HMA3 CLA QC . 54.46 29.86 27.67
HAA1 CLA QC . 58.99 30.68 27.52
HAA2 CLA QC . 59.01 29.59 26.07
HBA1 CLA QC . 57.83 28.61 28.74
HBA2 CLA QC . 59.62 28.61 28.47
HMB1 CLA QC . 53.18 34.43 31.51
HMB2 CLA QC . 54.79 35.22 31.84
HMB3 CLA QC . 54.73 33.50 31.26
HAB CLA QC . 53.00 38.08 29.05
HBB1 CLA QC . 53.23 36.73 31.84
HBB2 CLA QC . 52.51 38.38 31.46
HMC1 CLA QC . 53.05 39.81 23.87
HMC2 CLA QC . 53.85 39.85 25.50
HMC3 CLA QC . 52.27 38.99 25.29
HAC1 CLA QC . 55.47 38.10 21.41
HAC2 CLA QC . 54.45 39.40 22.14
HBC1 CLA QC . 53.30 38.56 20.19
HBC2 CLA QC . 52.40 37.96 21.64
HBC3 CLA QC . 53.49 36.84 20.72
HMD1 CLA QC . 57.16 32.82 19.60
HMD2 CLA QC . 58.09 34.30 20.07
HMD3 CLA QC . 56.29 34.39 19.85
HBD CLA QC . 58.75 30.00 23.94
HED1 CLA QC . 53.65 28.92 23.09
HED2 CLA QC . 54.60 27.60 24.02
HED3 CLA QC . 54.96 27.91 22.19
H11 CLA QC . 57.38 24.94 27.06
H12 CLA QC . 58.59 24.15 28.19
H2 CLA QC . 58.88 24.65 25.24
H41 CLA QC . 62.36 23.85 27.60
H42 CLA QC . 60.76 23.80 28.43
H43 CLA QC . 61.51 25.39 28.05
H51 CLA QC . 60.90 24.19 24.23
H52 CLA QC . 61.86 23.00 25.20
H61 CLA QC . 63.40 24.66 24.26
H62 CLA QC . 63.31 24.91 26.06
H71 CLA QC . 61.35 26.64 25.37
H72 CLA QC . 62.20 26.62 23.78
H8 CLA QC . 64.41 26.85 25.30
H91 CLA QC . 63.72 28.48 27.27
H92 CLA QC . 63.54 26.70 27.51
H93 CLA QC . 62.08 27.71 27.13
H101 CLA QC . 63.24 28.51 23.63
H102 CLA QC . 64.45 29.14 24.82
H111 CLA QC . 62.84 30.29 26.08
H112 CLA QC . 61.51 29.14 25.66
H121 CLA QC . 60.96 30.26 23.77
H122 CLA QC . 62.68 30.39 23.25
H13 CLA QC . 63.03 32.38 24.66
H141 CLA QC . 61.07 33.51 25.79
H142 CLA QC . 61.52 31.93 26.54
H143 CLA QC . 60.06 32.04 25.46
H151 CLA QC . 60.46 33.32 23.46
H152 CLA QC . 61.23 32.11 22.37
H161 CLA QC . 62.73 33.62 21.65
H162 CLA QC . 63.27 33.99 23.33
H171 CLA QC . 61.12 35.45 23.55
H172 CLA QC . 60.91 35.24 21.77
H18 CLA QC . 63.69 35.99 22.55
H191 CLA QC . 63.16 38.37 23.08
H192 CLA QC . 62.48 37.25 24.33
H193 CLA QC . 61.38 37.99 23.09
H201 CLA QC . 63.27 37.71 20.74
H202 CLA QC . 61.54 37.17 20.66
H203 CLA QC . 62.87 36.02 20.22
MG CLA RC . 52.67 28.55 32.69
CHA CLA RC . 50.59 31.31 33.00
CHB CLA RC . 52.06 28.52 29.30
CHC CLA RC . 54.23 25.44 32.40
CHD CLA RC . 52.64 28.17 36.19
NA CLA RC . 51.48 29.71 31.37
C1A CLA RC . 50.82 30.91 31.70
C2A CLA RC . 50.34 31.65 30.46
C3A CLA RC . 50.62 30.63 29.33
C4A CLA RC . 51.47 29.54 30.02
CMA CLA RC . 49.31 30.12 28.79
CAA CLA RC . 51.10 32.95 30.28
CBA CLA RC . 50.71 33.75 29.05
CGA CLA RC . 49.27 34.24 29.07
O1A CLA RC . 48.88 35.44 29.12
O2A CLA RC . 48.31 33.25 29.00
NB CLA RC . 52.98 27.17 31.12
C1B CLA RC . 52.83 27.47 29.81
C2B CLA RC . 53.66 26.53 28.98
C3B CLA RC . 54.27 25.67 29.86
C4B CLA RC . 53.86 26.07 31.24
CMB CLA RC . 53.78 26.54 27.51
CAB CLA RC . 55.13 24.55 29.61
CBB CLA RC . 54.95 23.67 28.62
NC CLA RC . 53.35 27.09 34.05
C1C CLA RC . 54.01 25.93 33.73
C2C CLA RC . 54.38 25.21 34.96
C3C CLA RC . 53.92 25.99 36.03
C4C CLA RC . 53.28 27.17 35.45
CMC CLA RC . 55.06 23.91 35.02
CAC CLA RC . 54.01 25.72 37.47
CBC CLA RC . 52.71 25.11 37.96
ND CLA RC . 51.94 29.57 34.28
C1D CLA RC . 52.00 29.29 35.67
C2D CLA RC . 51.24 30.32 36.39
C3D CLA RC . 50.70 31.18 35.42
C4D CLA RC . 51.15 30.61 34.12
CMD CLA RC . 51.09 30.35 37.84
CAD CLA RC . 49.85 32.33 35.15
OBD CLA RC . 49.26 33.09 35.90
CBD CLA RC . 49.72 32.42 33.60
CGD CLA RC . 48.27 32.36 33.14
O1D CLA RC . 47.66 33.26 32.55
O2D CLA RC . 47.60 31.21 33.45
CED CLA RC . 46.34 31.02 32.83
C1 CLA RC . 46.92 33.72 29.03
C2 CLA RC . 46.04 32.52 29.17
C3 CLA RC . 44.77 32.42 28.72
C4 CLA RC . 43.99 33.49 28.04
C5 CLA RC . 44.02 31.16 28.94
C6 CLA RC . 44.83 29.89 28.74
C7 CLA RC . 43.84 28.78 29.01
C8 CLA RC . 44.45 27.40 28.97
C9 CLA RC . 43.37 26.35 28.73
C10 CLA RC . 45.11 27.12 30.31
C11 CLA RC . 46.61 27.05 30.19
C12 CLA RC . 47.07 26.11 31.26
C13 CLA RC . 48.44 26.47 31.80
C14 CLA RC . 49.47 25.74 30.95
C15 CLA RC . 48.54 26.09 33.27
C16 CLA RC . 49.06 27.22 34.11
C17 CLA RC . 49.34 26.75 35.53
C18 CLA RC . 48.09 26.68 36.40
C19 CLA RC . 48.28 25.76 37.59
C20 CLA RC . 47.73 28.05 36.91
HHB CLA RC . 51.89 28.52 28.21
HHC CLA RC . 54.76 24.48 32.34
HHD CLA RC . 52.66 28.07 37.30
H2A CLA RC . 49.24 31.86 30.53
H3A CLA RC . 51.26 31.03 28.50
HMA1 CLA RC . 49.47 29.39 27.96
HMA2 CLA RC . 48.69 30.96 28.38
HMA3 CLA RC . 48.71 29.63 29.58
HAA1 CLA RC . 52.20 32.72 30.23
HAA2 CLA RC . 50.93 33.58 31.20
HBA1 CLA RC . 50.84 33.12 28.14
HBA2 CLA RC . 51.37 34.64 28.97
HMB1 CLA RC . 54.81 26.21 27.20
HMB2 CLA RC . 53.61 27.57 27.12
HMB3 CLA RC . 53.04 25.85 27.05
HAB CLA RC . 55.98 24.45 30.31
HBB1 CLA RC . 54.13 23.75 27.90
HBB2 CLA RC . 55.63 22.81 28.45
HMC1 CLA RC . 55.64 23.79 35.97
HMC2 CLA RC . 55.78 23.78 34.17
HMC3 CLA RC . 54.32 23.07 34.97
HAC1 CLA RC . 54.23 26.66 38.04
HAC2 CLA RC . 54.86 25.01 37.68
HBC1 CLA RC . 52.86 24.66 38.97
HBC2 CLA RC . 52.38 24.30 37.27
HBC3 CLA RC . 51.92 25.90 38.02
HMD1 CLA RC . 50.38 31.17 38.15
HMD2 CLA RC . 52.08 30.54 38.33
HMD3 CLA RC . 50.69 29.37 38.21
HBD CLA RC . 50.10 33.43 33.26
HED1 CLA RC . 45.85 30.21 33.44
HED2 CLA RC . 46.59 30.74 31.78
HED3 CLA RC . 45.84 32.03 32.93
H11 CLA RC . 46.71 34.28 28.08
H12 CLA RC . 46.81 34.43 29.91
H2 CLA RC . 46.51 31.68 29.71
H41 CLA RC . 42.92 33.19 27.90
H42 CLA RC . 44.41 33.72 27.02
H43 CLA RC . 43.99 34.44 28.63
H51 CLA RC . 43.15 31.16 28.24
H52 CLA RC . 43.62 31.18 29.98
H61 CLA RC . 45.70 29.84 29.45
H62 CLA RC . 45.25 29.82 27.71
H71 CLA RC . 43.02 28.85 28.26
H72 CLA RC . 43.39 28.95 30.02
H8 CLA RC . 45.19 27.33 28.13
H91 CLA RC . 43.83 25.37 28.49
H92 CLA RC . 42.72 26.66 27.89
H93 CLA RC . 42.73 26.24 29.65
H101 CLA RC . 44.73 26.15 30.72
H102 CLA RC . 44.84 27.93 31.03
H111 CLA RC . 47.06 28.07 30.33
H112 CLA RC . 46.92 26.70 29.17
H121 CLA RC . 47.09 25.07 30.85
H122 CLA RC . 46.32 26.11 32.10
H13 CLA RC . 48.62 27.58 31.73
H141 CLA RC . 50.51 26.00 31.29
H142 CLA RC . 49.37 26.04 29.88
H143 CLA RC . 49.34 24.64 31.02
H151 CLA RC . 49.22 25.20 33.39
H152 CLA RC . 47.53 25.78 33.65
H161 CLA RC . 48.32 28.06 34.14
H162 CLA RC . 50.00 27.63 33.66
H171 CLA RC . 50.08 27.45 36.02
H172 CLA RC . 49.82 25.75 35.50
H18 CLA RC . 47.26 26.28 35.76
H191 CLA RC . 47.30 25.51 38.05
H192 CLA RC . 48.93 26.25 38.36
H193 CLA RC . 48.78 24.81 37.26
H201 CLA RC . 46.88 28.00 37.63
H202 CLA RC . 47.44 28.72 36.07
H203 CLA RC . 48.61 28.51 37.45
MG CLA SC . 50.57 40.22 33.34
CHA CLA SC . 51.21 43.72 33.11
CHB CLA SC . 53.93 39.74 34.05
CHC CLA SC . 49.86 37.08 34.45
CHD CLA SC . 47.08 41.05 33.62
NA CLA SC . 52.30 41.55 33.54
C1A CLA SC . 52.34 42.94 33.32
C2A CLA SC . 53.78 43.46 33.36
C3A CLA SC . 54.61 42.19 33.76
C4A CLA SC . 53.56 41.07 33.77
CMA CLA SC . 55.77 41.89 32.84
CAA CLA SC . 53.96 44.65 34.30
CBA CLA SC . 53.42 44.37 35.67
CGA CLA SC . 53.86 45.39 36.68
O1A CLA SC . 54.59 46.39 36.51
O2A CLA SC . 53.40 45.04 37.93
NB CLA SC . 51.69 38.70 34.09
C1B CLA SC . 53.06 38.62 34.16
C2B CLA SC . 53.45 37.20 34.48
C3B CLA SC . 52.31 36.46 34.59
C4B CLA SC . 51.17 37.40 34.34
CMB CLA SC . 54.81 36.70 34.68
CAB CLA SC . 52.13 35.08 34.97
CBB CLA SC . 52.99 34.07 34.71
NC CLA SC . 48.78 39.24 33.88
C1C CLA SC . 48.75 37.93 34.24
C2C CLA SC . 47.40 37.48 34.46
C3C CLA SC . 46.57 38.59 34.26
C4C CLA SC . 47.45 39.71 33.88
CMC CLA SC . 47.07 36.13 34.89
CAC CLA SC . 45.07 38.59 34.41
CBC CLA SC . 44.61 39.36 35.63
ND CLA SC . 49.37 41.94 33.32
C1D CLA SC . 47.95 42.11 33.38
C2D CLA SC . 47.63 43.54 33.12
C3D CLA SC . 48.84 44.19 32.94
C4D CLA SC . 49.88 43.16 33.13
CMD CLA SC . 46.27 44.10 33.05
CAD CLA SC . 49.49 45.45 32.68
OBD CLA SC . 49.06 46.54 32.35
CBD CLA SC . 51.02 45.21 32.89
CGD CLA SC . 51.75 45.71 31.70
O1D CLA SC . 51.80 45.19 30.59
O2D CLA SC . 52.37 46.89 31.87
CED CLA SC . 52.88 47.50 30.68
C1 CLA SC . 53.12 46.03 38.92
C2 CLA SC . 52.77 45.21 40.11
C3 CLA SC . 53.33 45.34 41.34
C4 CLA SC . 54.38 46.35 41.64
C5 CLA SC . 52.84 44.45 42.44
C6 CLA SC . 53.81 43.36 42.89
C7 CLA SC . 53.96 42.26 41.87
C8 CLA SC . 55.14 41.34 42.19
C9 CLA SC . 55.78 40.86 40.91
C10 CLA SC . 54.73 40.16 43.09
C11 CLA SC . 55.84 39.12 43.23
C12 CLA SC . 55.89 38.53 44.61
C13 CLA SC . 56.94 37.43 44.74
C14 CLA SC . 56.51 36.44 45.80
C15 CLA SC . 58.30 38.03 45.08
C16 CLA SC . 59.50 37.11 44.95
C17 CLA SC . 60.74 37.98 44.90
C18 CLA SC . 62.07 37.28 45.01
C19 CLA SC . 62.32 36.34 43.84
C20 CLA SC . 63.17 38.32 45.04
HHB CLA SC . 55.01 39.53 34.19
HHC CLA SC . 49.61 36.03 34.71
HHD CLA SC . 46.00 41.26 33.59
H2A CLA SC . 54.07 43.80 32.33
H3A CLA SC . 55.01 42.32 34.80
HMA1 CLA SC . 56.42 41.08 33.27
HMA2 CLA SC . 56.40 42.80 32.69
HMA3 CLA SC . 55.42 41.55 31.85
HAA1 CLA SC . 53.44 45.54 33.86
HAA2 CLA SC . 55.06 44.89 34.38
HBA1 CLA SC . 53.76 43.37 36.02
HBA2 CLA SC . 52.30 44.38 35.63
HMB1 CLA SC . 54.81 35.86 35.42
HMB2 CLA SC . 55.48 37.51 35.07
HMB3 CLA SC . 55.24 36.32 33.71
HAB CLA SC . 51.18 34.87 35.51
HBB1 CLA SC . 53.92 34.23 34.17
HBB2 CLA SC . 52.80 33.03 35.02
HMC1 CLA SC . 46.05 36.10 35.35
HMC2 CLA SC . 47.81 35.76 35.65
HMC3 CLA SC . 47.09 35.42 34.02
HAC1 CLA SC . 44.69 37.53 34.48
HAC2 CLA SC . 44.60 39.03 33.49
HBC1 CLA SC . 43.50 39.51 35.60
HBC2 CLA SC . 45.11 40.35 35.67
HBC3 CLA SC . 44.87 38.78 36.56
HMD1 CLA SC . 46.31 45.18 32.78
HMD2 CLA SC . 45.75 44.01 34.04
HMD3 CLA SC . 45.66 43.57 32.28
HBD CLA SC . 51.38 45.75 33.80
HED1 CLA SC . 53.37 48.43 31.04
HED2 CLA SC . 51.98 47.66 30.06
HED3 CLA SC . 53.59 46.72 30.27
H11 CLA SC . 52.28 46.69 38.59
H12 CLA SC . 54.04 46.67 39.09
H2 CLA SC . 51.99 44.47 39.92
H41 CLA SC . 54.70 46.31 42.71
H42 CLA SC . 54.03 47.39 41.44
H43 CLA SC . 55.30 46.20 41.02
H51 CLA SC . 51.89 43.97 42.12
H52 CLA SC . 52.61 45.10 43.33
H61 CLA SC . 53.45 42.92 43.86
H62 CLA SC . 54.82 43.81 43.09
H71 CLA SC . 54.09 42.71 40.86
H72 CLA SC . 53.01 41.65 41.84
H8 CLA SC . 55.90 41.93 42.78
H91 CLA SC . 56.85 40.58 41.08
H92 CLA SC . 55.75 41.67 40.14
H93 CLA SC . 55.23 39.97 40.50
H101 CLA SC . 53.81 39.68 42.67
H102 CLA SC . 54.47 40.55 44.11
H111 CLA SC . 56.82 39.59 42.98
H112 CLA SC . 55.67 38.31 42.47
H121 CLA SC . 54.89 38.12 44.88
H122 CLA SC . 56.12 39.34 45.34
H13 CLA SC . 57.03 36.87 43.76
H141 CLA SC . 57.38 35.84 46.15
H142 CLA SC . 55.74 35.74 45.40
H143 CLA SC . 56.09 36.97 46.69
H151 CLA SC . 58.28 38.42 46.13
H152 CLA SC . 58.48 38.92 44.41
H161 CLA SC . 59.43 36.48 44.02
H162 CLA SC . 59.55 36.40 45.82
H171 CLA SC . 60.68 38.73 45.75
H172 CLA SC . 60.73 38.57 43.95
H18 CLA SC . 62.08 36.65 45.95
H191 CLA SC . 63.33 35.87 43.92
H192 CLA SC . 62.26 36.90 42.87
H193 CLA SC . 61.55 35.53 43.82
H201 CLA SC . 64.17 37.84 45.14
H202 CLA SC . 63.01 39.02 45.88
H203 CLA SC . 63.17 38.91 44.08
MG CLA TC . 67.80 33.29 25.39
CHA CLA TC . 65.77 31.78 27.72
CHB CLA TC . 70.35 31.10 26.43
CHC CLA TC . 70.29 35.22 23.84
CHD CLA TC . 65.70 36.06 25.39
NA CLA TC . 67.98 31.71 26.80
C1A CLA TC . 66.98 31.20 27.62
C2A CLA TC . 67.47 30.04 28.47
C3A CLA TC . 68.90 29.79 27.95
C4A CLA TC . 69.10 30.94 26.98
CMA CLA TC . 69.94 29.82 29.03
CAA CLA TC . 66.63 28.82 28.23
CBA CLA TC . 67.03 27.62 29.05
CGA CLA TC . 66.60 26.40 28.28
O1A CLA TC . 66.17 26.39 27.12
O2A CLA TC . 66.70 25.23 28.97
NB CLA TC . 69.96 33.21 25.19
C1B CLA TC . 70.72 32.15 25.57
C2B CLA TC . 72.08 32.26 25.02
C3B CLA TC . 72.09 33.42 24.27
C4B CLA TC . 70.73 34.04 24.38
CMB CLA TC . 73.10 31.26 25.32
CAB CLA TC . 73.17 33.97 23.51
CBB CLA TC . 73.61 35.21 23.63
NC CLA TC . 67.95 35.25 24.69
C1C CLA TC . 69.00 35.79 23.97
C2C CLA TC . 68.61 37.09 23.43
C3C CLA TC . 67.34 37.37 23.95
C4C CLA TC . 66.94 36.20 24.74
CMC CLA TC . 69.48 37.94 22.58
CAC CLA TC . 66.51 38.56 23.75
CBC CLA TC . 66.51 39.51 24.94
ND CLA TC . 66.10 33.81 26.22
C1D CLA TC . 65.29 34.94 26.09
C2D CLA TC . 64.02 34.74 26.83
C3D CLA TC . 64.11 33.50 27.41
C4D CLA TC . 65.46 33.00 27.06
CMD CLA TC . 62.92 35.69 26.90
CAD CLA TC . 63.49 32.53 28.29
OBD CLA TC . 62.42 32.50 28.84
CBD CLA TC . 64.53 31.41 28.53
CGD CLA TC . 64.84 31.25 29.97
O1D CLA TC . 64.76 30.24 30.65
O2D CLA TC . 65.28 32.40 30.56
CED CLA TC . 65.55 32.31 31.93
C1 CLA TC . 66.52 24.00 28.23
C2 CLA TC . 67.85 23.36 28.11
C3 CLA TC . 68.61 23.08 29.16
C4 CLA TC . 68.29 23.43 30.57
C5 CLA TC . 69.91 22.42 28.92
C6 CLA TC . 70.87 23.48 28.47
C7 CLA TC . 72.03 23.53 29.44
C8 CLA TC . 72.78 24.86 29.44
C9 CLA TC . 71.84 25.90 30.03
C10 CLA TC . 73.32 25.19 28.05
C11 CLA TC . 73.56 26.67 27.79
C12 CLA TC . 74.84 27.18 28.44
C13 CLA TC . 75.95 27.17 27.41
C14 CLA TC . 77.34 27.09 28.02
C15 CLA TC . 75.81 28.39 26.49
C16 CLA TC . 76.23 28.05 25.08
C17 CLA TC . 76.14 29.27 24.22
C18 CLA TC . 76.84 29.07 22.89
C19 CLA TC . 76.28 30.09 21.91
C20 CLA TC . 78.34 29.20 23.03
HHB CLA TC . 71.13 30.36 26.68
HHC CLA TC . 71.01 35.81 23.23
HHD CLA TC . 65.00 36.91 25.34
H2A CLA TC . 67.45 30.36 29.55
H3A CLA TC . 68.94 28.80 27.41
HMA1 CLA TC . 70.90 29.36 28.67
HMA2 CLA TC . 69.61 29.25 29.93
HMA3 CLA TC . 70.17 30.87 29.35
HAA1 CLA TC . 66.68 28.56 27.14
HAA2 CLA TC . 65.55 29.07 28.46
HBA1 CLA TC . 66.54 27.64 30.05
HBA2 CLA TC . 68.14 27.60 29.21
HMB1 CLA TC . 73.96 31.35 24.61
HMB2 CLA TC . 72.67 30.22 25.23
HMB3 CLA TC . 73.48 31.40 26.37
HAB CLA TC . 73.63 33.27 22.79
HBB1 CLA TC . 73.17 35.90 24.35
HBB2 CLA TC . 74.44 35.60 23.03
HMC1 CLA TC . 69.00 38.94 22.41
HMC2 CLA TC . 69.65 37.46 21.59
HMC3 CLA TC . 70.47 38.11 23.07
HAC1 CLA TC . 65.46 38.26 23.53
HAC2 CLA TC . 66.88 39.12 22.84
HBC1 CLA TC . 65.76 40.31 24.78
HBC2 CLA TC . 67.52 39.97 25.05
HBC3 CLA TC . 66.28 38.95 25.87
HMD1 CLA TC . 62.51 35.75 27.94
HMD2 CLA TC . 62.09 35.41 26.21
HMD3 CLA TC . 63.27 36.72 26.61
HBD CLA TC . 64.10 30.43 28.16
HED1 CLA TC . 65.70 33.38 32.24
HED2 CLA TC . 66.48 31.69 31.98
HED3 CLA TC . 64.64 31.83 32.36
H11 CLA TC . 66.10 24.26 27.22
H12 CLA TC . 65.79 23.36 28.77
H2 CLA TC . 68.17 23.10 27.09
H41 CLA TC . 69.01 22.96 31.28
H42 CLA TC . 67.26 23.07 30.85
H43 CLA TC . 68.32 24.53 30.73
H51 CLA TC . 69.80 21.62 28.14
H52 CLA TC . 70.27 21.92 29.86
H61 CLA TC . 70.36 24.49 28.43
H62 CLA TC . 71.24 23.26 27.44
H71 CLA TC . 72.75 22.71 29.17
H72 CLA TC . 71.65 23.31 30.47
H8 CLA TC . 73.70 24.83 30.09
H91 CLA TC . 72.42 26.81 30.36
H92 CLA TC . 71.29 25.50 30.90
H93 CLA TC . 71.09 26.23 29.26
H101 CLA TC . 72.61 24.80 27.28
H102 CLA TC . 74.30 24.64 27.90
H111 CLA TC . 72.68 27.25 28.18
H112 CLA TC . 73.60 26.85 26.69
H121 CLA TC . 75.09 26.54 29.31
H122 CLA TC . 74.66 28.23 28.83
H13 CLA TC . 75.83 26.23 26.79
H141 CLA TC . 78.12 27.29 27.25
H142 CLA TC . 77.51 26.07 28.44
H143 CLA TC . 77.44 27.83 28.84
H151 CLA TC . 76.47 29.23 26.88
H152 CLA TC . 74.76 28.77 26.49
H161 CLA TC . 75.57 27.24 24.67
H162 CLA TC . 77.28 27.64 25.07
H171 CLA TC . 76.61 30.14 24.75
H172 CLA TC . 75.07 29.53 24.04
H18 CLA TC . 76.65 28.03 22.50
H191 CLA TC . 76.90 30.10 20.98
H192 CLA TC . 76.29 31.11 22.36
H193 CLA TC . 75.23 29.82 21.63
H201 CLA TC . 78.84 29.17 22.04
H202 CLA TC . 78.75 28.36 23.65
H203 CLA TC . 78.60 30.16 23.54
MG CLA UC . 69.08 39.84 33.01
CHA CLA UC . 70.76 42.96 33.20
CHB CLA UC . 69.38 39.89 29.70
CHC CLA UC . 68.25 36.55 32.99
CHD CLA UC . 69.58 39.62 36.57
NA CLA UC . 69.91 41.25 31.68
C1A CLA UC . 70.57 42.45 31.93
C2A CLA UC . 71.04 43.10 30.64
C3A CLA UC . 70.46 42.17 29.53
C4A CLA UC . 69.88 41.01 30.34
CMA CLA UC . 69.44 42.84 28.65
CAA CLA UC . 72.57 43.17 30.60
CBA CLA UC . 73.21 41.79 30.55
CGA CLA UC . 74.72 41.88 30.63
O1A CLA UC . 75.48 42.72 30.17
O2A CLA UC . 75.22 40.82 31.32
NB CLA UC . 68.90 38.48 31.64
C1B CLA UC . 68.86 38.75 30.32
C2B CLA UC . 68.28 37.60 29.58
C3B CLA UC . 67.96 36.64 30.53
C4B CLA UC . 68.37 37.20 31.84
CMB CLA UC . 68.18 37.60 28.13
CAB CLA UC . 67.35 35.35 30.44
CBB CLA UC . 67.75 34.40 29.61
NC CLA UC . 68.97 38.35 34.50
C1C CLA UC . 68.56 37.08 34.27
C2C CLA UC . 68.46 36.33 35.50
C3C CLA UC . 68.85 37.22 36.51
C4C CLA UC . 69.14 38.48 35.87
CMC CLA UC . 68.07 34.92 35.62
CAC CLA UC . 68.95 36.95 37.95
CBC CLA UC . 70.31 36.36 38.27
ND CLA UC . 69.94 41.00 34.59
C1D CLA UC . 69.97 40.80 35.99
C2D CLA UC . 70.43 42.04 36.64
C3D CLA UC . 70.69 42.93 35.61
C4D CLA UC . 70.40 42.20 34.37
CMD CLA UC . 70.54 42.27 38.08
CAD CLA UC . 71.13 44.26 35.27
OBD CLA UC . 71.36 45.21 36.01
CBD CLA UC . 71.27 44.28 33.72
CGD CLA UC . 70.45 45.39 33.14
O1D CLA UC . 69.58 45.30 32.30
O2D CLA UC . 70.69 46.61 33.65
CED CLA UC . 69.81 47.64 33.19
C1 CLA UC . 76.63 40.72 31.46
C2 CLA UC . 76.89 39.27 31.25
C3 CLA UC . 77.51 38.49 32.13
C4 CLA UC . 78.05 38.95 33.44
C5 CLA UC . 77.73 37.06 31.82
C6 CLA UC . 76.95 36.20 32.80
C7 CLA UC . 77.20 34.74 32.50
C8 CLA UC . 75.98 33.96 32.94
C9 CLA UC . 75.64 34.34 34.37
C10 CLA UC . 76.26 32.46 32.76
C11 CLA UC . 75.28 31.83 31.79
C12 CLA UC . 75.29 30.32 31.89
C13 CLA UC . 73.92 29.68 31.64
C14 CLA UC . 73.21 30.36 30.46
C15 CLA UC . 73.06 29.68 32.91
C16 CLA UC . 72.36 28.35 33.20
C17 CLA UC . 72.86 27.70 34.49
C18 CLA UC . 71.83 26.84 35.24
C19 CLA UC . 72.50 25.95 36.29
C20 CLA UC . 70.99 26.02 34.28
HHB CLA UC . 69.38 39.89 28.60
HHC CLA UC . 67.88 35.51 33.00
HHD CLA UC . 69.60 39.56 37.67
H2A CLA UC . 70.60 44.14 30.55
H3A CLA UC . 71.28 41.79 28.87
HMA1 CLA UC . 68.73 42.10 28.22
HMA2 CLA UC . 69.95 43.37 27.80
HMA3 CLA UC . 68.85 43.61 29.22
HAA1 CLA UC . 72.93 43.73 31.50
HAA2 CLA UC . 72.88 43.75 29.70
HBA1 CLA UC . 72.94 41.28 29.59
HBA2 CLA UC . 72.85 41.17 31.40
HMB1 CLA UC . 67.35 36.93 27.79
HMB2 CLA UC . 69.14 37.23 27.67
HMB3 CLA UC . 67.98 38.63 27.75
HAB CLA UC . 66.50 35.17 31.14
HBB1 CLA UC . 68.57 34.56 28.90
HBB2 CLA UC . 67.26 33.41 29.55
HMC1 CLA UC . 67.70 34.69 36.65
HMC2 CLA UC . 68.95 34.25 35.41
HMC3 CLA UC . 67.27 34.67 34.89
HAC1 CLA UC . 68.15 36.23 38.28
HAC2 CLA UC . 68.80 37.89 38.54
HBC1 CLA UC . 70.44 36.27 39.38
HBC2 CLA UC . 71.12 37.02 37.88
HBC3 CLA UC . 70.41 35.35 37.81
HMD1 CLA UC . 70.66 43.36 38.30
HMD2 CLA UC . 71.44 41.73 38.49
HMD3 CLA UC . 69.63 41.89 38.61
HBD CLA UC . 72.36 44.43 33.47
HED1 CLA UC . 70.31 48.59 33.53
HED2 CLA UC . 68.85 47.43 33.72
HED3 CLA UC . 69.78 47.51 32.09
H11 CLA UC . 76.94 41.07 32.49
H12 CLA UC . 77.14 41.37 30.69
H2 CLA UC . 76.51 38.88 30.29
H41 CLA UC . 78.65 38.15 33.94
H42 CLA UC . 77.22 39.24 34.14
H43 CLA UC . 78.71 39.84 33.32
H51 CLA UC . 78.82 36.81 31.87
H52 CLA UC . 77.38 36.85 30.77
H61 CLA UC . 75.86 36.43 32.73
H62 CLA UC . 77.29 36.43 33.85
H71 CLA UC . 78.11 34.38 33.04
H72 CLA UC . 77.38 34.60 31.40
H8 CLA UC . 75.07 34.19 32.32
H91 CLA UC . 75.10 33.51 34.88
H92 CLA UC . 74.98 35.25 34.37
H93 CLA UC . 76.57 34.57 34.93
H101 CLA UC . 76.18 31.94 33.76
H102 CLA UC . 77.30 32.33 32.39
H111 CLA UC . 75.55 32.15 30.75
H112 CLA UC . 74.25 32.22 31.99
H121 CLA UC . 75.65 30.04 32.90
H122 CLA UC . 76.03 29.92 31.14
H13 CLA UC . 74.08 28.60 31.34
H141 CLA UC . 72.63 29.61 29.88
H142 CLA UC . 73.95 30.84 29.79
H143 CLA UC . 72.51 31.14 30.84
H151 CLA UC . 72.27 30.47 32.84
H152 CLA UC . 73.69 29.93 33.79
H161 CLA UC . 72.52 27.64 32.35
H162 CLA UC . 71.25 28.52 33.28
H171 CLA UC . 73.21 28.50 35.19
H172 CLA UC . 73.74 27.05 34.24
H18 CLA UC . 71.14 27.53 35.78
H191 CLA UC . 71.73 25.37 36.87
H192 CLA UC . 73.08 26.57 37.01
H193 CLA UC . 73.20 25.22 35.80
H201 CLA UC . 70.16 25.51 34.83
H202 CLA UC . 71.60 25.24 33.77
H203 CLA UC . 70.52 26.68 33.50
C1 BCR VC . 53.64 27.01 5.84
C2 BCR VC . 52.98 27.71 4.68
C3 BCR VC . 53.30 27.00 3.40
C4 BCR VC . 52.80 25.58 3.43
C5 BCR VC . 53.14 24.91 4.70
C6 BCR VC . 53.53 25.52 5.79
C7 BCR VC . 53.85 24.84 7.04
C8 BCR VC . 54.69 23.82 7.13
C9 BCR VC . 54.96 23.11 8.39
C10 BCR VC . 55.91 22.16 8.43
C11 BCR VC . 56.33 21.45 9.62
C33 BCR VC . 53.02 23.45 4.64
C31 BCR VC . 52.95 27.53 7.07
C32 BCR VC . 55.10 27.37 5.89
C34 BCR VC . 54.23 23.57 9.59
C12 BCR VC . 57.39 20.63 9.55
C13 BCR VC . 57.83 19.77 10.61
C14 BCR VC . 59.01 19.14 10.51
C15 BCR VC . 59.64 18.44 11.61
C16 BCR VC . 60.54 17.48 11.43
C17 BCR VC . 60.90 16.69 12.59
C18 BCR VC . 62.02 15.97 12.75
C19 BCR VC . 62.19 15.10 13.89
C20 BCR VC . 63.21 14.23 13.98
C21 BCR VC . 63.43 13.50 15.21
C22 BCR VC . 64.43 12.62 15.47
C23 BCR VC . 64.38 11.85 16.71
C24 BCR VC . 65.14 10.78 16.95
C25 BCR VC . 65.03 9.96 18.13
C26 BCR VC . 65.25 10.48 19.33
C27 BCR VC . 65.19 9.75 20.61
C28 BCR VC . 64.37 8.48 20.52
C29 BCR VC . 64.57 7.73 19.24
C30 BCR VC . 64.59 8.54 17.96
C35 BCR VC . 56.94 19.46 11.76
C36 BCR VC . 63.17 16.23 11.88
C37 BCR VC . 65.63 12.47 14.60
C38 BCR VC . 65.70 11.88 19.53
C39 BCR VC . 63.24 8.56 17.28
C40 BCR VC . 65.50 7.75 17.03
HC21 BCR VC . 53.31 28.74 4.61
HC22 BCR VC . 51.90 27.76 4.80
HC31 BCR VC . 54.37 27.02 3.23
HC32 BCR VC . 52.86 27.53 2.57
HC41 BCR VC . 53.19 25.03 2.58
HC42 BCR VC . 51.74 25.55 3.23
HC7 BCR VC . 53.37 25.21 7.92
HC8 BCR VC . 55.20 23.48 6.24
H10C BCR VC . 56.41 21.89 7.53
H11C BCR VC . 55.80 21.59 10.53
H331 BCR VC . 52.63 23.06 5.57
H332 BCR VC . 54.00 22.99 4.48
H333 BCR VC . 52.38 23.15 3.83
H311 BCR VC . 53.59 27.45 7.93
H312 BCR VC . 52.05 26.97 7.28
H313 BCR VC . 52.68 28.57 6.94
H321 BCR VC . 55.55 27.02 6.80
H322 BCR VC . 55.22 28.45 5.85
H323 BCR VC . 55.63 26.94 5.06
H341 BCR VC . 54.33 22.85 10.40
H342 BCR VC . 53.18 23.70 9.40
H343 BCR VC . 54.62 24.51 9.95
H12C BCR VC . 57.93 20.63 8.63
H14C BCR VC . 59.54 19.15 9.57
H15C BCR VC . 59.34 18.70 12.60
H16C BCR VC . 60.99 17.30 10.49
H17C BCR VC . 60.18 16.68 13.37
H19C BCR VC . 61.49 15.13 14.70
H20C BCR VC . 63.84 14.09 13.15
H21C BCR VC . 62.71 13.68 15.99
H23C BCR VC . 63.69 12.18 17.46
H24C BCR VC . 65.87 10.50 16.22
H271 BCR VC . 64.81 10.37 21.41
H272 BCR VC . 66.17 9.52 21.00
H281 BCR VC . 63.32 8.76 20.64
H282 BCR VC . 64.62 7.86 21.37
H291 BCR VC . 63.79 6.97 19.19
H292 BCR VC . 65.48 7.16 19.34
H351 BCR VC . 57.03 18.42 12.04
H352 BCR VC . 55.92 19.67 11.50
H353 BCR VC . 57.21 20.07 12.61
H361 BCR VC . 64.09 16.22 12.44
H362 BCR VC . 63.09 17.18 11.39
H363 BCR VC . 63.26 15.47 11.12
H371 BCR VC . 66.52 12.47 15.19
H372 BCR VC . 65.68 13.29 13.88
H373 BCR VC . 65.57 11.55 14.04
H381 BCR VC . 66.27 12.01 20.45
H382 BCR VC . 64.86 12.57 19.60
H383 BCR VC . 66.32 12.23 18.72
H391 BCR VC . 62.85 7.55 17.15
H392 BCR VC . 63.32 9.01 16.30
H393 BCR VC . 62.52 9.12 17.85
H401 BCR VC . 65.19 6.72 17.00
H402 BCR VC . 66.51 7.79 17.36
H403 BCR VC . 65.45 8.15 16.03
C1A DGD WC . 47.59 5.21 16.73
C2A DGD WC . 47.10 5.86 15.56
C3A DGD WC . 47.42 7.36 15.54
C4A DGD WC . 47.15 7.86 14.09
C5A DGD WC . 47.27 9.37 14.02
C6A DGD WC . 47.17 9.87 12.60
C7A DGD WC . 48.53 10.57 12.25
C8A DGD WC . 48.39 11.52 11.04
C9A DGD WC . 49.73 11.54 10.28
CAA DGD WC . 49.62 12.30 8.94
CBA DGD WC . 49.06 13.77 9.13
CCA DGD WC . 50.21 14.72 9.57
CDA DGD WC . 49.72 16.20 9.43
CEA DGD WC . 50.23 17.07 10.61
CFA DGD WC . 50.14 18.59 10.25
CGA DGD WC . 51.16 19.33 11.09
O1A DGD WC . 47.87 4.00 16.82
C1B DGD WC . 51.75 7.80 17.32
C2B DGD WC . 52.33 9.03 17.81
C3B DGD WC . 51.58 10.22 17.27
C4B DGD WC . 50.06 9.97 17.22
C5B DGD WC . 49.49 11.34 17.32
C6B DGD WC . 47.94 11.14 17.36
C7B DGD WC . 47.47 12.36 18.04
C8B DGD WC . 46.11 12.62 17.54
C9B DGD WC . 45.73 13.95 18.09
CAB DGD WC . 44.51 14.41 17.28
CBB DGD WC . 44.32 15.84 17.73
CCB DGD WC . 42.83 16.09 17.80
CDB DGD WC . 42.67 17.59 17.78
CEB DGD WC . 41.41 17.93 17.08
CFB DGD WC . 41.52 19.42 16.86
CGB DGD WC . 40.12 20.02 16.82
O1B DGD WC . 52.23 7.17 16.40
O1G DGD WC . 48.28 6.24 17.40
C1G DGD WC . 49.08 5.91 18.50
C2G DGD WC . 50.53 5.89 17.99
O2G DGD WC . 51.04 7.16 18.34
C3G DGD WC . 51.36 4.82 18.76
O3G DGD WC . 50.98 3.57 18.16
C1D DGD WC . 51.13 2.48 19.03
C2D DGD WC . 50.53 1.27 18.23
O2D DGD WC . 49.11 1.46 18.37
C3D DGD WC . 50.92 -0.05 18.93
O3D DGD WC . 50.47 -1.17 18.15
C4D DGD WC . 52.47 -0.15 18.99
O4D DGD WC . 53.05 -0.08 17.61
C5D DGD WC . 52.88 1.06 19.87
O5D DGD WC . 54.59 0.32 21.30
C6D DGD WC . 54.39 1.09 20.14
O6D DGD WC . 52.56 2.33 19.25
C1E DGD WC . 55.42 -0.86 21.06
C2E DGD WC . 54.82 -2.03 21.82
O2E DGD WC . 53.56 -2.29 21.30
C3E DGD WC . 54.69 -1.58 23.32
O3E DGD WC . 54.25 -2.70 24.01
C4E DGD WC . 56.20 -1.18 23.81
O4E DGD WC . 57.10 -2.29 23.78
C5E DGD WC . 56.78 -0.14 22.90
O6E DGD WC . 56.73 -0.55 21.54
C6E DGD WC . 58.35 0.08 23.16
O5E DGD WC . 58.45 0.38 24.54
HA21 DGD WC . 46.00 5.68 15.49
HA22 DGD WC . 47.54 5.35 14.67
HA31 DGD WC . 48.47 7.56 15.84
HA32 DGD WC . 46.80 7.92 16.28
HA41 DGD WC . 46.15 7.52 13.76
HA42 DGD WC . 47.86 7.38 13.39
HA51 DGD WC . 48.23 9.70 14.50
HA52 DGD WC . 46.49 9.85 14.66
HA61 DGD WC . 46.30 10.53 12.47
HA62 DGD WC . 46.94 9.03 11.91
HA71 DGD WC . 49.30 9.79 12.09
HA72 DGD WC . 48.89 11.09 13.16
HA81 DGD WC . 48.08 12.54 11.38
HA82 DGD WC . 47.53 11.21 10.41
HA91 DGD WC . 50.07 10.50 10.10
HA92 DGD WC . 50.51 11.99 10.92
HAT1 DGD WC . 49.00 11.71 8.23
HAT2 DGD WC . 50.63 12.31 8.44
HAE1 DGD WC . 48.24 13.77 9.86
HAE2 DGD WC . 48.60 14.12 8.19
HAW1 DGD WC . 51.14 14.57 8.97
HAW2 DGD WC . 50.53 14.52 10.61
HAH1 DGD WC . 48.61 16.28 9.39
HAH2 DGD WC . 50.03 16.68 8.48
HAF1 DGD WC . 51.28 16.78 10.87
HAF2 DGD WC . 49.66 16.85 11.54
HAN1 DGD WC . 49.12 18.99 10.41
HAN2 DGD WC . 50.33 18.76 9.17
HB21 DGD WC . 53.40 9.07 17.54
HB22 DGD WC . 52.30 9.02 18.92
HB31 DGD WC . 51.97 10.47 16.26
HB32 DGD WC . 51.83 11.12 17.86
HB41 DGD WC . 49.70 9.30 18.03
HB42 DGD WC . 49.73 9.44 16.30
HB51 DGD WC . 49.81 12.00 16.49
HB52 DGD WC . 49.87 11.89 18.22
HB61 DGD WC . 47.59 10.23 17.89
HB62 DGD WC . 47.44 11.03 16.38
HB71 DGD WC . 48.10 13.24 17.88
HB72 DGD WC . 47.43 12.27 19.15
HB81 DGD WC . 45.42 11.81 17.83
HB82 DGD WC . 46.11 12.59 16.43
HB91 DGD WC . 46.58 14.68 18.02
HB92 DGD WC . 45.53 13.89 19.18
HBT1 DGD WC . 43.59 13.80 17.48
HBT2 DGD WC . 44.65 14.34 16.18
HBE1 DGD WC . 44.82 16.55 17.05
HBE2 DGD WC . 44.81 16.02 18.72
HBW1 DGD WC . 42.39 15.62 18.69
HBW2 DGD WC . 42.32 15.60 16.95
HBH1 DGD WC . 43.55 18.08 17.29
HBH2 DGD WC . 42.68 18.00 18.82
HBF1 DGD WC . 40.53 17.63 17.69
HBF2 DGD WC . 41.30 17.34 16.15
HBN1 DGD WC . 42.09 19.64 15.93
HBN2 DGD WC . 42.14 19.89 17.64
HG11 DGD WC . 48.86 4.90 18.94
HG12 DGD WC . 49.02 6.64 19.35
HG2 DGD WC . 50.57 5.63 16.89
HG31 DGD WC . 51.13 4.86 19.86
HG32 DGD WC . 52.45 5.03 18.69
HD1 DGD WC . 50.64 2.66 20.03
HD2 DGD WC . 50.90 1.26 17.18
HO2D DGD WC . 48.83 2.07 17.68
HD3 DGD WC . 50.50 -0.04 19.96
HO3D DGD WC . 51.12 -1.86 18.26
HD4 DGD WC . 52.87 -1.08 19.45
HO4D DGD WC . 52.92 0.81 17.30
HD5 DGD WC . 52.29 1.00 20.83
HD61 DGD WC . 54.79 2.12 20.32
HD62 DGD WC . 55.01 0.69 19.32
HE1 DGD WC . 55.58 -1.10 19.97
HE2 DGD WC . 55.51 -2.91 21.70
HO2E DGD WC . 53.45 -3.24 21.30
HE3 DGD WC . 53.98 -0.73 23.43
HO3E DGD WC . 54.33 -2.48 24.94
HE4 DGD WC . 56.10 -0.77 24.85
HO4E DGD WC . 56.82 -2.91 24.46
HE5 DGD WC . 56.24 0.83 23.04
HE61 DGD WC . 58.74 0.90 22.53
HE62 DGD WC . 58.93 -0.83 22.89
HO5E DGD WC . 58.51 1.33 24.61
C1A DGD XC . 41.70 17.07 45.68
C2A DGD XC . 41.08 18.06 46.56
C3A DGD XC . 41.81 19.35 46.34
C4A DGD XC . 41.39 19.98 45.02
C5A DGD XC . 39.89 20.13 44.96
C6A DGD XC . 39.51 21.35 44.14
C7A DGD XC . 39.79 20.95 42.68
C8A DGD XC . 40.54 22.04 41.95
C9A DGD XC . 39.61 22.55 40.85
CAA DGD XC . 39.89 24.03 40.59
CBA DGD XC . 38.56 24.82 40.69
CCA DGD XC . 38.71 25.93 41.78
CDA DGD XC . 38.54 25.32 43.22
CEA DGD XC . 38.63 26.47 44.26
CFA DGD XC . 38.14 26.02 45.65
CGA DGD XC . 37.21 27.11 46.20
O1A DGD XC . 42.15 17.25 44.57
C1B DGD XC . 45.44 16.49 44.70
C2B DGD XC . 45.65 17.87 44.22
C3B DGD XC . 45.97 17.78 42.78
C4B DGD XC . 46.02 19.14 42.17
C5B DGD XC . 46.76 18.96 40.91
C6B DGD XC . 45.73 18.58 39.85
C7B DGD XC . 46.56 17.99 38.71
C8B DGD XC . 45.59 17.21 37.90
C9B DGD XC . 46.06 17.19 36.46
CAB DGD XC . 45.23 16.08 35.81
CBB DGD XC . 44.31 16.72 34.82
CCB DGD XC . 43.14 15.79 34.81
CDB DGD XC . 42.51 16.06 33.50
CEB DGD XC . 41.30 15.25 33.45
CFB DGD XC . 40.23 16.17 34.08
CGB DGD XC . 39.02 15.32 34.34
O1B DGD XC . 45.94 15.49 44.19
O1G DGD XC . 42.22 16.12 46.47
C1G DGD XC . 43.05 15.11 45.90
C2G DGD XC . 44.50 15.28 46.46
O2G DGD XC . 45.01 16.50 46.00
C3G DGD XC . 44.41 15.31 47.98
O3G DGD XC . 43.68 14.11 48.20
C1D DGD XC . 44.46 12.94 48.19
C2D DGD XC . 43.86 12.04 49.28
O2D DGD XC . 44.21 12.64 50.51
C3D DGD XC . 44.62 10.69 49.12
O3D DGD XC . 44.07 9.73 49.98
C4D DGD XC . 44.43 10.11 47.65
O4D DGD XC . 43.04 9.79 47.34
C5D DGD XC . 44.90 11.20 46.63
O5D DGD XC . 45.14 9.55 44.97
C6D DGD XC . 44.51 10.81 45.17
O6D DGD XC . 44.24 12.43 46.87
C1E DGD XC . 46.50 9.61 44.59
C2E DGD XC . 46.80 8.63 43.37
O2E DGD XC . 45.93 8.94 42.33
C3E DGD XC . 46.58 7.19 43.80
O3E DGD XC . 47.01 6.48 42.72
C4E DGD XC . 47.48 6.87 45.00
O4E DGD XC . 48.84 7.05 44.62
C5E DGD XC . 47.16 7.84 46.16
O6E DGD XC . 47.23 9.22 45.75
C6E DGD XC . 48.22 7.75 47.33
O5E DGD XC . 48.20 6.47 47.71
HA21 DGD XC . 41.12 17.72 47.61
HA22 DGD XC . 39.99 18.14 46.33
HA31 DGD XC . 42.90 19.19 46.35
HA32 DGD XC . 41.61 20.06 47.17
HA41 DGD XC . 41.76 19.36 44.18
HA42 DGD XC . 41.89 20.96 44.89
HA51 DGD XC . 39.45 20.19 45.99
HA52 DGD XC . 39.42 19.21 44.54
HA61 DGD XC . 40.07 22.24 44.48
HA62 DGD XC . 38.45 21.63 44.32
HA71 DGD XC . 38.83 20.70 42.20
HA72 DGD XC . 40.33 19.98 42.69
HA81 DGD XC . 41.51 21.66 41.57
HA82 DGD XC . 40.86 22.83 42.67
HA91 DGD XC . 38.56 22.37 41.14
HA92 DGD XC . 39.76 21.94 39.93
HAT1 DGD XC . 40.38 24.16 39.60
HAT2 DGD XC . 40.66 24.42 41.30
HAE1 DGD XC . 37.72 24.13 40.92
HAE2 DGD XC . 38.29 25.24 39.71
HAW1 DGD XC . 37.98 26.74 41.63
HAW2 DGD XC . 39.69 26.43 41.71
HAH1 DGD XC . 39.29 24.54 43.48
HAH2 DGD XC . 37.57 24.78 43.36
HAF1 DGD XC . 38.04 27.35 43.91
HAF2 DGD XC . 39.67 26.87 44.31
HAN1 DGD XC . 38.98 25.83 46.35
HAN2 DGD XC . 37.61 25.04 45.61
HB21 DGD XC . 46.46 18.36 44.79
HB22 DGD XC . 44.75 18.49 44.40
HB31 DGD XC . 45.22 17.15 42.25
HB32 DGD XC . 46.92 17.24 42.62
HB41 DGD XC . 46.51 19.89 42.85
HB42 DGD XC . 45.01 19.59 42.02
HB51 DGD XC . 47.56 18.19 41.01
HB52 DGD XC . 47.33 19.88 40.63
HB61 DGD XC . 45.11 19.42 39.47
HB62 DGD XC . 44.95 17.86 40.18
HB71 DGD XC . 47.38 17.33 39.04
HB72 DGD XC . 47.08 18.74 38.09
HB81 DGD XC . 44.58 17.65 38.00
HB82 DGD XC . 45.48 16.18 38.31
HB91 DGD XC . 47.16 17.02 36.39
HB92 DGD XC . 45.92 18.19 35.97
HBT1 DGD XC . 44.64 15.50 36.55
HBT2 DGD XC . 45.87 15.32 35.30
HBE1 DGD XC . 44.77 16.85 33.81
HBE2 DGD XC . 44.02 17.76 35.11
HBW1 DGD XC . 42.46 15.97 35.67
HBW2 DGD XC . 43.45 14.73 34.93
HBH1 DGD XC . 43.20 15.83 32.65
HBH2 DGD XC . 42.29 17.14 33.37
HBF1 DGD XC . 41.43 14.28 33.99
HBF2 DGD XC . 41.06 14.94 32.41
HBN1 DGD XC . 40.00 17.04 33.44
HBN2 DGD XC . 40.62 16.66 35.00
HG11 DGD XC . 43.12 15.18 44.78
HG12 DGD XC . 42.72 14.07 46.14
HG2 DGD XC . 45.13 14.39 46.15
HG31 DGD XC . 43.91 16.23 48.35
HG32 DGD XC . 45.42 15.31 48.45
HD1 DGD XC . 45.55 13.15 48.38
HD2 DGD XC . 42.76 11.90 49.17
HO2D DGD XC . 43.99 13.57 50.44
HD3 DGD XC . 45.71 10.89 49.33
HO3D DGD XC . 44.80 9.28 50.39
HD4 DGD XC . 45.08 9.21 47.54
HO4D DGD XC . 42.53 10.01 48.11
HD5 DGD XC . 46.00 11.38 46.75
HD61 DGD XC . 44.88 11.51 44.39
HD62 DGD XC . 43.43 10.70 45.00
HE1 DGD XC . 46.87 10.63 44.34
HE2 DGD XC . 47.87 8.81 43.09
HO2E DGD XC . 45.70 8.12 41.92
HE3 DGD XC . 45.51 7.01 44.08
HO3E DGD XC . 47.46 5.71 43.06
HE4 DGD XC . 47.29 5.82 45.36
HO4E DGD XC . 49.35 6.39 45.09
HE5 DGD XC . 46.14 7.59 46.56
HE61 DGD XC . 47.95 8.44 48.16
HE62 DGD XC . 49.22 8.07 46.98
HO5E DGD XC . 49.11 6.21 47.85
C1A DGD YC . 33.30 15.38 46.02
C2A DGD YC . 32.52 15.54 44.81
C3A DGD YC . 31.61 16.76 44.93
C4A DGD YC . 31.23 17.17 43.53
C5A DGD YC . 31.65 18.61 43.25
C6A DGD YC . 32.17 18.77 41.84
C7A DGD YC . 31.02 18.38 40.94
C8A DGD YC . 30.73 19.40 39.89
C9A DGD YC . 31.98 19.66 39.03
CAA DGD YC . 31.55 20.23 37.64
CBA DGD YC . 30.40 21.27 37.79
CCA DGD YC . 29.73 21.48 36.41
CDA DGD YC . 28.21 21.45 36.62
CEA DGD YC . 27.59 22.44 35.63
CFA DGD YC . 26.89 23.55 36.37
CGA DGD YC . 26.43 24.55 35.29
O1A DGD YC . 33.27 16.05 47.02
C1B DGD YC . 38.05 14.15 44.76
C2B DGD YC . 38.88 15.38 44.76
C3B DGD YC . 39.60 15.55 43.47
C4B DGD YC . 38.66 15.60 42.29
C5B DGD YC . 38.21 17.06 42.16
C6B DGD YC . 37.70 17.18 40.73
C7B DGD YC . 37.04 18.52 40.62
C8B DGD YC . 36.63 18.59 39.17
C9B DGD YC . 36.18 20.00 38.92
CAB DGD YC . 36.00 20.18 37.40
CBB DGD YC . 36.89 21.35 37.03
CCB DGD YC . 36.16 22.20 35.98
CDB DGD YC . 36.99 23.46 36.13
CEB DGD YC . 36.97 24.25 34.87
CFB DGD YC . 38.20 25.14 35.06
CGB DGD YC . 38.06 26.36 34.18
O1B DGD YC . 38.08 13.24 43.90
O1G DGD YC . 34.42 14.77 45.65
C1G DGD YC . 34.86 13.75 46.46
C2G DGD YC . 36.15 13.26 45.84
O2G DGD YC . 37.01 14.33 45.65
C3G DGD YC . 36.80 12.40 46.92
O3G DGD YC . 35.88 11.39 47.06
C1D DGD YC . 36.21 10.51 48.09
C2D DGD YC . 34.83 9.82 48.53
O2D DGD YC . 34.11 10.81 49.24
C3D DGD YC . 35.20 8.65 49.43
O3D DGD YC . 34.05 7.92 49.78
C4D DGD YC . 36.08 7.69 48.62
O4D DGD YC . 35.47 7.40 47.40
C5D DGD YC . 37.40 8.43 48.25
O5D DGD YC . 38.38 6.28 47.90
C6D DGD YC . 38.33 7.56 47.32
O6D DGD YC . 37.08 9.61 47.47
C1E DGD YC . 39.53 5.57 47.63
C2E DGD YC . 39.39 4.14 48.14
O2E DGD YC . 38.32 3.51 47.45
C3E DGD YC . 39.07 4.14 49.57
O3E DGD YC . 39.11 2.78 49.89
C4E DGD YC . 40.21 4.91 50.35
O4E DGD YC . 41.42 4.26 50.23
C5E DGD YC . 40.39 6.31 49.76
O6E DGD YC . 40.59 6.28 48.33
C6E DGD YC . 41.61 7.01 50.37
O5E DGD YC . 41.44 8.39 50.20
HA21 DGD YC . 31.92 14.61 44.63
HA22 DGD YC . 33.20 15.61 43.92
HA31 DGD YC . 32.13 17.59 45.45
HA32 DGD YC . 30.72 16.55 45.54
HA41 DGD YC . 30.13 17.06 43.39
HA42 DGD YC . 31.69 16.50 42.79
HA51 DGD YC . 32.41 18.95 44.00
HA52 DGD YC . 30.79 19.30 43.44
HA61 DGD YC . 33.09 18.16 41.69
HA62 DGD YC . 32.54 19.81 41.67
HA71 DGD YC . 30.14 18.17 41.58
HA72 DGD YC . 31.25 17.38 40.51
HA81 DGD YC . 30.35 20.33 40.37
HA82 DGD YC . 29.86 19.08 39.28
HA91 DGD YC . 32.56 18.73 38.92
HA92 DGD YC . 32.66 20.37 39.55
HAT1 DGD YC . 31.24 19.38 36.97
HAT2 DGD YC . 32.43 20.67 37.11
HAE1 DGD YC . 30.80 22.23 38.20
HAE2 DGD YC . 29.67 20.95 38.56
HAW1 DGD YC . 30.03 20.69 35.69
HAW2 DGD YC . 30.04 22.42 35.94
HAH1 DGD YC . 27.90 21.72 37.65
HAH2 DGD YC . 27.77 20.45 36.47
HAF1 DGD YC . 26.89 21.91 34.96
HAF2 DGD YC . 28.37 22.83 34.95
HAN1 DGD YC . 27.57 24.05 37.11
HAN2 DGD YC . 26.05 23.20 36.98
HB21 DGD YC . 39.59 15.33 45.60
HB22 DGD YC . 38.23 16.25 44.96
HB31 DGD YC . 40.35 14.74 43.35
HB32 DGD YC . 40.23 16.47 43.52
HB41 DGD YC . 37.79 14.91 42.41
HB42 DGD YC . 39.13 15.23 41.36
HB51 DGD YC . 39.02 17.78 42.39
HB52 DGD YC . 37.44 17.33 42.92
HB61 DGD YC . 36.98 16.40 40.43
HB62 DGD YC . 38.48 17.10 39.95
HB71 DGD YC . 37.69 19.37 40.88
HB72 DGD YC . 36.17 18.66 41.28
HB81 DGD YC . 35.84 17.83 38.96
HB82 DGD YC . 37.47 18.29 38.52
HB91 DGD YC . 36.91 20.73 39.35
HB92 DGD YC . 35.24 20.23 39.49
HBT1 DGD YC . 34.94 20.38 37.11
HBT2 DGD YC . 36.28 19.28 36.82
HBE1 DGD YC . 37.87 20.99 36.65
HBE2 DGD YC . 37.15 21.95 37.92
HBW1 DGD YC . 35.09 22.32 36.19
HBW2 DGD YC . 36.19 21.75 34.97
HBH1 DGD YC . 38.03 23.21 36.43
HBH2 DGD YC . 36.60 24.08 36.98
HBF1 DGD YC . 36.02 24.81 34.74
HBF2 DGD YC . 37.02 23.59 33.97
HBN1 DGD YC . 39.14 24.59 34.85
HBN2 DGD YC . 38.33 25.43 36.14
HG11 DGD YC . 34.15 12.88 46.50
HG12 DGD YC . 35.06 14.04 47.51
HG2 DGD YC . 35.92 12.69 44.90
HG31 DGD YC . 36.98 12.98 47.86
HG32 DGD YC . 37.82 12.05 46.60
HD1 DGD YC . 36.72 11.01 48.96
HD2 DGD YC . 34.26 9.44 47.65
HO2D DGD YC . 34.54 10.92 50.08
HD3 DGD YC . 35.74 9.05 50.33
HO3D DGD YC . 33.30 8.45 49.53
HD4 DGD YC . 36.31 6.78 49.23
HO4D DGD YC . 34.82 6.71 47.56
HD5 DGD YC . 37.96 8.72 49.19
HD61 DGD YC . 39.37 7.96 47.22
HD62 DGD YC . 37.95 7.46 46.27
HE1 DGD YC . 39.86 5.55 46.55
HE2 DGD YC . 40.37 3.64 47.93
HO2E DGD YC . 38.45 3.68 46.53
HE3 DGD YC . 38.10 4.66 49.79
HO3E DGD YC . 39.59 2.70 50.70
HE4 DGD YC . 39.91 4.98 51.44
HO4E DGD YC . 41.37 3.47 50.77
HE5 DGD YC . 39.48 6.94 49.97
HE61 DGD YC . 42.54 6.65 49.87
HE62 DGD YC . 41.71 6.74 51.44
HO5E DGD YC . 41.92 8.64 49.42
C1 LMG ZC . 48.16 12.75 50.27
O1 LMG ZC . 48.45 14.13 50.31
C2 LMG ZC . 48.73 12.28 48.84
O2 LMG ZC . 47.73 12.63 47.93
C3 LMG ZC . 48.83 10.75 48.84
O3 LMG ZC . 49.45 10.41 47.61
C4 LMG ZC . 49.70 10.30 50.05
O4 LMG ZC . 50.96 10.94 49.99
C5 LMG ZC . 48.94 10.77 51.33
O5 LMG ZC . 49.16 10.94 53.72
C6 LMG ZC . 49.61 10.17 52.60
O6 LMG ZC . 48.93 12.19 51.37
C7 LMG ZC . 47.61 14.92 51.12
C8 LMG ZC . 48.01 16.38 50.77
C9 LMG ZC . 47.15 16.80 49.56
O7 LMG ZC . 47.64 17.17 51.84
C10 LMG ZC . 48.59 17.93 52.41
O9 LMG ZC . 49.56 17.38 52.92
C11 LMG ZC . 48.38 19.39 52.18
C12 LMG ZC . 47.33 19.92 53.15
C13 LMG ZC . 47.21 21.44 53.14
C14 LMG ZC . 46.40 21.85 51.89
C15 LMG ZC . 46.53 23.35 51.69
C16 LMG ZC . 45.50 23.79 50.67
C17 LMG ZC . 45.92 25.15 50.12
C18 LMG ZC . 45.30 25.24 48.73
C19 LMG ZC . 45.23 26.69 48.29
C20 LMG ZC . 44.62 26.69 46.88
C21 LMG ZC . 45.15 27.91 46.14
C22 LMG ZC . 44.85 29.08 47.04
O8 LMG ZC . 47.33 18.18 49.28
C28 LMG ZC . 46.18 18.88 48.96
O10 LMG ZC . 45.15 18.58 49.56
C29 LMG ZC . 46.18 19.54 47.58
C30 LMG ZC . 45.25 20.79 47.48
C31 LMG ZC . 45.80 21.70 46.35
C32 LMG ZC . 44.64 22.44 45.65
C33 LMG ZC . 45.28 23.14 44.45
C34 LMG ZC . 44.25 23.93 43.65
C35 LMG ZC . 43.79 23.10 42.40
C36 LMG ZC . 44.96 22.88 41.41
C37 LMG ZC . 44.47 23.11 39.95
C38 LMG ZC . 45.76 23.06 39.12
C39 LMG ZC . 45.42 23.14 37.63
C40 LMG ZC . 46.47 22.24 36.92
C41 LMG ZC . 46.08 22.09 35.45
C42 LMG ZC . 47.16 21.20 34.87
C43 LMG ZC . 46.64 20.50 33.63
HC1 LMG ZC . 47.07 12.49 50.39
HC2 LMG ZC . 49.73 12.76 48.68
HO2 LMG ZC . 48.13 12.57 47.05
HC3 LMG ZC . 47.81 10.30 48.93
HO3 LMG ZC . 49.05 10.95 46.94
HC4 LMG ZC . 49.81 9.18 50.07
HO4 LMG ZC . 51.10 11.19 49.08
HC5 LMG ZC . 47.89 10.37 51.31
HO5 LMG ZC . 49.35 10.43 54.50
HC61 LMG ZC . 50.71 10.20 52.47
HC62 LMG ZC . 49.33 9.10 52.68
HC71 LMG ZC . 47.79 14.65 52.18
HC72 LMG ZC . 46.56 14.67 50.88
HC8 LMG ZC . 49.10 16.50 50.53
HC91 LMG ZC . 46.08 16.58 49.77
HC92 LMG ZC . 47.44 16.18 48.68
H111 LMG ZC . 48.06 19.58 51.14
H112 LMG ZC . 49.33 19.95 52.30
H121 LMG ZC . 47.57 19.58 54.20
H122 LMG ZC . 46.34 19.47 52.93
H131 LMG ZC . 48.21 21.93 53.14
H132 LMG ZC . 46.72 21.83 54.06
H141 LMG ZC . 45.33 21.57 51.97
H142 LMG ZC . 46.75 21.32 50.98
H151 LMG ZC . 47.55 23.63 51.36
H152 LMG ZC . 46.39 23.90 52.64
H161 LMG ZC . 44.49 23.83 51.11
H162 LMG ZC . 45.41 23.05 49.86
H171 LMG ZC . 47.03 25.26 50.10
H172 LMG ZC . 45.60 25.98 50.78
H181 LMG ZC . 44.29 24.76 48.70
H182 LMG ZC . 45.87 24.63 47.99
H191 LMG ZC . 46.21 27.22 48.28
H192 LMG ZC . 44.63 27.34 48.96
H201 LMG ZC . 43.50 26.70 46.87
H202 LMG ZC . 44.85 25.77 46.29
H211 LMG ZC . 44.68 28.07 45.14
H212 LMG ZC . 46.24 27.86 45.91
H291 LMG ZC . 45.91 18.79 46.82
H292 LMG ZC . 47.22 19.81 47.33
H301 LMG ZC . 45.19 21.37 48.42
H302 LMG ZC . 44.20 20.53 47.26
H311 LMG ZC . 46.40 21.11 45.63
H312 LMG ZC . 46.54 22.43 46.75
H321 LMG ZC . 44.13 23.13 46.34
H322 LMG ZC . 43.83 21.72 45.36
H331 LMG ZC . 45.82 22.39 43.80
H332 LMG ZC . 46.12 23.80 44.79
H341 LMG ZC . 44.63 24.91 43.32
H342 LMG ZC . 43.36 24.22 44.26
H351 LMG ZC . 42.93 23.61 41.90
H352 LMG ZC . 43.35 22.13 42.73
H361 LMG ZC . 45.40 21.87 41.50
H362 LMG ZC . 45.81 23.55 41.62
H371 LMG ZC . 43.94 24.06 39.81
H372 LMG ZC . 43.75 22.34 39.61
H381 LMG ZC . 46.37 22.14 39.31
H382 LMG ZC . 46.47 23.89 39.37
H391 LMG ZC . 45.46 24.16 37.21
H392 LMG ZC . 44.39 22.79 37.38
H401 LMG ZC . 46.57 21.23 37.38
H402 LMG ZC . 47.51 22.64 36.98
H411 LMG ZC . 46.00 23.09 34.96
H412 LMG ZC . 45.05 21.67 35.37
H421 LMG ZC . 47.50 20.49 35.64
H422 LMG ZC . 48.06 21.82 34.66
C1 UNL AD . 76.95 1.31 10.22
C10 UNL AD . 75.88 10.64 7.16
C2 UNL AD . 76.76 2.63 9.53
C3 UNL AD . 77.05 3.61 10.65
C4 UNL AD . 77.09 4.99 10.02
C5 UNL AD . 77.54 6.01 11.05
C6 UNL AD . 77.08 7.39 10.62
C7 UNL AD . 77.13 7.56 9.10
C8 UNL AD . 76.54 8.94 8.90
C9 UNL AD . 76.09 9.14 7.45
O1 UNL AD . 76.81 1.32 11.48
O2 UNL AD . 77.27 0.27 9.57
H21 UNL AD . 75.86 2.73 9.19
H22 UNL AD . 77.40 2.74 8.79
H31 UNL AD . 77.90 3.41 11.07
H32 UNL AD . 76.35 3.57 11.32
H41 UNL AD . 76.19 5.22 9.70
H42 UNL AD . 77.70 4.98 9.27
H51 UNL AD . 78.52 6.00 11.12
H52 UNL AD . 77.17 5.79 11.92
H61 UNL AD . 77.64 8.07 11.03
H62 UNL AD . 76.16 7.51 10.92
H71 UNL AD . 76.61 6.88 8.66
H72 UNL AD . 78.05 7.52 8.78
H81 UNL AD . 77.21 9.61 9.11
H82 UNL AD . 75.77 9.06 9.48
H91 UNL AD . 75.25 8.67 7.30
H92 UNL AD . 76.76 8.80 6.85
C1 UNL BD . 79.90 10.68 16.94
C10 UNL BD . 84.24 20.00 14.86
C2 UNL BD . 80.15 12.16 16.58
C3 UNL BD . 80.92 12.34 15.26
C4 UNL BD . 80.96 13.83 14.88
C5 UNL BD . 82.33 14.34 14.39
C6 UNL BD . 82.13 15.77 13.83
C7 UNL BD . 83.45 16.52 13.60
C8 UNL BD . 83.68 17.58 14.68
C9 UNL BD . 84.56 18.69 14.14
O1 UNL BD . 79.42 9.90 16.08
O2 UNL BD . 80.13 10.24 18.09
H21 UNL BD . 80.67 12.56 17.29
H22 UNL BD . 79.29 12.60 16.50
H31 UNL BD . 80.47 11.85 14.56
H32 UNL BD . 81.83 12.03 15.36
H41 UNL BD . 80.70 14.36 15.65
H42 UNL BD . 80.31 13.98 14.17
H51 UNL BD . 82.66 13.75 13.67
H52 UNL BD . 82.96 14.35 15.11
H61 UNL BD . 81.60 16.27 14.46
H62 UNL BD . 81.65 15.71 12.98
H71 UNL BD . 83.42 16.95 12.73
H72 UNL BD . 84.17 15.87 13.62
H81 UNL BD . 84.11 17.16 15.45
H82 UNL BD . 82.83 17.95 14.95
H91 UNL BD . 84.42 18.80 13.18
H92 UNL BD . 85.50 18.47 14.29
C10 UNL CD . 70.94 16.16 40.13
C11 UNL CD . 71.33 17.52 39.54
C12 UNL CD . 70.09 18.32 39.06
C13 UNL CD . 70.49 19.71 38.47
C14 UNL CD . 69.27 20.62 38.28
C15 UNL CD . 69.65 22.01 37.73
C16 UNL CD . 68.45 22.98 37.68
C17 UNL CD . 68.91 24.31 37.07
C18 UNL CD . 67.71 25.20 36.72
C3 UNL CD . 76.17 12.99 45.44
C4 UNL CD . 74.76 13.33 44.93
C5 UNL CD . 74.41 12.38 43.77
C6 UNL CD . 73.05 12.77 43.18
C7 UNL CD . 73.24 13.59 41.89
C8 UNL CD . 71.91 14.18 41.40
C9 UNL CD . 72.19 15.31 40.40
H41 UNL CD . 74.74 14.24 44.61
H42 UNL CD . 74.11 13.22 45.64
H51 UNL CD . 74.37 11.48 44.10
H52 UNL CD . 75.08 12.45 43.08
H61 UNL CD . 72.55 13.30 43.82
H62 UNL CD . 72.55 11.96 42.97
H71 UNL CD . 73.61 13.02 41.20
H72 UNL CD . 73.87 14.32 42.07
H81 UNL CD . 71.42 14.53 42.16
H82 UNL CD . 71.39 13.48 40.97
H91 UNL CD . 72.48 14.92 39.56
H92 UNL CD . 72.88 15.88 40.75
H101 UNL CD . 70.45 16.29 40.96
H102 UNL CD . 70.36 15.69 39.50
H111 UNL CD . 71.92 17.38 38.79
H112 UNL CD . 71.79 18.03 40.22
H121 UNL CD . 69.50 18.46 39.81
H122 UNL CD . 69.64 17.81 38.37
H131 UNL CD . 70.92 19.56 37.61
H132 UNL CD . 71.12 20.14 39.08
H141 UNL CD . 68.83 20.75 39.14
H142 UNL CD . 68.66 20.20 37.67
H151 UNL CD . 70.01 21.90 36.83
H152 UNL CD . 70.33 22.40 38.30
H161 UNL CD . 68.12 23.13 38.57
H162 UNL CD . 67.75 22.60 37.12
H171 UNL CD . 69.43 24.13 36.26
H172 UNL CD . 69.47 24.78 37.71
H181 UNL CD . 68.03 26.04 36.38
H182 UNL CD . 67.17 25.33 37.51
H183 UNL CD . 67.17 24.75 36.04
MG CLA DD . 24.27 11.79 16.81
CHA CLA DD . 20.81 12.19 16.97
CHB CLA DD . 24.19 13.06 13.58
CHC CLA DD . 27.61 12.53 16.96
CHD CLA DD . 24.25 11.19 20.27
NA CLA DD . 22.75 12.50 15.52
C1A CLA DD . 21.36 12.54 15.78
C2A CLA DD . 20.60 13.06 14.57
C3A CLA DD . 21.64 12.88 13.44
C4A CLA DD . 22.97 12.84 14.21
CMA CLA DD . 21.43 11.60 12.66
CAA CLA DD . 20.23 14.52 14.88
CBA CLA DD . 21.45 15.37 15.27
CGA CLA DD . 21.08 16.83 15.33
O1A CLA DD . 20.04 17.37 15.00
O2A CLA DD . 22.09 17.62 15.80
NB CLA DD . 25.64 12.73 15.53
C1B CLA DD . 25.43 13.01 14.21
C2B CLA DD . 26.74 13.26 13.54
C3B CLA DD . 27.70 13.09 14.51
C4B CLA DD . 27.01 12.78 15.79
CMB CLA DD . 26.86 13.60 12.11
CAB CLA DD . 29.14 13.18 14.46
CBB CLA DD . 29.82 13.43 13.37
NC CLA DD . 25.66 11.94 18.36
C1C CLA DD . 27.01 12.11 18.19
C2C CLA DD . 27.75 11.81 19.43
C3C CLA DD . 26.79 11.34 20.33
C4C CLA DD . 25.49 11.43 19.65
CMC CLA DD . 29.22 11.91 19.63
CAC CLA DD . 26.98 10.90 21.70
CBC CLA DD . 27.50 9.51 21.80
ND CLA DD . 22.90 11.75 18.31
C1D CLA DD . 23.04 11.34 19.65
C2D CLA DD . 21.70 11.12 20.24
C3D CLA DD . 20.81 11.40 19.24
C4D CLA DD . 21.60 11.79 18.06
CMD CLA DD . 21.51 10.69 21.62
CAD CLA DD . 19.41 11.49 18.86
OBD CLA DD . 18.44 11.30 19.54
CBD CLA DD . 19.37 11.95 17.37
CGD CLA DD . 18.83 10.85 16.51
O1D CLA DD . 19.12 9.67 16.62
O2D CLA DD . 18.03 11.26 15.48
CED CLA DD . 17.45 10.24 14.68
C1 CLA DD . 22.03 19.07 15.67
C2 CLA DD . 22.57 19.43 14.33
C3 CLA DD . 21.84 19.89 13.29
C4 CLA DD . 20.37 20.10 13.35
C5 CLA DD . 22.45 20.20 11.98
C6 CLA DD . 22.01 19.21 10.89
C7 CLA DD . 22.63 17.85 11.17
C8 CLA DD . 22.17 16.72 10.25
C9 CLA DD . 20.77 16.31 10.61
C10 CLA DD . 23.12 15.53 10.36
C11 CLA DD . 22.76 14.40 9.41
C12 CLA DD . 23.98 13.51 9.23
C13 CLA DD . 23.70 12.39 8.22
C14 CLA DD . 24.06 11.01 8.70
C15 CLA DD . 24.47 12.63 6.94
C16 CLA DD . 23.79 11.90 5.83
C17 CLA DD . 23.85 12.73 4.59
C18 CLA DD . 25.28 12.90 4.13
C19 CLA DD . 26.03 11.60 3.91
C20 CLA DD . 25.20 13.69 2.85
HHB CLA DD . 24.18 13.31 12.51
HHC CLA DD . 28.70 12.64 17.01
HHD CLA DD . 24.26 10.86 21.32
H2A CLA DD . 19.67 12.49 14.31
H3A CLA DD . 21.63 13.76 12.74
HMA1 CLA DD . 21.58 11.78 11.56
HMA2 CLA DD . 20.41 11.21 12.81
HMA3 CLA DD . 22.16 10.82 12.98
HAA1 CLA DD . 19.48 14.54 15.73
HAA2 CLA DD . 19.73 14.98 13.99
HBA1 CLA DD . 22.26 15.23 14.52
HBA2 CLA DD . 21.83 15.05 16.28
HMB1 CLA DD . 27.45 14.54 11.99
HMB2 CLA DD . 25.85 13.75 11.66
HMB3 CLA DD . 27.38 12.77 11.56
HAB CLA DD . 29.66 13.04 15.43
HBB1 CLA DD . 29.34 13.59 12.40
HBB2 CLA DD . 30.91 13.49 13.38
HMC1 CLA DD . 29.52 11.35 20.55
HMC2 CLA DD . 29.52 12.98 19.75
HMC3 CLA DD . 29.76 11.48 18.76
HAC1 CLA DD . 26.00 10.96 22.25
HAC2 CLA DD . 27.69 11.59 22.22
HBC1 CLA DD . 27.30 9.09 22.81
HBC2 CLA DD . 28.60 9.50 21.61
HBC3 CLA DD . 27.00 8.86 21.04
HMD1 CLA DD . 20.46 10.93 21.97
HMD2 CLA DD . 22.23 11.21 22.30
HMD3 CLA DD . 21.67 9.59 21.72
HBD CLA DD . 18.73 12.87 17.32
HED1 CLA DD . 17.85 10.43 13.66
HED2 CLA DD . 16.35 10.41 14.78
HED3 CLA DD . 17.80 9.29 15.14
H11 CLA DD . 22.65 19.53 16.50
H12 CLA DD . 20.96 19.39 15.79
H2 CLA DD . 23.65 19.30 14.24
H41 CLA DD . 20.00 20.61 12.42
H42 CLA DD . 20.09 20.75 14.21
H43 CLA DD . 19.82 19.14 13.46
H51 CLA DD . 23.57 20.18 12.07
H52 CLA DD . 22.18 21.24 11.67
H61 CLA DD . 22.32 19.57 9.87
H62 CLA DD . 20.90 19.11 10.88
H71 CLA DD . 22.41 17.57 12.23
H72 CLA DD . 23.75 17.96 11.08
H8 CLA DD . 22.19 17.09 9.19
H91 CLA DD . 20.41 15.50 9.93
H92 CLA DD . 20.07 17.19 10.51
H93 CLA DD . 20.72 15.94 11.66
H101 CLA DD . 23.10 15.14 11.41
H102 CLA DD . 24.16 15.86 10.14
H111 CLA DD . 22.42 14.82 8.43
H112 CLA DD . 21.89 13.81 9.83
H121 CLA DD . 24.26 13.07 10.22
H122 CLA DD . 24.83 14.14 8.88
H13 CLA DD . 22.58 12.41 8.08
H141 CLA DD . 23.47 10.23 8.15
H142 CLA DD . 23.87 10.90 9.78
H143 CLA DD . 25.15 10.80 8.51
H151 CLA DD . 25.53 12.27 7.03
H152 CLA DD . 24.51 13.72 6.70
H161 CLA DD . 22.72 11.68 6.09
H162 CLA DD . 24.29 10.90 5.65
H171 CLA DD . 23.40 13.74 4.78
H172 CLA DD . 23.25 12.25 3.77
H18 CLA DD . 25.88 13.42 4.93
H191 CLA DD . 27.04 11.80 3.47
H192 CLA DD . 25.46 10.95 3.22
H193 CLA DD . 26.17 11.06 4.88
H201 CLA DD . 26.22 13.90 2.45
H202 CLA DD . 24.69 14.67 3.02
H203 CLA DD . 24.63 13.12 2.08
MG CLA ED . 17.46 13.04 26.61
CHA CLA ED . 14.90 14.62 28.44
CHB CLA ED . 18.20 16.12 25.27
CHC CLA ED . 20.58 11.89 25.70
CHD CLA ED . 17.13 10.29 28.72
NA CLA ED . 16.64 14.97 26.82
C1A CLA ED . 15.54 15.40 27.55
C2A CLA ED . 15.18 16.84 27.28
C3A CLA ED . 16.05 17.18 26.06
C4A CLA ED . 17.06 16.02 26.03
CMA CLA ED . 15.16 17.22 24.80
CAA CLA ED . 15.53 17.71 28.46
CBA CLA ED . 14.81 19.02 28.28
CGA CLA ED . 15.28 20.00 29.28
O1A CLA ED . 15.82 21.07 29.05
O2A CLA ED . 15.05 19.65 30.58
NB CLA ED . 19.12 13.84 25.56
C1B CLA ED . 19.19 15.11 25.11
C2B CLA ED . 20.48 15.27 24.41
C3B CLA ED . 21.13 14.06 24.53
C4B CLA ED . 20.31 13.18 25.38
CMB CLA ED . 20.94 16.52 23.82
CAB CLA ED . 22.46 13.65 24.12
CBB CLA ED . 22.83 13.62 22.87
NC CLA ED . 18.65 11.42 27.15
C1C CLA ED . 19.74 11.03 26.48
C2C CLA ED . 20.01 9.61 26.75
C3C CLA ED . 19.02 9.14 27.58
C4C CLA ED . 18.19 10.30 27.83
CMC CLA ED . 21.14 8.87 26.19
CAC CLA ED . 18.80 7.80 28.16
CBC CLA ED . 17.51 7.17 27.73
ND CLA ED . 16.39 12.59 28.28
C1D CLA ED . 16.31 11.36 28.97
C2D CLA ED . 15.19 11.40 29.91
C3D CLA ED . 14.57 12.63 29.73
C4D CLA ED . 15.36 13.32 28.70
CMD CLA ED . 14.86 10.32 30.81
CAD CLA ED . 13.52 13.53 30.12
OBD CLA ED . 12.67 13.37 30.96
CBD CLA ED . 13.66 14.83 29.28
CGD CLA ED . 12.49 14.97 28.38
O1D CLA ED . 12.34 14.51 27.25
O2D CLA ED . 11.48 15.66 28.93
CED CLA ED . 10.36 16.00 28.11
C1 CLA ED . 15.40 20.64 31.58
C2 CLA ED . 14.28 20.73 32.51
C3 CLA ED . 13.30 21.62 32.39
C4 CLA ED . 13.23 22.57 31.27
C5 CLA ED . 12.21 21.66 33.39
C6 CLA ED . 12.00 23.03 34.03
C7 CLA ED . 13.27 23.80 34.31
C8 CLA ED . 13.03 24.93 35.32
C9 CLA ED . 12.76 26.27 34.66
C10 CLA ED . 14.27 24.99 36.22
C11 CLA ED . 14.28 26.10 37.26
C12 CLA ED . 15.60 26.19 37.99
C13 CLA ED . 15.52 27.14 39.16
C14 CLA ED . 15.23 28.55 38.67
C15 CLA ED . 16.77 27.24 40.02
C16 CLA ED . 17.44 25.92 40.36
C17 CLA ED . 18.74 26.18 41.08
C18 CLA ED . 19.30 24.98 41.84
C19 CLA ED . 20.03 24.02 40.94
C20 CLA ED . 20.27 25.50 42.86
HHB CLA ED . 18.37 17.07 24.74
HHC CLA ED . 21.52 11.44 25.35
HHD CLA ED . 16.93 9.36 29.26
H2A CLA ED . 14.08 16.92 27.05
H3A CLA ED . 16.61 18.13 26.17
HMA1 CLA ED . 15.76 17.53 23.91
HMA2 CLA ED . 14.32 17.95 24.92
HMA3 CLA ED . 14.73 16.22 24.58
HAA1 CLA ED . 16.64 17.87 28.52
HAA2 CLA ED . 15.20 17.21 29.41
HBA1 CLA ED . 13.71 18.87 28.39
HBA2 CLA ED . 15.02 19.42 27.25
HMB1 CLA ED . 22.04 16.67 24.00
HMB2 CLA ED . 20.38 17.39 24.25
HMB3 CLA ED . 20.76 16.52 22.70
HAB CLA ED . 23.14 13.36 24.94
HBB1 CLA ED . 22.15 13.89 22.05
HBB2 CLA ED . 23.84 13.30 22.56
HMC1 CLA ED . 21.12 7.80 26.52
HMC2 CLA ED . 22.11 9.33 26.52
HMC3 CLA ED . 21.11 8.89 25.08
HAC1 CLA ED . 18.81 7.87 29.28
HAC2 CLA ED . 19.65 7.12 27.87
HBC1 CLA ED . 17.31 6.24 28.31
HBC2 CLA ED . 17.55 6.90 26.64
HBC3 CLA ED . 16.66 7.88 27.88
HMD1 CLA ED . 13.97 10.56 31.43
HMD2 CLA ED . 15.72 10.12 31.50
HMD3 CLA ED . 14.66 9.38 30.24
HBD CLA ED . 13.75 15.72 29.96
HED1 CLA ED . 9.73 16.64 28.78
HED2 CLA ED . 9.91 15.01 27.87
HED3 CLA ED . 10.82 16.54 27.25
H11 CLA ED . 15.59 21.62 31.06
H12 CLA ED . 16.35 20.31 32.09
H2 CLA ED . 14.29 20.01 33.35
H41 CLA ED . 12.31 23.22 31.33
H42 CLA ED . 13.21 22.05 30.28
H43 CLA ED . 14.11 23.27 31.26
H51 CLA ED . 12.42 20.91 34.19
H52 CLA ED . 11.25 21.35 32.88
H61 CLA ED . 11.44 22.89 34.99
H62 CLA ED . 11.35 23.64 33.35
H71 CLA ED . 13.67 24.21 33.35
H72 CLA ED . 14.05 23.08 34.70
H8 CLA ED . 12.10 24.73 35.91
H91 CLA ED . 12.28 26.98 35.38
H92 CLA ED . 12.07 26.14 33.79
H93 CLA ED . 13.70 26.74 34.30
H101 CLA ED . 15.19 25.11 35.57
H102 CLA ED . 14.36 24.02 36.76
H111 CLA ED . 13.45 25.94 37.98
H112 CLA ED . 14.07 27.09 36.74
H121 CLA ED . 16.40 26.51 37.28
H122 CLA ED . 15.88 25.16 38.36
H13 CLA ED . 14.68 26.71 39.79
H141 CLA ED . 15.03 29.23 39.54
H142 CLA ED . 14.33 28.56 38.00
H143 CLA ED . 16.10 28.95 38.11
H151 CLA ED . 16.51 27.76 40.98
H152 CLA ED . 17.52 27.88 39.49
H161 CLA ED . 17.62 25.33 39.42
H162 CLA ED . 16.75 25.30 41.00
H171 CLA ED . 18.60 27.02 41.81
H172 CLA ED . 19.51 26.51 40.34
H18 CLA ED . 18.45 24.43 42.32
H191 CLA ED . 20.24 23.07 41.48
H192 CLA ED . 21.01 24.45 40.61
H193 CLA ED . 19.41 23.78 40.05
H201 CLA ED . 20.79 24.67 43.38
H202 CLA ED . 19.74 26.12 43.63
H203 CLA ED . 21.04 26.15 42.38
MG CLA FD . 2.06 26.44 50.28
CHA CLA FD . 1.21 23.22 50.79
CHB CLA FD . 0.29 26.40 47.40
CHC CLA FD . 2.33 29.72 50.18
CHD CLA FD . 3.51 26.50 53.59
NA CLA FD . 0.95 25.06 49.29
C1A CLA FD . 0.70 23.75 49.67
C2A CLA FD . -0.19 23.00 48.72
C3A CLA FD . -0.21 23.96 47.53
C4A CLA FD . 0.34 25.25 48.10
CMA CLA FD . 0.60 23.44 46.39
CAA CLA FD . -1.60 22.84 49.28
CBA CLA FD . -2.30 24.15 49.63
CGA CLA FD . -3.73 23.84 50.01
O1A CLA FD . -4.29 22.74 50.04
O2A CLA FD . -4.44 24.96 50.33
NB CLA FD . 1.45 27.73 49.07
C1B CLA FD . 0.79 27.57 47.89
C2B CLA FD . 0.65 28.83 47.16
C3B CLA FD . 1.23 29.79 47.94
C4B CLA FD . 1.75 29.10 49.15
CMB CLA FD . -0.02 28.90 45.86
CAB CLA FD . 1.37 31.21 47.78
CBB CLA FD . 0.50 31.99 47.18
NC CLA FD . 2.74 27.84 51.68
C1C CLA FD . 2.77 29.16 51.38
C2C CLA FD . 3.35 29.93 52.46
C3C CLA FD . 3.72 29.02 53.44
C4C CLA FD . 3.36 27.71 52.93
CMC CLA FD . 3.42 31.39 52.44
CAC CLA FD . 4.32 29.30 54.76
CBC CLA FD . 3.29 29.18 55.86
ND CLA FD . 2.26 25.26 51.88
C1D CLA FD . 2.98 25.33 53.10
C2D CLA FD . 3.04 23.99 53.71
C3D CLA FD . 2.39 23.14 52.86
C4D CLA FD . 1.93 23.99 51.74
CMD CLA FD . 3.68 23.68 54.98
CAD CLA FD . 1.94 21.80 52.61
OBD CLA FD . 2.04 20.79 53.25
CBD CLA FD . 1.23 21.83 51.25
CGD CLA FD . 2.02 20.97 50.30
O1D CLA FD . 2.98 21.26 49.59
O2D CLA FD . 1.61 19.69 50.30
CED CLA FD . 2.55 18.70 49.95
C1 CLA FD . -5.77 24.73 50.81
C2 CLA FD . -6.37 26.03 51.22
C3 CLA FD . -6.81 26.95 50.36
C4 CLA FD . -6.73 26.75 48.89
C5 CLA FD . -7.40 28.22 50.90
C6 CLA FD . -8.16 29.02 49.87
C7 CLA FD . -8.82 30.23 50.48
C8 CLA FD . -10.33 30.10 50.52
C9 CLA FD . -10.92 30.11 49.12
C10 CLA FD . -10.95 31.19 51.39
C11 CLA FD . -11.50 30.61 52.69
C12 CLA FD . -12.01 31.69 53.63
C13 CLA FD . -12.37 31.20 55.03
C14 CLA FD . -12.49 29.69 55.14
C15 CLA FD . -13.66 31.88 55.54
C16 CLA FD . -13.59 32.31 56.99
C17 CLA FD . -13.62 31.17 57.99
C18 CLA FD . -14.05 31.59 59.39
C19 CLA FD . -13.57 30.61 60.45
C20 CLA FD . -13.53 32.98 59.73
HHB CLA FD . -0.18 26.40 46.40
HHC CLA FD . 2.52 30.81 50.10
HHD CLA FD . 4.08 26.48 54.53
H2A CLA FD . 0.26 22.00 48.49
H3A CLA FD . -1.26 24.15 47.18
HMA1 CLA FD . 0.15 23.75 45.41
HMA2 CLA FD . 0.65 22.33 46.40
HMA3 CLA FD . 1.64 23.84 46.43
HAA1 CLA FD . -1.54 22.20 50.21
HAA2 CLA FD . -2.22 22.29 48.53
HBA1 CLA FD . -2.28 24.85 48.75
HBA2 CLA FD . -1.78 24.66 50.49
HMB1 CLA FD . 0.15 29.90 45.39
HMB2 CLA FD . -1.12 28.75 45.98
HMB3 CLA FD . 0.37 28.12 45.18
HAB CLA FD . 2.31 31.63 48.19
HBB1 CLA FD . -0.43 31.59 46.75
HBB2 CLA FD . 0.64 33.08 47.07
HMC1 CLA FD . 3.62 31.79 53.47
HMC2 CLA FD . 2.47 31.84 52.07
HMC3 CLA FD . 4.25 31.73 51.77
HAC1 CLA FD . 4.75 30.34 54.77
HAC2 CLA FD . 5.17 28.60 54.96
HBC1 CLA FD . 3.73 29.50 56.83
HBC2 CLA FD . 2.96 28.11 55.96
HBC3 CLA FD . 2.40 29.80 55.63
HMD1 CLA FD . 3.85 22.58 55.09
HMD2 CLA FD . 3.05 24.02 55.84
HMD3 CLA FD . 4.68 24.19 55.06
HBD CLA FD . 0.18 21.44 51.35
HED1 CLA FD . 2.02 17.74 50.11
HED2 CLA FD . 3.41 18.88 50.64
HED3 CLA FD . 2.78 18.92 48.87
H11 CLA FD . -5.72 24.02 51.67
H12 CLA FD . -6.37 24.25 49.98
H2 CLA FD . -6.44 26.18 52.31
H41 CLA FD . -6.41 27.68 48.36
H42 CLA FD . -7.72 26.46 48.46
H43 CLA FD . -6.00 25.94 48.62
H51 CLA FD . -6.56 28.86 51.31
H52 CLA FD . -8.07 27.97 51.75
H61 CLA FD . -8.96 28.37 49.40
H62 CLA FD . -7.47 29.35 49.04
H71 CLA FD . -8.53 31.14 49.88
H72 CLA FD . -8.41 30.39 51.51
H8 CLA FD . -10.59 29.10 50.99
H91 CLA FD . -12.01 30.37 49.17
H92 CLA FD . -10.82 29.10 48.65
H93 CLA FD . -10.40 30.86 48.49
H101 CLA FD . -11.77 31.71 50.83
H102 CLA FD . -10.17 31.96 51.64
H111 CLA FD . -10.70 30.00 53.19
H112 CLA FD . -12.34 29.90 52.45
H121 CLA FD . -12.90 32.17 53.16
H122 CLA FD . -11.21 32.47 53.71
H13 CLA FD . -11.52 31.51 55.71
H141 CLA FD . -12.90 29.40 56.14
H142 CLA FD . -11.49 29.21 55.01
H143 CLA FD . -13.18 29.30 54.35
H151 CLA FD . -14.52 31.17 55.41
H152 CLA FD . -13.88 32.78 54.90
H161 CLA FD . -14.45 33.01 57.21
H162 CLA FD . -12.64 32.91 57.15
H171 CLA FD . -12.60 30.70 58.04
H172 CLA FD . -14.33 30.38 57.62
H18 CLA FD . -15.17 31.60 59.41
H191 CLA FD . -13.97 30.89 61.46
H192 CLA FD . -12.45 30.60 60.50
H193 CLA FD . -13.92 29.58 60.21
H201 CLA FD . -13.57 33.16 60.83
H202 CLA FD . -14.17 33.75 59.23
H203 CLA FD . -12.49 33.10 59.39
C1 BCR GD . 8.71 25.76 55.75
C2 BCR GD . 7.89 24.66 56.37
C3 BCR GD . 7.66 23.55 55.42
C4 BCR GD . 8.97 22.98 54.94
C5 BCR GD . 9.92 24.03 54.50
C6 BCR GD . 9.80 25.31 54.83
C7 BCR GD . 10.71 26.36 54.38
C8 BCR GD . 12.03 26.21 54.30
C9 BCR GD . 12.93 27.18 53.70
C10 BCR GD . 14.24 26.88 53.64
C11 BCR GD . 15.30 27.75 53.15
C33 BCR GD . 10.97 23.52 53.58
C31 BCR GD . 9.35 26.51 56.90
C32 BCR GD . 7.75 26.69 55.03
C34 BCR GD . 12.34 28.34 53.00
C12 BCR GD . 16.58 27.29 53.06
C13 BCR GD . 17.66 27.94 52.35
C14 BCR GD . 18.86 27.35 52.35
C15 BCR GD . 20.08 27.89 51.80
C16 BCR GD . 21.21 27.18 51.92
C17 BCR GD . 22.33 27.44 51.05
C18 BCR GD . 23.41 26.66 50.83
C19 BCR GD . 24.46 27.21 50.03
C20 BCR GD . 25.56 26.53 49.69
C21 BCR GD . 26.48 27.17 48.78
C22 BCR GD . 27.70 26.73 48.43
C23 BCR GD . 28.37 27.47 47.40
C24 BCR GD . 29.69 27.42 47.21
C25 BCR GD . 30.29 27.65 45.91
C26 BCR GD . 30.59 26.62 45.11
C27 BCR GD . 31.17 26.72 43.76
C28 BCR GD . 31.07 28.11 43.20
C29 BCR GD . 31.41 29.12 44.27
C30 BCR GD . 30.50 29.04 45.47
C35 BCR GD . 17.47 29.30 51.80
C36 BCR GD . 23.74 25.48 51.63
C37 BCR GD . 28.46 25.69 49.17
C38 BCR GD . 30.37 25.24 45.55
C39 BCR GD . 29.12 29.62 45.16
C40 BCR GD . 31.13 29.90 46.56
HC21 BCR GD . 6.92 25.04 56.72
HC22 BCR GD . 8.37 24.28 57.26
HC31 BCR GD . 7.06 23.89 54.58
HC32 BCR GD . 7.06 22.77 55.89
HC41 BCR GD . 8.79 22.25 54.16
HC42 BCR GD . 9.40 22.36 55.72
HC7 BCR GD . 10.28 27.30 54.10
HC8 BCR GD . 12.45 25.32 54.70
H10C BCR GD . 14.56 25.91 53.97
H11C BCR GD . 15.07 28.74 52.86
H331 BCR GD . 11.87 23.31 54.14
H332 BCR GD . 11.19 24.24 52.82
H333 BCR GD . 10.64 22.60 53.10
H311 BCR GD . 9.65 27.50 56.59
H312 BCR GD . 10.22 25.99 57.25
H313 BCR GD . 8.66 26.61 57.71
H321 BCR GD . 8.21 27.64 54.85
H322 BCR GD . 6.86 26.84 55.63
H323 BCR GD . 7.44 26.26 54.09
H341 BCR GD . 13.11 28.99 52.60
H342 BCR GD . 11.73 28.93 53.68
H343 BCR GD . 11.71 28.03 52.19
H12C BCR GD . 16.79 26.36 53.55
H14C BCR GD . 18.95 26.37 52.79
H15C BCR GD . 20.08 28.83 51.31
H16C BCR GD . 21.28 26.43 52.67
H17C BCR GD . 22.28 28.37 50.52
H19C BCR GD . 24.38 28.22 49.68
H20C BCR GD . 25.73 25.55 50.07
H21C BCR GD . 26.14 28.09 48.35
H23C BCR GD . 27.78 28.09 46.76
H24C BCR GD . 30.33 27.19 48.04
H271 BCR GD . 30.73 26.01 43.07
H272 BCR GD . 32.21 26.37 43.73
H281 BCR GD . 30.08 28.26 42.81
H282 BCR GD . 31.75 28.19 42.35
H291 BCR GD . 31.40 30.10 43.82
H292 BCR GD . 32.45 28.97 44.56
H351 BCR GD . 18.40 29.85 51.83
H352 BCR GD . 16.73 29.84 52.36
H353 BCR GD . 17.15 29.24 50.77
H361 BCR GD . 24.01 24.64 51.00
H362 BCR GD . 22.92 25.16 52.24
H363 BCR GD . 24.58 25.67 52.29
H371 BCR GD . 29.01 25.07 48.47
H372 BCR GD . 27.79 25.06 49.73
H373 BCR GD . 29.15 26.15 49.85
H381 BCR GD . 30.75 24.52 44.82
H382 BCR GD . 29.32 25.01 45.69
H383 BCR GD . 30.88 25.02 46.48
H391 BCR GD . 29.21 30.43 44.45
H392 BCR GD . 28.66 30.00 46.05
H393 BCR GD . 28.48 28.87 44.73
H401 BCR GD . 31.58 30.78 46.14
H402 BCR GD . 31.89 29.34 47.08
H403 BCR GD . 30.39 30.21 47.28
C2 PL9 HD . 24.76 32.85 11.13
C3 PL9 HD . 24.63 32.42 9.83
C4 PL9 HD . 24.33 33.38 8.79
C5 PL9 HD . 24.24 34.73 9.12
C6 PL9 HD . 24.31 35.16 10.41
C1 PL9 HD . 24.56 34.27 11.46
C7 PL9 HD . 24.80 30.98 9.49
C8 PL9 HD . 23.94 29.97 10.16
C9 PL9 HD . 23.21 29.06 9.47
C10 PL9 HD . 23.15 28.91 8.03
C11 PL9 HD . 22.30 28.25 10.18
C12 PL9 HD . 22.81 26.88 10.22
C13 PL9 HD . 21.79 26.08 10.89
C14 PL9 HD . 21.96 24.81 11.14
C15 PL9 HD . 23.25 24.16 10.73
C16 PL9 HD . 21.05 23.98 12.05
C17 PL9 HD . 19.72 24.68 12.55
C18 PL9 HD . 18.87 23.74 13.40
C19 PL9 HD . 17.98 22.83 12.95
C20 PL9 HD . 17.71 22.59 11.53
C21 PL9 HD . 17.36 21.90 13.93
C22 PL9 HD . 15.79 21.96 13.89
C23 PL9 HD . 15.27 21.34 15.16
C24 PL9 HD . 13.93 21.22 15.36
C25 PL9 HD . 12.97 22.23 14.92
C26 PL9 HD . 13.40 20.29 16.39
C27 PL9 HD . 12.26 19.45 15.80
C28 PL9 HD . 12.80 18.29 15.18
C29 PL9 HD . 12.55 17.96 13.92
C30 PL9 HD . 11.61 18.72 13.05
C31 PL9 HD . 13.14 16.75 13.26
C32 PL9 HD . 14.61 16.50 13.66
C33 PL9 HD . 15.05 15.42 12.78
C34 PL9 HD . 15.85 14.44 13.13
C35 PL9 HD . 15.94 13.91 14.49
C36 PL9 HD . 16.98 14.11 12.18
C37 PL9 HD . 16.80 12.68 11.79
C38 PL9 HD . 17.72 12.39 10.64
C39 PL9 HD . 17.73 11.17 10.15
C40 PL9 HD . 16.67 10.25 10.56
C41 PL9 HD . 18.42 10.90 8.91
C42 PL9 HD . 19.48 9.87 9.18
C43 PL9 HD . 20.07 9.51 7.88
C44 PL9 HD . 21.09 8.74 7.79
C45 PL9 HD . 21.51 7.95 8.93
C46 PL9 HD . 21.74 8.43 6.50
C47 PL9 HD . 20.79 7.65 5.63
C48 PL9 HD . 21.46 7.48 4.33
C49 PL9 HD . 20.97 6.73 3.37
C50 PL9 HD . 21.89 6.47 2.23
C51 PL9 HD . 19.51 6.55 3.12
C52 PL9 HD . 23.94 35.65 8.00
C53 PL9 HD . 24.20 36.57 10.82
O1 PL9 HD . 24.17 32.98 7.62
O2 PL9 HD . 24.65 34.62 12.65
HC2 PL9 HD . 25.00 32.20 11.92
HC71 PL9 HD . 25.85 30.68 9.67
HC72 PL9 HD . 24.68 30.84 8.40
HC8 PL9 HD . 23.89 29.97 11.21
H101 PL9 HD . 22.36 28.23 7.70
H102 PL9 HD . 24.07 28.51 7.60
H103 PL9 HD . 22.98 29.85 7.52
H111 PL9 HD . 21.32 28.26 9.71
H112 PL9 HD . 22.17 28.60 11.19
H121 PL9 HD . 23.75 26.86 10.73
H122 PL9 HD . 22.97 26.54 9.21
H13 PL9 HD . 20.89 26.54 11.19
H151 PL9 HD . 23.20 23.07 10.83
H152 PL9 HD . 24.09 24.51 11.33
H153 PL9 HD . 23.48 24.37 9.67
H161 PL9 HD . 21.61 23.69 12.94
H162 PL9 HD . 20.77 23.06 11.54
H171 PL9 HD . 19.19 25.01 11.67
H172 PL9 HD . 19.99 25.57 13.08
H18 PL9 HD . 19.03 23.85 14.43
H201 PL9 HD . 16.74 22.12 11.36
H202 PL9 HD . 18.45 21.92 11.07
H203 PL9 HD . 17.73 23.50 10.94
H211 PL9 HD . 17.68 22.12 14.94
H212 PL9 HD . 17.65 20.87 13.76
H221 PL9 HD . 15.45 21.43 13.03
H222 PL9 HD . 15.49 22.98 13.80
H23 PL9 HD . 15.93 21.00 15.89
H251 PL9 HD . 12.11 22.33 15.57
H252 PL9 HD . 12.58 22.05 13.92
H253 PL9 HD . 13.41 23.23 14.87
H261 PL9 HD . 13.02 20.80 17.27
H262 PL9 HD . 14.15 19.61 16.78
H271 PL9 HD . 11.71 20.08 15.13
H272 PL9 HD . 11.58 19.22 16.61
H28 PL9 HD . 13.41 17.67 15.76
H301 PL9 HD . 11.31 18.13 12.19
H302 PL9 HD . 12.07 19.64 12.68
H303 PL9 HD . 10.71 19.01 13.60
H311 PL9 HD . 13.11 16.84 12.18
H312 PL9 HD . 12.58 15.85 13.51
H321 PL9 HD . 14.67 16.22 14.71
H322 PL9 HD . 15.20 17.41 13.51
H33 PL9 HD . 14.67 15.44 11.79
H351 PL9 HD . 16.47 12.96 14.53
H352 PL9 HD . 14.97 13.73 14.94
H353 PL9 HD . 16.47 14.58 15.17
H361 PL9 HD . 17.96 14.22 12.61
H362 PL9 HD . 16.97 14.71 11.27
H371 PL9 HD . 15.77 12.51 11.50
H372 PL9 HD . 17.03 12.04 12.63
H38 PL9 HD . 18.33 13.15 10.25
H401 PL9 HD . 16.83 9.27 10.11
H402 PL9 HD . 15.69 10.63 10.24
H403 PL9 HD . 16.68 10.15 11.65
H411 PL9 HD . 18.89 11.78 8.50
H412 PL9 HD . 17.75 10.51 8.15
H421 PL9 HD . 19.04 9.01 9.66
H422 PL9 HD . 20.22 10.27 9.86
H43 PL9 HD . 19.65 9.92 7.01
H451 PL9 HD . 22.27 7.21 8.70
H452 PL9 HD . 20.71 7.39 9.41
H453 PL9 HD . 21.96 8.54 9.74
H461 PL9 HD . 22.64 7.85 6.64
H462 PL9 HD . 22.03 9.33 5.98
H471 PL9 HD . 19.86 8.18 5.51
H472 PL9 HD . 20.57 6.69 6.08
H48 PL9 HD . 22.38 7.99 4.20
H501 PL9 HD . 21.35 6.36 1.28
H502 PL9 HD . 22.47 5.55 2.37
H503 PL9 HD . 22.61 7.28 2.08
H511 PL9 HD . 19.30 6.17 2.13
H512 PL9 HD . 18.96 7.48 3.20
H513 PL9 HD . 19.04 5.87 3.82
H521 PL9 HD . 24.62 36.53 7.95
H522 PL9 HD . 22.92 36.09 8.03
H523 PL9 HD . 24.01 35.19 6.99
H531 PL9 HD . 24.49 36.76 11.85
H532 PL9 HD . 23.20 36.99 10.71
H533 PL9 HD . 24.84 37.24 10.23
C1 LMG ID . 29.85 16.50 52.08
O1 LMG ID . 30.33 17.78 51.72
C2 LMG ID . 31.01 15.55 51.85
O2 LMG ID . 31.05 15.39 50.46
C3 LMG ID . 30.60 14.21 52.41
O3 LMG ID . 31.69 13.41 52.17
C4 LMG ID . 30.30 14.36 53.96
O4 LMG ID . 31.48 14.76 54.68
C5 LMG ID . 29.21 15.45 54.09
O5 LMG ID . 28.69 14.57 56.22
C6 LMG ID . 28.95 15.80 55.61
O6 LMG ID . 29.59 16.64 53.46
C7 LMG ID . 29.35 18.86 51.87
C8 LMG ID . 28.87 19.17 50.45
C9 LMG ID . 27.99 20.39 50.53
O7 LMG ID . 30.06 19.53 49.63
C10 LMG ID . 30.22 18.97 48.41
O9 LMG ID . 29.64 17.94 48.17
C11 LMG ID . 31.58 19.25 47.84
C12 LMG ID . 31.70 20.67 47.30
C13 LMG ID . 31.07 20.84 45.93
C14 LMG ID . 29.89 21.80 46.09
C15 LMG ID . 28.94 21.74 44.86
C16 LMG ID . 29.56 22.40 43.67
C17 LMG ID . 28.74 23.62 43.33
C18 LMG ID . 27.68 23.17 42.34
C19 LMG ID . 26.95 24.41 41.80
C20 LMG ID . 25.70 24.66 42.68
C21 LMG ID . 24.45 24.34 41.86
C22 LMG ID . 24.31 25.41 40.82
C23 LMG ID . 24.12 24.68 39.53
C24 LMG ID . 23.98 25.78 38.52
C25 LMG ID . 23.66 25.17 37.17
O8 LMG ID . 27.68 20.82 49.23
C28 LMG ID . 27.01 22.00 49.11
O10 LMG ID . 26.54 22.48 50.16
C29 LMG ID . 26.51 22.34 47.70
C30 LMG ID . 25.29 23.30 47.71
C31 LMG ID . 25.16 23.92 46.34
C32 LMG ID . 23.73 24.52 46.09
C33 LMG ID . 23.80 26.10 46.15
C34 LMG ID . 22.36 26.75 46.48
C35 LMG ID . 22.35 28.30 46.07
C36 LMG ID . 21.78 29.18 47.25
C37 LMG ID . 22.75 30.40 47.51
C38 LMG ID . 21.88 31.64 47.84
C39 LMG ID . 22.77 32.74 48.49
C40 LMG ID . 22.20 34.12 48.08
C41 LMG ID . 23.33 35.20 48.21
C42 LMG ID . 22.67 36.52 48.70
C43 LMG ID . 22.29 37.39 47.52
HC1 LMG ID . 28.94 16.20 51.50
HC2 LMG ID . 31.94 15.93 52.31
HO2 LMG ID . 31.06 14.45 50.29
HC3 LMG ID . 29.67 13.83 51.92
HO3 LMG ID . 31.65 12.70 52.80
HC4 LMG ID . 29.90 13.38 54.35
HO4 LMG ID . 32.10 14.04 54.61
HC5 LMG ID . 28.26 15.04 53.64
HO5 LMG ID . 27.78 14.35 56.04
HC61 LMG ID . 28.10 16.52 55.68
HC62 LMG ID . 29.84 16.33 56.02
HC71 LMG ID . 29.85 19.71 52.36
HC72 LMG ID . 28.55 18.52 52.54
HC8 LMG ID . 28.32 18.31 49.98
HC91 LMG ID . 28.51 21.19 51.11
HC92 LMG ID . 27.06 20.14 51.10
H111 LMG ID . 31.80 18.52 47.03
H112 LMG ID . 32.36 19.07 48.61
H121 LMG ID . 32.77 20.97 47.26
H122 LMG ID . 31.23 21.38 48.01
H131 LMG ID . 30.74 19.88 45.50
H132 LMG ID . 31.81 21.24 45.19
H141 LMG ID . 30.24 22.85 46.22
H142 LMG ID . 29.31 21.59 47.01
H151 LMG ID . 27.97 22.21 45.08
H152 LMG ID . 28.68 20.69 44.61
H161 LMG ID . 29.63 21.70 42.81
H162 LMG ID . 30.61 22.67 43.86
H171 LMG ID . 29.38 24.42 42.90
H172 LMG ID . 28.30 24.08 44.23
H181 LMG ID . 26.97 22.45 42.80
H182 LMG ID . 28.11 22.56 41.51
H191 LMG ID . 26.64 24.33 40.75
H192 LMG ID . 27.58 25.33 41.79
H201 LMG ID . 25.63 25.71 43.06
H202 LMG ID . 25.69 24.08 43.62
H211 LMG ID . 23.51 24.29 42.47
H212 LMG ID . 24.49 23.35 41.37
H221 LMG ID . 25.20 26.08 40.80
H222 LMG ID . 23.46 26.09 41.04
H231 LMG ID . 23.24 24.01 39.56
H232 LMG ID . 24.97 24.01 39.31
H241 LMG ID . 24.91 26.39 38.49
H242 LMG ID . 23.20 26.50 38.85
H291 LMG ID . 26.26 21.40 47.17
H292 LMG ID . 27.34 22.78 47.11
H301 LMG ID . 25.37 24.09 48.47
H302 LMG ID . 24.33 22.79 47.97
H311 LMG ID . 25.40 23.17 45.54
H312 LMG ID . 25.93 24.70 46.18
H321 LMG ID . 23.02 24.09 46.83
H322 LMG ID . 23.34 24.15 45.11
H331 LMG ID . 24.21 26.51 45.20
H332 LMG ID . 24.56 26.43 46.91
H341 LMG ID . 22.08 26.65 47.55
H342 LMG ID . 21.52 26.22 45.96
H351 LMG ID . 21.76 28.43 45.13
H352 LMG ID . 23.38 28.62 45.78
H361 LMG ID . 21.64 28.60 48.17
H362 LMG ID . 20.76 29.56 47.03
H371 LMG ID . 23.41 30.61 46.64
H372 LMG ID . 23.46 30.20 48.35
H381 LMG ID . 21.03 31.41 48.51
H382 LMG ID . 21.39 32.07 46.93
H391 LMG ID . 23.83 32.68 48.21
H392 LMG ID . 22.80 32.67 49.60
H401 LMG ID . 21.31 34.44 48.68
H402 LMG ID . 21.80 34.13 47.03
H411 LMG ID . 23.85 35.30 47.24
H412 LMG ID . 24.12 34.81 48.90
H421 LMG ID . 23.36 37.04 49.39
H422 LMG ID . 21.80 36.29 49.35
O1 LHG JD . 10.67 34.16 4.93
C1 LHG JD . 11.97 33.58 4.82
C2 LHG JD . 13.01 34.65 4.53
O2 LHG JD . 13.45 34.62 3.16
C3 LHG JD . 14.29 34.53 5.36
O3 LHG JD . 15.14 33.68 4.62
P LHG JD . 16.77 33.83 4.85
O4 LHG JD . 17.27 34.21 3.51
O5 LHG JD . 16.94 34.46 6.19
O6 LHG JD . 17.16 32.22 5.04
C4 LHG JD . 17.45 31.43 3.94
C5 LHG JD . 17.20 30.00 4.42
C6 LHG JD . 17.38 29.00 3.29
O7 LHG JD . 18.14 29.72 5.37
C7 LHG JD . 17.67 29.43 6.59
O9 LHG JD . 16.47 29.53 6.94
C8 LHG JD . 18.81 29.23 7.47
C9 LHG JD . 18.47 28.13 8.45
C10 LHG JD . 18.06 26.90 7.69
O8 LHG JD . 16.82 27.81 3.78
C23 LHG JD . 16.87 26.82 2.90
O10 LHG JD . 17.17 27.11 1.75
C24 LHG JD . 16.56 25.35 3.36
C11 LHG JD . 18.98 25.86 8.23
C12 LHG JD . 18.59 24.53 7.67
C13 LHG JD . 19.86 23.70 7.65
C14 LHG JD . 19.63 22.23 7.93
C15 LHG JD . 20.20 21.46 6.76
C16 LHG JD . 20.60 20.08 7.21
C17 LHG JD . 19.42 19.16 7.27
C18 LHG JD . 20.01 17.88 6.82
C19 LHG JD . 19.11 16.73 6.97
C20 LHG JD . 19.90 15.64 6.34
C21 LHG JD . 19.22 14.34 6.53
C22 LHG JD . 19.81 13.34 5.53
C25 LHG JD . 17.29 24.20 2.64
C26 LHG JD . 18.63 23.80 3.25
C27 LHG JD . 19.15 22.77 2.31
C28 LHG JD . 20.63 22.89 1.98
C29 LHG JD . 21.32 22.92 3.34
C30 LHG JD . 22.74 22.33 3.47
C31 LHG JD . 23.26 21.34 2.43
C32 LHG JD . 24.52 21.82 1.77
C33 LHG JD . 25.75 21.16 2.35
C34 LHG JD . 26.95 21.27 1.41
C35 LHG JD . 28.28 21.67 2.12
C36 LHG JD . 29.09 22.48 1.11
C37 LHG JD . 30.54 22.29 1.40
C38 LHG JD . 31.40 22.23 0.15
HO1 LHG JD . 10.68 34.47 5.73
HC11 LHG JD . 11.99 32.91 4.12
HC12 LHG JD . 12.20 33.10 5.63
HC2 LHG JD . 12.64 35.51 4.76
H02 LHG JD . 14.20 35.01 3.22
HC31 LHG JD . 14.11 34.16 6.24
HC32 LHG JD . 14.72 35.40 5.49
HC41 LHG JD . 18.36 31.56 3.65
HC42 LHG JD . 16.89 31.67 3.19
HC5 LHG JD . 16.27 29.99 4.71
HC61 LHG JD . 18.33 28.95 3.07
HC62 LHG JD . 16.96 29.35 2.49
HC81 LHG JD . 19.05 30.03 7.95
HC82 LHG JD . 19.61 28.97 6.97
HC91 LHG JD . 17.75 28.41 9.05
HC92 LHG JD . 19.23 27.94 9.03
H101 LHG JD . 18.17 27.03 6.73
H102 LHG JD . 17.13 26.69 7.85
H241 LHG JD . 15.61 25.15 3.31
H242 LHG JD . 16.73 25.23 4.31
H111 LHG JD . 18.93 25.84 9.19
H112 LHG JD . 19.90 26.06 7.98
H121 LHG JD . 18.21 24.67 6.79
H122 LHG JD . 17.90 24.16 8.25
H131 LHG JD . 20.47 24.05 8.31
H132 LHG JD . 20.27 23.78 6.77
H141 LHG JD . 18.67 22.06 8.02
H142 LHG JD . 20.06 21.98 8.76
H151 LHG JD . 20.96 21.94 6.41
H152 LHG JD . 19.53 21.40 6.06
H161 LHG JD . 21.03 20.13 8.08
H162 LHG JD . 21.26 19.71 6.59
H171 LHG JD . 18.70 19.46 6.70
H172 LHG JD . 19.06 19.10 8.18
H181 LHG JD . 20.82 17.72 7.32
H182 LHG JD . 20.28 17.97 5.89
H191 LHG JD . 18.27 16.87 6.51
H192 LHG JD . 18.90 16.53 7.89
H201 LHG JD . 20.80 15.58 6.71
H202 LHG JD . 20.04 15.78 5.38
H211 LHG JD . 18.26 14.39 6.35
H212 LHG JD . 19.35 13.98 7.42
H221 LHG JD . 19.44 12.48 5.74
H222 LHG JD . 20.78 13.36 5.66
H223 LHG JD . 19.57 13.65 4.64
H251 LHG JD . 17.44 24.47 1.72
H252 LHG JD . 16.72 23.42 2.63
H261 LHG JD . 18.53 23.44 4.14
H262 LHG JD . 19.24 24.56 3.30
H271 LHG JD . 18.64 22.82 1.49
H272 LHG JD . 18.99 21.89 2.71
H281 LHG JD . 20.81 23.69 1.47
H282 LHG JD . 20.93 22.13 1.45
H291 LHG JD . 20.76 22.47 3.98
H292 LHG JD . 21.37 23.85 3.62
H301 LHG JD . 22.79 21.89 4.34
H302 LHG JD . 23.36 23.06 3.53
H311 LHG JD . 22.56 21.18 1.77
H312 LHG JD . 23.41 20.48 2.86
H321 LHG JD . 24.57 22.78 1.87
H322 LHG JD . 24.45 21.63 0.81
H331 LHG JD . 25.57 20.22 2.53
H332 LHG JD . 25.97 21.56 3.21
H341 LHG JD . 26.76 21.92 0.73
H342 LHG JD . 27.09 20.41 0.97
H351 LHG JD . 28.77 20.89 2.41
H352 LHG JD . 28.11 22.21 2.91
H361 LHG JD . 28.87 23.41 1.17
H362 LHG JD . 28.90 22.17 0.21
H371 LHG JD . 30.69 21.46 1.89
H372 LHG JD . 30.89 23.01 1.95
H381 LHG JD . 32.02 22.97 0.20
H382 LHG JD . 30.79 22.31 -0.60
H383 LHG JD . 31.85 21.37 0.16
O1 LHG KD . 41.95 42.16 22.82
C1 LHG KD . 42.55 40.91 22.57
C2 LHG KD . 41.56 40.24 21.64
O2 LHG KD . 41.65 40.80 20.27
C3 LHG KD . 40.17 40.43 22.29
O3 LHG KD . 39.36 40.16 21.25
P LHG KD . 38.52 41.24 20.42
O4 LHG KD . 37.86 42.22 21.33
O5 LHG KD . 39.16 41.38 19.08
O6 LHG KD . 37.30 40.00 20.28
C4 LHG KD . 36.43 39.77 21.35
C5 LHG KD . 36.04 38.29 21.38
C6 LHG KD . 35.80 37.63 20.00
O7 LHG KD . 37.10 37.56 22.04
C7 LHG KD . 37.11 37.64 23.46
O9 LHG KD . 36.46 38.44 24.08
C8 LHG KD . 38.23 36.86 24.01
C9 LHG KD . 38.32 37.05 25.49
C10 LHG KD . 38.73 35.76 26.19
O8 LHG KD . 35.40 36.23 20.38
C23 LHG KD . 35.12 35.40 19.37
O10 LHG KD . 35.15 35.90 18.28
C24 LHG KD . 34.29 34.13 19.61
C11 LHG KD . 39.50 36.27 27.40
C12 LHG KD . 39.17 35.46 28.62
C13 LHG KD . 39.69 34.02 28.51
C14 LHG KD . 38.54 32.99 28.65
C15 LHG KD . 37.89 33.14 30.07
C16 LHG KD . 36.60 32.33 30.20
C17 LHG KD . 36.87 30.83 30.17
C18 LHG KD . 37.31 30.49 31.55
C19 LHG KD . 36.21 30.00 32.45
C20 LHG KD . 36.77 30.29 33.84
C25 LHG KD . 34.77 32.79 19.04
C26 LHG KD . 34.37 31.52 19.87
C27 LHG KD . 35.53 31.30 20.88
C28 LHG KD . 35.18 30.98 22.33
C29 LHG KD . 36.48 30.99 23.18
C30 LHG KD . 36.43 31.76 24.49
C31 LHG KD . 37.65 31.84 25.38
C32 LHG KD . 37.86 30.67 26.35
C33 LHG KD . 39.40 30.40 26.50
C34 LHG KD . 39.87 29.71 27.77
C35 LHG KD . 39.38 28.26 27.86
C36 LHG KD . 39.00 27.94 29.32
C37 LHG KD . 39.85 26.81 29.79
C38 LHG KD . 40.16 26.82 31.27
HO1 LHG KD . 41.76 42.43 22.04
HC11 LHG KD . 42.68 40.40 23.38
HC12 LHG KD . 43.42 40.99 22.17
HC2 LHG KD . 41.67 39.29 21.52
H02 LHG KD . 41.59 40.10 19.80
HC31 LHG KD . 40.03 41.34 22.61
HC32 LHG KD . 40.02 39.81 23.02
HC41 LHG KD . 35.64 40.33 21.25
HC42 LHG KD . 36.86 40.02 22.18
HC5 LHG KD . 35.17 38.32 21.82
HC61 LHG KD . 36.61 37.71 19.46
HC62 LHG KD . 35.14 38.14 19.51
HC81 LHG KD . 39.08 37.11 23.63
HC82 LHG KD . 38.13 35.91 23.84
HC91 LHG KD . 37.46 37.34 25.84
HC92 LHG KD . 38.95 37.75 25.70
H101 LHG KD . 39.28 35.21 25.60
H102 LHG KD . 37.95 35.24 26.43
H241 LHG KD . 33.38 34.26 19.28
H242 LHG KD . 34.15 33.99 20.56
H111 LHG KD . 39.28 37.20 27.56
H112 LHG KD . 40.45 36.21 27.23
H121 LHG KD . 38.20 35.49 28.72
H122 LHG KD . 39.56 35.92 29.37
H131 LHG KD . 40.35 33.87 29.20
H132 LHG KD . 40.13 33.91 27.64
H141 LHG KD . 38.90 32.10 28.53
H142 LHG KD . 37.89 33.15 27.95
H151 LHG KD . 37.69 34.08 30.22
H152 LHG KD . 38.53 32.86 30.73
H161 LHG KD . 35.99 32.57 29.49
H162 LHG KD . 36.16 32.57 31.04
H171 LHG KD . 37.54 30.62 29.51
H172 LHG KD . 36.06 30.34 29.92
H181 LHG KD . 37.73 31.27 31.95
H182 LHG KD . 38.00 29.82 31.50
H191 LHG KD . 36.03 29.06 32.34
H192 LHG KD . 35.37 30.48 32.31
H251 LHG KD . 35.73 32.81 18.97
H252 LHG KD . 34.42 32.68 18.14
H261 LHG KD . 34.25 30.74 19.29
H262 LHG KD . 33.54 31.66 20.34
H271 LHG KD . 36.09 32.09 20.86
H272 LHG KD . 36.08 30.56 20.54
H281 LHG KD . 34.75 30.12 22.40
H282 LHG KD . 34.57 31.65 22.68
H291 LHG KD . 37.21 31.35 22.63
H292 LHG KD . 36.74 30.07 23.37
H301 LHG KD . 35.70 31.40 25.02
H302 LHG KD . 36.16 32.68 24.29
H311 LHG KD . 37.59 32.67 25.89
H312 LHG KD . 38.42 31.92 24.81
H321 LHG KD . 37.40 29.88 26.02
H322 LHG KD . 37.46 30.88 27.22
H331 LHG KD . 39.87 31.25 26.43
H332 LHG KD . 39.69 29.87 25.75
H341 LHG KD . 39.55 30.19 28.56
H342 LHG KD . 40.84 29.71 27.81
H351 LHG KD . 40.08 27.65 27.57
H352 LHG KD . 38.62 28.12 27.29
H361 LHG KD . 38.06 27.70 29.37
H362 LHG KD . 39.14 28.73 29.88
H371 LHG KD . 40.71 26.81 29.33
H372 LHG KD . 39.41 25.96 29.60
H381 LHG KD . 39.72 26.04 31.65
H382 LHG KD . 39.80 27.65 31.62
H383 LHG KD . 41.12 26.78 31.35
O1 LMG LD . -6.09 50.93 36.20
O2 LMG LD . -0.97 48.96 34.36
C7 LMG LD . -6.15 50.05 35.11
C8 LMG LD . -6.21 48.61 35.73
C9 LMG LD . -7.02 47.66 34.76
O7 LMG LD . -4.84 48.17 35.87
C10 LMG LD . -4.47 46.84 35.76
O9 LMG LD . -3.75 46.52 34.83
C11 LMG LD . -4.70 46.07 37.02
C12 LMG LD . -3.82 44.83 37.06
C13 LMG LD . -4.38 43.71 36.29
C14 LMG LD . -3.86 42.47 36.94
C15 LMG LD . -4.82 42.16 38.03
C16 LMG LD . -4.43 40.93 38.73
C17 LMG LD . -5.25 40.92 40.02
C18 LMG LD . -5.56 39.49 40.41
C19 LMG LD . -5.97 39.47 41.87
C20 LMG LD . -5.77 38.02 42.34
O8 LMG LD . -7.97 46.92 35.59
C28 LMG LD . -7.87 45.53 35.65
O10 LMG LD . -6.89 44.98 35.21
C29 LMG LD . -8.94 44.87 36.50
C30 LMG LD . -8.98 43.32 36.34
C31 LMG LD . -9.24 42.69 37.74
C32 LMG LD . -9.60 41.18 37.61
C33 LMG LD . -10.00 40.67 39.03
C34 LMG LD . -10.15 39.10 39.10
C35 LMG LD . -11.00 38.78 40.38
C36 LMG LD . -10.29 37.70 41.19
C37 LMG LD . -11.32 36.95 42.10
C38 LMG LD . -10.51 35.81 42.73
C39 LMG LD . -11.28 35.13 43.85
C40 LMG LD . -10.42 35.51 45.04
HC71 LMG LD . -5.26 50.22 34.46
HC72 LMG LD . -7.04 50.32 34.49
HC8 LMG LD . -6.75 48.58 36.72
HC91 LMG LD . -6.32 46.97 34.23
HC92 LMG LD . -7.53 48.26 33.97
H111 LMG LD . -5.77 45.79 37.11
H112 LMG LD . -4.50 46.72 37.90
H121 LMG LD . -3.67 44.51 38.10
H122 LMG LD . -2.81 45.08 36.67
H131 LMG LD . -4.09 43.75 35.21
H132 LMG LD . -5.49 43.72 36.26
H141 LMG LD . -2.83 42.60 37.34
H142 LMG LD . -3.78 41.61 36.24
H151 LMG LD . -5.85 42.07 37.65
H152 LMG LD . -4.89 43.00 38.76
H161 LMG LD . -3.35 40.89 38.91
H162 LMG LD . -4.63 40.03 38.10
H171 LMG LD . -6.18 41.51 39.90
H172 LMG LD . -4.72 41.45 40.83
H181 LMG LD . -4.69 38.82 40.23
H182 LMG LD . -6.34 39.05 39.76
H191 LMG LD . -7.02 39.80 42.07
H192 LMG LD . -5.38 40.15 42.52
H291 LMG LD . -9.93 45.29 36.25
H292 LMG LD . -8.78 45.14 37.56
H301 LMG LD . -8.04 42.89 35.93
H302 LMG LD . -9.75 42.96 35.64
H311 LMG LD . -10.05 43.23 38.28
H312 LMG LD . -8.37 42.83 38.42
H321 LMG LD . -8.74 40.63 37.18
H322 LMG LD . -10.40 41.04 36.85
H331 LMG LD . -10.95 41.17 39.36
H332 LMG LD . -9.27 41.03 39.80
H341 LMG LD . -9.17 38.57 39.13
H342 LMG LD . -10.63 38.67 38.19
H351 LMG LD . -12.03 38.47 40.08
H352 LMG LD . -11.18 39.71 40.97
H361 LMG LD . -9.49 38.11 41.82
H362 LMG LD . -9.77 36.97 40.56
H371 LMG LD . -12.20 36.55 41.54
H372 LMG LD . -11.78 37.60 42.89
H381 LMG LD . -9.53 36.16 43.13
H382 LMG LD . -10.22 35.04 41.98
H391 LMG LD . -11.38 34.02 43.75
H392 LMG LD . -12.33 35.47 43.98
CHA HEM MD . 22.21 44.99 55.22
CHB HEM MD . 20.61 43.12 59.32
CHC HEM MD . 22.46 38.85 58.12
CHD HEM MD . 24.07 40.74 54.01
C1A HEM MD . 21.78 44.88 56.51
C2A HEM MD . 21.50 45.98 57.41
C3A HEM MD . 21.03 45.48 58.55
C4A HEM MD . 21.03 44.04 58.41
CMA HEM MD . 20.61 46.31 59.79
CAA HEM MD . 21.69 47.47 57.05
CBA HEM MD . 23.17 47.73 56.87
CGA HEM MD . 23.50 49.19 57.03
O1A HEM MD . 22.66 50.07 56.68
O2A HEM MD . 24.64 49.48 57.53
C1B HEM MD . 20.95 41.81 59.31
C2B HEM MD . 20.61 40.86 60.35
C3B HEM MD . 21.11 39.68 59.98
C4B HEM MD . 21.82 39.87 58.75
CMB HEM MD . 19.78 41.20 61.60
CAB HEM MD . 21.11 38.32 60.66
CBB HEM MD . 20.93 38.18 61.98
C1C HEM MD . 23.10 38.98 56.93
C2C HEM MD . 23.88 37.98 56.29
C3C HEM MD . 24.34 38.49 55.14
C4C HEM MD . 23.85 39.84 55.02
CMC HEM MD . 24.12 36.58 56.90
CAC HEM MD . 25.24 37.70 54.19
CBC HEM MD . 25.89 38.27 53.18
C1D HEM MD . 23.58 42.01 53.95
C2D HEM MD . 23.50 42.81 52.76
C3D HEM MD . 22.97 44.00 53.07
C4D HEM MD . 22.70 43.97 54.49
CMD HEM MD . 23.93 42.35 51.36
CAD HEM MD . 22.65 45.16 52.10
CBD HEM MD . 21.16 44.94 51.78
CGD HEM MD . 20.49 45.91 50.82
O1D HEM MD . 19.95 45.44 49.77
O2D HEM MD . 20.47 47.15 51.06
NA HEM MD . 21.49 43.71 57.16
NB HEM MD . 21.72 41.17 58.34
NC HEM MD . 23.10 40.11 56.14
ND HEM MD . 23.07 42.74 55.01
FE HEM MD . 22.44 41.96 56.60
HHB HEM MD . 20.03 43.43 60.04
HHC HEM MD . 22.45 37.96 58.54
HHD HEM MD . 24.64 40.45 53.26
HMA HEM MD . 21.40 46.74 60.18
HMAA HEM MD . 20.20 45.72 60.45
HMAB HEM MD . 19.97 47.00 59.52
HAA HEM MD . 21.34 48.03 57.77
HAAA HEM MD . 21.21 47.68 56.23
HBA HEM MD . 23.44 47.44 55.98
HBAA HEM MD . 23.67 47.21 57.54
HMB HEM MD . 19.33 40.39 61.90
HMBA HEM MD . 19.14 41.87 61.39
HMBB HEM MD . 20.37 41.51 62.30
HAB HEM MD . 21.25 37.52 60.13
HBB HEM MD . 20.92 37.30 62.39
HBBA HEM MD . 20.78 38.96 62.52
HMC HEM MD . 24.67 36.65 57.69
HMCA HEM MD . 24.57 36.02 56.24
HMCB HEM MD . 23.27 36.17 57.14
HAC HEM MD . 25.32 36.75 54.31
HBC HEM MD . 26.45 37.74 52.60
HBCA HEM MD . 25.82 39.23 53.05
HMD HEM MD . 23.69 43.03 50.70
HMDA HEM MD . 23.50 41.50 51.14
HMDB HEM MD . 24.92 42.23 51.35
HAD HEM MD . 23.18 45.12 51.30
HADA HEM MD . 22.78 46.02 52.53
HBD HEM MD . 20.67 44.99 52.62
HBDA HEM MD . 21.07 44.05 51.41
HHA HEM MD . 22.15 45.87 54.79
C1 UNL ND . 11.09 18.78 68.16
C10 UNL ND . 15.93 26.66 63.67
C2 UNL ND . 11.60 20.19 68.51
C3 UNL ND . 10.95 21.27 67.65
C4 UNL ND . 11.98 22.00 66.78
C5 UNL ND . 11.46 23.34 66.23
C6 UNL ND . 12.47 24.05 65.32
C7 UNL ND . 13.64 24.69 66.09
C8 UNL ND . 14.21 25.92 65.34
C9 UNL ND . 15.04 25.49 64.13
O1 UNL ND . 11.24 17.84 69.00
O2 UNL ND . 10.52 18.54 67.04
H21 UNL ND . 12.57 20.20 68.37
H22 UNL ND . 11.41 20.35 69.44
H31 UNL ND . 10.52 21.92 68.23
H32 UNL ND . 10.28 20.86 67.07
H41 UNL ND . 12.20 21.43 66.02
H42 UNL ND . 12.78 22.16 67.30
H51 UNL ND . 11.26 23.92 66.99
H52 UNL ND . 10.64 23.19 65.74
H61 UNL ND . 12.00 24.74 64.83
H62 UNL ND . 12.83 23.39 64.70
H71 UNL ND . 14.35 24.03 66.19
H72 UNL ND . 13.33 24.96 66.96
H81 UNL ND . 14.76 26.42 65.95
H82 UNL ND . 13.47 26.48 65.04
H91 UNL ND . 14.44 25.25 63.40
H92 UNL ND . 15.60 24.74 64.37
O6 SQD OD . 10.92 51.46 53.03
C44 SQD OD . 10.39 50.17 52.96
C45 SQD OD . 9.16 50.10 53.85
C46 SQD OD . 8.19 49.20 53.10
O48 SQD OD . 8.93 48.12 52.55
C23 SQD OD . 9.55 47.17 53.40
O10 SQD OD . 10.61 47.43 53.96
C24 SQD OD . 9.13 45.71 53.30
C25 SQD OD . 8.14 45.47 52.15
C26 SQD OD . 8.20 44.01 51.62
C27 SQD OD . 7.49 43.02 52.55
C28 SQD OD . 6.02 42.82 52.14
C29 SQD OD . 5.66 41.31 52.03
C30 SQD OD . 5.18 40.76 53.39
C31 SQD OD . 4.87 39.26 53.23
C32 SQD OD . 3.92 38.79 54.34
C33 SQD OD . 4.22 37.32 54.61
C34 SQD OD . 3.05 36.63 55.30
C35 SQD OD . 3.05 35.16 54.92
C36 SQD OD . 3.70 34.33 56.01
C37 SQD OD . 2.62 33.75 56.91
C38 SQD OD . 3.05 32.41 57.47
C1 SQD OD . 10.72 52.23 51.89
C2 SQD OD . 11.25 53.64 51.96
O2 SQD OD . 10.95 54.19 53.17
C3 SQD OD . 10.61 54.34 50.78
O3 SQD OD . 11.11 55.61 50.67
C4 SQD OD . 10.84 53.59 49.49
O4 SQD OD . 9.95 54.06 48.55
C5 SQD OD . 10.71 52.10 49.61
C6 SQD OD . 11.34 51.37 48.44
O5 SQD OD . 11.29 51.59 50.79
S SQD OD . 10.67 49.72 48.17
O7 SQD OD . 11.24 49.26 46.92
O8 SQD OD . 10.93 48.75 49.24
O9 SQD OD . 9.26 49.74 47.94
H441 SQD OD . 11.06 49.53 53.28
H442 SQD OD . 10.15 49.95 52.05
H461 SQD OD . 7.74 49.70 52.39
H462 SQD OD . 7.51 48.86 53.71
H241 SQD OD . 8.70 45.44 54.14
H242 SQD OD . 9.92 45.15 53.16
H251 SQD OD . 8.36 46.08 51.42
H252 SQD OD . 7.23 45.64 52.46
H261 SQD OD . 9.14 43.75 51.55
H262 SQD OD . 7.78 43.97 50.75
H271 SQD OD . 7.52 43.36 53.47
H272 SQD OD . 7.95 42.17 52.52
H281 SQD OD . 5.88 43.23 51.28
H282 SQD OD . 5.45 43.23 52.80
H291 SQD OD . 6.44 40.82 51.75
H292 SQD OD . 4.95 41.21 51.38
H301 SQD OD . 4.38 41.23 53.66
H302 SQD OD . 5.87 40.88 54.05
H311 SQD OD . 5.69 38.75 53.29
H312 SQD OD . 4.46 39.10 52.37
H321 SQD OD . 3.00 38.90 54.06
H322 SQD OD . 4.07 39.31 55.15
H331 SQD OD . 5.01 37.25 55.17
H332 SQD OD . 4.39 36.87 53.76
H341 SQD OD . 2.22 37.03 55.01
H342 SQD OD . 3.14 36.72 56.26
H351 SQD OD . 3.54 35.05 54.10
H352 SQD OD . 2.13 34.87 54.81
H361 SQD OD . 4.30 34.88 56.53
H362 SQD OD . 4.19 33.60 55.60
H371 SQD OD . 1.81 33.64 56.41
H372 SQD OD . 2.48 34.37 57.65
H381 SQD OD . 2.30 31.97 57.88
H382 SQD OD . 3.75 32.53 58.14
H383 SQD OD . 3.40 31.85 56.75
H1 SQD OD . 9.76 52.29 51.83
H2 SQD OD . 12.22 53.73 51.93
HO2 SQD OD . 10.61 53.61 53.68
H3 SQD OD . 9.67 54.43 50.95
HO3 SQD OD . 10.47 56.15 50.51
H4 SQD OD . 11.75 53.80 49.20
HO4 SQD OD . 9.54 54.75 48.85
H5 SQD OD . 9.76 51.90 49.55
H61 SQD OD . 12.29 51.29 48.61
H62 SQD OD . 11.18 51.90 47.64
C1 BCR PD . -15.72 30.54 36.50
C2 BCR PD . -14.79 31.72 36.26
C3 BCR PD . -15.56 32.89 35.74
C4 BCR PD . -16.53 33.32 36.81
C5 BCR PD . -17.31 32.20 37.36
C6 BCR PD . -16.98 30.91 37.24
C7 BCR PD . -17.77 29.80 37.77
C8 BCR PD . -18.29 29.77 39.00
C9 BCR PD . -19.16 28.72 39.49
C10 BCR PD . -19.34 28.50 40.80
C11 BCR PD . -19.93 27.31 41.37
C33 BCR PD . -18.52 32.66 38.07
C31 BCR PD . -14.91 29.49 37.23
C32 BCR PD . -16.06 29.99 35.13
C34 BCR PD . -19.77 27.83 38.49
C12 BCR PD . -19.91 27.12 42.70
C13 BCR PD . -20.27 25.92 43.42
C14 BCR PD . -19.84 25.78 44.68
C15 BCR PD . -20.11 24.66 45.56
C16 BCR PD . -19.83 24.80 46.87
C17 BCR PD . -19.87 23.64 47.74
C18 BCR PD . -19.34 23.56 48.97
C19 BCR PD . -19.71 22.42 49.81
C20 BCR PD . -19.09 22.12 50.96
C21 BCR PD . -19.59 21.06 51.82
C22 BCR PD . -19.09 20.69 53.02
C23 BCR PD . -19.74 19.60 53.76
C24 BCR PD . -19.11 18.85 54.68
C25 BCR PD . -19.68 17.77 55.51
C26 BCR PD . -19.54 16.50 55.18
C27 BCR PD . -20.01 15.31 55.93
C28 BCR PD . -20.95 15.60 57.07
C29 BCR PD . -20.88 17.01 57.62
C30 BCR PD . -20.36 18.16 56.77
C35 BCR PD . -20.83 24.75 42.71
C36 BCR PD . -18.11 24.32 49.30
C37 BCR PD . -17.78 21.22 53.49
C38 BCR PD . -18.82 16.10 53.93
C39 BCR PD . -19.40 19.02 57.58
C40 BCR PD . -21.55 19.06 56.49
HC21 BCR PD . -14.00 31.46 35.55
HC22 BCR PD . -14.27 32.00 37.18
HC31 BCR PD . -16.08 32.63 34.83
HC32 BCR PD . -14.89 33.69 35.48
HC41 BCR PD . -17.17 34.10 36.42
HC42 BCR PD . -15.99 33.84 37.59
HC7 BCR PD . -17.94 28.97 37.11
HC8 BCR PD . -18.04 30.57 39.67
H10C BCR PD . -19.03 29.25 41.49
H11C BCR PD . -20.38 26.59 40.72
H331 BCR PD . -18.31 32.80 39.12
H332 BCR PD . -19.32 31.95 37.96
H333 BCR PD . -18.86 33.61 37.66
H311 BCR PD . -15.29 28.50 37.03
H312 BCR PD . -14.94 29.67 38.29
H313 BCR PD . -13.88 29.52 36.92
H321 BCR PD . -16.33 28.95 35.19
H322 BCR PD . -15.21 30.08 34.47
H323 BCR PD . -16.89 30.54 34.70
H341 BCR PD . -20.73 27.45 38.83
H342 BCR PD . -19.14 26.97 38.29
H343 BCR PD . -19.94 28.34 37.56
H12C BCR PD . -19.60 27.96 43.30
H14C BCR PD . -19.24 26.56 45.09
H15C BCR PD . -20.51 23.76 45.17
H16C BCR PD . -19.58 25.75 47.26
H17C BCR PD . -20.39 22.79 47.35
H19C BCR PD . -20.52 21.79 49.52
H20C BCR PD . -18.22 22.67 51.24
H21C BCR PD . -20.44 20.53 51.45
H23C BCR PD . -20.77 19.41 53.55
H24C BCR PD . -18.07 19.05 54.82
H271 BCR PD . -19.17 14.71 56.28
H272 BCR PD . -20.47 14.59 55.26
H281 BCR PD . -20.72 14.87 57.85
H282 BCR PD . -21.95 15.36 56.73
H291 BCR PD . -20.31 16.94 58.54
H292 BCR PD . -21.89 17.23 57.95
H351 BCR PD . -20.32 23.85 43.01
H352 BCR PD . -20.72 24.88 41.64
H353 BCR PD . -21.88 24.63 42.94
H361 BCR PD . -18.17 24.74 50.30
H362 BCR PD . -17.95 25.14 48.62
H363 BCR PD . -17.24 23.70 49.27
H371 BCR PD . -17.73 21.18 54.57
H372 BCR PD . -17.66 22.25 53.18
H373 BCR PD . -16.97 20.65 53.08
H381 BCR PD . -19.07 15.10 53.63
H382 BCR PD . -17.75 16.13 54.06
H383 BCR PD . -19.07 16.76 53.10
H391 BCR PD . -19.72 19.09 58.60
H392 BCR PD . -19.34 20.01 57.16
H393 BCR PD . -18.40 18.59 57.56
H401 BCR PD . -22.05 19.32 57.41
H402 BCR PD . -22.27 18.56 55.86
H403 BCR PD . -21.25 19.96 55.99
C1A DGD QD . -4.22 12.40 40.85
C2A DGD QD . -3.72 13.69 41.48
C3A DGD QD . -3.85 14.89 40.48
C4A DGD QD . -3.13 16.14 41.02
C5A DGD QD . -3.14 17.34 40.03
C6A DGD QD . -2.42 18.60 40.69
C7A DGD QD . -2.45 19.75 39.66
C8A DGD QD . -1.18 20.66 39.76
C9A DGD QD . -1.47 21.99 38.98
CAA DGD QD . -0.38 22.16 37.91
CBA DGD QD . -0.58 23.44 37.07
CCA DGD QD . -1.34 23.11 35.76
CDA DGD QD . -0.66 23.91 34.57
CEA DGD QD . -0.30 22.90 33.50
CFA DGD QD . -0.20 23.54 32.11
CGA DGD QD . -0.42 22.38 31.10
O1A DGD QD . -4.64 12.21 39.74
C1B DGD QD . -7.30 11.87 41.34
C2B DGD QD . -7.98 12.65 40.30
C3B DGD QD . -7.94 12.00 38.92
C4B DGD QD . -8.98 12.57 37.93
C5B DGD QD . -8.72 14.07 37.81
C6B DGD QD . -8.02 14.35 36.48
C7B DGD QD . -6.57 14.43 36.78
C8B DGD QD . -6.05 15.03 35.53
C9B DGD QD . -4.54 15.01 35.57
CAB DGD QD . -4.18 13.64 35.08
CBB DGD QD . -4.07 13.71 33.58
CCB DGD QD . -2.99 12.72 33.14
CDB DGD QD . -3.68 11.41 33.25
CEB DGD QD . -2.62 10.37 33.17
CFB DGD QD . -2.57 10.12 31.71
CGB DGD QD . -1.23 9.51 31.43
O1B DGD QD . -6.83 12.33 42.36
O1G DGD QD . -4.13 11.40 41.73
C1G DGD QD . -4.54 10.10 41.38
C2G DGD QD . -6.04 9.98 41.80
O2G DGD QD . -6.82 10.74 40.88
C3G DGD QD . -6.46 8.54 41.59
O3G DGD QD . -5.59 7.93 42.53
C1D DGD QD . -5.10 6.72 42.09
C2D DGD QD . -4.22 6.16 43.20
O2D DGD QD . -3.32 7.15 43.45
C3D DGD QD . -3.55 4.96 42.54
O3D DGD QD . -2.73 4.32 43.51
C4D DGD QD . -4.65 3.93 42.11
O4D DGD QD . -5.27 3.42 43.22
C5D DGD QD . -5.77 4.68 41.25
O5D DGD QD . -7.61 3.23 41.92
C6D DGD QD . -7.00 3.83 40.81
O6D DGD QD . -6.25 5.84 41.93
C1E DGD QD . -8.83 2.52 41.59
C2E DGD QD . -9.83 2.51 42.83
O2E DGD QD . -9.98 3.82 43.28
C3E DGD QD . -9.23 1.61 43.99
O3E DGD QD . -10.19 1.62 44.98
C4E DGD QD . -9.04 0.16 43.43
O4E DGD QD . -10.34 -0.31 43.05
C5E DGD QD . -8.04 0.27 42.21
O6E DGD QD . -8.51 1.18 41.19
C6E DGD QD . -7.74 -1.09 41.41
O5E DGD QD . -8.99 -1.58 40.98
HA21 DGD QD . -2.67 13.53 41.82
HA22 DGD QD . -4.30 13.86 42.42
HA31 DGD QD . -4.92 15.13 40.29
HA32 DGD QD . -3.44 14.62 39.49
HA41 DGD QD . -2.08 15.87 41.28
HA42 DGD QD . -3.59 16.44 41.99
HA51 DGD QD . -4.18 17.58 39.71
HA52 DGD QD . -2.65 17.05 39.06
HA61 DGD QD . -1.39 18.32 41.01
HA62 DGD QD . -2.91 18.86 41.64
HA71 DGD QD . -3.40 20.30 39.79
HA72 DGD QD . -2.57 19.31 38.65
HA81 DGD QD . -0.28 20.13 39.38
HA82 DGD QD . -0.92 20.84 40.83
HA91 DGD QD . -1.50 22.86 39.68
HA92 DGD QD . -2.49 21.96 38.53
HAT1 DGD QD . -0.35 21.25 37.25
HAT2 DGD QD . 0.63 22.15 38.40
HAE1 DGD QD . 0.39 23.92 36.87
HAE2 DGD QD . -1.12 24.20 37.66
HAW1 DGD QD . -2.41 23.37 35.81
HAW2 DGD QD . -1.32 22.03 35.54
HAH1 DGD QD . 0.26 24.46 34.87
HAH2 DGD QD . -1.30 24.70 34.13
HAF1 DGD QD . -1.04 22.07 33.49
HAF2 DGD QD . 0.66 22.41 33.75
HAN1 DGD QD . 0.76 24.05 31.94
HAN2 DGD QD . -0.96 24.35 31.97
HB21 DGD QD . -7.53 13.66 40.27
HB22 DGD QD . -9.03 12.80 40.61
HB31 DGD QD . -8.07 10.90 39.03
HB32 DGD QD . -6.92 12.10 38.50
HB41 DGD QD . -10.03 12.37 38.25
HB42 DGD QD . -8.93 12.07 36.94
HB51 DGD QD . -8.13 14.45 38.67
HB52 DGD QD . -9.67 14.65 37.91
HB61 DGD QD . -8.34 15.28 35.97
HB62 DGD QD . -8.19 13.59 35.70
HB71 DGD QD . -6.07 13.46 36.98
HB72 DGD QD . -6.30 15.04 37.66
HB81 DGD QD . -6.46 16.06 35.43
HB82 DGD QD . -6.46 14.49 34.66
HB91 DGD QD . -4.15 15.23 36.59
HB92 DGD QD . -4.10 15.83 34.95
HBT1 DGD QD . -4.92 12.87 35.38
HBT2 DGD QD . -3.22 13.28 35.52
HBE1 DGD QD . -3.84 14.74 33.24
HBE2 DGD QD . -5.04 13.48 33.10
HBW1 DGD QD . -2.08 12.79 33.77
HBW2 DGD QD . -2.63 12.93 32.11
HBH1 DGD QD . -4.44 11.28 32.45
HBH2 DGD QD . -4.26 11.33 34.20
HBF1 DGD QD . -2.89 9.49 33.79
HBF2 DGD QD . -1.68 10.74 33.62
HBN1 DGD QD . -2.73 11.05 31.13
HBN2 DGD QD . -3.41 9.47 31.39
HG11 DGD QD . -3.98 9.28 41.91
HG12 DGD QD . -4.47 9.88 40.29
HG2 DGD QD . -6.13 10.31 42.87
HG31 DGD QD . -6.31 8.20 40.54
HG32 DGD QD . -7.54 8.39 41.80
HD1 DGD QD . -4.56 6.88 41.11
HD2 DGD QD . -4.79 5.86 44.12
HO2D DGD QD . -3.79 7.98 43.47
HD3 DGD QD . -2.97 5.28 41.64
HO3D DGD QD . -1.92 4.83 43.56
HD4 DGD QD . -4.19 3.16 41.46
HO4D DGD QD . -5.31 2.47 43.11
HD5 DGD QD . -5.28 5.01 40.29
HD61 DGD QD . -6.75 3.01 40.10
HD62 DGD QD . -7.78 4.42 40.29
HE1 DGD QD . -9.32 2.95 40.67
HE2 DGD QD . -10.80 2.08 42.46
HO2E DGD QD . -9.57 3.86 44.14
HE3 DGD QD . -8.25 2.02 44.35
HO3E DGD QD . -9.95 0.92 45.60
HE4 DGD QD . -8.58 -0.56 44.16
HO4E DGD QD . -10.68 -0.81 43.78
HE5 DGD QD . -7.06 0.59 42.64
HE61 DGD QD . -7.21 -1.81 42.06
HE62 DGD QD . -7.06 -0.89 40.55
HO5E DGD QD . -9.17 -1.16 40.14
C1 UNL RD . -27.54 37.09 40.65
C10 UNL RD . -25.23 28.06 43.85
C11 UNL RD . -24.82 26.59 43.84
C12 UNL RD . -24.01 26.21 45.09
C13 UNL RD . -24.76 25.12 45.88
C14 UNL RD . -23.95 24.54 47.05
C15 UNL RD . -23.55 25.70 47.99
C16 UNL RD . -23.77 25.36 49.45
C17 UNL RD . -23.43 26.58 50.33
C18 UNL RD . -22.03 26.42 50.95
C2 UNL RD . -27.34 35.62 41.09
C3 UNL RD . -27.90 35.35 42.49
C4 UNL RD . -27.43 33.99 43.06
C5 UNL RD . -27.84 32.82 42.14
C6 UNL RD . -27.91 31.47 42.88
C7 UNL RD . -26.53 30.85 43.14
C8 UNL RD . -26.23 29.68 42.18
C9 UNL RD . -26.38 28.31 42.88
H21 UNL RD . -26.38 35.43 41.10
H22 UNL RD . -27.77 35.03 40.45
H31 UNL RD . -28.87 35.35 42.44
H32 UNL RD . -27.61 36.06 43.09
H41 UNL RD . -27.83 33.86 43.92
H42 UNL RD . -26.46 34.01 43.13
H51 UNL RD . -27.18 32.75 41.42
H52 UNL RD . -28.71 33.01 41.75
H61 UNL RD . -28.43 30.85 42.35
H62 UNL RD . -28.34 31.61 43.74
H71 UNL RD . -26.50 30.52 44.05
H72 UNL RD . -25.85 31.53 43.02
H81 UNL RD . -25.32 29.76 41.86
H82 UNL RD . -26.85 29.72 41.44
H91 UNL RD . -26.39 27.61 42.20
H92 UNL RD . -27.22 28.29 43.36
H101 UNL RD . -25.52 28.30 44.75
H102 UNL RD . -24.47 28.61 43.60
H111 UNL RD . -24.27 26.42 43.06
H112 UNL RD . -25.61 26.03 43.81
H121 UNL RD . -23.88 26.99 45.64
H122 UNL RD . -23.13 25.86 44.82
H131 UNL RD . -24.98 24.40 45.27
H132 UNL RD . -25.58 25.52 46.23
H141 UNL RD . -23.16 24.10 46.72
H142 UNL RD . -24.49 23.91 47.54
H151 UNL RD . -24.08 26.49 47.76
H152 UNL RD . -22.60 25.90 47.85
H161 UNL RD . -23.20 24.61 49.70
H162 UNL RD . -24.70 25.11 49.58
H171 UNL RD . -24.08 26.65 51.05
H172 UNL RD . -23.46 27.37 49.79
H181 UNL RD . -21.85 27.19 51.52
H182 UNL RD . -21.37 26.39 50.24
H183 UNL RD . -21.99 25.61 51.47
C1 UNL SD . 40.58 -5.69 -8.73
C10 UNL SD . 37.11 3.87 -5.73
C11 UNL SD . 37.14 4.54 -7.09
C12 UNL SD . 36.28 5.81 -7.16
C13 UNL SD . 36.82 6.72 -8.27
C14 UNL SD . 35.96 7.99 -8.42
C15 UNL SD . 36.85 9.20 -8.71
C2 UNL SD . 40.65 -5.62 -7.21
C3 UNL SD . 40.81 -4.15 -6.76
C4 UNL SD . 39.48 -3.42 -6.53
C5 UNL SD . 39.63 -1.89 -6.53
C6 UNL SD . 38.35 -1.12 -6.14
C7 UNL SD . 38.71 0.30 -5.61
C8 UNL SD . 37.57 1.33 -5.66
C9 UNL SD . 38.17 2.76 -5.65
H21 UNL SD . 41.40 -6.13 -6.90
H22 UNL SD . 39.82 -5.97 -6.83
H31 UNL SD . 41.31 -3.67 -7.44
H32 UNL SD . 41.31 -4.14 -5.93
H41 UNL SD . 39.11 -3.70 -5.67
H42 UNL SD . 38.86 -3.67 -7.23
H51 UNL SD . 39.90 -1.61 -7.43
H52 UNL SD . 40.34 -1.66 -5.91
H61 UNL SD . 37.89 -1.62 -5.44
H62 UNL SD . 37.78 -1.04 -6.91
H71 UNL SD . 39.44 0.63 -6.14
H72 UNL SD . 38.99 0.21 -4.69
H81 UNL SD . 37.00 1.22 -4.89
H82 UNL SD . 37.05 1.21 -6.47
H91 UNL SD . 38.77 2.84 -6.41
H92 UNL SD . 38.68 2.87 -4.83
H101 UNL SD . 37.29 4.54 -5.05
H102 UNL SD . 36.24 3.49 -5.59
H111 UNL SD . 36.82 3.91 -7.76
H112 UNL SD . 38.06 4.79 -7.30
H121 UNL SD . 36.32 6.28 -6.30
H122 UNL SD . 35.36 5.57 -7.34
H131 UNL SD . 36.82 6.24 -9.10
H132 UNL SD . 37.73 6.99 -8.05
H141 UNL SD . 35.46 8.14 -7.59
H142 UNL SD . 35.33 7.87 -9.14
C1 UNL TD . 42.97 14.14 54.14
C10 UNL TD . 41.71 22.69 51.10
C2 UNL TD . 42.97 14.33 52.62
C3 UNL TD . 42.22 15.62 52.24
C4 UNL TD . 42.79 16.14 50.94
C5 UNL TD . 42.05 17.39 50.44
C6 UNL TD . 41.77 18.38 51.57
C7 UNL TD . 41.08 19.65 51.06
C8 UNL TD . 42.01 20.43 50.12
C9 UNL TD . 41.45 21.83 49.86
O1 UNL TD . 42.93 15.15 54.89
O2 UNL TD . 43.02 13.00 54.68
H21 UNL TD . 42.53 13.57 52.21
H22 UNL TD . 43.89 14.38 52.30
H31 UNL TD . 42.34 16.27 52.95
H32 UNL TD . 41.28 15.42 52.15
H41 UNL TD . 42.72 15.46 50.26
H42 UNL TD . 43.72 16.38 51.08
H51 UNL TD . 41.20 17.12 50.04
H52 UNL TD . 42.58 17.83 49.76
H61 UNL TD . 42.61 18.63 51.99
H62 UNL TD . 41.19 17.97 52.23
H71 UNL TD . 40.85 20.22 51.82
H72 UNL TD . 40.27 19.41 50.58
H81 UNL TD . 42.09 19.96 49.28
H82 UNL TD . 42.89 20.51 50.53
H91 UNL TD . 40.49 21.77 49.70
H92 UNL TD . 41.88 22.23 49.09
C1 BCR UD . 59.78 30.81 51.53
C2 BCR UD . 60.90 30.17 52.32
C3 BCR UD . 60.76 28.67 52.43
C4 BCR UD . 60.46 28.01 51.10
C5 BCR UD . 59.92 28.90 50.04
C6 BCR UD . 59.60 30.17 50.21
C7 BCR UD . 59.05 31.01 49.14
C8 BCR UD . 57.73 31.24 49.05
C9 BCR UD . 57.08 32.11 48.07
C10 BCR UD . 55.85 32.59 48.34
C11 BCR UD . 54.97 33.26 47.42
C33 BCR UD . 59.75 28.23 48.72
C31 BCR UD . 60.10 32.27 51.38
C32 BCR UD . 58.50 30.64 52.32
C34 BCR UD . 57.70 32.31 46.74
C12 BCR UD . 53.73 33.55 47.83
C13 BCR UD . 52.69 34.24 47.08
C14 BCR UD . 51.48 34.37 47.68
C15 BCR UD . 50.26 34.77 47.03
C16 BCR UD . 49.08 34.62 47.67
C17 BCR UD . 47.88 34.98 46.96
C18 BCR UD . 46.61 34.89 47.38
C19 BCR UD . 45.56 35.25 46.46
C20 BCR UD . 44.30 35.44 46.87
C21 BCR UD . 43.27 35.82 45.92
C22 BCR UD . 41.98 35.93 46.21
C23 BCR UD . 41.16 36.54 45.19
C24 BCR UD . 39.94 37.04 45.37
C25 BCR UD . 39.30 37.82 44.32
C26 BCR UD . 39.73 39.05 44.01
C27 BCR UD . 39.23 39.91 42.93
C28 BCR UD . 38.39 39.16 41.92
C29 BCR UD . 37.50 38.16 42.62
C30 BCR UD . 38.28 37.16 43.47
C35 BCR UD . 52.92 34.64 45.67
C36 BCR UD . 46.19 34.28 48.66
C37 BCR UD . 41.33 35.09 47.23
C38 BCR UD . 40.79 39.73 44.77
C39 BCR UD . 39.08 36.16 42.64
C40 BCR UD . 37.22 36.39 44.24
HC21 BCR UD . 60.95 30.58 53.33
HC22 BCR UD . 61.87 30.40 51.89
HC31 BCR UD . 59.98 28.45 53.14
HC32 BCR UD . 61.67 28.26 52.85
HC41 BCR UD . 59.79 27.17 51.28
HC42 BCR UD . 61.35 27.49 50.75
HC7 BCR UD . 59.72 31.44 48.42
HC8 BCR UD . 57.10 30.76 49.77
H10C BCR UD . 55.46 32.47 49.34
H11C BCR UD . 55.31 33.50 46.44
H331 BCR UD . 60.18 28.83 47.94
H332 BCR UD . 58.71 28.07 48.52
H333 BCR UD . 60.25 27.27 48.73
H311 BCR UD . 59.23 32.83 51.07
H312 BCR UD . 60.88 32.43 50.65
H313 BCR UD . 60.44 32.69 52.32
H321 BCR UD . 57.97 31.58 52.38
H322 BCR UD . 58.71 30.30 53.33
H323 BCR UD . 57.86 29.91 51.86
H341 BCR UD . 57.35 33.23 46.28
H342 BCR UD . 57.45 31.50 46.07
H343 BCR UD . 58.77 32.37 46.82
H12C BCR UD . 53.48 33.23 48.82
H14C BCR UD . 51.41 34.15 48.71
H15C BCR UD . 50.28 35.18 46.05
H16C BCR UD . 49.05 34.25 48.67
H17C BCR UD . 48.05 35.37 45.98
H19C BCR UD . 45.79 35.39 45.42
H20C BCR UD . 44.05 35.29 47.89
H21C BCR UD . 43.60 36.04 44.93
H23C BCR UD . 41.58 36.61 44.21
H24C BCR UD . 39.42 36.86 46.30
H271 BCR UD . 40.04 40.43 42.42
H272 BCR UD . 38.67 40.77 43.31
H281 BCR UD . 39.05 38.67 41.21
H282 BCR UD . 37.81 39.87 41.35
H291 BCR UD . 36.91 37.65 41.86
H292 BCR UD . 36.79 38.70 43.21
H351 BCR UD . 52.00 34.61 45.12
H352 BCR UD . 53.62 33.95 45.20
H353 BCR UD . 53.33 35.63 45.62
H361 BCR UD . 45.72 35.00 49.31
H362 BCR UD . 47.02 33.86 49.20
H363 BCR UD . 45.47 33.49 48.50
H371 BCR UD . 40.76 35.69 47.92
H372 BCR UD . 42.08 34.56 47.82
H373 BCR UD . 40.68 34.36 46.78
H381 BCR UD . 40.91 40.77 44.48
H382 BCR UD . 41.77 39.26 44.64
H383 BCR UD . 40.60 39.73 45.84
H391 BCR UD . 38.52 35.84 41.76
H392 BCR UD . 39.33 35.28 43.21
H393 BCR UD . 40.01 36.61 42.29
H401 BCR UD . 36.49 35.98 43.57
H402 BCR UD . 36.72 37.03 44.94
H403 BCR UD . 37.65 35.58 44.79
C1 BCR VD . 64.00 23.80 52.43
C2 BCR VD . 64.24 22.34 52.81
C3 BCR VD . 65.22 21.70 51.89
C4 BCR VD . 66.55 22.43 51.90
C5 BCR VD . 66.36 23.89 51.70
C6 BCR VD . 65.20 24.52 51.92
C7 BCR VD . 65.06 25.95 51.71
C8 BCR VD . 64.90 26.46 50.50
C9 BCR VD . 64.44 27.81 50.23
C10 BCR VD . 63.86 28.06 49.05
C11 BCR VD . 63.66 29.38 48.49
C33 BCR VD . 67.58 24.58 51.24
C31 BCR VD . 63.53 24.45 53.73
C32 BCR VD . 62.87 23.90 51.44
C34 BCR VD . 64.71 28.88 51.22
C12 BCR VD . 63.17 29.51 47.25
C13 BCR VD . 62.67 30.74 46.70
C14 BCR VD . 61.92 30.69 45.58
C15 BCR VD . 61.20 31.80 45.02
C16 BCR VD . 60.91 31.85 43.72
C17 BCR VD . 59.89 32.80 43.27
C18 BCR VD . 59.52 33.06 42.01
C19 BCR VD . 58.91 34.33 41.70
C20 BCR VD . 58.34 34.60 40.53
C21 BCR VD . 57.35 35.66 40.42
C22 BCR VD . 56.46 35.80 39.43
C23 BCR VD . 55.52 36.91 39.46
C24 BCR VD . 54.79 37.28 38.40
C25 BCR VD . 54.01 38.52 38.36
C26 BCR VD . 54.53 39.67 37.96
C27 BCR VD . 53.83 40.97 37.90
C28 BCR VD . 52.34 40.80 37.80
C29 BCR VD . 51.81 39.73 38.72
C30 BCR VD . 52.59 38.43 38.83
C35 BCR VD . 62.84 32.00 47.47
C36 BCR VD . 59.80 32.13 40.88
C37 BCR VD . 56.10 34.61 38.63
C38 BCR VD . 55.93 39.79 37.53
C39 BCR VD . 51.91 37.31 38.07
C40 BCR VD . 52.54 38.05 40.30
HC21 BCR VD . 63.31 21.77 52.78
HC22 BCR VD . 64.60 22.26 53.83
HC31 BCR VD . 64.82 21.69 50.87
HC32 BCR VD . 65.36 20.67 52.16
HC41 BCR VD . 67.22 22.00 51.17
HC42 BCR VD . 67.08 22.21 52.82
HC7 BCR VD . 65.10 26.60 52.57
HC8 BCR VD . 65.11 25.83 49.66
H10C BCR VD . 63.50 27.25 48.47
H11C BCR VD . 63.93 30.24 49.06
H331 BCR VD . 67.84 25.38 51.93
H332 BCR VD . 67.42 25.01 50.26
H333 BCR VD . 68.41 23.90 51.20
H311 BCR VD . 63.11 25.42 53.54
H312 BCR VD . 64.36 24.58 54.41
H313 BCR VD . 62.78 23.85 54.21
H321 BCR VD . 62.45 24.90 51.45
H322 BCR VD . 62.09 23.20 51.69
H323 BCR VD . 63.22 23.68 50.45
H341 BCR VD . 65.02 29.79 50.74
H342 BCR VD . 65.50 28.57 51.91
H343 BCR VD . 63.83 29.09 51.82
H12C BCR VD . 63.15 28.63 46.64
H14C BCR VD . 61.85 29.76 45.05
H15C BCR VD . 60.89 32.60 45.66
H16C BCR VD . 61.41 31.22 43.03
H17C BCR VD . 59.41 33.34 44.05
H19C BCR VD . 58.90 35.09 42.44
H20C BCR VD . 58.61 34.05 39.66
H21C BCR VD . 57.34 36.37 41.21
H23C BCR VD . 55.41 37.44 40.38
H24C BCR VD . 54.77 36.65 37.54
H271 BCR VD . 54.20 41.60 37.08
H272 BCR VD . 54.09 41.61 38.74
H281 BCR VD . 52.10 40.57 36.76
H282 BCR VD . 51.88 41.77 38.02
H291 BCR VD . 50.79 39.53 38.42
H292 BCR VD . 51.73 40.19 39.70
H351 BCR VD . 62.75 32.85 46.81
H352 BCR VD . 63.80 32.01 47.94
H353 BCR VD . 62.07 32.07 48.22
H361 BCR VD . 58.92 31.96 40.28
H362 BCR VD . 60.13 31.16 41.23
H363 BCR VD . 60.57 32.50 40.22
H371 BCR VD . 55.05 34.64 38.36
H372 BCR VD . 56.29 33.71 39.20
H373 BCR VD . 56.68 34.57 37.73
H381 BCR VD . 56.32 40.80 37.65
H382 BCR VD . 56.07 39.53 36.48
H383 BCR VD . 56.59 39.13 38.10
H391 BCR VD . 50.84 37.44 38.09
H392 BCR VD . 52.15 36.36 38.52
H393 BCR VD . 52.23 37.30 37.04
H401 BCR VD . 51.53 38.13 40.67
H402 BCR VD . 53.16 38.70 40.88
H403 BCR VD . 52.87 37.04 40.45
C1 LMG WD . -4.12 -1.90 11.31
O1 LMG WD . -3.80 -0.82 12.18
C2 LMG WD . -2.85 -2.88 11.43
O2 LMG WD . -1.85 -2.32 10.57
C3 LMG WD . -3.24 -4.27 10.85
O3 LMG WD . -2.26 -5.13 11.23
C4 LMG WD . -4.55 -4.75 11.50
O4 LMG WD . -4.38 -4.82 12.89
C5 LMG WD . -5.63 -3.70 11.18
O5 LMG WD . -7.78 -3.17 12.05
C6 LMG WD . -7.01 -4.27 11.62
O6 LMG WD . -5.34 -2.47 11.87
C7 LMG WD . -4.45 0.39 11.90
C8 LMG WD . -3.35 1.40 11.64
C9 LMG WD . -2.73 1.12 10.19
O7 LMG WD . -4.01 2.67 11.55
C10 LMG WD . -4.47 3.36 12.65
O9 LMG WD . -4.61 2.73 13.68
C11 LMG WD . -5.38 4.47 12.21
C12 LMG WD . -5.81 5.43 13.27
C13 LMG WD . -4.71 5.90 14.22
C14 LMG WD . -5.26 7.16 14.91
C15 LMG WD . -5.04 7.16 16.43
C16 LMG WD . -3.97 8.17 16.78
C17 LMG WD . -4.16 8.59 18.23
C18 LMG WD . -2.86 9.21 18.69
C19 LMG WD . -3.08 10.70 18.81
C20 LMG WD . -1.73 11.35 19.00
C21 LMG WD . -1.56 12.48 18.03
C22 LMG WD . -0.13 12.90 18.14
C23 LMG WD . 0.00 14.24 17.47
C24 LMG WD . 1.47 14.64 17.71
C25 LMG WD . 1.69 16.00 17.12
O8 LMG WD . -1.28 0.84 10.28
C28 LMG WD . -0.38 1.81 9.92
O10 LMG WD . 0.11 1.73 8.81
C29 LMG WD . 0.38 2.45 11.06
C30 LMG WD . 1.05 3.73 10.59
C31 LMG WD . 0.03 4.82 10.68
C32 LMG WD . 0.78 6.15 10.52
C33 LMG WD . -0.29 7.25 10.53
C34 LMG WD . 0.27 8.47 9.83
C35 LMG WD . -0.22 8.40 8.42
C36 LMG WD . 0.05 9.71 7.82
C37 LMG WD . -0.19 9.55 6.38
C38 LMG WD . -0.89 10.79 6.01
C39 LMG WD . -2.35 10.47 6.12
C40 LMG WD . -2.98 11.84 6.05
C41 LMG WD . -3.03 12.29 4.64
C42 LMG WD . -4.50 12.31 4.32
C43 LMG WD . -5.05 13.71 4.57
HC1 LMG WD . -4.30 -1.59 10.24
HC2 LMG WD . -2.55 -2.96 12.51
HO2 LMG WD . -2.30 -1.99 9.80
HC3 LMG WD . -3.37 -4.17 9.76
HO3 LMG WD . -2.64 -5.73 11.85
HC4 LMG WD . -4.86 -5.74 11.06
HO4 LMG WD . -4.65 -5.70 13.17
HC5 LMG WD . -5.68 -3.49 10.08
HO5 LMG WD . -7.26 -2.74 12.73
HC61 LMG WD . -6.83 -5.03 12.41
HC62 LMG WD . -7.45 -4.81 10.75
HC71 LMG WD . -5.10 0.64 12.77
HC72 LMG WD . -5.13 0.22 11.04
HC8 LMG WD . -2.53 1.36 12.41
HC91 LMG WD . -2.91 2.00 9.54
HC92 LMG WD . -3.25 0.25 9.73
H111 LMG WD . -6.28 4.02 11.74
H112 LMG WD . -4.88 5.04 11.39
H121 LMG WD . -6.62 4.98 13.88
H122 LMG WD . -6.27 6.33 12.79
H131 LMG WD . -3.76 6.11 13.70
H132 LMG WD . -4.44 5.12 14.96
H141 LMG WD . -6.34 7.29 14.70
H142 LMG WD . -4.80 8.08 14.49
H151 LMG WD . -4.76 6.16 16.80
H152 LMG WD . -5.97 7.39 16.98
H161 LMG WD . -4.00 9.04 16.08
H162 LMG WD . -2.96 7.75 16.61
H171 LMG WD . -4.47 7.73 18.86
H172 LMG WD . -5.02 9.30 18.33
H181 LMG WD . -2.01 8.97 18.00
H182 LMG WD . -2.49 8.76 19.65
H191 LMG WD . -3.76 10.99 19.65
H192 LMG WD . -3.59 11.16 17.93
H201 LMG WD . -0.88 10.63 18.88
H202 LMG WD . -1.56 11.73 20.04
H211 LMG WD . -2.22 13.35 18.23
H212 LMG WD . -1.80 12.20 16.98
H221 LMG WD . 0.54 12.14 17.68
H222 LMG WD . 0.19 12.95 19.21
H231 LMG WD . -0.71 14.99 17.88
H232 LMG WD . -0.26 14.19 16.38
H241 LMG WD . 2.15 13.88 17.26
H242 LMG WD . 1.70 14.61 18.79
H291 LMG WD . 1.12 1.74 11.46
H292 LMG WD . -0.31 2.65 11.90
H301 LMG WD . 1.44 3.68 9.55
H302 LMG WD . 1.94 4.01 11.19
H311 LMG WD . -0.54 4.79 11.63
H312 LMG WD . -0.76 4.71 9.91
H321 LMG WD . 1.39 6.15 9.58
H322 LMG WD . 1.54 6.26 11.32
H331 LMG WD . -0.62 7.49 11.58
H332 LMG WD . -1.25 6.90 10.07
H341 LMG WD . 1.38 8.52 9.86
H342 LMG WD . -0.02 9.44 10.31
H351 LMG WD . -1.30 8.14 8.39
H352 LMG WD . 0.27 7.57 7.87
H361 LMG WD . 1.09 10.07 8.00
H362 LMG WD . -0.57 10.52 8.24
H371 LMG WD . -0.79 8.65 6.13
H372 LMG WD . 0.74 9.42 5.78
H381 LMG WD . -0.65 11.17 5.00
H382 LMG WD . -0.65 11.66 6.67
H391 LMG WD . -2.65 9.94 7.05
H392 LMG WD . -2.74 9.82 5.31
H401 LMG WD . -2.43 12.60 6.66
H402 LMG WD . -4.01 11.87 6.48
H411 LMG WD . -2.43 11.61 3.99
H412 LMG WD . -2.51 13.28 4.53
H421 LMG WD . -5.03 11.55 4.92
H422 LMG WD . -4.67 11.99 3.28
C1 UNL XD . -5.57 30.43 -2.97
C10 UNL XD . -4.30 19.55 -0.56
C11 UNL XD . -3.36 18.47 -1.14
C12 UNL XD . -4.14 17.48 -1.99
C13 UNL XD . -4.99 16.58 -1.10
C2 UNL XD . -4.68 29.34 -2.35
C3 UNL XD . -5.42 28.00 -2.53
C4 UNL XD . -5.19 27.05 -1.35
C5 UNL XD . -5.07 25.66 -1.95
C6 UNL XD . -4.80 24.58 -0.89
C7 UNL XD . -4.64 23.24 -1.63
C8 UNL XD . -4.41 22.07 -0.71
C9 UNL XD . -4.47 20.75 -1.51
O1 UNL XD . -5.16 31.18 -3.91
O2 UNL XD . -6.73 30.59 -2.51
H21 UNL XD . -4.55 29.53 -1.42
H22 UNL XD . -3.83 29.32 -2.80
H31 UNL XD . -5.09 27.58 -3.34
H32 UNL XD . -6.36 28.17 -2.62
H41 UNL XD . -5.95 27.09 -0.75
H42 UNL XD . -4.38 27.29 -0.87
H51 UNL XD . -4.34 25.65 -2.58
H52 UNL XD . -5.90 25.44 -2.40
H61 UNL XD . -5.54 24.53 -0.27
H62 UNL XD . -3.98 24.78 -0.41
H71 UNL XD . -3.89 23.32 -2.24
H72 UNL XD . -5.45 23.09 -2.15
H81 UNL XD . -5.09 22.06 -0.02
H82 UNL XD . -3.53 22.16 -0.30
H91 UNL XD . -3.75 20.74 -2.16
H92 UNL XD . -5.33 20.69 -1.96
H101 UNL XD . -5.17 19.16 -0.41
H102 UNL XD . -3.94 19.86 0.27
H111 UNL XD . -2.94 18.00 -0.41
H112 UNL XD . -2.68 18.90 -1.68
H121 UNL XD . -3.53 16.93 -2.51
H122 UNL XD . -4.73 17.96 -2.61
C1 UNL YD . 7.90 17.06 -6.76
C10 UNL YD . 8.37 27.41 -10.99
C2 UNL YD . 8.82 18.14 -7.34
C3 UNL YD . 8.09 19.12 -8.27
C4 UNL YD . 8.44 20.55 -7.85
C5 UNL YD . 7.59 21.58 -8.59
C6 UNL YD . 8.13 23.03 -8.48
C7 UNL YD . 7.97 23.73 -9.83
C8 UNL YD . 8.26 25.22 -9.70
C9 UNL YD . 8.26 25.88 -11.10
H21 UNL YD . 9.51 17.70 -7.86
H22 UNL YD . 9.20 18.64 -6.62
H31 UNL YD . 7.13 18.98 -8.22
H32 UNL YD . 8.38 18.97 -9.19
H41 UNL YD . 9.37 20.72 -8.03
H42 UNL YD . 8.28 20.64 -6.90
H51 UNL YD . 6.70 21.57 -8.23
H52 UNL YD . 7.56 21.34 -9.53
H61 UNL YD . 9.07 23.01 -8.23
H62 UNL YD . 7.64 23.51 -7.80
H71 UNL YD . 7.06 23.61 -10.14
H72 UNL YD . 8.58 23.35 -10.47
H81 UNL YD . 9.13 25.34 -9.29
H82 UNL YD . 7.58 25.64 -9.15
H91 UNL YD . 7.44 25.65 -11.56
H92 UNL YD . 9.03 25.55 -11.60
C1 BCR ZD . 25.68 19.83 -3.41
C2 BCR ZD . 26.55 20.84 -2.66
C3 BCR ZD . 27.96 20.83 -3.14
C4 BCR ZD . 27.97 21.16 -4.61
C5 BCR ZD . 27.18 20.15 -5.34
C6 BCR ZD . 26.11 19.54 -4.82
C7 BCR ZD . 25.42 18.50 -5.61
C8 BCR ZD . 24.10 18.28 -5.62
C9 BCR ZD . 23.43 17.58 -6.71
C10 BCR ZD . 22.44 16.71 -6.43
C11 BCR ZD . 21.65 15.96 -7.39
C33 BCR ZD . 27.67 19.89 -6.72
C31 BCR ZD . 24.28 20.43 -3.34
C32 BCR ZD . 25.69 18.53 -2.63
C34 BCR ZD . 24.05 17.70 -8.04
C12 BCR ZD . 20.75 15.08 -6.95
C13 BCR ZD . 19.98 14.14 -7.76
C14 BCR ZD . 18.91 13.51 -7.23
C15 BCR ZD . 18.21 12.47 -7.93
C16 BCR ZD . 17.02 12.04 -7.52
C17 BCR ZD . 16.55 10.78 -8.03
C18 BCR ZD . 15.49 10.09 -7.58
C19 BCR ZD . 15.06 8.93 -8.31
C20 BCR ZD . 14.03 8.16 -7.92
C21 BCR ZD . 13.75 6.96 -8.69
C22 BCR ZD . 12.88 5.98 -8.39
C23 BCR ZD . 13.00 4.74 -9.17
C24 BCR ZD . 12.31 3.61 -8.95
C25 BCR ZD . 12.48 2.37 -9.72
C26 BCR ZD . 12.60 2.36 -11.06
C27 BCR ZD . 12.81 1.19 -11.91
C28 BCR ZD . 13.31 0.01 -11.12
C29 BCR ZD . 12.46 -0.14 -9.89
C30 BCR ZD . 12.53 1.09 -8.98
C35 BCR ZD . 20.22 14.01 -9.21
C36 BCR ZD . 14.69 10.51 -6.41
C37 BCR ZD . 12.13 5.97 -7.12
C38 BCR ZD . 12.54 3.55 -11.93
C39 BCR ZD . 13.77 1.07 -8.11
C40 BCR ZD . 11.34 0.86 -8.07
HC21 BCR ZD . 26.54 20.65 -1.59
HC22 BCR ZD . 26.15 21.85 -2.75
HC31 BCR ZD . 28.42 19.87 -2.95
HC32 BCR ZD . 28.56 21.55 -2.58
HC41 BCR ZD . 28.98 21.22 -4.98
HC42 BCR ZD . 27.62 22.17 -4.78
HC7 BCR ZD . 26.03 17.89 -6.22
HC8 BCR ZD . 23.51 18.62 -4.79
H10C BCR ZD . 22.21 16.53 -5.41
H11C BCR ZD . 21.79 16.13 -8.44
H331 BCR ZD . 26.85 19.82 -7.41
H332 BCR ZD . 28.22 18.96 -6.74
H333 BCR ZD . 28.33 20.68 -7.03
H311 BCR ZD . 23.57 19.68 -3.07
H312 BCR ZD . 23.99 20.84 -4.29
H313 BCR ZD . 24.24 21.22 -2.61
H321 BCR ZD . 24.95 17.86 -3.01
H322 BCR ZD . 25.49 18.71 -1.59
H323 BCR ZD . 26.65 18.05 -2.71
H341 BCR ZD . 23.40 17.32 -8.81
H342 BCR ZD . 24.98 17.17 -8.09
H343 BCR ZD . 24.26 18.74 -8.28
H12C BCR ZD . 20.60 15.05 -5.89
H14C BCR ZD . 18.55 13.80 -6.27
H15C BCR ZD . 18.66 12.02 -8.79
H16C BCR ZD . 16.45 12.61 -6.84
H17C BCR ZD . 17.12 10.37 -8.83
H19C BCR ZD . 15.56 8.66 -9.21
H20C BCR ZD . 13.45 8.42 -7.07
H21C BCR ZD . 14.31 6.87 -9.59
H23C BCR ZD . 13.70 4.75 -9.97
H24C BCR ZD . 11.59 3.61 -8.15
H271 BCR ZD . 13.49 1.40 -12.74
H272 BCR ZD . 11.92 0.92 -12.48
H281 BCR ZD . 14.36 0.17 -10.87
H282 BCR ZD . 13.29 -0.88 -11.74
H291 BCR ZD . 12.76 -1.04 -9.37
H292 BCR ZD . 11.45 -0.34 -10.21
H351 BCR ZD . 20.41 12.97 -9.47
H352 BCR ZD . 21.08 14.59 -9.50
H353 BCR ZD . 19.36 14.34 -9.77
H361 BCR ZD . 13.64 10.61 -6.66
H362 BCR ZD . 15.01 11.46 -6.02
H363 BCR ZD . 14.75 9.79 -5.61
H371 BCR ZD . 11.14 5.56 -7.27
H372 BCR ZD . 12.02 6.98 -6.74
H373 BCR ZD . 12.63 5.37 -6.38
H381 BCR ZD . 12.14 3.31 -12.91
H382 BCR ZD . 13.52 3.99 -12.09
H383 BCR ZD . 11.91 4.33 -11.52
H391 BCR ZD . 14.05 0.05 -7.86
H392 BCR ZD . 13.60 1.60 -7.18
H393 BCR ZD . 14.60 1.52 -8.62
H401 BCR ZD . 11.11 -0.19 -7.97
H402 BCR ZD . 10.47 1.36 -8.45
H403 BCR ZD . 11.54 1.25 -7.09
FE HEC AE . 45.77 -13.76 48.75
CHA HEC AE . 44.66 -17.00 48.32
CHB HEC AE . 45.01 -13.85 51.99
CHC HEC AE . 47.33 -10.72 49.19
CHD HEC AE . 46.32 -13.55 45.38
NA HEC AE . 45.04 -15.18 49.91
C1A HEC AE . 44.53 -16.43 49.57
C2A HEC AE . 43.90 -16.98 50.75
C3A HEC AE . 44.05 -16.11 51.74
C4A HEC AE . 44.73 -14.95 51.24
CMA HEC AE . 43.52 -16.27 53.18
CAA HEC AE . 43.23 -18.35 50.91
CBA HEC AE . 41.74 -18.28 50.58
CGA HEC AE . 41.04 -19.60 50.75
O1A HEC AE . 41.62 -20.65 51.18
O2A HEC AE . 39.82 -19.61 50.40
NB HEC AE . 46.15 -12.52 50.28
C1B HEC AE . 45.72 -12.76 51.56
C2B HEC AE . 46.11 -11.68 52.40
C3B HEC AE . 46.73 -10.79 51.62
C4B HEC AE . 46.78 -11.32 50.29
CMB HEC AE . 45.79 -11.59 53.92
CAB HEC AE . 47.41 -9.47 52.02
CBB HEC AE . 48.36 -9.58 52.96
NC HEC AE . 46.66 -12.43 47.56
C1C HEC AE . 47.18 -11.20 47.91
C2C HEC AE . 47.57 -10.49 46.70
C3C HEC AE . 47.23 -11.27 45.65
C4C HEC AE . 46.71 -12.51 46.17
CMC HEC AE . 48.16 -9.08 46.68
CAC HEC AE . 47.50 -10.96 44.17
CBC HEC AE . 48.76 -10.52 43.87
ND HEC AE . 45.50 -15.02 47.15
C1D HEC AE . 45.87 -14.74 45.85
C2D HEC AE . 45.70 -15.95 45.06
C3D HEC AE . 45.25 -16.87 45.88
C4D HEC AE . 45.11 -16.33 47.20
CMD HEC AE . 46.00 -16.05 43.55
CAD HEC AE . 44.95 -18.32 45.57
CBD HEC AE . 46.17 -19.16 45.93
CGD HEC AE . 45.91 -20.59 45.60
O1D HEC AE . 46.28 -21.04 44.49
O2D HEC AE . 45.32 -21.26 46.48
HHA HEC AE . 44.41 -17.94 48.23
HHB HEC AE . 44.69 -13.83 52.91
HHC HEC AE . 47.85 -9.90 49.33
HHD HEC AE . 46.36 -13.43 44.40
HMA1 HEC AE . 42.55 -16.41 53.16
HMA2 HEC AE . 43.73 -15.47 53.70
HMA3 HEC AE . 43.95 -17.05 53.59
HAA1 HEC AE . 43.34 -18.65 51.82
HAA2 HEC AE . 43.67 -18.98 50.31
HBA1 HEC AE . 41.64 -17.99 49.66
HBA2 HEC AE . 41.32 -17.64 51.17
HMB1 HEC AE . 44.82 -11.58 54.05
HMB2 HEC AE . 46.17 -10.78 54.29
HMB3 HEC AE . 46.17 -12.36 54.37
HAB HEC AE . 47.18 -8.64 51.61
HBB1 HEC AE . 48.83 -8.78 53.27
HBB2 HEC AE . 48.57 -10.43 53.36
HMC1 HEC AE . 47.93 -8.61 47.49
HMC2 HEC AE . 47.81 -8.58 45.91
HMC3 HEC AE . 49.13 -9.13 46.60
HAC HEC AE . 46.82 -11.06 43.50
HBC1 HEC AE . 49.00 -10.31 42.95
HBC2 HEC AE . 49.41 -10.43 44.57
HMD1 HEC AE . 45.87 -16.98 43.26
HMD2 HEC AE . 46.92 -15.77 43.39
HMD3 HEC AE . 45.39 -15.47 43.05
HAD1 HEC AE . 44.75 -18.42 44.63
HAD2 HEC AE . 44.18 -18.62 46.10
HBD1 HEC AE . 46.34 -19.08 46.88
HBD2 HEC AE . 46.94 -18.84 45.43
C1 UNL BE . -3.44 18.39 61.84
C10 UNL BE . 0.28 25.78 55.46
C11 UNL BE . 0.03 27.06 54.65
C12 UNL BE . -1.20 26.88 53.76
C13 UNL BE . -0.91 27.10 52.29
C14 UNL BE . -1.09 28.58 52.01
C15 UNL BE . -1.23 28.86 50.52
C16 UNL BE . -2.57 28.52 49.93
C17 UNL BE . -2.78 29.54 48.83
C18 UNL BE . -4.07 29.24 48.05
C2 UNL BE . -2.28 19.39 62.10
C3 UNL BE . -1.78 20.10 60.82
C4 UNL BE . -0.84 21.29 61.11
C5 UNL BE . -0.32 21.96 59.80
C6 UNL BE . -0.67 23.46 59.70
C7 UNL BE . 0.44 24.34 59.06
C8 UNL BE . 0.28 24.49 57.54
C9 UNL BE . 0.26 25.92 56.99
O1 UNL BE . -3.57 17.78 60.73
O2 UNL BE . -4.28 18.15 62.76
H21 UNL BE . -1.54 18.89 62.50
H22 UNL BE . -2.59 20.06 62.72
H31 UNL BE . -2.53 20.42 60.33
H32 UNL BE . -1.29 19.45 60.29
H41 UNL BE . -0.08 20.98 61.62
H42 UNL BE . -1.32 21.95 61.62
H51 UNL BE . -0.72 21.50 59.04
H52 UNL BE . 0.64 21.86 59.76
H61 UNL BE . -0.84 23.79 60.59
H62 UNL BE . -1.47 23.55 59.16
H71 UNL BE . 1.30 23.95 59.25
H72 UNL BE . 0.40 25.23 59.46
H81 UNL BE . -0.55 24.06 57.29
H82 UNL BE . 1.03 24.01 57.12
H91 UNL BE . 1.04 26.41 57.29
H92 UNL BE . -0.54 26.38 57.27
H101 UNL BE . -0.42 25.15 55.22
H102 UNL BE . 1.15 25.43 55.22
H111 UNL BE . 0.81 27.24 54.10
H112 UNL BE . -0.10 27.80 55.26
H121 UNL BE . -1.88 27.50 54.05
H122 UNL BE . -1.53 25.97 53.88
H131 UNL BE . -1.53 26.58 51.74
H132 UNL BE . 0.00 26.84 52.09
H141 UNL BE . -0.32 29.06 52.36
H142 UNL BE . -1.89 28.89 52.46
H151 UNL BE . -0.55 28.35 50.05
H152 UNL BE . -1.06 29.81 50.38
H161 UNL BE . -3.27 28.59 50.61
H162 UNL BE . -2.57 27.62 49.58
H171 UNL BE . -2.03 29.52 48.22
H172 UNL BE . -2.86 30.43 49.21
H181 UNL BE . -4.20 29.90 47.36
H182 UNL BE . -4.83 29.25 48.66
H183 UNL BE . -4.00 28.36 47.64
C1 BCR CE . 72.19 20.13 48.72
C2 BCR CE . 71.08 19.42 49.45
C3 BCR CE . 70.92 19.89 50.87
C4 BCR CE . 70.74 21.39 50.95
C5 BCR CE . 71.56 22.15 49.96
C6 BCR CE . 72.22 21.62 48.94
C7 BCR CE . 72.97 22.44 47.99
C8 BCR CE . 72.37 23.32 47.19
C9 BCR CE . 72.98 23.94 46.03
C10 BCR CE . 72.36 24.88 45.31
C11 BCR CE . 72.98 25.57 44.19
C33 BCR CE . 71.57 23.61 50.19
C31 BCR CE . 72.04 19.78 47.26
C32 BCR CE . 73.49 19.51 49.19
C34 BCR CE . 74.08 23.18 45.39
C12 BCR CE . 72.33 26.50 43.47
C13 BCR CE . 72.39 26.59 42.03
C14 BCR CE . 71.80 27.63 41.41
C15 BCR CE . 71.99 28.02 40.03
C16 BCR CE . 71.35 29.08 39.53
C17 BCR CE . 71.53 29.43 38.14
C18 BCR CE . 70.78 30.27 37.42
C19 BCR CE . 71.39 31.06 36.36
C20 BCR CE . 70.70 31.86 35.53
C21 BCR CE . 71.36 32.44 34.39
C22 BCR CE . 70.80 33.13 33.38
C23 BCR CE . 71.66 33.66 32.33
C24 BCR CE . 71.22 34.45 31.37
C25 BCR CE . 72.07 35.38 30.63
C26 BCR CE . 72.49 36.51 31.18
C27 BCR CE . 73.36 37.53 30.55
C28 BCR CE . 74.01 37.04 29.28
C29 BCR CE . 73.11 36.13 28.49
C30 BCR CE . 72.46 34.98 29.25
C35 BCR CE . 72.92 25.44 41.28
C36 BCR CE . 69.32 30.27 37.52
C37 BCR CE . 69.36 33.01 33.06
C38 BCR CE . 72.13 36.89 32.56
C39 BCR CE . 73.35 33.76 29.31
C40 BCR CE . 71.27 34.61 28.41
HC21 BCR CE . 71.26 18.35 49.47
HC22 BCR CE . 70.14 19.56 48.93
HC31 BCR CE . 71.78 19.58 51.46
HC32 BCR CE . 70.07 19.39 51.31
HC41 BCR CE . 70.95 21.72 51.96
HC42 BCR CE . 69.69 21.63 50.86
HC7 BCR CE . 74.03 22.32 47.96
HC8 BCR CE . 71.35 23.60 47.42
H10C BCR CE . 71.35 25.15 45.55
H11C BCR CE . 73.99 25.33 43.96
H331 BCR CE . 70.94 24.11 49.47
H332 BCR CE . 72.57 23.99 50.10
H333 BCR CE . 71.21 23.83 51.19
H311 BCR CE . 72.97 19.93 46.73
H312 BCR CE . 71.29 20.40 46.81
H313 BCR CE . 71.74 18.76 47.14
H321 BCR CE . 74.33 20.11 48.88
H322 BCR CE . 73.59 18.52 48.78
H323 BCR CE . 73.50 19.42 50.26
H341 BCR CE . 73.98 23.18 44.32
H342 BCR CE . 74.09 22.15 45.72
H343 BCR CE . 75.04 23.61 45.63
H12C BCR CE . 71.73 27.20 44.01
H14C BCR CE . 71.12 28.23 41.98
H15C BCR CE . 72.64 27.45 39.41
H16C BCR CE . 70.72 29.66 40.16
H17C BCR CE . 72.34 28.94 37.65
H19C BCR CE . 72.45 31.01 36.21
H20C BCR CE . 69.67 32.05 35.72
H21C BCR CE . 72.42 32.30 34.37
H23C BCR CE . 72.70 33.39 32.36
H24C BCR CE . 70.19 34.41 31.12
H271 BCR CE . 74.11 37.91 31.23
H272 BCR CE . 72.81 38.46 30.36
H281 BCR CE . 74.94 36.54 29.55
H282 BCR CE . 74.30 37.92 28.69
H291 BCR CE . 73.69 35.76 27.66
H292 BCR CE . 72.35 36.76 28.02
H351 BCR CE . 72.50 25.41 40.29
H352 BCR CE . 72.67 24.51 41.78
H353 BCR CE . 73.99 25.49 41.18
H361 BCR CE . 68.93 31.26 37.67
H362 BCR CE . 68.97 29.66 38.34
H363 BCR CE . 68.86 29.88 36.62
H371 BCR CE . 68.98 33.97 32.76
H372 BCR CE . 68.81 32.68 33.93
H373 BCR CE . 69.21 32.31 32.26
H381 BCR CE . 72.36 37.93 32.77
H382 BCR CE . 72.65 36.29 33.30
H383 BCR CE . 71.06 36.76 32.76
H391 BCR CE . 73.87 33.61 28.37
H392 BCR CE . 72.76 32.87 29.52
H393 BCR CE . 74.10 33.86 30.09
H401 BCR CE . 71.56 34.41 27.40
H402 BCR CE . 70.53 35.39 28.40
H403 BCR CE . 70.80 33.71 28.80
FE FE2 DE . -22.62 22.35 -35.29
CL CL EE . -26.60 -17.01 -16.79
CL CL FE . -37.81 -25.66 -16.65
C BCT GE . -22.75 24.72 -35.67
O1 BCT GE . -22.30 24.00 -36.59
O2 BCT GE . -22.99 24.43 -34.49
O3 BCT GE . -22.72 26.17 -36.01
HO3 BCT GE . -22.80 26.29 -36.84
MG CLA HE . -25.60 -4.74 -29.36
CHA CLA HE . -27.97 -3.13 -27.50
CHB CLA HE . -24.34 -1.61 -30.40
CHC CLA HE . -22.61 -6.14 -30.18
CHD CLA HE . -26.46 -7.78 -27.60
NA CLA HE . -26.06 -2.72 -29.01
C1A CLA HE . -27.18 -2.29 -28.25
C2A CLA HE . -27.23 -0.77 -28.28
C3A CLA HE . -26.39 -0.40 -29.53
C4A CLA HE . -25.50 -1.64 -29.64
CMA CLA HE . -27.30 -0.14 -30.70
CAA CLA HE . -26.58 -0.28 -27.01
CBA CLA HE . -26.61 1.25 -26.84
CGA CLA HE . -28.01 1.66 -26.41
O1A CLA HE . -28.91 0.91 -26.04
O2A CLA HE . -28.28 2.99 -26.39
NB CLA HE . -23.78 -3.95 -30.16
C1B CLA HE . -23.49 -2.72 -30.57
C2B CLA HE . -22.14 -2.71 -31.25
C3B CLA HE . -21.67 -4.00 -31.18
C4B CLA HE . -22.72 -4.81 -30.50
CMB CLA HE . -21.50 -1.54 -31.85
CAB CLA HE . -20.44 -4.55 -31.65
CBB CLA HE . -19.40 -3.86 -32.11
NC CLA HE . -24.73 -6.62 -28.98
C1C CLA HE . -23.52 -7.00 -29.49
C2C CLA HE . -23.26 -8.40 -29.19
C3C CLA HE . -24.35 -8.89 -28.49
C4C CLA HE . -25.28 -7.76 -28.35
CMC CLA HE . -22.09 -9.21 -29.54
CAC CLA HE . -24.50 -10.28 -28.04
CBC CLA HE . -23.66 -10.69 -26.87
ND CLA HE . -26.88 -5.39 -27.88
C1D CLA HE . -27.23 -6.67 -27.35
C2D CLA HE . -28.42 -6.57 -26.50
C3D CLA HE . -28.70 -5.22 -26.47
C4D CLA HE . -27.74 -4.53 -27.36
CMD CLA HE . -29.08 -7.70 -25.79
CAD CLA HE . -29.57 -4.21 -25.95
OBD CLA HE . -30.45 -4.31 -25.12
CBD CLA HE . -29.15 -2.86 -26.58
CGD CLA HE . -30.37 -2.25 -27.17
O1D CLA HE . -30.80 -2.25 -28.32
O2D CLA HE . -31.04 -1.58 -26.21
CED CLA HE . -32.18 -0.85 -26.69
C1 CLA HE . -29.65 3.36 -26.00
C2 CLA HE . -29.49 4.20 -24.80
C3 CLA HE . -29.58 3.78 -23.54
C4 CLA HE . -29.87 2.36 -23.21
C5 CLA HE . -29.37 4.75 -22.42
C6 CLA HE . -30.63 5.23 -21.69
C7 CLA HE . -30.25 6.27 -20.66
C8 CLA HE . -31.23 6.61 -19.53
C9 CLA HE . -32.57 7.17 -20.01
C10 CLA HE . -30.61 7.69 -18.63
C11 CLA HE . -29.66 7.08 -17.60
C12 CLA HE . -29.10 8.15 -16.69
C13 CLA HE . -27.96 7.67 -15.80
C14 CLA HE . -28.45 6.53 -14.95
C15 CLA HE . -27.45 8.75 -14.88
C16 CLA HE . -26.45 9.68 -15.51
C17 CLA HE . -26.20 10.81 -14.53
C18 CLA HE . -24.78 11.26 -14.55
C19 CLA HE . -24.66 12.52 -15.40
C20 CLA HE . -24.32 11.49 -13.14
HHB CLA HE . -24.05 -0.67 -30.90
HHC CLA HE . -21.69 -6.66 -30.50
HHD CLA HE . -26.80 -8.76 -27.19
H2A CLA HE . -28.29 -0.40 -28.40
H3A CLA HE . -25.71 0.48 -29.39
HMA1 CLA HE . -26.82 0.60 -31.40
HMA2 CLA HE . -28.27 0.29 -30.36
HMA3 CLA HE . -27.50 -1.07 -31.27
HAA1 CLA HE . -25.52 -0.63 -26.97
HAA2 CLA HE . -27.11 -0.74 -26.12
HBA1 CLA HE . -26.37 1.75 -27.81
HBA2 CLA HE . -25.86 1.58 -26.08
HMB1 CLA HE . -21.16 -1.77 -32.89
HMB2 CLA HE . -20.61 -1.22 -31.24
HMB3 CLA HE . -22.23 -0.68 -31.90
HAB CLA HE . -20.41 -5.66 -31.61
HBB1 CLA HE . -19.37 -2.78 -32.17
HBB2 CLA HE . -18.47 -4.36 -32.46
HMC1 CLA HE . -22.17 -10.24 -29.12
HMC2 CLA HE . -21.15 -8.74 -29.14
HMC3 CLA HE . -21.98 -9.30 -30.66
HAC1 CLA HE . -24.27 -10.96 -28.91
HAC2 CLA HE . -25.58 -10.46 -27.78
HBC1 CLA HE . -23.54 -11.81 -26.86
HBC2 CLA HE . -24.14 -10.37 -25.91
HBC3 CLA HE . -22.65 -10.23 -26.94
HMD1 CLA HE . -30.16 -7.79 -26.12
HMD2 CLA HE . -29.06 -7.56 -24.69
HMD3 CLA HE . -28.56 -8.67 -26.04
HBD CLA HE . -28.76 -2.14 -25.83
HED1 CLA HE . -32.73 -0.56 -25.77
HED2 CLA HE . -32.72 -1.58 -27.33
HED3 CLA HE . -31.72 0.01 -27.25
H11 CLA HE . -30.24 2.43 -25.80
H12 CLA HE . -30.13 3.92 -26.85
H2 CLA HE . -29.29 5.26 -25.02
H41 CLA HE . -29.60 2.12 -22.16
H42 CLA HE . -29.31 1.66 -23.87
H43 CLA HE . -30.96 2.13 -23.33
H51 CLA HE . -28.84 5.65 -22.85
H52 CLA HE . -28.68 4.28 -21.67
H61 CLA HE . -31.14 4.36 -21.19
H62 CLA HE . -31.37 5.67 -22.41
H71 CLA HE . -30.01 7.22 -21.21
H72 CLA HE . -29.29 5.93 -20.18
H8 CLA HE . -31.43 5.65 -18.99
H91 CLA HE . -33.17 7.55 -19.14
H92 CLA HE . -33.16 6.37 -20.52
H93 CLA HE . -32.41 8.01 -20.73
H101 CLA HE . -31.43 8.25 -18.10
H102 CLA HE . -30.06 8.43 -19.26
H111 CLA HE . -28.83 6.55 -18.13
H112 CLA HE . -30.22 6.31 -17.00
H121 CLA HE . -29.94 8.54 -16.05
H122 CLA HE . -28.74 9.01 -17.32
H13 CLA HE . -27.13 7.35 -16.48
H141 CLA HE . -27.74 6.34 -14.10
H142 CLA HE . -28.53 5.58 -15.54
H143 CLA HE . -29.45 6.75 -14.51
H151 CLA HE . -26.98 8.29 -13.97
H152 CLA HE . -28.31 9.37 -14.49
H161 CLA HE . -26.84 10.07 -16.48
H162 CLA HE . -25.50 9.14 -15.73
H171 CLA HE . -26.46 10.48 -13.49
H172 CLA HE . -26.88 11.68 -14.77
H18 CLA HE . -24.13 10.48 -15.02
H191 CLA HE . -23.58 12.81 -15.50
H192 CLA HE . -25.21 13.36 -14.93
H193 CLA HE . -25.07 12.34 -16.43
H201 CLA HE . -23.23 11.74 -13.12
H202 CLA HE . -24.48 10.57 -12.52
H203 CLA HE . -24.87 12.33 -12.67
MG CLA IE . -19.42 -4.03 -39.78
CHA CLA IE . -22.79 -3.55 -39.36
CHB CLA IE . -19.51 -2.39 -42.76
CHC CLA IE . -15.91 -3.59 -39.78
CHD CLA IE . -19.17 -4.81 -36.29
NA CLA IE . -20.91 -3.24 -40.88
C1A CLA IE . -22.27 -3.08 -40.52
C2A CLA IE . -23.05 -2.38 -41.64
C3A CLA IE . -22.01 -2.40 -42.80
C4A CLA IE . -20.70 -2.67 -42.10
CMA CLA IE . -22.18 -3.53 -43.78
CAA CLA IE . -23.43 -0.99 -41.19
CBA CLA IE . -22.23 -0.20 -40.70
CGA CLA IE . -22.57 1.25 -40.54
O1A CLA IE . -23.68 1.79 -40.53
O2A CLA IE . -21.45 2.04 -40.42
NB CLA IE . -17.97 -3.17 -41.06
C1B CLA IE . -18.23 -2.61 -42.26
C2B CLA IE . -16.96 -2.34 -42.98
C3B CLA IE . -15.95 -2.69 -42.14
C4B CLA IE . -16.56 -3.21 -40.89
CMB CLA IE . -16.87 -1.73 -44.30
CAB CLA IE . -14.56 -2.57 -42.37
CBB CLA IE . -13.79 -3.61 -42.62
NC CLA IE . -17.80 -4.08 -38.25
C1C CLA IE . -16.47 -3.95 -38.50
C2C CLA IE . -15.70 -4.29 -37.30
C3C CLA IE . -16.62 -4.63 -36.33
C4C CLA IE . -17.94 -4.51 -36.93
CMC CLA IE . -14.23 -4.26 -37.16
CAC CLA IE . -16.33 -5.00 -34.94
CBC CLA IE . -15.76 -6.38 -34.84
ND CLA IE . -20.64 -4.11 -38.14
C1D CLA IE . -20.44 -4.62 -36.83
C2D CLA IE . -21.75 -4.96 -36.24
C3D CLA IE . -22.67 -4.58 -37.19
C4D CLA IE . -21.94 -4.03 -38.32
CMD CLA IE . -21.96 -5.60 -34.96
CAD CLA IE . -24.08 -4.57 -37.57
OBD CLA IE . -25.03 -5.13 -37.06
CBD CLA IE . -24.19 -3.81 -38.90
CGD CLA IE . -24.81 -4.76 -39.84
O1D CLA IE . -24.52 -5.93 -39.93
O2D CLA IE . -25.77 -4.33 -40.66
CED CLA IE . -26.01 -5.33 -41.64
C1 CLA IE . -21.67 3.43 -40.09
C2 CLA IE . -21.29 4.16 -41.32
C3 CLA IE . -22.10 4.86 -42.11
C4 CLA IE . -23.56 5.05 -41.89
C5 CLA IE . -21.51 5.51 -43.30
C6 CLA IE . -21.83 4.81 -44.61
C7 CLA IE . -21.17 3.44 -44.68
C8 CLA IE . -21.77 2.56 -45.77
C9 CLA IE . -21.82 1.13 -45.28
C10 CLA IE . -20.98 2.64 -47.07
C11 CLA IE . -21.85 2.81 -48.31
C12 CLA IE . -21.26 2.13 -49.53
C13 CLA IE . -21.63 2.87 -50.81
C14 CLA IE . -23.13 2.91 -50.95
C15 CLA IE . -20.99 2.27 -52.06
C16 CLA IE . -20.19 3.30 -52.86
C17 CLA IE . -20.96 4.58 -53.11
C18 CLA IE . -20.52 5.37 -54.33
C19 CLA IE . -21.12 4.77 -55.59
C20 CLA IE . -20.94 6.82 -54.18
HHB CLA IE . -19.57 -1.95 -43.78
HHC CLA IE . -14.81 -3.64 -39.82
HHD CLA IE . -19.12 -5.23 -35.27
H2A CLA IE . -23.98 -2.95 -41.92
H3A CLA IE . -22.06 -1.39 -43.29
HMA1 CLA IE . -21.53 -3.41 -44.67
HMA2 CLA IE . -23.23 -3.60 -44.13
HMA3 CLA IE . -21.92 -4.51 -43.30
HAA1 CLA IE . -24.18 -1.05 -40.37
HAA2 CLA IE . -23.90 -0.44 -42.04
HBA1 CLA IE . -21.38 -0.30 -41.43
HBA2 CLA IE . -21.88 -0.61 -39.71
HMB1 CLA IE . -15.80 -1.57 -44.58
HMB2 CLA IE . -17.40 -0.74 -44.31
HMB3 CLA IE . -17.35 -2.39 -45.07
HAB CLA IE . -14.15 -1.54 -42.32
HBB1 CLA IE . -14.22 -4.63 -42.65
HBB2 CLA IE . -12.72 -3.54 -42.80
HMC1 CLA IE . -13.91 -4.66 -36.17
HMC2 CLA IE . -13.84 -3.21 -37.25
HMC3 CLA IE . -13.74 -4.87 -37.96
HAC1 CLA IE . -17.28 -4.94 -34.33
HAC2 CLA IE . -15.61 -4.26 -34.49
HBC1 CLA IE . -15.49 -6.61 -33.78
HBC2 CLA IE . -14.85 -6.47 -35.48
HBC3 CLA IE . -16.51 -7.13 -35.18
HMD1 CLA IE . -23.05 -5.78 -34.77
HMD2 CLA IE . -21.58 -4.94 -34.13
HMD3 CLA IE . -21.42 -6.57 -34.91
HBD CLA IE . -24.77 -2.85 -38.77
HED1 CLA IE . -26.72 -4.87 -42.36
HED2 CLA IE . -26.44 -6.18 -41.05
HED3 CLA IE . -24.99 -5.54 -42.07
H11 CLA IE . -21.03 3.71 -39.21
H12 CLA IE . -22.75 3.59 -39.81
H2 CLA IE . -20.22 4.08 -41.56
H41 CLA IE . -24.04 5.64 -42.72
H42 CLA IE . -23.77 5.61 -40.94
H43 CLA IE . -24.11 4.08 -41.81
H51 CLA IE . -20.39 5.55 -43.17
H52 CLA IE . -21.88 6.57 -43.36
H61 CLA IE . -21.48 5.44 -45.47
H62 CLA IE . -22.94 4.69 -44.72
H71 CLA IE . -21.27 2.95 -43.68
H72 CLA IE . -20.08 3.59 -44.87
H8 CLA IE . -22.81 2.92 -45.99
H91 CLA IE . -22.58 0.55 -45.87
H92 CLA IE . -22.12 1.10 -44.20
H93 CLA IE . -20.83 0.64 -45.39
H101 CLA IE . -20.37 1.69 -47.20
H102 CLA IE . -20.26 3.48 -47.02
H111 CLA IE . -21.97 3.91 -48.50
H112 CLA IE . -22.87 2.40 -48.09
H121 CLA IE . -21.64 1.07 -49.57
H122 CLA IE . -20.15 2.08 -49.42
H13 CLA IE . -21.23 3.92 -50.71
H141 CLA IE . -23.42 3.21 -51.99
H142 CLA IE . -23.58 3.65 -50.24
H143 CLA IE . -23.58 1.91 -50.73
H151 CLA IE . -21.79 1.85 -52.73
H152 CLA IE . -20.31 1.44 -51.79
H161 CLA IE . -19.90 2.86 -53.85
H162 CLA IE . -19.24 3.54 -52.32
H171 CLA IE . -20.87 5.25 -52.20
H172 CLA IE . -22.05 4.34 -53.22
H18 CLA IE . -19.40 5.33 -54.42
H191 CLA IE . -20.73 5.30 -56.49
H192 CLA IE . -22.23 4.87 -55.56
H193 CLA IE . -20.86 3.69 -55.67
H201 CLA IE . -20.65 7.40 -55.09
H202 CLA IE . -20.44 7.29 -53.30
H203 CLA IE . -22.04 6.90 -54.04
CHA PHO JE . -29.39 12.35 -22.41
CHB PHO JE . -26.92 8.69 -20.58
CHC PHO JE . -26.80 6.72 -25.00
CHD PHO JE . -28.98 10.51 -27.05
NA PHO JE . -28.09 10.46 -21.81
C1A PHO JE . -28.78 11.63 -21.46
C2A PHO JE . -28.70 11.88 -19.95
C3A PHO JE . -27.61 10.90 -19.51
C4A PHO JE . -27.55 9.97 -20.71
CMA PHO JE . -26.26 11.55 -19.30
CAA PHO JE . -30.00 11.59 -19.24
CBA PHO JE . -30.09 12.37 -17.94
CGA PHO JE . -31.20 11.86 -17.07
O1A PHO JE . -32.15 11.13 -17.38
O2A PHO JE . -31.10 12.29 -15.77
NB PHO JE . -27.08 8.02 -22.93
C1B PHO JE . -26.76 7.80 -21.58
C2B PHO JE . -26.19 6.41 -21.46
C3B PHO JE . -26.15 5.89 -22.71
C4B PHO JE . -26.70 6.90 -23.67
CMB PHO JE . -25.74 5.79 -20.21
CAB PHO JE . -25.65 4.63 -23.19
CBB PHO JE . -25.62 3.45 -22.58
NC PHO JE . -27.92 8.77 -25.65
C1C PHO JE . -27.35 7.61 -25.94
C2C PHO JE . -27.35 7.29 -27.40
C3C PHO JE . -27.93 8.38 -28.00
C4C PHO JE . -28.31 9.33 -26.91
CMC PHO JE . -26.81 6.06 -27.98
CAC PHO JE . -28.27 8.63 -29.42
CBC PHO JE . -29.74 8.45 -29.63
ND PHO JE . -28.86 11.11 -24.63
C1D PHO JE . -29.27 11.37 -25.96
C2D PHO JE . -30.02 12.59 -25.95
C3D PHO JE . -30.10 13.00 -24.59
C4D PHO JE . -29.37 12.05 -23.82
CMD PHO JE . -30.64 13.24 -27.11
CAD PHO JE . -30.64 14.00 -23.71
OBD PHO JE . -31.31 15.00 -23.94
CBD PHO JE . -30.21 13.60 -22.26
CGD PHO JE . -29.49 14.77 -21.69
O1D PHO JE . -29.93 15.54 -20.86
O2D PHO JE . -28.20 14.93 -22.19
CED PHO JE . -27.28 15.73 -21.45
C1 PHO JE . -32.11 11.84 -14.85
C2 PHO JE . -31.58 10.77 -13.97
C3 PHO JE . -30.64 11.02 -13.08
C4 PHO JE . -30.06 12.39 -12.97
C5 PHO JE . -30.09 10.04 -12.12
C6 PHO JE . -30.63 8.64 -12.27
C7 PHO JE . -30.00 7.75 -11.25
C8 PHO JE . -30.55 6.35 -11.20
C9 PHO JE . -31.64 6.24 -10.15
C10 PHO JE . -29.40 5.38 -10.91
C11 PHO JE . -29.80 3.95 -10.65
C12 PHO JE . -30.51 3.29 -11.83
C13 PHO JE . -29.71 3.13 -13.11
C14 PHO JE . -30.67 2.74 -14.24
C15 PHO JE . -28.56 2.15 -12.87
C16 PHO JE . -27.77 1.70 -14.08
C17 PHO JE . -26.49 0.96 -13.70
C18 PHO JE . -25.71 0.67 -14.99
C19 PHO JE . -26.46 -0.27 -15.93
C20 PHO JE . -24.34 0.08 -14.67
HHB PHO JE . -26.52 8.44 -19.57
HHC PHO JE . -26.41 5.78 -25.42
HHD PHO JE . -29.32 10.82 -28.05
H2A PHO JE . -28.38 12.95 -19.76
H3A PHO JE . -27.92 10.37 -18.57
HMA1 PHO JE . -25.55 10.85 -18.79
HMA2 PHO JE . -26.34 12.47 -18.68
HMA3 PHO JE . -25.80 11.84 -20.28
HAA1 PHO JE . -30.08 10.49 -19.02
HAA2 PHO JE . -30.87 11.87 -19.90
HBA1 PHO JE . -30.28 13.46 -18.13
HBA2 PHO JE . -29.13 12.29 -17.36
HMB1 PHO JE . -26.13 4.75 -20.13
HMB2 PHO JE . -26.10 6.38 -19.32
HMB3 PHO JE . -24.61 5.75 -20.17
HAB PHO JE . -25.24 4.70 -24.22
HBB1 PHO JE . -26.03 3.28 -21.57
HBB2 PHO JE . -25.21 2.57 -23.06
HMC1 PHO JE . -25.70 6.05 -27.92
HMC2 PHO JE . -27.11 5.97 -29.06
HMC3 PHO JE . -27.20 5.17 -27.44
HAC1 PHO JE . -27.69 7.92 -30.08
HAC2 PHO JE . -27.96 9.67 -29.71
HBC1 PHO JE . -30.03 8.83 -30.64
HBC2 PHO JE . -30.32 9.01 -28.86
HBC3 PHO JE . -30.01 7.37 -29.57
HMD1 PHO JE . -30.49 14.35 -27.07
HMD2 PHO JE . -31.74 13.04 -27.14
HMD3 PHO JE . -30.19 12.86 -28.07
HBD PHO JE . -31.10 13.38 -21.62
HED1 PHO JE . -26.57 16.23 -22.16
HED2 PHO JE . -26.72 15.10 -20.73
HED3 PHO JE . -27.85 16.52 -20.90
H11 PHO JE . -32.98 11.47 -15.46
H12 PHO JE . -32.43 12.73 -14.25
H2 PHO JE . -32.02 9.76 -14.10
H41 PHO JE . -29.37 12.47 -12.10
H42 PHO JE . -30.86 13.16 -12.85
H43 PHO JE . -29.47 12.65 -13.89
H51 PHO JE . -30.30 10.42 -11.08
H52 PHO JE . -28.97 10.04 -12.23
H61 PHO JE . -30.42 8.25 -13.30
H62 PHO JE . -31.74 8.63 -12.14
H71 PHO JE . -30.13 8.21 -10.23
H72 PHO JE . -28.89 7.69 -11.45
H8 PHO JE . -30.99 6.07 -12.20
H91 PHO JE . -32.11 5.23 -10.17
H92 PHO JE . -32.43 7.02 -10.33
H93 PHO JE . -31.21 6.41 -9.13
H101 PHO JE . -28.84 5.78 -10.03
H102 PHO JE . -28.69 5.40 -11.79
H111 PHO JE . -30.48 3.91 -9.75
H112 PHO JE . -28.89 3.35 -10.39
H121 PHO JE . -31.43 3.90 -12.06
H122 PHO JE . -30.86 2.27 -11.49
H13 PHO JE . -29.21 4.09 -13.43
H141 PHO JE . -30.17 2.10 -14.98
H142 PHO JE . -31.05 3.65 -14.75
H143 PHO JE . -31.55 2.18 -13.82
H151 PHO JE . -28.97 1.23 -12.37
H152 PHO JE . -27.84 2.62 -12.15
H161 PHO JE . -27.52 2.59 -14.70
H162 PHO JE . -28.42 1.03 -14.71
H171 PHO JE . -26.75 -0.01 -13.17
H172 PHO JE . -25.89 1.57 -13.00
H18 PHO JE . -25.56 1.66 -15.49
H191 PHO JE . -25.75 -0.74 -16.64
H192 PHO JE . -27.22 0.31 -16.52
H193 PHO JE . -26.98 -1.06 -15.36
H201 PHO JE . -23.85 -0.26 -15.62
H202 PHO JE . -24.44 -0.80 -13.99
H203 PHO JE . -23.69 0.85 -14.19
HNB PHO JE . -27.50 8.84 -23.29
HND PHO JE . -28.28 10.34 -24.36
MG CLA KE . -42.15 5.82 -4.16
CHA CLA KE . -43.02 2.46 -4.10
CHB CLA KE . -43.99 6.20 -6.95
CHC CLA KE . -42.09 9.24 -3.72
CHD CLA KE . -40.84 5.50 -0.92
NA CLA KE . -43.32 4.51 -5.33
C1A CLA KE . -43.53 3.14 -5.18
C2A CLA KE . -44.36 2.60 -6.31
C3A CLA KE . -44.24 3.71 -7.36
C4A CLA KE . -43.87 4.90 -6.49
CMA CLA KE . -43.14 3.36 -8.31
CAA CLA KE . -45.85 2.44 -5.93
CBA CLA KE . -46.36 3.35 -4.83
CGA CLA KE . -47.76 2.90 -4.54
O1A CLA KE . -48.19 1.76 -4.37
O2A CLA KE . -48.65 3.90 -4.53
NB CLA KE . -42.88 7.37 -5.11
C1B CLA KE . -43.64 7.33 -6.24
C2B CLA KE . -44.04 8.70 -6.66
C3B CLA KE . -43.50 9.56 -5.75
C4B CLA KE . -42.74 8.74 -4.78
CMB CLA KE . -44.87 8.97 -7.84
CAB CLA KE . -43.59 11.01 -5.66
CBB CLA KE . -43.52 11.83 -6.69
NC CLA KE . -41.57 7.11 -2.66
C1C CLA KE . -41.54 8.46 -2.71
C2C CLA KE . -40.87 9.03 -1.55
C3C CLA KE . -40.54 7.97 -0.75
C4C CLA KE . -40.97 6.78 -1.44
CMC CLA KE . -40.67 10.44 -1.27
CAC CLA KE . -39.85 8.01 0.56
CBC CLA KE . -40.79 8.06 1.71
ND CLA KE . -41.96 4.41 -2.84
C1D CLA KE . -41.32 4.39 -1.56
C2D CLA KE . -41.22 3.04 -1.06
C3D CLA KE . -41.80 2.23 -2.04
C4D CLA KE . -42.28 3.15 -3.10
CMD CLA KE . -40.60 2.72 0.20
CAD CLA KE . -42.16 0.91 -2.43
OBD CLA KE . -41.89 -0.18 -1.94
CBD CLA KE . -42.96 1.00 -3.74
CGD CLA KE . -42.14 0.23 -4.71
O1D CLA KE . -41.26 0.69 -5.45
O2D CLA KE . -42.40 -1.10 -4.79
CED CLA KE . -41.83 -1.73 -5.93
C1 CLA KE . -49.68 3.73 -5.53
C2 CLA KE . -50.44 5.00 -5.53
C3 CLA KE . -51.50 5.25 -4.77
C4 CLA KE . -52.08 4.26 -3.82
C5 CLA KE . -52.15 6.58 -4.86
C6 CLA KE . -52.65 6.92 -6.26
C7 CLA KE . -53.19 8.35 -6.33
C8 CLA KE . -54.70 8.48 -6.08
C9 CLA KE . -55.22 9.67 -6.87
C10 CLA KE . -55.05 8.62 -4.58
C11 CLA KE . -55.75 7.39 -4.00
C12 CLA KE . -56.17 7.54 -2.53
C13 CLA KE . -55.25 6.82 -1.54
C14 CLA KE . -55.46 5.32 -1.66
C15 CLA KE . -55.46 7.39 -0.12
C16 CLA KE . -54.40 6.94 0.88
C17 CLA KE . -54.93 6.28 2.17
C18 CLA KE . -55.84 5.05 1.96
C19 CLA KE . -56.94 5.03 3.00
C20 CLA KE . -55.12 3.70 1.93
HHB CLA KE . -44.41 6.35 -7.96
HHC CLA KE . -41.98 10.33 -3.61
HHD CLA KE . -40.32 5.38 0.05
H2A CLA KE . -43.94 1.62 -6.61
H3A CLA KE . -45.19 3.93 -7.91
HMA1 CLA KE . -43.21 3.98 -9.23
HMA2 CLA KE . -43.20 2.29 -8.61
HMA3 CLA KE . -42.14 3.54 -7.85
HAA1 CLA KE . -46.02 1.38 -5.61
HAA2 CLA KE . -46.47 2.62 -6.85
HBA1 CLA KE . -46.37 4.42 -5.16
HBA2 CLA KE . -45.73 3.26 -3.91
HMB1 CLA KE . -44.91 10.07 -8.06
HMB2 CLA KE . -45.91 8.60 -7.67
HMB3 CLA KE . -44.45 8.44 -8.73
HAB CLA KE . -43.73 11.39 -4.63
HBB1 CLA KE . -43.37 11.48 -7.72
HBB2 CLA KE . -43.59 12.93 -6.59
HMC1 CLA KE . -40.34 10.60 -0.21
HMC2 CLA KE . -41.61 11.02 -1.43
HMC3 CLA KE . -39.88 10.86 -1.94
HAC1 CLA KE . -39.18 8.92 0.61
HAC2 CLA KE . -39.19 7.12 0.67
HBC1 CLA KE . -40.32 8.59 2.58
HBC2 CLA KE . -41.06 7.02 2.02
HBC3 CLA KE . -41.72 8.60 1.42
HMD1 CLA KE . -41.01 1.75 0.61
HMD2 CLA KE . -40.79 3.52 0.96
HMD3 CLA KE . -39.49 2.60 0.09
HBD CLA KE . -44.03 0.63 -3.65
HED1 CLA KE . -42.42 -2.69 -6.02
HED2 CLA KE . -40.76 -1.87 -5.65
HED3 CLA KE . -42.01 -1.00 -6.76
H11 CLA KE . -50.32 2.85 -5.26
H12 CLA KE . -49.19 3.53 -6.52
H2 CLA KE . -50.06 5.75 -6.24
H41 CLA KE . -52.74 4.76 -3.06
H42 CLA KE . -51.28 3.73 -3.25
H43 CLA KE . -52.70 3.50 -4.35
H51 CLA KE . -51.42 7.37 -4.54
H52 CLA KE . -53.01 6.62 -4.14
H61 CLA KE . -53.48 6.21 -6.55
H62 CLA KE . -51.83 6.80 -7.00
H71 CLA KE . -52.94 8.77 -7.34
H72 CLA KE . -52.62 8.97 -5.57
H8 CLA KE . -55.21 7.54 -6.41
H91 CLA KE . -56.26 9.91 -6.56
H92 CLA KE . -55.22 9.43 -7.96
H93 CLA KE . -54.57 10.55 -6.71
H101 CLA KE . -55.70 9.50 -4.44
H102 CLA KE . -54.10 8.80 -4.00
H111 CLA KE . -55.07 6.51 -4.09
H112 CLA KE . -56.66 7.17 -4.61
H121 CLA KE . -57.21 7.17 -2.42
H122 CLA KE . -56.18 8.64 -2.28
H13 CLA KE . -54.16 6.99 -1.77
H141 CLA KE . -54.52 4.77 -1.44
H142 CLA KE . -55.79 5.05 -2.69
H143 CLA KE . -56.24 4.97 -0.95
H151 CLA KE . -56.47 7.08 0.26
H152 CLA KE . -55.46 8.51 -0.15
H161 CLA KE . -53.78 7.82 1.18
H162 CLA KE . -53.73 6.20 0.38
H171 CLA KE . -55.52 7.04 2.75
H172 CLA KE . -54.05 5.97 2.80
H18 CLA KE . -56.25 5.17 0.92
H191 CLA KE . -57.57 4.11 2.87
H192 CLA KE . -57.60 5.93 2.88
H193 CLA KE . -56.51 5.03 4.03
H201 CLA KE . -55.87 2.86 1.89
H202 CLA KE . -54.50 3.56 2.85
H203 CLA KE . -54.46 3.62 1.04
C1 BCR LE . -40.19 19.75 -4.82
C2 BCR LE . -41.36 20.66 -5.20
C3 BCR LE . -42.68 20.14 -4.71
C4 BCR LE . -42.63 20.07 -3.21
C5 BCR LE . -41.45 19.30 -2.76
C6 BCR LE . -40.35 19.11 -3.48
C7 BCR LE . -39.24 18.34 -2.98
C8 BCR LE . -39.33 17.02 -2.73
C9 BCR LE . -38.20 16.21 -2.32
C10 BCR LE . -38.32 14.87 -2.22
C11 BCR LE . -37.31 14.01 -1.62
C33 BCR LE . -41.63 18.70 -1.41
C31 BCR LE . -38.96 20.64 -4.88
C32 BCR LE . -40.05 18.69 -5.88
C34 BCR LE . -36.91 16.91 -2.19
C12 BCR LE . -37.45 12.66 -1.60
C13 BCR LE . -36.45 11.71 -1.14
C14 BCR LE . -36.77 10.42 -1.00
C15 BCR LE . -35.82 9.36 -0.79
C16 BCR LE . -36.17 8.08 -0.90
C17 BCR LE . -35.40 7.02 -0.30
C18 BCR LE . -35.67 5.70 -0.40
C19 BCR LE . -34.63 4.78 0.01
C20 BCR LE . -34.85 3.49 0.28
C21 BCR LE . -33.76 2.66 0.74
C22 BCR LE . -33.83 1.34 1.01
C23 BCR LE . -32.59 0.66 1.37
C24 BCR LE . -32.52 -0.41 2.15
C25 BCR LE . -31.31 -1.21 2.39
C26 BCR LE . -30.58 -1.77 1.42
C27 BCR LE . -29.37 -2.59 1.61
C28 BCR LE . -28.78 -2.53 2.99
C29 BCR LE . -29.88 -2.53 4.01
C30 BCR LE . -30.95 -1.47 3.82
C35 BCR LE . -35.18 12.17 -0.53
C36 BCR LE . -37.05 5.16 -0.59
C37 BCR LE . -35.13 0.72 1.38
C38 BCR LE . -30.84 -1.61 -0.03
C39 BCR LE . -30.54 -0.17 4.48
C40 BCR LE . -32.13 -2.00 4.63
HC21 BCR LE . -41.41 20.77 -6.28
HC22 BCR LE . -41.21 21.66 -4.82
HC31 BCR LE . -42.88 19.16 -5.14
HC32 BCR LE . -43.48 20.77 -5.05
HC41 BCR LE . -43.56 19.66 -2.83
HC42 BCR LE . -42.66 21.07 -2.79
HC7 BCR LE . -38.31 18.84 -2.79
HC8 BCR LE . -40.28 16.56 -2.84
H10C BCR LE . -39.20 14.39 -2.57
H11C BCR LE . -36.44 14.45 -1.20
H331 BCR LE . -40.83 18.99 -0.76
H332 BCR LE . -41.63 17.62 -1.49
H333 BCR LE . -42.57 19.00 -0.98
H311 BCR LE . -38.08 20.06 -5.12
H312 BCR LE . -38.80 21.12 -3.94
H313 BCR LE . -39.08 21.39 -5.63
H321 BCR LE . -39.16 18.11 -5.71
H322 BCR LE . -39.99 19.14 -6.85
H323 BCR LE . -40.90 18.02 -5.87
H341 BCR LE . -36.10 16.21 -2.03
H342 BCR LE . -36.92 17.60 -1.37
H343 BCR LE . -36.68 17.48 -3.09
H12C BCR LE . -38.38 12.27 -1.97
H14C BCR LE . -37.80 10.13 -1.04
H15C BCR LE . -34.81 9.61 -0.54
H16C BCR LE . -37.05 7.84 -1.46
H17C BCR LE . -34.56 7.32 0.27
H19C BCR LE . -33.62 5.13 0.11
H20C BCR LE . -35.82 3.09 0.16
H21C BCR LE . -32.82 3.15 0.87
H23C BCR LE . -31.69 1.07 0.96
H24C BCR LE . -33.41 -0.71 2.65
H271 BCR LE . -28.60 -2.34 0.88
H272 BCR LE . -29.54 -3.63 1.32
H281 BCR LE . -28.16 -1.65 3.06
H282 BCR LE . -28.11 -3.38 3.12
H291 BCR LE . -29.41 -2.43 4.98
H292 BCR LE . -30.31 -3.52 4.02
H351 BCR LE . -34.91 11.52 0.29
H352 BCR LE . -35.29 13.18 -0.15
H353 BCR LE . -34.39 12.16 -1.27
H361 BCR LE . -37.08 4.36 -1.31
H362 BCR LE . -37.73 5.93 -0.94
H363 BCR LE . -37.46 4.78 0.33
H371 BCR LE . -35.11 -0.34 1.17
H372 BCR LE . -35.93 1.16 0.81
H373 BCR LE . -35.33 0.86 2.43
H381 BCR LE . -30.54 -2.49 -0.59
H382 BCR LE . -30.30 -0.76 -0.44
H383 BCR LE . -31.89 -1.44 -0.24
H391 BCR LE . -30.12 -0.35 5.47
H392 BCR LE . -31.38 0.50 4.58
H393 BCR LE . -29.78 0.33 3.89
H401 BCR LE . -31.80 -2.36 5.59
H402 BCR LE . -32.61 -2.81 4.11
H403 BCR LE . -32.86 -1.23 4.78
C2 PL9 ME . -20.91 17.66 -43.48
C3 PL9 ME . -20.71 17.78 -42.13
C4 PL9 ME . -20.34 19.08 -41.56
C5 PL9 ME . -20.20 20.23 -42.49
C6 PL9 ME . -20.41 20.05 -43.84
C1 PL9 ME . -20.77 18.76 -44.36
C7 PL9 ME . -20.89 16.53 -41.31
C8 PL9 ME . -20.58 15.22 -42.03
C9 PL9 ME . -21.51 14.27 -42.27
C10 PL9 ME . -22.93 14.39 -41.93
C11 PL9 ME . -21.18 13.20 -43.25
C12 PL9 ME . -22.10 13.35 -44.49
C13 PL9 ME . -21.71 12.24 -45.36
C14 PL9 ME . -22.46 11.90 -46.38
C15 PL9 ME . -23.56 12.81 -46.81
C16 PL9 ME . -22.55 10.48 -46.87
C17 PL9 ME . -21.19 9.74 -46.96
C18 PL9 ME . -21.27 8.65 -48.02
C19 PL9 ME . -21.17 8.77 -49.36
C20 PL9 ME . -21.90 9.81 -50.14
C21 PL9 ME . -20.59 7.64 -50.13
C22 PL9 ME . -19.06 7.77 -50.28
C23 PL9 ME . -18.42 6.42 -50.22
C24 PL9 ME . -17.20 6.23 -50.68
C25 PL9 ME . -16.04 6.74 -49.94
C26 PL9 ME . -17.03 6.20 -52.15
C27 PL9 ME . -16.79 4.77 -52.68
C28 PL9 ME . -15.30 4.59 -53.07
C29 PL9 ME . -14.94 3.86 -54.13
C30 PL9 ME . -15.92 2.89 -54.68
C31 PL9 ME . -13.91 4.33 -55.16
C32 PL9 ME . -13.82 3.54 -56.51
C33 PL9 ME . -13.10 4.44 -57.49
C34 PL9 ME . -13.38 4.52 -58.81
C35 PL9 ME . -14.76 4.71 -59.31
C36 PL9 ME . -12.24 4.27 -59.80
C37 PL9 ME . -12.38 5.03 -61.18
C38 PL9 ME . -11.10 5.83 -61.43
C39 PL9 ME . -11.01 7.12 -61.08
C40 PL9 ME . -11.88 7.60 -60.00
C41 PL9 ME . -9.96 8.11 -61.68
C42 PL9 ME . -8.87 7.44 -62.56
C43 PL9 ME . -7.85 6.77 -61.70
C44 PL9 ME . -6.65 7.25 -61.35
C45 PL9 ME . -6.04 8.52 -61.88
C46 PL9 ME . -5.68 6.40 -60.65
C47 PL9 ME . -4.53 5.96 -61.57
C48 PL9 ME . -4.25 4.51 -61.29
C49 PL9 ME . -4.64 3.50 -62.07
C50 PL9 ME . -5.79 3.74 -62.96
C51 PL9 ME . -4.19 2.08 -61.94
C52 PL9 ME . -19.83 21.53 -41.96
C53 PL9 ME . -20.31 21.13 -44.79
O1 PL9 ME . -20.16 19.17 -40.35
O2 PL9 ME . -20.98 18.53 -45.55
HC2 PL9 ME . -21.18 16.74 -43.92
HC71 PL9 ME . -21.90 16.46 -40.90
HC72 PL9 ME . -20.24 16.57 -40.40
HC8 PL9 ME . -19.60 15.06 -42.35
H101 PL9 ME . -23.48 13.46 -42.08
H102 PL9 ME . -23.44 15.15 -42.51
H103 PL9 ME . -23.08 14.65 -40.89
H111 PL9 ME . -21.33 12.21 -42.83
H112 PL9 ME . -20.14 13.25 -43.57
H121 PL9 ME . -21.91 14.32 -44.94
H122 PL9 ME . -23.13 13.30 -44.18
H13 PL9 ME . -20.82 11.72 -45.17
H151 PL9 ME . -23.88 12.61 -47.83
H152 PL9 ME . -23.27 13.86 -46.74
H153 PL9 ME . -24.45 12.69 -46.17
H161 PL9 ME . -23.00 10.46 -47.86
H162 PL9 ME . -23.19 9.90 -46.22
H171 PL9 ME . -20.96 9.34 -45.99
H172 PL9 ME . -20.42 10.47 -47.19
H18 PL9 ME . -21.42 7.69 -47.62
H201 PL9 ME . -21.65 9.80 -51.20
H202 PL9 ME . -21.69 10.82 -49.78
H203 PL9 ME . -22.99 9.70 -50.08
H211 PL9 ME . -21.00 7.56 -51.13
H212 PL9 ME . -20.78 6.69 -49.66
H221 PL9 ME . -18.70 8.40 -49.48
H222 PL9 ME . -18.85 8.26 -51.22
H23 PL9 ME . -18.95 5.61 -49.81
H251 PL9 ME . -15.26 7.15 -50.59
H252 PL9 ME . -15.54 5.98 -49.34
H253 PL9 ME . -16.29 7.54 -49.24
H261 PL9 ME . -16.20 6.81 -52.50
H262 PL9 ME . -17.88 6.59 -52.69
H271 PL9 ME . -17.46 4.61 -53.50
H272 PL9 ME . -17.10 4.10 -51.90
H28 PL9 ME . -14.59 5.07 -52.47
H301 PL9 ME . -15.42 2.03 -55.13
H302 PL9 ME . -16.54 3.35 -55.46
H303 PL9 ME . -16.59 2.52 -53.90
H311 PL9 ME . -12.91 4.30 -54.73
H312 PL9 ME . -14.09 5.37 -55.43
H321 PL9 ME . -14.82 3.31 -56.85
H322 PL9 ME . -13.28 2.61 -56.35
H33 PL9 ME . -12.32 5.03 -57.11
H351 PL9 ME . -14.82 4.67 -60.39
H352 PL9 ME . -15.17 5.68 -59.02
H353 PL9 ME . -15.45 3.96 -58.94
H361 PL9 ME . -12.14 3.22 -60.05
H362 PL9 ME . -11.28 4.58 -59.40
H371 PL9 ME . -13.25 5.67 -61.14
H372 PL9 ME . -12.54 4.31 -61.97
H38 PL9 ME . -10.30 5.34 -61.89
H401 PL9 ME . -11.53 8.56 -59.62
H402 PL9 ME . -11.89 6.87 -59.19
H403 PL9 ME . -12.90 7.72 -60.39
H411 PL9 ME . -9.44 8.64 -60.89
H412 PL9 ME . -10.44 8.86 -62.29
H421 PL9 ME . -8.42 8.21 -63.18
H422 PL9 ME . -9.35 6.74 -63.22
H43 PL9 ME . -8.10 5.81 -61.36
H451 PL9 ME . -5.06 8.75 -61.46
H452 PL9 ME . -6.63 9.41 -61.70
H453 PL9 ME . -5.88 8.52 -62.95
H461 PL9 ME . -6.15 5.51 -60.25
H462 PL9 ME . -5.24 6.93 -59.80
H471 PL9 ME . -3.65 6.57 -61.39
H472 PL9 ME . -4.82 6.10 -62.61
H48 PL9 ME . -3.72 4.30 -60.39
H501 PL9 ME . -6.26 2.80 -63.31
H502 PL9 ME . -5.52 4.30 -63.87
H503 PL9 ME . -6.59 4.31 -62.47
H511 PL9 ME . -4.54 1.45 -62.76
H512 PL9 ME . -4.55 1.61 -61.02
H513 PL9 ME . -3.11 1.99 -61.92
H521 PL9 ME . -20.41 22.38 -42.39
H522 PL9 ME . -18.77 21.82 -42.13
H523 PL9 ME . -19.97 21.64 -40.86
H531 PL9 ME . -20.41 20.82 -45.84
H532 PL9 ME . -19.36 21.67 -44.76
H533 PL9 ME . -21.07 21.91 -44.67
MG CLA NE . -24.29 0.28 -20.39
CHA CLA NE . -20.72 0.49 -20.62
CHB CLA NE . -24.25 2.92 -18.18
CHC CLA NE . -27.64 0.47 -20.67
CHD CLA NE . -24.11 -2.18 -22.95
NA CLA NE . -22.67 1.39 -19.44
C1A CLA NE . -21.30 1.40 -19.77
C2A CLA NE . -20.61 2.54 -19.01
C3A CLA NE . -21.69 3.02 -17.98
C4A CLA NE . -22.98 2.41 -18.56
CMA CLA NE . -21.41 2.64 -16.55
CAA CLA NE . -20.31 3.72 -19.91
CBA CLA NE . -21.47 4.08 -20.83
CGA CLA NE . -21.28 5.36 -21.57
O1A CLA NE . -20.32 6.12 -21.57
O2A CLA NE . -22.41 5.66 -22.32
NB CLA NE . -25.73 1.53 -19.55
C1B CLA NE . -25.52 2.49 -18.63
C2B CLA NE . -26.86 3.00 -18.19
C3B CLA NE . -27.81 2.31 -18.89
C4B CLA NE . -27.08 1.37 -19.80
CMB CLA NE . -27.02 4.05 -17.20
CAB CLA NE . -29.25 2.40 -18.95
CBB CLA NE . -30.11 2.66 -17.98
NC CLA NE . -25.61 -0.57 -21.70
C1C CLA NE . -26.97 -0.42 -21.58
C2C CLA NE . -27.64 -1.41 -22.42
C3C CLA NE . -26.67 -2.21 -22.95
C4C CLA NE . -25.37 -1.67 -22.53
CMC CLA NE . -29.09 -1.58 -22.59
CAC CLA NE . -26.88 -3.38 -23.83
CBC CLA NE . -27.49 -4.47 -23.02
ND CLA NE . -22.75 -0.70 -21.56
C1D CLA NE . -22.87 -1.75 -22.48
C2D CLA NE . -21.51 -2.21 -22.85
C3D CLA NE . -20.63 -1.37 -22.16
C4D CLA NE . -21.48 -0.44 -21.38
CMD CLA NE . -21.24 -3.29 -23.78
CAD CLA NE . -19.25 -1.05 -21.86
OBD CLA NE . -18.24 -1.63 -22.22
CBD CLA NE . -19.29 0.16 -20.87
CGD CLA NE . -18.78 -0.23 -19.52
O1D CLA NE . -19.16 -1.19 -18.85
O2D CLA NE . -17.91 0.64 -18.96
CED CLA NE . -17.58 0.37 -17.61
C1 CLA NE . -22.47 6.84 -23.19
C2 CLA NE . -23.03 7.90 -22.35
C3 CLA NE . -22.29 8.86 -21.75
C4 CLA NE . -20.81 8.97 -21.86
C5 CLA NE . -22.99 9.85 -20.91
C6 CLA NE . -22.63 9.70 -19.42
C7 CLA NE . -23.28 8.48 -18.76
C8 CLA NE . -22.60 8.09 -17.45
C9 CLA NE . -21.15 7.63 -17.63
C10 CLA NE . -23.42 6.99 -16.84
C11 CLA NE . -22.96 6.56 -15.47
C12 CLA NE . -24.01 5.65 -14.84
C13 CLA NE . -23.67 5.19 -13.43
C14 CLA NE . -24.58 4.07 -12.98
C15 CLA NE . -23.76 6.40 -12.55
C16 CLA NE . -24.54 6.26 -11.27
C17 CLA NE . -24.23 7.48 -10.42
C18 CLA NE . -25.48 8.20 -10.02
C19 CLA NE . -25.05 9.37 -9.20
C20 CLA NE . -26.37 7.32 -9.15
HHB CLA NE . -24.26 3.74 -17.45
HHC CLA NE . -28.75 0.40 -20.71
HHD CLA NE . -24.11 -2.98 -23.71
H2A CLA NE . -19.68 2.12 -18.54
H3A CLA NE . -21.79 4.14 -18.00
HMA1 CLA NE . -21.81 3.39 -15.85
HMA2 CLA NE . -20.31 2.54 -16.37
HMA3 CLA NE . -21.88 1.65 -16.31
HAA1 CLA NE . -19.41 3.49 -20.53
HAA2 CLA NE . -20.06 4.61 -19.28
HBA1 CLA NE . -22.41 4.15 -20.21
HBA2 CLA NE . -21.62 3.24 -21.57
HMB1 CLA NE . -28.08 4.09 -16.85
HMB2 CLA NE . -26.75 5.05 -17.65
HMB3 CLA NE . -26.36 3.87 -16.33
HAB CLA NE . -29.65 2.23 -19.97
HBB1 CLA NE . -29.78 2.84 -16.95
HBB2 CLA NE . -31.18 2.71 -18.16
HMC1 CLA NE . -29.31 -2.35 -23.38
HMC2 CLA NE . -29.58 -0.62 -22.88
HMC3 CLA NE . -29.56 -1.93 -21.63
HAC1 CLA NE . -25.92 -3.72 -24.29
HAC2 CLA NE . -27.56 -3.10 -24.69
HBC1 CLA NE . -27.99 -5.21 -23.70
HBC2 CLA NE . -28.25 -4.05 -22.32
HBC3 CLA NE . -26.71 -5.00 -22.43
HMD1 CLA NE . -20.33 -3.86 -23.46
HMD2 CLA NE . -21.06 -2.89 -24.80
HMD3 CLA NE . -22.11 -4.00 -23.82
HBD CLA NE . -18.69 0.96 -21.37
HED1 CLA NE . -16.71 1.04 -17.40
HED2 CLA NE . -17.33 -0.72 -17.61
HED3 CLA NE . -18.52 0.62 -17.05
H11 CLA NE . -23.13 6.61 -24.08
H12 CLA NE . -21.44 7.09 -23.56
H2 CLA NE . -24.13 7.87 -22.23
H41 CLA NE . -20.47 10.01 -21.63
H42 CLA NE . -20.46 8.72 -22.89
H43 CLA NE . -20.30 8.28 -21.15
H51 CLA NE . -24.09 9.74 -21.04
H52 CLA NE . -22.71 10.89 -21.25
H61 CLA NE . -22.96 10.61 -18.87
H62 CLA NE . -21.53 9.61 -19.32
H71 CLA NE . -23.24 7.62 -19.48
H72 CLA NE . -24.35 8.70 -18.57
H8 CLA NE . -22.55 8.99 -16.77
H91 CLA NE . -20.71 7.33 -16.65
H92 CLA NE . -20.53 8.44 -18.07
H93 CLA NE . -21.10 6.75 -18.32
H101 CLA NE . -23.38 6.10 -17.52
H102 CLA NE . -24.49 7.32 -16.77
H111 CLA NE . -22.80 7.47 -14.82
H112 CLA NE . -21.97 6.03 -15.54
H121 CLA NE . -24.14 4.76 -15.51
H122 CLA NE . -24.99 6.19 -14.84
H13 CLA NE . -22.63 4.76 -13.38
H141 CLA NE . -24.21 3.63 -12.02
H142 CLA NE . -24.61 3.26 -13.75
H143 CLA NE . -25.61 4.45 -12.82
H151 CLA NE . -24.23 7.24 -13.13
H152 CLA NE . -22.72 6.73 -12.28
H161 CLA NE . -24.22 5.32 -10.72
H162 CLA NE . -25.63 6.17 -11.47
H171 CLA NE . -23.59 8.19 -11.00
H172 CLA NE . -23.67 7.18 -9.51
H18 CLA NE . -26.08 8.48 -10.93
H191 CLA NE . -25.93 9.84 -8.70
H192 CLA NE . -24.56 10.13 -9.86
H193 CLA NE . -24.31 9.04 -8.43
H201 CLA NE . -27.32 7.85 -8.90
H202 CLA NE . -25.85 7.05 -8.20
H203 CLA NE . -26.63 6.37 -9.69
O6 SQD OE . -33.95 19.00 -46.77
C44 SQD OE . -35.12 19.04 -45.96
C45 SQD OE . -35.08 17.90 -44.94
C46 SQD OE . -36.46 17.31 -44.68
O47 SQD OE . -34.09 16.96 -45.35
C7 SQD OE . -32.74 17.22 -44.98
O49 SQD OE . -32.46 17.91 -44.01
C8 SQD OE . -31.65 16.46 -45.71
C9 SQD OE . -31.30 15.26 -44.85
C10 SQD OE . -32.38 14.21 -45.06
C11 SQD OE . -32.35 13.18 -43.93
C12 SQD OE . -33.23 12.01 -44.30
C13 SQD OE . -34.47 11.94 -43.37
C14 SQD OE . -34.17 11.48 -41.93
C15 SQD OE . -33.23 10.28 -41.91
C16 SQD OE . -33.72 9.23 -40.92
C17 SQD OE . -33.12 7.87 -41.33
C18 SQD OE . -32.16 7.35 -40.26
C19 SQD OE . -31.64 5.99 -40.68
C20 SQD OE . -31.38 5.13 -39.46
C21 SQD OE . -29.87 4.91 -39.30
C22 SQD OE . -29.65 3.64 -38.49
O48 SQD OE . -36.42 15.89 -44.52
C23 SQD OE . -37.09 15.07 -45.48
O10 SQD OE . -37.17 15.43 -46.65
C24 SQD OE . -38.05 13.99 -45.03
C25 SQD OE . -37.51 12.61 -45.40
C26 SQD OE . -37.55 12.41 -46.92
C27 SQD OE . -38.96 11.97 -47.34
C28 SQD OE . -39.20 10.48 -47.03
C29 SQD OE . -39.30 9.72 -48.36
C30 SQD OE . -39.69 8.26 -48.11
C31 SQD OE . -39.29 7.44 -49.35
C32 SQD OE . -40.07 6.11 -49.45
C33 SQD OE . -40.79 6.04 -50.78
C34 SQD OE . -41.47 4.68 -50.96
C35 SQD OE . -41.48 4.25 -52.42
C36 SQD OE . -41.96 2.81 -52.56
C37 SQD OE . -41.30 2.13 -53.74
C38 SQD OE . -41.95 2.59 -55.01
C1 SQD OE . -33.62 20.24 -47.34
C2 SQD OE . -32.31 20.43 -48.07
O2 SQD OE . -31.27 19.71 -47.53
C3 SQD OE . -32.11 21.93 -47.97
O3 SQD OE . -30.98 22.31 -48.61
C4 SQD OE . -33.28 22.69 -48.52
O4 SQD OE . -33.19 23.97 -47.98
C5 SQD OE . -34.61 22.07 -48.20
C6 SQD OE . -35.74 22.49 -49.11
O5 SQD OE . -34.61 20.67 -48.22
S SQD OE . -37.29 22.07 -48.30
O7 SQD OE . -37.79 20.78 -48.76
O8 SQD OE . -37.15 22.18 -46.85
O9 SQD OE . -38.36 22.93 -48.72
H441 SQD OE . -35.91 18.94 -46.52
H442 SQD OE . -35.16 19.88 -45.49
H45 SQD OE . -34.84 18.25 -44.07
H461 SQD OE . -37.03 17.51 -45.43
H462 SQD OE . -36.82 17.70 -43.87
H81 SQD OE . -30.87 17.03 -45.83
H82 SQD OE . -31.97 16.17 -46.58
H91 SQD OE . -31.28 15.52 -43.92
H92 SQD OE . -30.43 14.91 -45.11
H101 SQD OE . -32.22 13.76 -45.91
H102 SQD OE . -33.25 14.64 -45.09
H111 SQD OE . -32.67 13.60 -43.11
H112 SQD OE . -31.43 12.87 -43.79
H121 SQD OE . -32.73 11.19 -44.20
H122 SQD OE . -33.53 12.11 -45.21
H131 SQD OE . -35.11 11.32 -43.76
H132 SQD OE . -34.86 12.83 -43.32
H141 SQD OE . -35.00 11.25 -41.50
H142 SQD OE . -33.75 12.21 -41.45
H151 SQD OE . -32.34 10.57 -41.66
H152 SQD OE . -33.20 9.88 -42.79
H161 SQD OE . -34.68 9.19 -40.92
H162 SQD OE . -33.42 9.45 -40.02
H171 SQD OE . -32.64 7.97 -42.17
H172 SQD OE . -33.84 7.23 -41.45
H181 SQD OE . -32.63 7.27 -39.42
H182 SQD OE . -31.43 7.97 -40.16
H191 SQD OE . -30.81 6.10 -41.18
H192 SQD OE . -32.29 5.55 -41.26
H201 SQD OE . -31.82 4.27 -39.58
H202 SQD OE . -31.73 5.56 -38.68
H211 SQD OE . -29.48 5.66 -38.83
H212 SQD OE . -29.46 4.81 -40.17
H221 SQD OE . -28.72 3.38 -38.55
H222 SQD OE . -30.22 2.93 -38.84
H223 SQD OE . -29.88 3.81 -37.56
H241 SQD OE . -38.91 14.12 -45.46
H242 SQD OE . -38.16 14.05 -44.07
H251 SQD OE . -38.05 11.93 -44.96
H252 SQD OE . -36.59 12.54 -45.09
H261 SQD OE . -36.91 11.72 -47.17
H262 SQD OE . -37.32 13.23 -47.36
H271 SQD OE . -39.07 12.12 -48.29
H272 SQD OE . -39.62 12.50 -46.86
H281 SQD OE . -40.02 10.38 -46.54
H282 SQD OE . -38.45 10.14 -46.51
H291 SQD OE . -38.44 9.75 -48.81
H292 SQD OE . -39.96 10.14 -48.91
H301 SQD OE . -40.64 8.19 -47.96
H302 SQD OE . -39.22 7.92 -47.33
H311 SQD OE . -38.34 7.24 -49.31
H312 SQD OE . -39.47 7.96 -50.15
H321 SQD OE . -40.71 6.06 -48.72
H322 SQD OE . -39.44 5.36 -49.38
H331 SQD OE . -40.15 6.17 -51.51
H332 SQD OE . -41.47 6.73 -50.82
H341 SQD OE . -42.38 4.73 -50.63
H342 SQD OE . -40.98 4.01 -50.45
H351 SQD OE . -40.59 4.33 -52.79
H352 SQD OE . -42.09 4.84 -52.91
H361 SQD OE . -42.92 2.81 -52.69
H362 SQD OE . -41.74 2.34 -51.75
H371 SQD OE . -41.40 1.17 -53.65
H372 SQD OE . -40.36 2.35 -53.75
H381 SQD OE . -41.67 2.01 -55.75
H382 SQD OE . -41.67 3.51 -55.20
H383 SQD OE . -42.92 2.55 -54.92
H1 SQD OE . -33.53 20.72 -46.51
H2 SQD OE . -32.28 20.09 -48.97
HO2 SQD OE . -31.57 19.03 -47.13
H3 SQD OE . -31.98 22.14 -47.03
HO3 SQD OE . -30.82 23.13 -48.44
H4 SQD OE . -33.22 22.74 -49.49
HO4 SQD OE . -33.46 24.53 -48.54
H5 SQD OE . -34.84 22.46 -47.34
H61 SQD OE . -35.66 22.00 -49.96
H62 SQD OE . -35.70 23.44 -49.28
HO8 SQD OE . -36.79 21.47 -46.54
O6 SQD PE . -32.56 28.76 -4.71
C44 SQD PE . -31.31 28.30 -5.21
C45 SQD PE . -31.41 26.77 -5.36
C46 SQD PE . -32.23 26.49 -6.62
O47 SQD PE . -30.17 26.04 -5.31
C7 SQD PE . -30.11 24.72 -4.72
O49 SQD PE . -30.17 23.68 -5.35
C8 SQD PE . -30.26 24.50 -3.22
C9 SQD PE . -30.25 22.98 -2.96
C10 SQD PE . -30.28 22.73 -1.45
C11 SQD PE . -31.39 21.73 -1.04
C12 SQD PE . -32.01 22.05 0.33
C13 SQD PE . -31.87 20.87 1.34
C14 SQD PE . -33.18 20.58 2.09
C15 SQD PE . -33.01 20.53 3.62
C16 SQD PE . -34.12 19.70 4.29
C17 SQD PE . -34.27 19.99 5.79
C18 SQD PE . -33.79 18.79 6.66
C19 SQD PE . -34.79 17.62 6.68
C20 SQD PE . -34.15 16.34 7.24
C21 SQD PE . -34.33 16.14 8.74
C22 SQD PE . -34.28 17.41 9.56
O48 SQD PE . -33.40 25.80 -6.27
C23 SQD PE . -33.85 24.63 -6.97
O10 SQD PE . -34.52 24.85 -7.95
C24 SQD PE . -32.97 23.37 -6.92
C25 SQD PE . -33.70 22.10 -7.35
C26 SQD PE . -32.96 20.82 -6.82
C27 SQD PE . -32.79 19.66 -7.84
C28 SQD PE . -32.61 18.25 -7.19
C29 SQD PE . -31.96 17.23 -8.19
C30 SQD PE . -32.31 15.74 -7.98
C31 SQD PE . -31.30 14.81 -8.69
C32 SQD PE . -31.20 13.40 -8.07
C33 SQD PE . -30.11 12.52 -8.73
C34 SQD PE . -28.70 12.80 -8.13
H441 SQD PE . -30.61 28.53 -4.57
H442 SQD PE . -31.12 28.71 -6.07
H45 SQD PE . -31.90 26.45 -4.59
H461 SQD PE . -31.70 25.93 -7.23
H462 SQD PE . -32.45 27.32 -7.06
H81 SQD PE . -31.10 24.89 -2.91
H82 SQD PE . -29.53 24.93 -2.75
H91 SQD PE . -29.44 22.60 -3.36
H92 SQD PE . -31.03 22.57 -3.38
H101 SQD PE . -30.43 23.57 -1.01
H102 SQD PE . -29.41 22.38 -1.19
H111 SQD PE . -31.00 20.84 -1.00
H112 SQD PE . -32.09 21.75 -1.71
H121 SQD PE . -32.95 22.25 0.21
H122 SQD PE . -31.55 22.82 0.71
H131 SQD PE . -31.18 21.09 1.98
H132 SQD PE . -31.62 20.08 0.84
H141 SQD PE . -33.54 19.73 1.80
H142 SQD PE . -33.83 21.28 1.88
H151 SQD PE . -33.04 21.44 3.98
H152 SQD PE . -32.15 20.14 3.83
H161 SQD PE . -33.92 18.75 4.17
H162 SQD PE . -34.96 19.89 3.85
H171 SQD PE . -35.20 20.17 5.99
H172 SQD PE . -33.74 20.76 6.02
H181 SQD PE . -33.65 19.11 7.56
H182 SQD PE . -32.95 18.48 6.29
H191 SQD PE . -35.11 17.45 5.79
H192 SQD PE . -35.54 17.87 7.25
H201 SQD PE . -33.20 16.38 7.05
H202 SQD PE . -34.56 15.59 6.78
H211 SQD PE . -33.63 15.55 9.06
H212 SQD PE . -35.19 15.72 8.89
H221 SQD PE . -34.33 17.19 10.50
H222 SQD PE . -35.02 17.98 9.33
H223 SQD PE . -33.45 17.87 9.39
H241 SQD PE . -32.67 23.25 -6.02
H242 SQD PE . -32.22 23.51 -7.51
H251 SQD PE . -33.73 22.05 -8.31
H252 SQD PE . -34.60 22.11 -7.00
H261 SQD PE . -33.47 20.48 -6.05
H262 SQD PE . -32.09 21.09 -6.52
H271 SQD PE . -32.02 19.85 -8.38
H272 SQD PE . -33.59 19.63 -8.40
H281 SQD PE . -33.48 17.91 -6.93
H282 SQD PE . -32.04 18.33 -6.41
H291 SQD PE . -31.00 17.32 -8.12
H292 SQD PE . -32.24 17.48 -9.09
H301 SQD PE . -33.20 15.56 -8.34
H302 SQD PE . -32.31 15.54 -7.03
H311 SQD PE . -30.42 15.21 -8.65
H312 SQD PE . -31.56 14.70 -9.62
H321 SQD PE . -32.05 12.96 -8.17
H322 SQD PE . -30.99 13.50 -7.13
H331 SQD PE . -30.09 12.71 -9.67
H332 SQD PE . -30.33 11.60 -8.58
C1A DGD QE . -35.42 -5.56 10.57
C2A DGD QE . -36.50 -5.32 9.48
C3A DGD QE . -37.92 -5.10 10.12
C4A DGD QE . -38.78 -4.09 9.31
C5A DGD QE . -39.57 -3.11 10.24
C6A DGD QE . -40.69 -2.37 9.47
C7A DGD QE . -40.17 -0.92 9.15
C8A DGD QE . -39.30 -0.94 7.90
C9A DGD QE . -39.55 0.32 7.05
CAA DGD QE . -38.24 0.77 6.29
CBA DGD QE . -38.63 1.79 5.12
CCA DGD QE . -37.42 2.49 4.63
CDA DGD QE . -37.79 3.64 3.70
CEA DGD QE . -37.04 4.90 4.17
CFA DGD QE . -37.26 6.12 3.23
CGA DGD QE . -36.81 7.43 3.99
CHA DGD QE . -35.95 8.39 3.12
CIA DGD QE . -36.46 9.85 3.37
O1A DGD QE . -35.62 -5.60 11.78
C1B DGD QE . -34.42 -2.50 9.57
C2B DGD QE . -34.94 -1.06 9.26
C3B DGD QE . -33.94 -0.07 8.67
C4B DGD QE . -34.63 0.75 7.59
C5B DGD QE . -33.61 1.78 7.21
C6B DGD QE . -34.15 2.57 6.00
C7B DGD QE . -32.96 2.97 5.17
C8B DGD QE . -33.21 4.33 4.57
C9B DGD QE . -31.95 4.61 3.74
CAB DGD QE . -31.34 5.94 4.20
CBB DGD QE . -32.14 7.08 3.52
CCB DGD QE . -31.22 8.37 3.45
CDB DGD QE . -32.19 9.54 3.17
CEB DGD QE . -31.43 10.84 2.98
CFB DGD QE . -32.52 11.98 3.15
CGB DGD QE . -32.15 13.24 2.34
CHB DGD QE . -32.71 14.54 3.04
CIB DGD QE . -32.87 15.74 2.04
O1B DGD QE . -34.71 -3.02 10.63
O1G DGD QE . -34.13 -5.10 10.18
C1G DGD QE . -33.38 -5.57 9.09
C2G DGD QE . -33.03 -4.34 8.17
O2G DGD QE . -33.28 -2.97 8.72
C3G DGD QE . -31.47 -4.45 7.85
O3G DGD QE . -31.29 -5.77 7.34
HA21 DGD QE . -36.49 -6.19 8.78
HA22 DGD QE . -36.18 -4.45 8.86
HA31 DGD QE . -37.82 -4.75 11.17
HA32 DGD QE . -38.46 -6.07 10.20
HA41 DGD QE . -39.47 -4.63 8.64
HA42 DGD QE . -38.12 -3.51 8.62
HA51 DGD QE . -38.88 -2.39 10.73
HA52 DGD QE . -40.00 -3.67 11.10
HA61 DGD QE . -41.62 -2.36 10.06
HA62 DGD QE . -40.97 -2.93 8.56
HA71 DGD QE . -39.64 -0.52 10.04
HA72 DGD QE . -41.05 -0.24 9.05
HA81 DGD QE . -39.49 -1.89 7.34
HA82 DGD QE . -38.23 -1.06 8.19
HA91 DGD QE . -39.94 1.13 7.70
HA92 DGD QE . -40.38 0.13 6.33
HAT1 DGD QE . -37.69 -0.12 5.90
HAT2 DGD QE . -37.50 1.22 7.01
HAE1 DGD QE . -39.40 2.49 5.48
HAE2 DGD QE . -39.14 1.24 4.30
HAW1 DGD QE . -36.72 1.81 4.10
HAW2 DGD QE . -36.81 2.90 5.47
HAH1 DGD QE . -38.89 3.84 3.68
HAH2 DGD QE . -37.56 3.44 2.63
HAF1 DGD QE . -35.95 4.67 4.27
HAF2 DGD QE . -37.35 5.16 5.21
HAN1 DGD QE . -38.32 6.21 2.90
HAN2 DGD QE . -36.70 6.00 2.28
HAS1 DGD QE . -36.23 7.16 4.90
HAS2 DGD QE . -37.69 7.98 4.38
HAV1 DGD QE . -36.02 8.10 2.05
HAV2 DGD QE . -34.87 8.27 3.37
HAG1 DGD QE . -36.15 10.52 2.55
HAG2 DGD QE . -36.06 10.26 4.30
HAG3 DGD QE . -37.56 9.89 3.43
HB21 DGD QE . -35.35 -0.64 10.21
HB22 DGD QE . -35.81 -1.15 8.59
HB31 DGD QE . -33.05 -0.61 8.26
HB32 DGD QE . -33.50 0.57 9.46
HB41 DGD QE . -35.58 1.21 7.94
HB42 DGD QE . -34.96 0.14 6.72
HB51 DGD QE . -32.62 1.33 7.01
HB52 DGD QE . -33.37 2.46 8.07
HB61 DGD QE . -34.74 3.47 6.25
HB62 DGD QE . -34.86 2.00 5.36
HB71 DGD QE . -32.72 2.26 4.36
HB72 DGD QE . -32.02 3.00 5.75
HB81 DGD QE . -33.40 5.07 5.36
HB82 DGD QE . -34.15 4.32 3.97
HB91 DGD QE . -32.20 4.63 2.65
HB92 DGD QE . -31.23 3.77 3.83
HBT1 DGD QE . -30.26 6.05 3.94
HBT2 DGD QE . -31.37 6.07 5.30
HBE1 DGD QE . -33.08 7.30 4.07
HBE2 DGD QE . -32.49 6.78 2.51
HBW1 DGD QE . -30.44 8.25 2.67
HBW2 DGD QE . -30.65 8.49 4.40
HBH1 DGD QE . -32.93 9.65 4.01
HBH2 DGD QE . -32.82 9.31 2.29
HBF1 DGD QE . -30.94 10.86 1.98
HBF2 DGD QE . -30.59 10.92 3.70
HBN1 DGD QE . -32.66 12.21 4.22
HBN2 DGD QE . -33.51 11.59 2.86
HBS1 DGD QE . -32.52 13.11 1.31
HBS2 DGD QE . -31.04 13.26 2.21
HBV1 DGD QE . -32.05 14.79 3.90
HBV2 DGD QE . -33.66 14.27 3.55
HBG1 DGD QE . -32.76 16.71 2.51
HBG2 DGD QE . -33.85 15.74 1.56
HBG3 DGD QE . -32.14 15.71 1.23
HG11 DGD QE . -33.93 -6.31 8.46
HG12 DGD QE . -32.42 -6.05 9.38
HG2 DGD QE . -33.68 -4.47 7.26
HG31 DGD QE . -30.87 -4.25 8.77
HG32 DGD QE . -31.16 -3.66 7.12
C1 UNL RE . -41.60 30.57 -3.14
C10 UNL RE . -38.51 20.96 0.75
C2 UNL RE . -40.80 29.33 -2.73
C3 UNL RE . -41.72 28.11 -2.58
C4 UNL RE . -40.94 26.79 -2.68
C5 UNL RE . -41.35 25.79 -1.57
C6 UNL RE . -41.18 24.30 -1.96
C7 UNL RE . -39.80 23.77 -1.57
C8 UNL RE . -39.87 22.74 -0.43
C9 UNL RE . -38.75 21.71 -0.58
O1 UNL RE . -42.87 30.48 -3.16
O2 UNL RE . -40.99 31.65 -3.46
H21 UNL RE . -40.35 29.50 -1.89
H22 UNL RE . -40.14 29.14 -3.41
H31 UNL RE . -42.40 28.13 -3.27
H32 UNL RE . -42.15 28.15 -1.71
H41 UNL RE . -39.99 26.97 -2.61
H42 UNL RE . -41.12 26.38 -3.55
H51 UNL RE . -42.27 25.94 -1.35
H52 UNL RE . -40.79 25.96 -0.79
H61 UNL RE . -41.29 24.21 -2.92
H62 UNL RE . -41.86 23.78 -1.51
H71 UNL RE . -39.24 24.50 -1.29
H72 UNL RE . -39.40 23.34 -2.35
H81 UNL RE . -40.73 22.28 -0.46
H82 UNL RE . -39.79 23.20 0.42
H91 UNL RE . -37.93 22.16 -0.84
H92 UNL RE . -38.99 21.06 -1.26
O1 OEX SE . -34.95 -18.22 -20.91
CA1 OEX SE . -35.02 -15.95 -20.31
MN1 OEX SE . -33.16 -18.75 -20.62
O2 OEX SE . -35.53 -17.64 -18.54
MN2 OEX SE . -35.67 -19.22 -19.55
O3 OEX SE . -33.83 -19.27 -18.99
MN3 OEX SE . -34.03 -17.97 -17.62
O4 OEX SE . -33.98 -16.68 -16.16
MN4 OEX SE . -32.97 -15.45 -17.03
O5 OEX SE . -33.06 -16.64 -18.87
O1 OEY TE . -34.96 -18.19 -20.90
CA1 OEY TE . -35.02 -15.96 -20.36
MN1 OEY TE . -33.15 -18.75 -20.63
O2 OEY TE . -35.58 -17.66 -18.54
MN2 OEY TE . -35.62 -19.18 -19.55
O3 OEY TE . -33.79 -19.30 -19.01
MN3 OEY TE . -34.02 -17.95 -17.52
O4 OEY TE . -34.04 -16.64 -16.00
MN4 OEY TE . -33.09 -15.37 -16.78
O5 OEY TE . -33.11 -16.58 -18.71
O6 OEY TE . -32.84 -16.97 -20.73
O6 SQD UE . 15.85 28.41 -11.47
C44 SQD UE . 15.12 27.36 -12.11
C45 SQD UE . 14.42 26.49 -11.05
C46 SQD UE . 13.15 27.21 -10.60
O47 SQD UE . 14.25 25.10 -11.42
C7 SQD UE . 13.69 24.63 -12.64
O49 SQD UE . 13.09 25.40 -13.38
C8 SQD UE . 13.21 23.18 -12.62
C9 SQD UE . 11.91 23.15 -11.82
C10 SQD UE . 11.45 21.71 -11.55
C11 SQD UE . 12.43 20.94 -10.66
C12 SQD UE . 12.01 19.49 -10.41
C13 SQD UE . 12.89 18.51 -11.19
C14 SQD UE . 12.90 17.13 -10.52
C15 SQD UE . 14.18 16.93 -9.69
C16 SQD UE . 14.86 15.59 -9.99
C17 SQD UE . 15.53 15.66 -11.36
C18 SQD UE . 16.81 14.81 -11.38
C19 SQD UE . 16.65 13.64 -12.35
C20 SQD UE . 17.57 12.55 -11.90
C21 SQD UE . 18.67 12.37 -12.93
C22 SQD UE . 18.05 11.67 -14.12
O48 SQD UE . 13.30 27.53 -9.23
C23 SQD UE . 12.61 26.76 -8.25
O10 SQD UE . 11.52 27.14 -7.83
C24 SQD UE . 13.01 25.33 -7.98
C25 SQD UE . 11.87 24.58 -7.27
C26 SQD UE . 12.25 23.07 -7.16
C27 SQD UE . 12.06 22.58 -5.72
C28 SQD UE . 12.89 21.31 -5.43
C29 SQD UE . 12.00 20.06 -5.39
C30 SQD UE . 12.85 18.82 -5.08
C31 SQD UE . 12.16 17.53 -5.57
C32 SQD UE . 13.22 16.45 -5.86
C33 SQD UE . 12.71 15.44 -6.91
C1 SQD UE . 15.37 29.74 -11.58
C2 SQD UE . 16.18 30.86 -10.95
O2 SQD UE . 16.68 30.65 -9.69
C3 SQD UE . 15.19 32.00 -10.87
O3 SQD UE . 15.77 33.06 -10.19
C4 SQD UE . 14.66 32.38 -12.23
O4 SQD UE . 13.37 32.86 -12.07
C5 SQD UE . 14.61 31.29 -13.27
C6 SQD UE . 15.26 31.76 -14.56
O5 SQD UE . 15.21 30.05 -12.94
S SQD UE . 14.59 30.98 -16.05
O7 SQD UE . 15.10 29.64 -16.22
O8 SQD UE . 13.11 30.95 -16.04
O9 SQD UE . 15.01 31.71 -17.23
H441 SQD UE . 15.73 26.82 -12.63
H442 SQD UE . 14.45 27.75 -12.70
H45 SQD UE . 14.99 26.44 -10.27
H461 SQD UE . 12.37 26.63 -10.71
H462 SQD UE . 13.02 28.03 -11.12
H81 SQD UE . 13.88 22.61 -12.20
H82 SQD UE . 13.06 22.87 -13.53
H91 SQD UE . 11.21 23.60 -12.33
H92 SQD UE . 12.04 23.61 -10.98
H101 SQD UE . 11.37 21.25 -12.39
H102 SQD UE . 10.59 21.74 -11.11
H111 SQD UE . 12.50 21.38 -9.80
H112 SQD UE . 13.30 20.93 -11.09
H121 SQD UE . 11.09 19.38 -10.71
H122 SQD UE . 12.07 19.30 -9.46
H131 SQD UE . 13.80 18.85 -11.22
H132 SQD UE . 12.55 18.42 -12.10
H141 SQD UE . 12.86 16.45 -11.20
H142 SQD UE . 12.13 17.06 -9.93
H151 SQD UE . 13.95 16.96 -8.75
H152 SQD UE . 14.80 17.64 -9.90
H161 SQD UE . 14.19 14.89 -9.99
H162 SQD UE . 15.53 15.40 -9.31
H171 SQD UE . 15.76 16.58 -11.57
H172 SQD UE . 14.92 15.32 -12.04
H181 SQD UE . 16.99 14.47 -10.49
H182 SQD UE . 17.55 15.37 -11.67
H191 SQD UE . 16.89 13.92 -13.25
H192 SQD UE . 15.74 13.32 -12.34
H201 SQD UE . 17.08 11.71 -11.82
H202 SQD UE . 17.97 12.77 -11.05
H211 SQD UE . 19.39 11.83 -12.57
H212 SQD UE . 19.02 13.23 -13.20
H221 SQD UE . 18.73 11.44 -14.76
H222 SQD UE . 17.41 12.27 -14.54
H223 SQD UE . 17.59 10.87 -13.83
H241 SQD UE . 13.80 25.32 -7.41
H242 SQD UE . 13.22 24.89 -8.82
H251 SQD UE . 11.05 24.67 -7.79
H252 SQD UE . 11.73 24.95 -6.39
H261 SQD UE . 13.17 22.96 -7.42
H262 SQD UE . 11.68 22.56 -7.76
H271 SQD UE . 11.12 22.38 -5.58
H272 SQD UE . 12.35 23.28 -5.12
H281 SQD UE . 13.32 21.42 -4.57
H282 SQD UE . 13.56 21.21 -6.12
H291 SQD UE . 11.57 19.94 -6.25
H292 SQD UE . 11.33 20.16 -4.70
H301 SQD UE . 12.99 18.76 -4.12
H302 SQD UE . 13.71 18.91 -5.53
H311 SQD UE . 11.66 17.72 -6.39
H312 SQD UE . 11.56 17.21 -4.89
H321 SQD UE . 13.42 15.97 -5.04
H322 SQD UE . 14.03 16.87 -6.19
H1 SQD UE . 14.56 29.68 -11.06
H2 SQD UE . 16.99 31.01 -11.45
HO2 SQD UE . 17.18 31.30 -9.48
H3 SQD UE . 14.42 31.78 -10.33
HO3 SQD UE . 15.27 33.29 -9.54
H4 SQD UE . 15.27 33.06 -12.56
HO4 SQD UE . 13.06 33.10 -12.82
H5 SQD UE . 13.66 31.14 -13.43
H61 SQD UE . 16.21 31.57 -14.52
H62 SQD UE . 15.13 32.71 -14.64
HO8 SQD UE . 12.83 30.38 -16.60
C10 UNL VE . 15.81 -2.62 -3.64
C11 UNL VE . 17.01 -2.15 -4.44
C12 UNL VE . 16.58 -1.17 -5.54
C13 UNL VE . 17.57 -0.01 -5.67
C14 UNL VE . 16.85 1.19 -6.28
C15 UNL VE . 17.64 2.50 -6.08
C16 UNL VE . 16.71 3.63 -5.61
C17 UNL VE . 16.85 4.87 -6.49
C18 UNL VE . 16.12 6.03 -5.82
C3 UNL VE . 9.97 -8.69 -3.87
C4 UNL VE . 10.53 -7.27 -3.70
C5 UNL VE . 11.92 -7.32 -3.03
C6 UNL VE . 12.66 -6.00 -3.32
C7 UNL VE . 14.12 -6.00 -2.86
C8 UNL VE . 14.58 -4.53 -2.72
C9 UNL VE . 15.68 -4.13 -3.72
H41 UNL VE . 9.93 -6.75 -3.14
H42 UNL VE . 10.60 -6.85 -4.57
H51 UNL VE . 12.42 -8.06 -3.40
H52 UNL VE . 11.82 -7.43 -2.08
H61 UNL VE . 12.20 -5.28 -2.86
H62 UNL VE . 12.64 -5.84 -4.29
H71 UNL VE . 14.69 -6.46 -3.50
H72 UNL VE . 14.20 -6.45 -2.00
H81 UNL VE . 14.92 -4.40 -1.82
H82 UNL VE . 13.81 -3.97 -2.87
H91 UNL VE . 15.43 -4.41 -4.62
H92 UNL VE . 16.51 -4.55 -3.48
H101 UNL VE . 15.92 -2.37 -2.72
H102 UNL VE . 15.00 -2.22 -4.00
H111 UNL VE . 17.45 -2.91 -4.85
H112 UNL VE . 17.64 -1.70 -3.84
H121 UNL VE . 15.71 -0.82 -5.32
H122 UNL VE . 16.55 -1.64 -6.39
H131 UNL VE . 18.31 -0.27 -6.23
H132 UNL VE . 17.91 0.23 -4.79
H141 UNL VE . 15.97 1.28 -5.86
H142 UNL VE . 16.73 1.04 -7.24
H151 UNL VE . 18.05 2.75 -6.92
H152 UNL VE . 18.32 2.35 -5.41
H161 UNL VE . 16.94 3.87 -4.69
H162 UNL VE . 15.80 3.31 -5.64
H171 UNL VE . 16.47 4.69 -7.37
H172 UNL VE . 17.79 5.09 -6.59
H181 UNL VE . 16.19 6.82 -6.37
H182 UNL VE . 16.52 6.21 -4.95
H183 UNL VE . 15.19 5.80 -5.70
MG CLA WE . 20.52 -4.86 -43.12
CHA CLA WE . 17.41 -5.49 -41.57
CHB CLA WE . 21.23 -8.23 -42.77
CHC CLA WE . 23.11 -4.57 -45.37
CHD CLA WE . 19.37 -1.69 -43.93
NA CLA WE . 19.46 -6.52 -42.35
C1A CLA WE . 18.25 -6.54 -41.64
C2A CLA WE . 18.01 -7.89 -40.98
C3A CLA WE . 19.34 -8.61 -41.20
C4A CLA WE . 20.08 -7.75 -42.20
CMA CLA WE . 20.17 -8.72 -39.93
CAA CLA WE . 16.90 -8.61 -41.72
CBA CLA WE . 16.44 -9.86 -41.00
CGA CLA WE . 15.24 -9.49 -40.15
O1A CLA WE . 15.13 -9.73 -38.96
O2A CLA WE . 14.24 -8.83 -40.82
NB CLA WE . 21.94 -6.16 -43.91
C1B CLA WE . 22.05 -7.50 -43.65
C2B CLA WE . 23.22 -8.06 -44.39
C3B CLA WE . 23.75 -7.02 -45.13
C4B CLA WE . 22.94 -5.79 -44.82
CMB CLA WE . 23.65 -9.47 -44.33
CAB CLA WE . 24.87 -7.03 -46.04
CBB CLA WE . 25.23 -8.07 -46.79
NC CLA WE . 21.07 -3.44 -44.41
C1C CLA WE . 22.22 -3.47 -45.18
C2C CLA WE . 22.40 -2.19 -45.84
C3C CLA WE . 21.36 -1.37 -45.43
C4C CLA WE . 20.55 -2.15 -44.51
CMC CLA WE . 23.50 -1.87 -46.76
CAC CLA WE . 21.11 0.02 -45.84
CBC CLA WE . 21.88 1.00 -45.00
ND CLA WE . 18.77 -3.83 -42.93
C1D CLA WE . 18.50 -2.47 -43.21
C2D CLA WE . 17.19 -2.11 -42.61
C3D CLA WE . 16.72 -3.26 -42.04
C4D CLA WE . 17.75 -4.28 -42.22
CMD CLA WE . 16.52 -0.82 -42.69
CAD CLA WE . 15.67 -3.85 -41.23
OBD CLA WE . 14.72 -3.30 -40.74
CBD CLA WE . 16.03 -5.31 -40.94
CGD CLA WE . 15.98 -5.40 -39.47
O1D CLA WE . 16.22 -4.47 -38.72
O2D CLA WE . 15.61 -6.56 -38.90
CED CLA WE . 15.65 -6.58 -37.48
C1 CLA WE . 13.21 -8.13 -40.12
C2 CLA WE . 12.78 -6.91 -40.84
C3 CLA WE . 11.90 -6.85 -41.86
C4 CLA WE . 11.20 -8.03 -42.43
C5 CLA WE . 11.58 -5.54 -42.50
C6 CLA WE . 10.22 -5.06 -42.02
C7 CLA WE . 9.36 -4.52 -43.14
C8 CLA WE . 8.01 -4.04 -42.61
C9 CLA WE . 6.87 -4.68 -43.39
C10 CLA WE . 7.97 -2.51 -42.63
C11 CLA WE . 6.59 -1.87 -42.63
C12 CLA WE . 5.92 -1.94 -41.27
C13 CLA WE . 4.63 -1.15 -41.26
C14 CLA WE . 4.88 0.33 -41.33
C15 CLA WE . 3.85 -1.43 -39.98
C16 CLA WE . 3.02 -2.69 -40.07
C17 CLA WE . 1.75 -2.53 -39.27
C18 CLA WE . 1.15 -3.86 -38.87
C19 CLA WE . 1.29 -4.87 -39.99
C20 CLA WE . 1.79 -4.33 -37.58
HHB CLA WE . 21.53 -9.26 -42.53
HHC CLA WE . 23.98 -4.37 -46.02
HHD CLA WE . 19.12 -0.61 -44.07
H2A CLA WE . 17.76 -7.75 -39.88
H3A CLA WE . 19.15 -9.62 -41.64
HMA1 CLA WE . 20.66 -9.72 -39.85
HMA2 CLA WE . 19.53 -8.57 -39.02
HMA3 CLA WE . 20.97 -7.95 -39.91
HAA1 CLA WE . 17.26 -8.89 -42.75
HAA2 CLA WE . 16.03 -7.92 -41.85
HBA1 CLA WE . 17.27 -10.26 -40.36
HBA2 CLA WE . 16.16 -10.65 -41.74
HMB1 CLA WE . 24.72 -9.57 -44.65
HMB2 CLA WE . 23.01 -10.10 -44.99
HMB3 CLA WE . 23.55 -9.85 -43.28
HAB CLA WE . 25.41 -6.07 -46.11
HBB1 CLA WE . 24.70 -9.03 -46.77
HBB2 CLA WE . 26.09 -8.04 -47.48
HMC1 CLA WE . 23.67 -0.76 -46.81
HMC2 CLA WE . 23.26 -2.23 -47.79
HMC3 CLA WE . 24.44 -2.36 -46.44
HAC1 CLA WE . 20.02 0.25 -45.76
HAC2 CLA WE . 21.39 0.16 -46.92
HBC1 CLA WE . 21.63 2.04 -45.28
HBC2 CLA WE . 22.98 0.84 -45.15
HBC3 CLA WE . 21.64 0.84 -43.92
HMD1 CLA WE . 15.95 -0.60 -41.75
HMD2 CLA WE . 15.78 -0.82 -43.55
HMD3 CLA WE . 17.26 -0.01 -42.87
HBD CLA WE . 15.35 -6.09 -41.40
HED1 CLA WE . 15.46 -7.66 -37.21
HED2 CLA WE . 14.84 -5.88 -37.18
HED3 CLA WE . 16.69 -6.22 -37.22
H11 CLA WE . 13.62 -7.87 -39.10
H12 CLA WE . 12.35 -8.84 -39.98
H2 CLA WE . 13.26 -5.98 -40.48
H41 CLA WE . 10.60 -7.75 -43.33
H42 CLA WE . 10.50 -8.50 -41.70
H43 CLA WE . 11.93 -8.82 -42.75
H51 CLA WE . 11.58 -5.66 -43.62
H52 CLA WE . 12.38 -4.79 -42.25
H61 CLA WE . 10.36 -4.25 -41.25
H62 CLA WE . 9.68 -5.90 -41.51
H71 CLA WE . 9.21 -5.33 -43.91
H72 CLA WE . 9.90 -3.68 -43.65
H8 CLA WE . 7.87 -4.37 -41.54
H91 CLA WE . 5.91 -4.55 -42.84
H92 CLA WE . 7.06 -5.77 -43.53
H93 CLA WE . 6.77 -4.20 -44.39
H101 CLA WE . 8.52 -2.15 -43.54
H102 CLA WE . 8.53 -2.13 -41.73
H111 CLA WE . 5.95 -2.38 -43.39
H112 CLA WE . 6.68 -0.79 -42.94
H121 CLA WE . 6.62 -1.55 -40.48
H122 CLA WE . 5.71 -3.02 -41.02
H13 CLA WE . 4.03 -1.45 -42.17
H141 CLA WE . 3.98 0.90 -41.00
H142 CLA WE . 5.11 0.63 -42.39
H143 CLA WE . 5.74 0.62 -40.69
H151 CLA WE . 3.17 -0.57 -39.74
H152 CLA WE . 4.55 -1.53 -39.12
H161 CLA WE . 3.61 -3.57 -39.68
H162 CLA WE . 2.77 -2.92 -41.14
H171 CLA WE . 1.00 -1.95 -39.87
H172 CLA WE . 1.96 -1.92 -38.35
H18 CLA WE . 0.04 -3.75 -38.68
H191 CLA WE . 0.56 -5.71 -39.85
H192 CLA WE . 2.32 -5.30 -39.99
H193 CLA WE . 1.10 -4.39 -40.98
H201 CLA WE . 1.53 -5.40 -37.38
H202 CLA WE . 1.44 -3.72 -36.71
H203 CLA WE . 2.90 -4.24 -37.64
MG CLA XE . 21.64 -2.01 -34.74
CHA CLA XE . 20.84 -4.30 -32.35
CHB CLA XE . 19.20 -3.33 -36.75
CHC CLA XE . 21.73 0.78 -36.75
CHD CLA XE . 23.67 -0.34 -32.42
NA CLA XE . 20.25 -3.49 -34.53
C1A CLA XE . 20.20 -4.42 -33.51
C2A CLA XE . 19.18 -5.49 -33.79
C3A CLA XE . 18.88 -5.30 -35.29
C4A CLA XE . 19.44 -3.93 -35.55
CMA CLA XE . 19.51 -6.43 -36.06
CAA CLA XE . 17.88 -5.17 -32.98
CBA CLA XE . 17.32 -3.76 -33.12
CGA CLA XE . 16.41 -3.64 -34.29
O1A CLA XE . 15.77 -4.50 -34.88
O2A CLA XE . 16.31 -2.40 -34.76
NB CLA XE . 20.65 -1.42 -36.44
C1B CLA XE . 19.71 -2.09 -37.10
C2B CLA XE . 19.26 -1.36 -38.28
C3B CLA XE . 19.96 -0.19 -38.28
C4B CLA XE . 20.88 -0.22 -37.13
CMB CLA XE . 18.24 -1.92 -39.17
CAB CLA XE . 19.89 0.89 -39.21
CBB CLA XE . 19.64 0.71 -40.49
NC CLA XE . 22.61 -0.19 -34.66
C1C CLA XE . 22.57 0.78 -35.60
C2C CLA XE . 23.37 1.92 -35.19
C3C CLA XE . 23.89 1.60 -33.94
C4C CLA XE . 23.45 0.27 -33.64
CMC CLA XE . 23.47 3.17 -35.89
CAC CLA XE . 24.74 2.43 -33.07
CBC CLA XE . 23.93 3.21 -32.06
ND CLA XE . 22.16 -2.20 -32.83
C1D CLA XE . 23.04 -1.49 -31.98
C2D CLA XE . 23.15 -2.18 -30.68
C3D CLA XE . 22.33 -3.27 -30.75
C4D CLA XE . 21.73 -3.22 -32.10
CMD CLA XE . 23.98 -1.77 -29.55
CAD CLA XE . 21.77 -4.40 -30.07
OBD CLA XE . 21.87 -4.77 -28.90
CBD CLA XE . 20.83 -5.13 -31.10
CGD CLA XE . 21.28 -6.54 -31.24
O1D CLA XE . 20.64 -7.57 -31.00
O2D CLA XE . 22.54 -6.74 -31.66
CED CLA XE . 23.12 -7.98 -31.20
C1 CLA XE . 15.51 -2.33 -35.96
C2 CLA XE . 15.84 -1.02 -36.50
C3 CLA XE . 15.36 -0.47 -37.62
C4 CLA XE . 14.38 -1.15 -38.50
C5 CLA XE . 15.88 0.89 -37.98
C6 CLA XE . 15.14 1.74 -38.97
C7 CLA XE . 16.07 2.83 -39.49
C8 CLA XE . 15.79 3.28 -40.93
C9 CLA XE . 16.83 4.33 -41.26
C10 CLA XE . 14.37 3.79 -41.06
C11 CLA XE . 13.96 4.24 -42.46
C12 CLA XE . 12.61 3.63 -42.79
C13 CLA XE . 11.96 4.16 -44.04
C14 CLA XE . 11.08 5.34 -43.65
C15 CLA XE . 11.14 3.06 -44.67
C16 CLA XE . 10.59 3.43 -46.03
C17 CLA XE . 11.57 3.04 -47.11
C18 CLA XE . 10.90 2.99 -48.47
C19 CLA XE . 11.93 3.19 -49.57
C20 CLA XE . 10.20 1.66 -48.64
HHB CLA XE . 18.57 -3.85 -37.50
HHC CLA XE . 21.80 1.69 -37.37
HHD CLA XE . 24.40 0.13 -31.75
H2A CLA XE . 19.61 -6.50 -33.55
H3A CLA XE . 17.79 -5.26 -35.56
HMA1 CLA XE . 19.38 -6.29 -37.16
HMA2 CLA XE . 19.05 -7.42 -35.78
HMA3 CLA XE . 20.60 -6.50 -35.86
HAA1 CLA XE . 18.10 -5.35 -31.90
HAA2 CLA XE . 17.09 -5.90 -33.30
HBA1 CLA XE . 18.16 -3.03 -33.25
HBA2 CLA XE . 16.75 -3.49 -32.19
HMB1 CLA XE . 17.93 -1.15 -39.93
HMB2 CLA XE . 17.33 -2.21 -38.58
HMB3 CLA XE . 18.63 -2.82 -39.70
HAB CLA XE . 20.05 1.90 -38.79
HBB1 CLA XE . 19.48 -0.28 -40.94
HBB2 CLA XE . 19.60 1.55 -41.21
HMC1 CLA XE . 24.40 3.73 -35.58
HMC2 CLA XE . 22.59 3.82 -35.67
HMC3 CLA XE . 23.53 3.01 -36.99
HAC1 CLA XE . 25.33 3.15 -33.69
HAC2 CLA XE . 25.48 1.79 -32.53
HBC1 CLA XE . 24.58 3.95 -31.55
HBC2 CLA XE . 23.50 2.50 -31.31
HBC3 CLA XE . 23.09 3.74 -32.57
HMD1 CLA XE . 23.92 -2.53 -28.72
HMD2 CLA XE . 23.64 -0.79 -29.14
HMD3 CLA XE . 25.05 -1.68 -29.86
HBD CLA XE . 19.77 -5.18 -30.73
HED1 CLA XE . 24.20 -7.75 -31.09
HED2 CLA XE . 22.87 -8.71 -32.01
HED3 CLA XE . 22.59 -8.17 -30.23
H11 CLA XE . 14.42 -2.43 -35.70
H12 CLA XE . 15.79 -3.16 -36.65
H2 CLA XE . 16.57 -0.46 -35.88
H41 CLA XE . 14.68 -1.10 -39.57
H42 CLA XE . 13.36 -0.71 -38.42
H43 CLA XE . 14.29 -2.24 -38.24
H51 CLA XE . 16.93 0.74 -38.37
H52 CLA XE . 15.97 1.46 -37.02
H61 CLA XE . 14.24 2.21 -38.47
H62 CLA XE . 14.76 1.12 -39.82
H71 CLA XE . 17.12 2.46 -39.40
H72 CLA XE . 15.98 3.72 -38.80
H8 CLA XE . 15.89 2.43 -41.67
H91 CLA XE . 16.69 4.69 -42.32
H92 CLA XE . 17.85 3.91 -41.17
H93 CLA XE . 16.73 5.20 -40.57
H101 CLA XE . 14.24 4.66 -40.36
H102 CLA XE . 13.67 2.99 -40.72
H111 CLA XE . 14.72 3.92 -43.21
H112 CLA XE . 13.90 5.35 -42.50
H121 CLA XE . 11.92 3.79 -41.91
H122 CLA XE . 12.75 2.51 -42.88
H13 CLA XE . 12.73 4.52 -44.78
H141 CLA XE . 10.79 5.92 -44.56
H142 CLA XE . 11.63 6.02 -42.96
H143 CLA XE . 10.16 4.99 -43.14
H151 CLA XE . 10.28 2.79 -44.00
H152 CLA XE . 11.77 2.14 -44.79
H161 CLA XE . 10.40 4.53 -46.08
H162 CLA XE . 9.61 2.92 -46.20
H171 CLA XE . 12.01 2.03 -46.88
H172 CLA XE . 12.42 3.77 -47.14
H18 CLA XE . 10.14 3.82 -48.55
H191 CLA XE . 11.43 3.22 -50.57
H192 CLA XE . 12.66 2.35 -49.58
H193 CLA XE . 12.48 4.15 -49.42
H201 CLA XE . 9.54 1.67 -49.54
H202 CLA XE . 9.57 1.44 -47.74
H203 CLA XE . 10.94 0.83 -48.75
MG CLA YE . 11.74 0.46 -26.19
CHA CLA YE . 14.53 -1.21 -27.47
CHB CLA YE . 12.90 -0.24 -22.98
CHC CLA YE . 9.64 2.91 -24.78
CHD CLA YE . 11.16 1.78 -29.39
NA CLA YE . 13.47 -0.53 -25.39
C1A CLA YE . 14.44 -1.24 -26.11
C2A CLA YE . 15.35 -2.04 -25.15
C3A CLA YE . 14.88 -1.59 -23.75
C4A CLA YE . 13.64 -0.75 -24.04
CMA CLA YE . 14.62 -2.78 -22.85
CAA CLA YE . 16.85 -1.75 -25.29
CBA CLA YE . 17.10 -0.27 -25.42
CGA CLA YE . 18.54 0.07 -25.15
O1A CLA YE . 19.42 -0.58 -24.64
O2A CLA YE . 18.86 1.34 -25.53
NB CLA YE . 11.29 1.15 -24.22
C1B CLA YE . 11.80 0.62 -23.08
C2B CLA YE . 11.09 1.20 -21.93
C3B CLA YE . 10.17 2.08 -22.43
C4B CLA YE . 10.29 2.09 -23.90
CMB CLA YE . 11.43 0.93 -20.52
CAB CLA YE . 9.30 2.99 -21.74
CBB CLA YE . 8.75 2.72 -20.56
NC CLA YE . 10.60 1.98 -26.94
C1C CLA YE . 9.81 2.84 -26.20
C2C CLA YE . 9.16 3.77 -27.09
C3C CLA YE . 9.57 3.45 -28.37
C4C CLA YE . 10.47 2.34 -28.27
CMC CLA YE . 8.26 4.83 -26.66
CAC CLA YE . 9.12 4.10 -29.60
CBC CLA YE . 7.85 3.50 -30.15
ND CLA YE . 12.62 0.38 -28.04
C1D CLA YE . 12.18 0.87 -29.29
C2D CLA YE . 13.00 0.28 -30.35
C3D CLA YE . 13.95 -0.49 -29.71
C4D CLA YE . 13.67 -0.40 -28.27
CMD CLA YE . 12.83 0.56 -31.78
CAD CLA YE . 15.11 -1.34 -29.89
OBD CLA YE . 15.75 -1.66 -30.91
CBD CLA YE . 15.53 -1.82 -28.47
CGD CLA YE . 15.70 -3.29 -28.50
O1D CLA YE . 16.75 -3.94 -28.47
O2D CLA YE . 14.53 -3.96 -28.62
CED CLA YE . 14.66 -5.36 -28.81
C1 CLA YE . 20.22 1.72 -25.37
C2 CLA YE . 20.40 2.95 -26.16
C3 CLA YE . 21.54 3.23 -26.79
C4 CLA YE . 22.70 2.30 -26.66
C5 CLA YE . 21.69 4.47 -27.61
C6 CLA YE . 22.86 5.35 -27.22
C7 CLA YE . 23.97 5.23 -28.22
C8 CLA YE . 25.18 6.10 -27.89
C9 CLA YE . 25.36 6.24 -26.39
C10 CLA YE . 25.04 7.49 -28.51
C11 CLA YE . 26.21 7.77 -29.42
C12 CLA YE . 26.56 9.24 -29.51
C13 CLA YE . 28.07 9.51 -29.52
C14 CLA YE . 28.43 10.66 -28.60
C15 CLA YE . 28.60 9.82 -30.92
C16 CLA YE . 29.48 8.70 -31.45
C17 CLA YE . 30.90 8.80 -30.91
C18 CLA YE . 31.94 8.14 -31.84
C19 CLA YE . 31.54 6.72 -32.23
C20 CLA YE . 33.30 8.10 -31.18
HHB CLA YE . 13.19 -0.55 -21.97
HHC CLA YE . 8.93 3.67 -24.40
HHD CLA YE . 10.85 2.10 -30.40
H2A CLA YE . 15.15 -3.11 -25.39
H3A CLA YE . 15.63 -0.93 -23.26
HMA1 CLA YE . 14.53 -2.46 -21.79
HMA2 CLA YE . 15.44 -3.52 -22.93
HMA3 CLA YE . 13.67 -3.29 -23.14
HAA1 CLA YE . 17.25 -2.28 -26.21
HAA2 CLA YE . 17.40 -2.16 -24.41
HBA1 CLA YE . 16.46 0.28 -24.67
HBA2 CLA YE . 16.83 0.07 -26.45
HMB1 CLA YE . 11.11 1.77 -19.87
HMB2 CLA YE . 12.54 0.79 -20.40
HMB3 CLA YE . 10.93 -0.01 -20.18
HAB CLA YE . 9.11 3.95 -22.25
HBB1 CLA YE . 8.91 1.76 -20.05
HBB2 CLA YE . 8.09 3.43 -20.04
HMC1 CLA YE . 8.37 5.73 -27.32
HMC2 CLA YE . 8.48 5.14 -25.61
HMC3 CLA YE . 7.19 4.49 -26.71
HAC1 CLA YE . 9.92 4.02 -30.38
HAC2 CLA YE . 8.96 5.19 -29.42
HBC1 CLA YE . 7.87 3.49 -31.26
HBC2 CLA YE . 6.97 4.09 -29.81
HBC3 CLA YE . 7.74 2.45 -29.78
HMD1 CLA YE . 13.48 -0.12 -32.40
HMD2 CLA YE . 13.10 1.61 -32.03
HMD3 CLA YE . 11.77 0.39 -32.09
HBD CLA YE . 16.52 -1.41 -28.15
HED1 CLA YE . 13.72 -5.65 -29.34
HED2 CLA YE . 14.72 -5.76 -27.76
HED3 CLA YE . 15.58 -5.48 -29.40
H11 CLA YE . 20.89 0.88 -25.74
H12 CLA YE . 20.43 1.89 -24.27
H2 CLA YE . 19.53 3.62 -26.21
H41 CLA YE . 23.64 2.78 -27.02
H42 CLA YE . 22.54 1.37 -27.26
H43 CLA YE . 22.87 1.99 -25.59
H51 CLA YE . 20.74 5.06 -27.54
H52 CLA YE . 21.81 4.16 -28.69
H61 CLA YE . 23.23 5.07 -26.20
H62 CLA YE . 22.52 6.43 -27.17
H71 CLA YE . 23.58 5.49 -29.24
H72 CLA YE . 24.29 4.15 -28.27
H8 CLA YE . 26.09 5.59 -28.32
H91 CLA YE . 26.37 6.69 -26.16
H92 CLA YE . 25.30 5.24 -25.89
H93 CLA YE . 24.58 6.90 -25.96
H101 CLA YE . 25.00 8.27 -27.71
H102 CLA YE . 24.09 7.55 -29.10
H111 CLA YE . 25.97 7.38 -30.45
H112 CLA YE . 27.10 7.19 -29.06
H121 CLA YE . 26.10 9.78 -28.64
H122 CLA YE . 26.10 9.66 -30.44
H13 CLA YE . 28.55 8.56 -29.15
H141 CLA YE . 29.53 10.69 -28.42
H142 CLA YE . 27.92 10.55 -27.61
H143 CLA YE . 28.11 11.64 -29.05
H151 CLA YE . 29.19 10.77 -30.91
H152 CLA YE . 27.74 9.97 -31.63
H161 CLA YE . 29.50 8.75 -32.58
H162 CLA YE . 29.05 7.71 -31.17
H171 CLA YE . 30.95 8.31 -29.91
H172 CLA YE . 31.18 9.87 -30.79
H18 CLA YE . 31.99 8.77 -32.77
H191 CLA YE . 32.41 6.20 -32.69
H192 CLA YE . 30.71 6.75 -32.96
H193 CLA YE . 31.21 6.15 -31.33
H201 CLA YE . 34.06 7.70 -31.89
H202 CLA YE . 33.29 7.44 -30.27
H203 CLA YE . 33.61 9.12 -30.86
MG CLA ZE . 22.91 2.04 -22.01
CHA CLA ZE . 20.88 -0.74 -21.86
CHB CLA ZE . 25.48 0.08 -23.06
CHC CLA ZE . 24.64 4.83 -23.15
CHD CLA ZE . 19.96 4.03 -21.88
NA CLA ZE . 23.13 -0.01 -22.36
C1A CLA ZE . 22.18 -1.02 -22.16
C2A CLA ZE . 22.73 -2.40 -22.47
C3A CLA ZE . 24.26 -2.13 -22.63
C4A CLA ZE . 24.33 -0.58 -22.70
CMA CLA ZE . 25.04 -2.73 -21.49
CAA CLA ZE . 22.11 -3.01 -23.74
CBA CLA ZE . 22.26 -2.06 -24.90
CGA CLA ZE . 21.40 -2.43 -26.05
O1A CLA ZE . 20.81 -3.48 -26.35
O2A CLA ZE . 21.32 -1.39 -26.89
NB CLA ZE . 24.74 2.42 -22.93
C1B CLA ZE . 25.65 1.47 -23.18
C2B CLA ZE . 26.92 2.10 -23.67
C3B CLA ZE . 26.72 3.45 -23.69
C4B CLA ZE . 25.31 3.68 -23.23
CMB CLA ZE . 28.10 1.34 -24.04
CAB CLA ZE . 27.68 4.46 -24.14
CBB CLA ZE . 27.74 5.75 -23.79
NC CLA ZE . 22.40 4.00 -22.40
C1C CLA ZE . 23.28 4.99 -22.74
C2C CLA ZE . 22.64 6.29 -22.76
C3C CLA ZE . 21.35 6.03 -22.41
C4C CLA ZE . 21.19 4.63 -22.18
CMC CLA ZE . 23.25 7.61 -23.10
CAC CLA ZE . 20.27 7.02 -22.30
CBC CLA ZE . 19.45 6.93 -23.54
ND CLA ZE . 20.84 1.78 -21.87
C1D CLA ZE . 19.77 2.69 -21.73
C2D CLA ZE . 18.52 1.94 -21.50
C3D CLA ZE . 18.88 0.59 -21.48
C4D CLA ZE . 20.34 0.57 -21.76
CMD CLA ZE . 17.22 2.57 -21.34
CAD CLA ZE . 18.45 -0.78 -21.45
OBD CLA ZE . 17.33 -1.29 -21.35
CBD CLA ZE . 19.74 -1.64 -21.60
CGD CLA ZE . 20.00 -2.30 -20.32
O1D CLA ZE . 20.27 -3.47 -20.12
O2D CLA ZE . 19.91 -1.47 -19.24
CED CLA ZE . 20.19 -2.06 -17.99
C1 CLA ZE . 20.52 -1.67 -28.03
C2 CLA ZE . 20.52 -0.42 -28.82
C3 CLA ZE . 19.86 -0.30 -29.96
C4 CLA ZE . 19.10 -1.45 -30.53
C5 CLA ZE . 19.87 0.98 -30.71
C6 CLA ZE . 19.59 0.77 -32.18
C7 CLA ZE . 19.41 2.05 -33.02
C8 CLA ZE . 18.34 1.78 -34.07
C9 CLA ZE . 18.64 0.50 -34.83
C10 CLA ZE . 18.11 2.88 -35.10
C11 CLA ZE . 19.28 3.77 -35.38
C12 CLA ZE . 18.90 4.65 -36.55
C13 CLA ZE . 20.13 5.25 -37.23
C14 CLA ZE . 20.21 6.74 -36.95
C15 CLA ZE . 20.13 4.99 -38.72
C16 CLA ZE . 21.56 5.09 -39.20
C17 CLA ZE . 21.70 4.60 -40.63
C18 CLA ZE . 22.66 3.43 -40.82
C19 CLA ZE . 22.83 3.20 -42.30
C20 CLA ZE . 24.05 3.65 -40.26
HHB CLA ZE . 26.37 -0.53 -23.29
HHC CLA ZE . 25.16 5.77 -23.42
HHD CLA ZE . 19.09 4.70 -21.74
H2A CLA ZE . 22.51 -3.08 -21.61
H3A CLA ZE . 24.66 -2.54 -23.60
HMA1 CLA ZE . 26.09 -2.34 -21.47
HMA2 CLA ZE . 25.09 -3.84 -21.57
HMA3 CLA ZE . 24.57 -2.47 -20.50
HAA1 CLA ZE . 21.02 -3.24 -23.56
HAA2 CLA ZE . 22.61 -3.99 -23.98
HBA1 CLA ZE . 23.33 -2.05 -25.24
HBA2 CLA ZE . 21.99 -1.02 -24.57
HMB1 CLA ZE . 29.00 2.01 -24.06
HMB2 CLA ZE . 27.97 0.88 -25.05
HMB3 CLA ZE . 28.29 0.52 -23.29
HAB CLA ZE . 28.44 4.05 -24.83
HBB1 CLA ZE . 27.03 6.21 -23.10
HBB2 CLA ZE . 28.52 6.44 -24.17
HMC1 CLA ZE . 22.71 8.43 -22.57
HMC2 CLA ZE . 23.16 7.80 -24.21
HMC3 CLA ZE . 24.32 7.64 -22.82
HAC1 CLA ZE . 20.68 8.06 -22.17
HAC2 CLA ZE . 19.63 6.82 -21.39
HBC1 CLA ZE . 18.81 7.84 -23.64
HBC2 CLA ZE . 18.79 6.02 -23.49
HBC3 CLA ZE . 20.12 6.85 -24.43
HMD1 CLA ZE . 16.42 1.80 -21.22
HMD2 CLA ZE . 16.97 3.20 -22.23
HMD3 CLA ZE . 17.20 3.24 -20.43
HBD CLA ZE . 19.58 -2.36 -22.45
HED1 CLA ZE . 19.56 -1.48 -17.27
HED2 CLA ZE . 21.29 -1.90 -17.86
HED3 CLA ZE . 19.89 -3.12 -18.12
H11 CLA ZE . 19.50 -1.97 -27.70
H12 CLA ZE . 20.99 -2.53 -28.60
H2 CLA ZE . 21.09 0.42 -28.37
H41 CLA ZE . 18.02 -1.18 -30.67
H42 CLA ZE . 19.14 -2.34 -29.86
H43 CLA ZE . 19.51 -1.74 -31.53
H51 CLA ZE . 20.87 1.48 -30.58
H52 CLA ZE . 19.10 1.68 -30.27
H61 CLA ZE . 18.66 0.15 -32.28
H62 CLA ZE . 20.43 0.17 -32.63
H71 CLA ZE . 20.39 2.31 -33.52
H72 CLA ZE . 19.13 2.90 -32.36
H8 CLA ZE . 17.39 1.72 -33.47
H91 CLA ZE . 18.39 0.62 -35.92
H92 CLA ZE . 18.04 -0.35 -34.42
H93 CLA ZE . 19.72 0.25 -34.74
H101 CLA ZE . 17.26 3.52 -34.76
H102 CLA ZE . 17.80 2.39 -36.07
H111 CLA ZE . 20.20 3.16 -35.60
H112 CLA ZE . 19.53 4.40 -34.47
H121 CLA ZE . 18.22 5.47 -36.20
H122 CLA ZE . 18.33 4.04 -37.30
H13 CLA ZE . 21.04 4.75 -36.78
H141 CLA ZE . 21.24 7.11 -37.12
H142 CLA ZE . 19.92 6.96 -35.90
H143 CLA ZE . 19.52 7.29 -37.64
H151 CLA ZE . 19.48 5.74 -39.26
H152 CLA ZE . 19.71 3.97 -38.95
H161 CLA ZE . 22.23 4.49 -38.54
H162 CLA ZE . 21.91 6.15 -39.14
H171 CLA ZE . 22.03 5.45 -41.28
H172 CLA ZE . 20.69 4.28 -41.00
H18 CLA ZE . 22.22 2.57 -40.24
H191 CLA ZE . 23.36 2.23 -42.48
H192 CLA ZE . 23.43 4.02 -42.75
H193 CLA ZE . 21.83 3.16 -42.80
H201 CLA ZE . 24.74 2.84 -40.62
H202 CLA ZE . 24.04 3.63 -39.15
H203 CLA ZE . 24.45 4.62 -40.60
MG CLA AF . 30.79 -2.94 -26.81
CHA CLA AF . 31.85 -4.14 -23.65
CHB CLA AF . 27.69 -2.30 -25.32
CHC CLA AF . 30.05 -0.50 -29.21
CHD CLA AF . 34.18 -2.64 -27.70
NA CLA AF . 29.88 -3.29 -24.80
C1A CLA AF . 30.51 -3.84 -23.66
C2A CLA AF . 29.51 -4.01 -22.51
C3A CLA AF . 28.14 -3.70 -23.21
C4A CLA AF . 28.57 -3.05 -24.55
CMA CLA AF . 27.26 -4.93 -23.40
CAA CLA AF . 29.86 -3.16 -21.26
CBA CLA AF . 30.12 -1.69 -21.49
CGA CLA AF . 29.00 -0.87 -20.93
O1A CLA AF . 27.97 -1.28 -20.36
O2A CLA AF . 29.17 0.48 -21.10
NB CLA AF . 29.23 -1.64 -27.18
C1B CLA AF . 28.02 -1.64 -26.53
C2B CLA AF . 27.04 -0.78 -27.26
C3B CLA AF . 27.70 -0.29 -28.35
C4B CLA AF . 29.09 -0.82 -28.31
CMB CLA AF . 25.66 -0.57 -26.80
CAB CLA AF . 27.31 0.60 -29.42
CBB CLA AF . 26.33 1.49 -29.41
NC CLA AF . 31.89 -1.83 -28.24
C1C CLA AF . 31.38 -1.00 -29.19
C2C CLA AF . 32.39 -0.57 -30.12
C3C CLA AF . 33.56 -1.16 -29.65
C4C CLA AF . 33.25 -1.97 -28.49
CMC CLA AF . 32.18 0.35 -31.25
CAC CLA AF . 34.90 -1.02 -30.16
CBC CLA AF . 35.68 -0.16 -29.21
ND CLA AF . 32.60 -3.39 -25.99
C1D CLA AF . 33.91 -3.31 -26.53
C2D CLA AF . 34.86 -3.94 -25.62
C3D CLA AF . 34.12 -4.26 -24.50
C4D CLA AF . 32.73 -3.88 -24.77
CMD CLA AF . 36.30 -4.08 -25.85
CAD CLA AF . 34.17 -4.77 -23.16
OBD CLA AF . 35.14 -5.11 -22.52
CBD CLA AF . 32.73 -4.72 -22.58
CGD CLA AF . 32.43 -6.12 -22.22
O1D CLA AF . 32.68 -7.14 -22.86
O2D CLA AF . 31.88 -6.31 -21.02
CED CLA AF . 31.66 -7.66 -20.68
C1 CLA AF . 28.43 1.37 -20.24
C2 CLA AF . 28.95 2.73 -20.49
C3 CLA AF . 28.27 3.86 -20.19
C4 CLA AF . 26.88 3.86 -19.62
C5 CLA AF . 28.92 5.17 -20.54
C6 CLA AF . 29.39 6.11 -19.45
C7 CLA AF . 30.11 5.46 -18.30
C8 CLA AF . 30.57 6.44 -17.20
C9 CLA AF . 30.77 7.85 -17.71
C10 CLA AF . 31.86 5.97 -16.50
C11 CLA AF . 31.56 5.57 -15.05
C12 CLA AF . 32.75 4.96 -14.32
C13 CLA AF . 32.84 5.48 -12.86
C14 CLA AF . 33.65 6.76 -12.83
C15 CLA AF . 33.35 4.46 -11.83
C16 CLA AF . 34.87 4.42 -11.66
C17 CLA AF . 35.36 3.44 -10.58
C18 CLA AF . 36.06 2.19 -11.10
C19 CLA AF . 37.33 2.46 -11.87
C20 CLA AF . 36.43 1.23 -9.98
HHB CLA AF . 26.64 -2.20 -24.98
HHC CLA AF . 29.82 0.21 -30.03
HHD CLA AF . 35.23 -2.64 -28.04
H2A CLA AF . 29.53 -5.08 -22.16
H3A CLA AF . 27.55 -2.95 -22.62
HMA1 CLA AF . 26.46 -4.74 -24.14
HMA2 CLA AF . 26.78 -5.23 -22.43
HMA3 CLA AF . 27.87 -5.80 -23.75
HAA1 CLA AF . 30.77 -3.61 -20.78
HAA2 CLA AF . 29.01 -3.26 -20.53
HBA1 CLA AF . 30.22 -1.49 -22.58
HBA2 CLA AF . 31.08 -1.40 -21.00
HMB1 CLA AF . 25.04 -0.12 -27.62
HMB2 CLA AF . 25.64 0.11 -25.91
HMB3 CLA AF . 25.20 -1.55 -26.50
HAB CLA AF . 27.93 0.48 -30.32
HBB1 CLA AF . 25.69 1.66 -28.54
HBB2 CLA AF . 26.12 2.12 -30.28
HMC1 CLA AF . 32.91 0.14 -32.07
HMC2 CLA AF . 32.31 1.42 -30.92
HMC3 CLA AF . 31.15 0.24 -31.67
HAC1 CLA AF . 34.89 -0.54 -31.19
HAC2 CLA AF . 35.40 -2.01 -30.28
HBC1 CLA AF . 36.67 0.11 -29.65
HBC2 CLA AF . 35.84 -0.71 -28.26
HBC3 CLA AF . 35.12 0.79 -28.99
HMD1 CLA AF . 36.74 -4.86 -25.17
HMD2 CLA AF . 36.83 -3.11 -25.64
HMD3 CLA AF . 36.51 -4.36 -26.90
HBD CLA AF . 32.62 -4.06 -21.68
HED1 CLA AF . 30.92 -7.61 -19.83
HED2 CLA AF . 32.67 -8.04 -20.39
HED3 CLA AF . 31.25 -8.12 -21.61
H11 CLA AF . 28.58 1.05 -19.18
H12 CLA AF . 27.34 1.28 -20.49
H2 CLA AF . 29.95 2.76 -20.96
H41 CLA AF . 26.50 4.89 -19.44
H42 CLA AF . 26.83 3.31 -18.65
H43 CLA AF . 26.15 3.36 -20.32
H51 CLA AF . 28.19 5.73 -21.18
H52 CLA AF . 29.80 4.94 -21.19
H61 CLA AF . 28.50 6.66 -19.04
H62 CLA AF . 30.08 6.88 -19.90
H71 CLA AF . 31.00 4.90 -18.70
H72 CLA AF . 29.43 4.69 -17.86
H8 CLA AF . 29.74 6.48 -16.45
H91 CLA AF . 31.24 8.49 -16.92
H92 CLA AF . 29.78 8.30 -17.99
H93 CLA AF . 31.42 7.85 -18.62
H101 CLA AF . 32.63 6.77 -16.52
H102 CLA AF . 32.28 5.08 -17.04
H111 CLA AF . 30.71 4.85 -15.04
H112 CLA AF . 31.23 6.49 -14.49
H121 CLA AF . 33.69 5.19 -14.87
H122 CLA AF . 32.63 3.83 -14.32
H13 CLA AF . 31.77 5.68 -12.54
H141 CLA AF . 33.80 7.11 -11.78
H142 CLA AF . 33.12 7.58 -13.38
H143 CLA AF . 34.65 6.61 -13.30
H151 CLA AF . 33.01 3.43 -12.11
H152 CLA AF . 32.91 4.70 -10.82
H161 CLA AF . 35.24 5.45 -11.41
H162 CLA AF . 35.34 4.12 -12.64
H171 CLA AF . 34.48 3.13 -9.95
H172 CLA AF . 36.07 3.98 -9.90
H18 CLA AF . 35.29 1.72 -11.78
H191 CLA AF . 37.81 1.51 -12.19
H192 CLA AF . 38.05 3.03 -11.24
H193 CLA AF . 37.10 3.06 -12.78
H201 CLA AF . 37.30 0.60 -10.29
H202 CLA AF . 35.57 0.55 -9.74
H203 CLA AF . 36.71 1.79 -9.06
MG CLA BF . 9.23 -3.52 -15.91
CHA CLA BF . 8.33 -6.02 -13.70
CHB CLA BF . 8.17 -5.48 -18.40
CHC CLA BF . 9.01 -0.72 -17.90
CHD CLA BF . 9.32 -1.28 -13.10
NA CLA BF . 8.48 -5.50 -16.01
C1A CLA BF . 8.23 -6.38 -15.00
C2A CLA BF . 7.66 -7.68 -15.52
C3A CLA BF . 7.94 -7.60 -17.02
C4A CLA BF . 8.21 -6.10 -17.19
CMA CLA BF . 9.11 -8.48 -17.46
CAA CLA BF . 6.15 -7.68 -15.20
CBA CLA BF . 5.39 -6.43 -15.66
CGA CLA BF . 3.92 -6.49 -15.28
O1A CLA BF . 3.35 -7.21 -14.47
O2A CLA BF . 3.17 -5.60 -16.00
NB CLA BF . 8.76 -3.16 -17.74
C1B CLA BF . 8.40 -4.12 -18.65
C2B CLA BF . 8.26 -3.52 -20.01
C3B CLA BF . 8.47 -2.19 -19.88
C4B CLA BF . 8.79 -1.93 -18.44
CMB CLA BF . 7.87 -4.32 -21.17
CAB CLA BF . 8.38 -1.12 -20.84
CBB CLA BF . 8.92 -1.15 -22.07
NC CLA BF . 9.23 -1.41 -15.55
C1C CLA BF . 9.23 -0.46 -16.53
C2C CLA BF . 9.32 0.88 -15.95
C3C CLA BF . 9.36 0.70 -14.58
C4C CLA BF . 9.35 -0.72 -14.36
CMC CLA BF . 9.30 2.13 -16.73
CAC CLA BF . 9.37 1.72 -13.50
CBC CLA BF . 7.97 2.04 -13.05
ND CLA BF . 8.97 -3.55 -13.90
C1D CLA BF . 9.11 -2.60 -12.87
C2D CLA BF . 8.94 -3.28 -11.55
C3D CLA BF . 8.63 -4.58 -11.85
C4D CLA BF . 8.64 -4.70 -13.30
CMD CLA BF . 8.98 -2.68 -10.24
CAD CLA BF . 8.31 -5.83 -11.27
OBD CLA BF . 8.20 -6.15 -10.10
CBD CLA BF . 8.04 -6.77 -12.46
CGD CLA BF . 8.90 -7.94 -12.28
O1D CLA BF . 8.62 -9.13 -12.25
O2D CLA BF . 10.17 -7.57 -12.08
CED CLA BF . 10.86 -8.40 -11.16
C1 CLA BF . 1.85 -5.29 -15.55
C2 CLA BF . 1.51 -4.05 -16.26
C3 CLA BF . 0.29 -3.50 -16.31
C4 CLA BF . -0.87 -4.05 -15.59
C5 CLA BF . 0.13 -2.23 -17.08
C6 CLA BF . -1.24 -1.94 -17.66
C7 CLA BF . -1.31 -0.51 -18.17
C8 CLA BF . -2.25 0.33 -17.28
C9 CLA BF . -3.69 -0.02 -17.58
C10 CLA BF . -2.07 1.84 -17.40
C11 CLA BF . -2.46 2.36 -18.78
C12 CLA BF . -3.90 2.88 -18.82
C13 CLA BF . -4.05 4.37 -19.07
C14 CLA BF . -4.47 5.10 -17.82
C15 CLA BF . -5.05 4.66 -20.18
C16 CLA BF . -5.48 6.11 -20.21
C17 CLA BF . -6.01 6.47 -21.58
C18 CLA BF . -6.24 7.96 -21.79
C19 CLA BF . -5.10 8.67 -22.50
C20 CLA BF . -7.50 8.17 -22.59
HHB CLA BF . 7.92 -6.09 -19.29
HHC CLA BF . 9.00 0.17 -18.56
HHD CLA BF . 9.45 -0.61 -12.22
H2A CLA BF . 8.17 -8.58 -15.07
H3A CLA BF . 7.06 -7.89 -17.66
HMA1 CLA BF . 9.19 -8.53 -18.57
HMA2 CLA BF . 8.98 -9.53 -17.09
HMA3 CLA BF . 10.08 -8.10 -17.06
HAA1 CLA BF . 6.01 -7.80 -14.09
HAA2 CLA BF . 5.67 -8.59 -15.70
HBA1 CLA BF . 5.47 -6.33 -16.78
HBA2 CLA BF . 5.85 -5.52 -15.19
HMB1 CLA BF . 7.95 -3.71 -22.11
HMB2 CLA BF . 6.81 -4.67 -21.06
HMB3 CLA BF . 8.54 -5.21 -21.28
HAB CLA BF . 7.81 -0.24 -20.50
HBB1 CLA BF . 9.49 -2.02 -22.43
HBB2 CLA BF . 8.83 -0.33 -22.78
HMC1 CLA BF . 9.30 3.01 -16.06
HMC2 CLA BF . 8.37 2.18 -17.37
HMC3 CLA BF . 10.18 2.19 -17.41
HAC1 CLA BF . 9.87 2.66 -13.87
HAC2 CLA BF . 9.97 1.35 -12.63
HBC1 CLA BF . 8.01 2.78 -12.21
HBC2 CLA BF . 7.48 1.11 -12.69
HBC3 CLA BF . 7.39 2.47 -13.90
HMD1 CLA BF . 8.70 -3.42 -9.45
HMD2 CLA BF . 8.27 -1.82 -10.17
HMD3 CLA BF . 10.01 -2.31 -10.01
HBD CLA BF . 6.97 -7.10 -12.51
HED1 CLA BF . 11.77 -7.81 -10.90
HED2 CLA BF . 11.06 -9.33 -11.75
HED3 CLA BF . 10.14 -8.53 -10.33
H11 CLA BF . 1.86 -5.15 -14.43
H12 CLA BF . 1.16 -6.13 -15.80
H2 CLA BF . 2.35 -3.58 -16.78
H41 CLA BF . -1.72 -4.30 -16.29
H42 CLA BF . -1.28 -3.32 -14.84
H43 CLA BF . -0.61 -4.99 -15.04
H51 CLA BF . 0.87 -2.25 -17.92
H52 CLA BF . 0.42 -1.38 -16.41
H61 CLA BF . -2.02 -2.10 -16.87
H62 CLA BF . -1.46 -2.65 -18.49
H71 CLA BF . -1.67 -0.50 -19.22
H72 CLA BF . -0.28 -0.07 -18.16
H8 CLA BF . -1.98 0.07 -16.22
H91 CLA BF . -4.37 0.61 -16.97
H92 CLA BF . -3.88 -1.10 -17.35
H93 CLA BF . -3.91 0.15 -18.66
H101 CLA BF . -0.99 2.10 -17.20
H102 CLA BF . -2.69 2.35 -16.62
H111 CLA BF . -2.35 1.53 -19.53
H112 CLA BF . -1.76 3.18 -19.08
H121 CLA BF . -4.39 2.63 -17.85
H122 CLA BF . -4.45 2.32 -19.62
H13 CLA BF . -3.04 4.76 -19.39
H141 CLA BF . -4.15 6.18 -17.86
H142 CLA BF . -4.01 4.64 -16.91
H143 CLA BF . -5.58 5.07 -17.70
H151 CLA BF . -5.96 4.01 -20.05
H152 CLA BF . -4.61 4.40 -21.18
H161 CLA BF . -4.61 6.78 -19.96
H162 CLA BF . -6.27 6.30 -19.44
H171 CLA BF . -6.98 5.92 -21.76
H172 CLA BF . -5.29 6.10 -22.36
H18 CLA BF . -6.32 8.41 -20.75
H191 CLA BF . -5.44 9.65 -22.88
H192 CLA BF . -4.74 8.05 -23.35
H193 CLA BF . -4.25 8.83 -21.80
H201 CLA BF . -7.66 9.27 -22.77
H202 CLA BF . -8.39 7.78 -22.04
H203 CLA BF . -7.43 7.66 -23.57
MG CLA CF . 3.94 9.53 -43.26
CHA CLA CF . 5.58 12.47 -44.16
CHB CLA CF . 0.98 11.15 -44.02
CHC CLA CF . 2.26 6.60 -42.90
CHD CLA CF . 6.95 7.83 -43.27
NA CLA CF . 3.40 11.55 -43.82
C1A CLA CF . 4.23 12.59 -44.24
C2A CLA CF . 3.43 13.81 -44.75
C3A CLA CF . 2.01 13.43 -44.28
C4A CLA CF . 2.10 11.94 -44.04
CMA CLA CF . 1.71 14.00 -42.92
CAA CLA CF . 3.56 14.06 -46.26
CBA CLA CF . 3.00 13.02 -47.20
CGA CLA CF . 3.93 11.85 -47.32
O1A CLA CF . 5.14 11.86 -47.25
O2A CLA CF . 3.35 10.63 -47.52
NB CLA CF . 1.98 8.99 -43.42
C1B CLA CF . 0.96 9.80 -43.77
C2B CLA CF . -0.30 9.04 -43.77
C3B CLA CF . 0.05 7.76 -43.45
C4B CLA CF . 1.52 7.70 -43.22
CMB CLA CF . -1.58 9.64 -44.10
CAB CLA CF . -0.81 6.64 -43.35
CBB CLA CF . -2.04 6.77 -42.86
NC CLA CF . 4.48 7.57 -43.28
C1C CLA CF . 3.68 6.52 -43.02
C2C CLA CF . 4.49 5.32 -42.70
C3C CLA CF . 5.85 5.72 -42.71
C4C CLA CF . 5.81 7.10 -43.09
CMC CLA CF . 3.91 4.00 -42.39
CAC CLA CF . 7.10 4.96 -42.40
CBC CLA CF . 7.52 3.98 -43.44
ND CLA CF . 5.81 9.96 -43.67
C1D CLA CF . 6.97 9.18 -43.55
C2D CLA CF . 8.16 10.04 -43.68
C3D CLA CF . 7.68 11.32 -43.86
C4D CLA CF . 6.20 11.21 -43.90
CMD CLA CF . 9.55 9.58 -43.55
CAD CLA CF . 7.99 12.72 -44.04
OBD CLA CF . 9.05 13.30 -43.94
CBD CLA CF . 6.67 13.48 -44.33
CGD CLA CF . 6.54 14.61 -43.42
O1D CLA CF . 6.36 14.55 -42.22
O2D CLA CF . 6.58 15.85 -43.97
CED CLA CF . 6.50 16.91 -43.02
C1 CLA CF . 4.24 9.50 -47.50
C2 CLA CF . 3.62 8.53 -48.42
C3 CLA CF . 2.85 7.51 -48.03
C4 CLA CF . 2.52 7.18 -46.64
C5 CLA CF . 2.27 6.59 -49.03
C6 CLA CF . 3.02 5.28 -49.03
C7 CLA CF . 2.58 4.40 -50.19
C8 CLA CF . 3.73 3.55 -50.68
C9 CLA CF . 4.73 4.38 -51.46
C10 CLA CF . 3.24 2.39 -51.55
C11 CLA CF . 3.82 1.11 -51.04
C12 CLA CF . 3.45 -0.06 -51.91
C13 CLA CF . 4.14 -1.35 -51.52
C14 CLA CF . 5.29 -1.70 -52.44
C15 CLA CF . 3.13 -2.47 -51.52
C16 CLA CF . 3.72 -3.77 -51.03
C17 CLA CF . 3.12 -4.23 -49.71
C18 CLA CF . 3.79 -5.53 -49.28
C19 CLA CF . 3.69 -6.58 -50.38
C20 CLA CF . 3.24 -6.05 -47.99
HHB CLA CF . 0.02 11.64 -44.23
HHC CLA CF . 1.74 5.69 -42.54
HHD CLA CF . 7.91 7.31 -43.18
H2A CLA CF . 3.82 14.74 -44.27
H3A CLA CF . 1.27 13.72 -45.07
HMA1 CLA CF . 1.24 13.24 -42.25
HMA2 CLA CF . 1.02 14.87 -42.99
HMA3 CLA CF . 2.64 14.35 -42.42
HAA1 CLA CF . 4.65 14.18 -46.49
HAA2 CLA CF . 3.06 15.04 -46.48
HBA1 CLA CF . 2.85 13.48 -48.22
HBA2 CLA CF . 2.00 12.66 -46.84
HMB1 CLA CF . -2.29 8.87 -44.51
HMB2 CLA CF . -1.45 10.44 -44.88
HMB3 CLA CF . -2.04 10.10 -43.19
HAB CLA CF . -0.40 5.67 -43.67
HBB1 CLA CF . -2.42 7.73 -42.52
HBB2 CLA CF . -2.73 5.93 -42.76
HMC1 CLA CF . 4.71 3.22 -42.32
HMC2 CLA CF . 3.18 3.69 -43.18
HMC3 CLA CF . 3.36 4.02 -41.41
HAC1 CLA CF . 6.96 4.40 -41.43
HAC2 CLA CF . 7.94 5.68 -42.24
HBC1 CLA CF . 8.42 3.41 -43.09
HBC2 CLA CF . 7.79 4.51 -44.38
HBC3 CLA CF . 6.70 3.25 -43.65
HMD1 CLA CF . 10.24 10.44 -43.41
HMD2 CLA CF . 9.87 9.02 -44.47
HMD3 CLA CF . 9.65 8.90 -42.68
HBD CLA CF . 6.70 13.88 -45.39
HED1 CLA CF . 6.50 17.83 -43.65
HED2 CLA CF . 7.40 16.77 -42.38
HED3 CLA CF . 5.54 16.72 -42.49
H11 CLA CF . 4.32 9.11 -46.45
H12 CLA CF . 5.26 9.83 -47.83
H2 CLA CF . 3.85 8.71 -49.48
H41 CLA CF . 1.96 6.21 -46.57
H42 CLA CF . 1.89 7.97 -46.16
H43 CLA CF . 3.45 7.06 -46.02
H51 CLA CF . 2.32 7.06 -50.05
H52 CLA CF . 1.19 6.42 -48.80
H61 CLA CF . 2.84 4.74 -48.07
H62 CLA CF . 4.12 5.47 -49.11
H71 CLA CF . 2.19 5.05 -51.01
H72 CLA CF . 1.73 3.75 -49.86
H8 CLA CF . 4.25 3.10 -49.78
H91 CLA CF . 5.35 3.74 -52.13
H92 CLA CF . 5.41 4.93 -50.76
H93 CLA CF . 4.20 5.14 -52.09
H101 CLA CF . 3.54 2.55 -52.62
H102 CLA CF . 2.12 2.35 -51.53
H111 CLA CF . 3.47 0.93 -49.99
H112 CLA CF . 4.94 1.20 -50.99
H121 CLA CF . 3.69 0.19 -52.98
H122 CLA CF . 2.33 -0.20 -51.86
H13 CLA CF . 4.60 -1.20 -50.49
H141 CLA CF . 6.15 -2.13 -51.87
H142 CLA CF . 5.66 -0.79 -52.99
H143 CLA CF . 4.97 -2.45 -53.21
H151 CLA CF . 2.73 -2.63 -52.54
H152 CLA CF . 2.27 -2.21 -50.86
H161 CLA CF . 4.83 -3.66 -50.90
H162 CLA CF . 3.56 -4.56 -51.80
H171 CLA CF . 2.02 -4.39 -49.81
H172 CLA CF . 3.27 -3.45 -48.92
H18 CLA CF . 4.89 -5.32 -49.11
H191 CLA CF . 3.85 -7.61 -49.95
H192 CLA CF . 4.46 -6.40 -51.16
H193 CLA CF . 2.68 -6.54 -50.85
H201 CLA CF . 3.60 -7.08 -47.80
H202 CLA CF . 2.12 -6.07 -48.02
H203 CLA CF . 3.55 -5.40 -47.14
MG CLA DF . 19.54 10.86 -47.97
CHA CLA DF . 18.04 13.49 -49.63
CHB CLA DF . 17.37 11.44 -45.39
CHC CLA DF . 20.32 7.72 -46.61
CHD CLA DF . 21.06 9.86 -50.94
NA CLA DF . 17.86 12.18 -47.66
C1A CLA DF . 17.56 13.32 -48.39
C2A CLA DF . 16.62 14.28 -47.66
C3A CLA DF . 16.57 13.66 -46.24
C4A CLA DF . 17.29 12.32 -46.43
CMA CLA DF . 17.29 14.53 -45.25
CAA CLA DF . 15.24 14.31 -48.33
CBA CLA DF . 14.46 13.01 -48.20
CGA CLA DF . 13.26 13.03 -49.10
O1A CLA DF . 12.84 13.94 -49.81
O2A CLA DF . 12.55 11.85 -49.06
NB CLA DF . 19.00 9.83 -46.28
C1B CLA DF . 18.04 10.21 -45.40
C2B CLA DF . 17.86 9.14 -44.38
C3B CLA DF . 18.69 8.11 -44.72
C4B CLA DF . 19.44 8.52 -45.94
CMB CLA DF . 16.90 9.21 -43.30
CAB CLA DF . 18.86 6.83 -44.12
CBB CLA DF . 18.80 6.63 -42.79
NC CLA DF . 20.66 9.20 -48.58
C1C CLA DF . 20.93 8.07 -47.86
C2C CLA DF . 21.78 7.17 -48.61
C3C CLA DF . 21.85 7.73 -49.89
C4C CLA DF . 21.17 9.00 -49.86
CMC CLA DF . 22.25 5.87 -48.17
CAC CLA DF . 22.59 7.23 -51.04
CBC CLA DF . 23.96 7.87 -50.99
ND CLA DF . 19.53 11.43 -49.87
C1D CLA DF . 20.27 10.99 -50.98
C2D CLA DF . 20.07 11.93 -52.10
C3D CLA DF . 19.27 12.95 -51.61
C4D CLA DF . 18.95 12.58 -50.22
CMD CLA DF . 20.64 11.78 -53.43
CAD CLA DF . 18.59 14.18 -51.91
OBD CLA DF . 18.56 14.85 -52.92
CBD CLA DF . 17.83 14.58 -50.64
CGD CLA DF . 18.42 15.84 -50.10
O1D CLA DF . 17.83 16.85 -49.65
O2D CLA DF . 19.80 15.76 -50.16
CED CLA DF . 20.62 16.58 -49.32
C1 CLA DF . 11.19 11.87 -49.52
C2 CLA DF . 10.46 10.77 -48.79
C3 CLA DF . 9.34 10.99 -48.09
C4 CLA DF . 8.73 12.34 -47.98
C5 CLA DF . 8.61 9.90 -47.37
C6 CLA DF . 8.72 8.48 -47.89
C7 CLA DF . 7.51 7.67 -47.44
C8 CLA DF . 7.73 6.15 -47.51
C9 CLA DF . 7.97 5.75 -48.95
C10 CLA DF . 6.56 5.40 -46.86
C11 CLA DF . 6.58 3.88 -47.03
C12 CLA DF . 5.34 3.22 -46.44
C13 CLA DF . 5.22 1.73 -46.71
C14 CLA DF . 3.86 1.22 -46.21
C15 CLA DF . 6.29 0.89 -46.05
C16 CLA DF . 6.97 0.00 -47.07
C17 CLA DF . 6.19 -1.26 -47.41
C18 CLA DF . 7.09 -2.48 -47.25
C19 CLA DF . 6.23 -3.73 -47.31
C20 CLA DF . 8.22 -2.59 -48.26
HHB CLA DF . 16.87 11.72 -44.43
HHC CLA DF . 20.59 6.74 -46.19
HHD CLA DF . 21.65 9.62 -51.84
H2A CLA DF . 17.05 15.32 -47.65
H3A CLA DF . 15.52 13.47 -45.91
HMA1 CLA DF . 17.75 13.92 -44.44
HMA2 CLA DF . 16.58 15.25 -44.77
HMA3 CLA DF . 18.10 15.12 -45.74
HAA1 CLA DF . 15.38 14.54 -49.42
HAA2 CLA DF . 14.65 15.15 -47.89
HBA1 CLA DF . 14.12 12.88 -47.14
HBA2 CLA DF . 15.11 12.14 -48.48
HMB1 CLA DF . 16.41 8.21 -43.15
HMB2 CLA DF . 16.09 9.96 -43.54
HMB3 CLA DF . 17.39 9.51 -42.34
HAB CLA DF . 19.04 5.99 -44.81
HBB1 CLA DF . 18.64 7.47 -42.10
HBB2 CLA DF . 18.92 5.65 -42.33
HMC1 CLA DF . 22.97 5.42 -48.91
HMC2 CLA DF . 21.39 5.16 -48.04
HMC3 CLA DF . 22.78 5.94 -47.19
HAC1 CLA DF . 22.07 7.49 -51.99
HAC2 CLA DF . 22.68 6.11 -51.00
HBC1 CLA DF . 24.52 7.67 -51.93
HBC2 CLA DF . 24.55 7.46 -50.13
HBC3 CLA DF . 23.86 8.98 -50.86
HMD1 CLA DF . 20.15 12.49 -54.15
HMD2 CLA DF . 20.48 10.74 -53.81
HMD3 CLA DF . 21.74 11.98 -53.41
HBD CLA DF . 16.74 14.72 -50.89
HED1 CLA DF . 21.63 16.49 -49.76
HED2 CLA DF . 20.51 16.11 -48.31
HED3 CLA DF . 20.15 17.59 -49.41
H11 CLA DF . 11.19 11.70 -50.63
H12 CLA DF . 10.75 12.87 -49.29
H2 CLA DF . 10.92 9.78 -48.88
H41 CLA DF . 7.72 12.30 -47.50
H42 CLA DF . 8.60 12.81 -48.99
H43 CLA DF . 9.37 13.03 -47.38
H51 CLA DF . 7.51 10.18 -47.34
H52 CLA DF . 8.97 9.91 -46.30
H61 CLA DF . 9.66 8.00 -47.52
H62 CLA DF . 8.77 8.48 -49.02
H71 CLA DF . 6.63 7.95 -48.07
H72 CLA DF . 7.27 7.96 -46.38
H8 CLA DF . 8.65 5.86 -46.93
H91 CLA DF . 8.27 4.67 -49.01
H92 CLA DF . 8.79 6.36 -49.40
H93 CLA DF . 7.04 5.89 -49.56
H101 CLA DF . 5.60 5.79 -47.30
H102 CLA DF . 6.54 5.63 -45.77
H111 CLA DF . 7.50 3.47 -46.54
H112 CLA DF . 6.65 3.63 -48.12
H121 CLA DF . 4.44 3.75 -46.84
H122 CLA DF . 5.35 3.40 -45.32
H13 CLA DF . 5.32 1.61 -47.83
H141 CLA DF . 3.69 0.17 -46.53
H142 CLA DF . 3.02 1.85 -46.62
H143 CLA DF . 3.80 1.26 -45.09
H151 CLA DF . 5.85 0.25 -45.24
H152 CLA DF . 7.06 1.54 -45.57
H161 CLA DF . 7.98 -0.31 -46.67
H162 CLA DF . 7.16 0.58 -48.01
H171 CLA DF . 5.82 -1.19 -48.46
H172 CLA DF . 5.29 -1.34 -46.74
H18 CLA DF . 7.61 -2.38 -46.25
H191 CLA DF . 6.87 -4.63 -47.50
H192 CLA DF . 5.49 -3.64 -48.15
H193 CLA DF . 5.67 -3.87 -46.36
H201 CLA DF . 8.72 -3.58 -48.19
H202 CLA DF . 8.98 -1.80 -48.09
H203 CLA DF . 7.81 -2.47 -49.30
MG CLA EF . 15.50 12.97 -40.28
CHA CLA EF . 17.46 12.18 -37.58
CHB CLA EF . 14.80 9.58 -40.63
CHC CLA EF . 14.04 13.62 -43.14
CHD CLA EF . 16.94 16.27 -40.22
NA CLA EF . 16.04 11.22 -39.26
C1A CLA EF . 16.77 11.14 -38.08
C2A CLA EF . 16.71 9.73 -37.50
C3A CLA EF . 16.02 8.89 -38.59
C4A CLA EF . 15.56 9.97 -39.55
CMA CLA EF . 16.90 7.87 -39.26
CAA CLA EF . 15.84 9.73 -36.24
CBA CLA EF . 15.96 8.42 -35.47
CGA CLA EF . 16.98 8.65 -34.41
O1A CLA EF . 17.39 9.71 -33.97
O2A CLA EF . 17.54 7.54 -33.89
NB CLA EF . 14.62 11.79 -41.63
C1B CLA EF . 14.33 10.47 -41.59
C2B CLA EF . 13.42 10.09 -42.73
C3B CLA EF . 13.22 11.23 -43.43
C4B CLA EF . 13.98 12.32 -42.75
CMB CLA EF . 12.91 8.74 -42.97
CAB CLA EF . 12.47 11.45 -44.63
CBB CLA EF . 12.93 11.06 -45.81
NC CLA EF . 15.50 14.63 -41.44
C1C CLA EF . 14.72 14.70 -42.54
C2C CLA EF . 14.72 16.03 -43.09
C3C CLA EF . 15.56 16.79 -42.27
C4C CLA EF . 16.03 15.92 -41.23
CMC CLA EF . 14.01 16.44 -44.31
CAC CLA EF . 15.97 18.19 -42.45
CBC CLA EF . 14.79 19.11 -42.48
ND CLA EF . 16.82 14.07 -39.17
C1D CLA EF . 17.31 15.39 -39.22
C2D CLA EF . 18.28 15.61 -38.12
C3D CLA EF . 18.38 14.41 -37.45
C4D CLA EF . 17.46 13.48 -38.18
CMD CLA EF . 18.97 16.86 -37.85
CAD CLA EF . 19.04 13.66 -36.39
OBD CLA EF . 19.91 13.97 -35.59
CBD CLA EF . 18.45 12.22 -36.43
CGD CLA EF . 19.53 11.22 -36.54
O1D CLA EF . 19.95 10.43 -35.72
O2D CLA EF . 20.06 11.13 -37.74
CED CLA EF . 21.36 10.54 -37.75
C1 CLA EF . 18.42 7.72 -32.77
C2 CLA EF . 19.86 7.66 -33.17
C3 CLA EF . 20.72 6.77 -32.66
C4 CLA EF . 20.32 5.72 -31.71
C5 CLA EF . 22.17 6.77 -33.10
C6 CLA EF . 23.16 7.43 -32.15
C7 CLA EF . 22.92 8.90 -31.96
C8 CLA EF . 23.20 9.76 -33.18
C9 CLA EF . 24.63 9.65 -33.64
C10 CLA EF . 22.94 11.22 -32.85
C11 CLA EF . 21.53 11.42 -32.34
C12 CLA EF . 21.05 12.81 -32.71
C13 CLA EF . 19.80 13.24 -31.94
C14 CLA EF . 18.62 12.35 -32.30
C15 CLA EF . 19.56 14.75 -32.16
C16 CLA EF . 18.12 15.13 -32.48
C17 CLA EF . 17.82 16.57 -32.10
C18 CLA EF . 17.70 17.49 -33.28
C19 CLA EF . 17.24 18.86 -32.81
C20 CLA EF . 16.75 16.96 -34.34
HHB CLA EF . 14.55 8.52 -40.74
HHC CLA EF . 13.49 13.88 -44.06
HHD CLA EF . 17.36 17.30 -40.22
H2A CLA EF . 17.77 9.40 -37.29
H3A CLA EF . 15.15 8.34 -38.15
HMA1 CLA EF . 16.35 7.34 -40.07
HMA2 CLA EF . 17.27 7.11 -38.53
HMA3 CLA EF . 17.80 8.35 -39.72
HAA1 CLA EF . 14.76 9.89 -36.55
HAA2 CLA EF . 16.13 10.58 -35.58
HBA1 CLA EF . 16.27 7.58 -36.15
HBA2 CLA EF . 14.97 8.14 -35.02
HMB1 CLA EF . 12.84 8.54 -44.08
HMB2 CLA EF . 11.90 8.62 -42.51
HMB3 CLA EF . 13.60 7.97 -42.53
HAB CLA EF . 11.49 11.96 -44.52
HBB1 CLA EF . 13.89 10.54 -45.90
HBB2 CLA EF . 12.39 11.20 -46.75
HMC1 CLA EF . 14.48 17.33 -44.78
HMC2 CLA EF . 12.94 16.70 -44.09
HMC3 CLA EF . 14.00 15.61 -45.07
HAC1 CLA EF . 16.54 18.30 -43.41
HAC2 CLA EF . 16.66 18.50 -41.62
HBC1 CLA EF . 15.13 20.17 -42.54
HBC2 CLA EF . 14.19 18.97 -41.55
HBC3 CLA EF . 14.15 18.88 -43.36
HMD1 CLA EF . 19.56 16.80 -36.90
HMD2 CLA EF . 18.23 17.70 -37.75
HMD3 CLA EF . 19.67 17.12 -38.69
HBD CLA EF . 17.91 12.03 -35.47
HED1 CLA EF . 21.78 10.85 -38.74
HED2 CLA EF . 21.16 9.44 -37.65
HED3 CLA EF . 21.87 10.99 -36.87
H11 CLA EF . 18.18 6.92 -32.01
H12 CLA EF . 18.18 8.72 -32.31
H2 CLA EF . 20.16 8.40 -33.92
H41 CLA EF . 21.16 5.00 -31.51
H42 CLA EF . 19.47 5.11 -32.10
H43 CLA EF . 20.02 6.15 -30.72
H51 CLA EF . 22.22 7.28 -34.10
H52 CLA EF . 22.48 5.70 -33.24
H61 CLA EF . 24.20 7.28 -32.55
H62 CLA EF . 23.12 6.92 -31.15
H71 CLA EF . 23.56 9.26 -31.10
H72 CLA EF . 21.85 9.05 -31.64
H8 CLA EF . 22.52 9.42 -34.01
H91 CLA EF . 24.92 10.54 -34.26
H92 CLA EF . 24.76 8.73 -34.26
H93 CLA EF . 25.33 9.58 -32.77
H101 CLA EF . 23.10 11.85 -33.76
H102 CLA EF . 23.66 11.57 -32.07
H111 CLA EF . 21.50 11.29 -31.23
H112 CLA EF . 20.85 10.65 -32.79
H121 CLA EF . 20.83 12.83 -33.81
H122 CLA EF . 21.88 13.54 -32.52
H13 CLA EF . 19.93 13.11 -30.82
H141 CLA EF . 17.82 12.43 -31.53
H142 CLA EF . 18.95 11.29 -32.35
H143 CLA EF . 18.20 12.64 -33.29
H151 CLA EF . 20.20 15.10 -33.01
H152 CLA EF . 19.87 15.33 -31.25
H161 CLA EF . 17.43 14.45 -31.94
H162 CLA EF . 17.94 15.00 -33.58
H171 CLA EF . 18.61 16.96 -31.41
H172 CLA EF . 16.85 16.60 -31.52
H18 CLA EF . 18.70 17.56 -33.79
H191 CLA EF . 17.13 19.55 -33.67
H192 CLA EF . 17.99 19.29 -32.09
H193 CLA EF . 16.26 18.77 -32.29
H201 CLA EF . 16.17 17.80 -34.81
H202 CLA EF . 16.02 16.26 -33.89
H203 CLA EF . 17.30 16.43 -35.15
MG CLA FF . 4.06 15.63 -29.69
CHA CLA FF . 2.31 18.59 -28.87
CHB CLA FF . 6.92 17.22 -28.73
CHC CLA FF . 5.68 12.58 -29.50
CHD CLA FF . 1.00 14.04 -29.88
NA CLA FF . 4.52 17.59 -28.92
C1A CLA FF . 3.67 18.68 -28.71
C2A CLA FF . 4.41 19.93 -28.27
C3A CLA FF . 5.89 19.51 -28.41
C4A CLA FF . 5.79 18.00 -28.69
CMA CLA FF . 6.57 20.24 -29.52
CAA CLA FF . 4.10 20.29 -26.83
CBA CLA FF . 4.01 19.08 -25.93
CGA CLA FF . 3.74 19.53 -24.52
O1A CLA FF . 3.86 20.67 -24.08
O2A CLA FF . 3.31 18.48 -23.72
NB CLA FF . 5.92 15.01 -29.20
C1B CLA FF . 6.96 15.83 -28.96
C2B CLA FF . 8.21 15.03 -28.93
C3B CLA FF . 7.87 13.73 -29.15
C4B CLA FF . 6.41 13.71 -29.31
CMB CLA FF . 9.51 15.67 -28.68
CAB CLA FF . 8.61 12.49 -29.23
CBB CLA FF . 9.80 12.39 -29.75
NC CLA FF . 3.49 13.68 -29.68
C1C CLA FF . 4.28 12.57 -29.65
C2C CLA FF . 3.50 11.37 -29.77
C3C CLA FF . 2.17 11.79 -29.84
C4C CLA FF . 2.18 13.25 -29.81
CMC CLA FF . 4.04 10.02 -29.78
CAC CLA FF . 0.98 10.96 -29.99
CBC CLA FF . 0.31 10.72 -28.67
ND CLA FF . 2.03 16.14 -29.40
C1D CLA FF . 0.90 15.40 -29.66
C2D CLA FF . -0.27 16.32 -29.63
C3D CLA FF . 0.19 17.57 -29.33
C4D CLA FF . 1.64 17.39 -29.19
CMD CLA FF . -1.67 16.01 -29.83
CAD CLA FF . -0.12 18.95 -29.09
OBD CLA FF . -1.18 19.57 -29.11
CBD CLA FF . 1.26 19.63 -28.79
CGD CLA FF . 1.50 20.66 -29.82
O1D CLA FF . 1.53 20.45 -31.02
O2D CLA FF . 1.60 21.95 -29.38
CED CLA FF . 1.52 22.91 -30.41
C1 CLA FF . 2.91 18.82 -22.38
C2 CLA FF . 2.51 17.57 -21.72
C3 CLA FF . 2.24 17.52 -20.40
C4 CLA FF . 2.33 18.72 -19.56
C5 CLA FF . 1.82 16.28 -19.68
C6 CLA FF . 1.51 15.11 -20.58
C7 CLA FF . 1.29 13.88 -19.79
C8 CLA FF . 1.35 12.62 -20.62
C9 CLA FF . 0.01 12.24 -21.18
C10 CLA FF . 1.78 11.47 -19.73
C11 CLA FF . 3.24 11.52 -19.26
C12 CLA FF . 3.88 10.20 -19.62
C13 CLA FF . 5.01 9.81 -18.69
C14 CLA FF . 6.02 10.89 -18.39
C15 CLA FF . 5.73 8.60 -19.30
C16 CLA FF . 6.49 9.01 -20.53
C17 CLA FF . 6.17 8.17 -21.75
C18 CLA FF . 7.42 7.66 -22.44
C19 CLA FF . 7.75 6.26 -21.97
C20 CLA FF . 7.23 7.61 -23.94
HHB CLA FF . 7.89 17.72 -28.59
HHC CLA FF . 6.19 11.60 -29.54
HHD CLA FF . 0.06 13.50 -30.13
H2A CLA FF . 4.13 20.77 -28.97
H3A CLA FF . 6.44 19.66 -27.44
HMA1 CLA FF . 7.51 19.73 -29.83
HMA2 CLA FF . 6.83 21.29 -29.21
HMA3 CLA FF . 5.91 20.32 -30.41
HAA1 CLA FF . 3.13 20.85 -26.80
HAA2 CLA FF . 4.89 20.98 -26.45
HBA1 CLA FF . 4.96 18.50 -25.96
HBA2 CLA FF . 3.17 18.40 -26.27
HMB1 CLA FF . 10.31 14.89 -28.54
HMB2 CLA FF . 9.47 16.30 -27.75
HMB3 CLA FF . 9.79 16.33 -29.54
HAB CLA FF . 8.08 11.60 -28.82
HBB1 CLA FF . 10.32 13.27 -30.15
HBB2 CLA FF . 10.35 11.45 -29.80
HMC1 CLA FF . 3.26 9.28 -30.11
HMC2 CLA FF . 4.38 9.72 -28.76
HMC3 CLA FF . 4.91 9.95 -30.48
HAC1 CLA FF . 1.25 9.98 -30.45
HAC2 CLA FF . 0.25 11.46 -30.68
HBC1 CLA FF . -0.59 10.07 -28.82
HBC2 CLA FF . -0.01 11.69 -28.22
HBC3 CLA FF . 1.01 10.20 -27.98
HMD1 CLA FF . -2.32 16.87 -29.51
HMD2 CLA FF . -1.96 15.11 -29.22
HMD3 CLA FF . -1.89 15.79 -30.90
HBD CLA FF . 1.23 20.07 -27.75
HED1 CLA FF . 1.51 23.89 -29.88
HED2 CLA FF . 0.56 22.67 -30.93
HED3 CLA FF . 2.44 22.72 -31.03
H11 CLA FF . 2.05 19.56 -22.45
H12 CLA FF . 3.78 19.32 -21.87
H2 CLA FF . 2.46 16.68 -22.36
H41 CLA FF . 2.04 18.51 -18.50
H42 CLA FF . 1.67 19.53 -19.93
H43 CLA FF . 3.38 19.12 -19.54
H51 CLA FF . 0.92 16.52 -19.06
H52 CLA FF . 2.65 16.00 -18.97
H61 CLA FF . 2.35 14.95 -21.31
H62 CLA FF . 0.60 15.33 -21.19
H71 CLA FF . 0.29 13.94 -19.28
H72 CLA FF . 2.07 13.83 -18.98
H8 CLA FF . 2.06 12.80 -21.48
H91 CLA FF . 0.05 11.23 -21.66
H92 CLA FF . -0.32 12.99 -21.96
H93 CLA FF . -0.75 12.22 -20.37
H101 CLA FF . 1.62 10.51 -20.27
H102 CLA FF . 1.13 11.45 -18.82
H111 CLA FF . 3.28 11.70 -18.15
H112 CLA FF . 3.77 12.37 -19.75
H121 CLA FF . 4.27 10.27 -20.67
H122 CLA FF . 3.09 9.41 -19.60
H13 CLA FF . 4.55 9.57 -17.68
H141 CLA FF . 7.04 10.45 -18.23
H142 CLA FF . 5.74 11.46 -17.47
H143 CLA FF . 6.08 11.61 -19.25
H151 CLA FF . 4.99 7.80 -19.57
H152 CLA FF . 6.44 8.14 -18.56
H161 CLA FF . 7.60 8.93 -20.32
H162 CLA FF . 6.28 10.08 -20.76
H171 CLA FF . 5.57 8.78 -22.47
H172 CLA FF . 5.53 7.30 -21.44
H18 CLA FF . 8.27 8.36 -22.20
H191 CLA FF . 8.80 5.98 -22.27
H192 CLA FF . 7.04 5.51 -22.41
H193 CLA FF . 7.68 6.20 -20.85
H201 CLA FF . 8.16 7.25 -24.45
H202 CLA FF . 6.98 8.62 -24.34
H203 CLA FF . 6.39 6.91 -24.21
MG CLA GF . 12.69 16.64 -28.53
CHA CLA GF . 13.85 14.00 -30.37
CHB CLA GF . 12.80 14.70 -25.73
CHC CLA GF . 10.94 19.03 -26.82
CHD CLA GF . 12.26 18.44 -31.43
NA CLA GF . 13.19 14.66 -28.14
C1A CLA GF . 13.69 13.72 -29.04
C2A CLA GF . 14.17 12.47 -28.32
C3A CLA GF . 13.70 12.68 -26.87
C4A CLA GF . 13.20 14.11 -26.89
CMA CLA GF . 12.63 11.68 -26.51
CAA CLA GF . 15.71 12.42 -28.40
CBA CLA GF . 16.38 13.62 -27.76
CGA CLA GF . 17.87 13.56 -27.88
O1A CLA GF . 18.56 14.14 -28.71
O2A CLA GF . 18.49 12.79 -26.95
NB CLA GF . 12.01 16.84 -26.64
C1B CLA GF . 12.25 15.97 -25.60
C2B CLA GF . 11.80 16.55 -24.31
C3B CLA GF . 11.27 17.80 -24.61
C4B CLA GF . 11.39 17.97 -26.10
CMB CLA GF . 11.94 15.82 -23.06
CAB CLA GF . 10.64 18.82 -23.81
CBB CLA GF . 10.63 18.91 -22.50
NC CLA GF . 11.77 18.39 -29.02
C1C CLA GF . 11.07 19.21 -28.22
C2C CLA GF . 10.53 20.35 -28.96
C3C CLA GF . 10.93 20.19 -30.27
C4C CLA GF . 11.71 18.96 -30.27
CMC CLA GF . 9.72 21.43 -28.42
CAC CLA GF . 10.69 21.06 -31.45
CBC CLA GF . 9.56 20.60 -32.32
ND CLA GF . 12.86 16.35 -30.43
C1D CLA GF . 12.83 17.23 -31.52
C2D CLA GF . 13.41 16.63 -32.74
C3D CLA GF . 13.75 15.34 -32.37
C4D CLA GF . 13.42 15.24 -30.93
CMD CLA GF . 13.52 17.31 -34.04
CAD CLA GF . 14.30 14.06 -32.78
OBD CLA GF . 14.51 13.65 -33.92
CBD CLA GF . 14.49 13.21 -31.49
CGD CLA GF . 13.81 11.86 -31.54
O1D CLA GF . 14.25 10.72 -31.37
O2D CLA GF . 12.49 12.01 -31.78
CED CLA GF . 11.79 10.93 -32.33
C1 CLA GF . 19.85 12.42 -27.27
C2 CLA GF . 19.85 11.26 -28.18
C3 CLA GF . 20.16 10.03 -27.75
C4 CLA GF . 20.54 9.78 -26.36
C5 CLA GF . 20.16 8.84 -28.62
C6 CLA GF . 19.02 7.86 -28.27
C7 CLA GF . 17.86 8.51 -27.51
C8 CLA GF . 16.58 7.69 -27.28
C9 CLA GF . 15.39 8.58 -27.49
C10 CLA GF . 16.40 7.22 -25.85
C11 CLA GF . 15.59 5.96 -25.82
C12 CLA GF . 16.38 4.75 -26.33
C13 CLA GF . 15.36 3.62 -26.59
C14 CLA GF . 14.85 3.12 -25.26
C15 CLA GF . 15.92 2.48 -27.43
C16 CLA GF . 15.83 2.66 -28.95
C17 CLA GF . 15.80 4.08 -29.44
C18 CLA GF . 15.33 4.23 -30.88
C19 CLA GF . 13.81 4.07 -30.92
C20 CLA GF . 16.03 3.21 -31.71
HHB CLA GF . 12.91 14.12 -24.79
HHC CLA GF . 10.40 19.84 -26.29
HHD CLA GF . 12.25 19.08 -32.32
H2A CLA GF . 13.69 11.56 -28.78
H3A CLA GF . 14.54 12.62 -26.13
HMA1 CLA GF . 12.34 11.78 -25.44
HMA2 CLA GF . 12.98 10.64 -26.68
HMA3 CLA GF . 11.71 11.84 -27.14
HAA1 CLA GF . 16.04 12.35 -29.48
HAA2 CLA GF . 16.08 11.49 -27.89
HBA1 CLA GF . 16.10 13.66 -26.67
HBA2 CLA GF . 16.00 14.56 -28.26
HMB1 CLA GF . 11.18 16.17 -22.31
HMB2 CLA GF . 12.97 15.96 -22.63
HMB3 CLA GF . 11.79 14.71 -23.23
HAB CLA GF . 10.13 19.58 -24.42
HBB1 CLA GF . 11.14 18.18 -21.84
HBB2 CLA GF . 10.12 19.73 -21.97
HMC1 CLA GF . 9.53 22.21 -29.20
HMC2 CLA GF . 10.25 21.92 -27.56
HMC3 CLA GF . 8.74 21.05 -28.05
HAC1 CLA GF . 11.62 21.12 -32.06
HAC2 CLA GF . 10.47 22.11 -31.09
HBC1 CLA GF . 9.04 21.48 -32.78
HBC2 CLA GF . 8.80 20.04 -31.70
HBC3 CLA GF . 9.93 19.94 -33.13
HMD1 CLA GF . 14.05 16.66 -34.79
HMD2 CLA GF . 14.09 18.26 -33.94
HMD3 CLA GF . 12.50 17.55 -34.45
HBD CLA GF . 15.60 13.06 -31.40
HED1 CLA GF . 10.93 11.40 -32.86
HED2 CLA GF . 11.50 10.30 -31.45
HED3 CLA GF . 12.54 10.45 -33.02
H11 CLA GF . 20.40 12.19 -26.31
H12 CLA GF . 20.35 13.32 -27.75
H2 CLA GF . 19.56 11.45 -29.23
H41 CLA GF . 20.74 8.69 -26.19
H42 CLA GF . 19.73 10.08 -25.66
H43 CLA GF . 21.45 10.34 -26.08
H51 CLA GF . 21.15 8.31 -28.52
H52 CLA GF . 20.06 9.16 -29.68
H61 CLA GF . 19.42 7.02 -27.65
H62 CLA GF . 18.62 7.41 -29.21
H71 CLA GF . 17.59 9.45 -28.05
H72 CLA GF . 18.26 8.81 -26.50
H8 CLA GF . 16.64 6.83 -28.00
H91 CLA GF . 14.45 8.02 -27.29
H92 CLA GF . 15.37 8.96 -28.53
H93 CLA GF . 15.44 9.45 -26.79
H101 CLA GF . 15.90 8.01 -25.24
H102 CLA GF . 17.41 7.03 -25.38
H111 CLA GF . 14.67 6.10 -26.44
H112 CLA GF . 15.25 5.76 -24.77
H121 CLA GF . 17.14 4.42 -25.57
H122 CLA GF . 16.93 5.01 -27.27
H13 CLA GF . 14.49 4.04 -27.20
H141 CLA GF . 14.26 2.18 -25.39
H142 CLA GF . 14.20 3.88 -24.77
H143 CLA GF . 15.71 2.90 -24.57
H151 CLA GF . 15.39 1.53 -27.18
H152 CLA GF . 17.00 2.34 -27.18
H161 CLA GF . 14.90 2.14 -29.32
H162 CLA GF . 16.71 2.15 -29.43
H171 CLA GF . 16.82 4.53 -29.35
H172 CLA GF . 15.11 4.68 -28.78
H18 CLA GF . 15.58 5.24 -31.30
H191 CLA GF . 13.48 3.86 -31.97
H192 CLA GF . 13.31 5.01 -30.58
H193 CLA GF . 13.48 3.22 -30.27
H201 CLA GF . 16.01 3.49 -32.79
H202 CLA GF . 15.54 2.21 -31.61
H203 CLA GF . 17.10 3.10 -31.40
MG CLA HF . 10.83 9.47 -23.00
CHA CLA HF . 9.05 12.29 -21.81
CHB CLA HF . 9.74 10.16 -26.06
CHC CLA HF . 12.01 6.35 -23.95
CHD CLA HF . 11.20 8.44 -19.68
NA CLA HF . 9.50 10.95 -23.77
C1A CLA HF . 9.00 12.12 -23.17
C2A CLA HF . 8.34 13.06 -24.20
C3A CLA HF . 8.42 12.23 -25.49
C4A CLA HF . 9.27 11.01 -25.10
CMA CLA HF . 7.03 11.80 -25.92
CAA CLA HF . 9.01 14.40 -24.34
CBA CLA HF . 8.35 15.29 -25.38
CGA CLA HF . 7.02 15.87 -24.98
O1A CLA HF . 6.75 17.02 -24.60
O2A CLA HF . 6.05 14.95 -25.07
NB CLA HF . 10.89 8.49 -24.66
C1B CLA HF . 10.50 9.00 -25.84
C2B CLA HF . 10.92 8.04 -26.90
C3B CLA HF . 11.55 6.97 -26.33
C4B CLA HF . 11.54 7.23 -24.89
CMB CLA HF . 10.63 8.28 -28.30
CAB CLA HF . 12.10 5.72 -26.86
CBB CLA HF . 12.27 5.39 -28.13
NC CLA HF . 11.51 7.75 -22.04
C1C CLA HF . 11.99 6.61 -22.59
C2C CLA HF . 12.42 5.66 -21.57
C3C CLA HF . 12.17 6.26 -20.35
C4C CLA HF . 11.61 7.56 -20.65
CMC CLA HF . 12.94 4.33 -21.87
CAC CLA HF . 12.43 5.70 -19.02
CBC CLA HF . 11.32 4.77 -18.56
ND CLA HF . 10.19 10.08 -21.15
C1D CLA HF . 10.51 9.60 -19.88
C2D CLA HF . 10.04 10.52 -18.83
C3D CLA HF . 9.51 11.59 -19.53
C4D CLA HF . 9.60 11.27 -20.97
CMD CLA HF . 10.20 10.29 -17.41
CAD CLA HF . 8.78 12.83 -19.43
OBD CLA HF . 8.32 13.35 -18.43
CBD CLA HF . 8.57 13.38 -20.89
CGD CLA HF . 7.11 13.73 -21.10
O1D CLA HF . 6.24 13.04 -21.63
O2D CLA HF . 6.78 14.93 -20.58
CED CLA HF . 5.49 15.49 -20.82
C1 CLA HF . 4.64 15.38 -25.05
C2 CLA HF . 3.89 14.20 -24.54
C3 CLA HF . 3.27 13.37 -25.35
C4 CLA HF . 3.20 13.50 -26.81
C5 CLA HF . 2.57 12.20 -24.81
C6 CLA HF . 3.29 10.89 -25.02
C7 CLA HF . 2.46 9.84 -24.31
C8 CLA HF . 3.07 8.45 -24.27
C9 CLA HF . 3.77 8.12 -25.56
C10 CLA HF . 1.99 7.42 -24.01
C11 CLA HF . 1.15 7.77 -22.80
C12 CLA HF . 0.52 6.54 -22.17
C13 CLA HF . -0.62 6.84 -21.18
C14 CLA HF . -1.59 7.92 -21.65
C15 CLA HF . -0.05 7.24 -19.84
C16 CLA HF . 0.31 6.01 -19.05
C17 CLA HF . -0.65 5.73 -17.91
C18 CLA HF . 0.09 5.24 -16.68
C19 CLA HF . 0.79 6.41 -16.01
C20 CLA HF . -0.83 4.50 -15.73
HHB CLA HF . 9.51 10.40 -27.12
HHC CLA HF . 12.43 5.38 -24.27
HHD CLA HF . 11.44 8.18 -18.64
H2A CLA HF . 7.30 13.25 -23.85
H3A CLA HF . 8.96 12.79 -26.29
HMA1 CLA HF . 7.01 10.72 -26.19
HMA2 CLA HF . 6.71 12.38 -26.82
HMA3 CLA HF . 6.28 11.98 -25.12
HAA1 CLA HF . 10.09 14.24 -24.63
HAA2 CLA HF . 9.00 14.93 -23.35
HBA1 CLA HF . 8.21 14.69 -26.32
HBA2 CLA HF . 9.05 16.14 -25.61
HMB1 CLA HF . 9.87 7.53 -28.68
HMB2 CLA HF . 11.56 8.19 -28.93
HMB3 CLA HF . 10.21 9.32 -28.45
HAB CLA HF . 12.39 5.00 -26.06
HBB1 CLA HF . 12.02 6.07 -28.95
HBB2 CLA HF . 12.67 4.42 -28.43
HMC1 CLA HF . 12.82 3.65 -20.99
HMC2 CLA HF . 14.03 4.37 -22.11
HMC3 CLA HF . 12.41 3.87 -22.73
HAC1 CLA HF . 12.52 6.54 -18.27
HAC2 CLA HF . 13.40 5.15 -19.01
HBC1 CLA HF . 11.54 4.40 -17.53
HBC2 CLA HF . 11.27 3.89 -19.25
HBC3 CLA HF . 10.34 5.29 -18.57
HMD1 CLA HF . 9.30 10.66 -16.84
HMD2 CLA HF . 11.10 10.84 -17.01
HMD3 CLA HF . 10.33 9.20 -17.18
HBD CLA HF . 9.17 14.32 -21.05
HED1 CLA HF . 5.56 16.51 -20.39
HED2 CLA HF . 4.79 14.81 -20.30
HED3 CLA HF . 5.40 15.48 -21.94
H11 CLA HF . 4.31 15.68 -26.08
H12 CLA HF . 4.53 16.27 -24.37
H2 CLA HF . 3.88 14.08 -23.44
H41 CLA HF . 2.84 12.56 -27.29
H42 CLA HF . 4.21 13.72 -27.25
H43 CLA HF . 2.51 14.32 -27.11
H51 CLA HF . 1.55 12.15 -25.27
H52 CLA HF . 2.43 12.36 -23.70
H61 CLA HF . 4.33 10.92 -24.61
H62 CLA HF . 3.37 10.65 -26.11
H71 CLA HF . 1.46 9.79 -24.81
H72 CLA HF . 2.28 10.19 -23.26
H8 CLA HF . 3.82 8.41 -23.43
H91 CLA HF . 3.99 7.02 -25.62
H92 CLA HF . 4.74 8.68 -25.62
H93 CLA HF . 3.14 8.41 -26.43
H101 CLA HF . 2.45 6.41 -23.84
H102 CLA HF . 1.32 7.33 -24.91
H111 CLA HF . 0.35 8.50 -23.11
H112 CLA HF . 1.79 8.29 -22.05
H121 CLA HF . 1.32 5.96 -21.64
H122 CLA HF . 0.13 5.88 -22.99
H13 CLA HF . -1.22 5.90 -21.11
H141 CLA HF . -2.50 7.94 -21.00
H142 CLA HF . -1.91 7.73 -22.70
H143 CLA HF . -1.11 8.93 -21.60
H151 CLA HF . -0.79 7.86 -19.25
H152 CLA HF . 0.86 7.88 -19.97
H161 CLA HF . 1.34 6.13 -18.63
H162 CLA HF . 0.32 5.13 -19.73
H171 CLA HF . -1.40 4.96 -18.23
H172 CLA HF . -1.22 6.66 -17.66
H18 CLA HF . 0.88 4.49 -16.98
H191 CLA HF . 0.87 6.24 -14.91
H192 CLA HF . 0.21 7.36 -16.18
H193 CLA HF . 1.81 6.54 -16.42
H201 CLA HF . -0.36 3.53 -15.40
H202 CLA HF . -1.80 4.25 -16.23
H203 CLA HF . -1.05 5.11 -14.83
MG CLA IF . 7.84 20.10 -18.58
CHA CLA IF . 7.66 23.52 -18.20
CHB CLA IF . 11.19 20.40 -19.33
CHC CLA IF . 8.20 16.73 -18.10
CHD CLA IF . 4.62 19.92 -17.03
NA CLA IF . 9.18 21.72 -18.80
C1A CLA IF . 8.90 23.07 -18.57
C2A CLA IF . 10.13 23.92 -18.72
C3A CLA IF . 11.14 22.95 -19.45
C4A CLA IF . 10.50 21.59 -19.18
CMA CLA IF . 11.21 23.19 -20.96
CAA CLA IF . 10.56 24.39 -17.33
CBA CLA IF . 10.59 23.33 -16.26
CGA CLA IF . 9.36 23.17 -15.44
O1A CLA IF . 8.61 24.04 -14.98
O2A CLA IF . 9.04 21.86 -15.18
NB CLA IF . 9.36 18.83 -18.68
C1B CLA IF . 10.64 19.11 -19.08
C2B CLA IF . 11.45 17.89 -19.17
C3B CLA IF . 10.64 16.83 -18.83
C4B CLA IF . 9.29 17.41 -18.54
CMB CLA IF . 12.87 17.93 -19.51
CAB CLA IF . 10.93 15.42 -18.77
CBB CLA IF . 11.76 14.78 -19.57
NC CLA IF . 6.57 18.62 -17.84
C1C CLA IF . 6.92 17.30 -17.80
C2C CLA IF . 5.83 16.52 -17.24
C3C CLA IF . 4.85 17.41 -16.83
C4C CLA IF . 5.33 18.73 -17.23
CMC CLA IF . 5.89 15.08 -17.07
CAC CLA IF . 3.54 17.13 -16.16
CBC CLA IF . 3.66 17.35 -14.67
ND CLA IF . 6.33 21.33 -17.91
C1D CLA IF . 5.06 21.16 -17.35
C2D CLA IF . 4.44 22.48 -17.08
C3D CLA IF . 5.38 23.40 -17.42
C4D CLA IF . 6.56 22.66 -17.88
CMD CLA IF . 3.10 22.75 -16.52
CAD CLA IF . 5.73 24.79 -17.42
OBD CLA IF . 5.17 25.77 -17.00
CBD CLA IF . 7.20 24.91 -17.92
CGD CLA IF . 7.23 25.95 -19.02
O1D CLA IF . 8.22 26.58 -19.41
O2D CLA IF . 6.00 26.28 -19.55
CED CLA IF . 6.05 27.21 -20.61
C1 CLA IF . 8.48 21.53 -13.88
C2 CLA IF . 7.87 20.20 -14.09
C3 CLA IF . 8.30 19.08 -13.48
C4 CLA IF . 9.43 19.05 -12.56
C5 CLA IF . 7.70 17.75 -13.69
C6 CLA IF . 7.41 17.16 -12.33
C7 CLA IF . 8.31 15.97 -11.98
C8 CLA IF . 7.50 14.72 -11.63
C9 CLA IF . 6.56 14.38 -12.77
C10 CLA IF . 6.70 14.89 -10.37
C11 CLA IF . 6.07 13.58 -9.90
C12 CLA IF . 7.12 12.74 -9.18
C13 CLA IF . 6.52 11.56 -8.42
C14 CLA IF . 5.86 11.99 -7.12
C15 CLA IF . 7.63 10.54 -8.18
C16 CLA IF . 7.20 9.16 -8.62
C17 CLA IF . 6.27 8.58 -7.59
C18 CLA IF . 6.59 7.13 -7.28
C19 CLA IF . 5.33 6.41 -6.84
C20 CLA IF . 7.67 7.03 -6.21
HHB CLA IF . 12.23 20.45 -19.67
HHC CLA IF . 8.28 15.64 -17.97
HHD CLA IF . 3.61 19.84 -16.57
H2A CLA IF . 9.95 24.82 -19.37
H3A CLA IF . 12.15 23.03 -19.00
HMA1 CLA IF . 11.66 22.31 -21.48
HMA2 CLA IF . 11.84 24.08 -21.18
HMA3 CLA IF . 10.19 23.37 -21.38
HAA1 CLA IF . 9.86 25.20 -17.00
HAA2 CLA IF . 11.57 24.85 -17.42
HBA1 CLA IF . 11.45 23.55 -15.56
HBA2 CLA IF . 10.81 22.34 -16.74
HMB1 CLA IF . 13.36 16.95 -19.27
HMB2 CLA IF . 13.40 18.73 -18.93
HMB3 CLA IF . 13.00 18.13 -20.60
HAB CLA IF . 10.39 14.88 -17.96
HBB1 CLA IF . 12.30 15.31 -20.36
HBB2 CLA IF . 11.96 13.71 -19.52
HMC1 CLA IF . 4.95 14.70 -16.61
HMC2 CLA IF . 6.74 14.80 -16.40
HMC3 CLA IF . 6.03 14.57 -18.06
HAC1 CLA IF . 3.23 16.07 -16.36
HAC2 CLA IF . 2.74 17.80 -16.58
HBC1 CLA IF . 2.65 17.21 -14.20
HBC2 CLA IF . 4.02 18.39 -14.46
HBC3 CLA IF . 4.37 16.62 -14.22
HMD1 CLA IF . 2.87 23.84 -16.56
HMD2 CLA IF . 3.04 22.41 -15.46
HMD3 CLA IF . 2.31 22.20 -17.11
HBD CLA IF . 7.92 25.29 -17.16
HED1 CLA IF . 4.97 27.37 -20.87
HED2 CLA IF . 6.64 26.68 -21.40
HED3 CLA IF . 6.56 28.09 -20.17
H11 CLA IF . 7.72 22.31 -13.58
H12 CLA IF . 9.30 21.52 -13.10
H2 CLA IF . 7.02 20.18 -14.78
H41 CLA IF . 9.83 18.02 -12.42
H42 CLA IF . 9.15 19.45 -11.55
H43 CLA IF . 10.28 19.68 -12.93
H51 CLA IF . 8.39 17.10 -14.28
H52 CLA IF . 6.75 17.85 -14.28
H61 CLA IF . 6.35 16.81 -12.29
H62 CLA IF . 7.53 17.94 -11.54
H71 CLA IF . 8.97 16.25 -11.12
H72 CLA IF . 8.99 15.77 -12.85
H8 CLA IF . 8.24 13.88 -11.47
H91 CLA IF . 6.52 13.28 -12.93
H92 CLA IF . 6.90 14.87 -13.72
H93 CLA IF . 5.53 14.74 -12.54
H101 CLA IF . 5.88 15.64 -10.53
H102 CLA IF . 7.35 15.29 -9.55
H111 CLA IF . 5.66 13.02 -10.77
H112 CLA IF . 5.22 13.78 -9.21
H121 CLA IF . 7.68 13.40 -8.48
H122 CLA IF . 7.85 12.36 -9.95
H13 CLA IF . 5.70 11.10 -9.04
H141 CLA IF . 5.01 11.32 -6.87
H142 CLA IF . 5.47 13.04 -7.21
H143 CLA IF . 6.59 11.96 -6.27
H151 CLA IF . 7.91 10.50 -7.10
H152 CLA IF . 8.56 10.83 -8.75
H161 CLA IF . 8.10 8.49 -8.74
H162 CLA IF . 6.70 9.21 -9.61
H171 CLA IF . 5.20 8.65 -7.96
H172 CLA IF . 6.31 9.18 -6.65
H18 CLA IF . 7.00 6.65 -8.21
H191 CLA IF . 5.58 5.39 -6.48
H192 CLA IF . 4.62 6.34 -7.68
H193 CLA IF . 4.84 6.97 -6.00
H201 CLA IF . 7.83 5.95 -5.93
H202 CLA IF . 7.35 7.57 -5.29
H203 CLA IF . 8.63 7.45 -6.57
MG CLA JF . 24.97 17.41 -32.62
CHA CLA JF . 22.74 16.36 -30.07
CHB CLA JF . 27.21 15.07 -31.39
CHC CLA JF . 27.50 19.03 -34.27
CHD CLA JF . 23.00 20.37 -32.82
NA CLA JF . 24.93 15.91 -31.01
C1A CLA JF . 23.87 15.59 -30.15
C2A CLA JF . 24.18 14.34 -29.31
C3A CLA JF . 25.59 13.93 -29.83
C4A CLA JF . 25.94 15.03 -30.82
CMA CLA JF . 26.58 13.80 -28.70
CAA CLA JF . 23.13 13.25 -29.51
CBA CLA JF . 23.51 11.85 -29.04
CGA CLA JF . 23.56 11.85 -27.55
O1A CLA JF . 23.20 12.75 -26.82
O2A CLA JF . 24.13 10.73 -27.00
NB CLA JF . 26.97 17.10 -32.82
C1B CLA JF . 27.66 16.03 -32.32
C2B CLA JF . 29.03 16.04 -32.90
C3B CLA JF . 29.12 17.13 -33.73
C4B CLA JF . 27.82 17.83 -33.69
CMB CLA JF . 30.04 15.04 -32.54
CAB CLA JF . 30.24 17.58 -34.51
CBB CLA JF . 31.00 18.62 -34.22
NC CLA JF . 25.15 19.26 -33.39
C1C CLA JF . 26.25 19.70 -34.10
C2C CLA JF . 26.00 21.02 -34.66
C3C CLA JF . 24.76 21.41 -34.20
C4C CLA JF . 24.24 20.31 -33.44
CMC CLA JF . 26.96 21.79 -35.44
CAC CLA JF . 24.07 22.66 -34.45
CBC CLA JF . 24.51 23.77 -33.53
ND CLA JF . 23.24 18.18 -31.77
C1D CLA JF . 22.51 19.35 -32.05
C2D CLA JF . 21.26 19.35 -31.30
C3D CLA JF . 21.29 18.24 -30.53
C4D CLA JF . 22.56 17.55 -30.83
CMD CLA JF . 20.25 20.39 -31.41
CAD CLA JF . 20.59 17.48 -29.49
OBD CLA JF . 19.53 17.75 -28.88
CBD CLA JF . 21.50 16.25 -29.20
CGD CLA JF . 21.85 16.20 -27.77
O1D CLA JF . 22.80 16.77 -27.25
O2D CLA JF . 20.98 15.43 -27.03
CED CLA JF . 21.30 15.20 -25.65
C1 CLA JF . 24.05 10.58 -25.58
C2 CLA JF . 25.20 11.22 -24.90
C3 CLA JF . 26.27 10.56 -24.46
C4 CLA JF . 26.45 9.11 -24.63
C5 CLA JF . 27.39 11.29 -23.80
C6 CLA JF . 28.35 11.77 -24.87
C7 CLA JF . 29.48 12.55 -24.26
C8 CLA JF . 29.79 13.80 -25.07
C9 CLA JF . 30.25 13.45 -26.47
C10 CLA JF . 30.85 14.58 -24.30
C11 CLA JF . 30.61 16.07 -24.26
C12 CLA JF . 31.46 16.73 -25.33
C13 CLA JF . 31.63 18.24 -25.27
C14 CLA JF . 32.30 18.58 -23.97
C15 CLA JF . 30.39 19.11 -25.39
C16 CLA JF . 30.03 19.46 -26.83
C17 CLA JF . 29.76 18.18 -27.55
C18 CLA JF . 28.83 18.30 -28.73
C19 CLA JF . 28.25 16.94 -29.03
C20 CLA JF . 29.59 18.78 -29.95
HHB CLA JF . 27.93 14.28 -31.11
HHC CLA JF . 28.24 19.53 -34.91
HHD CLA JF . 22.38 21.27 -32.97
H2A CLA JF . 24.20 14.62 -28.22
H3A CLA JF . 25.55 12.97 -30.41
HMA1 CLA JF . 27.63 13.80 -29.09
HMA2 CLA JF . 26.43 12.85 -28.14
HMA3 CLA JF . 26.48 14.64 -27.98
HAA1 CLA JF . 22.89 13.20 -30.60
HAA2 CLA JF . 22.20 13.56 -28.97
HBA1 CLA JF . 24.51 11.56 -29.46
HBA2 CLA JF . 22.75 11.11 -29.40
HMB1 CLA JF . 30.64 14.75 -33.44
HMB2 CLA JF . 29.55 14.13 -32.12
HMB3 CLA JF . 30.73 15.46 -31.77
HAB CLA JF . 30.43 16.98 -35.42
HBB1 CLA JF . 30.82 19.22 -33.32
HBB2 CLA JF . 31.84 18.92 -34.84
HMC1 CLA JF . 26.51 22.73 -35.81
HMC2 CLA JF . 27.33 21.20 -36.32
HMC3 CLA JF . 27.86 22.05 -34.82
HAC1 CLA JF . 22.96 22.52 -34.35
HAC2 CLA JF . 24.25 22.99 -35.52
HBC1 CLA JF . 24.29 24.76 -34.00
HBC2 CLA JF . 25.60 23.69 -33.33
HBC3 CLA JF . 23.96 23.70 -32.56
HMD1 CLA JF . 19.39 20.18 -30.71
HMD2 CLA JF . 19.84 20.44 -32.45
HMD3 CLA JF . 20.68 21.39 -31.15
HBD CLA JF . 20.93 15.32 -29.48
HED1 CLA JF . 20.33 14.86 -25.20
HED2 CLA JF . 21.66 16.20 -25.29
HED3 CLA JF . 22.09 14.41 -25.69
H11 CLA JF . 24.01 9.48 -25.34
H12 CLA JF . 23.07 11.05 -25.23
H2 CLA JF . 25.12 12.32 -24.78
H41 CLA JF . 27.41 8.76 -24.18
H42 CLA JF . 26.47 8.82 -25.71
H43 CLA JF . 25.62 8.54 -24.15
H51 CLA JF . 27.91 10.62 -23.07
H52 CLA JF . 26.99 12.17 -23.22
H61 CLA JF . 27.81 12.41 -25.62
H62 CLA JF . 28.77 10.90 -25.43
H71 CLA JF . 30.39 11.90 -24.20
H72 CLA JF . 29.21 12.84 -23.21
H8 CLA JF . 28.87 14.43 -25.21
H91 CLA JF . 30.48 14.38 -27.05
H92 CLA JF . 29.46 12.88 -27.01
H93 CLA JF . 31.18 12.83 -26.41
H101 CLA JF . 31.85 14.39 -24.77
H102 CLA JF . 30.90 14.19 -23.25
H111 CLA JF . 30.87 16.48 -23.25
H112 CLA JF . 29.52 16.30 -24.43
H121 CLA JF . 31.00 16.45 -26.32
H122 CLA JF . 32.48 16.25 -25.28
H13 CLA JF . 32.23 18.50 -26.20
H141 CLA JF . 32.76 19.60 -24.02
H142 CLA JF . 33.11 17.84 -23.75
H143 CLA JF . 31.57 18.56 -23.14
H151 CLA JF . 30.54 20.06 -24.81
H152 CLA JF . 29.51 18.58 -24.92
H161 CLA JF . 30.87 20.01 -27.32
H162 CLA JF . 29.12 20.13 -26.86
H171 CLA JF . 29.31 17.44 -26.83
H172 CLA JF . 30.73 17.74 -27.90
H18 CLA JF . 28.03 19.06 -28.51
H191 CLA JF . 27.38 17.03 -29.72
H192 CLA JF . 27.89 16.46 -28.07
H193 CLA JF . 29.02 16.28 -29.49
H201 CLA JF . 28.92 18.82 -30.84
H202 CLA JF . 30.45 18.10 -30.18
H203 CLA JF . 30.00 19.80 -29.78
MG CLA KF . 27.48 21.08 -24.58
CHA CLA KF . 29.86 23.27 -23.35
CHB CLA KF . 28.26 18.85 -22.06
CHC CLA KF . 25.86 18.58 -26.27
CHD CLA KF . 27.41 23.03 -27.56
NA CLA KF . 28.83 21.07 -23.01
C1A CLA KF . 29.60 22.17 -22.58
C2A CLA KF . 30.19 21.95 -21.19
C3A CLA KF . 29.72 20.53 -20.86
C4A CLA KF . 28.84 20.11 -22.05
CMA CLA KF . 30.91 19.63 -20.75
CAA CLA KF . 29.66 22.95 -20.21
CBA CLA KF . 30.22 22.72 -18.82
CGA CLA KF . 31.68 23.10 -18.71
O1A CLA KF . 32.41 23.68 -19.49
O2A CLA KF . 32.22 22.70 -17.53
NB CLA KF . 27.02 19.14 -24.16
C1B CLA KF . 27.48 18.39 -23.12
C2B CLA KF . 27.05 16.97 -23.26
C3B CLA KF . 26.38 16.93 -24.44
C4B CLA KF . 26.37 18.28 -25.04
CMB CLA KF . 27.38 15.93 -22.30
CAB CLA KF . 25.84 15.86 -25.20
CBB CLA KF . 25.23 14.80 -24.73
NC CLA KF . 26.73 20.88 -26.48
C1C CLA KF . 26.00 19.80 -26.94
C2C CLA KF . 25.51 20.04 -28.30
C3C CLA KF . 26.03 21.27 -28.68
C4C CLA KF . 26.76 21.80 -27.54
CMC CLA KF . 24.69 19.10 -29.10
CAC CLA KF . 25.86 21.97 -29.95
CBC CLA KF . 26.87 21.53 -30.97
ND CLA KF . 28.47 22.69 -25.40
C1D CLA KF . 28.24 23.47 -26.57
C2D CLA KF . 29.03 24.69 -26.53
C3D CLA KF . 29.71 24.63 -25.34
C4D CLA KF . 29.30 23.39 -24.66
CMD CLA KF . 29.11 25.69 -27.59
CAD CLA KF . 30.67 25.29 -24.50
OBD CLA KF . 31.36 26.26 -24.75
CBD CLA KF . 30.72 24.51 -23.15
CGD CLA KF . 32.16 24.29 -22.78
O1D CLA KF . 32.78 24.71 -21.82
O2D CLA KF . 32.87 23.55 -23.65
CED CLA KF . 33.10 22.23 -23.19
C1 CLA KF . 33.63 22.39 -17.45
C2 CLA KF . 34.02 21.47 -18.56
C3 CLA KF . 34.67 20.28 -18.36
C4 CLA KF . 35.01 19.83 -16.99
C5 CLA KF . 35.04 19.42 -19.53
C6 CLA KF . 34.75 17.92 -19.46
C7 CLA KF . 35.12 17.25 -20.77
C8 CLA KF . 34.21 16.07 -21.16
C9 CLA KF . 34.41 14.89 -20.20
C10 CLA KF . 34.36 15.68 -22.63
C11 CLA KF . 35.26 14.50 -23.00
C12 CLA KF . 35.82 14.64 -24.42
C13 CLA KF . 35.29 13.60 -25.41
C14 CLA KF . 35.96 12.25 -25.16
C15 CLA KF . 35.51 14.09 -26.85
HHB CLA KF . 28.41 18.18 -21.20
HHC CLA KF . 25.28 17.81 -26.80
HHD CLA KF . 27.26 23.68 -28.44
H2A CLA KF . 31.31 22.02 -21.23
H3A CLA KF . 29.07 20.52 -19.94
HMA1 CLA KF . 30.65 18.59 -21.05
HMA2 CLA KF . 31.29 19.60 -19.70
HMA3 CLA KF . 31.75 19.99 -21.41
HAA1 CLA KF . 28.53 22.89 -20.18
HAA2 CLA KF . 29.92 24.00 -20.56
HBA1 CLA KF . 30.11 21.65 -18.55
HBA2 CLA KF . 29.64 23.34 -18.08
HMB1 CLA KF . 27.33 14.93 -22.78
HMB2 CLA KF . 26.67 15.95 -21.44
HMB3 CLA KF . 28.42 16.09 -21.90
HAB CLA KF . 25.99 15.98 -26.28
HBB1 CLA KF . 25.05 14.64 -23.67
HBB2 CLA KF . 24.86 14.04 -25.44
HMC1 CLA KF . 24.16 19.65 -29.93
HMC2 CLA KF . 23.91 18.61 -28.46
HMC3 CLA KF . 25.33 18.30 -29.56
HAC1 CLA KF . 25.95 23.08 -29.79
HAC2 CLA KF . 24.83 21.79 -30.36
HBC1 CLA KF . 26.90 22.25 -31.82
HBC2 CLA KF . 26.62 20.51 -31.35
HBC3 CLA KF . 27.89 21.49 -30.50
HMD1 CLA KF . 29.78 26.53 -27.29
HMD2 CLA KF . 28.10 26.12 -27.83
HMD3 CLA KF . 29.53 25.24 -28.52
HBD CLA KF . 30.26 25.08 -22.29
HED1 CLA KF . 34.01 21.91 -23.76
HED2 CLA KF . 32.17 21.69 -23.45
HED3 CLA KF . 33.28 22.36 -22.10
H11 CLA KF . 33.82 21.91 -16.45
H12 CLA KF . 34.20 23.35 -17.51
H2 CLA KF . 33.76 21.82 -19.57
H41 CLA KF . 35.60 18.89 -17.01
H42 CLA KF . 34.09 19.63 -16.38
H43 CLA KF . 35.61 20.60 -16.44
H51 CLA KF . 36.16 19.56 -19.70
H52 CLA KF . 34.53 19.84 -20.44
H61 CLA KF . 33.67 17.76 -19.24
H62 CLA KF . 35.34 17.46 -18.62
H71 CLA KF . 36.18 16.89 -20.71
H72 CLA KF . 35.08 18.02 -21.59
H8 CLA KF . 33.14 16.37 -21.04
H91 CLA KF . 33.76 14.04 -20.48
H92 CLA KF . 34.16 15.21 -19.15
H93 CLA KF . 35.48 14.55 -20.22
H101 CLA KF . 34.73 16.57 -23.19
H102 CLA KF . 33.33 15.44 -23.04
H111 CLA KF . 34.68 13.54 -22.92
H112 CLA KF . 36.11 14.44 -22.27
H121 CLA KF . 36.94 14.57 -24.36
H122 CLA KF . 35.58 15.67 -24.79
H13 CLA KF . 34.19 13.46 -25.24
H141 CLA KF . 35.74 11.54 -25.99
H142 CLA KF . 35.59 11.80 -24.21
H143 CLA KF . 37.06 12.36 -25.08
C1 BCR LF . 4.51 0.55 -9.75
C2 BCR LF . 3.19 -0.17 -9.54
C3 BCR LF . 2.50 0.07 -8.24
C4 BCR LF . 2.49 1.51 -7.84
C5 BCR LF . 3.81 2.16 -8.04
C6 BCR LF . 4.73 1.76 -8.90
C7 BCR LF . 6.03 2.44 -9.05
C8 BCR LF . 6.20 3.47 -9.90
C9 BCR LF . 7.30 4.44 -9.87
C10 BCR LF . 7.33 5.44 -10.75
C11 BCR LF . 8.46 6.37 -10.86
C33 BCR LF . 4.02 3.34 -7.19
C31 BCR LF . 4.49 0.92 -11.21
C32 BCR LF . 5.67 -0.39 -9.49
C34 BCR LF . 8.45 4.26 -8.94
C12 BCR LF . 8.51 7.30 -11.82
C13 BCR LF . 9.48 8.37 -11.89
C14 BCR LF . 9.19 9.42 -12.67
C15 BCR LF . 10.08 10.53 -12.89
C16 BCR LF . 9.71 11.56 -13.65
C17 BCR LF . 10.68 12.60 -13.94
C18 BCR LF . 10.45 13.77 -14.54
C19 BCR LF . 11.53 14.76 -14.57
C20 BCR LF . 11.41 16.01 -15.06
C21 BCR LF . 12.50 16.94 -14.91
C22 BCR LF . 12.60 18.16 -15.45
C23 BCR LF . 13.85 18.88 -15.34
C24 BCR LF . 13.93 20.21 -15.34
C25 BCR LF . 15.18 20.95 -15.37
C26 BCR LF . 15.98 20.96 -14.31
C27 BCR LF . 17.26 21.67 -14.21
C28 BCR LF . 17.88 21.93 -15.57
C29 BCR LF . 16.88 22.40 -16.59
C30 BCR LF . 15.51 21.68 -16.63
C35 BCR LF . 10.78 8.23 -11.19
C36 BCR LF . 9.24 14.00 -15.33
C37 BCR LF . 11.42 18.89 -15.94
C38 BCR LF . 15.64 20.24 -13.07
C39 BCR LF . 15.42 20.72 -17.80
C40 BCR LF . 14.52 22.79 -16.90
HC21 BCR LF . 3.34 -1.25 -9.65
HC22 BCR LF . 2.50 0.08 -10.34
HC31 BCR LF . 2.98 -0.52 -7.46
HC32 BCR LF . 1.49 -0.31 -8.29
HC41 BCR LF . 2.15 1.61 -6.82
HC42 BCR LF . 1.71 2.03 -8.38
HC7 BCR LF . 6.84 2.10 -8.46
HC8 BCR LF . 5.47 3.60 -10.66
H10C BCR LF . 6.51 5.60 -11.42
H11C BCR LF . 9.25 6.27 -10.15
H331 BCR LF . 4.28 4.19 -7.80
H332 BCR LF . 4.82 3.16 -6.48
H333 BCR LF . 3.13 3.58 -6.63
H311 BCR LF . 5.49 1.13 -11.56
H312 BCR LF . 3.89 1.80 -11.39
H313 BCR LF . 4.09 0.11 -11.80
H321 BCR LF . 6.58 0.01 -9.91
H322 BCR LF . 5.48 -1.35 -9.93
H323 BCR LF . 5.82 -0.51 -8.43
H341 BCR LF . 9.38 4.26 -9.47
H342 BCR LF . 8.37 3.32 -8.41
H343 BCR LF . 8.49 5.05 -8.20
H12C BCR LF . 7.76 7.24 -12.58
H14C BCR LF . 8.24 9.46 -13.15
H15C BCR LF . 11.04 10.53 -12.44
H16C BCR LF . 8.72 11.61 -14.03
H17C BCR LF . 11.68 12.38 -13.64
H19C BCR LF . 12.49 14.48 -14.19
H20C BCR LF . 10.50 16.29 -15.55
H21C BCR LF . 13.31 16.60 -14.31
H23C BCR LF . 14.74 18.30 -15.25
H24C BCR LF . 13.01 20.76 -15.34
H271 BCR LF . 17.97 21.14 -13.56
H272 BCR LF . 17.18 22.61 -13.66
H281 BCR LF . 18.38 21.02 -15.89
H282 BCR LF . 18.68 22.66 -15.44
H291 BCR LF . 17.37 22.32 -17.55
H292 BCR LF . 16.74 23.46 -16.43
H351 BCR LF . 11.57 8.67 -11.78
H352 BCR LF . 11.02 7.19 -11.02
H353 BCR LF . 10.75 8.73 -10.23
H361 BCR LF . 8.86 15.00 -15.21
H362 BCR LF . 8.45 13.32 -15.05
H363 BCR LF . 9.42 13.85 -16.39
H371 BCR LF . 10.90 19.37 -15.12
H372 BCR LF . 10.74 18.21 -16.43
H373 BCR LF . 11.71 19.65 -16.65
H381 BCR LF . 16.28 20.54 -12.24
H382 BCR LF . 15.74 19.17 -13.17
H383 BCR LF . 14.62 20.44 -12.75
H391 BCR LF . 15.81 21.17 -18.70
H392 BCR LF . 14.39 20.44 -17.99
H393 BCR LF . 15.99 19.81 -17.60
H401 BCR LF . 14.78 23.32 -17.80
H402 BCR LF . 14.50 23.50 -16.09
H403 BCR LF . 13.53 22.39 -17.01
C1 BCR MF . 4.59 3.17 -17.37
C2 BCR MF . 3.35 2.31 -17.16
C3 BCR MF . 3.33 1.68 -15.79
C4 BCR MF . 3.35 2.73 -14.72
C5 BCR MF . 4.35 3.78 -15.00
C6 BCR MF . 4.91 4.00 -16.18
C7 BCR MF . 5.90 5.04 -16.40
C8 BCR MF . 7.02 5.07 -15.67
C9 BCR MF . 8.17 5.91 -15.94
C10 BCR MF . 9.22 5.83 -15.12
C11 BCR MF . 10.39 6.68 -15.17
C33 BCR MF . 4.67 4.59 -13.80
C31 BCR MF . 4.33 4.00 -18.61
C32 BCR MF . 5.79 2.28 -17.69
C34 BCR MF . 8.09 6.89 -17.04
C12 BCR MF . 11.32 6.62 -14.21
C13 BCR MF . 12.66 7.10 -14.37
C14 BCR MF . 13.58 6.85 -13.42
C15 BCR MF . 14.78 7.61 -13.26
C16 BCR MF . 15.62 7.34 -12.24
C17 BCR MF . 16.87 8.04 -12.16
C18 BCR MF . 17.83 7.89 -11.23
C19 BCR MF . 19.03 8.73 -11.28
C20 BCR MF . 19.94 8.81 -10.30
C21 BCR MF . 21.15 9.59 -10.50
C22 BCR MF . 22.04 9.94 -9.55
C23 BCR MF . 23.25 10.68 -9.90
C24 BCR MF . 24.14 11.18 -9.02
C25 BCR MF . 25.29 12.00 -9.39
C26 BCR MF . 25.21 13.30 -9.66
C27 BCR MF . 26.33 14.17 -10.06
C28 BCR MF . 27.69 13.55 -9.85
C29 BCR MF . 27.61 12.14 -10.28
C30 BCR MF . 26.62 11.35 -9.49
C35 BCR MF . 12.99 8.08 -15.43
C36 BCR MF . 17.72 6.87 -10.18
C37 BCR MF . 21.94 9.39 -8.18
C38 BCR MF . 23.93 14.06 -9.62
C39 BCR MF . 27.12 11.08 -8.09
C40 BCR MF . 26.56 10.04 -10.24
HC21 BCR MF . 3.27 1.53 -17.91
HC22 BCR MF . 2.45 2.90 -17.27
HC31 BCR MF . 4.18 1.01 -15.69
HC32 BCR MF . 2.45 1.04 -15.70
HC41 BCR MF . 3.50 2.28 -13.76
HC42 BCR MF . 2.36 3.16 -14.60
HC7 BCR MF . 5.72 5.78 -17.14
HC8 BCR MF . 7.08 4.41 -14.83
H10C BCR MF . 9.22 5.08 -14.36
H11C BCR MF . 10.50 7.34 -16.00
H331 BCR MF . 4.84 5.63 -14.07
H332 BCR MF . 5.57 4.22 -13.32
H333 BCR MF . 3.87 4.55 -13.09
H311 BCR MF . 5.24 4.43 -18.99
H312 BCR MF . 3.64 4.80 -18.38
H313 BCR MF . 3.88 3.41 -19.39
H321 BCR MF . 6.53 2.83 -18.22
H322 BCR MF . 5.49 1.43 -18.27
H323 BCR MF . 6.23 1.91 -16.77
H341 BCR MF . 9.06 7.05 -17.49
H342 BCR MF . 7.73 7.84 -16.69
H343 BCR MF . 7.42 6.55 -17.82
H12C BCR MF . 11.03 6.20 -13.26
H14C BCR MF . 13.42 6.03 -12.75
H15C BCR MF . 15.02 8.40 -13.95
H16C BCR MF . 15.34 6.61 -11.52
H17C BCR MF . 17.04 8.77 -12.92
H19C BCR MF . 19.19 9.33 -12.15
H20C BCR MF . 19.77 8.30 -9.39
H21C BCR MF . 21.33 9.93 -11.50
H23C BCR MF . 23.43 10.85 -10.94
H24C BCR MF . 24.01 10.96 -7.99
H271 BCR MF . 26.28 15.14 -9.56
H272 BCR MF . 26.23 14.51 -11.09
H281 BCR MF . 27.97 13.66 -8.80
H282 BCR MF . 28.43 14.12 -10.42
H291 BCR MF . 28.60 11.71 -10.21
H292 BCR MF . 27.38 12.13 -11.33
H351 BCR MF . 13.36 9.00 -15.00
H352 BCR MF . 12.09 8.32 -16.00
H353 BCR MF . 13.72 7.68 -16.11
H361 BCR MF . 18.64 6.29 -10.08
H362 BCR MF . 16.92 6.18 -10.37
H363 BCR MF . 17.53 7.32 -9.21
H371 BCR MF . 22.92 9.23 -7.76
H372 BCR MF . 21.42 8.45 -8.19
H373 BCR MF . 21.40 10.07 -7.55
H381 BCR MF . 23.96 14.93 -10.27
H382 BCR MF . 23.70 14.42 -8.63
H383 BCR MF . 23.09 13.46 -9.95
H391 BCR MF . 28.15 10.73 -8.11
H392 BCR MF . 26.53 10.30 -7.61
H393 BCR MF . 27.07 11.97 -7.48
H401 BCR MF . 27.55 9.70 -10.49
H402 BCR MF . 26.01 10.16 -11.16
H403 BCR MF . 26.09 9.28 -9.64
C1 BCR NF . 33.43 4.62 -22.11
C2 BCR NF . 34.73 3.86 -22.07
C3 BCR NF . 35.46 4.01 -23.37
C4 BCR NF . 35.76 5.47 -23.65
C5 BCR NF . 34.59 6.34 -23.42
C6 BCR NF . 33.53 5.98 -22.71
C7 BCR NF . 32.38 6.86 -22.55
C8 BCR NF . 32.44 7.99 -21.85
C9 BCR NF . 31.32 8.90 -21.64
C10 BCR NF . 31.51 10.06 -20.99
C11 BCR NF . 30.51 11.10 -20.84
C33 BCR NF . 34.68 7.67 -24.06
C31 BCR NF . 32.96 4.65 -20.67
C32 BCR NF . 32.46 3.81 -22.96
C34 BCR NF . 29.99 8.52 -22.21
C12 BCR NF . 30.78 12.20 -20.13
C13 BCR NF . 29.88 13.31 -19.94
C14 BCR NF . 30.34 14.39 -19.30
C15 BCR NF . 29.58 15.58 -18.99
C16 BCR NF . 29.98 16.37 -17.97
C17 BCR NF . 29.35 17.63 -17.79
C18 BCR NF . 29.82 18.62 -17.04
C19 BCR NF . 28.87 19.55 -16.46
C20 BCR NF . 29.20 20.74 -15.94
C21 BCR NF . 28.16 21.58 -15.37
C22 BCR NF . 28.35 22.65 -14.59
C23 BCR NF . 27.17 23.47 -14.27
C24 BCR NF . 27.18 24.52 -13.48
C25 BCR NF . 25.98 25.14 -12.89
C26 BCR NF . 25.23 24.46 -12.03
C27 BCR NF . 24.00 24.97 -11.39
C28 BCR NF . 23.94 26.47 -11.36
C29 BCR NF . 24.36 27.08 -12.67
C30 BCR NF . 25.64 26.54 -13.29
C35 BCR NF . 28.42 13.11 -20.21
C36 BCR NF . 31.19 18.56 -16.52
C37 BCR NF . 29.69 23.29 -14.55
C38 BCR NF . 25.52 23.06 -11.65
C39 BCR NF . 26.82 27.44 -13.03
C40 BCR NF . 25.36 26.58 -14.77
HC21 BCR NF . 34.56 2.81 -21.88
HC22 BCR NF . 35.36 4.22 -21.26
HC31 BCR NF . 34.87 3.59 -24.18
HC32 BCR NF . 36.37 3.43 -23.35
HC41 BCR NF . 36.15 5.58 -24.65
HC42 BCR NF . 36.62 5.79 -23.06
HC7 BCR NF . 31.46 6.58 -23.01
HC8 BCR NF . 33.38 8.26 -21.41
H10C BCR NF . 32.46 10.25 -20.53
H11C BCR NF . 29.57 10.97 -21.32
H331 BCR NF . 34.58 8.44 -23.32
H332 BCR NF . 33.90 7.79 -24.78
H333 BCR NF . 35.63 7.78 -24.56
H311 BCR NF . 31.88 4.57 -20.62
H312 BCR NF . 33.25 5.57 -20.19
H313 BCR NF . 33.37 3.83 -20.12
H321 BCR NF . 31.45 4.13 -22.77
H322 BCR NF . 32.55 2.77 -22.72
H323 BCR NF . 32.68 3.95 -24.00
H341 BCR NF . 29.20 8.98 -21.66
H342 BCR NF . 29.85 7.45 -22.17
H343 BCR NF . 29.92 8.82 -23.24
H12C BCR NF . 31.74 12.24 -19.65
H14C BCR NF . 31.35 14.39 -18.97
H15C BCR NF . 28.72 15.84 -19.56
H16C BCR NF . 30.75 16.04 -17.33
H17C BCR NF . 28.43 17.77 -18.30
H19C BCR NF . 27.82 19.29 -16.44
H20C BCR NF . 30.21 21.05 -15.94
H21C BCR NF . 27.16 21.31 -15.62
H23C BCR NF . 26.25 23.18 -14.74
H24C BCR NF . 28.12 24.97 -13.25
H271 BCR NF . 23.87 24.57 -10.39
H272 BCR NF . 23.10 24.56 -11.85
H281 BCR NF . 24.55 26.82 -10.54
H282 BCR NF . 22.91 26.76 -11.11
H291 BCR NF . 24.46 28.15 -12.50
H292 BCR NF . 23.53 26.98 -13.35
H351 BCR NF . 27.83 13.73 -19.55
H352 BCR NF . 28.15 12.08 -20.05
H353 BCR NF . 28.19 13.38 -21.23
H361 BCR NF . 31.59 19.54 -16.32
H362 BCR NF . 31.86 18.08 -17.23
H363 BCR NF . 31.25 18.00 -15.61
H371 BCR NF . 29.60 24.36 -14.49
H372 BCR NF . 30.24 23.05 -15.44
H373 BCR NF . 30.25 22.95 -13.69
H381 BCR NF . 24.70 22.61 -11.11
H382 BCR NF . 26.40 22.99 -11.02
H383 BCR NF . 25.71 22.44 -12.52
H391 BCR NF . 26.53 28.48 -13.09
H392 BCR NF . 27.61 27.27 -13.76
H393 BCR NF . 27.25 27.26 -12.05
H401 BCR NF . 24.99 27.55 -15.06
H402 BCR NF . 24.63 25.85 -15.05
H403 BCR NF . 26.26 26.40 -15.35
C1 UNL OF . 30.97 5.98 -27.51
C10 UNL OF . 34.39 -0.91 -23.56
C11 UNL OF . 35.42 -0.42 -22.52
C12 UNL OF . 36.81 -0.46 -23.11
C13 UNL OF . 37.67 -1.23 -22.12
C14 UNL OF . 37.31 -2.71 -22.18
C15 UNL OF . 38.40 -3.57 -21.55
C16 UNL OF . 37.93 -4.01 -20.16
C17 UNL OF . 37.52 -2.82 -19.29
C18 UNL OF . 37.95 -3.06 -17.83
C2 UNL OF . 32.23 5.65 -28.32
C3 UNL OF . 32.87 4.36 -27.82
C4 UNL OF . 31.98 3.17 -28.15
C5 UNL OF . 31.03 2.87 -26.99
C6 UNL OF . 31.21 1.41 -26.54
C7 UNL OF . 32.48 1.29 -25.69
C8 UNL OF . 32.51 -0.06 -24.98
C9 UNL OF . 33.20 0.06 -23.63
O1 UNL OF . 30.98 6.89 -26.63
O2 UNL OF . 29.92 5.31 -27.74
H21 UNL OF . 32.86 6.39 -28.23
H22 UNL OF . 31.98 5.55 -29.25
H31 UNL OF . 33.00 4.42 -26.86
H32 UNL OF . 33.74 4.24 -28.25
H41 UNL OF . 32.53 2.39 -28.33
H42 UNL OF . 31.45 3.39 -28.94
H51 UNL OF . 30.11 3.00 -27.28
H52 UNL OF . 31.21 3.46 -26.25
H61 UNL OF . 31.29 0.85 -27.32
H62 UNL OF . 30.44 1.14 -26.02
H71 UNL OF . 32.49 2.01 -25.02
H72 UNL OF . 33.27 1.37 -26.26
H81 UNL OF . 32.97 -0.70 -25.53
H82 UNL OF . 31.60 -0.37 -24.84
H91 UNL OF . 32.58 -0.17 -22.93
H92 UNL OF . 33.52 0.95 -23.51
H101 UNL OF . 34.82 -0.95 -24.44
H102 UNL OF . 34.08 -1.80 -23.32
H111 UNL OF . 35.38 -1.00 -21.74
H112 UNL OF . 35.20 0.48 -22.27
H121 UNL OF . 37.15 0.44 -23.22
H122 UNL OF . 36.80 -0.92 -23.96
H131 UNL OF . 37.52 -0.90 -21.22
H132 UNL OF . 38.61 -1.12 -22.35
H141 UNL OF . 37.20 -2.98 -23.11
H142 UNL OF . 36.48 -2.87 -21.71
H151 UNL OF . 39.21 -3.05 -21.47
H152 UNL OF . 38.57 -4.35 -22.10
H161 UNL OF . 38.65 -4.48 -19.72
H162 UNL OF . 37.17 -4.61 -20.26
H171 UNL OF . 36.56 -2.70 -19.32
H172 UNL OF . 37.95 -2.01 -19.62
H181 UNL OF . 37.65 -2.32 -17.27
H182 UNL OF . 38.92 -3.13 -17.78
H183 UNL OF . 37.55 -3.88 -17.51
C1 LMG PF . 36.20 -11.99 -38.03
O1 LMG PF . 36.91 -10.81 -38.22
C2 LMG PF . 36.56 -12.74 -39.29
O2 LMG PF . 36.04 -11.96 -40.34
C3 LMG PF . 35.78 -14.07 -39.20
O3 LMG PF . 36.14 -14.78 -40.38
C4 LMG PF . 36.17 -14.81 -37.85
O4 LMG PF . 37.55 -15.08 -37.87
C5 LMG PF . 35.88 -13.81 -36.66
O5 LMG PF . 35.07 -15.33 -35.00
C6 LMG PF . 36.19 -14.46 -35.28
O6 LMG PF . 36.72 -12.66 -36.85
C7 LMG PF . 36.04 -9.80 -38.65
C8 LMG PF . 36.65 -9.02 -39.81
C9 LMG PF . 35.74 -9.20 -41.09
O7 LMG PF . 36.62 -7.65 -39.28
C10 LMG PF . 36.40 -6.54 -40.04
O9 LMG PF . 35.26 -6.15 -40.22
C11 LMG PF . 37.63 -5.73 -40.27
C12 LMG PF . 37.76 -4.56 -39.27
C13 LMG PF . 37.70 -3.18 -39.95
C14 LMG PF . 39.11 -2.57 -39.98
C15 LMG PF . 39.02 -1.04 -40.34
C16 LMG PF . 38.09 -0.79 -41.57
C17 LMG PF . 38.33 0.63 -42.14
C18 LMG PF . 37.09 1.56 -41.80
C19 LMG PF . 36.40 2.11 -43.10
C20 LMG PF . 35.73 3.47 -42.76
C21 LMG PF . 35.99 4.47 -43.89
C22 LMG PF . 35.97 5.84 -43.24
C23 LMG PF . 36.28 6.86 -44.33
C24 LMG PF . 36.04 8.18 -43.67
C25 LMG PF . 36.41 9.28 -44.64
C26 LMG PF . 36.35 10.55 -43.82
C27 LMG PF . 36.71 11.71 -44.68
O8 LMG PF . 35.91 -8.07 -41.99
C28 LMG PF . 35.05 -7.95 -43.07
O10 LMG PF . 34.26 -8.87 -43.31
C29 LMG PF . 35.39 -6.84 -44.06
C30 LMG PF . 35.35 -5.42 -43.44
C31 LMG PF . 35.96 -4.42 -44.46
C32 LMG PF . 35.63 -2.98 -44.01
C33 LMG PF . 36.42 -1.94 -44.88
C34 LMG PF . 35.42 -0.94 -45.58
C35 LMG PF . 36.22 0.11 -46.47
C36 LMG PF . 35.22 1.14 -47.11
C37 LMG PF . 35.55 2.60 -46.62
C38 LMG PF . 35.17 3.58 -47.77
C39 LMG PF . 35.43 5.04 -47.32
C40 LMG PF . 35.61 5.91 -48.62
C41 LMG PF . 36.42 7.18 -48.26
C42 LMG PF . 35.71 8.35 -48.96
C43 LMG PF . 36.28 9.69 -48.41
C44 LMG PF . 36.29 10.70 -49.56
C45 LMG PF . 35.69 12.03 -49.08
HC1 LMG PF . 35.11 -11.84 -37.86
HC2 LMG PF . 37.67 -12.92 -39.37
HO2 LMG PF . 35.83 -12.55 -41.06
HC3 LMG PF . 34.67 -13.91 -39.18
HO3 LMG PF . 36.47 -15.62 -40.09
HC4 LMG PF . 35.55 -15.74 -37.73
HO4 LMG PF . 37.96 -14.46 -37.25
HC5 LMG PF . 34.79 -13.55 -36.62
HO5 LMG PF . 35.42 -16.03 -34.45
HC61 LMG PF . 36.32 -13.65 -34.53
HC62 LMG PF . 37.16 -14.99 -35.35
HC71 LMG PF . 35.83 -9.17 -37.77
HC72 LMG PF . 35.09 -10.30 -38.93
HC8 LMG PF . 37.67 -9.32 -40.16
HC91 LMG PF . 34.67 -9.28 -40.77
HC92 LMG PF . 36.00 -10.15 -41.60
H111 LMG PF . 37.63 -5.35 -41.32
H112 LMG PF . 38.53 -6.38 -40.21
H121 LMG PF . 38.71 -4.64 -38.70
H122 LMG PF . 36.95 -4.62 -38.51
H131 LMG PF . 37.00 -2.49 -39.43
H132 LMG PF . 37.29 -3.25 -40.98
H141 LMG PF . 39.76 -3.09 -40.72
H142 LMG PF . 39.63 -2.70 -39.01
H151 LMG PF . 40.02 -0.62 -40.54
H152 LMG PF . 38.64 -0.45 -39.48
H161 LMG PF . 37.03 -0.94 -41.30
H162 LMG PF . 38.27 -1.56 -42.35
H171 LMG PF . 38.50 0.60 -43.24
H172 LMG PF . 39.26 1.06 -41.75
H181 LMG PF . 37.40 2.40 -41.13
H182 LMG PF . 36.35 1.02 -41.16
H191 LMG PF . 35.63 1.43 -43.53
H192 LMG PF . 37.10 2.24 -43.96
H201 LMG PF . 36.10 3.89 -41.80
H202 LMG PF . 34.64 3.39 -42.58
H211 LMG PF . 35.23 4.43 -44.70
H212 LMG PF . 36.95 4.32 -44.43
H221 LMG PF . 36.71 5.91 -42.41
H222 LMG PF . 35.00 6.05 -42.76
H231 LMG PF . 35.64 6.70 -45.23
H232 LMG PF . 37.32 6.75 -44.71
H241 LMG PF . 36.61 8.25 -42.72
H242 LMG PF . 34.98 8.26 -43.34
H251 LMG PF . 35.72 9.28 -45.51
H252 LMG PF . 37.41 9.07 -45.09
H261 LMG PF . 37.02 10.45 -42.93
H262 LMG PF . 35.34 10.65 -43.37
H271 LMG PF . 36.78 12.65 -44.10
H272 LMG PF . 35.96 11.88 -45.47
H273 LMG PF . 37.68 11.57 -45.18
H291 LMG PF . 34.72 -6.90 -44.92
H292 LMG PF . 36.40 -7.05 -44.49
H301 LMG PF . 35.90 -5.33 -42.48
H302 LMG PF . 34.33 -5.08 -43.18
H311 LMG PF . 35.60 -4.61 -45.49
H312 LMG PF . 37.07 -4.57 -44.57
H321 LMG PF . 35.85 -2.88 -42.93
H322 LMG PF . 34.53 -2.84 -44.07
H331 LMG PF . 37.07 -2.45 -45.63
H332 LMG PF . 37.17 -1.38 -44.26
H341 LMG PF . 34.78 -0.39 -44.86
H342 LMG PF . 34.66 -1.46 -46.21
H351 LMG PF . 36.81 -0.42 -47.24
H352 LMG PF . 36.99 0.62 -45.85
H361 LMG PF . 34.17 0.90 -46.86
H362 LMG PF . 35.24 1.10 -48.21
H371 LMG PF . 36.63 2.74 -46.35
H372 LMG PF . 35.01 2.89 -45.69
H381 LMG PF . 34.11 3.48 -48.08
H382 LMG PF . 35.74 3.38 -48.70
H391 LMG PF . 36.32 5.16 -46.67
H392 LMG PF . 34.61 5.47 -46.70
H401 LMG PF . 34.65 6.20 -49.10
H402 LMG PF . 36.14 5.37 -49.45
H411 LMG PF . 37.48 7.04 -48.56
H412 LMG PF . 36.47 7.28 -47.16
H421 LMG PF . 34.62 8.27 -48.82
H422 LMG PF . 35.83 8.26 -50.06
H431 LMG PF . 37.31 9.57 -47.99
H432 LMG PF . 35.69 10.08 -47.56
H441 LMG PF . 35.74 10.32 -50.45
H442 LMG PF . 37.32 10.86 -49.96
H451 LMG PF . 36.11 12.86 -49.65
H452 LMG PF . 35.92 12.18 -48.01
H453 LMG PF . 34.61 12.02 -49.21
O7 LMG QF . 2.93 17.97 -54.75
C10 LMG QF . 3.33 16.89 -54.00
O9 LMG QF . 3.58 17.05 -52.81
C11 LMG QF . 3.16 15.58 -54.71
C12 LMG QF . 4.16 14.51 -54.27
C13 LMG QF . 3.87 13.09 -54.91
C14 LMG QF . 5.19 12.40 -55.45
C15 LMG QF . 4.86 10.97 -55.91
C28 LMG QF . 6.81 19.70 -55.41
C29 LMG QF . 6.13 18.59 -54.59
C30 LMG QF . 7.24 17.83 -53.89
C31 LMG QF . 7.96 16.89 -54.91
C32 LMG QF . 8.94 15.94 -54.14
C33 LMG QF . 8.91 14.48 -54.76
C34 LMG QF . 8.78 13.42 -53.61
C35 LMG QF . 9.97 12.46 -53.68
C36 LMG QF . 9.71 11.37 -54.74
C37 LMG QF . 10.10 10.06 -54.02
C38 LMG QF . 10.21 8.91 -55.05
C39 LMG QF . 9.26 7.74 -54.59
C40 LMG QF . 9.96 6.39 -54.82
C41 LMG QF . 10.17 6.25 -56.34
C42 LMG QF . 11.39 5.36 -56.57
H111 LMG QF . 3.26 15.74 -55.81
H112 LMG QF . 2.13 15.22 -54.57
H121 LMG QF . 4.15 14.42 -53.16
H122 LMG QF . 5.19 14.82 -54.53
H131 LMG QF . 3.13 13.16 -55.73
H132 LMG QF . 3.38 12.41 -54.17
H141 LMG QF . 5.99 12.37 -54.68
H142 LMG QF . 5.63 12.97 -56.29
H291 LMG QF . 5.53 17.90 -55.20
H292 LMG QF . 5.41 18.97 -53.84
H301 LMG QF . 6.85 17.24 -53.03
H302 LMG QF . 7.96 18.51 -53.40
H311 LMG QF . 8.48 17.52 -55.67
H312 LMG QF . 7.20 16.34 -55.50
H321 LMG QF . 8.69 15.92 -53.05
H322 LMG QF . 9.97 16.35 -54.15
H331 LMG QF . 9.80 14.26 -55.37
H332 LMG QF . 8.08 14.34 -55.49
H341 LMG QF . 7.82 12.89 -53.70
H342 LMG QF . 8.72 13.94 -52.63
H351 LMG QF . 10.18 11.99 -52.70
H352 LMG QF . 10.91 12.99 -53.91
H361 LMG QF . 10.31 11.51 -55.67
H362 LMG QF . 8.66 11.34 -55.09
H371 LMG QF . 9.37 9.77 -53.23
H372 LMG QF . 11.07 10.14 -53.47
H381 LMG QF . 11.23 8.52 -55.16
H382 LMG QF . 9.93 9.22 -56.08
H391 LMG QF . 8.28 7.74 -55.13
H392 LMG QF . 8.96 7.82 -53.52
H401 LMG QF . 9.34 5.58 -54.39
H402 LMG QF . 10.90 6.36 -54.24
H411 LMG QF . 10.28 7.25 -56.82
H412 LMG QF . 9.25 5.85 -56.82
C1 UNL RF . 2.81 21.01 -50.91
C10 UNL RF . 5.99 10.64 -51.21
C11 UNL RF . 7.11 9.72 -51.69
C12 UNL RF . 6.62 8.27 -51.78
C13 UNL RF . 5.99 7.95 -53.14
C14 UNL RF . 6.21 6.45 -53.35
C2 UNL RF . 3.35 20.01 -49.87
C3 UNL RF . 4.42 19.06 -50.44
C4 UNL RF . 4.60 17.85 -49.52
C5 UNL RF . 5.64 16.86 -50.04
C6 UNL RF . 5.23 15.40 -49.74
C7 UNL RF . 6.29 14.41 -50.25
C8 UNL RF . 5.62 13.10 -50.74
C9 UNL RF . 6.61 11.93 -50.69
O1 UNL RF . 1.99 20.63 -51.79
O2 UNL RF . 3.18 22.23 -50.83
H21 UNL RF . 2.62 19.48 -49.55
H22 UNL RF . 3.74 20.51 -49.14
H31 UNL RF . 5.27 19.55 -50.51
H32 UNL RF . 4.14 18.77 -51.32
H41 UNL RF . 3.75 17.39 -49.43
H42 UNL RF . 4.88 18.16 -48.64
H51 UNL RF . 6.49 17.04 -49.62
H52 UNL RF . 5.72 16.96 -51.01
H61 UNL RF . 4.38 15.22 -50.16
H62 UNL RF . 5.15 15.30 -48.78
H71 UNL RF . 6.91 14.20 -49.54
H72 UNL RF . 6.77 14.80 -50.99
H81 UNL RF . 5.31 13.22 -51.64
H82 UNL RF . 4.86 12.89 -50.16
H91 UNL RF . 6.90 11.80 -49.78
H92 UNL RF . 7.38 12.15 -51.24
H101 UNL RF . 5.39 10.82 -51.94
H102 UNL RF . 5.49 10.20 -50.49
H111 UNL RF . 7.84 9.76 -51.06
H112 UNL RF . 7.41 10.01 -52.56
H121 UNL RF . 5.96 8.11 -51.09
H122 UNL RF . 7.38 7.68 -51.65
H131 UNL RF . 6.42 8.46 -53.84
H132 UNL RF . 5.04 8.15 -53.12
C10 UNL SF . 7.56 -0.87 -5.27
C11 UNL SF . 7.69 0.37 -4.38
C12 UNL SF . 7.89 1.62 -5.28
C13 UNL SF . 7.37 2.97 -4.74
C14 UNL SF . 7.82 3.28 -3.32
C15 UNL SF . 8.46 4.66 -3.27
C16 UNL SF . 7.50 5.75 -2.76
C17 UNL SF . 8.09 6.39 -1.50
C18 UNL SF . 7.51 7.79 -1.20
C4 UNL SF . 5.92 -7.53 -3.48
C5 UNL SF . 7.19 -6.76 -3.85
C6 UNL SF . 6.83 -5.55 -4.72
C7 UNL SF . 8.09 -4.72 -4.99
C8 UNL SF . 7.71 -3.35 -5.57
C9 UNL SF . 7.91 -2.19 -4.56
H51 UNL SF . 7.79 -7.35 -4.35
H52 UNL SF . 7.63 -6.46 -3.04
H61 UNL SF . 6.17 -5.01 -4.26
H62 UNL SF . 6.47 -5.86 -5.56
H71 UNL SF . 8.66 -5.19 -5.62
H72 UNL SF . 8.57 -4.59 -4.15
H81 UNL SF . 6.78 -3.38 -5.83
H82 UNL SF . 8.25 -3.18 -6.36
H91 UNL SF . 8.84 -2.16 -4.28
H92 UNL SF . 7.34 -2.32 -3.79
H101 UNL SF . 6.63 -0.93 -5.57
H102 UNL SF . 8.13 -0.76 -6.03
H111 UNL SF . 8.45 0.27 -3.79
H112 UNL SF . 6.89 0.49 -3.85
H121 UNL SF . 7.45 1.45 -6.12
H122 UNL SF . 8.85 1.71 -5.43
H131 UNL SF . 6.39 2.93 -4.75
H132 UNL SF . 7.67 3.67 -5.33
H141 UNL SF . 8.47 2.62 -3.04
H142 UNL SF . 7.06 3.26 -2.73
H151 UNL SF . 8.75 4.90 -4.16
H152 UNL SF . 9.22 4.63 -2.68
H161 UNL SF . 6.64 5.35 -2.55
H162 UNL SF . 7.37 6.42 -3.44
H171 UNL SF . 9.05 6.48 -1.62
H172 UNL SF . 7.91 5.81 -0.75
H181 UNL SF . 8.08 8.24 -0.55
H182 UNL SF . 6.62 7.70 -0.83
H183 UNL SF . 7.48 8.31 -2.01
C1 UNL TF . 23.67 -8.00 -5.47
C10 UNL TF . 22.87 1.94 -4.72
C11 UNL TF . 21.97 3.13 -5.16
C12 UNL TF . 22.40 4.44 -4.44
C13 UNL TF . 21.62 5.68 -4.91
C14 UNL TF . 21.87 6.85 -3.94
C15 UNL TF . 21.81 8.20 -4.70
C16 UNL TF . 22.58 9.30 -3.96
C17 UNL TF . 21.74 10.56 -3.78
C18 UNL TF . 21.42 11.26 -5.12
C2 UNL TF . 23.09 -7.18 -4.31
C3 UNL TF . 21.74 -6.64 -4.75
C4 UNL TF . 21.65 -5.13 -4.59
C5 UNL TF . 22.59 -4.41 -5.56
C6 UNL TF . 23.23 -3.18 -4.86
C7 UNL TF . 22.28 -1.97 -4.82
C8 UNL TF . 23.03 -0.63 -4.50
C9 UNL TF . 22.15 0.58 -4.90
O1 UNL TF . 23.36 -9.22 -5.57
O2 UNL TF . 24.44 -7.48 -6.33
H21 UNL TF . 23.69 -6.44 -4.10
H22 UNL TF . 22.99 -7.73 -3.53
H31 UNL TF . 21.04 -7.05 -4.20
H32 UNL TF . 21.59 -6.86 -5.68
H41 UNL TF . 21.90 -4.88 -3.68
H42 UNL TF . 20.74 -4.83 -4.77
H51 UNL TF . 22.08 -4.10 -6.33
H52 UNL TF . 23.28 -5.01 -5.84
H61 UNL TF . 24.03 -2.94 -5.35
H62 UNL TF . 23.45 -3.42 -3.95
H71 UNL TF . 21.61 -2.12 -4.14
H72 UNL TF . 21.86 -1.88 -5.69
H81 UNL TF . 23.86 -0.61 -4.98
H82 UNL TF . 23.21 -0.60 -3.54
H91 UNL TF . 21.35 0.58 -4.35
H92 UNL TF . 21.90 0.49 -5.83
H101 UNL TF . 23.67 1.94 -5.26
H102 UNL TF . 23.10 2.06 -3.79
H111 UNL TF . 21.05 2.94 -4.93
H112 UNL TF . 22.06 3.25 -6.12
H121 UNL TF . 23.35 4.58 -4.62
H122 UNL TF . 22.26 4.32 -3.49
H131 UNL TF . 20.67 5.47 -4.93
H132 UNL TF . 21.92 5.93 -5.80
H141 UNL TF . 22.74 6.76 -3.53
H142 UNL TF . 21.19 6.85 -3.25
H151 UNL TF . 20.87 8.47 -4.77
H152 UNL TF . 22.18 8.08 -5.58
H161 UNL TF . 23.37 9.52 -4.47
H162 UNL TF . 22.85 8.96 -3.09
H171 UNL TF . 22.23 11.19 -3.21
H172 UNL TF . 20.90 10.32 -3.35
H181 UNL TF . 21.09 12.16 -4.94
H182 UNL TF . 20.74 10.75 -5.59
H183 UNL TF . 22.22 11.31 -5.65
C1 UNL UF . 31.85 7.00 -51.62
C10 UNL UF . 31.29 17.65 -53.49
C2 UNL UF . 32.13 8.34 -50.92
C3 UNL UF . 31.43 9.42 -51.75
C4 UNL UF . 30.95 10.61 -50.89
C5 UNL UF . 30.27 11.62 -51.84
C6 UNL UF . 30.77 13.08 -51.66
C7 UNL UF . 30.34 13.95 -52.86
C8 UNL UF . 31.20 15.22 -52.98
C9 UNL UF . 30.43 16.37 -53.61
H21 UNL UF . 33.08 8.51 -50.89
H22 UNL UF . 31.77 8.33 -50.02
H31 UNL UF . 30.66 9.02 -52.19
H32 UNL UF . 32.05 9.75 -52.42
H41 UNL UF . 31.71 11.01 -50.44
H42 UNL UF . 30.31 10.30 -50.22
H51 UNL UF . 29.32 11.61 -51.67
H52 UNL UF . 30.46 11.35 -52.75
H61 UNL UF . 31.73 13.08 -51.59
H62 UNL UF . 30.38 13.44 -50.84
H71 UNL UF . 29.41 14.23 -52.74
H72 UNL UF . 30.42 13.44 -53.67
H81 UNL UF . 31.98 15.02 -53.52
H82 UNL UF . 31.50 15.48 -52.09
H91 UNL UF . 29.59 16.51 -53.15
H92 UNL UF . 30.27 16.19 -54.55
MG CLA VF . -64.57 -3.82 -27.34
CHA CLA VF . -63.79 -6.94 -28.50
CHB CLA VF . -62.36 -4.21 -24.83
CHC CLA VF . -64.87 -0.47 -26.69
CHD CLA VF . -66.34 -3.20 -30.41
NA CLA VF . -63.24 -5.37 -26.77
C1A CLA VF . -63.10 -6.60 -27.37
C2A CLA VF . -62.05 -7.45 -26.63
C3A CLA VF . -61.73 -6.59 -25.38
C4A CLA VF . -62.45 -5.30 -25.66
CMA CLA VF . -62.18 -7.26 -24.11
CAA CLA VF . -60.83 -7.72 -27.50
CBA CLA VF . -60.26 -6.53 -28.28
CGA CLA VF . -59.18 -5.84 -27.48
O1A CLA VF . -58.07 -6.25 -27.17
O2A CLA VF . -59.54 -4.58 -27.12
NB CLA VF . -63.79 -2.61 -26.04
C1B CLA VF . -62.97 -2.96 -25.03
C2B CLA VF . -62.74 -1.80 -24.13
C3B CLA VF . -63.44 -0.74 -24.66
C4B CLA VF . -64.11 -1.23 -25.88
CMB CLA VF . -61.88 -1.91 -22.95
CAB CLA VF . -63.52 0.68 -24.29
CBB CLA VF . -63.19 1.18 -23.13
NC CLA VF . -65.55 -2.17 -28.31
C1C CLA VF . -65.58 -0.91 -27.81
C2C CLA VF . -66.30 0.00 -28.70
C3C CLA VF . -66.62 -0.74 -29.82
C4C CLA VF . -66.18 -2.11 -29.54
CMC CLA VF . -66.51 1.44 -28.52
CAC CLA VF . -67.28 -0.25 -31.01
CBC CLA VF . -66.26 -0.08 -32.10
ND CLA VF . -65.03 -4.78 -29.04
C1D CLA VF . -65.79 -4.45 -30.18
C2D CLA VF . -65.91 -5.64 -31.05
C3D CLA VF . -65.25 -6.65 -30.40
C4D CLA VF . -64.68 -6.05 -29.18
CMD CLA VF . -66.60 -5.67 -32.34
CAD CLA VF . -64.78 -8.00 -30.47
OBD CLA VF . -65.00 -8.85 -31.33
CBD CLA VF . -63.85 -8.23 -29.26
CGD CLA VF . -64.47 -9.27 -28.40
O1D CLA VF . -65.15 -9.10 -27.39
O2D CLA VF . -64.33 -10.56 -28.73
CED CLA VF . -65.40 -11.33 -28.19
C1 CLA VF . -58.65 -3.83 -26.29
C2 CLA VF . -59.29 -2.55 -25.88
C3 CLA VF . -58.70 -1.33 -25.93
C4 CLA VF . -57.33 -1.07 -26.47
C5 CLA VF . -59.40 -0.10 -25.49
C6 CLA VF . -58.99 0.40 -24.11
C7 CLA VF . -59.47 1.83 -23.92
C8 CLA VF . -58.89 2.45 -22.66
C9 CLA VF . -59.12 1.52 -21.48
C10 CLA VF . -59.48 3.81 -22.33
C11 CLA VF . -59.42 4.77 -23.52
C12 CLA VF . -59.48 6.22 -23.07
C13 CLA VF . -59.15 7.17 -24.23
C14 CLA VF . -57.68 7.60 -24.18
C15 CLA VF . -60.05 8.40 -24.27
C16 CLA VF . -59.93 9.28 -23.01
C17 CLA VF . -60.80 10.54 -23.10
C18 CLA VF . -61.04 11.14 -21.73
C19 CLA VF . -59.72 11.65 -21.20
C20 CLA VF . -62.05 12.26 -21.70
HHB CLA VF . -61.75 -4.32 -23.90
HHC CLA VF . -64.95 0.61 -26.47
HHD CLA VF . -66.93 -3.05 -31.32
H2A CLA VF . -62.51 -8.44 -26.34
H3A CLA VF . -60.63 -6.37 -25.30
HMA1 CLA VF . -62.44 -6.51 -23.34
HMA2 CLA VF . -61.39 -7.92 -23.70
HMA3 CLA VF . -63.09 -7.89 -24.30
HAA1 CLA VF . -61.11 -8.51 -28.25
HAA2 CLA VF . -60.02 -8.14 -26.86
HBA1 CLA VF . -61.07 -5.80 -28.50
HBA2 CLA VF . -59.82 -6.89 -29.25
HMB1 CLA VF . -61.52 -0.89 -22.64
HMB2 CLA VF . -60.99 -2.55 -23.17
HMB3 CLA VF . -62.44 -2.37 -22.10
HAB CLA VF . -63.90 1.32 -25.10
HBB1 CLA VF . -62.84 0.56 -22.30
HBB2 CLA VF . -63.29 2.26 -22.93
HMC1 CLA VF . -66.56 1.96 -29.50
HMC2 CLA VF . -65.66 1.88 -27.93
HMC3 CLA VF . -67.46 1.62 -27.96
HAC1 CLA VF . -67.78 0.73 -30.80
HAC2 CLA VF . -68.07 -0.96 -31.34
HBC1 CLA VF . -66.74 0.43 -32.98
HBC2 CLA VF . -65.88 -1.08 -32.42
HBC3 CLA VF . -65.41 0.54 -31.74
HMD1 CLA VF . -66.35 -6.60 -32.90
HMD2 CLA VF . -66.30 -4.79 -32.97
HMD3 CLA VF . -67.71 -5.62 -32.20
HBD CLA VF . -62.83 -8.53 -29.63
HED1 CLA VF . -65.31 -12.32 -28.70
HED2 CLA VF . -66.31 -10.75 -28.47
HED3 CLA VF . -65.19 -11.35 -27.09
H11 CLA VF . -57.70 -3.64 -26.87
H12 CLA VF . -58.40 -4.46 -25.39
H2 CLA VF . -60.33 -2.65 -25.52
H41 CLA VF . -56.85 -0.21 -25.96
H42 CLA VF . -57.35 -0.84 -27.57
H43 CLA VF . -56.67 -1.95 -26.33
H51 CLA VF . -60.51 -0.30 -25.50
H52 CLA VF . -59.20 0.72 -26.25
H61 CLA VF . -57.88 0.35 -24.00
H62 CLA VF . -59.43 -0.26 -23.32
H71 CLA VF . -60.59 1.85 -23.86
H72 CLA VF . -59.17 2.44 -24.81
H8 CLA VF . -57.79 2.59 -22.83
H91 CLA VF . -59.20 2.10 -20.53
H92 CLA VF . -58.26 0.80 -21.38
H93 CLA VF . -60.06 0.93 -21.62
H101 CLA VF . -58.94 4.27 -21.47
H102 CLA VF . -60.56 3.69 -22.02
H111 CLA VF . -60.26 4.55 -24.22
H112 CLA VF . -58.47 4.59 -24.08
H121 CLA VF . -58.77 6.38 -22.22
H122 CLA VF . -60.51 6.44 -22.69
H13 CLA VF . -59.32 6.59 -25.18
H141 CLA VF . -57.51 8.50 -24.81
H142 CLA VF . -57.03 6.78 -24.54
H143 CLA VF . -57.38 7.85 -23.13
H151 CLA VF . -61.12 8.09 -24.37
H152 CLA VF . -59.80 9.03 -25.16
H161 CLA VF . -58.86 9.58 -22.86
H162 CLA VF . -60.24 8.69 -22.12
H171 CLA VF . -61.78 10.29 -23.58
H172 CLA VF . -60.29 11.30 -23.76
H18 CLA VF . -61.47 10.33 -21.07
H191 CLA VF . -59.86 12.62 -20.65
H192 CLA VF . -59.00 11.82 -22.03
H193 CLA VF . -59.27 10.92 -20.49
H201 CLA VF . -62.30 12.55 -20.66
H202 CLA VF . -62.99 11.95 -22.20
H203 CLA VF . -61.65 13.15 -22.24
MG CLA WF . -54.25 -2.42 -35.34
CHA CLA WF . -56.21 -4.69 -33.53
CHB CLA WF . -54.72 -4.44 -38.09
CHC CLA WF . -52.64 -0.13 -37.20
CHD CLA WF . -54.31 -0.27 -32.57
NA CLA WF . -55.33 -4.29 -35.75
C1A CLA WF . -56.02 -5.08 -34.82
C2A CLA WF . -56.63 -6.32 -35.49
C3A CLA WF . -56.09 -6.22 -36.95
C4A CLA WF . -55.33 -4.89 -36.96
CMA CLA WF . -55.16 -7.35 -37.36
CAA CLA WF . -58.17 -6.25 -35.42
CBA CLA WF . -58.76 -4.93 -35.91
CGA CLA WF . -60.28 -4.86 -35.71
O1A CLA WF . -61.11 -5.78 -35.66
O2A CLA WF . -60.72 -3.57 -35.63
NB CLA WF . -53.75 -2.33 -37.26
C1B CLA WF . -54.00 -3.24 -38.21
C2B CLA WF . -53.38 -2.82 -39.49
C3B CLA WF . -52.81 -1.61 -39.26
C4B CLA WF . -53.04 -1.26 -37.83
CMB CLA WF . -53.50 -3.61 -40.72
CAB CLA WF . -52.09 -0.76 -40.18
CBB CLA WF . -51.21 -1.25 -41.07
NC CLA WF . -53.71 -0.50 -34.99
C1C CLA WF . -52.97 0.25 -35.86
C2C CLA WF . -52.54 1.48 -35.21
C3C CLA WF . -52.95 1.40 -33.89
C4C CLA WF . -53.67 0.15 -33.75
CMC CLA WF . -51.81 2.56 -35.83
CAC CLA WF . -52.78 2.41 -32.83
CBC CLA WF . -51.42 2.30 -32.22
ND CLA WF . -55.31 -2.29 -33.54
C1D CLA WF . -55.10 -1.39 -32.47
C2D CLA WF . -55.76 -1.91 -31.28
C3D CLA WF . -56.21 -3.19 -31.62
C4D CLA WF . -55.87 -3.39 -33.03
CMD CLA WF . -55.79 -1.14 -30.06
CAD CLA WF . -56.91 -4.39 -31.19
OBD CLA WF . -57.43 -4.66 -30.13
CBD CLA WF . -56.83 -5.41 -32.37
CGD CLA WF . -55.97 -6.62 -32.09
O1D CLA WF . -56.11 -7.78 -32.53
O2D CLA WF . -54.92 -6.36 -31.22
CED CLA WF . -54.17 -7.46 -30.71
C1 CLA WF . -61.97 -3.27 -34.99
C2 CLA WF . -62.87 -2.77 -36.08
C3 CLA WF . -63.46 -1.58 -36.04
C4 CLA WF . -63.27 -0.69 -34.89
C5 CLA WF . -64.38 -1.09 -37.10
C6 CLA WF . -65.85 -1.09 -36.66
C7 CLA WF . -66.33 -2.53 -36.41
C8 CLA WF . -67.66 -2.78 -35.71
C9 CLA WF . -67.76 -2.16 -34.35
C10 CLA WF . -67.77 -4.31 -35.57
C11 CLA WF . -69.12 -4.86 -35.13
C12 CLA WF . -69.03 -6.39 -35.01
C13 CLA WF . -70.31 -7.04 -34.48
C14 CLA WF . -70.12 -8.38 -33.75
C15 CLA WF . -71.32 -7.26 -35.62
C16 CLA WF . -72.73 -7.45 -35.08
C17 CLA WF . -73.78 -7.32 -36.18
C18 CLA WF . -75.04 -8.14 -35.93
C19 CLA WF . -74.82 -9.62 -36.09
C20 CLA WF . -75.59 -7.86 -34.55
HHB CLA WF . -54.79 -5.07 -39.00
HHC CLA WF . -52.01 0.58 -37.75
HHD CLA WF . -54.18 0.36 -31.67
H2A CLA WF . -56.28 -7.26 -34.98
H3A CLA WF . -56.96 -6.20 -37.66
HMA1 CLA WF . -54.83 -7.24 -38.41
HMA2 CLA WF . -55.68 -8.34 -37.26
HMA3 CLA WF . -54.25 -7.37 -36.71
HAA1 CLA WF . -58.50 -6.42 -34.37
HAA2 CLA WF . -58.60 -7.09 -36.03
HBA1 CLA WF . -58.53 -4.80 -37.00
HBA2 CLA WF . -58.28 -4.08 -35.36
HMB1 CLA WF . -53.06 -3.06 -41.59
HMB2 CLA WF . -54.57 -3.84 -40.95
HMB3 CLA WF . -52.95 -4.59 -40.61
HAB CLA WF . -52.32 0.32 -40.14
HBB1 CLA WF . -50.97 -2.33 -41.13
HBB2 CLA WF . -50.66 -0.62 -41.78
HMC1 CLA WF . -51.69 3.42 -35.12
HMC2 CLA WF . -52.36 2.94 -36.74
HMC3 CLA WF . -50.80 2.23 -36.15
HAC1 CLA WF . -53.57 2.29 -32.04
HAC2 CLA WF . -52.91 3.45 -33.26
HBC1 CLA WF . -51.33 2.99 -31.34
HBC2 CLA WF . -50.63 2.55 -32.97
HBC3 CLA WF . -51.26 1.25 -31.86
HMD1 CLA WF . -56.28 -1.73 -29.23
HMD2 CLA WF . -56.37 -0.18 -30.20
HMD3 CLA WF . -54.76 -0.87 -29.73
HBD CLA WF . -57.90 -5.75 -32.53
HED1 CLA WF . -53.92 -7.16 -29.67
HED2 CLA WF . -53.29 -7.53 -31.40
HED3 CLA WF . -54.87 -8.33 -30.79
H11 CLA WF . -61.80 -2.49 -34.19
H12 CLA WF . -62.37 -4.21 -34.51
H2 CLA WF . -63.02 -3.47 -36.93
H41 CLA WF . -63.76 0.30 -35.06
H42 CLA WF . -62.18 -0.50 -34.71
H43 CLA WF . -63.69 -1.13 -33.96
H51 CLA WF . -64.25 -1.72 -38.02
H52 CLA WF . -64.08 -0.04 -37.39
H61 CLA WF . -66.49 -0.62 -37.45
H62 CLA WF . -65.97 -0.49 -35.72
H71 CLA WF . -65.52 -3.03 -35.82
H72 CLA WF . -66.36 -3.03 -37.42
H8 CLA WF . -68.49 -2.32 -36.32
H91 CLA WF . -68.81 -2.18 -33.99
H92 CLA WF . -67.42 -1.09 -34.38
H93 CLA WF . -67.13 -2.71 -33.62
H101 CLA WF . -67.00 -4.65 -34.82
H102 CLA WF . -67.50 -4.78 -36.55
H111 CLA WF . -69.90 -4.59 -35.88
H112 CLA WF . -69.42 -4.41 -34.15
H121 CLA WF . -68.17 -6.64 -34.31
H122 CLA WF . -68.78 -6.82 -36.01
H13 CLA WF . -70.70 -6.32 -33.71
H141 CLA WF . -70.65 -8.36 -32.77
H142 CLA WF . -69.04 -8.57 -33.57
H143 CLA WF . -70.54 -9.22 -34.36
H151 CLA WF . -71.03 -8.15 -36.23
H152 CLA WF . -71.31 -6.37 -36.32
H161 CLA WF . -72.94 -6.69 -34.28
H162 CLA WF . -72.82 -8.47 -34.61
H171 CLA WF . -73.33 -7.63 -37.15
H172 CLA WF . -74.07 -6.24 -36.28
H18 CLA WF . -75.80 -7.83 -36.71
H191 CLA WF . -75.78 -10.17 -36.08
H192 CLA WF . -74.17 -10.01 -35.26
H193 CLA WF . -74.30 -9.84 -37.06
H201 CLA WF . -76.64 -8.21 -34.45
H202 CLA WF . -75.57 -6.76 -34.33
H203 CLA WF . -74.96 -8.37 -33.77
MG CLA XF . -65.13 -4.04 -40.00
CHA CLA XF . -62.96 -6.28 -38.74
CHB CLA XF . -67.85 -5.89 -38.84
CHC CLA XF . -67.23 -1.29 -40.30
CHD CLA XF . -62.34 -1.74 -40.49
NA CLA XF . -65.37 -5.80 -38.95
C1A CLA XF . -64.29 -6.64 -38.60
C2A CLA XF . -64.82 -7.99 -38.10
C3A CLA XF . -66.37 -7.79 -38.01
C4A CLA XF . -66.57 -6.41 -38.67
CMA CLA XF . -67.18 -8.91 -38.62
CAA CLA XF . -64.15 -8.36 -36.78
CBA CLA XF . -64.13 -7.20 -35.80
CGA CLA XF . -63.36 -7.60 -34.58
O1A CLA XF . -62.81 -8.67 -34.32
O2A CLA XF . -63.36 -6.57 -33.67
NB CLA XF . -67.23 -3.69 -39.68
C1B CLA XF . -68.15 -4.59 -39.31
C2B CLA XF . -69.51 -3.98 -39.38
C3B CLA XF . -69.32 -2.67 -39.78
C4B CLA XF . -67.85 -2.47 -39.96
CMB CLA XF . -70.73 -4.67 -38.98
CAB CLA XF . -70.26 -1.60 -39.95
CBB CLA XF . -71.48 -1.54 -39.42
NC CLA XF . -64.82 -1.92 -40.41
C1C CLA XF . -65.83 -1.03 -40.50
C2C CLA XF . -65.32 0.28 -40.78
C3C CLA XF . -63.95 0.21 -40.80
C4C CLA XF . -63.63 -1.20 -40.57
CMC CLA XF . -66.16 1.47 -40.96
CAC CLA XF . -63.02 1.33 -41.04
CBC CLA XF . -62.87 2.18 -39.80
ND CLA XF . -63.09 -3.93 -39.73
C1D CLA XF . -62.06 -3.03 -40.11
C2D CLA XF . -60.73 -3.70 -39.92
C3D CLA XF . -61.04 -4.91 -39.32
C4D CLA XF . -62.50 -5.02 -39.24
CMD CLA XF . -59.40 -3.18 -40.22
CAD CLA XF . -60.50 -6.13 -38.78
OBD CLA XF . -59.34 -6.45 -38.56
CBD CLA XF . -61.70 -7.03 -38.41
CGD CLA XF . -61.58 -8.25 -39.24
O1D CLA XF . -61.15 -9.37 -38.93
O2D CLA XF . -61.98 -7.99 -40.52
CED CLA XF . -61.93 -9.11 -41.39
C1 CLA XF . -62.17 -6.42 -32.86
C2 CLA XF . -62.48 -5.36 -31.87
C3 CLA XF . -61.61 -4.41 -31.48
C4 CLA XF . -60.22 -4.30 -31.97
C5 CLA XF . -62.04 -3.41 -30.46
C6 CLA XF . -62.56 -2.11 -31.02
C7 CLA XF . -62.63 -1.13 -29.86
C8 CLA XF . -61.37 -0.29 -29.75
C9 CLA XF . -61.28 0.35 -28.39
C10 CLA XF . -61.41 0.80 -30.80
C11 CLA XF . -60.06 1.22 -31.23
C12 CLA XF . -59.78 0.71 -32.65
C13 CLA XF . -58.27 0.61 -32.90
C14 CLA XF . -57.63 1.88 -32.37
C15 CLA XF . -57.93 0.38 -34.38
C16 CLA XF . -58.18 -1.04 -34.85
C17 CLA XF . -57.55 -1.31 -36.20
C18 CLA XF . -57.84 -0.26 -37.28
C19 CLA XF . -59.34 -0.12 -37.49
C20 CLA XF . -57.09 -0.61 -38.56
HHB CLA XF . -68.71 -6.52 -38.57
HHC CLA XF . -67.88 -0.40 -40.44
HHD CLA XF . -61.48 -1.09 -40.77
H2A CLA XF . -64.60 -8.79 -38.86
H3A CLA XF . -66.69 -7.71 -36.95
HMA1 CLA XF . -68.27 -8.73 -38.48
HMA2 CLA XF . -66.93 -9.88 -38.15
HMA3 CLA XF . -66.98 -8.99 -39.72
HAA1 CLA XF . -63.10 -8.70 -36.97
HAA2 CLA XF . -64.70 -9.22 -36.32
HBA1 CLA XF . -65.17 -6.92 -35.50
HBA2 CLA XF . -63.64 -6.31 -36.26
HMB1 CLA XF . -71.58 -4.35 -39.62
HMB2 CLA XF . -70.98 -4.44 -37.91
HMB3 CLA XF . -70.59 -5.78 -39.07
HAB CLA XF . -69.88 -0.77 -40.57
HBB1 CLA XF . -71.87 -2.35 -38.79
HBB2 CLA XF . -72.15 -0.70 -39.58
HMC1 CLA XF . -65.54 2.40 -40.88
HMC2 CLA XF . -66.96 1.51 -40.18
HMC3 CLA XF . -66.65 1.45 -41.97
HAC1 CLA XF . -63.40 1.96 -41.89
HAC2 CLA XF . -62.01 0.94 -41.35
HBC1 CLA XF . -62.08 2.96 -39.96
HBC2 CLA XF . -62.60 1.55 -38.93
HBC3 CLA XF . -63.84 2.70 -39.58
HMD1 CLA XF . -58.61 -3.93 -39.97
HMD2 CLA XF . -59.19 -2.25 -39.63
HMD3 CLA XF . -59.31 -2.92 -41.31
HBD CLA XF . -61.69 -7.26 -37.31
HED1 CLA XF . -62.23 -8.70 -42.37
HED2 CLA XF . -62.67 -9.83 -40.94
HED3 CLA XF . -60.87 -9.45 -41.33
H11 CLA XF . -61.31 -6.14 -33.52
H12 CLA XF . -61.95 -7.40 -32.35
H2 CLA XF . -63.50 -5.40 -31.46
H41 CLA XF . -59.68 -3.45 -31.49
H42 CLA XF . -60.19 -4.15 -33.07
H43 CLA XF . -59.64 -5.24 -31.73
H51 CLA XF . -61.18 -3.20 -29.78
H52 CLA XF . -62.85 -3.89 -29.82
H61 CLA XF . -63.57 -2.25 -31.49
H62 CLA XF . -61.88 -1.73 -31.82
H71 CLA XF . -62.80 -1.70 -28.91
H72 CLA XF . -63.52 -0.46 -30.02
H8 CLA XF . -60.47 -0.95 -29.89
H91 CLA XF . -60.50 1.15 -28.39
H92 CLA XF . -61.00 -0.41 -27.62
H93 CLA XF . -62.27 0.80 -28.11
H101 CLA XF . -61.95 1.69 -30.38
H102 CLA XF . -61.99 0.44 -31.69
H111 CLA XF . -59.29 0.80 -30.52
H112 CLA XF . -59.97 2.34 -31.20
H121 CLA XF . -60.24 1.42 -33.39
H122 CLA XF . -60.26 -0.29 -32.79
H13 CLA XF . -57.86 -0.29 -32.37
H141 CLA XF . -56.61 2.02 -32.80
H142 CLA XF . -57.53 1.83 -31.26
H143 CLA XF . -58.25 2.77 -32.63
H151 CLA XF . -56.85 0.63 -34.56
H152 CLA XF . -58.54 1.08 -35.01
H161 CLA XF . -59.28 -1.22 -34.91
H162 CLA XF . -57.76 -1.76 -34.09
H171 CLA XF . -57.90 -2.31 -36.57
H172 CLA XF . -56.43 -1.38 -36.08
H18 CLA XF . -57.46 0.74 -36.94
H191 CLA XF . -59.54 0.63 -38.30
H192 CLA XF . -59.83 0.22 -36.55
H193 CLA XF . -59.79 -1.09 -37.79
H201 CLA XF . -57.38 0.09 -39.38
H202 CLA XF . -57.34 -1.66 -38.89
H203 CLA XF . -56.00 -0.55 -38.40
MG CLA YF . -49.94 -9.39 -42.85
CHA CLA YF . -48.83 -12.52 -43.93
CHB CLA YF . -49.07 -10.21 -39.69
CHC CLA YF . -50.26 -6.03 -41.90
CHD CLA YF . -50.16 -8.39 -46.18
NA CLA YF . -49.15 -11.13 -41.98
C1A CLA YF . -48.74 -12.32 -42.58
C2A CLA YF . -48.08 -13.27 -41.58
C3A CLA YF . -48.42 -12.62 -40.22
C4A CLA YF . -48.91 -11.21 -40.64
CMA CLA YF . -49.48 -13.43 -39.53
CAA CLA YF . -46.57 -13.33 -41.83
CBA CLA YF . -45.86 -11.97 -41.76
CGA CLA YF . -44.41 -12.05 -42.20
O1A CLA YF . -43.71 -12.95 -42.72
O2A CLA YF . -43.80 -10.87 -42.00
NB CLA YF . -49.68 -8.31 -41.13
C1B CLA YF . -49.50 -8.89 -39.92
C2B CLA YF . -49.81 -7.93 -38.85
C3B CLA YF . -50.13 -6.74 -39.46
C4B CLA YF . -50.06 -6.97 -40.92
CMB CLA YF . -49.69 -8.31 -37.42
CAB CLA YF . -50.43 -5.42 -38.96
CBB CLA YF . -50.40 -5.02 -37.69
NC CLA YF . -50.23 -7.56 -43.86
C1C CLA YF . -50.34 -6.30 -43.30
C2C CLA YF . -50.47 -5.28 -44.34
C3C CLA YF . -50.40 -5.98 -45.54
C4C CLA YF . -50.28 -7.39 -45.22
CMC CLA YF . -50.56 -3.84 -44.16
CAC CLA YF . -50.44 -5.42 -46.88
CBC CLA YF . -49.07 -5.04 -47.35
ND CLA YF . -49.72 -10.23 -44.64
C1D CLA YF . -49.90 -9.71 -45.93
C2D CLA YF . -49.67 -10.76 -46.92
C3D CLA YF . -49.25 -11.87 -46.22
C4D CLA YF . -49.26 -11.47 -44.79
CMD CLA YF . -49.82 -10.58 -48.36
CAD CLA YF . -48.75 -13.24 -46.29
OBD CLA YF . -48.44 -13.89 -47.27
CBD CLA YF . -48.50 -13.70 -44.82
CGD CLA YF . -49.28 -14.94 -44.42
O1D CLA YF . -48.85 -15.83 -43.69
O2D CLA YF . -50.54 -15.06 -44.93
CED CLA YF . -51.45 -16.00 -44.36
C1 CLA YF . -42.59 -10.59 -42.73
C2 CLA YF . -42.05 -9.38 -42.06
C3 CLA YF . -41.69 -8.28 -42.71
C4 CLA YF . -41.82 -8.08 -44.18
C5 CLA YF . -41.16 -7.14 -41.93
C6 CLA YF . -42.00 -5.92 -42.24
C7 CLA YF . -41.62 -4.84 -41.25
C8 CLA YF . -41.08 -3.60 -41.92
C9 CLA YF . -40.01 -3.93 -42.96
C10 CLA YF . -40.52 -2.73 -40.81
C11 CLA YF . -41.59 -2.07 -39.98
C12 CLA YF . -42.21 -0.92 -40.75
C13 CLA YF . -43.08 0.00 -39.90
C14 CLA YF . -42.21 1.04 -39.22
C15 CLA YF . -43.94 -0.79 -38.91
HHB CLA YF . -48.85 -10.47 -38.65
HHC CLA YF . -50.36 -4.97 -41.61
HHD CLA YF . -50.26 -8.09 -47.24
H2A CLA YF . -48.52 -14.30 -41.66
H3A CLA YF . -47.54 -12.48 -39.54
HMA1 CLA YF . -49.64 -13.07 -38.49
HMA2 CLA YF . -49.19 -14.51 -39.48
HMA3 CLA YF . -50.46 -13.36 -40.06
HAA1 CLA YF . -46.39 -13.78 -42.84
HAA2 CLA YF . -46.11 -14.02 -41.08
HBA1 CLA YF . -45.90 -11.60 -40.70
HBA2 CLA YF . -46.41 -11.24 -42.40
HMB1 CLA YF . -50.51 -7.82 -36.82
HMB2 CLA YF . -48.70 -7.98 -37.01
HMB3 CLA YF . -49.79 -9.42 -37.30
HAB CLA YF . -50.71 -4.70 -39.74
HBB1 CLA YF . -50.14 -5.68 -36.86
HBB2 CLA YF . -50.65 -3.98 -37.41
HMC1 CLA YF . -50.80 -3.33 -45.12
HMC2 CLA YF . -49.59 -3.43 -43.78
HMC3 CLA YF . -51.35 -3.58 -43.42
HAC1 CLA YF . -51.10 -4.52 -46.90
HAC2 CLA YF . -50.88 -6.16 -47.59
HBC1 CLA YF . -49.11 -4.64 -48.38
HBC2 CLA YF . -48.40 -5.93 -47.32
HBC3 CLA YF . -48.64 -4.25 -46.68
HMD1 CLA YF . -49.55 -11.52 -48.91
HMD2 CLA YF . -49.16 -9.75 -48.72
HMD3 CLA YF . -50.88 -10.32 -48.63
HBD CLA YF . -47.42 -13.99 -44.75
HED1 CLA YF . -52.32 -16.02 -45.07
HED2 CLA YF . -51.68 -15.57 -43.36
HED3 CLA YF . -50.87 -16.96 -44.32
H11 CLA YF . -42.84 -10.39 -43.81
H12 CLA YF . -41.90 -11.47 -42.67
H2 CLA YF . -41.93 -9.47 -40.96
H41 CLA YF . -41.24 -7.19 -44.52
H42 CLA YF . -42.89 -7.92 -44.47
H43 CLA YF . -41.44 -8.96 -44.74
H51 CLA YF . -40.09 -6.96 -42.21
H52 CLA YF . -41.19 -7.38 -40.83
H61 CLA YF . -43.08 -6.15 -42.15
H62 CLA YF . -41.82 -5.57 -43.28
H71 CLA YF . -40.84 -5.26 -40.55
H72 CLA YF . -42.51 -4.58 -40.63
H8 CLA YF . -41.88 -3.07 -42.51
H91 CLA YF . -39.32 -3.06 -43.10
H92 CLA YF . -40.49 -4.17 -43.95
H93 CLA YF . -39.42 -4.82 -42.64
H101 CLA YF . -39.86 -1.93 -41.26
H102 CLA YF . -39.87 -3.35 -40.14
H111 CLA YF . -41.16 -1.70 -39.02
H112 CLA YF . -42.38 -2.82 -39.71
H121 CLA YF . -42.83 -1.35 -41.59
H122 CLA YF . -41.39 -0.32 -41.22
H13 CLA YF . -43.81 0.54 -40.57
H141 CLA YF . -42.84 1.84 -38.75
H142 CLA YF . -41.53 1.53 -39.97
H143 CLA YF . -41.58 0.58 -38.43
MG CLA ZF . -49.11 14.19 -23.45
CHA CLA ZF . -50.24 17.47 -23.42
CHB CLA ZF . -45.96 15.24 -22.77
CHC CLA ZF . -48.16 10.87 -22.69
CHD CLA ZF . -52.48 13.18 -23.55
NA CLA ZF . -48.26 16.02 -23.17
C1A CLA ZF . -48.88 17.28 -23.30
C2A CLA ZF . -47.86 18.38 -23.39
C3A CLA ZF . -46.49 17.62 -23.37
C4A CLA ZF . -46.90 16.19 -23.08
CMA CLA ZF . -45.79 17.75 -24.72
CAA CLA ZF . -47.97 19.40 -22.28
CBA CLA ZF . -47.78 18.85 -20.88
CGA CLA ZF . -48.98 18.10 -20.39
O1A CLA ZF . -50.16 18.45 -20.30
O2A CLA ZF . -48.69 16.84 -19.97
NB CLA ZF . -47.34 13.19 -22.88
C1B CLA ZF . -46.20 13.86 -22.54
C2B CLA ZF . -45.20 12.88 -22.05
C3B CLA ZF . -45.80 11.66 -22.02
C4B CLA ZF . -47.20 11.82 -22.57
CMB CLA ZF . -43.85 13.21 -21.61
CAB CLA ZF . -45.25 10.43 -21.55
CBB CLA ZF . -44.52 9.62 -22.29
NC CLA ZF . -50.13 12.38 -23.12
C1C CLA ZF . -49.56 11.16 -22.94
C2C CLA ZF . -50.57 10.13 -23.06
C3C CLA ZF . -51.80 10.75 -23.33
C4C CLA ZF . -51.50 12.19 -23.36
CMC CLA ZF . -50.28 8.70 -22.91
CAC CLA ZF . -53.13 10.13 -23.58
CBC CLA ZF . -53.77 9.67 -22.30
ND CLA ZF . -51.02 15.07 -23.39
C1D CLA ZF . -52.30 14.52 -23.54
C2D CLA ZF . -53.30 15.60 -23.66
C3D CLA ZF . -52.57 16.79 -23.62
C4D CLA ZF . -51.16 16.39 -23.48
CMD CLA ZF . -54.76 15.34 -23.76
CAD CLA ZF . -52.58 18.22 -23.63
OBD CLA ZF . -53.48 19.05 -23.74
CBD CLA ZF . -51.07 18.69 -23.54
CGD CLA ZF . -50.77 19.55 -24.72
O1D CLA ZF . -50.38 20.72 -24.66
O2D CLA ZF . -50.97 18.98 -25.94
CED CLA ZF . -51.16 19.92 -26.97
C1 CLA ZF . -49.77 16.09 -19.36
C2 CLA ZF . -49.19 14.75 -19.11
C3 CLA ZF . -49.84 13.59 -19.34
C4 CLA ZF . -51.23 13.59 -19.85
C5 CLA ZF . -49.24 12.24 -19.11
C6 CLA ZF . -47.92 12.23 -18.40
C7 CLA ZF . -47.42 10.85 -17.98
C8 CLA ZF . -46.30 11.02 -16.95
C9 CLA ZF . -44.99 10.50 -17.51
C10 CLA ZF . -46.58 10.38 -15.60
C11 CLA ZF . -46.91 11.43 -14.55
C12 CLA ZF . -47.11 10.86 -13.14
C13 CLA ZF . -48.21 9.79 -13.08
C14 CLA ZF . -49.52 10.38 -13.58
C15 CLA ZF . -48.40 9.21 -11.68
C16 CLA ZF . -47.81 7.82 -11.47
C17 CLA ZF . -48.29 7.31 -10.12
C18 CLA ZF . -47.93 5.87 -9.77
C19 CLA ZF . -47.67 5.68 -8.29
C20 CLA ZF . -49.08 4.92 -10.05
HHB CLA ZF . -44.91 15.57 -22.68
HHC CLA ZF . -47.90 9.81 -22.59
HHD CLA ZF . -53.51 12.81 -23.71
H2A CLA ZF . -48.03 18.92 -24.38
H3A CLA ZF . -45.82 17.98 -22.53
HMA1 CLA ZF . -44.99 16.98 -24.83
HMA2 CLA ZF . -45.34 18.76 -24.85
HMA3 CLA ZF . -46.52 17.60 -25.56
HAA1 CLA ZF . -48.97 19.88 -22.34
HAA2 CLA ZF . -47.21 20.20 -22.44
HBA1 CLA ZF . -47.57 19.69 -20.17
HBA2 CLA ZF . -46.90 18.15 -20.87
HMB1 CLA ZF . -43.44 12.39 -20.97
HMB2 CLA ZF . -43.85 14.16 -21.01
HMB3 CLA ZF . -43.18 13.35 -22.50
HAB CLA ZF . -45.46 10.20 -20.49
HBB1 CLA ZF . -44.31 9.83 -23.34
HBB2 CLA ZF . -44.10 8.68 -21.90
HMC1 CLA ZF . -51.23 8.11 -22.90
HMC2 CLA ZF . -49.74 8.50 -21.96
HMC3 CLA ZF . -49.65 8.34 -23.75
HAC1 CLA ZF . -53.01 9.24 -24.26
HAC2 CLA ZF . -53.81 10.85 -24.09
HBC1 CLA ZF . -54.87 9.52 -22.47
HBC2 CLA ZF . -53.63 10.44 -21.51
HBC3 CLA ZF . -53.33 8.71 -21.97
HMD1 CLA ZF . -55.31 16.31 -23.81
HMD2 CLA ZF . -55.12 14.76 -22.88
HMD3 CLA ZF . -54.99 14.76 -24.69
HBD CLA ZF . -50.91 19.31 -22.62
HED1 CLA ZF . -51.44 19.29 -27.86
HED2 CLA ZF . -50.17 20.43 -27.05
HED3 CLA ZF . -51.99 20.58 -26.59
H11 CLA ZF . -50.65 16.06 -20.06
H12 CLA ZF . -50.08 16.60 -18.41
H2 CLA ZF . -48.16 14.75 -18.72
H41 CLA ZF . -51.71 12.60 -19.72
H42 CLA ZF . -51.26 13.83 -20.94
H43 CLA ZF . -51.86 14.34 -19.33
H51 CLA ZF . -49.13 11.72 -20.10
H52 CLA ZF . -49.99 11.62 -18.52
H61 CLA ZF . -47.99 12.88 -17.48
H62 CLA ZF . -47.14 12.70 -19.06
H71 CLA ZF . -47.05 10.29 -18.88
H72 CLA ZF . -48.27 10.25 -17.54
H8 CLA ZF . -46.21 12.13 -16.77
H91 CLA ZF . -44.13 10.89 -16.91
H92 CLA ZF . -44.87 10.81 -18.56
H93 CLA ZF . -44.97 9.39 -17.46
H101 CLA ZF . -45.69 9.78 -15.27
H102 CLA ZF . -47.44 9.66 -15.69
H111 CLA ZF . -47.84 11.98 -14.86
H112 CLA ZF . -46.08 12.19 -14.52
H121 CLA ZF . -47.37 11.71 -12.45
H122 CLA ZF . -46.15 10.43 -12.78
H13 CLA ZF . -47.89 8.93 -13.75
H141 CLA ZF . -50.36 9.69 -13.38
H142 CLA ZF . -49.46 10.56 -14.68
H143 CLA ZF . -49.74 11.35 -13.08
H151 CLA ZF . -49.49 9.16 -11.44
H152 CLA ZF . -47.94 9.90 -10.93
H161 CLA ZF . -46.69 7.86 -11.49
H162 CLA ZF . -48.14 7.13 -12.28
H171 CLA ZF . -49.40 7.41 -10.07
H172 CLA ZF . -47.86 7.97 -9.31
H18 CLA ZF . -47.03 5.64 -10.40
H191 CLA ZF . -47.40 4.62 -8.06
H192 CLA ZF . -48.58 5.95 -7.70
H193 CLA ZF . -46.83 6.34 -7.95
H201 CLA ZF . -48.88 3.93 -9.59
H202 CLA ZF . -49.23 4.79 -11.14
H203 CLA ZF . -50.03 5.33 -9.61
MG CLA AG . -65.96 14.41 -22.32
CHA CLA AG . -65.40 17.22 -20.58
CHB CLA AG . -63.23 15.14 -24.33
CHC CLA AG . -65.92 11.15 -23.74
CHD CLA AG . -68.26 13.29 -20.06
NA CLA AG . -64.56 15.93 -22.42
C1A CLA AG . -64.57 17.08 -21.64
C2A CLA AG . -63.50 18.08 -22.10
C3A CLA AG . -63.05 17.50 -23.44
C4A CLA AG . -63.63 16.08 -23.41
CMA CLA AG . -63.59 18.27 -24.61
CAA CLA AG . -62.41 18.03 -21.05
CBA CLA AG . -61.77 16.66 -21.00
CGA CLA AG . -60.81 16.58 -19.87
O1A CLA AG . -60.51 17.42 -19.03
O2A CLA AG . -60.25 15.34 -19.90
NB CLA AG . -64.80 13.37 -23.74
C1B CLA AG . -63.73 13.85 -24.40
C2B CLA AG . -63.16 12.82 -25.30
C3B CLA AG . -63.91 11.70 -25.13
C4B CLA AG . -64.97 12.03 -24.15
CMB CLA AG . -61.99 13.08 -26.15
CAB CLA AG . -63.84 10.40 -25.72
CBB CLA AG . -63.35 10.19 -26.94
NC CLA AG . -66.96 12.59 -22.04
C1C CLA AG . -66.88 11.43 -22.76
C2C CLA AG . -67.86 10.47 -22.29
C3C CLA AG . -68.47 11.08 -21.22
C4C CLA AG . -67.91 12.38 -21.05
CMC CLA AG . -68.15 9.13 -22.78
CAC CLA AG . -69.52 10.52 -20.41
CBC CLA AG . -68.84 9.57 -19.48
ND CLA AG . -66.70 15.02 -20.77
C1D CLA AG . -67.71 14.52 -19.92
C2D CLA AG . -67.99 15.49 -18.86
C3D CLA AG . -67.14 16.54 -19.06
C4D CLA AG . -66.34 16.20 -20.26
CMD CLA AG . -68.96 15.28 -17.79
CAD CLA AG . -66.64 17.80 -18.54
OBD CLA AG . -66.90 18.39 -17.49
CBD CLA AG . -65.61 18.32 -19.58
CGD CLA AG . -66.35 19.48 -20.15
O1D CLA AG . -65.96 20.60 -20.38
O2D CLA AG . -67.66 19.16 -20.40
CED CLA AG . -68.45 20.06 -21.19
C1 CLA AG . -59.84 14.77 -18.66
C2 CLA AG . -58.88 15.73 -18.13
C3 CLA AG . -58.71 15.94 -16.82
C4 CLA AG . -57.73 16.96 -16.34
C5 CLA AG . -59.41 15.14 -15.80
C6 CLA AG . -58.41 14.75 -14.73
C7 CLA AG . -58.75 13.49 -13.97
C8 CLA AG . -57.80 12.29 -14.15
C9 CLA AG . -56.31 12.65 -14.27
C10 CLA AG . -58.24 11.45 -15.35
C11 CLA AG . -58.95 10.16 -14.97
C12 CLA AG . -60.38 10.35 -14.51
C13 CLA AG . -61.29 9.17 -14.89
C14 CLA AG . -62.73 9.65 -14.78
C15 CLA AG . -61.06 7.91 -14.05
C16 CLA AG . -59.83 7.10 -14.45
C17 CLA AG . -60.02 5.58 -14.44
C18 CLA AG . -58.73 4.78 -14.18
C19 CLA AG . -59.07 3.58 -13.32
C20 CLA AG . -58.02 4.32 -15.46
HHB CLA AG . -62.46 15.43 -25.06
HHC CLA AG . -65.95 10.15 -24.18
HHD CLA AG . -69.04 12.98 -19.34
H2A CLA AG . -63.89 19.12 -22.25
H3A CLA AG . -61.92 17.45 -23.51
HMA1 CLA AG . -62.93 18.18 -25.50
HMA2 CLA AG . -63.69 19.35 -24.36
HMA3 CLA AG . -64.61 17.89 -24.90
HAA1 CLA AG . -62.84 18.28 -20.04
HAA2 CLA AG . -61.63 18.81 -21.27
HBA1 CLA AG . -61.23 16.46 -21.97
HBA2 CLA AG . -62.57 15.88 -20.87
HMB1 CLA AG . -61.48 12.11 -26.42
HMB2 CLA AG . -61.25 13.73 -25.61
HMB3 CLA AG . -62.29 13.60 -27.09
HAB CLA AG . -64.21 9.57 -25.10
HBB1 CLA AG . -62.99 11.02 -27.56
HBB2 CLA AG . -63.30 9.20 -27.39
HMC1 CLA AG . -69.00 8.66 -22.21
HMC2 CLA AG . -67.26 8.46 -22.68
HMC3 CLA AG . -68.44 9.16 -23.87
HAC1 CLA AG . -70.27 9.98 -21.05
HAC2 CLA AG . -70.08 11.31 -19.86
HBC1 CLA AG . -69.51 9.34 -18.62
HBC2 CLA AG . -67.90 10.03 -19.09
HBC3 CLA AG . -68.58 8.62 -20.01
HMD1 CLA AG . -69.17 16.24 -17.26
HMD2 CLA AG . -68.58 14.54 -17.04
HMD3 CLA AG . -69.92 14.90 -18.21
HBD CLA AG . -64.60 18.58 -19.16
HED1 CLA AG . -69.50 19.69 -21.04
HED2 CLA AG . -68.06 19.93 -22.22
HED3 CLA AG . -68.25 21.06 -20.74
H11 CLA AG . -59.36 13.77 -18.85
H12 CLA AG . -60.73 14.63 -17.99
H2 CLA AG . -58.31 16.30 -18.88
H41 CLA AG . -58.03 17.36 -15.34
H42 CLA AG . -57.67 17.82 -17.05
H43 CLA AG . -56.70 16.53 -16.23
H51 CLA AG . -59.87 14.22 -16.26
H52 CLA AG . -60.27 15.73 -15.35
H61 CLA AG . -58.32 15.60 -13.99
H62 CLA AG . -57.40 14.62 -15.21
H71 CLA AG . -59.79 13.17 -14.29
H72 CLA AG . -58.82 13.74 -12.88
H8 CLA AG . -57.85 11.70 -13.19
H91 CLA AG . -55.68 11.79 -13.93
H92 CLA AG . -56.08 13.54 -13.64
H93 CLA AG . -56.06 12.88 -15.32
H101 CLA AG . -57.34 11.20 -15.97
H102 CLA AG . -58.93 12.06 -15.99
H111 CLA AG . -58.37 9.67 -14.14
H112 CLA AG . -58.92 9.46 -15.84
H121 CLA AG . -60.79 11.29 -14.97
H122 CLA AG . -60.39 10.49 -13.40
H13 CLA AG . -61.05 8.86 -15.93
H141 CLA AG . -63.43 8.86 -15.15
H142 CLA AG . -62.89 10.57 -15.40
H143 CLA AG . -63.00 9.88 -13.72
H151 CLA AG . -61.96 7.24 -14.13
H152 CLA AG . -60.97 8.18 -12.96
H161 CLA AG . -58.99 7.35 -13.74
H162 CLA AG . -59.51 7.41 -15.47
H171 CLA AG . -60.46 5.26 -15.42
H172 CLA AG . -60.77 5.31 -13.64
H18 CLA AG . -58.00 5.47 -13.68
H191 CLA AG . -58.16 2.94 -13.18
H192 CLA AG . -59.87 2.97 -13.79
H193 CLA AG . -59.41 3.92 -12.31
H201 CLA AG . -57.31 3.48 -15.22
H202 CLA AG . -57.43 5.16 -15.90
H203 CLA AG . -58.76 3.96 -16.21
MG CLA BG . -60.18 14.37 -28.77
CHA CLA BG . -61.77 12.26 -31.08
CHB CLA BG . -58.80 11.58 -27.28
CHC CLA BG . -59.37 16.24 -26.11
CHD CLA BG . -61.88 17.07 -30.21
NA CLA BG . -60.24 12.29 -29.16
C1A CLA BG . -60.94 11.63 -30.19
C2A CLA BG . -60.69 10.11 -30.13
C3A CLA BG . -59.56 10.00 -29.07
C4A CLA BG . -59.51 11.38 -28.44
CMA CLA BG . -59.90 9.06 -27.95
CAA CLA BG . -60.29 9.60 -31.51
CBA CLA BG . -59.95 8.13 -31.51
CGA CLA BG . -61.09 7.32 -30.96
O1A CLA BG . -62.30 7.36 -31.20
O2A CLA BG . -60.66 6.38 -30.08
NB CLA BG . -59.18 14.00 -27.10
C1B CLA BG . -58.73 12.80 -26.61
C2B CLA BG . -58.10 13.01 -25.28
C3B CLA BG . -58.30 14.33 -24.97
C4B CLA BG . -58.99 14.96 -26.10
CMB CLA BG . -57.50 11.94 -24.52
CAB CLA BG . -58.05 15.09 -23.80
CBB CLA BG . -58.44 14.76 -22.59
NC CLA BG . -60.49 16.27 -28.31
C1C CLA BG . -60.06 16.87 -27.17
C2C CLA BG . -60.52 18.25 -27.10
C3C CLA BG . -61.23 18.46 -28.27
C4C CLA BG . -61.18 17.24 -29.02
CMC CLA BG . -60.25 19.13 -25.98
CAC CLA BG . -61.96 19.65 -28.70
CBC CLA BG . -63.40 19.57 -28.21
ND CLA BG . -61.57 14.68 -30.24
C1D CLA BG . -62.07 15.86 -30.80
C2D CLA BG . -62.88 15.56 -31.97
C3D CLA BG . -62.86 14.18 -32.08
C4D CLA BG . -61.98 13.68 -31.00
CMD CLA BG . -63.62 16.57 -32.74
CAD CLA BG . -63.35 13.04 -32.80
OBD CLA BG . -64.24 12.99 -33.64
CBD CLA BG . -62.59 11.78 -32.28
CGD CLA BG . -63.57 10.69 -32.00
O1D CLA BG . -64.05 9.87 -32.78
O2D CLA BG . -63.97 10.65 -30.70
CED CLA BG . -64.54 9.44 -30.21
C1 CLA BG . -61.56 5.29 -29.77
C2 CLA BG . -62.56 5.80 -28.80
C3 CLA BG . -62.87 5.27 -27.60
C4 CLA BG . -62.20 4.07 -27.03
C5 CLA BG . -63.92 5.93 -26.78
C6 CLA BG . -63.88 5.59 -25.31
C7 CLA BG . -64.60 6.60 -24.46
C8 CLA BG . -63.97 6.67 -23.06
C9 CLA BG . -63.78 5.28 -22.50
C10 CLA BG . -64.92 7.48 -22.20
C11 CLA BG . -64.44 7.83 -20.81
C12 CLA BG . -64.92 9.24 -20.46
C13 CLA BG . -64.22 9.89 -19.28
C14 CLA BG . -64.28 8.94 -18.10
C15 CLA BG . -64.86 11.25 -18.97
C16 CLA BG . -64.02 12.14 -18.07
C17 CLA BG . -64.58 13.55 -17.89
C18 CLA BG . -63.88 14.43 -16.84
C19 CLA BG . -62.70 13.76 -16.17
C20 CLA BG . -63.40 15.73 -17.46
HHB CLA BG . -58.26 10.72 -26.82
HHC CLA BG . -59.14 16.87 -25.24
HHD CLA BG . -62.28 17.97 -30.70
H2A CLA BG . -61.60 9.55 -29.78
H3A CLA BG . -58.62 9.72 -29.59
HMA1 CLA BG . -59.04 8.90 -27.27
HMA2 CLA BG . -60.19 8.05 -28.35
HMA3 CLA BG . -60.76 9.44 -27.34
HAA1 CLA BG . -59.40 10.18 -31.88
HAA2 CLA BG . -61.13 9.78 -32.23
HBA1 CLA BG . -59.04 7.95 -30.88
HBA2 CLA BG . -59.73 7.79 -32.55
HMB1 CLA BG . -57.37 12.24 -23.45
HMB2 CLA BG . -56.49 11.69 -24.94
HMB3 CLA BG . -58.14 11.02 -24.56
HAB CLA BG . -57.47 16.02 -23.98
HBB1 CLA BG . -59.00 13.83 -22.42
HBB2 CLA BG . -58.24 15.36 -21.70
HMC1 CLA BG . -60.54 20.18 -26.23
HMC2 CLA BG . -59.17 19.11 -25.70
HMC3 CLA BG . -60.85 18.81 -25.09
HAC1 CLA BG . -61.95 19.73 -29.82
HAC2 CLA BG . -61.48 20.59 -28.30
HBC1 CLA BG . -64.00 20.41 -28.63
HBC2 CLA BG . -63.43 19.63 -27.10
HBC3 CLA BG . -63.86 18.60 -28.54
HMD1 CLA BG . -64.11 16.10 -33.63
HMD2 CLA BG . -62.94 17.37 -33.09
HMD3 CLA BG . -64.43 17.03 -32.11
HBD CLA BG . -61.86 11.38 -33.05
HED1 CLA BG . -65.14 9.78 -29.34
HED2 CLA BG . -63.65 8.82 -29.97
HED3 CLA BG . -65.15 9.06 -31.08
H11 CLA BG . -60.96 4.45 -29.33
H12 CLA BG . -62.03 4.94 -30.72
H2 CLA BG . -63.09 6.70 -29.15
H41 CLA BG . -62.88 3.51 -26.34
H42 CLA BG . -61.29 4.34 -26.44
H43 CLA BG . -61.88 3.35 -27.83
H51 CLA BG . -64.93 5.65 -27.20
H52 CLA BG . -63.82 7.04 -26.90
H61 CLA BG . -62.81 5.51 -24.98
H62 CLA BG . -64.34 4.58 -25.16
H71 CLA BG . -65.68 6.33 -24.38
H72 CLA BG . -64.54 7.61 -24.95
H8 CLA BG . -62.95 7.15 -23.08
H91 CLA BG . -63.70 5.32 -21.40
H92 CLA BG . -62.85 4.82 -22.92
H93 CLA BG . -64.65 4.64 -22.78
H101 CLA BG . -65.88 6.91 -22.10
H102 CLA BG . -65.16 8.44 -22.74
H111 CLA BG . -63.32 7.78 -20.77
H112 CLA BG . -64.83 7.09 -20.07
H121 CLA BG . -66.03 9.19 -20.26
H122 CLA BG . -64.79 9.89 -21.37
H13 CLA BG . -63.13 10.08 -19.50
H141 CLA BG . -64.40 9.50 -17.14
H142 CLA BG . -63.35 8.33 -18.04
H143 CLA BG . -65.15 8.23 -18.20
H151 CLA BG . -65.86 11.11 -18.49
H152 CLA BG . -65.03 11.81 -19.93
H161 CLA BG . -62.98 12.22 -18.49
H162 CLA BG . -63.94 11.66 -17.06
H171 CLA BG . -65.66 13.48 -17.61
H172 CLA BG . -64.52 14.09 -18.88
H18 CLA BG . -64.67 14.62 -16.06
H191 CLA BG . -62.16 14.49 -15.51
H192 CLA BG . -61.99 13.37 -16.93
H193 CLA BG . -63.04 12.91 -15.53
H201 CLA BG . -62.65 16.23 -16.79
H202 CLA BG . -64.24 16.43 -17.62
H203 CLA BG . -62.91 15.54 -18.45
MG CLA CG . -47.63 13.58 -37.99
CHA CLA CG . -46.06 16.07 -39.80
CHB CLA CG . -50.56 14.19 -39.72
CHC CLA CG . -48.99 10.46 -37.11
CHD CLA CG . -44.42 12.37 -37.10
NA CLA CG . -48.18 14.91 -39.51
C1A CLA CG . -47.39 15.91 -40.09
C2A CLA CG . -48.18 16.71 -41.11
C3A CLA CG . -49.63 16.25 -40.85
C4A CLA CG . -49.46 15.00 -39.99
CMA CLA CG . -50.39 17.31 -40.10
CAA CLA CG . -47.74 16.42 -42.54
CBA CLA CG . -47.37 14.95 -42.72
CGA CLA CG . -47.20 14.54 -44.16
O1A CLA CG . -47.45 15.15 -45.20
O2A CLA CG . -46.66 13.30 -44.30
NB CLA CG . -49.50 12.54 -38.30
C1B CLA CG . -50.57 13.02 -38.95
C2B CLA CG . -51.76 12.16 -38.69
C3B CLA CG . -51.31 11.10 -37.96
C4B CLA CG . -49.84 11.30 -37.76
CMB CLA CG . -53.07 12.38 -39.30
CAB CLA CG . -51.97 9.89 -37.55
CBB CLA CG . -53.27 9.78 -37.22
NC CLA CG . -46.85 11.74 -37.26
C1C CLA CG . -47.58 10.66 -36.88
C2C CLA CG . -46.72 9.72 -36.19
C3C CLA CG . -45.43 10.27 -36.17
C4C CLA CG . -45.52 11.53 -36.85
CMC CLA CG . -47.17 8.45 -35.65
CAC CLA CG . -44.19 9.70 -35.57
CBC CLA CG . -43.33 9.00 -36.56
ND CLA CG . -45.63 13.98 -38.48
C1D CLA CG . -44.43 13.49 -37.88
C2D CLA CG . -43.33 14.42 -38.20
C3D CLA CG . -43.91 15.44 -38.89
C4D CLA CG . -45.34 15.12 -39.04
CMD CLA CG . -41.91 14.25 -37.86
CAD CLA CG . -43.66 16.66 -39.60
OBD CLA CG . -42.58 17.20 -39.75
CBD CLA CG . -45.06 17.14 -40.12
CGD CLA CG . -45.53 18.35 -39.35
O1D CLA CG . -45.21 18.65 -38.20
O2D CLA CG . -46.44 19.12 -40.00
CED CLA CG . -46.81 20.31 -39.33
C1 CLA CG . -45.80 13.08 -45.43
C2 CLA CG . -45.43 11.64 -45.55
C3 CLA CG . -44.26 11.23 -46.09
C4 CLA CG . -43.27 12.24 -46.55
C5 CLA CG . -43.89 9.78 -46.24
C6 CLA CG . -43.77 9.06 -44.91
C7 CLA CG . -43.10 7.70 -45.05
C8 CLA CG . -43.15 6.89 -43.75
C9 CLA CG . -42.31 7.53 -42.66
C10 CLA CG . -42.69 5.45 -43.97
C11 CLA CG . -42.93 4.56 -42.75
C12 CLA CG . -42.42 3.13 -42.89
C13 CLA CG . -43.11 2.25 -43.93
C14 CLA CG . -44.60 2.53 -44.01
C15 CLA CG . -42.91 0.75 -43.66
C16 CLA CG . -42.34 -0.11 -44.80
C17 CLA CG . -40.95 -0.69 -44.52
C18 CLA CG . -40.57 -1.91 -45.38
C19 CLA CG . -39.41 -1.65 -46.33
HHB CLA CG . -51.52 14.49 -40.16
HHC CLA CG . -49.38 9.52 -36.71
HHD CLA CG . -43.47 12.09 -36.62
H2A CLA CG . -48.05 17.81 -40.91
H3A CLA CG . -50.15 15.96 -41.80
HMA1 CLA CG . -51.30 16.88 -39.60
HMA2 CLA CG . -50.73 18.13 -40.78
HMA3 CLA CG . -49.75 17.77 -39.30
HAA1 CLA CG . -46.86 17.06 -42.79
HAA2 CLA CG . -48.55 16.68 -43.25
HBA1 CLA CG . -48.18 14.31 -42.26
HBA2 CLA CG . -46.41 14.74 -42.18
HMB1 CLA CG . -53.55 11.40 -39.58
HMB2 CLA CG . -52.97 13.00 -40.23
HMB3 CLA CG . -53.75 12.92 -38.60
HAB CLA CG . -51.31 9.00 -37.52
HBB1 CLA CG . -53.96 10.64 -37.24
HBB2 CLA CG . -53.73 8.82 -36.93
HMC1 CLA CG . -46.30 7.84 -35.28
HMC2 CLA CG . -47.70 7.85 -36.43
HMC3 CLA CG . -47.87 8.60 -34.80
HAC1 CLA CG . -44.46 8.99 -34.74
HAC2 CLA CG . -43.59 10.54 -35.10
HBC1 CLA CG . -42.34 8.77 -36.11
HBC2 CLA CG . -43.18 9.64 -37.46
HBC3 CLA CG . -43.82 8.04 -36.87
HMD1 CLA CG . -41.29 15.11 -38.24
HMD2 CLA CG . -41.50 13.30 -38.31
HMD3 CLA CG . -41.76 14.18 -36.74
HBD CLA CG . -44.92 17.36 -41.22
HED1 CLA CG . -47.47 20.84 -40.06
HED2 CLA CG . -45.84 20.83 -39.12
HED3 CLA CG . -47.34 19.95 -38.40
H11 CLA CG . -44.88 13.72 -45.30
H12 CLA CG . -46.34 13.44 -46.35
H2 CLA CG . -46.18 10.92 -45.17
H41 CLA CG . -42.47 11.77 -47.17
H42 CLA CG . -42.78 12.76 -45.69
H43 CLA CG . -43.75 13.03 -47.18
H51 CLA CG . -42.91 9.72 -46.79
H52 CLA CG . -44.66 9.27 -46.87
H61 CLA CG . -44.79 8.92 -44.47
H62 CLA CG . -43.18 9.69 -44.19
H71 CLA CG . -42.03 7.85 -45.36
H72 CLA CG . -43.60 7.14 -45.88
H8 CLA CG . -44.23 6.88 -43.41
H91 CLA CG . -42.62 7.15 -41.66
H92 CLA CG . -42.44 8.64 -42.68
H93 CLA CG . -41.23 7.29 -42.82
H101 CLA CG . -41.60 5.44 -44.23
H102 CLA CG . -43.24 5.01 -44.85
H111 CLA CG . -44.03 4.53 -42.54
H112 CLA CG . -42.44 5.04 -41.87
H121 CLA CG . -42.52 2.64 -41.87
H122 CLA CG . -41.32 3.17 -43.11
H13 CLA CG . -42.64 2.50 -44.93
H141 CLA CG . -45.13 1.73 -44.58
H142 CLA CG . -44.79 3.51 -44.52
H143 CLA CG . -45.05 2.58 -42.99
H151 CLA CG . -43.88 0.30 -43.35
H152 CLA CG . -42.20 0.64 -42.78
H161 CLA CG . -42.30 0.51 -45.73
H162 CLA CG . -43.05 -0.96 -44.99
H171 CLA CG . -40.89 -0.99 -43.45
H172 CLA CG . -40.18 0.11 -44.68
H191 CLA CG . -39.09 -2.59 -46.83
H192 CLA CG . -38.53 -1.24 -45.76
H193 CLA CG . -39.70 -0.91 -47.12
MG CLA DG . -56.50 13.02 -39.67
CHA CLA DG . -57.73 11.24 -37.02
CHB CLA DG . -55.93 10.15 -41.39
CHC CLA DG . -54.85 14.85 -41.93
CHD CLA DG . -56.73 16.00 -37.55
NA CLA DG . -56.84 11.04 -39.29
C1A CLA DG . -57.38 10.49 -38.11
C2A CLA DG . -57.46 8.98 -38.21
C3A CLA DG . -56.91 8.67 -39.63
C4A CLA DG . -56.54 10.05 -40.16
CMA CLA DG . -55.71 7.72 -39.63
CAA CLA DG . -58.90 8.53 -38.04
CBA CLA DG . -59.16 7.08 -38.49
CGA CLA DG . -58.96 6.01 -37.44
O1A CLA DG . -59.05 4.80 -37.61
O2A CLA DG . -58.66 6.40 -36.16
NB CLA DG . -55.53 12.55 -41.31
C1B CLA DG . -55.53 11.35 -41.96
C2B CLA DG . -55.07 11.50 -43.36
C3B CLA DG . -54.77 12.85 -43.51
C4B CLA DG . -55.04 13.52 -42.20
CMB CLA DG . -54.96 10.39 -44.29
CAB CLA DG . -54.25 13.59 -44.63
CBB CLA DG . -53.57 13.06 -45.64
NC CLA DG . -55.78 15.03 -39.65
C1C CLA DG . -55.17 15.56 -40.73
C2C CLA DG . -54.95 16.98 -40.53
C3C CLA DG . -55.58 17.34 -39.32
C4C CLA DG . -56.11 16.09 -38.79
CMC CLA DG . -54.22 17.82 -41.51
CAC CLA DG . -55.64 18.65 -38.64
CBC CLA DG . -54.31 19.03 -38.01
ND CLA DG . -57.02 13.57 -37.72
C1D CLA DG . -57.16 14.81 -37.02
C2D CLA DG . -57.77 14.61 -35.71
C3D CLA DG . -57.95 13.24 -35.64
C4D CLA DG . -57.50 12.64 -36.91
CMD CLA DG . -58.01 15.69 -34.75
CAD CLA DG . -58.45 12.14 -34.84
OBD CLA DG . -58.89 12.14 -33.72
CBD CLA DG . -58.32 10.86 -35.68
CGD CLA DG . -57.41 9.90 -34.97
O1D CLA DG . -57.69 8.85 -34.36
O2D CLA DG . -56.10 10.28 -35.03
CED CLA DG . -55.20 9.27 -34.64
C1 CLA DG . -58.64 5.31 -35.18
C2 CLA DG . -60.00 5.18 -34.59
C3 CLA DG . -60.94 4.30 -34.97
C4 CLA DG . -60.79 3.30 -36.04
C5 CLA DG . -62.26 4.33 -34.28
C6 CLA DG . -63.23 5.35 -34.86
C7 CLA DG . -62.66 6.76 -34.94
C8 CLA DG . -63.65 7.91 -35.27
C9 CLA DG . -65.12 7.54 -35.08
C10 CLA DG . -63.47 8.43 -36.70
C11 CLA DG . -62.44 9.53 -36.92
C12 CLA DG . -62.69 10.82 -36.17
C13 CLA DG . -62.46 12.11 -36.98
C14 CLA DG . -61.49 12.01 -38.13
C15 CLA DG . -61.90 13.23 -36.09
C16 CLA DG . -62.59 14.59 -36.17
C17 CLA DG . -63.26 14.95 -37.48
C18 CLA DG . -63.03 16.40 -37.91
C19 CLA DG . -61.61 16.53 -38.38
C20 CLA DG . -63.39 17.43 -36.87
HHB CLA DG . -55.73 9.22 -41.96
HHC CLA DG . -54.40 15.47 -42.72
HHD CLA DG . -56.90 16.92 -36.98
H2A CLA DG . -56.80 8.51 -37.43
H3A CLA DG . -57.71 8.22 -40.29
HMA1 CLA DG . -55.21 7.72 -40.61
HMA2 CLA DG . -56.04 6.68 -39.39
HMA3 CLA DG . -54.97 8.04 -38.85
HAA1 CLA DG . -59.57 9.20 -38.63
HAA2 CLA DG . -59.18 8.63 -36.97
HBA1 CLA DG . -58.47 6.84 -39.34
HBA2 CLA DG . -60.20 7.01 -38.85
HMB1 CLA DG . -53.88 10.17 -44.52
HMB2 CLA DG . -55.48 10.63 -45.25
HMB3 CLA DG . -55.43 9.46 -43.86
HAB CLA DG . -54.46 14.67 -44.60
HBB1 CLA DG . -53.33 11.99 -45.71
HBB2 CLA DG . -53.21 13.66 -46.49
HMC1 CLA DG . -53.68 18.65 -40.98
HMC2 CLA DG . -54.93 18.28 -42.24
HMC3 CLA DG . -53.47 17.21 -42.07
HAC1 CLA DG . -56.42 18.63 -37.84
HAC2 CLA DG . -55.94 19.44 -39.37
HBC1 CLA DG . -54.34 20.08 -37.64
HBC2 CLA DG . -53.49 18.95 -38.77
HBC3 CLA DG . -54.08 18.35 -37.16
HMD1 CLA DG . -58.18 15.29 -33.72
HMD2 CLA DG . -58.93 16.29 -35.02
HMD3 CLA DG . -57.15 16.40 -34.71
HBD CLA DG . -59.34 10.41 -35.82
HED1 CLA DG . -54.20 9.75 -34.74
HED2 CLA DG . -55.39 8.44 -35.37
HED3 CLA DG . -55.50 9.03 -33.59
H11 CLA DG . -57.87 5.56 -34.40
H12 CLA DG . -58.32 4.38 -35.72
H2 CLA DG . -60.21 5.89 -33.78
H41 CLA DG . -61.46 2.42 -35.87
H42 CLA DG . -59.74 2.92 -36.10
H43 CLA DG . -61.06 3.72 -37.03
H51 CLA DG . -62.08 4.55 -33.19
H52 CLA DG . -62.71 3.29 -34.34
H61 CLA DG . -64.17 5.36 -34.25
H62 CLA DG . -63.53 5.03 -35.90
H71 CLA DG . -61.84 6.76 -35.70
H72 CLA DG . -62.19 7.00 -33.94
H8 CLA DG . -63.40 8.72 -34.54
H91 CLA DG . -65.78 8.42 -35.31
H92 CLA DG . -65.32 7.23 -34.02
H93 CLA DG . -65.41 6.69 -35.75
H101 CLA DG . -64.46 8.80 -37.06
H102 CLA DG . -63.18 7.56 -37.36
H111 CLA DG . -62.41 9.76 -38.02
H112 CLA DG . -61.44 9.13 -36.64
H121 CLA DG . -62.01 10.83 -35.29
H122 CLA DG . -63.74 10.81 -35.79
H13 CLA DG . -63.49 12.33 -37.40
H141 CLA DG . -61.09 13.02 -38.41
H142 CLA DG . -62.00 11.58 -39.04
H143 CLA DG . -60.63 11.35 -37.87
H151 CLA DG . -60.82 13.39 -36.36
H152 CLA DG . -61.93 12.90 -35.02
H161 CLA DG . -61.82 15.38 -35.95
H162 CLA DG . -63.36 14.64 -35.36
H171 CLA DG . -64.37 14.76 -37.38
H172 CLA DG . -62.88 14.27 -38.29
H18 CLA DG . -63.75 16.64 -38.75
H191 CLA DG . -61.45 17.52 -38.86
H192 CLA DG . -61.36 15.72 -39.10
H193 CLA DG . -60.91 16.44 -37.50
H201 CLA DG . -63.45 18.46 -37.33
H202 CLA DG . -62.64 17.45 -36.05
H203 CLA DG . -64.40 17.21 -36.41
MG CLA EG . -53.11 4.55 -42.47
CHA CLA EG . -51.00 6.92 -44.17
CHB CLA EG . -52.69 6.39 -39.66
CHC CLA EG . -54.41 1.94 -40.61
CHD CLA EG . -52.86 2.49 -45.25
NA CLA EG . -51.99 6.35 -42.03
C1A CLA EG . -51.28 7.22 -42.87
C2A CLA EG . -50.94 8.51 -42.19
C3A CLA EG . -51.38 8.25 -40.75
C4A CLA EG . -52.11 6.91 -40.80
CMA CLA EG . -50.16 8.09 -39.87
CAA CLA EG . -51.74 9.64 -42.81
CBA CLA EG . -51.46 10.99 -42.18
CGA CLA EG . -50.11 11.49 -42.62
O1A CLA EG . -49.80 12.41 -43.39
O2A CLA EG . -49.10 10.79 -42.04
NB CLA EG . -53.48 4.21 -40.52
C1B CLA EG . -53.34 5.15 -39.56
C2B CLA EG . -53.90 4.66 -38.29
C3B CLA EG . -54.38 3.40 -38.52
C4B CLA EG . -54.10 3.09 -39.94
CMB CLA EG . -53.88 5.44 -37.06
CAB CLA EG . -55.02 2.50 -37.58
CBB CLA EG . -55.88 2.87 -36.64
NC CLA EG . -53.61 2.60 -42.86
C1C CLA EG . -54.21 1.72 -42.00
C2C CLA EG . -54.52 0.48 -42.70
C3C CLA EG . -54.04 0.61 -43.99
C4C CLA EG . -53.48 1.96 -44.09
CMC CLA EG . -55.17 -0.68 -42.09
CAC CLA EG . -54.12 -0.38 -45.07
CBC CLA EG . -53.17 -1.55 -44.86
ND CLA EG . -52.20 4.66 -44.30
C1D CLA EG . -52.26 3.71 -45.36
C2D CLA EG . -51.58 4.30 -46.54
C3D CLA EG . -51.11 5.52 -46.15
C4D CLA EG . -51.49 5.70 -44.74
CMD CLA EG . -51.48 3.62 -47.83
CAD CLA EG . -50.40 6.73 -46.53
OBD CLA EG . -49.92 7.02 -47.62
CBD CLA EG . -50.24 7.63 -45.26
CGD CLA EG . -48.75 7.82 -45.04
O1D CLA EG . -48.09 8.85 -44.99
O2D CLA EG . -48.03 6.67 -44.98
CED CLA EG . -47.25 6.45 -43.82
C1 CLA EG . -47.83 11.42 -41.85
C2 CLA EG . -46.97 10.24 -41.63
C3 CLA EG . -45.69 10.27 -41.29
C4 CLA EG . -44.92 11.53 -41.08
C5 CLA EG . -44.95 9.00 -41.13
C6 CLA EG . -45.80 7.94 -40.46
C7 CLA EG . -44.96 6.77 -40.01
C8 CLA EG . -45.46 6.23 -38.68
C9 CLA EG . -44.43 5.27 -38.11
C10 CLA EG . -46.86 5.61 -38.79
C11 CLA EG . -46.88 4.21 -39.35
C12 CLA EG . -47.61 4.12 -40.67
C13 CLA EG . -49.13 3.94 -40.62
C14 CLA EG . -49.71 3.55 -39.27
C15 CLA EG . -49.58 2.87 -41.60
C16 CLA EG . -49.24 3.17 -43.02
C17 CLA EG . -49.40 1.91 -43.85
C18 CLA EG . -48.18 1.61 -44.71
C19 CLA EG . -47.87 0.14 -44.60
C20 CLA EG . -48.47 2.00 -46.14
HHB CLA EG . -52.67 7.00 -38.76
HHC CLA EG . -54.84 1.09 -40.04
HHD CLA EG . -52.88 1.85 -46.15
H2A CLA EG . -49.84 8.73 -42.26
H3A CLA EG . -52.09 9.04 -40.40
HMA1 CLA EG . -50.40 7.48 -38.96
HMA2 CLA EG . -49.78 9.09 -39.54
HMA3 CLA EG . -49.34 7.58 -40.43
HAA1 CLA EG . -52.84 9.42 -42.72
HAA2 CLA EG . -51.50 9.70 -43.91
HBA1 CLA EG . -51.48 10.90 -41.06
HBA2 CLA EG . -52.25 11.73 -42.48
HMB1 CLA EG . -53.74 4.78 -36.17
HMB2 CLA EG . -54.86 6.00 -36.94
HMB3 CLA EG . -53.05 6.19 -37.09
HAB CLA EG . -54.73 1.43 -37.69
HBB1 CLA EG . -56.17 3.93 -36.49
HBB2 CLA EG . -56.34 2.17 -35.94
HMC1 CLA EG . -55.51 -1.40 -42.88
HMC2 CLA EG . -56.07 -0.37 -41.49
HMC3 CLA EG . -54.47 -1.22 -41.40
HAC1 CLA EG . -53.88 0.10 -46.06
HAC2 CLA EG . -55.16 -0.78 -45.16
HBC1 CLA EG . -53.33 -2.33 -45.64
HBC2 CLA EG . -53.34 -2.00 -43.85
HBC3 CLA EG . -52.10 -1.19 -44.91
HMD1 CLA EG . -51.33 4.38 -48.65
HMD2 CLA EG . -52.41 3.04 -48.06
HMD3 CLA EG . -50.61 2.92 -47.86
HBD CLA EG . -50.71 8.66 -45.37
HED1 CLA EG . -46.52 5.66 -44.13
HED2 CLA EG . -48.00 6.14 -43.05
HED3 CLA EG . -46.78 7.45 -43.63
H11 CLA EG . -47.86 12.11 -40.96
H12 CLA EG . -47.53 12.00 -42.75
H2 CLA EG . -47.49 9.28 -41.77
H41 CLA EG . -43.83 11.36 -41.16
H42 CLA EG . -45.13 11.96 -40.06
H43 CLA EG . -45.21 12.30 -41.83
H51 CLA EG . -44.03 9.18 -40.52
H52 CLA EG . -44.63 8.63 -42.14
H61 CLA EG . -46.61 7.59 -41.16
H62 CLA EG . -46.32 8.39 -39.56
H71 CLA EG . -43.89 7.08 -39.93
H72 CLA EG . -45.01 5.96 -40.80
H8 CLA EG . -45.57 7.07 -37.94
H91 CLA EG . -44.93 4.48 -37.49
H92 CLA EG . -43.70 5.81 -37.48
H93 CLA EG . -43.88 4.77 -38.95
H101 CLA EG . -47.50 6.27 -39.45
H102 CLA EG . -47.34 5.60 -37.78
H111 CLA EG . -47.35 3.52 -38.61
H112 CLA EG . -45.82 3.87 -39.49
H121 CLA EG . -47.17 3.26 -41.24
H122 CLA EG . -47.39 5.05 -41.25
H13 CLA EG . -49.52 4.97 -40.88
H141 CLA EG . -50.81 3.42 -39.33
H142 CLA EG . -49.49 4.33 -38.51
H143 CLA EG . -49.26 2.58 -38.92
H151 CLA EG . -50.69 2.73 -41.52
H152 CLA EG . -49.11 1.88 -41.33
H161 CLA EG . -48.19 3.55 -43.11
H162 CLA EG . -49.92 3.97 -43.43
H171 CLA EG . -50.30 2.00 -44.52
H172 CLA EG . -49.59 1.04 -43.17
H18 CLA EG . -47.28 2.20 -44.39
H191 CLA EG . -46.89 -0.09 -45.08
H192 CLA EG . -48.67 -0.47 -45.10
H193 CLA EG . -47.81 -0.15 -43.52
H201 CLA EG . -47.61 1.75 -46.81
H202 CLA EG . -48.67 3.10 -46.21
H203 CLA EG . -49.37 1.46 -46.52
MG CLA FG . -51.42 14.16 -49.28
CHA CLA FG . -52.34 17.15 -50.99
CHB CLA FG . -54.66 13.13 -49.61
CHC CLA FG . -50.48 10.80 -48.57
CHD CLA FG . -48.09 14.85 -50.06
NA CLA FG . -53.23 15.06 -50.18
C1A CLA FG . -53.41 16.33 -50.72
C2A CLA FG . -54.89 16.62 -51.02
C3A CLA FG . -55.58 15.27 -50.63
C4A CLA FG . -54.43 14.42 -50.08
CMA CLA FG . -56.73 15.44 -49.68
CAA CLA FG . -55.17 17.04 -52.47
CBA CLA FG . -54.85 15.96 -53.49
CGA CLA FG . -54.49 16.53 -54.82
O1A CLA FG . -54.55 17.69 -55.20
O2A CLA FG . -54.02 15.60 -55.68
NB CLA FG . -52.36 12.31 -49.11
C1B CLA FG . -53.72 12.19 -49.14
C2B CLA FG . -54.11 10.83 -48.67
C3B CLA FG . -52.96 10.16 -48.37
C4B CLA FG . -51.81 11.08 -48.66
CMB CLA FG . -55.50 10.39 -48.58
CAB CLA FG . -52.79 8.79 -47.95
CBB CLA FG . -53.62 8.11 -47.17
NC CLA FG . -49.57 13.05 -49.19
C1C CLA FG . -49.41 11.73 -48.81
C2C CLA FG . -47.98 11.39 -48.83
C3C CLA FG . -47.31 12.52 -49.33
C4C CLA FG . -48.33 13.56 -49.55
CMC CLA FG . -47.42 10.09 -48.47
CAC CLA FG . -45.85 12.65 -49.53
CBC CLA FG . -45.30 12.21 -50.87
ND CLA FG . -50.40 15.69 -50.15
C1D CLA FG . -49.01 15.84 -50.35
C2D CLA FG . -48.76 17.20 -50.95
C3D CLA FG . -50.01 17.76 -51.13
C4D CLA FG . -50.99 16.74 -50.70
CMD CLA FG . -47.45 17.77 -51.28
CAD CLA FG . -50.75 18.88 -51.68
OBD CLA FG . -50.37 19.92 -52.17
CBD CLA FG . -52.25 18.51 -51.62
CGD CLA FG . -52.95 19.54 -50.79
O1D CLA FG . -52.79 19.73 -49.57
O2D CLA FG . -53.81 20.33 -51.49
CED CLA FG . -53.87 21.70 -51.13
C1 CLA FG . -54.10 15.91 -57.08
C2 CLA FG . -53.64 14.68 -57.76
C3 CLA FG . -54.32 14.03 -58.73
C4 CLA FG . -55.65 14.45 -59.27
C5 CLA FG . -53.73 12.79 -59.30
C6 CLA FG . -54.64 11.60 -59.12
C7 CLA FG . -54.92 11.31 -57.67
C8 CLA FG . -56.14 10.40 -57.50
C9 CLA FG . -56.81 10.70 -56.16
C10 CLA FG . -55.79 8.91 -57.65
C11 CLA FG . -56.76 7.96 -56.98
C12 CLA FG . -56.54 6.53 -57.49
C13 CLA FG . -57.68 5.57 -57.13
C14 CLA FG . -57.21 4.17 -57.50
C15 CLA FG . -59.00 5.99 -57.78
C16 CLA FG . -59.92 4.89 -58.32
C17 CLA FG . -60.91 4.38 -57.29
C18 CLA FG . -62.31 4.96 -57.46
C19 CLA FG . -62.98 4.97 -56.10
C20 CLA FG . -63.19 4.18 -58.43
HHB CLA FG . -55.70 12.80 -49.59
HHC CLA FG . -50.17 9.79 -48.28
HHD CLA FG . -47.03 15.10 -50.25
H2A CLA FG . -55.22 17.47 -50.37
H3A CLA FG . -55.97 14.75 -51.55
HMA1 CLA FG . -57.22 14.46 -49.46
HMA2 CLA FG . -57.50 16.12 -50.11
HMA3 CLA FG . -56.38 15.87 -48.71
HAA1 CLA FG . -54.56 17.95 -52.71
HAA2 CLA FG . -56.26 17.32 -52.57
HBA1 CLA FG . -55.75 15.29 -53.63
HBA2 CLA FG . -54.01 15.32 -53.12
HMB1 CLA FG . -55.54 9.27 -48.59
HMB2 CLA FG . -56.09 10.78 -49.45
HMB3 CLA FG . -55.97 10.75 -47.63
HAB CLA FG . -51.88 8.31 -48.34
HBB1 CLA FG . -54.54 8.55 -46.76
HBB2 CLA FG . -53.43 7.07 -46.89
HMC1 CLA FG . -46.33 10.04 -48.72
HMC2 CLA FG . -47.94 9.28 -49.04
HMC3 CLA FG . -47.54 9.88 -47.37
HAC1 CLA FG . -45.32 12.05 -48.74
HAC2 CLA FG . -45.57 13.72 -49.38
HBC1 CLA FG . -44.19 12.35 -50.89
HBC2 CLA FG . -45.75 12.83 -51.69
HBC3 CLA FG . -45.54 11.14 -51.06
HMD1 CLA FG . -47.52 18.42 -52.18
HMD2 CLA FG . -46.71 16.95 -51.50
HMD3 CLA FG . -47.06 18.37 -50.43
HBD CLA FG . -52.68 18.47 -52.65
HED1 CLA FG . -54.38 22.18 -52.00
HED2 CLA FG . -52.80 21.99 -51.01
HED3 CLA FG . -54.47 21.70 -50.18
H11 CLA FG . -53.44 16.79 -57.30
H12 CLA FG . -55.16 16.18 -57.35
H2 CLA FG . -52.67 14.32 -57.41
H41 CLA FG . -55.86 13.96 -60.25
H42 CLA FG . -55.69 15.55 -59.43
H43 CLA FG . -56.48 14.18 -58.57
H51 CLA FG . -52.74 12.59 -58.79
H52 CLA FG . -53.52 12.95 -60.38
H61 CLA FG . -54.15 10.70 -59.59
H62 CLA FG . -55.60 11.78 -59.66
H71 CLA FG . -55.09 12.27 -57.12
H72 CLA FG . -54.02 10.82 -57.20
H8 CLA FG . -56.88 10.61 -58.32
H91 CLA FG . -57.85 10.28 -56.15
H92 CLA FG . -56.86 11.80 -55.99
H93 CLA FG . -56.23 10.23 -55.33
H101 CLA FG . -54.76 8.74 -57.23
H102 CLA FG . -55.73 8.66 -58.74
H111 CLA FG . -57.82 8.28 -57.20
H112 CLA FG . -56.63 7.99 -55.87
H121 CLA FG . -55.57 6.15 -57.06
H122 CLA FG . -56.41 6.57 -58.60
H13 CLA FG . -57.91 5.58 -56.03
H141 CLA FG . -57.95 3.40 -57.14
H142 CLA FG . -56.23 3.95 -57.02
H143 CLA FG . -57.10 4.05 -58.59
H151 CLA FG . -58.79 6.68 -58.64
H152 CLA FG . -59.60 6.57 -57.04
H161 CLA FG . -59.30 4.03 -58.69
H162 CLA FG . -60.49 5.28 -59.21
H171 CLA FG . -60.53 4.63 -56.27
H172 CLA FG . -60.97 3.27 -57.36
H18 CLA FG . -62.21 5.99 -57.89
H191 CLA FG . -64.08 5.18 -56.21
H192 CLA FG . -62.53 5.75 -55.44
H193 CLA FG . -62.87 3.98 -55.61
H201 CLA FG . -64.21 4.63 -58.50
H202 CLA FG . -63.30 3.12 -58.09
H203 CLA FG . -62.74 4.17 -59.45
MG CLA GG . -68.47 11.77 -38.98
CHA CLA GG . -66.15 9.33 -39.95
CHB CLA GG . -70.72 9.39 -38.32
CHC CLA GG . -70.89 14.22 -38.66
CHD CLA GG . -66.17 14.23 -40.16
NA CLA GG . -68.43 9.71 -39.19
C1A CLA GG . -67.36 8.85 -39.48
C2A CLA GG . -67.75 7.36 -39.31
C3A CLA GG . -69.23 7.47 -38.80
C4A CLA GG . -69.49 8.97 -38.78
CMA CLA GG . -70.24 6.76 -39.68
CAA CLA GG . -66.87 6.63 -38.29
CBA CLA GG . -66.65 5.17 -38.64
CGA CLA GG . -66.88 4.30 -37.44
O1A CLA GG . -66.52 4.45 -36.27
O2A CLA GG . -67.61 3.21 -37.74
NB CLA GG . -70.46 11.79 -38.64
C1B CLA GG . -71.15 10.71 -38.24
C2B CLA GG . -72.48 11.11 -37.70
C3B CLA GG . -72.53 12.48 -37.81
C4B CLA GG . -71.25 12.93 -38.41
CMB CLA GG . -73.46 10.19 -37.16
CAB CLA GG . -73.60 13.37 -37.45
CBB CLA GG . -74.10 14.30 -38.25
NC CLA GG . -68.52 13.84 -39.34
C1C CLA GG . -69.59 14.65 -39.07
C2C CLA GG . -69.24 16.05 -39.31
C3C CLA GG . -67.89 16.04 -39.72
C4C CLA GG . -67.45 14.66 -39.74
CMC CLA GG . -70.14 17.18 -39.15
CAC CLA GG . -67.09 17.21 -40.08
CBC CLA GG . -67.65 17.74 -41.38
ND CLA GG . -66.59 11.84 -39.87
C1D CLA GG . -65.75 12.93 -40.22
C2D CLA GG . -64.44 12.40 -40.70
C3D CLA GG . -64.54 11.01 -40.64
C4D CLA GG . -65.91 10.72 -40.12
CMD CLA GG . -63.34 13.25 -41.13
CAD CLA GG . -63.90 9.73 -40.91
OBD CLA GG . -62.84 9.51 -41.50
CBD CLA GG . -64.89 8.62 -40.41
CGD CLA GG . -65.33 7.61 -41.44
O1D CLA GG . -65.03 6.42 -41.55
O2D CLA GG . -66.21 8.13 -42.34
CED CLA GG . -65.88 7.99 -43.71
C1 CLA GG . -67.15 1.91 -37.29
C2 CLA GG . -68.36 1.14 -36.94
C3 CLA GG . -68.96 1.35 -35.76
C4 CLA GG . -68.41 2.36 -34.80
C5 CLA GG . -70.19 0.61 -35.38
C6 CLA GG . -71.23 0.58 -36.49
C7 CLA GG . -71.58 1.98 -36.96
C8 CLA GG . -73.07 2.32 -36.96
C9 CLA GG . -73.96 1.22 -37.49
C10 CLA GG . -73.27 3.56 -37.83
C11 CLA GG . -74.55 4.30 -37.51
C12 CLA GG . -74.34 5.80 -37.53
C13 CLA GG . -75.66 6.58 -37.54
C14 CLA GG . -75.66 7.62 -38.66
C15 CLA GG . -75.97 7.21 -36.17
C16 CLA GG . -77.46 7.36 -35.84
C17 CLA GG . -77.88 8.81 -35.70
C18 CLA GG . -77.21 9.54 -34.53
C19 CLA GG . -77.09 11.02 -34.80
C20 CLA GG . -77.94 9.32 -33.21
HHB CLA GG . -71.44 8.62 -37.99
HHC CLA GG . -71.64 15.02 -38.53
HHD CLA GG . -65.45 15.02 -40.46
H2A CLA GG . -67.66 6.86 -40.30
H3A CLA GG . -69.28 7.04 -37.77
HMA1 CLA GG . -71.21 6.64 -39.14
HMA2 CLA GG . -69.88 5.75 -39.98
HMA3 CLA GG . -70.44 7.34 -40.61
HAA1 CLA GG . -67.34 6.70 -37.28
HAA2 CLA GG . -65.88 7.16 -38.23
HBA1 CLA GG . -65.59 5.02 -39.00
HBA2 CLA GG . -67.35 4.85 -39.46
HMB1 CLA GG . -74.39 10.73 -36.87
HMB2 CLA GG . -73.05 9.67 -36.25
HMB3 CLA GG . -73.73 9.42 -37.93
HAB CLA GG . -74.00 13.22 -36.44
HBB1 CLA GG . -73.69 14.47 -39.26
HBB2 CLA GG . -74.93 14.95 -37.95
HMC1 CLA GG . -69.57 18.14 -39.08
HMC2 CLA GG . -70.75 17.07 -38.21
HMC3 CLA GG . -70.85 17.25 -40.01
HAC1 CLA GG . -66.02 16.94 -40.21
HAC2 CLA GG . -67.14 18.00 -39.29
HBC1 CLA GG . -66.99 18.54 -41.78
HBC2 CLA GG . -68.67 18.16 -41.21
HBC3 CLA GG . -67.72 16.92 -42.13
HMD1 CLA GG . -62.38 12.66 -41.20
HMD2 CLA GG . -63.18 14.09 -40.40
HMD3 CLA GG . -63.54 13.70 -42.13
HBD CLA GG . -64.30 8.09 -39.62
HED1 CLA GG . -66.59 8.70 -44.22
HED2 CLA GG . -66.07 6.92 -43.92
HED3 CLA GG . -64.81 8.30 -43.76
H11 CLA GG . -66.47 2.07 -36.40
H12 CLA GG . -66.56 1.42 -38.12
H2 CLA GG . -68.73 0.41 -37.68
H41 CLA GG . -69.04 2.42 -33.87
H42 CLA GG . -68.39 3.38 -35.25
H43 CLA GG . -67.38 2.10 -34.49
H51 CLA GG . -70.63 1.09 -34.46
H52 CLA GG . -69.91 -0.44 -35.10
H61 CLA GG . -72.16 0.07 -36.12
H62 CLA GG . -70.85 -0.02 -37.35
H71 CLA GG . -71.17 2.10 -38.00
H72 CLA GG . -71.04 2.71 -36.31
H8 CLA GG . -73.39 2.48 -35.90
H91 CLA GG . -74.77 1.64 -38.14
H92 CLA GG . -74.45 0.67 -36.64
H93 CLA GG . -73.37 0.49 -38.08
H101 CLA GG . -73.27 3.26 -38.91
H102 CLA GG . -72.40 4.26 -37.69
H111 CLA GG . -74.92 3.97 -36.51
H112 CLA GG . -75.34 4.01 -38.26
H121 CLA GG . -73.72 6.07 -38.42
H122 CLA GG . -73.75 6.09 -36.62
H13 CLA GG . -76.50 5.85 -37.78
H141 CLA GG . -76.10 8.58 -38.30
H142 CLA GG . -76.24 7.27 -39.54
H143 CLA GG . -74.61 7.83 -38.99
H151 CLA GG . -75.50 8.22 -36.12
H152 CLA GG . -75.50 6.58 -35.37
H161 CLA GG . -77.68 6.83 -34.88
H162 CLA GG . -78.07 6.88 -36.64
H171 CLA GG . -78.99 8.87 -35.57
H172 CLA GG . -77.63 9.37 -36.65
H18 CLA GG . -76.19 9.08 -34.41
H191 CLA GG . -76.43 11.51 -34.04
H192 CLA GG . -78.10 11.51 -34.76
H193 CLA GG . -76.66 11.19 -35.82
H201 CLA GG . -77.37 9.79 -32.37
H202 CLA GG . -78.05 8.24 -32.99
H203 CLA GG . -78.96 9.79 -33.24
MG CLA HG . -69.95 13.37 -48.92
CHA CLA HG . -71.58 15.91 -50.69
CHB CLA HG . -70.44 15.20 -46.01
CHC CLA HG . -68.88 10.73 -47.08
CHD CLA HG . -70.04 11.39 -51.80
NA CLA HG . -70.77 15.29 -48.46
C1A CLA HG . -71.49 16.12 -49.33
C2A CLA HG . -72.16 17.27 -48.57
C3A CLA HG . -71.45 17.19 -47.19
C4A CLA HG . -70.85 15.78 -47.19
CMA CLA HG . -70.41 18.25 -47.08
CAA CLA HG . -73.67 17.04 -48.47
CBA CLA HG . -74.03 15.58 -48.26
CGA CLA HG . -75.35 15.46 -47.57
O1A CLA HG . -75.89 16.23 -46.78
O2A CLA HG . -75.98 14.29 -47.89
NB CLA HG . -69.62 13.09 -46.93
C1B CLA HG . -69.87 13.92 -45.89
C2B CLA HG . -69.41 13.29 -44.61
C3B CLA HG . -68.98 12.03 -44.94
C4B CLA HG . -69.10 11.88 -46.41
CMB CLA HG . -69.56 13.86 -43.28
CAB CLA HG . -68.52 10.95 -44.10
CBB CLA HG . -67.72 11.09 -43.04
NC CLA HG . -69.49 11.45 -49.39
C1C CLA HG . -69.12 10.50 -48.46
C2C CLA HG . -69.02 9.18 -49.10
C3C CLA HG . -69.42 9.35 -50.41
C4C CLA HG . -69.69 10.78 -50.60
CMC CLA HG . -68.66 7.95 -48.41
CAC CLA HG . -69.48 8.29 -51.42
CBC CLA HG . -70.69 7.40 -51.25
ND CLA HG . -70.59 13.56 -50.80
C1D CLA HG . -70.43 12.70 -51.92
C2D CLA HG . -70.80 13.44 -53.13
C3D CLA HG . -71.27 14.67 -52.71
C4D CLA HG . -71.14 14.68 -51.26
CMD CLA HG . -70.69 12.92 -54.49
CAD CLA HG . -71.81 15.94 -53.14
OBD CLA HG . -72.03 16.36 -54.28
CBD CLA HG . -72.06 16.76 -51.83
CGD CLA HG . -71.30 18.05 -51.94
O1D CLA HG . -70.22 18.32 -51.41
O2D CLA HG . -71.89 19.00 -52.72
CED CLA HG . -71.32 19.28 -53.99
C1 CLA HG . -77.37 14.18 -47.49
C2 CLA HG . -77.47 13.20 -46.38
C3 CLA HG . -78.44 12.26 -46.31
C4 CLA HG . -79.50 12.11 -47.35
C5 CLA HG . -78.50 11.31 -45.18
C6 CLA HG . -78.18 9.89 -45.59
C7 CLA HG . -76.69 9.60 -45.57
C8 CLA HG . -76.39 8.11 -45.48
C9 CLA HG . -77.16 7.33 -46.54
C10 CLA HG . -76.69 7.54 -44.08
C11 CLA HG . -75.98 6.24 -43.80
C12 CLA HG . -75.04 6.36 -42.62
C13 CLA HG . -74.46 5.00 -42.24
C14 CLA HG . -75.49 4.18 -41.49
C15 CLA HG . -73.18 5.15 -41.43
C16 CLA HG . -72.37 3.86 -41.39
C17 CLA HG . -71.24 3.86 -42.41
C18 CLA HG . -70.38 2.60 -42.36
C19 CLA HG . -71.15 1.37 -42.81
C20 CLA HG . -69.77 2.38 -40.99
HHB CLA HG . -70.57 15.77 -45.08
HHC CLA HG . -68.49 9.87 -46.53
HHD CLA HG . -69.99 10.78 -52.72
H2A CLA HG . -71.96 18.24 -49.07
H3A CLA HG . -72.18 17.25 -46.35
HMA1 CLA HG . -69.94 18.24 -46.07
HMA2 CLA HG . -70.85 19.27 -47.24
HMA3 CLA HG . -69.60 18.11 -47.84
HAA1 CLA HG . -74.15 17.41 -49.40
HAA2 CLA HG . -74.07 17.64 -47.62
HBA1 CLA HG . -73.24 15.07 -47.64
HBA2 CLA HG . -74.08 15.05 -49.25
HMB1 CLA HG . -68.56 14.16 -42.87
HMB2 CLA HG . -70.03 13.11 -42.58
HMB3 CLA HG . -70.22 14.76 -43.31
HAB CLA HG . -68.87 9.94 -44.42
HBB1 CLA HG . -67.37 12.08 -42.71
HBB2 CLA HG . -67.39 10.23 -42.43
HMC1 CLA HG . -68.68 7.08 -49.12
HMC2 CLA HG . -69.38 7.73 -47.58
HMC3 CLA HG . -67.63 8.02 -47.97
HAC1 CLA HG . -68.55 7.66 -51.37
HAC2 CLA HG . -69.51 8.74 -52.45
HBC1 CLA HG . -70.75 6.67 -52.10
HBC2 CLA HG . -71.61 8.01 -51.21
HBC3 CLA HG . -70.60 6.83 -50.29
HMD1 CLA HG . -70.93 13.71 -55.24
HMD2 CLA HG . -71.39 12.07 -54.65
HMD3 CLA HG . -69.65 12.56 -54.69
HBD CLA HG . -73.15 16.99 -51.71
HED1 CLA HG . -71.59 20.35 -54.18
HED2 CLA HG . -71.81 18.56 -54.67
HED3 CLA HG . -70.22 19.10 -53.84
H11 CLA HG . -77.96 13.84 -48.39
H12 CLA HG . -77.73 15.20 -47.19
H2 CLA HG . -76.70 13.29 -45.59
H41 CLA HG . -80.29 11.39 -47.03
H42 CLA HG . -79.08 11.74 -48.31
H43 CLA HG . -80.00 13.09 -47.56
H51 CLA HG . -79.53 11.35 -44.72
H52 CLA HG . -77.78 11.64 -44.38
H61 CLA HG . -78.57 9.72 -46.63
H62 CLA HG . -78.71 9.17 -44.93
H71 CLA HG . -76.24 10.14 -44.70
H72 CLA HG . -76.22 10.03 -46.49
H8 CLA HG . -75.28 7.96 -45.67
H91 CLA HG . -76.68 6.35 -46.72
H92 CLA HG . -77.17 7.91 -47.50
H93 CLA HG . -78.21 7.16 -46.20
H101 CLA HG . -77.80 7.40 -43.98
H102 CLA HG . -76.39 8.29 -43.31
H111 CLA HG . -75.40 5.93 -44.72
H112 CLA HG . -76.74 5.44 -43.61
H121 CLA HG . -75.60 6.79 -41.75
H122 CLA HG . -74.22 7.08 -42.88
H13 CLA HG . -74.21 4.46 -43.20
H141 CLA HG . -74.98 3.58 -40.68
H142 CLA HG . -76.01 3.47 -42.17
H143 CLA HG . -76.25 4.83 -41.01
H151 CLA HG . -73.43 5.45 -40.38
H152 CLA HG . -72.55 5.97 -41.86
H161 CLA HG . -73.05 2.99 -41.58
H162 CLA HG . -71.94 3.73 -40.37
H171 CLA HG . -70.59 4.76 -42.24
H172 CLA HG . -71.67 3.96 -43.44
H18 CLA HG . -69.53 2.76 -43.08
H191 CLA HG . -70.45 0.51 -42.95
H192 CLA HG . -71.67 1.57 -43.78
H193 CLA HG . -71.92 1.09 -42.05
H201 CLA HG . -68.98 1.59 -41.04
H202 CLA HG . -70.55 2.05 -40.26
H203 CLA HG . -69.31 3.32 -40.61
C1 BCR IG . -72.06 -11.87 -51.36
C2 BCR IG . -71.08 -12.97 -51.68
C3 BCR IG . -71.04 -13.23 -53.15
C4 BCR IG . -70.51 -12.00 -53.83
C5 BCR IG . -71.28 -10.81 -53.44
C6 BCR IG . -71.99 -10.73 -52.32
C7 BCR IG . -72.77 -9.52 -51.98
C8 BCR IG . -72.28 -8.52 -51.27
C9 BCR IG . -73.10 -7.44 -50.77
C10 BCR IG . -72.64 -6.19 -50.80
C11 BCR IG . -73.15 -5.09 -50.00
C33 BCR IG . -71.21 -9.70 -54.40
C31 BCR IG . -71.76 -11.45 -49.94
C32 BCR IG . -73.44 -12.48 -51.43
C34 BCR IG . -74.42 -7.80 -50.22
C12 BCR IG . -72.43 -3.96 -50.02
C13 BCR IG . -72.90 -2.68 -49.57
C14 BCR IG . -71.99 -1.82 -49.09
C15 BCR IG . -72.18 -0.40 -49.01
C16 BCR IG . -71.71 0.32 -47.98
C17 BCR IG . -71.84 1.76 -48.04
C18 BCR IG . -71.07 2.66 -47.41
C19 BCR IG . -71.48 4.07 -47.34
C20 BCR IG . -71.11 4.87 -46.34
C21 BCR IG . -71.63 6.21 -46.23
C22 BCR IG . -71.32 7.09 -45.25
C23 BCR IG . -72.21 8.21 -44.97
C24 BCR IG . -71.88 9.23 -44.18
C25 BCR IG . -72.65 10.46 -44.01
C26 BCR IG . -72.99 11.23 -45.05
C27 BCR IG . -73.76 12.49 -45.02
C28 BCR IG . -74.30 12.82 -43.66
C29 BCR IG . -73.37 12.36 -42.57
C30 BCR IG . -73.06 10.88 -42.62
C35 BCR IG . -74.18 -2.19 -50.11
C36 BCR IG . -69.73 2.31 -46.91
C37 BCR IG . -69.91 7.22 -44.83
C38 BCR IG . -72.62 10.86 -46.43
C39 BCR IG . -74.26 10.06 -42.14
C40 BCR IG . -71.97 10.67 -41.59
HC21 BCR IG . -71.33 -13.89 -51.16
HC22 BCR IG . -70.08 -12.73 -51.33
HC31 BCR IG . -72.03 -13.47 -53.51
HC32 BCR IG . -70.42 -14.09 -53.37
HC41 BCR IG . -70.51 -12.13 -54.91
HC42 BCR IG . -69.45 -11.88 -53.64
HC7 BCR IG . -73.78 -9.48 -52.34
HC8 BCR IG . -71.23 -8.50 -51.06
H10C BCR IG . -71.85 -5.95 -51.46
H11C BCR IG . -74.05 -5.20 -49.45
H331 BCR IG . -70.89 -8.79 -53.91
H332 BCR IG . -72.18 -9.52 -54.84
H333 BCR IG . -70.51 -9.93 -55.19
H311 BCR IG . -72.59 -10.90 -49.52
H312 BCR IG . -70.90 -10.81 -49.89
H313 BCR IG . -71.58 -12.31 -49.31
H321 BCR IG . -74.14 -11.88 -50.88
H322 BCR IG . -73.43 -13.47 -51.02
H323 BCR IG . -73.77 -12.54 -52.46
H341 BCR IG . -74.75 -7.06 -49.50
H342 BCR IG . -74.37 -8.75 -49.70
H343 BCR IG . -75.16 -7.88 -50.98
H12C BCR IG . -71.44 -4.03 -50.39
H14C BCR IG . -71.04 -2.20 -48.76
H15C BCR IG . -72.70 0.10 -49.79
H16C BCR IG . -71.26 -0.16 -47.14
H17C BCR IG . -72.63 2.11 -48.65
H19C BCR IG . -72.12 4.47 -48.09
H20C BCR IG . -70.41 4.51 -45.62
H21C BCR IG . -72.31 6.51 -46.99
H23C BCR IG . -73.17 8.21 -45.43
H24C BCR IG . -70.98 9.13 -43.62
H271 BCR IG . -74.56 12.48 -45.76
H272 BCR IG . -73.17 13.33 -45.40
H281 BCR IG . -75.29 12.36 -43.56
H282 BCR IG . -74.48 13.89 -43.62
H291 BCR IG . -73.80 12.65 -41.62
H292 BCR IG . -72.46 12.96 -42.65
H351 BCR IG . -74.74 -1.65 -49.35
H352 BCR IG . -74.79 -3.02 -50.46
H353 BCR IG . -74.01 -1.52 -50.94
H361 BCR IG . -69.07 3.16 -46.89
H362 BCR IG . -69.26 1.56 -47.54
H363 BCR IG . -69.77 1.90 -45.90
H371 BCR IG . -69.50 8.15 -45.19
H372 BCR IG . -69.32 6.41 -45.23
H373 BCR IG . -69.84 7.19 -43.75
H381 BCR IG . -72.72 11.70 -47.11
H382 BCR IG . -73.25 10.06 -46.82
H383 BCR IG . -71.59 10.52 -46.51
H391 BCR IG . -74.75 10.54 -41.31
H392 BCR IG . -73.95 9.07 -41.80
H393 BCR IG . -74.98 9.92 -42.93
H401 BCR IG . -72.17 11.22 -40.69
H402 BCR IG . -71.01 10.99 -41.97
H403 BCR IG . -71.88 9.63 -41.33
C1 BCR JG . -54.27 17.63 -19.29
C2 BCR JG . -53.62 18.92 -18.84
C3 BCR JG . -54.05 19.32 -17.45
C4 BCR JG . -53.80 18.21 -16.47
C5 BCR JG . -54.00 16.84 -17.03
C6 BCR JG . -54.23 16.55 -18.29
C7 BCR JG . -54.38 15.17 -18.79
C8 BCR JG . -55.40 14.35 -18.50
C9 BCR JG . -55.64 13.05 -19.15
C10 BCR JG . -56.54 12.18 -18.64
C11 BCR JG . -56.78 10.83 -19.13
C33 BCR JG . -53.93 15.78 -16.01
C31 BCR JG . -53.56 17.22 -20.55
C32 BCR JG . -55.71 17.93 -19.62
C34 BCR JG . -55.16 12.89 -20.55
C12 BCR JG . -57.73 10.06 -18.58
C13 BCR JG . -58.12 8.75 -19.08
C14 BCR JG . -59.18 8.11 -18.54
C15 BCR JG . -59.89 7.01 -19.17
C16 BCR JG . -60.66 6.19 -18.47
C17 BCR JG . -61.21 5.01 -19.08
C18 BCR JG . -62.34 4.40 -18.68
C19 BCR JG . -62.82 3.19 -19.33
C20 BCR JG . -63.66 2.29 -18.78
C21 BCR JG . -63.93 1.04 -19.48
C22 BCR JG . -64.64 -0.01 -19.05
C23 BCR JG . -64.45 -1.30 -19.72
C24 BCR JG . -65.08 -2.44 -19.37
C25 BCR JG . -64.81 -3.76 -19.95
C26 BCR JG . -65.02 -4.05 -21.24
C27 BCR JG . -64.74 -5.34 -21.90
C28 BCR JG . -63.88 -6.26 -21.07
C29 BCR JG . -64.30 -6.19 -19.64
C30 BCR JG . -64.25 -4.80 -19.03
C35 BCR JG . -57.27 8.02 -20.04
C36 BCR JG . -63.25 5.17 -17.80
C37 BCR JG . -65.80 0.21 -18.15
C38 BCR JG . -65.53 -3.06 -22.21
C39 BCR JG . -62.84 -4.43 -18.64
C40 BCR JG . -65.05 -4.92 -17.75
HC21 BCR JG . -53.85 19.73 -19.53
HC22 BCR JG . -52.54 18.84 -18.85
HC31 BCR JG . -55.10 19.60 -17.47
HC32 BCR JG . -53.53 20.22 -17.15
HC41 BCR JG . -54.41 18.36 -15.59
HC42 BCR JG . -52.81 18.32 -16.05
HC7 BCR JG . -53.61 14.81 -19.44
HC8 BCR JG . -56.08 14.66 -17.73
H10C BCR JG . -57.12 12.48 -17.81
H11C BCR JG . -56.19 10.47 -19.95
H331 BCR JG . -53.22 15.03 -16.31
H332 BCR JG . -54.90 15.32 -15.88
H333 BCR JG . -53.61 16.20 -15.05
H311 BCR JG . -54.18 16.57 -21.15
H312 BCR JG . -52.64 16.70 -20.32
H313 BCR JG . -53.31 18.08 -21.14
H321 BCR JG . -56.14 17.13 -20.19
H322 BCR JG . -55.78 18.84 -20.20
H323 BCR JG . -56.29 18.05 -18.71
H341 BCR JG . -55.19 11.86 -20.86
H342 BCR JG . -54.15 13.24 -20.66
H343 BCR JG . -55.77 13.46 -21.24
H12C BCR JG . -58.22 10.43 -17.72
H14C BCR JG . -59.53 8.42 -17.58
H15C BCR JG . -59.78 6.88 -20.23
H16C BCR JG . -60.87 6.42 -17.45
H17C BCR JG . -60.68 4.60 -19.90
H19C BCR JG . -62.48 2.97 -20.32
H20C BCR JG . -64.13 2.50 -17.85
H21C BCR JG . -63.48 0.98 -20.46
H23C BCR JG . -63.77 -1.34 -20.53
H24C BCR JG . -65.84 -2.38 -18.63
H271 BCR JG . -64.29 -5.19 -22.88
H272 BCR JG . -65.65 -5.85 -22.20
H281 BCR JG . -62.84 -5.98 -21.20
H282 BCR JG . -63.96 -7.27 -21.47
H291 BCR JG . -63.68 -6.87 -19.07
H292 BCR JG . -65.29 -6.62 -19.56
H351 BCR JG . -57.35 6.96 -19.90
H352 BCR JG . -56.23 8.31 -19.93
H353 BCR JG . -57.57 8.25 -21.06
H361 BCR JG . -64.21 4.70 -17.72
H362 BCR JG . -63.41 6.17 -18.19
H363 BCR JG . -62.84 5.27 -16.81
H371 BCR JG . -66.69 -0.26 -18.57
H372 BCR JG . -66.00 1.26 -18.02
H373 BCR JG . -65.62 -0.23 -17.18
H381 BCR JG . -65.67 -3.49 -23.20
H382 BCR JG . -64.85 -2.22 -22.32
H383 BCR JG . -66.48 -2.64 -21.91
H391 BCR JG . -62.30 -5.31 -18.31
H392 BCR JG . -62.85 -3.72 -17.83
H393 BCR JG . -62.31 -4.00 -19.48
H401 BCR JG . -64.72 -5.77 -17.18
H402 BCR JG . -66.10 -5.02 -17.95
H403 BCR JG . -64.91 -4.04 -17.14
C1A DGD KG . -47.50 -5.90 -16.51
C2A DGD KG . -46.58 -4.84 -16.11
C3A DGD KG . -47.10 -3.49 -16.51
C4A DGD KG . -46.50 -2.53 -15.55
C5A DGD KG . -46.33 -1.22 -16.17
C6A DGD KG . -47.62 -0.47 -16.15
C7A DGD KG . -47.55 0.39 -14.92
C8A DGD KG . -48.89 1.13 -14.75
C9A DGD KG . -48.67 2.51 -14.09
CAA DGD KG . -49.45 3.55 -14.91
CBA DGD KG . -49.25 4.95 -14.28
CCA DGD KG . -48.92 5.97 -15.42
CDA DGD KG . -50.14 6.14 -16.37
CEA DGD KG . -49.98 7.43 -17.23
CFA DGD KG . -51.10 7.50 -18.31
CGA DGD KG . -50.86 8.76 -19.16
O1A DGD KG . -47.78 -6.93 -15.90
C1B DGD KG . -51.69 -4.43 -18.36
C2B DGD KG . -52.05 -3.67 -19.60
C3B DGD KG . -51.17 -2.47 -19.78
C4B DGD KG . -49.69 -2.82 -19.57
C5B DGD KG . -48.99 -1.48 -19.52
C6B DGD KG . -48.78 -1.02 -20.95
C7B DGD KG . -47.28 -1.20 -21.23
C8B DGD KG . -46.69 0.19 -21.16
C9B DGD KG . -45.37 0.14 -21.91
CAB DGD KG . -44.71 1.47 -21.66
CBB DGD KG . -44.26 1.95 -23.02
CCB DGD KG . -42.92 2.65 -22.87
CDB DGD KG . -43.09 3.78 -23.84
CEB DGD KG . -41.72 4.26 -24.27
CFB DGD KG . -41.44 5.57 -23.45
CGB DGD KG . -40.32 6.32 -24.19
O1B DGD KG . -52.22 -4.26 -17.28
O1G DGD KG . -48.30 -5.41 -17.52
C1G DGD KG . -49.01 -6.44 -18.20
C2G DGD KG . -50.47 -6.39 -17.76
O2G DGD KG . -51.00 -5.55 -18.68
C3G DGD KG . -51.12 -7.84 -17.98
O3G DGD KG . -50.79 -8.50 -16.78
C1D DGD KG . -50.83 -9.86 -16.85
C2D DGD KG . -50.20 -10.33 -15.50
O2D DGD KG . -48.81 -10.08 -15.56
C3D DGD KG . -50.43 -11.83 -15.46
O3D DGD KG . -49.87 -12.35 -14.29
C4D DGD KG . -52.02 -12.07 -15.45
O4D DGD KG . -52.67 -11.26 -14.45
C5D DGD KG . -52.51 -11.62 -16.81
O5D DGD KG . -54.15 -13.19 -17.48
C6D DGD KG . -54.06 -11.87 -16.99
O6D DGD KG . -52.27 -10.21 -16.96
C1E DGD KG . -54.90 -14.06 -16.67
C2E DGD KG . -54.26 -15.44 -16.77
O2E DGD KG . -53.05 -15.31 -16.25
C3E DGD KG . -54.13 -15.84 -18.23
O3E DGD KG . -53.70 -17.18 -18.20
C4E DGD KG . -55.54 -15.79 -18.86
O4E DGD KG . -56.39 -16.81 -18.26
C5E DGD KG . -56.17 -14.42 -18.57
O6E DGD KG . -56.17 -14.08 -17.20
C6E DGD KG . -57.64 -14.42 -18.87
O5E DGD KG . -57.76 -14.82 -20.20
HA21 DGD KG . -45.58 -5.06 -16.56
HA22 DGD KG . -46.41 -4.92 -15.01
HA31 DGD KG . -48.20 -3.44 -16.48
HA32 DGD KG . -46.82 -3.24 -17.55
HA41 DGD KG . -45.52 -2.91 -15.19
HA42 DGD KG . -47.14 -2.45 -14.65
HA51 DGD KG . -45.95 -1.32 -17.21
HA52 DGD KG . -45.52 -0.64 -15.66
HA61 DGD KG . -48.49 -1.16 -16.16
HA62 DGD KG . -47.77 0.12 -17.08
HA71 DGD KG . -46.69 1.08 -15.00
HA72 DGD KG . -47.27 -0.23 -14.05
HA81 DGD KG . -49.60 0.49 -14.17
HA82 DGD KG . -49.41 1.20 -15.74
HA91 DGD KG . -47.59 2.74 -14.05
HA92 DGD KG . -49.00 2.49 -13.03
HAT1 DGD KG . -50.53 3.27 -14.98
HAT2 DGD KG . -49.12 3.53 -15.98
HAE1 DGD KG . -48.46 4.92 -13.51
HAE2 DGD KG . -50.16 5.25 -13.71
HAW1 DGD KG . -48.04 5.63 -16.01
HAW2 DGD KG . -48.62 6.95 -15.03
HAH1 DGD KG . -51.10 6.20 -15.81
HAH2 DGD KG . -50.29 5.27 -17.05
HAF1 DGD KG . -48.98 7.46 -17.70
HAF2 DGD KG . -50.00 8.33 -16.58
HAN1 DGD KG . -52.11 7.53 -17.86
HAN2 DGD KG . -51.12 6.60 -18.95
HB21 DGD KG . -53.11 -3.37 -19.55
HB22 DGD KG . -51.96 -4.35 -20.47
HB31 DGD KG . -51.48 -1.66 -19.08
HB32 DGD KG . -51.34 -2.03 -20.79
HB41 DGD KG . -49.28 -3.47 -20.38
HB42 DGD KG . -49.51 -3.43 -18.66
HB51 DGD KG . -48.04 -1.54 -18.94
HB52 DGD KG . -49.57 -0.74 -18.92
HB61 DGD KG . -49.06 0.02 -21.15
HB62 DGD KG . -49.36 -1.57 -21.70
HB71 DGD KG . -47.06 -1.67 -22.20
HB72 DGD KG . -46.76 -1.87 -20.50
HB81 DGD KG . -46.58 0.52 -20.10
HB82 DGD KG . -47.41 0.93 -21.58
HB91 DGD KG . -45.54 -0.06 -22.99
HB92 DGD KG . -44.76 -0.74 -21.59
HBT1 DGD KG . -43.83 1.40 -20.97
HBT2 DGD KG . -45.38 2.21 -21.17
HBE1 DGD KG . -45.02 2.62 -23.47
HBE2 DGD KG . -44.19 1.10 -23.73
HBW1 DGD KG . -42.07 1.98 -23.09
HBW2 DGD KG . -42.73 2.97 -21.83
HBH1 DGD KG . -43.68 4.61 -23.38
HBH2 DGD KG . -43.70 3.46 -24.72
HBF1 DGD KG . -41.70 4.42 -25.36
HBF2 DGD KG . -40.97 3.47 -24.09
HBN1 DGD KG . -41.19 5.34 -22.40
HBN2 DGD KG . -42.36 6.19 -23.35
HG11 DGD KG . -48.62 -7.47 -17.98
HG12 DGD KG . -48.99 -6.33 -19.32
HG2 DGD KG . -50.60 -6.13 -16.67
HG31 DGD KG . -50.69 -8.34 -18.88
HG32 DGD KG . -52.21 -7.77 -18.18
HD1 DGD KG . -50.28 -10.26 -17.75
HD2 DGD KG . -50.67 -9.80 -14.63
HO2D DGD KG . -48.37 -10.86 -15.24
HD3 DGD KG . -49.99 -12.34 -16.36
HO3D DGD KG . -49.90 -13.31 -14.38
HD4 DGD KG . -52.26 -13.15 -15.27
HO4D DGD KG . -53.24 -11.84 -13.94
HD5 DGD KG . -51.96 -12.14 -17.64
HD61 DGD KG . -54.57 -11.19 -17.69
HD62 DGD KG . -54.66 -11.79 -16.04
HE1 DGD KG . -55.06 -13.72 -15.61
HE2 DGD KG . -54.92 -16.17 -16.23
HO2E DGD KG . -53.06 -15.74 -15.40
HE3 DGD KG . -53.43 -15.16 -18.78
HO3E DGD KG . -53.33 -17.38 -19.05
HE4 DGD KG . -55.46 -15.94 -19.97
HO4E DGD KG . -56.50 -17.49 -18.93
HE5 DGD KG . -55.62 -13.65 -19.18
HE61 DGD KG . -58.08 -13.42 -18.69
HE62 DGD KG . -58.17 -15.12 -18.18
HO5E DGD KG . -58.20 -15.67 -20.19
C1A DGD LG . -41.62 -11.09 -47.24
C2A DGD LG . -40.74 -10.71 -48.39
C3A DGD LG . -39.95 -9.45 -48.09
C4A DGD LG . -40.83 -8.24 -48.33
C5A DGD LG . -40.31 -7.06 -47.50
C6A DGD LG . -38.93 -6.63 -47.98
C7A DGD LG . -38.68 -5.30 -47.32
C8A DGD LG . -37.31 -4.75 -47.75
C9A DGD LG . -36.36 -4.96 -46.56
CAA DGD LG . -34.92 -4.63 -46.93
CBA DGD LG . -34.91 -3.24 -47.58
CCA DGD LG . -33.48 -2.70 -47.51
CDA DGD LG . -33.28 -2.12 -46.10
CEA DGD LG . -31.83 -1.73 -45.92
CFA DGD LG . -31.67 -0.23 -46.10
CGA DGD LG . -31.49 -0.01 -47.61
O1A DGD LG . -42.04 -10.41 -46.33
C1B DGD LG . -45.11 -11.38 -46.01
C2B DGD LG . -45.38 -9.99 -46.49
C3B DGD LG . -45.28 -8.97 -45.42
C4B DGD LG . -46.64 -8.26 -45.27
C5B DGD LG . -46.37 -7.09 -44.32
C6B DGD LG . -46.43 -7.75 -42.98
C7B DGD LG . -46.25 -6.70 -41.92
C8B DGD LG . -45.98 -7.60 -40.74
C9B DGD LG . -46.04 -6.80 -39.52
CAB DGD LG . -44.67 -6.97 -38.88
CBB DGD LG . -44.55 -5.80 -37.93
CCB DGD LG . -43.66 -6.20 -36.75
CDB DGD LG . -42.35 -6.55 -37.42
CEB DGD LG . -41.26 -6.21 -36.50
CFB DGD LG . -40.07 -6.45 -37.37
CGB DGD LG . -39.10 -7.22 -36.52
O1B DGD LG . -45.67 -11.95 -45.08
O1G DGD LG . -42.12 -12.35 -47.49
C1G DGD LG . -42.60 -13.10 -46.41
C2G DGD LG . -44.07 -13.33 -46.69
O2G DGD LG . -44.63 -12.11 -47.01
C3G DGD LG . -44.23 -14.16 -47.98
O3G DGD LG . -43.52 -15.33 -47.68
C1D DGD LG . -44.15 -16.29 -46.95
C2D DGD LG . -43.53 -17.59 -47.45
O2D DGD LG . -43.98 -17.66 -48.79
C3D DGD LG . -44.20 -18.70 -46.60
O3D DGD LG . -43.61 -19.94 -46.87
C4D DGD LG . -44.00 -18.45 -45.05
O4D DGD LG . -42.64 -18.53 -44.62
C5D DGD LG . -44.45 -16.98 -44.75
O5D DGD LG . -44.84 -17.63 -42.48
C6D DGD LG . -44.21 -16.59 -43.24
O6D DGD LG . -43.75 -16.09 -45.60
C1E DGD LG . -46.21 -17.48 -42.25
C2E DGD LG . -46.44 -17.62 -40.71
O2E DGD LG . -45.56 -16.70 -40.11
C3E DGD LG . -46.10 -19.07 -40.28
O3E DGD LG . -46.43 -19.22 -38.97
C4E DGD LG . -46.97 -20.09 -41.07
O4E DGD LG . -48.32 -19.89 -40.82
C5E DGD LG . -46.67 -19.86 -42.60
O6E DGD LG . -46.92 -18.47 -43.00
C6E DGD LG . -47.53 -20.80 -43.56
O5E DGD LG . -48.87 -20.37 -43.52
HA21 DGD LG . -41.38 -10.59 -49.30
HA22 DGD LG . -40.06 -11.56 -48.62
HA31 DGD LG . -39.05 -9.40 -48.73
HA32 DGD LG . -39.59 -9.45 -47.05
HA41 DGD LG . -41.88 -8.45 -48.07
HA42 DGD LG . -40.84 -7.98 -49.42
HA51 DGD LG . -40.30 -7.32 -46.42
HA52 DGD LG . -41.02 -6.20 -47.56
HA61 DGD LG . -38.88 -6.59 -49.09
HA62 DGD LG . -38.17 -7.41 -47.73
HA71 DGD LG . -38.76 -5.43 -46.21
HA72 DGD LG . -39.52 -4.62 -47.53
HA81 DGD LG . -37.39 -3.69 -48.07
HA82 DGD LG . -36.98 -5.25 -48.68
HA91 DGD LG . -36.44 -6.02 -46.20
HA92 DGD LG . -36.70 -4.35 -45.70
HAT1 DGD LG . -34.50 -5.42 -47.60
HAT2 DGD LG . -34.26 -4.68 -46.03
HAE1 DGD LG . -35.62 -2.57 -47.09
HAE2 DGD LG . -35.27 -3.30 -48.62
HAW1 DGD LG . -33.29 -1.92 -48.27
HAW2 DGD LG . -32.72 -3.48 -47.71
HAH1 DGD LG . -33.57 -2.82 -45.29
HAH2 DGD LG . -33.92 -1.23 -45.89
HAF1 DGD LG . -31.18 -2.30 -46.62
HAF2 DGD LG . -31.46 -2.05 -44.92
HAN1 DGD LG . -30.80 0.18 -45.54
HAN2 DGD LG . -32.53 0.34 -45.71
HB21 DGD LG . -46.40 -9.97 -46.95
HB22 DGD LG . -44.68 -9.76 -47.31
HB31 DGD LG . -44.47 -8.26 -45.63
HB32 DGD LG . -44.97 -9.45 -44.46
HB41 DGD LG . -47.44 -8.94 -44.88
HB42 DGD LG . -47.06 -7.93 -46.25
HB51 DGD LG . -47.08 -6.25 -44.45
HB52 DGD LG . -45.39 -6.58 -44.52
HB61 DGD LG . -45.69 -8.55 -42.82
HB62 DGD LG . -47.38 -8.28 -42.78
HB71 DGD LG . -47.11 -6.04 -41.75
HB72 DGD LG . -45.42 -5.99 -42.09
HB81 DGD LG . -45.00 -8.10 -40.88
HB82 DGD LG . -46.72 -8.43 -40.74
HB91 DGD LG . -46.87 -7.11 -38.86
HB92 DGD LG . -46.29 -5.73 -39.74
HBT1 DGD LG . -43.84 -6.97 -39.62
HBT2 DGD LG . -44.56 -7.92 -38.33
HBE1 DGD LG . -45.54 -5.46 -37.58
HBE2 DGD LG . -44.13 -4.90 -38.45
HBW1 DGD LG . -44.11 -7.04 -36.18
HBW2 DGD LG . -43.57 -5.38 -36.01
HBH1 DGD LG . -42.24 -6.02 -38.40
HBH2 DGD LG . -42.33 -7.63 -37.70
HBF1 DGD LG . -41.29 -6.84 -35.58
HBF2 DGD LG . -41.35 -5.17 -36.12
HBN1 DGD LG . -39.65 -5.50 -37.75
HBN2 DGD LG . -40.34 -6.99 -38.30
HG11 DGD LG . -42.50 -12.59 -45.43
HG12 DGD LG . -42.11 -14.10 -46.30
HG2 DGD LG . -44.51 -13.86 -45.80
HG31 DGD LG . -43.83 -13.61 -48.86
HG32 DGD LG . -45.30 -14.34 -48.20
HD1 DGD LG . -45.27 -16.22 -47.04
HD2 DGD LG . -42.42 -17.64 -47.36
HO2D DGD LG . -43.92 -16.77 -49.15
HD3 DGD LG . -45.30 -18.68 -46.83
HO3D DGD LG . -44.27 -20.47 -47.30
HD4 DGD LG . -44.63 -19.18 -44.48
HO4D DGD LG . -42.49 -19.45 -44.39
HD5 DGD LG . -45.55 -16.81 -44.97
HD61 DGD LG . -44.64 -15.61 -42.95
HD62 DGD LG . -43.14 -16.52 -42.95
HE1 DGD LG . -46.67 -16.54 -42.68
HE2 DGD LG . -47.52 -17.40 -40.47
HO2E DGD LG . -45.38 -16.02 -40.76
HE3 DGD LG . -45.02 -19.22 -40.50
HO3E DGD LG . -46.61 -18.34 -38.64
HE4 DGD LG . -46.69 -21.15 -40.79
HO4E DGD LG . -48.59 -19.13 -41.33
HE5 DGD LG . -45.60 -20.13 -42.80
HE61 DGD LG . -47.44 -21.86 -43.24
HE62 DGD LG . -47.13 -20.75 -44.59
HO5E DGD LG . -49.32 -20.81 -44.22
C1A DGD MG . -32.97 -12.91 -47.03
C2A DGD MG . -32.28 -12.06 -46.12
C3A DGD MG . -32.36 -10.65 -46.63
C4A DGD MG . -32.39 -9.74 -45.44
C5A DGD MG . -31.32 -8.69 -45.52
C6A DGD MG . -31.95 -7.34 -45.55
C7A DGD MG . -32.21 -7.05 -44.10
C8A DGD MG . -31.01 -6.39 -43.51
C9A DGD MG . -31.03 -4.95 -43.98
CAA DGD MG . -31.56 -4.11 -42.84
CBA DGD MG . -30.42 -3.81 -41.92
CCA DGD MG . -29.80 -2.53 -42.47
CDA DGD MG . -28.42 -2.30 -41.75
CEA DGD MG . -27.60 -1.38 -42.63
CFA DGD MG . -27.86 0.05 -42.24
CGA DGD MG . -26.93 0.91 -43.10
O1A DGD MG . -32.75 -13.08 -48.23
C1B DGD MG . -37.88 -13.20 -44.89
C2B DGD MG . -38.94 -12.30 -45.38
C3B DGD MG . -39.01 -11.05 -44.51
C4B DGD MG . -37.72 -10.27 -44.68
C5B DGD MG . -37.82 -9.18 -43.70
C6B DGD MG . -36.73 -8.16 -44.14
C7B DGD MG . -37.27 -6.86 -43.66
C8B DGD MG . -36.27 -6.28 -42.76
C9B DGD MG . -36.35 -4.82 -43.04
CAB DGD MG . -36.02 -4.13 -41.74
CBB DGD MG . -35.03 -3.07 -42.14
CCB DGD MG . -35.68 -2.04 -43.02
CDB DGD MG . -36.66 -1.35 -42.09
CEB DGD MG . -36.70 0.13 -42.40
CFB DGD MG . -38.15 0.53 -42.43
CGB DGD MG . -38.26 1.78 -43.27
O1B DGD MG . -37.88 -13.70 -43.78
O1G DGD MG . -34.21 -13.08 -46.50
C1G DGD MG . -34.81 -14.35 -46.60
C2G DGD MG . -35.90 -14.42 -45.55
O2G DGD MG . -36.90 -13.43 -45.84
C3G DGD MG . -36.55 -15.79 -45.78
O3G DGD MG . -35.49 -16.66 -45.48
C1D DGD MG . -35.73 -18.02 -45.79
C2D DGD MG . -34.31 -18.75 -45.76
O2D DGD MG . -33.60 -18.36 -46.91
C3D DGD MG . -34.62 -20.19 -45.90
O3D DGD MG . -33.41 -21.02 -45.95
C4D DGD MG . -35.40 -20.61 -44.63
O4D DGD MG . -34.75 -20.24 -43.50
C5D DGD MG . -36.74 -19.87 -44.71
O5D DGD MG . -37.81 -21.60 -43.41
C6D DGD MG . -37.73 -20.20 -43.49
O6D DGD MG . -36.52 -18.43 -44.72
C1E DGD MG . -39.00 -22.13 -42.79
C2E DGD MG . -38.79 -23.62 -42.38
O2E DGD MG . -37.68 -23.71 -41.54
C3E DGD MG . -38.45 -24.48 -43.60
O3E DGD MG . -38.47 -25.79 -43.12
C4E DGD MG . -39.56 -24.27 -44.65
O4E DGD MG . -40.81 -24.68 -44.19
C5E DGD MG . -39.66 -22.78 -44.93
O6E DGD MG . -40.00 -22.03 -43.79
C6E DGD MG . -40.84 -22.45 -45.87
O5E DGD MG . -40.82 -21.03 -45.95
HA21 DGD MG . -31.22 -12.41 -46.02
HA22 DGD MG . -32.71 -12.18 -45.11
HA31 DGD MG . -33.26 -10.51 -47.26
HA32 DGD MG . -31.52 -10.41 -47.28
HA41 DGD MG . -32.28 -10.33 -44.50
HA42 DGD MG . -33.40 -9.25 -45.35
HA51 DGD MG . -30.68 -8.86 -46.42
HA52 DGD MG . -30.61 -8.79 -44.68
HA61 DGD MG . -32.85 -7.32 -46.19
HA62 DGD MG . -31.28 -6.60 -46.04
HA71 DGD MG . -32.49 -7.99 -43.60
HA72 DGD MG . -33.14 -6.44 -44.02
HA81 DGD MG . -30.09 -6.93 -43.80
HA82 DGD MG . -31.03 -6.48 -42.41
HA91 DGD MG . -31.64 -4.84 -44.89
HA92 DGD MG . -30.01 -4.63 -44.28
HAT1 DGD MG . -32.40 -4.63 -42.32
HAT2 DGD MG . -32.05 -3.18 -43.22
HAE1 DGD MG . -29.71 -4.65 -41.88
HAE2 DGD MG . -30.76 -3.70 -40.87
HAW1 DGD MG . -30.45 -1.65 -42.32
HAW2 DGD MG . -29.65 -2.57 -43.57
HAH1 DGD MG . -27.85 -3.24 -41.57
HAH2 DGD MG . -28.52 -1.86 -40.74
HAF1 DGD MG . -27.82 -1.55 -43.71
HAF2 DGD MG . -26.51 -1.62 -42.54
HAN1 DGD MG . -27.69 0.23 -41.16
HAN2 DGD MG . -28.93 0.34 -42.39
HB21 DGD MG . -39.91 -12.83 -45.39
HB22 DGD MG . -38.74 -12.04 -46.44
HB31 DGD MG . -39.19 -11.32 -43.45
HB32 DGD MG . -39.90 -10.44 -44.77
HB41 DGD MG . -37.58 -9.90 -45.72
HB42 DGD MG . -36.81 -10.90 -44.52
HB51 DGD MG . -37.70 -9.53 -42.65
HB52 DGD MG . -38.84 -8.72 -43.67
HB61 DGD MG . -36.52 -8.12 -45.21
HB62 DGD MG . -35.72 -8.34 -43.72
HB71 DGD MG . -38.23 -6.94 -43.13
HB72 DGD MG . -37.49 -6.15 -44.47
HB81 DGD MG . -35.27 -6.71 -42.93
HB82 DGD MG . -36.50 -6.54 -41.70
HB91 DGD MG . -37.34 -4.53 -43.44
HB92 DGD MG . -35.65 -4.53 -43.87
HBT1 DGD MG . -35.59 -4.80 -40.98
HBT2 DGD MG . -36.91 -3.67 -41.25
HBE1 DGD MG . -34.16 -3.52 -42.66
HBE2 DGD MG . -34.58 -2.58 -41.24
HBW1 DGD MG . -36.17 -2.50 -43.90
HBW2 DGD MG . -34.94 -1.34 -43.45
HBH1 DGD MG . -36.39 -1.53 -41.03
HBH2 DGD MG . -37.69 -1.81 -42.19
HBF1 DGD MG . -36.18 0.33 -43.37
HBF2 DGD MG . -36.11 0.69 -41.64
HBN1 DGD MG . -38.56 0.67 -41.41
HBN2 DGD MG . -38.79 -0.30 -42.82
HG11 DGD MG . -34.10 -15.18 -46.41
HG12 DGD MG . -35.29 -14.54 -47.59
HG2 DGD MG . -35.47 -14.30 -44.52
HG31 DGD MG . -36.93 -15.89 -46.84
HG32 DGD MG . -37.45 -15.93 -45.14
HD1 DGD MG . -36.26 -18.15 -46.77
HD2 DGD MG . -33.77 -18.49 -44.82
HO2D DGD MG . -33.44 -19.15 -47.44
HD3 DGD MG . -35.21 -20.34 -46.85
HO3D DGD MG . -32.68 -20.41 -46.05
HD4 DGD MG . -35.58 -21.71 -44.60
HO4D DGD MG . -34.27 -21.00 -43.18
HD5 DGD MG . -37.28 -20.13 -45.66
HD61 DGD MG . -38.77 -19.79 -43.62
HD62 DGD MG . -37.39 -19.82 -42.51
HE1 DGD MG . -39.36 -21.52 -41.92
HE2 DGD MG . -39.76 -23.91 -41.90
HO2E DGD MG . -36.93 -23.42 -42.04
HE3 DGD MG . -37.47 -24.18 -44.04
HO3E DGD MG . -38.26 -26.36 -43.87
HE4 DGD MG . -39.27 -24.86 -45.57
HO4E DGD MG . -40.68 -25.49 -43.71
HE5 DGD MG . -38.69 -22.44 -45.39
HE61 DGD MG . -41.79 -22.85 -45.47
HE62 DGD MG . -40.70 -22.94 -46.87
HO5E DGD MG . -41.75 -20.75 -45.98
C1 LMG NG . -47.93 -17.84 -48.71
O1 LMG NG . -48.26 -16.73 -49.54
C2 LMG NG . -48.45 -17.48 -47.27
O2 LMG NG . -47.56 -16.52 -46.81
C3 LMG NG . -48.32 -18.75 -46.34
O3 LMG NG . -48.91 -18.42 -45.12
C4 LMG NG . -49.06 -19.96 -47.01
O4 LMG NG . -50.46 -19.68 -47.10
C5 LMG NG . -48.49 -20.12 -48.46
O5 LMG NG . -48.54 -22.47 -48.68
C6 LMG NG . -49.19 -21.31 -49.16
O6 LMG NG . -48.71 -18.93 -49.23
C7 LMG NG . -47.37 -16.49 -50.63
C8 LMG NG . -47.89 -15.21 -51.42
C9 LMG NG . -47.71 -13.99 -50.48
O7 LMG NG . -47.04 -14.99 -52.56
C10 LMG NG . -47.62 -14.88 -53.81
O9 LMG NG . -48.75 -15.33 -53.99
C11 LMG NG . -46.79 -14.09 -54.80
O8 LMG NG . -47.27 -12.89 -51.25
C28 LMG NG . -46.07 -12.36 -50.90
O10 LMG NG . -45.08 -13.10 -50.92
C29 LMG NG . -46.20 -11.08 -50.10
C30 LMG NG . -45.06 -10.08 -50.42
C31 LMG NG . -45.52 -8.67 -49.97
C32 LMG NG . -44.25 -7.81 -49.77
C33 LMG NG . -44.64 -6.34 -49.59
C34 LMG NG . -44.67 -5.94 -48.08
C35 LMG NG . -44.61 -4.38 -48.04
C36 LMG NG . -44.31 -3.96 -46.60
C37 LMG NG . -45.27 -2.82 -46.21
C38 LMG NG . -45.93 -3.28 -44.92
C39 LMG NG . -45.18 -2.81 -43.70
C40 LMG NG . -46.31 -2.82 -42.65
C41 LMG NG . -45.70 -2.84 -41.27
C42 LMG NG . -46.89 -2.92 -40.32
C43 LMG NG . -46.39 -2.63 -38.91
HC1 LMG NG . -46.83 -18.07 -48.74
HC2 LMG NG . -49.51 -17.14 -47.34
HO2 LMG NG . -47.98 -15.67 -46.91
HC3 LMG NG . -47.24 -19.02 -46.22
HO3 LMG NG . -49.83 -18.69 -45.18
HC4 LMG NG . -48.86 -20.89 -46.41
HO4 LMG NG . -50.57 -18.76 -46.86
HC5 LMG NG . -47.39 -20.34 -48.40
HO5 LMG NG . -49.05 -23.21 -48.99
HC61 LMG NG . -49.10 -21.18 -50.26
HC62 LMG NG . -50.27 -21.28 -48.92
HC71 LMG NG . -47.33 -17.41 -51.23
HC72 LMG NG . -46.35 -16.35 -50.20
HC8 LMG NG . -48.96 -15.34 -51.73
HC91 LMG NG . -46.97 -14.23 -49.69
HC92 LMG NG . -48.67 -13.77 -49.98
H291 LMG NG . -46.21 -11.31 -49.03
H292 LMG NG . -47.18 -10.62 -50.29
H301 LMG NG . -44.80 -10.04 -51.49
H302 LMG NG . -44.10 -10.32 -49.92
H311 LMG NG . -46.14 -8.72 -49.05
H312 LMG NG . -46.22 -8.21 -50.70
H321 LMG NG . -43.57 -7.96 -50.62
H322 LMG NG . -43.68 -8.21 -48.90
H331 LMG NG . -45.63 -6.12 -50.08
H332 LMG NG . -43.95 -5.66 -50.16
H341 LMG NG . -43.86 -6.39 -47.50
H342 LMG NG . -45.58 -6.30 -47.55
H351 LMG NG . -45.55 -3.93 -48.42
H352 LMG NG . -43.84 -4.01 -48.75
H361 LMG NG . -43.27 -3.63 -46.47
H362 LMG NG . -44.39 -4.79 -45.90
H371 LMG NG . -46.05 -2.61 -46.98
H372 LMG NG . -44.76 -1.84 -46.05
H381 LMG NG . -46.03 -4.40 -44.88
H382 LMG NG . -46.99 -2.94 -44.84
H391 LMG NG . -44.73 -1.81 -43.79
H392 LMG NG . -44.34 -3.46 -43.40
H401 LMG NG . -47.01 -3.68 -42.76
H402 LMG NG . -47.00 -1.94 -42.73
H411 LMG NG . -45.07 -1.95 -41.11
H412 LMG NG . -45.00 -3.70 -41.17
H421 LMG NG . -47.39 -3.91 -40.41
H422 LMG NG . -47.69 -2.22 -40.65
C1 UNL OG . -75.26 -17.54 -38.45
C10 UNL OG . -71.65 -8.87 -41.90
C11 UNL OG . -70.33 -8.47 -42.60
C12 UNL OG . -69.66 -7.20 -42.03
C13 UNL OG . -70.10 -5.89 -42.70
C14 UNL OG . -68.96 -5.12 -43.41
C15 UNL OG . -69.28 -3.62 -43.42
C16 UNL OG . -68.22 -2.80 -44.14
C17 UNL OG . -68.76 -1.38 -44.37
C18 UNL OG . -67.73 -0.31 -44.01
C2 UNL OG . -75.36 -16.25 -39.29
C3 UNL OG . -75.26 -16.52 -40.80
C4 UNL OG . -73.98 -15.98 -41.45
C5 UNL OG . -73.97 -14.46 -41.61
C6 UNL OG . -72.56 -13.93 -41.95
C7 UNL OG . -72.22 -12.66 -41.15
C8 UNL OG . -71.85 -11.46 -42.04
C9 UNL OG . -71.63 -10.22 -41.17
O1 UNL OG . -74.77 -18.60 -38.95
O2 UNL OG . -75.66 -17.53 -37.24
H21 UNL OG . -74.63 -15.66 -39.04
H22 UNL OG . -76.21 -15.81 -39.11
H31 UNL OG . -76.03 -16.10 -41.24
H32 UNL OG . -75.30 -17.48 -40.96
H41 UNL OG . -73.88 -16.38 -42.33
H42 UNL OG . -73.22 -16.23 -40.90
H51 UNL OG . -74.27 -14.05 -40.78
H52 UNL OG . -74.58 -14.21 -42.33
H61 UNL OG . -72.52 -13.72 -42.90
H62 UNL OG . -71.90 -14.62 -41.74
H71 UNL OG . -71.47 -12.85 -40.56
H72 UNL OG . -72.99 -12.42 -40.61
H81 UNL OG . -72.57 -11.30 -42.67
H82 UNL OG . -71.04 -11.67 -42.53
H91 UNL OG . -70.77 -10.32 -40.73
H92 UNL OG . -72.33 -10.21 -40.49
H101 UNL OG . -71.86 -8.18 -41.24
H102 UNL OG . -72.35 -8.90 -42.57
H111 UNL OG . -70.52 -8.33 -43.54
H112 UNL OG . -69.71 -9.21 -42.51
H121 UNL OG . -68.70 -7.29 -42.14
H122 UNL OG . -69.87 -7.14 -41.09
H131 UNL OG . -70.48 -5.31 -42.03
H132 UNL OG . -70.77 -6.10 -43.37
H141 UNL OG . -68.86 -5.44 -44.31
H142 UNL OG . -68.13 -5.26 -42.92
H151 UNL OG . -69.36 -3.30 -42.51
H152 UNL OG . -70.14 -3.49 -43.88
H161 UNL OG . -68.01 -3.22 -44.99
H162 UNL OG . -67.42 -2.76 -43.59
H171 UNL OG . -69.54 -1.26 -43.82
H172 UNL OG . -68.99 -1.29 -45.31
H181 UNL OG . -68.11 0.57 -44.19
H182 UNL OG . -66.93 -0.43 -44.55
H183 UNL OG . -67.50 -0.38 -43.07
C1 LMG PG . -80.25 -9.16 -18.42
O1 LMG PG . -79.89 -7.84 -18.91
C2 LMG PG . -80.21 -9.05 -16.85
O2 LMG PG . -78.85 -9.28 -16.49
C3 LMG PG . -81.03 -10.22 -16.20
O3 LMG PG . -81.11 -9.82 -14.85
C4 LMG PG . -82.47 -10.36 -16.83
O4 LMG PG . -83.25 -9.25 -16.47
C5 LMG PG . -82.33 -10.41 -18.39
O5 LMG PG . -84.56 -11.24 -18.36
C6 LMG PG . -83.74 -10.35 -19.04
O6 LMG PG . -81.61 -9.32 -18.93
C7 LMG PG . -79.92 -7.70 -20.32
C8 LMG PG . -79.62 -6.21 -20.74
C9 LMG PG . -80.13 -6.12 -22.21
O7 LMG PG . -80.38 -5.27 -19.99
C10 LMG PG . -79.76 -4.13 -19.45
O9 LMG PG . -78.71 -4.27 -18.86
C11 LMG PG . -80.63 -2.89 -19.46
C12 LMG PG . -79.87 -1.59 -19.14
C13 LMG PG . -80.74 -0.55 -18.36
C14 LMG PG . -80.70 0.82 -19.10
C15 LMG PG . -81.86 1.72 -18.57
C16 LMG PG . -82.44 2.61 -19.72
C17 LMG PG . -83.63 3.41 -19.16
C18 LMG PG . -83.87 4.70 -20.07
C19 LMG PG . -84.17 4.31 -21.52
C20 LMG PG . -84.40 5.61 -22.30
O8 LMG PG . -79.21 -5.30 -22.95
C28 LMG PG . -79.72 -4.34 -23.79
O10 LMG PG . -80.12 -4.70 -24.88
C29 LMG PG . -79.34 -2.92 -23.46
C30 LMG PG . -80.23 -1.95 -24.22
C31 LMG PG . -79.94 -0.56 -23.73
C32 LMG PG . -80.88 0.38 -24.51
C33 LMG PG . -80.20 0.65 -25.82
C34 LMG PG . -80.77 1.91 -26.42
C35 LMG PG . -79.75 2.98 -26.11
C36 LMG PG . -80.38 4.33 -26.36
C37 LMG PG . -79.54 5.03 -27.42
C38 LMG PG . -80.13 4.61 -28.75
C39 LMG PG . -80.78 5.83 -29.37
C40 LMG PG . -79.61 6.58 -29.98
C41 LMG PG . -79.58 6.29 -31.45
C42 LMG PG . -80.66 7.21 -32.03
C43 LMG PG . -81.40 6.50 -33.17
C44 LMG PG . -80.55 6.68 -34.43
C45 LMG PG . -81.39 6.27 -35.61
HC1 LMG PG . -79.60 -10.00 -18.78
HC2 LMG PG . -80.63 -8.06 -16.57
HO2 LMG PG . -78.84 -9.47 -15.55
HC3 LMG PG . -80.51 -11.19 -16.38
HO3 LMG PG . -81.94 -9.35 -14.76
HC4 LMG PG . -82.93 -11.32 -16.49
HO4 LMG PG . -83.26 -8.66 -17.22
HC5 LMG PG . -81.81 -11.38 -18.63
HO5 LMG PG . -85.39 -11.24 -18.83
HC61 LMG PG . -83.63 -10.57 -20.12
HC62 LMG PG . -84.09 -9.29 -18.97
HC71 LMG PG . -80.91 -8.06 -20.65
HC72 LMG PG . -79.17 -8.42 -20.72
HC8 LMG PG . -78.53 -5.97 -20.62
HC91 LMG PG . -81.15 -5.68 -22.24
HC92 LMG PG . -80.19 -7.13 -22.66
H111 LMG PG . -81.47 -3.02 -18.73
H112 LMG PG . -81.13 -2.79 -20.44
H121 LMG PG . -79.49 -1.14 -20.07
H122 LMG PG . -78.95 -1.82 -18.55
H131 LMG PG . -80.38 -0.44 -17.32
H132 LMG PG . -81.78 -0.90 -18.26
H141 LMG PG . -80.79 0.69 -20.19
H142 LMG PG . -79.74 1.33 -18.95
H151 LMG PG . -81.52 2.37 -17.74
H152 LMG PG . -82.67 1.11 -18.12
H161 LMG PG . -82.75 1.98 -20.58
H162 LMG PG . -81.68 3.27 -20.14
H171 LMG PG . -83.45 3.70 -18.11
H172 LMG PG . -84.55 2.79 -19.12
H181 LMG PG . -83.00 5.39 -20.01
H182 LMG PG . -84.69 5.33 -19.65
H191 LMG PG . -85.05 3.64 -21.64
H192 LMG PG . -83.36 3.72 -22.00
H291 LMG PG . -78.28 -2.74 -23.68
H292 LMG PG . -79.42 -2.75 -22.37
H301 LMG PG . -81.31 -2.17 -24.10
H302 LMG PG . -80.07 -1.99 -25.31
H311 LMG PG . -78.88 -0.28 -23.86
H312 LMG PG . -80.08 -0.46 -22.63
H321 LMG PG . -81.09 1.30 -23.92
H322 LMG PG . -81.89 -0.09 -24.62
H331 LMG PG . -80.29 -0.21 -26.52
H332 LMG PG . -79.09 0.73 -25.69
H341 LMG PG . -81.77 2.18 -26.01
H342 LMG PG . -80.97 1.84 -27.51
H351 LMG PG . -78.84 2.82 -26.73
H352 LMG PG . -79.39 2.88 -25.07
H361 LMG PG . -80.43 4.95 -25.46
H362 LMG PG . -81.43 4.25 -26.70
H371 LMG PG . -78.46 4.77 -27.39
H372 LMG PG . -79.56 6.14 -27.33
H381 LMG PG . -80.88 3.79 -28.66
H382 LMG PG . -79.37 4.19 -29.46
H391 LMG PG . -81.33 6.47 -28.66
H392 LMG PG . -81.54 5.60 -30.15
H401 LMG PG . -78.62 6.31 -29.53
H402 LMG PG . -79.66 7.69 -29.82
H411 LMG PG . -79.73 5.20 -31.63
H412 LMG PG . -78.55 6.47 -31.86
H421 LMG PG . -80.22 8.17 -32.35
H422 LMG PG . -81.36 7.51 -31.22
H431 LMG PG . -82.42 6.89 -33.31
H432 LMG PG . -81.57 5.42 -32.95
H441 LMG PG . -79.61 6.09 -34.38
H442 LMG PG . -80.19 7.73 -34.54
H451 LMG PG . -80.89 6.57 -36.54
H452 LMG PG . -82.37 6.74 -35.56
H453 LMG PG . -81.52 5.17 -35.62
C1 UNL QG . -36.53 16.79 -53.62
C10 UNL QG . -35.61 5.98 -51.81
C2 UNL QG . -36.67 15.31 -54.04
C3 UNL QG . -36.66 14.39 -52.82
C4 UNL QG . -37.04 12.96 -53.21
C5 UNL QG . -37.00 12.04 -51.99
C6 UNL QG . -36.94 10.59 -52.47
C7 UNL QG . -36.98 9.61 -51.29
C8 UNL QG . -36.95 8.14 -51.77
C9 UNL QG . -35.68 7.41 -51.27
O1 UNL QG . -37.15 17.24 -52.61
O2 UNL QG . -35.78 17.55 -54.31
H21 UNL QG . -35.92 15.08 -54.62
H22 UNL QG . -37.50 15.20 -54.52
H31 UNL QG . -37.29 14.72 -52.16
H32 UNL QG . -35.76 14.38 -52.43
H41 UNL QG . -36.42 12.62 -53.88
H42 UNL QG . -37.94 12.96 -53.58
H51 UNL QG . -37.80 12.17 -51.45
H52 UNL QG . -36.21 12.24 -51.45
H61 UNL QG . -36.12 10.45 -52.96
H62 UNL QG . -37.69 10.42 -53.05
H71 UNL QG . -37.80 9.75 -50.79
H72 UNL QG . -36.21 9.76 -50.72
H81 UNL QG . -36.95 8.12 -52.73
H82 UNL QG . -37.72 7.68 -51.43
H91 UNL QG . -35.70 7.38 -50.30
H92 UNL QG . -34.89 7.90 -51.56
C1 LMG RG . -51.24 -2.83 -4.83
O1 LMG RG . -52.04 -1.82 -5.39
C2 LMG RG . -51.01 -2.47 -3.31
O2 LMG RG . -49.65 -2.09 -3.24
C3 LMG RG . -51.17 -3.75 -2.47
O3 LMG RG . -52.57 -3.98 -2.39
C4 LMG RG . -50.47 -4.91 -3.21
O4 LMG RG . -50.57 -6.05 -2.45
C5 LMG RG . -51.21 -5.10 -4.61
O5 LMG RG . -51.91 -6.83 -5.98
C6 LMG RG . -52.07 -6.38 -4.66
O6 LMG RG . -52.05 -4.00 -4.89
C7 LMG RG . -51.36 -0.60 -5.61
C8 LMG RG . -50.92 -0.68 -7.09
C9 LMG RG . -52.05 -0.17 -7.93
O7 LMG RG . -49.87 0.24 -7.33
C10 LMG RG . -49.31 0.25 -8.59
O9 LMG RG . -49.91 -0.29 -9.51
C11 LMG RG . -48.07 1.10 -8.73
C12 LMG RG . -47.87 1.46 -10.20
C13 LMG RG . -46.65 2.38 -10.48
C14 LMG RG . -45.41 1.50 -10.86
C15 LMG RG . -45.06 1.63 -12.35
C16 LMG RG . -44.06 2.72 -12.56
C17 LMG RG . -42.98 2.17 -13.45
C18 LMG RG . -43.45 2.22 -14.88
C19 LMG RG . -43.33 3.67 -15.40
C20 LMG RG . -44.37 3.84 -16.55
C21 LMG RG . -44.78 5.30 -16.64
C22 LMG RG . -45.49 5.51 -17.97
C23 LMG RG . -45.42 7.02 -18.17
O8 LMG RG . -53.24 -0.37 -7.21
C28 LMG RG . -54.40 -0.56 -7.93
O10 LMG RG . -55.16 -1.49 -7.63
C29 LMG RG . -54.77 0.66 -8.75
C30 LMG RG . -53.97 0.73 -10.03
C31 LMG RG . -54.92 0.87 -11.23
C32 LMG RG . -54.07 1.43 -12.38
C33 LMG RG . -54.34 0.63 -13.63
C34 LMG RG . -54.12 1.50 -14.89
C35 LMG RG . -52.86 1.00 -15.64
C36 LMG RG . -53.08 1.14 -17.17
C37 LMG RG . -52.09 2.17 -17.68
C38 LMG RG . -51.77 1.81 -19.11
C39 LMG RG . -50.97 3.02 -19.61
C40 LMG RG . -50.47 2.67 -21.00
C41 LMG RG . -49.01 3.12 -21.16
C42 LMG RG . -49.02 4.62 -21.44
C43 LMG RG . -48.08 4.91 -22.61
HC1 LMG RG . -50.27 -2.95 -5.38
HC2 LMG RG . -51.74 -1.69 -3.00
HO2 LMG RG . -49.59 -1.42 -2.57
HC3 LMG RG . -50.71 -3.63 -1.45
HO3 LMG RG . -52.98 -3.38 -3.02
HC4 LMG RG . -49.40 -4.64 -3.43
HO4 LMG RG . -49.93 -6.68 -2.81
HC5 LMG RG . -50.41 -5.23 -5.39
HO5 LMG RG . -52.77 -6.84 -6.37
HC61 LMG RG . -53.12 -6.12 -4.40
HC62 LMG RG . -51.72 -7.08 -3.88
HC71 LMG RG . -50.52 -0.52 -4.90
HC72 LMG RG . -52.06 0.24 -5.41
HC8 LMG RG . -50.62 -1.73 -7.33
HC91 LMG RG . -52.08 -0.70 -8.90
HC92 LMG RG . -51.90 0.91 -8.16
H111 LMG RG . -47.19 0.57 -8.32
H112 LMG RG . -48.16 2.02 -8.11
H121 LMG RG . -48.78 1.96 -10.59
H122 LMG RG . -47.77 0.53 -10.80
H131 LMG RG . -46.42 3.01 -9.60
H132 LMG RG . -46.87 3.10 -11.29
H141 LMG RG . -45.58 0.43 -10.61
H142 LMG RG . -44.52 1.79 -10.26
H151 LMG RG . -45.96 1.81 -12.96
H152 LMG RG . -44.66 0.67 -12.75
H161 LMG RG . -43.67 3.10 -11.60
H162 LMG RG . -44.54 3.61 -13.01
H171 LMG RG . -42.70 1.13 -13.15
H172 LMG RG . -42.03 2.73 -13.32
H181 LMG RG . -44.50 1.84 -14.97
H182 LMG RG . -42.89 1.51 -15.52
H191 LMG RG . -42.32 3.94 -15.77
H192 LMG RG . -43.51 4.46 -14.63
H201 LMG RG . -45.28 3.21 -16.43
H202 LMG RG . -43.98 3.51 -17.54
H211 LMG RG . -43.92 6.01 -16.56
H212 LMG RG . -45.45 5.61 -15.82
H221 LMG RG . -46.53 5.11 -17.97
H222 LMG RG . -44.99 4.95 -18.80
H291 LMG RG . -54.62 1.57 -8.15
H292 LMG RG . -55.85 0.64 -8.97
H301 LMG RG . -53.33 -0.17 -10.20
H302 LMG RG . -53.25 1.57 -10.05
H311 LMG RG . -55.79 1.50 -11.00
H312 LMG RG . -55.39 -0.10 -11.51
H321 LMG RG . -53.00 1.43 -12.09
H322 LMG RG . -54.29 2.51 -12.51
H331 LMG RG . -55.38 0.21 -13.62
H332 LMG RG . -53.71 -0.30 -13.67
H341 LMG RG . -54.00 2.59 -14.65
H342 LMG RG . -54.99 1.51 -15.58
H351 LMG RG . -52.64 -0.05 -15.34
H352 LMG RG . -51.96 1.56 -15.30
H361 LMG RG . -54.11 1.45 -17.42
H362 LMG RG . -52.95 0.18 -17.71
H371 LMG RG . -51.16 2.21 -17.08
H372 LMG RG . -52.48 3.21 -17.62
H381 LMG RG . -52.66 1.63 -19.74
H382 LMG RG . -51.18 0.87 -19.22
H391 LMG RG . -50.11 3.29 -18.97
H392 LMG RG . -51.56 3.96 -19.66
H401 LMG RG . -51.08 3.12 -21.82
H402 LMG RG . -50.53 1.58 -21.22
H411 LMG RG . -48.52 2.54 -21.99
H412 LMG RG . -48.42 2.85 -20.26
H421 LMG RG . -48.73 5.18 -20.51
H422 LMG RG . -50.05 4.96 -21.63
CHA PHO SG . -14.95 8.39 -43.07
CHB PHO SG . -17.11 4.06 -43.14
CHC PHO SG . -17.03 3.95 -38.29
CHD PHO SG . -14.91 8.35 -38.15
NA PHO SG . -15.98 6.23 -42.75
C1A PHO SG . -15.44 7.27 -43.58
C2A PHO SG . -15.51 6.89 -45.04
C3A PHO SG . -16.41 5.64 -45.00
C4A PHO SG . -16.45 5.28 -43.52
CMA PHO SG . -17.77 6.01 -45.49
CAA PHO SG . -14.16 6.51 -45.59
CBA PHO SG . -14.23 6.46 -47.10
CGA PHO SG . -13.08 5.67 -47.65
O1A PHO SG . -12.12 5.13 -47.08
O2A PHO SG . -13.18 5.54 -49.01
NB PHO SG . -16.89 4.29 -40.72
C1B PHO SG . -17.26 3.62 -41.87
C2B PHO SG . -17.89 2.34 -41.42
C3B PHO SG . -17.89 2.32 -40.05
C4B PHO SG . -17.21 3.56 -39.58
CMB PHO SG . -18.45 1.35 -42.34
CAB PHO SG . -18.38 1.31 -39.17
CBB PHO SG . -18.57 0.03 -39.48
NC PHO SG . -15.94 6.17 -38.62
C1C PHO SG . -16.45 5.19 -37.86
C2C PHO SG . -16.39 5.56 -36.44
C3C PHO SG . -15.79 6.82 -36.36
C4C PHO SG . -15.46 7.18 -37.75
CMC PHO SG . -16.97 4.67 -35.46
CAC PHO SG . -15.51 7.67 -35.20
CBC PHO SG . -14.05 7.97 -34.88
ND PHO SG . -15.02 7.91 -40.56
C1D PHO SG . -14.69 8.74 -39.48
C2D PHO SG . -14.18 9.99 -39.97
C3D PHO SG . -14.26 9.92 -41.37
C4D PHO SG . -14.80 8.62 -41.68
CMD PHO SG . -13.70 11.09 -39.15
CAD PHO SG . -14.02 10.60 -42.61
OBD PHO SG . -13.57 11.72 -42.81
CBD PHO SG . -14.46 9.64 -43.74
CGD PHO SG . -15.51 10.26 -44.61
O1D PHO SG . -15.45 11.12 -45.48
O2D PHO SG . -16.69 9.73 -44.26
CED PHO SG . -17.80 10.64 -44.28
C1 PHO SG . -12.11 4.79 -49.62
C2 PHO SG . -12.41 3.36 -49.56
C3 PHO SG . -11.49 2.43 -49.26
C4 PHO SG . -10.10 2.81 -48.96
C5 PHO SG . -11.80 0.97 -49.22
C6 PHO SG . -11.54 0.37 -47.86
C7 PHO SG . -11.68 -1.13 -47.86
C8 PHO SG . -11.96 -1.63 -46.46
C9 PHO SG . -10.96 -0.98 -45.51
C10 PHO SG . -11.93 -3.16 -46.38
C11 PHO SG . -12.87 -3.86 -47.36
C12 PHO SG . -14.34 -3.56 -47.07
C13 PHO SG . -15.24 -4.36 -47.98
C14 PHO SG . -15.32 -3.69 -49.33
C15 PHO SG . -16.65 -4.50 -47.42
C16 PHO SG . -16.70 -5.45 -46.24
C17 PHO SG . -18.14 -5.56 -45.77
C18 PHO SG . -18.28 -6.58 -44.67
C19 PHO SG . -19.73 -6.72 -44.23
C20 PHO SG . -17.40 -6.19 -43.49
HHB PHO SG . -17.50 3.45 -43.96
HHC PHO SG . -17.35 3.28 -37.49
HHD PHO SG . -14.59 9.08 -37.38
H2A PHO SG . -15.97 7.73 -45.62
H3A PHO SG . -15.96 4.78 -45.56
HMA1 PHO SG . -18.37 5.10 -45.73
HMA2 PHO SG . -17.71 6.64 -46.41
HMA3 PHO SG . -18.33 6.59 -44.72
HAA1 PHO SG . -13.84 5.52 -45.20
HAA2 PHO SG . -13.39 7.27 -45.28
HBA1 PHO SG . -14.19 7.49 -47.54
HBA2 PHO SG . -15.18 5.96 -47.44
HMB1 PHO SG . -19.39 0.91 -41.92
HMB2 PHO SG . -17.73 0.53 -42.51
HMB3 PHO SG . -18.70 1.82 -43.33
HAB PHO SG . -18.63 1.68 -38.15
HBB1 PHO SG . -18.34 -0.39 -40.47
HBB2 PHO SG . -18.96 -0.70 -38.77
HMC1 PHO SG . -18.07 4.52 -35.66
HMC2 PHO SG . -16.86 5.11 -34.43
HMC3 PHO SG . -16.46 3.67 -35.47
HAC1 PHO SG . -15.98 7.20 -34.29
HAC2 PHO SG . -16.03 8.66 -35.36
HBC1 PHO SG . -13.97 8.57 -33.94
HBC2 PHO SG . -13.58 8.55 -35.71
HBC3 PHO SG . -13.48 7.02 -34.74
HMD1 PHO SG . -14.23 12.04 -39.42
HMD2 PHO SG . -12.60 11.25 -39.31
HMD3 PHO SG . -13.86 10.89 -38.06
HBD PHO SG . -13.55 9.44 -44.39
HED1 PHO SG . -18.59 10.28 -43.56
HED2 PHO SG . -18.23 10.70 -45.31
HED3 PHO SG . -17.45 11.66 -43.96
H11 PHO SG . -11.16 5.04 -49.07
H12 PHO SG . -12.01 5.14 -50.68
H2 PHO SG . -13.47 3.08 -49.78
H41 PHO SG . -9.43 1.91 -48.95
H42 PHO SG . -10.02 3.29 -47.96
H43 PHO SG . -9.70 3.52 -49.72
H51 PHO SG . -11.18 0.46 -50.01
H52 PHO SG . -12.88 0.82 -49.52
H61 PHO SG . -12.27 0.79 -47.11
H62 PHO SG . -10.52 0.64 -47.51
H71 PHO SG . -10.73 -1.61 -48.26
H72 PHO SG . -12.51 -1.45 -48.55
H8 PHO SG . -13.00 -1.34 -46.16
H91 PHO SG . -10.90 -1.56 -44.55
H92 PHO SG . -11.27 0.06 -45.27
H93 PHO SG . -9.94 -0.96 -45.97
H101 PHO SG . -12.20 -3.47 -45.33
H102 PHO SG . -10.88 -3.51 -46.57
H111 PHO SG . -12.71 -4.97 -47.31
H112 PHO SG . -12.62 -3.54 -48.41
H121 PHO SG . -14.52 -2.45 -47.22
H122 PHO SG . -14.55 -3.78 -46.00
H13 PHO SG . -14.80 -5.40 -48.05
H141 PHO SG . -16.03 -4.23 -49.99
H142 PHO SG . -14.32 -3.66 -49.81
H143 PHO SG . -15.69 -2.63 -49.21
H151 PHO SG . -17.35 -4.86 -48.21
H152 PHO SG . -17.02 -3.48 -47.09
H161 PHO SG . -16.05 -5.07 -45.41
H162 PHO SG . -16.31 -6.46 -46.54
H171 PHO SG . -18.79 -5.84 -46.64
H172 PHO SG . -18.49 -4.55 -45.41
H18 PHO SG . -17.93 -7.57 -45.05
H191 PHO SG . -19.79 -7.34 -43.31
H192 PHO SG . -20.32 -7.20 -45.05
H193 PHO SG . -20.16 -5.71 -44.02
H201 PHO SG . -17.66 -6.79 -42.59
H202 PHO SG . -17.54 -5.10 -43.23
H203 PHO SG . -16.32 -6.35 -43.73
HNB PHO SG . -16.45 5.18 -40.71
HND PHO SG . -15.35 6.98 -40.50
MG CLA TG . -17.46 -3.82 -29.34
CHA CLA TG . -14.86 -3.37 -31.58
CHB CLA TG . -18.35 -0.51 -29.80
CHC CLA TG . -20.40 -4.42 -27.74
CHD CLA TG . -16.93 -7.29 -29.47
NA CLA TG . -16.66 -2.15 -30.47
C1A CLA TG . -15.54 -2.21 -31.31
C2A CLA TG . -15.28 -0.82 -31.88
C3A CLA TG . -16.21 0.07 -31.05
C4A CLA TG . -17.15 -0.92 -30.40
CMA CLA TG . -15.48 0.83 -29.96
CAA CLA TG . -15.63 -0.79 -33.35
CBA CLA TG . -15.17 0.52 -33.97
CGA CLA TG . -15.77 0.61 -35.34
O1A CLA TG . -16.72 1.32 -35.75
O2A CLA TG . -15.17 -0.27 -36.17
NB CLA TG . -19.05 -2.70 -28.88
C1B CLA TG . -19.24 -1.38 -29.16
C2B CLA TG . -20.56 -0.95 -28.62
C3B CLA TG . -21.14 -2.03 -28.06
C4B CLA TG . -20.20 -3.16 -28.22
CMB CLA TG . -21.06 0.39 -28.73
CAB CLA TG . -22.43 -2.13 -27.41
CBB CLA TG . -22.67 -1.56 -26.22
NC CLA TG . -18.52 -5.57 -28.80
C1C CLA TG . -19.61 -5.56 -27.97
C2C CLA TG . -19.84 -6.89 -27.38
C3C CLA TG . -18.82 -7.69 -27.85
C4C CLA TG . -18.02 -6.85 -28.74
CMC CLA TG . -20.93 -7.25 -26.46
CAC CLA TG . -18.56 -9.10 -27.55
CBC CLA TG . -17.19 -9.27 -26.84
ND CLA TG . -16.33 -5.09 -30.37
C1D CLA TG . -16.15 -6.50 -30.26
C2D CLA TG . -15.01 -6.88 -31.07
C3D CLA TG . -14.45 -5.72 -31.57
C4D CLA TG . -15.31 -4.63 -31.11
CMD CLA TG . -14.56 -8.26 -31.23
CAD CLA TG . -13.41 -5.17 -32.45
OBD CLA TG . -12.65 -5.76 -33.23
CBD CLA TG . -13.58 -3.64 -32.40
CGD CLA TG . -12.42 -2.96 -31.78
O1D CLA TG . -12.15 -2.86 -30.58
O2D CLA TG . -11.57 -2.36 -32.66
CED CLA TG . -10.35 -1.87 -32.12
C1 CLA TG . -15.61 -0.35 -37.54
C2 CLA TG . -14.37 -0.44 -38.35
C3 CLA TG . -13.64 0.64 -38.64
C4 CLA TG . -14.03 1.99 -38.14
C5 CLA TG . -12.38 0.51 -39.42
C6 CLA TG . -12.36 0.86 -40.89
C7 CLA TG . -13.63 1.46 -41.43
C8 CLA TG . -13.41 1.98 -42.84
C9 CLA TG . -13.43 3.48 -42.83
C10 CLA TG . -14.49 1.40 -43.75
C11 CLA TG . -14.59 2.03 -45.12
C12 CLA TG . -15.76 1.36 -45.85
C13 CLA TG . -15.68 1.58 -47.34
C14 CLA TG . -16.36 2.87 -47.74
C15 CLA TG . -16.23 0.38 -48.10
C16 CLA TG . -17.72 0.16 -47.89
C17 CLA TG . -18.25 -1.04 -48.65
C18 CLA TG . -19.72 -1.36 -48.36
C19 CLA TG . -20.38 -2.04 -49.56
C20 CLA TG . -19.91 -2.26 -47.17
HHB CLA TG . -18.62 0.55 -29.84
HHC CLA TG . -21.27 -4.59 -27.07
HHD CLA TG . -16.69 -8.37 -29.42
H2A CLA TG . -14.19 -0.56 -31.73
H3A CLA TG . -16.75 0.77 -31.74
HMA1 CLA TG . -16.05 1.75 -29.66
HMA2 CLA TG . -14.47 1.14 -30.30
HMA3 CLA TG . -15.36 0.19 -29.05
HAA1 CLA TG . -16.74 -0.90 -33.47
HAA2 CLA TG . -15.15 -1.65 -33.88
HBA1 CLA TG . -14.05 0.55 -34.05
HBA2 CLA TG . -15.50 1.40 -33.35
HMB1 CLA TG . -22.04 0.49 -28.20
HMB2 CLA TG . -21.22 0.65 -29.82
HMB3 CLA TG . -20.34 1.12 -28.30
HAB CLA TG . -23.20 -2.72 -27.93
HBB1 CLA TG . -21.90 -0.98 -25.72
HBB2 CLA TG . -23.63 -1.63 -25.69
HMC1 CLA TG . -21.21 -8.33 -26.58
HMC2 CLA TG . -21.84 -6.63 -26.66
HMC3 CLA TG . -20.63 -7.10 -25.40
HAC1 CLA TG . -18.56 -9.70 -28.49
HAC2 CLA TG . -19.36 -9.52 -26.89
HBC1 CLA TG . -17.13 -10.28 -26.36
HBC2 CLA TG . -17.07 -8.48 -26.07
HBC3 CLA TG . -16.37 -9.17 -27.59
HMD1 CLA TG . -13.47 -8.30 -31.50
HMD2 CLA TG . -15.14 -8.77 -32.06
HMD3 CLA TG . -14.72 -8.85 -30.30
HBD CLA TG . -13.68 -3.28 -33.47
HED1 CLA TG . -9.77 -1.56 -33.02
HED2 CLA TG . -9.93 -2.75 -31.59
HED3 CLA TG . -10.67 -1.03 -31.46
H11 CLA TG . -16.22 0.57 -37.80
H12 CLA TG . -16.27 -1.25 -37.68
H2 CLA TG . -14.07 -1.45 -38.68
H41 CLA TG . -13.25 2.75 -38.36
H42 CLA TG . -14.21 1.98 -37.04
H43 CLA TG . -14.99 2.34 -38.63
H51 CLA TG . -12.06 -0.57 -39.33
H52 CLA TG . -11.60 1.12 -38.90
H61 CLA TG . -12.13 -0.05 -41.49
H62 CLA TG . -11.52 1.59 -41.07
H71 CLA TG . -13.96 2.30 -40.75
H72 CLA TG . -14.44 0.69 -41.42
H8 CLA TG . -12.41 1.67 -43.25
H91 CLA TG . -13.06 3.88 -43.80
H92 CLA TG . -12.78 3.87 -42.00
H93 CLA TG . -14.47 3.85 -42.66
H101 CLA TG . -15.48 1.49 -43.23
H102 CLA TG . -14.29 0.29 -43.87
H111 CLA TG . -13.64 1.89 -45.68
H112 CLA TG . -14.77 3.13 -45.03
H121 CLA TG . -16.72 1.77 -45.44
H122 CLA TG . -15.75 0.26 -45.62
H13 CLA TG . -14.59 1.69 -47.63
H141 CLA TG . -16.49 2.92 -48.85
H142 CLA TG . -15.76 3.75 -47.42
H143 CLA TG . -17.37 2.94 -47.27
H151 CLA TG . -15.69 -0.55 -47.80
H152 CLA TG . -16.05 0.51 -49.21
H161 CLA TG . -18.28 1.08 -48.22
H162 CLA TG . -17.91 0.03 -46.80
H171 CLA TG . -17.63 -1.95 -48.39
H172 CLA TG . -18.12 -0.87 -49.75
H18 CLA TG . -20.21 -0.37 -48.15
H191 CLA TG . -21.45 -2.22 -49.35
H192 CLA TG . -19.88 -3.01 -49.77
H193 CLA TG . -20.30 -1.38 -50.46
H201 CLA TG . -20.99 -2.52 -47.04
H202 CLA TG . -19.55 -1.76 -46.23
H203 CLA TG . -19.33 -3.21 -47.29
MG CLA UG . -2.28 -4.61 -56.41
CHA CLA UG . -1.11 -7.61 -55.12
CHB CLA UG . -0.47 -3.00 -54.00
CHC CLA UG . -2.72 -1.70 -58.12
CHD CLA UG . -3.54 -6.40 -59.13
NA CLA UG . -1.05 -5.25 -54.81
C1A CLA UG . -0.69 -6.54 -54.43
C2A CLA UG . 0.22 -6.59 -53.21
C3A CLA UG . 0.13 -5.13 -52.75
C4A CLA UG . -0.50 -4.38 -53.92
CMA CLA UG . -0.72 -5.00 -51.53
CAA CLA UG . 1.65 -7.04 -53.58
CBA CLA UG . 2.42 -5.97 -54.34
CGA CLA UG . 3.75 -6.49 -54.79
O1A CLA UG . 4.42 -7.41 -54.34
O2A CLA UG . 4.21 -5.84 -55.88
NB CLA UG . -1.66 -2.76 -56.15
C1B CLA UG . -1.01 -2.26 -55.05
C2B CLA UG . -0.96 -0.78 -55.09
C3B CLA UG . -1.60 -0.43 -56.26
C4B CLA UG . -2.07 -1.66 -56.93
CMB CLA UG . -0.31 0.07 -54.08
CAB CLA UG . -1.84 0.87 -56.82
CBB CLA UG . -1.84 1.99 -56.11
NC CLA UG . -2.90 -4.16 -58.28
C1C CLA UG . -3.06 -2.89 -58.79
C2C CLA UG . -3.71 -2.92 -60.09
C3C CLA UG . -3.99 -4.24 -60.35
C4C CLA UG . -3.48 -5.02 -59.22
CMC CLA UG . -3.99 -1.77 -60.95
CAC CLA UG . -4.61 -4.76 -61.58
CBC CLA UG . -3.48 -5.18 -62.50
ND CLA UG . -2.38 -6.52 -57.02
C1D CLA UG . -3.04 -7.14 -58.09
C2D CLA UG . -3.01 -8.60 -57.91
C3D CLA UG . -2.28 -8.84 -56.80
C4D CLA UG . -1.89 -7.51 -56.29
CMD CLA UG . -3.62 -9.59 -58.80
CAD CLA UG . -1.73 -9.84 -55.93
OBD CLA UG . -1.78 -11.07 -55.98
CBD CLA UG . -1.05 -9.06 -54.79
CGD CLA UG . -1.90 -9.29 -53.57
O1D CLA UG . -2.80 -8.55 -53.10
O2D CLA UG . -1.61 -10.49 -53.00
CED CLA UG . -2.24 -10.81 -51.77
C1 CLA UG . 5.59 -6.11 -56.25
C2 CLA UG . 5.92 -5.04 -57.18
C3 CLA UG . 6.28 -3.81 -56.77
C4 CLA UG . 6.39 -3.44 -55.34
C5 CLA UG . 6.58 -2.76 -57.78
C6 CLA UG . 7.89 -2.03 -57.53
C7 CLA UG . 8.04 -0.86 -58.50
C8 CLA UG . 9.36 -0.86 -59.27
C9 CLA UG . 9.60 -2.20 -59.96
C10 CLA UG . 10.55 -0.51 -58.37
C11 CLA UG . 11.88 -0.47 -59.09
C12 CLA UG . 12.53 0.89 -58.89
C13 CLA UG . 13.99 1.04 -59.36
C14 CLA UG . 14.91 0.01 -58.70
C15 CLA UG . 14.48 2.48 -59.12
C16 CLA UG . 13.90 3.49 -60.10
C17 CLA UG . 13.53 4.84 -59.47
C18 CLA UG . 12.58 5.69 -60.31
C19 CLA UG . 12.72 5.46 -61.79
C20 CLA UG . 12.76 7.18 -60.05
HHB CLA UG . 0.03 -2.45 -53.19
HHC CLA UG . -3.00 -0.75 -58.62
HHD CLA UG . -4.03 -6.95 -59.95
H2A CLA UG . -0.17 -7.31 -52.45
H3A CLA UG . 1.15 -4.72 -52.58
HMA1 CLA UG . -0.47 -4.06 -50.96
HMA2 CLA UG . -0.58 -5.86 -50.84
HMA3 CLA UG . -1.81 -4.94 -51.79
HAA1 CLA UG . 1.59 -7.97 -54.20
HAA2 CLA UG . 2.20 -7.30 -52.64
HBA1 CLA UG . 2.59 -5.09 -53.68
HBA2 CLA UG . 1.83 -5.64 -55.23
HMB1 CLA UG . 0.25 0.90 -54.56
HMB2 CLA UG . 0.40 -0.53 -53.46
HMB3 CLA UG . -1.09 0.52 -53.40
HAB CLA UG . -2.04 0.87 -57.91
HBB1 CLA UG . -1.66 2.00 -55.03
HBB2 CLA UG . -2.03 2.97 -56.56
HMC1 CLA UG . -3.94 -2.06 -62.03
HMC2 CLA UG . -3.25 -0.96 -60.77
HMC3 CLA UG . -5.01 -1.37 -60.75
HAC1 CLA UG . -5.24 -3.96 -62.08
HAC2 CLA UG . -5.28 -5.62 -61.36
HBC1 CLA UG . -3.89 -5.67 -63.42
HBC2 CLA UG . -2.81 -5.90 -61.98
HBC3 CLA UG . -2.88 -4.29 -62.81
HMD1 CLA UG . -3.42 -10.62 -58.42
HMD2 CLA UG . -3.22 -9.49 -59.83
HMD3 CLA UG . -4.73 -9.45 -58.84
HBD CLA UG . 0.03 -9.40 -54.68
HED1 CLA UG . -1.85 -11.83 -51.53
HED2 CLA UG . -3.33 -10.78 -52.00
HED3 CLA UG . -1.88 -10.02 -51.07
H11 CLA UG . 5.66 -7.13 -56.71
H12 CLA UG . 6.24 -6.09 -55.32
H2 CLA UG . 5.86 -5.30 -58.26
H41 CLA UG . 6.26 -2.34 -55.19
H42 CLA UG . 7.40 -3.71 -54.93
H43 CLA UG . 5.62 -3.95 -54.71
H51 CLA UG . 5.74 -2.02 -57.78
H52 CLA UG . 6.61 -3.23 -58.79
H61 CLA UG . 8.75 -2.74 -57.65
H62 CLA UG . 7.92 -1.65 -56.48
H71 CLA UG . 7.95 0.09 -57.91
H72 CLA UG . 7.18 -0.89 -59.22
H8 CLA UG . 9.29 -0.08 -60.07
H91 CLA UG . 10.09 -2.05 -60.96
H92 CLA UG . 8.63 -2.73 -60.12
H93 CLA UG . 10.26 -2.84 -59.35
H101 CLA UG . 10.61 -1.25 -57.53
H102 CLA UG . 10.36 0.50 -57.90
H111 CLA UG . 11.73 -0.67 -60.19
H112 CLA UG . 12.56 -1.28 -58.69
H121 CLA UG . 12.48 1.14 -57.81
H122 CLA UG . 11.91 1.65 -59.43
H13 CLA UG . 14.03 0.82 -60.47
H141 CLA UG . 15.98 0.32 -58.80
H142 CLA UG . 14.79 -1.00 -59.18
H143 CLA UG . 14.68 -0.09 -57.61
H151 CLA UG . 15.60 2.51 -59.19
H152 CLA UG . 14.21 2.80 -58.08
H161 CLA UG . 13.00 3.05 -60.59
H162 CLA UG . 14.65 3.67 -60.92
H171 CLA UG . 14.47 5.42 -59.28
H172 CLA UG . 13.06 4.65 -58.47
H18 CLA UG . 11.54 5.39 -59.97
H191 CLA UG . 12.24 6.29 -62.37
H192 CLA UG . 12.22 4.50 -62.08
H193 CLA UG . 13.80 5.40 -62.07
H201 CLA UG . 12.08 7.78 -60.71
H202 CLA UG . 13.81 7.49 -60.26
H203 CLA UG . 12.52 7.43 -58.99
C1 BCR VG . -8.93 -8.42 -60.62
C2 BCR VG . -8.47 -9.84 -60.80
C3 BCR VG . -8.08 -10.44 -59.48
C4 BCR VG . -9.21 -10.38 -58.48
C5 BCR VG . -10.07 -9.17 -58.62
C6 BCR VG . -9.98 -8.27 -59.58
C7 BCR VG . -10.86 -7.10 -59.67
C8 BCR VG . -12.19 -7.23 -59.68
C9 BCR VG . -13.12 -6.12 -59.70
C10 BCR VG . -14.43 -6.39 -59.52
C11 BCR VG . -15.51 -5.47 -59.76
C33 BCR VG . -11.08 -9.08 -57.55
C31 BCR VG . -9.44 -7.91 -61.95
C32 BCR VG . -7.71 -7.63 -60.22
C34 BCR VG . -12.65 -4.75 -60.01
C12 BCR VG . -16.71 -5.78 -59.24
C13 BCR VG . -17.84 -4.88 -59.12
C14 BCR VG . -19.05 -5.39 -58.85
C15 BCR VG . -20.20 -4.66 -58.35
C16 BCR VG . -21.36 -5.32 -58.08
C17 BCR VG . -22.46 -4.64 -57.43
C18 BCR VG . -23.56 -5.21 -56.93
C19 BCR VG . -24.65 -4.34 -56.50
C20 BCR VG . -25.86 -4.78 -56.14
C21 BCR VG . -26.66 -3.94 -55.27
C22 BCR VG . -27.94 -4.14 -54.95
C23 BCR VG . -28.59 -3.10 -54.14
C24 BCR VG . -29.86 -2.74 -54.29
C25 BCR VG . -30.66 -2.05 -53.27
C26 BCR VG . -30.93 -2.65 -52.12
C27 BCR VG . -31.71 -2.08 -51.00
C28 BCR VG . -31.85 -0.58 -51.09
C29 BCR VG . -32.13 -0.17 -52.51
C30 BCR VG . -31.12 -0.66 -53.52
C35 BCR VG . -17.56 -3.45 -58.98
C36 BCR VG . -23.62 -6.63 -56.52
C37 BCR VG . -28.52 -5.50 -54.92
C38 BCR VG . -30.48 -4.02 -51.83
C39 BCR VG . -29.88 0.22 -53.51
C40 BCR VG . -31.79 -0.49 -54.87
HC21 BCR VG . -7.64 -9.91 -61.49
HC22 BCR VG . -9.26 -10.45 -61.25
HC31 BCR VG . -7.20 -9.94 -59.10
HC32 BCR VG . -7.77 -11.47 -59.63
HC41 BCR VG . -8.80 -10.45 -57.47
HC42 BCR VG . -9.79 -11.29 -58.53
HC7 BCR VG . -10.41 -6.14 -59.75
HC8 BCR VG . -12.59 -8.22 -59.67
H10C BCR VG . -14.71 -7.36 -59.16
H11C BCR VG . -15.35 -4.59 -60.35
H331 BCR VG . -12.07 -9.28 -57.94
H332 BCR VG . -11.08 -8.08 -57.12
H333 BCR VG . -10.87 -9.79 -56.76
H311 BCR VG . -9.40 -6.84 -61.99
H312 BCR VG . -10.47 -8.21 -62.10
H313 BCR VG . -8.86 -8.30 -62.76
H321 BCR VG . -7.82 -6.60 -60.51
H322 BCR VG . -6.83 -8.03 -60.71
H323 BCR VG . -7.55 -7.68 -59.16
H341 BCR VG . -13.38 -4.01 -59.72
H342 BCR VG . -12.47 -4.64 -61.07
H343 BCR VG . -11.73 -4.53 -59.49
H12C BCR VG . -16.83 -6.78 -58.88
H14C BCR VG . -19.21 -6.43 -59.01
H15C BCR VG . -20.14 -3.61 -58.19
H16C BCR VG . -21.44 -6.34 -58.36
H17C BCR VG . -22.35 -3.58 -57.35
H19C BCR VG . -24.49 -3.29 -56.48
H20C BCR VG . -26.22 -5.71 -56.48
H21C BCR VG . -26.16 -3.09 -54.86
H23C BCR VG . -28.00 -2.61 -53.39
H24C BCR VG . -30.33 -2.95 -55.23
H271 BCR VG . -31.31 -2.36 -50.03
H272 BCR VG . -32.70 -2.53 -50.92
H281 BCR VG . -30.93 -0.12 -50.72
H282 BCR VG . -32.64 -0.26 -50.41
H291 BCR VG . -32.22 0.90 -52.53
H292 BCR VG . -33.13 -0.54 -52.76
H351 BCR VG . -18.41 -2.86 -59.30
H352 BCR VG . -16.71 -3.17 -59.58
H353 BCR VG . -17.35 -3.20 -57.95
H361 BCR VG . -23.86 -6.74 -55.47
H362 BCR VG . -22.67 -7.13 -56.69
H363 BCR VG . -24.37 -7.18 -57.07
H371 BCR VG . -29.05 -5.68 -53.99
H372 BCR VG . -27.74 -6.24 -55.00
H373 BCR VG . -29.21 -5.63 -55.73
H381 BCR VG . -31.16 -4.55 -51.16
H382 BCR VG . -29.51 -4.04 -51.36
H383 BCR VG . -30.40 -4.63 -52.73
H391 BCR VG . -30.15 1.25 -53.34
H392 BCR VG . -29.37 0.17 -54.47
H393 BCR VG . -29.20 -0.10 -52.75
H401 BCR VG . -32.26 0.48 -54.95
H402 BCR VG . -32.55 -1.23 -55.02
H403 BCR VG . -31.08 -0.58 -55.67
C2 PL9 WG . -25.71 21.00 -26.74
C3 PL9 WG . -25.58 21.28 -25.41
C4 PL9 WG . -25.34 22.63 -24.99
C5 PL9 WG . -25.24 23.67 -26.01
C6 PL9 WG . -25.36 23.35 -27.35
C1 PL9 WG . -25.59 22.02 -27.73
C7 PL9 WG . -25.75 20.16 -24.38
C8 PL9 WG . -24.77 19.04 -24.35
C9 PL9 WG . -24.15 18.61 -23.22
C10 PL9 WG . -24.19 19.35 -21.93
C11 PL9 WG . -23.02 17.67 -23.39
C12 PL9 WG . -23.10 16.54 -22.37
C13 PL9 WG . -22.44 15.32 -23.00
C14 PL9 WG . -22.48 14.11 -22.44
C15 PL9 WG . -23.48 13.77 -21.40
C16 PL9 WG . -21.53 13.04 -22.74
C17 PL9 WG . -20.15 13.48 -23.40
C18 PL9 WG . -19.33 12.26 -23.79
C19 PL9 WG . -18.39 11.72 -23.03
C20 PL9 WG . -18.03 12.36 -21.73
C21 PL9 WG . -17.69 10.44 -23.46
C22 PL9 WG . -16.15 10.55 -23.49
C23 PL9 WG . -15.48 9.26 -23.94
C24 PL9 WG . -14.15 9.25 -24.14
C25 PL9 WG . -13.33 10.47 -24.24
C26 PL9 WG . -13.51 8.07 -24.77
C27 PL9 WG . -12.44 7.54 -23.80
C28 PL9 WG . -13.14 6.98 -22.59
C29 PL9 WG . -12.86 7.35 -21.34
C30 PL9 WG . -11.87 8.43 -21.03
C31 PL9 WG . -13.43 6.77 -20.13
C32 PL9 WG . -14.82 6.16 -20.31
C33 PL9 WG . -15.16 5.72 -18.95
C34 PL9 WG . -15.99 4.74 -18.72
C35 PL9 WG . -15.86 3.39 -19.38
C36 PL9 WG . -17.11 5.03 -17.71
C37 PL9 WG . -17.10 3.96 -16.68
C38 PL9 WG . -17.75 4.47 -15.45
C39 PL9 WG . -17.97 3.67 -14.43
C40 PL9 WG . -16.95 2.63 -14.08
C41 PL9 WG . -18.96 4.12 -13.43
C42 PL9 WG . -19.37 2.95 -12.61
C43 PL9 WG . -20.47 3.40 -11.66
C44 PL9 WG . -21.30 2.55 -11.06
C45 PL9 WG . -21.59 1.27 -11.75
C46 PL9 WG . -21.10 2.30 -9.66
C47 PL9 WG . -22.04 2.93 -8.76
C48 PL9 WG . -21.14 3.46 -7.74
C49 PL9 WG . -21.00 2.95 -6.52
C50 PL9 WG . -19.62 2.98 -6.03
C51 PL9 WG . -22.04 3.10 -5.47
C52 PL9 WG . -24.98 25.05 -25.60
C53 PL9 WG . -25.26 24.31 -28.44
O1 PL9 WG . -25.19 22.85 -23.76
O2 PL9 WG . -25.71 21.70 -28.89
HC2 PL9 WG . -25.90 20.02 -27.09
HC71 PL9 WG . -26.75 19.71 -24.47
HC72 PL9 WG . -25.76 20.59 -23.35
HC8 PL9 WG . -24.55 18.56 -25.27
H101 PL9 WG . -23.59 18.86 -21.16
H102 PL9 WG . -25.20 19.45 -21.54
H103 PL9 WG . -23.79 20.36 -22.02
H111 PL9 WG . -22.06 18.18 -23.27
H112 PL9 WG . -23.02 17.24 -24.40
H121 PL9 WG . -24.14 16.35 -22.14
H122 PL9 WG . -22.59 16.84 -21.48
H13 PL9 WG . -21.94 15.43 -23.92
H151 PL9 WG . -23.08 13.04 -20.68
H152 PL9 WG . -24.39 13.32 -21.84
H153 PL9 WG . -23.80 14.65 -20.83
H161 PL9 WG . -22.00 12.33 -23.43
H162 PL9 WG . -21.30 12.48 -21.83
H171 PL9 WG . -19.61 14.10 -22.69
H172 PL9 WG . -20.36 14.11 -24.25
H18 PL9 WG . -19.56 11.84 -24.73
H201 PL9 WG . -17.45 11.71 -21.08
H202 PL9 WG . -18.90 12.69 -21.16
H203 PL9 WG . -17.40 13.26 -21.88
H211 PL9 WG . -18.01 10.13 -24.44
H212 PL9 WG . -17.93 9.62 -22.79
H221 PL9 WG . -15.83 10.83 -22.50
H222 PL9 WG . -15.91 11.36 -24.16
H23 PL9 WG . -16.04 8.39 -24.09
H251 PL9 WG . -12.32 10.27 -24.58
H252 PL9 WG . -13.22 10.99 -23.29
H253 PL9 WG . -13.74 11.20 -24.93
H261 PL9 WG . -13.04 8.29 -25.72
H262 PL9 WG . -14.19 7.26 -24.99
H271 PL9 WG . -11.76 8.35 -23.57
H272 PL9 WG . -11.84 6.81 -24.32
H28 PL9 WG . -13.89 6.27 -22.76
H301 PL9 WG . -11.61 8.42 -19.96
H302 PL9 WG . -12.27 9.42 -21.28
H303 PL9 WG . -10.95 8.28 -21.59
H311 PL9 WG . -13.52 7.51 -19.34
H312 PL9 WG . -12.79 5.98 -19.75
H321 PL9 WG . -14.77 5.32 -21.00
H322 PL9 WG . -15.52 6.90 -20.68
H33 PL9 WG . -14.71 6.23 -18.14
H351 PL9 WG . -16.61 2.68 -19.03
H352 PL9 WG . -14.90 2.92 -19.17
H353 PL9 WG . -15.95 3.44 -20.46
H361 PL9 WG . -18.09 5.04 -18.17
H362 PL9 WG . -16.98 5.98 -17.20
H371 PL9 WG . -16.07 3.67 -16.47
H372 PL9 WG . -17.62 3.09 -17.05
H38 PL9 WG . -18.03 5.48 -15.42
H401 PL9 WG . -17.44 1.73 -13.69
H402 PL9 WG . -16.26 3.02 -13.31
H403 PL9 WG . -16.36 2.36 -14.96
H411 PL9 WG . -19.86 4.54 -13.89
H412 PL9 WG . -18.57 4.89 -12.77
H421 PL9 WG . -18.51 2.58 -12.07
H422 PL9 WG . -19.71 2.15 -13.26
H43 PL9 WG . -20.56 4.43 -11.49
H451 PL9 WG . -22.32 0.65 -11.22
H452 PL9 WG . -20.72 0.62 -11.87
H453 PL9 WG . -21.99 1.38 -12.75
H461 PL9 WG . -20.11 2.62 -9.36
H462 PL9 WG . -21.17 1.23 -9.47
H471 PL9 WG . -22.74 2.21 -8.34
H472 PL9 WG . -22.60 3.71 -9.25
H48 PL9 WG . -20.57 4.30 -8.00
H501 PL9 WG . -19.30 2.03 -5.60
H502 PL9 WG . -19.47 3.75 -5.26
H503 PL9 WG . -18.91 3.22 -6.83
H511 PL9 WG . -21.73 2.69 -4.51
H512 PL9 WG . -22.97 2.58 -5.72
H513 PL9 WG . -22.31 4.13 -5.29
H521 PL9 WG . -25.72 25.79 -25.98
H522 PL9 WG . -24.00 25.45 -25.93
H523 PL9 WG . -24.98 25.21 -24.50
H531 PL9 WG . -25.26 23.86 -29.44
H532 PL9 WG . -24.34 24.91 -28.42
H533 PL9 WG . -26.07 25.05 -28.46
O1 LHG XG . -10.23 23.40 -27.48
C1 LHG XG . -9.54 22.32 -28.12
C2 LHG XG . -8.17 22.80 -28.56
O2 LHG XG . -8.07 24.25 -28.47
C3 LHG XG . -7.81 22.46 -30.01
O3 LHG XG . -6.40 22.22 -29.85
P LHG XG . -5.45 22.01 -31.11
O4 LHG XG . -6.28 22.21 -32.32
O5 LHG XG . -4.12 22.52 -30.71
O6 LHG XG . -5.41 20.38 -30.96
C4 LHG XG . -4.82 19.93 -29.81
C5 LHG XG . -5.37 18.55 -29.61
C6 LHG XG . -5.32 17.71 -30.86
O7 LHG XG . -4.49 17.97 -28.66
C7 LHG XG . -5.09 17.66 -27.51
O9 LHG XG . -6.15 18.17 -27.15
C8 LHG XG . -4.11 16.99 -26.64
C9 LHG XG . -4.75 16.57 -25.35
C10 LHG XG . -4.63 15.09 -25.12
O8 LHG XG . -5.81 16.49 -30.35
C23 LHG XG . -6.44 15.67 -31.20
O10 LHG XG . -6.18 15.75 -32.37
C24 LHG XG . -7.20 14.44 -30.67
C11 LHG XG . -5.82 14.86 -24.18
C12 LHG XG . -5.87 13.45 -23.63
C13 LHG XG . -5.27 13.50 -22.22
C14 LHG XG . -5.08 12.10 -21.62
C15 LHG XG . -4.45 12.26 -20.22
C16 LHG XG . -4.00 10.90 -19.66
C17 LHG XG . -3.84 10.99 -18.15
C18 LHG XG . -3.97 9.59 -17.67
C19 LHG XG . -2.70 9.06 -17.05
C20 LHG XG . -2.82 9.47 -15.58
C21 LHG XG . -1.47 9.40 -14.91
C22 LHG XG . -1.30 8.06 -14.24
C25 LHG XG . -6.39 13.22 -30.21
C26 LHG XG . -6.87 11.86 -30.78
C27 LHG XG . -6.77 10.85 -29.62
C28 LHG XG . -5.57 9.88 -29.75
C29 LHG XG . -5.52 9.06 -28.43
C30 LHG XG . -4.15 8.55 -27.99
C31 LHG XG . -3.27 9.64 -27.36
C32 LHG XG . -2.75 9.34 -25.94
C33 LHG XG . -1.48 10.24 -25.65
C34 LHG XG . -1.64 11.55 -24.84
C35 LHG XG . -1.49 12.84 -25.69
C36 LHG XG . -0.76 13.93 -24.87
C37 LHG XG . -0.75 15.23 -25.72
C38 LHG XG . 0.32 16.26 -25.35
HO1 LHG XG . -9.80 23.48 -26.76
HC11 LHG XG . -10.05 21.99 -28.88
HC12 LHG XG . -9.46 21.56 -27.53
HC2 LHG XG . -7.50 22.36 -28.02
H02 LHG XG . -8.56 24.49 -29.12
HC31 LHG XG . -7.98 23.18 -30.63
HC32 LHG XG . -8.27 21.67 -30.34
HC41 LHG XG . -5.04 20.52 -29.06
HC42 LHG XG . -3.86 19.93 -29.89
HC5 LHG XG . -6.30 18.66 -29.37
HC61 LHG XG . -4.42 17.69 -31.21
HC62 LHG XG . -5.85 18.12 -31.56
HC81 LHG XG . -3.36 17.56 -26.43
HC82 LHG XG . -3.74 16.19 -27.05
HC91 LHG XG . -5.69 16.82 -25.36
HC92 LHG XG . -4.35 17.06 -24.61
H101 LHG XG . -3.78 14.86 -24.71
H102 LHG XG . -4.70 14.58 -25.95
H241 LHG XG . -7.84 14.11 -31.32
H242 LHG XG . -7.79 14.68 -29.93
H111 LHG XG . -6.65 15.04 -24.67
H112 LHG XG . -5.77 15.49 -23.44
H121 LHG XG . -5.37 12.88 -24.23
H122 LHG XG . -6.80 13.16 -23.63
H131 LHG XG . -5.85 14.02 -21.65
H132 LHG XG . -4.40 13.95 -22.26
H141 LHG XG . -4.50 11.59 -22.19
H142 LHG XG . -5.93 11.66 -21.56
H151 LHG XG . -5.11 12.65 -19.62
H152 LHG XG . -3.70 12.88 -20.26
H161 LHG XG . -3.15 10.65 -20.08
H162 LHG XG . -4.64 10.22 -19.90
H171 LHG XG . -4.53 11.55 -17.77
H172 LHG XG . -2.99 11.37 -17.91
H181 LHG XG . -4.23 9.01 -18.41
H182 LHG XG . -4.69 9.54 -17.02
H191 LHG XG . -1.90 9.45 -17.44
H192 LHG XG . -2.61 8.10 -17.13
H201 LHG XG . -3.43 8.89 -15.09
H202 LHG XG . -3.18 10.36 -15.48
H211 LHG XG . -1.38 10.09 -14.22
H212 LHG XG . -0.74 9.50 -15.54
H221 LHG XG . -0.36 7.97 -14.02
H222 LHG XG . -1.59 7.38 -14.86
H223 LHG XG . -1.85 8.06 -13.44
H251 LHG XG . -6.41 13.16 -29.24
H252 LHG XG . -5.46 13.34 -30.46
H261 LHG XG . -6.32 11.58 -31.52
H262 LHG XG . -7.78 11.92 -31.09
H271 LHG XG . -7.58 10.33 -29.60
H272 LHG XG . -6.69 11.34 -28.79
H281 LHG XG . -4.75 10.36 -29.87
H282 LHG XG . -5.68 9.29 -30.51
H291 LHG XG . -6.10 8.29 -28.53
H292 LHG XG . -5.89 9.59 -27.72
H301 LHG XG . -3.68 8.17 -28.75
H302 LHG XG . -4.26 7.82 -27.37
H311 LHG XG . -3.79 10.47 -27.35
H312 LHG XG . -2.53 9.80 -27.95
H321 LHG XG . -2.53 8.40 -25.87
H322 LHG XG . -3.46 9.52 -25.30
H331 LHG XG . -1.09 10.47 -26.51
H332 LHG XG . -0.84 9.70 -25.19
H341 LHG XG . -0.97 11.59 -24.14
H342 LHG XG . -2.51 11.59 -24.41
H351 LHG XG . -2.37 13.16 -25.96
H352 LHG XG . -1.00 12.66 -26.51
H361 LHG XG . 0.14 13.66 -24.67
H362 LHG XG . -1.22 14.09 -24.03
H371 LHG XG . -1.59 15.69 -25.65
H372 LHG XG . -0.59 15.01 -26.65
H381 LHG XG . 0.73 16.55 -26.18
H382 LHG XG . 0.96 15.83 -24.77
H383 LHG XG . -0.14 17.00 -24.90
O1 LHG YG . -11.55 25.91 -22.20
C1 LHG YG . -12.64 26.63 -22.76
C2 LHG YG . -13.83 26.08 -22.06
O2 LHG YG . -13.59 24.71 -21.94
C3 LHG YG . -15.17 26.22 -22.80
O3 LHG YG . -16.03 25.38 -22.02
P LHG YG . -17.70 25.46 -22.13
O4 LHG YG . -18.16 26.43 -21.11
O5 LHG YG . -18.05 25.28 -23.55
O6 LHG YG . -17.93 24.00 -21.39
C4 LHG YG . -18.58 23.89 -20.19
C5 LHG YG . -18.19 22.51 -19.71
C6 LHG YG . -18.37 22.36 -18.23
O7 LHG YG . -19.07 21.56 -20.31
C7 LHG YG . -18.49 20.56 -20.93
O9 LHG YG . -17.33 20.71 -21.40
C8 LHG YG . -19.60 19.80 -21.62
C9 LHG YG . -19.29 18.32 -21.66
C10 LHG YG . -19.77 17.67 -20.35
O8 LHG YG . -17.95 21.02 -18.02
C23 LHG YG . -17.72 20.67 -16.75
O10 LHG YG . -18.01 21.42 -15.85
C24 LHG YG . -17.01 19.40 -16.42
C11 LHG YG . -19.10 16.32 -20.32
C12 LHG YG . -19.12 15.77 -18.91
C13 LHG YG . -20.52 15.25 -18.60
C14 LHG YG . -20.58 13.73 -18.45
C15 LHG YG . -20.62 13.44 -16.98
C16 LHG YG . -20.65 11.95 -16.77
C17 LHG YG . -19.68 11.51 -15.69
C18 LHG YG . -20.31 10.27 -15.21
C19 LHG YG . -19.45 9.48 -14.32
C20 LHG YG . -20.46 8.86 -13.39
C21 LHG YG . -19.78 7.80 -12.61
C22 LHG YG . -20.31 7.94 -11.23
C25 LHG YG . -17.58 18.69 -15.20
C26 LHG YG . -19.05 18.76 -15.21
C27 LHG YG . -19.57 17.69 -14.29
C28 LHG YG . -20.85 17.09 -14.83
C29 LHG YG . -21.92 17.26 -13.88
C30 LHG YG . -23.22 16.61 -14.39
C31 LHG YG . -24.13 15.97 -13.34
C32 LHG YG . -25.38 16.79 -12.97
C33 LHG YG . -26.67 16.21 -13.57
C34 LHG YG . -27.95 16.36 -12.70
C35 LHG YG . -29.21 16.83 -13.47
C36 LHG YG . -30.38 16.00 -13.02
C37 LHG YG . -31.59 16.85 -13.03
C38 LHG YG . -31.77 17.63 -11.77
HO1 LHG YG . -11.38 25.35 -22.81
HC11 LHG YG . -12.71 26.53 -23.72
HC12 LHG YG . -12.56 27.59 -22.61
HC2 LHG YG . -14.02 26.54 -21.24
H02 LHG YG . -12.76 24.69 -21.71
HC31 LHG YG . -15.12 25.92 -23.71
HC32 LHG YG . -15.49 27.14 -22.80
HC41 LHG YG . -19.54 23.99 -20.29
HC42 LHG YG . -18.30 24.58 -19.56
HC5 LHG YG . -17.25 22.43 -19.96
HC61 LHG YG . -19.29 22.56 -18.00
HC62 LHG YG . -17.85 23.04 -17.78
HC81 LHG YG . -19.73 20.10 -22.54
HC82 LHG YG . -20.45 19.92 -21.17
HC91 LHG YG . -18.33 18.18 -21.76
HC92 LHG YG . -19.71 17.91 -22.42
H101 LHG YG . -20.74 17.60 -20.35
H102 LHG YG . -19.52 18.23 -19.59
H241 LHG YG . -16.05 19.55 -16.28
H242 LHG YG . -17.00 18.78 -17.17
H111 LHG YG . -18.18 16.41 -20.62
H112 LHG YG . -19.55 15.71 -20.92
H121 LHG YG . -18.87 16.48 -18.32
H122 LHG YG . -18.46 15.07 -18.87
H131 LHG YG . -21.11 15.52 -19.32
H132 LHG YG . -20.82 15.65 -17.78
H141 LHG YG . -19.80 13.33 -18.88
H142 LHG YG . -21.36 13.39 -18.90
H151 LHG YG . -21.39 13.86 -16.58
H152 LHG YG . -19.82 13.82 -16.56
H161 LHG YG . -20.45 11.51 -17.60
H162 LHG YG . -21.56 11.69 -16.53
H171 LHG YG . -19.60 12.18 -14.98
H172 LHG YG . -18.79 11.36 -16.04
H181 LHG YG . -20.56 9.73 -15.97
H182 LHG YG . -21.13 10.48 -14.76
H191 LHG YG . -18.82 10.04 -13.83
H192 LHG YG . -18.93 8.81 -14.79
H201 LHG YG . -21.21 8.46 -13.86
H202 LHG YG . -20.85 9.49 -12.78
H211 LHG YG . -18.81 7.92 -12.57
H212 LHG YG . -19.98 6.91 -12.93
H221 LHG YG . -19.97 7.19 -10.72
H222 LHG YG . -21.28 7.92 -11.29
H223 LHG YG . -19.98 8.78 -10.87
H251 LHG YG . -17.25 19.10 -14.38
H252 LHG YG . -17.31 17.76 -15.18
H261 LHG YG . -19.39 18.62 -16.10
H262 LHG YG . -19.35 19.63 -14.90
H271 LHG YG . -19.73 18.07 -13.40
H272 LHG YG . -18.89 17.00 -14.18
H281 LHG YG . -20.72 16.15 -15.02
H282 LHG YG . -21.08 17.52 -15.68
H291 LHG YG . -22.06 18.21 -13.72
H292 LHG YG . -21.66 16.88 -13.03
H301 LHG YG . -22.99 15.93 -15.05
H302 LHG YG . -23.74 17.28 -14.87
H311 LHG YG . -23.59 15.79 -12.55
H312 LHG YG . -24.40 15.09 -13.68
H321 LHG YG . -25.25 17.70 -13.27
H322 LHG YG . -25.45 16.82 -11.99
H331 LHG YG . -26.53 15.26 -13.75
H332 LHG YG . -26.83 16.62 -14.43
H341 LHG YG . -27.79 17.00 -11.99
H342 LHG YG . -28.16 15.51 -12.28
H351 LHG YG . -29.09 16.74 -14.42
H352 LHG YG . -29.39 17.77 -13.29
H361 LHG YG . -30.22 15.65 -12.13
H362 LHG YG . -30.50 15.24 -13.62
H371 LHG YG . -32.40 16.32 -13.15
H372 LHG YG . -31.56 17.50 -13.75
H381 LHG YG . -31.68 18.57 -12.00
H382 LHG YG . -31.09 17.33 -11.15
H383 LHG YG . -32.67 17.43 -11.44
O1 LHG ZG . -42.58 22.13 -41.32
C1 LHG ZG . -43.05 20.91 -40.77
C2 LHG ZG . -42.55 20.84 -39.32
O2 LHG ZG . -42.58 22.14 -38.73
C3 LHG ZG . -41.13 20.25 -39.18
O3 LHG ZG . -40.34 21.21 -39.91
P LHG ZG . -39.43 22.36 -39.15
O4 LHG ZG . -38.60 22.97 -40.24
O5 LHG ZG . -40.26 22.97 -38.07
O6 LHG ZG . -38.37 21.22 -38.44
C4 LHG ZG . -37.32 20.66 -39.18
C5 LHG ZG . -37.01 19.37 -38.45
C6 LHG ZG . -36.91 19.61 -36.92
O7 LHG ZG . -38.06 18.41 -38.68
C7 LHG ZG . -38.01 17.72 -39.88
O9 LHG ZG . -37.27 18.09 -40.75
C8 LHG ZG . -39.33 16.99 -40.12
C9 LHG ZG . -39.19 15.84 -41.15
C10 LHG ZG . -40.47 15.02 -41.17
O8 LHG ZG . -36.38 18.36 -36.43
C23 LHG ZG . -36.00 18.27 -35.12
O10 LHG ZG . -36.13 19.29 -34.45
C24 LHG ZG . -34.84 17.29 -34.76
C11 LHG ZG . -40.32 13.95 -42.23
C12 LHG ZG . -41.11 12.73 -41.77
C25 LHG ZG . -34.84 16.53 -33.43
C26 LHG ZG . -35.56 15.19 -33.25
C27 LHG ZG . -35.01 14.26 -34.28
C28 LHG ZG . -35.81 13.01 -34.59
C29 LHG ZG . -36.29 13.20 -36.02
C30 LHG ZG . -37.33 12.21 -36.53
C31 LHG ZG . -37.38 12.02 -38.00
C32 LHG ZG . -38.73 11.82 -38.56
C33 LHG ZG . -39.05 10.35 -38.32
C34 LHG ZG . -40.39 9.84 -38.84
C35 LHG ZG . -40.30 8.38 -39.27
C36 LHG ZG . -39.46 7.57 -38.25
C37 LHG ZG . -39.41 6.13 -38.73
C38 LHG ZG . -40.73 5.40 -38.74
HO1 LHG ZG . -42.61 22.66 -40.66
HC11 LHG ZG . -42.74 20.14 -41.28
HC12 LHG ZG . -44.02 20.85 -40.80
HC2 LHG ZG . -43.08 20.21 -38.80
H02 LHG ZG . -42.37 21.96 -37.92
HC31 LHG ZG . -41.07 19.38 -39.58
HC32 LHG ZG . -40.85 20.19 -38.26
HC41 LHG ZG . -36.55 21.25 -39.21
HC42 LHG ZG . -37.59 20.50 -40.09
HC5 LHG ZG . -36.14 19.10 -38.79
HC61 LHG ZG . -37.78 19.85 -36.58
HC62 LHG ZG . -36.35 20.39 -36.76
HC81 LHG ZG . -40.01 17.59 -40.45
HC82 LHG ZG . -39.68 16.60 -39.31
HC91 LHG ZG . -38.44 15.28 -40.94
HC92 LHG ZG . -39.03 16.20 -42.04
H101 LHG ZG . -41.23 15.60 -41.36
H102 LHG ZG . -40.62 14.63 -40.29
H241 LHG ZG . -33.98 17.74 -34.81
H242 LHG ZG . -34.75 16.61 -35.46
H111 LHG ZG . -39.37 13.73 -42.33
H112 LHG ZG . -40.64 14.27 -43.08
H251 LHG ZG . -35.20 17.13 -32.76
H252 LHG ZG . -33.91 16.36 -33.20
H261 LHG ZG . -36.52 15.31 -33.38
H262 LHG ZG . -35.42 14.83 -32.36
H271 LHG ZG . -34.13 14.01 -33.98
H272 LHG ZG . -34.90 14.77 -35.10
H281 LHG ZG . -36.57 12.90 -33.98
H282 LHG ZG . -35.26 12.21 -34.52
H291 LHG ZG . -35.52 13.16 -36.61
H292 LHG ZG . -36.67 14.09 -36.11
H301 LHG ZG . -38.20 12.48 -36.22
H302 LHG ZG . -37.17 11.35 -36.11
H311 LHG ZG . -36.82 11.27 -38.23
H312 LHG ZG . -36.97 12.79 -38.42
H321 LHG ZG . -38.73 12.03 -39.52
H322 LHG ZG . -39.37 12.41 -38.13
H331 LHG ZG . -39.01 10.19 -37.37
H332 LHG ZG . -38.34 9.82 -38.72
H341 LHG ZG . -40.68 10.38 -39.59
H342 LHG ZG . -41.08 9.93 -38.16
H351 LHG ZG . -39.89 8.31 -40.16
H352 LHG ZG . -41.19 7.99 -39.34
H361 LHG ZG . -39.86 7.62 -37.37
H362 LHG ZG . -38.57 7.93 -38.20
H371 LHG ZG . -38.83 5.61 -38.16
H372 LHG ZG . -39.06 6.08 -39.63
H381 LHG ZG . -40.64 4.66 -39.37
H382 LHG ZG . -41.40 6.03 -39.05
H383 LHG ZG . -40.90 5.10 -37.85
C1 LMG AH . -29.61 -14.86 -52.40
O1 LMG AH . -30.17 -13.61 -52.75
C2 LMG AH . -30.75 -15.60 -51.67
O2 LMG AH . -30.77 -14.96 -50.43
C3 LMG AH . -30.25 -17.04 -51.46
O3 LMG AH . -31.28 -17.75 -50.83
C4 LMG AH . -29.91 -17.68 -52.88
O4 LMG AH . -31.08 -17.71 -53.70
C5 LMG AH . -28.85 -16.75 -53.51
O5 LMG AH . -28.11 -18.59 -54.72
C6 LMG AH . -28.50 -17.27 -54.91
O6 LMG AH . -29.31 -15.45 -53.66
C7 LMG AH . -29.23 -12.84 -53.47
C8 LMG AH . -28.84 -11.71 -52.52
C9 LMG AH . -28.18 -10.62 -53.32
O7 LMG AH . -29.99 -11.16 -52.04
C10 LMG AH . -30.10 -10.92 -50.71
O9 LMG AH . -29.47 -11.63 -49.94
C11 LMG AH . -31.37 -10.15 -50.44
C12 LMG AH . -31.18 -8.67 -50.70
C13 LMG AH . -30.20 -8.08 -49.72
C14 LMG AH . -30.28 -6.56 -49.83
C15 LMG AH . -29.35 -5.98 -48.78
C16 LMG AH . -29.71 -4.52 -48.49
C17 LMG AH . -28.38 -3.72 -48.43
C18 LMG AH . -28.58 -2.53 -47.45
O8 LMG AH . -27.77 -9.64 -52.37
C28 LMG AH . -26.96 -8.65 -52.82
O10 LMG AH . -26.56 -8.63 -53.98
C29 LMG AH . -26.67 -7.64 -51.76
C30 LMG AH . -25.43 -6.85 -52.09
C31 LMG AH . -25.69 -5.40 -51.75
C32 LMG AH . -24.36 -4.68 -51.56
C33 LMG AH . -24.18 -3.68 -52.71
C34 LMG AH . -22.83 -2.91 -52.51
C35 LMG AH . -22.98 -1.53 -53.20
C36 LMG AH . -21.68 -1.17 -53.95
C37 LMG AH . -21.91 -1.22 -55.48
C38 LMG AH . -22.17 0.21 -55.93
C39 LMG AH . -22.59 0.20 -57.40
C40 LMG AH . -23.57 1.38 -57.56
C41 LMG AH . -23.95 1.50 -59.05
C42 LMG AH . -25.06 2.54 -59.10
C43 LMG AH . -26.25 1.91 -59.82
HC1 LMG AH . -28.68 -14.81 -51.77
HC2 LMG AH . -31.72 -15.58 -52.21
HO2 LMG AH . -31.28 -14.15 -50.53
HC3 LMG AH . -29.33 -17.03 -50.82
HO3 LMG AH . -31.21 -18.65 -51.14
HC4 LMG AH . -29.49 -18.71 -52.75
HO4 LMG AH . -31.03 -16.95 -54.28
HC5 LMG AH . -27.94 -16.77 -52.85
HO5 LMG AH . -27.24 -18.55 -54.30
HC61 LMG AH . -27.70 -16.62 -55.35
HC62 LMG AH . -29.39 -17.15 -55.58
HC71 LMG AH . -29.73 -12.49 -54.40
HC72 LMG AH . -28.40 -13.50 -53.77
HC8 LMG AH . -28.14 -12.09 -51.73
HC91 LMG AH . -28.90 -10.20 -54.06
HC92 LMG AH . -27.32 -11.02 -53.89
H111 LMG AH . -31.69 -10.31 -49.39
H112 LMG AH . -32.20 -10.54 -51.06
H121 LMG AH . -32.15 -8.13 -50.65
H122 LMG AH . -30.81 -8.50 -51.74
H131 LMG AH . -29.16 -8.43 -49.90
H132 LMG AH . -30.42 -8.41 -48.67
H141 LMG AH . -31.31 -6.19 -49.67
H142 LMG AH . -30.00 -6.21 -50.83
H151 LMG AH . -28.29 -6.03 -49.10
H152 LMG AH . -29.38 -6.56 -47.84
H161 LMG AH . -30.29 -4.42 -47.55
H162 LMG AH . -30.40 -4.11 -49.25
H171 LMG AH . -28.08 -3.37 -49.43
H172 LMG AH . -27.54 -4.37 -48.11
H291 LMG AH . -26.56 -8.15 -50.78
H292 LMG AH . -27.54 -6.97 -51.63
H301 LMG AH . -25.12 -6.93 -53.15
H302 LMG AH . -24.53 -7.20 -51.53
H311 LMG AH . -26.34 -5.30 -50.84
H312 LMG AH . -26.31 -4.90 -52.52
H321 LMG AH . -23.54 -5.43 -51.51
H322 LMG AH . -24.33 -4.20 -50.55
H331 LMG AH . -25.05 -2.98 -52.77
H332 LMG AH . -24.21 -4.19 -53.70
H341 LMG AH . -21.95 -3.46 -52.91
H342 LMG AH . -22.56 -2.77 -51.44
H351 LMG AH . -23.26 -0.76 -52.45
H352 LMG AH . -23.86 -1.55 -53.89
H361 LMG AH . -20.84 -1.84 -53.69
H362 LMG AH . -21.29 -0.17 -53.68
H371 LMG AH . -22.77 -1.87 -55.76
H372 LMG AH . -21.06 -1.64 -56.04
H381 LMG AH . -21.30 0.88 -55.80
H382 LMG AH . -22.96 0.71 -55.33
H391 LMG AH . -23.08 -0.74 -57.72
H392 LMG AH . -21.74 0.31 -58.11
H401 LMG AH . -23.15 2.36 -57.21
H402 LMG AH . -24.51 1.27 -56.97
H411 LMG AH . -24.23 0.50 -59.45
H412 LMG AH . -23.04 1.78 -59.65
H421 LMG AH . -24.71 3.46 -59.61
H422 LMG AH . -25.32 2.88 -58.08
C1 UNL BH . 0.30 18.24 -49.67
C10 UNL BH . 1.39 9.02 -54.02
C11 UNL BH . 1.78 7.54 -53.84
C12 UNL BH . 2.25 6.95 -55.17
C13 UNL BH . 1.42 5.71 -55.51
C14 UNL BH . 2.25 4.64 -56.21
C15 UNL BH . 3.16 3.94 -55.19
C2 UNL BH . 1.08 16.99 -49.26
C3 UNL BH . 0.16 15.77 -49.08
C4 UNL BH . -0.26 15.26 -50.47
C5 UNL BH . -0.20 13.75 -50.64
C6 UNL BH . 1.08 13.32 -51.38
C7 UNL BH . 1.15 11.79 -51.33
C8 UNL BH . 1.66 11.15 -52.64
C9 UNL BH . 1.31 9.65 -52.63
O1 UNL BH . -0.55 18.69 -48.88
O2 UNL BH . 0.52 18.82 -50.77
H21 UNL BH . 1.53 17.16 -48.41
H22 UNL BH . 1.74 16.78 -49.93
H31 UNL BH . -0.63 16.02 -48.57
H32 UNL BH . 0.63 15.06 -48.61
H41 UNL BH . 0.32 15.66 -51.13
H42 UNL BH . -1.18 15.56 -50.64
H51 UNL BH . -0.98 13.45 -51.14
H52 UNL BH . -0.21 13.34 -49.76
H61 UNL BH . 1.86 13.69 -50.94
H62 UNL BH . 1.04 13.63 -52.30
H71 UNL BH . 0.26 11.44 -51.16
H72 UNL BH . 1.75 11.53 -50.62
H81 UNL BH . 2.63 11.26 -52.71
H82 UNL BH . 1.24 11.58 -53.41
H91 UNL BH . 0.41 9.55 -52.30
H92 UNL BH . 1.94 9.20 -52.05
H101 UNL BH . 2.06 9.46 -54.56
H102 UNL BH . 0.53 9.08 -54.46
H111 UNL BH . 1.00 7.06 -53.53
H112 UNL BH . 2.49 7.49 -53.19
H121 UNL BH . 3.19 6.70 -55.09
H122 UNL BH . 2.15 7.61 -55.88
H131 UNL BH . 0.70 5.97 -56.09
H132 UNL BH . 1.06 5.35 -54.68
H141 UNL BH . 2.80 5.06 -56.90
H142 UNL BH . 1.67 3.99 -56.63
C1 UNL CH . 1.99 -2.53 -57.56
C10 UNL CH . 0.87 -11.01 -61.81
C11 UNL CH . 0.34 -12.41 -62.15
C12 UNL CH . 1.53 -13.32 -62.45
C13 UNL CH . 1.07 -14.63 -63.09
C14 UNL CH . 1.64 -15.83 -62.35
C15 UNL CH . 3.17 -15.89 -62.36
C16 UNL CH . 3.65 -17.35 -62.20
C17 UNL CH . 4.32 -17.64 -60.86
C18 UNL CH . 4.49 -19.15 -60.65
C2 UNL CH . 2.31 -4.02 -57.63
C3 UNL CH . 0.97 -4.78 -57.83
C4 UNL CH . 0.46 -4.51 -59.24
C5 UNL CH . 0.95 -5.65 -60.12
C6 UNL CH . 0.04 -6.86 -59.96
C7 UNL CH . -0.04 -7.60 -61.31
C8 UNL CH . -0.54 -9.02 -61.09
C9 UNL CH . -0.13 -9.91 -62.25
O1 UNL CH . 2.83 -1.68 -57.15
O2 UNL CH . 0.82 -2.17 -57.89
H21 UNL CH . 2.74 -4.31 -56.80
H22 UNL CH . 2.90 -4.19 -58.38
H31 UNL CH . 0.33 -4.47 -57.17
H32 UNL CH . 1.12 -5.73 -57.72
H41 UNL CH . 0.80 -3.65 -59.56
H42 UNL CH . -0.51 -4.48 -59.24
H51 UNL CH . 1.85 -5.89 -59.85
H52 UNL CH . 0.96 -5.36 -61.04
H61 UNL CH . -0.84 -6.57 -59.69
H62 UNL CH . 0.40 -7.46 -59.29
H71 UNL CH . 0.84 -7.62 -61.72
H72 UNL CH . -0.66 -7.12 -61.90
H81 UNL CH . -1.51 -9.01 -61.03
H82 UNL CH . -0.16 -9.37 -60.27
H91 UNL CH . 0.29 -9.37 -62.94
H92 UNL CH . -0.91 -10.35 -62.61
H101 UNL CH . 0.99 -10.95 -60.85
H102 UNL CH . 1.71 -10.86 -62.26
H111 UNL CH . -0.24 -12.35 -62.93
H112 UNL CH . -0.16 -12.75 -61.40
H121 UNL CH . 1.99 -13.53 -61.62
H122 UNL CH . 2.14 -12.87 -63.05
H131 UNL CH . 1.37 -14.64 -64.02
H132 UNL CH . 0.09 -14.66 -63.07
H141 UNL CH . 1.30 -16.64 -62.77
H142 UNL CH . 1.33 -15.79 -61.43
H151 UNL CH . 3.52 -15.37 -61.62
H152 UNL CH . 3.50 -15.53 -63.19
H161 UNL CH . 4.30 -17.54 -62.92
H162 UNL CH . 2.89 -17.94 -62.31
H171 UNL CH . 3.77 -17.28 -60.15
H172 UNL CH . 5.20 -17.22 -60.83
H181 UNL CH . 4.97 -19.32 -59.83
H182 UNL CH . 4.98 -19.53 -61.40
H183 UNL CH . 3.61 -19.56 -60.60
O1 LHG DH . -32.79 18.70 -61.71
C1 LHG DH . -31.50 19.20 -62.06
C2 LHG DH . -30.44 18.27 -61.47
O2 LHG DH . -30.63 18.13 -60.06
C3 LHG DH . -29.00 18.73 -61.66
O3 LHG DH . -28.33 17.45 -61.66
P LHG DH . -26.70 17.36 -61.73
O4 LHG DH . -26.30 16.48 -62.85
O5 LHG DH . -26.31 18.76 -61.34
O6 LHG DH . -26.48 16.34 -60.42
C4 LHG DH . -26.89 16.73 -59.15
C5 LHG DH . -26.46 15.58 -58.19
C6 LHG DH . -27.65 15.02 -57.39
O7 LHG DH . -25.94 14.50 -58.97
C7 LHG DH . -24.97 13.80 -58.33
O9 LHG DH . -24.07 14.35 -57.71
C8 LHG DH . -24.94 12.39 -58.83
C9 LHG DH . -24.03 11.52 -57.95
C10 LHG DH . -23.37 10.40 -58.78
O8 LHG DH . -27.65 15.75 -56.14
C23 LHG DH . -27.64 15.06 -54.91
O10 LHG DH . -27.77 15.73 -53.91
C24 LHG DH . -27.84 13.50 -54.78
C11 LHG DH . -21.93 10.35 -58.26
C12 LHG DH . -21.10 9.26 -58.92
C13 LHG DH . -20.13 8.76 -57.86
C14 LHG DH . -19.03 7.83 -58.39
C15 LHG DH . -17.66 8.35 -57.90
C16 LHG DH . -17.17 7.53 -56.72
C17 LHG DH . -17.70 8.09 -55.39
C18 LHG DH . -16.71 9.19 -55.00
C19 LHG DH . -15.35 8.69 -54.56
C20 LHG DH . -15.16 9.22 -53.14
C21 LHG DH . -13.70 9.25 -52.79
C22 LHG DH . -13.05 7.93 -53.19
C25 LHG DH . -26.70 12.65 -54.19
C26 LHG DH . -26.93 12.10 -52.77
C27 LHG DH . -25.54 11.75 -52.22
C28 LHG DH . -25.52 10.80 -51.01
C29 LHG DH . -25.11 11.57 -49.74
C30 LHG DH . -26.23 11.98 -48.75
C31 LHG DH . -26.69 13.43 -48.74
HO1 LHG DH . -33.30 19.30 -62.02
HC11 LHG DH . -31.37 20.10 -61.74
HC12 LHG DH . -31.40 19.26 -63.02
HC2 LHG DH . -30.48 17.41 -61.93
H02 LHG DH . -30.89 17.32 -60.00
HC31 LHG DH . -28.69 19.30 -60.93
HC32 LHG DH . -28.87 19.20 -62.49
HC41 LHG DH . -27.86 16.86 -59.12
HC42 LHG DH . -26.48 17.57 -58.91
HC5 LHG DH . -25.83 16.01 -57.59
HC61 LHG DH . -27.53 14.05 -57.32
HC62 LHG DH . -28.44 15.13 -57.94
HC81 LHG DH . -24.60 12.35 -59.74
HC82 LHG DH . -25.82 12.00 -58.84
HC91 LHG DH . -24.55 11.14 -57.22
HC92 LHG DH . -23.34 12.07 -57.53
H101 LHG DH . -23.41 10.60 -59.72
H102 LHG DH . -23.83 9.55 -58.63
H241 LHG DH . -28.07 13.10 -55.63
H242 LHG DH . -28.63 13.30 -54.24
H111 LHG DH . -21.94 10.21 -57.30
H112 LHG DH . -21.51 11.21 -58.42
H121 LHG DH . -20.65 9.63 -59.68
H122 LHG DH . -21.70 8.56 -59.22
H131 LHG DH . -20.63 8.28 -57.18
H132 LHG DH . -19.71 9.54 -57.44
H141 LHG DH . -19.06 7.83 -59.36
H142 LHG DH . -19.19 6.93 -58.07
H151 LHG DH . -17.75 9.28 -57.63
H152 LHG DH . -17.02 8.31 -58.61
H161 LHG DH . -16.20 7.55 -56.71
H162 LHG DH . -17.45 6.62 -56.83
H171 LHG DH . -17.73 7.40 -54.72
H172 LHG DH . -18.60 8.44 -55.50
H181 LHG DH . -17.11 9.71 -54.28
H182 LHG DH . -16.61 9.79 -55.75
H191 LHG DH . -14.64 9.01 -55.14
H192 LHG DH . -15.30 7.72 -54.56
H201 LHG DH . -15.63 8.69 -52.48
H202 LHG DH . -15.52 10.12 -53.03
H211 LHG DH . -13.56 9.35 -51.84
H212 LHG DH . -13.22 9.94 -53.26
H221 LHG DH . -12.27 7.82 -52.64
H222 LHG DH . -12.83 7.99 -54.13
H223 LHG DH . -13.71 7.24 -53.03
H251 LHG DH . -25.89 13.19 -54.18
H252 LHG DH . -26.53 11.89 -54.77
H261 LHG DH . -27.49 11.31 -52.79
H262 LHG DH . -27.36 12.77 -52.21
H271 LHG DH . -25.09 12.59 -51.97
H272 LHG DH . -25.02 11.37 -52.95
H281 LHG DH . -24.89 10.07 -51.18
H282 LHG DH . -26.39 10.40 -50.90
H291 LHG DH . -24.64 12.36 -50.00
H292 LHG DH . -24.47 11.02 -49.25
H301 LHG DH . -25.94 11.75 -47.84
H302 LHG DH . -27.00 11.42 -48.91
CHA HEM EH . -23.04 7.89 -70.63
CHB HEM EH . -21.40 4.15 -73.08
CHC HEM EH . -22.95 1.12 -69.66
CHD HEM EH . -24.72 4.87 -67.28
C1A HEM EH . -22.61 7.11 -71.67
C2A HEM EH . -22.45 7.53 -73.03
C3A HEM EH . -22.00 6.49 -73.73
C4A HEM EH . -21.83 5.40 -72.79
CMA HEM EH . -21.67 6.42 -75.24
CAA HEM EH . -22.83 8.93 -73.56
CBA HEM EH . -24.36 8.92 -73.55
CGA HEM EH . -24.88 10.19 -74.18
O1A HEM EH . -26.14 10.35 -74.32
O2A HEM EH . -24.04 11.04 -74.53
C1B HEM EH . -21.68 3.03 -72.33
C2B HEM EH . -21.24 1.72 -72.72
C3B HEM EH . -21.64 0.86 -71.79
C4B HEM EH . -22.36 1.61 -70.78
CMB HEM EH . -20.43 1.37 -73.97
CAB HEM EH . -21.33 -0.64 -71.90
CBB HEM EH . -21.65 -1.50 -70.95
C1C HEM EH . -23.59 1.86 -68.72
C2C HEM EH . -24.28 1.34 -67.55
C3C HEM EH . -24.76 2.38 -66.89
C4C HEM EH . -24.40 3.59 -67.61
CMC HEM EH . -24.35 -0.17 -67.21
CAC HEM EH . -25.59 2.42 -65.59
CBC HEM EH . -26.08 1.31 -65.03
C1D HEM EH . -24.28 5.99 -67.94
C2D HEM EH . -24.20 7.29 -67.34
C3D HEM EH . -23.74 8.14 -68.26
C4D HEM EH . -23.49 7.38 -69.46
CMD HEM EH . -24.60 7.58 -65.89
CAD HEM EH . -23.41 9.64 -68.10
CBD HEM EH . -21.95 9.58 -67.58
CGD HEM EH . -21.23 10.90 -67.48
O1D HEM EH . -20.69 11.20 -66.38
O2D HEM EH . -21.16 11.65 -68.49
NA HEM EH . -22.22 5.80 -71.55
NB HEM EH . -22.38 2.95 -71.14
NC HEM EH . -23.68 3.23 -68.73
ND HEM EH . -23.84 6.06 -69.24
FE HEM EH . -23.04 4.50 -70.06
HHB HEM EH . -20.86 4.04 -73.88
HHC HEM EH . -22.90 0.15 -69.51
HHD HEM EH . -25.33 5.01 -66.51
HMA HEM EH . -22.38 6.85 -75.75
HMAA HEM EH . -21.58 5.48 -75.52
HMAB HEM EH . -20.82 6.89 -75.41
HAA HEM EH . -22.48 9.06 -74.46
HAAA HEM EH . -22.47 9.63 -72.98
HBA HEM EH . -24.67 8.86 -72.64
HBAA HEM EH . -24.68 8.16 -74.05
HMB HEM EH . -20.53 0.42 -74.17
HMBA HEM EH . -19.50 1.57 -73.81
HMBB HEM EH . -20.75 1.90 -74.72
HAB HEM EH . -20.88 -0.96 -72.69
HBB HEM EH . -21.44 -2.44 -71.05
HBBA HEM EH . -22.10 -1.19 -70.15
HMC HEM EH . -25.24 -0.50 -67.40
HMCA HEM EH . -24.16 -0.30 -66.27
HMCB HEM EH . -23.70 -0.66 -67.75
HAC HEM EH . -25.75 3.26 -65.17
HBC HEM EH . -26.60 1.38 -64.20
HBCA HEM EH . -25.92 0.44 -65.43
HMD HEM EH . -24.84 8.53 -65.80
HMDA HEM EH . -23.86 7.37 -65.29
HMDB HEM EH . -25.38 7.03 -65.66
HAD HEM EH . -24.00 10.06 -67.46
HADA HEM EH . -23.47 10.11 -68.94
HBD HEM EH . -21.45 9.00 -68.18
HBDA HEM EH . -21.97 9.19 -66.68
HHA HEM EH . -23.00 8.85 -70.73
O6 SQD FH . -11.49 14.19 -72.24
C44 SQD FH . -10.53 13.96 -73.28
C45 SQD FH . -10.34 12.48 -73.68
C46 SQD FH . -10.40 11.63 -72.41
O47 SQD FH . -11.22 12.05 -74.73
C7 SQD FH . -11.40 10.68 -75.13
O49 SQD FH . -10.98 9.75 -74.45
C8 SQD FH . -12.40 10.36 -76.24
C9 SQD FH . -11.87 9.25 -77.16
O48 SQD FH . -9.85 12.37 -71.33
C23 SQD FH . -10.26 12.03 -70.03
O10 SQD FH . -11.46 11.94 -69.80
C24 SQD FH . -9.25 11.33 -69.11
C25 SQD FH . -9.79 9.99 -68.60
C26 SQD FH . -8.65 9.18 -67.95
C27 SQD FH . -8.98 8.84 -66.49
C28 SQD FH . -8.30 7.51 -66.10
C29 SQD FH . -6.81 7.71 -65.73
C30 SQD FH . -6.14 6.36 -65.45
C31 SQD FH . -4.88 6.18 -66.32
C32 SQD FH . -4.43 4.70 -66.45
C33 SQD FH . -5.36 3.94 -67.40
C34 SQD FH . -4.61 2.95 -68.30
C35 SQD FH . -4.91 3.22 -69.77
C36 SQD FH . -5.20 1.97 -70.56
C37 SQD FH . -4.05 1.00 -70.50
C38 SQD FH . -4.30 -0.10 -71.49
C1 SQD FH . -11.53 15.49 -71.68
C2 SQD FH . -12.17 16.55 -72.54
O2 SQD FH . -11.79 16.48 -73.85
C3 SQD FH . -11.75 17.87 -71.94
O3 SQD FH . -12.13 18.94 -72.71
C4 SQD FH . -12.32 18.00 -70.57
O4 SQD FH . -11.84 19.14 -69.97
C5 SQD FH . -11.93 16.80 -69.76
C6 SQD FH . -12.64 16.90 -68.43
O5 SQD FH . -12.16 15.56 -70.42
S SQD FH . -11.84 15.85 -67.22
O7 SQD FH . -12.24 16.26 -65.91
O8 SQD FH . -12.14 14.45 -67.53
O9 SQD FH . -10.39 16.01 -67.17
H441 SQD FH . -9.67 14.30 -72.99
H442 SQD FH . -10.83 14.45 -74.07
H45 SQD FH . -9.45 12.35 -74.04
H461 SQD FH . -9.88 10.81 -72.53
H462 SQD FH . -11.32 11.40 -72.21
H81 SQD FH . -12.55 11.16 -76.77
H82 SQD FH . -13.24 10.08 -75.85
H241 SQD FH . -9.06 11.90 -68.35
H242 SQD FH . -8.43 11.17 -69.61
H251 SQD FH . -10.16 9.49 -69.35
H252 SQD FH . -10.48 10.15 -67.95
H261 SQD FH . -7.83 9.70 -67.99
H262 SQD FH . -8.52 8.36 -68.46
H271 SQD FH . -9.94 8.75 -66.39
H272 SQD FH . -8.66 9.55 -65.91
H281 SQD FH . -8.36 6.89 -66.84
H282 SQD FH . -8.77 7.14 -65.33
H291 SQD FH . -6.75 8.28 -64.95
H292 SQD FH . -6.36 8.13 -66.48
H301 SQD FH . -6.77 5.64 -65.64
H302 SQD FH . -5.90 6.32 -64.51
H311 SQD FH . -4.15 6.69 -65.90
H312 SQD FH . -5.06 6.53 -67.19
H321 SQD FH . -4.43 4.28 -65.58
H322 SQD FH . -3.53 4.69 -66.81
H331 SQD FH . -5.83 4.57 -67.95
H332 SQD FH . -6.00 3.44 -66.86
H341 SQD FH . -4.88 2.04 -68.08
H342 SQD FH . -3.66 3.03 -68.14
H351 SQD FH . -4.14 3.66 -70.17
H352 SQD FH . -5.67 3.81 -69.83
H361 SQD FH . -5.36 2.21 -71.49
H362 SQD FH . -5.99 1.54 -70.20
H371 SQD FH . -3.98 0.63 -69.61
H372 SQD FH . -3.22 1.46 -70.73
H381 SQD FH . -3.70 -0.84 -71.32
H382 SQD FH . -4.16 0.22 -72.39
H383 SQD FH . -5.23 -0.41 -71.41
H1 SQD FH . -10.58 15.64 -71.59
H2 SQD FH . -13.14 16.46 -72.59
HO2 SQD FH . -11.32 17.16 -74.04
H3 SQD FH . -10.78 17.94 -71.94
HO3 SQD FH . -11.87 19.66 -72.36
H4 SQD FH . -13.29 18.09 -70.61
HO4 SQD FH . -11.31 19.55 -70.52
H5 SQD FH . -10.99 16.81 -69.54
H61 SQD FH . -13.56 16.62 -68.53
H62 SQD FH . -12.61 17.82 -68.12
HO8 SQD FH . -11.50 14.11 -67.98
MG CLA GH . 24.45 -9.79 -51.23
CHA CLA GH . 26.95 -12.03 -52.44
CHB CLA GH . 27.02 -7.51 -50.74
CHC CLA GH . 22.11 -7.44 -50.54
CHD CLA GH . 22.04 -12.00 -52.47
NA CLA GH . 26.64 -9.87 -51.36
C1A CLA GH . 27.42 -10.82 -52.08
C2A CLA GH . 28.81 -10.31 -52.44
C3A CLA GH . 28.89 -9.11 -51.43
C4A CLA GH . 27.42 -8.76 -51.16
CMA CLA GH . 29.54 -9.51 -50.14
CAA CLA GH . 29.02 -9.93 -53.94
CBA CLA GH . 28.16 -10.55 -55.06
CGA CLA GH . 28.81 -11.55 -56.01
O1A CLA GH . 29.87 -11.40 -56.64
O2A CLA GH . 28.13 -12.77 -56.20
NB CLA GH . 24.54 -7.87 -50.69
C1B CLA GH . 25.67 -7.12 -50.49
C2B CLA GH . 25.27 -5.77 -49.96
C3B CLA GH . 23.90 -5.76 -49.90
C4B CLA GH . 23.41 -7.08 -50.39
CMB CLA GH . 26.19 -4.68 -49.63
CAB CLA GH . 23.01 -4.69 -49.57
CBB CLA GH . 22.10 -4.67 -48.60
NC CLA GH . 22.46 -9.68 -51.58
C1C CLA GH . 21.67 -8.66 -51.13
C2C CLA GH . 20.25 -9.00 -51.28
C3C CLA GH . 20.22 -10.30 -51.77
C4C CLA GH . 21.62 -10.74 -51.95
CMC CLA GH . 19.18 -8.09 -50.96
CAC CLA GH . 19.03 -11.08 -52.08
CBC CLA GH . 18.78 -12.09 -50.99
ND CLA GH . 24.43 -11.59 -52.23
C1D CLA GH . 23.34 -12.41 -52.62
C2D CLA GH . 23.88 -13.69 -53.14
C3D CLA GH . 25.27 -13.63 -53.01
C4D CLA GH . 25.55 -12.28 -52.48
CMD CLA GH . 23.06 -14.78 -53.65
CAD CLA GH . 26.55 -14.30 -53.26
OBD CLA GH . 26.78 -15.44 -53.64
CBD CLA GH . 27.69 -13.26 -52.93
CGD CLA GH . 28.78 -13.73 -52.00
O1D CLA GH . 29.99 -13.78 -52.22
O2D CLA GH . 28.41 -14.19 -50.78
CED CLA GH . 28.31 -15.60 -50.66
C1 CLA GH . 28.59 -13.73 -57.21
C2 CLA GH . 27.88 -15.05 -57.17
C3 CLA GH . 26.61 -15.27 -57.58
C4 CLA GH . 25.92 -16.60 -57.55
C5 CLA GH . 25.81 -14.11 -58.06
C6 CLA GH . 25.35 -13.30 -56.84
C7 CLA GH . 25.28 -11.79 -57.06
C8 CLA GH . 24.54 -11.07 -55.91
C9 CLA GH . 23.06 -11.40 -55.98
C10 CLA GH . 24.81 -9.56 -55.86
C11 CLA GH . 23.68 -8.62 -55.43
C12 CLA GH . 24.01 -7.78 -54.20
C13 CLA GH . 24.64 -6.43 -54.53
C14 CLA GH . 26.14 -6.57 -54.68
C15 CLA GH . 24.31 -5.36 -53.48
C16 CLA GH . 24.17 -3.95 -54.04
C17 CLA GH . 23.22 -3.06 -53.23
C18 CLA GH . 23.83 -2.02 -52.29
C19 CLA GH . 25.26 -2.25 -51.81
C20 CLA GH . 23.72 -0.62 -52.84
HHB CLA GH . 27.79 -6.74 -50.59
HHC CLA GH . 21.32 -6.76 -50.19
HHD CLA GH . 21.24 -12.69 -52.78
H2A CLA GH . 29.59 -11.11 -52.26
H3A CLA GH . 29.42 -8.25 -51.92
HMA1 CLA GH . 29.97 -8.62 -49.62
HMA2 CLA GH . 30.36 -10.24 -50.30
HMA3 CLA GH . 28.80 -9.98 -49.45
HAA1 CLA GH . 30.10 -10.17 -54.18
HAA2 CLA GH . 28.90 -8.82 -54.01
HBA1 CLA GH . 27.76 -9.71 -55.69
HBA2 CLA GH . 27.29 -11.07 -54.59
HMB1 CLA GH . 25.65 -3.71 -49.56
HMB2 CLA GH . 26.98 -4.60 -50.43
HMB3 CLA GH . 26.70 -4.88 -48.65
HAB CLA GH . 23.14 -3.79 -50.22
HBB1 CLA GH . 21.94 -5.52 -47.92
HBB2 CLA GH . 21.45 -3.80 -48.41
HMC1 CLA GH . 18.23 -8.40 -51.46
HMC2 CLA GH . 19.42 -7.05 -51.30
HMC3 CLA GH . 19.00 -8.06 -49.86
HAC1 CLA GH . 19.15 -11.61 -53.06
HAC2 CLA GH . 18.14 -10.41 -52.19
HBC1 CLA GH . 17.79 -12.57 -51.13
HBC2 CLA GH . 18.79 -11.58 -50.00
HBC3 CLA GH . 19.57 -12.87 -51.00
HMD1 CLA GH . 23.65 -15.74 -53.70
HMD2 CLA GH . 22.69 -14.55 -54.68
HMD3 CLA GH . 22.17 -14.96 -52.99
HBD CLA GH . 28.24 -13.08 -53.89
HED1 CLA GH . 27.86 -15.76 -49.66
HED2 CLA GH . 29.37 -15.95 -50.76
HED3 CLA GH . 27.65 -15.89 -51.51
H11 CLA GH . 29.69 -13.86 -57.02
H12 CLA GH . 28.46 -13.23 -58.21
H2 CLA GH . 28.50 -15.88 -56.77
H41 CLA GH . 25.09 -16.64 -58.31
H42 CLA GH . 25.47 -16.80 -56.56
H43 CLA GH . 26.62 -17.43 -57.79
H51 CLA GH . 24.94 -14.45 -58.66
H52 CLA GH . 26.44 -13.46 -58.73
H61 CLA GH . 26.03 -13.51 -55.98
H62 CLA GH . 24.32 -13.66 -56.55
H71 CLA GH . 24.76 -11.58 -58.03
H72 CLA GH . 26.33 -11.39 -57.15
H8 CLA GH . 24.97 -11.47 -54.93
H91 CLA GH . 22.58 -11.21 -54.98
H92 CLA GH . 22.91 -12.48 -56.24
H93 CLA GH . 22.56 -10.76 -56.75
H101 CLA GH . 25.13 -9.23 -56.88
H102 CLA GH . 25.68 -9.38 -55.16
H111 CLA GH . 22.77 -9.23 -55.21
H112 CLA GH . 23.43 -7.94 -56.28
H121 CLA GH . 24.70 -8.36 -53.54
H122 CLA GH . 23.06 -7.61 -53.62
H13 CLA GH . 24.20 -6.08 -55.52
H141 CLA GH . 26.64 -5.57 -54.61
H142 CLA GH . 26.39 -7.02 -55.67
H143 CLA GH . 26.56 -7.23 -53.87
H151 CLA GH . 25.12 -5.34 -52.70
H152 CLA GH . 23.36 -5.63 -52.95
H161 CLA GH . 23.79 -4.01 -55.10
H162 CLA GH . 25.18 -3.47 -54.09
H171 CLA GH . 22.57 -3.74 -52.62
H172 CLA GH . 22.55 -2.53 -53.95
H18 CLA GH . 23.20 -2.14 -51.36
H191 CLA GH . 25.41 -1.84 -50.79
H192 CLA GH . 25.98 -1.74 -52.51
H193 CLA GH . 25.50 -3.34 -51.80
H201 CLA GH . 24.18 0.11 -52.13
H202 CLA GH . 22.65 -0.35 -52.99
H203 CLA GH . 24.25 -0.54 -53.81
C1A DGD HH . 4.53 -11.14 -41.20
C2A DGD HH . 4.04 -10.50 -42.42
C3A DGD HH . 3.47 -9.14 -42.08
C4A DGD HH . 3.09 -8.42 -43.34
C5A DGD HH . 2.42 -7.10 -42.96
C6A DGD HH . 2.63 -6.06 -44.05
C7A DGD HH . 1.84 -4.83 -43.60
C8A DGD HH . 1.37 -4.02 -44.83
C9A DGD HH . 1.63 -2.53 -44.55
CAA DGD HH . 0.30 -1.93 -44.18
CBA DGD HH . 0.51 -0.42 -43.92
CCA DGD HH . 0.12 -0.16 -42.47
CDA DGD HH . -0.05 1.38 -42.26
CEA DGD HH . 0.62 1.75 -40.94
CFA DGD HH . -0.26 2.60 -40.10
CGA DGD HH . 0.07 2.14 -38.71
O1A DGD HH . 4.90 -10.61 -40.17
C1B DGD HH . 7.49 -11.68 -41.27
C2B DGD HH . 8.21 -10.47 -40.82
C3B DGD HH . 8.35 -10.34 -39.32
C4B DGD HH . 9.37 -9.21 -39.02
C5B DGD HH . 8.58 -8.00 -38.47
C6B DGD HH . 7.78 -7.37 -39.60
C7B DGD HH . 7.12 -6.12 -38.99
C8B DGD HH . 5.63 -6.26 -39.22
C9B DGD HH . 5.12 -7.34 -38.29
CAB DGD HH . 4.52 -6.55 -37.15
CBB DGD HH . 4.49 -7.48 -36.00
CCB DGD HH . 4.15 -6.61 -34.82
CDB DGD HH . 2.85 -7.20 -34.30
CEB DGD HH . 3.21 -8.29 -33.37
CFB DGD HH . 2.02 -8.41 -32.51
CGB DGD HH . 2.06 -9.85 -32.13
O1B DGD HH . 6.95 -11.81 -42.35
O1G DGD HH . 4.55 -12.49 -41.35
C1G DGD HH . 4.95 -13.30 -40.26
C2G DGD HH . 6.40 -13.68 -40.49
O2G DGD HH . 7.24 -12.55 -40.24
C3G DGD HH . 6.75 -14.78 -39.41
O3G DGD HH . 6.17 -15.98 -39.96
C1D DGD HH . 5.58 -16.77 -38.97
C2D DGD HH . 4.74 -17.79 -39.71
O2D DGD HH . 3.79 -16.96 -40.33
C3D DGD HH . 4.09 -18.67 -38.59
O3D DGD HH . 3.33 -19.75 -39.13
C4D DGD HH . 5.29 -19.32 -37.72
O4D DGD HH . 6.10 -20.16 -38.51
C5D DGD HH . 6.15 -18.16 -37.23
O5D DGD HH . 8.19 -19.43 -37.15
C6D DGD HH . 7.41 -18.57 -36.37
O6D DGD HH . 6.64 -17.43 -38.32
C1E DGD HH . 9.47 -19.69 -36.63
C2E DGD HH . 10.34 -20.35 -37.76
O2E DGD HH . 10.16 -19.56 -38.90
C3E DGD HH . 9.85 -21.78 -38.04
O3E DGD HH . 10.64 -22.29 -39.08
C4E DGD HH . 10.07 -22.59 -36.74
O4E DGD HH . 11.41 -22.52 -36.32
C5E DGD HH . 9.16 -21.92 -35.66
O6E DGD HH . 9.27 -20.52 -35.48
C6E DGD HH . 9.48 -22.42 -34.26
O5E DGD HH . 8.29 -22.99 -33.91
HA21 DGD HH . 3.28 -11.17 -42.89
HA22 DGD HH . 4.87 -10.43 -43.16
HA31 DGD HH . 4.20 -8.54 -41.49
HA32 DGD HH . 2.59 -9.24 -41.42
HA41 DGD HH . 2.42 -9.04 -43.96
HA42 DGD HH . 3.98 -8.24 -43.97
HA51 DGD HH . 2.79 -6.74 -41.98
HA52 DGD HH . 1.33 -7.25 -42.79
HA61 DGD HH . 2.34 -6.45 -45.04
HA62 DGD HH . 3.73 -5.86 -44.19
HA71 DGD HH . 2.45 -4.23 -42.90
HA72 DGD HH . 1.00 -5.16 -42.96
HA81 DGD HH . 0.31 -4.24 -45.06
HA82 DGD HH . 1.90 -4.38 -45.74
HA91 DGD HH . 2.07 -2.04 -45.45
HA92 DGD HH . 2.39 -2.40 -43.75
HAT1 DGD HH . -0.13 -2.45 -43.28
HAT2 DGD HH . -0.46 -2.11 -44.98
HAE1 DGD HH . -0.09 0.19 -44.63
HAE2 DGD HH . 1.55 -0.13 -44.14
HAW1 DGD HH . 0.88 -0.55 -41.76
HAW2 DGD HH . -0.80 -0.69 -42.17
HAH1 DGD HH . -1.11 1.71 -42.25
HAH2 DGD HH . 0.39 1.99 -43.08
HAF1 DGD HH . 1.58 2.26 -41.14
HAF2 DGD HH . 0.90 0.82 -40.39
HAN1 DGD HH . -1.34 2.48 -40.33
HAN2 DGD HH . -0.08 3.69 -40.24
HB21 DGD HH . 7.69 -9.57 -41.22
HB22 DGD HH . 9.22 -10.46 -41.29
HB31 DGD HH . 8.66 -11.30 -38.87
HB32 DGD HH . 7.37 -10.14 -38.84
HB41 DGD HH . 9.96 -8.93 -39.92
HB42 DGD HH . 10.16 -9.54 -38.31
HB51 DGD HH . 9.26 -7.27 -37.98
HB52 DGD HH . 7.92 -8.30 -37.61
HB61 DGD HH . 7.01 -8.01 -40.05
HB62 DGD HH . 8.38 -7.07 -40.49
HB71 DGD HH . 7.47 -5.17 -39.42
HB72 DGD HH . 7.32 -5.99 -37.91
HB81 DGD HH . 5.44 -6.48 -40.29
HB82 DGD HH . 5.13 -5.29 -39.06
HB91 DGD HH . 5.93 -8.04 -37.96
HB92 DGD HH . 4.39 -8.02 -38.78
HBT1 DGD HH . 3.51 -6.17 -37.37
HBT2 DGD HH . 5.12 -5.64 -36.89
HBE1 DGD HH . 5.46 -8.02 -35.87
HBE2 DGD HH . 3.75 -8.30 -36.15
HBW1 DGD HH . 4.05 -5.54 -35.12
HBW2 DGD HH . 4.96 -6.62 -34.07
HBH1 DGD HH . 2.20 -7.56 -35.13
HBH2 DGD HH . 2.23 -6.42 -33.79
HBF1 DGD HH . 4.15 -8.06 -32.83
HBF2 DGD HH . 3.44 -9.22 -33.94
HBN1 DGD HH . 1.09 -8.10 -33.01
HBN2 DGD HH . 2.07 -7.72 -31.64
HG11 DGD HH . 4.36 -14.23 -40.15
HG12 DGD HH . 4.89 -12.77 -39.27
HG2 DGD HH . 6.52 -14.10 -41.53
HG31 DGD HH . 6.35 -14.50 -38.41
HG32 DGD HH . 7.85 -14.85 -39.27
HD1 DGD HH . 5.00 -16.13 -38.24
HD2 DGD HH . 5.29 -18.45 -40.42
HO2D DGD HH . 2.93 -17.29 -40.12
HD3 DGD HH . 3.44 -18.01 -37.95
HO3D DGD HH . 2.44 -19.63 -38.83
HD4 DGD HH . 4.87 -19.89 -36.85
HO4D DGD HH . 6.02 -21.05 -38.15
HD5 DGD HH . 5.51 -17.50 -36.59
HD61 DGD HH . 7.15 -19.09 -35.42
HD62 DGD HH . 8.04 -17.71 -36.07
HE1 DGD HH . 10.01 -18.82 -36.19
HE2 DGD HH . 11.42 -20.37 -37.40
HO2E DGD HH . 9.58 -20.06 -39.48
HE3 DGD HH . 8.77 -21.80 -38.33
HO3E DGD HH . 10.09 -22.30 -39.87
HE4 DGD HH . 9.79 -23.67 -36.90
HO4E DGD HH . 11.93 -22.25 -37.07
HE5 DGD HH . 8.11 -22.18 -35.98
HE61 DGD HH . 9.79 -21.58 -33.59
HE62 DGD HH . 10.33 -23.14 -34.26
HO5E DGD HH . 8.28 -23.87 -34.28
C1 UNL IH . -42.10 -16.05 -52.15
C10 UNL IH . -39.94 -4.78 -52.25
C2 UNL IH . -41.84 -14.78 -53.02
C3 UNL IH . -41.77 -13.51 -52.15
C4 UNL IH . -41.81 -12.23 -53.01
C5 UNL IH . -41.02 -11.11 -52.31
C6 UNL IH . -41.11 -9.72 -52.98
C7 UNL IH . -40.30 -8.70 -52.14
C8 UNL IH . -40.70 -7.23 -52.41
C9 UNL IH . -39.57 -6.26 -52.01
O1 UNL IH . -41.99 -17.23 -52.61
O2 UNL IH . -42.44 -15.94 -50.95
H21 UNL IH . -42.57 -14.69 -53.65
H22 UNL IH . -41.01 -14.89 -53.49
H31 UNL IH . -40.94 -13.53 -51.65
H32 UNL IH . -42.51 -13.51 -51.54
H41 UNL IH . -42.74 -11.95 -53.14
H42 UNL IH . -41.41 -12.40 -53.88
H51 UNL IH . -40.10 -11.38 -52.27
H52 UNL IH . -41.37 -11.03 -51.41
H61 UNL IH . -42.03 -9.44 -53.03
H62 UNL IH . -40.74 -9.77 -53.88
H71 UNL IH . -39.36 -8.80 -52.36
H72 UNL IH . -40.43 -8.88 -51.21
H81 UNL IH . -41.49 -7.02 -51.89
H82 UNL IH . -40.90 -7.12 -53.35
H91 UNL IH . -38.79 -6.46 -52.54
H92 UNL IH . -39.37 -6.38 -51.07
C1 BCR JH . -59.72 -4.22 -59.59
C2 BCR JH . -60.78 -5.30 -59.77
C3 BCR JH . -60.45 -6.48 -58.92
C4 BCR JH . -60.41 -6.10 -57.45
C5 BCR JH . -59.88 -4.73 -57.22
C6 BCR JH . -59.54 -3.86 -58.15
C7 BCR JH . -59.02 -2.54 -57.83
C8 BCR JH . -57.70 -2.26 -57.84
C9 BCR JH . -57.14 -0.96 -57.49
C10 BCR JH . -55.92 -0.63 -57.98
C11 BCR JH . -55.06 0.46 -57.54
C33 BCR JH . -59.73 -4.39 -55.80
C31 BCR JH . -60.20 -3.03 -60.40
C32 BCR JH . -58.42 -4.74 -60.15
C34 BCR JH . -57.83 -0.15 -56.46
C12 BCR JH . -53.78 0.49 -57.92
C13 BCR JH . -52.77 1.45 -57.50
C14 BCR JH . -51.61 1.52 -58.18
C15 BCR JH . -50.47 2.36 -57.85
C16 BCR JH . -49.28 2.13 -58.43
C17 BCR JH . -48.04 2.68 -57.91
C18 BCR JH . -46.81 2.65 -58.46
C19 BCR JH . -45.76 3.42 -57.82
C20 BCR JH . -44.47 3.13 -57.90
C21 BCR JH . -43.52 4.19 -57.64
C22 BCR JH . -42.20 4.21 -57.91
C23 BCR JH . -41.43 5.25 -57.23
C24 BCR JH . -40.32 5.83 -57.70
C25 BCR JH . -39.79 7.07 -57.14
C26 BCR JH . -40.26 8.26 -57.48
C27 BCR JH . -39.83 9.58 -56.97
C28 BCR JH . -38.76 9.51 -55.90
C29 BCR JH . -37.92 8.27 -56.02
C30 BCR JH . -38.74 6.98 -56.08
C35 BCR JH . -53.08 2.41 -56.40
C36 BCR JH . -46.33 1.58 -59.36
C37 BCR JH . -41.46 3.04 -58.45
C38 BCR JH . -41.32 8.42 -58.51
C39 BCR JH . -39.40 6.72 -54.74
C40 BCR JH . -37.73 5.86 -56.31
HC21 BCR JH . -60.84 -5.62 -60.81
HC22 BCR JH . -61.77 -4.93 -59.52
HC31 BCR JH . -59.50 -6.91 -59.23
HC32 BCR JH . -61.18 -7.27 -59.09
HC41 BCR JH . -59.86 -6.84 -56.90
HC42 BCR JH . -61.41 -6.21 -57.03
HC7 BCR JH . -59.71 -1.76 -57.59
HC8 BCR JH . -57.02 -3.04 -58.10
H10C BCR JH . -55.52 -1.22 -58.78
H11C BCR JH . -55.47 1.21 -56.90
H331 BCR JH . -60.23 -3.46 -55.58
H332 BCR JH . -58.69 -4.29 -55.54
H333 BCR JH . -60.16 -5.16 -55.18
H311 BCR JH . -59.37 -2.41 -60.69
H312 BCR JH . -60.89 -2.42 -59.82
H313 BCR JH . -60.72 -3.35 -61.29
H321 BCR JH . -57.80 -3.92 -60.46
H322 BCR JH . -58.59 -5.38 -61.00
H323 BCR JH . -57.90 -5.30 -59.40
H341 BCR JH . -57.31 0.77 -56.26
H342 BCR JH . -57.90 -0.69 -55.53
H343 BCR JH . -58.84 0.10 -56.77
H12C BCR JH . -53.47 -0.27 -58.61
H14C BCR JH . -51.51 0.93 -59.06
H15C BCR JH . -50.58 3.15 -57.13
H16C BCR JH . -49.25 1.52 -59.31
H17C BCR JH . -48.14 3.16 -56.96
H19C BCR JH . -46.04 4.28 -57.24
H20C BCR JH . -44.14 2.14 -58.14
H21C BCR JH . -43.93 5.06 -57.19
H23C BCR JH . -41.78 5.55 -56.27
H24C BCR JH . -39.81 5.39 -58.54
H271 BCR JH . -40.68 10.16 -56.60
H272 BCR JH . -39.49 10.23 -57.77
H281 BCR JH . -39.25 9.55 -54.93
H282 BCR JH . -38.14 10.40 -55.96
H291 BCR JH . -37.22 8.25 -55.20
H292 BCR JH . -37.30 8.37 -56.91
H351 BCR JH . -52.18 2.64 -55.84
H352 BCR JH . -53.81 1.98 -55.73
H353 BCR JH . -53.48 3.32 -56.81
H361 BCR JH . -45.70 1.96 -60.15
H362 BCR JH . -47.15 1.04 -59.82
H363 BCR JH . -45.75 0.84 -58.82
H371 BCR JH . -40.81 3.34 -59.25
H372 BCR JH . -42.16 2.31 -58.84
H373 BCR JH . -40.87 2.58 -57.68
H381 BCR JH . -41.47 9.46 -58.78
H382 BCR JH . -42.27 8.03 -58.17
H383 BCR JH . -41.07 7.90 -59.43
H391 BCR JH . -38.75 6.99 -53.92
H392 BCR JH . -39.64 5.67 -54.63
H393 BCR JH . -40.32 7.29 -54.65
H401 BCR JH . -36.90 5.94 -55.63
H402 BCR JH . -37.33 5.91 -57.32
H403 BCR JH . -38.20 4.90 -56.18
C1 BCR KH . -63.27 -10.62 -56.39
C2 BCR KH . -63.45 -12.12 -56.32
C3 BCR KH . -64.21 -12.46 -55.08
C4 BCR KH . -65.60 -11.85 -55.12
C5 BCR KH . -65.62 -10.50 -55.73
C6 BCR KH . -64.59 -9.91 -56.30
C7 BCR KH . -64.69 -8.56 -56.89
C8 BCR KH . -64.84 -7.46 -56.16
C9 BCR KH . -64.64 -6.11 -56.67
C10 BCR KH . -64.23 -5.14 -55.82
C11 BCR KH . -63.79 -3.82 -56.20
C33 BCR KH . -66.95 -9.85 -55.62
C31 BCR KH . -62.50 -10.28 -57.65
C32 BCR KH . -62.37 -10.25 -55.24
C34 BCR KH . -64.53 -5.92 -58.14
C12 BCR KH . -63.16 -3.04 -55.31
C13 BCR KH . -62.50 -1.79 -55.64
C14 BCR KH . -62.25 -0.93 -54.62
C15 BCR KH . -61.44 0.26 -54.66
C16 BCR KH . -61.42 1.08 -53.59
C17 BCR KH . -60.76 2.37 -53.68
C18 BCR KH . -60.19 3.07 -52.69
C19 BCR KH . -59.27 4.16 -53.03
C20 BCR KH . -58.70 4.96 -52.12
C21 BCR KH . -57.85 6.05 -52.59
C22 BCR KH . -56.99 6.81 -51.89
C23 BCR KH . -56.22 7.82 -52.64
C24 BCR KH . -55.25 8.58 -52.09
C25 BCR KH . -54.63 9.75 -52.70
C26 BCR KH . -55.31 10.89 -52.84
C27 BCR KH . -54.82 12.15 -53.41
C28 BCR KH . -53.31 12.23 -53.41
C29 BCR KH . -52.68 10.92 -53.83
C30 BCR KH . -53.17 9.68 -53.10
C35 BCR KH . -62.29 -1.41 -57.06
C36 BCR KH . -60.40 2.79 -51.25
C37 BCR KH . -56.50 6.39 -50.55
C38 BCR KH . -56.74 11.02 -52.46
C39 BCR KH . -52.36 9.41 -51.86
C40 BCR KH . -52.86 8.53 -54.05
HC21 BCR KH . -62.49 -12.64 -56.32
HC22 BCR KH . -63.98 -12.51 -57.19
HC31 BCR KH . -63.67 -12.13 -54.20
HC32 BCR KH . -64.28 -13.54 -54.97
HC41 BCR KH . -66.01 -11.85 -54.13
HC42 BCR KH . -66.27 -12.53 -55.63
HC7 BCR KH . -64.65 -8.49 -57.95
HC8 BCR KH . -65.12 -7.57 -55.14
H10C BCR KH . -64.23 -5.36 -54.77
H11C BCR KH . -63.98 -3.48 -57.19
H331 BCR KH . -67.31 -9.57 -56.59
H332 BCR KH . -66.87 -8.96 -55.01
H333 BCR KH . -67.66 -10.52 -55.17
H311 BCR KH . -62.10 -9.28 -57.61
H312 BCR KH . -63.14 -10.34 -58.52
H313 BCR KH . -61.68 -10.96 -57.80
H321 BCR KH . -61.73 -9.42 -55.51
H322 BCR KH . -61.74 -11.08 -54.97
H323 BCR KH . -62.95 -9.96 -54.39
H341 BCR KH . -64.83 -4.92 -58.42
H342 BCR KH . -65.18 -6.61 -58.66
H343 BCR KH . -63.52 -6.08 -58.49
H12C BCR KH . -63.15 -3.37 -54.30
H14C BCR KH . -62.71 -1.14 -53.68
H15C BCR KH . -60.86 0.49 -55.52
H16C BCR KH . -61.88 0.78 -52.69
H17C BCR KH . -60.74 2.79 -54.66
H19C BCR KH . -59.04 4.33 -54.05
H20C BCR KH . -58.85 4.82 -51.09
H21C BCR KH . -57.93 6.24 -53.64
H23C BCR KH . -56.45 7.94 -53.67
H24C BCR KH . -54.91 8.29 -51.12
H271 BCR KH . -55.24 13.02 -52.90
H272 BCR KH . -55.21 12.33 -54.41
H281 BCR KH . -52.98 12.51 -52.42
H282 BCR KH . -53.01 13.04 -54.08
H291 BCR KH . -51.61 11.03 -53.71
H292 BCR KH . -52.84 10.82 -54.90
H351 BCR KH . -61.51 -0.66 -57.14
H352 BCR KH . -63.21 -0.99 -57.47
H353 BCR KH . -62.01 -2.27 -57.63
H361 BCR KH . -59.47 2.65 -50.73
H362 BCR KH . -61.00 1.89 -51.11
H363 BCR KH . -60.94 3.60 -50.77
H371 BCR KH . -55.48 6.06 -50.61
H372 BCR KH . -57.11 5.58 -50.17
H373 BCR KH . -56.56 7.21 -49.85
H381 BCR KH . -57.21 11.88 -52.92
H382 BCR KH . -56.86 11.14 -51.38
H383 BCR KH . -57.32 10.14 -52.74
H391 BCR KH . -51.34 9.78 -51.98
H392 BCR KH . -52.32 8.36 -51.63
H393 BCR KH . -52.79 9.93 -51.00
H401 BCR KH . -51.80 8.43 -54.20
H402 BCR KH . -53.30 8.70 -55.02
H403 BCR KH . -53.24 7.60 -53.68
O1 LHG LH . -4.76 24.49 -20.47
C1 LHG LH . -6.19 24.60 -20.80
C2 LHG LH . -6.59 26.07 -21.11
O2 LHG LH . -6.87 26.84 -19.91
C3 LHG LH . -7.85 26.19 -21.97
O3 LHG LH . -7.41 25.56 -23.18
P LHG LH . -8.49 24.87 -24.16
O4 LHG LH . -9.76 25.61 -23.95
O5 LHG LH . -7.78 24.45 -25.41
O6 LHG LH . -8.58 23.58 -23.16
C4 LHG LH . -9.38 22.52 -23.50
C5 LHG LH . -8.96 21.43 -22.52
C6 LHG LH . -9.91 21.29 -21.30
O7 LHG LH . -9.03 20.27 -23.29
C7 LHG LH . -7.84 19.67 -23.41
O9 LHG LH . -6.98 19.74 -22.55
C8 LHG LH . -7.80 18.72 -24.57
C9 LHG LH . -8.87 17.67 -24.44
C10 LHG LH . -8.82 17.04 -23.07
O8 LHG LH . -9.71 19.92 -20.91
C23 LHG LH . -8.76 19.65 -19.93
O10 LHG LH . -8.06 20.56 -19.52
C24 LHG LH . -8.17 18.25 -19.87
C11 LHG LH . -9.93 16.04 -23.06
C12 LHG LH . -10.92 16.43 -21.94
C13 LHG LH . -12.05 15.46 -21.96
C14 LHG LH . -12.58 15.21 -20.61
C15 LHG LH . -13.69 14.17 -20.75
C16 LHG LH . -13.81 13.31 -19.47
C17 LHG LH . -14.99 12.34 -19.58
C18 LHG LH . -14.88 11.44 -18.39
C19 LHG LH . -16.21 10.84 -17.97
C20 LHG LH . -16.44 9.69 -18.94
C21 LHG LH . -17.74 8.99 -18.54
C22 LHG LH . -18.01 7.86 -19.49
C25 LHG LH . -7.07 17.97 -18.85
C26 LHG LH . -6.42 16.57 -19.04
C27 LHG LH . -5.99 16.20 -17.70
C28 LHG LH . -4.97 15.13 -17.60
C29 LHG LH . -3.65 15.75 -18.04
C30 LHG LH . -2.43 14.87 -17.90
C31 LHG LH . -1.50 15.22 -16.74
C32 LHG LH . -0.98 13.99 -16.11
C33 LHG LH . 0.35 14.34 -15.51
C34 LHG LH . 1.01 13.17 -14.79
C35 LHG LH . 2.34 12.87 -15.43
C36 LHG LH . 3.35 12.27 -14.39
C37 LHG LH . 4.76 12.15 -15.05
C38 LHG LH . 5.61 10.95 -14.62
HO1 LHG LH . -4.51 25.30 -20.48
HC11 LHG LH . -6.74 24.26 -20.07
HC12 LHG LH . -6.42 24.03 -21.55
HC2 LHG LH . -5.87 26.47 -21.62
H02 LHG LH . -6.78 27.63 -20.19
HC31 LHG LH . -8.10 27.12 -22.13
HC32 LHG LH . -8.61 25.73 -21.58
HC41 LHG LH . -9.24 22.24 -24.42
HC42 LHG LH . -10.32 22.74 -23.40
HC5 LHG LH . -8.10 21.70 -22.15
HC61 LHG LH . -10.81 21.53 -21.56
HC62 LHG LH . -9.67 21.96 -20.63
HC81 LHG LH . -6.94 18.28 -24.64
HC82 LHG LH . -7.93 19.18 -25.41
HC91 LHG LH . -8.76 16.99 -25.13
HC92 LHG LH . -9.75 18.05 -24.59
H101 LHG LH . -8.91 17.71 -22.38
H102 LHG LH . -7.95 16.61 -22.94
H241 LHG LH . -7.83 17.98 -20.74
H242 LHG LH . -8.87 17.59 -19.72
H111 LHG LH . -9.59 15.15 -22.91
H112 LHG LH . -10.39 16.04 -23.92
H121 LHG LH . -11.21 17.34 -22.10
H122 LHG LH . -10.43 16.41 -21.10
H131 LHG LH . -11.75 14.62 -22.34
H132 LHG LH . -12.77 15.81 -22.52
H141 LHG LH . -12.92 16.03 -20.22
H142 LHG LH . -11.86 14.88 -20.03
H151 LHG LH . -13.48 13.59 -21.51
H152 LHG LH . -14.53 14.62 -20.94
H161 LHG LH . -13.94 13.90 -18.70
H162 LHG LH . -12.99 12.82 -19.33
H171 LHG LH . -14.94 11.82 -20.40
H172 LHG LH . -15.83 12.81 -19.58
H181 LHG LH . -14.50 11.95 -17.64
H182 LHG LH . -14.25 10.73 -18.58
H191 LHG LH . -16.93 11.48 -18.02
H192 LHG LH . -16.18 10.51 -17.06
H201 LHG LH . -15.73 9.04 -18.94
H202 LHG LH . -16.52 9.98 -19.86
H211 LHG LH . -18.50 9.59 -18.59
H212 LHG LH . -17.69 8.61 -17.66
H221 LHG LH . -18.81 7.41 -19.18
H222 LHG LH . -17.23 7.27 -19.47
H223 LHG LH . -18.14 8.25 -20.37
H251 LHG LH . -7.43 18.02 -17.95
H252 LHG LH . -6.38 18.65 -18.92
H261 LHG LH . -5.66 16.61 -19.65
H262 LHG LH . -7.05 15.93 -19.40
H271 LHG LH . -6.78 15.93 -17.21
H272 LHG LH . -5.65 17.00 -17.26
H281 LHG LH . -5.20 14.37 -18.17
H282 LHG LH . -4.90 14.79 -16.69
H291 LHG LH . -3.51 16.56 -17.55
H292 LHG LH . -3.74 16.01 -18.97
H301 LHG LH . -1.92 14.91 -18.72
H302 LHG LH . -2.71 13.95 -17.81
H311 LHG LH . -1.99 15.76 -16.10
H312 LHG LH . -0.79 15.78 -17.06
H321 LHG LH . -0.89 13.29 -16.76
H322 LHG LH . -1.60 13.68 -15.43
H331 LHG LH . 0.24 15.08 -14.89
H332 LHG LH . 0.94 14.66 -16.21
H341 LHG LH . 0.45 12.38 -14.83
H342 LHG LH . 1.15 13.38 -13.85
H351 LHG LH . 2.73 13.68 -15.82
H352 LHG LH . 2.23 12.24 -16.16
H361 LHG LH . 3.04 11.41 -14.10
H362 LHG LH . 3.41 12.86 -13.62
H371 LHG LH . 5.28 12.93 -14.85
H372 LHG LH . 4.67 12.08 -16.02
H381 LHG LH . 6.10 10.64 -15.41
H382 LHG LH . 5.01 10.27 -14.29
H383 LHG LH . 6.22 11.26 -13.93
C1 UNL MH . 5.38 32.49 -16.39
C10 UNL MH . 3.89 22.95 -12.40
C11 UNL MH . 4.62 21.60 -12.42
C12 UNL MH . 4.66 20.94 -11.05
C13 UNL MH . 3.63 19.83 -10.92
C14 UNL MH . 4.15 18.75 -9.98
C15 UNL MH . 3.18 17.57 -10.04
C16 UNL MH . 2.83 16.99 -8.66
C17 UNL MH . 3.93 16.11 -8.10
C18 UNL MH . 3.30 15.14 -7.12
C2 UNL MH . 4.78 31.32 -15.59
C3 UNL MH . 5.07 31.43 -14.08
C4 UNL MH . 4.34 30.35 -13.28
C5 UNL MH . 5.11 29.03 -13.25
C6 UNL MH . 4.30 27.81 -13.73
C7 UNL MH . 4.81 26.59 -12.96
C8 UNL MH . 3.97 25.35 -13.16
C9 UNL MH . 4.80 24.10 -12.83
H21 UNL MH . 5.17 30.49 -15.91
H22 UNL MH . 3.83 31.30 -15.72
H31 UNL MH . 4.79 32.31 -13.77
H32 UNL MH . 6.03 31.34 -13.93
H41 UNL MH . 3.47 30.19 -13.68
H42 UNL MH . 4.21 30.66 -12.36
H51 UNL MH . 5.41 28.86 -12.34
H52 UNL MH . 5.89 29.12 -13.83
H61 UNL MH . 4.42 27.68 -14.68
H62 UNL MH . 3.35 27.95 -13.54
H71 UNL MH . 4.83 26.81 -12.02
H72 UNL MH . 5.72 26.40 -13.27
H81 UNL MH . 3.67 25.30 -14.08
H82 UNL MH . 3.19 25.39 -12.57
H91 UNL MH . 5.42 24.30 -12.12
H92 UNL MH . 5.30 23.83 -13.62
H101 UNL MH . 3.13 22.91 -13.01
H102 UNL MH . 3.57 23.11 -11.50
H111 UNL MH . 5.53 21.75 -12.73
H112 UNL MH . 4.17 21.01 -13.05
H121 UNL MH . 4.49 21.61 -10.37
H122 UNL MH . 5.54 20.56 -10.91
H131 UNL MH . 3.46 19.44 -11.80
H132 UNL MH . 2.80 20.20 -10.57
H141 UNL MH . 4.20 19.09 -9.07
H142 UNL MH . 5.04 18.47 -10.26
H151 UNL MH . 3.59 16.87 -10.57
H152 UNL MH . 2.37 17.87 -10.46
H161 UNL MH . 2.02 16.46 -8.75
H162 UNL MH . 2.66 17.72 -8.05
H171 UNL MH . 4.59 16.67 -7.64
H172 UNL MH . 4.36 15.63 -8.82
H181 UNL MH . 3.99 14.62 -6.68
H182 UNL MH . 2.69 14.54 -7.60
H183 UNL MH . 2.80 15.63 -6.45
C1 LMG NH . 4.52 -7.20 -8.36
O1 LMG NH . 4.22 -6.72 -9.65
C2 LMG NH . 3.27 -8.05 -7.96
O2 LMG NH . 2.24 -7.10 -7.68
C3 LMG NH . 3.62 -8.76 -6.65
O3 LMG NH . 2.57 -9.68 -6.45
C4 LMG NH . 4.97 -9.55 -6.80
O4 LMG NH . 4.82 -10.52 -7.78
C5 LMG NH . 6.07 -8.58 -7.29
O5 LMG NH . 8.38 -8.47 -7.91
C6 LMG NH . 7.39 -9.40 -7.44
O6 LMG NH . 5.72 -8.02 -8.53
C7 LMG NH . 4.64 -5.40 -9.87
C8 LMG NH . 3.51 -4.76 -10.60
C9 LMG NH . 2.60 -4.25 -9.54
O7 LMG NH . 4.00 -3.63 -11.31
C10 LMG NH . 4.65 -3.92 -12.44
O9 LMG NH . 4.90 -5.11 -12.57
C11 LMG NH . 5.49 -2.76 -12.94
C12 LMG NH . 4.83 -1.99 -14.06
C13 LMG NH . 5.62 -1.95 -15.36
C14 LMG NH . 4.60 -2.25 -16.46
C15 LMG NH . 5.25 -2.17 -17.85
C16 LMG NH . 4.35 -2.91 -18.85
C17 LMG NH . 3.28 -1.95 -19.33
C18 LMG NH . 3.72 -1.34 -20.69
C19 LMG NH . 2.43 -1.01 -21.44
C20 LMG NH . 1.98 0.38 -21.07
C21 LMG NH . 1.03 0.75 -22.19
C22 LMG NH . 0.23 1.93 -21.74
C23 LMG NH . -0.95 2.04 -22.70
C24 LMG NH . -1.78 3.24 -22.22
C25 LMG NH . -2.12 4.00 -23.49
O8 LMG NH . 1.50 -3.70 -10.25
C28 LMG NH . 0.31 -3.83 -9.66
O10 LMG NH . 0.23 -4.65 -8.77
C29 LMG NH . -0.57 -2.64 -9.84
C30 LMG NH . -1.22 -2.72 -11.17
C31 LMG NH . -0.22 -2.17 -12.16
C32 LMG NH . -0.66 -0.75 -12.45
C33 LMG NH . 0.56 -0.09 -13.02
C34 LMG NH . 0.72 1.20 -12.26
C35 LMG NH . -0.43 2.06 -12.63
C36 LMG NH . -0.01 3.50 -12.38
C37 LMG NH . 0.20 3.68 -10.88
C38 LMG NH . 1.16 4.77 -10.76
C39 LMG NH . 0.46 6.08 -10.86
C40 LMG NH . 1.59 7.04 -11.18
C41 LMG NH . 2.77 6.88 -10.27
C42 LMG NH . 3.54 8.21 -10.38
C43 LMG NH . 4.76 7.99 -11.21
HC1 LMG NH . 4.73 -6.39 -7.61
HC2 LMG NH . 3.00 -8.77 -8.78
HO2 LMG NH . 1.74 -7.44 -6.96
HC3 LMG NH . 3.75 -8.02 -5.83
HO3 LMG NH . 1.97 -9.57 -7.19
HC4 LMG NH . 5.26 -9.95 -5.79
HO4 LMG NH . 5.50 -11.18 -7.61
HC5 LMG NH . 6.23 -7.76 -6.55
HO5 LMG NH . 8.31 -8.47 -8.86
HC61 LMG NH . 7.21 -10.24 -8.14
HC62 LMG NH . 7.64 -9.85 -6.45
HC71 LMG NH . 5.59 -5.43 -10.45
HC72 LMG NH . 4.88 -4.93 -8.90
HC8 LMG NH . 3.01 -5.47 -11.31
HC91 LMG NH . 3.11 -3.48 -8.92
HC92 LMG NH . 2.30 -5.07 -8.86
H111 LMG NH . 6.48 -3.14 -13.28
H112 LMG NH . 5.72 -2.08 -12.10
H121 LMG NH . 4.64 -0.94 -13.73
H122 LMG NH . 3.82 -2.41 -14.26
H131 LMG NH . 6.46 -2.69 -15.38
H132 LMG NH . 6.13 -0.98 -15.53
H141 LMG NH . 3.75 -1.55 -16.42
H142 LMG NH . 4.15 -3.25 -16.33
H151 LMG NH . 6.27 -2.59 -17.85
H152 LMG NH . 5.39 -1.12 -18.16
H161 LMG NH . 3.90 -3.81 -18.39
H162 LMG NH . 4.95 -3.31 -19.69
H171 LMG NH . 3.10 -1.16 -18.57
H172 LMG NH . 2.31 -2.47 -19.42
H181 LMG NH . 4.38 -2.02 -21.27
H182 LMG NH . 4.37 -0.44 -20.56
H191 LMG NH . 1.60 -1.72 -21.24
H192 LMG NH . 2.54 -1.07 -22.54
H201 LMG NH . 2.80 1.13 -20.98
H202 LMG NH . 1.47 0.45 -20.08
H211 LMG NH . 0.36 -0.09 -22.47
H212 LMG NH . 1.56 0.99 -23.14
H221 LMG NH . 0.83 2.86 -21.74
H222 LMG NH . -0.10 1.81 -20.69
H231 LMG NH . -1.56 1.10 -22.71
H232 LMG NH . -0.62 2.15 -23.75
H241 LMG NH . -1.21 3.84 -21.49
H242 LMG NH . -2.68 2.91 -21.66
H291 LMG NH . 0.02 -1.71 -9.74
H292 LMG NH . -1.32 -2.59 -9.03
H301 LMG NH . -2.15 -2.13 -11.24
H302 LMG NH . -1.51 -3.74 -11.46
H311 LMG NH . -0.17 -2.79 -13.08
H312 LMG NH . 0.82 -2.22 -11.77
H321 LMG NH . -1.04 -0.27 -11.54
H322 LMG NH . -1.52 -0.74 -13.14
H331 LMG NH . 0.47 0.08 -14.12
H332 LMG NH . 1.47 -0.73 -12.94
H341 LMG NH . 1.67 1.72 -12.49
H342 LMG NH . 0.77 1.07 -11.16
H351 LMG NH . -1.33 1.76 -12.04
H352 LMG NH . -0.73 1.88 -13.68
H361 LMG NH . -0.75 4.23 -12.74
H362 LMG NH . 0.90 3.77 -12.91
H371 LMG NH . 0.57 2.77 -10.37
H372 LMG NH . -0.74 3.93 -10.33
H381 LMG NH . 1.96 4.71 -11.53
H382 LMG NH . 1.73 4.73 -9.80
H391 LMG NH . -0.08 6.38 -9.94
H392 LMG NH . -0.33 6.12 -11.65
H401 LMG NH . 1.27 8.11 -11.13
H402 LMG NH . 1.96 6.95 -12.24
H411 LMG NH . 3.37 5.99 -10.57
H412 LMG NH . 2.43 6.63 -9.23
H421 LMG NH . 3.79 8.59 -9.37
H422 LMG NH . 2.88 9.00 -10.79
C1 UNL OH . -8.55 21.56 -4.17
C10 UNL OH . -10.34 30.87 -1.74
C2 UNL OH . -8.24 23.00 -3.75
C3 UNL OH . -9.09 23.96 -4.60
C4 UNL OH . -8.58 25.40 -4.41
C5 UNL OH . -9.47 26.45 -5.09
C6 UNL OH . -9.27 27.75 -4.31
C7 UNL OH . -9.85 28.96 -5.04
C8 UNL OH . -10.55 29.88 -4.03
C9 UNL OH . -9.57 30.38 -2.96
O1 UNL OH . -9.00 21.38 -5.32
O2 UNL OH . -8.37 20.54 -3.45
H21 UNL OH . -7.30 23.19 -3.89
H22 UNL OH . -8.45 23.12 -2.81
H31 UNL OH . -10.02 23.91 -4.31
H32 UNL OH . -9.03 23.71 -5.53
H41 UNL OH . -7.69 25.46 -4.80
H42 UNL OH . -8.53 25.59 -3.46
H51 UNL OH . -10.40 26.17 -5.05
H52 UNL OH . -9.21 26.56 -6.01
H61 UNL OH . -8.32 27.89 -4.18
H62 UNL OH . -9.71 27.67 -3.44
H71 UNL OH . -10.50 28.65 -5.70
H72 UNL OH . -9.14 29.44 -5.49
H81 UNL OH . -11.27 29.40 -3.60
H82 UNL OH . -10.91 30.64 -4.51
H91 UNL OH . -9.04 31.10 -3.32
H92 UNL OH . -8.98 29.65 -2.70
C1 BCR PH . -26.21 17.75 -7.30
C2 BCR PH . -27.01 18.00 -8.57
C3 BCR PH . -28.49 18.09 -8.27
C4 BCR PH . -28.73 19.26 -7.36
C5 BCR PH . -27.87 19.18 -6.17
C6 BCR PH . -26.71 18.50 -6.10
C7 BCR PH . -25.92 18.49 -4.85
C8 BCR PH . -24.86 17.69 -4.63
C9 BCR PH . -24.04 17.75 -3.42
C10 BCR PH . -22.99 16.93 -3.30
C11 BCR PH . -22.14 16.86 -2.12
C33 BCR PH . -28.43 19.96 -5.03
C31 BCR PH . -24.79 18.15 -7.64
C32 BCR PH . -26.26 16.26 -7.04
C34 BCR PH . -24.71 18.35 -2.24
C12 BCR PH . -21.11 15.98 -2.05
C13 BCR PH . -20.26 15.72 -0.89
C14 BCR PH . -19.42 14.68 -0.96
C15 BCR PH . -18.57 14.23 0.11
C16 BCR PH . -17.46 13.52 -0.15
C17 BCR PH . -16.70 13.05 0.99
C18 BCR PH . -15.73 12.16 0.99
C19 BCR PH . -15.22 11.72 2.29
C20 BCR PH . -14.34 10.73 2.48
C21 BCR PH . -14.11 10.16 3.80
C22 BCR PH . -13.22 9.16 4.11
C23 BCR PH . -13.23 8.53 5.42
C24 BCR PH . -12.32 7.63 5.85
C25 BCR PH . -12.42 6.92 7.13
C26 BCR PH . -12.59 7.60 8.26
C27 BCR PH . -12.73 7.03 9.61
C28 BCR PH . -13.11 5.58 9.57
C29 BCR PH . -12.33 4.82 8.54
C30 BCR PH . -12.37 5.42 7.15
C35 BCR PH . -20.49 16.35 0.41
C36 BCR PH . -15.04 11.82 -0.29
C37 BCR PH . -12.10 8.81 3.20
C38 BCR PH . -12.64 9.08 8.34
C39 BCR PH . -13.51 4.83 6.35
C40 BCR PH . -11.14 4.86 6.48
HC21 BCR PH . -26.84 17.22 -9.30
HC22 BCR PH . -26.69 18.93 -9.04
HC31 BCR PH . -28.82 17.17 -7.81
HC32 BCR PH . -29.05 18.18 -9.19
HC41 BCR PH . -29.79 19.32 -7.11
HC42 BCR PH . -28.60 20.19 -7.91
HC7 BCR PH . -26.22 19.17 -4.08
HC8 BCR PH . -24.60 16.97 -5.38
H10C BCR PH . -22.73 16.29 -4.11
H11C BCR PH . -22.34 17.52 -1.30
H331 BCR PH . -27.74 20.73 -4.72
H332 BCR PH . -28.61 19.30 -4.19
H333 BCR PH . -29.36 20.43 -5.31
H311 BCR PH . -24.09 17.44 -7.24
H312 BCR PH . -24.56 19.12 -7.24
H313 BCR PH . -24.66 18.18 -8.71
H321 BCR PH . -25.32 15.80 -7.29
H322 BCR PH . -27.03 15.80 -7.62
H323 BCR PH . -26.45 16.08 -5.99
H341 BCR PH . -24.19 18.07 -1.32
H342 BCR PH . -25.73 18.01 -2.16
H343 BCR PH . -24.71 19.42 -2.30
H12C BCR PH . -20.92 15.41 -2.94
H14C BCR PH . -19.37 14.12 -1.86
H15C BCR PH . -18.81 14.47 1.12
H16C BCR PH . -17.17 13.31 -1.15
H17C BCR PH . -16.98 13.50 1.92
H19C BCR PH . -15.57 12.23 3.16
H20C BCR PH . -13.81 10.35 1.64
H21C BCR PH . -14.69 10.56 4.59
H23C BCR PH . -14.03 8.80 6.08
H24C BCR PH . -11.48 7.41 5.22
H271 BCR PH . -13.44 7.59 10.21
H272 BCR PH . -11.83 7.17 10.21
H281 BCR PH . -14.18 5.51 9.38
H282 BCR PH . -12.96 5.16 10.56
H291 BCR PH . -12.70 3.80 8.54
H292 BCR PH . -11.31 4.74 8.90
H351 BCR PH . -20.59 15.60 1.18
H352 BCR PH . -21.39 16.95 0.40
H353 BCR PH . -19.66 17.00 0.68
H361 BCR PH . -14.00 11.59 -0.13
H362 BCR PH . -15.08 12.64 -0.99
H363 BCR PH . -15.49 10.97 -0.78
H371 BCR PH . -11.16 8.87 3.73
H372 BCR PH . -12.07 9.49 2.35
H373 BCR PH . -12.21 7.80 2.83
H381 BCR PH . -12.25 9.46 9.28
H382 BCR PH . -13.65 9.46 8.25
H383 BCR PH . -12.06 9.56 7.55
H391 BCR PH . -13.42 3.75 6.31
H392 BCR PH . -13.51 5.21 5.34
H393 BCR PH . -14.46 5.07 6.81
H401 BCR PH . -11.12 3.79 6.55
H402 BCR PH . -10.25 5.24 6.94
H403 BCR PH . -11.11 5.13 5.44
C1 UNL QH . -13.57 -3.61 5.62
C10 UNL QH . -17.37 6.11 3.38
C11 UNL QH . -16.31 7.15 2.97
C12 UNL QH . -16.93 8.10 1.93
C2 UNL QH . -14.40 -2.80 4.63
C3 UNL QH . -14.96 -1.62 5.43
C4 UNL QH . -15.95 -0.77 4.63
C5 UNL QH . -16.51 0.31 5.56
C6 UNL QH . -17.34 1.37 4.81
C7 UNL QH . -17.04 2.77 5.34
C8 UNL QH . -17.67 3.86 4.45
C9 UNL QH . -16.83 5.15 4.44
O1 UNL QH . -12.77 -3.01 6.39
O2 UNL QH . -13.68 -4.85 5.70
H21 UNL QH . -15.13 -3.35 4.28
H22 UNL QH . -13.86 -2.49 3.90
H31 UNL QH . -14.23 -1.06 5.70
H32 UNL QH . -15.41 -1.97 6.22
H41 UNL QH . -16.69 -1.33 4.31
H42 UNL QH . -15.50 -0.37 3.87
H51 UNL QH . -15.77 0.76 6.00
H52 UNL QH . -17.08 -0.10 6.23
H61 UNL QH . -18.29 1.18 4.93
H62 UNL QH . -17.12 1.34 3.86
H71 UNL QH . -16.08 2.90 5.36
H72 UNL QH . -17.40 2.85 6.24
H81 UNL QH . -18.56 4.06 4.79
H82 UNL QH . -17.75 3.52 3.54
H91 UNL QH . -15.90 4.94 4.24
H92 UNL QH . -16.87 5.57 5.31
H101 UNL QH . -18.14 6.58 3.74
H102 UNL QH . -17.63 5.60 2.60
H111 UNL QH . -15.54 6.69 2.59
H112 UNL QH . -16.03 7.65 3.75
C1 UNL RH . -23.96 2.36 4.01
C10 UNL RH . -21.15 10.93 -1.37
C2 UNL RH . -22.60 2.77 3.45
C3 UNL RH . -22.47 4.31 3.58
C4 UNL RH . -21.85 4.95 2.32
C5 UNL RH . -22.28 6.42 2.14
C6 UNL RH . -21.53 7.08 0.97
C7 UNL RH . -22.47 7.89 0.07
C8 UNL RH . -21.68 8.52 -1.08
C9 UNL RH . -22.27 9.87 -1.50
H21 UNL RH . -22.54 2.52 2.52
H22 UNL RH . -21.89 2.35 3.96
H31 UNL RH . -21.90 4.51 4.34
H32 UNL RH . -23.35 4.69 3.72
H41 UNL RH . -22.14 4.44 1.54
H42 UNL RH . -20.88 4.91 2.40
H51 UNL RH . -22.09 6.91 2.95
H52 UNL RH . -23.24 6.45 1.95
H61 UNL RH . -21.10 6.39 0.44
H62 UNL RH . -20.85 7.68 1.32
H71 UNL RH . -22.90 8.58 0.59
H72 UNL RH . -23.15 7.30 -0.30
H81 UNL RH . -21.69 7.92 -1.84
H82 UNL RH . -20.76 8.65 -0.79
H91 UNL RH . -23.00 10.10 -0.92
H92 UNL RH . -22.57 9.83 -2.42
FE HEC SH . -44.42 -39.27 -33.21
CHA HEC SH . -43.07 -41.81 -31.22
CHB HEC SH . -43.65 -41.04 -35.92
CHC HEC SH . -46.10 -36.97 -35.26
CHD HEC SH . -44.91 -37.38 -30.62
NA HEC SH . -43.49 -41.11 -33.48
C1A HEC SH . -43.01 -42.01 -32.57
C2A HEC SH . -42.43 -43.12 -33.30
C3A HEC SH . -42.61 -42.89 -34.60
C4A HEC SH . -43.27 -41.62 -34.74
CMA HEC SH . -42.15 -43.82 -35.76
CAA HEC SH . -41.72 -44.36 -32.70
CBA HEC SH . -40.22 -44.07 -32.63
CGA HEC SH . -39.48 -45.16 -31.87
O1A HEC SH . -40.07 -46.20 -31.48
O2A HEC SH . -38.25 -44.99 -31.67
NB HEC SH . -44.84 -39.00 -35.15
C1B HEC SH . -44.37 -39.89 -36.11
C2B HEC SH . -44.75 -39.41 -37.42
C3B HEC SH . -45.44 -38.28 -37.28
C4B HEC SH . -45.51 -38.02 -35.85
CMB HEC SH . -44.43 -40.13 -38.74
CAB HEC SH . -46.08 -37.44 -38.41
CBB HEC SH . -47.28 -37.83 -38.93
NC HEC SH . -45.35 -37.52 -33.00
C1C HEC SH . -45.94 -36.69 -33.92
C2C HEC SH . -46.35 -35.48 -33.26
C3C HEC SH . -46.01 -35.59 -31.97
C4C HEC SH . -45.38 -36.88 -31.80
CMC HEC SH . -47.03 -34.28 -33.96
CAC HEC SH . -46.27 -34.57 -30.86
CBC HEC SH . -47.52 -34.63 -30.36
ND HEC SH . -44.00 -39.55 -31.33
C1D HEC SH . -44.40 -38.62 -30.39
C2D HEC SH . -44.23 -39.21 -29.07
C3D HEC SH . -43.75 -40.43 -29.23
C4D HEC SH . -43.56 -40.67 -30.65
CMD HEC SH . -44.55 -38.52 -27.74
CAD HEC SH . -43.40 -41.40 -28.09
CBD HEC SH . -44.52 -42.43 -28.01
CGD HEC SH . -44.31 -43.42 -26.89
O1D HEC SH . -43.74 -44.51 -27.19
O2D HEC SH . -44.67 -43.11 -25.70
HHA HEC SH . -42.74 -42.52 -30.62
HHB HEC SH . -43.36 -41.49 -36.73
HHC HEC SH . -46.66 -36.37 -35.80
HHD HEC SH . -44.94 -36.77 -29.84
HMA1 HEC SH . -41.17 -43.81 -35.82
HMA2 HEC SH . -42.53 -43.50 -36.60
HMA3 HEC SH . -42.46 -44.73 -35.58
HAA1 HEC SH . -41.89 -45.13 -33.27
HAA2 HEC SH . -42.06 -44.52 -31.81
HBA1 HEC SH . -40.08 -43.23 -32.18
HBA2 HEC SH . -39.87 -44.02 -33.54
HMB1 HEC SH . -43.50 -40.39 -38.75
HMB2 HEC SH . -44.61 -39.54 -39.48
HMB3 HEC SH . -44.98 -40.92 -38.82
HAB HEC SH . -45.64 -36.65 -38.73
HBB1 HEC SH . -47.68 -37.30 -39.64
HBB2 HEC SH . -47.71 -38.62 -38.61
HMC1 HEC SH . -47.36 -33.65 -33.29
HMC2 HEC SH . -47.77 -34.59 -34.50
HMC3 HEC SH . -46.38 -33.82 -34.52
HAC HEC SH . -45.61 -33.94 -30.56
HBC1 HEC SH . -47.78 -34.01 -29.65
HBC2 HEC SH . -48.15 -35.27 -30.71
HMD1 HEC SH . -44.70 -39.21 -27.05
HMD2 HEC SH . -45.36 -37.98 -27.83
HMD3 HEC SH . -43.80 -37.94 -27.48
HAD1 HEC SH . -43.33 -40.93 -27.25
HAD2 HEC SH . -42.56 -41.84 -28.28
HBD1 HEC SH . -44.57 -42.92 -28.85
HBD2 HEC SH . -45.37 -41.97 -27.85
C1 BCR TH . 15.26 6.92 -47.31
C2 BCR TH . 14.17 7.82 -47.84
C3 BCR TH . 14.72 9.16 -48.23
C4 BCR TH . 15.86 9.04 -49.22
C5 BCR TH . 16.70 7.84 -49.05
C6 BCR TH . 16.45 6.86 -48.20
C7 BCR TH . 17.34 5.69 -48.02
C8 BCR TH . 17.71 4.90 -49.02
C9 BCR TH . 18.74 3.87 -48.89
C10 BCR TH . 19.03 3.07 -49.94
C11 BCR TH . 19.52 1.71 -49.81
C33 BCR TH . 17.89 7.83 -49.96
C31 BCR TH . 14.65 5.55 -47.11
C32 BCR TH . 15.68 7.47 -45.98
C34 BCR TH . 19.13 3.56 -47.49
C12 BCR TH . 19.65 0.91 -50.88
C13 BCR TH . 20.06 -0.49 -50.83
C14 BCR TH . 19.62 -1.34 -51.78
C15 BCR TH . 20.05 -2.70 -51.92
C16 BCR TH . 19.73 -3.40 -53.03
C17 BCR TH . 19.84 -4.84 -53.03
C18 BCR TH . 19.25 -5.68 -53.89
C19 BCR TH . 19.70 -7.06 -53.98
C20 BCR TH . 19.01 -8.02 -54.62
C21 BCR TH . 19.64 -9.22 -55.10
C22 BCR TH . 19.08 -10.13 -55.93
C23 BCR TH . 19.70 -11.44 -56.10
C24 BCR TH . 19.20 -12.44 -56.82
C25 BCR TH . 19.79 -13.77 -56.91
C26 BCR TH . 19.70 -14.69 -55.95
C27 BCR TH . 20.26 -16.06 -55.97
C28 BCR TH . 21.24 -16.33 -57.09
C29 BCR TH . 21.68 -15.08 -57.80
C30 BCR TH . 20.54 -14.11 -58.14
C35 BCR TH . 20.98 -0.97 -49.79
C36 BCR TH . 18.17 -5.22 -54.77
C37 BCR TH . 17.96 -9.75 -56.81
C38 BCR TH . 18.95 -14.43 -54.70
C39 BCR TH . 19.58 -14.69 -59.15
C40 BCR TH . 21.18 -12.91 -58.81
HC21 BCR TH . 13.38 7.96 -47.11
HC22 BCR TH . 13.67 7.38 -48.71
HC31 BCR TH . 15.05 9.68 -47.34
HC32 BCR TH . 13.93 9.77 -48.65
HC41 BCR TH . 16.44 9.95 -49.19
HC42 BCR TH . 15.45 9.09 -50.23
HC7 BCR TH . 17.68 5.48 -47.03
HC8 BCR TH . 17.24 5.03 -49.97
H10C BCR TH . 18.89 3.43 -50.93
H11C BCR TH . 19.79 1.37 -48.83
H331 BCR TH . 17.72 7.14 -50.77
H332 BCR TH . 18.77 7.53 -49.41
H333 BCR TH . 18.06 8.82 -50.36
H311 BCR TH . 15.24 4.96 -46.44
H312 BCR TH . 14.58 5.03 -48.05
H313 BCR TH . 13.65 5.63 -46.71
H321 BCR TH . 16.34 6.78 -45.48
H322 BCR TH . 14.83 7.65 -45.36
H323 BCR TH . 16.21 8.40 -46.11
H341 BCR TH . 19.92 2.83 -47.47
H342 BCR TH . 18.30 3.15 -46.94
H343 BCR TH . 19.47 4.44 -46.98
H12C BCR TH . 19.41 1.33 -51.83
H14C BCR TH . 18.89 -0.99 -52.47
H15C BCR TH . 20.64 -3.17 -51.17
H16C BCR TH . 19.40 -2.88 -53.90
H17C BCR TH . 20.44 -5.25 -52.25
H19C BCR TH . 20.62 -7.35 -53.53
H20C BCR TH . 17.96 -7.87 -54.78
H21C BCR TH . 20.64 -9.40 -54.76
H23C BCR TH . 20.63 -11.59 -55.60
H24C BCR TH . 18.30 -12.25 -57.37
H271 BCR TH . 19.47 -16.81 -56.00
H272 BCR TH . 20.72 -16.31 -55.02
H281 BCR TH . 20.78 -17.03 -57.78
H282 BCR TH . 22.10 -16.85 -56.66
H291 BCR TH . 22.21 -15.37 -58.70
H292 BCR TH . 22.42 -14.58 -57.19
H351 BCR TH . 20.74 -1.98 -49.51
H352 BCR TH . 20.92 -0.34 -48.91
H353 BCR TH . 22.00 -0.96 -50.15
H361 BCR TH . 18.09 -5.84 -55.66
H362 BCR TH . 18.31 -4.21 -55.10
H363 BCR TH . 17.20 -5.26 -54.27
H371 BCR TH . 18.13 -10.12 -57.82
H372 BCR TH . 17.86 -8.67 -56.86
H373 BCR TH . 17.03 -10.15 -56.45
H381 BCR TH . 19.28 -15.07 -53.89
H382 BCR TH . 17.89 -14.61 -54.81
H383 BCR TH . 19.06 -13.41 -54.36
H391 BCR TH . 20.11 -15.03 -60.04
H392 BCR TH . 18.85 -13.95 -59.46
H393 BCR TH . 19.04 -15.53 -58.73
H401 BCR TH . 21.83 -13.21 -59.61
H402 BCR TH . 21.77 -12.35 -58.10
H403 BCR TH . 20.44 -12.26 -59.21
#